data_6Q16
#
_entry.id   6Q16
#
_cell.length_a   1.00
_cell.length_b   1.00
_cell.length_c   1.00
_cell.angle_alpha   90.00
_cell.angle_beta   90.00
_cell.angle_gamma   90.00
#
_symmetry.space_group_name_H-M   'P 1'
#
loop_
_entity.id
_entity.type
_entity.pdbx_description
1 polymer 'Lipoprotein PrgK'
2 polymer 'Protein InvG'
3 polymer 'Protein PrgH'
4 polymer 'Surface presentation of antigens protein SpaP'
5 polymer 'Surface presentation of antigens protein SpaR'
6 polymer 'Surface presentation of antigens protein SpaQ'
7 polymer 'Protein PrgJ'
8 polymer 'Protein PrgI'
#
loop_
_entity_poly.entity_id
_entity_poly.type
_entity_poly.pdbx_seq_one_letter_code
_entity_poly.pdbx_strand_id
1 'polypeptide(L)'
;MIRRYLYTFLLVMTLAGCKDKDLLKGLDQEQANEVIAVLQMHNIEANKIDSGKLGYSITVAEPDFTAAVYWIKTYQLPPR
PRVEIAQMFPADSLVSSPRAEKARLYSAIEQRLEQSLQTMEGVLSARVHISYDIDAGENGRPPKPVHLSALAVYERGSPL
AHQISDIKRFLKNSFADVDYDNISVVLSERSDAQLQAPGTPVKRNSFATSWIVLIILLSVMSAGFGVWYYKNHYARNKKG
ITADDKAKSSNE
;
AA,AB,AC,AD,AE,AF,AG,AH,AI,AL,o,p,q,r,s,t,u,v,w,x,y,z,AJ,AK
2 'polypeptide(L)'
;MKTHILLARVLACAALVLVTPGYSSEKIPVTGSGFVAKDDSLRTFFDAMALQLKEPVIVSKMAARKKITGNFEFHDPNAL
LEKLSLQLGLIWYFDGQAIYIYDASEMRNAVVSLRNVSLNEFNNFLKRSGLYNKNYPLRGDNRKGTFYVSGPPVYVDMVV
NAATMMDKQNDGIELGRQKIGVMRLNNTFVGDRTYNLRDQKMVIPGIATAIERLLQGEEQPLGNIVSSEPPAMPAFSANG
EKGKAANYAGGMSLQEALKQNAAAGNIKIVAYPDTNSLLVKGTAEQVHFIEMLVKALDVAKRHVELSLWIVDLNKSDLER
LGTSWSGSITIGDKLGVSLNQSSISTLDGSRFIAAVNALEEKKQATVVSRPVLLTQENVPAIFDNNRTFYTKLIGERNVA
LEHVTYGTMIRVLPRFSADGQIEMSLDIEDGNDKTPQSDTTTSVDALPEVGRTLISTIARVPHGKSLLVGGYTRDANTDT
VQSIPFLGKLPLIGSLFRYSSKNKSNVVRVFMIEPKEIVDPLTPDASESVNNILKQSGAWSGDDKLQKWVRVYLDRGQEA
IK
;
A,B,C,D,F,G,H,I,J,K,L,M,N,O,P,Q
3 'polypeptide(L)'
;METSKEKTITSPGPYIVRLLNSSLNGCEFPLLTGRTLFVVGQSDALTASGQLPDIPADSFFIPLDHGGVNFEIQVDTDAT
EIILHELKEGNSESRSVQLNTPIQVGELLILIRPESEPWVPEQPEKLETSAKKNEPRFKNGIVAALAGFFILGIGTVGTL
WILNSPQRQAAELDSLLGQEKERFQVLPGRDKMLYVAAQNERDTLWARQVLARGDYDKNARVINENEENKRISIWLDTYY
PQLAYYRIHFDEPRKPVFWLSRQRNTMSKKELEVLSQKLRALMPYADSVNITLMDDVTAAGQAEAGLKQQALPYSRRNHK
GGVTFVIQGALDDVEILRARQFVDSYYRTWGGRYVQFAIELKDDWLKGRSFQYGAEGYIKMSPGHWYFPSPL
;
E,R,S,T,U,V,W,X,Y,Z,a,b,c,d,e,f,g,h,i,j,k,l,m,n
4 'polypeptide(L)'
;MGNDISLIALLAFSTLLPFIIASGTCFVKFSIVFVMVRNALGLQQIPSNMTLNGVALLLSMFVMWPIMHDAYVYFEDEDV
TFNDISSLSKHVDEGLDGYRDYLIKYSDRELVQFFENAQLKRQYGEETETVKRDKDEIEKPSIFALLPAYALSEIKSAFK
IGFYLYLPFVVVDLVVSSVLLALGMMMMSPVTISTPIKLVLFVALDGWTLLSKGLILQYMDIAT
;
0,1,2,3,4
5 'polypeptide(L)'
;MFYALYFEIHHLVASAALGFARVAPIFFFLPFLNSGVLSGAPRNAIIILVALGVWPHALNEAPPFLSVAMIPLVLQEAAV
GVMLGCLLSWPFWVMHALGCIIDNQRGATLSSSIDPANGIDTSEMANFLNMFAAVVYLQNGGLVTMVDVLNKSYQLCDPM
NECTPSLPPLLTFINQVAQNALVLASPVVLVLLLSEVFLGLLSRFAPQMNAFAISLTVKSGIAVLIMLLYFSPVLPDNVL
RLSFQATGLSSWFYERGATHVLE
;
5
6 'polypeptide(L)'
;MDDLVFAGNKALYLVLILSGWPTIVATIIGLLVGLFQTVTQLQEQTLPFGIKLLGVCLCLFLLSGWYGEVLLSYGRQVIF
LALAKG
;
6,7,8,9
7 'polypeptide(L)'
;MSIATIVPENAVIGQAVNIRSMETDIVSLDDRLLQAFSGSAIATAVDKQTITNRIEDPNLVTDPKELAISQEMISDYNLY
VSMVSTLTRKGVGAVETLLRS
;
AM,AN,AO,AP,AQ,AR
8 'polypeptide(L)' MATPWSGYLDDVSAKFDTGVDNLQTQVTEALDKLAAKPSDPALLAAYQSKLSEYNLYRNAQSNTVKVFKDIDAAIIQNFR AS,AT,AU,AV,AW,AX,AY,AZ,BA,BB,BC,BD,BE
#
# COMPACT_ATOMS: atom_id res chain seq x y z
N ASP A 20 76.72 -40.75 39.15
CA ASP A 20 76.68 -40.64 37.70
C ASP A 20 75.37 -41.18 37.14
N LYS A 21 74.28 -41.03 37.89
CA LYS A 21 72.96 -41.48 37.44
C LYS A 21 72.10 -40.25 37.19
N ASP A 22 71.70 -40.05 35.94
CA ASP A 22 70.88 -38.91 35.60
C ASP A 22 69.46 -39.14 36.10
N LEU A 23 68.77 -38.05 36.40
CA LEU A 23 67.40 -38.17 36.86
C LEU A 23 66.48 -37.23 36.09
N LEU A 24 67.03 -36.14 35.56
CA LEU A 24 66.26 -35.21 34.76
C LEU A 24 67.09 -34.72 33.60
N LYS A 25 66.52 -34.77 32.41
CA LYS A 25 67.17 -34.25 31.22
C LYS A 25 66.14 -33.51 30.40
N GLY A 26 66.62 -32.69 29.48
CA GLY A 26 65.72 -31.93 28.64
C GLY A 26 65.11 -30.73 29.34
N LEU A 27 65.73 -30.25 30.41
CA LEU A 27 65.24 -29.08 31.13
C LEU A 27 65.70 -27.81 30.41
N ASP A 28 65.56 -26.67 31.07
CA ASP A 28 66.07 -25.44 30.51
C ASP A 28 66.74 -24.65 31.61
N GLN A 29 66.99 -23.37 31.32
CA GLN A 29 67.89 -22.56 32.12
C GLN A 29 67.26 -22.18 33.45
N GLU A 30 66.00 -21.76 33.43
CA GLU A 30 65.37 -21.31 34.66
C GLU A 30 64.93 -22.49 35.53
N GLN A 31 64.69 -23.65 34.94
CA GLN A 31 64.29 -24.78 35.78
C GLN A 31 65.49 -25.44 36.44
N ALA A 32 66.64 -25.44 35.75
CA ALA A 32 67.78 -26.15 36.32
C ALA A 32 68.37 -25.40 37.49
N ASN A 33 68.25 -24.07 37.51
CA ASN A 33 68.77 -23.35 38.65
C ASN A 33 67.83 -23.43 39.85
N GLU A 34 66.61 -23.94 39.67
CA GLU A 34 65.76 -24.18 40.83
C GLU A 34 65.94 -25.59 41.36
N VAL A 35 66.25 -26.54 40.48
CA VAL A 35 66.49 -27.90 40.96
C VAL A 35 67.82 -27.98 41.69
N ILE A 36 68.82 -27.22 41.23
CA ILE A 36 70.10 -27.27 41.94
C ILE A 36 69.97 -26.61 43.30
N ALA A 37 69.23 -25.50 43.38
CA ALA A 37 69.04 -24.81 44.65
C ALA A 37 68.16 -25.58 45.61
N VAL A 38 67.30 -26.48 45.12
CA VAL A 38 66.53 -27.28 46.06
C VAL A 38 67.37 -28.45 46.56
N LEU A 39 68.10 -29.13 45.68
CA LEU A 39 68.88 -30.28 46.15
C LEU A 39 70.06 -29.89 47.01
N GLN A 40 70.67 -28.73 46.76
CA GLN A 40 71.79 -28.31 47.61
C GLN A 40 71.35 -27.92 49.01
N MET A 41 70.07 -27.62 49.20
CA MET A 41 69.58 -27.30 50.54
C MET A 41 69.51 -28.56 51.39
N HIS A 42 69.34 -29.72 50.78
CA HIS A 42 69.14 -30.96 51.52
C HIS A 42 70.36 -31.86 51.45
N ASN A 43 71.55 -31.23 51.38
CA ASN A 43 72.84 -31.89 51.61
C ASN A 43 73.16 -32.98 50.58
N ILE A 44 72.80 -32.76 49.33
CA ILE A 44 73.23 -33.65 48.25
C ILE A 44 73.78 -32.81 47.11
N GLU A 45 74.84 -33.30 46.49
CA GLU A 45 75.49 -32.54 45.44
C GLU A 45 74.76 -32.77 44.13
N ALA A 46 75.10 -31.95 43.13
CA ALA A 46 74.47 -32.09 41.83
C ALA A 46 75.40 -31.56 40.76
N ASN A 47 75.29 -32.12 39.57
CA ASN A 47 76.13 -31.71 38.45
C ASN A 47 75.21 -31.35 37.31
N LYS A 48 75.38 -30.13 36.79
CA LYS A 48 74.62 -29.62 35.66
C LYS A 48 75.42 -29.87 34.39
N ILE A 49 74.92 -30.74 33.53
CA ILE A 49 75.59 -31.08 32.30
C ILE A 49 74.76 -30.47 31.17
N ASP A 50 75.35 -29.54 30.46
CA ASP A 50 74.71 -28.91 29.33
C ASP A 50 74.75 -29.85 28.13
N SER A 51 73.74 -29.75 27.26
CA SER A 51 73.76 -30.54 26.04
C SER A 51 73.50 -29.69 24.81
N GLY A 52 73.54 -28.36 24.95
CA GLY A 52 73.39 -27.49 23.80
C GLY A 52 71.95 -27.33 23.39
N LYS A 53 71.59 -27.96 22.27
CA LYS A 53 70.25 -27.80 21.74
C LYS A 53 69.26 -28.60 22.56
N LEU A 54 69.69 -29.73 23.12
CA LEU A 54 68.81 -30.63 23.84
C LEU A 54 68.56 -30.18 25.28
N GLY A 55 69.08 -29.03 25.71
CA GLY A 55 68.84 -28.58 27.06
C GLY A 55 69.77 -29.18 28.09
N TYR A 56 69.51 -28.80 29.33
CA TYR A 56 70.37 -29.18 30.42
C TYR A 56 69.99 -30.58 30.92
N SER A 57 70.84 -31.11 31.79
CA SER A 57 70.64 -32.40 32.40
C SER A 57 71.28 -32.36 33.78
N ILE A 58 70.77 -33.16 34.70
CA ILE A 58 71.18 -33.09 36.10
C ILE A 58 71.50 -34.49 36.57
N THR A 59 72.73 -34.68 37.06
CA THR A 59 73.09 -35.97 37.64
C THR A 59 73.52 -35.79 39.08
N VAL A 60 73.28 -36.83 39.88
CA VAL A 60 73.69 -36.88 41.27
C VAL A 60 74.51 -38.14 41.48
N ALA A 61 75.00 -38.30 42.71
CA ALA A 61 75.73 -39.51 43.04
C ALA A 61 74.80 -40.70 43.24
N GLU A 62 75.43 -41.85 43.35
CA GLU A 62 74.72 -43.11 43.49
C GLU A 62 74.20 -43.28 44.92
N PRO A 63 74.91 -42.93 46.00
CA PRO A 63 74.22 -42.96 47.30
C PRO A 63 73.18 -41.87 47.46
N ASP A 64 73.24 -40.80 46.67
CA ASP A 64 72.25 -39.73 46.81
C ASP A 64 71.07 -39.89 45.87
N PHE A 65 70.97 -41.00 45.15
CA PHE A 65 69.88 -41.09 44.19
C PHE A 65 68.55 -41.44 44.83
N THR A 66 68.55 -42.25 45.89
CA THR A 66 67.29 -42.62 46.53
C THR A 66 66.70 -41.45 47.28
N ALA A 67 67.53 -40.56 47.81
CA ALA A 67 67.01 -39.39 48.49
C ALA A 67 66.61 -38.32 47.48
N ALA A 68 67.30 -38.27 46.34
CA ALA A 68 66.99 -37.22 45.38
C ALA A 68 65.65 -37.50 44.71
N VAL A 69 65.31 -38.77 44.51
CA VAL A 69 64.02 -39.07 43.89
C VAL A 69 62.89 -38.71 44.84
N TYR A 70 63.14 -38.84 46.14
CA TYR A 70 62.14 -38.51 47.14
C TYR A 70 61.92 -37.02 47.21
N TRP A 71 63.01 -36.24 47.07
CA TRP A 71 62.78 -34.81 47.15
C TRP A 71 62.21 -34.26 45.84
N ILE A 72 62.36 -35.00 44.73
CA ILE A 72 61.67 -34.63 43.50
C ILE A 72 60.17 -34.87 43.65
N LYS A 73 59.79 -36.01 44.24
CA LYS A 73 58.37 -36.30 44.35
C LYS A 73 57.69 -35.36 45.35
N THR A 74 58.38 -34.97 46.42
CA THR A 74 57.72 -34.08 47.39
C THR A 74 57.60 -32.67 46.83
N TYR A 75 58.67 -32.08 46.30
CA TYR A 75 58.55 -30.72 45.81
C TYR A 75 57.86 -30.61 44.45
N GLN A 76 57.54 -31.72 43.79
CA GLN A 76 56.85 -31.75 42.50
C GLN A 76 57.60 -30.97 41.42
N LEU A 77 58.78 -31.28 41.27
CA LEU A 77 59.75 -30.78 40.30
C LEU A 77 59.71 -31.59 39.02
N PRO A 78 60.03 -30.99 37.86
CA PRO A 78 60.44 -29.63 37.53
C PRO A 78 59.25 -28.65 37.51
N PRO A 79 59.50 -27.37 37.80
CA PRO A 79 58.39 -26.42 37.90
C PRO A 79 57.81 -26.09 36.53
N ARG A 80 56.49 -25.98 36.47
CA ARG A 80 55.79 -25.55 35.27
C ARG A 80 55.98 -24.04 35.10
N PRO A 81 55.86 -23.53 33.86
CA PRO A 81 55.93 -22.08 33.69
C PRO A 81 54.70 -21.41 34.26
N ARG A 82 54.91 -20.19 34.78
CA ARG A 82 53.86 -19.47 35.47
C ARG A 82 52.82 -18.91 34.50
N VAL A 83 51.56 -19.03 34.88
CA VAL A 83 50.45 -18.71 34.01
C VAL A 83 49.94 -17.31 34.34
N GLU A 84 49.68 -16.53 33.31
CA GLU A 84 49.03 -15.24 33.44
C GLU A 84 47.69 -15.29 32.71
N ILE A 85 46.79 -14.39 33.09
CA ILE A 85 45.45 -14.40 32.52
C ILE A 85 45.47 -13.92 31.08
N ALA A 86 46.45 -13.10 30.71
CA ALA A 86 46.51 -12.62 29.33
C ALA A 86 47.07 -13.65 28.36
N GLN A 87 47.42 -14.84 28.83
CA GLN A 87 47.83 -15.91 27.93
C GLN A 87 46.63 -16.65 27.36
N MET A 88 45.52 -16.68 28.08
CA MET A 88 44.33 -17.38 27.61
C MET A 88 43.49 -16.51 26.69
N PHE A 89 43.87 -15.25 26.52
CA PHE A 89 43.18 -14.32 25.62
C PHE A 89 44.23 -13.57 24.83
N PRO A 90 44.79 -14.20 23.80
CA PRO A 90 45.90 -13.56 23.10
C PRO A 90 45.42 -12.45 22.19
N ALA A 91 46.30 -11.49 21.96
CA ALA A 91 45.97 -10.34 21.14
C ALA A 91 46.00 -10.61 19.65
N ASP A 92 46.43 -11.79 19.22
CA ASP A 92 46.54 -12.09 17.79
C ASP A 92 45.24 -12.59 17.20
N SER A 93 44.17 -12.68 17.98
CA SER A 93 42.90 -13.12 17.43
C SER A 93 42.31 -12.03 16.55
N LEU A 94 41.41 -12.44 15.66
CA LEU A 94 40.83 -11.48 14.73
C LEU A 94 39.76 -10.62 15.39
N VAL A 95 38.96 -11.19 16.30
CA VAL A 95 37.96 -10.41 17.03
C VAL A 95 38.20 -10.57 18.53
N SER A 96 37.68 -9.60 19.28
CA SER A 96 37.88 -9.57 20.73
C SER A 96 36.63 -9.04 21.42
N SER A 97 36.05 -9.86 22.30
CA SER A 97 34.90 -9.44 23.07
C SER A 97 35.33 -8.43 24.14
N PRO A 98 34.38 -7.65 24.68
CA PRO A 98 34.71 -6.80 25.83
C PRO A 98 35.09 -7.55 27.08
N ARG A 99 34.66 -8.79 27.23
CA ARG A 99 35.11 -9.57 28.37
C ARG A 99 36.57 -9.94 28.20
N ALA A 100 36.99 -10.12 26.95
CA ALA A 100 38.35 -10.46 26.65
C ALA A 100 39.21 -9.24 26.51
N GLU A 101 38.62 -8.06 26.65
CA GLU A 101 39.45 -6.87 26.64
C GLU A 101 39.65 -6.35 28.06
N LYS A 102 38.65 -6.48 28.92
CA LYS A 102 38.89 -6.13 30.32
C LYS A 102 39.72 -7.18 31.03
N ALA A 103 39.68 -8.44 30.60
CA ALA A 103 40.55 -9.42 31.25
C ALA A 103 42.00 -9.23 30.82
N ARG A 104 42.22 -8.72 29.61
CA ARG A 104 43.58 -8.45 29.18
C ARG A 104 44.08 -7.14 29.76
N LEU A 105 43.19 -6.25 30.18
CA LEU A 105 43.65 -5.03 30.82
C LEU A 105 44.04 -5.31 32.28
N TYR A 106 43.18 -6.06 32.98
CA TYR A 106 43.44 -6.36 34.38
C TYR A 106 44.64 -7.29 34.53
N SER A 107 44.90 -8.14 33.54
CA SER A 107 46.04 -9.03 33.69
C SER A 107 47.37 -8.36 33.37
N ALA A 108 47.34 -7.14 32.85
CA ALA A 108 48.57 -6.36 32.68
C ALA A 108 48.81 -5.41 33.82
N ILE A 109 47.73 -4.92 34.44
CA ILE A 109 47.91 -4.14 35.66
C ILE A 109 48.37 -5.05 36.81
N GLU A 110 47.94 -6.31 36.79
CA GLU A 110 48.32 -7.22 37.87
C GLU A 110 49.81 -7.57 37.82
N GLN A 111 50.40 -7.55 36.64
CA GLN A 111 51.85 -7.75 36.56
C GLN A 111 52.61 -6.44 36.77
N ARG A 112 51.99 -5.30 36.46
CA ARG A 112 52.74 -4.05 36.61
C ARG A 112 52.86 -3.65 38.07
N LEU A 113 51.82 -3.92 38.87
CA LEU A 113 51.97 -3.64 40.30
C LEU A 113 52.96 -4.60 40.94
N GLU A 114 53.10 -5.80 40.39
CA GLU A 114 54.07 -6.75 40.91
C GLU A 114 55.49 -6.30 40.61
N GLN A 115 55.70 -5.71 39.43
CA GLN A 115 57.05 -5.24 39.15
C GLN A 115 57.35 -3.91 39.82
N SER A 116 56.32 -3.19 40.26
CA SER A 116 56.53 -1.93 40.96
C SER A 116 56.68 -2.09 42.47
N LEU A 117 56.25 -3.22 43.02
CA LEU A 117 56.46 -3.48 44.44
C LEU A 117 57.84 -3.99 44.76
N GLN A 118 58.57 -4.53 43.80
CA GLN A 118 59.93 -5.00 44.04
C GLN A 118 60.96 -3.88 44.14
N THR A 119 60.57 -2.63 43.95
CA THR A 119 61.51 -1.53 44.12
C THR A 119 61.36 -0.83 45.47
N MET A 120 60.59 -1.39 46.39
CA MET A 120 60.56 -0.83 47.72
C MET A 120 61.77 -1.31 48.52
N GLU A 121 61.92 -0.77 49.72
CA GLU A 121 63.10 -1.01 50.55
C GLU A 121 62.99 -2.27 51.41
N GLY A 122 63.53 -3.37 50.90
CA GLY A 122 63.63 -4.61 51.65
C GLY A 122 62.86 -5.79 51.09
N VAL A 123 61.94 -5.55 50.17
CA VAL A 123 61.10 -6.61 49.63
C VAL A 123 61.88 -7.39 48.57
N LEU A 124 61.97 -8.71 48.76
CA LEU A 124 62.65 -9.50 47.74
C LEU A 124 61.70 -9.99 46.68
N SER A 125 60.50 -10.44 47.05
CA SER A 125 59.52 -10.89 46.08
C SER A 125 58.13 -10.49 46.55
N ALA A 126 57.20 -10.44 45.60
CA ALA A 126 55.84 -10.06 45.90
C ALA A 126 54.91 -10.61 44.84
N ARG A 127 53.64 -10.74 45.20
CA ARG A 127 52.60 -11.15 44.27
C ARG A 127 51.28 -10.48 44.62
N VAL A 128 50.66 -9.85 43.62
CA VAL A 128 49.42 -9.11 43.82
C VAL A 128 48.34 -9.80 43.00
N HIS A 129 47.11 -9.77 43.52
CA HIS A 129 45.93 -10.32 42.90
C HIS A 129 44.81 -9.29 42.91
N ILE A 130 44.09 -9.21 41.81
CA ILE A 130 42.97 -8.31 41.64
C ILE A 130 41.71 -9.14 41.44
N SER A 131 40.59 -8.63 41.94
CA SER A 131 39.31 -9.30 41.78
C SER A 131 38.76 -9.03 40.40
N TYR A 132 38.46 -10.09 39.65
CA TYR A 132 37.95 -9.95 38.31
C TYR A 132 36.43 -9.89 38.31
N ASP A 133 35.90 -9.06 37.43
CA ASP A 133 34.47 -8.84 37.32
C ASP A 133 34.08 -9.03 35.87
N ILE A 134 33.03 -9.80 35.62
CA ILE A 134 32.61 -10.13 34.27
C ILE A 134 31.15 -9.76 34.02
N ASP A 135 30.26 -10.09 34.95
CA ASP A 135 28.82 -10.04 34.71
C ASP A 135 28.26 -8.63 34.75
N ALA A 136 28.87 -7.72 35.53
CA ALA A 136 28.31 -6.39 35.72
C ALA A 136 28.46 -5.48 34.52
N GLY A 137 29.44 -5.71 33.66
CA GLY A 137 29.64 -4.74 32.59
C GLY A 137 28.62 -4.79 31.46
N GLU A 138 27.81 -5.84 31.39
CA GLU A 138 26.88 -6.02 30.29
C GLU A 138 25.43 -5.73 30.64
N ASN A 139 25.03 -5.94 31.88
CA ASN A 139 23.64 -5.79 32.26
C ASN A 139 23.46 -4.45 32.97
N GLY A 140 22.24 -4.19 33.43
CA GLY A 140 21.91 -2.97 34.13
C GLY A 140 22.38 -2.91 35.57
N ARG A 141 22.98 -3.98 36.05
CA ARG A 141 23.51 -4.00 37.40
C ARG A 141 24.76 -3.12 37.51
N PRO A 142 24.92 -2.39 38.60
CA PRO A 142 26.06 -1.50 38.75
C PRO A 142 27.31 -2.33 39.00
N PRO A 143 28.50 -1.80 38.72
CA PRO A 143 29.71 -2.59 38.99
C PRO A 143 29.95 -2.73 40.48
N LYS A 144 30.63 -3.81 40.83
CA LYS A 144 30.80 -4.20 42.21
C LYS A 144 32.02 -3.53 42.82
N PRO A 145 32.31 -3.75 44.10
CA PRO A 145 33.54 -3.21 44.68
C PRO A 145 34.75 -4.01 44.22
N VAL A 146 35.92 -3.42 44.39
CA VAL A 146 37.18 -4.00 43.93
C VAL A 146 37.95 -4.55 45.12
N HIS A 147 38.43 -5.78 45.00
CA HIS A 147 39.19 -6.44 46.06
C HIS A 147 40.60 -6.74 45.58
N LEU A 148 41.58 -6.54 46.46
CA LEU A 148 42.98 -6.78 46.15
C LEU A 148 43.56 -7.69 47.22
N SER A 149 44.55 -8.49 46.85
CA SER A 149 45.22 -9.31 47.85
C SER A 149 46.69 -9.45 47.50
N ALA A 150 47.56 -9.28 48.48
CA ALA A 150 48.98 -9.28 48.17
C ALA A 150 49.73 -10.19 49.11
N LEU A 151 50.83 -10.74 48.59
CA LEU A 151 51.76 -11.53 49.36
C LEU A 151 53.13 -10.88 49.20
N ALA A 152 53.98 -11.13 50.18
CA ALA A 152 55.29 -10.48 50.12
C ALA A 152 56.30 -11.27 50.95
N VAL A 153 57.55 -11.19 50.53
CA VAL A 153 58.66 -11.80 51.24
C VAL A 153 59.70 -10.72 51.53
N TYR A 154 59.98 -10.49 52.80
CA TYR A 154 60.82 -9.39 53.25
C TYR A 154 62.19 -9.90 53.64
N GLU A 155 63.18 -9.03 53.52
CA GLU A 155 64.50 -9.32 54.03
C GLU A 155 64.44 -9.39 55.55
N ARG A 156 65.12 -10.39 56.11
CA ARG A 156 65.02 -10.63 57.53
C ARG A 156 65.77 -9.56 58.32
N GLY A 157 65.40 -9.44 59.59
CA GLY A 157 65.85 -8.36 60.44
C GLY A 157 64.95 -7.15 60.43
N SER A 158 63.88 -7.16 59.64
CA SER A 158 62.96 -6.03 59.54
C SER A 158 61.82 -6.21 60.53
N PRO A 159 61.40 -5.17 61.23
CA PRO A 159 60.19 -5.27 62.05
C PRO A 159 58.92 -5.23 61.22
N LEU A 160 58.51 -6.40 60.73
CA LEU A 160 57.52 -6.49 59.66
C LEU A 160 56.08 -6.31 60.13
N ALA A 161 55.85 -5.82 61.35
CA ALA A 161 54.52 -5.41 61.75
C ALA A 161 54.21 -3.97 61.40
N HIS A 162 55.23 -3.14 61.22
CA HIS A 162 55.02 -1.76 60.80
C HIS A 162 55.11 -1.58 59.30
N GLN A 163 55.53 -2.60 58.57
CA GLN A 163 55.63 -2.56 57.13
C GLN A 163 54.33 -2.85 56.40
N ILE A 164 53.24 -3.16 57.10
CA ILE A 164 52.00 -3.52 56.42
C ILE A 164 51.17 -2.29 56.09
N SER A 165 51.52 -1.13 56.62
CA SER A 165 50.72 0.05 56.35
C SER A 165 51.19 0.83 55.13
N ASP A 166 52.47 0.72 54.76
CA ASP A 166 52.92 1.37 53.54
C ASP A 166 52.42 0.64 52.31
N ILE A 167 52.15 -0.66 52.41
CA ILE A 167 51.69 -1.37 51.23
C ILE A 167 50.22 -1.10 51.02
N LYS A 168 49.45 -1.03 52.11
CA LYS A 168 48.03 -0.72 51.98
C LYS A 168 47.81 0.75 51.61
N ARG A 169 48.72 1.64 52.01
CA ARG A 169 48.61 3.03 51.59
C ARG A 169 48.99 3.17 50.13
N PHE A 170 49.92 2.36 49.65
CA PHE A 170 50.26 2.45 48.25
C PHE A 170 49.18 1.82 47.39
N LEU A 171 48.63 0.70 47.85
CA LEU A 171 47.68 -0.06 47.06
C LEU A 171 46.27 0.51 47.10
N LYS A 172 45.95 1.45 47.99
CA LYS A 172 44.56 1.87 48.11
C LYS A 172 44.15 2.70 46.90
N ASN A 173 44.79 3.85 46.71
CA ASN A 173 44.38 4.74 45.63
C ASN A 173 45.28 4.56 44.42
N SER A 174 45.66 3.32 44.16
CA SER A 174 46.11 2.90 42.85
C SER A 174 44.98 2.28 42.04
N PHE A 175 43.75 2.42 42.49
CA PHE A 175 42.60 1.88 41.79
C PHE A 175 41.44 2.85 41.94
N ALA A 176 40.28 2.46 41.40
CA ALA A 176 39.17 3.40 41.31
C ALA A 176 38.53 3.61 42.68
N ASP A 177 37.99 2.56 43.27
CA ASP A 177 37.27 2.72 44.53
C ASP A 177 37.46 1.44 45.34
N VAL A 178 38.46 1.44 46.22
CA VAL A 178 38.64 0.36 47.17
C VAL A 178 38.62 0.94 48.58
N ASP A 179 38.46 0.06 49.55
CA ASP A 179 38.48 0.44 50.96
C ASP A 179 39.68 -0.23 51.62
N TYR A 180 39.92 0.13 52.88
CA TYR A 180 41.05 -0.42 53.60
C TYR A 180 40.80 -1.81 54.16
N ASP A 181 39.58 -2.29 54.14
CA ASP A 181 39.29 -3.64 54.61
C ASP A 181 39.00 -4.63 53.49
N ASN A 182 39.10 -4.21 52.24
CA ASN A 182 39.04 -5.13 51.12
C ASN A 182 40.43 -5.48 50.60
N ILE A 183 41.48 -5.04 51.28
CA ILE A 183 42.85 -5.38 50.94
C ILE A 183 43.41 -6.23 52.07
N SER A 184 44.09 -7.30 51.72
CA SER A 184 44.69 -8.22 52.68
C SER A 184 46.12 -8.47 52.26
N VAL A 185 47.05 -8.11 53.13
CA VAL A 185 48.48 -8.29 52.90
C VAL A 185 48.99 -9.38 53.80
N VAL A 186 49.66 -10.37 53.22
CA VAL A 186 50.27 -11.44 53.98
C VAL A 186 51.73 -11.51 53.57
N LEU A 187 52.62 -11.32 54.54
CA LEU A 187 54.03 -11.23 54.24
C LEU A 187 54.83 -12.00 55.28
N SER A 188 56.04 -12.36 54.89
CA SER A 188 56.86 -13.22 55.72
C SER A 188 58.33 -12.97 55.40
N GLU A 189 59.17 -13.17 56.40
CA GLU A 189 60.60 -12.95 56.21
C GLU A 189 61.20 -14.14 55.49
N ARG A 190 62.33 -13.89 54.83
CA ARG A 190 62.94 -14.93 54.02
C ARG A 190 63.63 -15.95 54.92
N SER A 191 63.95 -17.10 54.33
CA SER A 191 64.52 -18.19 55.10
C SER A 191 65.98 -17.93 55.43
N ASP A 192 66.56 -18.83 56.21
CA ASP A 192 67.95 -18.70 56.58
C ASP A 192 68.82 -19.00 55.36
N ALA A 193 69.94 -18.30 55.27
CA ALA A 193 70.79 -18.40 54.10
C ALA A 193 71.54 -19.72 54.09
N GLN A 194 71.76 -20.23 52.89
CA GLN A 194 72.53 -21.44 52.68
C GLN A 194 73.80 -21.05 51.95
N LEU A 195 74.94 -21.13 52.64
CA LEU A 195 76.19 -20.64 52.09
C LEU A 195 77.29 -21.69 52.03
N GLN A 196 77.19 -22.77 52.79
CA GLN A 196 78.24 -23.77 52.82
C GLN A 196 77.95 -24.90 51.84
N ALA A 197 79.01 -25.55 51.40
CA ALA A 197 78.90 -26.61 50.41
C ALA A 197 78.29 -27.88 51.00
N PRO A 198 77.56 -28.67 50.20
CA PRO A 198 76.98 -29.92 50.70
C PRO A 198 77.99 -30.97 51.14
N GLY A 199 78.88 -31.35 50.25
CA GLY A 199 79.89 -32.37 50.59
C GLY A 199 79.70 -33.64 49.78
N THR A 200 80.81 -34.20 49.34
CA THR A 200 80.83 -35.37 48.48
C THR A 200 80.72 -36.65 49.32
N PRO A 201 79.96 -37.67 48.86
CA PRO A 201 79.85 -38.92 49.61
C PRO A 201 81.11 -39.77 49.49
N VAL A 202 81.86 -39.86 50.57
CA VAL A 202 83.04 -40.73 50.60
C VAL A 202 82.61 -42.16 50.95
N LYS A 203 83.33 -43.12 50.38
CA LYS A 203 83.04 -44.54 50.58
C LYS A 203 84.33 -45.33 50.76
N ASP B 20 66.04 -60.40 34.99
CA ASP B 20 65.89 -58.98 34.76
C ASP B 20 64.59 -58.78 34.01
N LYS B 21 63.49 -59.10 34.67
CA LYS B 21 62.16 -58.91 34.09
C LYS B 21 61.72 -57.46 34.06
N ASP B 22 61.29 -57.01 32.87
CA ASP B 22 60.81 -55.65 32.68
C ASP B 22 59.32 -55.60 32.96
N LEU B 23 58.86 -54.47 33.49
CA LEU B 23 57.45 -54.33 33.76
C LEU B 23 56.80 -53.11 33.12
N LEU B 24 57.56 -52.08 32.78
CA LEU B 24 57.02 -50.92 32.07
C LEU B 24 57.99 -50.41 31.03
N LYS B 25 57.42 -49.87 29.95
CA LYS B 25 58.19 -49.28 28.87
C LYS B 25 57.32 -48.23 28.21
N GLY B 26 57.97 -47.34 27.47
CA GLY B 26 57.29 -46.26 26.80
C GLY B 26 56.77 -45.17 27.70
N LEU B 27 57.36 -44.99 28.88
CA LEU B 27 56.85 -43.99 29.81
C LEU B 27 57.40 -42.62 29.48
N ASP B 28 56.99 -41.62 30.26
CA ASP B 28 57.51 -40.28 30.11
C ASP B 28 58.59 -40.11 31.18
N GLN B 29 59.17 -38.93 31.28
CA GLN B 29 60.18 -38.70 32.30
C GLN B 29 59.55 -38.45 33.67
N GLU B 30 58.48 -37.67 33.72
CA GLU B 30 57.78 -37.47 34.99
C GLU B 30 57.00 -38.72 35.34
N GLN B 31 56.58 -39.48 34.34
CA GLN B 31 55.86 -40.70 34.65
C GLN B 31 56.82 -41.73 35.20
N ALA B 32 58.09 -41.67 34.81
CA ALA B 32 59.01 -42.67 35.32
C ALA B 32 59.50 -42.30 36.72
N ASN B 33 59.63 -40.99 36.99
CA ASN B 33 60.10 -40.61 38.31
C ASN B 33 59.06 -40.79 39.39
N GLU B 34 57.80 -40.97 39.02
CA GLU B 34 56.78 -41.23 40.02
C GLU B 34 56.80 -42.70 40.38
N VAL B 35 57.05 -43.56 39.40
CA VAL B 35 57.08 -44.98 39.66
C VAL B 35 58.30 -45.32 40.50
N ILE B 36 59.44 -44.67 40.23
CA ILE B 36 60.60 -44.94 41.07
C ILE B 36 60.40 -44.34 42.46
N ALA B 37 59.65 -43.23 42.57
CA ALA B 37 59.35 -42.68 43.88
C ALA B 37 58.38 -43.56 44.66
N VAL B 38 57.58 -44.36 43.98
CA VAL B 38 56.67 -45.25 44.67
C VAL B 38 57.39 -46.52 45.09
N LEU B 39 58.19 -47.08 44.18
CA LEU B 39 58.85 -48.36 44.45
C LEU B 39 59.95 -48.24 45.50
N GLN B 40 60.63 -47.09 45.58
CA GLN B 40 61.66 -46.98 46.61
C GLN B 40 61.10 -46.90 48.02
N MET B 41 59.82 -46.57 48.18
CA MET B 41 59.21 -46.57 49.50
C MET B 41 58.96 -47.98 50.04
N HIS B 42 58.83 -48.98 49.17
CA HIS B 42 58.46 -50.31 49.63
C HIS B 42 59.58 -51.33 49.52
N ASN B 43 60.82 -50.88 49.74
CA ASN B 43 61.99 -51.76 49.92
C ASN B 43 62.30 -52.60 48.69
N ILE B 44 61.99 -52.10 47.50
CA ILE B 44 62.41 -52.74 46.26
C ILE B 44 63.13 -51.70 45.41
N GLU B 45 64.07 -52.19 44.61
CA GLU B 45 65.00 -51.33 43.90
C GLU B 45 64.75 -51.46 42.41
N ALA B 46 64.63 -50.33 41.72
CA ALA B 46 64.35 -50.31 40.30
C ALA B 46 65.46 -49.60 39.53
N ASN B 47 65.55 -49.91 38.25
CA ASN B 47 66.53 -49.30 37.35
C ASN B 47 65.81 -48.60 36.22
N LYS B 48 66.27 -47.40 35.89
CA LYS B 48 65.75 -46.60 34.80
C LYS B 48 66.66 -46.74 33.57
N ILE B 49 66.06 -47.08 32.45
CA ILE B 49 66.77 -47.35 31.20
C ILE B 49 66.23 -46.41 30.13
N ASP B 50 67.10 -45.61 29.54
CA ASP B 50 66.73 -44.73 28.46
C ASP B 50 66.71 -45.50 27.15
N SER B 51 65.69 -45.26 26.32
CA SER B 51 65.62 -45.90 25.02
C SER B 51 65.54 -44.89 23.89
N GLY B 52 65.86 -43.63 24.17
CA GLY B 52 65.88 -42.63 23.13
C GLY B 52 64.50 -42.08 22.85
N LYS B 53 63.99 -42.32 21.65
CA LYS B 53 62.69 -41.77 21.26
C LYS B 53 61.53 -42.60 21.74
N LEU B 54 61.79 -43.81 22.23
CA LEU B 54 60.73 -44.71 22.68
C LEU B 54 60.42 -44.53 24.16
N GLY B 55 61.08 -43.59 24.82
CA GLY B 55 60.82 -43.38 26.23
C GLY B 55 61.71 -44.18 27.15
N TYR B 56 61.35 -44.10 28.42
CA TYR B 56 62.11 -44.73 29.47
C TYR B 56 61.57 -46.14 29.71
N SER B 57 62.26 -46.86 30.58
CA SER B 57 61.83 -48.21 30.94
C SER B 57 62.34 -48.52 32.34
N ILE B 58 61.58 -49.31 33.08
CA ILE B 58 61.86 -49.56 34.48
C ILE B 58 61.95 -51.06 34.68
N THR B 59 63.10 -51.53 35.15
CA THR B 59 63.28 -52.95 35.41
C THR B 59 63.58 -53.22 36.88
N VAL B 60 63.07 -54.34 37.38
CA VAL B 60 63.37 -54.78 38.74
C VAL B 60 64.02 -56.16 38.71
N ALA B 61 64.36 -56.68 39.90
CA ALA B 61 64.94 -58.01 40.02
C ALA B 61 63.85 -59.08 39.90
N GLU B 62 64.25 -60.34 40.01
CA GLU B 62 63.29 -61.44 39.94
C GLU B 62 62.44 -61.74 41.18
N PRO B 63 62.98 -61.79 42.42
CA PRO B 63 62.08 -62.04 43.56
C PRO B 63 61.16 -60.88 43.90
N ASP B 64 61.52 -59.66 43.51
CA ASP B 64 60.71 -58.48 43.73
C ASP B 64 59.77 -58.17 42.59
N PHE B 65 59.43 -59.15 41.76
CA PHE B 65 58.53 -58.89 40.66
C PHE B 65 57.07 -59.08 41.04
N THR B 66 56.81 -60.02 41.95
CA THR B 66 55.45 -60.28 42.38
C THR B 66 54.94 -59.12 43.24
N ALA B 67 55.81 -58.54 44.06
CA ALA B 67 55.35 -57.43 44.87
C ALA B 67 55.24 -56.15 44.05
N ALA B 68 56.09 -56.00 43.02
CA ALA B 68 56.06 -54.76 42.27
C ALA B 68 54.85 -54.69 41.38
N VAL B 69 54.38 -55.85 40.89
CA VAL B 69 53.16 -55.83 40.09
C VAL B 69 51.98 -55.51 40.99
N TYR B 70 52.05 -55.93 42.25
CA TYR B 70 50.99 -55.67 43.19
C TYR B 70 50.92 -54.20 43.56
N TRP B 71 52.08 -53.53 43.65
CA TRP B 71 52.00 -52.12 43.98
C TRP B 71 51.68 -51.28 42.76
N ILE B 72 51.85 -51.83 41.56
CA ILE B 72 51.40 -51.13 40.37
C ILE B 72 49.88 -51.15 40.32
N LYS B 73 49.28 -52.30 40.62
CA LYS B 73 47.82 -52.38 40.60
C LYS B 73 47.20 -51.57 41.73
N THR B 74 47.87 -51.49 42.89
CA THR B 74 47.26 -50.76 43.99
C THR B 74 47.34 -49.26 43.75
N TYR B 75 48.51 -48.74 43.41
CA TYR B 75 48.62 -47.30 43.25
C TYR B 75 48.16 -46.80 41.88
N GLN B 76 47.63 -47.66 41.00
CA GLN B 76 47.11 -47.26 39.67
C GLN B 76 48.19 -46.61 38.82
N LEU B 77 49.38 -47.10 38.90
CA LEU B 77 50.49 -46.60 38.12
C LEU B 77 50.43 -47.17 36.71
N PRO B 78 50.92 -46.44 35.70
CA PRO B 78 51.55 -45.11 35.62
C PRO B 78 50.58 -43.95 35.71
N PRO B 79 51.05 -42.78 36.17
CA PRO B 79 50.15 -41.63 36.32
C PRO B 79 49.75 -41.05 34.98
N ARG B 80 48.47 -40.82 34.81
CA ARG B 80 47.95 -40.06 33.69
C ARG B 80 48.18 -38.57 33.90
N PRO B 81 48.34 -37.79 32.82
CA PRO B 81 48.66 -36.37 32.99
C PRO B 81 47.48 -35.60 33.55
N ARG B 82 47.78 -34.50 34.23
CA ARG B 82 46.76 -33.75 34.94
C ARG B 82 45.93 -32.93 33.97
N VAL B 83 44.66 -32.75 34.32
CA VAL B 83 43.68 -32.14 33.43
C VAL B 83 43.30 -30.78 33.98
N GLU B 84 43.20 -29.80 33.09
CA GLU B 84 42.69 -28.49 33.44
C GLU B 84 41.43 -28.20 32.63
N ILE B 85 40.64 -27.25 33.13
CA ILE B 85 39.38 -26.92 32.50
C ILE B 85 39.58 -26.14 31.22
N ALA B 86 40.70 -25.46 31.07
CA ALA B 86 40.97 -24.72 29.86
C ALA B 86 41.50 -25.59 28.73
N GLN B 87 41.57 -26.90 28.92
CA GLN B 87 41.96 -27.80 27.86
C GLN B 87 40.77 -28.26 27.04
N MET B 88 39.57 -28.18 27.59
CA MET B 88 38.38 -28.55 26.84
C MET B 88 37.91 -27.42 25.94
N PHE B 89 38.21 -26.18 26.30
CA PHE B 89 37.84 -24.99 25.54
C PHE B 89 39.15 -24.36 25.10
N PRO B 90 39.67 -24.76 23.95
CA PRO B 90 40.97 -24.24 23.52
C PRO B 90 40.86 -22.81 23.01
N ALA B 91 42.00 -22.13 23.02
CA ALA B 91 42.02 -20.73 22.64
C ALA B 91 41.99 -20.56 21.12
N ASP B 92 42.30 -21.63 20.38
CA ASP B 92 42.38 -21.57 18.92
C ASP B 92 41.04 -21.85 18.26
N SER B 93 39.95 -21.77 19.02
CA SER B 93 38.63 -21.90 18.41
C SER B 93 38.31 -20.64 17.63
N LEU B 94 37.69 -20.81 16.47
CA LEU B 94 37.41 -19.66 15.63
C LEU B 94 36.26 -18.81 16.13
N VAL B 95 35.37 -19.37 16.95
CA VAL B 95 34.31 -18.58 17.59
C VAL B 95 34.00 -19.23 18.94
N SER B 96 33.97 -18.41 20.00
CA SER B 96 33.76 -18.95 21.34
C SER B 96 32.59 -18.24 22.01
N SER B 97 31.67 -19.03 22.54
CA SER B 97 30.53 -18.51 23.27
C SER B 97 30.96 -17.96 24.63
N PRO B 98 30.12 -17.09 25.24
CA PRO B 98 30.41 -16.67 26.61
C PRO B 98 30.32 -17.78 27.62
N ARG B 99 29.66 -18.88 27.29
CA ARG B 99 29.74 -20.06 28.14
C ARG B 99 31.13 -20.65 28.10
N ALA B 100 31.84 -20.47 27.00
CA ALA B 100 33.16 -21.05 26.84
C ALA B 100 34.25 -20.03 27.09
N GLU B 101 33.90 -18.83 27.53
CA GLU B 101 34.90 -17.85 27.92
C GLU B 101 35.04 -17.66 29.42
N LYS B 102 33.96 -17.76 30.19
CA LYS B 102 34.13 -17.73 31.64
C LYS B 102 34.67 -19.03 32.21
N ALA B 103 34.59 -20.11 31.45
CA ALA B 103 35.25 -21.33 31.93
C ALA B 103 36.73 -21.24 31.68
N ARG B 104 37.13 -20.54 30.62
CA ARG B 104 38.54 -20.32 30.39
C ARG B 104 39.08 -19.25 31.30
N LEU B 105 38.21 -18.41 31.85
CA LEU B 105 38.72 -17.37 32.74
C LEU B 105 38.91 -17.95 34.14
N TYR B 106 37.92 -18.71 34.61
CA TYR B 106 38.06 -19.33 35.93
C TYR B 106 39.11 -20.42 35.93
N SER B 107 39.35 -21.06 34.78
CA SER B 107 40.39 -22.07 34.77
C SER B 107 41.77 -21.46 34.84
N ALA B 108 41.91 -20.19 34.48
CA ALA B 108 43.20 -19.54 34.65
C ALA B 108 43.33 -18.88 36.00
N ILE B 109 42.21 -18.65 36.68
CA ILE B 109 42.30 -18.08 38.01
C ILE B 109 42.65 -19.17 39.02
N GLU B 110 42.03 -20.35 38.89
CA GLU B 110 42.41 -21.41 39.80
C GLU B 110 43.78 -22.00 39.49
N GLN B 111 44.32 -21.73 38.30
CA GLN B 111 45.72 -22.05 38.04
C GLN B 111 46.67 -20.98 38.53
N ARG B 112 46.22 -19.77 38.74
CA ARG B 112 47.14 -18.74 39.20
C ARG B 112 47.19 -18.65 40.71
N LEU B 113 46.07 -18.93 41.38
CA LEU B 113 46.10 -18.96 42.84
C LEU B 113 46.90 -20.14 43.37
N GLU B 114 46.97 -21.24 42.61
CA GLU B 114 47.73 -22.38 43.08
C GLU B 114 49.22 -22.09 42.99
N GLN B 115 49.64 -21.39 41.93
CA GLN B 115 51.04 -21.01 41.85
C GLN B 115 51.35 -19.90 42.83
N SER B 116 50.35 -19.14 43.26
CA SER B 116 50.62 -18.08 44.21
C SER B 116 50.68 -18.58 45.64
N LEU B 117 50.08 -19.74 45.92
CA LEU B 117 50.19 -20.28 47.28
C LEU B 117 51.54 -20.93 47.55
N GLN B 118 52.25 -21.37 46.51
CA GLN B 118 53.52 -22.04 46.70
C GLN B 118 54.64 -21.11 47.12
N THR B 119 54.43 -19.80 47.12
CA THR B 119 55.44 -18.87 47.63
C THR B 119 55.16 -18.44 49.07
N MET B 120 54.39 -19.22 49.82
CA MET B 120 54.21 -18.94 51.24
C MET B 120 55.32 -19.61 52.05
N GLU B 121 55.23 -19.51 53.37
CA GLU B 121 56.23 -20.07 54.28
C GLU B 121 55.82 -21.46 54.78
N GLY B 122 56.47 -22.50 54.25
CA GLY B 122 56.27 -23.86 54.71
C GLY B 122 55.53 -24.76 53.76
N VAL B 123 54.82 -24.20 52.80
CA VAL B 123 53.99 -24.96 51.87
C VAL B 123 54.84 -25.64 50.80
N LEU B 124 54.62 -26.94 50.60
CA LEU B 124 55.27 -27.65 49.51
C LEU B 124 54.37 -27.80 48.30
N SER B 125 53.10 -28.14 48.48
CA SER B 125 52.17 -28.24 47.37
C SER B 125 50.82 -27.73 47.80
N ALA B 126 50.00 -27.36 46.82
CA ALA B 126 48.68 -26.80 47.07
C ALA B 126 47.80 -26.98 45.84
N ARG B 127 46.49 -26.98 46.08
CA ARG B 127 45.49 -27.07 45.01
C ARG B 127 44.25 -26.28 45.37
N VAL B 128 43.70 -25.55 44.41
CA VAL B 128 42.60 -24.61 44.63
C VAL B 128 41.51 -24.85 43.60
N HIS B 129 40.26 -24.98 44.06
CA HIS B 129 39.09 -25.13 43.23
C HIS B 129 38.13 -23.96 43.42
N ILE B 130 37.50 -23.53 42.33
CA ILE B 130 36.53 -22.45 42.31
C ILE B 130 35.17 -23.03 41.90
N SER B 131 34.11 -22.47 42.46
CA SER B 131 32.77 -22.83 42.04
C SER B 131 32.48 -22.24 40.67
N TYR B 132 32.03 -23.08 39.74
CA TYR B 132 31.77 -22.68 38.36
C TYR B 132 30.29 -22.37 38.25
N ASP B 133 29.94 -21.11 38.40
CA ASP B 133 28.56 -20.67 38.17
C ASP B 133 28.62 -19.70 37.00
N ILE B 134 28.23 -20.18 35.82
CA ILE B 134 28.32 -19.43 34.58
C ILE B 134 26.97 -19.25 33.92
N ASP B 135 25.94 -19.96 34.38
CA ASP B 135 24.60 -19.88 33.85
C ASP B 135 23.70 -18.97 34.67
N ALA B 136 24.29 -18.12 35.52
CA ALA B 136 23.52 -17.16 36.29
C ALA B 136 22.99 -16.03 35.43
N GLY B 137 23.63 -15.77 34.30
CA GLY B 137 23.19 -14.80 33.31
C GLY B 137 22.08 -15.23 32.38
N GLU B 138 21.63 -16.49 32.44
CA GLU B 138 20.55 -16.92 31.55
C GLU B 138 19.22 -16.25 31.93
N ASN B 139 18.95 -16.15 33.22
CA ASN B 139 17.68 -15.65 33.71
C ASN B 139 17.88 -14.26 34.29
N GLY B 140 16.81 -13.73 34.88
CA GLY B 140 16.79 -12.44 35.54
C GLY B 140 17.12 -12.50 37.01
N ARG B 141 17.63 -13.64 37.50
CA ARG B 141 17.99 -13.77 38.90
C ARG B 141 19.40 -13.24 39.16
N PRO B 142 19.61 -12.67 40.36
CA PRO B 142 20.95 -12.26 40.75
C PRO B 142 21.85 -13.47 40.98
N PRO B 143 23.15 -13.35 40.72
CA PRO B 143 24.04 -14.51 40.83
C PRO B 143 24.28 -14.90 42.28
N LYS B 144 24.74 -16.13 42.44
CA LYS B 144 24.94 -16.74 43.74
C LYS B 144 26.29 -16.28 44.29
N PRO B 145 26.62 -16.65 45.51
CA PRO B 145 27.98 -16.38 46.00
C PRO B 145 28.94 -17.37 45.35
N VAL B 146 30.23 -17.12 45.54
CA VAL B 146 31.29 -17.95 44.96
C VAL B 146 32.01 -18.68 46.07
N HIS B 147 32.23 -19.98 45.87
CA HIS B 147 32.84 -20.82 46.86
C HIS B 147 34.22 -21.29 46.38
N LEU B 148 35.13 -21.44 47.32
CA LEU B 148 36.50 -21.86 47.03
C LEU B 148 36.87 -23.01 47.95
N SER B 149 37.81 -23.83 47.51
CA SER B 149 38.29 -24.91 48.36
C SER B 149 39.73 -25.25 48.05
N ALA B 150 40.58 -25.31 49.07
CA ALA B 150 42.01 -25.48 48.86
C ALA B 150 42.56 -26.61 49.72
N LEU B 151 43.56 -27.30 49.17
CA LEU B 151 44.34 -28.31 49.86
C LEU B 151 45.80 -27.88 49.91
N ALA B 152 46.52 -28.42 50.89
CA ALA B 152 47.92 -28.04 51.09
C ALA B 152 48.68 -29.11 51.86
N VAL B 153 49.98 -29.18 51.60
CA VAL B 153 50.87 -30.08 52.31
C VAL B 153 52.03 -29.29 52.90
N TYR B 154 52.14 -29.30 54.22
CA TYR B 154 53.11 -28.48 54.95
C TYR B 154 54.33 -29.26 55.38
N GLU B 155 55.40 -28.52 55.66
CA GLU B 155 56.65 -29.10 56.15
C GLU B 155 56.53 -29.51 57.60
N ARG B 156 57.11 -30.67 57.92
CA ARG B 156 57.05 -31.26 59.24
C ARG B 156 57.74 -30.39 60.29
N GLY B 157 57.06 -30.13 61.39
CA GLY B 157 57.57 -29.28 62.45
C GLY B 157 56.88 -27.94 62.58
N SER B 158 55.91 -27.64 61.73
CA SER B 158 55.24 -26.36 61.74
C SER B 158 53.94 -26.43 62.52
N PRO B 159 53.57 -25.38 63.26
CA PRO B 159 52.27 -25.38 63.93
C PRO B 159 51.14 -25.15 62.95
N LEU B 160 50.66 -26.22 62.33
CA LEU B 160 49.72 -26.15 61.21
C LEU B 160 48.29 -25.90 61.63
N ALA B 161 48.02 -25.54 62.87
CA ALA B 161 46.68 -25.14 63.24
C ALA B 161 46.46 -23.64 63.15
N HIS B 162 47.49 -22.85 63.40
CA HIS B 162 47.39 -21.40 63.30
C HIS B 162 47.61 -20.87 61.90
N GLN B 163 48.13 -21.70 60.99
CA GLN B 163 48.36 -21.28 59.61
C GLN B 163 47.19 -21.59 58.71
N ILE B 164 45.99 -21.75 59.27
CA ILE B 164 44.80 -21.92 58.45
C ILE B 164 43.99 -20.65 58.38
N SER B 165 44.26 -19.66 59.23
CA SER B 165 43.57 -18.38 59.15
C SER B 165 44.30 -17.35 58.31
N ASP B 166 45.52 -17.65 57.89
CA ASP B 166 46.23 -16.77 56.98
C ASP B 166 45.90 -17.09 55.55
N ILE B 167 45.77 -18.37 55.23
CA ILE B 167 45.35 -18.74 53.90
C ILE B 167 43.89 -18.36 53.70
N LYS B 168 43.10 -18.34 54.79
CA LYS B 168 41.73 -17.90 54.69
C LYS B 168 41.64 -16.39 54.55
N ARG B 169 42.60 -15.65 55.12
CA ARG B 169 42.55 -14.21 54.95
C ARG B 169 43.04 -13.84 53.57
N PHE B 170 44.02 -14.58 53.04
CA PHE B 170 44.52 -14.28 51.71
C PHE B 170 43.49 -14.65 50.66
N LEU B 171 42.73 -15.72 50.90
CA LEU B 171 41.73 -16.12 49.93
C LEU B 171 40.43 -15.34 50.07
N LYS B 172 40.27 -14.54 51.12
CA LYS B 172 38.98 -13.93 51.38
C LYS B 172 38.68 -12.82 50.39
N ASN B 173 39.65 -11.97 50.09
CA ASN B 173 39.35 -10.85 49.22
C ASN B 173 40.16 -10.93 47.94
N SER B 174 40.19 -12.09 47.30
CA SER B 174 40.64 -12.21 45.92
C SER B 174 39.49 -12.35 44.94
N PHE B 175 38.26 -12.21 45.40
CA PHE B 175 37.08 -12.30 44.55
C PHE B 175 36.12 -11.19 44.94
N ALA B 176 34.91 -11.28 44.41
CA ALA B 176 33.93 -10.21 44.57
C ALA B 176 33.43 -10.18 46.01
N ASP B 177 32.76 -11.25 46.45
CA ASP B 177 32.28 -11.32 47.83
C ASP B 177 32.12 -12.77 48.25
N VAL B 178 32.97 -13.23 49.16
CA VAL B 178 32.84 -14.54 49.75
C VAL B 178 32.54 -14.35 51.23
N ASP B 179 32.13 -15.43 51.87
CA ASP B 179 32.00 -15.45 53.32
C ASP B 179 33.08 -16.34 53.91
N TYR B 180 33.21 -16.27 55.23
CA TYR B 180 34.23 -17.09 55.87
C TYR B 180 33.78 -18.52 56.11
N ASP B 181 32.53 -18.85 55.79
CA ASP B 181 32.07 -20.23 55.84
C ASP B 181 31.82 -20.80 54.46
N ASN B 182 32.19 -20.07 53.40
CA ASN B 182 32.19 -20.62 52.06
C ASN B 182 33.56 -21.09 51.61
N ILE B 183 34.58 -20.98 52.46
CA ILE B 183 35.92 -21.44 52.13
C ILE B 183 36.26 -22.60 53.04
N SER B 184 36.89 -23.64 52.46
CA SER B 184 37.34 -24.80 53.21
C SER B 184 38.78 -25.08 52.85
N VAL B 185 39.64 -25.08 53.86
CA VAL B 185 41.05 -25.36 53.73
C VAL B 185 41.34 -26.66 54.42
N VAL B 186 41.83 -27.65 53.69
CA VAL B 186 42.17 -28.95 54.26
C VAL B 186 43.65 -29.17 54.03
N LEU B 187 44.43 -29.14 55.10
CA LEU B 187 45.87 -29.22 54.97
C LEU B 187 46.44 -30.28 55.89
N SER B 188 47.66 -30.72 55.58
CA SER B 188 48.23 -31.86 56.29
C SER B 188 49.75 -31.83 56.21
N GLU B 189 50.39 -32.28 57.29
CA GLU B 189 51.84 -32.37 57.30
C GLU B 189 52.31 -33.49 56.39
N ARG B 190 53.58 -33.47 56.04
CA ARG B 190 54.11 -34.44 55.09
C ARG B 190 54.51 -35.72 55.80
N SER B 191 54.73 -36.77 55.01
CA SER B 191 55.06 -38.09 55.50
C SER B 191 56.51 -38.16 55.95
N ASP B 192 56.88 -39.30 56.53
CA ASP B 192 58.25 -39.48 57.00
C ASP B 192 59.20 -39.66 55.83
N ALA B 193 60.40 -39.11 55.98
CA ALA B 193 61.37 -39.09 54.90
C ALA B 193 61.97 -40.46 54.64
N GLN B 194 62.27 -40.73 53.37
CA GLN B 194 62.89 -41.97 52.94
C GLN B 194 64.29 -41.62 52.42
N LEU B 195 65.31 -41.93 53.20
CA LEU B 195 66.66 -41.55 52.81
C LEU B 195 67.62 -42.70 52.54
N GLN B 196 67.45 -43.83 53.20
CA GLN B 196 68.38 -44.94 53.01
C GLN B 196 68.09 -45.70 51.72
N ALA B 197 69.12 -46.39 51.23
CA ALA B 197 68.96 -47.18 50.02
C ALA B 197 68.12 -48.41 50.34
N PRO B 198 67.38 -48.95 49.36
CA PRO B 198 66.59 -50.16 49.62
C PRO B 198 67.40 -51.40 49.93
N GLY B 199 68.34 -51.76 49.06
CA GLY B 199 69.14 -52.94 49.33
C GLY B 199 68.90 -54.04 48.31
N THR B 200 69.98 -54.51 47.74
CA THR B 200 69.98 -55.53 46.70
C THR B 200 69.71 -56.89 47.33
N PRO B 201 68.89 -57.74 46.71
CA PRO B 201 68.66 -59.06 47.28
C PRO B 201 69.79 -60.01 46.96
N VAL B 202 69.93 -61.03 47.79
CA VAL B 202 70.77 -62.17 47.49
C VAL B 202 69.90 -63.40 47.28
N LYS B 203 70.46 -64.39 46.58
CA LYS B 203 69.69 -65.55 46.17
C LYS B 203 69.93 -66.70 47.14
N ASP C 20 53.37 -73.29 28.86
CA ASP C 20 53.79 -72.95 27.50
C ASP C 20 52.58 -72.69 26.60
N LYS C 21 51.38 -72.94 27.10
CA LYS C 21 50.17 -72.70 26.32
C LYS C 21 49.75 -71.26 26.53
N ASP C 22 49.43 -70.58 25.43
CA ASP C 22 48.96 -69.19 25.52
C ASP C 22 47.47 -69.13 25.75
N LEU C 23 47.03 -68.01 26.34
CA LEU C 23 45.61 -67.81 26.57
C LEU C 23 45.17 -66.42 26.12
N LEU C 24 46.10 -65.46 26.09
CA LEU C 24 45.79 -64.14 25.55
C LEU C 24 46.98 -63.65 24.75
N LYS C 25 46.69 -62.93 23.67
CA LYS C 25 47.74 -62.33 22.87
C LYS C 25 47.21 -61.08 22.21
N GLY C 26 48.13 -60.23 21.79
CA GLY C 26 47.79 -58.95 21.19
C GLY C 26 47.19 -58.02 22.22
N LEU C 27 47.82 -57.93 23.38
CA LEU C 27 47.27 -57.16 24.47
C LEU C 27 47.98 -55.81 24.58
N ASP C 28 47.43 -54.95 25.42
CA ASP C 28 48.09 -53.70 25.74
C ASP C 28 49.00 -53.91 26.97
N GLN C 29 49.91 -52.96 27.18
CA GLN C 29 50.78 -52.98 28.35
C GLN C 29 49.98 -52.79 29.64
N GLU C 30 48.99 -51.89 29.63
CA GLU C 30 48.19 -51.66 30.83
C GLU C 30 47.22 -52.80 31.12
N GLN C 31 46.85 -53.57 30.11
CA GLN C 31 45.97 -54.69 30.34
C GLN C 31 46.78 -55.87 30.84
N ALA C 32 47.99 -56.01 30.31
CA ALA C 32 48.84 -57.12 30.67
C ALA C 32 49.39 -56.94 32.07
N ASN C 33 49.54 -55.69 32.52
CA ASN C 33 50.04 -55.50 33.87
C ASN C 33 48.98 -55.75 34.92
N GLU C 34 47.72 -55.91 34.54
CA GLU C 34 46.67 -56.17 35.50
C GLU C 34 46.22 -57.62 35.50
N VAL C 35 46.44 -58.31 34.39
CA VAL C 35 46.15 -59.75 34.38
C VAL C 35 47.16 -60.49 35.25
N ILE C 36 48.43 -60.08 35.21
CA ILE C 36 49.40 -60.74 36.07
C ILE C 36 49.11 -60.44 37.54
N ALA C 37 48.63 -59.23 37.84
CA ALA C 37 48.30 -58.92 39.21
C ALA C 37 47.07 -59.65 39.73
N VAL C 38 46.21 -60.15 38.85
CA VAL C 38 45.11 -60.96 39.34
C VAL C 38 45.51 -62.43 39.42
N LEU C 39 46.28 -62.95 38.46
CA LEU C 39 46.64 -64.35 38.46
C LEU C 39 47.61 -64.68 39.59
N GLN C 40 48.53 -63.77 39.91
CA GLN C 40 49.47 -64.04 40.98
C GLN C 40 48.79 -64.04 42.35
N MET C 41 47.59 -63.48 42.46
CA MET C 41 46.85 -63.56 43.70
C MET C 41 46.31 -64.95 43.99
N HIS C 42 46.19 -65.81 42.98
CA HIS C 42 45.60 -67.13 43.19
C HIS C 42 46.61 -68.23 42.87
N ASN C 43 47.85 -68.02 43.32
CA ASN C 43 48.91 -69.03 43.39
C ASN C 43 49.31 -69.60 42.04
N ILE C 44 49.09 -68.85 40.96
CA ILE C 44 49.54 -69.27 39.64
C ILE C 44 50.34 -68.13 39.02
N GLU C 45 51.36 -68.49 38.24
CA GLU C 45 52.26 -67.52 37.66
C GLU C 45 52.11 -67.51 36.15
N ALA C 46 52.27 -66.33 35.58
CA ALA C 46 52.15 -66.15 34.14
C ALA C 46 53.45 -65.58 33.60
N ASN C 47 53.54 -65.50 32.28
CA ASN C 47 54.74 -64.99 31.61
C ASN C 47 54.32 -63.99 30.55
N LYS C 48 54.74 -62.74 30.76
CA LYS C 48 54.49 -61.62 29.86
C LYS C 48 55.57 -61.61 28.78
N ILE C 49 55.19 -61.88 27.54
CA ILE C 49 56.11 -61.97 26.42
C ILE C 49 55.82 -60.79 25.48
N ASP C 50 56.87 -60.05 25.13
CA ASP C 50 56.72 -58.98 24.16
C ASP C 50 56.79 -59.54 22.75
N SER C 51 56.08 -58.89 21.83
CA SER C 51 56.05 -59.38 20.47
C SER C 51 56.21 -58.23 19.50
N GLY C 52 57.06 -57.28 19.83
CA GLY C 52 57.31 -56.17 18.94
C GLY C 52 56.16 -55.19 19.00
N LYS C 53 55.69 -54.78 17.83
CA LYS C 53 54.57 -53.87 17.76
C LYS C 53 53.23 -54.58 17.81
N LEU C 54 53.23 -55.91 17.89
CA LEU C 54 52.00 -56.66 17.96
C LEU C 54 51.44 -56.75 19.37
N GLY C 55 52.07 -56.09 20.34
CA GLY C 55 51.61 -56.18 21.70
C GLY C 55 52.25 -57.30 22.49
N TYR C 56 51.69 -57.49 23.67
CA TYR C 56 52.18 -58.49 24.60
C TYR C 56 51.37 -59.77 24.46
N SER C 57 51.83 -60.80 25.15
CA SER C 57 51.13 -62.07 25.22
C SER C 57 51.34 -62.63 26.62
N ILE C 58 50.42 -63.45 27.08
CA ILE C 58 50.48 -63.98 28.44
C ILE C 58 50.32 -65.48 28.34
N THR C 59 51.34 -66.21 28.76
CA THR C 59 51.31 -67.67 28.74
C THR C 59 51.49 -68.26 30.13
N VAL C 60 50.78 -69.36 30.40
CA VAL C 60 50.92 -70.08 31.65
C VAL C 60 51.39 -71.50 31.39
N ALA C 61 51.67 -72.24 32.46
CA ALA C 61 52.11 -73.63 32.38
C ALA C 61 50.94 -74.54 32.05
N GLU C 62 51.22 -75.82 31.89
CA GLU C 62 50.19 -76.78 31.51
C GLU C 62 49.18 -77.23 32.58
N PRO C 63 49.55 -77.59 33.83
CA PRO C 63 48.49 -77.97 34.78
C PRO C 63 47.60 -76.83 35.32
N ASP C 64 48.06 -75.59 35.29
CA ASP C 64 47.31 -74.47 35.82
C ASP C 64 46.41 -73.79 34.81
N PHE C 65 46.27 -74.34 33.60
CA PHE C 65 45.51 -73.71 32.53
C PHE C 65 44.02 -73.81 32.77
N THR C 66 43.56 -74.85 33.46
CA THR C 66 42.14 -75.02 33.71
C THR C 66 41.67 -74.01 34.72
N ALA C 67 42.53 -73.65 35.67
CA ALA C 67 42.15 -72.66 36.65
C ALA C 67 42.35 -71.24 36.13
N ALA C 68 43.36 -71.04 35.28
CA ALA C 68 43.60 -69.69 34.80
C ALA C 68 42.54 -69.23 33.82
N VAL C 69 41.97 -70.18 33.05
CA VAL C 69 40.87 -69.81 32.16
C VAL C 69 39.64 -69.43 32.98
N TYR C 70 39.46 -70.10 34.11
CA TYR C 70 38.31 -69.81 34.97
C TYR C 70 38.45 -68.45 35.63
N TRP C 71 39.66 -68.07 36.04
CA TRP C 71 39.76 -66.75 36.63
C TRP C 71 39.74 -65.64 35.59
N ILE C 72 40.01 -65.99 34.32
CA ILE C 72 39.83 -65.02 33.24
C ILE C 72 38.35 -64.77 33.01
N LYS C 73 37.54 -65.85 33.02
CA LYS C 73 36.12 -65.71 32.76
C LYS C 73 35.43 -64.99 33.92
N THR C 74 35.86 -65.27 35.16
CA THR C 74 35.18 -64.66 36.29
C THR C 74 35.52 -63.17 36.37
N TYR C 75 36.79 -62.80 36.23
CA TYR C 75 37.12 -61.38 36.39
C TYR C 75 36.91 -60.58 35.11
N GLN C 76 36.35 -61.18 34.04
CA GLN C 76 36.04 -60.50 32.78
C GLN C 76 37.24 -59.87 32.09
N LEU C 77 38.37 -60.48 32.21
CA LEU C 77 39.58 -59.97 31.60
C LEU C 77 39.60 -60.28 30.11
N PRO C 78 40.27 -59.44 29.30
CA PRO C 78 41.05 -58.23 29.56
C PRO C 78 40.22 -57.00 29.86
N PRO C 79 40.79 -56.05 30.61
CA PRO C 79 40.02 -54.87 31.01
C PRO C 79 39.77 -53.95 29.83
N ARG C 80 38.64 -53.29 29.89
CA ARG C 80 38.26 -52.31 28.89
C ARG C 80 38.90 -50.96 29.23
N PRO C 81 39.12 -50.11 28.24
CA PRO C 81 39.60 -48.75 28.54
C PRO C 81 38.52 -47.95 29.25
N ARG C 82 38.96 -47.13 30.20
CA ARG C 82 38.02 -46.41 31.04
C ARG C 82 37.39 -45.28 30.24
N VAL C 83 36.11 -45.07 30.48
CA VAL C 83 35.32 -44.18 29.64
C VAL C 83 35.15 -42.86 30.37
N GLU C 84 35.20 -41.78 29.60
CA GLU C 84 34.91 -40.46 30.09
C GLU C 84 33.74 -39.91 29.30
N ILE C 85 33.13 -38.85 29.84
CA ILE C 85 32.01 -38.24 29.14
C ILE C 85 32.54 -37.37 28.01
N ALA C 86 33.75 -36.84 28.13
CA ALA C 86 34.27 -36.00 27.07
C ALA C 86 34.68 -36.79 25.83
N GLN C 87 34.73 -38.12 25.89
CA GLN C 87 35.01 -38.89 24.70
C GLN C 87 33.81 -38.98 23.78
N MET C 88 32.61 -38.82 24.33
CA MET C 88 31.42 -38.90 23.50
C MET C 88 31.10 -37.59 22.81
N PHE C 89 31.63 -36.48 23.32
CA PHE C 89 31.38 -35.16 22.77
C PHE C 89 32.70 -34.54 22.33
N PRO C 90 33.13 -34.77 21.10
CA PRO C 90 34.34 -34.10 20.61
C PRO C 90 34.02 -32.66 20.24
N ALA C 91 35.06 -31.93 19.86
CA ALA C 91 34.92 -30.52 19.52
C ALA C 91 34.97 -30.29 18.02
N ASP C 92 34.39 -31.18 17.25
CA ASP C 92 34.45 -31.12 15.79
C ASP C 92 33.35 -30.26 15.18
N SER C 93 32.47 -29.67 15.98
CA SER C 93 31.38 -28.86 15.44
C SER C 93 31.83 -27.42 15.27
N LEU C 94 30.87 -26.54 15.00
CA LEU C 94 31.13 -25.10 14.93
C LEU C 94 30.37 -24.34 15.99
N VAL C 95 29.10 -24.65 16.22
CA VAL C 95 28.35 -24.10 17.35
C VAL C 95 27.87 -25.29 18.19
N SER C 96 28.56 -25.54 19.30
CA SER C 96 28.15 -26.65 20.13
C SER C 96 26.93 -26.28 20.95
N SER C 97 26.08 -27.27 21.21
CA SER C 97 24.89 -27.05 22.00
C SER C 97 25.30 -26.82 23.46
N PRO C 98 24.45 -26.13 24.24
CA PRO C 98 24.73 -25.98 25.68
C PRO C 98 24.72 -27.28 26.44
N ARG C 99 24.01 -28.30 25.95
CA ARG C 99 24.06 -29.58 26.62
C ARG C 99 25.40 -30.26 26.37
N ALA C 100 25.92 -30.09 25.16
CA ALA C 100 27.18 -30.70 24.82
C ALA C 100 28.36 -29.87 25.29
N GLU C 101 28.11 -28.65 25.74
CA GLU C 101 29.18 -27.85 26.31
C GLU C 101 29.24 -27.97 27.82
N LYS C 102 28.08 -28.15 28.45
CA LYS C 102 28.10 -28.31 29.89
C LYS C 102 28.44 -29.74 30.29
N ALA C 103 28.15 -30.72 29.42
CA ALA C 103 28.61 -32.07 29.73
C ALA C 103 30.12 -32.17 29.56
N ARG C 104 30.68 -31.42 28.62
CA ARG C 104 32.13 -31.40 28.45
C ARG C 104 32.82 -30.56 29.52
N LEU C 105 32.07 -29.73 30.23
CA LEU C 105 32.65 -28.97 31.32
C LEU C 105 32.62 -29.79 32.61
N TYR C 106 31.50 -30.46 32.84
CA TYR C 106 31.36 -31.30 34.02
C TYR C 106 32.29 -32.50 33.93
N SER C 107 32.58 -32.98 32.72
CA SER C 107 33.48 -34.12 32.64
C SER C 107 34.91 -33.71 32.87
N ALA C 108 35.25 -32.43 32.77
CA ALA C 108 36.58 -32.01 33.17
C ALA C 108 36.62 -31.67 34.65
N ILE C 109 35.47 -31.46 35.26
CA ILE C 109 35.47 -31.17 36.69
C ILE C 109 35.55 -32.45 37.49
N GLU C 110 34.80 -33.48 37.10
CA GLU C 110 34.85 -34.72 37.87
C GLU C 110 36.16 -35.47 37.66
N GLN C 111 36.96 -35.11 36.66
CA GLN C 111 38.32 -35.57 36.59
C GLN C 111 39.30 -34.72 37.38
N ARG C 112 39.09 -33.40 37.47
CA ARG C 112 40.04 -32.62 38.25
C ARG C 112 39.86 -32.86 39.75
N LEU C 113 38.63 -33.09 40.21
CA LEU C 113 38.47 -33.47 41.61
C LEU C 113 39.01 -34.87 41.90
N GLU C 114 39.13 -35.70 40.88
CA GLU C 114 39.70 -37.02 41.11
C GLU C 114 41.20 -36.92 41.18
N GLN C 115 41.80 -36.01 40.42
CA GLN C 115 43.23 -35.76 40.59
C GLN C 115 43.53 -35.09 41.92
N SER C 116 42.58 -34.32 42.44
CA SER C 116 42.78 -33.58 43.68
C SER C 116 42.44 -34.37 44.93
N LEU C 117 41.88 -35.56 44.81
CA LEU C 117 41.66 -36.38 45.99
C LEU C 117 42.82 -37.28 46.35
N GLN C 118 43.63 -37.66 45.37
CA GLN C 118 44.78 -38.53 45.63
C GLN C 118 45.92 -37.84 46.35
N THR C 119 45.90 -36.52 46.48
CA THR C 119 46.96 -35.86 47.21
C THR C 119 46.63 -35.64 48.69
N MET C 120 45.60 -36.31 49.21
CA MET C 120 45.33 -36.26 50.64
C MET C 120 46.23 -37.26 51.38
N GLU C 121 46.01 -37.35 52.68
CA GLU C 121 46.83 -38.19 53.57
C GLU C 121 46.23 -39.58 53.67
N GLY C 122 46.83 -40.54 52.99
CA GLY C 122 46.43 -41.93 53.11
C GLY C 122 45.57 -42.48 52.00
N VAL C 123 45.15 -41.65 51.07
CA VAL C 123 44.29 -42.11 49.99
C VAL C 123 45.14 -42.70 48.89
N LEU C 124 44.74 -43.87 48.37
CA LEU C 124 45.47 -44.42 47.24
C LEU C 124 44.72 -44.21 45.94
N SER C 125 43.41 -44.38 45.95
CA SER C 125 42.60 -44.17 44.76
C SER C 125 41.28 -43.57 45.19
N ALA C 126 40.59 -42.97 44.22
CA ALA C 126 39.33 -42.31 44.44
C ALA C 126 38.58 -42.23 43.13
N ARG C 127 37.26 -42.20 43.22
CA ARG C 127 36.42 -41.94 42.07
C ARG C 127 35.34 -40.96 42.49
N VAL C 128 35.00 -40.02 41.61
CA VAL C 128 34.04 -38.96 41.94
C VAL C 128 33.06 -38.80 40.79
N HIS C 129 31.76 -38.78 41.12
CA HIS C 129 30.68 -38.62 40.15
C HIS C 129 29.84 -37.39 40.48
N ILE C 130 29.45 -36.65 39.44
CA ILE C 130 28.59 -35.49 39.55
C ILE C 130 27.31 -35.76 38.78
N SER C 131 26.20 -35.20 39.27
CA SER C 131 24.92 -35.31 38.57
C SER C 131 24.89 -34.34 37.41
N TYR C 132 24.49 -34.82 36.23
CA TYR C 132 24.50 -33.99 35.03
C TYR C 132 23.10 -33.44 34.77
N ASP C 133 23.03 -32.19 34.31
CA ASP C 133 21.76 -31.59 33.92
C ASP C 133 21.36 -32.07 32.53
N ILE C 134 20.50 -33.08 32.49
CA ILE C 134 20.13 -33.73 31.24
C ILE C 134 19.24 -32.84 30.40
N ASP C 135 18.29 -32.15 31.02
CA ASP C 135 17.25 -31.42 30.31
C ASP C 135 17.41 -29.91 30.30
N ALA C 136 17.76 -29.30 31.43
CA ALA C 136 17.66 -27.85 31.53
C ALA C 136 18.97 -27.17 31.20
N GLY C 137 19.73 -27.73 30.27
CA GLY C 137 20.94 -27.08 29.82
C GLY C 137 20.64 -25.80 29.07
N GLU C 138 19.45 -25.72 28.47
CA GLU C 138 19.00 -24.52 27.77
C GLU C 138 17.56 -24.10 28.07
N ASN C 139 16.72 -24.98 28.63
CA ASN C 139 15.30 -24.70 28.69
C ASN C 139 15.00 -23.64 29.76
N GLY C 140 13.75 -23.20 29.77
CA GLY C 140 13.35 -22.14 30.68
C GLY C 140 13.17 -22.56 32.13
N ARG C 141 13.23 -23.85 32.42
CA ARG C 141 13.14 -24.28 33.81
C ARG C 141 14.40 -23.92 34.60
N PRO C 142 14.25 -23.61 35.88
CA PRO C 142 15.42 -23.30 36.71
C PRO C 142 16.22 -24.56 36.97
N PRO C 143 17.53 -24.44 37.13
CA PRO C 143 18.34 -25.65 37.36
C PRO C 143 18.11 -26.20 38.75
N LYS C 144 18.33 -27.50 38.87
CA LYS C 144 18.14 -28.25 40.11
C LYS C 144 19.39 -28.12 40.96
N PRO C 145 19.39 -28.71 42.15
CA PRO C 145 20.63 -28.74 42.94
C PRO C 145 21.60 -29.75 42.35
N VAL C 146 22.83 -29.69 42.87
CA VAL C 146 23.92 -30.53 42.40
C VAL C 146 24.17 -31.64 43.39
N HIS C 147 24.32 -32.86 42.89
CA HIS C 147 24.59 -34.01 43.74
C HIS C 147 25.94 -34.59 43.35
N LEU C 148 26.61 -35.19 44.33
CA LEU C 148 27.96 -35.69 44.18
C LEU C 148 28.08 -37.04 44.88
N SER C 149 29.07 -37.82 44.46
CA SER C 149 29.36 -39.08 45.13
C SER C 149 30.83 -39.40 44.97
N ALA C 150 31.37 -40.16 45.92
CA ALA C 150 32.80 -40.42 45.92
C ALA C 150 33.14 -41.73 46.60
N LEU C 151 34.13 -42.41 46.04
CA LEU C 151 34.72 -43.61 46.61
C LEU C 151 36.20 -43.41 46.83
N ALA C 152 36.74 -44.10 47.83
CA ALA C 152 38.15 -43.97 48.17
C ALA C 152 38.62 -45.27 48.80
N VAL C 153 39.90 -45.55 48.61
CA VAL C 153 40.54 -46.71 49.22
C VAL C 153 41.70 -46.23 50.09
N TYR C 154 41.67 -46.59 51.36
CA TYR C 154 42.63 -46.05 52.31
C TYR C 154 43.68 -47.09 52.69
N GLU C 155 44.84 -46.58 53.10
CA GLU C 155 45.89 -47.41 53.67
C GLU C 155 45.46 -47.96 55.02
N ARG C 156 45.74 -49.24 55.26
CA ARG C 156 45.24 -49.90 56.46
C ARG C 156 45.96 -49.39 57.71
N GLY C 157 45.26 -49.50 58.83
CA GLY C 157 45.70 -48.93 60.09
C GLY C 157 45.15 -47.55 60.37
N SER C 158 44.42 -46.96 59.45
CA SER C 158 43.89 -45.61 59.53
C SER C 158 42.48 -45.59 60.11
N PRO C 159 42.15 -44.59 60.93
CA PRO C 159 40.79 -44.49 61.45
C PRO C 159 39.83 -43.97 60.40
N LEU C 160 39.29 -44.87 59.58
CA LEU C 160 38.55 -44.47 58.38
C LEU C 160 37.13 -43.97 58.69
N ALA C 161 36.78 -43.72 59.94
CA ALA C 161 35.52 -43.10 60.28
C ALA C 161 35.63 -41.61 60.56
N HIS C 162 36.79 -41.13 60.97
CA HIS C 162 36.96 -39.69 61.18
C HIS C 162 37.38 -38.98 59.91
N GLN C 163 37.74 -39.71 58.88
CA GLN C 163 38.13 -39.14 57.60
C GLN C 163 36.98 -39.05 56.62
N ILE C 164 35.76 -39.39 57.04
CA ILE C 164 34.60 -39.26 56.17
C ILE C 164 33.99 -37.87 56.28
N SER C 165 34.42 -37.05 57.22
CA SER C 165 33.92 -35.70 57.34
C SER C 165 34.89 -34.68 56.78
N ASP C 166 36.08 -35.11 56.41
CA ASP C 166 37.01 -34.22 55.74
C ASP C 166 36.82 -34.23 54.24
N ILE C 167 36.32 -35.34 53.71
CA ILE C 167 35.94 -35.34 52.31
C ILE C 167 34.66 -34.53 52.14
N LYS C 168 33.77 -34.55 53.14
CA LYS C 168 32.56 -33.75 53.04
C LYS C 168 32.85 -32.27 53.21
N ARG C 169 33.83 -31.91 54.05
CA ARG C 169 34.18 -30.50 54.19
C ARG C 169 34.88 -30.00 52.95
N PHE C 170 35.60 -30.87 52.26
CA PHE C 170 36.27 -30.44 51.04
C PHE C 170 35.29 -30.38 49.89
N LEU C 171 34.30 -31.28 49.87
CA LEU C 171 33.39 -31.40 48.76
C LEU C 171 32.25 -30.41 48.82
N LYS C 172 31.98 -29.80 49.97
CA LYS C 172 30.77 -28.98 50.08
C LYS C 172 30.92 -27.69 49.29
N ASN C 173 31.91 -26.88 49.61
CA ASN C 173 32.04 -25.58 48.98
C ASN C 173 33.00 -25.63 47.81
N SER C 174 32.97 -26.72 47.05
CA SER C 174 33.51 -26.72 45.70
C SER C 174 32.42 -26.58 44.65
N PHE C 175 31.23 -26.18 45.05
CA PHE C 175 30.11 -25.97 44.14
C PHE C 175 29.29 -24.81 44.64
N ALA C 176 28.19 -24.55 43.94
CA ALA C 176 27.38 -23.38 44.19
C ALA C 176 26.61 -23.52 45.49
N ASP C 177 25.70 -24.49 45.55
CA ASP C 177 24.88 -24.70 46.74
C ASP C 177 24.54 -26.18 46.84
N VAL C 178 25.33 -26.91 47.62
CA VAL C 178 25.02 -28.30 47.93
C VAL C 178 24.76 -28.40 49.41
N ASP C 179 24.12 -29.48 49.81
CA ASP C 179 23.85 -29.74 51.21
C ASP C 179 24.73 -30.87 51.72
N TYR C 180 24.62 -31.17 53.00
CA TYR C 180 25.34 -32.29 53.56
C TYR C 180 24.59 -33.60 53.40
N ASP C 181 23.37 -33.55 52.90
CA ASP C 181 22.62 -34.77 52.61
C ASP C 181 22.78 -35.22 51.17
N ASN C 182 23.19 -34.34 50.28
CA ASN C 182 23.33 -34.71 48.87
C ASN C 182 24.72 -35.23 48.53
N ILE C 183 25.61 -35.37 49.50
CA ILE C 183 26.93 -35.93 49.29
C ILE C 183 27.03 -37.25 50.03
N SER C 184 27.42 -38.29 49.30
CA SER C 184 27.55 -39.64 49.85
C SER C 184 28.97 -40.11 49.59
N VAL C 185 29.69 -40.39 50.65
CA VAL C 185 31.06 -40.86 50.59
C VAL C 185 31.07 -42.30 51.06
N VAL C 186 31.57 -43.19 50.22
CA VAL C 186 31.68 -44.60 50.58
C VAL C 186 33.14 -45.01 50.39
N LEU C 187 33.84 -45.25 51.49
CA LEU C 187 35.26 -45.53 51.42
C LEU C 187 35.58 -46.81 52.18
N SER C 188 36.73 -47.39 51.85
CA SER C 188 37.09 -48.67 52.42
C SER C 188 38.59 -48.87 52.44
N GLU C 189 39.07 -49.66 53.39
CA GLU C 189 40.50 -49.95 53.46
C GLU C 189 40.89 -50.94 52.38
N ARG C 190 42.19 -51.02 52.10
CA ARG C 190 42.67 -51.91 51.05
C ARG C 190 42.83 -53.33 51.58
N SER C 191 43.01 -54.27 50.66
CA SER C 191 43.18 -55.66 51.02
C SER C 191 44.58 -55.91 51.54
N ASP C 192 44.82 -57.12 52.03
CA ASP C 192 46.12 -57.48 52.54
C ASP C 192 47.13 -57.64 51.41
N ALA C 193 48.40 -57.44 51.74
CA ALA C 193 49.46 -57.38 50.76
C ALA C 193 49.85 -58.76 50.23
N GLN C 194 50.25 -58.79 48.96
CA GLN C 194 50.75 -59.99 48.29
C GLN C 194 52.22 -59.82 48.00
N LEU C 195 53.06 -60.51 48.74
CA LEU C 195 54.50 -60.32 48.62
C LEU C 195 55.25 -61.55 48.17
N GLN C 196 54.83 -62.75 48.57
CA GLN C 196 55.59 -63.94 48.25
C GLN C 196 55.32 -64.40 46.82
N ALA C 197 56.30 -65.12 46.27
CA ALA C 197 56.22 -65.63 44.92
C ALA C 197 55.21 -66.78 44.86
N PRO C 198 54.53 -66.97 43.72
CA PRO C 198 53.56 -68.07 43.61
C PRO C 198 54.15 -69.46 43.74
N GLY C 199 55.10 -69.82 42.90
CA GLY C 199 55.58 -71.19 43.06
C GLY C 199 55.48 -71.99 41.78
N THR C 200 56.57 -72.68 41.45
CA THR C 200 56.67 -73.46 40.23
C THR C 200 55.96 -74.80 40.39
N PRO C 201 55.13 -75.19 39.43
CA PRO C 201 54.44 -76.49 39.51
C PRO C 201 55.42 -77.64 39.34
N VAL C 202 55.38 -78.57 40.28
CA VAL C 202 56.21 -79.77 40.20
C VAL C 202 55.66 -80.67 39.11
N LYS C 203 56.48 -80.90 38.09
CA LYS C 203 56.11 -81.70 36.94
C LYS C 203 56.01 -83.19 37.29
N ASP D 20 26.60 -91.42 3.50
CA ASP D 20 27.09 -91.04 2.18
C ASP D 20 26.09 -90.16 1.40
N LYS D 21 24.79 -90.30 1.67
CA LYS D 21 23.81 -89.46 1.01
C LYS D 21 23.79 -88.09 1.65
N ASP D 22 23.81 -87.03 0.84
CA ASP D 22 23.80 -85.69 1.39
C ASP D 22 22.37 -85.17 1.39
N LEU D 23 22.06 -84.29 2.33
CA LEU D 23 20.72 -83.72 2.40
C LEU D 23 20.69 -82.21 2.54
N LEU D 24 21.73 -81.58 3.07
CA LEU D 24 21.86 -80.14 3.08
C LEU D 24 23.29 -79.75 2.75
N LYS D 25 23.44 -78.61 2.08
CA LYS D 25 24.75 -78.09 1.73
C LYS D 25 24.71 -76.58 1.64
N GLY D 26 25.90 -75.98 1.78
CA GLY D 26 26.03 -74.53 1.79
C GLY D 26 25.59 -73.84 3.06
N LEU D 27 25.72 -74.49 4.20
CA LEU D 27 25.21 -73.97 5.47
C LEU D 27 26.23 -73.09 6.17
N ASP D 28 25.76 -72.36 7.18
CA ASP D 28 26.65 -71.59 8.01
C ASP D 28 27.20 -72.49 9.11
N GLN D 29 28.09 -71.91 9.92
CA GLN D 29 28.69 -72.62 11.04
C GLN D 29 27.70 -72.80 12.18
N GLU D 30 26.98 -71.74 12.53
CA GLU D 30 25.99 -71.86 13.59
C GLU D 30 24.72 -72.54 13.12
N GLN D 31 24.48 -72.60 11.82
CA GLN D 31 23.34 -73.34 11.33
C GLN D 31 23.63 -74.84 11.34
N ALA D 32 24.89 -75.18 11.03
CA ALA D 32 25.28 -76.58 11.02
C ALA D 32 25.47 -77.12 12.42
N ASN D 33 25.78 -76.26 13.38
CA ASN D 33 25.93 -76.77 14.73
C ASN D 33 24.58 -76.98 15.42
N GLU D 34 23.50 -76.47 14.83
CA GLU D 34 22.16 -76.70 15.36
C GLU D 34 21.45 -77.85 14.69
N VAL D 35 21.78 -78.13 13.43
CA VAL D 35 21.15 -79.27 12.76
C VAL D 35 21.70 -80.59 13.34
N ILE D 36 23.00 -80.64 13.62
CA ILE D 36 23.59 -81.86 14.18
C ILE D 36 23.09 -82.08 15.61
N ALA D 37 22.87 -80.99 16.35
CA ALA D 37 22.36 -81.09 17.70
C ALA D 37 20.91 -81.55 17.70
N VAL D 38 20.18 -81.27 16.64
CA VAL D 38 18.79 -81.75 16.59
C VAL D 38 18.77 -83.21 16.17
N LEU D 39 19.60 -83.58 15.18
CA LEU D 39 19.58 -84.93 14.63
C LEU D 39 20.12 -85.96 15.60
N GLN D 40 21.19 -85.66 16.33
CA GLN D 40 21.73 -86.66 17.24
C GLN D 40 20.84 -86.90 18.46
N MET D 41 19.85 -86.04 18.71
CA MET D 41 18.88 -86.34 19.75
C MET D 41 17.94 -87.47 19.36
N HIS D 42 17.76 -87.73 18.08
CA HIS D 42 16.83 -88.77 17.63
C HIS D 42 17.55 -89.98 17.05
N ASN D 43 18.70 -90.30 17.65
CA ASN D 43 19.44 -91.55 17.43
C ASN D 43 19.91 -91.72 15.98
N ILE D 44 20.24 -90.63 15.29
CA ILE D 44 20.86 -90.71 13.97
C ILE D 44 22.07 -89.79 13.93
N GLU D 45 23.21 -90.31 13.49
CA GLU D 45 24.45 -89.55 13.48
C GLU D 45 24.73 -89.03 12.08
N ALA D 46 25.39 -87.88 12.02
CA ALA D 46 25.66 -87.18 10.78
C ALA D 46 27.16 -86.96 10.59
N ASN D 47 27.50 -86.19 9.57
CA ASN D 47 28.91 -85.90 9.29
C ASN D 47 29.04 -84.45 8.85
N LYS D 48 29.91 -83.72 9.53
CA LYS D 48 30.15 -82.30 9.27
C LYS D 48 31.31 -82.14 8.31
N ILE D 49 31.01 -82.01 7.02
CA ILE D 49 32.00 -81.94 5.96
C ILE D 49 32.22 -80.47 5.60
N ASP D 50 33.47 -80.02 5.66
CA ASP D 50 33.78 -78.66 5.25
C ASP D 50 33.91 -78.57 3.74
N SER D 51 33.78 -77.35 3.21
CA SER D 51 33.91 -77.16 1.78
C SER D 51 34.70 -75.91 1.41
N GLY D 52 35.33 -75.25 2.36
CA GLY D 52 36.11 -74.05 2.07
C GLY D 52 35.26 -72.79 2.11
N LYS D 53 35.05 -72.19 0.94
CA LYS D 53 34.28 -70.95 0.88
C LYS D 53 32.79 -71.19 0.83
N LEU D 54 32.35 -72.38 0.40
CA LEU D 54 30.93 -72.68 0.25
C LEU D 54 30.30 -73.21 1.54
N GLY D 55 30.92 -72.97 2.69
CA GLY D 55 30.32 -73.41 3.93
C GLY D 55 30.51 -74.89 4.23
N TYR D 56 29.59 -75.38 5.05
CA TYR D 56 29.61 -76.76 5.51
C TYR D 56 28.55 -77.56 4.79
N SER D 57 28.56 -78.86 5.03
CA SER D 57 27.58 -79.76 4.47
C SER D 57 27.38 -80.94 5.40
N ILE D 58 26.16 -81.46 5.43
CA ILE D 58 25.79 -82.48 6.39
C ILE D 58 25.30 -83.69 5.62
N THR D 59 25.98 -84.82 5.82
CA THR D 59 25.66 -86.07 5.16
C THR D 59 25.30 -87.11 6.21
N VAL D 60 24.34 -87.97 5.88
CA VAL D 60 23.96 -89.06 6.75
C VAL D 60 24.13 -90.38 6.02
N ALA D 61 23.84 -91.48 6.70
CA ALA D 61 23.90 -92.81 6.12
C ALA D 61 22.66 -93.09 5.29
N GLU D 62 22.62 -94.26 4.69
CA GLU D 62 21.50 -94.64 3.85
C GLU D 62 20.25 -95.09 4.61
N PRO D 63 20.30 -95.93 5.65
CA PRO D 63 19.06 -96.23 6.38
C PRO D 63 18.55 -95.08 7.24
N ASP D 64 19.35 -94.05 7.52
CA ASP D 64 18.89 -92.93 8.31
C ASP D 64 18.36 -91.77 7.49
N PHE D 65 18.24 -91.93 6.18
CA PHE D 65 17.86 -90.82 5.33
C PHE D 65 16.38 -90.53 5.42
N THR D 66 15.58 -91.57 5.62
CA THR D 66 14.14 -91.42 5.67
C THR D 66 13.73 -90.71 6.94
N ALA D 67 14.40 -91.01 8.05
CA ALA D 67 14.09 -90.35 9.30
C ALA D 67 14.65 -88.94 9.33
N ALA D 68 15.82 -88.72 8.70
CA ALA D 68 16.40 -87.39 8.77
C ALA D 68 15.63 -86.39 7.92
N VAL D 69 14.98 -86.85 6.85
CA VAL D 69 14.17 -85.91 6.08
C VAL D 69 12.91 -85.53 6.88
N TYR D 70 12.42 -86.45 7.71
CA TYR D 70 11.26 -86.17 8.52
C TYR D 70 11.58 -85.19 9.63
N TRP D 71 12.76 -85.32 10.24
CA TRP D 71 13.06 -84.36 11.29
C TRP D 71 13.49 -83.01 10.73
N ILE D 72 13.87 -82.97 9.44
CA ILE D 72 14.12 -81.68 8.80
C ILE D 72 12.81 -80.97 8.56
N LYS D 73 11.78 -81.72 8.13
CA LYS D 73 10.50 -81.08 7.84
C LYS D 73 9.82 -80.63 9.12
N THR D 74 9.94 -81.42 10.19
CA THR D 74 9.23 -81.03 11.39
C THR D 74 9.92 -79.84 12.06
N TYR D 75 11.25 -79.87 12.23
CA TYR D 75 11.86 -78.76 12.94
C TYR D 75 12.14 -77.53 12.08
N GLN D 76 11.72 -77.53 10.79
CA GLN D 76 11.90 -76.37 9.88
C GLN D 76 13.37 -75.97 9.72
N LEU D 77 14.23 -76.94 9.64
CA LEU D 77 15.63 -76.64 9.46
C LEU D 77 15.91 -76.40 7.99
N PRO D 78 16.91 -75.58 7.64
CA PRO D 78 17.86 -74.78 8.44
C PRO D 78 17.27 -73.55 9.10
N PRO D 79 17.82 -73.16 10.25
CA PRO D 79 17.26 -72.02 10.98
C PRO D 79 17.62 -70.72 10.28
N ARG D 80 16.60 -69.92 9.99
CA ARG D 80 16.85 -68.59 9.46
C ARG D 80 17.44 -67.71 10.58
N PRO D 81 18.24 -66.70 10.23
CA PRO D 81 18.87 -65.89 11.27
C PRO D 81 17.88 -65.04 12.04
N ARG D 82 18.24 -64.72 13.28
CA ARG D 82 17.31 -64.05 14.17
C ARG D 82 17.19 -62.58 13.80
N VAL D 83 15.99 -62.07 13.91
CA VAL D 83 15.67 -60.72 13.43
C VAL D 83 15.63 -59.77 14.60
N GLU D 84 16.22 -58.60 14.42
CA GLU D 84 16.11 -57.52 15.38
C GLU D 84 15.50 -56.31 14.71
N ILE D 85 14.90 -55.45 15.54
CA ILE D 85 14.17 -54.31 15.01
C ILE D 85 15.12 -53.25 14.48
N ALA D 86 16.36 -53.25 14.96
CA ALA D 86 17.35 -52.29 14.50
C ALA D 86 17.91 -52.64 13.13
N GLN D 87 17.49 -53.75 12.54
CA GLN D 87 17.92 -54.12 11.19
C GLN D 87 17.03 -53.55 10.11
N MET D 88 15.78 -53.18 10.43
CA MET D 88 14.92 -52.55 9.44
C MET D 88 15.19 -51.08 9.27
N PHE D 89 15.69 -50.41 10.32
CA PHE D 89 16.05 -49.00 10.27
C PHE D 89 17.55 -48.93 10.55
N PRO D 90 18.39 -49.14 9.56
CA PRO D 90 19.83 -49.20 9.81
C PRO D 90 20.41 -47.81 10.06
N ALA D 91 21.49 -47.80 10.84
CA ALA D 91 22.12 -46.53 11.23
C ALA D 91 22.90 -45.89 10.11
N ASP D 92 23.26 -46.63 9.06
CA ASP D 92 24.04 -46.03 7.99
C ASP D 92 23.16 -45.40 6.91
N SER D 93 21.88 -45.21 7.18
CA SER D 93 21.01 -44.55 6.23
C SER D 93 21.34 -43.06 6.15
N LEU D 94 20.93 -42.44 5.06
CA LEU D 94 21.24 -41.03 4.87
C LEU D 94 20.37 -40.11 5.74
N VAL D 95 19.10 -40.46 5.96
CA VAL D 95 18.23 -39.71 6.85
C VAL D 95 17.61 -40.65 7.88
N SER D 96 16.97 -40.05 8.89
CA SER D 96 16.32 -40.80 9.95
C SER D 96 15.17 -40.00 10.53
N SER D 97 13.98 -40.55 10.48
CA SER D 97 12.81 -39.95 11.09
C SER D 97 12.85 -40.15 12.60
N PRO D 98 12.06 -39.38 13.36
CA PRO D 98 11.99 -39.66 14.80
C PRO D 98 11.28 -40.95 15.12
N ARG D 99 10.48 -41.48 14.19
CA ARG D 99 9.93 -42.81 14.39
C ARG D 99 11.00 -43.87 14.28
N ALA D 100 12.02 -43.63 13.46
CA ALA D 100 13.07 -44.61 13.34
C ALA D 100 14.15 -44.43 14.38
N GLU D 101 14.24 -43.26 14.99
CA GLU D 101 15.22 -43.14 16.07
C GLU D 101 14.63 -43.73 17.34
N LYS D 102 13.32 -43.56 17.57
CA LYS D 102 12.75 -44.16 18.77
C LYS D 102 12.62 -45.67 18.62
N ALA D 103 12.40 -46.14 17.39
CA ALA D 103 12.35 -47.58 17.19
C ALA D 103 13.74 -48.20 17.21
N ARG D 104 14.79 -47.43 16.97
CA ARG D 104 16.13 -47.97 17.13
C ARG D 104 16.60 -47.89 18.57
N LEU D 105 16.02 -46.99 19.36
CA LEU D 105 16.36 -46.93 20.78
C LEU D 105 15.77 -48.11 21.54
N TYR D 106 14.50 -48.42 21.28
CA TYR D 106 13.86 -49.49 22.05
C TYR D 106 14.44 -50.85 21.69
N SER D 107 14.94 -51.00 20.47
CA SER D 107 15.53 -52.27 20.07
C SER D 107 16.92 -52.43 20.65
N ALA D 108 17.53 -51.38 21.19
CA ALA D 108 18.80 -51.55 21.86
C ALA D 108 18.60 -51.67 23.35
N ILE D 109 17.41 -51.32 23.83
CA ILE D 109 17.17 -51.50 25.26
C ILE D 109 16.76 -52.94 25.50
N GLU D 110 15.91 -53.49 24.65
CA GLU D 110 15.58 -54.91 24.86
C GLU D 110 16.73 -55.82 24.46
N GLN D 111 17.70 -55.34 23.69
CA GLN D 111 18.93 -56.10 23.52
C GLN D 111 19.87 -56.00 24.69
N ARG D 112 19.77 -54.96 25.50
CA ARG D 112 20.74 -54.82 26.59
C ARG D 112 20.22 -55.46 27.88
N LEU D 113 18.91 -55.45 28.10
CA LEU D 113 18.36 -56.16 29.24
C LEU D 113 18.49 -57.67 29.08
N GLU D 114 18.51 -58.16 27.84
CA GLU D 114 18.71 -59.58 27.61
C GLU D 114 20.15 -59.96 27.90
N GLN D 115 21.11 -59.07 27.59
CA GLN D 115 22.48 -59.33 27.98
C GLN D 115 22.65 -59.31 29.49
N SER D 116 21.87 -58.49 30.19
CA SER D 116 22.05 -58.40 31.63
C SER D 116 21.32 -59.48 32.41
N LEU D 117 20.37 -60.17 31.78
CA LEU D 117 19.69 -61.24 32.49
C LEU D 117 20.41 -62.56 32.44
N GLN D 118 21.33 -62.77 31.51
CA GLN D 118 22.06 -64.03 31.48
C GLN D 118 23.13 -64.13 32.55
N THR D 119 23.46 -63.04 33.23
CA THR D 119 24.45 -63.08 34.29
C THR D 119 23.83 -63.34 35.66
N MET D 120 22.57 -63.73 35.71
CA MET D 120 21.92 -64.07 36.99
C MET D 120 22.29 -65.48 37.40
N GLU D 121 21.67 -65.96 38.48
CA GLU D 121 22.02 -67.24 39.10
C GLU D 121 21.16 -68.38 38.59
N GLY D 122 21.66 -69.12 37.61
CA GLY D 122 21.00 -70.32 37.12
C GLY D 122 20.42 -70.20 35.74
N VAL D 123 20.32 -69.00 35.21
CA VAL D 123 19.70 -68.76 33.92
C VAL D 123 20.65 -69.16 32.80
N LEU D 124 20.13 -69.87 31.79
CA LEU D 124 20.93 -70.20 30.62
C LEU D 124 20.57 -69.34 29.42
N SER D 125 19.29 -69.03 29.24
CA SER D 125 18.88 -68.18 28.13
C SER D 125 17.71 -67.33 28.59
N ALA D 126 17.49 -66.23 27.88
CA ALA D 126 16.41 -65.30 28.21
C ALA D 126 16.05 -64.51 26.96
N ARG D 127 14.79 -64.06 26.91
CA ARG D 127 14.31 -63.23 25.81
C ARG D 127 13.30 -62.23 26.36
N VAL D 128 13.55 -60.93 26.15
CA VAL D 128 12.74 -59.86 26.72
C VAL D 128 12.15 -59.01 25.60
N HIS D 129 10.88 -58.63 25.75
CA HIS D 129 10.17 -57.80 24.79
C HIS D 129 9.63 -56.55 25.47
N ILE D 130 9.69 -55.43 24.75
CA ILE D 130 9.19 -54.14 25.17
C ILE D 130 8.06 -53.75 24.23
N SER D 131 7.06 -53.05 24.77
CA SER D 131 5.94 -52.57 23.97
C SER D 131 6.34 -51.31 23.20
N TYR D 132 6.42 -51.41 21.88
CA TYR D 132 6.82 -50.30 21.04
C TYR D 132 5.67 -49.31 20.86
N ASP D 133 5.99 -48.03 20.97
CA ASP D 133 5.01 -46.96 20.84
C ASP D 133 5.47 -45.95 19.81
N ILE D 134 4.60 -45.67 18.85
CA ILE D 134 4.92 -44.84 17.69
C ILE D 134 3.95 -43.67 17.50
N ASP D 135 2.65 -43.93 17.65
CA ASP D 135 1.63 -42.98 17.26
C ASP D 135 1.46 -41.82 18.22
N ALA D 136 2.05 -41.88 19.40
CA ALA D 136 1.95 -40.82 20.39
C ALA D 136 2.96 -39.70 20.21
N GLY D 137 3.94 -39.85 19.30
CA GLY D 137 4.96 -38.83 19.19
C GLY D 137 4.56 -37.55 18.48
N GLU D 138 3.54 -37.57 17.64
CA GLU D 138 3.18 -36.36 16.91
C GLU D 138 2.12 -35.53 17.62
N ASN D 139 1.20 -36.16 18.33
CA ASN D 139 0.10 -35.45 18.97
C ASN D 139 0.45 -35.21 20.44
N GLY D 140 -0.22 -34.23 21.05
CA GLY D 140 -0.04 -33.86 22.44
C GLY D 140 -0.61 -34.82 23.47
N ARG D 141 -1.22 -35.91 23.06
CA ARG D 141 -1.71 -36.89 24.02
C ARG D 141 -0.53 -37.66 24.62
N PRO D 142 -0.57 -37.94 25.92
CA PRO D 142 0.53 -38.65 26.55
C PRO D 142 0.56 -40.11 26.15
N PRO D 143 1.76 -40.68 26.00
CA PRO D 143 1.86 -42.10 25.65
C PRO D 143 1.40 -42.97 26.81
N LYS D 144 0.97 -44.18 26.47
CA LYS D 144 0.37 -45.10 27.42
C LYS D 144 1.46 -45.70 28.29
N PRO D 145 1.09 -46.54 29.26
CA PRO D 145 2.12 -47.17 30.09
C PRO D 145 2.91 -48.18 29.29
N VAL D 146 4.08 -48.51 29.81
CA VAL D 146 5.01 -49.37 29.08
C VAL D 146 4.95 -50.78 29.64
N HIS D 147 4.87 -51.75 28.74
CA HIS D 147 4.70 -53.14 29.10
C HIS D 147 5.94 -53.93 28.69
N LEU D 148 6.30 -54.91 29.52
CA LEU D 148 7.47 -55.74 29.33
C LEU D 148 7.03 -57.19 29.42
N SER D 149 7.79 -58.08 28.79
CA SER D 149 7.49 -59.50 28.92
C SER D 149 8.76 -60.30 28.75
N ALA D 150 8.93 -61.33 29.57
CA ALA D 150 10.19 -62.05 29.54
C ALA D 150 10.00 -63.56 29.54
N LEU D 151 11.01 -64.24 29.02
CA LEU D 151 11.12 -65.68 29.07
C LEU D 151 12.51 -66.02 29.56
N ALA D 152 12.63 -67.20 30.18
CA ALA D 152 13.90 -67.65 30.72
C ALA D 152 13.93 -69.16 30.81
N VAL D 153 15.14 -69.71 30.72
CA VAL D 153 15.35 -71.15 30.83
C VAL D 153 16.33 -71.41 31.96
N TYR D 154 15.82 -71.98 33.05
CA TYR D 154 16.64 -72.32 34.20
C TYR D 154 17.14 -73.74 34.10
N GLU D 155 18.28 -74.00 34.74
CA GLU D 155 18.77 -75.35 34.88
C GLU D 155 18.02 -76.09 35.97
N ARG D 156 18.02 -77.43 35.88
CA ARG D 156 17.19 -78.20 36.79
C ARG D 156 17.84 -78.30 38.16
N GLY D 157 17.04 -78.71 39.14
CA GLY D 157 17.44 -78.63 40.52
C GLY D 157 17.15 -77.31 41.19
N SER D 158 16.58 -76.37 40.49
CA SER D 158 16.28 -75.06 41.04
C SER D 158 14.81 -74.96 41.41
N PRO D 159 14.48 -74.50 42.62
CA PRO D 159 13.07 -74.28 42.97
C PRO D 159 12.55 -73.03 42.29
N LEU D 160 12.09 -73.18 41.06
CA LEU D 160 11.77 -72.09 40.15
C LEU D 160 10.46 -71.39 40.46
N ALA D 161 9.84 -71.66 41.61
CA ALA D 161 8.63 -70.93 41.98
C ALA D 161 8.94 -69.60 42.66
N HIS D 162 10.03 -69.51 43.39
CA HIS D 162 10.39 -68.29 44.09
C HIS D 162 11.27 -67.33 43.29
N GLN D 163 11.63 -67.68 42.07
CA GLN D 163 12.52 -66.85 41.27
C GLN D 163 11.80 -66.00 40.25
N ILE D 164 10.48 -65.95 40.28
CA ILE D 164 9.77 -64.97 39.45
C ILE D 164 9.78 -63.59 40.09
N SER D 165 9.73 -63.52 41.41
CA SER D 165 9.71 -62.25 42.14
C SER D 165 11.04 -61.53 42.19
N ASP D 166 12.14 -62.08 41.67
CA ASP D 166 13.35 -61.26 41.59
C ASP D 166 13.52 -60.64 40.21
N ILE D 167 12.95 -61.26 39.19
CA ILE D 167 12.94 -60.65 37.88
C ILE D 167 11.87 -59.58 37.81
N LYS D 168 10.74 -59.83 38.47
CA LYS D 168 9.70 -58.82 38.50
C LYS D 168 10.07 -57.64 39.40
N ARG D 169 11.14 -57.75 40.17
CA ARG D 169 11.67 -56.63 40.93
C ARG D 169 12.81 -55.96 40.20
N PHE D 170 13.55 -56.74 39.41
CA PHE D 170 14.71 -56.20 38.71
C PHE D 170 14.26 -55.30 37.57
N LEU D 171 13.33 -55.78 36.74
CA LEU D 171 12.92 -54.99 35.60
C LEU D 171 11.67 -54.19 35.88
N LYS D 172 11.31 -54.03 37.15
CA LYS D 172 10.22 -53.12 37.51
C LYS D 172 10.67 -51.68 37.36
N ASN D 173 11.78 -51.32 38.00
CA ASN D 173 12.28 -49.94 37.90
C ASN D 173 13.43 -49.85 36.92
N SER D 174 13.31 -50.55 35.80
CA SER D 174 14.16 -50.31 34.65
C SER D 174 13.48 -49.48 33.58
N PHE D 175 12.33 -48.88 33.91
CA PHE D 175 11.60 -48.02 32.99
C PHE D 175 11.00 -46.87 33.78
N ALA D 176 10.06 -46.18 33.14
CA ALA D 176 9.50 -44.96 33.72
C ALA D 176 8.57 -45.30 34.88
N ASP D 177 7.47 -45.98 34.57
CA ASP D 177 6.53 -46.39 35.62
C ASP D 177 5.73 -47.58 35.10
N VAL D 178 6.10 -48.77 35.52
CA VAL D 178 5.32 -49.94 35.19
C VAL D 178 4.62 -50.37 36.48
N ASP D 179 3.61 -51.19 36.32
CA ASP D 179 2.97 -51.84 37.44
C ASP D 179 3.45 -53.27 37.54
N TYR D 180 3.08 -53.95 38.62
CA TYR D 180 3.53 -55.32 38.76
C TYR D 180 2.68 -56.29 37.96
N ASP D 181 1.45 -55.94 37.63
CA ASP D 181 0.62 -56.75 36.76
C ASP D 181 0.70 -56.30 35.32
N ASN D 182 1.71 -55.51 34.98
CA ASN D 182 2.07 -55.23 33.60
C ASN D 182 3.36 -55.91 33.21
N ILE D 183 3.78 -56.89 33.98
CA ILE D 183 4.99 -57.65 33.74
C ILE D 183 4.64 -59.12 33.81
N SER D 184 5.00 -59.88 32.79
CA SER D 184 4.70 -61.30 32.75
C SER D 184 5.99 -62.05 32.49
N VAL D 185 6.31 -62.99 33.37
CA VAL D 185 7.51 -63.79 33.25
C VAL D 185 7.07 -65.23 33.10
N VAL D 186 7.40 -65.82 31.95
CA VAL D 186 7.04 -67.21 31.66
C VAL D 186 8.35 -67.97 31.52
N LEU D 187 8.82 -68.59 32.59
CA LEU D 187 10.09 -69.29 32.57
C LEU D 187 9.88 -70.78 32.76
N SER D 188 10.93 -71.54 32.45
CA SER D 188 10.80 -72.99 32.46
C SER D 188 12.15 -73.64 32.62
N GLU D 189 12.12 -74.89 33.05
CA GLU D 189 13.37 -75.62 33.20
C GLU D 189 13.79 -76.22 31.88
N ARG D 190 15.08 -76.53 31.77
CA ARG D 190 15.64 -77.05 30.53
C ARG D 190 15.34 -78.53 30.38
N SER D 191 15.62 -79.04 29.19
CA SER D 191 15.31 -80.42 28.88
C SER D 191 16.35 -81.35 29.49
N ASP D 192 16.16 -82.64 29.30
CA ASP D 192 17.11 -83.63 29.78
C ASP D 192 18.40 -83.59 28.95
N ALA D 193 19.53 -83.78 29.62
CA ALA D 193 20.82 -83.72 28.98
C ALA D 193 21.06 -84.91 28.07
N GLN D 194 21.78 -84.68 26.98
CA GLN D 194 22.15 -85.72 26.02
C GLN D 194 23.64 -85.93 26.10
N LEU D 195 24.04 -87.09 26.58
CA LEU D 195 25.45 -87.39 26.82
C LEU D 195 25.98 -88.60 26.09
N GLN D 196 25.14 -89.60 25.80
CA GLN D 196 25.61 -90.82 25.18
C GLN D 196 25.61 -90.70 23.66
N ALA D 197 26.45 -91.52 23.04
CA ALA D 197 26.62 -91.47 21.59
C ALA D 197 25.40 -92.09 20.90
N PRO D 198 25.08 -91.63 19.68
CA PRO D 198 23.96 -92.22 18.94
C PRO D 198 24.16 -93.69 18.56
N GLY D 199 25.23 -93.99 17.85
CA GLY D 199 25.36 -95.41 17.47
C GLY D 199 25.28 -95.58 15.97
N THR D 200 26.23 -96.37 15.45
CA THR D 200 26.39 -96.65 14.03
C THR D 200 25.38 -97.69 13.54
N PRO D 201 24.92 -97.57 12.30
CA PRO D 201 24.00 -98.57 11.74
C PRO D 201 24.69 -99.90 11.49
N VAL D 202 24.08 -100.96 11.97
CA VAL D 202 24.65 -102.30 11.84
C VAL D 202 24.31 -102.81 10.43
N LYS D 203 25.30 -102.84 9.55
CA LYS D 203 25.09 -103.37 8.21
C LYS D 203 26.01 -104.56 7.97
N ASP E 20 -6.58 -15.21 -95.74
CA ASP E 20 -6.63 -15.79 -94.41
C ASP E 20 -5.84 -14.91 -93.45
N LYS E 21 -6.54 -14.02 -92.75
CA LYS E 21 -5.94 -13.10 -91.79
C LYS E 21 -6.40 -13.46 -90.39
N ASP E 22 -5.44 -13.58 -89.48
CA ASP E 22 -5.73 -13.91 -88.10
C ASP E 22 -6.20 -12.67 -87.35
N LEU E 23 -7.06 -12.90 -86.38
CA LEU E 23 -7.61 -11.83 -85.56
C LEU E 23 -7.47 -12.05 -84.06
N LEU E 24 -7.31 -13.28 -83.59
CA LEU E 24 -6.99 -13.54 -82.20
C LEU E 24 -5.93 -14.62 -82.12
N LYS E 25 -5.11 -14.54 -81.08
CA LYS E 25 -4.11 -15.55 -80.84
C LYS E 25 -3.79 -15.61 -79.36
N GLY E 26 -3.23 -16.73 -78.95
CA GLY E 26 -2.89 -16.95 -77.55
C GLY E 26 -4.09 -17.20 -76.67
N LEU E 27 -5.15 -17.77 -77.21
CA LEU E 27 -6.38 -17.95 -76.45
C LEU E 27 -6.36 -19.27 -75.70
N ASP E 28 -7.28 -19.38 -74.74
CA ASP E 28 -7.47 -20.64 -74.07
C ASP E 28 -8.41 -21.50 -74.92
N GLN E 29 -8.53 -22.77 -74.54
CA GLN E 29 -9.40 -23.72 -75.23
C GLN E 29 -10.87 -23.37 -75.02
N GLU E 30 -11.23 -23.01 -73.79
CA GLU E 30 -12.62 -22.72 -73.49
C GLU E 30 -13.04 -21.39 -74.09
N GLN E 31 -12.10 -20.47 -74.26
CA GLN E 31 -12.47 -19.23 -74.92
C GLN E 31 -12.60 -19.45 -76.41
N ALA E 32 -11.77 -20.35 -76.95
CA ALA E 32 -11.76 -20.53 -78.39
C ALA E 32 -12.98 -21.29 -78.87
N ASN E 33 -13.57 -22.12 -78.01
CA ASN E 33 -14.76 -22.83 -78.46
C ASN E 33 -15.98 -21.94 -78.45
N GLU E 34 -15.94 -20.85 -77.70
CA GLU E 34 -17.08 -19.97 -77.65
C GLU E 34 -16.95 -18.91 -78.74
N VAL E 35 -15.72 -18.56 -79.11
CA VAL E 35 -15.55 -17.67 -80.27
C VAL E 35 -15.97 -18.41 -81.54
N ILE E 36 -15.69 -19.71 -81.62
CA ILE E 36 -16.14 -20.42 -82.82
C ILE E 36 -17.65 -20.55 -82.81
N ALA E 37 -18.25 -20.83 -81.65
CA ALA E 37 -19.69 -20.99 -81.60
C ALA E 37 -20.45 -19.68 -81.80
N VAL E 38 -19.78 -18.54 -81.62
CA VAL E 38 -20.44 -17.27 -81.94
C VAL E 38 -20.27 -16.90 -83.41
N LEU E 39 -19.10 -17.16 -84.01
CA LEU E 39 -18.92 -16.78 -85.42
C LEU E 39 -19.72 -17.68 -86.35
N GLN E 40 -19.94 -18.94 -85.97
CA GLN E 40 -20.79 -19.78 -86.83
C GLN E 40 -22.25 -19.36 -86.79
N MET E 41 -22.66 -18.62 -85.77
CA MET E 41 -24.01 -18.09 -85.74
C MET E 41 -24.24 -17.01 -86.79
N HIS E 42 -23.20 -16.35 -87.27
CA HIS E 42 -23.37 -15.23 -88.19
C HIS E 42 -22.76 -15.52 -89.56
N ASN E 43 -22.81 -16.79 -89.98
CA ASN E 43 -22.54 -17.21 -91.35
C ASN E 43 -21.11 -16.90 -91.79
N ILE E 44 -20.15 -16.94 -90.87
CA ILE E 44 -18.75 -16.80 -91.22
C ILE E 44 -17.98 -17.98 -90.66
N GLU E 45 -16.99 -18.44 -91.42
CA GLU E 45 -16.27 -19.67 -91.15
C GLU E 45 -14.91 -19.37 -90.54
N ALA E 46 -14.63 -19.97 -89.39
CA ALA E 46 -13.37 -19.76 -88.70
C ALA E 46 -12.56 -21.05 -88.61
N ASN E 47 -11.27 -20.89 -88.38
CA ASN E 47 -10.35 -22.01 -88.27
C ASN E 47 -9.59 -21.88 -86.96
N LYS E 48 -9.41 -23.01 -86.29
CA LYS E 48 -8.70 -23.09 -85.02
C LYS E 48 -7.33 -23.69 -85.25
N ILE E 49 -6.29 -22.95 -84.89
CA ILE E 49 -4.91 -23.38 -85.08
C ILE E 49 -4.27 -23.53 -83.72
N ASP E 50 -3.76 -24.73 -83.44
CA ASP E 50 -3.04 -25.05 -82.22
C ASP E 50 -1.59 -24.64 -82.42
N SER E 51 -1.02 -23.97 -81.42
CA SER E 51 0.36 -23.53 -81.49
C SER E 51 1.20 -24.10 -80.37
N GLY E 52 0.80 -25.24 -79.82
CA GLY E 52 1.58 -25.88 -78.79
C GLY E 52 1.50 -25.21 -77.44
N LYS E 53 2.61 -24.61 -77.01
CA LYS E 53 2.65 -24.00 -75.70
C LYS E 53 1.96 -22.65 -75.70
N LEU E 54 2.01 -21.94 -76.82
CA LEU E 54 1.48 -20.58 -76.90
C LEU E 54 -0.04 -20.52 -76.97
N GLY E 55 -0.75 -21.64 -76.89
CA GLY E 55 -2.20 -21.53 -76.93
C GLY E 55 -2.75 -21.77 -78.32
N TYR E 56 -3.85 -21.12 -78.63
CA TYR E 56 -4.53 -21.28 -79.90
C TYR E 56 -4.54 -19.96 -80.66
N SER E 57 -5.12 -20.00 -81.86
CA SER E 57 -5.27 -18.83 -82.69
C SER E 57 -6.44 -19.08 -83.62
N ILE E 58 -7.26 -18.05 -83.82
CA ILE E 58 -8.45 -18.15 -84.65
C ILE E 58 -8.23 -17.33 -85.91
N THR E 59 -8.20 -17.99 -87.06
CA THR E 59 -8.03 -17.31 -88.33
C THR E 59 -9.25 -17.48 -89.21
N VAL E 60 -9.69 -16.38 -89.83
CA VAL E 60 -10.84 -16.42 -90.73
C VAL E 60 -10.39 -16.10 -92.14
N ALA E 61 -11.31 -16.14 -93.09
CA ALA E 61 -10.99 -15.85 -94.49
C ALA E 61 -10.86 -14.34 -94.70
N GLU E 62 -10.63 -13.96 -95.94
CA GLU E 62 -10.46 -12.53 -96.25
C GLU E 62 -11.74 -11.69 -96.32
N PRO E 63 -12.82 -12.07 -97.05
CA PRO E 63 -13.99 -11.19 -97.04
C PRO E 63 -14.78 -11.24 -95.75
N ASP E 64 -14.58 -12.25 -94.92
CA ASP E 64 -15.27 -12.36 -93.64
C ASP E 64 -14.46 -11.78 -92.48
N PHE E 65 -13.60 -10.80 -92.76
CA PHE E 65 -12.80 -10.15 -91.75
C PHE E 65 -13.46 -8.89 -91.22
N THR E 66 -14.12 -8.13 -92.10
CA THR E 66 -14.77 -6.90 -91.70
C THR E 66 -16.03 -7.13 -90.90
N ALA E 67 -16.56 -8.33 -90.90
CA ALA E 67 -17.70 -8.62 -90.05
C ALA E 67 -17.29 -9.27 -88.75
N ALA E 68 -16.23 -10.08 -88.79
CA ALA E 68 -15.77 -10.72 -87.57
C ALA E 68 -15.13 -9.71 -86.63
N VAL E 69 -14.48 -8.67 -87.16
CA VAL E 69 -13.93 -7.68 -86.25
C VAL E 69 -15.04 -6.81 -85.66
N TYR E 70 -16.22 -6.82 -86.28
CA TYR E 70 -17.34 -6.09 -85.72
C TYR E 70 -17.99 -6.89 -84.61
N TRP E 71 -18.10 -8.21 -84.80
CA TRP E 71 -18.69 -9.02 -83.74
C TRP E 71 -17.74 -9.28 -82.57
N ILE E 72 -16.44 -9.05 -82.74
CA ILE E 72 -15.56 -9.13 -81.57
C ILE E 72 -15.81 -7.95 -80.64
N LYS E 73 -15.95 -6.76 -81.22
CA LYS E 73 -16.19 -5.57 -80.42
C LYS E 73 -17.58 -5.61 -79.81
N THR E 74 -18.55 -6.17 -80.56
CA THR E 74 -19.91 -6.16 -80.05
C THR E 74 -20.05 -7.17 -78.92
N TYR E 75 -19.61 -8.40 -79.12
CA TYR E 75 -19.80 -9.42 -78.10
C TYR E 75 -18.74 -9.40 -77.00
N GLN E 76 -17.82 -8.42 -76.99
CA GLN E 76 -16.77 -8.29 -75.95
C GLN E 76 -15.88 -9.52 -75.86
N LEU E 77 -15.59 -10.10 -76.96
CA LEU E 77 -14.75 -11.27 -77.02
C LEU E 77 -13.29 -10.88 -76.97
N PRO E 78 -12.41 -11.72 -76.41
CA PRO E 78 -12.54 -13.02 -75.75
C PRO E 78 -13.13 -12.91 -74.36
N PRO E 79 -13.83 -13.92 -73.89
CA PRO E 79 -14.53 -13.81 -72.62
C PRO E 79 -13.55 -13.93 -71.46
N ARG E 80 -13.84 -13.20 -70.41
CA ARG E 80 -13.01 -13.30 -69.23
C ARG E 80 -13.33 -14.59 -68.49
N PRO E 81 -12.40 -15.10 -67.70
CA PRO E 81 -12.73 -16.25 -66.84
C PRO E 81 -13.71 -15.83 -65.76
N ARG E 82 -14.63 -16.73 -65.43
CA ARG E 82 -15.69 -16.41 -64.50
C ARG E 82 -15.17 -16.30 -63.08
N VAL E 83 -15.62 -15.26 -62.40
CA VAL E 83 -15.10 -14.89 -61.09
C VAL E 83 -15.98 -15.50 -59.99
N GLU E 84 -15.34 -16.04 -58.97
CA GLU E 84 -16.01 -16.46 -57.76
C GLU E 84 -15.53 -15.65 -56.57
N ILE E 85 -16.39 -15.58 -55.55
CA ILE E 85 -16.08 -14.79 -54.37
C ILE E 85 -15.03 -15.46 -53.52
N ALA E 86 -14.88 -16.78 -53.62
CA ALA E 86 -13.88 -17.48 -52.83
C ALA E 86 -12.47 -17.30 -53.38
N GLN E 87 -12.31 -16.54 -54.45
CA GLN E 87 -10.99 -16.23 -54.96
C GLN E 87 -10.40 -14.98 -54.35
N MET E 88 -11.24 -14.11 -53.80
CA MET E 88 -10.75 -12.89 -53.17
C MET E 88 -10.29 -13.10 -51.74
N PHE E 89 -10.56 -14.26 -51.14
CA PHE E 89 -10.15 -14.55 -49.78
C PHE E 89 -9.54 -15.94 -49.74
N PRO E 90 -8.27 -16.09 -50.12
CA PRO E 90 -7.67 -17.41 -50.18
C PRO E 90 -7.37 -17.95 -48.79
N ALA E 91 -7.24 -19.27 -48.71
CA ALA E 91 -7.00 -19.95 -47.45
C ALA E 91 -5.52 -19.96 -47.03
N ASP E 92 -4.63 -19.40 -47.84
CA ASP E 92 -3.22 -19.40 -47.49
C ASP E 92 -2.87 -18.34 -46.47
N SER E 93 -3.81 -17.48 -46.12
CA SER E 93 -3.57 -16.46 -45.11
C SER E 93 -3.45 -17.13 -43.75
N LEU E 94 -2.47 -16.65 -42.97
CA LEU E 94 -2.22 -17.24 -41.66
C LEU E 94 -3.33 -16.90 -40.69
N VAL E 95 -3.90 -15.70 -40.78
CA VAL E 95 -5.04 -15.34 -39.96
C VAL E 95 -6.27 -15.22 -40.85
N SER E 96 -7.44 -15.36 -40.24
CA SER E 96 -8.71 -15.34 -40.96
C SER E 96 -9.75 -14.61 -40.12
N SER E 97 -10.20 -13.46 -40.61
CA SER E 97 -11.27 -12.72 -39.96
C SER E 97 -12.59 -13.47 -40.12
N PRO E 98 -13.56 -13.24 -39.22
CA PRO E 98 -14.88 -13.89 -39.37
C PRO E 98 -15.63 -13.43 -40.59
N ARG E 99 -15.27 -12.27 -41.15
CA ARG E 99 -15.89 -11.83 -42.39
C ARG E 99 -15.35 -12.66 -43.54
N ALA E 100 -14.09 -13.07 -43.44
CA ALA E 100 -13.50 -13.87 -44.49
C ALA E 100 -13.99 -15.30 -44.37
N GLU E 101 -14.31 -15.74 -43.17
CA GLU E 101 -14.79 -17.11 -43.03
C GLU E 101 -16.25 -17.23 -43.46
N LYS E 102 -17.06 -16.21 -43.18
CA LYS E 102 -18.45 -16.29 -43.60
C LYS E 102 -18.61 -15.99 -45.08
N ALA E 103 -17.63 -15.32 -45.68
CA ALA E 103 -17.71 -15.10 -47.11
C ALA E 103 -17.16 -16.29 -47.88
N ARG E 104 -16.22 -17.02 -47.29
CA ARG E 104 -15.78 -18.24 -47.94
C ARG E 104 -16.80 -19.35 -47.77
N LEU E 105 -17.68 -19.26 -46.78
CA LEU E 105 -18.73 -20.26 -46.68
C LEU E 105 -19.87 -19.97 -47.65
N TYR E 106 -20.27 -18.69 -47.77
CA TYR E 106 -21.35 -18.36 -48.68
C TYR E 106 -20.94 -18.52 -50.13
N SER E 107 -19.65 -18.39 -50.42
CA SER E 107 -19.25 -18.56 -51.81
C SER E 107 -19.16 -20.02 -52.21
N ALA E 108 -19.33 -20.94 -51.28
CA ALA E 108 -19.38 -22.36 -51.60
C ALA E 108 -20.81 -22.89 -51.63
N ILE E 109 -21.70 -22.26 -50.86
CA ILE E 109 -23.11 -22.62 -51.06
C ILE E 109 -23.62 -22.04 -52.37
N GLU E 110 -23.02 -20.93 -52.83
CA GLU E 110 -23.45 -20.31 -54.07
C GLU E 110 -23.08 -21.12 -55.30
N GLN E 111 -22.09 -21.99 -55.20
CA GLN E 111 -21.77 -22.88 -56.30
C GLN E 111 -22.37 -24.25 -56.15
N ARG E 112 -22.63 -24.70 -54.92
CA ARG E 112 -23.25 -26.01 -54.79
C ARG E 112 -24.71 -25.96 -55.19
N LEU E 113 -25.40 -24.82 -55.00
CA LEU E 113 -26.79 -24.79 -55.43
C LEU E 113 -26.93 -24.75 -56.95
N GLU E 114 -25.97 -24.16 -57.65
CA GLU E 114 -26.13 -24.14 -59.09
C GLU E 114 -25.57 -25.39 -59.71
N GLN E 115 -24.76 -26.15 -58.97
CA GLN E 115 -24.40 -27.44 -59.50
C GLN E 115 -25.49 -28.46 -59.23
N SER E 116 -26.37 -28.19 -58.27
CA SER E 116 -27.49 -29.08 -58.02
C SER E 116 -28.76 -28.66 -58.73
N LEU E 117 -28.72 -27.55 -59.46
CA LEU E 117 -29.86 -27.20 -60.33
C LEU E 117 -29.74 -27.78 -61.73
N GLN E 118 -28.54 -28.10 -62.20
CA GLN E 118 -28.41 -28.68 -63.52
C GLN E 118 -28.86 -30.13 -63.59
N THR E 119 -29.06 -30.80 -62.46
CA THR E 119 -29.56 -32.17 -62.48
C THR E 119 -31.07 -32.28 -62.39
N MET E 120 -31.80 -31.20 -62.63
CA MET E 120 -33.25 -31.27 -62.70
C MET E 120 -33.66 -31.74 -64.09
N GLU E 121 -34.96 -31.76 -64.35
CA GLU E 121 -35.50 -32.23 -65.63
C GLU E 121 -35.74 -31.03 -66.55
N GLY E 122 -34.88 -30.87 -67.55
CA GLY E 122 -35.07 -29.83 -68.52
C GLY E 122 -34.16 -28.64 -68.41
N VAL E 123 -33.31 -28.58 -67.38
CA VAL E 123 -32.46 -27.41 -67.17
C VAL E 123 -31.17 -27.58 -67.93
N LEU E 124 -30.82 -26.57 -68.73
CA LEU E 124 -29.55 -26.58 -69.43
C LEU E 124 -28.48 -25.84 -68.65
N SER E 125 -28.83 -24.71 -68.04
CA SER E 125 -27.88 -23.95 -67.25
C SER E 125 -28.64 -23.17 -66.20
N ALA E 126 -27.92 -22.78 -65.14
CA ALA E 126 -28.53 -22.05 -64.04
C ALA E 126 -27.49 -21.18 -63.38
N ARG E 127 -27.97 -20.28 -62.52
CA ARG E 127 -27.09 -19.32 -61.86
C ARG E 127 -27.79 -18.79 -60.62
N VAL E 128 -27.23 -19.05 -59.43
CA VAL E 128 -27.88 -18.69 -58.16
C VAL E 128 -27.07 -17.63 -57.44
N HIS E 129 -27.76 -16.70 -56.77
CA HIS E 129 -27.16 -15.63 -55.97
C HIS E 129 -27.76 -15.54 -54.57
N ILE E 130 -26.90 -15.51 -53.55
CA ILE E 130 -27.33 -15.32 -52.16
C ILE E 130 -26.92 -13.91 -51.76
N SER E 131 -27.75 -13.31 -50.91
CA SER E 131 -27.45 -12.00 -50.35
C SER E 131 -26.41 -12.14 -49.24
N TYR E 132 -25.38 -11.31 -49.33
CA TYR E 132 -24.24 -11.34 -48.43
C TYR E 132 -24.48 -10.34 -47.30
N ASP E 133 -24.63 -10.86 -46.09
CA ASP E 133 -24.80 -10.09 -44.88
C ASP E 133 -23.57 -10.32 -44.01
N ILE E 134 -22.82 -9.25 -43.76
CA ILE E 134 -21.47 -9.37 -43.22
C ILE E 134 -21.31 -8.75 -41.83
N ASP E 135 -22.06 -7.70 -41.51
CA ASP E 135 -21.81 -6.93 -40.30
C ASP E 135 -22.50 -7.46 -39.05
N ALA E 136 -23.37 -8.45 -39.19
CA ALA E 136 -24.12 -8.94 -38.04
C ALA E 136 -23.26 -9.81 -37.13
N GLY E 137 -22.24 -10.46 -37.69
CA GLY E 137 -21.48 -11.37 -36.86
C GLY E 137 -20.42 -10.70 -36.03
N GLU E 138 -20.23 -9.39 -36.20
CA GLU E 138 -19.25 -8.65 -35.42
C GLU E 138 -19.83 -7.45 -34.70
N ASN E 139 -20.98 -6.91 -35.13
CA ASN E 139 -21.56 -5.82 -34.36
C ASN E 139 -22.54 -6.38 -33.33
N GLY E 140 -23.25 -5.49 -32.64
CA GLY E 140 -24.26 -5.91 -31.69
C GLY E 140 -25.66 -5.95 -32.27
N ARG E 141 -25.76 -5.93 -33.55
CA ARG E 141 -27.04 -5.87 -34.23
C ARG E 141 -27.54 -7.24 -34.63
N PRO E 142 -28.85 -7.43 -34.63
CA PRO E 142 -29.40 -8.72 -35.05
C PRO E 142 -29.29 -8.90 -36.54
N PRO E 143 -29.16 -10.13 -37.03
CA PRO E 143 -29.01 -10.34 -38.47
C PRO E 143 -30.32 -10.13 -39.20
N LYS E 144 -30.20 -9.73 -40.45
CA LYS E 144 -31.34 -9.51 -41.33
C LYS E 144 -31.73 -10.81 -42.01
N PRO E 145 -32.82 -10.81 -42.76
CA PRO E 145 -33.17 -12.01 -43.52
C PRO E 145 -32.24 -12.22 -44.70
N VAL E 146 -32.36 -13.38 -45.34
CA VAL E 146 -31.51 -13.77 -46.45
C VAL E 146 -32.33 -13.91 -47.71
N HIS E 147 -31.80 -13.36 -48.81
CA HIS E 147 -32.51 -13.31 -50.08
C HIS E 147 -31.75 -14.12 -51.11
N LEU E 148 -32.49 -14.74 -52.03
CA LEU E 148 -31.90 -15.52 -53.11
C LEU E 148 -32.46 -15.04 -54.44
N SER E 149 -31.71 -15.30 -55.50
CA SER E 149 -32.19 -14.97 -56.85
C SER E 149 -31.53 -15.87 -57.87
N ALA E 150 -32.33 -16.52 -58.71
CA ALA E 150 -31.81 -17.52 -59.63
C ALA E 150 -32.27 -17.29 -61.06
N LEU E 151 -31.42 -17.72 -61.99
CA LEU E 151 -31.75 -17.73 -63.41
C LEU E 151 -31.59 -19.15 -63.93
N ALA E 152 -32.30 -19.44 -65.03
CA ALA E 152 -32.29 -20.77 -65.62
C ALA E 152 -32.63 -20.71 -67.10
N VAL E 153 -32.11 -21.68 -67.84
CA VAL E 153 -32.38 -21.81 -69.27
C VAL E 153 -32.93 -23.21 -69.53
N TYR E 154 -34.17 -23.28 -70.02
CA TYR E 154 -34.89 -24.53 -70.18
C TYR E 154 -34.94 -24.97 -71.63
N GLU E 155 -35.02 -26.29 -71.83
CA GLU E 155 -35.28 -26.83 -73.15
C GLU E 155 -36.71 -26.50 -73.58
N ARG E 156 -36.87 -26.11 -74.84
CA ARG E 156 -38.14 -25.59 -75.32
C ARG E 156 -39.20 -26.68 -75.44
N GLY E 157 -40.46 -26.22 -75.45
CA GLY E 157 -41.62 -27.08 -75.38
C GLY E 157 -42.10 -27.40 -73.98
N SER E 158 -41.56 -26.75 -72.96
CA SER E 158 -41.79 -26.89 -71.54
C SER E 158 -42.82 -25.89 -71.04
N PRO E 159 -43.71 -26.30 -70.12
CA PRO E 159 -44.59 -25.32 -69.46
C PRO E 159 -43.83 -24.53 -68.39
N LEU E 160 -43.13 -23.50 -68.87
CA LEU E 160 -42.15 -22.80 -68.05
C LEU E 160 -42.78 -21.84 -67.06
N ALA E 161 -44.11 -21.77 -67.01
CA ALA E 161 -44.77 -21.05 -65.94
C ALA E 161 -45.06 -21.97 -64.78
N HIS E 162 -45.36 -23.24 -65.07
CA HIS E 162 -45.57 -24.22 -64.03
C HIS E 162 -44.26 -24.77 -63.50
N GLN E 163 -43.16 -24.57 -64.22
CA GLN E 163 -41.88 -25.08 -63.75
C GLN E 163 -41.16 -24.09 -62.84
N ILE E 164 -41.82 -23.01 -62.44
CA ILE E 164 -41.25 -22.03 -61.51
C ILE E 164 -41.75 -22.24 -60.09
N SER E 165 -42.75 -23.08 -59.88
CA SER E 165 -43.29 -23.26 -58.55
C SER E 165 -42.65 -24.40 -57.78
N ASP E 166 -41.75 -25.16 -58.40
CA ASP E 166 -40.97 -26.13 -57.66
C ASP E 166 -39.52 -25.73 -57.47
N ILE E 167 -39.05 -24.73 -58.21
CA ILE E 167 -37.77 -24.11 -57.90
C ILE E 167 -37.88 -23.25 -56.65
N LYS E 168 -39.03 -22.60 -56.47
CA LYS E 168 -39.23 -21.83 -55.25
C LYS E 168 -39.39 -22.77 -54.05
N ARG E 169 -40.01 -23.93 -54.26
CA ARG E 169 -40.16 -24.91 -53.20
C ARG E 169 -38.81 -25.53 -52.85
N PHE E 170 -37.94 -25.63 -53.84
CA PHE E 170 -36.63 -26.22 -53.60
C PHE E 170 -35.74 -25.22 -52.87
N LEU E 171 -35.85 -23.93 -53.21
CA LEU E 171 -35.02 -22.91 -52.60
C LEU E 171 -35.56 -22.40 -51.27
N LYS E 172 -36.78 -22.77 -50.88
CA LYS E 172 -37.38 -22.18 -49.68
C LYS E 172 -36.72 -22.69 -48.41
N ASN E 173 -36.54 -23.99 -48.28
CA ASN E 173 -36.00 -24.57 -47.06
C ASN E 173 -34.63 -25.17 -47.31
N SER E 174 -33.79 -24.43 -48.03
CA SER E 174 -32.36 -24.67 -48.03
C SER E 174 -31.59 -23.64 -47.22
N PHE E 175 -32.30 -22.78 -46.51
CA PHE E 175 -31.72 -21.78 -45.62
C PHE E 175 -32.54 -21.72 -44.35
N ALA E 176 -32.23 -20.74 -43.51
CA ALA E 176 -32.82 -20.65 -42.18
C ALA E 176 -34.27 -20.21 -42.27
N ASP E 177 -34.51 -18.99 -42.74
CA ASP E 177 -35.86 -18.47 -42.83
C ASP E 177 -35.93 -17.49 -43.99
N VAL E 178 -36.38 -17.98 -45.14
CA VAL E 178 -36.67 -17.11 -46.26
C VAL E 178 -38.18 -17.11 -46.47
N ASP E 179 -38.64 -16.12 -47.22
CA ASP E 179 -40.04 -16.08 -47.59
C ASP E 179 -40.19 -16.35 -49.08
N TYR E 180 -41.42 -16.53 -49.50
CA TYR E 180 -41.68 -16.85 -50.89
C TYR E 180 -41.65 -15.65 -51.80
N ASP E 181 -41.55 -14.44 -51.25
CA ASP E 181 -41.36 -13.24 -52.03
C ASP E 181 -39.95 -12.68 -51.96
N ASN E 182 -39.05 -13.30 -51.20
CA ASN E 182 -37.66 -12.93 -51.18
C ASN E 182 -36.82 -13.79 -52.12
N ILE E 183 -37.47 -14.62 -52.92
CA ILE E 183 -36.81 -15.43 -53.94
C ILE E 183 -37.36 -15.01 -55.29
N SER E 184 -36.46 -14.75 -56.24
CA SER E 184 -36.87 -14.31 -57.57
C SER E 184 -36.20 -15.17 -58.62
N VAL E 185 -37.01 -15.78 -59.48
CA VAL E 185 -36.52 -16.68 -60.51
C VAL E 185 -36.87 -16.07 -61.85
N VAL E 186 -35.87 -15.83 -62.67
CA VAL E 186 -36.07 -15.31 -64.02
C VAL E 186 -35.46 -16.32 -64.99
N LEU E 187 -36.33 -17.07 -65.66
CA LEU E 187 -35.91 -18.15 -66.52
C LEU E 187 -36.46 -17.97 -67.91
N SER E 188 -35.77 -18.58 -68.87
CA SER E 188 -36.18 -18.44 -70.26
C SER E 188 -35.92 -19.75 -70.98
N GLU E 189 -36.36 -19.82 -72.23
CA GLU E 189 -36.16 -21.00 -73.04
C GLU E 189 -34.97 -20.78 -73.96
N ARG E 190 -34.45 -21.88 -74.49
CA ARG E 190 -33.24 -21.76 -75.30
C ARG E 190 -33.59 -21.29 -76.71
N SER E 191 -32.54 -20.86 -77.41
CA SER E 191 -32.67 -20.28 -78.73
C SER E 191 -32.86 -21.38 -79.78
N ASP E 192 -33.06 -20.96 -81.03
CA ASP E 192 -33.16 -21.90 -82.13
C ASP E 192 -31.81 -22.54 -82.40
N ALA E 193 -31.84 -23.84 -82.72
CA ALA E 193 -30.62 -24.61 -82.88
C ALA E 193 -29.91 -24.24 -84.17
N GLN E 194 -28.58 -24.22 -84.11
CA GLN E 194 -27.73 -23.99 -85.28
C GLN E 194 -27.16 -25.33 -85.70
N LEU E 195 -27.66 -25.87 -86.79
CA LEU E 195 -27.28 -27.20 -87.24
C LEU E 195 -26.55 -27.24 -88.57
N GLN E 196 -26.81 -26.32 -89.49
CA GLN E 196 -26.19 -26.35 -90.80
C GLN E 196 -24.82 -25.71 -90.82
N ALA E 197 -24.03 -26.12 -91.82
CA ALA E 197 -22.69 -25.60 -91.99
C ALA E 197 -22.77 -24.16 -92.52
N PRO E 198 -21.77 -23.33 -92.22
CA PRO E 198 -21.79 -21.94 -92.71
C PRO E 198 -21.73 -21.78 -94.22
N GLY E 199 -20.72 -22.33 -94.87
CA GLY E 199 -20.58 -22.17 -96.30
C GLY E 199 -19.34 -21.38 -96.59
N THR E 200 -18.48 -21.92 -97.46
CA THR E 200 -17.22 -21.26 -97.74
C THR E 200 -17.43 -20.03 -98.63
N PRO E 201 -16.68 -18.96 -98.40
CA PRO E 201 -16.82 -17.76 -99.24
C PRO E 201 -16.26 -17.98 -100.64
N VAL E 202 -17.13 -18.01 -101.63
CA VAL E 202 -16.67 -18.14 -103.00
C VAL E 202 -16.47 -16.73 -103.55
N LYS E 203 -15.63 -16.62 -104.57
CA LYS E 203 -15.41 -15.36 -105.25
C LYS E 203 -15.17 -15.57 -106.74
N ASP F 20 -10.73 -35.22 -89.75
CA ASP F 20 -11.26 -35.27 -88.39
C ASP F 20 -10.59 -34.23 -87.47
N LYS F 21 -11.35 -33.18 -87.17
CA LYS F 21 -10.86 -32.09 -86.35
C LYS F 21 -11.17 -32.32 -84.89
N ASP F 22 -10.25 -31.89 -84.03
CA ASP F 22 -10.43 -31.97 -82.59
C ASP F 22 -11.10 -30.72 -82.06
N LEU F 23 -11.79 -30.88 -80.95
CA LEU F 23 -12.45 -29.80 -80.27
C LEU F 23 -12.17 -29.75 -78.78
N LEU F 24 -11.73 -30.85 -78.17
CA LEU F 24 -11.31 -30.82 -76.78
C LEU F 24 -10.08 -31.70 -76.59
N LYS F 25 -9.15 -31.22 -75.76
CA LYS F 25 -7.95 -31.98 -75.42
C LYS F 25 -7.50 -31.60 -74.02
N GLY F 26 -6.64 -32.43 -73.44
CA GLY F 26 -6.19 -32.25 -72.08
C GLY F 26 -7.23 -32.53 -71.02
N LEU F 27 -8.19 -33.40 -71.32
CA LEU F 27 -9.33 -33.65 -70.44
C LEU F 27 -8.99 -34.68 -69.37
N ASP F 28 -10.02 -35.14 -68.68
CA ASP F 28 -9.95 -36.12 -67.62
C ASP F 28 -10.85 -37.29 -68.03
N GLN F 29 -10.59 -38.46 -67.42
CA GLN F 29 -11.34 -39.67 -67.72
C GLN F 29 -12.82 -39.53 -67.39
N GLU F 30 -13.14 -38.83 -66.30
CA GLU F 30 -14.54 -38.62 -65.97
C GLU F 30 -15.22 -37.56 -66.84
N GLN F 31 -14.49 -36.56 -67.30
CA GLN F 31 -15.10 -35.52 -68.13
C GLN F 31 -15.32 -36.00 -69.55
N ALA F 32 -14.40 -36.81 -70.06
CA ALA F 32 -14.53 -37.27 -71.44
C ALA F 32 -15.65 -38.28 -71.60
N ASN F 33 -16.01 -38.99 -70.55
CA ASN F 33 -17.13 -39.90 -70.67
C ASN F 33 -18.46 -39.19 -70.58
N GLU F 34 -18.48 -37.92 -70.22
CA GLU F 34 -19.72 -37.17 -70.18
C GLU F 34 -19.91 -36.30 -71.41
N VAL F 35 -18.81 -35.85 -72.01
CA VAL F 35 -18.95 -35.10 -73.27
C VAL F 35 -19.44 -36.03 -74.37
N ILE F 36 -19.01 -37.29 -74.35
CA ILE F 36 -19.43 -38.25 -75.36
C ILE F 36 -20.90 -38.57 -75.15
N ALA F 37 -21.33 -38.69 -73.89
CA ALA F 37 -22.71 -39.02 -73.59
C ALA F 37 -23.64 -37.88 -73.92
N VAL F 38 -23.15 -36.65 -73.93
CA VAL F 38 -23.98 -35.53 -74.36
C VAL F 38 -24.08 -35.52 -75.88
N LEU F 39 -22.96 -35.81 -76.56
CA LEU F 39 -22.96 -35.74 -78.02
C LEU F 39 -23.73 -36.90 -78.65
N GLN F 40 -23.70 -38.09 -78.05
CA GLN F 40 -24.44 -39.22 -78.60
C GLN F 40 -25.94 -39.06 -78.45
N MET F 41 -26.40 -38.20 -77.54
CA MET F 41 -27.83 -37.93 -77.45
C MET F 41 -28.32 -37.14 -78.64
N HIS F 42 -27.45 -36.36 -79.28
CA HIS F 42 -27.84 -35.47 -80.36
C HIS F 42 -27.32 -35.95 -81.71
N ASN F 43 -27.18 -37.27 -81.86
CA ASN F 43 -26.97 -37.94 -83.15
C ASN F 43 -25.66 -37.54 -83.82
N ILE F 44 -24.60 -37.36 -83.05
CA ILE F 44 -23.26 -37.20 -83.59
C ILE F 44 -22.32 -38.12 -82.83
N GLU F 45 -21.37 -38.69 -83.55
CA GLU F 45 -20.48 -39.72 -83.01
C GLU F 45 -19.11 -39.12 -82.76
N ALA F 46 -18.55 -39.41 -81.58
CA ALA F 46 -17.24 -38.92 -81.21
C ALA F 46 -16.30 -40.08 -80.96
N ASN F 47 -15.00 -39.77 -80.95
CA ASN F 47 -13.96 -40.77 -80.73
C ASN F 47 -13.06 -40.25 -79.62
N LYS F 48 -12.94 -41.03 -78.56
CA LYS F 48 -12.06 -40.75 -77.44
C LYS F 48 -10.67 -41.31 -77.69
N ILE F 49 -9.66 -40.48 -77.50
CA ILE F 49 -8.28 -40.83 -77.80
C ILE F 49 -7.46 -40.58 -76.54
N ASP F 50 -6.77 -41.61 -76.08
CA ASP F 50 -5.89 -41.49 -74.93
C ASP F 50 -4.58 -40.85 -75.33
N SER F 51 -3.97 -40.10 -74.40
CA SER F 51 -2.69 -39.49 -74.74
C SER F 51 -1.70 -39.60 -73.60
N GLY F 52 -1.82 -40.64 -72.79
CA GLY F 52 -0.85 -40.86 -71.73
C GLY F 52 -1.16 -39.97 -70.58
N LYS F 53 -0.17 -39.23 -70.12
CA LYS F 53 -0.35 -38.34 -68.99
C LYS F 53 -0.93 -37.00 -69.43
N LEU F 54 -1.10 -36.80 -70.74
CA LEU F 54 -1.66 -35.56 -71.25
C LEU F 54 -3.18 -35.62 -71.37
N GLY F 55 -3.83 -36.62 -70.78
CA GLY F 55 -5.26 -36.71 -70.83
C GLY F 55 -5.80 -37.22 -72.15
N TYR F 56 -7.13 -37.23 -72.20
CA TYR F 56 -7.84 -37.71 -73.37
C TYR F 56 -8.10 -36.55 -74.31
N SER F 57 -8.64 -36.90 -75.47
CA SER F 57 -9.00 -35.94 -76.50
C SER F 57 -10.18 -36.51 -77.25
N ILE F 58 -11.02 -35.64 -77.78
CA ILE F 58 -12.28 -36.06 -78.37
C ILE F 58 -12.34 -35.49 -79.78
N THR F 59 -12.47 -36.37 -80.77
CA THR F 59 -12.51 -35.95 -82.14
C THR F 59 -13.83 -36.36 -82.78
N VAL F 60 -14.41 -35.44 -83.55
CA VAL F 60 -15.62 -35.68 -84.31
C VAL F 60 -15.29 -35.57 -85.79
N ALA F 61 -16.28 -35.88 -86.61
CA ALA F 61 -16.09 -35.88 -88.05
C ALA F 61 -16.08 -34.44 -88.56
N GLU F 62 -15.95 -34.29 -89.86
CA GLU F 62 -15.94 -32.94 -90.42
C GLU F 62 -17.31 -32.27 -90.49
N PRO F 63 -18.39 -32.87 -91.03
CA PRO F 63 -19.66 -32.12 -91.07
C PRO F 63 -20.35 -31.98 -89.72
N ASP F 64 -20.00 -32.75 -88.71
CA ASP F 64 -20.60 -32.63 -87.39
C ASP F 64 -19.89 -31.61 -86.51
N PHE F 65 -18.97 -30.86 -87.11
CA PHE F 65 -18.21 -29.90 -86.33
C PHE F 65 -19.02 -28.67 -85.99
N THR F 66 -19.92 -28.26 -86.88
CA THR F 66 -20.69 -27.06 -86.59
C THR F 66 -21.72 -27.30 -85.50
N ALA F 67 -22.28 -28.51 -85.41
CA ALA F 67 -23.24 -28.79 -84.36
C ALA F 67 -22.57 -29.12 -83.03
N ALA F 68 -21.34 -29.67 -83.06
CA ALA F 68 -20.78 -30.09 -81.78
C ALA F 68 -20.32 -28.90 -80.96
N VAL F 69 -19.94 -27.79 -81.61
CA VAL F 69 -19.58 -26.61 -80.82
C VAL F 69 -20.84 -25.98 -80.25
N TYR F 70 -21.98 -26.17 -80.92
CA TYR F 70 -23.21 -25.58 -80.43
C TYR F 70 -23.67 -26.30 -79.19
N TRP F 71 -23.47 -27.62 -79.15
CA TRP F 71 -23.87 -28.27 -77.91
C TRP F 71 -22.81 -28.16 -76.82
N ILE F 72 -21.57 -27.79 -77.17
CA ILE F 72 -20.60 -27.46 -76.13
C ILE F 72 -20.96 -26.14 -75.46
N LYS F 73 -21.35 -25.15 -76.27
CA LYS F 73 -21.68 -23.84 -75.73
C LYS F 73 -22.98 -23.91 -74.94
N THR F 74 -23.93 -24.73 -75.39
CA THR F 74 -25.21 -24.77 -74.70
C THR F 74 -25.09 -25.52 -73.39
N TYR F 75 -24.50 -26.71 -73.40
CA TYR F 75 -24.44 -27.47 -72.16
C TYR F 75 -23.29 -27.06 -71.25
N GLN F 76 -22.48 -26.05 -71.63
CA GLN F 76 -21.35 -25.53 -70.83
C GLN F 76 -20.35 -26.63 -70.53
N LEU F 77 -20.02 -27.33 -71.49
CA LEU F 77 -19.06 -28.41 -71.35
C LEU F 77 -17.65 -27.89 -71.55
N PRO F 78 -16.64 -28.47 -70.90
CA PRO F 78 -16.63 -29.60 -69.97
C PRO F 78 -17.11 -29.23 -68.58
N PRO F 79 -17.63 -30.19 -67.83
CA PRO F 79 -18.15 -29.88 -66.50
C PRO F 79 -17.04 -29.55 -65.53
N ARG F 80 -17.38 -28.77 -64.55
CA ARG F 80 -16.41 -28.52 -63.50
C ARG F 80 -16.46 -29.64 -62.47
N PRO F 81 -15.39 -29.87 -61.72
CA PRO F 81 -15.46 -30.82 -60.62
C PRO F 81 -16.39 -30.32 -59.53
N ARG F 82 -17.15 -31.25 -58.96
CA ARG F 82 -18.18 -30.86 -58.01
C ARG F 82 -17.58 -30.39 -56.70
N VAL F 83 -18.12 -29.30 -56.18
CA VAL F 83 -17.55 -28.59 -55.05
C VAL F 83 -18.28 -29.04 -53.80
N GLU F 84 -17.53 -29.36 -52.76
CA GLU F 84 -18.09 -29.63 -51.45
C GLU F 84 -17.60 -28.58 -50.47
N ILE F 85 -18.38 -28.39 -49.42
CA ILE F 85 -18.08 -27.35 -48.44
C ILE F 85 -16.87 -27.68 -47.60
N ALA F 86 -16.54 -28.96 -47.44
CA ALA F 86 -15.37 -29.31 -46.65
C ALA F 86 -14.06 -28.99 -47.37
N GLN F 87 -14.09 -28.70 -48.66
CA GLN F 87 -12.87 -28.35 -49.37
C GLN F 87 -12.39 -26.95 -49.03
N MET F 88 -13.32 -26.06 -48.67
CA MET F 88 -12.95 -24.71 -48.31
C MET F 88 -12.28 -24.61 -46.95
N PHE F 89 -12.53 -25.58 -46.07
CA PHE F 89 -11.96 -25.61 -44.72
C PHE F 89 -11.21 -26.93 -44.61
N PRO F 90 -9.93 -26.96 -44.97
CA PRO F 90 -9.19 -28.21 -44.95
C PRO F 90 -8.89 -28.64 -43.53
N ALA F 91 -8.90 -29.97 -43.33
CA ALA F 91 -8.57 -30.52 -42.02
C ALA F 91 -7.08 -30.50 -41.73
N ASP F 92 -6.25 -30.23 -42.74
CA ASP F 92 -4.82 -30.20 -42.59
C ASP F 92 -4.31 -28.90 -41.97
N SER F 93 -5.20 -27.95 -41.67
CA SER F 93 -4.76 -26.74 -41.00
C SER F 93 -4.42 -27.03 -39.55
N LEU F 94 -3.63 -26.14 -38.95
CA LEU F 94 -3.14 -26.37 -37.60
C LEU F 94 -4.20 -26.08 -36.55
N VAL F 95 -4.75 -24.87 -36.55
CA VAL F 95 -5.78 -24.48 -35.60
C VAL F 95 -7.03 -24.15 -36.40
N SER F 96 -8.18 -24.57 -35.88
CA SER F 96 -9.42 -24.37 -36.61
C SER F 96 -10.44 -23.71 -35.70
N SER F 97 -11.15 -22.74 -36.25
CA SER F 97 -12.20 -22.07 -35.51
C SER F 97 -13.40 -23.00 -35.35
N PRO F 98 -14.24 -22.76 -34.34
CA PRO F 98 -15.49 -23.51 -34.24
C PRO F 98 -16.46 -23.22 -35.35
N ARG F 99 -16.30 -22.07 -36.00
CA ARG F 99 -17.12 -21.75 -37.15
C ARG F 99 -16.70 -22.57 -38.35
N ALA F 100 -15.49 -23.11 -38.34
CA ALA F 100 -15.04 -23.96 -39.43
C ALA F 100 -15.23 -25.43 -39.12
N GLU F 101 -15.24 -25.76 -37.83
CA GLU F 101 -15.49 -27.14 -37.47
C GLU F 101 -16.96 -27.51 -37.58
N LYS F 102 -17.86 -26.57 -37.28
CA LYS F 102 -19.28 -26.88 -37.45
C LYS F 102 -19.66 -26.90 -38.92
N ALA F 103 -18.94 -26.14 -39.74
CA ALA F 103 -19.19 -26.17 -41.17
C ALA F 103 -18.60 -27.39 -41.83
N ARG F 104 -17.57 -28.01 -41.24
CA ARG F 104 -17.11 -29.25 -41.83
C ARG F 104 -17.95 -30.42 -41.34
N LEU F 105 -18.57 -30.29 -40.17
CA LEU F 105 -19.44 -31.36 -39.69
C LEU F 105 -20.73 -31.43 -40.48
N TYR F 106 -21.33 -30.26 -40.78
CA TYR F 106 -22.57 -30.30 -41.53
C TYR F 106 -22.33 -30.73 -42.98
N SER F 107 -21.11 -30.54 -43.47
CA SER F 107 -20.81 -30.96 -44.84
C SER F 107 -20.46 -32.43 -44.90
N ALA F 108 -20.11 -33.04 -43.77
CA ALA F 108 -19.90 -34.47 -43.84
C ALA F 108 -21.20 -35.24 -43.61
N ILE F 109 -22.12 -34.65 -42.86
CA ILE F 109 -23.44 -35.25 -42.74
C ILE F 109 -24.21 -35.11 -44.05
N GLU F 110 -24.01 -33.99 -44.75
CA GLU F 110 -24.74 -33.73 -45.98
C GLU F 110 -24.32 -34.67 -47.10
N GLN F 111 -23.06 -35.10 -47.11
CA GLN F 111 -22.66 -36.12 -48.06
C GLN F 111 -23.06 -37.52 -47.62
N ARG F 112 -23.19 -37.75 -46.32
CA ARG F 112 -23.52 -39.10 -45.89
C ARG F 112 -24.98 -39.44 -46.11
N LEU F 113 -25.87 -38.45 -45.98
CA LEU F 113 -27.27 -38.74 -46.27
C LEU F 113 -27.49 -38.94 -47.77
N GLU F 114 -26.65 -38.32 -48.59
CA GLU F 114 -26.78 -38.50 -50.03
C GLU F 114 -26.30 -39.88 -50.43
N GLN F 115 -25.24 -40.36 -49.77
CA GLN F 115 -24.77 -41.68 -50.14
C GLN F 115 -25.65 -42.78 -49.56
N SER F 116 -26.46 -42.47 -48.55
CA SER F 116 -27.41 -43.45 -48.05
C SER F 116 -28.73 -43.45 -48.78
N LEU F 117 -29.08 -42.36 -49.45
CA LEU F 117 -30.30 -42.37 -50.25
C LEU F 117 -30.19 -43.14 -51.56
N GLN F 118 -29.01 -43.40 -52.08
CA GLN F 118 -28.93 -44.15 -53.32
C GLN F 118 -29.16 -45.66 -53.16
N THR F 119 -29.25 -46.17 -51.94
CA THR F 119 -29.48 -47.59 -51.73
C THR F 119 -30.94 -47.94 -51.47
N MET F 120 -31.87 -47.01 -51.70
CA MET F 120 -33.28 -47.32 -51.55
C MET F 120 -33.80 -48.00 -52.82
N GLU F 121 -35.07 -48.35 -52.78
CA GLU F 121 -35.71 -49.11 -53.86
C GLU F 121 -36.19 -48.17 -54.96
N GLY F 122 -35.44 -48.11 -56.06
CA GLY F 122 -35.84 -47.38 -57.24
C GLY F 122 -35.13 -46.05 -57.49
N VAL F 123 -34.23 -45.65 -56.61
CA VAL F 123 -33.52 -44.38 -56.73
C VAL F 123 -32.25 -44.56 -57.55
N LEU F 124 -32.06 -43.72 -58.56
CA LEU F 124 -30.82 -43.81 -59.30
C LEU F 124 -29.79 -42.80 -58.81
N SER F 125 -30.19 -41.56 -58.57
CA SER F 125 -29.29 -40.54 -58.04
C SER F 125 -30.08 -39.67 -57.07
N ALA F 126 -29.36 -38.97 -56.21
CA ALA F 126 -30.00 -38.11 -55.22
C ALA F 126 -29.02 -37.03 -54.80
N ARG F 127 -29.57 -35.94 -54.28
CA ARG F 127 -28.74 -34.83 -53.78
C ARG F 127 -29.46 -34.12 -52.65
N VAL F 128 -28.78 -33.95 -51.52
CA VAL F 128 -29.35 -33.40 -50.29
C VAL F 128 -28.64 -32.11 -49.91
N HIS F 129 -29.41 -31.08 -49.56
CA HIS F 129 -28.91 -29.82 -49.04
C HIS F 129 -29.43 -29.60 -47.62
N ILE F 130 -28.72 -28.74 -46.89
CA ILE F 130 -28.94 -28.55 -45.47
C ILE F 130 -28.63 -27.11 -45.08
N SER F 131 -29.42 -26.56 -44.16
CA SER F 131 -29.21 -25.20 -43.69
C SER F 131 -28.02 -25.11 -42.75
N TYR F 132 -27.15 -24.13 -42.98
CA TYR F 132 -25.96 -23.92 -42.15
C TYR F 132 -26.23 -22.77 -41.17
N ASP F 133 -26.65 -23.11 -39.95
CA ASP F 133 -26.85 -22.13 -38.88
C ASP F 133 -25.50 -21.93 -38.20
N ILE F 134 -24.71 -20.99 -38.70
CA ILE F 134 -23.33 -20.90 -38.26
C ILE F 134 -23.09 -19.82 -37.20
N ASP F 135 -24.02 -18.89 -37.02
CA ASP F 135 -23.88 -17.83 -36.03
C ASP F 135 -24.87 -17.98 -34.88
N ALA F 136 -25.11 -19.22 -34.45
CA ALA F 136 -26.06 -19.41 -33.35
C ALA F 136 -25.40 -19.43 -31.98
N GLY F 137 -24.24 -20.08 -31.85
CA GLY F 137 -23.59 -20.16 -30.56
C GLY F 137 -22.77 -18.95 -30.16
N GLU F 138 -22.67 -17.94 -31.03
CA GLU F 138 -21.86 -16.77 -30.72
C GLU F 138 -22.58 -15.77 -29.83
N ASN F 139 -23.90 -15.69 -29.90
CA ASN F 139 -24.66 -14.71 -29.13
C ASN F 139 -25.72 -15.41 -28.30
N GLY F 140 -26.45 -14.63 -27.52
CA GLY F 140 -27.46 -15.12 -26.62
C GLY F 140 -28.78 -15.48 -27.27
N ARG F 141 -28.88 -15.35 -28.58
CA ARG F 141 -30.09 -15.80 -29.24
C ARG F 141 -30.08 -17.33 -29.28
N PRO F 142 -31.25 -17.96 -29.19
CA PRO F 142 -31.29 -19.42 -29.27
C PRO F 142 -31.00 -19.88 -30.69
N PRO F 143 -30.53 -21.11 -30.87
CA PRO F 143 -30.29 -21.58 -32.23
C PRO F 143 -31.63 -21.84 -32.91
N LYS F 144 -31.63 -21.72 -34.21
CA LYS F 144 -32.85 -21.77 -34.98
C LYS F 144 -33.18 -23.20 -35.37
N PRO F 145 -34.36 -23.45 -35.93
CA PRO F 145 -34.64 -24.79 -36.44
C PRO F 145 -33.88 -25.02 -37.72
N VAL F 146 -33.71 -26.30 -38.06
CA VAL F 146 -32.93 -26.68 -39.23
C VAL F 146 -33.83 -27.09 -40.38
N HIS F 147 -33.33 -26.84 -41.59
CA HIS F 147 -34.05 -27.14 -42.81
C HIS F 147 -33.23 -28.06 -43.70
N LEU F 148 -33.93 -28.89 -44.46
CA LEU F 148 -33.34 -29.83 -45.40
C LEU F 148 -34.05 -29.68 -46.73
N SER F 149 -33.38 -30.10 -47.79
CA SER F 149 -34.03 -30.09 -49.11
C SER F 149 -33.39 -31.13 -50.00
N ALA F 150 -34.19 -32.03 -50.58
CA ALA F 150 -33.62 -33.14 -51.33
C ALA F 150 -34.20 -33.26 -52.73
N LEU F 151 -33.35 -33.73 -53.64
CA LEU F 151 -33.75 -34.08 -55.00
C LEU F 151 -33.46 -35.54 -55.24
N ALA F 152 -34.18 -36.13 -56.19
CA ALA F 152 -34.01 -37.53 -56.52
C ALA F 152 -34.47 -37.80 -57.94
N VAL F 153 -33.84 -38.77 -58.59
CA VAL F 153 -34.24 -39.22 -59.92
C VAL F 153 -34.59 -40.71 -59.85
N TYR F 154 -35.85 -41.03 -60.13
CA TYR F 154 -36.33 -42.39 -59.99
C TYR F 154 -36.37 -43.12 -61.32
N GLU F 155 -36.22 -44.44 -61.24
CA GLU F 155 -36.37 -45.30 -62.39
C GLU F 155 -37.84 -45.37 -62.80
N ARG F 156 -38.11 -45.26 -64.10
CA ARG F 156 -39.47 -45.20 -64.58
C ARG F 156 -40.18 -46.54 -64.40
N GLY F 157 -41.50 -46.49 -64.48
CA GLY F 157 -42.33 -47.62 -64.13
C GLY F 157 -42.83 -47.60 -62.71
N SER F 158 -42.56 -46.53 -61.95
CA SER F 158 -42.96 -46.46 -60.57
C SER F 158 -43.93 -45.33 -60.34
N PRO F 159 -44.99 -45.56 -59.57
CA PRO F 159 -45.89 -44.45 -59.23
C PRO F 159 -45.26 -43.57 -58.17
N LEU F 160 -44.47 -42.59 -58.60
CA LEU F 160 -43.62 -41.83 -57.70
C LEU F 160 -44.35 -40.77 -56.89
N ALA F 161 -45.68 -40.82 -56.80
CA ALA F 161 -46.36 -39.90 -55.90
C ALA F 161 -46.33 -40.42 -54.47
N HIS F 162 -46.31 -41.73 -54.30
CA HIS F 162 -46.32 -42.33 -52.97
C HIS F 162 -44.92 -42.55 -52.42
N GLN F 163 -43.88 -42.35 -53.21
CA GLN F 163 -42.51 -42.49 -52.75
C GLN F 163 -42.00 -41.26 -52.02
N ILE F 164 -42.80 -40.19 -51.95
CA ILE F 164 -42.33 -38.97 -51.34
C ILE F 164 -42.53 -38.96 -49.83
N SER F 165 -43.29 -39.90 -49.27
CA SER F 165 -43.46 -39.94 -47.83
C SER F 165 -42.50 -40.85 -47.08
N ASP F 166 -41.91 -41.85 -47.73
CA ASP F 166 -40.90 -42.65 -47.04
C ASP F 166 -39.61 -41.88 -46.86
N ILE F 167 -39.23 -41.06 -47.86
CA ILE F 167 -38.02 -40.25 -47.72
C ILE F 167 -38.24 -39.16 -46.69
N LYS F 168 -39.48 -38.69 -46.57
CA LYS F 168 -39.78 -37.67 -45.58
C LYS F 168 -39.78 -38.26 -44.17
N ARG F 169 -40.20 -39.51 -44.04
CA ARG F 169 -40.17 -40.14 -42.73
C ARG F 169 -38.76 -40.52 -42.36
N PHE F 170 -37.95 -40.85 -43.35
CA PHE F 170 -36.56 -41.20 -43.07
C PHE F 170 -35.78 -39.95 -42.67
N LEU F 171 -36.02 -38.84 -43.35
CA LEU F 171 -35.28 -37.62 -43.03
C LEU F 171 -35.80 -36.89 -41.81
N LYS F 172 -36.97 -37.26 -41.28
CA LYS F 172 -37.55 -36.45 -40.22
C LYS F 172 -36.77 -36.59 -38.92
N ASN F 173 -36.69 -37.79 -38.37
CA ASN F 173 -36.00 -37.99 -37.10
C ASN F 173 -34.58 -38.48 -37.32
N SER F 174 -33.92 -37.95 -38.35
CA SER F 174 -32.48 -38.05 -38.52
C SER F 174 -31.76 -36.80 -38.06
N PHE F 175 -32.45 -35.89 -37.37
CA PHE F 175 -31.85 -34.68 -36.85
C PHE F 175 -32.51 -34.34 -35.53
N ALA F 176 -32.26 -33.14 -35.04
CA ALA F 176 -32.67 -32.80 -33.68
C ALA F 176 -34.18 -32.61 -33.59
N ASP F 177 -34.71 -31.59 -34.26
CA ASP F 177 -36.15 -31.32 -34.24
C ASP F 177 -36.48 -30.62 -35.55
N VAL F 178 -36.96 -31.39 -36.53
CA VAL F 178 -37.51 -30.79 -37.74
C VAL F 178 -39.02 -30.98 -37.73
N ASP F 179 -39.69 -30.26 -38.62
CA ASP F 179 -41.11 -30.45 -38.84
C ASP F 179 -41.34 -30.96 -40.26
N TYR F 180 -42.56 -31.39 -40.53
CA TYR F 180 -42.86 -31.94 -41.84
C TYR F 180 -43.07 -30.90 -42.93
N ASP F 181 -43.10 -29.61 -42.59
CA ASP F 181 -43.17 -28.57 -43.60
C ASP F 181 -41.88 -27.77 -43.71
N ASN F 182 -40.80 -28.24 -43.09
CA ASN F 182 -39.47 -27.70 -43.32
C ASN F 182 -38.62 -28.62 -44.17
N ILE F 183 -39.22 -29.68 -44.72
CA ILE F 183 -38.54 -30.59 -45.62
C ILE F 183 -39.27 -30.53 -46.95
N SER F 184 -38.52 -30.35 -48.04
CA SER F 184 -39.07 -30.29 -49.38
C SER F 184 -38.34 -31.28 -50.26
N VAL F 185 -39.09 -32.19 -50.86
CA VAL F 185 -38.54 -33.21 -51.73
C VAL F 185 -39.05 -32.95 -53.14
N VAL F 186 -38.14 -32.72 -54.06
CA VAL F 186 -38.49 -32.49 -55.46
C VAL F 186 -37.81 -33.58 -56.27
N LEU F 187 -38.59 -34.57 -56.70
CA LEU F 187 -38.04 -35.71 -57.41
C LEU F 187 -38.71 -35.88 -58.77
N SER F 188 -38.07 -36.66 -59.63
CA SER F 188 -38.55 -36.78 -60.99
C SER F 188 -38.04 -38.06 -61.63
N GLU F 189 -38.82 -38.57 -62.58
CA GLU F 189 -38.44 -39.80 -63.27
C GLU F 189 -37.32 -39.50 -64.26
N ARG F 190 -36.67 -40.57 -64.69
CA ARG F 190 -35.55 -40.39 -65.60
C ARG F 190 -36.04 -40.23 -67.03
N SER F 191 -35.13 -39.79 -67.89
CA SER F 191 -35.44 -39.56 -69.29
C SER F 191 -35.49 -40.89 -70.03
N ASP F 192 -35.94 -40.83 -71.27
CA ASP F 192 -36.01 -42.03 -72.09
C ASP F 192 -34.62 -42.52 -72.46
N ALA F 193 -34.50 -43.85 -72.57
CA ALA F 193 -33.21 -44.50 -72.74
C ALA F 193 -32.69 -44.32 -74.16
N GLN F 194 -31.37 -44.38 -74.28
CA GLN F 194 -30.68 -44.28 -75.56
C GLN F 194 -29.94 -45.58 -75.84
N LEU F 195 -30.49 -46.39 -76.73
CA LEU F 195 -29.98 -47.71 -77.01
C LEU F 195 -29.50 -47.92 -78.44
N GLN F 196 -29.77 -47.01 -79.35
CA GLN F 196 -29.39 -47.19 -80.74
C GLN F 196 -28.15 -46.39 -81.11
N ALA F 197 -27.47 -46.86 -82.15
CA ALA F 197 -26.23 -46.24 -82.59
C ALA F 197 -26.50 -44.91 -83.30
N PRO F 198 -25.56 -43.95 -83.22
CA PRO F 198 -25.74 -42.67 -83.93
C PRO F 198 -25.80 -42.76 -85.44
N GLY F 199 -24.76 -43.31 -86.07
CA GLY F 199 -24.74 -43.42 -87.52
C GLY F 199 -23.74 -42.48 -88.15
N THR F 200 -22.85 -43.03 -88.97
CA THR F 200 -21.78 -42.29 -89.64
C THR F 200 -22.32 -41.49 -90.82
N PRO F 201 -21.79 -40.28 -91.05
CA PRO F 201 -22.19 -39.50 -92.22
C PRO F 201 -21.56 -40.07 -93.47
N VAL F 202 -22.32 -40.07 -94.57
CA VAL F 202 -21.77 -40.58 -95.83
C VAL F 202 -20.91 -39.48 -96.45
N LYS F 203 -19.94 -39.89 -97.26
CA LYS F 203 -19.02 -38.94 -97.87
C LYS F 203 -18.84 -39.25 -99.35
N ASP G 20 -5.12 -82.32 -50.34
CA ASP G 20 -5.65 -81.56 -49.21
C ASP G 20 -5.76 -80.08 -49.56
N LYS G 21 -6.83 -79.45 -49.10
CA LYS G 21 -7.03 -78.02 -49.28
C LYS G 21 -6.86 -77.31 -47.94
N ASP G 22 -6.08 -76.23 -47.94
CA ASP G 22 -5.78 -75.53 -46.70
C ASP G 22 -6.96 -74.66 -46.27
N LEU G 23 -7.10 -74.49 -44.96
CA LEU G 23 -8.12 -73.63 -44.40
C LEU G 23 -7.53 -72.39 -43.74
N LEU G 24 -6.65 -72.58 -42.77
CA LEU G 24 -6.07 -71.49 -41.99
C LEU G 24 -4.58 -71.70 -41.84
N LYS G 25 -3.86 -70.60 -41.69
CA LYS G 25 -2.44 -70.70 -41.40
C LYS G 25 -2.03 -69.48 -40.59
N GLY G 26 -0.96 -69.65 -39.83
CA GLY G 26 -0.49 -68.64 -38.92
C GLY G 26 -1.10 -68.69 -37.53
N LEU G 27 -1.92 -69.69 -37.22
CA LEU G 27 -2.49 -69.77 -35.89
C LEU G 27 -1.46 -70.26 -34.89
N ASP G 28 -1.61 -69.84 -33.65
CA ASP G 28 -0.72 -70.30 -32.61
C ASP G 28 -1.26 -71.54 -31.92
N GLN G 29 -0.64 -71.83 -30.78
CA GLN G 29 -0.81 -73.10 -30.08
C GLN G 29 -2.16 -73.18 -29.39
N GLU G 30 -2.65 -72.06 -28.87
CA GLU G 30 -3.89 -72.11 -28.13
C GLU G 30 -5.09 -71.85 -29.04
N GLN G 31 -4.86 -71.32 -30.25
CA GLN G 31 -5.93 -71.17 -31.21
C GLN G 31 -6.13 -72.41 -32.05
N ALA G 32 -5.11 -73.27 -32.18
CA ALA G 32 -5.31 -74.45 -33.01
C ALA G 32 -6.00 -75.59 -32.26
N ASN G 33 -5.80 -75.67 -30.94
CA ASN G 33 -6.45 -76.71 -30.16
C ASN G 33 -7.93 -76.45 -29.94
N GLU G 34 -8.42 -75.27 -30.28
CA GLU G 34 -9.84 -75.02 -30.14
C GLU G 34 -10.57 -75.20 -31.46
N VAL G 35 -9.89 -74.94 -32.57
CA VAL G 35 -10.49 -75.17 -33.88
C VAL G 35 -10.58 -76.66 -34.15
N ILE G 36 -9.56 -77.41 -33.72
CA ILE G 36 -9.62 -78.86 -33.89
C ILE G 36 -10.73 -79.44 -33.00
N ALA G 37 -10.87 -78.89 -31.79
CA ALA G 37 -11.91 -79.36 -30.88
C ALA G 37 -13.30 -78.97 -31.35
N VAL G 38 -13.42 -78.03 -32.28
CA VAL G 38 -14.73 -77.71 -32.85
C VAL G 38 -15.02 -78.61 -34.04
N LEU G 39 -14.01 -78.85 -34.90
CA LEU G 39 -14.23 -79.67 -36.09
C LEU G 39 -14.45 -81.14 -35.75
N GLN G 40 -13.76 -81.67 -34.74
CA GLN G 40 -13.96 -83.07 -34.36
C GLN G 40 -15.32 -83.34 -33.75
N MET G 41 -16.01 -82.30 -33.28
CA MET G 41 -17.37 -82.48 -32.80
C MET G 41 -18.34 -82.77 -33.93
N HIS G 42 -18.05 -82.35 -35.15
CA HIS G 42 -18.97 -82.48 -36.26
C HIS G 42 -18.51 -83.48 -37.32
N ASN G 43 -17.81 -84.53 -36.88
CA ASN G 43 -17.49 -85.70 -37.70
C ASN G 43 -16.59 -85.37 -38.88
N ILE G 44 -15.71 -84.40 -38.73
CA ILE G 44 -14.66 -84.14 -39.73
C ILE G 44 -13.34 -84.01 -39.00
N GLU G 45 -12.29 -84.54 -39.59
CA GLU G 45 -10.99 -84.54 -38.92
C GLU G 45 -10.05 -83.61 -39.67
N ALA G 46 -9.10 -83.08 -38.92
CA ALA G 46 -8.17 -82.10 -39.43
C ALA G 46 -6.75 -82.54 -39.11
N ASN G 47 -5.78 -81.80 -39.65
CA ASN G 47 -4.38 -82.11 -39.44
C ASN G 47 -3.68 -80.85 -38.98
N LYS G 48 -2.95 -80.96 -37.87
CA LYS G 48 -2.23 -79.83 -37.29
C LYS G 48 -0.80 -79.88 -37.80
N ILE G 49 -0.54 -79.14 -38.88
CA ILE G 49 0.77 -79.14 -39.51
C ILE G 49 1.54 -77.98 -38.93
N ASP G 50 2.69 -78.26 -38.32
CA ASP G 50 3.53 -77.21 -37.79
C ASP G 50 4.27 -76.51 -38.93
N SER G 51 4.70 -75.27 -38.67
CA SER G 51 5.47 -74.57 -39.69
C SER G 51 6.63 -73.77 -39.11
N GLY G 52 7.05 -74.08 -37.89
CA GLY G 52 8.20 -73.41 -37.30
C GLY G 52 7.88 -72.05 -36.73
N LYS G 53 8.31 -70.99 -37.43
CA LYS G 53 8.05 -69.64 -36.96
C LYS G 53 6.71 -69.10 -37.45
N LEU G 54 6.19 -69.62 -38.56
CA LEU G 54 4.97 -69.13 -39.17
C LEU G 54 3.72 -69.72 -38.54
N GLY G 55 3.83 -70.31 -37.35
CA GLY G 55 2.67 -70.88 -36.68
C GLY G 55 2.27 -72.23 -37.26
N TYR G 56 1.01 -72.56 -37.03
CA TYR G 56 0.46 -73.84 -37.44
C TYR G 56 -0.40 -73.67 -38.69
N SER G 57 -0.96 -74.79 -39.14
CA SER G 57 -1.81 -74.78 -40.32
C SER G 57 -2.73 -75.97 -40.25
N ILE G 58 -3.97 -75.80 -40.67
CA ILE G 58 -5.00 -76.81 -40.49
C ILE G 58 -5.54 -77.19 -41.85
N THR G 59 -5.39 -78.46 -42.22
CA THR G 59 -5.87 -78.98 -43.49
C THR G 59 -6.88 -80.10 -43.24
N VAL G 60 -7.90 -80.13 -44.10
CA VAL G 60 -8.91 -81.18 -44.09
C VAL G 60 -8.89 -81.90 -45.42
N ALA G 61 -9.70 -82.95 -45.56
CA ALA G 61 -9.73 -83.74 -46.78
C ALA G 61 -10.54 -82.99 -47.85
N GLU G 62 -10.72 -83.61 -49.00
CA GLU G 62 -11.44 -82.95 -50.08
C GLU G 62 -12.97 -82.92 -50.06
N PRO G 63 -13.72 -84.02 -49.83
CA PRO G 63 -15.19 -83.87 -49.81
C PRO G 63 -15.76 -83.19 -48.58
N ASP G 64 -15.01 -83.09 -47.50
CA ASP G 64 -15.47 -82.45 -46.27
C ASP G 64 -14.98 -81.01 -46.16
N PHE G 65 -14.87 -80.32 -47.30
CA PHE G 65 -14.40 -78.95 -47.35
C PHE G 65 -15.56 -77.97 -47.32
N THR G 66 -16.68 -78.31 -47.94
CA THR G 66 -17.83 -77.41 -47.96
C THR G 66 -18.48 -77.35 -46.59
N ALA G 67 -18.44 -78.44 -45.83
CA ALA G 67 -18.99 -78.41 -44.49
C ALA G 67 -18.06 -77.67 -43.54
N ALA G 68 -16.76 -77.87 -43.71
CA ALA G 68 -15.80 -77.28 -42.77
C ALA G 68 -15.67 -75.79 -42.98
N VAL G 69 -15.90 -75.29 -44.20
CA VAL G 69 -15.89 -73.83 -44.36
C VAL G 69 -17.11 -73.25 -43.67
N TYR G 70 -18.22 -73.99 -43.69
CA TYR G 70 -19.47 -73.54 -43.11
C TYR G 70 -19.38 -73.47 -41.61
N TRP G 71 -18.70 -74.42 -40.98
CA TRP G 71 -18.66 -74.33 -39.52
C TRP G 71 -17.66 -73.28 -39.05
N ILE G 72 -16.72 -72.87 -39.90
CA ILE G 72 -15.86 -71.75 -39.57
C ILE G 72 -16.67 -70.46 -39.60
N LYS G 73 -17.53 -70.31 -40.60
CA LYS G 73 -18.34 -69.10 -40.69
C LYS G 73 -19.37 -69.08 -39.57
N THR G 74 -19.92 -70.23 -39.20
CA THR G 74 -20.95 -70.25 -38.16
C THR G 74 -20.34 -69.99 -36.79
N TYR G 75 -19.29 -70.72 -36.42
CA TYR G 75 -18.74 -70.54 -35.08
C TYR G 75 -17.76 -69.37 -34.98
N GLN G 76 -17.56 -68.58 -36.04
CA GLN G 76 -16.70 -67.39 -36.04
C GLN G 76 -15.24 -67.69 -35.67
N LEU G 77 -14.75 -68.85 -36.03
CA LEU G 77 -13.38 -69.24 -35.72
C LEU G 77 -12.42 -68.57 -36.68
N PRO G 78 -11.16 -68.31 -36.27
CA PRO G 78 -10.46 -68.49 -35.00
C PRO G 78 -10.81 -67.49 -33.92
N PRO G 79 -10.70 -67.87 -32.65
CA PRO G 79 -11.13 -66.99 -31.56
C PRO G 79 -10.21 -65.79 -31.39
N ARG G 80 -10.80 -64.67 -30.99
CA ARG G 80 -9.95 -63.56 -30.57
C ARG G 80 -9.36 -63.88 -29.20
N PRO G 81 -8.18 -63.31 -28.88
CA PRO G 81 -7.66 -63.49 -27.53
C PRO G 81 -8.52 -62.75 -26.52
N ARG G 82 -8.63 -63.34 -25.34
CA ARG G 82 -9.55 -62.82 -24.34
C ARG G 82 -9.07 -61.51 -23.75
N VAL G 83 -10.00 -60.61 -23.50
CA VAL G 83 -9.71 -59.23 -23.16
C VAL G 83 -9.97 -59.03 -21.67
N GLU G 84 -9.05 -58.35 -21.01
CA GLU G 84 -9.22 -57.91 -19.64
C GLU G 84 -9.13 -56.39 -19.62
N ILE G 85 -9.70 -55.81 -18.57
CA ILE G 85 -9.79 -54.35 -18.49
C ILE G 85 -8.41 -53.75 -18.24
N ALA G 86 -7.52 -54.47 -17.58
CA ALA G 86 -6.20 -53.92 -17.28
C ALA G 86 -5.26 -53.91 -18.48
N GLN G 87 -5.69 -54.42 -19.63
CA GLN G 87 -4.84 -54.37 -20.81
C GLN G 87 -4.88 -53.00 -21.46
N MET G 88 -5.97 -52.28 -21.28
CA MET G 88 -6.14 -50.99 -21.92
C MET G 88 -5.71 -49.82 -21.06
N PHE G 89 -5.19 -50.07 -19.87
CA PHE G 89 -4.63 -49.03 -19.00
C PHE G 89 -3.26 -49.45 -18.49
N PRO G 90 -2.22 -49.32 -19.31
CA PRO G 90 -0.91 -49.80 -18.88
C PRO G 90 -0.26 -48.88 -17.86
N ALA G 91 0.63 -49.46 -17.07
CA ALA G 91 1.32 -48.80 -15.98
C ALA G 91 2.61 -48.09 -16.42
N ASP G 92 2.88 -47.99 -17.71
CA ASP G 92 4.10 -47.36 -18.19
C ASP G 92 3.95 -45.85 -18.40
N SER G 93 2.92 -45.24 -17.83
CA SER G 93 2.78 -43.80 -17.87
C SER G 93 3.55 -43.15 -16.73
N LEU G 94 3.96 -41.90 -16.95
CA LEU G 94 4.74 -41.19 -15.95
C LEU G 94 3.88 -40.79 -14.76
N VAL G 95 2.71 -40.21 -15.03
CA VAL G 95 1.69 -40.01 -14.02
C VAL G 95 0.41 -40.69 -14.52
N SER G 96 -0.39 -41.18 -13.59
CA SER G 96 -1.58 -41.93 -13.90
C SER G 96 -2.80 -41.26 -13.27
N SER G 97 -3.91 -41.29 -13.99
CA SER G 97 -5.12 -40.71 -13.46
C SER G 97 -5.68 -41.60 -12.34
N PRO G 98 -6.47 -41.02 -11.44
CA PRO G 98 -7.22 -41.83 -10.49
C PRO G 98 -8.27 -42.71 -11.13
N ARG G 99 -8.76 -42.36 -12.31
CA ARG G 99 -9.69 -43.24 -13.00
C ARG G 99 -8.98 -44.49 -13.52
N ALA G 100 -7.70 -44.39 -13.82
CA ALA G 100 -7.00 -45.54 -14.34
C ALA G 100 -6.45 -46.38 -13.21
N GLU G 101 -6.12 -45.75 -12.09
CA GLU G 101 -5.67 -46.54 -10.97
C GLU G 101 -6.83 -47.13 -10.20
N LYS G 102 -8.05 -46.71 -10.49
CA LYS G 102 -9.21 -47.35 -9.92
C LYS G 102 -9.82 -48.37 -10.85
N ALA G 103 -9.58 -48.24 -12.16
CA ALA G 103 -10.02 -49.24 -13.11
C ALA G 103 -9.06 -50.42 -13.23
N ARG G 104 -7.84 -50.28 -12.76
CA ARG G 104 -6.93 -51.40 -12.75
C ARG G 104 -7.03 -52.29 -11.52
N LEU G 105 -7.73 -51.85 -10.48
CA LEU G 105 -7.91 -52.67 -9.30
C LEU G 105 -9.07 -53.64 -9.39
N TYR G 106 -10.22 -53.19 -9.90
CA TYR G 106 -11.36 -54.09 -10.04
C TYR G 106 -11.11 -55.17 -11.08
N SER G 107 -10.21 -54.93 -12.03
CA SER G 107 -9.96 -55.96 -13.01
C SER G 107 -8.97 -56.99 -12.51
N ALA G 108 -8.27 -56.71 -11.42
CA ALA G 108 -7.44 -57.74 -10.82
C ALA G 108 -8.18 -58.44 -9.70
N ILE G 109 -9.25 -57.82 -9.20
CA ILE G 109 -10.06 -58.51 -8.21
C ILE G 109 -10.95 -59.52 -8.93
N GLU G 110 -11.53 -59.14 -10.07
CA GLU G 110 -12.38 -60.09 -10.77
C GLU G 110 -11.58 -61.20 -11.45
N GLN G 111 -10.26 -61.05 -11.59
CA GLN G 111 -9.45 -62.19 -11.98
C GLN G 111 -9.03 -63.07 -10.81
N ARG G 112 -8.86 -62.50 -9.62
CA ARG G 112 -8.46 -63.36 -8.52
C ARG G 112 -9.66 -64.16 -8.01
N LEU G 113 -10.85 -63.56 -8.04
CA LEU G 113 -12.04 -64.33 -7.68
C LEU G 113 -12.37 -65.37 -8.75
N GLU G 114 -11.95 -65.12 -9.99
CA GLU G 114 -12.20 -66.12 -11.03
C GLU G 114 -11.26 -67.29 -10.88
N GLN G 115 -10.01 -67.04 -10.50
CA GLN G 115 -9.13 -68.16 -10.27
C GLN G 115 -9.42 -68.87 -8.96
N SER G 116 -10.11 -68.21 -8.04
CA SER G 116 -10.48 -68.87 -6.81
C SER G 116 -11.75 -69.67 -6.95
N LEU G 117 -12.58 -69.38 -7.96
CA LEU G 117 -13.77 -70.19 -8.15
C LEU G 117 -13.51 -71.54 -8.78
N GLN G 118 -12.40 -71.72 -9.47
CA GLN G 118 -12.08 -73.00 -10.08
C GLN G 118 -11.59 -74.04 -9.09
N THR G 119 -11.28 -73.65 -7.87
CA THR G 119 -10.84 -74.60 -6.86
C THR G 119 -11.98 -75.22 -6.08
N MET G 120 -13.21 -74.77 -6.31
CA MET G 120 -14.35 -75.47 -5.72
C MET G 120 -14.54 -76.82 -6.41
N GLU G 121 -15.28 -77.70 -5.75
CA GLU G 121 -15.50 -79.03 -6.30
C GLU G 121 -16.58 -79.04 -7.38
N GLY G 122 -16.32 -79.77 -8.46
CA GLY G 122 -17.25 -79.91 -9.56
C GLY G 122 -17.12 -78.90 -10.67
N VAL G 123 -16.58 -77.74 -10.38
CA VAL G 123 -16.53 -76.64 -11.34
C VAL G 123 -15.41 -76.88 -12.34
N LEU G 124 -15.68 -76.61 -13.60
CA LEU G 124 -14.66 -76.67 -14.63
C LEU G 124 -14.24 -75.30 -15.12
N SER G 125 -15.18 -74.38 -15.32
CA SER G 125 -14.86 -73.04 -15.75
C SER G 125 -15.81 -72.07 -15.06
N ALA G 126 -15.39 -70.81 -14.96
CA ALA G 126 -16.21 -69.81 -14.31
C ALA G 126 -15.79 -68.43 -14.80
N ARG G 127 -16.72 -67.48 -14.67
CA ARG G 127 -16.48 -66.08 -14.98
C ARG G 127 -17.27 -65.16 -14.07
N VAL G 128 -16.64 -64.07 -13.66
CA VAL G 128 -17.18 -63.14 -12.67
C VAL G 128 -17.06 -61.72 -13.21
N HIS G 129 -18.14 -60.95 -13.12
CA HIS G 129 -18.20 -59.56 -13.56
C HIS G 129 -18.57 -58.65 -12.40
N ILE G 130 -17.76 -57.61 -12.18
CA ILE G 130 -18.02 -56.61 -11.15
C ILE G 130 -18.52 -55.35 -11.81
N SER G 131 -19.39 -54.63 -11.13
CA SER G 131 -19.86 -53.33 -11.60
C SER G 131 -18.81 -52.26 -11.31
N TYR G 132 -18.50 -51.46 -12.31
CA TYR G 132 -17.45 -50.44 -12.22
C TYR G 132 -18.05 -49.08 -11.91
N ASP G 133 -17.44 -48.37 -10.96
CA ASP G 133 -17.76 -46.97 -10.74
C ASP G 133 -16.46 -46.16 -10.71
N ILE G 134 -16.51 -45.01 -11.36
CA ILE G 134 -15.34 -44.13 -11.45
C ILE G 134 -15.65 -42.68 -11.12
N ASP G 135 -16.91 -42.27 -11.13
CA ASP G 135 -17.30 -40.91 -10.83
C ASP G 135 -17.52 -40.67 -9.35
N ALA G 136 -17.68 -41.73 -8.56
CA ALA G 136 -18.01 -41.58 -7.16
C ALA G 136 -16.83 -41.03 -6.37
N GLY G 137 -15.61 -41.23 -6.87
CA GLY G 137 -14.46 -40.70 -6.16
C GLY G 137 -14.33 -39.22 -6.41
N GLU G 138 -14.80 -38.74 -7.57
CA GLU G 138 -14.64 -37.34 -7.93
C GLU G 138 -15.86 -36.50 -7.61
N ASN G 139 -16.96 -37.11 -7.17
CA ASN G 139 -18.11 -36.31 -6.80
C ASN G 139 -18.18 -36.21 -5.28
N GLY G 140 -19.26 -35.62 -4.78
CA GLY G 140 -19.47 -35.53 -3.35
C GLY G 140 -20.47 -36.53 -2.82
N ARG G 141 -21.21 -37.19 -3.71
CA ARG G 141 -22.19 -38.16 -3.27
C ARG G 141 -21.53 -39.49 -2.89
N PRO G 142 -22.15 -40.25 -1.98
CA PRO G 142 -21.54 -41.51 -1.55
C PRO G 142 -21.59 -42.53 -2.67
N PRO G 143 -20.68 -43.49 -2.70
CA PRO G 143 -20.67 -44.47 -3.78
C PRO G 143 -21.83 -45.44 -3.68
N LYS G 144 -22.22 -45.96 -4.83
CA LYS G 144 -23.37 -46.83 -4.97
C LYS G 144 -23.00 -48.22 -4.49
N PRO G 145 -23.95 -49.14 -4.48
CA PRO G 145 -23.64 -50.50 -4.04
C PRO G 145 -22.88 -51.24 -5.12
N VAL G 146 -22.37 -52.41 -4.75
CA VAL G 146 -21.53 -53.21 -5.62
C VAL G 146 -22.34 -54.38 -6.15
N HIS G 147 -22.27 -54.61 -7.45
CA HIS G 147 -23.03 -55.68 -8.09
C HIS G 147 -22.08 -56.65 -8.76
N LEU G 148 -22.29 -57.94 -8.52
CA LEU G 148 -21.48 -59.01 -9.07
C LEU G 148 -22.37 -59.94 -9.88
N SER G 149 -21.76 -60.67 -10.81
CA SER G 149 -22.51 -61.66 -11.57
C SER G 149 -21.56 -62.75 -12.03
N ALA G 150 -21.98 -64.00 -11.88
CA ALA G 150 -21.08 -65.10 -12.15
C ALA G 150 -21.73 -66.22 -12.95
N LEU G 151 -20.92 -66.87 -13.77
CA LEU G 151 -21.30 -68.07 -14.48
C LEU G 151 -20.35 -69.19 -14.08
N ALA G 152 -20.82 -70.42 -14.23
CA ALA G 152 -20.06 -71.60 -13.84
C ALA G 152 -20.52 -72.79 -14.65
N VAL G 153 -19.59 -73.72 -14.87
CA VAL G 153 -19.86 -74.96 -15.58
C VAL G 153 -19.51 -76.13 -14.67
N TYR G 154 -20.50 -76.95 -14.36
CA TYR G 154 -20.38 -78.02 -13.38
C TYR G 154 -20.30 -79.37 -14.07
N GLU G 155 -19.67 -80.32 -13.40
CA GLU G 155 -19.68 -81.70 -13.85
C GLU G 155 -21.09 -82.27 -13.72
N ARG G 156 -21.51 -83.04 -14.71
CA ARG G 156 -22.87 -83.54 -14.74
C ARG G 156 -23.06 -84.63 -13.71
N GLY G 157 -24.32 -84.87 -13.36
CA GLY G 157 -24.63 -85.77 -12.26
C GLY G 157 -24.69 -85.10 -10.92
N SER G 158 -24.62 -83.82 -10.88
CA SER G 158 -24.62 -83.01 -9.67
C SER G 158 -26.00 -82.39 -9.46
N PRO G 159 -26.40 -82.20 -8.21
CA PRO G 159 -27.62 -81.43 -7.94
C PRO G 159 -27.30 -79.94 -8.11
N LEU G 160 -27.90 -79.34 -9.12
CA LEU G 160 -27.60 -77.94 -9.43
C LEU G 160 -28.35 -76.97 -8.56
N ALA G 161 -29.35 -77.41 -7.79
CA ALA G 161 -30.11 -76.47 -7.01
C ALA G 161 -29.43 -76.11 -5.70
N HIS G 162 -28.81 -77.08 -5.02
CA HIS G 162 -28.23 -76.80 -3.72
C HIS G 162 -26.80 -76.29 -3.78
N GLN G 163 -26.32 -75.90 -4.95
CA GLN G 163 -24.95 -75.41 -5.08
C GLN G 163 -24.87 -73.94 -5.47
N ILE G 164 -26.01 -73.30 -5.68
CA ILE G 164 -26.06 -71.85 -5.83
C ILE G 164 -25.95 -71.17 -4.47
N SER G 165 -26.42 -71.85 -3.42
CA SER G 165 -26.35 -71.31 -2.08
C SER G 165 -24.93 -71.29 -1.51
N ASP G 166 -23.97 -71.93 -2.17
CA ASP G 166 -22.60 -71.84 -1.72
C ASP G 166 -21.84 -70.75 -2.44
N ILE G 167 -22.15 -70.54 -3.73
CA ILE G 167 -21.51 -69.45 -4.46
C ILE G 167 -22.06 -68.11 -4.00
N LYS G 168 -23.36 -68.07 -3.69
CA LYS G 168 -23.93 -66.84 -3.18
C LYS G 168 -23.52 -66.55 -1.75
N ARG G 169 -22.98 -67.53 -1.04
CA ARG G 169 -22.45 -67.28 0.28
C ARG G 169 -20.99 -66.86 0.21
N PHE G 170 -20.24 -67.45 -0.70
CA PHE G 170 -18.83 -67.11 -0.83
C PHE G 170 -18.67 -65.73 -1.43
N LEU G 171 -19.57 -65.33 -2.33
CA LEU G 171 -19.45 -64.02 -2.95
C LEU G 171 -20.04 -62.91 -2.10
N LYS G 172 -20.75 -63.23 -1.01
CA LYS G 172 -21.48 -62.22 -0.28
C LYS G 172 -20.55 -61.32 0.53
N ASN G 173 -19.54 -61.89 1.16
CA ASN G 173 -18.65 -61.07 1.95
C ASN G 173 -17.24 -61.14 1.37
N SER G 174 -17.14 -60.98 0.06
CA SER G 174 -15.88 -60.70 -0.60
C SER G 174 -15.78 -59.26 -1.03
N PHE G 175 -16.71 -58.42 -0.59
CA PHE G 175 -16.70 -57.00 -0.88
C PHE G 175 -17.14 -56.26 0.37
N ALA G 176 -17.47 -54.98 0.20
CA ALA G 176 -17.78 -54.13 1.33
C ALA G 176 -19.13 -54.51 1.92
N ASP G 177 -20.19 -54.30 1.15
CA ASP G 177 -21.53 -54.70 1.58
C ASP G 177 -22.42 -54.90 0.35
N VAL G 178 -22.63 -56.15 -0.03
CA VAL G 178 -23.58 -56.48 -1.07
C VAL G 178 -24.72 -57.28 -0.46
N ASP G 179 -25.87 -57.21 -1.12
CA ASP G 179 -27.03 -57.96 -0.68
C ASP G 179 -27.13 -59.24 -1.49
N TYR G 180 -28.13 -60.06 -1.18
CA TYR G 180 -28.41 -61.25 -1.97
C TYR G 180 -29.24 -60.98 -3.21
N ASP G 181 -29.72 -59.77 -3.40
CA ASP G 181 -30.42 -59.47 -4.64
C ASP G 181 -29.50 -58.93 -5.72
N ASN G 182 -28.34 -58.42 -5.34
CA ASN G 182 -27.40 -57.88 -6.32
C ASN G 182 -26.43 -58.92 -6.84
N ILE G 183 -26.58 -60.19 -6.47
CA ILE G 183 -25.74 -61.26 -6.98
C ILE G 183 -26.60 -62.20 -7.80
N SER G 184 -26.09 -62.63 -8.94
CA SER G 184 -26.81 -63.54 -9.81
C SER G 184 -25.84 -64.60 -10.33
N VAL G 185 -26.17 -65.86 -10.08
CA VAL G 185 -25.35 -66.99 -10.49
C VAL G 185 -26.13 -67.78 -11.52
N VAL G 186 -25.54 -67.94 -12.71
CA VAL G 186 -26.16 -68.73 -13.78
C VAL G 186 -25.19 -69.85 -14.13
N LEU G 187 -25.49 -71.06 -13.70
CA LEU G 187 -24.57 -72.17 -13.90
C LEU G 187 -25.25 -73.30 -14.65
N SER G 188 -24.42 -74.16 -15.24
CA SER G 188 -24.98 -75.22 -16.08
C SER G 188 -24.03 -76.40 -16.14
N GLU G 189 -24.60 -77.56 -16.42
CA GLU G 189 -23.80 -78.76 -16.54
C GLU G 189 -23.16 -78.83 -17.93
N ARG G 190 -22.08 -79.60 -18.03
CA ARG G 190 -21.36 -79.70 -19.28
C ARG G 190 -22.09 -80.63 -20.24
N SER G 191 -21.67 -80.56 -21.50
CA SER G 191 -22.37 -81.23 -22.58
C SER G 191 -21.97 -82.70 -22.58
N ASP G 192 -22.48 -83.44 -23.56
CA ASP G 192 -22.16 -84.85 -23.67
C ASP G 192 -20.73 -85.00 -24.17
N ALA G 193 -20.01 -85.95 -23.58
CA ALA G 193 -18.59 -86.12 -23.85
C ALA G 193 -18.36 -86.68 -25.25
N GLN G 194 -17.24 -86.29 -25.84
CA GLN G 194 -16.81 -86.78 -27.15
C GLN G 194 -15.53 -87.60 -26.98
N LEU G 195 -15.63 -88.91 -27.15
CA LEU G 195 -14.48 -89.78 -26.91
C LEU G 195 -14.04 -90.58 -28.12
N GLN G 196 -14.91 -90.85 -29.08
CA GLN G 196 -14.57 -91.66 -30.23
C GLN G 196 -14.04 -90.82 -31.37
N ALA G 197 -13.26 -91.47 -32.24
CA ALA G 197 -12.65 -90.81 -33.37
C ALA G 197 -13.71 -90.49 -34.42
N PRO G 198 -13.49 -89.44 -35.23
CA PRO G 198 -14.45 -89.10 -36.28
C PRO G 198 -14.60 -90.12 -37.39
N GLY G 199 -13.50 -90.51 -38.00
CA GLY G 199 -13.54 -91.49 -39.07
C GLY G 199 -13.14 -90.86 -40.38
N THR G 200 -12.27 -91.53 -41.11
CA THR G 200 -11.76 -91.06 -42.38
C THR G 200 -12.77 -91.33 -43.51
N PRO G 201 -12.94 -90.40 -44.45
CA PRO G 201 -13.83 -90.67 -45.59
C PRO G 201 -13.16 -91.64 -46.55
N VAL G 202 -13.86 -92.70 -46.90
CA VAL G 202 -13.34 -93.67 -47.85
C VAL G 202 -13.89 -93.35 -49.24
N LYS G 203 -13.09 -93.61 -50.27
CA LYS G 203 -13.47 -93.28 -51.63
C LYS G 203 -13.31 -94.50 -52.55
N ASP H 20 3.35 -90.62 -33.04
CA ASP H 20 3.32 -89.81 -31.84
C ASP H 20 2.97 -88.37 -32.15
N LYS H 21 1.68 -88.04 -32.09
CA LYS H 21 1.21 -86.70 -32.40
C LYS H 21 1.29 -85.82 -31.16
N ASP H 22 1.85 -84.63 -31.35
CA ASP H 22 1.99 -83.64 -30.29
C ASP H 22 0.77 -82.74 -30.24
N LEU H 23 0.49 -82.20 -29.05
CA LEU H 23 -0.66 -81.32 -28.90
C LEU H 23 -0.35 -80.06 -28.12
N LEU H 24 0.73 -80.01 -27.35
CA LEU H 24 1.17 -78.80 -26.68
C LEU H 24 2.68 -78.76 -26.67
N LYS H 25 3.26 -77.65 -27.10
CA LYS H 25 4.69 -77.44 -26.98
C LYS H 25 4.92 -76.12 -26.27
N GLY H 26 6.16 -75.90 -25.84
CA GLY H 26 6.52 -74.65 -25.21
C GLY H 26 5.91 -74.43 -23.85
N LEU H 27 5.52 -75.49 -23.15
CA LEU H 27 4.83 -75.33 -21.88
C LEU H 27 5.84 -75.02 -20.78
N ASP H 28 5.30 -74.71 -19.61
CA ASP H 28 6.15 -74.43 -18.48
C ASP H 28 6.31 -75.71 -17.66
N GLN H 29 7.17 -75.63 -16.66
CA GLN H 29 7.42 -76.75 -15.76
C GLN H 29 6.21 -77.00 -14.87
N GLU H 30 5.61 -75.95 -14.32
CA GLU H 30 4.46 -76.13 -13.46
C GLU H 30 3.16 -76.31 -14.24
N GLN H 31 3.19 -76.11 -15.55
CA GLN H 31 2.02 -76.38 -16.38
C GLN H 31 2.00 -77.80 -16.93
N ALA H 32 3.16 -78.39 -17.19
CA ALA H 32 3.16 -79.76 -17.72
C ALA H 32 2.79 -80.77 -16.65
N ASN H 33 3.04 -80.44 -15.38
CA ASN H 33 2.62 -81.33 -14.32
C ASN H 33 1.16 -81.17 -13.97
N GLU H 34 0.46 -80.29 -14.65
CA GLU H 34 -0.98 -80.16 -14.51
C GLU H 34 -1.71 -80.73 -15.70
N VAL H 35 -1.12 -80.64 -16.88
CA VAL H 35 -1.75 -81.26 -18.04
C VAL H 35 -1.63 -82.78 -17.96
N ILE H 36 -0.50 -83.28 -17.45
CA ILE H 36 -0.36 -84.72 -17.33
C ILE H 36 -1.30 -85.26 -16.26
N ALA H 37 -1.42 -84.55 -15.15
CA ALA H 37 -2.31 -84.95 -14.07
C ALA H 37 -3.78 -84.84 -14.43
N VAL H 38 -4.13 -83.99 -15.39
CA VAL H 38 -5.53 -83.92 -15.78
C VAL H 38 -5.85 -85.02 -16.78
N LEU H 39 -4.95 -85.26 -17.74
CA LEU H 39 -5.20 -86.27 -18.77
C LEU H 39 -5.19 -87.68 -18.19
N GLN H 40 -4.20 -88.00 -17.35
CA GLN H 40 -4.12 -89.36 -16.81
C GLN H 40 -5.23 -89.68 -15.83
N MET H 41 -5.99 -88.69 -15.34
CA MET H 41 -7.19 -88.98 -14.59
C MET H 41 -8.28 -89.54 -15.50
N HIS H 42 -8.26 -89.20 -16.78
CA HIS H 42 -9.30 -89.63 -17.70
C HIS H 42 -8.78 -90.74 -18.60
N ASN H 43 -7.85 -91.55 -18.07
CA ASN H 43 -7.41 -92.81 -18.64
C ASN H 43 -6.74 -92.66 -20.01
N ILE H 44 -5.90 -91.64 -20.18
CA ILE H 44 -5.05 -91.52 -21.35
C ILE H 44 -3.62 -91.20 -20.93
N GLU H 45 -2.65 -91.80 -21.63
CA GLU H 45 -1.25 -91.71 -21.28
C GLU H 45 -0.56 -90.67 -22.15
N ALA H 46 0.19 -89.78 -21.52
CA ALA H 46 0.92 -88.72 -22.20
C ALA H 46 2.40 -88.81 -21.85
N ASN H 47 3.23 -88.10 -22.62
CA ASN H 47 4.67 -88.14 -22.39
C ASN H 47 5.18 -86.72 -22.26
N LYS H 48 6.07 -86.50 -21.29
CA LYS H 48 6.68 -85.19 -21.05
C LYS H 48 8.08 -85.18 -21.63
N ILE H 49 8.28 -84.45 -22.72
CA ILE H 49 9.57 -84.41 -23.40
C ILE H 49 10.17 -83.03 -23.21
N ASP H 50 11.34 -82.98 -22.59
CA ASP H 50 12.05 -81.72 -22.40
C ASP H 50 12.71 -81.30 -23.72
N SER H 51 12.89 -79.99 -23.90
CA SER H 51 13.56 -79.52 -25.10
C SER H 51 14.58 -78.41 -24.82
N GLY H 52 15.09 -78.30 -23.61
CA GLY H 52 16.11 -77.31 -23.35
C GLY H 52 15.57 -75.89 -23.22
N LYS H 53 15.88 -75.02 -24.17
CA LYS H 53 15.43 -73.64 -24.05
C LYS H 53 13.96 -73.48 -24.38
N LEU H 54 13.37 -74.38 -25.16
CA LEU H 54 11.99 -74.22 -25.60
C LEU H 54 10.99 -74.94 -24.71
N GLY H 55 11.30 -75.12 -23.42
CA GLY H 55 10.29 -75.71 -22.55
C GLY H 55 10.06 -77.18 -22.81
N TYR H 56 8.90 -77.64 -22.38
CA TYR H 56 8.51 -79.03 -22.51
C TYR H 56 7.49 -79.19 -23.62
N SER H 57 7.22 -80.43 -23.95
CA SER H 57 6.26 -80.79 -24.99
C SER H 57 5.53 -82.03 -24.52
N ILE H 58 4.30 -82.18 -24.97
CA ILE H 58 3.43 -83.26 -24.54
C ILE H 58 2.88 -83.95 -25.78
N THR H 59 3.17 -85.25 -25.89
CA THR H 59 2.72 -86.08 -27.00
C THR H 59 1.87 -87.21 -26.46
N VAL H 60 0.70 -87.39 -27.06
CA VAL H 60 -0.21 -88.47 -26.71
C VAL H 60 -0.27 -89.42 -27.89
N ALA H 61 -0.88 -90.58 -27.66
CA ALA H 61 -1.03 -91.58 -28.70
C ALA H 61 -2.13 -91.21 -29.69
N GLU H 62 -2.14 -91.94 -30.79
CA GLU H 62 -3.08 -91.72 -31.88
C GLU H 62 -4.49 -92.20 -31.53
N PRO H 63 -4.73 -93.33 -30.86
CA PRO H 63 -6.11 -93.57 -30.40
C PRO H 63 -6.56 -92.61 -29.31
N ASP H 64 -5.64 -92.10 -28.52
CA ASP H 64 -5.98 -91.19 -27.42
C ASP H 64 -5.93 -89.72 -27.81
N PHE H 65 -5.94 -89.39 -29.10
CA PHE H 65 -5.80 -87.99 -29.45
C PHE H 65 -7.11 -87.21 -29.49
N THR H 66 -8.19 -87.83 -29.96
CA THR H 66 -9.47 -87.13 -30.10
C THR H 66 -10.11 -86.82 -28.76
N ALA H 67 -9.89 -87.65 -27.76
CA ALA H 67 -10.41 -87.34 -26.44
C ALA H 67 -9.56 -86.28 -25.77
N ALA H 68 -8.26 -86.27 -26.08
CA ALA H 68 -7.35 -85.40 -25.36
C ALA H 68 -7.55 -83.96 -25.78
N VAL H 69 -7.91 -83.74 -27.05
CA VAL H 69 -8.16 -82.34 -27.42
C VAL H 69 -9.47 -81.88 -26.79
N TYR H 70 -10.38 -82.82 -26.53
CA TYR H 70 -11.65 -82.44 -25.91
C TYR H 70 -11.45 -82.09 -24.45
N TRP H 71 -10.54 -82.78 -23.76
CA TRP H 71 -10.35 -82.38 -22.37
C TRP H 71 -9.45 -81.18 -22.23
N ILE H 72 -8.64 -80.88 -23.25
CA ILE H 72 -7.92 -79.61 -23.24
C ILE H 72 -8.89 -78.45 -23.39
N LYS H 73 -9.90 -78.62 -24.25
CA LYS H 73 -10.86 -77.54 -24.45
C LYS H 73 -11.78 -77.40 -23.24
N THR H 74 -12.14 -78.52 -22.61
CA THR H 74 -13.07 -78.43 -21.50
C THR H 74 -12.39 -77.85 -20.26
N TYR H 75 -11.25 -78.40 -19.87
CA TYR H 75 -10.59 -77.87 -18.68
C TYR H 75 -9.81 -76.59 -18.94
N GLN H 76 -9.76 -76.12 -20.20
CA GLN H 76 -9.09 -74.88 -20.60
C GLN H 76 -7.60 -74.87 -20.26
N LEU H 77 -6.96 -76.01 -20.43
CA LEU H 77 -5.53 -76.12 -20.23
C LEU H 77 -4.81 -75.49 -21.42
N PRO H 78 -3.60 -74.96 -21.23
CA PRO H 78 -2.74 -74.84 -20.05
C PRO H 78 -3.17 -73.74 -19.11
N PRO H 79 -2.88 -73.91 -17.82
CA PRO H 79 -3.34 -72.93 -16.84
C PRO H 79 -2.58 -71.63 -16.96
N ARG H 80 -3.29 -70.53 -16.77
CA ARG H 80 -2.64 -69.24 -16.72
C ARG H 80 -1.90 -69.11 -15.38
N PRO H 81 -0.86 -68.29 -15.32
CA PRO H 81 -0.22 -68.04 -14.04
C PRO H 81 -1.13 -67.25 -13.11
N ARG H 82 -1.00 -67.55 -11.82
CA ARG H 82 -1.93 -66.98 -10.85
C ARG H 82 -1.62 -65.52 -10.61
N VAL H 83 -2.69 -64.74 -10.49
CA VAL H 83 -2.60 -63.29 -10.41
C VAL H 83 -2.68 -62.89 -8.95
N GLU H 84 -1.93 -61.86 -8.59
CA GLU H 84 -2.05 -61.22 -7.29
C GLU H 84 -2.23 -59.73 -7.51
N ILE H 85 -2.71 -59.05 -6.48
CA ILE H 85 -3.00 -57.63 -6.62
C ILE H 85 -1.71 -56.82 -6.63
N ALA H 86 -0.64 -57.36 -6.09
CA ALA H 86 0.64 -56.68 -6.04
C ALA H 86 1.37 -56.70 -7.36
N GLN H 87 0.82 -57.32 -8.40
CA GLN H 87 1.44 -57.25 -9.71
C GLN H 87 0.96 -56.07 -10.52
N MET H 88 -0.18 -55.50 -10.17
CA MET H 88 -0.66 -54.32 -10.87
C MET H 88 0.01 -53.05 -10.38
N PHE H 89 0.49 -53.04 -9.14
CA PHE H 89 1.18 -51.88 -8.57
C PHE H 89 2.62 -52.25 -8.24
N PRO H 90 3.53 -52.15 -9.20
CA PRO H 90 4.92 -52.52 -8.94
C PRO H 90 5.64 -51.45 -8.14
N ALA H 91 6.68 -51.88 -7.45
CA ALA H 91 7.43 -51.02 -6.54
C ALA H 91 8.57 -50.30 -7.24
N ASP H 92 8.51 -50.15 -8.56
CA ASP H 92 9.52 -49.43 -9.33
C ASP H 92 9.09 -47.99 -9.60
N SER H 93 8.24 -47.44 -8.76
CA SER H 93 7.82 -46.06 -8.97
C SER H 93 8.65 -45.15 -8.07
N LEU H 94 8.40 -43.86 -8.20
CA LEU H 94 9.08 -42.86 -7.39
C LEU H 94 8.21 -42.41 -6.23
N VAL H 95 6.94 -42.17 -6.49
CA VAL H 95 5.94 -41.83 -5.49
C VAL H 95 4.71 -42.67 -5.77
N SER H 96 4.28 -43.43 -4.77
CA SER H 96 3.12 -44.29 -4.87
C SER H 96 1.94 -43.62 -4.17
N SER H 97 0.77 -43.75 -4.76
CA SER H 97 -0.44 -43.19 -4.19
C SER H 97 -0.82 -43.96 -2.91
N PRO H 98 -1.62 -43.34 -2.03
CA PRO H 98 -2.10 -44.08 -0.85
C PRO H 98 -3.03 -45.23 -1.21
N ARG H 99 -3.65 -45.17 -2.38
CA ARG H 99 -4.41 -46.31 -2.87
C ARG H 99 -3.46 -47.41 -3.27
N ALA H 100 -2.29 -47.03 -3.78
CA ALA H 100 -1.30 -47.98 -4.21
C ALA H 100 -0.40 -48.39 -3.07
N GLU H 101 -0.73 -48.00 -1.85
CA GLU H 101 -0.03 -48.54 -0.69
C GLU H 101 -0.94 -49.38 0.17
N LYS H 102 -2.23 -49.03 0.24
CA LYS H 102 -3.16 -49.95 0.88
C LYS H 102 -3.48 -51.17 0.03
N ALA H 103 -3.35 -51.06 -1.29
CA ALA H 103 -3.59 -52.27 -2.08
C ALA H 103 -2.39 -53.19 -2.05
N ARG H 104 -1.20 -52.66 -1.85
CA ARG H 104 -0.02 -53.49 -1.77
C ARG H 104 0.20 -53.96 -0.35
N LEU H 105 -0.52 -53.40 0.61
CA LEU H 105 -0.46 -53.94 1.95
C LEU H 105 -1.49 -55.05 2.12
N TYR H 106 -2.70 -54.85 1.60
CA TYR H 106 -3.69 -55.91 1.70
C TYR H 106 -3.36 -57.08 0.79
N SER H 107 -2.59 -56.86 -0.28
CA SER H 107 -2.22 -58.00 -1.11
C SER H 107 -1.05 -58.78 -0.54
N ALA H 108 -0.45 -58.34 0.56
CA ALA H 108 0.56 -59.14 1.22
C ALA H 108 0.01 -59.74 2.50
N ILE H 109 -1.10 -59.21 2.98
CA ILE H 109 -1.74 -59.83 4.13
C ILE H 109 -2.57 -61.02 3.65
N GLU H 110 -3.28 -60.87 2.53
CA GLU H 110 -4.09 -61.99 2.07
C GLU H 110 -3.24 -63.11 1.49
N GLN H 111 -1.99 -62.85 1.14
CA GLN H 111 -1.05 -63.93 0.87
C GLN H 111 -0.51 -64.57 2.14
N ARG H 112 -0.24 -63.78 3.18
CA ARG H 112 0.32 -64.37 4.39
C ARG H 112 -0.70 -65.19 5.15
N LEU H 113 -1.98 -64.83 5.07
CA LEU H 113 -2.97 -65.65 5.76
C LEU H 113 -3.18 -66.99 5.07
N GLU H 114 -3.00 -67.09 3.76
CA GLU H 114 -3.17 -68.41 3.18
C GLU H 114 -1.87 -69.19 3.19
N GLN H 115 -0.74 -68.53 3.39
CA GLN H 115 0.46 -69.29 3.72
C GLN H 115 0.36 -69.84 5.14
N SER H 116 -0.35 -69.15 6.02
CA SER H 116 -0.47 -69.58 7.41
C SER H 116 -1.59 -70.57 7.61
N LEU H 117 -2.56 -70.63 6.71
CA LEU H 117 -3.66 -71.59 6.84
C LEU H 117 -3.28 -73.01 6.48
N GLN H 118 -2.20 -73.21 5.73
CA GLN H 118 -1.78 -74.57 5.39
C GLN H 118 -1.08 -75.32 6.51
N THR H 119 -0.75 -74.68 7.62
CA THR H 119 -0.09 -75.39 8.70
C THR H 119 -1.07 -75.99 9.71
N MET H 120 -2.37 -75.84 9.51
CA MET H 120 -3.31 -76.47 10.43
C MET H 120 -3.39 -77.97 10.19
N GLU H 121 -4.11 -78.64 11.07
CA GLU H 121 -4.20 -80.10 11.05
C GLU H 121 -5.31 -80.58 10.12
N GLY H 122 -4.94 -80.97 8.91
CA GLY H 122 -5.89 -81.56 7.98
C GLY H 122 -6.06 -80.83 6.68
N VAL H 123 -5.54 -79.63 6.58
CA VAL H 123 -5.74 -78.78 5.42
C VAL H 123 -4.73 -79.14 4.33
N LEU H 124 -5.17 -79.13 3.08
CA LEU H 124 -4.24 -79.28 1.97
C LEU H 124 -4.07 -78.01 1.16
N SER H 125 -5.13 -77.22 1.01
CA SER H 125 -5.03 -75.94 0.33
C SER H 125 -6.07 -75.02 0.94
N ALA H 126 -5.84 -73.72 0.76
CA ALA H 126 -6.73 -72.69 1.29
C ALA H 126 -6.53 -71.44 0.47
N ARG H 127 -7.59 -70.64 0.36
CA ARG H 127 -7.53 -69.36 -0.35
C ARG H 127 -8.38 -68.34 0.41
N VAL H 128 -7.78 -67.19 0.70
CA VAL H 128 -8.37 -66.16 1.54
C VAL H 128 -8.51 -64.86 0.76
N HIS H 129 -9.68 -64.23 0.88
CA HIS H 129 -10.02 -62.96 0.23
C HIS H 129 -10.39 -61.91 1.27
N ILE H 130 -9.85 -60.71 1.11
CA ILE H 130 -10.11 -59.57 1.98
C ILE H 130 -10.86 -58.52 1.18
N SER H 131 -11.78 -57.83 1.84
CA SER H 131 -12.50 -56.73 1.20
C SER H 131 -11.57 -55.55 1.04
N TYR H 132 -11.59 -54.95 -0.14
CA TYR H 132 -10.69 -53.86 -0.47
C TYR H 132 -11.43 -52.54 -0.27
N ASP H 133 -10.80 -51.61 0.43
CA ASP H 133 -11.36 -50.30 0.72
C ASP H 133 -10.44 -49.27 0.08
N ILE H 134 -11.01 -48.43 -0.80
CA ILE H 134 -10.22 -47.52 -1.62
C ILE H 134 -10.64 -46.05 -1.49
N ASP H 135 -11.92 -45.74 -1.66
CA ASP H 135 -12.33 -44.34 -1.73
C ASP H 135 -12.46 -43.68 -0.37
N ALA H 136 -12.45 -44.45 0.72
CA ALA H 136 -12.56 -43.84 2.04
C ALA H 136 -11.28 -43.11 2.43
N GLY H 137 -10.14 -43.45 1.83
CA GLY H 137 -8.96 -42.68 2.17
C GLY H 137 -8.86 -41.41 1.37
N GLU H 138 -9.54 -41.36 0.22
CA GLU H 138 -9.56 -40.14 -0.57
C GLU H 138 -10.43 -39.07 0.07
N ASN H 139 -11.58 -39.46 0.62
CA ASN H 139 -12.42 -38.53 1.35
C ASN H 139 -12.11 -38.56 2.85
N GLY H 140 -12.98 -37.91 3.63
CA GLY H 140 -12.86 -37.79 5.07
C GLY H 140 -13.77 -38.71 5.83
N ARG H 141 -14.64 -39.45 5.13
CA ARG H 141 -15.50 -40.41 5.78
C ARG H 141 -14.69 -41.66 6.17
N PRO H 142 -14.90 -42.18 7.38
CA PRO H 142 -14.10 -43.31 7.85
C PRO H 142 -14.47 -44.59 7.12
N PRO H 143 -13.53 -45.51 6.96
CA PRO H 143 -13.81 -46.76 6.27
C PRO H 143 -14.70 -47.70 7.06
N LYS H 144 -15.39 -48.57 6.33
CA LYS H 144 -16.37 -49.48 6.90
C LYS H 144 -15.64 -50.69 7.45
N PRO H 145 -16.36 -51.65 8.03
CA PRO H 145 -15.70 -52.86 8.50
C PRO H 145 -15.21 -53.71 7.34
N VAL H 146 -14.23 -54.52 7.62
CA VAL H 146 -13.63 -55.35 6.59
C VAL H 146 -14.25 -56.74 6.61
N HIS H 147 -14.36 -57.35 5.44
CA HIS H 147 -14.99 -58.66 5.29
C HIS H 147 -13.96 -59.65 4.75
N LEU H 148 -14.03 -60.88 5.23
CA LEU H 148 -13.09 -61.91 4.85
C LEU H 148 -13.87 -63.09 4.31
N SER H 149 -13.23 -63.89 3.46
CA SER H 149 -13.85 -65.12 2.97
C SER H 149 -12.77 -66.14 2.65
N ALA H 150 -13.08 -67.41 2.85
CA ALA H 150 -12.03 -68.40 2.69
C ALA H 150 -12.58 -69.74 2.21
N LEU H 151 -11.76 -70.41 1.40
CA LEU H 151 -12.04 -71.76 0.96
C LEU H 151 -10.91 -72.68 1.42
N ALA H 152 -11.22 -73.96 1.53
CA ALA H 152 -10.24 -74.93 2.00
C ALA H 152 -10.59 -76.31 1.48
N VAL H 153 -9.57 -77.17 1.39
CA VAL H 153 -9.73 -78.55 0.94
C VAL H 153 -9.09 -79.47 1.98
N TYR H 154 -9.88 -80.41 2.48
CA TYR H 154 -9.50 -81.28 3.59
C TYR H 154 -9.21 -82.70 3.14
N GLU H 155 -8.34 -83.36 3.89
CA GLU H 155 -8.17 -84.81 3.75
C GLU H 155 -9.43 -85.52 4.22
N ARG H 156 -9.85 -86.53 3.46
CA ARG H 156 -11.13 -87.17 3.70
C ARG H 156 -11.05 -88.05 4.95
N GLY H 157 -12.21 -88.25 5.57
CA GLY H 157 -12.30 -88.92 6.84
C GLY H 157 -12.39 -87.99 8.02
N SER H 158 -12.56 -86.70 7.79
CA SER H 158 -12.60 -85.72 8.85
C SER H 158 -14.00 -85.18 9.04
N PRO H 159 -14.41 -84.91 10.27
CA PRO H 159 -15.72 -84.28 10.50
C PRO H 159 -15.65 -82.80 10.15
N LEU H 160 -15.87 -82.47 8.88
CA LEU H 160 -15.62 -81.14 8.33
C LEU H 160 -16.72 -80.13 8.67
N ALA H 161 -17.60 -80.45 9.61
CA ALA H 161 -18.55 -79.50 10.15
C ALA H 161 -18.02 -78.81 11.39
N HIS H 162 -17.11 -79.44 12.13
CA HIS H 162 -16.50 -78.85 13.32
C HIS H 162 -15.28 -77.99 13.03
N GLN H 163 -14.82 -77.88 11.80
CA GLN H 163 -13.62 -77.09 11.55
C GLN H 163 -13.94 -75.64 11.23
N ILE H 164 -15.20 -75.31 11.02
CA ILE H 164 -15.55 -73.91 10.82
C ILE H 164 -15.46 -73.15 12.12
N SER H 165 -15.66 -73.84 13.25
CA SER H 165 -15.50 -73.18 14.54
C SER H 165 -14.04 -72.85 14.83
N ASP H 166 -13.10 -73.52 14.17
CA ASP H 166 -11.70 -73.21 14.38
C ASP H 166 -11.18 -72.19 13.38
N ILE H 167 -11.74 -72.18 12.17
CA ILE H 167 -11.27 -71.19 11.20
C ILE H 167 -11.91 -69.83 11.47
N LYS H 168 -13.15 -69.80 11.96
CA LYS H 168 -13.74 -68.51 12.30
C LYS H 168 -13.06 -67.89 13.51
N ARG H 169 -12.62 -68.72 14.46
CA ARG H 169 -11.93 -68.19 15.62
C ARG H 169 -10.55 -67.71 15.24
N PHE H 170 -9.92 -68.36 14.27
CA PHE H 170 -8.60 -67.90 13.86
C PHE H 170 -8.71 -66.61 13.05
N LEU H 171 -9.77 -66.49 12.24
CA LEU H 171 -9.92 -65.33 11.39
C LEU H 171 -10.55 -64.12 12.07
N LYS H 172 -11.09 -64.27 13.29
CA LYS H 172 -11.85 -63.17 13.87
C LYS H 172 -10.97 -62.01 14.31
N ASN H 173 -9.89 -62.30 15.03
CA ASN H 173 -9.03 -61.25 15.56
C ASN H 173 -7.66 -61.24 14.91
N SER H 174 -7.63 -61.36 13.59
CA SER H 174 -6.43 -61.03 12.83
C SER H 174 -6.57 -59.70 12.10
N PHE H 175 -7.63 -58.95 12.37
CA PHE H 175 -7.86 -57.64 11.80
C PHE H 175 -8.34 -56.73 12.91
N ALA H 176 -8.84 -55.56 12.53
CA ALA H 176 -9.20 -54.55 13.51
C ALA H 176 -10.48 -54.94 14.24
N ASP H 177 -11.59 -55.02 13.52
CA ASP H 177 -12.86 -55.45 14.10
C ASP H 177 -13.76 -56.01 13.02
N VAL H 178 -13.89 -57.33 13.00
CA VAL H 178 -14.86 -57.98 12.15
C VAL H 178 -15.85 -58.68 13.06
N ASP H 179 -16.98 -59.07 12.49
CA ASP H 179 -17.94 -59.88 13.22
C ASP H 179 -17.93 -61.30 12.67
N TYR H 180 -18.63 -62.19 13.37
CA TYR H 180 -18.76 -63.55 12.87
C TYR H 180 -19.79 -63.69 11.77
N ASP H 181 -20.55 -62.64 11.49
CA ASP H 181 -21.47 -62.68 10.37
C ASP H 181 -20.84 -62.21 9.08
N ASN H 182 -19.68 -61.57 9.15
CA ASN H 182 -19.01 -61.06 7.96
C ASN H 182 -17.90 -61.97 7.48
N ILE H 183 -17.78 -63.18 8.01
CA ILE H 183 -16.80 -64.15 7.55
C ILE H 183 -17.57 -65.37 7.06
N SER H 184 -17.21 -65.86 5.88
CA SER H 184 -17.86 -67.03 5.31
C SER H 184 -16.79 -68.01 4.87
N VAL H 185 -16.82 -69.21 5.44
CA VAL H 185 -15.87 -70.25 5.15
C VAL H 185 -16.64 -71.33 4.40
N VAL H 186 -16.21 -71.63 3.19
CA VAL H 186 -16.83 -72.68 2.39
C VAL H 186 -15.73 -73.69 2.06
N LEU H 187 -15.76 -74.84 2.72
CA LEU H 187 -14.71 -75.82 2.57
C LEU H 187 -15.27 -77.16 2.12
N SER H 188 -14.38 -78.00 1.60
CA SER H 188 -14.81 -79.27 1.04
C SER H 188 -13.72 -80.31 1.23
N GLU H 189 -14.08 -81.57 0.99
CA GLU H 189 -13.14 -82.68 1.10
C GLU H 189 -12.52 -83.00 -0.25
N ARG H 190 -11.36 -83.66 -0.19
CA ARG H 190 -10.62 -83.97 -1.40
C ARG H 190 -11.24 -85.15 -2.14
N SER H 191 -10.86 -85.28 -3.41
CA SER H 191 -11.46 -86.26 -4.30
C SER H 191 -10.84 -87.63 -4.06
N ASP H 192 -11.22 -88.59 -4.89
CA ASP H 192 -10.70 -89.94 -4.78
C ASP H 192 -9.28 -89.99 -5.33
N ALA H 193 -8.46 -90.84 -4.72
CA ALA H 193 -7.06 -90.90 -5.10
C ALA H 193 -6.88 -91.65 -6.40
N GLN H 194 -5.95 -91.18 -7.23
CA GLN H 194 -5.60 -91.84 -8.48
C GLN H 194 -4.23 -92.48 -8.30
N LEU H 195 -4.20 -93.80 -8.24
CA LEU H 195 -2.96 -94.52 -7.97
C LEU H 195 -2.56 -95.53 -9.04
N GLN H 196 -3.49 -95.98 -9.88
CA GLN H 196 -3.15 -96.98 -10.88
C GLN H 196 -2.80 -96.34 -12.21
N ALA H 197 -1.99 -97.05 -12.97
CA ALA H 197 -1.50 -96.56 -14.25
C ALA H 197 -2.65 -96.57 -15.27
N PRO H 198 -2.61 -95.68 -16.25
CA PRO H 198 -3.69 -95.63 -17.25
C PRO H 198 -3.83 -96.85 -18.13
N GLY H 199 -2.77 -97.26 -18.81
CA GLY H 199 -2.87 -98.40 -19.69
C GLY H 199 -2.75 -98.00 -21.14
N THR H 200 -1.88 -98.70 -21.85
CA THR H 200 -1.51 -98.48 -23.23
C THR H 200 -2.54 -99.03 -24.21
N PRO H 201 -2.75 -98.36 -25.34
CA PRO H 201 -3.67 -98.90 -26.36
C PRO H 201 -3.02 -100.10 -27.04
N VAL H 202 -3.74 -101.20 -27.05
CA VAL H 202 -3.27 -102.42 -27.70
C VAL H 202 -3.82 -102.48 -29.12
N LYS H 203 -2.96 -102.89 -30.04
CA LYS H 203 -3.35 -103.02 -31.44
C LYS H 203 -2.94 -104.38 -31.98
N ASP I 20 13.30 -93.45 -13.37
CA ASP I 20 14.23 -92.72 -14.20
C ASP I 20 13.61 -91.44 -14.79
N LYS I 21 12.28 -91.37 -14.78
CA LYS I 21 11.60 -90.19 -15.27
C LYS I 21 11.61 -89.07 -14.24
N ASP I 22 11.82 -87.86 -14.73
CA ASP I 22 11.79 -86.66 -13.90
C ASP I 22 10.42 -86.03 -13.89
N LEU I 23 10.11 -85.31 -12.81
CA LEU I 23 8.83 -84.64 -12.75
C LEU I 23 9.02 -83.17 -12.40
N LEU I 24 10.09 -82.87 -11.68
CA LEU I 24 10.44 -81.48 -11.40
C LEU I 24 11.94 -81.35 -11.52
N LYS I 25 12.38 -80.17 -11.95
CA LYS I 25 13.81 -79.89 -12.03
C LYS I 25 14.04 -78.40 -11.87
N GLY I 26 15.29 -78.05 -11.57
CA GLY I 26 15.66 -76.67 -11.33
C GLY I 26 15.17 -76.13 -10.01
N LEU I 27 14.95 -77.00 -9.03
CA LEU I 27 14.40 -76.60 -7.76
C LEU I 27 15.48 -76.02 -6.86
N ASP I 28 15.11 -75.72 -5.63
CA ASP I 28 16.02 -75.19 -4.65
C ASP I 28 16.24 -76.28 -3.59
N GLN I 29 17.25 -76.04 -2.75
CA GLN I 29 17.63 -76.97 -1.69
C GLN I 29 16.55 -77.07 -0.62
N GLU I 30 15.95 -75.94 -0.24
CA GLU I 30 14.86 -75.99 0.72
C GLU I 30 13.57 -76.52 0.10
N GLN I 31 13.43 -76.45 -1.21
CA GLN I 31 12.21 -76.96 -1.84
C GLN I 31 12.25 -78.47 -2.02
N ALA I 32 13.42 -79.01 -2.35
CA ALA I 32 13.49 -80.44 -2.66
C ALA I 32 13.35 -81.30 -1.41
N ASN I 33 13.73 -80.79 -0.24
CA ASN I 33 13.53 -81.60 0.95
C ASN I 33 12.08 -81.61 1.39
N GLU I 34 11.28 -80.69 0.88
CA GLU I 34 9.88 -80.69 1.20
C GLU I 34 9.09 -81.47 0.17
N VAL I 35 9.64 -81.64 -1.02
CA VAL I 35 8.96 -82.54 -1.95
C VAL I 35 9.27 -83.98 -1.58
N ILE I 36 10.49 -84.23 -1.09
CA ILE I 36 10.87 -85.56 -0.65
C ILE I 36 10.09 -85.97 0.58
N ALA I 37 9.92 -85.04 1.55
CA ALA I 37 9.21 -85.38 2.78
C ALA I 37 7.73 -85.62 2.55
N VAL I 38 7.18 -85.18 1.42
CA VAL I 38 5.79 -85.44 1.09
C VAL I 38 5.66 -86.75 0.33
N LEU I 39 6.59 -87.04 -0.59
CA LEU I 39 6.52 -88.29 -1.32
C LEU I 39 6.81 -89.48 -0.42
N GLN I 40 7.69 -89.34 0.57
CA GLN I 40 7.95 -90.47 1.46
C GLN I 40 6.79 -90.77 2.38
N MET I 41 5.88 -89.82 2.60
CA MET I 41 4.70 -90.11 3.41
C MET I 41 3.72 -91.01 2.69
N HIS I 42 3.73 -91.02 1.36
CA HIS I 42 2.76 -91.81 0.61
C HIS I 42 3.40 -92.99 -0.11
N ASN I 43 4.41 -93.60 0.53
CA ASN I 43 4.97 -94.90 0.15
C ASN I 43 5.60 -94.90 -1.24
N ILE I 44 6.14 -93.78 -1.69
CA ILE I 44 6.93 -93.76 -2.91
C ILE I 44 8.28 -93.13 -2.60
N GLU I 45 9.30 -93.56 -3.33
CA GLU I 45 10.69 -93.23 -3.01
C GLU I 45 11.26 -92.42 -4.16
N ALA I 46 11.81 -91.26 -3.84
CA ALA I 46 12.40 -90.37 -4.84
C ALA I 46 13.90 -90.27 -4.67
N ASN I 47 14.52 -89.62 -5.65
CA ASN I 47 15.96 -89.43 -5.66
C ASN I 47 16.27 -87.99 -5.99
N LYS I 48 17.23 -87.43 -5.24
CA LYS I 48 17.69 -86.05 -5.40
C LYS I 48 18.98 -86.04 -6.21
N ILE I 49 18.93 -85.46 -7.40
CA ILE I 49 20.07 -85.39 -8.30
C ILE I 49 20.48 -83.94 -8.38
N ASP I 50 21.73 -83.66 -8.05
CA ASP I 50 22.26 -82.31 -8.10
C ASP I 50 22.66 -81.97 -9.53
N SER I 51 22.63 -80.67 -9.85
CA SER I 51 23.11 -80.26 -11.16
C SER I 51 23.95 -78.98 -11.10
N GLY I 52 24.47 -78.63 -9.94
CA GLY I 52 25.33 -77.48 -9.82
C GLY I 52 24.63 -76.14 -9.91
N LYS I 53 24.84 -75.44 -11.02
CA LYS I 53 24.27 -74.11 -11.18
C LYS I 53 22.78 -74.17 -11.49
N LEU I 54 22.36 -75.25 -12.15
CA LEU I 54 20.97 -75.38 -12.58
C LEU I 54 20.07 -75.91 -11.48
N GLY I 55 20.56 -76.01 -10.25
CA GLY I 55 19.74 -76.49 -9.17
C GLY I 55 19.58 -78.00 -9.13
N TYR I 56 18.69 -78.41 -8.25
CA TYR I 56 18.44 -79.81 -7.99
C TYR I 56 17.39 -80.34 -8.95
N SER I 57 17.20 -81.64 -8.91
CA SER I 57 16.23 -82.34 -9.75
C SER I 57 15.75 -83.56 -8.99
N ILE I 58 14.52 -83.96 -9.23
CA ILE I 58 13.90 -85.02 -8.44
C ILE I 58 13.36 -86.05 -9.41
N THR I 59 13.81 -87.29 -9.27
CA THR I 59 13.32 -88.39 -10.10
C THR I 59 12.65 -89.42 -9.21
N VAL I 60 11.78 -90.22 -9.80
CA VAL I 60 11.11 -91.33 -9.14
C VAL I 60 11.26 -92.56 -10.03
N ALA I 61 10.66 -93.67 -9.61
CA ALA I 61 10.66 -94.90 -10.39
C ALA I 61 9.56 -94.80 -11.45
N GLU I 62 9.48 -95.82 -12.29
CA GLU I 62 8.49 -95.82 -13.36
C GLU I 62 7.06 -96.22 -12.98
N PRO I 63 6.79 -97.24 -12.15
CA PRO I 63 5.38 -97.49 -11.77
C PRO I 63 4.78 -96.45 -10.86
N ASP I 64 5.57 -95.68 -10.14
CA ASP I 64 5.04 -94.66 -9.24
C ASP I 64 4.90 -93.29 -9.90
N PHE I 65 5.07 -93.23 -11.21
CA PHE I 65 4.97 -91.94 -11.90
C PHE I 65 3.55 -91.45 -12.00
N THR I 66 2.57 -92.35 -12.10
CA THR I 66 1.20 -91.88 -12.20
C THR I 66 0.74 -91.33 -10.87
N ALA I 67 1.10 -91.99 -9.76
CA ALA I 67 0.69 -91.55 -8.44
C ALA I 67 1.46 -90.32 -7.97
N ALA I 68 2.71 -90.14 -8.39
CA ALA I 68 3.48 -89.03 -7.82
C ALA I 68 3.02 -87.68 -8.32
N VAL I 69 2.58 -87.61 -9.58
CA VAL I 69 2.07 -86.34 -10.10
C VAL I 69 0.75 -85.99 -9.43
N TYR I 70 0.01 -87.01 -8.95
CA TYR I 70 -1.24 -86.74 -8.26
C TYR I 70 -1.01 -86.08 -6.92
N TRP I 71 0.08 -86.44 -6.23
CA TRP I 71 0.34 -85.76 -4.97
C TRP I 71 1.04 -84.44 -5.17
N ILE I 72 1.70 -84.26 -6.31
CA ILE I 72 2.22 -82.93 -6.63
C ILE I 72 1.07 -81.97 -6.90
N LYS I 73 0.05 -82.45 -7.62
CA LYS I 73 -1.10 -81.61 -7.94
C LYS I 73 -1.94 -81.35 -6.71
N THR I 74 -2.06 -82.34 -5.82
CA THR I 74 -2.90 -82.16 -4.66
C THR I 74 -2.23 -81.24 -3.65
N TYR I 75 -0.97 -81.51 -3.30
CA TYR I 75 -0.32 -80.69 -2.29
C TYR I 75 0.24 -79.37 -2.82
N GLN I 76 0.06 -79.08 -4.12
CA GLN I 76 0.53 -77.84 -4.76
C GLN I 76 2.03 -77.60 -4.62
N LEU I 77 2.80 -78.63 -4.76
CA LEU I 77 4.25 -78.54 -4.72
C LEU I 77 4.79 -78.09 -6.07
N PRO I 78 5.92 -77.38 -6.11
CA PRO I 78 6.86 -76.88 -5.09
C PRO I 78 6.36 -75.67 -4.34
N PRO I 79 6.76 -75.53 -3.07
CA PRO I 79 6.19 -74.45 -2.25
C PRO I 79 6.78 -73.11 -2.60
N ARG I 80 5.96 -72.09 -2.57
CA ARG I 80 6.44 -70.73 -2.76
C ARG I 80 7.21 -70.29 -1.52
N PRO I 81 8.12 -69.34 -1.66
CA PRO I 81 8.75 -68.78 -0.46
C PRO I 81 7.77 -67.94 0.33
N ARG I 82 7.93 -67.97 1.65
CA ARG I 82 6.98 -67.31 2.54
C ARG I 82 7.17 -65.80 2.46
N VAL I 83 6.06 -65.08 2.56
CA VAL I 83 6.05 -63.65 2.28
C VAL I 83 5.96 -62.91 3.62
N GLU I 84 6.68 -61.80 3.72
CA GLU I 84 6.56 -60.90 4.85
C GLU I 84 6.14 -59.53 4.37
N ILE I 85 5.58 -58.74 5.28
CA ILE I 85 5.14 -57.41 4.89
C ILE I 85 6.32 -56.48 4.68
N ALA I 86 7.46 -56.74 5.34
CA ALA I 86 8.62 -55.89 5.13
C ALA I 86 9.30 -56.10 3.78
N GLN I 87 8.92 -57.15 3.04
CA GLN I 87 9.47 -57.35 1.72
C GLN I 87 8.85 -56.40 0.70
N MET I 88 7.60 -56.01 0.91
CA MET I 88 6.94 -55.12 -0.03
C MET I 88 7.45 -53.68 0.08
N PHE I 89 7.90 -53.27 1.26
CA PHE I 89 8.45 -51.94 1.49
C PHE I 89 9.93 -52.08 1.83
N PRO I 90 10.82 -52.02 0.85
CA PRO I 90 12.23 -52.29 1.14
C PRO I 90 12.88 -51.14 1.88
N ALA I 91 13.86 -51.49 2.70
CA ALA I 91 14.55 -50.50 3.52
C ALA I 91 15.48 -49.60 2.72
N ASP I 92 15.93 -50.02 1.54
CA ASP I 92 16.85 -49.21 0.76
C ASP I 92 16.15 -48.35 -0.27
N SER I 93 14.92 -47.93 0.01
CA SER I 93 14.24 -47.04 -0.92
C SER I 93 14.69 -45.61 -0.68
N LEU I 94 14.25 -44.72 -1.56
CA LEU I 94 14.64 -43.32 -1.43
C LEU I 94 13.78 -42.60 -0.40
N VAL I 95 12.47 -42.54 -0.62
CA VAL I 95 11.57 -41.93 0.34
C VAL I 95 10.71 -43.02 0.97
N SER I 96 10.14 -42.68 2.13
CA SER I 96 9.34 -43.62 2.92
C SER I 96 8.22 -42.82 3.57
N SER I 97 6.99 -43.07 3.15
CA SER I 97 5.87 -42.45 3.80
C SER I 97 5.66 -43.00 5.22
N PRO I 98 5.05 -42.21 6.11
CA PRO I 98 4.79 -42.71 7.47
C PRO I 98 3.77 -43.81 7.50
N ARG I 99 2.96 -43.97 6.46
CA ARG I 99 2.14 -45.16 6.36
C ARG I 99 3.02 -46.35 6.07
N ALA I 100 4.09 -46.15 5.31
CA ALA I 100 5.00 -47.21 4.94
C ALA I 100 6.12 -47.43 5.94
N GLU I 101 6.09 -46.79 7.11
CA GLU I 101 7.09 -47.11 8.12
C GLU I 101 6.55 -47.88 9.31
N LYS I 102 5.29 -47.68 9.67
CA LYS I 102 4.70 -48.51 10.72
C LYS I 102 4.40 -49.91 10.24
N ALA I 103 4.21 -50.11 8.93
CA ALA I 103 4.03 -51.46 8.45
C ALA I 103 5.36 -52.20 8.44
N ARG I 104 6.47 -51.47 8.33
CA ARG I 104 7.76 -52.12 8.43
C ARG I 104 8.15 -52.33 9.86
N LEU I 105 7.47 -51.66 10.79
CA LEU I 105 7.76 -51.91 12.19
C LEU I 105 6.96 -53.11 12.68
N TYR I 106 5.68 -53.17 12.30
CA TYR I 106 4.84 -54.28 12.69
C TYR I 106 5.28 -55.57 12.01
N SER I 107 5.86 -55.47 10.82
CA SER I 107 6.28 -56.68 10.15
C SER I 107 7.55 -57.26 10.75
N ALA I 108 8.32 -56.47 11.52
CA ALA I 108 9.46 -57.06 12.21
C ALA I 108 9.10 -57.52 13.61
N ILE I 109 8.02 -56.96 14.18
CA ILE I 109 7.56 -57.46 15.47
C ILE I 109 6.92 -58.83 15.30
N GLU I 110 6.04 -58.98 14.31
CA GLU I 110 5.44 -60.30 14.12
C GLU I 110 6.43 -61.30 13.54
N GLN I 111 7.57 -60.84 13.03
CA GLN I 111 8.61 -61.76 12.61
C GLN I 111 9.44 -62.26 13.79
N ARG I 112 9.67 -61.45 14.82
CA ARG I 112 10.49 -61.96 15.91
C ARG I 112 9.68 -62.49 17.08
N LEU I 113 8.35 -62.37 17.05
CA LEU I 113 7.59 -63.08 18.05
C LEU I 113 7.44 -64.57 17.75
N GLU I 114 7.53 -64.98 16.49
CA GLU I 114 7.45 -66.41 16.29
C GLU I 114 8.82 -67.06 16.42
N GLN I 115 9.89 -66.28 16.38
CA GLN I 115 11.17 -66.84 16.76
C GLN I 115 11.37 -66.79 18.27
N SER I 116 10.56 -66.00 18.97
CA SER I 116 10.61 -66.01 20.42
C SER I 116 9.68 -67.06 21.00
N LEU I 117 8.73 -67.55 20.21
CA LEU I 117 7.80 -68.59 20.65
C LEU I 117 8.30 -70.00 20.46
N GLN I 118 9.30 -70.24 19.63
CA GLN I 118 9.85 -71.59 19.50
C GLN I 118 10.77 -71.99 20.64
N THR I 119 11.13 -71.09 21.54
CA THR I 119 12.00 -71.43 22.65
C THR I 119 11.22 -71.81 23.90
N MET I 120 9.90 -71.85 23.85
CA MET I 120 9.15 -72.41 24.96
C MET I 120 9.25 -73.93 24.93
N GLU I 121 8.77 -74.56 25.99
CA GLU I 121 8.81 -76.01 26.07
C GLU I 121 7.74 -76.63 25.20
N GLY I 122 8.08 -77.74 24.57
CA GLY I 122 7.14 -78.51 23.77
C GLY I 122 6.89 -78.06 22.34
N VAL I 123 6.99 -76.76 22.10
CA VAL I 123 6.61 -76.19 20.82
C VAL I 123 7.66 -76.48 19.76
N LEU I 124 7.18 -76.84 18.57
CA LEU I 124 8.06 -77.05 17.42
C LEU I 124 7.91 -75.96 16.37
N SER I 125 6.71 -75.45 16.15
CA SER I 125 6.51 -74.38 15.18
C SER I 125 5.44 -73.45 15.71
N ALA I 126 5.45 -72.22 15.19
CA ALA I 126 4.51 -71.20 15.60
C ALA I 126 4.42 -70.13 14.52
N ARG I 127 3.25 -69.47 14.46
CA ARG I 127 3.00 -68.38 13.53
C ARG I 127 2.12 -67.34 14.20
N VAL I 128 2.51 -66.06 14.10
CA VAL I 128 1.83 -64.97 14.78
C VAL I 128 1.36 -63.94 13.77
N HIS I 129 0.16 -63.37 14.01
CA HIS I 129 -0.42 -62.30 13.22
C HIS I 129 -0.84 -61.14 14.11
N ILE I 130 -0.63 -59.92 13.62
CA ILE I 130 -1.00 -58.68 14.28
C ILE I 130 -2.02 -57.96 13.41
N SER I 131 -2.87 -57.17 14.04
CA SER I 131 -3.79 -56.32 13.27
C SER I 131 -3.05 -55.09 12.79
N TYR I 132 -3.14 -54.80 11.49
CA TYR I 132 -2.40 -53.68 10.89
C TYR I 132 -3.36 -52.50 10.79
N ASP I 133 -3.23 -51.58 11.73
CA ASP I 133 -3.99 -50.34 11.77
C ASP I 133 -3.07 -49.14 11.56
N ILE I 134 -3.24 -48.45 10.43
CA ILE I 134 -2.43 -47.29 10.12
C ILE I 134 -3.33 -46.07 10.00
N ASP I 135 -4.59 -46.29 9.61
CA ASP I 135 -5.52 -45.19 9.34
C ASP I 135 -6.03 -44.48 10.59
N ALA I 136 -6.05 -45.16 11.73
CA ALA I 136 -6.60 -44.58 12.95
C ALA I 136 -5.63 -43.66 13.68
N GLY I 137 -4.45 -43.41 13.12
CA GLY I 137 -3.45 -42.63 13.81
C GLY I 137 -3.59 -41.17 13.46
N GLU I 138 -3.81 -40.86 12.19
CA GLU I 138 -3.73 -39.49 11.69
C GLU I 138 -5.09 -38.79 11.64
N ASN I 139 -5.70 -38.64 12.82
CA ASN I 139 -6.91 -37.86 12.91
C ASN I 139 -7.05 -37.37 14.34
N GLY I 140 -8.19 -36.76 14.64
CA GLY I 140 -8.54 -36.47 16.00
C GLY I 140 -9.23 -37.62 16.68
N ARG I 141 -9.42 -38.73 15.95
CA ARG I 141 -10.06 -39.89 16.53
C ARG I 141 -9.10 -40.61 17.47
N PRO I 142 -9.62 -41.27 18.50
CA PRO I 142 -8.74 -42.07 19.34
C PRO I 142 -8.37 -43.35 18.61
N PRO I 143 -7.22 -43.94 18.90
CA PRO I 143 -6.88 -45.22 18.29
C PRO I 143 -7.74 -46.32 18.88
N LYS I 144 -7.87 -47.40 18.14
CA LYS I 144 -8.69 -48.53 18.53
C LYS I 144 -7.81 -49.62 19.09
N PRO I 145 -8.39 -50.72 19.58
CA PRO I 145 -7.58 -51.76 20.17
C PRO I 145 -6.82 -52.53 19.10
N VAL I 146 -5.88 -53.34 19.54
CA VAL I 146 -5.01 -54.13 18.68
C VAL I 146 -5.20 -55.61 18.98
N HIS I 147 -5.37 -56.41 17.91
CA HIS I 147 -5.69 -57.82 18.04
C HIS I 147 -4.50 -58.64 17.56
N LEU I 148 -4.38 -59.84 18.13
CA LEU I 148 -3.32 -60.79 17.79
C LEU I 148 -3.92 -62.16 17.52
N SER I 149 -3.12 -63.03 16.91
CA SER I 149 -3.50 -64.43 16.73
C SER I 149 -2.26 -65.29 16.59
N ALA I 150 -2.39 -66.56 16.96
CA ALA I 150 -1.23 -67.44 16.98
C ALA I 150 -1.61 -68.87 16.63
N LEU I 151 -0.60 -69.60 16.16
CA LEU I 151 -0.71 -71.02 15.89
C LEU I 151 0.57 -71.70 16.37
N ALA I 152 0.43 -72.96 16.79
CA ALA I 152 1.57 -73.71 17.31
C ALA I 152 1.35 -75.20 17.09
N VAL I 153 2.46 -75.93 17.03
CA VAL I 153 2.44 -77.39 16.89
C VAL I 153 3.27 -77.99 18.02
N TYR I 154 2.58 -78.61 18.97
CA TYR I 154 3.23 -79.16 20.17
C TYR I 154 3.63 -80.61 19.97
N GLU I 155 4.67 -81.01 20.68
CA GLU I 155 5.11 -82.40 20.74
C GLU I 155 4.08 -83.24 21.48
N ARG I 156 3.82 -84.46 20.98
CA ARG I 156 2.76 -85.30 21.52
C ARG I 156 3.17 -85.88 22.88
N GLY I 157 2.15 -86.22 23.66
CA GLY I 157 2.32 -86.62 25.04
C GLY I 157 2.19 -85.50 26.05
N SER I 158 1.68 -84.34 25.64
CA SER I 158 1.59 -83.16 26.48
C SER I 158 0.13 -82.79 26.75
N PRO I 159 -0.17 -82.23 27.93
CA PRO I 159 -1.53 -81.74 28.18
C PRO I 159 -1.75 -80.40 27.49
N LEU I 160 -2.12 -80.45 26.22
CA LEU I 160 -2.19 -79.29 25.36
C LEU I 160 -3.40 -78.39 25.61
N ALA I 161 -4.22 -78.70 26.60
CA ALA I 161 -5.29 -77.79 26.98
C ALA I 161 -4.88 -76.78 28.04
N HIS I 162 -3.80 -77.04 28.78
CA HIS I 162 -3.33 -76.13 29.81
C HIS I 162 -2.24 -75.19 29.33
N GLN I 163 -1.58 -75.50 28.22
CA GLN I 163 -0.54 -74.63 27.69
C GLN I 163 -1.08 -73.50 26.83
N ILE I 164 -2.38 -73.45 26.61
CA ILE I 164 -2.98 -72.33 25.88
C ILE I 164 -3.17 -71.12 26.79
N SER I 165 -2.94 -71.30 28.09
CA SER I 165 -3.00 -70.21 29.06
C SER I 165 -1.64 -69.65 29.40
N ASP I 166 -0.56 -70.20 28.87
CA ASP I 166 0.75 -69.60 29.05
C ASP I 166 1.16 -68.73 27.88
N ILE I 167 0.68 -69.06 26.69
CA ILE I 167 0.90 -68.22 25.53
C ILE I 167 0.06 -66.96 25.62
N LYS I 168 -1.11 -67.04 26.26
CA LYS I 168 -1.92 -65.84 26.39
C LYS I 168 -1.32 -64.88 27.40
N ARG I 169 -0.65 -65.40 28.42
CA ARG I 169 -0.03 -64.53 29.41
C ARG I 169 1.21 -63.90 28.83
N PHE I 170 1.92 -64.64 27.98
CA PHE I 170 3.11 -64.06 27.38
C PHE I 170 2.72 -63.03 26.33
N LEU I 171 1.64 -63.29 25.59
CA LEU I 171 1.22 -62.43 24.50
C LEU I 171 0.45 -61.20 24.96
N LYS I 172 0.02 -61.15 26.22
CA LYS I 172 -0.85 -60.06 26.64
C LYS I 172 -0.09 -58.74 26.73
N ASN I 173 0.96 -58.69 27.54
CA ASN I 173 1.66 -57.44 27.79
C ASN I 173 2.92 -57.32 26.96
N SER I 174 2.88 -57.73 25.70
CA SER I 174 3.90 -57.30 24.74
C SER I 174 3.43 -56.17 23.86
N PHE I 175 2.26 -55.60 24.15
CA PHE I 175 1.73 -54.44 23.44
C PHE I 175 1.17 -53.48 24.47
N ALA I 176 0.44 -52.48 23.99
CA ALA I 176 0.00 -51.41 24.87
C ALA I 176 -1.11 -51.87 25.80
N ASP I 177 -2.26 -52.23 25.26
CA ASP I 177 -3.36 -52.72 26.10
C ASP I 177 -4.28 -53.59 25.25
N VAL I 178 -4.11 -54.90 25.39
CA VAL I 178 -5.04 -55.84 24.80
C VAL I 178 -5.80 -56.52 25.92
N ASP I 179 -6.87 -57.20 25.56
CA ASP I 179 -7.64 -57.97 26.52
C ASP I 179 -7.39 -59.45 26.27
N TYR I 180 -7.85 -60.25 27.22
CA TYR I 180 -7.70 -61.69 27.12
C TYR I 180 -8.70 -62.31 26.17
N ASP I 181 -9.70 -61.58 25.72
CA ASP I 181 -10.64 -62.09 24.73
C ASP I 181 -10.45 -61.48 23.36
N ASN I 182 -9.36 -60.74 23.15
CA ASN I 182 -8.98 -60.29 21.81
C ASN I 182 -7.77 -61.05 21.31
N ILE I 183 -7.38 -62.11 22.00
CA ILE I 183 -6.31 -62.99 21.56
C ILE I 183 -6.88 -64.39 21.38
N SER I 184 -6.60 -64.99 20.24
CA SER I 184 -7.11 -66.30 19.91
C SER I 184 -5.93 -67.17 19.51
N VAL I 185 -5.75 -68.27 20.23
CA VAL I 185 -4.64 -69.18 20.04
C VAL I 185 -5.23 -70.49 19.57
N VAL I 186 -4.79 -70.96 18.41
CA VAL I 186 -5.22 -72.25 17.89
C VAL I 186 -3.99 -73.14 17.73
N LEU I 187 -3.88 -74.16 18.56
CA LEU I 187 -2.69 -75.01 18.54
C LEU I 187 -3.07 -76.47 18.49
N SER I 188 -2.13 -77.29 18.01
CA SER I 188 -2.44 -78.70 17.79
C SER I 188 -1.20 -79.56 17.93
N GLU I 189 -1.41 -80.86 18.06
CA GLU I 189 -0.31 -81.80 18.19
C GLU I 189 0.15 -82.31 16.82
N ARG I 190 1.40 -82.76 16.77
CA ARG I 190 2.00 -83.18 15.52
C ARG I 190 1.51 -84.56 15.10
N SER I 191 1.76 -84.90 13.84
CA SER I 191 1.34 -86.16 13.25
C SER I 191 2.26 -87.28 13.73
N ASP I 192 1.91 -88.51 13.38
CA ASP I 192 2.75 -89.65 13.72
C ASP I 192 4.02 -89.65 12.90
N ALA I 193 5.11 -90.10 13.51
CA ALA I 193 6.40 -90.00 12.87
C ALA I 193 6.53 -91.04 11.77
N GLN I 194 7.27 -90.68 10.72
CA GLN I 194 7.59 -91.59 9.62
C GLN I 194 9.06 -91.97 9.74
N LEU I 195 9.31 -93.20 10.15
CA LEU I 195 10.66 -93.67 10.41
C LEU I 195 11.11 -94.81 9.52
N GLN I 196 10.20 -95.56 8.92
CA GLN I 196 10.57 -96.71 8.12
C GLN I 196 10.69 -96.33 6.65
N ALA I 197 11.48 -97.13 5.93
CA ALA I 197 11.71 -96.91 4.52
C ALA I 197 10.46 -97.23 3.71
N PRO I 198 10.24 -96.54 2.59
CA PRO I 198 9.06 -96.81 1.76
C PRO I 198 9.06 -98.21 1.15
N GLY I 199 10.12 -98.54 0.43
CA GLY I 199 10.22 -99.86 -0.21
C GLY I 199 10.28 -99.65 -1.71
N THR I 200 11.29 -100.27 -2.32
CA THR I 200 11.47 -100.20 -3.76
C THR I 200 10.40 -101.05 -4.45
N PRO I 201 9.96 -100.65 -5.65
CA PRO I 201 9.02 -101.49 -6.39
C PRO I 201 9.67 -102.79 -6.84
N VAL I 202 9.03 -103.90 -6.52
CA VAL I 202 9.57 -105.22 -6.83
C VAL I 202 9.23 -105.52 -8.28
N LYS I 203 10.14 -105.22 -9.19
CA LYS I 203 9.88 -105.43 -10.61
C LYS I 203 10.91 -106.37 -11.20
N GLY J 32 25.26 73.32 29.16
CA GLY J 32 23.92 73.24 29.72
C GLY J 32 23.36 71.84 29.72
N SER J 33 22.22 71.64 29.08
CA SER J 33 21.61 70.32 29.00
C SER J 33 21.20 70.03 27.57
N GLY J 34 20.50 68.94 27.35
CA GLY J 34 20.03 68.59 26.02
C GLY J 34 19.93 67.10 25.85
N PHE J 35 19.62 66.68 24.63
CA PHE J 35 19.44 65.26 24.35
C PHE J 35 19.67 65.02 22.87
N VAL J 36 20.77 64.34 22.54
CA VAL J 36 21.07 64.02 21.14
C VAL J 36 20.32 62.72 20.83
N ALA J 37 19.17 62.81 20.17
CA ALA J 37 18.39 61.63 19.85
C ALA J 37 18.81 61.09 18.49
N LYS J 38 19.01 59.78 18.43
CA LYS J 38 19.34 59.05 17.20
C LYS J 38 18.41 57.85 17.10
N ASP J 39 17.36 58.00 16.29
CA ASP J 39 16.35 56.95 16.03
C ASP J 39 15.61 56.52 17.27
N ASP J 40 15.35 57.47 18.16
CA ASP J 40 14.52 57.14 19.30
C ASP J 40 13.07 57.05 18.84
N SER J 41 12.21 56.49 19.68
CA SER J 41 10.91 56.05 19.21
C SER J 41 9.81 56.59 20.10
N LEU J 42 9.93 57.85 20.51
CA LEU J 42 8.87 58.67 21.10
C LEU J 42 8.37 58.19 22.45
N ARG J 43 8.83 57.05 22.94
CA ARG J 43 8.63 56.63 24.32
C ARG J 43 9.91 56.80 25.11
N THR J 44 11.03 56.53 24.47
CA THR J 44 12.35 56.85 24.99
C THR J 44 12.74 58.29 24.72
N PHE J 45 11.93 59.04 24.01
CA PHE J 45 12.26 60.44 23.79
C PHE J 45 11.61 61.37 24.81
N PHE J 46 10.35 61.13 25.16
CA PHE J 46 9.70 62.03 26.10
C PHE J 46 10.09 61.74 27.54
N ASP J 47 10.64 60.56 27.80
CA ASP J 47 11.20 60.31 29.12
C ASP J 47 12.50 61.06 29.32
N ALA J 48 13.21 61.41 28.25
CA ALA J 48 14.37 62.26 28.43
C ALA J 48 13.95 63.67 28.79
N MET J 49 12.75 64.07 28.38
CA MET J 49 12.17 65.35 28.75
C MET J 49 11.35 65.28 30.04
N ALA J 50 11.29 64.11 30.65
CA ALA J 50 10.48 63.93 31.85
C ALA J 50 11.18 64.37 33.12
N LEU J 51 12.31 65.06 33.03
CA LEU J 51 12.93 65.71 34.17
C LEU J 51 12.84 67.21 34.09
N GLN J 52 12.93 67.75 32.87
CA GLN J 52 12.69 69.17 32.69
C GLN J 52 11.21 69.49 32.84
N LEU J 53 10.34 68.70 32.22
CA LEU J 53 8.99 68.63 32.73
C LEU J 53 9.01 67.89 34.07
N LYS J 54 8.31 68.43 35.06
CA LYS J 54 8.36 67.85 36.39
C LYS J 54 7.27 66.83 36.64
N GLU J 55 6.71 66.24 35.59
CA GLU J 55 5.66 65.24 35.67
C GLU J 55 6.04 64.02 34.85
N PRO J 56 5.60 62.82 35.24
CA PRO J 56 5.85 61.66 34.39
C PRO J 56 4.98 61.70 33.15
N VAL J 57 5.53 61.23 32.03
CA VAL J 57 4.90 61.33 30.73
C VAL J 57 4.49 59.94 30.28
N ILE J 58 3.23 59.79 29.89
CA ILE J 58 2.69 58.51 29.44
C ILE J 58 2.29 58.63 27.98
N VAL J 59 2.94 57.85 27.13
CA VAL J 59 2.69 57.84 25.69
C VAL J 59 1.97 56.55 25.35
N SER J 60 0.99 56.61 24.45
CA SER J 60 0.18 55.45 24.13
C SER J 60 0.96 54.52 23.19
N LYS J 61 0.28 53.51 22.66
CA LYS J 61 0.98 52.53 21.83
C LYS J 61 1.01 52.89 20.35
N MET J 62 -0.02 53.54 19.83
CA MET J 62 0.02 53.92 18.42
C MET J 62 0.91 55.12 18.18
N ALA J 63 1.05 55.99 19.18
CA ALA J 63 1.89 57.17 19.05
C ALA J 63 3.33 56.89 19.41
N ALA J 64 3.69 55.64 19.67
CA ALA J 64 5.07 55.27 19.96
C ALA J 64 5.77 54.61 18.77
N ARG J 65 5.11 54.53 17.62
CA ARG J 65 5.76 54.00 16.43
C ARG J 65 6.51 55.05 15.62
N LYS J 66 6.16 56.33 15.71
CA LYS J 66 6.89 57.33 14.95
C LYS J 66 8.25 57.56 15.58
N LYS J 67 9.22 57.90 14.75
CA LYS J 67 10.59 58.04 15.18
C LYS J 67 11.09 59.44 14.90
N ILE J 68 12.19 59.80 15.56
CA ILE J 68 12.74 61.15 15.48
C ILE J 68 14.24 61.09 15.74
N THR J 69 14.99 61.92 15.02
CA THR J 69 16.42 62.08 15.20
C THR J 69 16.72 63.55 15.41
N GLY J 70 17.97 63.86 15.68
CA GLY J 70 18.41 65.24 15.79
C GLY J 70 18.93 65.54 17.18
N ASN J 71 19.49 66.73 17.31
CA ASN J 71 19.97 67.24 18.59
C ASN J 71 18.97 68.23 19.16
N PHE J 72 18.36 67.88 20.28
CA PHE J 72 17.37 68.76 20.88
C PHE J 72 17.91 69.35 22.18
N GLU J 73 17.32 70.47 22.58
CA GLU J 73 17.80 71.20 23.75
C GLU J 73 16.62 71.59 24.62
N PHE J 74 16.61 71.13 25.86
CA PHE J 74 15.52 71.40 26.78
C PHE J 74 15.94 72.56 27.69
N HIS J 75 15.35 73.74 27.48
CA HIS J 75 15.52 74.84 28.41
C HIS J 75 14.16 75.43 28.72
N ASP J 76 13.22 75.27 27.80
CA ASP J 76 11.80 75.52 28.06
C ASP J 76 10.97 74.44 27.39
N PRO J 77 10.48 73.48 28.15
CA PRO J 77 9.84 72.32 27.53
C PRO J 77 8.40 72.58 27.13
N ASN J 78 7.73 73.47 27.85
CA ASN J 78 6.33 73.72 27.54
C ASN J 78 6.15 74.53 26.26
N ALA J 79 7.20 75.21 25.79
CA ALA J 79 7.19 75.86 24.50
C ALA J 79 7.70 74.95 23.39
N LEU J 80 8.40 73.88 23.72
CA LEU J 80 8.88 72.94 22.72
C LEU J 80 7.89 71.82 22.46
N LEU J 81 7.19 71.39 23.50
CA LEU J 81 6.20 70.34 23.34
C LEU J 81 4.98 70.83 22.59
N GLU J 82 4.71 72.14 22.67
CA GLU J 82 3.62 72.73 21.91
C GLU J 82 3.95 72.76 20.43
N LYS J 83 5.21 73.05 20.10
CA LYS J 83 5.59 73.12 18.70
C LYS J 83 5.71 71.72 18.11
N LEU J 84 6.24 70.78 18.90
CA LEU J 84 6.39 69.43 18.37
C LEU J 84 5.09 68.67 18.33
N SER J 85 4.07 69.11 19.07
CA SER J 85 2.79 68.42 18.98
C SER J 85 1.99 68.84 17.77
N LEU J 86 2.46 69.85 17.05
CA LEU J 86 1.82 70.27 15.82
C LEU J 86 2.61 69.83 14.62
N GLN J 87 3.95 69.88 14.72
CA GLN J 87 4.74 69.40 13.60
C GLN J 87 4.70 67.89 13.47
N LEU J 88 4.58 67.16 14.56
CA LEU J 88 4.53 65.72 14.42
C LEU J 88 3.11 65.19 14.24
N GLY J 89 2.16 65.75 15.00
CA GLY J 89 0.77 65.36 14.96
C GLY J 89 0.45 64.45 16.11
N LEU J 90 -0.04 65.07 17.19
CA LEU J 90 -0.26 64.48 18.51
C LEU J 90 -1.21 65.37 19.27
N ILE J 91 -1.80 64.80 20.31
CA ILE J 91 -2.56 65.57 21.27
C ILE J 91 -2.06 65.18 22.64
N TRP J 92 -2.09 66.13 23.55
CA TRP J 92 -1.57 65.90 24.89
C TRP J 92 -2.47 66.56 25.91
N TYR J 93 -2.27 66.18 27.17
CA TYR J 93 -3.13 66.68 28.23
C TYR J 93 -2.43 66.52 29.56
N PHE J 94 -2.55 67.54 30.41
CA PHE J 94 -1.93 67.55 31.72
C PHE J 94 -3.02 67.73 32.78
N ASP J 95 -3.22 66.71 33.61
CA ASP J 95 -4.33 66.71 34.55
C ASP J 95 -3.91 67.12 35.95
N GLY J 96 -2.63 67.34 36.20
CA GLY J 96 -2.14 67.74 37.50
C GLY J 96 -1.12 66.81 38.11
N GLN J 97 -1.06 65.56 37.65
CA GLN J 97 -0.10 64.60 38.17
C GLN J 97 0.74 63.93 37.10
N ALA J 98 0.29 63.90 35.85
CA ALA J 98 1.06 63.32 34.77
C ALA J 98 0.68 64.01 33.48
N ILE J 99 1.44 63.73 32.42
CA ILE J 99 1.16 64.26 31.10
C ILE J 99 0.90 63.10 30.16
N TYR J 100 -0.31 63.05 29.61
CA TYR J 100 -0.66 61.99 28.68
C TYR J 100 -0.49 62.49 27.25
N ILE J 101 -0.06 61.57 26.38
CA ILE J 101 0.22 61.87 24.98
C ILE J 101 -0.37 60.78 24.10
N TYR J 102 -1.24 61.18 23.17
CA TYR J 102 -1.82 60.33 22.16
C TYR J 102 -1.46 60.93 20.81
N ASP J 103 -1.81 60.24 19.74
CA ASP J 103 -1.66 60.84 18.43
C ASP J 103 -2.98 61.44 18.00
N ALA J 104 -2.95 62.13 16.86
CA ALA J 104 -4.06 62.98 16.47
C ALA J 104 -5.29 62.18 16.05
N SER J 105 -5.09 60.96 15.57
CA SER J 105 -6.21 60.17 15.06
C SER J 105 -6.90 59.36 16.15
N GLU J 106 -6.69 59.70 17.42
CA GLU J 106 -7.35 58.99 18.50
C GLU J 106 -8.38 59.85 19.24
N MET J 107 -8.68 61.05 18.75
CA MET J 107 -9.61 61.92 19.44
C MET J 107 -11.03 61.41 19.27
N ARG J 108 -11.77 61.36 20.37
CA ARG J 108 -13.16 60.93 20.38
C ARG J 108 -14.02 62.04 20.96
N ASN J 109 -15.29 62.05 20.57
CA ASN J 109 -16.23 63.09 20.91
C ASN J 109 -17.40 62.53 21.69
N ALA J 110 -18.19 63.44 22.26
CA ALA J 110 -19.34 63.06 23.07
C ALA J 110 -20.29 64.23 23.16
N VAL J 111 -21.58 63.91 23.13
CA VAL J 111 -22.66 64.86 23.34
C VAL J 111 -23.45 64.41 24.57
N VAL J 112 -23.36 65.19 25.64
CA VAL J 112 -23.98 64.77 26.88
C VAL J 112 -24.99 65.81 27.35
N SER J 113 -25.99 65.31 28.08
CA SER J 113 -27.11 66.10 28.56
C SER J 113 -27.20 65.98 30.07
N LEU J 114 -27.69 67.04 30.68
CA LEU J 114 -27.91 67.18 32.11
C LEU J 114 -29.39 67.50 32.34
N ARG J 115 -29.89 67.13 33.52
CA ARG J 115 -31.30 67.28 33.82
C ARG J 115 -31.57 68.43 34.77
N ASN J 116 -30.73 68.60 35.79
CA ASN J 116 -30.96 69.59 36.83
C ASN J 116 -29.79 70.50 37.14
N VAL J 117 -28.65 70.35 36.50
CA VAL J 117 -27.57 71.32 36.63
C VAL J 117 -27.21 71.92 35.27
N SER J 118 -26.73 73.18 35.27
CA SER J 118 -26.46 73.87 34.02
C SER J 118 -24.96 73.81 33.69
N LEU J 119 -24.56 74.53 32.64
CA LEU J 119 -23.15 74.61 32.26
C LEU J 119 -22.29 75.49 33.17
N ASN J 120 -22.87 76.51 33.82
CA ASN J 120 -22.04 77.38 34.66
C ASN J 120 -21.61 76.73 35.97
N GLU J 121 -22.42 75.80 36.49
CA GLU J 121 -22.02 75.06 37.68
C GLU J 121 -20.93 74.06 37.34
N PHE J 122 -21.01 73.49 36.15
CA PHE J 122 -20.04 72.47 35.79
C PHE J 122 -18.73 73.16 35.42
N ASN J 123 -18.81 74.34 34.81
CA ASN J 123 -17.61 75.08 34.49
C ASN J 123 -16.98 75.64 35.76
N ASN J 124 -17.79 75.90 36.78
CA ASN J 124 -17.20 76.31 38.04
C ASN J 124 -16.64 75.13 38.80
N PHE J 125 -17.15 73.92 38.54
CA PHE J 125 -16.51 72.76 39.17
C PHE J 125 -15.14 72.52 38.57
N LEU J 126 -14.98 72.79 37.27
CA LEU J 126 -13.64 72.56 36.72
C LEU J 126 -12.70 73.69 37.11
N LYS J 127 -13.20 74.93 37.22
CA LYS J 127 -12.28 76.01 37.58
C LYS J 127 -11.88 75.92 39.04
N ARG J 128 -12.76 75.40 39.90
CA ARG J 128 -12.39 75.26 41.31
C ARG J 128 -11.57 74.01 41.56
N SER J 129 -11.81 72.94 40.80
CA SER J 129 -11.01 71.74 40.96
C SER J 129 -9.62 71.88 40.35
N GLY J 130 -9.51 72.60 39.23
CA GLY J 130 -8.24 72.73 38.56
C GLY J 130 -8.06 71.86 37.34
N LEU J 131 -9.12 71.25 36.83
CA LEU J 131 -9.05 70.42 35.64
C LEU J 131 -9.52 71.14 34.38
N TYR J 132 -9.74 72.44 34.44
CA TYR J 132 -10.21 73.17 33.27
C TYR J 132 -9.07 73.38 32.28
N ASN J 133 -9.22 72.82 31.08
CA ASN J 133 -8.23 72.93 30.02
C ASN J 133 -8.71 73.92 28.97
N LYS J 134 -7.91 74.97 28.73
CA LYS J 134 -8.32 76.04 27.84
C LYS J 134 -8.17 75.71 26.37
N ASN J 135 -7.53 74.60 26.03
CA ASN J 135 -7.38 74.28 24.62
C ASN J 135 -8.49 73.40 24.11
N TYR J 136 -9.10 72.60 24.98
CA TYR J 136 -10.23 71.74 24.63
C TYR J 136 -11.39 72.15 25.54
N PRO J 137 -12.08 73.23 25.23
CA PRO J 137 -13.17 73.70 26.08
C PRO J 137 -14.46 72.95 25.78
N LEU J 138 -15.51 73.37 26.49
CA LEU J 138 -16.84 72.81 26.33
C LEU J 138 -17.71 73.71 25.47
N ARG J 139 -18.24 73.18 24.38
CA ARG J 139 -19.12 73.96 23.50
C ARG J 139 -20.56 73.68 23.85
N GLY J 140 -21.33 74.75 24.11
CA GLY J 140 -22.73 74.59 24.41
C GLY J 140 -23.34 75.90 24.87
N ASP J 141 -24.65 75.85 25.12
CA ASP J 141 -25.37 76.99 25.66
C ASP J 141 -24.99 77.17 27.12
N ASN J 142 -24.95 78.42 27.56
CA ASN J 142 -24.47 78.72 28.90
C ASN J 142 -25.50 78.38 29.98
N ARG J 143 -26.79 78.36 29.64
CA ARG J 143 -27.84 77.95 30.57
C ARG J 143 -28.69 76.91 29.87
N LYS J 144 -28.23 75.66 29.88
CA LYS J 144 -28.95 74.57 29.26
C LYS J 144 -28.43 73.27 29.89
N GLY J 145 -28.86 72.14 29.35
CA GLY J 145 -28.40 70.88 29.87
C GLY J 145 -27.45 70.15 28.94
N THR J 146 -27.44 70.47 27.66
CA THR J 146 -26.66 69.72 26.69
C THR J 146 -25.44 70.49 26.25
N PHE J 147 -24.34 69.78 26.02
CA PHE J 147 -23.18 70.41 25.41
C PHE J 147 -22.42 69.37 24.59
N TYR J 148 -21.25 69.75 24.10
CA TYR J 148 -20.47 68.92 23.18
C TYR J 148 -19.01 68.97 23.58
N VAL J 149 -18.44 67.79 23.84
CA VAL J 149 -17.06 67.63 24.28
C VAL J 149 -16.27 66.92 23.20
N SER J 150 -15.02 67.35 23.02
CA SER J 150 -14.10 66.70 22.08
C SER J 150 -12.69 66.96 22.56
N GLY J 151 -11.93 65.90 22.81
CA GLY J 151 -10.56 66.02 23.28
C GLY J 151 -9.86 64.69 23.41
N PRO J 152 -8.88 64.60 24.31
CA PRO J 152 -8.18 63.34 24.54
C PRO J 152 -9.09 62.31 25.20
N PRO J 153 -8.80 61.01 25.00
CA PRO J 153 -9.70 59.97 25.53
C PRO J 153 -9.69 59.82 27.03
N VAL J 154 -8.73 60.41 27.74
CA VAL J 154 -8.80 60.41 29.18
C VAL J 154 -9.53 61.64 29.67
N TYR J 155 -9.67 62.65 28.82
CA TYR J 155 -10.41 63.85 29.20
C TYR J 155 -11.91 63.69 28.97
N VAL J 156 -12.30 63.06 27.87
CA VAL J 156 -13.74 62.93 27.63
C VAL J 156 -14.34 61.88 28.55
N ASP J 157 -13.58 60.83 28.89
CA ASP J 157 -14.05 59.79 29.77
C ASP J 157 -14.12 60.27 31.21
N MET J 158 -13.47 61.39 31.52
CA MET J 158 -13.60 61.96 32.85
C MET J 158 -14.75 62.95 32.90
N VAL J 159 -14.93 63.76 31.86
CA VAL J 159 -16.00 64.75 31.91
C VAL J 159 -17.37 64.10 31.80
N VAL J 160 -17.50 63.03 31.01
CA VAL J 160 -18.79 62.36 30.88
C VAL J 160 -19.14 61.63 32.18
N ASN J 161 -18.14 61.05 32.84
CA ASN J 161 -18.40 60.34 34.08
C ASN J 161 -18.70 61.31 35.20
N ALA J 162 -17.98 62.44 35.25
CA ALA J 162 -18.23 63.37 36.33
C ALA J 162 -19.44 64.25 36.04
N ALA J 163 -20.05 64.10 34.86
CA ALA J 163 -21.29 64.80 34.57
C ALA J 163 -22.49 63.93 34.81
N THR J 164 -22.36 62.62 34.59
CA THR J 164 -23.46 61.72 34.87
C THR J 164 -23.44 61.25 36.32
N MET J 165 -22.38 61.56 37.07
CA MET J 165 -22.32 61.27 38.49
C MET J 165 -22.58 62.48 39.36
N MET J 166 -22.77 63.65 38.76
CA MET J 166 -23.06 64.90 39.47
C MET J 166 -24.54 65.23 39.44
N ASP J 167 -25.21 65.04 38.30
CA ASP J 167 -26.64 65.30 38.24
C ASP J 167 -27.42 64.23 38.98
N LYS J 168 -26.87 63.03 39.09
CA LYS J 168 -27.53 61.98 39.85
C LYS J 168 -27.39 62.17 41.35
N GLN J 169 -26.49 63.05 41.79
CA GLN J 169 -26.40 63.33 43.22
C GLN J 169 -27.59 64.13 43.70
N ASN J 170 -28.19 64.93 42.83
CA ASN J 170 -29.34 65.75 43.20
C ASN J 170 -30.64 65.05 42.85
N LYS K 27 39.58 41.55 50.11
CA LYS K 27 39.78 41.16 48.72
C LYS K 27 38.75 41.79 47.79
N ILE K 28 38.01 42.77 48.32
CA ILE K 28 37.08 43.57 47.53
C ILE K 28 37.69 44.96 47.45
N PRO K 29 38.56 45.25 46.48
CA PRO K 29 39.30 46.52 46.56
C PRO K 29 38.50 47.73 46.09
N VAL K 30 37.89 48.47 47.02
CA VAL K 30 37.42 49.83 46.79
C VAL K 30 37.62 50.51 48.16
N THR K 31 37.76 51.84 48.16
CA THR K 31 38.04 52.53 49.41
C THR K 31 36.76 53.01 50.10
N GLY K 32 35.86 53.65 49.35
CA GLY K 32 34.73 54.35 49.92
C GLY K 32 33.50 53.51 50.19
N SER K 33 32.32 54.09 49.97
CA SER K 33 31.04 53.41 50.15
C SER K 33 30.19 53.62 48.90
N GLY K 34 29.41 52.61 48.53
CA GLY K 34 28.57 52.72 47.36
C GLY K 34 28.24 51.38 46.78
N PHE K 35 27.35 51.40 45.78
CA PHE K 35 26.89 50.20 45.10
C PHE K 35 27.31 50.20 43.64
N VAL K 36 28.04 49.17 43.22
CA VAL K 36 28.44 49.01 41.81
C VAL K 36 27.52 48.00 41.15
N ALA K 37 26.81 48.42 40.10
CA ALA K 37 25.86 47.58 39.39
C ALA K 37 26.36 47.33 37.97
N LYS K 38 26.50 46.06 37.61
CA LYS K 38 26.89 45.65 36.25
C LYS K 38 25.73 44.90 35.61
N ASP K 39 24.89 45.64 34.87
CA ASP K 39 23.73 45.13 34.14
C ASP K 39 22.74 44.45 35.10
N ASP K 40 22.30 45.22 36.09
CA ASP K 40 21.24 44.77 36.98
C ASP K 40 19.88 44.94 36.32
N SER K 41 18.89 44.24 36.88
CA SER K 41 17.57 44.14 36.28
C SER K 41 16.52 44.97 37.01
N LEU K 42 16.95 46.02 37.71
CA LEU K 42 16.15 47.03 38.39
C LEU K 42 15.32 46.47 39.55
N ARG K 43 15.48 45.19 39.85
CA ARG K 43 14.92 44.58 41.04
CA ARG K 43 14.92 44.57 41.04
C ARG K 43 15.98 44.26 42.08
N THR K 44 17.11 43.71 41.66
CA THR K 44 18.22 43.53 42.57
C THR K 44 18.93 44.84 42.87
N PHE K 45 18.70 45.89 42.09
CA PHE K 45 19.25 47.19 42.44
C PHE K 45 18.46 47.80 43.61
N PHE K 46 17.14 47.85 43.46
CA PHE K 46 16.35 48.45 44.52
C PHE K 46 16.24 47.57 45.75
N ASP K 47 16.51 46.26 45.65
CA ASP K 47 16.62 45.49 46.90
C ASP K 47 17.90 45.82 47.64
N ALA K 48 18.92 46.28 46.92
CA ALA K 48 20.17 46.70 47.55
C ALA K 48 20.04 48.07 48.19
N MET K 49 19.09 48.87 47.74
CA MET K 49 18.82 50.14 48.42
C MET K 49 17.84 50.00 49.58
N ALA K 50 17.46 48.78 49.93
CA ALA K 50 16.44 48.52 50.93
C ALA K 50 16.96 48.45 52.34
N LEU K 51 18.22 48.81 52.58
CA LEU K 51 18.67 48.99 53.94
C LEU K 51 18.87 50.44 54.28
N GLN K 52 19.32 51.24 53.32
CA GLN K 52 19.37 52.67 53.55
C GLN K 52 17.96 53.24 53.62
N LEU K 53 17.10 52.90 52.65
CA LEU K 53 15.69 52.97 52.95
C LEU K 53 15.37 51.93 54.02
N LYS K 54 14.68 52.34 55.08
CA LYS K 54 14.43 51.41 56.17
C LYS K 54 13.14 50.61 55.97
N GLU K 55 12.64 50.54 54.75
CA GLU K 55 11.40 49.84 54.44
C GLU K 55 11.66 48.90 53.27
N PRO K 56 10.99 47.77 53.19
CA PRO K 56 11.15 46.91 52.02
C PRO K 56 10.48 47.49 50.79
N VAL K 57 11.04 47.14 49.64
CA VAL K 57 10.62 47.67 48.34
C VAL K 57 9.97 46.58 47.51
N ILE K 58 8.82 46.89 46.94
CA ILE K 58 8.06 45.95 46.13
C ILE K 58 7.96 46.52 44.72
N VAL K 59 8.77 46.00 43.81
CA VAL K 59 8.78 46.45 42.42
C VAL K 59 7.87 45.56 41.59
N SER K 60 7.11 46.16 40.68
CA SER K 60 6.12 45.42 39.91
C SER K 60 6.80 44.61 38.81
N LYS K 61 5.97 43.98 37.96
CA LYS K 61 6.44 43.05 36.95
C LYS K 61 6.81 43.72 35.64
N MET K 62 6.03 44.71 35.19
CA MET K 62 6.37 45.37 33.93
C MET K 62 7.54 46.31 34.11
N ALA K 63 7.67 46.90 35.29
CA ALA K 63 8.76 47.79 35.63
C ALA K 63 10.04 47.06 35.99
N ALA K 64 10.07 45.72 35.93
CA ALA K 64 11.30 44.99 36.19
C ALA K 64 12.00 44.50 34.93
N ARG K 65 11.59 44.96 33.76
CA ARG K 65 12.32 44.61 32.56
C ARG K 65 13.38 45.62 32.18
N LYS K 66 13.41 46.79 32.81
CA LYS K 66 14.45 47.75 32.49
C LYS K 66 15.71 47.45 33.27
N LYS K 67 16.83 48.04 32.83
CA LYS K 67 18.12 47.74 33.39
C LYS K 67 18.88 49.02 33.73
N ILE K 68 19.91 48.84 34.55
CA ILE K 68 20.74 49.95 34.99
C ILE K 68 22.16 49.45 35.21
N THR K 69 23.12 50.33 34.96
CA THR K 69 24.54 49.99 35.07
C THR K 69 25.31 51.22 35.52
N GLY K 70 26.09 51.11 36.58
CA GLY K 70 26.90 52.23 37.01
C GLY K 70 27.30 52.10 38.47
N ASN K 71 27.96 53.14 38.97
CA ASN K 71 28.39 53.20 40.35
C ASN K 71 27.60 54.27 41.08
N PHE K 72 26.86 53.86 42.11
CA PHE K 72 25.96 54.77 42.81
C PHE K 72 26.36 54.93 44.27
N GLU K 73 25.67 55.86 44.93
CA GLU K 73 26.02 56.25 46.30
C GLU K 73 24.80 56.87 46.98
N PHE K 74 24.35 56.27 48.08
CA PHE K 74 23.15 56.69 48.81
C PHE K 74 23.53 57.35 50.12
N HIS K 75 23.72 58.66 50.10
CA HIS K 75 23.86 59.37 51.36
C HIS K 75 22.52 59.89 51.87
N ASP K 76 21.60 60.20 50.96
CA ASP K 76 20.18 60.29 51.27
C ASP K 76 19.34 59.65 50.17
N PRO K 77 18.50 58.71 50.51
CA PRO K 77 17.87 57.89 49.48
C PRO K 77 16.61 58.51 48.90
N ASN K 78 15.90 59.33 49.66
CA ASN K 78 14.64 59.87 49.17
C ASN K 78 14.81 60.94 48.11
N ALA K 79 15.99 61.55 48.00
CA ALA K 79 16.23 62.46 46.89
C ALA K 79 16.74 61.72 45.67
N LEU K 80 17.50 60.65 45.88
CA LEU K 80 17.94 59.83 44.75
C LEU K 80 16.77 59.08 44.15
N LEU K 81 15.80 58.66 44.97
CA LEU K 81 14.69 57.92 44.44
C LEU K 81 13.78 58.84 43.65
N GLU K 82 13.72 60.11 44.06
CA GLU K 82 12.90 61.07 43.36
C GLU K 82 13.53 61.46 42.03
N LYS K 83 14.85 61.62 42.01
CA LYS K 83 15.47 62.01 40.76
C LYS K 83 15.55 60.82 39.79
N LEU K 84 15.79 59.62 40.31
CA LEU K 84 15.82 58.46 39.46
C LEU K 84 14.45 58.04 38.97
N SER K 85 13.38 58.42 39.67
CA SER K 85 12.07 58.03 39.20
C SER K 85 11.63 58.87 38.02
N LEU K 86 12.24 60.03 37.85
CA LEU K 86 11.88 60.91 36.76
C LEU K 86 12.82 60.74 35.59
N GLN K 87 14.09 60.41 35.85
CA GLN K 87 14.97 60.16 34.71
C GLN K 87 14.67 58.81 34.10
N LEU K 88 14.39 57.79 34.92
CA LEU K 88 14.02 56.50 34.34
C LEU K 88 12.58 56.48 33.87
N GLY K 89 11.67 57.07 34.64
CA GLY K 89 10.28 57.07 34.26
C GLY K 89 9.64 55.97 35.06
N LEU K 90 9.06 56.36 36.19
CA LEU K 90 8.56 55.43 37.20
C LEU K 90 7.55 56.18 38.05
N ILE K 91 6.77 55.43 38.81
CA ILE K 91 5.95 56.01 39.85
C ILE K 91 6.17 55.20 41.11
N TRP K 92 5.99 55.82 42.26
CA TRP K 92 6.27 55.15 43.51
C TRP K 92 5.37 55.69 44.60
N TYR K 93 5.14 54.88 45.63
CA TYR K 93 4.23 55.26 46.69
C TYR K 93 4.66 54.60 47.98
N PHE K 94 4.57 55.34 49.08
CA PHE K 94 4.99 54.86 50.39
C PHE K 94 3.78 54.88 51.30
N ASP K 95 3.32 53.71 51.75
CA ASP K 95 2.12 53.60 52.56
C ASP K 95 2.42 53.31 54.02
N GLY K 96 3.56 53.77 54.52
CA GLY K 96 3.88 53.63 55.92
C GLY K 96 4.62 52.36 56.28
N GLN K 97 4.53 51.31 55.47
CA GLN K 97 5.18 50.04 55.77
C GLN K 97 6.10 49.56 54.66
N ALA K 98 5.83 49.89 53.41
CA ALA K 98 6.66 49.45 52.30
C ALA K 98 6.63 50.49 51.20
N ILE K 99 7.48 50.31 50.21
CA ILE K 99 7.57 51.23 49.08
C ILE K 99 7.19 50.47 47.81
N TYR K 100 6.05 50.81 47.23
CA TYR K 100 5.60 50.18 45.99
C TYR K 100 6.11 50.99 44.80
N ILE K 101 6.76 50.30 43.86
CA ILE K 101 7.36 50.93 42.69
C ILE K 101 6.73 50.35 41.43
N TYR K 102 6.13 51.20 40.62
CA TYR K 102 5.58 50.82 39.32
C TYR K 102 6.30 51.63 38.25
N ASP K 103 5.93 51.40 37.00
CA ASP K 103 6.38 52.22 35.90
C ASP K 103 5.27 53.16 35.44
N ALA K 104 5.60 53.99 34.45
CA ALA K 104 4.71 55.07 34.07
C ALA K 104 3.46 54.59 33.35
N SER K 105 3.51 53.47 32.66
CA SER K 105 2.38 53.02 31.88
C SER K 105 1.39 52.19 32.69
N GLU K 106 1.45 52.27 34.00
CA GLU K 106 0.48 51.58 34.85
C GLU K 106 -0.33 52.51 35.73
N MET K 107 -0.26 53.81 35.51
CA MET K 107 -1.03 54.73 36.33
C MET K 107 -2.49 54.65 35.92
N ARG K 108 -3.35 54.34 36.87
CA ARG K 108 -4.77 54.21 36.63
C ARG K 108 -5.53 55.28 37.40
N ASN K 109 -6.74 55.59 36.93
CA ASN K 109 -7.55 56.65 37.50
C ASN K 109 -9.00 56.24 37.50
N ALA K 110 -9.79 56.93 38.33
CA ALA K 110 -11.20 56.63 38.48
C ALA K 110 -11.91 57.87 39.03
N VAL K 111 -13.21 57.95 38.77
CA VAL K 111 -14.05 59.01 39.30
C VAL K 111 -15.06 58.39 40.26
N VAL K 112 -15.15 58.96 41.47
CA VAL K 112 -16.01 58.44 42.52
C VAL K 112 -16.90 59.55 43.01
N SER K 113 -18.15 59.22 43.32
CA SER K 113 -19.17 60.17 43.75
C SER K 113 -19.65 59.78 45.13
N LEU K 114 -19.36 60.60 46.13
CA LEU K 114 -19.84 60.32 47.47
C LEU K 114 -21.27 60.81 47.61
N ARG K 115 -21.88 60.49 48.74
CA ARG K 115 -23.28 60.84 48.93
C ARG K 115 -23.57 61.62 50.20
N ASN K 116 -22.90 61.31 51.31
CA ASN K 116 -23.24 61.96 52.57
C ASN K 116 -22.02 62.38 53.39
N VAL K 117 -20.81 62.26 52.85
CA VAL K 117 -19.61 62.78 53.50
C VAL K 117 -18.89 63.67 52.50
N SER K 118 -18.27 64.74 52.98
CA SER K 118 -17.63 65.65 52.04
C SER K 118 -16.18 65.27 51.78
N LEU K 119 -15.64 65.83 50.70
CA LEU K 119 -14.23 65.65 50.37
C LEU K 119 -13.32 66.39 51.34
N ASN K 120 -13.78 67.54 51.85
CA ASN K 120 -12.96 68.36 52.72
C ASN K 120 -12.77 67.72 54.08
N GLU K 121 -13.66 66.81 54.48
CA GLU K 121 -13.52 66.08 55.71
C GLU K 121 -13.06 64.64 55.50
N PHE K 122 -13.22 64.09 54.30
CA PHE K 122 -12.55 62.84 53.97
C PHE K 122 -11.04 63.04 53.87
N ASN K 123 -10.63 64.24 53.45
CA ASN K 123 -9.22 64.57 53.42
C ASN K 123 -8.65 64.64 54.82
N ASN K 124 -9.47 64.94 55.84
CA ASN K 124 -8.98 64.88 57.20
C ASN K 124 -8.79 63.44 57.66
N PHE K 125 -9.53 62.50 57.06
CA PHE K 125 -9.30 61.10 57.39
C PHE K 125 -7.99 60.64 56.80
N LEU K 126 -7.67 61.14 55.60
CA LEU K 126 -6.40 60.74 54.99
C LEU K 126 -5.23 61.43 55.67
N LYS K 127 -5.47 62.62 56.22
CA LYS K 127 -4.38 63.33 56.90
C LYS K 127 -4.15 62.74 58.27
N ARG K 128 -5.21 62.30 58.93
CA ARG K 128 -5.06 61.74 60.26
C ARG K 128 -4.47 60.35 60.18
N SER K 129 -4.79 59.60 59.11
CA SER K 129 -4.29 58.23 59.02
C SER K 129 -2.84 58.24 58.59
N GLY K 130 -2.51 58.93 57.50
CA GLY K 130 -1.13 58.93 57.07
C GLY K 130 -0.93 58.54 55.63
N LEU K 131 -2.03 58.48 54.88
CA LEU K 131 -1.98 58.14 53.47
C LEU K 131 -2.08 59.38 52.59
N TYR K 132 -1.99 60.57 53.17
CA TYR K 132 -2.04 61.77 52.34
C TYR K 132 -0.72 61.92 51.61
N ASN K 133 -0.79 62.05 50.29
CA ASN K 133 0.36 62.19 49.41
C ASN K 133 0.18 63.46 48.59
N LYS K 134 1.07 64.43 48.78
CA LYS K 134 0.92 65.69 48.09
C LYS K 134 1.26 65.62 46.62
N ASN K 135 1.90 64.55 46.15
CA ASN K 135 2.20 64.47 44.73
C ASN K 135 0.97 64.06 43.94
N TYR K 136 0.08 63.28 44.55
CA TYR K 136 -1.15 62.83 43.93
C TYR K 136 -2.31 63.21 44.84
N PRO K 137 -2.74 64.45 44.80
CA PRO K 137 -3.82 64.91 45.67
C PRO K 137 -5.17 64.49 45.10
N LEU K 138 -6.22 64.90 45.78
CA LEU K 138 -7.57 64.58 45.34
C LEU K 138 -8.14 65.79 44.63
N ARG K 139 -8.48 65.63 43.35
CA ARG K 139 -9.04 66.71 42.56
C ARG K 139 -10.55 66.67 42.60
N GLY K 140 -11.16 67.76 43.07
CA GLY K 140 -12.60 67.84 43.14
C GLY K 140 -13.01 69.09 43.87
N ASP K 141 -14.32 69.31 43.88
CA ASP K 141 -14.86 70.46 44.60
C ASP K 141 -14.76 70.23 46.10
N ASN K 142 -14.62 71.34 46.83
CA ASN K 142 -14.29 71.25 48.25
C ASN K 142 -15.49 70.82 49.08
N ARG K 143 -16.68 71.34 48.78
CA ARG K 143 -17.89 70.91 49.49
C ARG K 143 -18.82 70.26 48.48
N LYS K 144 -18.55 68.99 48.18
CA LYS K 144 -19.33 68.26 47.19
C LYS K 144 -19.17 66.77 47.50
N GLY K 145 -19.55 65.93 46.55
CA GLY K 145 -19.45 64.50 46.74
C GLY K 145 -18.65 63.81 45.67
N THR K 146 -18.38 64.48 44.56
CA THR K 146 -17.68 63.89 43.44
C THR K 146 -16.28 64.48 43.33
N PHE K 147 -15.29 63.61 43.17
CA PHE K 147 -13.93 64.07 42.92
C PHE K 147 -13.23 63.08 41.99
N TYR K 148 -11.97 63.37 41.71
CA TYR K 148 -11.19 62.66 40.70
C TYR K 148 -9.83 62.32 41.29
N VAL K 149 -9.43 61.07 41.15
CA VAL K 149 -8.20 60.55 41.71
C VAL K 149 -7.39 59.87 40.63
N SER K 150 -6.07 60.02 40.71
CA SER K 150 -5.18 59.40 39.75
C SER K 150 -3.85 59.13 40.45
N GLY K 151 -3.34 57.92 40.32
CA GLY K 151 -2.09 57.58 40.93
C GLY K 151 -1.66 56.15 40.69
N PRO K 152 -0.84 55.62 41.59
CA PRO K 152 -0.42 54.22 41.49
C PRO K 152 -1.59 53.28 41.76
N PRO K 153 -1.51 52.04 41.27
CA PRO K 153 -2.65 51.12 41.42
C PRO K 153 -2.87 50.62 42.84
N VAL K 154 -1.92 50.80 43.75
CA VAL K 154 -2.17 50.43 45.13
C VAL K 154 -2.76 51.60 45.89
N TYR K 155 -2.63 52.82 45.38
CA TYR K 155 -3.19 54.00 46.00
C TYR K 155 -4.62 54.23 45.54
N VAL K 156 -4.90 53.96 44.27
CA VAL K 156 -6.23 54.18 43.74
C VAL K 156 -7.17 53.12 44.28
N ASP K 157 -6.71 51.86 44.33
CA ASP K 157 -7.56 50.77 44.79
C ASP K 157 -7.76 50.80 46.30
N MET K 158 -7.07 51.68 47.01
CA MET K 158 -7.35 51.94 48.41
C MET K 158 -8.34 53.09 48.57
N VAL K 159 -8.14 54.16 47.80
CA VAL K 159 -9.00 55.34 47.91
C VAL K 159 -10.42 55.03 47.46
N VAL K 160 -10.58 54.22 46.40
CA VAL K 160 -11.92 53.87 45.94
C VAL K 160 -12.61 52.95 46.96
N ASN K 161 -11.86 52.00 47.51
CA ASN K 161 -12.46 51.04 48.43
C ASN K 161 -12.74 51.66 49.79
N ALA K 162 -12.09 52.76 50.15
CA ALA K 162 -12.43 53.34 51.44
C ALA K 162 -13.48 54.43 51.30
N ALA K 163 -13.52 55.10 50.15
CA ALA K 163 -14.54 56.12 49.96
C ALA K 163 -15.91 55.49 49.73
N THR K 164 -15.97 54.40 48.99
CA THR K 164 -17.28 53.77 48.87
C THR K 164 -17.60 52.84 50.03
N MET K 165 -16.74 52.77 51.04
CA MET K 165 -17.08 52.07 52.28
C MET K 165 -17.37 53.02 53.44
N MET K 166 -17.19 54.33 53.27
CA MET K 166 -17.64 55.22 54.33
C MET K 166 -19.07 55.68 54.16
N ASP K 167 -19.59 55.69 52.94
CA ASP K 167 -21.00 56.03 52.71
C ASP K 167 -21.90 54.93 53.24
N LYS K 168 -21.49 53.67 53.09
CA LYS K 168 -22.28 52.60 53.69
C LYS K 168 -22.11 52.58 55.20
N GLN K 169 -21.05 53.22 55.73
CA GLN K 169 -20.96 53.32 57.18
C GLN K 169 -21.96 54.36 57.69
N ASN K 170 -22.19 55.41 56.90
CA ASN K 170 -23.16 56.42 57.31
C ASN K 170 -24.47 56.20 56.54
N GLY L 32 32.48 30.40 69.27
CA GLY L 32 31.90 29.28 69.99
C GLY L 32 30.75 28.63 69.24
N SER L 33 30.11 29.39 68.35
CA SER L 33 29.02 28.88 67.54
C SER L 33 29.17 29.43 66.13
N GLY L 34 28.19 29.15 65.28
CA GLY L 34 28.19 29.70 63.94
C GLY L 34 27.97 28.67 62.85
N PHE L 35 27.38 29.13 61.75
CA PHE L 35 27.10 28.29 60.60
C PHE L 35 28.08 28.64 59.48
N VAL L 36 28.55 27.64 58.75
CA VAL L 36 29.44 27.89 57.62
C VAL L 36 28.67 27.53 56.36
N ALA L 37 28.06 28.51 55.72
CA ALA L 37 27.20 28.25 54.59
C ALA L 37 28.01 28.14 53.31
N LYS L 38 27.76 27.07 52.55
CA LYS L 38 28.33 26.87 51.22
C LYS L 38 27.22 26.47 50.26
N ASP L 39 26.60 27.50 49.67
CA ASP L 39 25.59 27.40 48.63
C ASP L 39 24.36 26.66 49.14
N ASP L 40 23.75 27.23 50.16
CA ASP L 40 22.52 26.70 50.72
C ASP L 40 21.32 27.33 50.04
N SER L 41 20.11 27.11 50.57
CA SER L 41 18.92 27.49 49.82
C SER L 41 17.87 28.19 50.67
N LEU L 42 18.27 28.85 51.76
CA LEU L 42 17.43 29.64 52.66
C LEU L 42 16.32 28.87 53.38
N ARG L 43 16.23 27.56 53.21
CA ARG L 43 15.43 26.74 54.08
C ARG L 43 16.28 25.82 54.94
N THR L 44 17.35 25.31 54.36
CA THR L 44 18.42 24.70 55.15
C THR L 44 19.08 25.72 56.06
N PHE L 45 19.18 26.97 55.61
CA PHE L 45 19.92 27.96 56.38
C PHE L 45 19.15 28.44 57.59
N PHE L 46 17.89 28.83 57.41
CA PHE L 46 17.19 29.46 58.53
C PHE L 46 16.72 28.45 59.57
N ASP L 47 16.72 27.16 59.26
CA ASP L 47 16.48 26.15 60.28
C ASP L 47 17.67 25.95 61.19
N ALA L 48 18.88 26.29 60.74
CA ALA L 48 20.04 26.24 61.62
C ALA L 48 20.01 27.34 62.66
N MET L 49 19.32 28.44 62.38
CA MET L 49 19.11 29.53 63.33
C MET L 49 17.92 29.30 64.24
N ALA L 50 17.21 28.19 64.07
CA ALA L 50 16.02 27.89 64.84
C ALA L 50 16.31 27.31 66.20
N LEU L 51 17.57 27.25 66.59
CA LEU L 51 17.95 26.88 67.94
C LEU L 51 18.36 28.10 68.74
N GLN L 52 19.07 29.03 68.11
CA GLN L 52 19.42 30.27 68.76
C GLN L 52 18.20 31.17 68.92
N LEU L 53 17.38 31.28 67.88
CA LEU L 53 15.99 31.69 68.08
C LEU L 53 15.24 30.53 68.71
N LYS L 54 14.40 30.84 69.70
CA LYS L 54 13.80 29.76 70.46
C LYS L 54 12.51 29.22 69.83
N GLU L 55 12.22 29.59 68.58
CA GLU L 55 11.03 29.19 67.86
C GLU L 55 11.39 28.57 66.51
N PRO L 56 10.56 27.66 65.99
CA PRO L 56 10.81 27.14 64.65
C PRO L 56 10.50 28.18 63.57
N VAL L 57 11.22 28.07 62.46
CA VAL L 57 11.12 29.01 61.34
C VAL L 57 10.46 28.33 60.16
N ILE L 58 9.49 29.00 59.53
CA ILE L 58 8.77 28.46 58.38
C ILE L 58 8.98 29.41 57.20
N VAL L 59 9.75 28.97 56.21
CA VAL L 59 10.06 29.77 55.02
C VAL L 59 9.19 29.31 53.86
N SER L 60 8.62 30.27 53.12
CA SER L 60 7.79 29.94 51.98
C SER L 60 8.60 29.40 50.80
N LYS L 61 7.88 28.95 49.77
CA LYS L 61 8.47 28.29 48.62
C LYS L 61 8.84 29.25 47.52
N MET L 62 8.41 30.51 47.61
CA MET L 62 8.92 31.49 46.67
C MET L 62 10.17 32.15 47.24
N ALA L 63 10.25 32.20 48.57
CA ALA L 63 11.43 32.67 49.26
C ALA L 63 12.41 31.55 49.56
N ALA L 64 12.19 30.36 49.02
CA ALA L 64 13.14 29.27 49.17
C ALA L 64 14.03 29.05 47.97
N ARG L 65 13.97 29.92 46.96
CA ARG L 65 14.87 29.81 45.82
C ARG L 65 16.17 30.60 45.96
N LYS L 66 16.20 31.64 46.79
CA LYS L 66 17.42 32.41 46.94
C LYS L 66 18.46 31.64 47.75
N LYS L 67 19.73 31.89 47.46
CA LYS L 67 20.85 31.14 47.98
C LYS L 67 21.82 32.06 48.71
N ILE L 68 22.72 31.45 49.48
CA ILE L 68 23.65 32.20 50.31
C ILE L 68 24.91 31.39 50.54
N THR L 69 26.03 32.08 50.70
CA THR L 69 27.32 31.51 51.12
C THR L 69 27.91 32.43 52.16
N GLY L 70 28.86 31.92 52.93
CA GLY L 70 29.56 32.77 53.87
C GLY L 70 29.68 32.19 55.26
N ASN L 71 30.56 32.74 56.08
CA ASN L 71 30.71 32.32 57.47
C ASN L 71 29.89 33.24 58.37
N PHE L 72 28.88 32.69 59.02
CA PHE L 72 28.04 33.50 59.89
C PHE L 72 28.31 33.16 61.34
N GLU L 73 27.69 33.90 62.24
CA GLU L 73 27.96 33.76 63.67
C GLU L 73 26.73 34.18 64.45
N PHE L 74 26.06 33.24 65.10
CA PHE L 74 24.79 33.50 65.78
C PHE L 74 25.09 33.87 67.22
N HIS L 75 25.40 35.15 67.42
CA HIS L 75 25.56 35.71 68.75
C HIS L 75 24.50 36.73 69.13
N ASP L 76 23.86 37.38 68.15
CA ASP L 76 22.74 38.28 68.42
C ASP L 76 21.77 38.10 67.27
N PRO L 77 20.91 37.08 67.34
CA PRO L 77 20.15 36.70 66.16
C PRO L 77 18.94 37.58 65.91
N ASN L 78 18.42 38.28 66.91
CA ASN L 78 17.25 39.09 66.62
C ASN L 78 17.62 40.35 65.85
N ALA L 79 18.88 40.77 65.92
CA ALA L 79 19.36 41.83 65.04
C ALA L 79 20.01 41.28 63.78
N LEU L 80 20.43 40.02 63.79
CA LEU L 80 20.98 39.48 62.55
C LEU L 80 19.87 39.11 61.58
N LEU L 81 18.73 38.64 62.09
CA LEU L 81 17.62 38.33 61.22
C LEU L 81 17.01 39.59 60.64
N GLU L 82 17.03 40.68 61.42
CA GLU L 82 16.51 41.94 60.93
C GLU L 82 17.45 42.56 59.89
N LYS L 83 18.75 42.38 60.06
CA LYS L 83 19.65 42.98 59.09
C LYS L 83 19.64 42.17 57.79
N LEU L 84 19.55 40.84 57.92
CA LEU L 84 19.52 40.00 56.74
C LEU L 84 18.21 40.12 56.00
N SER L 85 17.10 40.41 56.69
CA SER L 85 15.84 40.48 55.98
C SER L 85 15.72 41.75 55.15
N LEU L 86 16.54 42.75 55.44
CA LEU L 86 16.55 43.97 54.66
C LEU L 86 17.62 43.95 53.60
N GLN L 87 18.71 43.22 53.82
CA GLN L 87 19.70 43.13 52.75
C GLN L 87 19.23 42.13 51.71
N LEU L 88 18.72 40.99 52.14
CA LEU L 88 18.22 40.00 51.20
C LEU L 88 16.90 40.43 50.59
N GLY L 89 16.01 41.01 51.39
CA GLY L 89 14.72 41.44 50.90
C GLY L 89 13.75 40.37 51.29
N LEU L 90 13.11 40.55 52.43
CA LEU L 90 12.27 39.53 53.05
C LEU L 90 11.31 40.23 54.00
N ILE L 91 10.23 39.54 54.34
CA ILE L 91 9.36 40.01 55.41
C ILE L 91 9.11 38.83 56.34
N TRP L 92 9.08 39.11 57.64
CA TRP L 92 8.97 38.08 58.64
C TRP L 92 8.02 38.52 59.73
N TYR L 93 7.37 37.54 60.36
CA TYR L 93 6.38 37.83 61.38
C TYR L 93 6.43 36.75 62.44
N PHE L 94 6.46 37.18 63.70
CA PHE L 94 6.53 36.28 64.84
C PHE L 94 5.29 36.47 65.71
N ASP L 95 4.42 35.45 65.74
CA ASP L 95 3.16 35.55 66.45
C ASP L 95 3.23 35.05 67.88
N GLY L 96 4.19 34.19 68.20
CA GLY L 96 4.31 33.68 69.54
C GLY L 96 4.68 32.22 69.61
N GLN L 97 4.63 31.53 68.48
CA GLN L 97 4.96 30.11 68.44
C GLN L 97 6.00 29.82 67.37
N ALA L 98 5.97 30.59 66.29
CA ALA L 98 6.86 30.33 65.17
C ALA L 98 7.18 31.65 64.49
N ILE L 99 8.14 31.59 63.57
CA ILE L 99 8.55 32.75 62.79
C ILE L 99 8.29 32.45 61.32
N TYR L 100 7.30 33.10 60.74
CA TYR L 100 6.98 32.93 59.33
C TYR L 100 7.80 33.91 58.51
N ILE L 101 8.38 33.41 57.42
CA ILE L 101 9.21 34.22 56.53
C ILE L 101 8.67 34.11 55.11
N TYR L 102 8.26 35.24 54.55
CA TYR L 102 7.81 35.35 53.17
C TYR L 102 8.75 36.26 52.42
N ASP L 103 8.69 36.19 51.10
CA ASP L 103 9.42 37.19 50.34
C ASP L 103 8.55 38.43 50.18
N ALA L 104 9.20 39.56 49.88
CA ALA L 104 8.56 40.86 49.97
C ALA L 104 7.52 41.10 48.89
N SER L 105 7.52 40.30 47.84
CA SER L 105 6.55 40.48 46.76
C SER L 105 5.23 39.79 47.01
N GLU L 106 5.01 39.24 48.20
CA GLU L 106 3.75 38.61 48.56
C GLU L 106 2.95 39.41 49.57
N MET L 107 3.32 40.66 49.81
CA MET L 107 2.60 41.48 50.78
C MET L 107 1.26 41.92 50.21
N ARG L 108 0.20 41.65 50.96
CA ARG L 108 -1.15 41.99 50.56
C ARG L 108 -1.72 43.04 51.52
N ASN L 109 -2.79 43.69 51.08
CA ASN L 109 -3.39 44.76 51.87
C ASN L 109 -4.90 44.71 51.72
N ALA L 110 -5.59 45.23 52.73
CA ALA L 110 -7.05 45.22 52.74
C ALA L 110 -7.58 46.31 53.64
N VAL L 111 -8.76 46.79 53.30
CA VAL L 111 -9.48 47.81 54.06
C VAL L 111 -10.74 47.19 54.63
N VAL L 112 -10.96 47.34 55.93
CA VAL L 112 -12.13 46.77 56.57
C VAL L 112 -12.84 47.83 57.40
N SER L 113 -14.15 47.65 57.56
CA SER L 113 -15.01 48.57 58.28
C SER L 113 -15.78 47.82 59.35
N LEU L 114 -15.78 48.37 60.56
CA LEU L 114 -16.45 47.79 61.71
C LEU L 114 -17.70 48.63 61.99
N ARG L 115 -18.83 47.96 62.16
CA ARG L 115 -20.09 48.65 62.31
C ARG L 115 -20.20 49.25 63.72
N ASN L 116 -20.19 48.40 64.72
CA ASN L 116 -20.52 48.78 66.09
C ASN L 116 -19.35 48.58 67.05
N VAL L 117 -18.12 48.76 66.56
CA VAL L 117 -16.91 48.76 67.39
C VAL L 117 -15.92 49.69 66.69
N SER L 118 -15.10 50.40 67.49
CA SER L 118 -14.16 51.37 66.99
C SER L 118 -12.77 50.73 66.91
N LEU L 119 -11.79 51.52 66.50
CA LEU L 119 -10.44 51.02 66.32
C LEU L 119 -9.73 50.80 67.65
N ASN L 120 -10.11 51.55 68.69
CA ASN L 120 -9.37 51.53 69.94
C ASN L 120 -9.56 50.25 70.74
N GLU L 121 -10.74 49.61 70.67
CA GLU L 121 -10.88 48.35 71.39
C GLU L 121 -10.26 47.19 70.62
N PHE L 122 -10.19 47.28 69.30
CA PHE L 122 -9.48 46.22 68.58
C PHE L 122 -7.98 46.34 68.77
N ASN L 123 -7.48 47.58 68.89
CA ASN L 123 -6.05 47.69 69.16
C ASN L 123 -5.74 47.35 70.61
N ASN L 124 -6.69 47.54 71.52
CA ASN L 124 -6.47 47.08 72.89
C ASN L 124 -6.60 45.57 72.97
N PHE L 125 -7.33 44.96 72.04
CA PHE L 125 -7.38 43.51 71.99
C PHE L 125 -6.05 42.95 71.53
N LEU L 126 -5.42 43.61 70.55
CA LEU L 126 -4.15 43.06 70.07
C LEU L 126 -3.00 43.32 71.03
N LYS L 127 -3.10 44.38 71.84
CA LYS L 127 -2.01 44.66 72.78
C LYS L 127 -2.02 43.65 73.91
N ARG L 128 -3.18 43.15 74.27
CA ARG L 128 -3.26 42.16 75.33
C ARG L 128 -3.17 40.74 74.79
N SER L 129 -3.52 40.54 73.51
CA SER L 129 -3.42 39.22 72.92
C SER L 129 -2.02 38.93 72.42
N GLY L 130 -1.12 39.91 72.44
CA GLY L 130 0.22 39.64 71.95
C GLY L 130 0.38 39.57 70.45
N LEU L 131 -0.63 39.97 69.69
CA LEU L 131 -0.53 39.96 68.24
C LEU L 131 -0.20 41.34 67.68
N TYR L 132 0.21 42.27 68.53
CA TYR L 132 0.52 43.63 68.11
C TYR L 132 1.93 43.69 67.56
N ASN L 133 2.08 44.02 66.29
CA ASN L 133 3.39 44.14 65.66
C ASN L 133 3.65 45.60 65.38
N LYS L 134 4.71 46.14 65.99
CA LYS L 134 4.98 47.56 65.85
C LYS L 134 5.58 47.90 64.50
N ASN L 135 6.08 46.92 63.76
CA ASN L 135 6.62 47.21 62.45
C ASN L 135 5.51 47.40 61.43
N TYR L 136 4.40 46.69 61.59
CA TYR L 136 3.25 46.80 60.71
C TYR L 136 2.01 47.13 61.55
N PRO L 137 1.82 48.38 61.94
CA PRO L 137 0.67 48.75 62.74
C PRO L 137 -0.57 48.91 61.87
N LEU L 138 -1.67 49.34 62.50
CA LEU L 138 -2.93 49.57 61.82
C LEU L 138 -3.08 51.04 61.48
N ARG L 139 -3.30 51.35 60.21
CA ARG L 139 -3.45 52.71 59.72
C ARG L 139 -4.92 53.08 59.62
N GLY L 140 -5.34 54.11 60.36
CA GLY L 140 -6.71 54.56 60.28
C GLY L 140 -7.03 55.59 61.33
N ASP L 141 -8.26 56.09 61.24
CA ASP L 141 -8.78 57.07 62.19
C ASP L 141 -9.05 56.44 63.54
N ASN L 142 -8.84 57.25 64.59
CA ASN L 142 -8.81 56.70 65.94
C ASN L 142 -10.19 56.34 66.46
N ARG L 143 -11.26 57.00 65.99
CA ARG L 143 -12.61 56.57 66.33
C ARG L 143 -13.45 56.45 65.04
N LYS L 144 -13.30 55.31 64.38
CA LYS L 144 -13.99 55.07 63.12
C LYS L 144 -14.08 53.57 62.91
N GLY L 145 -14.77 53.19 61.85
CA GLY L 145 -14.92 51.80 61.51
C GLY L 145 -13.98 51.36 60.40
N THR L 146 -13.60 52.29 59.54
CA THR L 146 -12.76 51.98 58.40
C THR L 146 -11.29 52.15 58.72
N PHE L 147 -10.47 51.16 58.38
CA PHE L 147 -9.03 51.33 58.48
C PHE L 147 -8.37 50.46 57.42
N TYR L 148 -7.04 50.50 57.42
CA TYR L 148 -6.22 49.89 56.37
C TYR L 148 -5.14 49.04 57.01
N VAL L 149 -4.85 47.89 56.40
CA VAL L 149 -3.88 46.96 56.96
C VAL L 149 -3.10 46.33 55.82
N SER L 150 -1.80 46.14 56.02
CA SER L 150 -0.94 45.51 55.04
C SER L 150 0.22 44.83 55.75
N GLY L 151 0.62 43.68 55.22
CA GLY L 151 1.71 42.94 55.80
C GLY L 151 1.86 41.54 55.23
N PRO L 152 2.42 40.63 56.02
CA PRO L 152 2.53 39.23 55.59
C PRO L 152 1.16 38.57 55.51
N PRO L 153 1.04 37.52 54.68
CA PRO L 153 -0.27 36.89 54.46
C PRO L 153 -0.80 36.11 55.65
N VAL L 154 -0.01 35.92 56.71
CA VAL L 154 -0.55 35.31 57.91
C VAL L 154 -1.00 36.38 58.88
N TYR L 155 -0.52 37.62 58.72
CA TYR L 155 -0.97 38.69 59.58
C TYR L 155 -2.24 39.33 59.04
N VAL L 156 -2.34 39.47 57.72
CA VAL L 156 -3.53 40.11 57.16
C VAL L 156 -4.73 39.17 57.24
N ASP L 157 -4.49 37.88 57.03
CA ASP L 157 -5.60 36.93 57.07
C ASP L 157 -6.07 36.68 58.50
N MET L 158 -5.25 37.00 59.49
CA MET L 158 -5.73 36.92 60.86
C MET L 158 -6.48 38.18 61.25
N VAL L 159 -5.97 39.34 60.84
CA VAL L 159 -6.58 40.61 61.23
C VAL L 159 -7.95 40.80 60.58
N VAL L 160 -8.10 40.38 59.32
CA VAL L 160 -9.40 40.53 58.66
C VAL L 160 -10.45 39.59 59.27
N ASN L 161 -10.07 38.35 59.55
CA ASN L 161 -11.02 37.41 60.12
C ASN L 161 -11.35 37.75 61.56
N ALA L 162 -10.42 38.35 62.29
CA ALA L 162 -10.72 38.70 63.66
C ALA L 162 -11.55 39.96 63.70
N ALA L 163 -11.42 40.81 62.69
CA ALA L 163 -12.19 42.04 62.68
C ALA L 163 -13.62 41.73 62.32
N THR L 164 -13.83 40.84 61.35
CA THR L 164 -15.18 40.47 60.96
C THR L 164 -15.82 39.48 61.93
N MET L 165 -15.06 38.87 62.84
CA MET L 165 -15.68 37.99 63.81
C MET L 165 -16.04 38.68 65.12
N MET L 166 -15.87 39.99 65.22
CA MET L 166 -16.40 40.73 66.37
C MET L 166 -17.69 41.46 66.05
N ASP L 167 -17.88 41.87 64.80
CA ASP L 167 -19.12 42.54 64.43
C ASP L 167 -20.29 41.57 64.37
N LYS L 168 -20.07 40.33 63.95
CA LYS L 168 -21.15 39.36 64.03
C LYS L 168 -21.50 39.03 65.47
N GLN L 169 -20.52 39.04 66.39
CA GLN L 169 -20.87 38.82 67.77
C GLN L 169 -21.58 40.02 68.37
N ASN L 170 -21.37 41.22 67.84
CA ASN L 170 -22.10 42.38 68.33
C ASN L 170 -23.24 42.74 67.39
N LYS M 27 28.20 -11.14 69.37
CA LYS M 27 27.88 -10.85 67.97
C LYS M 27 27.81 -9.34 67.73
N ILE M 28 27.38 -8.60 68.75
CA ILE M 28 27.26 -7.15 68.70
C ILE M 28 28.21 -6.55 69.74
N PRO M 29 29.51 -6.50 69.48
CA PRO M 29 30.40 -6.02 70.53
C PRO M 29 30.53 -4.50 70.61
N VAL M 30 29.81 -3.91 71.57
CA VAL M 30 30.06 -2.58 72.13
C VAL M 30 29.78 -2.71 73.62
N THR M 31 30.55 -2.00 74.45
CA THR M 31 30.42 -2.17 75.89
C THR M 31 29.18 -1.48 76.48
N GLY M 32 28.91 -0.23 76.07
CA GLY M 32 27.88 0.56 76.70
C GLY M 32 26.47 0.31 76.20
N SER M 33 25.65 1.37 76.22
CA SER M 33 24.27 1.30 75.75
C SER M 33 24.02 2.52 74.87
N GLY M 34 23.39 2.29 73.73
CA GLY M 34 23.09 3.38 72.81
C GLY M 34 22.61 2.82 71.49
N PHE M 35 22.16 3.74 70.64
CA PHE M 35 21.63 3.42 69.32
C PHE M 35 22.59 3.96 68.27
N VAL M 36 22.97 3.12 67.31
CA VAL M 36 23.82 3.55 66.21
C VAL M 36 22.99 3.54 64.94
N ALA M 37 22.85 4.71 64.30
CA ALA M 37 22.05 4.85 63.10
C ALA M 37 22.96 5.08 61.89
N LYS M 38 22.83 4.22 60.89
CA LYS M 38 23.51 4.40 59.61
C LYS M 38 22.45 4.65 58.53
N ASP M 39 22.27 5.93 58.17
CA ASP M 39 21.32 6.37 57.14
C ASP M 39 19.89 5.95 57.47
N ASP M 40 19.51 6.11 58.73
CA ASP M 40 18.13 5.87 59.13
C ASP M 40 17.23 7.00 58.68
N SER M 41 15.95 6.68 58.50
CA SER M 41 15.01 7.54 57.80
C SER M 41 13.88 8.02 58.70
N LEU M 42 14.20 8.37 59.95
CA LEU M 42 13.37 9.12 60.89
C LEU M 42 12.11 8.41 61.36
N ARG M 43 11.80 7.23 60.86
CA ARG M 43 10.75 6.40 61.43
C ARG M 43 11.31 5.23 62.20
N THR M 44 12.37 4.64 61.68
CA THR M 44 13.12 3.63 62.40
C THR M 44 13.98 4.26 63.47
N PHE M 45 14.19 5.57 63.41
CA PHE M 45 15.00 6.21 64.43
C PHE M 45 14.14 6.52 65.65
N PHE M 46 12.94 7.05 65.44
CA PHE M 46 12.11 7.38 66.59
C PHE M 46 11.40 6.17 67.18
N ASP M 47 11.23 5.09 66.41
CA ASP M 47 10.72 3.88 67.05
C ASP M 47 11.74 3.23 67.96
N ALA M 48 13.03 3.48 67.72
CA ALA M 48 14.01 3.00 68.68
C ALA M 48 13.99 3.84 69.94
N MET M 49 13.53 5.08 69.87
CA MET M 49 13.35 5.89 71.07
C MET M 49 12.02 5.63 71.75
N ALA M 50 11.20 4.78 71.14
CA ALA M 50 9.85 4.55 71.61
C ALA M 50 9.79 3.50 72.72
N LEU M 51 10.93 3.14 73.29
CA LEU M 51 10.99 2.31 74.48
C LEU M 51 11.45 3.11 75.69
N GLN M 52 12.41 4.02 75.49
CA GLN M 52 12.77 4.92 76.56
C GLN M 52 11.65 5.91 76.83
N LEU M 53 11.11 6.52 75.78
CA LEU M 53 9.75 7.03 75.91
C LEU M 53 8.78 5.87 76.02
N LYS M 54 7.87 5.93 76.97
CA LYS M 54 6.99 4.79 77.21
C LYS M 54 5.71 4.85 76.39
N GLU M 55 5.68 5.65 75.33
CA GLU M 55 4.52 5.81 74.48
C GLU M 55 4.91 5.59 73.02
N PRO M 56 3.99 5.10 72.20
CA PRO M 56 4.31 4.94 70.77
C PRO M 56 4.38 6.28 70.06
N VAL M 57 5.26 6.34 69.07
CA VAL M 57 5.54 7.55 68.32
C VAL M 57 4.94 7.44 66.92
N ILE M 58 4.27 8.49 66.47
CA ILE M 58 3.66 8.56 65.15
C ILE M 58 4.32 9.70 64.40
N VAL M 59 5.12 9.36 63.41
CA VAL M 59 5.84 10.32 62.59
C VAL M 59 5.05 10.51 61.29
N SER M 60 4.91 11.76 60.85
CA SER M 60 4.07 12.05 59.71
C SER M 60 4.74 11.61 58.40
N LYS M 61 4.06 11.88 57.29
CA LYS M 61 4.52 11.42 55.98
C LYS M 61 5.56 12.34 55.37
N MET M 62 5.42 13.64 55.57
CA MET M 62 6.40 14.57 55.02
C MET M 62 7.66 14.63 55.86
N ALA M 63 7.55 14.35 57.16
CA ALA M 63 8.68 14.36 58.07
C ALA M 63 9.43 13.04 58.12
N ALA M 64 9.15 12.12 57.21
CA ALA M 64 9.87 10.85 57.16
C ALA M 64 10.82 10.77 55.97
N ARG M 65 10.94 11.83 55.19
CA ARG M 65 11.91 11.87 54.10
C ARG M 65 13.28 12.35 54.54
N LYS M 66 13.43 12.87 55.75
CA LYS M 66 14.73 13.32 56.22
C LYS M 66 15.47 12.18 56.87
N LYS M 67 16.79 12.25 56.81
CA LYS M 67 17.62 11.16 57.30
C LYS M 67 18.60 11.66 58.37
N ILE M 68 19.08 10.72 59.17
CA ILE M 68 19.98 11.03 60.27
C ILE M 68 20.89 9.83 60.50
N THR M 69 22.17 10.09 60.79
CA THR M 69 23.14 9.05 61.07
C THR M 69 24.10 9.49 62.15
N GLY M 70 24.49 8.55 63.00
CA GLY M 70 25.37 8.87 64.11
C GLY M 70 25.06 8.00 65.31
N ASN M 71 25.90 8.14 66.33
CA ASN M 71 25.80 7.38 67.56
C ASN M 71 25.04 8.21 68.59
N PHE M 72 23.88 7.71 69.03
CA PHE M 72 23.00 8.40 69.96
C PHE M 72 22.81 7.57 71.22
N GLU M 73 22.31 8.23 72.27
CA GLU M 73 21.99 7.55 73.52
C GLU M 73 20.83 8.27 74.20
N PHE M 74 19.95 7.51 74.83
CA PHE M 74 18.74 8.08 75.43
C PHE M 74 18.77 7.84 76.93
N HIS M 75 18.81 8.90 77.71
CA HIS M 75 18.59 8.80 79.14
C HIS M 75 17.58 9.79 79.70
N ASP M 76 17.22 10.84 78.98
CA ASP M 76 16.03 11.63 79.28
C ASP M 76 15.43 12.13 77.97
N PRO M 77 14.62 11.30 77.32
CA PRO M 77 14.26 11.56 75.93
C PRO M 77 13.25 12.67 75.77
N ASN M 78 12.56 13.07 76.84
CA ASN M 78 11.67 14.22 76.73
C ASN M 78 12.48 15.50 76.62
N ALA M 79 13.71 15.51 77.13
CA ALA M 79 14.62 16.61 76.91
C ALA M 79 15.45 16.46 75.65
N LEU M 80 15.63 15.23 75.17
CA LEU M 80 16.35 15.06 73.91
C LEU M 80 15.47 15.34 72.68
N LEU M 81 14.17 15.05 72.79
CA LEU M 81 13.25 15.29 71.68
C LEU M 81 13.03 16.77 71.45
N GLU M 82 13.14 17.58 72.49
CA GLU M 82 12.92 19.01 72.31
C GLU M 82 14.10 19.61 71.58
N LYS M 83 15.31 19.15 71.88
CA LYS M 83 16.48 19.71 71.24
C LYS M 83 16.57 19.24 69.79
N LEU M 84 16.27 17.95 69.53
CA LEU M 84 16.32 17.52 68.14
C LEU M 84 15.15 18.03 67.31
N SER M 85 14.06 18.48 67.94
CA SER M 85 12.98 19.04 67.15
C SER M 85 13.27 20.47 66.74
N LEU M 86 14.31 21.07 67.30
CA LEU M 86 14.74 22.39 66.89
C LEU M 86 15.94 22.34 65.98
N GLN M 87 16.82 21.34 66.16
CA GLN M 87 17.94 21.25 65.24
C GLN M 87 17.50 20.69 63.90
N LEU M 88 16.60 19.71 63.88
CA LEU M 88 16.16 19.19 62.60
C LEU M 88 15.06 20.07 62.02
N GLY M 89 14.19 20.57 62.87
CA GLY M 89 13.08 21.40 62.46
C GLY M 89 11.86 20.52 62.43
N LEU M 90 11.11 20.53 63.53
CA LEU M 90 10.00 19.62 63.77
C LEU M 90 9.11 20.25 64.83
N ILE M 91 7.89 19.77 64.89
CA ILE M 91 6.97 20.09 65.97
C ILE M 91 6.38 18.79 66.48
N TRP M 92 6.18 18.72 67.79
CA TRP M 92 5.73 17.47 68.39
C TRP M 92 4.65 17.79 69.40
N TYR M 93 3.89 16.75 69.73
CA TYR M 93 2.77 16.93 70.66
C TYR M 93 2.52 15.60 71.34
N PHE M 94 2.29 15.64 72.65
CA PHE M 94 2.02 14.45 73.44
C PHE M 94 0.68 14.61 74.12
N ASP M 95 -0.28 13.77 73.75
CA ASP M 95 -1.66 13.94 74.20
C ASP M 95 -2.05 12.90 75.24
N GLY M 96 -1.07 12.29 75.91
CA GLY M 96 -1.34 11.37 76.98
C GLY M 96 -1.29 9.91 76.57
N GLN M 97 -1.39 9.61 75.28
CA GLN M 97 -1.36 8.23 74.82
C GLN M 97 -0.29 7.98 73.77
N ALA M 98 0.04 8.98 72.95
CA ALA M 98 1.02 8.80 71.90
C ALA M 98 1.77 10.10 71.70
N ILE M 99 2.80 10.06 70.86
CA ILE M 99 3.60 11.25 70.57
C ILE M 99 3.56 11.49 69.06
N TYR M 100 2.94 12.58 68.64
CA TYR M 100 2.87 12.92 67.22
C TYR M 100 4.00 13.86 66.85
N ILE M 101 4.63 13.58 65.70
CA ILE M 101 5.76 14.36 65.20
C ILE M 101 5.48 14.78 63.77
N TYR M 102 5.46 16.08 63.51
CA TYR M 102 5.33 16.64 62.18
C TYR M 102 6.53 17.51 61.88
N ASP M 103 6.73 17.81 60.59
CA ASP M 103 7.75 18.79 60.28
C ASP M 103 7.19 20.20 60.38
N ALA M 104 8.08 21.19 60.24
CA ALA M 104 7.74 22.56 60.57
C ALA M 104 6.79 23.20 59.57
N SER M 105 6.74 22.74 58.34
CA SER M 105 5.90 23.37 57.33
C SER M 105 4.48 22.84 57.31
N GLU M 106 4.07 22.11 58.34
CA GLU M 106 2.70 21.62 58.45
C GLU M 106 1.92 22.28 59.57
N MET M 107 2.42 23.36 60.15
CA MET M 107 1.71 24.03 61.23
C MET M 107 0.57 24.85 60.66
N ARG M 108 -0.61 24.70 61.24
CA ARG M 108 -1.81 25.37 60.76
C ARG M 108 -2.41 26.26 61.84
N ASN M 109 -3.18 27.25 61.41
CA ASN M 109 -3.74 28.30 62.25
C ASN M 109 -5.25 28.36 62.16
N ALA M 110 -5.88 28.90 63.20
CA ALA M 110 -7.33 29.05 63.24
C ALA M 110 -7.73 30.17 64.18
N VAL M 111 -8.91 30.75 63.91
CA VAL M 111 -9.53 31.79 64.72
C VAL M 111 -11.02 31.48 64.84
N VAL M 112 -11.53 31.43 66.07
CA VAL M 112 -12.90 31.02 66.33
C VAL M 112 -13.58 31.96 67.31
N SER M 113 -14.91 32.01 67.24
CA SER M 113 -15.67 32.92 68.07
C SER M 113 -16.62 32.10 68.93
N LEU M 114 -16.68 32.43 70.22
CA LEU M 114 -17.56 31.79 71.18
C LEU M 114 -18.69 32.73 71.57
N ARG M 115 -19.93 32.32 71.35
CA ARG M 115 -21.01 33.27 71.62
C ARG M 115 -21.34 33.33 73.10
N ASN M 116 -21.18 32.23 73.84
CA ASN M 116 -21.66 32.24 75.22
C ASN M 116 -20.74 31.57 76.24
N VAL M 117 -19.47 31.28 75.93
CA VAL M 117 -18.52 30.86 76.95
C VAL M 117 -17.24 31.68 76.82
N SER M 118 -16.46 31.71 77.90
CA SER M 118 -15.23 32.49 77.89
C SER M 118 -14.00 31.65 77.57
N LEU M 119 -12.91 32.37 77.30
CA LEU M 119 -11.63 31.73 77.07
C LEU M 119 -11.07 31.17 78.36
N ASN M 120 -11.28 31.88 79.46
CA ASN M 120 -10.83 31.36 80.75
C ASN M 120 -11.65 30.17 81.19
N GLU M 121 -12.88 30.04 80.69
CA GLU M 121 -13.64 28.83 80.95
C GLU M 121 -13.14 27.67 80.11
N PHE M 122 -12.71 27.94 78.88
CA PHE M 122 -12.22 26.85 78.05
C PHE M 122 -10.83 26.39 78.47
N ASN M 123 -10.02 27.32 79.00
CA ASN M 123 -8.70 26.94 79.46
C ASN M 123 -8.76 26.12 80.74
N ASN M 124 -9.84 26.24 81.50
CA ASN M 124 -9.95 25.37 82.66
C ASN M 124 -10.33 23.97 82.24
N PHE M 125 -11.01 23.85 81.09
CA PHE M 125 -11.33 22.54 80.56
C PHE M 125 -10.09 21.88 80.02
N LEU M 126 -9.20 22.67 79.41
CA LEU M 126 -7.97 22.09 78.88
C LEU M 126 -6.97 21.77 79.98
N LYS M 127 -6.93 22.58 81.03
CA LYS M 127 -5.97 22.34 82.10
C LYS M 127 -6.43 21.18 82.97
N ARG M 128 -7.74 21.08 83.20
CA ARG M 128 -8.26 20.04 84.07
C ARG M 128 -8.28 18.71 83.36
N SER M 129 -8.52 18.70 82.04
CA SER M 129 -8.52 17.44 81.32
C SER M 129 -7.09 16.95 81.11
N GLY M 130 -6.17 17.84 80.73
CA GLY M 130 -4.79 17.42 80.51
C GLY M 130 -4.23 17.56 79.12
N LEU M 131 -4.88 18.36 78.28
CA LEU M 131 -4.42 18.60 76.92
C LEU M 131 -3.80 19.98 76.79
N TYR M 132 -3.65 20.69 77.90
CA TYR M 132 -3.09 22.04 77.87
C TYR M 132 -1.59 21.97 77.63
N ASN M 133 -1.13 22.66 76.59
CA ASN M 133 0.28 22.67 76.19
C ASN M 133 0.86 24.07 76.34
N LYS M 134 1.86 24.21 77.21
CA LYS M 134 2.41 25.52 77.54
C LYS M 134 3.37 26.06 76.49
N ASN M 135 3.72 25.26 75.48
CA ASN M 135 4.55 25.78 74.39
C ASN M 135 3.70 26.42 73.31
N TYR M 136 2.46 25.93 73.15
CA TYR M 136 1.51 26.47 72.20
C TYR M 136 0.28 26.91 72.98
N PRO M 137 0.33 28.05 73.64
CA PRO M 137 -0.82 28.50 74.44
C PRO M 137 -1.88 29.10 73.52
N LEU M 138 -2.99 29.51 74.12
CA LEU M 138 -4.07 30.10 73.37
C LEU M 138 -3.98 31.62 73.49
N ARG M 139 -3.97 32.29 72.35
CA ARG M 139 -3.77 33.73 72.29
C ARG M 139 -5.13 34.40 72.09
N GLY M 140 -5.56 35.16 73.08
CA GLY M 140 -6.79 35.91 72.97
C GLY M 140 -7.05 36.70 74.23
N ASP M 141 -8.11 37.50 74.17
CA ASP M 141 -8.57 38.27 75.32
C ASP M 141 -9.19 37.38 76.37
N ASN M 142 -9.05 37.78 77.63
CA ASN M 142 -9.30 36.91 78.76
C ASN M 142 -10.79 36.67 78.97
N ARG M 143 -11.64 37.65 78.66
CA ARG M 143 -13.10 37.48 78.77
C ARG M 143 -13.75 37.89 77.46
N LYS M 144 -13.69 37.02 76.46
CA LYS M 144 -14.35 37.27 75.18
C LYS M 144 -14.75 35.93 74.60
N GLY M 145 -15.01 35.94 73.31
CA GLY M 145 -15.41 34.74 72.61
C GLY M 145 -14.40 34.39 71.55
N THR M 146 -13.58 35.36 71.16
CA THR M 146 -12.62 35.14 70.10
C THR M 146 -11.23 34.88 70.68
N PHE M 147 -10.49 33.99 70.03
CA PHE M 147 -9.09 33.77 70.33
C PHE M 147 -8.40 33.29 69.07
N TYR M 148 -7.13 32.95 69.21
CA TYR M 148 -6.27 32.55 68.10
C TYR M 148 -5.43 31.38 68.56
N VAL M 149 -5.57 30.25 67.87
CA VAL M 149 -4.91 29.00 68.21
C VAL M 149 -4.04 28.61 67.02
N SER M 150 -2.86 28.05 67.31
CA SER M 150 -1.95 27.59 66.28
C SER M 150 -1.06 26.51 66.85
N GLY M 151 -0.76 25.49 66.05
CA GLY M 151 0.08 24.42 66.51
C GLY M 151 0.15 23.24 65.58
N PRO M 152 0.33 22.05 66.13
CA PRO M 152 0.33 20.84 65.33
C PRO M 152 -1.05 20.54 64.77
N PRO M 153 -1.11 19.81 63.65
CA PRO M 153 -2.41 19.54 63.01
C PRO M 153 -3.32 18.64 63.80
N VAL M 154 -2.83 17.88 64.77
CA VAL M 154 -3.72 17.10 65.62
C VAL M 154 -4.19 17.90 66.83
N TYR M 155 -3.50 18.98 67.17
CA TYR M 155 -3.89 19.87 68.25
C TYR M 155 -4.94 20.89 67.84
N VAL M 156 -4.82 21.41 66.61
CA VAL M 156 -5.74 22.45 66.17
C VAL M 156 -7.13 21.90 65.90
N ASP M 157 -7.23 20.76 65.21
CA ASP M 157 -8.54 20.24 64.87
C ASP M 157 -9.27 19.66 66.08
N MET M 158 -8.57 19.47 67.19
CA MET M 158 -9.22 19.13 68.46
C MET M 158 -9.72 20.37 69.18
N VAL M 159 -8.92 21.45 69.16
CA VAL M 159 -9.33 22.66 69.88
C VAL M 159 -10.53 23.29 69.20
N VAL M 160 -10.53 23.30 67.88
CA VAL M 160 -11.64 23.85 67.09
C VAL M 160 -12.89 23.00 67.26
N ASN M 161 -12.72 21.67 67.31
CA ASN M 161 -13.88 20.79 67.40
C ASN M 161 -14.48 20.83 68.78
N ALA M 162 -13.71 21.11 69.82
CA ALA M 162 -14.33 21.18 71.13
C ALA M 162 -14.94 22.55 71.35
N ALA M 163 -14.41 23.57 70.66
CA ALA M 163 -14.98 24.91 70.81
C ALA M 163 -16.30 25.01 70.09
N THR M 164 -16.44 24.36 68.94
CA THR M 164 -17.72 24.37 68.27
C THR M 164 -18.65 23.26 68.79
N MET M 165 -18.21 22.50 69.80
CA MET M 165 -19.09 21.53 70.44
C MET M 165 -19.41 21.91 71.87
N MET M 166 -19.01 23.10 72.31
CA MET M 166 -19.54 23.60 73.57
C MET M 166 -20.59 24.70 73.42
N ASP M 167 -20.56 25.47 72.34
CA ASP M 167 -21.60 26.47 72.14
C ASP M 167 -22.91 25.82 71.74
N LYS M 168 -22.86 24.77 70.93
CA LYS M 168 -24.07 24.06 70.56
C LYS M 168 -24.64 23.28 71.73
N GLN M 169 -23.81 22.91 72.70
CA GLN M 169 -24.33 22.28 73.90
C GLN M 169 -24.97 23.30 74.82
N ASN M 170 -24.37 24.48 74.97
CA ASN M 170 -24.97 25.46 75.85
C ASN M 170 -26.02 26.28 75.12
N ALA N 171 -24.42 -19.58 -110.85
CA ALA N 171 -24.92 -20.05 -109.56
C ALA N 171 -26.23 -19.35 -109.22
N GLU N 172 -27.24 -20.14 -108.85
CA GLU N 172 -28.53 -19.60 -108.48
C GLU N 172 -28.48 -19.05 -107.06
N LEU N 173 -29.45 -18.18 -106.74
CA LEU N 173 -29.44 -17.54 -105.44
C LEU N 173 -29.86 -18.50 -104.34
N ASP N 174 -30.81 -19.37 -104.62
CA ASP N 174 -31.33 -20.29 -103.61
C ASP N 174 -30.41 -21.47 -103.33
N SER N 175 -29.24 -21.53 -103.94
CA SER N 175 -28.25 -22.53 -103.59
C SER N 175 -27.10 -21.94 -102.78
N LEU N 176 -26.94 -20.62 -102.82
CA LEU N 176 -25.89 -19.96 -102.05
C LEU N 176 -26.26 -19.82 -100.59
N LEU N 177 -27.53 -19.99 -100.27
CA LEU N 177 -28.00 -19.96 -98.90
C LEU N 177 -27.73 -21.32 -98.24
N GLY N 178 -28.36 -21.58 -97.11
CA GLY N 178 -28.06 -22.77 -96.35
C GLY N 178 -28.55 -24.06 -97.01
N GLN N 179 -28.39 -25.15 -96.26
CA GLN N 179 -28.78 -26.46 -96.77
C GLN N 179 -30.29 -26.61 -96.87
N GLU N 180 -31.00 -26.29 -95.79
CA GLU N 180 -32.46 -26.41 -95.78
C GLU N 180 -33.08 -25.24 -96.55
N LYS N 181 -33.74 -25.55 -97.67
CA LYS N 181 -34.38 -24.49 -98.46
C LYS N 181 -35.83 -24.25 -98.02
N GLU N 182 -36.02 -24.04 -96.72
CA GLU N 182 -37.34 -23.80 -96.16
C GLU N 182 -37.41 -22.55 -95.31
N ARG N 183 -36.29 -22.04 -94.83
CA ARG N 183 -36.30 -20.86 -93.98
C ARG N 183 -36.08 -19.58 -94.78
N PHE N 184 -35.93 -19.68 -96.09
CA PHE N 184 -35.81 -18.51 -96.94
C PHE N 184 -36.74 -18.70 -98.13
N GLN N 185 -37.06 -17.58 -98.79
CA GLN N 185 -38.02 -17.65 -99.89
C GLN N 185 -37.74 -16.50 -100.84
N VAL N 186 -37.28 -16.84 -102.05
CA VAL N 186 -36.85 -15.88 -103.04
C VAL N 186 -38.04 -15.42 -103.89
N LEU N 187 -38.30 -14.12 -103.89
CA LEU N 187 -39.38 -13.50 -104.63
C LEU N 187 -38.82 -12.63 -105.75
N PRO N 188 -39.27 -12.81 -106.99
CA PRO N 188 -38.79 -11.96 -108.08
C PRO N 188 -39.41 -10.58 -107.99
N GLY N 189 -38.59 -9.53 -108.16
CA GLY N 189 -39.08 -8.19 -108.05
C GLY N 189 -39.51 -7.60 -109.38
N ARG N 190 -40.40 -6.61 -109.30
CA ARG N 190 -40.89 -5.95 -110.50
C ARG N 190 -39.87 -4.98 -111.05
N ASP N 191 -39.00 -4.43 -110.19
CA ASP N 191 -37.99 -3.47 -110.60
C ASP N 191 -36.67 -4.13 -110.95
N LYS N 192 -36.72 -5.38 -111.45
CA LYS N 192 -35.58 -6.21 -111.82
C LYS N 192 -34.64 -6.42 -110.63
N MET N 193 -35.18 -7.04 -109.58
CA MET N 193 -34.38 -7.39 -108.43
C MET N 193 -34.82 -8.75 -107.92
N LEU N 194 -34.37 -9.10 -106.73
CA LEU N 194 -34.66 -10.42 -106.19
C LEU N 194 -34.64 -10.29 -104.67
N TYR N 195 -35.80 -10.48 -104.05
CA TYR N 195 -35.98 -10.22 -102.64
C TYR N 195 -35.98 -11.54 -101.89
N VAL N 196 -35.33 -11.60 -100.75
CA VAL N 196 -35.34 -12.79 -99.92
C VAL N 196 -36.11 -12.47 -98.66
N ALA N 197 -37.10 -13.31 -98.37
CA ALA N 197 -37.99 -13.04 -97.24
C ALA N 197 -37.61 -13.98 -96.11
N ALA N 198 -36.90 -13.44 -95.13
CA ALA N 198 -36.51 -14.19 -93.95
C ALA N 198 -37.66 -14.13 -92.95
N GLN N 199 -37.42 -14.59 -91.74
CA GLN N 199 -38.48 -14.58 -90.74
C GLN N 199 -38.14 -13.78 -89.50
N ASN N 200 -36.91 -13.85 -89.03
CA ASN N 200 -36.51 -13.10 -87.84
C ASN N 200 -35.14 -12.48 -88.09
N GLU N 201 -34.56 -11.92 -87.03
CA GLU N 201 -33.31 -11.19 -87.17
C GLU N 201 -32.12 -12.10 -87.36
N ARG N 202 -32.18 -13.32 -86.81
CA ARG N 202 -31.03 -14.20 -86.94
C ARG N 202 -30.89 -14.69 -88.38
N ASP N 203 -32.01 -15.07 -89.02
CA ASP N 203 -31.88 -15.43 -90.42
C ASP N 203 -31.76 -14.22 -91.33
N THR N 204 -32.09 -13.02 -90.83
CA THR N 204 -31.83 -11.84 -91.64
C THR N 204 -30.34 -11.53 -91.68
N LEU N 205 -29.65 -11.65 -90.55
CA LEU N 205 -28.20 -11.47 -90.58
C LEU N 205 -27.49 -12.63 -91.24
N TRP N 206 -28.15 -13.78 -91.33
CA TRP N 206 -27.58 -14.91 -92.05
C TRP N 206 -27.62 -14.65 -93.54
N ALA N 207 -28.72 -14.06 -94.02
CA ALA N 207 -28.82 -13.78 -95.43
C ALA N 207 -28.21 -12.45 -95.81
N ARG N 208 -27.84 -11.61 -94.83
CA ARG N 208 -27.15 -10.38 -95.20
C ARG N 208 -25.65 -10.54 -95.22
N GLN N 209 -25.09 -11.54 -94.52
CA GLN N 209 -23.67 -11.79 -94.67
C GLN N 209 -23.33 -12.32 -96.06
N VAL N 210 -24.28 -13.04 -96.67
CA VAL N 210 -24.08 -13.54 -98.04
C VAL N 210 -24.06 -12.37 -99.01
N LEU N 211 -25.06 -11.52 -98.95
CA LEU N 211 -25.16 -10.43 -99.91
C LEU N 211 -24.17 -9.31 -99.61
N ALA N 212 -23.52 -9.33 -98.45
CA ALA N 212 -22.54 -8.30 -98.10
C ALA N 212 -21.11 -8.71 -98.38
N ARG N 213 -20.78 -10.01 -98.32
CA ARG N 213 -19.44 -10.38 -98.70
C ARG N 213 -19.23 -10.34 -100.21
N GLY N 214 -20.30 -10.36 -100.98
CA GLY N 214 -20.22 -10.06 -102.38
C GLY N 214 -20.11 -11.21 -103.34
N ASP N 215 -20.63 -12.38 -102.99
CA ASP N 215 -20.63 -13.50 -103.92
C ASP N 215 -21.91 -13.55 -104.73
N TYR N 216 -22.32 -12.42 -105.32
CA TYR N 216 -23.47 -12.44 -106.21
C TYR N 216 -23.36 -11.27 -107.18
N ASP N 217 -23.81 -11.51 -108.40
CA ASP N 217 -23.59 -10.55 -109.47
C ASP N 217 -24.69 -9.49 -109.55
N LYS N 218 -25.95 -9.91 -109.55
CA LYS N 218 -27.04 -8.97 -109.78
C LYS N 218 -27.45 -8.31 -108.48
N ASN N 219 -28.55 -7.56 -108.52
CA ASN N 219 -29.04 -6.87 -107.34
C ASN N 219 -30.04 -7.72 -106.59
N ALA N 220 -30.00 -7.62 -105.26
CA ALA N 220 -30.87 -8.39 -104.40
C ALA N 220 -31.08 -7.60 -103.11
N ARG N 221 -32.15 -7.94 -102.42
CA ARG N 221 -32.49 -7.29 -101.15
C ARG N 221 -33.00 -8.30 -100.14
N VAL N 222 -32.94 -7.90 -98.88
CA VAL N 222 -33.45 -8.68 -97.76
C VAL N 222 -34.64 -7.94 -97.16
N ILE N 223 -35.79 -8.61 -97.06
CA ILE N 223 -36.95 -7.98 -96.47
C ILE N 223 -37.27 -8.69 -95.16
N ASN N 224 -38.18 -8.10 -94.39
CA ASN N 224 -38.51 -8.64 -93.08
C ASN N 224 -39.87 -8.09 -92.69
N GLU N 225 -40.60 -8.86 -91.88
CA GLU N 225 -41.93 -8.43 -91.49
C GLU N 225 -41.87 -7.29 -90.49
N ASN N 226 -40.88 -7.31 -89.60
CA ASN N 226 -40.86 -6.32 -88.56
C ASN N 226 -40.33 -4.99 -89.06
N GLU N 227 -39.40 -5.01 -90.02
CA GLU N 227 -38.79 -3.76 -90.43
C GLU N 227 -39.40 -3.17 -91.69
N GLU N 228 -40.06 -3.96 -92.54
CA GLU N 228 -40.70 -3.30 -93.66
C GLU N 228 -42.10 -2.83 -93.32
N ASN N 229 -42.59 -3.11 -92.12
CA ASN N 229 -43.75 -2.39 -91.64
C ASN N 229 -43.37 -1.05 -91.04
N LYS N 230 -42.11 -0.89 -90.64
CA LYS N 230 -41.68 0.39 -90.10
C LYS N 230 -41.21 1.31 -91.20
N ARG N 231 -40.64 0.73 -92.26
CA ARG N 231 -40.27 1.56 -93.40
C ARG N 231 -41.53 2.08 -94.09
N ILE N 232 -42.58 1.26 -94.15
CA ILE N 232 -43.81 1.74 -94.80
C ILE N 232 -44.64 2.61 -93.87
N SER N 233 -44.35 2.61 -92.56
CA SER N 233 -45.12 3.52 -91.72
C SER N 233 -44.45 4.87 -91.61
N ILE N 234 -43.14 4.94 -91.90
CA ILE N 234 -42.52 6.25 -92.01
C ILE N 234 -43.04 6.95 -93.26
N TRP N 235 -43.21 6.21 -94.36
CA TRP N 235 -43.78 6.81 -95.56
C TRP N 235 -45.25 7.15 -95.39
N LEU N 236 -45.96 6.41 -94.55
CA LEU N 236 -47.41 6.60 -94.52
C LEU N 236 -47.82 7.84 -93.74
N ASP N 237 -46.99 8.30 -92.82
CA ASP N 237 -47.31 9.43 -91.96
C ASP N 237 -46.76 10.76 -92.47
N THR N 238 -46.37 10.82 -93.75
CA THR N 238 -46.12 12.08 -94.40
C THR N 238 -47.00 12.33 -95.61
N TYR N 239 -47.54 11.28 -96.22
CA TYR N 239 -48.50 11.45 -97.31
C TYR N 239 -49.94 11.15 -96.91
N TYR N 240 -50.16 10.42 -95.83
CA TYR N 240 -51.52 10.17 -95.35
C TYR N 240 -51.57 10.34 -93.84
N PRO N 241 -51.54 11.57 -93.35
CA PRO N 241 -51.66 11.79 -91.92
C PRO N 241 -53.11 11.63 -91.49
N GLN N 242 -53.27 11.45 -90.18
CA GLN N 242 -54.57 11.23 -89.52
C GLN N 242 -55.29 10.00 -90.08
N LEU N 243 -54.54 8.96 -90.40
CA LEU N 243 -55.09 7.70 -90.85
C LEU N 243 -55.15 6.73 -89.68
N ALA N 244 -56.20 5.93 -89.61
CA ALA N 244 -56.37 4.99 -88.52
C ALA N 244 -56.18 3.58 -89.07
N TYR N 245 -55.08 2.95 -88.69
CA TYR N 245 -54.76 1.61 -89.16
C TYR N 245 -54.06 0.86 -88.04
N TYR N 246 -53.88 -0.45 -88.25
CA TYR N 246 -53.27 -1.29 -87.22
C TYR N 246 -51.95 -1.90 -87.64
N ARG N 247 -51.91 -2.64 -88.74
CA ARG N 247 -50.80 -3.55 -88.96
C ARG N 247 -50.83 -4.02 -90.41
N ILE N 248 -49.66 -4.38 -90.94
CA ILE N 248 -49.58 -5.09 -92.21
C ILE N 248 -49.10 -6.51 -91.95
N HIS N 249 -49.87 -7.48 -92.40
CA HIS N 249 -49.58 -8.89 -92.18
C HIS N 249 -49.01 -9.50 -93.45
N PHE N 250 -47.94 -10.28 -93.32
CA PHE N 250 -47.25 -10.85 -94.47
C PHE N 250 -47.26 -12.38 -94.46
N ASP N 251 -48.42 -12.98 -94.20
CA ASP N 251 -48.52 -14.44 -94.25
C ASP N 251 -48.45 -14.98 -95.66
N GLU N 252 -48.87 -14.21 -96.64
CA GLU N 252 -48.58 -14.54 -98.03
C GLU N 252 -47.83 -13.35 -98.61
N PRO N 253 -46.51 -13.45 -98.81
CA PRO N 253 -45.73 -12.26 -99.14
C PRO N 253 -45.95 -11.76 -100.55
N ARG N 254 -46.65 -12.51 -101.39
CA ARG N 254 -47.01 -12.03 -102.70
C ARG N 254 -48.36 -11.34 -102.70
N LYS N 255 -49.02 -11.27 -101.56
CA LYS N 255 -50.31 -10.63 -101.44
C LYS N 255 -50.55 -10.24 -99.99
N PRO N 256 -50.08 -9.07 -99.54
CA PRO N 256 -50.30 -8.69 -98.15
C PRO N 256 -51.70 -8.16 -97.89
N VAL N 257 -52.05 -8.14 -96.61
CA VAL N 257 -53.34 -7.70 -96.12
C VAL N 257 -53.14 -6.50 -95.20
N PHE N 258 -53.90 -5.44 -95.45
CA PHE N 258 -53.83 -4.20 -94.69
C PHE N 258 -55.06 -4.12 -93.78
N TRP N 259 -54.81 -4.15 -92.47
CA TRP N 259 -55.87 -4.12 -91.46
C TRP N 259 -56.16 -2.68 -91.11
N LEU N 260 -57.11 -2.09 -91.82
CA LEU N 260 -57.53 -0.72 -91.63
C LEU N 260 -58.66 -0.64 -90.60
N SER N 261 -58.71 0.47 -89.89
CA SER N 261 -59.78 0.68 -88.93
C SER N 261 -61.04 1.12 -89.66
N ARG N 262 -62.18 0.94 -89.00
CA ARG N 262 -63.48 1.25 -89.58
C ARG N 262 -64.10 2.50 -88.97
N GLN N 263 -64.13 2.59 -87.66
CA GLN N 263 -64.88 3.62 -86.98
C GLN N 263 -64.10 4.91 -86.78
N ARG N 264 -62.97 5.07 -87.47
CA ARG N 264 -62.17 6.27 -87.24
C ARG N 264 -61.62 6.89 -88.51
N ASN N 265 -62.17 6.58 -89.68
CA ASN N 265 -61.69 7.18 -90.91
C ASN N 265 -62.86 7.36 -91.86
N THR N 266 -62.73 8.34 -92.76
CA THR N 266 -63.84 8.67 -93.63
C THR N 266 -63.47 8.53 -95.11
N MET N 267 -62.81 7.45 -95.48
CA MET N 267 -62.44 7.25 -96.88
C MET N 267 -63.51 6.47 -97.64
N SER N 268 -63.74 6.86 -98.88
CA SER N 268 -64.73 6.23 -99.73
C SER N 268 -64.11 5.02 -100.44
N LYS N 269 -64.85 4.48 -101.40
CA LYS N 269 -64.37 3.32 -102.14
C LYS N 269 -63.45 3.74 -103.27
N LYS N 270 -63.71 4.91 -103.85
CA LYS N 270 -62.90 5.33 -104.98
C LYS N 270 -61.54 5.78 -104.51
N GLU N 271 -61.42 6.24 -103.28
CA GLU N 271 -60.12 6.62 -102.76
C GLU N 271 -59.49 5.51 -101.92
N LEU N 272 -60.24 4.44 -101.64
CA LEU N 272 -59.55 3.26 -101.17
C LEU N 272 -58.89 2.53 -102.32
N GLU N 273 -59.42 2.74 -103.53
CA GLU N 273 -58.72 2.22 -104.70
C GLU N 273 -57.41 2.97 -104.94
N VAL N 274 -57.39 4.28 -104.66
CA VAL N 274 -56.17 5.05 -104.88
C VAL N 274 -55.15 4.68 -103.82
N LEU N 275 -55.62 4.37 -102.60
CA LEU N 275 -54.68 3.95 -101.56
C LEU N 275 -54.09 2.58 -101.87
N SER N 276 -54.88 1.68 -102.47
CA SER N 276 -54.32 0.38 -102.78
C SER N 276 -53.39 0.45 -103.99
N GLN N 277 -53.63 1.39 -104.90
CA GLN N 277 -52.73 1.53 -106.03
C GLN N 277 -51.44 2.23 -105.66
N LYS N 278 -51.48 3.04 -104.61
CA LYS N 278 -50.23 3.67 -104.21
C LYS N 278 -49.43 2.79 -103.26
N LEU N 279 -50.09 1.92 -102.49
CA LEU N 279 -49.35 0.94 -101.70
C LEU N 279 -48.78 -0.17 -102.55
N ARG N 280 -49.37 -0.46 -103.71
CA ARG N 280 -48.78 -1.50 -104.56
C ARG N 280 -47.46 -1.04 -105.17
N ALA N 281 -47.33 0.23 -105.49
CA ALA N 281 -46.09 0.73 -106.10
C ALA N 281 -44.94 0.84 -105.11
N LEU N 282 -45.21 0.80 -103.81
CA LEU N 282 -44.11 0.81 -102.84
C LEU N 282 -43.45 -0.54 -102.66
N MET N 283 -44.20 -1.63 -102.82
CA MET N 283 -43.66 -2.97 -102.68
C MET N 283 -43.64 -3.64 -104.04
N PRO N 284 -42.50 -3.66 -104.74
CA PRO N 284 -42.47 -4.26 -106.08
C PRO N 284 -42.53 -5.76 -106.09
N TYR N 285 -42.45 -6.41 -104.94
CA TYR N 285 -42.58 -7.86 -104.87
C TYR N 285 -44.03 -8.31 -104.76
N ALA N 286 -44.93 -7.43 -104.34
CA ALA N 286 -46.32 -7.79 -104.16
C ALA N 286 -47.06 -7.75 -105.48
N ASP N 287 -48.28 -8.29 -105.46
CA ASP N 287 -49.15 -8.29 -106.64
C ASP N 287 -50.42 -7.50 -106.44
N SER N 288 -51.03 -7.59 -105.26
CA SER N 288 -52.24 -6.86 -104.96
C SER N 288 -52.38 -6.76 -103.45
N VAL N 289 -52.44 -5.55 -102.92
CA VAL N 289 -52.64 -5.36 -101.49
C VAL N 289 -54.13 -5.38 -101.18
N ASN N 290 -54.52 -6.22 -100.24
CA ASN N 290 -55.93 -6.40 -99.91
C ASN N 290 -56.21 -5.65 -98.63
N ILE N 291 -57.09 -4.66 -98.70
CA ILE N 291 -57.42 -3.83 -97.56
C ILE N 291 -58.73 -4.33 -96.98
N THR N 292 -58.71 -4.70 -95.69
CA THR N 292 -59.92 -5.08 -94.98
C THR N 292 -60.07 -4.23 -93.73
N LEU N 293 -61.32 -4.06 -93.31
CA LEU N 293 -61.66 -3.16 -92.21
C LEU N 293 -61.97 -4.01 -90.99
N MET N 294 -61.03 -4.06 -90.07
CA MET N 294 -61.26 -4.75 -88.82
C MET N 294 -62.01 -3.82 -87.87
N ASP N 295 -62.72 -4.42 -86.92
CA ASP N 295 -63.53 -3.59 -86.03
C ASP N 295 -62.64 -3.06 -84.91
N ASP N 296 -63.01 -1.89 -84.40
CA ASP N 296 -62.21 -1.25 -83.37
C ASP N 296 -62.61 -1.69 -81.97
N VAL N 297 -63.81 -2.24 -81.81
CA VAL N 297 -64.26 -2.65 -80.49
C VAL N 297 -63.73 -4.04 -80.14
N THR N 298 -63.66 -4.96 -81.11
CA THR N 298 -63.20 -6.31 -80.83
C THR N 298 -61.70 -6.36 -80.59
N ALA N 299 -60.94 -5.37 -81.09
CA ALA N 299 -59.50 -5.36 -80.84
C ALA N 299 -59.19 -5.04 -79.40
N ALA N 300 -60.05 -4.25 -78.74
CA ALA N 300 -59.85 -3.96 -77.35
C ALA N 300 -60.58 -4.95 -76.45
N GLY N 301 -61.66 -5.56 -76.97
CA GLY N 301 -62.33 -6.55 -76.16
C GLY N 301 -61.55 -7.84 -76.09
N GLN N 302 -60.77 -8.15 -77.12
CA GLN N 302 -59.92 -9.32 -77.03
C GLN N 302 -58.77 -9.07 -76.07
N ALA N 303 -58.31 -7.81 -76.00
CA ALA N 303 -57.20 -7.47 -75.12
C ALA N 303 -57.65 -7.43 -73.67
N GLU N 304 -58.93 -7.26 -73.42
CA GLU N 304 -59.38 -7.28 -72.05
C GLU N 304 -59.83 -8.66 -71.63
N ALA N 305 -60.42 -9.43 -72.56
CA ALA N 305 -60.83 -10.79 -72.23
C ALA N 305 -59.63 -11.69 -72.06
N GLY N 306 -58.50 -11.37 -72.71
CA GLY N 306 -57.30 -12.13 -72.45
C GLY N 306 -56.55 -11.65 -71.23
N LEU N 307 -56.74 -10.40 -70.82
CA LEU N 307 -56.07 -9.91 -69.63
C LEU N 307 -56.80 -10.28 -68.36
N LYS N 308 -58.08 -10.60 -68.45
CA LYS N 308 -58.79 -11.06 -67.26
C LYS N 308 -58.57 -12.56 -67.03
N GLN N 309 -58.30 -13.30 -68.10
CA GLN N 309 -58.16 -14.76 -67.99
C GLN N 309 -56.87 -15.17 -67.31
N GLN N 310 -55.82 -14.35 -67.42
CA GLN N 310 -54.56 -14.70 -66.78
C GLN N 310 -54.50 -14.32 -65.31
N ALA N 311 -55.61 -13.80 -64.76
CA ALA N 311 -55.74 -13.39 -63.35
C ALA N 311 -54.68 -12.36 -62.99
N LEU N 312 -54.67 -11.28 -63.75
CA LEU N 312 -53.71 -10.23 -63.53
C LEU N 312 -54.37 -8.99 -62.98
N PRO N 313 -53.75 -8.30 -62.04
CA PRO N 313 -54.25 -7.00 -61.63
C PRO N 313 -53.95 -6.00 -62.73
N TYR N 314 -54.93 -5.15 -63.02
CA TYR N 314 -54.77 -4.20 -64.10
C TYR N 314 -55.65 -2.99 -63.79
N SER N 315 -55.51 -1.97 -64.62
CA SER N 315 -56.31 -0.76 -64.43
C SER N 315 -56.47 -0.14 -65.80
N ARG N 316 -57.69 -0.20 -66.31
CA ARG N 316 -58.00 0.31 -67.63
C ARG N 316 -58.22 1.82 -67.62
N ARG N 317 -57.67 2.51 -68.62
CA ARG N 317 -57.82 3.96 -68.76
C ARG N 317 -58.27 4.23 -70.19
N ASN N 318 -59.57 4.28 -70.40
CA ASN N 318 -60.13 4.54 -71.72
C ASN N 318 -60.05 6.02 -72.04
N HIS N 319 -59.62 6.37 -73.25
CA HIS N 319 -59.78 7.75 -73.69
C HIS N 319 -60.02 7.73 -75.19
N LYS N 320 -60.27 8.91 -75.75
CA LYS N 320 -60.72 9.01 -77.13
C LYS N 320 -59.55 8.73 -78.05
N GLY N 321 -59.68 7.68 -78.86
CA GLY N 321 -58.62 7.36 -79.79
C GLY N 321 -57.51 6.55 -79.15
N GLY N 322 -57.83 5.77 -78.13
CA GLY N 322 -56.82 4.94 -77.48
C GLY N 322 -57.17 4.32 -76.15
N VAL N 323 -56.75 3.07 -75.99
CA VAL N 323 -56.97 2.38 -74.73
C VAL N 323 -55.60 2.11 -74.13
N THR N 324 -55.52 2.19 -72.81
CA THR N 324 -54.28 1.90 -72.10
C THR N 324 -54.57 1.04 -70.88
N PHE N 325 -53.71 0.07 -70.66
CA PHE N 325 -53.81 -0.79 -69.48
C PHE N 325 -52.58 -0.54 -68.65
N VAL N 326 -52.76 -0.28 -67.36
CA VAL N 326 -51.65 -0.01 -66.45
C VAL N 326 -51.59 -1.17 -65.50
N ILE N 327 -50.40 -1.75 -65.35
CA ILE N 327 -50.16 -2.83 -64.42
C ILE N 327 -49.07 -2.41 -63.44
N GLN N 328 -49.47 -2.02 -62.24
CA GLN N 328 -48.56 -1.49 -61.24
C GLN N 328 -48.38 -2.52 -60.14
N GLY N 329 -47.67 -2.14 -59.10
CA GLY N 329 -47.62 -2.91 -57.86
C GLY N 329 -46.38 -3.77 -57.77
N ALA N 330 -46.35 -4.58 -56.72
CA ALA N 330 -45.27 -5.54 -56.51
C ALA N 330 -45.71 -6.92 -56.97
N LEU N 331 -45.71 -7.11 -58.29
CA LEU N 331 -46.11 -8.39 -58.84
C LEU N 331 -45.05 -9.44 -58.55
N ASP N 332 -45.45 -10.71 -58.52
CA ASP N 332 -44.46 -11.74 -58.30
C ASP N 332 -43.99 -12.27 -59.67
N ASP N 333 -43.23 -13.37 -59.63
CA ASP N 333 -42.58 -13.87 -60.83
C ASP N 333 -43.55 -14.50 -61.80
N VAL N 334 -44.62 -15.11 -61.30
CA VAL N 334 -45.52 -15.77 -62.22
C VAL N 334 -46.37 -14.73 -62.93
N GLU N 335 -46.72 -13.65 -62.23
CA GLU N 335 -47.55 -12.64 -62.86
C GLU N 335 -46.72 -11.82 -63.84
N ILE N 336 -45.40 -11.72 -63.61
CA ILE N 336 -44.56 -11.03 -64.58
C ILE N 336 -44.38 -11.89 -65.82
N LEU N 337 -44.20 -13.21 -65.65
CA LEU N 337 -43.95 -14.04 -66.81
C LEU N 337 -45.20 -14.21 -67.65
N ARG N 338 -46.37 -14.22 -67.00
CA ARG N 338 -47.61 -14.30 -67.77
C ARG N 338 -47.93 -12.98 -68.45
N ALA N 339 -47.60 -11.84 -67.83
CA ALA N 339 -47.93 -10.59 -68.49
C ALA N 339 -46.98 -10.34 -69.66
N ARG N 340 -45.73 -10.77 -69.53
CA ARG N 340 -44.80 -10.56 -70.64
C ARG N 340 -45.14 -11.48 -71.80
N GLN N 341 -45.63 -12.69 -71.49
CA GLN N 341 -45.99 -13.59 -72.58
C GLN N 341 -47.33 -13.22 -73.19
N PHE N 342 -48.11 -12.40 -72.51
CA PHE N 342 -49.37 -12.02 -73.14
C PHE N 342 -49.18 -10.78 -74.00
N VAL N 343 -48.35 -9.84 -73.54
CA VAL N 343 -48.10 -8.64 -74.34
C VAL N 343 -47.33 -9.01 -75.62
N ASP N 344 -46.37 -9.93 -75.51
CA ASP N 344 -45.66 -10.35 -76.72
C ASP N 344 -46.54 -11.14 -77.67
N SER N 345 -47.52 -11.86 -77.15
CA SER N 345 -48.44 -12.57 -78.04
C SER N 345 -49.58 -11.70 -78.55
N TYR N 346 -49.71 -10.49 -78.04
CA TYR N 346 -50.71 -9.58 -78.57
C TYR N 346 -50.16 -8.56 -79.56
N TYR N 347 -48.92 -8.12 -79.34
CA TYR N 347 -48.31 -7.14 -80.24
C TYR N 347 -48.05 -7.74 -81.62
N ARG N 348 -47.87 -9.05 -81.71
CA ARG N 348 -47.62 -9.65 -83.01
C ARG N 348 -48.90 -9.69 -83.83
N THR N 349 -50.05 -9.72 -83.17
CA THR N 349 -51.30 -9.78 -83.91
C THR N 349 -51.82 -8.40 -84.26
N TRP N 350 -51.90 -7.50 -83.29
CA TRP N 350 -52.55 -6.22 -83.54
C TRP N 350 -51.60 -5.04 -83.71
N GLY N 351 -50.48 -5.01 -83.02
CA GLY N 351 -49.60 -3.87 -83.09
C GLY N 351 -50.04 -2.75 -82.17
N GLY N 352 -49.06 -2.06 -81.58
CA GLY N 352 -49.35 -1.06 -80.58
C GLY N 352 -49.72 0.32 -81.10
N ARG N 353 -50.72 0.39 -81.98
CA ARG N 353 -51.19 1.67 -82.48
C ARG N 353 -52.44 2.15 -81.77
N TYR N 354 -53.27 1.25 -81.26
CA TYR N 354 -54.53 1.61 -80.62
C TYR N 354 -54.56 1.36 -79.12
N VAL N 355 -53.85 0.34 -78.65
CA VAL N 355 -53.89 -0.06 -77.25
C VAL N 355 -52.47 -0.25 -76.73
N GLN N 356 -52.21 0.25 -75.52
CA GLN N 356 -50.85 0.29 -75.00
C GLN N 356 -50.81 -0.17 -73.54
N PHE N 357 -49.80 -0.98 -73.21
CA PHE N 357 -49.62 -1.51 -71.87
C PHE N 357 -48.48 -0.80 -71.13
N ALA N 358 -48.59 -0.76 -69.80
CA ALA N 358 -47.72 0.07 -68.97
C ALA N 358 -47.23 -0.70 -67.74
N ILE N 359 -46.67 -1.89 -67.96
CA ILE N 359 -46.18 -2.72 -66.86
C ILE N 359 -45.00 -2.07 -66.15
N GLU N 360 -45.17 -1.77 -64.87
CA GLU N 360 -44.08 -1.22 -64.08
C GLU N 360 -44.14 -1.76 -62.67
N LEU N 361 -43.01 -1.70 -61.98
CA LEU N 361 -42.87 -2.28 -60.64
C LEU N 361 -42.54 -1.20 -59.62
N LYS N 362 -43.48 -0.96 -58.72
CA LYS N 362 -43.30 -0.16 -57.53
C LYS N 362 -43.39 -1.09 -56.32
N ASP N 363 -43.36 -0.51 -55.12
CA ASP N 363 -43.37 -1.31 -53.90
C ASP N 363 -44.63 -0.98 -53.11
N ASP N 364 -45.72 -1.68 -53.43
CA ASP N 364 -46.93 -1.61 -52.62
C ASP N 364 -47.72 -2.89 -52.77
N TRP N 365 -48.18 -3.45 -51.64
CA TRP N 365 -48.83 -4.75 -51.67
C TRP N 365 -50.23 -4.67 -52.26
N LEU N 366 -50.83 -3.50 -52.28
CA LEU N 366 -52.04 -3.27 -53.06
C LEU N 366 -51.62 -2.97 -54.47
N LYS N 367 -51.94 -3.87 -55.40
CA LYS N 367 -51.40 -3.81 -56.75
C LYS N 367 -52.20 -2.83 -57.60
N GLY N 368 -52.01 -1.54 -57.33
CA GLY N 368 -52.59 -0.52 -58.19
C GLY N 368 -53.75 0.23 -57.58
N ARG N 369 -54.61 -0.51 -56.91
CA ARG N 369 -55.84 0.02 -56.35
C ARG N 369 -55.59 0.65 -54.98
N SER N 370 -56.40 1.65 -54.66
CA SER N 370 -56.25 2.39 -53.41
C SER N 370 -57.61 2.94 -52.98
N PHE N 371 -57.77 3.07 -51.67
CA PHE N 371 -59.05 3.41 -51.08
C PHE N 371 -58.84 4.52 -50.06
N GLN N 372 -59.93 5.21 -49.75
CA GLN N 372 -59.96 6.15 -48.64
C GLN N 372 -61.14 5.81 -47.75
N TYR N 373 -60.98 6.07 -46.47
CA TYR N 373 -61.83 5.53 -45.43
C TYR N 373 -62.40 6.69 -44.63
N GLY N 374 -63.70 6.89 -44.72
CA GLY N 374 -64.33 7.79 -43.77
C GLY N 374 -65.83 7.63 -43.61
N ALA N 375 -66.25 7.37 -42.37
CA ALA N 375 -67.61 7.57 -41.86
C ALA N 375 -68.67 6.65 -42.47
N GLU N 376 -68.33 5.90 -43.50
CA GLU N 376 -69.28 4.98 -44.13
C GLU N 376 -68.66 3.65 -44.52
N GLY N 377 -67.35 3.52 -44.53
CA GLY N 377 -66.74 2.36 -45.11
C GLY N 377 -65.63 2.79 -46.03
N TYR N 378 -65.45 2.11 -47.15
CA TYR N 378 -64.39 2.45 -48.08
C TYR N 378 -64.96 2.97 -49.38
N ILE N 379 -64.24 3.93 -49.97
CA ILE N 379 -64.58 4.53 -51.24
C ILE N 379 -63.40 4.32 -52.18
N LYS N 380 -63.68 3.84 -53.38
CA LYS N 380 -62.65 3.56 -54.36
C LYS N 380 -62.15 4.88 -54.94
N MET N 381 -60.85 5.14 -54.81
CA MET N 381 -60.33 6.39 -55.34
C MET N 381 -60.17 6.32 -56.84
N SER N 382 -60.05 7.50 -57.44
CA SER N 382 -59.82 7.59 -58.87
C SER N 382 -58.37 7.22 -59.16
N PRO N 383 -58.09 6.68 -60.35
CA PRO N 383 -56.70 6.31 -60.67
C PRO N 383 -55.86 7.56 -60.89
N GLY N 384 -54.76 7.66 -60.13
CA GLY N 384 -53.82 8.75 -60.26
C GLY N 384 -52.41 8.21 -60.36
N HIS N 385 -51.46 9.14 -60.42
CA HIS N 385 -50.06 8.77 -60.60
C HIS N 385 -49.36 8.53 -59.27
N TRP N 386 -49.80 9.18 -58.21
CA TRP N 386 -49.22 8.98 -56.90
C TRP N 386 -49.75 7.70 -56.27
N TYR N 387 -48.86 6.95 -55.63
CA TYR N 387 -49.22 5.72 -54.95
C TYR N 387 -48.78 5.79 -53.50
N PHE N 388 -49.53 5.12 -52.64
CA PHE N 388 -49.22 5.08 -51.21
C PHE N 388 -48.19 3.98 -50.94
N PRO N 389 -47.03 4.30 -50.36
CA PRO N 389 -46.06 3.25 -50.03
C PRO N 389 -46.57 2.36 -48.90
N SER N 390 -46.23 1.08 -48.98
CA SER N 390 -46.89 0.07 -48.16
C SER N 390 -46.08 -0.24 -46.92
N PRO N 391 -46.56 0.05 -45.72
CA PRO N 391 -45.93 -0.50 -44.51
C PRO N 391 -46.49 -1.90 -44.23
N LEU N 392 -45.65 -2.92 -44.37
CA LEU N 392 -46.06 -4.29 -44.15
C LEU N 392 -44.89 -5.20 -43.81
N GLY O 32 11.59 -26.24 77.78
CA GLY O 32 10.28 -25.69 78.00
C GLY O 32 9.50 -25.49 76.72
N SER O 33 9.41 -24.24 76.27
CA SER O 33 8.73 -23.94 75.02
C SER O 33 9.50 -22.84 74.30
N GLY O 34 8.91 -22.29 73.26
CA GLY O 34 9.52 -21.21 72.52
C GLY O 34 9.15 -21.30 71.05
N PHE O 35 9.85 -20.52 70.25
CA PHE O 35 9.60 -20.44 68.81
C PHE O 35 10.84 -19.93 68.10
N VAL O 36 11.36 -20.69 67.15
CA VAL O 36 12.56 -20.30 66.42
C VAL O 36 12.09 -19.66 65.12
N ALA O 37 12.01 -18.33 65.11
CA ALA O 37 11.50 -17.62 63.94
C ALA O 37 12.61 -17.40 62.93
N LYS O 38 12.36 -17.76 61.68
CA LYS O 38 13.30 -17.48 60.59
C LYS O 38 12.53 -16.81 59.45
N ASP O 39 12.59 -15.48 59.45
CA ASP O 39 12.03 -14.61 58.41
C ASP O 39 10.52 -14.78 58.27
N ASP O 40 9.83 -14.81 59.41
CA ASP O 40 8.37 -14.82 59.40
C ASP O 40 7.86 -13.40 59.16
N SER O 41 6.54 -13.27 59.06
CA SER O 41 5.94 -12.02 58.59
C SER O 41 4.89 -11.47 59.54
N LEU O 42 5.07 -11.65 60.85
CA LEU O 42 4.24 -11.06 61.90
C LEU O 42 2.76 -11.46 61.88
N ARG O 43 2.37 -12.37 61.01
CA ARG O 43 1.05 -12.98 61.06
C ARG O 43 1.11 -14.44 61.43
N THR O 44 2.17 -15.11 61.06
CA THR O 44 2.48 -16.45 61.54
C THR O 44 3.26 -16.45 62.84
N PHE O 45 3.70 -15.30 63.33
CA PHE O 45 4.38 -15.23 64.61
C PHE O 45 3.41 -15.04 65.76
N PHE O 46 2.51 -14.07 65.65
CA PHE O 46 1.60 -13.84 66.74
C PHE O 46 0.52 -14.90 66.80
N ASP O 47 0.39 -15.74 65.76
CA ASP O 47 -0.45 -16.91 65.87
C ASP O 47 0.26 -18.02 66.64
N ALA O 48 1.58 -18.07 66.55
CA ALA O 48 2.31 -19.04 67.36
C ALA O 48 2.31 -18.64 68.82
N MET O 49 2.17 -17.34 69.09
CA MET O 49 2.03 -16.88 70.48
C MET O 49 0.61 -17.08 71.00
N ALA O 50 -0.34 -17.36 70.11
CA ALA O 50 -1.76 -17.42 70.42
C ALA O 50 -2.17 -18.72 71.09
N LEU O 51 -1.24 -19.52 71.58
CA LEU O 51 -1.58 -20.64 72.43
C LEU O 51 -1.32 -20.31 73.88
N GLN O 52 -0.19 -19.66 74.16
CA GLN O 52 0.09 -19.20 75.51
C GLN O 52 -0.85 -18.06 75.88
N LEU O 53 -0.95 -17.04 75.03
CA LEU O 53 -2.14 -16.20 75.07
C LEU O 53 -3.37 -17.04 74.73
N LYS O 54 -4.42 -16.96 75.55
CA LYS O 54 -5.54 -17.86 75.35
C LYS O 54 -6.60 -17.32 74.39
N GLU O 55 -6.25 -16.36 73.54
CA GLU O 55 -7.22 -15.76 72.63
C GLU O 55 -6.66 -15.71 71.22
N PRO O 56 -7.51 -15.73 70.20
CA PRO O 56 -7.01 -15.47 68.84
C PRO O 56 -6.59 -14.02 68.69
N VAL O 57 -5.70 -13.80 67.72
CA VAL O 57 -5.08 -12.49 67.46
C VAL O 57 -5.35 -12.04 66.04
N ILE O 58 -5.86 -10.83 65.89
CA ILE O 58 -6.23 -10.31 64.59
C ILE O 58 -5.30 -9.15 64.29
N VAL O 59 -4.25 -9.43 63.53
CA VAL O 59 -3.26 -8.44 63.13
C VAL O 59 -3.69 -7.86 61.79
N SER O 60 -3.70 -6.54 61.68
CA SER O 60 -4.06 -5.94 60.41
C SER O 60 -2.99 -6.14 59.33
N LYS O 61 -3.37 -5.79 58.11
CA LYS O 61 -2.52 -6.04 56.96
C LYS O 61 -1.62 -4.87 56.66
N MET O 62 -1.68 -3.82 57.45
CA MET O 62 -0.67 -2.79 57.35
C MET O 62 0.45 -3.03 58.35
N ALA O 63 0.16 -3.82 59.39
CA ALA O 63 1.16 -4.28 60.33
C ALA O 63 1.55 -5.72 60.06
N ALA O 64 1.18 -6.26 58.91
CA ALA O 64 1.59 -7.60 58.53
C ALA O 64 2.73 -7.64 57.53
N ARG O 65 3.24 -6.50 57.07
CA ARG O 65 4.38 -6.47 56.16
C ARG O 65 5.74 -6.41 56.85
N LYS O 66 5.80 -6.08 58.13
CA LYS O 66 7.08 -6.16 58.82
C LYS O 66 7.42 -7.60 59.17
N LYS O 67 8.72 -7.86 59.29
CA LYS O 67 9.23 -9.21 59.43
C LYS O 67 10.07 -9.29 60.70
N ILE O 68 10.32 -10.53 61.13
CA ILE O 68 11.04 -10.78 62.37
C ILE O 68 11.75 -12.12 62.28
N THR O 69 12.85 -12.25 63.01
CA THR O 69 13.59 -13.50 63.12
C THR O 69 14.34 -13.54 64.44
N GLY O 70 14.58 -14.76 64.93
CA GLY O 70 15.22 -14.94 66.22
C GLY O 70 14.54 -15.96 67.13
N ASN O 71 15.30 -16.44 68.12
CA ASN O 71 14.84 -17.48 69.04
C ASN O 71 14.10 -16.82 70.19
N PHE O 72 12.78 -17.00 70.23
CA PHE O 72 11.94 -16.39 71.25
C PHE O 72 11.45 -17.45 72.24
N GLU O 73 11.42 -17.10 73.52
CA GLU O 73 10.99 -18.03 74.55
C GLU O 73 9.79 -17.44 75.29
N PHE O 74 8.66 -18.15 75.24
CA PHE O 74 7.41 -17.69 75.84
C PHE O 74 7.22 -18.22 77.25
N HIS O 75 7.67 -17.48 78.25
CA HIS O 75 7.33 -17.83 79.63
C HIS O 75 6.60 -16.71 80.34
N ASP O 76 6.43 -15.55 79.72
CA ASP O 76 5.60 -14.48 80.27
C ASP O 76 5.07 -13.66 79.11
N PRO O 77 3.95 -14.11 78.49
CA PRO O 77 3.55 -13.55 77.19
C PRO O 77 2.90 -12.18 77.26
N ASN O 78 2.19 -11.86 78.35
CA ASN O 78 1.52 -10.57 78.39
C ASN O 78 2.52 -9.44 78.57
N ALA O 79 3.71 -9.74 79.10
CA ALA O 79 4.78 -8.76 79.16
C ALA O 79 5.67 -8.84 77.95
N LEU O 80 5.67 -9.97 77.24
CA LEU O 80 6.45 -10.02 76.02
C LEU O 80 5.75 -9.22 74.91
N LEU O 81 4.42 -9.26 74.91
CA LEU O 81 3.67 -8.50 73.92
C LEU O 81 3.77 -7.01 74.21
N GLU O 82 3.84 -6.64 75.49
CA GLU O 82 4.00 -5.25 75.86
C GLU O 82 5.38 -4.74 75.50
N LYS O 83 6.40 -5.59 75.58
CA LYS O 83 7.72 -5.12 75.23
C LYS O 83 7.90 -5.05 73.73
N LEU O 84 7.38 -6.04 72.99
CA LEU O 84 7.58 -5.99 71.55
C LEU O 84 6.70 -4.96 70.88
N SER O 85 5.63 -4.51 71.53
CA SER O 85 4.81 -3.47 70.92
C SER O 85 5.50 -2.12 71.00
N LEU O 86 6.42 -1.95 71.94
CA LEU O 86 7.12 -0.69 72.09
C LEU O 86 8.43 -0.71 71.34
N GLN O 87 9.04 -1.89 71.20
CA GLN O 87 10.28 -1.93 70.44
C GLN O 87 10.02 -1.87 68.95
N LEU O 88 8.92 -2.46 68.47
CA LEU O 88 8.65 -2.36 67.04
C LEU O 88 7.78 -1.16 66.70
N GLY O 89 6.85 -0.79 67.57
CA GLY O 89 5.99 0.33 67.31
C GLY O 89 4.69 -0.25 66.80
N LEU O 90 3.75 -0.45 67.71
CA LEU O 90 2.52 -1.20 67.46
C LEU O 90 1.53 -0.75 68.52
N ILE O 91 0.26 -0.98 68.24
CA ILE O 91 -0.78 -0.77 69.25
C ILE O 91 -1.66 -2.00 69.28
N TRP O 92 -2.12 -2.36 70.47
CA TRP O 92 -2.89 -3.57 70.66
C TRP O 92 -4.01 -3.31 71.64
N TYR O 93 -4.99 -4.21 71.62
CA TYR O 93 -6.16 -4.03 72.45
C TYR O 93 -6.82 -5.38 72.68
N PHE O 94 -7.29 -5.63 73.90
CA PHE O 94 -7.89 -6.90 74.25
C PHE O 94 -9.25 -6.65 74.87
N ASP O 95 -10.32 -6.99 74.15
CA ASP O 95 -11.67 -6.65 74.58
C ASP O 95 -12.34 -7.79 75.32
N GLY O 96 -11.66 -8.91 75.54
CA GLY O 96 -12.23 -10.04 76.25
C GLY O 96 -12.49 -11.26 75.39
N GLN O 97 -12.35 -11.16 74.08
CA GLN O 97 -12.58 -12.32 73.22
C GLN O 97 -11.42 -12.53 72.27
N ALA O 98 -10.70 -11.46 71.94
CA ALA O 98 -9.62 -11.55 70.99
C ALA O 98 -8.64 -10.43 71.27
N ILE O 99 -7.50 -10.48 70.60
CA ILE O 99 -6.47 -9.45 70.73
C ILE O 99 -6.27 -8.83 69.36
N TYR O 100 -6.61 -7.56 69.22
CA TYR O 100 -6.41 -6.85 67.97
C TYR O 100 -5.05 -6.18 68.00
N ILE O 101 -4.38 -6.19 66.84
CA ILE O 101 -3.03 -5.63 66.69
C ILE O 101 -3.02 -4.75 65.44
N TYR O 102 -2.70 -3.48 65.61
CA TYR O 102 -2.52 -2.52 64.53
C TYR O 102 -1.11 -1.95 64.57
N ASP O 103 -0.73 -1.30 63.47
CA ASP O 103 0.50 -0.53 63.48
C ASP O 103 0.22 0.86 64.03
N ALA O 104 1.30 1.56 64.39
CA ALA O 104 1.19 2.80 65.14
C ALA O 104 0.62 3.94 64.32
N SER O 105 0.71 3.87 63.00
CA SER O 105 0.24 4.93 62.14
C SER O 105 -1.24 4.83 61.84
N GLU O 106 -1.97 3.92 62.50
CA GLU O 106 -3.41 3.80 62.30
C GLU O 106 -4.22 4.31 63.48
N MET O 107 -3.59 4.92 64.47
CA MET O 107 -4.32 5.40 65.63
C MET O 107 -5.12 6.64 65.28
N ARG O 108 -6.43 6.59 65.50
CA ARG O 108 -7.33 7.69 65.23
C ARG O 108 -7.92 8.21 66.54
N ASN O 109 -8.47 9.42 66.48
CA ASN O 109 -9.00 10.08 67.66
C ASN O 109 -10.26 10.84 67.32
N ALA O 110 -11.08 11.06 68.35
CA ALA O 110 -12.31 11.82 68.18
C ALA O 110 -12.74 12.49 69.46
N VAL O 111 -13.56 13.53 69.31
CA VAL O 111 -14.20 14.24 70.39
C VAL O 111 -15.71 14.20 70.17
N VAL O 112 -16.44 13.73 71.18
CA VAL O 112 -17.87 13.51 71.03
C VAL O 112 -18.61 14.15 72.20
N SER O 113 -19.79 14.69 71.93
CA SER O 113 -20.55 15.45 72.92
C SER O 113 -21.79 14.65 73.33
N LEU O 114 -21.97 14.48 74.62
CA LEU O 114 -23.14 13.86 75.21
C LEU O 114 -24.11 14.95 75.66
N ARG O 115 -25.33 14.93 75.13
CA ARG O 115 -26.26 16.01 75.41
C ARG O 115 -26.82 15.90 76.82
N ASN O 116 -27.19 14.68 77.24
CA ASN O 116 -27.91 14.51 78.50
C ASN O 116 -27.40 13.33 79.31
N VAL O 117 -26.10 13.05 79.28
CA VAL O 117 -25.48 11.99 80.09
C VAL O 117 -24.06 12.42 80.44
N SER O 118 -23.69 12.29 81.71
CA SER O 118 -22.38 12.69 82.19
C SER O 118 -21.29 11.67 81.82
N LEU O 119 -20.06 12.16 81.86
CA LEU O 119 -18.91 11.33 81.56
C LEU O 119 -18.66 10.33 82.68
N ASN O 120 -18.91 10.73 83.92
CA ASN O 120 -18.68 9.82 85.04
C ASN O 120 -19.69 8.68 85.07
N GLU O 121 -20.86 8.85 84.45
CA GLU O 121 -21.80 7.73 84.33
C GLU O 121 -21.45 6.82 83.15
N PHE O 122 -21.01 7.42 82.03
CA PHE O 122 -20.64 6.55 80.92
C PHE O 122 -19.35 5.78 81.22
N ASN O 123 -18.45 6.38 82.00
CA ASN O 123 -17.25 5.66 82.37
C ASN O 123 -17.54 4.57 83.37
N ASN O 124 -18.64 4.68 84.12
CA ASN O 124 -19.01 3.57 84.98
C ASN O 124 -19.74 2.50 84.20
N PHE O 125 -20.28 2.85 83.04
CA PHE O 125 -20.84 1.82 82.18
C PHE O 125 -19.71 1.00 81.57
N LEU O 126 -18.60 1.68 81.25
CA LEU O 126 -17.47 0.94 80.70
C LEU O 126 -16.76 0.13 81.78
N LYS O 127 -16.79 0.62 83.03
CA LYS O 127 -16.17 -0.12 84.12
C LYS O 127 -17.00 -1.34 84.45
N ARG O 128 -18.31 -1.25 84.28
CA ARG O 128 -19.15 -2.38 84.61
C ARG O 128 -19.21 -3.36 83.47
N SER O 129 -18.90 -2.91 82.26
CA SER O 129 -18.93 -3.87 81.17
C SER O 129 -17.61 -4.63 81.07
N GLY O 130 -16.50 -3.93 80.96
CA GLY O 130 -15.26 -4.68 80.85
C GLY O 130 -14.41 -4.20 79.70
N LEU O 131 -14.82 -3.08 79.11
CA LEU O 131 -14.13 -2.49 77.98
C LEU O 131 -13.21 -1.36 78.40
N TYR O 132 -13.05 -1.14 79.70
CA TYR O 132 -12.20 -0.07 80.21
C TYR O 132 -10.74 -0.45 80.03
N ASN O 133 -10.03 0.36 79.25
CA ASN O 133 -8.62 0.17 78.96
C ASN O 133 -7.86 1.33 79.57
N LYS O 134 -7.03 1.05 80.56
CA LYS O 134 -6.35 2.10 81.28
C LYS O 134 -5.19 2.70 80.49
N ASN O 135 -4.79 2.08 79.39
CA ASN O 135 -3.75 2.67 78.57
C ASN O 135 -4.26 3.85 77.75
N TYR O 136 -5.50 3.76 77.25
CA TYR O 136 -6.11 4.85 76.48
C TYR O 136 -7.38 5.28 77.20
N PRO O 137 -7.27 6.11 78.22
CA PRO O 137 -8.47 6.53 78.95
C PRO O 137 -9.19 7.65 78.25
N LEU O 138 -10.23 8.18 78.86
CA LEU O 138 -11.05 9.23 78.27
C LEU O 138 -10.65 10.57 78.89
N ARG O 139 -10.04 11.43 78.09
CA ARG O 139 -9.60 12.74 78.56
C ARG O 139 -10.74 13.73 78.45
N GLY O 140 -11.09 14.33 79.58
CA GLY O 140 -12.15 15.32 79.62
C GLY O 140 -12.43 15.73 81.04
N ASP O 141 -13.30 16.74 81.16
CA ASP O 141 -13.75 17.21 82.45
C ASP O 141 -14.69 16.19 83.08
N ASN O 142 -14.64 16.10 84.41
CA ASN O 142 -15.29 15.01 85.12
C ASN O 142 -16.81 15.14 85.14
N ARG O 143 -17.34 16.36 85.10
CA ARG O 143 -18.80 16.50 85.01
C ARG O 143 -19.12 17.45 83.85
N LYS O 144 -19.17 16.87 82.66
CA LYS O 144 -19.40 17.63 81.44
C LYS O 144 -19.98 16.69 80.40
N GLY O 145 -19.99 17.13 79.15
CA GLY O 145 -20.52 16.30 78.09
C GLY O 145 -19.50 16.07 77.01
N THR O 146 -18.42 16.83 77.03
CA THR O 146 -17.40 16.74 76.02
C THR O 146 -16.15 16.10 76.60
N PHE O 147 -15.52 15.22 75.81
CA PHE O 147 -14.27 14.60 76.19
C PHE O 147 -13.51 14.27 74.91
N TYR O 148 -12.30 13.76 75.08
CA TYR O 148 -11.42 13.48 73.96
C TYR O 148 -10.91 12.05 74.12
N VAL O 149 -11.11 11.23 73.08
CA VAL O 149 -10.75 9.82 73.11
C VAL O 149 -9.83 9.53 71.93
N SER O 150 -8.88 8.61 72.14
CA SER O 150 -7.92 8.25 71.11
C SER O 150 -7.42 6.85 71.37
N GLY O 151 -7.17 6.12 70.29
CA GLY O 151 -6.67 4.77 70.40
C GLY O 151 -6.81 3.96 69.13
N PRO O 152 -6.92 2.65 69.27
CA PRO O 152 -7.16 1.77 68.12
C PRO O 152 -8.52 2.01 67.49
N PRO O 153 -8.66 1.69 66.19
CA PRO O 153 -9.93 1.95 65.51
C PRO O 153 -11.08 1.08 65.96
N VAL O 154 -10.84 -0.05 66.60
CA VAL O 154 -11.96 -0.84 67.09
C VAL O 154 -12.42 -0.34 68.45
N TYR O 155 -11.57 0.43 69.14
CA TYR O 155 -11.95 0.98 70.43
C TYR O 155 -12.60 2.34 70.28
N VAL O 156 -12.15 3.12 69.29
CA VAL O 156 -12.75 4.43 69.06
C VAL O 156 -14.13 4.27 68.45
N ASP O 157 -14.26 3.37 67.48
CA ASP O 157 -15.55 3.16 66.84
C ASP O 157 -16.51 2.38 67.73
N MET O 158 -16.05 1.89 68.87
CA MET O 158 -16.97 1.35 69.86
C MET O 158 -17.41 2.42 70.86
N VAL O 159 -16.50 3.29 71.27
CA VAL O 159 -16.87 4.32 72.24
C VAL O 159 -17.79 5.37 71.61
N VAL O 160 -17.55 5.76 70.35
CA VAL O 160 -18.40 6.74 69.69
C VAL O 160 -19.80 6.17 69.45
N ASN O 161 -19.88 4.90 69.03
CA ASN O 161 -21.18 4.31 68.74
C ASN O 161 -21.95 4.01 70.01
N ALA O 162 -21.25 3.71 71.10
CA ALA O 162 -21.96 3.43 72.34
C ALA O 162 -22.23 4.68 73.12
N ALA O 163 -21.78 5.83 72.64
CA ALA O 163 -22.11 7.08 73.29
C ALA O 163 -23.26 7.76 72.55
N THR O 164 -23.24 7.67 71.22
CA THR O 164 -24.38 8.15 70.46
C THR O 164 -25.55 7.17 70.52
N MET O 165 -25.36 5.94 70.95
CA MET O 165 -26.51 5.10 71.26
C MET O 165 -26.93 5.18 72.73
N MET O 166 -26.31 6.04 73.52
CA MET O 166 -26.81 6.37 74.84
C MET O 166 -27.34 7.77 74.97
N ASP O 167 -27.12 8.62 73.96
CA ASP O 167 -27.90 9.85 73.94
C ASP O 167 -29.28 9.65 73.32
N LYS O 168 -29.43 8.71 72.39
CA LYS O 168 -30.75 8.48 71.80
C LYS O 168 -31.69 7.78 72.76
N GLN O 169 -31.19 6.99 73.72
CA GLN O 169 -32.10 6.38 74.66
C GLN O 169 -32.63 7.41 75.66
N ASN O 170 -31.81 8.36 76.05
CA ASN O 170 -32.27 9.39 76.97
C ASN O 170 -32.92 10.56 76.25
N LYS P 27 -4.47 -54.75 52.93
CA LYS P 27 -3.61 -53.79 52.24
C LYS P 27 -3.51 -52.49 53.00
N ILE P 28 -4.19 -52.41 54.14
CA ILE P 28 -4.20 -51.18 54.94
C ILE P 28 -3.35 -51.37 56.18
N PRO P 29 -2.56 -50.36 56.56
CA PRO P 29 -1.62 -50.50 57.70
C PRO P 29 -2.23 -50.54 59.10
N VAL P 30 -1.33 -50.38 60.08
CA VAL P 30 -1.37 -50.75 61.50
C VAL P 30 -2.72 -50.50 62.18
N THR P 31 -3.13 -51.44 63.05
CA THR P 31 -4.53 -51.68 63.41
C THR P 31 -5.07 -50.71 64.45
N GLY P 32 -4.45 -49.56 64.68
CA GLY P 32 -5.03 -48.56 65.55
C GLY P 32 -6.16 -47.79 64.86
N SER P 33 -6.39 -46.58 65.36
CA SER P 33 -7.41 -45.71 64.78
C SER P 33 -6.78 -44.36 64.52
N GLY P 34 -7.04 -43.80 63.35
CA GLY P 34 -6.48 -42.50 63.05
C GLY P 34 -6.63 -42.15 61.59
N PHE P 35 -6.38 -40.88 61.32
CA PHE P 35 -6.46 -40.31 59.99
C PHE P 35 -5.08 -39.84 59.57
N VAL P 36 -4.58 -40.34 58.45
CA VAL P 36 -3.27 -39.95 57.95
C VAL P 36 -3.51 -38.87 56.90
N ALA P 37 -2.95 -37.69 57.12
CA ALA P 37 -3.16 -36.54 56.25
C ALA P 37 -1.86 -36.26 55.52
N LYS P 38 -1.85 -36.49 54.21
CA LYS P 38 -0.70 -36.17 53.36
C LYS P 38 -1.07 -34.97 52.52
N ASP P 39 -0.86 -33.78 53.08
CA ASP P 39 -1.07 -32.49 52.42
C ASP P 39 -2.53 -32.37 51.96
N ASP P 40 -3.41 -32.30 52.95
CA ASP P 40 -4.80 -31.90 52.73
C ASP P 40 -4.97 -30.41 52.92
N SER P 41 -6.18 -29.92 52.67
CA SER P 41 -6.41 -28.49 52.57
C SER P 41 -7.56 -28.01 53.44
N LEU P 42 -7.67 -28.55 54.66
CA LEU P 42 -8.59 -28.11 55.70
C LEU P 42 -10.08 -28.21 55.38
N ARG P 43 -10.42 -28.74 54.22
CA ARG P 43 -11.80 -29.00 53.83
CA ARG P 43 -11.80 -29.00 53.85
C ARG P 43 -12.06 -30.48 53.74
N THR P 44 -11.10 -31.21 53.23
CA THR P 44 -11.09 -32.65 53.25
C THR P 44 -10.57 -33.18 54.57
N PHE P 45 -10.05 -32.31 55.44
CA PHE P 45 -9.61 -32.77 56.74
C PHE P 45 -10.71 -32.73 57.79
N PHE P 46 -11.50 -31.66 57.84
CA PHE P 46 -12.53 -31.57 58.87
C PHE P 46 -13.77 -32.41 58.58
N ASP P 47 -13.99 -32.80 57.32
CA ASP P 47 -15.08 -33.74 57.09
C ASP P 47 -14.71 -35.14 57.54
N ALA P 48 -13.42 -35.45 57.67
CA ALA P 48 -13.06 -36.70 58.29
C ALA P 48 -13.36 -36.67 59.77
N MET P 49 -13.32 -35.49 60.39
CA MET P 49 -13.73 -35.37 61.78
C MET P 49 -15.24 -35.21 61.93
N ALA P 50 -15.95 -35.17 60.81
CA ALA P 50 -17.37 -34.87 60.85
C ALA P 50 -18.23 -36.09 61.13
N LEU P 51 -17.67 -37.21 61.57
CA LEU P 51 -18.49 -38.29 62.07
C LEU P 51 -18.28 -38.49 63.56
N GLN P 52 -17.07 -38.20 64.04
CA GLN P 52 -16.85 -38.18 65.49
C GLN P 52 -17.58 -37.00 66.10
N LEU P 53 -17.43 -35.80 65.52
CA LEU P 53 -18.48 -34.81 65.73
C LEU P 53 -19.71 -35.31 64.98
N LYS P 54 -20.87 -35.30 65.63
CA LYS P 54 -22.03 -35.89 64.99
C LYS P 54 -22.81 -34.89 64.15
N GLU P 55 -22.19 -33.79 63.74
CA GLU P 55 -22.79 -32.75 62.93
C GLU P 55 -21.90 -32.47 61.73
N PRO P 56 -22.47 -32.01 60.62
CA PRO P 56 -21.62 -31.58 59.50
C PRO P 56 -20.87 -30.30 59.82
N VAL P 57 -19.72 -30.16 59.17
CA VAL P 57 -18.79 -29.05 59.40
C VAL P 57 -18.72 -28.19 58.15
N ILE P 58 -18.92 -26.90 58.31
CA ILE P 58 -18.89 -25.96 57.19
C ILE P 58 -17.70 -25.03 57.39
N VAL P 59 -16.71 -25.13 56.52
CA VAL P 59 -15.52 -24.31 56.61
C VAL P 59 -15.57 -23.23 55.53
N SER P 60 -15.21 -22.01 55.91
CA SER P 60 -15.29 -20.85 55.03
C SER P 60 -14.19 -20.89 53.96
N LYS P 61 -14.22 -19.90 53.07
CA LYS P 61 -13.28 -19.85 51.97
C LYS P 61 -11.93 -19.31 52.36
N MET P 62 -11.86 -18.42 53.35
CA MET P 62 -10.54 -17.90 53.70
C MET P 62 -9.79 -18.88 54.59
N ALA P 63 -10.51 -19.72 55.31
CA ALA P 63 -9.88 -20.71 56.16
C ALA P 63 -9.73 -22.05 55.47
N ALA P 64 -9.93 -22.10 54.15
CA ALA P 64 -9.72 -23.33 53.40
C ALA P 64 -8.47 -23.27 52.56
N ARG P 65 -7.66 -22.24 52.70
CA ARG P 65 -6.41 -22.17 51.97
C ARG P 65 -5.22 -22.70 52.75
N LYS P 66 -5.36 -22.91 54.05
CA LYS P 66 -4.28 -23.49 54.81
C LYS P 66 -4.26 -25.00 54.65
N LYS P 67 -3.11 -25.60 54.95
CA LYS P 67 -2.89 -27.01 54.74
C LYS P 67 -2.34 -27.64 56.00
N ILE P 68 -2.53 -28.95 56.11
CA ILE P 68 -2.08 -29.71 57.28
C ILE P 68 -1.57 -31.07 56.81
N THR P 69 -0.62 -31.62 57.57
CA THR P 69 0.01 -32.89 57.24
C THR P 69 0.44 -33.56 58.52
N GLY P 70 0.03 -34.80 58.71
CA GLY P 70 0.44 -35.54 59.89
C GLY P 70 -0.49 -36.70 60.16
N ASN P 71 -0.21 -37.38 61.26
CA ASN P 71 -1.01 -38.53 61.68
C ASN P 71 -1.85 -38.10 62.88
N PHE P 72 -3.16 -38.07 62.72
CA PHE P 72 -4.05 -37.57 63.75
C PHE P 72 -4.94 -38.69 64.27
N GLU P 73 -5.58 -38.43 65.40
CA GLU P 73 -6.34 -39.46 66.11
C GLU P 73 -7.47 -38.80 66.89
N PHE P 74 -8.71 -39.01 66.46
CA PHE P 74 -9.88 -38.42 67.09
C PHE P 74 -10.51 -39.41 68.05
N HIS P 75 -10.45 -39.11 69.35
CA HIS P 75 -11.22 -39.85 70.33
C HIS P 75 -12.06 -38.97 71.24
N ASP P 76 -11.73 -37.68 71.38
CA ASP P 76 -12.70 -36.67 71.78
C ASP P 76 -12.45 -35.38 70.98
N PRO P 77 -13.34 -35.06 70.04
CA PRO P 77 -12.99 -34.02 69.07
C PRO P 77 -13.26 -32.60 69.53
N ASN P 78 -14.05 -32.36 70.57
CA ASN P 78 -14.30 -30.99 71.00
C ASN P 78 -13.12 -30.35 71.71
N ALA P 79 -12.19 -31.14 72.24
CA ALA P 79 -10.95 -30.59 72.76
C ALA P 79 -9.87 -30.52 71.70
N LEU P 80 -9.95 -31.40 70.72
CA LEU P 80 -8.99 -31.35 69.62
C LEU P 80 -9.26 -30.16 68.74
N LEU P 81 -10.53 -29.82 68.55
CA LEU P 81 -10.84 -28.65 67.75
C LEU P 81 -10.47 -27.38 68.52
N GLU P 82 -10.57 -27.43 69.84
CA GLU P 82 -10.18 -26.28 70.65
C GLU P 82 -8.67 -26.06 70.61
N LYS P 83 -7.90 -27.15 70.52
CA LYS P 83 -6.46 -26.95 70.51
C LYS P 83 -5.98 -26.55 69.13
N LEU P 84 -6.57 -27.14 68.09
CA LEU P 84 -6.14 -26.78 66.74
C LEU P 84 -6.65 -25.43 66.31
N SER P 85 -7.74 -24.94 66.90
CA SER P 85 -8.24 -23.63 66.54
C SER P 85 -7.37 -22.53 67.12
N LEU P 86 -6.56 -22.85 68.12
CA LEU P 86 -5.64 -21.87 68.65
C LEU P 86 -4.27 -22.03 68.01
N GLN P 87 -3.89 -23.25 67.65
CA GLN P 87 -2.57 -23.38 67.04
C GLN P 87 -2.57 -22.91 65.59
N LEU P 88 -3.64 -23.17 64.84
CA LEU P 88 -3.68 -22.72 63.47
C LEU P 88 -4.17 -21.29 63.33
N GLY P 89 -5.08 -20.89 64.20
CA GLY P 89 -5.64 -19.56 64.15
C GLY P 89 -6.98 -19.64 63.45
N LEU P 90 -8.04 -19.78 64.22
CA LEU P 90 -9.37 -20.11 63.71
C LEU P 90 -10.38 -19.75 64.77
N ILE P 91 -11.61 -19.54 64.33
CA ILE P 91 -12.73 -19.40 65.25
C ILE P 91 -13.84 -20.31 64.74
N TRP P 92 -14.67 -20.80 65.66
CA TRP P 92 -15.69 -21.76 65.28
C TRP P 92 -16.91 -21.58 66.16
N TYR P 93 -18.04 -22.07 65.67
CA TYR P 93 -19.30 -21.91 66.38
C TYR P 93 -20.20 -23.08 66.06
N PHE P 94 -20.71 -23.71 67.11
CA PHE P 94 -21.62 -24.83 67.00
C PHE P 94 -23.01 -24.37 67.39
N ASP P 95 -23.92 -24.28 66.43
CA ASP P 95 -25.24 -23.70 66.65
C ASP P 95 -26.29 -24.74 66.98
N GLY P 96 -25.90 -25.99 67.15
CA GLY P 96 -26.83 -27.06 67.46
C GLY P 96 -27.06 -28.02 66.32
N GLN P 97 -26.80 -27.60 65.09
CA GLN P 97 -27.00 -28.46 63.92
C GLN P 97 -25.80 -28.55 63.00
N ALA P 98 -24.82 -27.66 63.14
CA ALA P 98 -23.63 -27.72 62.31
C ALA P 98 -22.50 -27.04 63.07
N ILE P 99 -21.29 -27.18 62.55
CA ILE P 99 -20.12 -26.54 63.14
C ILE P 99 -19.51 -25.63 62.08
N TYR P 100 -19.78 -24.34 62.20
CA TYR P 100 -19.19 -23.36 61.30
C TYR P 100 -17.77 -23.05 61.74
N ILE P 101 -16.87 -22.89 60.76
CA ILE P 101 -15.46 -22.60 61.00
C ILE P 101 -15.02 -21.46 60.11
N TYR P 102 -14.56 -20.37 60.72
CA TYR P 102 -14.01 -19.22 60.02
C TYR P 102 -12.56 -19.03 60.44
N ASP P 103 -11.87 -18.16 59.72
CA ASP P 103 -10.54 -17.72 60.13
C ASP P 103 -10.64 -16.45 60.97
N ALA P 104 -9.52 -16.09 61.62
CA ALA P 104 -9.52 -15.01 62.59
C ALA P 104 -9.66 -13.63 61.95
N SER P 105 -9.44 -13.52 60.65
CA SER P 105 -9.59 -12.25 59.96
C SER P 105 -11.01 -11.99 59.52
N GLU P 106 -11.94 -12.87 59.88
CA GLU P 106 -13.34 -12.67 59.54
C GLU P 106 -14.20 -12.35 60.76
N MET P 107 -13.61 -12.07 61.91
CA MET P 107 -14.37 -11.75 63.10
C MET P 107 -14.95 -10.34 63.03
N ARG P 108 -16.26 -10.22 63.08
CA ARG P 108 -16.89 -8.91 63.02
C ARG P 108 -17.53 -8.60 64.37
N ASN P 109 -17.80 -7.32 64.60
CA ASN P 109 -18.35 -6.87 65.86
C ASN P 109 -19.34 -5.75 65.59
N ALA P 110 -20.23 -5.51 66.55
CA ALA P 110 -21.23 -4.48 66.39
C ALA P 110 -21.71 -4.01 67.75
N VAL P 111 -22.22 -2.78 67.80
CA VAL P 111 -22.82 -2.21 68.98
C VAL P 111 -24.28 -1.91 68.66
N VAL P 112 -25.19 -2.47 69.45
CA VAL P 112 -26.62 -2.31 69.22
C VAL P 112 -27.31 -1.92 70.52
N SER P 113 -28.25 -0.99 70.43
CA SER P 113 -28.97 -0.50 71.60
C SER P 113 -30.41 -0.98 71.57
N LEU P 114 -30.85 -1.58 72.68
CA LEU P 114 -32.20 -2.09 72.81
C LEU P 114 -33.12 -1.04 73.42
N ARG P 115 -34.28 -0.84 72.82
CA ARG P 115 -35.17 0.21 73.31
C ARG P 115 -36.13 -0.30 74.38
N ASN P 116 -36.83 -1.41 74.11
CA ASN P 116 -37.92 -1.83 74.98
C ASN P 116 -37.70 -3.15 75.71
N VAL P 117 -36.48 -3.68 75.73
CA VAL P 117 -36.24 -4.93 76.46
C VAL P 117 -34.81 -4.90 76.99
N SER P 118 -34.59 -5.56 78.13
CA SER P 118 -33.28 -5.56 78.76
C SER P 118 -32.36 -6.70 78.31
N LEU P 119 -31.15 -6.64 78.83
CA LEU P 119 -30.14 -7.64 78.55
C LEU P 119 -30.39 -8.95 79.28
N ASN P 120 -30.86 -8.93 80.54
CA ASN P 120 -31.12 -10.19 81.21
C ASN P 120 -32.33 -10.91 80.65
N GLU P 121 -33.30 -10.15 80.13
CA GLU P 121 -34.40 -10.78 79.45
C GLU P 121 -34.05 -11.14 78.02
N PHE P 122 -32.85 -10.81 77.58
CA PHE P 122 -32.39 -11.33 76.29
C PHE P 122 -31.43 -12.51 76.50
N ASN P 123 -30.69 -12.52 77.61
CA ASN P 123 -29.87 -13.66 77.96
C ASN P 123 -30.71 -14.85 78.40
N ASN P 124 -31.93 -14.62 78.90
CA ASN P 124 -32.77 -15.77 79.18
C ASN P 124 -33.31 -16.37 77.90
N PHE P 125 -33.47 -15.56 76.86
CA PHE P 125 -33.82 -16.11 75.56
C PHE P 125 -32.67 -16.90 74.97
N LEU P 126 -31.44 -16.49 75.25
CA LEU P 126 -30.32 -17.24 74.68
C LEU P 126 -30.06 -18.51 75.47
N LYS P 127 -30.37 -18.49 76.78
CA LYS P 127 -30.14 -19.68 77.57
C LYS P 127 -31.24 -20.69 77.29
N ARG P 128 -32.48 -20.22 77.15
CA ARG P 128 -33.57 -21.15 76.91
C ARG P 128 -33.54 -21.67 75.49
N SER P 129 -32.94 -20.93 74.56
CA SER P 129 -32.91 -21.42 73.20
C SER P 129 -31.65 -22.22 72.91
N GLY P 130 -30.66 -22.20 73.80
CA GLY P 130 -29.49 -23.00 73.54
C GLY P 130 -28.55 -22.41 72.52
N LEU P 131 -28.69 -21.14 72.19
CA LEU P 131 -27.79 -20.46 71.30
C LEU P 131 -26.74 -19.66 72.03
N TYR P 132 -26.73 -19.75 73.36
CA TYR P 132 -25.78 -19.03 74.19
C TYR P 132 -24.42 -19.69 74.12
N ASN P 133 -23.38 -18.89 73.95
CA ASN P 133 -22.01 -19.38 73.80
C ASN P 133 -21.11 -18.69 74.81
N LYS P 134 -20.49 -19.48 75.68
CA LYS P 134 -19.66 -18.93 76.75
C LYS P 134 -18.31 -18.42 76.27
N ASN P 135 -17.89 -18.79 75.07
CA ASN P 135 -16.62 -18.29 74.56
C ASN P 135 -16.73 -16.84 74.12
N TYR P 136 -17.87 -16.47 73.56
CA TYR P 136 -18.12 -15.11 73.10
C TYR P 136 -19.39 -14.61 73.77
N PRO P 137 -19.30 -14.13 74.99
CA PRO P 137 -20.50 -13.65 75.68
C PRO P 137 -20.81 -12.21 75.28
N LEU P 138 -21.86 -11.68 75.87
CA LEU P 138 -22.32 -10.31 75.63
C LEU P 138 -21.76 -9.37 76.68
N ARG P 139 -21.08 -8.32 76.24
CA ARG P 139 -20.49 -7.35 77.15
C ARG P 139 -21.41 -6.15 77.24
N GLY P 140 -21.83 -5.82 78.46
CA GLY P 140 -22.71 -4.69 78.67
C GLY P 140 -23.18 -4.63 80.10
N ASP P 141 -23.86 -3.52 80.42
CA ASP P 141 -24.47 -3.39 81.72
C ASP P 141 -25.65 -4.34 81.85
N ASN P 142 -25.90 -4.79 83.08
CA ASN P 142 -26.72 -5.99 83.26
C ASN P 142 -28.19 -5.74 83.00
N ARG P 143 -28.70 -4.57 83.38
CA ARG P 143 -30.08 -4.20 83.05
C ARG P 143 -30.07 -2.82 82.37
N LYS P 144 -29.77 -2.81 81.09
CA LYS P 144 -29.75 -1.59 80.29
C LYS P 144 -30.18 -1.95 78.88
N GLY P 145 -29.90 -1.07 77.92
CA GLY P 145 -30.31 -1.31 76.56
C GLY P 145 -29.16 -1.47 75.60
N THR P 146 -27.98 -0.96 75.94
CA THR P 146 -26.83 -1.02 75.05
C THR P 146 -25.87 -2.10 75.51
N PHE P 147 -25.31 -2.84 74.54
CA PHE P 147 -24.30 -3.84 74.85
C PHE P 147 -23.37 -3.98 73.64
N TYR P 148 -22.50 -4.99 73.68
CA TYR P 148 -21.44 -5.12 72.70
C TYR P 148 -21.23 -6.60 72.39
N VAL P 149 -21.33 -6.97 71.12
CA VAL P 149 -21.15 -8.35 70.67
C VAL P 149 -19.92 -8.45 69.78
N SER P 150 -19.31 -9.63 69.77
CA SER P 150 -18.20 -9.90 68.86
C SER P 150 -18.04 -11.40 68.69
N GLY P 151 -17.68 -11.82 67.48
CA GLY P 151 -17.50 -13.23 67.19
C GLY P 151 -17.55 -13.54 65.71
N PRO P 152 -17.92 -14.78 65.38
CA PRO P 152 -18.07 -15.17 63.98
C PRO P 152 -19.26 -14.48 63.34
N PRO P 153 -19.26 -14.33 62.01
CA PRO P 153 -20.34 -13.59 61.35
C PRO P 153 -21.69 -14.28 61.41
N VAL P 154 -21.74 -15.58 61.67
CA VAL P 154 -23.04 -16.22 61.81
C VAL P 154 -23.56 -16.03 63.23
N TYR P 155 -22.69 -15.71 64.18
CA TYR P 155 -23.17 -15.45 65.52
C TYR P 155 -23.59 -13.99 65.65
N VAL P 156 -22.86 -13.10 64.97
CA VAL P 156 -23.20 -11.69 65.06
C VAL P 156 -24.44 -11.38 64.24
N ASP P 157 -24.59 -12.02 63.07
CA ASP P 157 -25.78 -11.77 62.28
C ASP P 157 -27.02 -12.41 62.89
N MET P 158 -26.84 -13.34 63.83
CA MET P 158 -27.99 -13.88 64.51
C MET P 158 -28.37 -13.02 65.71
N VAL P 159 -27.37 -12.58 66.48
CA VAL P 159 -27.70 -11.80 67.67
C VAL P 159 -28.20 -10.39 67.35
N VAL P 160 -27.73 -9.78 66.25
CA VAL P 160 -28.22 -8.44 65.89
C VAL P 160 -29.67 -8.52 65.43
N ASN P 161 -29.98 -9.48 64.58
CA ASN P 161 -31.33 -9.55 64.05
C ASN P 161 -32.31 -10.12 65.06
N ALA P 162 -31.83 -10.92 66.00
CA ALA P 162 -32.73 -11.46 66.99
C ALA P 162 -32.93 -10.49 68.14
N ALA P 163 -32.10 -9.46 68.24
CA ALA P 163 -32.38 -8.45 69.24
C ALA P 163 -33.15 -7.27 68.66
N THR P 164 -32.97 -6.98 67.37
CA THR P 164 -33.80 -5.97 66.71
C THR P 164 -35.24 -6.46 66.54
N MET P 165 -35.46 -7.74 66.18
CA MET P 165 -36.82 -8.21 65.97
C MET P 165 -37.62 -8.45 67.24
N MET P 166 -37.02 -8.26 68.42
CA MET P 166 -37.80 -8.36 69.64
C MET P 166 -38.32 -7.00 70.09
N ASP P 167 -37.58 -5.94 69.75
CA ASP P 167 -38.04 -4.58 70.03
C ASP P 167 -39.24 -4.20 69.17
N LYS P 168 -39.28 -4.67 67.92
CA LYS P 168 -40.48 -4.40 67.14
C LYS P 168 -41.66 -5.23 67.61
N GLN P 169 -41.42 -6.28 68.40
CA GLN P 169 -42.54 -6.95 69.02
C GLN P 169 -43.04 -6.15 70.21
N ASN P 170 -42.13 -5.72 71.08
CA ASN P 170 -42.55 -4.96 72.25
C ASN P 170 -42.85 -3.52 71.86
N GLY Q 32 -27.82 -62.17 47.18
CA GLY Q 32 -28.11 -60.87 47.74
C GLY Q 32 -27.91 -59.74 46.77
N SER Q 33 -28.53 -58.58 47.05
CA SER Q 33 -28.44 -57.43 46.16
C SER Q 33 -27.14 -56.68 46.42
N GLY Q 34 -26.99 -55.53 45.78
CA GLY Q 34 -25.79 -54.74 45.96
C GLY Q 34 -25.39 -54.04 44.68
N PHE Q 35 -24.50 -53.07 44.85
CA PHE Q 35 -24.05 -52.21 43.76
C PHE Q 35 -22.53 -52.14 43.76
N VAL Q 36 -21.93 -52.26 42.59
CA VAL Q 36 -20.48 -52.21 42.45
C VAL Q 36 -20.14 -50.94 41.68
N ALA Q 37 -19.78 -49.88 42.40
CA ALA Q 37 -19.53 -48.62 41.73
C ALA Q 37 -18.07 -48.52 41.33
N LYS Q 38 -17.84 -48.13 40.07
CA LYS Q 38 -16.50 -47.88 39.55
C LYS Q 38 -16.47 -46.49 38.94
N ASP Q 39 -16.00 -45.52 39.74
CA ASP Q 39 -15.87 -44.10 39.37
C ASP Q 39 -17.21 -43.50 38.98
N ASP Q 40 -18.24 -43.86 39.73
CA ASP Q 40 -19.55 -43.25 39.52
C ASP Q 40 -19.59 -41.84 40.10
N SER Q 41 -20.57 -41.07 39.63
CA SER Q 41 -20.59 -39.63 39.81
C SER Q 41 -21.60 -39.16 40.84
N LEU Q 42 -21.97 -40.02 41.80
CA LEU Q 42 -22.73 -39.69 43.01
C LEU Q 42 -24.17 -39.28 42.73
N ARG Q 43 -24.55 -39.14 41.48
CA ARG Q 43 -25.94 -39.04 41.08
C ARG Q 43 -26.45 -40.38 40.61
N THR Q 44 -25.60 -41.08 39.87
CA THR Q 44 -25.86 -42.45 39.48
C THR Q 44 -25.65 -43.43 40.61
N PHE Q 45 -25.05 -42.98 41.72
CA PHE Q 45 -24.93 -43.91 42.83
C PHE Q 45 -26.19 -43.89 43.66
N PHE Q 46 -26.70 -42.70 43.95
CA PHE Q 46 -27.92 -42.65 44.73
C PHE Q 46 -29.15 -42.94 43.91
N ASP Q 47 -29.07 -42.96 42.58
CA ASP Q 47 -30.22 -43.42 41.80
C ASP Q 47 -30.39 -44.92 41.87
N ALA Q 48 -29.30 -45.67 42.09
CA ALA Q 48 -29.43 -47.10 42.21
C ALA Q 48 -30.01 -47.52 43.55
N MET Q 49 -29.90 -46.65 44.55
CA MET Q 49 -30.52 -46.90 45.85
C MET Q 49 -31.98 -46.48 45.89
N ALA Q 50 -32.53 -45.96 44.79
CA ALA Q 50 -33.90 -45.49 44.76
C ALA Q 50 -34.91 -46.61 44.58
N LEU Q 51 -34.47 -47.86 44.53
CA LEU Q 51 -35.37 -49.00 44.56
C LEU Q 51 -35.39 -49.67 45.92
N GLN Q 52 -34.23 -49.73 46.58
CA GLN Q 52 -34.23 -50.27 47.93
C GLN Q 52 -34.79 -49.29 48.94
N LEU Q 53 -34.51 -47.99 48.78
CA LEU Q 53 -35.40 -46.99 49.34
C LEU Q 53 -36.65 -46.90 48.48
N LYS Q 54 -37.77 -46.59 49.11
CA LYS Q 54 -39.04 -46.65 48.39
C LYS Q 54 -39.43 -45.32 47.78
N GLU Q 55 -38.55 -44.32 47.83
CA GLU Q 55 -38.84 -42.99 47.33
C GLU Q 55 -37.77 -42.55 46.34
N PRO Q 56 -38.11 -41.68 45.40
CA PRO Q 56 -37.07 -41.11 44.53
C PRO Q 56 -36.16 -40.14 45.29
N VAL Q 57 -34.94 -40.01 44.78
CA VAL Q 57 -33.88 -39.22 45.39
C VAL Q 57 -33.47 -38.10 44.44
N ILE Q 58 -33.43 -36.87 44.93
CA ILE Q 58 -33.10 -35.71 44.12
C ILE Q 58 -31.81 -35.12 44.65
N VAL Q 59 -30.73 -35.34 43.92
CA VAL Q 59 -29.41 -34.87 44.28
C VAL Q 59 -29.17 -33.54 43.58
N SER Q 60 -28.52 -32.61 44.28
CA SER Q 60 -28.35 -31.27 43.73
C SER Q 60 -27.23 -31.23 42.70
N LYS Q 61 -26.95 -30.02 42.22
CA LYS Q 61 -25.99 -29.82 41.14
C LYS Q 61 -24.56 -29.71 41.65
N MET Q 62 -24.36 -29.03 42.77
CA MET Q 62 -23.04 -28.86 43.35
C MET Q 62 -22.55 -30.12 44.05
N ALA Q 63 -23.48 -30.95 44.52
CA ALA Q 63 -23.17 -32.19 45.21
C ALA Q 63 -22.92 -33.34 44.27
N ALA Q 64 -23.06 -33.15 42.96
CA ALA Q 64 -22.83 -34.21 41.99
C ALA Q 64 -21.43 -34.19 41.40
N ARG Q 65 -20.49 -33.45 42.00
CA ARG Q 65 -19.12 -33.48 41.51
C ARG Q 65 -18.24 -34.48 42.23
N LYS Q 66 -18.57 -34.88 43.45
CA LYS Q 66 -17.75 -35.90 44.10
C LYS Q 66 -18.01 -37.26 43.47
N LYS Q 67 -17.07 -38.18 43.72
CA LYS Q 67 -17.13 -39.49 43.11
C LYS Q 67 -16.91 -40.56 44.16
N ILE Q 68 -17.37 -41.77 43.87
CA ILE Q 68 -17.26 -42.90 44.77
C ILE Q 68 -17.01 -44.16 43.96
N THR Q 69 -16.34 -45.13 44.58
CA THR Q 69 -16.10 -46.43 43.98
C THR Q 69 -15.95 -47.45 45.11
N GLY Q 70 -16.32 -48.69 44.82
CA GLY Q 70 -16.31 -49.75 45.82
C GLY Q 70 -17.57 -50.59 45.76
N ASN Q 71 -17.54 -51.66 46.56
CA ASN Q 71 -18.62 -52.63 46.62
C ASN Q 71 -19.54 -52.32 47.79
N PHE Q 72 -20.80 -52.02 47.49
CA PHE Q 72 -21.79 -51.71 48.51
C PHE Q 72 -22.91 -52.73 48.49
N GLU Q 73 -23.46 -53.01 49.66
CA GLU Q 73 -24.56 -53.95 49.82
C GLU Q 73 -25.74 -53.28 50.49
N PHE Q 74 -26.87 -53.19 49.79
CA PHE Q 74 -28.03 -52.49 50.32
C PHE Q 74 -28.91 -53.50 51.06
N HIS Q 75 -28.78 -53.55 52.37
CA HIS Q 75 -29.75 -54.28 53.18
C HIS Q 75 -30.23 -53.48 54.38
N ASP Q 76 -29.56 -52.39 54.74
CA ASP Q 76 -30.05 -51.47 55.75
C ASP Q 76 -29.79 -50.07 55.22
N PRO Q 77 -30.70 -49.54 54.40
CA PRO Q 77 -30.40 -48.32 53.65
C PRO Q 77 -30.46 -47.07 54.52
N ASN Q 78 -31.39 -47.00 55.48
CA ASN Q 78 -31.49 -45.80 56.28
C ASN Q 78 -30.34 -45.69 57.27
N ALA Q 79 -29.69 -46.80 57.59
CA ALA Q 79 -28.46 -46.78 58.37
C ALA Q 79 -27.23 -46.58 57.51
N LEU Q 80 -27.33 -46.82 56.20
CA LEU Q 80 -26.19 -46.56 55.34
C LEU Q 80 -26.19 -45.15 54.78
N LEU Q 81 -27.36 -44.55 54.63
CA LEU Q 81 -27.45 -43.18 54.14
C LEU Q 81 -26.93 -42.16 55.13
N GLU Q 82 -27.14 -42.40 56.43
CA GLU Q 82 -26.62 -41.44 57.40
C GLU Q 82 -25.13 -41.59 57.60
N LYS Q 83 -24.63 -42.82 57.53
CA LYS Q 83 -23.21 -43.03 57.73
C LYS Q 83 -22.43 -42.52 56.53
N LEU Q 84 -22.98 -42.64 55.32
CA LEU Q 84 -22.27 -42.08 54.19
C LEU Q 84 -22.42 -40.57 54.14
N SER Q 85 -23.55 -40.05 54.63
CA SER Q 85 -23.77 -38.62 54.59
C SER Q 85 -22.96 -37.88 55.64
N LEU Q 86 -22.39 -38.59 56.61
CA LEU Q 86 -21.51 -37.89 57.53
C LEU Q 86 -20.04 -37.98 57.13
N GLN Q 87 -19.64 -39.02 56.39
CA GLN Q 87 -18.26 -39.16 55.96
C GLN Q 87 -17.96 -38.41 54.69
N LEU Q 88 -18.91 -38.37 53.74
CA LEU Q 88 -18.65 -37.61 52.53
C LEU Q 88 -18.89 -36.13 52.77
N GLY Q 89 -19.88 -35.82 53.57
CA GLY Q 89 -20.22 -34.45 53.88
C GLY Q 89 -21.39 -34.06 53.02
N LEU Q 90 -22.59 -34.20 53.57
CA LEU Q 90 -23.83 -34.03 52.84
C LEU Q 90 -24.91 -33.74 53.85
N ILE Q 91 -25.99 -33.17 53.37
CA ILE Q 91 -27.19 -33.03 54.18
C ILE Q 91 -28.34 -33.57 53.35
N TRP Q 92 -29.34 -34.10 54.03
CA TRP Q 92 -30.44 -34.69 53.30
C TRP Q 92 -31.73 -34.46 54.08
N TYR Q 93 -32.84 -34.54 53.37
CA TYR Q 93 -34.13 -34.28 53.99
C TYR Q 93 -35.20 -34.99 53.19
N PHE Q 94 -35.96 -35.86 53.86
CA PHE Q 94 -37.05 -36.61 53.26
C PHE Q 94 -38.35 -36.03 53.79
N ASP Q 95 -39.20 -35.55 52.89
CA ASP Q 95 -40.38 -34.80 53.29
C ASP Q 95 -41.67 -35.57 53.05
N GLY Q 96 -41.59 -36.80 52.60
CA GLY Q 96 -42.78 -37.61 52.37
C GLY Q 96 -42.99 -37.96 50.92
N GLN Q 97 -42.25 -37.34 50.01
CA GLN Q 97 -42.45 -37.62 48.60
C GLN Q 97 -41.14 -37.94 47.91
N ALA Q 98 -40.04 -37.37 48.40
CA ALA Q 98 -38.73 -37.61 47.83
C ALA Q 98 -37.68 -37.40 48.90
N ILE Q 99 -36.44 -37.67 48.55
CA ILE Q 99 -35.30 -37.50 49.45
C ILE Q 99 -34.35 -36.51 48.80
N TYR Q 100 -34.40 -35.25 49.21
CA TYR Q 100 -33.51 -34.26 48.68
C TYR Q 100 -32.13 -34.39 49.33
N ILE Q 101 -31.09 -34.34 48.52
CA ILE Q 101 -29.72 -34.48 48.99
C ILE Q 101 -28.89 -33.30 48.50
N TYR Q 102 -28.35 -32.53 49.43
CA TYR Q 102 -27.44 -31.44 49.14
C TYR Q 102 -26.09 -31.78 49.76
N ASP Q 103 -25.14 -30.86 49.60
CA ASP Q 103 -23.89 -30.97 50.31
C ASP Q 103 -23.84 -29.94 51.44
N ALA Q 104 -22.76 -30.01 52.23
CA ALA Q 104 -22.68 -29.26 53.46
C ALA Q 104 -22.50 -27.76 53.27
N SER Q 105 -22.00 -27.31 52.14
CA SER Q 105 -21.78 -25.89 51.95
C SER Q 105 -23.02 -25.11 51.57
N GLU Q 106 -24.16 -25.77 51.35
CA GLU Q 106 -25.38 -25.08 50.98
C GLU Q 106 -26.37 -24.87 52.10
N MET Q 107 -26.00 -25.17 53.35
CA MET Q 107 -26.94 -25.00 54.43
C MET Q 107 -27.08 -23.51 54.74
N ARG Q 108 -28.32 -23.03 54.77
CA ARG Q 108 -28.61 -21.63 55.03
C ARG Q 108 -29.46 -21.53 56.28
N ASN Q 109 -29.59 -20.32 56.80
CA ASN Q 109 -30.30 -20.11 58.06
C ASN Q 109 -31.04 -18.80 58.07
N ALA Q 110 -32.02 -18.71 58.98
CA ALA Q 110 -32.83 -17.50 59.05
C ALA Q 110 -33.43 -17.33 60.43
N VAL Q 111 -33.89 -16.11 60.71
CA VAL Q 111 -34.61 -15.80 61.93
C VAL Q 111 -35.90 -15.06 61.56
N VAL Q 112 -37.02 -15.45 62.16
CA VAL Q 112 -38.35 -14.99 61.76
C VAL Q 112 -39.20 -14.67 63.00
N SER Q 113 -39.88 -13.52 62.96
CA SER Q 113 -40.71 -13.10 64.09
C SER Q 113 -42.19 -13.26 63.75
N LEU Q 114 -42.93 -13.91 64.63
CA LEU Q 114 -44.37 -14.08 64.53
C LEU Q 114 -45.07 -13.18 65.56
N ARG Q 115 -46.18 -12.56 65.17
CA ARG Q 115 -46.81 -11.56 66.02
C ARG Q 115 -47.93 -12.10 66.89
N ASN Q 116 -48.69 -13.05 66.38
CA ASN Q 116 -49.91 -13.50 67.01
C ASN Q 116 -50.04 -15.01 67.16
N VAL Q 117 -49.03 -15.77 66.80
CA VAL Q 117 -49.03 -17.21 67.07
C VAL Q 117 -47.70 -17.55 67.71
N SER Q 118 -47.70 -18.56 68.58
CA SER Q 118 -46.48 -18.95 69.27
C SER Q 118 -45.82 -20.15 68.60
N LEU Q 119 -44.71 -20.58 69.21
CA LEU Q 119 -43.92 -21.68 68.67
C LEU Q 119 -44.58 -23.03 68.88
N ASN Q 120 -45.41 -23.17 69.92
CA ASN Q 120 -45.88 -24.50 70.31
C ASN Q 120 -46.92 -25.05 69.35
N GLU Q 121 -47.85 -24.23 68.92
CA GLU Q 121 -48.81 -24.73 67.96
C GLU Q 121 -48.26 -24.71 66.54
N PHE Q 122 -47.18 -23.98 66.28
CA PHE Q 122 -46.55 -24.15 64.98
C PHE Q 122 -45.78 -25.45 64.94
N ASN Q 123 -45.23 -25.86 66.07
CA ASN Q 123 -44.64 -27.19 66.15
C ASN Q 123 -45.72 -28.26 66.10
N ASN Q 124 -46.92 -27.93 66.60
CA ASN Q 124 -48.01 -28.87 66.47
C ASN Q 124 -48.52 -28.94 65.04
N PHE Q 125 -48.29 -27.88 64.26
CA PHE Q 125 -48.57 -27.94 62.83
C PHE Q 125 -47.56 -28.82 62.12
N LEU Q 126 -46.31 -28.81 62.59
CA LEU Q 126 -45.33 -29.66 61.91
C LEU Q 126 -45.46 -31.10 62.34
N LYS Q 127 -45.93 -31.34 63.56
CA LYS Q 127 -46.09 -32.72 64.01
C LYS Q 127 -47.36 -33.31 63.43
N ARG Q 128 -48.41 -32.48 63.27
CA ARG Q 128 -49.63 -32.99 62.70
C ARG Q 128 -49.51 -33.12 61.20
N SER Q 129 -48.58 -32.40 60.57
CA SER Q 129 -48.47 -32.52 59.14
C SER Q 129 -47.49 -33.60 58.73
N GLY Q 130 -46.42 -33.80 59.50
CA GLY Q 130 -45.42 -34.79 59.13
C GLY Q 130 -44.14 -34.20 58.62
N LEU Q 131 -43.92 -32.91 58.82
CA LEU Q 131 -42.71 -32.25 58.36
C LEU Q 131 -41.72 -32.01 59.48
N TYR Q 132 -41.99 -32.55 60.66
CA TYR Q 132 -41.11 -32.36 61.80
C TYR Q 132 -39.85 -33.18 61.62
N ASN Q 133 -38.71 -32.51 61.61
CA ASN Q 133 -37.42 -33.16 61.46
C ASN Q 133 -36.64 -32.97 62.74
N LYS Q 134 -36.35 -34.07 63.42
CA LYS Q 134 -35.70 -34.00 64.72
C LYS Q 134 -34.21 -33.73 64.65
N ASN Q 135 -33.62 -33.79 63.47
CA ASN Q 135 -32.21 -33.46 63.34
C ASN Q 135 -32.00 -31.96 63.27
N TYR Q 136 -32.94 -31.23 62.67
CA TYR Q 136 -32.89 -29.78 62.57
C TYR Q 136 -34.16 -29.18 63.18
N PRO Q 137 -34.22 -29.06 64.50
CA PRO Q 137 -35.40 -28.48 65.14
C PRO Q 137 -35.32 -26.96 65.11
N LEU Q 138 -36.35 -26.34 65.68
CA LEU Q 138 -36.44 -24.88 65.77
C LEU Q 138 -35.91 -24.39 67.10
N ARG Q 139 -35.01 -23.43 67.08
CA ARG Q 139 -34.41 -22.90 68.30
C ARG Q 139 -35.08 -21.58 68.65
N GLY Q 140 -35.69 -21.52 69.83
CA GLY Q 140 -36.37 -20.32 70.28
C GLY Q 140 -37.10 -20.56 71.57
N ASP Q 141 -37.58 -19.47 72.15
CA ASP Q 141 -38.38 -19.56 73.37
C ASP Q 141 -39.73 -20.19 73.05
N ASN Q 142 -40.27 -20.92 74.04
CA ASN Q 142 -41.32 -21.88 73.71
C ASN Q 142 -42.65 -21.22 73.39
N ARG Q 143 -43.00 -20.11 74.05
CA ARG Q 143 -44.22 -19.38 73.66
C ARG Q 143 -43.84 -17.90 73.53
N LYS Q 144 -43.24 -17.58 72.39
CA LYS Q 144 -42.81 -16.24 72.05
C LYS Q 144 -42.88 -16.09 70.54
N GLY Q 145 -42.45 -14.94 70.05
CA GLY Q 145 -42.55 -14.70 68.63
C GLY Q 145 -41.30 -15.00 67.81
N THR Q 146 -40.12 -15.04 68.41
CA THR Q 146 -38.91 -15.17 67.62
C THR Q 146 -38.35 -16.58 67.73
N PHE Q 147 -37.82 -17.08 66.61
CA PHE Q 147 -37.08 -18.34 66.63
C PHE Q 147 -36.10 -18.38 65.46
N TYR Q 148 -35.25 -19.38 65.50
CA TYR Q 148 -34.10 -19.53 64.61
C TYR Q 148 -34.19 -20.84 63.86
N VAL Q 149 -34.10 -20.78 62.53
CA VAL Q 149 -34.23 -21.94 61.68
C VAL Q 149 -32.90 -22.18 60.96
N SER Q 150 -32.52 -23.45 60.84
CA SER Q 150 -31.34 -23.83 60.07
C SER Q 150 -31.53 -25.22 59.52
N GLY Q 151 -31.23 -25.40 58.24
CA GLY Q 151 -31.37 -26.69 57.61
C GLY Q 151 -31.12 -26.67 56.12
N PRO Q 152 -31.67 -27.65 55.42
CA PRO Q 152 -31.56 -27.69 53.97
C PRO Q 152 -32.37 -26.59 53.30
N PRO Q 153 -31.99 -26.22 52.07
CA PRO Q 153 -32.69 -25.10 51.41
C PRO Q 153 -34.11 -25.42 51.02
N VAL Q 154 -34.49 -26.70 50.95
CA VAL Q 154 -35.88 -27.07 50.68
C VAL Q 154 -36.68 -27.12 51.97
N TYR Q 155 -36.03 -27.10 53.11
CA TYR Q 155 -36.67 -27.07 54.41
C TYR Q 155 -36.94 -25.66 54.88
N VAL Q 156 -35.94 -24.78 54.76
CA VAL Q 156 -36.12 -23.43 55.27
C VAL Q 156 -37.11 -22.61 54.44
N ASP Q 157 -37.18 -22.82 53.11
CA ASP Q 157 -38.16 -22.07 52.34
C ASP Q 157 -39.58 -22.55 52.54
N MET Q 158 -39.75 -23.71 53.17
CA MET Q 158 -41.08 -24.15 53.53
C MET Q 158 -41.45 -23.61 54.91
N VAL Q 159 -40.53 -23.67 55.86
CA VAL Q 159 -40.85 -23.18 57.20
C VAL Q 159 -41.03 -21.66 57.22
N VAL Q 160 -40.29 -20.93 56.38
CA VAL Q 160 -40.46 -19.48 56.30
C VAL Q 160 -41.79 -19.12 55.65
N ASN Q 161 -42.14 -19.80 54.57
CA ASN Q 161 -43.37 -19.46 53.87
C ASN Q 161 -44.59 -19.97 54.61
N ALA Q 162 -44.45 -20.99 55.44
CA ALA Q 162 -45.61 -21.45 56.19
C ALA Q 162 -45.77 -20.62 57.44
N ALA Q 163 -44.69 -20.07 57.97
CA ALA Q 163 -44.81 -19.25 59.17
C ALA Q 163 -45.34 -17.87 58.83
N THR Q 164 -44.90 -17.27 57.73
CA THR Q 164 -45.41 -15.96 57.35
C THR Q 164 -46.78 -15.99 56.71
N MET Q 165 -47.32 -17.16 56.36
CA MET Q 165 -48.68 -17.26 55.87
C MET Q 165 -49.67 -17.70 56.93
N MET Q 166 -49.27 -17.77 58.19
CA MET Q 166 -50.23 -18.00 59.26
C MET Q 166 -50.54 -16.74 60.05
N ASP Q 167 -49.62 -15.78 60.07
CA ASP Q 167 -49.92 -14.50 60.70
C ASP Q 167 -50.92 -13.70 59.88
N LYS Q 168 -50.80 -13.73 58.56
CA LYS Q 168 -51.77 -13.02 57.74
C LYS Q 168 -53.13 -13.69 57.73
N GLN Q 169 -53.20 -14.99 58.03
CA GLN Q 169 -54.53 -15.57 58.18
C GLN Q 169 -55.09 -15.27 59.56
N ASN Q 170 -54.23 -15.11 60.56
CA ASN Q 170 -54.71 -14.77 61.89
C ASN Q 170 -54.61 -13.29 62.14
N LYS R 27 -41.28 -63.43 8.71
CA LYS R 27 -40.44 -62.26 8.48
C LYS R 27 -39.92 -61.72 9.82
N ILE R 28 -40.72 -61.86 10.87
CA ILE R 28 -40.31 -61.38 12.19
C ILE R 28 -40.24 -62.59 13.13
N PRO R 29 -39.14 -63.36 13.13
CA PRO R 29 -39.14 -64.57 13.96
C PRO R 29 -38.76 -64.33 15.42
N VAL R 30 -39.75 -64.29 16.31
CA VAL R 30 -39.61 -64.52 17.74
C VAL R 30 -40.90 -65.20 18.18
N THR R 31 -40.80 -66.25 19.02
CA THR R 31 -42.01 -67.01 19.32
C THR R 31 -42.88 -66.39 20.41
N GLY R 32 -42.40 -65.38 21.12
CA GLY R 32 -43.13 -64.80 22.24
C GLY R 32 -43.99 -63.61 21.86
N SER R 33 -44.21 -62.74 22.84
CA SER R 33 -44.98 -61.51 22.65
C SER R 33 -44.38 -60.48 23.59
N GLY R 34 -43.63 -59.55 23.02
CA GLY R 34 -42.89 -58.57 23.81
C GLY R 34 -42.18 -57.61 22.87
N PHE R 35 -41.49 -56.66 23.48
CA PHE R 35 -40.82 -55.59 22.75
C PHE R 35 -39.31 -55.70 22.87
N VAL R 36 -38.60 -55.72 21.74
CA VAL R 36 -37.14 -55.72 21.76
C VAL R 36 -36.66 -54.32 21.47
N ALA R 37 -35.91 -53.72 22.39
CA ALA R 37 -35.39 -52.37 22.25
C ALA R 37 -33.88 -52.43 22.03
N LYS R 38 -33.40 -51.84 20.95
CA LYS R 38 -31.97 -51.75 20.67
C LYS R 38 -31.59 -50.28 20.62
N ASP R 39 -31.11 -49.76 21.76
CA ASP R 39 -30.66 -48.37 21.92
C ASP R 39 -31.81 -47.39 21.63
N ASP R 40 -32.89 -47.55 22.38
CA ASP R 40 -34.01 -46.64 22.27
C ASP R 40 -33.74 -45.37 23.07
N SER R 41 -34.72 -44.47 23.09
CA SER R 41 -34.50 -43.14 23.63
C SER R 41 -35.61 -42.71 24.59
N LEU R 42 -36.27 -43.69 25.23
CA LEU R 42 -37.30 -43.49 26.24
C LEU R 42 -38.57 -42.80 25.74
N ARG R 43 -38.64 -42.46 24.46
CA ARG R 43 -39.85 -41.94 23.85
CA ARG R 43 -39.85 -41.94 23.85
C ARG R 43 -40.46 -42.92 22.86
N THR R 44 -39.62 -43.58 22.08
CA THR R 44 -40.06 -44.69 21.27
C THR R 44 -40.27 -45.92 22.11
N PHE R 45 -39.71 -45.92 23.33
CA PHE R 45 -39.93 -47.05 24.20
C PHE R 45 -41.31 -46.95 24.82
N PHE R 46 -41.66 -45.80 25.39
CA PHE R 46 -42.95 -45.68 26.06
C PHE R 46 -44.09 -45.59 25.06
N ASP R 47 -43.81 -45.24 23.80
CA ASP R 47 -44.89 -45.35 22.83
C ASP R 47 -45.21 -46.80 22.50
N ALA R 48 -44.27 -47.72 22.70
CA ALA R 48 -44.62 -49.13 22.53
C ALA R 48 -45.49 -49.63 23.67
N MET R 49 -45.38 -49.03 24.86
CA MET R 49 -46.27 -49.38 25.96
C MET R 49 -47.56 -48.57 25.95
N ALA R 50 -47.70 -47.66 24.98
CA ALA R 50 -48.86 -46.79 24.92
C ALA R 50 -50.07 -47.46 24.28
N LEU R 51 -49.98 -48.73 23.92
CA LEU R 51 -51.13 -49.50 23.49
C LEU R 51 -51.64 -50.42 24.58
N GLN R 52 -50.74 -51.00 25.36
CA GLN R 52 -51.15 -51.81 26.49
C GLN R 52 -51.71 -50.96 27.62
N LEU R 53 -51.05 -49.83 27.92
CA LEU R 53 -51.76 -48.75 28.57
C LEU R 53 -52.79 -48.18 27.61
N LYS R 54 -53.98 -47.92 28.12
CA LYS R 54 -55.04 -47.47 27.22
C LYS R 54 -54.99 -45.98 26.97
N GLU R 55 -53.98 -45.28 27.47
CA GLU R 55 -53.88 -43.84 27.36
C GLU R 55 -52.54 -43.44 26.73
N PRO R 56 -52.49 -42.32 26.02
CA PRO R 56 -51.20 -41.86 25.49
C PRO R 56 -50.27 -41.36 26.57
N VAL R 57 -48.97 -41.46 26.30
CA VAL R 57 -47.92 -41.12 27.27
C VAL R 57 -47.16 -39.92 26.75
N ILE R 58 -46.92 -38.94 27.61
CA ILE R 58 -46.20 -37.73 27.25
C ILE R 58 -44.94 -37.62 28.11
N VAL R 59 -43.78 -37.69 27.46
CA VAL R 59 -42.48 -37.66 28.12
C VAL R 59 -41.83 -36.31 27.81
N SER R 60 -41.25 -35.69 28.84
CA SER R 60 -40.67 -34.36 28.71
C SER R 60 -39.35 -34.39 27.93
N LYS R 61 -38.72 -33.23 27.83
CA LYS R 61 -37.52 -33.09 27.01
C LYS R 61 -36.28 -33.54 27.76
N MET R 62 -36.15 -33.19 29.02
CA MET R 62 -34.97 -33.58 29.79
C MET R 62 -35.01 -35.05 30.15
N ALA R 63 -36.19 -35.66 30.18
CA ALA R 63 -36.34 -37.07 30.47
C ALA R 63 -36.33 -37.94 29.22
N ALA R 64 -36.03 -37.37 28.07
CA ALA R 64 -35.89 -38.14 26.85
C ALA R 64 -34.45 -38.28 26.38
N ARG R 65 -33.49 -37.81 27.17
CA ARG R 65 -32.09 -38.02 26.84
C ARG R 65 -31.50 -39.32 27.37
N LYS R 66 -32.23 -40.07 28.18
CA LYS R 66 -31.71 -41.36 28.61
C LYS R 66 -32.08 -42.44 27.61
N LYS R 67 -31.37 -43.56 27.71
CA LYS R 67 -31.47 -44.62 26.72
C LYS R 67 -31.68 -45.96 27.40
N ILE R 68 -32.35 -46.86 26.69
CA ILE R 68 -32.72 -48.17 27.21
C ILE R 68 -32.53 -49.21 26.11
N THR R 69 -32.08 -50.40 26.48
CA THR R 69 -31.95 -51.51 25.54
C THR R 69 -32.18 -52.83 26.26
N GLY R 70 -32.80 -53.79 25.55
CA GLY R 70 -33.13 -55.06 26.15
C GLY R 70 -34.47 -55.64 25.71
N ASN R 71 -34.75 -56.87 26.12
CA ASN R 71 -35.97 -57.57 25.77
C ASN R 71 -36.98 -57.40 26.89
N PHE R 72 -38.12 -56.78 26.58
CA PHE R 72 -39.14 -56.49 27.58
C PHE R 72 -40.43 -57.21 27.26
N GLU R 73 -41.35 -57.14 28.21
CA GLU R 73 -42.62 -57.86 28.13
C GLU R 73 -43.63 -57.16 29.02
N PHE R 74 -44.68 -56.59 28.40
CA PHE R 74 -45.68 -55.82 29.14
C PHE R 74 -46.90 -56.70 29.41
N HIS R 75 -46.82 -57.48 30.49
CA HIS R 75 -48.00 -58.23 30.89
C HIS R 75 -48.97 -57.35 31.67
N ASP R 76 -48.46 -56.58 32.62
CA ASP R 76 -49.25 -55.53 33.25
C ASP R 76 -48.44 -54.24 33.41
N PRO R 77 -48.85 -53.19 32.73
CA PRO R 77 -47.96 -52.04 32.59
C PRO R 77 -47.99 -51.15 33.82
N ASN R 78 -49.11 -51.13 34.53
CA ASN R 78 -49.17 -50.24 35.69
C ASN R 78 -48.31 -50.77 36.83
N ALA R 79 -47.98 -52.06 36.83
CA ALA R 79 -47.00 -52.58 37.76
C ALA R 79 -45.61 -52.58 37.18
N LEU R 80 -45.46 -52.59 35.85
CA LEU R 80 -44.11 -52.49 35.30
C LEU R 80 -43.58 -51.06 35.35
N LEU R 81 -44.48 -50.08 35.22
CA LEU R 81 -44.09 -48.69 35.19
C LEU R 81 -43.66 -48.19 36.55
N GLU R 82 -44.18 -48.79 37.62
CA GLU R 82 -43.75 -48.37 38.95
C GLU R 82 -42.34 -48.84 39.22
N LYS R 83 -42.00 -50.03 38.74
CA LYS R 83 -40.66 -50.54 39.01
C LYS R 83 -39.63 -49.82 38.16
N LEU R 84 -39.97 -49.53 36.90
CA LEU R 84 -39.00 -48.80 36.07
C LEU R 84 -38.90 -47.35 36.48
N SER R 85 -39.95 -46.77 37.08
CA SER R 85 -39.83 -45.37 37.47
C SER R 85 -39.00 -45.20 38.73
N LEU R 86 -38.74 -46.28 39.46
CA LEU R 86 -37.89 -46.26 40.63
C LEU R 86 -36.47 -46.67 40.29
N GLN R 87 -36.30 -47.51 39.27
CA GLN R 87 -34.95 -47.91 38.88
C GLN R 87 -34.28 -46.85 38.03
N LEU R 88 -35.00 -46.29 37.06
CA LEU R 88 -34.39 -45.27 36.21
C LEU R 88 -34.28 -43.95 36.95
N GLY R 89 -35.29 -43.62 37.75
CA GLY R 89 -35.33 -42.39 38.50
C GLY R 89 -36.23 -41.49 37.68
N LEU R 90 -37.51 -41.48 38.02
CA LEU R 90 -38.54 -40.86 37.20
C LEU R 90 -39.76 -40.62 38.08
N ILE R 91 -40.58 -39.68 37.65
CA ILE R 91 -41.89 -39.48 38.26
C ILE R 91 -42.92 -39.47 37.15
N TRP R 92 -44.13 -39.88 37.49
CA TRP R 92 -45.18 -39.98 36.48
C TRP R 92 -46.51 -39.65 37.11
N TYR R 93 -47.50 -39.38 36.27
CA TYR R 93 -48.80 -38.97 36.76
C TYR R 93 -49.86 -39.25 35.71
N PHE R 94 -51.00 -39.75 36.16
CA PHE R 94 -52.11 -40.10 35.27
C PHE R 94 -53.34 -39.30 35.66
N ASP R 95 -53.75 -38.36 34.80
CA ASP R 95 -54.83 -37.44 35.12
C ASP R 95 -56.13 -37.82 34.43
N GLY R 96 -56.30 -39.07 34.02
CA GLY R 96 -57.53 -39.55 33.42
C GLY R 96 -57.49 -39.64 31.91
N GLN R 97 -56.64 -38.85 31.25
CA GLN R 97 -56.56 -38.87 29.80
C GLN R 97 -55.17 -39.19 29.27
N ALA R 98 -54.11 -38.88 30.02
CA ALA R 98 -52.76 -39.16 29.54
C ALA R 98 -51.88 -39.49 30.73
N ILE R 99 -50.67 -39.94 30.43
CA ILE R 99 -49.68 -40.30 31.46
C ILE R 99 -48.44 -39.44 31.23
N TYR R 100 -48.30 -38.39 32.02
CA TYR R 100 -47.10 -37.56 31.93
C TYR R 100 -45.94 -38.24 32.65
N ILE R 101 -44.74 -38.12 32.09
CA ILE R 101 -43.53 -38.72 32.66
C ILE R 101 -42.42 -37.68 32.66
N TYR R 102 -41.87 -37.39 33.83
CA TYR R 102 -40.71 -36.51 33.98
C TYR R 102 -39.60 -37.27 34.67
N ASP R 103 -38.41 -36.69 34.69
CA ASP R 103 -37.36 -37.25 35.52
C ASP R 103 -37.37 -36.56 36.89
N ALA R 104 -36.68 -37.19 37.85
CA ALA R 104 -36.75 -36.80 39.24
C ALA R 104 -36.11 -35.46 39.56
N SER R 105 -35.33 -34.89 38.66
CA SER R 105 -34.76 -33.57 38.90
C SER R 105 -35.69 -32.43 38.53
N GLU R 106 -36.91 -32.72 38.10
CA GLU R 106 -37.85 -31.67 37.76
C GLU R 106 -38.99 -31.53 38.75
N MET R 107 -38.89 -32.11 39.93
CA MET R 107 -39.99 -32.03 40.88
C MET R 107 -40.02 -30.65 41.51
N ARG R 108 -41.16 -29.97 41.38
CA ARG R 108 -41.33 -28.63 41.92
C ARG R 108 -42.25 -28.72 43.13
N ASN R 109 -42.02 -27.86 44.11
CA ASN R 109 -42.87 -27.85 45.29
C ASN R 109 -43.24 -26.42 45.64
N ALA R 110 -44.39 -26.26 46.28
CA ALA R 110 -44.88 -24.96 46.68
C ALA R 110 -45.85 -25.13 47.82
N VAL R 111 -45.94 -24.11 48.67
CA VAL R 111 -46.87 -24.06 49.78
C VAL R 111 -47.80 -22.86 49.56
N VAL R 112 -49.11 -23.09 49.73
CA VAL R 112 -50.13 -22.11 49.43
C VAL R 112 -51.18 -22.13 50.54
N SER R 113 -51.76 -20.97 50.81
CA SER R 113 -52.74 -20.80 51.87
C SER R 113 -54.11 -20.50 51.28
N LEU R 114 -55.14 -20.87 52.02
CA LEU R 114 -56.53 -20.65 51.64
C LEU R 114 -57.24 -19.80 52.69
N ARG R 115 -58.14 -18.94 52.23
CA ARG R 115 -58.82 -18.01 53.12
C ARG R 115 -60.04 -18.62 53.79
N ASN R 116 -60.99 -19.12 53.01
CA ASN R 116 -62.28 -19.54 53.56
C ASN R 116 -62.71 -20.94 53.13
N VAL R 117 -61.80 -21.77 52.61
CA VAL R 117 -62.09 -23.18 52.39
C VAL R 117 -61.10 -24.01 53.18
N SER R 118 -61.59 -25.00 53.90
CA SER R 118 -60.69 -25.82 54.69
C SER R 118 -60.03 -26.90 53.83
N LEU R 119 -59.14 -27.65 54.47
CA LEU R 119 -58.47 -28.75 53.79
C LEU R 119 -59.40 -29.92 53.58
N ASN R 120 -60.30 -30.17 54.53
CA ASN R 120 -61.19 -31.31 54.39
C ASN R 120 -62.25 -31.06 53.32
N GLU R 121 -62.56 -29.80 53.04
CA GLU R 121 -63.47 -29.49 51.95
C GLU R 121 -62.76 -29.45 50.62
N PHE R 122 -61.48 -29.04 50.60
CA PHE R 122 -60.75 -29.06 49.34
C PHE R 122 -60.34 -30.46 48.93
N ASN R 123 -60.05 -31.34 49.89
CA ASN R 123 -59.63 -32.68 49.56
C ASN R 123 -60.78 -33.55 49.07
N ASN R 124 -62.02 -33.16 49.30
CA ASN R 124 -63.14 -33.89 48.71
C ASN R 124 -63.42 -33.49 47.28
N PHE R 125 -62.94 -32.32 46.86
CA PHE R 125 -63.02 -31.95 45.46
C PHE R 125 -62.12 -32.82 44.61
N LEU R 126 -60.99 -33.25 45.16
CA LEU R 126 -60.07 -34.06 44.37
C LEU R 126 -60.60 -35.48 44.26
N LYS R 127 -61.24 -35.98 45.32
CA LYS R 127 -61.75 -37.34 45.29
C LYS R 127 -62.98 -37.41 44.40
N ARG R 128 -63.83 -36.39 44.45
CA ARG R 128 -65.02 -36.45 43.60
C ARG R 128 -64.67 -36.17 42.15
N SER R 129 -63.56 -35.47 41.88
CA SER R 129 -63.20 -35.25 40.49
C SER R 129 -62.48 -36.46 39.91
N GLY R 130 -61.53 -37.00 40.64
CA GLY R 130 -60.80 -38.14 40.15
C GLY R 130 -59.33 -37.81 40.02
N LEU R 131 -58.88 -36.83 40.82
CA LEU R 131 -57.51 -36.38 40.76
C LEU R 131 -56.77 -36.59 42.07
N TYR R 132 -57.39 -37.27 43.03
CA TYR R 132 -56.76 -37.48 44.33
C TYR R 132 -55.71 -38.54 44.13
N ASN R 133 -54.44 -38.14 44.14
CA ASN R 133 -53.33 -39.06 43.97
C ASN R 133 -52.81 -39.47 45.34
N LYS R 134 -52.93 -40.75 45.63
CA LYS R 134 -52.54 -41.30 46.92
C LYS R 134 -51.03 -41.47 47.06
N ASN R 135 -50.26 -41.25 46.00
CA ASN R 135 -48.81 -41.33 46.12
C ASN R 135 -48.17 -39.99 46.42
N TYR R 136 -48.83 -38.89 46.04
CA TYR R 136 -48.39 -37.53 46.37
C TYR R 136 -49.54 -36.82 47.08
N PRO R 137 -49.77 -37.09 48.35
CA PRO R 137 -50.91 -36.49 49.03
C PRO R 137 -50.61 -35.06 49.45
N LEU R 138 -51.57 -34.43 50.10
CA LEU R 138 -51.47 -33.07 50.58
C LEU R 138 -51.16 -33.06 52.07
N ARG R 139 -50.02 -32.49 52.44
CA ARG R 139 -49.57 -32.49 53.82
C ARG R 139 -50.04 -31.20 54.48
N GLY R 140 -50.71 -31.33 55.61
CA GLY R 140 -51.16 -30.15 56.35
C GLY R 140 -52.11 -30.52 57.45
N ASP R 141 -52.41 -29.51 58.25
CA ASP R 141 -53.36 -29.66 59.34
C ASP R 141 -54.79 -29.72 58.80
N ASN R 142 -55.65 -30.45 59.51
CA ASN R 142 -56.91 -30.90 58.95
C ASN R 142 -57.92 -29.77 58.79
N ARG R 143 -57.87 -28.73 59.65
CA ARG R 143 -58.78 -27.60 59.48
C ARG R 143 -57.95 -26.31 59.52
N LYS R 144 -57.39 -25.95 58.38
CA LYS R 144 -56.56 -24.76 58.31
C LYS R 144 -56.71 -24.15 56.92
N GLY R 145 -55.82 -23.22 56.61
CA GLY R 145 -55.79 -22.58 55.32
C GLY R 145 -54.58 -23.02 54.54
N THR R 146 -53.52 -23.35 55.26
CA THR R 146 -52.23 -23.67 54.67
C THR R 146 -52.05 -25.18 54.53
N PHE R 147 -51.39 -25.58 53.45
CA PHE R 147 -51.05 -26.97 53.22
C PHE R 147 -49.83 -27.00 52.33
N TYR R 148 -49.16 -28.16 52.30
CA TYR R 148 -47.91 -28.31 51.57
C TYR R 148 -48.08 -29.36 50.49
N VAL R 149 -47.88 -28.96 49.23
CA VAL R 149 -48.04 -29.85 48.09
C VAL R 149 -46.71 -29.95 47.36
N SER R 150 -46.41 -31.14 46.83
CA SER R 150 -45.20 -31.36 46.06
C SER R 150 -45.46 -32.49 45.08
N GLY R 151 -44.83 -32.41 43.90
CA GLY R 151 -45.00 -33.44 42.91
C GLY R 151 -44.56 -33.05 41.51
N PRO R 152 -45.18 -33.67 40.51
CA PRO R 152 -44.88 -33.32 39.12
C PRO R 152 -45.42 -31.93 38.79
N PRO R 153 -44.87 -31.27 37.77
CA PRO R 153 -45.32 -29.91 37.45
C PRO R 153 -46.74 -29.83 36.92
N VAL R 154 -47.26 -30.91 36.35
CA VAL R 154 -48.64 -30.89 35.88
C VAL R 154 -49.58 -31.08 37.04
N TYR R 155 -49.08 -31.60 38.15
CA TYR R 155 -49.88 -31.76 39.35
C TYR R 155 -49.84 -30.49 40.18
N VAL R 156 -48.71 -29.78 40.13
CA VAL R 156 -48.56 -28.60 40.96
C VAL R 156 -49.31 -27.43 40.34
N ASP R 157 -49.15 -27.23 39.02
CA ASP R 157 -49.91 -26.14 38.42
C ASP R 157 -51.39 -26.47 38.26
N MET R 158 -51.84 -27.67 38.60
CA MET R 158 -53.27 -27.90 38.73
C MET R 158 -53.76 -27.65 40.14
N VAL R 159 -52.97 -28.02 41.15
CA VAL R 159 -53.42 -27.87 42.53
C VAL R 159 -53.42 -26.42 42.96
N VAL R 160 -52.39 -25.65 42.58
CA VAL R 160 -52.32 -24.26 43.00
C VAL R 160 -53.43 -23.44 42.37
N ASN R 161 -53.74 -23.70 41.11
CA ASN R 161 -54.77 -22.95 40.43
C ASN R 161 -56.16 -23.38 40.89
N ALA R 162 -56.40 -24.68 41.06
CA ALA R 162 -57.73 -25.09 41.45
C ALA R 162 -58.01 -24.82 42.92
N ALA R 163 -56.99 -24.51 43.71
CA ALA R 163 -57.26 -24.09 45.08
C ALA R 163 -57.39 -22.58 45.19
N THR R 164 -56.70 -21.83 44.32
CA THR R 164 -56.85 -20.39 44.31
C THR R 164 -58.19 -19.97 43.70
N MET R 165 -58.68 -20.68 42.69
CA MET R 165 -59.94 -20.31 42.05
C MET R 165 -61.18 -20.76 42.82
N MET R 166 -61.02 -21.27 44.03
CA MET R 166 -62.15 -21.57 44.91
C MET R 166 -62.32 -20.56 46.05
N ASP R 167 -61.36 -19.68 46.27
CA ASP R 167 -61.55 -18.63 47.27
C ASP R 167 -62.05 -17.33 46.68
N LYS R 168 -61.75 -17.06 45.42
CA LYS R 168 -62.34 -15.92 44.74
C LYS R 168 -63.84 -16.12 44.54
N GLN R 169 -64.28 -17.38 44.39
CA GLN R 169 -65.71 -17.66 44.34
C GLN R 169 -66.38 -17.45 45.69
N ASN R 170 -65.70 -17.78 46.77
CA ASN R 170 -66.31 -17.59 48.08
C ASN R 170 -65.88 -16.29 48.72
N GLY S 32 -61.27 -55.88 -3.31
CA GLY S 32 -61.81 -54.75 -2.57
C GLY S 32 -60.99 -53.49 -2.76
N SER S 33 -60.75 -52.78 -1.67
CA SER S 33 -59.98 -51.55 -1.66
C SER S 33 -58.73 -51.76 -0.80
N GLY S 34 -57.98 -50.69 -0.61
CA GLY S 34 -56.78 -50.77 0.20
C GLY S 34 -55.83 -49.65 -0.16
N PHE S 35 -54.62 -49.75 0.39
CA PHE S 35 -53.62 -48.71 0.12
C PHE S 35 -52.23 -49.27 0.38
N VAL S 36 -51.33 -49.13 -0.59
CA VAL S 36 -49.97 -49.63 -0.43
C VAL S 36 -49.00 -48.49 -0.21
N ALA S 37 -48.71 -48.16 1.04
CA ALA S 37 -47.81 -47.05 1.33
C ALA S 37 -46.37 -47.50 1.29
N LYS S 38 -45.52 -46.74 0.60
CA LYS S 38 -44.08 -47.03 0.54
C LYS S 38 -43.37 -45.74 0.93
N ASP S 39 -43.08 -45.59 2.23
CA ASP S 39 -42.45 -44.42 2.81
C ASP S 39 -43.29 -43.18 2.50
N ASP S 40 -44.50 -43.17 3.07
CA ASP S 40 -45.37 -42.02 2.99
C ASP S 40 -45.06 -41.08 4.14
N SER S 41 -45.89 -40.07 4.36
CA SER S 41 -45.52 -39.07 5.36
C SER S 41 -46.69 -38.64 6.22
N LEU S 42 -47.64 -39.54 6.45
CA LEU S 42 -48.80 -39.38 7.34
C LEU S 42 -49.76 -38.28 6.96
N ARG S 43 -49.49 -37.57 5.88
CA ARG S 43 -50.44 -36.63 5.31
C ARG S 43 -51.06 -37.16 4.05
N THR S 44 -50.25 -37.82 3.22
CA THR S 44 -50.79 -38.55 2.10
C THR S 44 -51.29 -39.91 2.51
N PHE S 45 -50.91 -40.37 3.70
CA PHE S 45 -51.47 -41.62 4.16
C PHE S 45 -52.85 -41.40 4.73
N PHE S 46 -53.00 -40.40 5.60
CA PHE S 46 -54.33 -40.13 6.13
C PHE S 46 -55.23 -39.41 5.15
N ASP S 47 -54.69 -38.87 4.06
CA ASP S 47 -55.56 -38.35 3.01
C ASP S 47 -56.26 -39.47 2.24
N ALA S 48 -55.61 -40.62 2.10
CA ALA S 48 -56.26 -41.73 1.41
C ALA S 48 -57.33 -42.38 2.27
N MET S 49 -57.28 -42.22 3.58
CA MET S 49 -58.34 -42.71 4.45
C MET S 49 -59.53 -41.76 4.52
N ALA S 50 -59.40 -40.57 3.90
CA ALA S 50 -60.40 -39.53 4.04
C ALA S 50 -61.58 -39.70 3.12
N LEU S 51 -61.76 -40.88 2.54
CA LEU S 51 -63.00 -41.20 1.86
C LEU S 51 -63.76 -42.29 2.58
N GLN S 52 -63.05 -43.23 3.20
CA GLN S 52 -63.73 -44.21 4.04
C GLN S 52 -64.24 -43.55 5.29
N LEU S 53 -63.42 -42.73 5.94
CA LEU S 53 -63.96 -41.69 6.80
C LEU S 53 -64.56 -40.61 5.91
N LYS S 54 -65.80 -40.20 6.16
CA LYS S 54 -66.48 -39.33 5.21
C LYS S 54 -66.21 -37.86 5.48
N GLU S 55 -65.11 -37.52 6.15
CA GLU S 55 -64.73 -36.17 6.50
C GLU S 55 -63.27 -35.91 6.16
N PRO S 56 -62.89 -34.67 5.89
CA PRO S 56 -61.47 -34.36 5.69
C PRO S 56 -60.69 -34.47 6.99
N VAL S 57 -59.38 -34.65 6.85
CA VAL S 57 -58.47 -34.84 7.97
C VAL S 57 -57.42 -33.72 7.94
N ILE S 58 -57.19 -33.10 9.09
CA ILE S 58 -56.27 -31.99 9.21
C ILE S 58 -55.13 -32.39 10.14
N VAL S 59 -53.99 -32.72 9.55
CA VAL S 59 -52.82 -33.20 10.28
C VAL S 59 -51.88 -32.03 10.57
N SER S 60 -51.50 -31.88 11.83
CA SER S 60 -50.59 -30.81 12.23
C SER S 60 -49.19 -31.05 11.70
N LYS S 61 -48.38 -30.00 11.73
CA LYS S 61 -47.07 -30.07 11.11
C LYS S 61 -46.04 -30.76 11.98
N MET S 62 -46.31 -30.95 13.26
CA MET S 62 -45.37 -31.74 14.04
C MET S 62 -45.69 -33.21 13.91
N ALA S 63 -46.96 -33.54 13.74
CA ALA S 63 -47.39 -34.90 13.49
C ALA S 63 -47.38 -35.23 12.01
N ALA S 64 -46.76 -34.40 11.19
CA ALA S 64 -46.57 -34.71 9.78
C ALA S 64 -45.13 -35.06 9.45
N ARG S 65 -44.27 -35.21 10.45
CA ARG S 65 -42.89 -35.63 10.23
C ARG S 65 -42.67 -37.13 10.30
N LYS S 66 -43.63 -37.91 10.75
CA LYS S 66 -43.47 -39.36 10.84
C LYS S 66 -43.97 -40.07 9.59
N LYS S 67 -43.37 -41.23 9.33
CA LYS S 67 -43.57 -41.96 8.10
C LYS S 67 -44.17 -43.33 8.39
N ILE S 68 -44.71 -43.96 7.35
CA ILE S 68 -45.31 -45.28 7.47
C ILE S 68 -45.10 -46.04 6.16
N THR S 69 -45.03 -47.38 6.26
CA THR S 69 -44.80 -48.25 5.11
C THR S 69 -45.57 -49.55 5.30
N GLY S 70 -46.27 -49.99 4.27
CA GLY S 70 -46.95 -51.27 4.29
C GLY S 70 -48.32 -51.26 3.63
N ASN S 71 -48.78 -52.46 3.30
CA ASN S 71 -50.10 -52.67 2.71
C ASN S 71 -51.16 -52.55 3.80
N PHE S 72 -52.16 -51.71 3.56
CA PHE S 72 -53.30 -51.58 4.47
C PHE S 72 -54.60 -51.87 3.76
N GLU S 73 -55.65 -51.98 4.57
CA GLU S 73 -56.99 -52.24 4.07
C GLU S 73 -57.97 -51.50 4.96
N PHE S 74 -58.87 -50.76 4.31
CA PHE S 74 -59.85 -49.89 4.96
C PHE S 74 -61.24 -50.47 4.84
N HIS S 75 -61.63 -51.32 5.79
CA HIS S 75 -62.99 -51.78 5.86
C HIS S 75 -63.70 -51.41 7.15
N ASP S 76 -62.96 -51.15 8.23
CA ASP S 76 -63.53 -50.56 9.44
C ASP S 76 -62.54 -49.51 9.92
N PRO S 77 -62.68 -48.28 9.47
CA PRO S 77 -61.62 -47.30 9.69
C PRO S 77 -61.69 -46.56 11.01
N ASN S 78 -62.85 -46.61 11.69
CA ASN S 78 -62.99 -45.87 12.93
C ASN S 78 -62.23 -46.53 14.08
N ALA S 79 -62.02 -47.83 14.01
CA ALA S 79 -61.22 -48.51 15.01
C ALA S 79 -59.78 -48.65 14.58
N LEU S 80 -59.53 -48.60 13.27
CA LEU S 80 -58.16 -48.59 12.79
C LEU S 80 -57.49 -47.26 13.13
N LEU S 81 -58.27 -46.18 13.16
CA LEU S 81 -57.72 -44.92 13.62
C LEU S 81 -57.46 -44.97 15.12
N GLU S 82 -58.30 -45.70 15.86
CA GLU S 82 -58.12 -45.81 17.31
C GLU S 82 -56.90 -46.65 17.65
N LYS S 83 -56.56 -47.61 16.81
CA LYS S 83 -55.41 -48.44 17.10
C LYS S 83 -54.13 -47.82 16.58
N LEU S 84 -54.20 -47.15 15.42
CA LEU S 84 -53.02 -46.51 14.87
C LEU S 84 -52.64 -45.27 15.65
N SER S 85 -53.61 -44.62 16.31
CA SER S 85 -53.33 -43.40 17.05
C SER S 85 -52.68 -43.70 18.39
N LEU S 86 -52.65 -44.96 18.78
CA LEU S 86 -52.00 -45.36 20.02
C LEU S 86 -50.68 -46.04 19.73
N GLN S 87 -50.57 -46.72 18.59
CA GLN S 87 -49.27 -47.30 18.27
C GLN S 87 -48.29 -46.25 17.76
N LEU S 88 -48.78 -45.18 17.14
CA LEU S 88 -47.86 -44.15 16.66
C LEU S 88 -47.64 -43.05 17.68
N GLY S 89 -48.69 -42.70 18.40
CA GLY S 89 -48.66 -41.65 19.39
C GLY S 89 -49.28 -40.44 18.74
N LEU S 90 -50.57 -40.28 18.97
CA LEU S 90 -51.38 -39.28 18.31
C LEU S 90 -52.62 -39.03 19.16
N ILE S 91 -53.23 -37.89 18.92
CA ILE S 91 -54.52 -37.55 19.49
C ILE S 91 -55.34 -37.01 18.34
N TRP S 92 -56.63 -37.29 18.37
CA TRP S 92 -57.50 -36.89 17.27
C TRP S 92 -58.84 -36.47 17.83
N TYR S 93 -59.60 -35.74 17.02
CA TYR S 93 -60.86 -35.23 17.51
C TYR S 93 -61.76 -34.90 16.33
N PHE S 94 -62.98 -35.41 16.38
CA PHE S 94 -63.94 -35.27 15.30
C PHE S 94 -65.13 -34.44 15.79
N ASP S 95 -65.31 -33.26 15.21
CA ASP S 95 -66.29 -32.30 15.70
C ASP S 95 -67.51 -32.22 14.81
N GLY S 96 -67.67 -33.13 13.87
CA GLY S 96 -68.81 -33.15 12.98
C GLY S 96 -68.52 -32.70 11.58
N GLN S 97 -67.41 -32.00 11.37
CA GLN S 97 -67.04 -31.53 10.03
C GLN S 97 -65.65 -31.93 9.60
N ALA S 98 -64.75 -32.21 10.53
CA ALA S 98 -63.40 -32.60 10.16
C ALA S 98 -62.83 -33.46 11.28
N ILE S 99 -61.69 -34.08 10.99
CA ILE S 99 -60.99 -34.89 11.97
C ILE S 99 -59.62 -34.27 12.15
N TYR S 100 -59.43 -33.58 13.27
CA TYR S 100 -58.13 -32.99 13.55
C TYR S 100 -57.22 -34.06 14.14
N ILE S 101 -55.93 -33.96 13.80
CA ILE S 101 -54.94 -34.91 14.27
C ILE S 101 -53.70 -34.16 14.73
N TYR S 102 -53.32 -34.33 16.00
CA TYR S 102 -52.10 -33.79 16.55
C TYR S 102 -51.26 -34.95 17.08
N ASP S 103 -49.97 -34.73 17.23
CA ASP S 103 -49.20 -35.74 17.95
C ASP S 103 -49.43 -35.59 19.45
N ALA S 104 -48.97 -36.60 20.19
CA ALA S 104 -49.31 -36.70 21.61
C ALA S 104 -48.64 -35.63 22.45
N SER S 105 -47.56 -35.03 21.97
CA SER S 105 -46.81 -34.05 22.74
C SER S 105 -47.35 -32.65 22.59
N GLU S 106 -48.52 -32.48 21.99
CA GLU S 106 -49.17 -31.17 21.90
C GLU S 106 -50.41 -31.07 22.77
N MET S 107 -50.54 -31.94 23.77
CA MET S 107 -51.71 -31.89 24.64
C MET S 107 -51.66 -30.71 25.58
N ARG S 108 -52.75 -29.95 25.61
CA ARG S 108 -52.85 -28.73 26.39
C ARG S 108 -53.91 -28.96 27.45
N ASN S 109 -53.73 -28.35 28.62
CA ASN S 109 -54.70 -28.51 29.70
C ASN S 109 -54.96 -27.16 30.34
N ALA S 110 -56.13 -27.04 30.97
CA ALA S 110 -56.48 -25.78 31.60
C ALA S 110 -57.52 -26.02 32.69
N VAL S 111 -57.49 -25.16 33.70
CA VAL S 111 -58.46 -25.15 34.78
C VAL S 111 -59.23 -23.85 34.70
N VAL S 112 -60.55 -23.92 34.79
CA VAL S 112 -61.42 -22.76 34.65
C VAL S 112 -62.51 -22.82 35.71
N SER S 113 -62.77 -21.67 36.30
CA SER S 113 -63.75 -21.53 37.36
C SER S 113 -64.93 -20.70 36.87
N LEU S 114 -66.13 -21.21 37.06
CA LEU S 114 -67.34 -20.54 36.60
C LEU S 114 -67.93 -19.76 37.77
N ARG S 115 -68.50 -18.60 37.46
CA ARG S 115 -69.01 -17.75 38.53
C ARG S 115 -70.40 -18.18 38.96
N ASN S 116 -71.33 -18.25 38.02
CA ASN S 116 -72.73 -18.50 38.38
C ASN S 116 -73.39 -19.55 37.49
N VAL S 117 -72.60 -20.35 36.78
CA VAL S 117 -73.11 -21.48 36.00
C VAL S 117 -72.49 -22.77 36.51
N SER S 118 -73.31 -23.78 36.78
CA SER S 118 -72.73 -25.03 37.24
C SER S 118 -72.09 -25.85 36.10
N LEU S 119 -71.35 -26.88 36.54
CA LEU S 119 -70.71 -27.79 35.60
C LEU S 119 -71.73 -28.68 34.92
N ASN S 120 -72.74 -29.12 35.67
CA ASN S 120 -73.71 -30.04 35.08
C ASN S 120 -74.60 -29.33 34.07
N GLU S 121 -74.65 -28.01 34.10
CA GLU S 121 -75.38 -27.30 33.07
C GLU S 121 -74.50 -27.13 31.84
N PHE S 122 -73.21 -26.83 32.04
CA PHE S 122 -72.37 -26.72 30.84
C PHE S 122 -72.12 -28.09 30.22
N ASN S 123 -72.11 -29.15 31.03
CA ASN S 123 -72.03 -30.50 30.51
C ASN S 123 -73.33 -30.98 29.91
N ASN S 124 -74.44 -30.30 30.18
CA ASN S 124 -75.65 -30.64 29.45
C ASN S 124 -75.76 -29.81 28.19
N PHE S 125 -75.08 -28.67 28.15
CA PHE S 125 -74.99 -27.91 26.92
C PHE S 125 -74.10 -28.61 25.90
N LEU S 126 -73.06 -29.30 26.35
CA LEU S 126 -72.21 -30.03 25.41
C LEU S 126 -72.93 -31.26 24.87
N LYS S 127 -73.78 -31.88 25.68
CA LYS S 127 -74.56 -33.01 25.23
C LYS S 127 -75.69 -32.55 24.33
N ARG S 128 -76.21 -31.35 24.58
CA ARG S 128 -77.31 -30.84 23.78
C ARG S 128 -76.81 -30.45 22.40
N SER S 129 -75.62 -29.85 22.33
CA SER S 129 -75.08 -29.46 21.04
C SER S 129 -74.55 -30.66 20.27
N GLY S 130 -73.71 -31.48 20.89
CA GLY S 130 -73.16 -32.60 20.17
C GLY S 130 -71.65 -32.56 20.07
N LEU S 131 -71.01 -31.91 21.03
CA LEU S 131 -69.54 -31.80 21.06
C LEU S 131 -68.91 -32.59 22.19
N TYR S 132 -69.70 -33.36 22.94
CA TYR S 132 -69.18 -34.10 24.07
C TYR S 132 -68.35 -35.30 23.62
N ASN S 133 -67.07 -35.29 23.99
CA ASN S 133 -66.12 -36.34 23.65
C ASN S 133 -66.01 -37.28 24.84
N LYS S 134 -66.28 -38.56 24.60
CA LYS S 134 -66.23 -39.55 25.69
C LYS S 134 -64.81 -39.83 26.16
N ASN S 135 -63.83 -39.75 25.26
CA ASN S 135 -62.46 -40.09 25.64
C ASN S 135 -61.84 -39.01 26.51
N TYR S 136 -62.18 -37.74 26.29
CA TYR S 136 -61.64 -36.62 27.07
C TYR S 136 -62.79 -35.89 27.75
N PRO S 137 -63.29 -36.39 28.87
CA PRO S 137 -64.39 -35.73 29.56
C PRO S 137 -63.89 -34.60 30.43
N LEU S 138 -64.82 -33.91 31.09
CA LEU S 138 -64.50 -32.82 31.99
C LEU S 138 -64.38 -33.32 33.42
N ARG S 139 -63.26 -32.98 34.06
CA ARG S 139 -62.98 -33.39 35.44
C ARG S 139 -63.31 -32.23 36.39
N GLY S 140 -64.12 -32.52 37.39
CA GLY S 140 -64.50 -31.51 38.36
C GLY S 140 -65.71 -31.97 39.14
N ASP S 141 -66.09 -31.15 40.12
CA ASP S 141 -67.26 -31.46 40.92
C ASP S 141 -68.53 -31.22 40.11
N ASN S 142 -69.54 -32.04 40.38
CA ASN S 142 -70.70 -32.08 39.47
C ASN S 142 -71.57 -30.84 39.62
N ARG S 143 -71.72 -30.34 40.85
CA ARG S 143 -72.46 -29.10 41.07
C ARG S 143 -71.55 -28.16 41.82
N LYS S 144 -70.67 -27.48 41.09
CA LYS S 144 -69.77 -26.47 41.63
C LYS S 144 -69.32 -25.58 40.48
N GLY S 145 -68.32 -24.76 40.74
CA GLY S 145 -67.83 -23.81 39.75
C GLY S 145 -66.63 -24.25 38.94
N THR S 146 -65.60 -24.75 39.60
CA THR S 146 -64.35 -25.01 38.91
C THR S 146 -64.35 -26.40 38.28
N PHE S 147 -63.60 -26.55 37.19
CA PHE S 147 -63.36 -27.88 36.65
C PHE S 147 -62.03 -27.89 35.92
N TYR S 148 -61.68 -29.04 35.35
CA TYR S 148 -60.37 -29.24 34.75
C TYR S 148 -60.53 -29.96 33.42
N VAL S 149 -59.90 -29.44 32.36
CA VAL S 149 -60.04 -29.99 31.02
C VAL S 149 -58.65 -30.20 30.41
N SER S 150 -58.51 -31.28 29.64
CA SER S 150 -57.27 -31.54 28.92
C SER S 150 -57.61 -32.30 27.64
N GLY S 151 -56.87 -32.01 26.58
CA GLY S 151 -57.09 -32.66 25.30
C GLY S 151 -56.38 -31.97 24.15
N PRO S 152 -56.92 -32.11 22.94
CA PRO S 152 -56.31 -31.45 21.79
C PRO S 152 -56.48 -29.95 21.84
N PRO S 153 -55.59 -29.19 21.19
CA PRO S 153 -55.64 -27.73 21.27
C PRO S 153 -56.79 -27.08 20.52
N VAL S 154 -57.67 -27.83 19.86
CA VAL S 154 -58.88 -27.24 19.32
C VAL S 154 -60.04 -27.56 20.24
N TYR S 155 -59.89 -28.54 21.11
CA TYR S 155 -60.92 -28.87 22.09
C TYR S 155 -60.77 -28.04 23.35
N VAL S 156 -59.53 -27.78 23.77
CA VAL S 156 -59.38 -26.97 24.97
C VAL S 156 -59.63 -25.51 24.65
N ASP S 157 -59.26 -25.08 23.45
CA ASP S 157 -59.47 -23.70 23.06
C ASP S 157 -60.92 -23.41 22.71
N MET S 158 -61.76 -24.43 22.66
CA MET S 158 -63.19 -24.23 22.48
C MET S 158 -63.92 -24.27 23.80
N VAL S 159 -63.55 -25.21 24.69
CA VAL S 159 -64.23 -25.30 25.97
C VAL S 159 -63.92 -24.09 26.86
N VAL S 160 -62.68 -23.56 26.80
CA VAL S 160 -62.36 -22.36 27.58
C VAL S 160 -63.14 -21.14 27.09
N ASN S 161 -63.29 -20.99 25.79
CA ASN S 161 -63.95 -19.78 25.29
C ASN S 161 -65.46 -19.88 25.44
N ALA S 162 -66.03 -21.09 25.36
CA ALA S 162 -67.47 -21.18 25.50
C ALA S 162 -67.86 -21.05 26.96
N ALA S 163 -67.04 -21.56 27.88
CA ALA S 163 -67.40 -21.41 29.27
C ALA S 163 -67.13 -20.00 29.76
N THR S 164 -66.20 -19.29 29.11
CA THR S 164 -65.99 -17.90 29.48
C THR S 164 -67.10 -17.03 28.91
N MET S 165 -67.67 -17.39 27.75
CA MET S 165 -68.76 -16.61 27.17
C MET S 165 -70.14 -17.03 27.64
N MET S 166 -70.28 -18.00 28.53
CA MET S 166 -71.63 -18.40 28.93
C MET S 166 -72.06 -17.76 30.26
N ASP S 167 -71.14 -17.63 31.21
CA ASP S 167 -71.52 -16.95 32.45
C ASP S 167 -71.66 -15.45 32.25
N LYS S 168 -71.02 -14.89 31.22
CA LYS S 168 -71.29 -13.50 30.89
C LYS S 168 -72.69 -13.32 30.33
N GLN S 169 -73.25 -14.36 29.70
CA GLN S 169 -74.64 -14.31 29.31
C GLN S 169 -75.56 -14.75 30.44
N ASN S 170 -74.99 -15.16 31.57
CA ASN S 170 -75.82 -15.50 32.72
C ASN S 170 -75.48 -14.60 33.90
N LYS T 27 -58.46 -32.92 -36.68
CA LYS T 27 -57.21 -32.39 -36.14
C LYS T 27 -57.02 -32.83 -34.70
N ILE T 28 -58.12 -33.01 -33.99
CA ILE T 28 -58.10 -33.55 -32.62
C ILE T 28 -58.84 -34.87 -32.58
N PRO T 29 -58.20 -36.01 -32.91
CA PRO T 29 -58.98 -37.26 -32.98
C PRO T 29 -59.26 -37.89 -31.63
N VAL T 30 -60.47 -37.66 -31.07
CA VAL T 30 -61.06 -38.49 -30.02
C VAL T 30 -62.55 -38.56 -30.35
N THR T 31 -63.16 -39.74 -30.17
CA THR T 31 -64.53 -39.91 -30.63
C THR T 31 -65.57 -39.30 -29.68
N GLY T 32 -65.34 -39.36 -28.38
CA GLY T 32 -66.34 -38.97 -27.40
C GLY T 32 -66.29 -37.52 -27.00
N SER T 33 -66.65 -37.27 -25.74
CA SER T 33 -66.58 -35.95 -25.12
C SER T 33 -65.96 -36.09 -23.74
N GLY T 34 -64.97 -35.25 -23.44
CA GLY T 34 -64.29 -35.34 -22.17
C GLY T 34 -63.09 -34.43 -22.16
N PHE T 35 -62.48 -34.32 -20.98
CA PHE T 35 -61.31 -33.47 -20.79
C PHE T 35 -60.08 -34.31 -20.47
N VAL T 36 -59.01 -34.12 -21.23
CA VAL T 36 -57.76 -34.82 -20.97
C VAL T 36 -56.75 -33.83 -20.38
N ALA T 37 -56.23 -34.15 -19.21
CA ALA T 37 -55.29 -33.29 -18.49
C ALA T 37 -53.94 -33.97 -18.39
N LYS T 38 -52.91 -33.32 -18.92
CA LYS T 38 -51.53 -33.81 -18.81
C LYS T 38 -50.76 -32.85 -17.92
N ASP T 39 -50.76 -33.16 -16.61
CA ASP T 39 -50.10 -32.39 -15.56
C ASP T 39 -50.63 -30.95 -15.54
N ASP T 40 -51.91 -30.83 -15.20
CA ASP T 40 -52.49 -29.53 -14.89
C ASP T 40 -52.19 -29.18 -13.44
N SER T 41 -52.77 -28.08 -12.96
CA SER T 41 -52.37 -27.58 -11.65
C SER T 41 -53.56 -27.14 -10.80
N LEU T 42 -54.71 -27.80 -10.98
CA LEU T 42 -55.95 -27.62 -10.20
C LEU T 42 -56.58 -26.24 -10.29
N ARG T 43 -55.98 -25.33 -11.05
CA ARG T 43 -56.59 -24.07 -11.44
CA ARG T 43 -56.58 -24.07 -11.43
C ARG T 43 -57.00 -24.07 -12.89
N THR T 44 -56.14 -24.61 -13.74
CA THR T 44 -56.46 -24.85 -15.13
C THR T 44 -57.49 -25.95 -15.26
N PHE T 45 -57.49 -26.89 -14.31
CA PHE T 45 -58.39 -28.02 -14.38
C PHE T 45 -59.83 -27.65 -14.06
N PHE T 46 -60.05 -26.89 -13.00
CA PHE T 46 -61.43 -26.59 -12.61
C PHE T 46 -62.08 -25.56 -13.53
N ASP T 47 -61.30 -24.87 -14.36
CA ASP T 47 -61.91 -24.05 -15.37
C ASP T 47 -62.47 -24.87 -16.52
N ALA T 48 -62.00 -26.10 -16.70
CA ALA T 48 -62.65 -26.92 -17.71
C ALA T 48 -64.01 -27.38 -17.23
N MET T 49 -64.19 -27.51 -15.92
CA MET T 49 -65.48 -27.83 -15.32
C MET T 49 -66.32 -26.60 -15.05
N ALA T 50 -65.80 -25.42 -15.38
CA ALA T 50 -66.48 -24.16 -15.09
C ALA T 50 -67.52 -23.80 -16.14
N LEU T 51 -67.79 -24.70 -17.08
CA LEU T 51 -68.89 -24.55 -18.01
C LEU T 51 -70.01 -25.51 -17.71
N GLN T 52 -69.67 -26.71 -17.25
CA GLN T 52 -70.70 -27.63 -16.79
C GLN T 52 -71.31 -27.16 -15.48
N LEU T 53 -70.47 -26.84 -14.50
CA LEU T 53 -70.92 -25.95 -13.43
C LEU T 53 -71.17 -24.57 -14.01
N LYS T 54 -72.34 -24.01 -13.75
CA LYS T 54 -72.72 -22.77 -14.38
C LYS T 54 -72.12 -21.54 -13.69
N GLU T 55 -71.31 -21.73 -12.67
CA GLU T 55 -70.72 -20.64 -11.91
C GLU T 55 -69.21 -20.69 -12.02
N PRO T 56 -68.53 -19.54 -11.95
CA PRO T 56 -67.07 -19.55 -12.02
C PRO T 56 -66.49 -20.14 -10.73
N VAL T 57 -65.28 -20.68 -10.87
CA VAL T 57 -64.62 -21.38 -9.77
C VAL T 57 -63.43 -20.56 -9.33
N ILE T 58 -63.30 -20.36 -8.02
CA ILE T 58 -62.20 -19.60 -7.46
C ILE T 58 -61.40 -20.52 -6.55
N VAL T 59 -60.22 -20.89 -7.00
CA VAL T 59 -59.34 -21.82 -6.29
C VAL T 59 -58.29 -21.00 -5.57
N SER T 60 -58.03 -21.34 -4.31
CA SER T 60 -57.09 -20.55 -3.52
C SER T 60 -55.66 -20.80 -3.99
N LYS T 61 -54.71 -20.10 -3.34
CA LYS T 61 -53.34 -20.15 -3.82
C LYS T 61 -52.60 -21.39 -3.34
N MET T 62 -52.88 -21.85 -2.13
CA MET T 62 -52.16 -23.00 -1.63
C MET T 62 -52.80 -24.30 -2.09
N ALA T 63 -54.00 -24.23 -2.64
CA ALA T 63 -54.61 -25.40 -3.24
C ALA T 63 -54.27 -25.52 -4.71
N ALA T 64 -53.58 -24.53 -5.27
CA ALA T 64 -53.15 -24.57 -6.65
C ALA T 64 -51.74 -25.09 -6.81
N ARG T 65 -51.16 -25.66 -5.76
CA ARG T 65 -49.85 -26.28 -5.86
C ARG T 65 -49.91 -27.76 -6.15
N LYS T 66 -51.08 -28.36 -6.17
CA LYS T 66 -51.18 -29.78 -6.46
C LYS T 66 -51.51 -29.98 -7.93
N LYS T 67 -51.22 -31.18 -8.41
CA LYS T 67 -51.35 -31.47 -9.82
C LYS T 67 -52.27 -32.67 -10.04
N ILE T 68 -52.69 -32.85 -11.29
CA ILE T 68 -53.55 -33.96 -11.66
C ILE T 68 -53.27 -34.34 -13.10
N THR T 69 -53.48 -35.61 -13.43
CA THR T 69 -53.19 -36.13 -14.77
C THR T 69 -54.13 -37.29 -15.06
N GLY T 70 -54.83 -37.23 -16.17
CA GLY T 70 -55.68 -38.33 -16.58
C GLY T 70 -56.74 -37.89 -17.57
N ASN T 71 -57.64 -38.83 -17.88
CA ASN T 71 -58.76 -38.62 -18.77
C ASN T 71 -60.05 -38.57 -17.96
N PHE T 72 -60.78 -37.46 -18.03
CA PHE T 72 -61.93 -37.23 -17.20
C PHE T 72 -63.20 -37.00 -18.03
N GLU T 73 -64.33 -37.06 -17.35
CA GLU T 73 -65.66 -36.93 -17.95
C GLU T 73 -66.63 -36.33 -16.94
N PHE T 74 -67.27 -35.22 -17.31
CA PHE T 74 -68.20 -34.50 -16.43
C PHE T 74 -69.63 -34.57 -16.94
N HIS T 75 -70.38 -35.61 -16.56
CA HIS T 75 -71.81 -35.57 -16.87
C HIS T 75 -72.65 -35.09 -15.70
N ASP T 76 -72.20 -35.29 -14.46
CA ASP T 76 -72.75 -34.54 -13.33
C ASP T 76 -71.67 -34.05 -12.36
N PRO T 77 -71.37 -32.76 -12.41
CA PRO T 77 -70.16 -32.27 -11.75
C PRO T 77 -70.31 -32.06 -10.26
N ASN T 78 -71.53 -31.86 -9.74
CA ASN T 78 -71.63 -31.72 -8.30
C ASN T 78 -71.43 -33.05 -7.60
N ALA T 79 -71.68 -34.16 -8.29
CA ALA T 79 -71.33 -35.46 -7.75
C ALA T 79 -69.90 -35.83 -8.03
N LEU T 80 -69.28 -35.26 -9.07
CA LEU T 80 -67.86 -35.56 -9.27
C LEU T 80 -66.98 -34.71 -8.36
N LEU T 81 -67.42 -33.50 -8.02
CA LEU T 81 -66.61 -32.61 -7.20
C LEU T 81 -66.58 -33.08 -5.75
N GLU T 82 -67.63 -33.75 -5.30
CA GLU T 82 -67.64 -34.26 -3.93
C GLU T 82 -66.69 -35.43 -3.79
N LYS T 83 -66.57 -36.24 -4.83
CA LYS T 83 -65.66 -37.38 -4.76
C LYS T 83 -64.22 -36.92 -4.89
N LEU T 84 -63.97 -35.96 -5.80
CA LEU T 84 -62.60 -35.51 -6.00
C LEU T 84 -62.11 -34.68 -4.82
N SER T 85 -63.03 -34.01 -4.11
CA SER T 85 -62.62 -33.20 -2.97
C SER T 85 -62.36 -34.05 -1.75
N LEU T 86 -62.69 -35.34 -1.81
CA LEU T 86 -62.38 -36.24 -0.73
C LEU T 86 -61.15 -37.07 -1.04
N GLN T 87 -60.95 -37.43 -2.32
CA GLN T 87 -59.77 -38.19 -2.64
C GLN T 87 -58.52 -37.32 -2.67
N LEU T 88 -58.64 -36.01 -2.93
CA LEU T 88 -57.45 -35.19 -2.96
C LEU T 88 -57.22 -34.45 -1.65
N GLY T 89 -58.28 -34.08 -0.96
CA GLY T 89 -58.20 -33.34 0.27
C GLY T 89 -58.47 -31.90 -0.05
N LEU T 90 -59.72 -31.52 0.08
CA LEU T 90 -60.24 -30.25 -0.40
C LEU T 90 -61.55 -29.97 0.32
N ILE T 91 -61.88 -28.70 0.43
CA ILE T 91 -63.17 -28.26 0.90
C ILE T 91 -63.68 -27.22 -0.09
N TRP T 92 -64.99 -27.23 -0.32
CA TRP T 92 -65.57 -26.36 -1.32
C TRP T 92 -66.88 -25.80 -0.82
N TYR T 93 -67.24 -24.63 -1.32
CA TYR T 93 -68.45 -23.97 -0.87
C TYR T 93 -69.04 -23.12 -1.97
N PHE T 94 -70.35 -23.23 -2.15
CA PHE T 94 -71.08 -22.55 -3.21
C PHE T 94 -72.05 -21.57 -2.58
N ASP T 95 -71.80 -20.28 -2.75
CA ASP T 95 -72.56 -19.24 -2.07
C ASP T 95 -73.64 -18.64 -2.96
N GLY T 96 -73.84 -19.19 -4.14
CA GLY T 96 -74.88 -18.70 -5.03
C GLY T 96 -74.36 -17.91 -6.21
N GLN T 97 -73.10 -17.52 -6.20
CA GLN T 97 -72.55 -16.73 -7.31
C GLN T 97 -71.26 -17.34 -7.83
N ALA T 98 -70.51 -18.01 -6.96
CA ALA T 98 -69.26 -18.62 -7.36
C ALA T 98 -69.01 -19.83 -6.48
N ILE T 99 -68.03 -20.63 -6.87
CA ILE T 99 -67.67 -21.83 -6.12
C ILE T 99 -66.26 -21.63 -5.61
N TYR T 100 -66.13 -21.42 -4.30
CA TYR T 100 -64.80 -21.27 -3.71
C TYR T 100 -64.26 -22.63 -3.34
N ILE T 101 -62.96 -22.83 -3.56
CA ILE T 101 -62.30 -24.10 -3.29
C ILE T 101 -61.03 -23.83 -2.48
N TYR T 102 -60.95 -24.41 -1.30
CA TYR T 102 -59.77 -24.36 -0.45
C TYR T 102 -59.27 -25.77 -0.20
N ASP T 103 -58.06 -25.88 0.32
CA ASP T 103 -57.62 -27.18 0.80
C ASP T 103 -57.89 -27.33 2.29
N ALA T 104 -57.63 -28.53 2.81
CA ALA T 104 -58.08 -28.86 4.16
C ALA T 104 -57.31 -28.19 5.28
N SER T 105 -56.12 -27.68 5.02
CA SER T 105 -55.38 -27.05 6.10
C SER T 105 -55.77 -25.60 6.35
N GLU T 106 -56.71 -25.05 5.59
CA GLU T 106 -57.14 -23.67 5.80
C GLU T 106 -58.49 -23.53 6.47
N MET T 107 -59.06 -24.62 6.95
CA MET T 107 -60.35 -24.53 7.63
C MET T 107 -60.19 -23.90 9.00
N ARG T 108 -60.95 -22.84 9.24
CA ARG T 108 -60.91 -22.10 10.48
C ARG T 108 -62.25 -22.22 11.17
N ASN T 109 -62.29 -21.82 12.43
CA ASN T 109 -63.48 -21.94 13.25
C ASN T 109 -63.52 -20.81 14.26
N ALA T 110 -64.72 -20.51 14.73
CA ALA T 110 -64.90 -19.44 15.69
C ALA T 110 -66.17 -19.67 16.48
N VAL T 111 -66.15 -19.21 17.73
CA VAL T 111 -67.28 -19.26 18.64
C VAL T 111 -67.78 -17.84 18.93
N VAL T 112 -69.11 -17.66 18.85
CA VAL T 112 -69.74 -16.35 18.99
C VAL T 112 -71.00 -16.50 19.85
N SER T 113 -71.33 -15.44 20.59
CA SER T 113 -72.43 -15.45 21.54
C SER T 113 -73.44 -14.39 21.13
N LEU T 114 -74.72 -14.75 21.11
CA LEU T 114 -75.78 -13.81 20.78
C LEU T 114 -76.51 -13.38 22.05
N ARG T 115 -76.66 -12.07 22.25
CA ARG T 115 -77.28 -11.64 23.50
C ARG T 115 -78.80 -11.79 23.48
N ASN T 116 -79.42 -11.50 22.33
CA ASN T 116 -80.87 -11.48 22.24
C ASN T 116 -81.43 -12.12 20.97
N VAL T 117 -80.63 -12.89 20.25
CA VAL T 117 -81.08 -13.61 19.06
C VAL T 117 -80.91 -15.09 19.33
N SER T 118 -81.93 -15.88 19.02
CA SER T 118 -81.79 -17.30 19.23
C SER T 118 -81.05 -17.94 18.09
N LEU T 119 -80.80 -19.24 18.21
CA LEU T 119 -80.16 -19.96 17.11
C LEU T 119 -81.14 -20.24 15.99
N ASN T 120 -82.42 -20.40 16.33
CA ASN T 120 -83.42 -20.73 15.31
C ASN T 120 -83.79 -19.53 14.46
N GLU T 121 -83.73 -18.31 15.01
CA GLU T 121 -84.00 -17.15 14.17
C GLU T 121 -82.82 -16.84 13.27
N PHE T 122 -81.62 -17.31 13.60
CA PHE T 122 -80.50 -17.12 12.70
C PHE T 122 -80.44 -18.22 11.66
N ASN T 123 -80.90 -19.41 12.03
CA ASN T 123 -81.00 -20.47 11.03
C ASN T 123 -82.13 -20.19 10.07
N ASN T 124 -83.15 -19.45 10.51
CA ASN T 124 -84.20 -19.06 9.58
C ASN T 124 -83.73 -17.95 8.66
N PHE T 125 -82.74 -17.17 9.10
CA PHE T 125 -82.21 -16.14 8.21
C PHE T 125 -81.31 -16.78 7.15
N LEU T 126 -80.56 -17.80 7.53
CA LEU T 126 -79.72 -18.44 6.52
C LEU T 126 -80.53 -19.31 5.60
N LYS T 127 -81.61 -19.90 6.10
CA LYS T 127 -82.45 -20.73 5.26
C LYS T 127 -83.30 -19.90 4.32
N ARG T 128 -83.69 -18.70 4.75
CA ARG T 128 -84.53 -17.90 3.87
C ARG T 128 -83.69 -17.13 2.89
N SER T 129 -82.43 -16.84 3.23
CA SER T 129 -81.61 -16.11 2.28
C SER T 129 -81.06 -17.06 1.24
N GLY T 130 -80.53 -18.21 1.65
CA GLY T 130 -79.96 -19.13 0.71
C GLY T 130 -78.50 -19.46 0.96
N LEU T 131 -77.98 -18.98 2.08
CA LEU T 131 -76.60 -19.24 2.44
C LEU T 131 -76.46 -20.39 3.42
N TYR T 132 -77.55 -21.08 3.74
CA TYR T 132 -77.51 -22.20 4.67
C TYR T 132 -76.87 -23.40 3.98
N ASN T 133 -75.71 -23.82 4.47
CA ASN T 133 -75.04 -24.99 3.93
C ASN T 133 -75.18 -26.14 4.93
N LYS T 134 -75.85 -27.21 4.51
CA LYS T 134 -76.14 -28.32 5.40
C LYS T 134 -74.93 -29.22 5.66
N ASN T 135 -73.83 -29.03 4.93
CA ASN T 135 -72.66 -29.85 5.18
C ASN T 135 -71.87 -29.32 6.36
N TYR T 136 -71.88 -27.99 6.55
CA TYR T 136 -71.22 -27.35 7.69
C TYR T 136 -72.30 -26.57 8.43
N PRO T 137 -73.09 -27.24 9.26
CA PRO T 137 -74.15 -26.53 9.97
C PRO T 137 -73.64 -25.86 11.22
N LEU T 138 -74.54 -25.28 12.01
CA LEU T 138 -74.19 -24.65 13.26
C LEU T 138 -74.41 -25.62 14.40
N ARG T 139 -73.50 -25.61 15.38
CA ARG T 139 -73.57 -26.50 16.53
C ARG T 139 -73.94 -25.67 17.75
N GLY T 140 -75.11 -25.92 18.32
CA GLY T 140 -75.53 -25.20 19.50
C GLY T 140 -76.95 -25.56 19.88
N ASP T 141 -77.37 -25.00 21.01
CA ASP T 141 -78.73 -25.19 21.51
C ASP T 141 -79.71 -24.32 20.74
N ASN T 142 -80.93 -24.83 20.59
CA ASN T 142 -81.88 -24.20 19.68
C ASN T 142 -82.42 -22.89 20.20
N ARG T 143 -82.37 -22.66 21.50
CA ARG T 143 -82.68 -21.35 22.06
C ARG T 143 -81.59 -20.94 23.07
N LYS T 144 -80.48 -20.42 22.53
CA LYS T 144 -79.38 -19.97 23.37
C LYS T 144 -78.67 -18.84 22.63
N GLY T 145 -77.46 -18.52 23.08
CA GLY T 145 -76.71 -17.48 22.41
C GLY T 145 -75.39 -17.93 21.82
N THR T 146 -74.76 -18.94 22.42
CA THR T 146 -73.44 -19.36 21.96
C THR T 146 -73.59 -20.52 20.99
N PHE T 147 -72.73 -20.54 19.98
CA PHE T 147 -72.65 -21.68 19.07
C PHE T 147 -71.27 -21.72 18.45
N TYR T 148 -70.98 -22.83 17.79
CA TYR T 148 -69.69 -23.11 17.20
C TYR T 148 -69.90 -23.36 15.71
N VAL T 149 -69.02 -22.79 14.90
CA VAL T 149 -69.12 -22.89 13.44
C VAL T 149 -67.73 -23.18 12.90
N SER T 150 -67.64 -24.03 11.88
CA SER T 150 -66.36 -24.35 11.26
C SER T 150 -66.55 -24.63 9.78
N GLY T 151 -65.65 -24.11 8.96
CA GLY T 151 -65.72 -24.33 7.53
C GLY T 151 -64.70 -23.56 6.73
N PRO T 152 -65.01 -23.29 5.48
CA PRO T 152 -64.13 -22.47 4.65
C PRO T 152 -64.13 -21.02 5.10
N PRO T 153 -63.07 -20.27 4.80
CA PRO T 153 -62.96 -18.89 5.30
C PRO T 153 -63.94 -17.90 4.69
N VAL T 154 -64.69 -18.29 3.65
CA VAL T 154 -65.76 -17.42 3.21
C VAL T 154 -66.99 -17.63 4.07
N TYR T 155 -67.23 -18.88 4.45
CA TYR T 155 -68.40 -19.21 5.25
C TYR T 155 -68.24 -18.71 6.68
N VAL T 156 -67.03 -18.80 7.23
CA VAL T 156 -66.84 -18.39 8.61
C VAL T 156 -66.87 -16.88 8.71
N ASP T 157 -66.22 -16.20 7.75
CA ASP T 157 -66.21 -14.75 7.78
C ASP T 157 -67.54 -14.16 7.36
N MET T 158 -68.45 -14.97 6.82
CA MET T 158 -69.78 -14.44 6.57
C MET T 158 -70.66 -14.62 7.80
N VAL T 159 -70.57 -15.78 8.46
CA VAL T 159 -71.41 -16.02 9.63
C VAL T 159 -71.02 -15.16 10.83
N VAL T 160 -69.73 -14.88 11.02
CA VAL T 160 -69.31 -14.03 12.14
C VAL T 160 -69.79 -12.59 11.95
N ASN T 161 -69.66 -12.07 10.74
CA ASN T 161 -70.04 -10.68 10.50
C ASN T 161 -71.55 -10.54 10.43
N ALA T 162 -72.27 -11.56 9.96
CA ALA T 162 -73.70 -11.42 9.89
C ALA T 162 -74.36 -11.68 11.24
N ALA T 163 -73.62 -12.24 12.20
CA ALA T 163 -74.23 -12.38 13.51
C ALA T 163 -73.94 -11.16 14.38
N THR T 164 -72.73 -10.59 14.22
CA THR T 164 -72.42 -9.36 14.93
C THR T 164 -73.24 -8.18 14.42
N MET T 165 -73.50 -8.12 13.12
CA MET T 165 -74.31 -7.01 12.60
C MET T 165 -75.80 -7.21 12.82
N MET T 166 -76.20 -8.27 13.52
CA MET T 166 -77.56 -8.53 13.94
C MET T 166 -77.73 -8.20 15.42
N ASP T 167 -76.72 -8.54 16.23
CA ASP T 167 -76.81 -8.12 17.62
C ASP T 167 -76.53 -6.63 17.77
N LYS T 168 -75.82 -6.00 16.84
CA LYS T 168 -75.75 -4.55 16.89
C LYS T 168 -77.08 -3.92 16.48
N GLN T 169 -77.81 -4.57 15.55
CA GLN T 169 -79.12 -4.06 15.13
C GLN T 169 -80.19 -4.22 16.19
N ASN T 170 -80.11 -5.24 17.03
CA ASN T 170 -81.15 -5.40 18.04
C ASN T 170 -80.74 -4.78 19.37
N GLY U 32 -68.92 -11.56 -43.94
CA GLY U 32 -69.52 -10.56 -43.07
C GLY U 32 -68.50 -9.84 -42.21
N SER U 33 -68.28 -10.33 -41.01
CA SER U 33 -67.30 -9.75 -40.09
C SER U 33 -66.53 -10.88 -39.43
N GLY U 34 -65.73 -10.52 -38.43
CA GLY U 34 -64.98 -11.51 -37.69
C GLY U 34 -63.56 -11.03 -37.39
N PHE U 35 -62.89 -11.72 -36.47
CA PHE U 35 -61.53 -11.34 -36.08
C PHE U 35 -60.66 -12.59 -36.07
N VAL U 36 -59.49 -12.50 -36.66
CA VAL U 36 -58.56 -13.61 -36.74
C VAL U 36 -57.42 -13.30 -35.79
N ALA U 37 -57.42 -13.91 -34.62
CA ALA U 37 -56.38 -13.60 -33.64
C ALA U 37 -55.20 -14.56 -33.75
N LYS U 38 -54.00 -14.02 -33.80
CA LYS U 38 -52.76 -14.80 -33.80
C LYS U 38 -51.88 -14.32 -32.66
N ASP U 39 -52.03 -14.96 -31.50
CA ASP U 39 -51.32 -14.65 -30.26
C ASP U 39 -51.55 -13.21 -29.82
N ASP U 40 -52.79 -12.92 -29.47
CA ASP U 40 -53.14 -11.63 -28.90
C ASP U 40 -53.02 -11.71 -27.37
N SER U 41 -53.51 -10.68 -26.68
CA SER U 41 -53.28 -10.54 -25.25
C SER U 41 -54.54 -10.07 -24.50
N LEU U 42 -55.73 -10.48 -24.97
CA LEU U 42 -57.02 -10.28 -24.31
C LEU U 42 -57.44 -8.84 -24.09
N ARG U 43 -56.67 -7.89 -24.58
CA ARG U 43 -57.08 -6.50 -24.61
C ARG U 43 -57.26 -6.01 -26.03
N THR U 44 -56.36 -6.42 -26.91
CA THR U 44 -56.54 -6.21 -28.33
C THR U 44 -57.57 -7.14 -28.93
N PHE U 45 -57.98 -8.16 -28.21
CA PHE U 45 -59.04 -9.01 -28.72
C PHE U 45 -60.40 -8.44 -28.36
N PHE U 46 -60.56 -8.03 -27.11
CA PHE U 46 -61.84 -7.51 -26.69
C PHE U 46 -62.11 -6.09 -27.17
N ASP U 47 -61.09 -5.34 -27.65
CA ASP U 47 -61.44 -4.09 -28.30
C ASP U 47 -61.99 -4.29 -29.71
N ALA U 48 -61.71 -5.44 -30.34
CA ALA U 48 -62.32 -5.70 -31.63
C ALA U 48 -63.81 -6.01 -31.49
N MET U 49 -64.23 -6.49 -30.34
CA MET U 49 -65.66 -6.69 -30.07
C MET U 49 -66.35 -5.43 -29.58
N ALA U 50 -65.62 -4.32 -29.48
CA ALA U 50 -66.17 -3.07 -28.96
C ALA U 50 -66.94 -2.29 -29.99
N LEU U 51 -67.12 -2.85 -31.17
CA LEU U 51 -67.97 -2.26 -32.20
C LEU U 51 -69.27 -3.02 -32.32
N GLN U 52 -69.19 -4.35 -32.20
CA GLN U 52 -70.40 -5.15 -32.18
C GLN U 52 -71.17 -4.95 -30.88
N LEU U 53 -70.50 -5.04 -29.74
CA LEU U 53 -71.02 -4.44 -28.53
C LEU U 53 -70.98 -2.93 -28.67
N LYS U 54 -72.08 -2.24 -28.33
CA LYS U 54 -72.13 -0.83 -28.62
C LYS U 54 -71.55 0.04 -27.50
N GLU U 55 -70.77 -0.54 -26.59
CA GLU U 55 -70.15 0.14 -25.48
C GLU U 55 -68.67 -0.16 -25.44
N PRO U 56 -67.85 0.74 -24.90
CA PRO U 56 -66.43 0.42 -24.73
C PRO U 56 -66.21 -0.57 -23.58
N VAL U 57 -65.21 -1.43 -23.77
CA VAL U 57 -64.88 -2.50 -22.83
C VAL U 57 -63.61 -2.14 -22.08
N ILE U 58 -63.60 -2.40 -20.78
CA ILE U 58 -62.47 -2.08 -19.92
C ILE U 58 -62.01 -3.38 -19.29
N VAL U 59 -60.81 -3.83 -19.66
CA VAL U 59 -60.23 -5.08 -19.19
C VAL U 59 -59.20 -4.77 -18.12
N SER U 60 -59.26 -5.49 -17.01
CA SER U 60 -58.39 -5.21 -15.87
C SER U 60 -56.96 -5.68 -16.16
N LYS U 61 -56.10 -5.54 -15.14
CA LYS U 61 -54.69 -5.81 -15.34
C LYS U 61 -54.35 -7.30 -15.22
N MET U 62 -54.95 -8.00 -14.27
CA MET U 62 -54.63 -9.42 -14.11
C MET U 62 -55.27 -10.27 -15.19
N ALA U 63 -56.37 -9.81 -15.77
CA ALA U 63 -57.01 -10.53 -16.86
C ALA U 63 -56.47 -10.14 -18.22
N ALA U 64 -55.42 -9.32 -18.26
CA ALA U 64 -54.76 -8.99 -19.51
C ALA U 64 -53.50 -9.80 -19.76
N ARG U 65 -53.25 -10.82 -18.95
CA ARG U 65 -52.10 -11.68 -19.16
C ARG U 65 -52.41 -12.96 -19.93
N LYS U 66 -53.63 -13.46 -19.91
CA LYS U 66 -53.96 -14.65 -20.66
C LYS U 66 -54.08 -14.35 -22.15
N LYS U 67 -53.79 -15.36 -22.96
CA LYS U 67 -53.71 -15.19 -24.40
C LYS U 67 -54.70 -16.15 -25.07
N ILE U 68 -55.07 -15.84 -26.32
CA ILE U 68 -56.05 -16.61 -27.10
C ILE U 68 -55.68 -16.46 -28.56
N THR U 69 -55.97 -17.48 -29.36
CA THR U 69 -55.69 -17.41 -30.79
C THR U 69 -56.71 -18.26 -31.53
N GLY U 70 -56.94 -17.93 -32.79
CA GLY U 70 -57.94 -18.64 -33.56
C GLY U 70 -58.93 -17.71 -34.25
N ASN U 71 -59.61 -18.25 -35.26
CA ASN U 71 -60.60 -17.48 -36.01
C ASN U 71 -61.87 -17.35 -35.19
N PHE U 72 -62.34 -16.12 -35.02
CA PHE U 72 -63.57 -15.86 -34.30
C PHE U 72 -64.52 -15.09 -35.21
N GLU U 73 -65.81 -15.22 -34.92
CA GLU U 73 -66.83 -14.57 -35.74
C GLU U 73 -67.85 -13.94 -34.83
N PHE U 74 -68.21 -12.69 -35.10
CA PHE U 74 -69.08 -11.92 -34.23
C PHE U 74 -70.44 -11.80 -34.92
N HIS U 75 -71.37 -12.67 -34.54
CA HIS U 75 -72.74 -12.51 -34.95
C HIS U 75 -73.71 -12.59 -33.78
N ASP U 76 -73.26 -13.01 -32.61
CA ASP U 76 -74.07 -12.94 -31.39
C ASP U 76 -73.11 -12.71 -30.23
N PRO U 77 -72.71 -11.46 -30.00
CA PRO U 77 -71.61 -11.21 -29.07
C PRO U 77 -72.02 -11.30 -27.62
N ASN U 78 -73.31 -11.17 -27.31
CA ASN U 78 -73.71 -11.29 -25.92
C ASN U 78 -73.70 -12.75 -25.48
N ALA U 79 -73.97 -13.68 -26.40
CA ALA U 79 -73.88 -15.08 -26.06
C ALA U 79 -72.45 -15.57 -26.16
N LEU U 80 -71.63 -14.86 -26.93
CA LEU U 80 -70.25 -15.26 -27.00
C LEU U 80 -69.48 -14.74 -25.81
N LEU U 81 -69.92 -13.63 -25.22
CA LEU U 81 -69.26 -13.18 -24.01
C LEU U 81 -69.61 -14.07 -22.83
N GLU U 82 -70.85 -14.57 -22.78
CA GLU U 82 -71.23 -15.45 -21.69
C GLU U 82 -70.62 -16.83 -21.84
N LYS U 83 -70.28 -17.24 -23.05
CA LYS U 83 -69.71 -18.56 -23.14
C LYS U 83 -68.19 -18.49 -23.03
N LEU U 84 -67.59 -17.43 -23.56
CA LEU U 84 -66.14 -17.30 -23.46
C LEU U 84 -65.69 -16.88 -22.07
N SER U 85 -66.57 -16.25 -21.28
CA SER U 85 -66.14 -15.88 -19.94
C SER U 85 -66.20 -17.05 -18.98
N LEU U 86 -66.83 -18.13 -19.39
CA LEU U 86 -66.91 -19.31 -18.56
C LEU U 86 -65.89 -20.33 -19.01
N GLN U 87 -65.56 -20.36 -20.30
CA GLN U 87 -64.52 -21.28 -20.69
C GLN U 87 -63.15 -20.71 -20.34
N LEU U 88 -63.02 -19.39 -20.27
CA LEU U 88 -61.72 -18.83 -19.90
C LEU U 88 -61.61 -18.56 -18.41
N GLY U 89 -62.70 -18.14 -17.78
CA GLY U 89 -62.67 -17.84 -16.36
C GLY U 89 -62.53 -16.34 -16.26
N LEU U 90 -63.68 -15.67 -16.13
CA LEU U 90 -63.79 -14.24 -16.23
C LEU U 90 -65.10 -13.83 -15.58
N ILE U 91 -65.17 -12.58 -15.17
CA ILE U 91 -66.43 -12.00 -14.71
C ILE U 91 -66.58 -10.67 -15.41
N TRP U 92 -67.81 -10.33 -15.78
CA TRP U 92 -68.04 -9.11 -16.53
C TRP U 92 -69.28 -8.42 -16.00
N TYR U 93 -69.37 -7.12 -16.29
CA TYR U 93 -70.49 -6.34 -15.77
C TYR U 93 -70.70 -5.13 -16.66
N PHE U 94 -71.93 -5.00 -17.15
CA PHE U 94 -72.32 -3.90 -18.03
C PHE U 94 -73.26 -2.97 -17.26
N ASP U 95 -72.76 -1.79 -16.91
CA ASP U 95 -73.54 -0.90 -16.07
C ASP U 95 -74.34 0.13 -16.85
N GLY U 96 -74.28 0.10 -18.18
CA GLY U 96 -75.01 1.06 -18.99
C GLY U 96 -74.13 2.01 -19.75
N GLN U 97 -72.83 2.07 -19.44
CA GLN U 97 -71.93 2.98 -20.13
C GLN U 97 -70.68 2.24 -20.60
N ALA U 98 -70.31 1.17 -19.91
CA ALA U 98 -69.10 0.45 -20.26
C ALA U 98 -69.27 -1.00 -19.82
N ILE U 99 -68.36 -1.85 -20.29
CA ILE U 99 -68.37 -3.27 -19.94
C ILE U 99 -67.08 -3.58 -19.22
N TYR U 100 -67.11 -3.62 -17.90
CA TYR U 100 -65.92 -3.99 -17.15
C TYR U 100 -65.73 -5.50 -17.17
N ILE U 101 -64.48 -5.93 -17.38
CA ILE U 101 -64.13 -7.35 -17.44
C ILE U 101 -62.96 -7.58 -16.51
N TYR U 102 -63.14 -8.45 -15.52
CA TYR U 102 -62.09 -8.89 -14.62
C TYR U 102 -61.90 -10.39 -14.79
N ASP U 103 -60.87 -10.91 -14.13
CA ASP U 103 -60.72 -12.35 -14.04
C ASP U 103 -61.33 -12.83 -12.74
N ALA U 104 -61.49 -14.15 -12.64
CA ALA U 104 -62.33 -14.73 -11.60
C ALA U 104 -61.72 -14.63 -10.21
N SER U 105 -60.42 -14.40 -10.11
CA SER U 105 -59.76 -14.30 -8.82
C SER U 105 -59.75 -12.89 -8.24
N GLU U 106 -60.53 -11.97 -8.80
CA GLU U 106 -60.63 -10.62 -8.28
C GLU U 106 -61.98 -10.34 -7.63
N MET U 107 -62.83 -11.36 -7.51
CA MET U 107 -64.15 -11.18 -6.96
C MET U 107 -64.09 -10.97 -5.45
N ARG U 108 -64.70 -9.89 -4.99
CA ARG U 108 -64.71 -9.51 -3.59
C ARG U 108 -66.14 -9.61 -3.07
N ASN U 109 -66.26 -9.73 -1.75
CA ASN U 109 -67.55 -9.91 -1.12
C ASN U 109 -67.73 -8.96 0.06
N ALA U 110 -68.99 -8.77 0.45
CA ALA U 110 -69.27 -7.82 1.51
C ALA U 110 -70.59 -8.13 2.18
N VAL U 111 -70.68 -7.76 3.45
CA VAL U 111 -71.88 -7.89 4.26
C VAL U 111 -72.25 -6.49 4.76
N VAL U 112 -73.46 -6.04 4.46
CA VAL U 112 -73.87 -4.68 4.80
C VAL U 112 -75.18 -4.70 5.58
N SER U 113 -75.21 -3.96 6.70
CA SER U 113 -76.38 -3.86 7.56
C SER U 113 -77.00 -2.47 7.49
N LEU U 114 -78.18 -2.38 6.88
CA LEU U 114 -78.97 -1.17 6.76
C LEU U 114 -79.65 -0.84 8.09
N ARG U 115 -79.86 0.44 8.35
CA ARG U 115 -80.41 0.85 9.63
C ARG U 115 -81.94 0.95 9.62
N ASN U 116 -82.50 1.80 8.75
CA ASN U 116 -83.93 2.10 8.78
C ASN U 116 -84.57 2.02 7.39
N VAL U 117 -83.99 1.26 6.46
CA VAL U 117 -84.63 1.00 5.18
C VAL U 117 -84.46 -0.48 4.89
N SER U 118 -85.44 -1.04 4.19
CA SER U 118 -85.46 -2.47 3.99
C SER U 118 -84.84 -2.88 2.66
N LEU U 119 -84.82 -4.20 2.46
CA LEU U 119 -84.26 -4.78 1.27
C LEU U 119 -85.20 -4.59 0.11
N ASN U 120 -86.50 -4.62 0.36
CA ASN U 120 -87.45 -4.43 -0.73
C ASN U 120 -87.46 -2.98 -1.21
N GLU U 121 -86.99 -2.04 -0.40
CA GLU U 121 -86.83 -0.68 -0.88
C GLU U 121 -85.47 -0.42 -1.47
N PHE U 122 -84.47 -1.26 -1.19
CA PHE U 122 -83.23 -1.04 -1.92
C PHE U 122 -83.18 -1.82 -3.24
N ASN U 123 -83.83 -2.98 -3.29
CA ASN U 123 -83.85 -3.72 -4.54
C ASN U 123 -84.74 -3.05 -5.58
N ASN U 124 -85.76 -2.32 -5.12
CA ASN U 124 -86.55 -1.56 -6.07
C ASN U 124 -85.84 -0.30 -6.51
N PHE U 125 -84.86 0.16 -5.72
CA PHE U 125 -84.03 1.26 -6.17
C PHE U 125 -83.11 0.78 -7.26
N LEU U 126 -82.64 -0.46 -7.15
CA LEU U 126 -81.77 -0.97 -8.21
C LEU U 126 -82.58 -1.29 -9.46
N LYS U 127 -83.85 -1.65 -9.29
CA LYS U 127 -84.68 -1.96 -10.44
C LYS U 127 -85.12 -0.67 -11.12
N ARG U 128 -85.37 0.38 -10.36
CA ARG U 128 -85.83 1.62 -10.95
C ARG U 128 -84.67 2.37 -11.60
N SER U 129 -83.48 2.32 -11.00
CA SER U 129 -82.35 3.02 -11.60
C SER U 129 -81.87 2.29 -12.84
N GLY U 130 -81.67 0.98 -12.74
CA GLY U 130 -81.18 0.26 -13.89
C GLY U 130 -79.87 -0.47 -13.65
N LEU U 131 -79.41 -0.50 -12.40
CA LEU U 131 -78.18 -1.19 -12.07
C LEU U 131 -78.44 -2.57 -11.49
N TYR U 132 -79.65 -3.08 -11.63
CA TYR U 132 -80.00 -4.38 -11.09
C TYR U 132 -79.50 -5.47 -12.03
N ASN U 133 -78.66 -6.36 -11.52
CA ASN U 133 -78.11 -7.46 -12.29
C ASN U 133 -78.62 -8.76 -11.69
N LYS U 134 -79.38 -9.52 -12.47
CA LYS U 134 -79.97 -10.76 -11.98
C LYS U 134 -78.99 -11.92 -11.94
N ASN U 135 -77.78 -11.74 -12.46
CA ASN U 135 -76.79 -12.80 -12.39
C ASN U 135 -76.09 -12.81 -11.04
N TYR U 136 -75.89 -11.64 -10.43
CA TYR U 136 -75.32 -11.51 -9.10
C TYR U 136 -76.35 -10.76 -8.24
N PRO U 137 -77.39 -11.44 -7.77
CA PRO U 137 -78.41 -10.77 -6.97
C PRO U 137 -77.96 -10.64 -5.52
N LEU U 138 -78.82 -10.02 -4.72
CA LEU U 138 -78.57 -9.87 -3.29
C LEU U 138 -79.19 -10.99 -2.47
N ARG U 139 -78.42 -11.50 -1.53
CA ARG U 139 -78.81 -12.58 -0.64
C ARG U 139 -79.11 -12.00 0.74
N GLY U 140 -80.32 -12.22 1.24
CA GLY U 140 -80.66 -11.75 2.56
C GLY U 140 -82.12 -12.00 2.87
N ASP U 141 -82.48 -11.68 4.12
CA ASP U 141 -83.87 -11.80 4.54
C ASP U 141 -84.69 -10.68 3.94
N ASN U 142 -85.99 -10.92 3.76
CA ASN U 142 -86.78 -10.01 2.94
C ASN U 142 -87.11 -8.70 3.65
N ARG U 143 -87.36 -8.71 4.95
CA ARG U 143 -87.55 -7.45 5.66
C ARG U 143 -86.60 -7.44 6.87
N LYS U 144 -85.35 -7.08 6.60
CA LYS U 144 -84.34 -6.97 7.63
C LYS U 144 -83.37 -5.87 7.23
N GLY U 145 -82.23 -5.84 7.88
CA GLY U 145 -81.21 -4.89 7.53
C GLY U 145 -79.93 -5.50 7.04
N THR U 146 -79.68 -6.77 7.26
CA THR U 146 -78.39 -7.33 6.92
C THR U 146 -78.50 -8.17 5.66
N PHE U 147 -77.57 -7.98 4.74
CA PHE U 147 -77.53 -8.83 3.56
C PHE U 147 -76.11 -8.95 3.03
N TYR U 148 -75.94 -9.87 2.09
CA TYR U 148 -74.66 -10.31 1.56
C TYR U 148 -74.61 -10.06 0.06
N VAL U 149 -73.48 -9.54 -0.41
CA VAL U 149 -73.31 -9.20 -1.82
C VAL U 149 -71.96 -9.70 -2.30
N SER U 150 -71.93 -10.22 -3.53
CA SER U 150 -70.69 -10.66 -4.16
C SER U 150 -70.81 -10.48 -5.65
N GLY U 151 -69.72 -10.04 -6.27
CA GLY U 151 -69.69 -9.82 -7.69
C GLY U 151 -68.42 -9.11 -8.09
N PRO U 152 -68.45 -8.39 -9.21
CA PRO U 152 -67.29 -7.62 -9.65
C PRO U 152 -67.03 -6.45 -8.72
N PRO U 153 -65.78 -5.97 -8.67
CA PRO U 153 -65.45 -4.90 -7.71
C PRO U 153 -66.08 -3.56 -8.02
N VAL U 154 -66.52 -3.32 -9.26
CA VAL U 154 -67.18 -2.07 -9.54
C VAL U 154 -68.66 -2.17 -9.19
N TYR U 155 -69.18 -3.38 -9.06
CA TYR U 155 -70.55 -3.55 -8.64
C TYR U 155 -70.63 -3.49 -7.12
N VAL U 156 -69.62 -4.07 -6.46
CA VAL U 156 -69.62 -4.09 -5.00
C VAL U 156 -69.32 -2.70 -4.45
N ASP U 157 -68.40 -1.97 -5.11
CA ASP U 157 -68.04 -0.64 -4.63
C ASP U 157 -69.16 0.36 -4.86
N MET U 158 -70.15 0.03 -5.68
CA MET U 158 -71.31 0.88 -5.81
C MET U 158 -72.41 0.53 -4.83
N VAL U 159 -72.69 -0.78 -4.64
CA VAL U 159 -73.77 -1.16 -3.73
C VAL U 159 -73.44 -0.86 -2.27
N VAL U 160 -72.18 -1.01 -1.86
CA VAL U 160 -71.82 -0.70 -0.47
C VAL U 160 -71.93 0.80 -0.19
N ASN U 161 -71.45 1.62 -1.10
CA ASN U 161 -71.43 3.05 -0.84
C ASN U 161 -72.82 3.66 -0.99
N ALA U 162 -73.64 3.11 -1.89
CA ALA U 162 -74.98 3.64 -2.07
C ALA U 162 -75.87 3.23 -0.91
N ALA U 163 -75.76 1.98 -0.44
CA ALA U 163 -76.59 1.58 0.68
C ALA U 163 -76.13 2.23 1.97
N THR U 164 -74.86 2.60 2.08
CA THR U 164 -74.43 3.38 3.24
C THR U 164 -74.98 4.80 3.19
N MET U 165 -74.91 5.45 2.03
CA MET U 165 -75.43 6.81 1.94
C MET U 165 -76.95 6.89 1.84
N MET U 166 -77.66 5.77 1.75
CA MET U 166 -79.11 5.87 1.79
C MET U 166 -79.65 5.72 3.20
N ASP U 167 -78.77 5.48 4.16
CA ASP U 167 -79.07 5.53 5.58
C ASP U 167 -78.50 6.77 6.21
N LYS U 168 -77.38 7.23 5.67
CA LYS U 168 -76.85 8.54 6.04
C LYS U 168 -77.74 9.67 5.51
N GLN U 169 -78.49 9.43 4.43
CA GLN U 169 -79.48 10.41 3.98
C GLN U 169 -80.62 10.56 4.96
N ASN U 170 -81.22 9.46 5.40
CA ASN U 170 -82.29 9.56 6.39
C ASN U 170 -81.73 9.74 7.79
N LYS V 27 -47.31 19.29 -56.62
CA LYS V 27 -46.41 18.30 -56.04
C LYS V 27 -47.08 17.53 -54.93
N ILE V 28 -48.34 17.86 -54.64
CA ILE V 28 -49.13 17.16 -53.64
C ILE V 28 -50.29 16.50 -54.37
N PRO V 29 -50.07 15.45 -55.15
CA PRO V 29 -51.14 14.99 -56.03
C PRO V 29 -52.19 14.05 -55.46
N VAL V 30 -53.35 14.60 -55.11
CA VAL V 30 -54.63 13.92 -55.02
C VAL V 30 -55.65 14.95 -55.49
N THR V 31 -56.65 14.54 -56.27
CA THR V 31 -57.60 15.53 -56.78
C THR V 31 -58.55 16.02 -55.69
N GLY V 32 -59.06 15.11 -54.85
CA GLY V 32 -60.06 15.40 -53.84
C GLY V 32 -59.51 15.98 -52.56
N SER V 33 -60.24 15.73 -51.46
CA SER V 33 -59.83 16.17 -50.13
C SER V 33 -59.83 15.01 -49.16
N GLY V 34 -58.87 15.05 -48.24
CA GLY V 34 -58.66 14.00 -47.27
C GLY V 34 -57.27 14.06 -46.69
N PHE V 35 -57.09 13.37 -45.58
CA PHE V 35 -55.82 13.39 -44.84
C PHE V 35 -55.14 12.03 -44.89
N VAL V 36 -54.01 11.94 -45.57
CA VAL V 36 -53.20 10.73 -45.57
C VAL V 36 -52.28 10.73 -44.36
N ALA V 37 -52.39 9.71 -43.53
CA ALA V 37 -51.57 9.59 -42.32
C ALA V 37 -50.59 8.44 -42.47
N LYS V 38 -49.31 8.69 -42.24
CA LYS V 38 -48.29 7.65 -42.25
C LYS V 38 -47.62 7.66 -40.89
N ASP V 39 -48.06 6.76 -40.01
CA ASP V 39 -47.54 6.57 -38.66
C ASP V 39 -47.65 7.84 -37.81
N ASP V 40 -48.84 8.42 -37.79
CA ASP V 40 -49.12 9.56 -36.94
C ASP V 40 -49.56 9.05 -35.58
N SER V 41 -49.25 9.82 -34.54
CA SER V 41 -49.32 9.31 -33.17
C SER V 41 -50.48 9.89 -32.37
N LEU V 42 -51.64 10.07 -33.01
CA LEU V 42 -52.94 10.38 -32.40
C LEU V 42 -53.01 11.73 -31.70
N ARG V 43 -51.93 12.48 -31.64
CA ARG V 43 -51.96 13.86 -31.20
C ARG V 43 -51.85 14.78 -32.40
N THR V 44 -51.00 14.41 -33.35
CA THR V 44 -50.92 15.09 -34.63
C THR V 44 -51.97 14.58 -35.60
N PHE V 45 -52.72 13.54 -35.23
CA PHE V 45 -53.79 13.07 -36.09
C PHE V 45 -55.08 13.81 -35.81
N PHE V 46 -55.46 13.93 -34.55
CA PHE V 46 -56.67 14.65 -34.21
C PHE V 46 -56.52 16.15 -34.31
N ASP V 47 -55.30 16.66 -34.41
CA ASP V 47 -55.14 18.08 -34.73
C ASP V 47 -55.51 18.36 -36.18
N ALA V 48 -55.39 17.36 -37.06
CA ALA V 48 -55.83 17.55 -38.42
C ALA V 48 -57.34 17.53 -38.55
N MET V 49 -58.05 16.95 -37.60
CA MET V 49 -59.51 16.96 -37.60
C MET V 49 -60.08 18.15 -36.83
N ALA V 50 -59.25 19.14 -36.51
CA ALA V 50 -59.66 20.25 -35.66
C ALA V 50 -60.05 21.46 -36.46
N LEU V 51 -60.16 21.35 -37.77
CA LEU V 51 -60.78 22.38 -38.56
C LEU V 51 -62.16 21.98 -39.02
N GLN V 52 -62.37 20.70 -39.27
CA GLN V 52 -63.70 20.23 -39.58
C GLN V 52 -64.55 20.12 -38.31
N LEU V 53 -64.06 19.45 -37.26
CA LEU V 53 -64.58 19.73 -35.94
C LEU V 53 -64.13 21.12 -35.52
N LYS V 54 -65.07 22.05 -35.36
CA LYS V 54 -64.72 23.46 -35.22
C LYS V 54 -64.40 23.86 -33.78
N GLU V 55 -63.99 22.91 -32.94
CA GLU V 55 -63.55 23.15 -31.58
C GLU V 55 -62.22 22.47 -31.35
N PRO V 56 -61.36 23.03 -30.49
CA PRO V 56 -60.04 22.41 -30.26
C PRO V 56 -60.13 21.09 -29.49
N VAL V 57 -59.21 20.20 -29.83
CA VAL V 57 -59.19 18.83 -29.32
C VAL V 57 -58.05 18.65 -28.31
N ILE V 58 -58.35 18.02 -27.18
CA ILE V 58 -57.40 17.76 -26.11
C ILE V 58 -57.29 16.25 -25.90
N VAL V 59 -56.18 15.68 -26.30
CA VAL V 59 -55.93 14.25 -26.17
C VAL V 59 -55.05 14.04 -24.94
N SER V 60 -55.38 13.03 -24.14
CA SER V 60 -54.68 12.79 -22.89
C SER V 60 -53.29 12.20 -23.14
N LYS V 61 -52.58 11.90 -22.05
CA LYS V 61 -51.22 11.42 -22.20
C LYS V 61 -51.14 9.92 -22.43
N MET V 62 -52.04 9.14 -21.85
CA MET V 62 -52.00 7.70 -22.05
C MET V 62 -52.59 7.33 -23.39
N ALA V 63 -53.50 8.14 -23.92
CA ALA V 63 -54.09 7.93 -25.23
C ALA V 63 -53.29 8.55 -26.35
N ALA V 64 -52.11 9.08 -26.07
CA ALA V 64 -51.23 9.63 -27.09
C ALA V 64 -50.14 8.66 -27.51
N ARG V 65 -50.19 7.42 -27.02
CA ARG V 65 -49.22 6.41 -27.42
C ARG V 65 -49.69 5.50 -28.54
N LYS V 66 -50.98 5.48 -28.87
CA LYS V 66 -51.41 4.66 -29.98
C LYS V 66 -51.19 5.41 -31.30
N LYS V 67 -50.93 4.65 -32.35
CA LYS V 67 -50.61 5.20 -33.65
C LYS V 67 -51.60 4.72 -34.69
N ILE V 68 -51.66 5.40 -35.82
CA ILE V 68 -52.61 5.08 -36.87
C ILE V 68 -52.04 5.52 -38.21
N THR V 69 -52.31 4.73 -39.24
CA THR V 69 -51.86 5.05 -40.59
C THR V 69 -52.90 4.57 -41.60
N GLY V 70 -52.99 5.28 -42.71
CA GLY V 70 -53.95 5.00 -43.75
C GLY V 70 -54.34 6.29 -44.45
N ASN V 71 -55.43 6.23 -45.19
CA ASN V 71 -55.96 7.37 -45.93
C ASN V 71 -57.35 7.67 -45.40
N PHE V 72 -57.56 8.85 -44.83
CA PHE V 72 -58.84 9.16 -44.23
C PHE V 72 -59.49 10.32 -44.98
N GLU V 73 -60.77 10.54 -44.67
CA GLU V 73 -61.57 11.52 -45.40
C GLU V 73 -62.66 12.04 -44.48
N PHE V 74 -62.62 13.31 -44.11
CA PHE V 74 -63.56 13.91 -43.17
C PHE V 74 -64.65 14.65 -43.93
N HIS V 75 -65.86 14.10 -43.93
CA HIS V 75 -67.03 14.80 -44.41
C HIS V 75 -68.17 14.81 -43.41
N ASP V 76 -68.11 13.99 -42.35
CA ASP V 76 -68.94 14.20 -41.17
C ASP V 76 -68.15 13.67 -39.98
N PRO V 77 -67.31 14.52 -39.38
CA PRO V 77 -66.31 14.01 -38.43
C PRO V 77 -66.93 13.62 -37.11
N ASN V 78 -68.13 14.09 -36.80
CA ASN V 78 -68.79 13.64 -35.58
C ASN V 78 -69.26 12.21 -35.69
N ALA V 79 -69.50 11.72 -36.90
CA ALA V 79 -69.74 10.30 -37.12
C ALA V 79 -68.46 9.51 -37.38
N LEU V 80 -67.40 10.18 -37.83
CA LEU V 80 -66.16 9.44 -37.99
C LEU V 80 -65.48 9.23 -36.66
N LEU V 81 -65.62 10.19 -35.76
CA LEU V 81 -65.04 10.03 -34.43
C LEU V 81 -65.84 9.02 -33.64
N GLU V 82 -67.15 8.93 -33.91
CA GLU V 82 -67.97 7.96 -33.19
C GLU V 82 -67.65 6.55 -33.66
N LYS V 83 -67.32 6.37 -34.94
CA LYS V 83 -66.97 5.04 -35.37
C LYS V 83 -65.56 4.67 -34.91
N LEU V 84 -64.63 5.64 -34.96
CA LEU V 84 -63.26 5.33 -34.62
C LEU V 84 -63.03 5.18 -33.13
N SER V 85 -63.85 5.84 -32.29
CA SER V 85 -63.62 5.67 -30.87
C SER V 85 -64.14 4.34 -30.36
N LEU V 86 -64.95 3.67 -31.15
CA LEU V 86 -65.42 2.34 -30.81
C LEU V 86 -64.48 1.31 -31.39
N GLN V 87 -63.94 1.54 -32.59
CA GLN V 87 -63.03 0.55 -33.12
C GLN V 87 -61.70 0.58 -32.39
N LEU V 88 -61.15 1.76 -32.13
CA LEU V 88 -59.90 1.82 -31.38
C LEU V 88 -60.10 1.59 -29.89
N GLY V 89 -61.19 2.08 -29.33
CA GLY V 89 -61.43 1.92 -27.92
C GLY V 89 -61.00 3.20 -27.25
N LEU V 90 -61.96 4.09 -27.03
CA LEU V 90 -61.71 5.47 -26.61
C LEU V 90 -63.00 6.03 -26.04
N ILE V 91 -62.87 7.08 -25.26
CA ILE V 91 -64.02 7.85 -24.82
C ILE V 91 -63.72 9.33 -25.02
N TRP V 92 -64.75 10.09 -25.35
CA TRP V 92 -64.61 11.50 -25.66
C TRP V 92 -65.79 12.27 -25.10
N TYR V 93 -65.60 13.56 -24.93
CA TYR V 93 -66.66 14.38 -24.34
C TYR V 93 -66.53 15.81 -24.82
N PHE V 94 -67.65 16.37 -25.28
CA PHE V 94 -67.68 17.72 -25.82
C PHE V 94 -68.55 18.59 -24.92
N ASP V 95 -67.96 19.61 -24.30
CA ASP V 95 -68.64 20.40 -23.29
C ASP V 95 -69.07 21.76 -23.79
N GLY V 96 -69.07 21.98 -25.09
CA GLY V 96 -69.49 23.24 -25.66
C GLY V 96 -68.35 24.12 -26.12
N GLN V 97 -67.15 23.92 -25.59
CA GLN V 97 -65.99 24.69 -25.98
C GLN V 97 -64.81 23.88 -26.47
N ALA V 98 -64.72 22.60 -26.09
CA ALA V 98 -63.59 21.79 -26.53
C ALA V 98 -64.01 20.33 -26.57
N ILE V 99 -63.15 19.50 -27.15
CA ILE V 99 -63.42 18.07 -27.23
C ILE V 99 -62.30 17.35 -26.50
N TYR V 100 -62.63 16.63 -25.45
CA TYR V 100 -61.64 15.90 -24.68
C TYR V 100 -61.66 14.45 -25.12
N ILE V 101 -60.48 13.80 -25.10
CA ILE V 101 -60.34 12.41 -25.53
C ILE V 101 -59.45 11.67 -24.56
N TYR V 102 -59.95 10.56 -24.01
CA TYR V 102 -59.18 9.68 -23.14
C TYR V 102 -59.32 8.27 -23.65
N ASP V 103 -58.38 7.41 -23.26
CA ASP V 103 -58.54 6.00 -23.59
C ASP V 103 -59.51 5.34 -22.62
N ALA V 104 -59.88 4.10 -22.95
CA ALA V 104 -60.97 3.44 -22.25
C ALA V 104 -60.62 3.05 -20.83
N SER V 105 -59.35 2.94 -20.49
CA SER V 105 -58.96 2.52 -19.15
C SER V 105 -58.86 3.68 -18.17
N GLU V 106 -59.48 4.82 -18.46
CA GLU V 106 -59.45 5.96 -17.54
C GLU V 106 -60.81 6.38 -17.02
N MET V 107 -61.87 5.63 -17.31
CA MET V 107 -63.21 6.02 -16.87
C MET V 107 -63.36 5.87 -15.37
N ARG V 108 -63.93 6.88 -14.72
CA ARG V 108 -64.06 6.92 -13.27
C ARG V 108 -65.52 6.76 -12.86
N ASN V 109 -65.71 6.23 -11.66
CA ASN V 109 -67.04 6.05 -11.08
C ASN V 109 -67.19 6.87 -9.81
N ALA V 110 -68.42 7.25 -9.52
CA ALA V 110 -68.72 8.04 -8.32
C ALA V 110 -70.18 7.88 -7.95
N VAL V 111 -70.46 7.89 -6.65
CA VAL V 111 -71.83 7.89 -6.12
C VAL V 111 -71.95 9.01 -5.11
N VAL V 112 -72.99 9.82 -5.24
CA VAL V 112 -73.13 11.02 -4.45
C VAL V 112 -74.59 11.23 -4.06
N SER V 113 -74.82 11.56 -2.79
CA SER V 113 -76.16 11.70 -2.24
C SER V 113 -76.37 13.17 -1.88
N LEU V 114 -77.38 13.78 -2.48
CA LEU V 114 -77.75 15.15 -2.18
C LEU V 114 -78.85 15.15 -1.12
N ARG V 115 -78.85 16.21 -0.31
CA ARG V 115 -79.81 16.29 0.80
C ARG V 115 -81.03 17.14 0.43
N ASN V 116 -80.83 18.38 0.00
CA ASN V 116 -81.96 19.29 -0.16
C ASN V 116 -82.24 19.63 -1.61
N VAL V 117 -81.96 18.71 -2.54
CA VAL V 117 -82.32 18.89 -3.94
C VAL V 117 -82.53 17.52 -4.58
N SER V 118 -83.44 17.45 -5.54
CA SER V 118 -83.78 16.20 -6.19
C SER V 118 -82.95 15.96 -7.45
N LEU V 119 -83.01 14.72 -7.93
CA LEU V 119 -82.28 14.36 -9.13
C LEU V 119 -82.95 14.97 -10.34
N ASN V 120 -84.27 15.06 -10.33
CA ASN V 120 -84.95 15.70 -11.45
C ASN V 120 -84.72 17.20 -11.47
N GLU V 121 -84.39 17.80 -10.32
CA GLU V 121 -83.99 19.20 -10.37
C GLU V 121 -82.54 19.36 -10.79
N PHE V 122 -81.70 18.35 -10.59
CA PHE V 122 -80.33 18.50 -11.07
C PHE V 122 -80.23 18.16 -12.55
N ASN V 123 -81.13 17.30 -13.04
CA ASN V 123 -81.11 16.99 -14.46
C ASN V 123 -81.59 18.18 -15.27
N ASN V 124 -82.33 19.09 -14.65
CA ASN V 124 -82.70 20.31 -15.37
C ASN V 124 -81.53 21.26 -15.44
N PHE V 125 -80.65 21.23 -14.44
CA PHE V 125 -79.45 22.05 -14.49
C PHE V 125 -78.51 21.53 -15.56
N LEU V 126 -78.49 20.22 -15.79
CA LEU V 126 -77.66 19.71 -16.88
C LEU V 126 -78.33 19.87 -18.23
N LYS V 127 -79.65 19.96 -18.29
CA LYS V 127 -80.28 20.06 -19.60
C LYS V 127 -80.32 21.49 -20.08
N ARG V 128 -80.65 22.43 -19.18
CA ARG V 128 -80.80 23.82 -19.57
C ARG V 128 -79.45 24.47 -19.85
N SER V 129 -78.43 24.15 -19.04
CA SER V 129 -77.10 24.74 -19.24
C SER V 129 -76.35 24.17 -20.42
N GLY V 130 -76.79 23.06 -20.98
CA GLY V 130 -76.13 22.45 -22.12
C GLY V 130 -75.04 21.46 -21.82
N LEU V 131 -74.91 21.03 -20.56
CA LEU V 131 -73.92 20.02 -20.20
C LEU V 131 -74.51 18.63 -20.18
N TYR V 132 -75.71 18.46 -20.72
CA TYR V 132 -76.33 17.15 -20.79
C TYR V 132 -75.63 16.29 -21.84
N ASN V 133 -75.52 14.99 -21.55
CA ASN V 133 -74.87 14.05 -22.45
C ASN V 133 -75.71 12.79 -22.49
N LYS V 134 -76.24 12.46 -23.67
CA LYS V 134 -77.11 11.30 -23.79
C LYS V 134 -76.34 9.99 -23.78
N ASN V 135 -75.02 10.01 -23.98
CA ASN V 135 -74.29 8.76 -23.98
C ASN V 135 -73.98 8.26 -22.58
N TYR V 136 -73.71 9.17 -21.64
CA TYR V 136 -73.43 8.80 -20.26
C TYR V 136 -74.40 9.59 -19.39
N PRO V 137 -75.63 9.12 -19.24
CA PRO V 137 -76.58 9.84 -18.40
C PRO V 137 -76.38 9.50 -16.94
N LEU V 138 -77.26 10.03 -16.10
CA LEU V 138 -77.24 9.81 -14.67
C LEU V 138 -78.18 8.68 -14.32
N ARG V 139 -77.67 7.68 -13.61
CA ARG V 139 -78.45 6.51 -13.27
C ARG V 139 -78.98 6.68 -11.85
N GLY V 140 -80.30 6.74 -11.71
CA GLY V 140 -80.88 6.86 -10.39
C GLY V 140 -82.38 7.08 -10.50
N ASP V 141 -83.02 7.04 -9.34
CA ASP V 141 -84.45 7.33 -9.27
C ASP V 141 -84.67 8.81 -9.48
N ASN V 142 -85.79 9.14 -10.13
CA ASN V 142 -85.96 10.49 -10.67
C ASN V 142 -86.24 11.51 -9.58
N ARG V 143 -86.90 11.11 -8.50
CA ARG V 143 -87.19 12.04 -7.41
C ARG V 143 -86.63 11.45 -6.12
N LYS V 144 -85.31 11.58 -5.95
CA LYS V 144 -84.54 11.06 -4.82
C LYS V 144 -83.28 11.90 -4.71
N GLY V 145 -82.31 11.40 -3.94
CA GLY V 145 -81.05 12.08 -3.78
C GLY V 145 -79.83 11.31 -4.23
N THR V 146 -79.93 9.99 -4.31
CA THR V 146 -78.79 9.13 -4.62
C THR V 146 -78.79 8.74 -6.09
N PHE V 147 -77.65 8.88 -6.75
CA PHE V 147 -77.51 8.46 -8.14
C PHE V 147 -76.06 8.02 -8.38
N TYR V 148 -75.82 7.52 -9.58
CA TYR V 148 -74.56 6.88 -9.95
C TYR V 148 -74.09 7.41 -11.29
N VAL V 149 -72.82 7.84 -11.34
CA VAL V 149 -72.25 8.40 -12.55
C VAL V 149 -71.01 7.63 -12.95
N SER V 150 -70.74 7.63 -14.25
CA SER V 150 -69.55 6.96 -14.80
C SER V 150 -69.29 7.56 -16.17
N GLY V 151 -68.09 8.09 -16.39
CA GLY V 151 -67.75 8.69 -17.64
C GLY V 151 -66.31 9.16 -17.70
N PRO V 152 -66.02 10.15 -18.54
CA PRO V 152 -64.67 10.70 -18.61
C PRO V 152 -64.31 11.46 -17.34
N PRO V 153 -63.01 11.59 -17.05
CA PRO V 153 -62.59 12.22 -15.79
C PRO V 153 -62.84 13.71 -15.73
N VAL V 154 -63.24 14.35 -16.82
CA VAL V 154 -63.64 15.74 -16.75
C VAL V 154 -65.16 15.87 -16.63
N TYR V 155 -65.90 14.82 -16.95
CA TYR V 155 -67.35 14.82 -16.76
C TYR V 155 -67.74 14.39 -15.35
N VAL V 156 -66.97 13.47 -14.76
CA VAL V 156 -67.29 12.98 -13.44
C VAL V 156 -66.96 14.04 -12.41
N ASP V 157 -65.81 14.69 -12.56
CA ASP V 157 -65.42 15.70 -11.59
C ASP V 157 -66.28 16.94 -11.70
N MET V 158 -66.91 17.16 -12.85
CA MET V 158 -67.83 18.28 -12.97
C MET V 158 -69.17 17.97 -12.36
N VAL V 159 -69.65 16.72 -12.47
CA VAL V 159 -70.96 16.44 -11.89
C VAL V 159 -70.86 16.42 -10.37
N VAL V 160 -69.77 15.87 -9.81
CA VAL V 160 -69.65 15.83 -8.36
C VAL V 160 -69.41 17.23 -7.80
N ASN V 161 -68.55 18.03 -8.44
CA ASN V 161 -68.27 19.34 -7.88
C ASN V 161 -69.40 20.32 -8.11
N ALA V 162 -70.26 20.09 -9.10
CA ALA V 162 -71.38 20.99 -9.27
C ALA V 162 -72.63 20.49 -8.55
N ALA V 163 -72.57 19.28 -8.00
CA ALA V 163 -73.69 18.75 -7.23
C ALA V 163 -73.52 19.02 -5.74
N THR V 164 -72.31 18.89 -5.23
CA THR V 164 -72.04 19.19 -3.83
C THR V 164 -71.90 20.71 -3.58
N MET V 165 -72.00 21.52 -4.62
CA MET V 165 -72.00 22.97 -4.46
C MET V 165 -73.38 23.59 -4.54
N MET V 166 -74.42 22.79 -4.76
CA MET V 166 -75.79 23.30 -4.68
C MET V 166 -76.43 23.14 -3.31
N ASP V 167 -76.02 22.13 -2.54
CA ASP V 167 -76.57 21.95 -1.21
C ASP V 167 -76.04 22.96 -0.21
N LYS V 168 -74.92 23.61 -0.47
CA LYS V 168 -74.51 24.71 0.37
C LYS V 168 -75.29 25.98 0.06
N GLN V 169 -75.97 26.05 -1.09
CA GLN V 169 -76.77 27.21 -1.42
C GLN V 169 -78.25 27.01 -1.16
N ASN V 170 -78.72 25.76 -1.07
CA ASN V 170 -80.14 25.53 -0.81
C ASN V 170 -80.37 25.02 0.60
N GLY W 32 -47.07 44.99 -51.94
CA GLY W 32 -47.73 44.75 -50.67
C GLY W 32 -46.81 44.14 -49.63
N SER W 33 -47.34 43.96 -48.42
CA SER W 33 -46.58 43.42 -47.30
C SER W 33 -46.84 41.92 -47.11
N GLY W 34 -45.92 41.28 -46.40
CA GLY W 34 -46.00 39.86 -46.17
C GLY W 34 -44.76 39.37 -45.47
N PHE W 35 -44.72 38.05 -45.25
CA PHE W 35 -43.64 37.45 -44.49
C PHE W 35 -43.19 36.14 -45.13
N VAL W 36 -41.88 35.99 -45.30
CA VAL W 36 -41.30 34.76 -45.84
C VAL W 36 -40.60 34.05 -44.70
N ALA W 37 -41.25 33.05 -44.12
CA ALA W 37 -40.71 32.33 -42.98
C ALA W 37 -39.99 31.08 -43.45
N LYS W 38 -38.73 30.92 -43.07
CA LYS W 38 -37.95 29.74 -43.41
C LYS W 38 -37.49 29.11 -42.11
N ASP W 39 -38.29 28.16 -41.62
CA ASP W 39 -38.03 27.40 -40.38
C ASP W 39 -37.94 28.35 -39.18
N ASP W 40 -39.04 29.04 -38.92
CA ASP W 40 -39.13 29.90 -37.75
C ASP W 40 -39.56 29.09 -36.54
N SER W 41 -39.86 29.78 -35.44
CA SER W 41 -40.11 29.09 -34.19
C SER W 41 -41.29 29.66 -33.43
N LEU W 42 -42.26 30.23 -34.14
CA LEU W 42 -43.58 30.65 -33.64
C LEU W 42 -43.54 31.79 -32.65
N ARG W 43 -42.36 32.27 -32.25
CA ARG W 43 -42.22 33.55 -31.58
C ARG W 43 -41.93 34.64 -32.60
N THR W 44 -40.98 34.35 -33.49
CA THR W 44 -40.63 35.29 -34.54
C THR W 44 -41.64 35.33 -35.66
N PHE W 45 -42.62 34.45 -35.67
CA PHE W 45 -43.69 34.55 -36.65
C PHE W 45 -44.83 35.40 -36.11
N PHE W 46 -45.27 35.10 -34.90
CA PHE W 46 -46.39 35.88 -34.41
C PHE W 46 -45.97 37.26 -33.95
N ASP W 47 -44.67 37.50 -33.69
CA ASP W 47 -44.23 38.88 -33.50
C ASP W 47 -44.19 39.63 -34.82
N ALA W 48 -44.02 38.91 -35.92
CA ALA W 48 -44.05 39.56 -37.21
C ALA W 48 -45.47 39.90 -37.61
N MET W 49 -46.44 39.18 -37.09
CA MET W 49 -47.83 39.52 -37.34
C MET W 49 -48.36 40.58 -36.37
N ALA W 50 -47.53 41.06 -35.47
CA ALA W 50 -47.92 42.04 -34.46
C ALA W 50 -47.91 43.46 -34.96
N LEU W 51 -47.79 43.70 -36.26
CA LEU W 51 -47.95 45.04 -36.80
C LEU W 51 -49.25 45.16 -37.57
N GLN W 52 -49.60 44.13 -38.33
CA GLN W 52 -50.91 44.11 -38.95
C GLN W 52 -52.00 43.90 -37.91
N LEU W 53 -51.75 43.10 -36.88
CA LEU W 53 -52.53 43.25 -35.67
C LEU W 53 -51.97 44.44 -34.88
N LYS W 54 -52.85 45.22 -34.27
CA LYS W 54 -52.44 46.45 -33.62
C LYS W 54 -52.09 46.28 -32.14
N GLU W 55 -51.99 45.04 -31.65
CA GLU W 55 -51.72 44.78 -30.25
C GLU W 55 -50.54 43.83 -30.12
N PRO W 56 -49.77 43.93 -29.03
CA PRO W 56 -48.66 42.98 -28.86
C PRO W 56 -49.16 41.58 -28.52
N VAL W 57 -48.39 40.59 -28.95
CA VAL W 57 -48.75 39.18 -28.84
C VAL W 57 -47.84 38.45 -27.85
N ILE W 58 -48.43 37.76 -26.88
CA ILE W 58 -47.67 37.03 -25.88
C ILE W 58 -47.89 35.53 -26.07
N VAL W 59 -46.85 34.86 -26.52
CA VAL W 59 -46.88 33.43 -26.78
C VAL W 59 -46.27 32.71 -25.58
N SER W 60 -46.90 31.63 -25.16
CA SER W 60 -46.42 30.91 -23.99
C SER W 60 -45.17 30.11 -24.32
N LYS W 61 -44.64 29.44 -23.30
CA LYS W 61 -43.38 28.72 -23.46
C LYS W 61 -43.62 27.35 -24.09
N MET W 62 -44.72 26.70 -23.75
CA MET W 62 -45.00 25.39 -24.29
C MET W 62 -45.47 25.45 -25.75
N ALA W 63 -46.03 26.57 -26.17
CA ALA W 63 -46.48 26.78 -27.54
C ALA W 63 -45.41 27.44 -28.40
N ALA W 64 -44.18 27.53 -27.92
CA ALA W 64 -43.07 28.07 -28.69
C ALA W 64 -42.17 26.99 -29.25
N ARG W 65 -42.53 25.73 -29.10
CA ARG W 65 -41.72 24.66 -29.67
C ARG W 65 -42.11 24.29 -31.09
N LYS W 66 -43.34 24.57 -31.49
CA LYS W 66 -43.72 24.24 -32.86
C LYS W 66 -43.08 25.22 -33.84
N LYS W 67 -43.01 24.81 -35.09
CA LYS W 67 -42.32 25.57 -36.12
C LYS W 67 -43.24 25.79 -37.31
N ILE W 68 -42.83 26.67 -38.22
CA ILE W 68 -43.63 26.97 -39.40
C ILE W 68 -42.69 27.39 -40.53
N THR W 69 -43.14 27.20 -41.77
CA THR W 69 -42.36 27.55 -42.96
C THR W 69 -43.29 27.84 -44.13
N GLY W 70 -43.09 28.97 -44.79
CA GLY W 70 -43.89 29.29 -45.95
C GLY W 70 -43.93 30.78 -46.23
N ASN W 71 -44.72 31.13 -47.24
CA ASN W 71 -44.88 32.52 -47.69
C ASN W 71 -46.28 32.97 -47.33
N PHE W 72 -46.39 33.83 -46.33
CA PHE W 72 -47.67 34.31 -45.83
C PHE W 72 -47.91 35.78 -46.16
N GLU W 73 -49.17 36.13 -46.37
CA GLU W 73 -49.57 37.48 -46.74
C GLU W 73 -50.68 37.95 -45.82
N PHE W 74 -50.40 38.94 -44.98
CA PHE W 74 -51.34 39.42 -43.98
C PHE W 74 -52.25 40.49 -44.55
N HIS W 75 -53.31 40.04 -45.22
CA HIS W 75 -54.38 40.94 -45.66
C HIS W 75 -55.71 40.64 -45.01
N ASP W 76 -55.77 39.64 -44.12
CA ASP W 76 -56.97 39.38 -43.30
C ASP W 76 -56.54 38.71 -42.01
N PRO W 77 -55.90 39.46 -41.11
CA PRO W 77 -55.17 38.83 -40.01
C PRO W 77 -56.04 38.30 -38.89
N ASN W 78 -57.26 38.81 -38.71
CA ASN W 78 -58.10 38.27 -37.65
C ASN W 78 -58.68 36.91 -38.02
N ALA W 79 -59.01 36.72 -39.30
CA ALA W 79 -59.46 35.40 -39.71
C ALA W 79 -58.28 34.48 -39.95
N LEU W 80 -57.11 35.04 -40.26
CA LEU W 80 -55.95 34.19 -40.46
C LEU W 80 -55.44 33.64 -39.14
N LEU W 81 -55.60 34.40 -38.04
CA LEU W 81 -55.16 33.89 -36.75
C LEU W 81 -56.09 32.79 -36.28
N GLU W 82 -57.37 32.91 -36.62
CA GLU W 82 -58.34 31.91 -36.22
C GLU W 82 -58.13 30.63 -37.00
N LYS W 83 -57.78 30.74 -38.28
CA LYS W 83 -57.55 29.54 -39.06
C LYS W 83 -56.24 28.86 -38.66
N LEU W 84 -55.19 29.65 -38.38
CA LEU W 84 -53.95 29.02 -37.96
C LEU W 84 -54.01 28.45 -36.55
N SER W 85 -54.92 28.95 -35.72
CA SER W 85 -55.02 28.40 -34.37
C SER W 85 -55.75 27.09 -34.38
N LEU W 86 -56.50 26.81 -35.43
CA LEU W 86 -57.19 25.54 -35.52
C LEU W 86 -56.35 24.53 -36.26
N GLN W 87 -55.57 24.98 -37.24
CA GLN W 87 -54.74 24.01 -37.94
C GLN W 87 -53.55 23.59 -37.10
N LEU W 88 -52.99 24.50 -36.29
CA LEU W 88 -51.91 24.09 -35.42
C LEU W 88 -52.40 23.50 -34.10
N GLY W 89 -53.47 24.04 -33.55
CA GLY W 89 -53.98 23.55 -32.29
C GLY W 89 -53.46 24.53 -31.27
N LEU W 90 -54.28 25.50 -30.96
CA LEU W 90 -53.92 26.66 -30.17
C LEU W 90 -55.19 27.26 -29.63
N ILE W 91 -55.04 28.08 -28.61
CA ILE W 91 -56.15 28.88 -28.11
C ILE W 91 -55.62 30.29 -27.92
N TRP W 92 -56.46 31.27 -28.20
CA TRP W 92 -56.00 32.65 -28.16
C TRP W 92 -57.08 33.51 -27.52
N TYR W 93 -56.64 34.51 -26.79
CA TYR W 93 -57.58 35.40 -26.12
C TYR W 93 -57.09 36.84 -26.25
N PHE W 94 -58.03 37.75 -26.46
CA PHE W 94 -57.72 39.16 -26.67
C PHE W 94 -58.50 39.97 -25.66
N ASP W 95 -57.81 40.50 -24.65
CA ASP W 95 -58.44 41.19 -23.54
C ASP W 95 -58.43 42.71 -23.71
N GLY W 96 -58.41 43.19 -24.95
CA GLY W 96 -58.46 44.60 -25.21
C GLY W 96 -57.14 45.31 -25.17
N GLN W 97 -56.09 44.65 -24.73
CA GLN W 97 -54.78 45.29 -24.65
C GLN W 97 -53.71 44.48 -25.36
N ALA W 98 -53.80 43.16 -25.30
CA ALA W 98 -52.82 42.32 -25.95
C ALA W 98 -53.51 41.04 -26.42
N ILE W 99 -52.77 40.21 -27.14
CA ILE W 99 -53.28 38.94 -27.63
C ILE W 99 -52.45 37.82 -27.06
N TYR W 100 -53.01 37.08 -26.12
CA TYR W 100 -52.34 35.92 -25.55
C TYR W 100 -52.59 34.69 -26.40
N ILE W 101 -51.56 33.88 -26.59
CA ILE W 101 -51.63 32.68 -27.41
C ILE W 101 -51.06 31.52 -26.59
N TYR W 102 -51.88 30.50 -26.37
CA TYR W 102 -51.47 29.27 -25.71
C TYR W 102 -51.63 28.11 -26.67
N ASP W 103 -51.16 26.94 -26.29
CA ASP W 103 -51.48 25.76 -27.08
C ASP W 103 -52.68 25.06 -26.47
N ALA W 104 -53.24 24.12 -27.24
CA ALA W 104 -54.53 23.53 -26.89
C ALA W 104 -54.48 22.66 -25.65
N SER W 105 -53.31 22.16 -25.27
CA SER W 105 -53.21 21.32 -24.10
C SER W 105 -52.95 22.12 -22.83
N GLU W 106 -53.25 23.41 -22.83
CA GLU W 106 -53.10 24.23 -21.64
C GLU W 106 -54.43 24.79 -21.14
N MET W 107 -55.54 24.36 -21.73
CA MET W 107 -56.85 24.88 -21.35
C MET W 107 -57.28 24.30 -20.00
N ARG W 108 -57.54 25.17 -19.04
CA ARG W 108 -57.99 24.76 -17.72
C ARG W 108 -59.41 25.26 -17.52
N ASN W 109 -60.12 24.63 -16.60
CA ASN W 109 -61.54 24.90 -16.37
C ASN W 109 -61.84 24.86 -14.89
N ALA W 110 -62.96 25.46 -14.50
CA ALA W 110 -63.35 25.50 -13.10
C ALA W 110 -64.85 25.70 -12.98
N VAL W 111 -65.36 25.35 -11.80
CA VAL W 111 -66.77 25.53 -11.46
C VAL W 111 -66.85 26.30 -10.14
N VAL W 112 -67.54 27.44 -10.17
CA VAL W 112 -67.66 28.31 -9.01
C VAL W 112 -69.12 28.49 -8.62
N SER W 113 -69.33 28.90 -7.38
CA SER W 113 -70.66 29.06 -6.82
C SER W 113 -70.75 30.42 -6.16
N LEU W 114 -71.70 31.22 -6.58
CA LEU W 114 -71.96 32.55 -6.05
C LEU W 114 -73.16 32.51 -5.11
N ARG W 115 -73.13 33.36 -4.08
CA ARG W 115 -74.20 33.35 -3.09
C ARG W 115 -75.21 34.47 -3.32
N ASN W 116 -74.76 35.71 -3.35
CA ASN W 116 -75.66 36.86 -3.42
C ASN W 116 -75.41 37.70 -4.68
N VAL W 117 -75.08 37.04 -5.78
CA VAL W 117 -74.92 37.70 -7.07
C VAL W 117 -75.26 36.70 -8.17
N SER W 118 -76.12 37.11 -9.10
CA SER W 118 -76.58 36.21 -10.13
C SER W 118 -75.63 36.14 -11.32
N LEU W 119 -75.87 35.12 -12.15
CA LEU W 119 -75.08 34.94 -13.36
C LEU W 119 -75.46 35.98 -14.41
N ASN W 120 -76.73 36.37 -14.46
CA ASN W 120 -77.13 37.37 -15.43
C ASN W 120 -76.58 38.74 -15.07
N GLU W 121 -76.37 39.00 -13.78
CA GLU W 121 -75.71 40.24 -13.40
C GLU W 121 -74.21 40.18 -13.64
N PHE W 122 -73.61 39.00 -13.50
CA PHE W 122 -72.18 38.94 -13.77
C PHE W 122 -71.93 39.00 -15.27
N ASN W 123 -72.85 38.47 -16.07
CA ASN W 123 -72.72 38.60 -17.51
C ASN W 123 -72.99 40.02 -17.96
N ASN W 124 -73.87 40.75 -17.24
CA ASN W 124 -74.05 42.14 -17.59
C ASN W 124 -72.89 42.99 -17.13
N PHE W 125 -72.06 42.46 -16.24
CA PHE W 125 -70.83 43.13 -15.89
C PHE W 125 -69.77 42.86 -16.95
N LEU W 126 -69.76 41.63 -17.48
CA LEU W 126 -68.74 41.31 -18.48
C LEU W 126 -69.07 42.00 -19.80
N LYS W 127 -70.35 42.22 -20.09
CA LYS W 127 -70.71 42.99 -21.26
C LYS W 127 -70.54 44.48 -21.02
N ARG W 128 -70.56 44.92 -19.76
CA ARG W 128 -70.34 46.33 -19.50
C ARG W 128 -68.87 46.67 -19.59
N SER W 129 -68.00 45.74 -19.20
CA SER W 129 -66.58 46.00 -19.21
C SER W 129 -65.92 45.70 -20.54
N GLY W 130 -66.44 44.73 -21.30
CA GLY W 130 -65.85 44.39 -22.57
C GLY W 130 -65.06 43.10 -22.58
N LEU W 131 -65.00 42.41 -21.44
CA LEU W 131 -64.29 41.15 -21.34
C LEU W 131 -65.15 39.97 -21.72
N TYR W 132 -66.37 40.21 -22.21
CA TYR W 132 -67.24 39.12 -22.60
C TYR W 132 -66.74 38.49 -23.90
N ASN W 133 -66.51 37.19 -23.87
CA ASN W 133 -66.00 36.44 -25.01
C ASN W 133 -67.03 35.43 -25.47
N LYS W 134 -67.53 35.58 -26.69
CA LYS W 134 -68.58 34.71 -27.17
C LYS W 134 -68.06 33.32 -27.54
N ASN W 135 -66.75 33.13 -27.68
CA ASN W 135 -66.25 31.80 -27.99
C ASN W 135 -66.15 30.92 -26.76
N TYR W 136 -65.85 31.49 -25.60
CA TYR W 136 -65.75 30.74 -24.35
C TYR W 136 -66.72 31.34 -23.35
N PRO W 137 -68.01 31.09 -23.46
CA PRO W 137 -68.98 31.71 -22.58
C PRO W 137 -69.06 30.96 -21.26
N LEU W 138 -69.90 31.45 -20.36
CA LEU W 138 -70.12 30.80 -19.07
C LEU W 138 -71.29 29.84 -19.20
N ARG W 139 -71.10 28.61 -18.74
CA ARG W 139 -72.14 27.59 -18.83
C ARG W 139 -72.77 27.37 -17.46
N GLY W 140 -74.06 27.69 -17.36
CA GLY W 140 -74.82 27.52 -16.14
C GLY W 140 -76.23 27.97 -16.42
N ASP W 141 -77.07 27.89 -15.39
CA ASP W 141 -78.42 28.40 -15.55
C ASP W 141 -78.38 29.92 -15.51
N ASN W 142 -79.31 30.54 -16.26
CA ASN W 142 -79.20 31.96 -16.56
C ASN W 142 -79.49 32.83 -15.34
N ARG W 143 -80.37 32.37 -14.46
CA ARG W 143 -80.59 33.05 -13.18
C ARG W 143 -80.51 32.01 -12.06
N LYS W 144 -79.27 31.74 -11.65
CA LYS W 144 -78.97 30.81 -10.56
C LYS W 144 -77.66 31.29 -9.93
N GLY W 145 -77.03 30.42 -9.14
CA GLY W 145 -75.78 30.84 -8.54
C GLY W 145 -74.52 30.06 -8.90
N THR W 146 -74.65 28.88 -9.46
CA THR W 146 -73.49 28.03 -9.75
C THR W 146 -73.25 27.99 -11.24
N PHE W 147 -72.00 28.04 -11.66
CA PHE W 147 -71.75 27.90 -13.09
C PHE W 147 -70.38 27.31 -13.36
N TYR W 148 -70.14 27.07 -14.64
CA TYR W 148 -68.97 26.40 -15.17
C TYR W 148 -68.31 27.23 -16.24
N VAL W 149 -66.98 27.33 -16.17
CA VAL W 149 -66.19 28.17 -17.05
C VAL W 149 -64.98 27.38 -17.55
N SER W 150 -64.66 27.55 -18.83
CA SER W 150 -63.49 26.90 -19.42
C SER W 150 -62.92 27.78 -20.51
N GLY W 151 -61.58 27.92 -20.51
CA GLY W 151 -60.90 28.70 -21.50
C GLY W 151 -59.40 28.76 -21.30
N PRO W 152 -58.78 29.85 -21.76
CA PRO W 152 -57.35 30.07 -21.53
C PRO W 152 -57.07 30.37 -20.07
N PRO W 153 -55.84 30.13 -19.61
CA PRO W 153 -55.52 30.34 -18.18
C PRO W 153 -55.50 31.79 -17.76
N VAL W 154 -55.53 32.75 -18.66
CA VAL W 154 -55.64 34.13 -18.23
C VAL W 154 -57.10 34.56 -18.17
N TYR W 155 -57.98 33.85 -18.86
CA TYR W 155 -59.40 34.16 -18.78
C TYR W 155 -60.07 33.46 -17.62
N VAL W 156 -59.60 32.27 -17.24
CA VAL W 156 -60.24 31.58 -16.15
C VAL W 156 -59.85 32.18 -14.80
N ASP W 157 -58.58 32.55 -14.65
CA ASP W 157 -58.15 33.13 -13.38
C ASP W 157 -58.69 34.55 -13.23
N MET W 158 -59.09 35.18 -14.32
CA MET W 158 -59.72 36.49 -14.20
C MET W 158 -61.16 36.34 -13.77
N VAL W 159 -61.89 35.36 -14.32
CA VAL W 159 -63.29 35.24 -13.94
C VAL W 159 -63.40 34.78 -12.48
N VAL W 160 -62.50 33.87 -12.06
CA VAL W 160 -62.54 33.40 -10.68
C VAL W 160 -62.14 34.52 -9.71
N ASN W 161 -61.08 35.28 -10.02
CA ASN W 161 -60.69 36.32 -9.08
C ASN W 161 -61.64 37.51 -9.08
N ALA W 162 -62.47 37.69 -10.11
CA ALA W 162 -63.44 38.77 -10.00
C ALA W 162 -64.78 38.30 -9.44
N ALA W 163 -65.06 37.00 -9.52
CA ALA W 163 -66.31 36.50 -8.94
C ALA W 163 -66.19 36.33 -7.44
N THR W 164 -65.07 35.80 -6.97
CA THR W 164 -64.95 35.65 -5.53
C THR W 164 -64.51 36.92 -4.83
N MET W 165 -64.39 38.03 -5.55
CA MET W 165 -64.18 39.32 -4.91
C MET W 165 -65.36 40.24 -5.11
N MET W 166 -66.30 39.86 -5.99
CA MET W 166 -67.53 40.61 -6.16
C MET W 166 -68.63 40.09 -5.24
N ASP W 167 -68.65 38.76 -5.05
CA ASP W 167 -69.63 38.18 -4.15
C ASP W 167 -69.30 38.48 -2.69
N LYS W 168 -68.03 38.63 -2.35
CA LYS W 168 -67.71 39.02 -0.99
C LYS W 168 -68.06 40.48 -0.70
N GLN W 169 -67.98 41.35 -1.70
CA GLN W 169 -68.36 42.75 -1.49
C GLN W 169 -69.87 42.90 -1.38
N ASN W 170 -70.65 42.13 -2.15
CA ASN W 170 -72.11 42.27 -2.00
C ASN W 170 -72.58 41.39 -0.86
N LYS X 27 -14.07 63.31 -40.86
CA LYS X 27 -13.90 62.10 -40.08
C LYS X 27 -15.22 61.34 -39.93
N ILE X 28 -16.30 62.06 -39.64
CA ILE X 28 -17.63 61.45 -39.49
C ILE X 28 -18.56 61.96 -40.59
N PRO X 29 -18.38 61.53 -41.84
CA PRO X 29 -19.12 62.17 -42.94
C PRO X 29 -20.49 61.58 -43.20
N VAL X 30 -21.54 62.30 -42.81
CA VAL X 30 -22.89 62.21 -43.38
C VAL X 30 -23.43 63.63 -43.33
N THR X 31 -24.14 64.05 -44.39
CA THR X 31 -24.69 65.41 -44.42
C THR X 31 -25.88 65.58 -43.49
N GLY X 32 -26.65 64.53 -43.25
CA GLY X 32 -27.86 64.61 -42.46
C GLY X 32 -27.59 64.40 -40.99
N SER X 33 -28.64 64.03 -40.26
CA SER X 33 -28.51 63.71 -38.85
C SER X 33 -29.16 62.35 -38.60
N GLY X 34 -28.54 61.57 -37.74
CA GLY X 34 -29.01 60.22 -37.51
C GLY X 34 -27.99 59.42 -36.73
N PHE X 35 -28.41 58.22 -36.36
CA PHE X 35 -27.62 57.31 -35.54
C PHE X 35 -27.36 56.03 -36.34
N VAL X 36 -26.10 55.63 -36.46
CA VAL X 36 -25.75 54.38 -37.13
C VAL X 36 -25.40 53.34 -36.07
N ALA X 37 -26.14 52.24 -36.06
CA ALA X 37 -25.95 51.16 -35.11
C ALA X 37 -25.37 49.95 -35.84
N LYS X 38 -24.23 49.45 -35.38
CA LYS X 38 -23.66 48.21 -35.92
C LYS X 38 -23.69 47.16 -34.81
N ASP X 39 -24.77 46.37 -34.79
CA ASP X 39 -24.99 45.26 -33.86
C ASP X 39 -24.94 45.79 -32.43
N ASP X 40 -25.93 46.62 -32.12
CA ASP X 40 -26.06 47.14 -30.77
C ASP X 40 -26.89 46.15 -29.94
N SER X 41 -27.32 46.55 -28.73
CA SER X 41 -27.97 45.60 -27.83
C SER X 41 -29.19 46.18 -27.13
N LEU X 42 -29.87 47.14 -27.74
CA LEU X 42 -31.12 47.73 -27.27
C LEU X 42 -31.07 48.49 -25.94
N ARG X 43 -29.91 48.58 -25.31
CA ARG X 43 -29.74 49.47 -24.17
CA ARG X 43 -29.74 49.47 -24.17
C ARG X 43 -28.88 50.67 -24.50
N THR X 44 -27.82 50.42 -25.25
CA THR X 44 -27.01 51.46 -25.83
C THR X 44 -27.81 52.22 -26.90
N PHE X 45 -28.71 51.51 -27.59
CA PHE X 45 -29.48 52.14 -28.66
C PHE X 45 -30.50 53.09 -28.07
N PHE X 46 -31.26 52.62 -27.08
CA PHE X 46 -32.30 53.48 -26.53
C PHE X 46 -31.73 54.56 -25.62
N ASP X 47 -30.48 54.41 -25.15
CA ASP X 47 -29.84 55.51 -24.45
C ASP X 47 -29.47 56.63 -25.40
N ALA X 48 -29.20 56.29 -26.65
CA ALA X 48 -28.89 57.30 -27.66
C ALA X 48 -30.11 58.13 -28.03
N MET X 49 -31.31 57.58 -27.87
CA MET X 49 -32.54 58.30 -28.16
C MET X 49 -33.02 59.16 -27.00
N ALA X 50 -32.24 59.23 -25.93
CA ALA X 50 -32.63 59.96 -24.75
C ALA X 50 -32.25 61.41 -24.79
N LEU X 51 -31.88 61.94 -25.96
CA LEU X 51 -31.68 63.37 -26.09
C LEU X 51 -32.76 63.99 -26.96
N GLN X 52 -33.15 63.31 -28.04
CA GLN X 52 -34.30 63.75 -28.79
C GLN X 52 -35.58 63.57 -27.99
N LEU X 53 -35.78 62.39 -27.38
CA LEU X 53 -36.66 62.34 -26.25
C LEU X 53 -36.03 63.09 -25.09
N LYS X 54 -36.78 63.98 -24.44
CA LYS X 54 -36.16 64.78 -23.39
C LYS X 54 -36.21 64.10 -22.03
N GLU X 55 -36.43 62.78 -21.99
CA GLU X 55 -36.55 62.03 -20.75
C GLU X 55 -35.63 60.82 -20.80
N PRO X 56 -35.09 60.38 -19.66
CA PRO X 56 -34.25 59.18 -19.68
C PRO X 56 -35.07 57.92 -19.92
N VAL X 57 -34.39 56.90 -20.44
CA VAL X 57 -35.00 55.64 -20.83
C VAL X 57 -34.42 54.50 -20.01
N ILE X 58 -35.29 53.69 -19.40
CA ILE X 58 -34.87 52.57 -18.56
C ILE X 58 -35.38 51.28 -19.19
N VAL X 59 -34.48 50.52 -19.79
CA VAL X 59 -34.81 49.26 -20.46
C VAL X 59 -34.49 48.09 -19.54
N SER X 60 -35.44 47.17 -19.38
CA SER X 60 -35.20 46.01 -18.56
C SER X 60 -34.19 45.06 -19.19
N LYS X 61 -33.73 44.10 -18.38
CA LYS X 61 -32.64 43.24 -18.79
C LYS X 61 -33.12 42.00 -19.51
N MET X 62 -34.43 41.84 -19.68
CA MET X 62 -34.90 40.80 -20.57
C MET X 62 -35.12 41.37 -21.97
N ALA X 63 -35.41 42.65 -22.06
CA ALA X 63 -35.50 43.35 -23.33
C ALA X 63 -34.17 43.97 -23.72
N ALA X 64 -33.12 43.71 -22.97
CA ALA X 64 -31.78 44.16 -23.33
C ALA X 64 -30.95 43.07 -23.98
N ARG X 65 -31.53 41.92 -24.25
CA ARG X 65 -30.82 40.86 -24.96
C ARG X 65 -31.00 40.89 -26.47
N LYS X 66 -32.03 41.55 -26.97
CA LYS X 66 -32.19 41.64 -28.41
C LYS X 66 -31.23 42.67 -29.01
N LYS X 67 -30.98 42.51 -30.29
CA LYS X 67 -29.98 43.32 -30.98
C LYS X 67 -30.61 43.98 -32.20
N ILE X 68 -29.94 45.03 -32.67
CA ILE X 68 -30.42 45.77 -33.83
C ILE X 68 -29.23 46.39 -34.55
N THR X 69 -29.37 46.61 -35.85
CA THR X 69 -28.34 47.25 -36.65
C THR X 69 -28.97 47.93 -37.86
N GLY X 70 -28.45 49.09 -38.21
CA GLY X 70 -29.02 49.87 -39.29
C GLY X 70 -28.71 51.35 -39.12
N ASN X 71 -29.33 52.16 -39.97
CA ASN X 71 -29.14 53.60 -40.01
C ASN X 71 -30.46 54.29 -39.70
N PHE X 72 -30.60 54.83 -38.49
CA PHE X 72 -31.86 55.39 -38.04
C PHE X 72 -31.80 56.92 -37.98
N GLU X 73 -32.98 57.53 -37.94
CA GLU X 73 -33.14 58.98 -37.95
C GLU X 73 -34.32 59.35 -37.05
N PHE X 74 -34.06 60.04 -35.95
CA PHE X 74 -35.08 60.42 -34.98
C PHE X 74 -35.47 61.87 -35.21
N HIS X 75 -36.72 62.12 -35.61
CA HIS X 75 -37.22 63.49 -35.56
C HIS X 75 -38.58 63.58 -34.88
N ASP X 76 -39.38 62.51 -34.91
CA ASP X 76 -40.59 62.43 -34.09
C ASP X 76 -40.61 61.12 -33.32
N PRO X 77 -39.83 61.06 -32.24
CA PRO X 77 -39.56 59.77 -31.63
C PRO X 77 -40.73 59.20 -30.85
N ASN X 78 -41.79 59.97 -30.62
CA ASN X 78 -42.97 59.38 -30.03
C ASN X 78 -43.77 58.53 -31.02
N ALA X 79 -43.60 58.77 -32.32
CA ALA X 79 -44.16 57.92 -33.35
C ALA X 79 -43.21 56.82 -33.74
N LEU X 80 -41.91 57.10 -33.64
CA LEU X 80 -40.93 56.07 -33.96
C LEU X 80 -40.90 55.00 -32.89
N LEU X 81 -41.17 55.36 -31.64
CA LEU X 81 -41.19 54.36 -30.59
C LEU X 81 -42.40 53.45 -30.72
N GLU X 82 -43.53 54.01 -31.19
CA GLU X 82 -44.72 53.20 -31.34
C GLU X 82 -44.56 52.23 -32.50
N LYS X 83 -43.92 52.67 -33.60
CA LYS X 83 -43.77 51.73 -34.70
C LYS X 83 -42.72 50.66 -34.38
N LEU X 84 -41.65 51.05 -33.68
CA LEU X 84 -40.63 50.07 -33.40
C LEU X 84 -40.98 49.16 -32.23
N SER X 85 -41.99 49.52 -31.42
CA SER X 85 -42.33 48.61 -30.35
C SER X 85 -43.26 47.51 -30.81
N LEU X 86 -43.91 47.70 -31.95
CA LEU X 86 -44.74 46.64 -32.51
C LEU X 86 -43.92 45.79 -33.44
N GLN X 87 -42.94 46.38 -34.12
CA GLN X 87 -42.12 45.51 -34.97
C GLN X 87 -41.14 44.69 -34.15
N LEU X 88 -40.52 45.27 -33.12
CA LEU X 88 -39.61 44.47 -32.31
C LEU X 88 -40.37 43.59 -31.33
N GLY X 89 -41.42 44.10 -30.72
CA GLY X 89 -42.19 43.37 -29.73
C GLY X 89 -41.69 43.87 -28.40
N LEU X 90 -42.39 44.86 -27.87
CA LEU X 90 -41.95 45.61 -26.71
C LEU X 90 -43.16 46.28 -26.11
N ILE X 91 -43.03 46.70 -24.86
CA ILE X 91 -44.04 47.53 -24.24
C ILE X 91 -43.31 48.66 -23.52
N TRP X 92 -43.92 49.84 -23.53
CA TRP X 92 -43.28 51.02 -22.96
C TRP X 92 -44.31 51.85 -22.22
N TYR X 93 -43.80 52.75 -21.37
CA TYR X 93 -44.67 53.57 -20.55
C TYR X 93 -43.94 54.82 -20.09
N PHE X 94 -44.60 55.97 -20.20
CA PHE X 94 -44.00 57.24 -19.80
C PHE X 94 -44.77 57.82 -18.62
N ASP X 95 -44.14 57.81 -17.44
CA ASP X 95 -44.82 58.21 -16.22
C ASP X 95 -44.64 59.67 -15.87
N GLY X 96 -43.89 60.43 -16.66
CA GLY X 96 -43.68 61.84 -16.40
C GLY X 96 -42.27 62.21 -16.03
N GLN X 97 -41.43 61.23 -15.67
CA GLN X 97 -40.03 61.49 -15.36
C GLN X 97 -39.11 60.58 -16.16
N ALA X 98 -39.58 59.37 -16.50
CA ALA X 98 -38.75 58.44 -17.24
C ALA X 98 -39.63 57.62 -18.16
N ILE X 99 -38.98 56.91 -19.09
CA ILE X 99 -39.67 56.04 -20.02
C ILE X 99 -39.23 54.63 -19.71
N TYR X 100 -40.13 53.81 -19.21
CA TYR X 100 -39.79 52.43 -18.92
C TYR X 100 -40.07 51.58 -20.14
N ILE X 101 -39.19 50.62 -20.41
CA ILE X 101 -39.32 49.73 -21.56
C ILE X 101 -39.08 48.30 -21.09
N TYR X 102 -40.07 47.44 -21.31
CA TYR X 102 -39.97 46.02 -21.06
C TYR X 102 -40.24 45.28 -22.36
N ASP X 103 -40.09 43.97 -22.33
CA ASP X 103 -40.48 43.17 -23.47
C ASP X 103 -41.86 42.57 -23.26
N ALA X 104 -42.36 41.92 -24.32
CA ALA X 104 -43.77 41.55 -24.35
C ALA X 104 -44.13 40.43 -23.39
N SER X 105 -43.18 39.62 -22.98
CA SER X 105 -43.53 38.51 -22.10
C SER X 105 -43.57 38.89 -20.62
N GLU X 106 -43.38 40.17 -20.29
CA GLU X 106 -43.44 40.60 -18.89
C GLU X 106 -44.68 41.43 -18.58
N MET X 107 -45.79 41.15 -19.24
CA MET X 107 -47.04 41.84 -18.96
C MET X 107 -47.82 41.01 -17.95
N ARG X 108 -48.27 41.65 -16.89
CA ARG X 108 -48.97 40.96 -15.81
C ARG X 108 -50.37 41.56 -15.63
N ASN X 109 -51.23 40.80 -14.97
CA ASN X 109 -52.63 41.12 -14.82
C ASN X 109 -52.99 41.10 -13.35
N ALA X 110 -54.05 41.83 -13.00
CA ALA X 110 -54.50 41.87 -11.63
C ALA X 110 -55.98 42.23 -11.59
N VAL X 111 -56.73 41.59 -10.70
CA VAL X 111 -58.11 41.92 -10.43
C VAL X 111 -58.19 42.40 -9.00
N VAL X 112 -58.56 43.66 -8.82
CA VAL X 112 -58.59 44.29 -7.50
C VAL X 112 -59.98 44.85 -7.24
N SER X 113 -60.41 44.77 -5.98
CA SER X 113 -61.74 45.20 -5.57
C SER X 113 -61.61 46.40 -4.65
N LEU X 114 -62.38 47.45 -4.93
CA LEU X 114 -62.40 48.66 -4.11
C LEU X 114 -63.63 48.65 -3.22
N ARG X 115 -63.42 48.90 -1.93
CA ARG X 115 -64.52 48.78 -0.97
C ARG X 115 -65.47 49.96 -1.06
N ASN X 116 -64.96 51.18 -0.86
CA ASN X 116 -65.83 52.35 -0.75
C ASN X 116 -65.40 53.49 -1.67
N VAL X 117 -64.72 53.19 -2.78
CA VAL X 117 -64.34 54.19 -3.77
C VAL X 117 -64.80 53.69 -5.13
N SER X 118 -65.53 54.52 -5.87
CA SER X 118 -65.95 54.11 -7.20
C SER X 118 -64.80 54.13 -8.21
N LEU X 119 -65.06 53.49 -9.35
CA LEU X 119 -64.10 53.52 -10.44
C LEU X 119 -64.08 54.89 -11.08
N ASN X 120 -65.27 55.48 -11.23
CA ASN X 120 -65.37 56.78 -11.87
C ASN X 120 -64.78 57.88 -11.01
N GLU X 121 -64.64 57.64 -9.70
CA GLU X 121 -63.93 58.54 -8.80
C GLU X 121 -62.44 58.28 -8.72
N PHE X 122 -61.99 57.06 -8.99
CA PHE X 122 -60.55 56.83 -9.06
C PHE X 122 -59.98 57.23 -10.42
N ASN X 123 -60.78 57.08 -11.47
CA ASN X 123 -60.34 57.46 -12.81
C ASN X 123 -60.24 58.97 -12.96
N ASN X 124 -60.98 59.75 -12.17
CA ASN X 124 -60.77 61.18 -12.24
C ASN X 124 -59.50 61.56 -11.52
N PHE X 125 -59.09 60.75 -10.54
CA PHE X 125 -57.84 61.00 -9.83
C PHE X 125 -56.66 60.70 -10.74
N LEU X 126 -56.82 59.72 -11.63
CA LEU X 126 -55.74 59.36 -12.53
C LEU X 126 -55.53 60.46 -13.57
N LYS X 127 -56.63 61.04 -14.06
CA LYS X 127 -56.53 62.13 -15.02
C LYS X 127 -56.02 63.39 -14.35
N ARG X 128 -56.35 63.55 -13.06
CA ARG X 128 -55.94 64.77 -12.36
C ARG X 128 -54.45 64.72 -12.06
N SER X 129 -53.93 63.53 -11.72
CA SER X 129 -52.51 63.42 -11.46
C SER X 129 -51.72 63.50 -12.77
N GLY X 130 -52.01 62.60 -13.71
CA GLY X 130 -51.26 62.63 -14.94
C GLY X 130 -50.84 61.25 -15.36
N LEU X 131 -51.30 60.25 -14.61
CA LEU X 131 -50.96 58.85 -14.82
C LEU X 131 -51.95 58.15 -15.71
N TYR X 132 -52.65 58.87 -16.59
CA TYR X 132 -53.63 58.26 -17.47
C TYR X 132 -52.97 57.82 -18.76
N ASN X 133 -53.07 56.52 -19.05
CA ASN X 133 -52.51 55.91 -20.26
C ASN X 133 -53.65 55.33 -21.08
N LYS X 134 -53.87 55.86 -22.28
CA LYS X 134 -55.02 55.39 -23.04
C LYS X 134 -54.81 54.03 -23.68
N ASN X 135 -53.59 53.49 -23.69
CA ASN X 135 -53.41 52.16 -24.26
C ASN X 135 -53.65 51.04 -23.28
N TYR X 136 -53.55 51.32 -21.99
CA TYR X 136 -53.84 50.32 -20.96
C TYR X 136 -54.81 50.96 -19.99
N PRO X 137 -56.08 51.05 -20.35
CA PRO X 137 -57.05 51.72 -19.50
C PRO X 137 -57.53 50.77 -18.42
N LEU X 138 -58.49 51.24 -17.63
CA LEU X 138 -59.08 50.45 -16.56
C LEU X 138 -60.36 49.84 -17.09
N ARG X 139 -60.48 48.52 -16.98
CA ARG X 139 -61.65 47.83 -17.49
C ARG X 139 -62.57 47.45 -16.35
N GLY X 140 -63.76 48.03 -16.34
CA GLY X 140 -64.73 47.73 -15.31
C GLY X 140 -65.95 48.62 -15.40
N ASP X 141 -66.90 48.32 -14.52
CA ASP X 141 -68.12 49.10 -14.38
C ASP X 141 -67.87 50.45 -13.73
N ASN X 142 -68.71 51.40 -14.08
CA ASN X 142 -68.44 52.82 -13.80
C ASN X 142 -68.64 53.14 -12.34
N ARG X 143 -69.57 52.47 -11.67
CA ARG X 143 -69.91 52.82 -10.30
C ARG X 143 -69.80 51.61 -9.39
N LYS X 144 -68.92 50.68 -9.71
CA LYS X 144 -68.70 49.52 -8.88
C LYS X 144 -67.28 49.56 -8.31
N GLY X 145 -66.93 48.50 -7.59
CA GLY X 145 -65.66 48.52 -6.89
C GLY X 145 -64.65 47.56 -7.48
N THR X 146 -65.05 46.75 -8.45
CA THR X 146 -64.17 45.77 -9.06
C THR X 146 -63.81 46.22 -10.47
N PHE X 147 -62.53 46.11 -10.82
CA PHE X 147 -62.09 46.44 -12.15
C PHE X 147 -60.84 45.62 -12.47
N TYR X 148 -60.36 45.74 -13.69
CA TYR X 148 -59.32 44.88 -14.22
C TYR X 148 -58.22 45.72 -14.85
N VAL X 149 -56.98 45.37 -14.55
CA VAL X 149 -55.81 46.06 -15.09
C VAL X 149 -54.90 45.06 -15.78
N SER X 150 -54.12 45.57 -16.74
CA SER X 150 -53.12 44.79 -17.45
C SER X 150 -52.16 45.78 -18.08
N GLY X 151 -50.85 45.53 -17.96
CA GLY X 151 -49.88 46.43 -18.52
C GLY X 151 -48.47 46.18 -18.03
N PRO X 152 -47.63 47.21 -18.06
CA PRO X 152 -46.25 47.05 -17.60
C PRO X 152 -46.17 46.85 -16.09
N PRO X 153 -45.06 46.27 -15.62
CA PRO X 153 -44.92 46.02 -14.17
C PRO X 153 -44.73 47.28 -13.36
N VAL X 154 -44.41 48.41 -13.99
CA VAL X 154 -44.27 49.65 -13.24
C VAL X 154 -45.60 50.37 -13.17
N TYR X 155 -46.53 50.07 -14.07
CA TYR X 155 -47.85 50.67 -14.07
C TYR X 155 -48.81 49.88 -13.19
N VAL X 156 -48.67 48.56 -13.19
CA VAL X 156 -49.57 47.73 -12.38
C VAL X 156 -49.22 47.91 -10.90
N ASP X 157 -47.93 47.96 -10.58
CA ASP X 157 -47.51 48.11 -9.20
C ASP X 157 -47.85 49.49 -8.66
N MET X 158 -48.07 50.47 -9.54
CA MET X 158 -48.54 51.76 -9.06
C MET X 158 -50.04 51.75 -8.85
N VAL X 159 -50.80 51.18 -9.79
CA VAL X 159 -52.26 51.26 -9.70
C VAL X 159 -52.79 50.42 -8.53
N VAL X 160 -52.19 49.25 -8.28
CA VAL X 160 -52.65 48.43 -7.16
C VAL X 160 -52.32 49.07 -5.83
N ASN X 161 -51.14 49.67 -5.72
CA ASN X 161 -50.76 50.27 -4.45
C ASN X 161 -51.52 51.57 -4.21
N ALA X 162 -51.82 52.33 -5.26
CA ALA X 162 -52.56 53.56 -5.06
C ALA X 162 -54.05 53.33 -5.12
N ALA X 163 -54.48 52.07 -5.22
CA ALA X 163 -55.89 51.72 -5.10
C ALA X 163 -56.21 51.10 -3.76
N THR X 164 -55.28 50.36 -3.16
CA THR X 164 -55.46 49.82 -1.82
C THR X 164 -55.04 50.80 -0.73
N MET X 165 -54.77 52.06 -1.07
CA MET X 165 -54.52 53.08 -0.06
C MET X 165 -55.53 54.21 -0.09
N MET X 166 -56.55 54.14 -0.95
CA MET X 166 -57.61 55.14 -0.91
C MET X 166 -58.87 54.67 -0.23
N ASP X 167 -59.22 53.39 -0.34
CA ASP X 167 -60.32 52.90 0.46
C ASP X 167 -59.92 52.68 1.92
N LYS X 168 -58.66 52.32 2.18
CA LYS X 168 -58.26 52.28 3.57
C LYS X 168 -58.01 53.66 4.15
N GLN X 169 -57.92 54.69 3.31
CA GLN X 169 -57.87 56.05 3.82
C GLN X 169 -59.25 56.63 4.04
N ASN X 170 -60.27 56.10 3.35
CA ASN X 170 -61.61 56.61 3.54
C ASN X 170 -62.38 55.76 4.55
N GLY Y 32 -7.78 79.87 -22.42
CA GLY Y 32 -8.81 79.86 -21.40
C GLY Y 32 -8.57 78.84 -20.31
N SER Y 33 -9.35 77.76 -20.34
CA SER Y 33 -9.25 76.67 -19.37
C SER Y 33 -9.79 75.42 -20.04
N GLY Y 34 -9.91 74.34 -19.30
CA GLY Y 34 -10.43 73.12 -19.87
C GLY Y 34 -9.82 71.90 -19.21
N PHE Y 35 -10.24 70.75 -19.73
CA PHE Y 35 -9.80 69.45 -19.26
C PHE Y 35 -9.68 68.51 -20.45
N VAL Y 36 -8.60 67.74 -20.49
CA VAL Y 36 -8.35 66.79 -21.56
C VAL Y 36 -8.40 65.39 -20.98
N ALA Y 37 -9.47 64.66 -21.24
CA ALA Y 37 -9.62 63.33 -20.68
C ALA Y 37 -9.15 62.29 -21.68
N LYS Y 38 -8.25 61.42 -21.24
CA LYS Y 38 -7.77 60.26 -21.99
C LYS Y 38 -8.08 59.02 -21.17
N ASP Y 39 -9.23 58.41 -21.45
CA ASP Y 39 -9.73 57.18 -20.83
C ASP Y 39 -9.93 57.35 -19.32
N ASP Y 40 -10.70 58.37 -18.96
CA ASP Y 40 -11.10 58.59 -17.58
C ASP Y 40 -12.45 57.93 -17.32
N SER Y 41 -12.71 57.64 -16.04
CA SER Y 41 -13.76 56.73 -15.65
C SER Y 41 -14.87 57.41 -14.84
N LEU Y 42 -15.24 58.64 -15.24
CA LEU Y 42 -16.38 59.37 -14.69
C LEU Y 42 -16.33 59.70 -13.20
N ARG Y 43 -15.23 59.39 -12.54
CA ARG Y 43 -14.99 59.90 -11.21
C ARG Y 43 -13.82 60.85 -11.19
N THR Y 44 -12.81 60.54 -12.00
CA THR Y 44 -11.77 61.49 -12.34
C THR Y 44 -12.35 62.63 -13.17
N PHE Y 45 -13.29 62.33 -14.05
CA PHE Y 45 -13.80 63.34 -14.96
C PHE Y 45 -14.70 64.31 -14.20
N PHE Y 46 -15.66 63.79 -13.46
CA PHE Y 46 -16.59 64.68 -12.79
C PHE Y 46 -15.96 65.35 -11.57
N ASP Y 47 -14.87 64.80 -11.02
CA ASP Y 47 -14.17 65.50 -9.96
C ASP Y 47 -13.45 66.74 -10.48
N ALA Y 48 -13.06 66.74 -11.75
CA ALA Y 48 -12.42 67.93 -12.28
C ALA Y 48 -13.41 69.05 -12.56
N MET Y 49 -14.69 68.72 -12.72
CA MET Y 49 -15.74 69.72 -12.87
C MET Y 49 -16.25 70.26 -11.53
N ALA Y 50 -15.73 69.74 -10.42
CA ALA Y 50 -16.18 70.12 -9.09
C ALA Y 50 -15.54 71.39 -8.58
N LEU Y 51 -14.91 72.17 -9.45
CA LEU Y 51 -14.44 73.50 -9.12
C LEU Y 51 -15.21 74.55 -9.87
N GLN Y 52 -15.59 74.25 -11.11
CA GLN Y 52 -16.49 75.13 -11.82
C GLN Y 52 -17.89 75.05 -11.24
N LEU Y 53 -18.40 73.84 -11.01
CA LEU Y 53 -19.47 73.70 -10.04
C LEU Y 53 -18.90 73.95 -8.65
N LYS Y 54 -19.63 74.71 -7.84
CA LYS Y 54 -19.08 75.11 -6.55
C LYS Y 54 -19.41 74.14 -5.42
N GLU Y 55 -19.91 72.96 -5.75
CA GLU Y 55 -20.32 71.94 -4.80
C GLU Y 55 -19.55 70.66 -5.09
N PRO Y 56 -19.27 69.83 -4.08
CA PRO Y 56 -18.65 68.54 -4.36
C PRO Y 56 -19.63 67.58 -5.00
N VAL Y 57 -19.10 66.73 -5.88
CA VAL Y 57 -19.89 65.80 -6.68
C VAL Y 57 -19.63 64.38 -6.21
N ILE Y 58 -20.70 63.65 -5.97
CA ILE Y 58 -20.63 62.28 -5.48
C ILE Y 58 -21.25 61.36 -6.53
N VAL Y 59 -20.40 60.78 -7.34
CA VAL Y 59 -20.83 59.86 -8.38
C VAL Y 59 -20.97 58.49 -7.74
N SER Y 60 -21.99 57.73 -8.13
CA SER Y 60 -22.23 56.44 -7.50
C SER Y 60 -21.24 55.39 -8.00
N LYS Y 61 -21.43 54.15 -7.57
CA LYS Y 61 -20.46 53.12 -7.92
C LYS Y 61 -20.78 52.45 -9.24
N MET Y 62 -22.05 52.10 -9.48
CA MET Y 62 -22.39 51.42 -10.72
C MET Y 62 -22.34 52.40 -11.89
N ALA Y 63 -22.52 53.69 -11.60
CA ALA Y 63 -22.39 54.75 -12.59
C ALA Y 63 -20.96 55.23 -12.72
N ALA Y 64 -19.99 54.49 -12.21
CA ALA Y 64 -18.58 54.80 -12.36
C ALA Y 64 -17.85 53.85 -13.29
N ARG Y 65 -18.56 52.94 -13.93
CA ARG Y 65 -17.95 52.03 -14.90
C ARG Y 65 -17.92 52.57 -16.32
N LYS Y 66 -18.67 53.61 -16.64
CA LYS Y 66 -18.62 54.12 -18.00
C LYS Y 66 -17.41 55.04 -18.15
N LYS Y 67 -16.91 55.13 -19.37
CA LYS Y 67 -15.68 55.88 -19.64
C LYS Y 67 -15.92 56.93 -20.71
N ILE Y 68 -15.01 57.90 -20.76
CA ILE Y 68 -15.15 59.04 -21.66
C ILE Y 68 -13.77 59.62 -21.90
N THR Y 69 -13.48 59.98 -23.16
CA THR Y 69 -12.28 60.74 -23.52
C THR Y 69 -12.72 62.05 -24.17
N GLY Y 70 -11.76 62.77 -24.72
CA GLY Y 70 -12.06 63.98 -25.45
C GLY Y 70 -11.55 65.23 -24.76
N ASN Y 71 -11.57 66.32 -25.52
CA ASN Y 71 -11.11 67.63 -25.05
C ASN Y 71 -12.34 68.45 -24.69
N PHE Y 72 -12.55 68.66 -23.40
CA PHE Y 72 -13.71 69.37 -22.88
C PHE Y 72 -13.31 70.72 -22.29
N GLU Y 73 -14.19 71.70 -22.42
CA GLU Y 73 -13.92 73.03 -21.90
C GLU Y 73 -15.04 73.40 -20.94
N PHE Y 74 -14.69 73.74 -19.71
CA PHE Y 74 -15.66 74.00 -18.65
C PHE Y 74 -15.85 75.50 -18.50
N HIS Y 75 -16.89 76.04 -19.13
CA HIS Y 75 -17.29 77.42 -18.89
C HIS Y 75 -18.78 77.61 -18.63
N ASP Y 76 -19.64 76.69 -19.07
CA ASP Y 76 -21.06 76.69 -18.69
C ASP Y 76 -21.33 75.31 -18.11
N PRO Y 77 -21.05 75.12 -16.83
CA PRO Y 77 -21.02 73.77 -16.27
C PRO Y 77 -22.41 73.21 -16.05
N ASN Y 78 -23.38 74.09 -15.80
CA ASN Y 78 -24.71 73.59 -15.51
C ASN Y 78 -25.41 73.15 -16.79
N ALA Y 79 -25.13 73.83 -17.90
CA ALA Y 79 -25.70 73.39 -19.16
C ALA Y 79 -24.95 72.20 -19.72
N LEU Y 80 -23.64 72.11 -19.43
CA LEU Y 80 -22.90 70.96 -19.89
C LEU Y 80 -23.28 69.70 -19.13
N LEU Y 81 -23.64 69.83 -17.86
CA LEU Y 81 -24.06 68.64 -17.10
C LEU Y 81 -25.40 68.13 -17.60
N GLU Y 82 -26.30 69.05 -17.96
CA GLU Y 82 -27.60 68.62 -18.46
C GLU Y 82 -27.51 68.07 -19.87
N LYS Y 83 -26.58 68.56 -20.67
CA LYS Y 83 -26.47 67.98 -22.01
C LYS Y 83 -25.78 66.64 -21.95
N LEU Y 84 -24.77 66.49 -21.07
CA LEU Y 84 -24.04 65.23 -21.00
C LEU Y 84 -24.80 64.14 -20.26
N SER Y 85 -25.70 64.50 -19.34
CA SER Y 85 -26.40 63.49 -18.58
C SER Y 85 -27.53 62.84 -19.36
N LEU Y 86 -27.88 63.38 -20.51
CA LEU Y 86 -28.88 62.75 -21.36
C LEU Y 86 -28.24 61.94 -22.46
N GLN Y 87 -27.05 62.34 -22.92
CA GLN Y 87 -26.35 61.57 -23.93
C GLN Y 87 -25.70 60.34 -23.33
N LEU Y 88 -25.15 60.45 -22.12
CA LEU Y 88 -24.53 59.28 -21.53
C LEU Y 88 -25.59 58.38 -20.91
N GLY Y 89 -26.60 58.97 -20.29
CA GLY Y 89 -27.64 58.24 -19.62
C GLY Y 89 -27.35 58.24 -18.14
N LEU Y 90 -27.92 59.19 -17.42
CA LEU Y 90 -27.60 59.47 -16.03
C LEU Y 90 -28.76 60.24 -15.42
N ILE Y 91 -28.84 60.18 -14.10
CA ILE Y 91 -29.77 61.04 -13.37
C ILE Y 91 -28.97 61.68 -12.24
N TRP Y 92 -29.31 62.92 -11.93
CA TRP Y 92 -28.55 63.68 -10.95
C TRP Y 92 -29.49 64.50 -10.10
N TYR Y 93 -29.01 64.92 -8.94
CA TYR Y 93 -29.86 65.65 -8.02
C TYR Y 93 -28.98 66.49 -7.11
N PHE Y 94 -29.31 67.77 -6.99
CA PHE Y 94 -28.52 68.71 -6.21
C PHE Y 94 -29.33 69.18 -5.02
N ASP Y 95 -28.90 68.79 -3.83
CA ASP Y 95 -29.68 69.00 -2.60
C ASP Y 95 -29.25 70.24 -1.84
N GLY Y 96 -28.42 71.10 -2.43
CA GLY Y 96 -27.99 72.33 -1.83
C GLY Y 96 -26.55 72.31 -1.36
N GLN Y 97 -26.01 71.14 -1.02
CA GLN Y 97 -24.65 71.04 -0.53
C GLN Y 97 -23.77 70.10 -1.35
N ALA Y 98 -24.36 69.23 -2.17
CA ALA Y 98 -23.58 68.31 -2.98
C ALA Y 98 -24.43 67.95 -4.19
N ILE Y 99 -23.79 67.28 -5.15
CA ILE Y 99 -24.48 66.81 -6.35
C ILE Y 99 -24.34 65.30 -6.42
N TYR Y 100 -25.46 64.59 -6.28
CA TYR Y 100 -25.44 63.14 -6.37
C TYR Y 100 -25.71 62.74 -7.81
N ILE Y 101 -24.94 61.77 -8.30
CA ILE Y 101 -25.06 61.32 -9.68
C ILE Y 101 -25.21 59.80 -9.72
N TYR Y 102 -26.29 59.32 -10.32
CA TYR Y 102 -26.53 57.91 -10.56
C TYR Y 102 -26.64 57.69 -12.06
N ASP Y 103 -26.76 56.42 -12.44
CA ASP Y 103 -27.11 56.05 -13.81
C ASP Y 103 -28.58 55.71 -13.90
N ALA Y 104 -29.04 55.54 -15.14
CA ALA Y 104 -30.47 55.50 -15.43
C ALA Y 104 -31.16 54.27 -14.89
N SER Y 105 -30.44 53.18 -14.63
CA SER Y 105 -31.08 51.96 -14.17
C SER Y 105 -31.19 51.88 -12.65
N GLU Y 106 -31.21 53.03 -11.97
CA GLU Y 106 -31.39 53.06 -10.52
C GLU Y 106 -32.55 53.93 -10.05
N MET Y 107 -33.41 54.40 -10.94
CA MET Y 107 -34.54 55.21 -10.50
C MET Y 107 -35.59 54.35 -9.83
N ARG Y 108 -36.02 54.76 -8.64
CA ARG Y 108 -36.96 53.98 -7.85
C ARG Y 108 -38.22 54.78 -7.60
N ASN Y 109 -39.28 54.09 -7.18
CA ASN Y 109 -40.60 54.69 -7.06
C ASN Y 109 -41.13 54.63 -5.65
N ALA Y 110 -42.14 55.46 -5.39
CA ALA Y 110 -42.82 55.44 -4.09
C ALA Y 110 -44.22 56.03 -4.24
N VAL Y 111 -45.18 55.36 -3.62
CA VAL Y 111 -46.57 55.80 -3.56
C VAL Y 111 -46.96 55.94 -2.08
N VAL Y 112 -46.99 57.17 -1.59
CA VAL Y 112 -47.26 57.40 -0.17
C VAL Y 112 -48.61 58.09 -0.01
N SER Y 113 -49.22 57.87 1.16
CA SER Y 113 -50.53 58.38 1.48
C SER Y 113 -50.48 59.10 2.82
N LEU Y 114 -50.95 60.34 2.84
CA LEU Y 114 -50.92 61.18 4.03
C LEU Y 114 -52.25 61.10 4.78
N ARG Y 115 -52.18 61.10 6.11
CA ARG Y 115 -53.39 60.96 6.89
C ARG Y 115 -54.17 62.26 6.95
N ASN Y 116 -53.54 63.30 7.49
CA ASN Y 116 -54.21 64.56 7.79
C ASN Y 116 -53.48 65.77 7.23
N VAL Y 117 -52.52 65.57 6.33
CA VAL Y 117 -51.79 66.66 5.68
C VAL Y 117 -52.10 66.62 4.20
N SER Y 118 -52.48 67.77 3.64
CA SER Y 118 -52.72 67.78 2.21
C SER Y 118 -51.42 67.80 1.42
N LEU Y 119 -51.57 67.58 0.10
CA LEU Y 119 -50.41 67.67 -0.77
C LEU Y 119 -49.99 69.12 -0.92
N ASN Y 120 -50.93 70.05 -0.80
CA ASN Y 120 -50.54 71.46 -0.87
C ASN Y 120 -49.72 71.84 0.35
N GLU Y 121 -50.04 71.26 1.51
CA GLU Y 121 -49.27 71.57 2.71
C GLU Y 121 -47.90 70.91 2.66
N PHE Y 122 -47.77 69.79 1.96
CA PHE Y 122 -46.42 69.22 1.92
C PHE Y 122 -45.59 69.88 0.84
N ASN Y 123 -46.25 70.25 -0.26
CA ASN Y 123 -45.57 70.85 -1.38
C ASN Y 123 -45.22 72.30 -1.13
N ASN Y 124 -45.90 72.97 -0.21
CA ASN Y 124 -45.37 74.27 0.17
C ASN Y 124 -44.23 74.16 1.17
N PHE Y 125 -44.11 73.03 1.86
CA PHE Y 125 -42.99 72.84 2.76
C PHE Y 125 -41.72 72.58 1.96
N LEU Y 126 -41.84 71.83 0.86
CA LEU Y 126 -40.66 71.62 0.04
C LEU Y 126 -40.31 72.86 -0.75
N LYS Y 127 -41.27 73.77 -0.93
CA LYS Y 127 -40.99 74.98 -1.69
C LYS Y 127 -40.27 75.98 -0.81
N ARG Y 128 -40.74 76.18 0.42
CA ARG Y 128 -40.11 77.19 1.26
C ARG Y 128 -38.82 76.67 1.87
N SER Y 129 -38.63 75.35 1.92
CA SER Y 129 -37.40 74.83 2.48
C SER Y 129 -36.25 74.84 1.49
N GLY Y 130 -36.54 74.82 0.20
CA GLY Y 130 -35.49 74.80 -0.81
C GLY Y 130 -35.17 73.43 -1.36
N LEU Y 131 -36.08 72.47 -1.25
CA LEU Y 131 -35.86 71.12 -1.75
C LEU Y 131 -36.78 70.76 -2.90
N TYR Y 132 -37.45 71.74 -3.50
CA TYR Y 132 -38.34 71.50 -4.63
C TYR Y 132 -37.54 71.33 -5.91
N ASN Y 133 -37.77 70.20 -6.60
CA ASN Y 133 -37.08 69.88 -7.84
C ASN Y 133 -38.11 69.68 -8.94
N LYS Y 134 -38.03 70.52 -9.97
CA LYS Y 134 -39.00 70.50 -11.05
C LYS Y 134 -38.84 69.35 -12.02
N ASN Y 135 -37.68 68.69 -12.04
CA ASN Y 135 -37.52 67.58 -12.98
C ASN Y 135 -38.23 66.33 -12.51
N TYR Y 136 -38.31 66.11 -11.20
CA TYR Y 136 -39.02 64.99 -10.61
C TYR Y 136 -40.05 65.54 -9.63
N PRO Y 137 -41.18 66.02 -10.12
CA PRO Y 137 -42.21 66.59 -9.26
C PRO Y 137 -43.07 65.48 -8.67
N LEU Y 138 -44.08 65.88 -7.92
CA LEU Y 138 -44.99 64.95 -7.30
C LEU Y 138 -46.26 64.82 -8.13
N ARG Y 139 -46.61 63.59 -8.47
CA ARG Y 139 -47.80 63.34 -9.27
C ARG Y 139 -48.93 62.99 -8.32
N GLY Y 140 -49.96 63.82 -8.27
CA GLY Y 140 -51.08 63.54 -7.40
C GLY Y 140 -52.12 64.63 -7.48
N ASP Y 141 -53.24 64.37 -6.80
CA ASP Y 141 -54.31 65.35 -6.70
C ASP Y 141 -53.84 66.50 -5.80
N ASN Y 142 -54.44 67.68 -6.00
CA ASN Y 142 -53.87 68.87 -5.38
C ASN Y 142 -54.09 68.93 -3.88
N ARG Y 143 -55.27 68.52 -3.40
CA ARG Y 143 -55.50 68.42 -1.96
C ARG Y 143 -56.14 67.05 -1.69
N LYS Y 144 -55.29 66.04 -1.55
CA LYS Y 144 -55.76 64.70 -1.26
C LYS Y 144 -54.71 64.03 -0.41
N GLY Y 145 -54.80 62.71 -0.28
CA GLY Y 145 -53.83 62.03 0.55
C GLY Y 145 -52.75 61.29 -0.19
N THR Y 146 -53.09 60.60 -1.26
CA THR Y 146 -52.13 59.73 -1.91
C THR Y 146 -51.45 60.45 -3.08
N PHE Y 147 -50.18 60.13 -3.32
CA PHE Y 147 -49.52 60.63 -4.51
C PHE Y 147 -48.40 59.68 -4.90
N TYR Y 148 -47.68 60.03 -5.97
CA TYR Y 148 -46.67 59.16 -6.55
C TYR Y 148 -45.43 59.96 -6.90
N VAL Y 149 -44.28 59.50 -6.41
CA VAL Y 149 -43.01 60.19 -6.58
C VAL Y 149 -42.01 59.20 -7.17
N SER Y 150 -41.14 59.68 -8.05
CA SER Y 150 -40.11 58.84 -8.64
C SER Y 150 -38.88 59.67 -8.97
N GLY Y 151 -37.72 59.18 -8.59
CA GLY Y 151 -36.48 59.89 -8.84
C GLY Y 151 -35.25 59.13 -8.38
N PRO Y 152 -34.18 59.87 -8.07
CA PRO Y 152 -32.97 59.24 -7.52
C PRO Y 152 -33.21 58.68 -6.14
N PRO Y 153 -32.39 57.70 -5.71
CA PRO Y 153 -32.60 57.06 -4.40
C PRO Y 153 -32.34 57.97 -3.21
N VAL Y 154 -31.70 59.12 -3.39
CA VAL Y 154 -31.55 60.03 -2.26
C VAL Y 154 -32.69 61.03 -2.21
N TYR Y 155 -33.42 61.22 -3.30
CA TYR Y 155 -34.58 62.09 -3.29
C TYR Y 155 -35.85 61.37 -2.89
N VAL Y 156 -35.97 60.09 -3.24
CA VAL Y 156 -37.16 59.35 -2.85
C VAL Y 156 -37.13 59.06 -1.36
N ASP Y 157 -35.96 58.73 -0.83
CA ASP Y 157 -35.85 58.46 0.59
C ASP Y 157 -35.97 59.71 1.43
N MET Y 158 -35.78 60.89 0.84
CA MET Y 158 -36.01 62.10 1.62
C MET Y 158 -37.49 62.46 1.62
N VAL Y 159 -38.17 62.33 0.47
CA VAL Y 159 -39.57 62.71 0.42
C VAL Y 159 -40.43 61.76 1.24
N VAL Y 160 -40.12 60.46 1.23
CA VAL Y 160 -40.93 59.50 1.97
C VAL Y 160 -40.72 59.70 3.46
N ASN Y 161 -39.46 59.84 3.89
CA ASN Y 161 -39.18 59.94 5.30
C ASN Y 161 -39.61 61.29 5.87
N ALA Y 162 -39.67 62.34 5.06
CA ALA Y 162 -40.17 63.59 5.59
C ALA Y 162 -41.66 63.76 5.32
N ALA Y 163 -42.30 62.77 4.71
CA ALA Y 163 -43.74 62.80 4.58
C ALA Y 163 -44.44 61.97 5.64
N THR Y 164 -43.86 60.83 6.01
CA THR Y 164 -44.43 60.04 7.09
C THR Y 164 -44.07 60.57 8.47
N MET Y 165 -43.24 61.59 8.56
CA MET Y 165 -42.90 62.23 9.83
C MET Y 165 -43.59 63.57 10.03
N MET Y 166 -44.43 64.00 9.10
CA MET Y 166 -45.33 65.11 9.39
C MET Y 166 -46.72 64.61 9.75
N ASP Y 167 -46.98 63.33 9.50
CA ASP Y 167 -48.26 62.74 9.88
C ASP Y 167 -48.24 62.40 11.35
N LYS Y 168 -47.11 61.90 11.84
CA LYS Y 168 -46.98 61.63 13.26
C LYS Y 168 -46.87 62.93 14.05
N GLN Y 169 -46.42 64.00 13.41
CA GLN Y 169 -46.34 65.28 14.09
C GLN Y 169 -47.72 65.89 14.26
N ASN Y 170 -48.48 66.00 13.17
CA ASN Y 170 -49.82 66.57 13.29
C ASN Y 170 -50.82 65.51 13.78
N LYS Z 27 23.04 72.07 3.95
CA LYS Z 27 22.57 70.70 4.19
C LYS Z 27 21.16 70.51 3.62
N ILE Z 28 20.35 71.56 3.75
CA ILE Z 28 18.99 71.62 3.22
C ILE Z 28 18.88 72.86 2.33
N PRO Z 29 19.38 72.82 1.09
CA PRO Z 29 19.31 74.04 0.27
C PRO Z 29 18.04 74.22 -0.53
N VAL Z 30 17.15 75.09 -0.02
CA VAL Z 30 16.06 75.76 -0.73
C VAL Z 30 15.94 77.12 -0.06
N THR Z 31 15.81 78.20 -0.84
CA THR Z 31 15.97 79.52 -0.24
C THR Z 31 14.69 80.06 0.39
N GLY Z 32 13.52 79.67 -0.11
CA GLY Z 32 12.26 80.29 0.29
C GLY Z 32 11.62 79.71 1.53
N SER Z 33 10.28 79.66 1.53
CA SER Z 33 9.52 79.10 2.64
C SER Z 33 8.35 78.33 2.01
N GLY Z 34 8.30 77.03 2.27
CA GLY Z 34 7.29 76.19 1.65
C GLY Z 34 7.60 74.73 1.93
N PHE Z 35 6.71 73.86 1.45
CA PHE Z 35 6.80 72.43 1.67
C PHE Z 35 6.88 71.69 0.34
N VAL Z 36 7.94 70.92 0.13
CA VAL Z 36 8.09 70.12 -1.07
C VAL Z 36 7.68 68.69 -0.77
N ALA Z 37 6.67 68.20 -1.47
CA ALA Z 37 6.15 66.84 -1.32
C ALA Z 37 6.53 65.98 -2.52
N LYS Z 38 7.12 64.83 -2.25
CA LYS Z 38 7.42 63.85 -3.30
C LYS Z 38 6.68 62.55 -2.99
N ASP Z 39 5.50 62.39 -3.59
CA ASP Z 39 4.63 61.22 -3.48
C ASP Z 39 4.23 61.04 -2.02
N ASP Z 40 3.64 62.11 -1.50
CA ASP Z 40 3.15 62.12 -0.14
C ASP Z 40 1.68 61.74 -0.12
N SER Z 41 1.30 60.97 0.90
CA SER Z 41 0.04 60.22 0.87
C SER Z 41 -1.10 60.92 1.59
N LEU Z 42 -1.19 62.25 1.50
CA LEU Z 42 -2.29 63.07 2.02
C LEU Z 42 -2.48 63.02 3.53
N ARG Z 43 -1.59 62.33 4.24
CA ARG Z 43 -1.55 62.36 5.69
CA ARG Z 43 -1.55 62.36 5.69
C ARG Z 43 -0.33 63.08 6.22
N THR Z 44 0.82 62.84 5.60
CA THR Z 44 1.99 63.62 5.92
C THR Z 44 1.94 64.98 5.24
N PHE Z 45 1.06 65.17 4.27
CA PHE Z 45 0.90 66.48 3.69
C PHE Z 45 0.07 67.38 4.60
N PHE Z 46 -1.10 66.88 5.03
CA PHE Z 46 -1.92 67.68 5.92
C PHE Z 46 -1.37 67.75 7.33
N ASP Z 47 -0.42 66.89 7.70
CA ASP Z 47 0.27 67.09 8.95
C ASP Z 47 1.18 68.31 8.90
N ALA Z 48 1.72 68.63 7.72
CA ALA Z 48 2.55 69.81 7.57
C ALA Z 48 1.77 71.11 7.64
N MET Z 49 0.47 71.08 7.36
CA MET Z 49 -0.35 72.28 7.48
C MET Z 49 -0.85 72.51 8.89
N ALA Z 50 -0.47 71.67 9.84
CA ALA Z 50 -1.02 71.70 11.18
C ALA Z 50 -0.28 72.64 12.09
N LEU Z 51 0.66 73.42 11.55
CA LEU Z 51 1.27 74.49 12.30
C LEU Z 51 0.88 75.84 11.77
N GLN Z 52 0.68 75.97 10.46
CA GLN Z 52 0.11 77.21 9.94
C GLN Z 52 -1.35 77.33 10.34
N LEU Z 53 -2.14 76.29 10.09
CA LEU Z 53 -3.37 76.13 10.85
C LEU Z 53 -2.99 75.82 12.29
N LYS Z 54 -3.64 76.47 13.25
CA LYS Z 54 -3.24 76.30 14.63
C LYS Z 54 -3.96 75.15 15.34
N GLU Z 55 -4.42 74.15 14.60
CA GLU Z 55 -5.16 73.03 15.16
C GLU Z 55 -4.74 71.73 14.49
N PRO Z 56 -4.76 70.62 15.21
CA PRO Z 56 -4.44 69.34 14.58
C PRO Z 56 -5.50 68.85 13.62
N VAL Z 57 -5.03 68.21 12.55
CA VAL Z 57 -5.86 67.75 11.45
C VAL Z 57 -5.97 66.23 11.52
N ILE Z 58 -7.18 65.72 11.31
CA ILE Z 58 -7.45 64.29 11.37
C ILE Z 58 -8.02 63.87 10.03
N VAL Z 59 -7.24 63.11 9.27
CA VAL Z 59 -7.64 62.62 7.95
C VAL Z 59 -8.08 61.16 8.06
N SER Z 60 -9.22 60.84 7.42
CA SER Z 60 -9.83 59.53 7.57
C SER Z 60 -9.05 58.48 6.79
N LYS Z 61 -9.57 57.25 6.84
CA LYS Z 61 -8.91 56.10 6.25
C LYS Z 61 -9.11 56.01 4.75
N MET Z 62 -10.23 56.51 4.22
CA MET Z 62 -10.43 56.42 2.79
C MET Z 62 -9.75 57.57 2.07
N ALA Z 63 -9.64 58.71 2.71
CA ALA Z 63 -8.98 59.86 2.13
C ALA Z 63 -7.48 59.86 2.38
N ALA Z 64 -6.93 58.76 2.88
CA ALA Z 64 -5.50 58.59 3.07
C ALA Z 64 -4.91 57.62 2.06
N ARG Z 65 -5.68 57.23 1.06
CA ARG Z 65 -5.19 56.40 -0.03
C ARG Z 65 -4.71 57.19 -1.23
N LYS Z 66 -5.08 58.46 -1.32
CA LYS Z 66 -4.65 59.34 -2.40
C LYS Z 66 -3.28 59.95 -2.11
N LYS Z 67 -2.59 60.34 -3.18
CA LYS Z 67 -1.23 60.83 -3.09
C LYS Z 67 -1.13 62.20 -3.73
N ILE Z 68 -0.06 62.92 -3.42
CA ILE Z 68 0.16 64.26 -3.96
C ILE Z 68 1.65 64.53 -4.08
N THR Z 69 2.02 65.33 -5.08
CA THR Z 69 3.40 65.75 -5.30
C THR Z 69 3.43 67.23 -5.66
N GLY Z 70 4.54 67.89 -5.34
CA GLY Z 70 4.72 69.25 -5.77
C GLY Z 70 5.32 70.20 -4.75
N ASN Z 71 5.45 71.46 -5.13
CA ASN Z 71 5.97 72.52 -4.27
C ASN Z 71 4.80 73.37 -3.79
N PHE Z 72 4.55 73.39 -2.49
CA PHE Z 72 3.45 74.16 -1.94
C PHE Z 72 3.96 75.26 -1.03
N GLU Z 73 3.07 76.19 -0.73
CA GLU Z 73 3.44 77.42 -0.03
C GLU Z 73 2.28 77.86 0.85
N PHE Z 74 2.43 77.77 2.17
CA PHE Z 74 1.33 78.00 3.09
C PHE Z 74 1.48 79.39 3.67
N HIS Z 75 0.68 80.35 3.18
CA HIS Z 75 0.60 81.63 3.84
C HIS Z 75 -0.82 82.06 4.15
N ASP Z 76 -1.83 81.41 3.57
CA ASP Z 76 -3.22 81.64 3.96
C ASP Z 76 -3.95 80.30 3.81
N PRO Z 77 -3.85 79.44 4.82
CA PRO Z 77 -4.25 78.05 4.63
C PRO Z 77 -5.73 77.84 4.67
N ASN Z 78 -6.52 78.77 5.21
CA ASN Z 78 -7.95 78.54 5.22
C ASN Z 78 -8.57 78.71 3.84
N ALA Z 79 -7.91 79.43 2.94
CA ALA Z 79 -8.32 79.45 1.55
C ALA Z 79 -7.60 78.40 0.73
N LEU Z 80 -6.37 78.04 1.14
CA LEU Z 80 -5.68 76.97 0.43
C LEU Z 80 -6.36 75.63 0.66
N LEU Z 81 -6.88 75.39 1.86
CA LEU Z 81 -7.55 74.13 2.13
C LEU Z 81 -8.87 74.07 1.38
N GLU Z 82 -9.52 75.21 1.20
CA GLU Z 82 -10.78 75.23 0.48
C GLU Z 82 -10.58 74.97 -0.99
N LYS Z 83 -9.50 75.51 -1.57
CA LYS Z 83 -9.31 75.28 -3.00
C LYS Z 83 -8.80 73.87 -3.26
N LEU Z 84 -7.94 73.35 -2.38
CA LEU Z 84 -7.49 71.98 -2.57
C LEU Z 84 -8.59 70.97 -2.29
N SER Z 85 -9.57 71.32 -1.47
CA SER Z 85 -10.64 70.37 -1.19
C SER Z 85 -11.60 70.26 -2.34
N LEU Z 86 -11.61 71.25 -3.23
CA LEU Z 86 -12.49 71.22 -4.38
C LEU Z 86 -11.80 70.66 -5.58
N GLN Z 87 -10.49 70.86 -5.70
CA GLN Z 87 -9.83 70.23 -6.84
C GLN Z 87 -9.65 68.75 -6.57
N LEU Z 88 -9.48 68.35 -5.32
CA LEU Z 88 -9.28 66.93 -5.08
C LEU Z 88 -10.60 66.19 -4.87
N GLY Z 89 -11.54 66.82 -4.17
CA GLY Z 89 -12.79 66.16 -3.87
C GLY Z 89 -12.65 65.65 -2.47
N LEU Z 90 -13.11 66.43 -1.52
CA LEU Z 90 -12.87 66.24 -0.10
C LEU Z 90 -13.89 67.08 0.65
N ILE Z 91 -14.26 66.62 1.85
CA ILE Z 91 -15.08 67.45 2.72
C ILE Z 91 -14.36 67.58 4.04
N TRP Z 92 -14.52 68.75 4.67
CA TRP Z 92 -13.79 69.05 5.88
C TRP Z 92 -14.68 69.81 6.84
N TYR Z 93 -14.26 69.84 8.10
CA TYR Z 93 -15.06 70.47 9.13
C TYR Z 93 -14.14 70.91 10.27
N PHE Z 94 -14.45 72.06 10.87
CA PHE Z 94 -13.62 72.63 11.94
C PHE Z 94 -14.52 72.95 13.13
N ASP Z 95 -14.42 72.14 14.18
CA ASP Z 95 -15.29 72.29 15.35
C ASP Z 95 -14.62 73.02 16.49
N GLY Z 96 -13.59 73.81 16.21
CA GLY Z 96 -12.95 74.62 17.22
C GLY Z 96 -11.72 74.02 17.85
N GLN Z 97 -11.57 72.69 17.82
CA GLN Z 97 -10.41 72.04 18.42
C GLN Z 97 -9.61 71.20 17.45
N ALA Z 98 -10.19 70.79 16.33
CA ALA Z 98 -9.50 69.99 15.34
C ALA Z 98 -10.14 70.22 13.99
N ILE Z 99 -9.50 69.71 12.95
CA ILE Z 99 -10.04 69.79 11.60
C ILE Z 99 -10.20 68.37 11.07
N TYR Z 100 -11.44 67.92 10.90
CA TYR Z 100 -11.69 66.59 10.37
C TYR Z 100 -11.77 66.67 8.86
N ILE Z 101 -11.10 65.74 8.18
CA ILE Z 101 -11.07 65.68 6.72
C ILE Z 101 -11.49 64.29 6.25
N TYR Z 102 -12.56 64.22 5.47
CA TYR Z 102 -13.00 63.00 4.82
C TYR Z 102 -12.95 63.24 3.32
N ASP Z 103 -13.18 62.18 2.57
CA ASP Z 103 -13.38 62.33 1.14
C ASP Z 103 -14.87 62.44 0.84
N ALA Z 104 -15.18 62.73 -0.42
CA ALA Z 104 -16.53 63.10 -0.81
C ALA Z 104 -17.52 61.95 -0.73
N SER Z 105 -17.06 60.72 -0.77
CA SER Z 105 -18.00 59.61 -0.75
C SER Z 105 -18.40 59.17 0.64
N GLU Z 106 -18.06 59.92 1.68
CA GLU Z 106 -18.49 59.60 3.03
C GLU Z 106 -19.56 60.57 3.56
N MET Z 107 -20.10 61.45 2.72
CA MET Z 107 -21.13 62.35 3.21
C MET Z 107 -22.44 61.60 3.41
N ARG Z 108 -23.02 61.74 4.59
CA ARG Z 108 -24.20 60.98 4.98
C ARG Z 108 -25.38 61.92 5.23
N ASN Z 109 -26.57 61.34 5.21
CA ASN Z 109 -27.82 62.08 5.25
C ASN Z 109 -28.62 61.65 6.47
N ALA Z 110 -29.55 62.52 6.88
CA ALA Z 110 -30.40 62.23 8.02
C ALA Z 110 -31.64 63.12 7.99
N VAL Z 111 -32.78 62.52 8.31
CA VAL Z 111 -34.06 63.22 8.44
C VAL Z 111 -34.56 63.00 9.86
N VAL Z 112 -34.59 64.07 10.65
CA VAL Z 112 -34.99 64.03 12.05
C VAL Z 112 -36.16 64.98 12.27
N SER Z 113 -37.18 64.53 12.99
CA SER Z 113 -38.39 65.30 13.20
C SER Z 113 -38.44 65.70 14.67
N LEU Z 114 -38.44 67.01 14.92
CA LEU Z 114 -38.47 67.53 16.27
C LEU Z 114 -39.89 67.50 16.83
N ARG Z 115 -39.98 67.40 18.15
CA ARG Z 115 -41.28 67.22 18.81
C ARG Z 115 -41.88 68.55 19.25
N ASN Z 116 -41.18 69.28 20.13
CA ASN Z 116 -41.70 70.51 20.71
C ASN Z 116 -40.71 71.67 20.70
N VAL Z 117 -39.61 71.58 19.97
CA VAL Z 117 -38.66 72.68 19.82
C VAL Z 117 -38.60 73.07 18.35
N SER Z 118 -38.65 74.38 18.07
CA SER Z 118 -38.62 74.82 16.69
C SER Z 118 -37.23 74.73 16.08
N LEU Z 119 -37.20 74.90 14.76
CA LEU Z 119 -35.94 74.91 14.04
C LEU Z 119 -35.17 76.18 14.33
N ASN Z 120 -35.84 77.32 14.42
CA ASN Z 120 -35.14 78.57 14.68
C ASN Z 120 -34.53 78.60 16.08
N GLU Z 121 -35.14 77.87 17.02
CA GLU Z 121 -34.57 77.73 18.35
C GLU Z 121 -33.37 76.78 18.35
N PHE Z 122 -33.44 75.72 17.54
CA PHE Z 122 -32.28 74.84 17.50
C PHE Z 122 -31.15 75.47 16.71
N ASN Z 123 -31.48 76.23 15.68
CA ASN Z 123 -30.49 76.93 14.88
C ASN Z 123 -29.90 78.10 15.64
N ASN Z 124 -30.58 78.61 16.66
CA ASN Z 124 -29.93 79.62 17.47
C ASN Z 124 -29.04 79.01 18.55
N PHE Z 125 -29.29 77.76 18.91
CA PHE Z 125 -28.38 77.11 19.85
C PHE Z 125 -27.04 76.82 19.20
N LEU Z 126 -27.04 76.48 17.91
CA LEU Z 126 -25.79 76.21 17.22
C LEU Z 126 -24.99 77.48 16.98
N LYS Z 127 -25.67 78.61 16.77
CA LYS Z 127 -24.92 79.85 16.60
C LYS Z 127 -24.36 80.32 17.93
N ARG Z 128 -25.04 80.01 19.03
CA ARG Z 128 -24.51 80.47 20.30
C ARG Z 128 -23.34 79.58 20.73
N SER Z 129 -23.40 78.29 20.41
CA SER Z 129 -22.33 77.38 20.79
C SER Z 129 -21.11 77.61 19.90
N GLY Z 130 -21.28 77.47 18.59
CA GLY Z 130 -20.14 77.63 17.71
C GLY Z 130 -19.99 76.52 16.71
N LEU Z 131 -21.02 75.68 16.60
CA LEU Z 131 -21.01 74.57 15.66
C LEU Z 131 -21.79 74.87 14.39
N TYR Z 132 -22.02 76.15 14.09
CA TYR Z 132 -22.77 76.53 12.91
C TYR Z 132 -21.83 76.64 11.71
N ASN Z 133 -22.12 75.89 10.66
CA ASN Z 133 -21.34 75.88 9.43
C ASN Z 133 -22.22 76.34 8.29
N LYS Z 134 -21.83 77.43 7.64
CA LYS Z 134 -22.66 77.95 6.56
C LYS Z 134 -22.52 77.17 5.26
N ASN Z 135 -21.55 76.27 5.15
CA ASN Z 135 -21.49 75.45 3.95
C ASN Z 135 -22.54 74.37 3.96
N TYR Z 136 -22.84 73.81 5.13
CA TYR Z 136 -23.86 72.78 5.29
C TYR Z 136 -24.87 73.25 6.32
N PRO Z 137 -25.81 74.10 5.94
CA PRO Z 137 -26.83 74.57 6.88
C PRO Z 137 -27.92 73.51 7.05
N LEU Z 138 -28.87 73.79 7.92
CA LEU Z 138 -29.99 72.90 8.15
C LEU Z 138 -31.15 73.32 7.26
N ARG Z 139 -31.61 72.39 6.42
CA ARG Z 139 -32.69 72.65 5.49
C ARG Z 139 -34.02 72.22 6.09
N GLY Z 140 -34.95 73.15 6.21
CA GLY Z 140 -36.25 72.83 6.77
C GLY Z 140 -37.10 74.09 6.92
N ASP Z 141 -38.35 73.86 7.30
CA ASP Z 141 -39.27 74.95 7.55
C ASP Z 141 -38.91 75.70 8.82
N ASN Z 142 -39.22 77.00 8.82
CA ASN Z 142 -38.73 77.88 9.88
C ASN Z 142 -39.46 77.65 11.19
N ARG Z 143 -40.73 77.23 11.14
CA ARG Z 143 -41.45 76.87 12.36
C ARG Z 143 -42.11 75.49 12.16
N LYS Z 144 -41.31 74.44 12.33
CA LYS Z 144 -41.80 73.08 12.20
C LYS Z 144 -40.95 72.19 13.08
N GLY Z 145 -41.07 70.87 12.88
CA GLY Z 145 -40.25 69.93 13.60
C GLY Z 145 -39.33 69.15 12.69
N THR Z 146 -39.76 68.95 11.45
CA THR Z 146 -38.98 68.15 10.50
C THR Z 146 -37.99 69.03 9.76
N PHE Z 147 -36.75 68.55 9.63
CA PHE Z 147 -35.77 69.23 8.82
C PHE Z 147 -34.76 68.22 8.30
N TYR Z 148 -33.84 68.69 7.46
CA TYR Z 148 -32.95 67.82 6.71
C TYR Z 148 -31.52 68.34 6.83
N VAL Z 149 -30.61 67.44 7.20
CA VAL Z 149 -29.21 67.75 7.41
C VAL Z 149 -28.37 66.79 6.57
N SER Z 150 -27.26 67.30 6.00
CA SER Z 150 -26.36 66.45 5.22
C SER Z 150 -24.97 67.06 5.28
N GLY Z 151 -24.01 66.29 5.76
CA GLY Z 151 -22.65 66.76 5.87
C GLY Z 151 -21.65 65.67 6.21
N PRO Z 152 -20.56 66.04 6.88
CA PRO Z 152 -19.59 65.06 7.33
C PRO Z 152 -20.15 64.18 8.43
N PRO Z 153 -19.59 62.98 8.62
CA PRO Z 153 -20.14 62.05 9.61
C PRO Z 153 -19.96 62.45 11.06
N VAL Z 154 -19.20 63.49 11.37
CA VAL Z 154 -19.17 63.96 12.74
C VAL Z 154 -20.12 65.14 12.96
N TYR Z 155 -20.48 65.83 11.90
CA TYR Z 155 -21.44 66.92 12.00
C TYR Z 155 -22.84 66.39 12.00
N VAL Z 156 -23.07 65.31 11.26
CA VAL Z 156 -24.40 64.73 11.25
C VAL Z 156 -24.63 63.98 12.56
N ASP Z 157 -23.62 63.26 13.02
CA ASP Z 157 -23.74 62.52 14.26
C ASP Z 157 -23.81 63.44 15.47
N MET Z 158 -23.34 64.68 15.35
CA MET Z 158 -23.52 65.59 16.46
C MET Z 158 -24.91 66.21 16.44
N VAL Z 159 -25.40 66.58 15.26
CA VAL Z 159 -26.68 67.29 15.20
C VAL Z 159 -27.85 66.37 15.52
N VAL Z 160 -27.81 65.12 15.02
CA VAL Z 160 -28.89 64.18 15.25
C VAL Z 160 -28.95 63.79 16.71
N ASN Z 161 -27.80 63.60 17.33
CA ASN Z 161 -27.78 63.16 18.72
C ASN Z 161 -28.17 64.29 19.66
N ALA Z 162 -27.75 65.53 19.37
CA ALA Z 162 -28.10 66.60 20.30
C ALA Z 162 -29.55 67.06 20.16
N ALA Z 163 -30.17 66.85 18.99
CA ALA Z 163 -31.54 67.34 18.87
C ALA Z 163 -32.53 66.42 19.57
N THR Z 164 -32.27 65.12 19.58
CA THR Z 164 -33.18 64.25 20.29
C THR Z 164 -32.99 64.33 21.79
N MET Z 165 -31.80 64.71 22.26
CA MET Z 165 -31.61 64.88 23.68
C MET Z 165 -31.99 66.28 24.13
N MET Z 166 -32.42 67.12 23.19
CA MET Z 166 -32.99 68.40 23.58
C MET Z 166 -34.51 68.31 23.59
N ASP Z 167 -35.08 67.49 22.71
CA ASP Z 167 -36.53 67.34 22.72
C ASP Z 167 -37.00 66.40 23.81
N LYS Z 168 -36.22 65.34 24.11
CA LYS Z 168 -36.59 64.52 25.25
C LYS Z 168 -36.38 65.26 26.55
N GLN Z 169 -35.50 66.26 26.57
CA GLN Z 169 -35.35 67.10 27.75
C GLN Z 169 -36.53 68.06 27.91
N ASN Z 170 -37.04 68.57 26.80
CA ASN Z 170 -38.17 69.50 26.92
C ASN Z 170 -39.48 68.79 26.61
N ALA AA 171 -14.92 5.70 -114.45
CA ALA AA 171 -15.40 5.17 -113.19
C ALA AA 171 -16.58 5.97 -112.68
N GLU AA 172 -17.76 5.36 -112.63
CA GLU AA 172 -18.93 6.09 -112.16
C GLU AA 172 -18.91 6.23 -110.64
N LEU AA 173 -19.84 7.05 -110.13
CA LEU AA 173 -19.90 7.30 -108.69
C LEU AA 173 -20.51 6.14 -107.94
N ASP AA 174 -21.54 5.51 -108.50
CA ASP AA 174 -22.23 4.44 -107.81
C ASP AA 174 -21.45 3.13 -107.77
N SER AA 175 -20.36 3.01 -108.52
CA SER AA 175 -19.49 1.86 -108.35
C SER AA 175 -18.46 2.10 -107.27
N LEU AA 176 -18.11 3.36 -107.02
CA LEU AA 176 -17.10 3.67 -106.01
C LEU AA 176 -17.62 3.55 -104.59
N LEU AA 177 -18.93 3.50 -104.39
CA LEU AA 177 -19.50 3.30 -103.06
C LEU AA 177 -19.46 1.82 -102.71
N GLY AA 178 -20.17 1.45 -101.65
CA GLY AA 178 -20.12 0.11 -101.13
C GLY AA 178 -20.79 -0.93 -102.03
N GLN AA 179 -20.81 -2.16 -101.50
CA GLN AA 179 -21.38 -3.29 -102.23
C GLN AA 179 -22.89 -3.18 -102.30
N GLU AA 180 -23.52 -2.84 -101.17
CA GLU AA 180 -24.97 -2.77 -101.07
C GLU AA 180 -25.48 -1.51 -101.78
N LYS AA 181 -26.15 -1.71 -102.92
CA LYS AA 181 -26.68 -0.61 -103.71
C LYS AA 181 -28.12 -0.26 -103.33
N GLU AA 182 -28.38 -0.05 -102.05
CA GLU AA 182 -29.71 0.37 -101.65
C GLU AA 182 -29.69 1.45 -100.58
N ARG AA 183 -28.55 1.70 -99.94
CA ARG AA 183 -28.53 2.72 -98.92
C ARG AA 183 -28.21 4.10 -99.48
N PHE AA 184 -27.60 4.18 -100.65
CA PHE AA 184 -27.29 5.47 -101.25
C PHE AA 184 -28.11 5.69 -102.51
N GLN AA 185 -28.45 6.94 -102.76
CA GLN AA 185 -29.21 7.33 -103.93
C GLN AA 185 -28.56 8.55 -104.56
N VAL AA 186 -28.10 8.39 -105.80
CA VAL AA 186 -27.32 9.41 -106.50
C VAL AA 186 -28.25 10.19 -107.45
N LEU AA 187 -28.44 11.46 -107.17
CA LEU AA 187 -29.35 12.32 -107.90
C LEU AA 187 -28.55 13.25 -108.81
N PRO AA 188 -28.91 13.33 -110.09
CA PRO AA 188 -28.22 14.24 -111.00
C PRO AA 188 -28.68 15.68 -110.78
N GLY AA 189 -27.73 16.59 -110.64
CA GLY AA 189 -28.05 17.98 -110.41
C GLY AA 189 -28.31 18.72 -111.70
N ARG AA 190 -28.74 19.97 -111.56
CA ARG AA 190 -28.99 20.83 -112.69
C ARG AA 190 -27.84 21.80 -112.94
N ASP AA 191 -26.93 21.95 -111.98
CA ASP AA 191 -25.75 22.79 -112.08
C ASP AA 191 -24.48 21.98 -112.31
N LYS AA 192 -24.56 20.92 -113.13
CA LYS AA 192 -23.45 20.01 -113.51
C LYS AA 192 -22.81 19.35 -112.30
N MET AA 193 -23.63 19.00 -111.31
CA MET AA 193 -23.11 18.37 -110.10
C MET AA 193 -23.84 17.05 -109.88
N LEU AA 194 -23.44 16.33 -108.84
CA LEU AA 194 -24.02 15.03 -108.55
C LEU AA 194 -24.20 14.91 -107.05
N TYR AA 195 -25.46 14.83 -106.61
CA TYR AA 195 -25.74 14.86 -105.20
C TYR AA 195 -25.96 13.41 -104.75
N VAL AA 196 -25.44 13.05 -103.59
CA VAL AA 196 -25.65 11.74 -103.02
C VAL AA 196 -26.47 11.96 -101.77
N ALA AA 197 -27.52 11.19 -101.59
CA ALA AA 197 -28.45 11.44 -100.49
C ALA AA 197 -28.31 10.31 -99.50
N ALA AA 198 -27.74 10.62 -98.34
CA ALA AA 198 -27.71 9.63 -97.28
C ALA AA 198 -28.97 9.75 -96.44
N GLN AA 199 -29.02 9.01 -95.34
CA GLN AA 199 -30.18 9.08 -94.47
C GLN AA 199 -29.87 9.17 -92.98
N ASN AA 200 -28.60 9.10 -92.57
CA ASN AA 200 -28.26 9.29 -91.17
C ASN AA 200 -26.84 9.83 -91.06
N GLU AA 201 -26.43 10.05 -89.82
CA GLU AA 201 -25.12 10.63 -89.57
C GLU AA 201 -24.02 9.62 -89.76
N ARG AA 202 -24.34 8.32 -89.69
CA ARG AA 202 -23.32 7.32 -89.87
C ARG AA 202 -22.95 7.16 -91.34
N ASP AA 203 -23.97 7.06 -92.20
CA ASP AA 203 -23.73 6.93 -93.62
C ASP AA 203 -23.55 8.25 -94.35
N THR AA 204 -23.54 9.40 -93.67
CA THR AA 204 -23.12 10.57 -94.43
C THR AA 204 -21.60 10.72 -94.45
N LEU AA 205 -20.94 10.34 -93.36
CA LEU AA 205 -19.48 10.35 -93.32
C LEU AA 205 -18.85 9.19 -94.09
N TRP AA 206 -19.64 8.21 -94.50
CA TRP AA 206 -19.11 7.14 -95.33
C TRP AA 206 -18.85 7.67 -96.73
N ALA AA 207 -19.84 8.32 -97.31
CA ALA AA 207 -19.64 8.88 -98.64
C ALA AA 207 -18.81 10.15 -98.59
N ARG AA 208 -18.78 10.84 -97.45
CA ARG AA 208 -17.95 12.03 -97.39
C ARG AA 208 -16.47 11.68 -97.29
N GLN AA 209 -16.15 10.48 -96.80
CA GLN AA 209 -14.76 10.07 -96.83
C GLN AA 209 -14.32 9.78 -98.25
N VAL AA 210 -15.25 9.28 -99.06
CA VAL AA 210 -14.94 8.95 -100.45
C VAL AA 210 -14.68 10.23 -101.23
N LEU AA 211 -15.58 11.21 -101.11
CA LEU AA 211 -15.37 12.43 -101.87
C LEU AA 211 -14.28 13.30 -101.28
N ALA AA 212 -13.86 13.06 -100.03
CA ALA AA 212 -12.79 13.84 -99.44
C ALA AA 212 -11.41 13.29 -99.76
N ARG AA 213 -11.26 11.98 -99.88
CA ARG AA 213 -9.97 11.44 -100.29
C ARG AA 213 -9.73 11.61 -101.77
N GLY AA 214 -10.74 12.01 -102.53
CA GLY AA 214 -10.51 12.49 -103.87
C GLY AA 214 -10.41 11.47 -104.96
N ASP AA 215 -11.06 10.32 -104.81
CA ASP AA 215 -11.07 9.37 -105.92
C ASP AA 215 -12.30 9.57 -106.81
N TYR AA 216 -12.53 10.81 -107.21
CA TYR AA 216 -13.58 11.15 -108.16
C TYR AA 216 -13.24 12.52 -108.74
N ASP AA 217 -12.99 12.57 -110.04
CA ASP AA 217 -12.42 13.75 -110.67
C ASP AA 217 -13.39 14.92 -110.85
N LYS AA 218 -14.69 14.69 -110.73
CA LYS AA 218 -15.65 15.78 -110.92
C LYS AA 218 -16.16 16.28 -109.57
N ASN AA 219 -17.14 17.18 -109.63
CA ASN AA 219 -17.69 17.82 -108.45
C ASN AA 219 -18.93 17.06 -108.00
N ALA AA 220 -19.05 16.87 -106.69
CA ALA AA 220 -20.16 16.13 -106.13
C ALA AA 220 -20.41 16.62 -104.71
N ARG AA 221 -21.62 16.40 -104.23
CA ARG AA 221 -21.99 16.85 -102.90
C ARG AA 221 -22.71 15.73 -102.19
N VAL AA 222 -22.67 15.76 -100.86
CA VAL AA 222 -23.37 14.80 -100.03
C VAL AA 222 -24.43 15.54 -99.24
N ILE AA 223 -25.70 15.26 -99.52
CA ILE AA 223 -26.77 15.87 -98.80
C ILE AA 223 -27.35 14.88 -97.80
N ASN AA 224 -28.16 15.41 -96.89
CA ASN AA 224 -28.70 14.69 -95.77
C ASN AA 224 -30.15 15.13 -95.62
N GLU AA 225 -30.77 14.70 -94.53
CA GLU AA 225 -32.12 15.13 -94.20
C GLU AA 225 -32.13 16.29 -93.22
N ASN AA 226 -31.41 16.18 -92.10
CA ASN AA 226 -31.40 17.26 -91.13
C ASN AA 226 -30.52 18.41 -91.58
N GLU AA 227 -29.40 18.14 -92.23
CA GLU AA 227 -28.53 19.24 -92.65
C GLU AA 227 -29.13 20.00 -93.84
N GLU AA 228 -30.07 19.39 -94.54
CA GLU AA 228 -30.74 20.10 -95.62
C GLU AA 228 -32.00 20.78 -95.13
N ASN AA 229 -32.66 20.24 -94.12
CA ASN AA 229 -33.74 21.00 -93.53
C ASN AA 229 -33.21 22.17 -92.71
N LYS AA 230 -31.96 22.08 -92.25
CA LYS AA 230 -31.33 23.18 -91.54
C LYS AA 230 -30.75 24.21 -92.49
N ARG AA 231 -30.40 23.82 -93.72
CA ARG AA 231 -29.74 24.79 -94.59
C ARG AA 231 -30.73 25.79 -95.17
N ILE AA 232 -31.89 25.34 -95.62
CA ILE AA 232 -32.83 26.27 -96.24
C ILE AA 232 -33.83 26.78 -95.22
N SER AA 233 -33.53 26.63 -93.94
CA SER AA 233 -34.18 27.40 -92.90
C SER AA 233 -33.36 28.60 -92.43
N ILE AA 234 -32.08 28.66 -92.79
CA ILE AA 234 -31.30 29.86 -92.55
C ILE AA 234 -31.56 30.89 -93.64
N TRP AA 235 -31.76 30.42 -94.87
CA TRP AA 235 -32.16 31.33 -95.94
C TRP AA 235 -33.58 31.82 -95.74
N LEU AA 236 -34.42 31.04 -95.06
CA LEU AA 236 -35.83 31.40 -95.02
C LEU AA 236 -36.14 32.47 -93.98
N ASP AA 237 -35.31 32.58 -92.94
CA ASP AA 237 -35.51 33.58 -91.91
C ASP AA 237 -34.70 34.85 -92.17
N THR AA 238 -34.41 35.12 -93.42
CA THR AA 238 -33.82 36.37 -93.87
C THR AA 238 -34.68 37.03 -94.92
N TYR AA 239 -35.23 36.26 -95.84
CA TYR AA 239 -36.07 36.79 -96.90
C TYR AA 239 -37.56 36.64 -96.59
N TYR AA 240 -37.94 35.68 -95.76
CA TYR AA 240 -39.34 35.52 -95.36
C TYR AA 240 -39.44 35.40 -93.85
N PRO AA 241 -39.27 36.49 -93.12
CA PRO AA 241 -39.45 36.44 -91.67
C PRO AA 241 -40.94 36.43 -91.34
N GLN AA 242 -41.22 36.09 -90.08
CA GLN AA 242 -42.57 35.88 -89.56
C GLN AA 242 -43.35 34.85 -90.37
N LEU AA 243 -42.66 33.79 -90.80
CA LEU AA 243 -43.30 32.73 -91.54
C LEU AA 243 -43.60 31.58 -90.60
N ALA AA 244 -44.80 31.02 -90.71
CA ALA AA 244 -45.25 29.93 -89.87
C ALA AA 244 -45.20 28.65 -90.70
N TYR AA 245 -44.26 27.78 -90.37
CA TYR AA 245 -44.06 26.52 -91.06
C TYR AA 245 -43.60 25.47 -90.06
N TYR AA 246 -43.61 24.21 -90.49
CA TYR AA 246 -43.30 23.10 -89.60
C TYR AA 246 -42.01 22.39 -90.00
N ARG AA 247 -41.95 21.85 -91.22
CA ARG AA 247 -40.96 20.85 -91.56
C ARG AA 247 -40.95 20.69 -93.08
N ILE AA 248 -39.80 20.31 -93.63
CA ILE AA 248 -39.68 19.96 -95.03
C ILE AA 248 -39.37 18.48 -95.12
N HIS AA 249 -40.22 17.73 -95.81
CA HIS AA 249 -40.11 16.27 -95.87
C HIS AA 249 -39.49 15.86 -97.20
N PHE AA 250 -38.47 15.01 -97.13
CA PHE AA 250 -37.75 14.52 -98.30
C PHE AA 250 -37.94 13.02 -98.50
N ASP AA 251 -39.18 12.55 -98.33
CA ASP AA 251 -39.46 11.13 -98.55
C ASP AA 251 -39.39 10.76 -100.01
N GLU AA 252 -39.66 11.71 -100.90
CA GLU AA 252 -39.38 11.55 -102.32
C GLU AA 252 -38.49 12.70 -102.73
N PRO AA 253 -37.19 12.47 -102.91
CA PRO AA 253 -36.24 13.59 -102.95
C PRO AA 253 -36.25 14.39 -104.24
N ARG AA 254 -37.20 14.12 -105.13
CA ARG AA 254 -37.35 14.95 -106.32
C ARG AA 254 -38.60 15.81 -106.27
N LYS AA 255 -39.51 15.55 -105.33
CA LYS AA 255 -40.66 16.41 -105.07
C LYS AA 255 -40.81 16.55 -103.57
N PRO AA 256 -40.03 17.43 -102.94
CA PRO AA 256 -40.19 17.62 -101.50
C PRO AA 256 -41.45 18.40 -101.19
N VAL AA 257 -42.03 18.08 -100.04
CA VAL AA 257 -43.27 18.71 -99.58
C VAL AA 257 -42.96 19.64 -98.41
N PHE AA 258 -43.46 20.86 -98.53
CA PHE AA 258 -43.24 21.92 -97.55
C PHE AA 258 -44.52 22.03 -96.74
N TRP AA 259 -44.44 21.69 -95.46
CA TRP AA 259 -45.60 21.70 -94.58
C TRP AA 259 -45.76 23.10 -94.00
N LEU AA 260 -46.68 23.86 -94.57
CA LEU AA 260 -46.92 25.23 -94.15
C LEU AA 260 -48.15 25.28 -93.25
N SER AA 261 -48.14 26.21 -92.30
CA SER AA 261 -49.31 26.35 -91.43
C SER AA 261 -50.43 27.05 -92.17
N ARG AA 262 -51.66 26.72 -91.80
CA ARG AA 262 -52.84 27.21 -92.49
C ARG AA 262 -53.46 28.43 -91.84
N GLN AA 263 -53.57 28.45 -90.51
CA GLN AA 263 -54.35 29.47 -89.85
C GLN AA 263 -53.53 30.67 -89.41
N ARG AA 264 -52.21 30.55 -89.40
CA ARG AA 264 -51.37 31.63 -88.90
C ARG AA 264 -50.70 32.39 -90.03
N ASN AA 265 -51.06 32.11 -91.27
CA ASN AA 265 -50.53 32.85 -92.40
C ASN AA 265 -51.65 33.54 -93.15
N THR AA 266 -51.25 34.39 -94.10
CA THR AA 266 -52.17 35.18 -94.91
C THR AA 266 -51.76 35.23 -96.38
N MET AA 267 -50.96 34.29 -96.86
CA MET AA 267 -50.54 34.36 -98.25
C MET AA 267 -51.64 33.93 -99.20
N SER AA 268 -51.66 34.56 -100.37
CA SER AA 268 -52.64 34.28 -101.39
C SER AA 268 -52.11 33.25 -102.37
N LYS AA 269 -52.80 33.11 -103.50
CA LYS AA 269 -52.42 32.11 -104.50
C LYS AA 269 -51.14 32.49 -105.23
N LYS AA 270 -50.91 33.78 -105.45
CA LYS AA 270 -49.78 34.22 -106.27
C LYS AA 270 -48.46 34.06 -105.54
N GLU AA 271 -48.35 34.55 -104.32
CA GLU AA 271 -47.04 34.47 -103.71
C GLU AA 271 -46.73 33.12 -103.09
N LEU AA 272 -47.64 32.16 -103.19
CA LEU AA 272 -47.26 30.79 -102.91
C LEU AA 272 -46.61 30.17 -104.13
N GLU AA 273 -47.01 30.57 -105.33
CA GLU AA 273 -46.28 30.09 -106.48
C GLU AA 273 -44.99 30.88 -106.71
N VAL AA 274 -44.82 32.06 -106.11
CA VAL AA 274 -43.50 32.67 -106.22
C VAL AA 274 -42.55 32.01 -105.20
N LEU AA 275 -43.06 31.70 -104.00
CA LEU AA 275 -42.24 31.01 -103.02
C LEU AA 275 -41.88 29.60 -103.49
N SER AA 276 -42.77 28.95 -104.25
CA SER AA 276 -42.45 27.62 -104.73
C SER AA 276 -41.38 27.65 -105.83
N GLN AA 277 -41.14 28.81 -106.45
CA GLN AA 277 -40.04 28.93 -107.40
C GLN AA 277 -38.74 29.28 -106.69
N LYS AA 278 -38.82 30.10 -105.65
CA LYS AA 278 -37.59 30.44 -104.97
C LYS AA 278 -37.11 29.32 -104.06
N LEU AA 279 -37.99 28.41 -103.65
CA LEU AA 279 -37.49 27.21 -102.99
C LEU AA 279 -36.94 26.21 -103.99
N ARG AA 280 -37.41 26.26 -105.24
CA ARG AA 280 -36.88 25.37 -106.25
C ARG AA 280 -35.48 25.79 -106.66
N ALA AA 281 -35.22 27.10 -106.66
CA ALA AA 281 -33.91 27.57 -107.04
C ALA AA 281 -32.86 27.36 -105.96
N LEU AA 282 -33.26 27.04 -104.73
CA LEU AA 282 -32.29 26.71 -103.70
C LEU AA 282 -31.78 25.28 -103.81
N MET AA 283 -32.63 24.36 -104.24
CA MET AA 283 -32.25 22.96 -104.37
C MET AA 283 -32.19 22.59 -105.85
N PRO AA 284 -31.01 22.55 -106.45
CA PRO AA 284 -30.93 22.31 -107.90
C PRO AA 284 -31.20 20.87 -108.29
N TYR AA 285 -31.32 19.96 -107.33
CA TYR AA 285 -31.61 18.55 -107.61
C TYR AA 285 -33.10 18.27 -107.65
N ALA AA 286 -33.93 19.25 -107.33
CA ALA AA 286 -35.36 19.03 -107.26
C ALA AA 286 -36.01 19.40 -108.59
N ASP AA 287 -37.21 18.88 -108.80
CA ASP AA 287 -37.98 19.23 -109.98
C ASP AA 287 -39.12 20.19 -109.69
N SER AA 288 -39.78 20.03 -108.55
CA SER AA 288 -40.82 20.94 -108.10
C SER AA 288 -40.91 20.83 -106.59
N VAL AA 289 -41.54 21.83 -105.97
CA VAL AA 289 -41.71 21.84 -104.52
C VAL AA 289 -43.20 21.94 -104.25
N ASN AA 290 -43.74 20.93 -103.58
CA ASN AA 290 -45.16 20.88 -103.30
C ASN AA 290 -45.40 21.51 -101.93
N ILE AA 291 -46.21 22.56 -101.88
CA ILE AA 291 -46.50 23.27 -100.66
C ILE AA 291 -47.89 22.86 -100.19
N THR AA 292 -47.96 22.12 -99.09
CA THR AA 292 -49.24 21.71 -98.52
C THR AA 292 -49.50 22.42 -97.21
N LEU AA 293 -50.75 22.85 -97.01
CA LEU AA 293 -51.16 23.58 -95.82
C LEU AA 293 -51.71 22.60 -94.79
N MET AA 294 -50.90 22.27 -93.79
CA MET AA 294 -51.38 21.42 -92.71
C MET AA 294 -52.15 22.25 -91.69
N ASP AA 295 -53.09 21.61 -91.02
CA ASP AA 295 -53.88 22.29 -90.00
C ASP AA 295 -53.04 22.54 -88.76
N ASP AA 296 -53.56 23.39 -87.86
CA ASP AA 296 -52.80 23.75 -86.67
C ASP AA 296 -53.38 23.23 -85.36
N VAL AA 297 -54.63 22.81 -85.34
CA VAL AA 297 -55.21 22.23 -84.12
C VAL AA 297 -54.96 20.73 -84.04
N THR AA 298 -54.59 20.11 -85.15
CA THR AA 298 -54.30 18.68 -85.12
C THR AA 298 -52.86 18.40 -84.76
N ALA AA 299 -52.00 19.42 -84.83
CA ALA AA 299 -50.63 19.24 -84.39
C ALA AA 299 -50.57 19.22 -82.87
N ALA AA 300 -51.41 19.99 -82.21
CA ALA AA 300 -51.45 19.93 -80.76
C ALA AA 300 -52.43 18.88 -80.26
N GLY AA 301 -53.34 18.42 -81.12
CA GLY AA 301 -54.21 17.35 -80.70
C GLY AA 301 -53.49 16.02 -80.75
N GLN AA 302 -52.61 15.85 -81.74
CA GLN AA 302 -51.86 14.61 -81.82
C GLN AA 302 -50.79 14.56 -80.74
N ALA AA 303 -50.40 15.71 -80.23
CA ALA AA 303 -49.40 15.80 -79.17
C ALA AA 303 -50.03 15.68 -77.80
N GLU AA 304 -51.32 15.93 -77.68
CA GLU AA 304 -51.95 15.72 -76.40
C GLU AA 304 -52.45 14.30 -76.30
N ALA AA 305 -53.07 13.78 -77.36
CA ALA AA 305 -53.56 12.42 -77.34
C ALA AA 305 -52.45 11.39 -77.37
N GLY AA 306 -51.25 11.75 -77.88
CA GLY AA 306 -50.17 10.81 -77.73
C GLY AA 306 -49.47 10.88 -76.39
N LEU AA 307 -49.59 12.01 -75.70
CA LEU AA 307 -48.98 12.13 -74.38
C LEU AA 307 -49.87 11.56 -73.30
N LYS AA 308 -51.18 11.49 -73.54
CA LYS AA 308 -52.08 10.85 -72.58
C LYS AA 308 -52.05 9.34 -72.68
N GLN AA 309 -51.64 8.81 -73.83
CA GLN AA 309 -51.63 7.36 -74.00
C GLN AA 309 -50.49 6.72 -73.24
N GLN AA 310 -49.41 7.44 -72.98
CA GLN AA 310 -48.30 6.88 -72.23
C GLN AA 310 -48.44 7.07 -70.72
N ALA AA 311 -49.57 7.65 -70.26
CA ALA AA 311 -49.90 7.84 -68.85
C ALA AA 311 -48.83 8.65 -68.12
N LEU AA 312 -48.47 9.78 -68.69
CA LEU AA 312 -47.48 10.66 -68.11
C LEU AA 312 -48.11 11.90 -67.50
N PRO AA 313 -47.62 12.36 -66.36
CA PRO AA 313 -48.13 13.63 -65.81
C PRO AA 313 -47.56 14.78 -66.60
N TYR AA 314 -48.42 15.75 -66.90
CA TYR AA 314 -48.02 16.84 -67.76
C TYR AA 314 -48.82 18.10 -67.46
N SER AA 315 -48.37 19.19 -68.05
CA SER AA 315 -49.09 20.46 -67.91
C SER AA 315 -48.97 21.23 -69.21
N ARG AA 316 -50.10 21.44 -69.89
CA ARG AA 316 -50.14 22.12 -71.18
C ARG AA 316 -50.26 23.62 -70.99
N ARG AA 317 -49.36 24.37 -71.60
CA ARG AA 317 -49.35 25.83 -71.56
C ARG AA 317 -49.56 26.36 -72.97
N ASN AA 318 -50.77 26.84 -73.23
CA ASN AA 318 -51.16 27.41 -74.52
C ASN AA 318 -50.79 28.89 -74.57
N HIS AA 319 -50.14 29.32 -75.64
CA HIS AA 319 -50.01 30.73 -75.93
C HIS AA 319 -50.01 30.91 -77.44
N LYS AA 320 -49.93 32.16 -77.87
CA LYS AA 320 -50.06 32.47 -79.29
C LYS AA 320 -48.79 32.11 -80.03
N GLY AA 321 -48.93 31.30 -81.08
CA GLY AA 321 -47.82 30.92 -81.90
C GLY AA 321 -46.88 29.88 -81.31
N GLY AA 322 -47.45 28.82 -80.76
CA GLY AA 322 -46.68 27.73 -80.18
C GLY AA 322 -47.29 27.29 -78.87
N VAL AA 323 -47.23 25.99 -78.60
CA VAL AA 323 -47.66 25.46 -77.31
C VAL AA 323 -46.49 24.75 -76.63
N THR AA 324 -46.68 24.43 -75.35
CA THR AA 324 -45.62 23.73 -74.65
C THR AA 324 -46.16 22.81 -73.58
N PHE AA 325 -45.51 21.67 -73.41
CA PHE AA 325 -45.94 20.66 -72.44
C PHE AA 325 -44.81 20.44 -71.45
N VAL AA 326 -45.10 20.58 -70.16
CA VAL AA 326 -44.11 20.49 -69.10
C VAL AA 326 -44.37 19.22 -68.31
N ILE AA 327 -43.54 18.21 -68.54
CA ILE AA 327 -43.56 16.97 -67.77
C ILE AA 327 -42.66 17.15 -66.54
N GLN AA 328 -43.22 16.96 -65.35
CA GLN AA 328 -42.49 17.28 -64.14
C GLN AA 328 -42.90 16.30 -63.05
N GLY AA 329 -41.97 15.97 -62.16
CA GLY AA 329 -42.23 15.08 -61.05
C GLY AA 329 -41.08 14.12 -60.84
N ALA AA 330 -41.25 13.17 -59.93
CA ALA AA 330 -40.23 12.16 -59.65
C ALA AA 330 -40.50 10.90 -60.44
N LEU AA 331 -40.14 10.94 -61.72
CA LEU AA 331 -40.40 9.84 -62.62
C LEU AA 331 -39.44 8.68 -62.37
N ASP AA 332 -39.95 7.46 -62.56
CA ASP AA 332 -39.15 6.26 -62.43
C ASP AA 332 -38.54 5.92 -63.80
N ASP AA 333 -37.96 4.73 -63.91
CA ASP AA 333 -37.14 4.35 -65.06
C ASP AA 333 -37.94 3.99 -66.31
N VAL AA 334 -39.18 3.57 -66.17
CA VAL AA 334 -39.93 3.22 -67.36
C VAL AA 334 -40.58 4.44 -68.01
N GLU AA 335 -40.74 5.52 -67.27
CA GLU AA 335 -41.36 6.71 -67.78
C GLU AA 335 -40.41 7.62 -68.54
N ILE AA 336 -39.11 7.52 -68.28
CA ILE AA 336 -38.20 8.28 -69.13
C ILE AA 336 -37.99 7.54 -70.45
N LEU AA 337 -37.99 6.21 -70.40
CA LEU AA 337 -37.83 5.45 -71.63
C LEU AA 337 -39.09 5.51 -72.46
N ARG AA 338 -40.24 5.74 -71.83
CA ARG AA 338 -41.44 5.92 -72.63
C ARG AA 338 -41.61 7.36 -73.08
N ALA AA 339 -40.93 8.30 -72.44
CA ALA AA 339 -41.00 9.68 -72.90
C ALA AA 339 -40.07 9.95 -74.07
N ARG AA 340 -38.88 9.35 -74.07
CA ARG AA 340 -37.95 9.58 -75.17
C ARG AA 340 -38.36 8.89 -76.46
N GLN AA 341 -38.98 7.73 -76.37
CA GLN AA 341 -39.35 7.01 -77.58
C GLN AA 341 -40.55 7.63 -78.28
N PHE AA 342 -41.27 8.51 -77.59
CA PHE AA 342 -42.37 9.24 -78.18
C PHE AA 342 -41.96 10.63 -78.64
N VAL AA 343 -41.10 11.30 -77.88
CA VAL AA 343 -40.65 12.63 -78.27
C VAL AA 343 -39.80 12.57 -79.53
N ASP AA 344 -38.90 11.59 -79.63
CA ASP AA 344 -38.08 11.51 -80.84
C ASP AA 344 -38.90 11.07 -82.06
N SER AA 345 -39.95 10.28 -81.86
CA SER AA 345 -40.81 9.94 -82.98
C SER AA 345 -41.75 11.07 -83.36
N TYR AA 346 -42.01 12.01 -82.46
CA TYR AA 346 -42.84 13.14 -82.84
C TYR AA 346 -42.03 14.23 -83.52
N TYR AA 347 -40.77 14.40 -83.10
CA TYR AA 347 -39.94 15.44 -83.69
C TYR AA 347 -39.59 15.14 -85.13
N ARG AA 348 -39.60 13.86 -85.52
CA ARG AA 348 -39.30 13.52 -86.90
C ARG AA 348 -40.45 13.96 -87.80
N THR AA 349 -41.68 13.82 -87.31
CA THR AA 349 -42.83 14.14 -88.14
C THR AA 349 -43.05 15.64 -88.19
N TRP AA 350 -43.22 16.28 -87.03
CA TRP AA 350 -43.61 17.68 -87.04
C TRP AA 350 -42.48 18.67 -86.84
N GLY AA 351 -41.43 18.31 -86.12
CA GLY AA 351 -40.38 19.26 -85.83
C GLY AA 351 -40.72 20.14 -84.64
N GLY AA 352 -39.68 20.74 -84.07
CA GLY AA 352 -39.87 21.52 -82.86
C GLY AA 352 -40.15 23.00 -83.07
N ARG AA 353 -40.83 23.35 -84.14
CA ARG AA 353 -41.12 24.75 -84.40
C ARG AA 353 -42.35 25.25 -83.63
N TYR AA 354 -43.36 24.40 -83.46
CA TYR AA 354 -44.64 24.80 -82.89
C TYR AA 354 -44.84 24.34 -81.46
N VAL AA 355 -44.71 23.04 -81.21
CA VAL AA 355 -44.99 22.45 -79.91
C VAL AA 355 -43.69 21.95 -79.30
N GLN AA 356 -43.44 22.30 -78.04
CA GLN AA 356 -42.18 21.94 -77.43
C GLN AA 356 -42.40 21.25 -76.09
N PHE AA 357 -41.68 20.15 -75.89
CA PHE AA 357 -41.75 19.36 -74.67
C PHE AA 357 -40.60 19.70 -73.74
N ALA AA 358 -40.90 19.79 -72.45
CA ALA AA 358 -39.93 20.14 -71.42
C ALA AA 358 -39.98 19.10 -70.33
N ILE AA 359 -38.94 18.28 -70.22
CA ILE AA 359 -38.86 17.23 -69.21
C ILE AA 359 -37.99 17.74 -68.08
N GLU AA 360 -38.50 17.66 -66.85
CA GLU AA 360 -37.69 17.97 -65.70
C GLU AA 360 -38.09 17.05 -64.56
N LEU AA 361 -37.10 16.45 -63.91
CA LEU AA 361 -37.34 15.48 -62.86
C LEU AA 361 -36.70 16.00 -61.58
N LYS AA 362 -37.47 16.02 -60.50
CA LYS AA 362 -37.01 16.46 -59.21
C LYS AA 362 -37.28 15.38 -58.19
N ASP AA 363 -36.61 15.47 -57.04
CA ASP AA 363 -36.84 14.50 -55.99
C ASP AA 363 -38.15 14.81 -55.28
N ASP AA 364 -38.70 13.78 -54.64
CA ASP AA 364 -40.00 13.91 -54.00
C ASP AA 364 -39.86 14.37 -52.55
N TRP AA 365 -40.61 15.40 -52.21
CA TRP AA 365 -40.60 15.94 -50.86
C TRP AA 365 -41.41 15.09 -49.90
N LEU AA 366 -42.34 14.30 -50.42
CA LEU AA 366 -43.24 13.51 -49.61
C LEU AA 366 -42.96 12.02 -49.78
N LYS AA 367 -42.15 11.46 -48.89
CA LYS AA 367 -41.94 10.01 -48.88
C LYS AA 367 -42.51 9.37 -47.63
N GLY AA 368 -42.04 9.79 -46.47
CA GLY AA 368 -42.57 9.40 -45.18
C GLY AA 368 -43.32 10.49 -44.46
N ARG AA 369 -43.66 11.58 -45.13
CA ARG AA 369 -44.29 12.73 -44.51
C ARG AA 369 -45.80 12.61 -44.58
N SER AA 370 -46.46 12.87 -43.45
CA SER AA 370 -47.91 12.98 -43.39
C SER AA 370 -48.37 14.38 -43.77
N PHE AA 371 -49.33 14.45 -44.68
CA PHE AA 371 -49.75 15.74 -45.21
C PHE AA 371 -51.24 15.77 -45.43
N GLN AA 372 -51.76 16.98 -45.59
CA GLN AA 372 -53.17 17.23 -45.85
C GLN AA 372 -53.26 17.87 -47.22
N TYR AA 373 -54.14 17.37 -48.06
CA TYR AA 373 -54.34 17.93 -49.39
C TYR AA 373 -55.75 18.49 -49.48
N GLY AA 374 -56.00 19.23 -50.55
CA GLY AA 374 -57.30 19.82 -50.74
C GLY AA 374 -57.25 21.33 -50.77
N ALA AA 375 -58.05 21.97 -49.92
CA ALA AA 375 -58.07 23.42 -49.87
C ALA AA 375 -56.94 23.95 -48.99
N GLU AA 376 -56.95 23.59 -47.72
CA GLU AA 376 -55.91 24.04 -46.79
C GLU AA 376 -54.82 22.97 -46.70
N GLY AA 377 -54.06 22.87 -47.78
CA GLY AA 377 -53.03 21.84 -47.84
C GLY AA 377 -51.80 22.25 -47.06
N TYR AA 378 -51.20 21.27 -46.38
CA TYR AA 378 -49.92 21.49 -45.73
C TYR AA 378 -49.21 20.16 -45.58
N ILE AA 379 -47.91 20.23 -45.31
CA ILE AA 379 -47.08 19.04 -45.17
C ILE AA 379 -46.37 19.10 -43.82
N LYS AA 380 -46.47 18.02 -43.04
CA LYS AA 380 -45.83 17.98 -41.74
C LYS AA 380 -44.48 17.32 -41.93
N MET AA 381 -43.43 18.13 -41.96
CA MET AA 381 -42.09 17.56 -42.13
C MET AA 381 -41.55 16.90 -40.88
N SER AA 382 -42.23 17.07 -39.76
CA SER AA 382 -41.85 16.53 -38.47
C SER AA 382 -43.09 16.57 -37.61
N PRO AA 383 -43.07 15.94 -36.44
CA PRO AA 383 -44.17 16.20 -35.49
C PRO AA 383 -44.33 17.66 -35.13
N GLY AA 384 -43.28 18.48 -35.17
CA GLY AA 384 -43.47 19.88 -34.86
C GLY AA 384 -43.06 20.90 -35.92
N HIS AA 385 -43.30 20.63 -37.20
CA HIS AA 385 -42.91 21.56 -38.25
C HIS AA 385 -43.92 21.43 -39.38
N TRP AA 386 -44.68 22.48 -39.58
CA TRP AA 386 -45.68 22.59 -40.62
C TRP AA 386 -45.10 23.39 -41.79
N TYR AA 387 -45.37 22.92 -43.00
CA TYR AA 387 -44.96 23.60 -44.24
C TYR AA 387 -46.19 23.90 -45.05
N PHE AA 388 -46.44 25.19 -45.27
CA PHE AA 388 -47.58 25.64 -46.04
C PHE AA 388 -47.09 25.97 -47.44
N PRO AA 389 -47.42 25.20 -48.46
CA PRO AA 389 -46.84 25.41 -49.78
C PRO AA 389 -47.49 26.59 -50.47
N SER AA 390 -46.77 27.09 -51.48
CA SER AA 390 -47.23 28.25 -52.24
C SER AA 390 -48.05 27.73 -53.42
N PRO AA 391 -49.37 27.95 -53.44
CA PRO AA 391 -50.22 27.43 -54.53
C PRO AA 391 -50.06 28.20 -55.83
N ALA BA 171 -1.03 29.28 -110.43
CA ALA BA 171 -2.35 28.79 -110.80
C ALA BA 171 -3.43 29.63 -110.15
N GLU BA 172 -4.69 29.23 -110.33
CA GLU BA 172 -5.79 29.93 -109.70
C GLU BA 172 -5.88 29.63 -108.21
N LEU BA 173 -6.66 30.45 -107.52
CA LEU BA 173 -6.77 30.33 -106.08
C LEU BA 173 -7.65 29.16 -105.68
N ASP BA 174 -8.61 28.81 -106.52
CA ASP BA 174 -9.52 27.72 -106.20
C ASP BA 174 -8.85 26.36 -106.26
N SER BA 175 -7.72 26.26 -106.96
CA SER BA 175 -7.00 25.00 -106.95
C SER BA 175 -6.01 24.90 -105.81
N LEU BA 176 -5.58 26.04 -105.25
CA LEU BA 176 -4.64 26.00 -104.15
C LEU BA 176 -5.28 25.60 -102.82
N LEU BA 177 -6.60 25.68 -102.71
CA LEU BA 177 -7.27 25.25 -101.50
C LEU BA 177 -7.49 23.74 -101.54
N GLY BA 178 -8.34 23.25 -100.65
CA GLY BA 178 -8.52 21.83 -100.48
C GLY BA 178 -9.23 21.15 -101.65
N GLN BA 179 -9.46 19.85 -101.45
CA GLN BA 179 -10.10 19.02 -102.46
C GLN BA 179 -11.58 19.39 -102.59
N GLU BA 180 -12.25 19.59 -101.47
CA GLU BA 180 -13.66 19.97 -101.44
C GLU BA 180 -13.83 21.40 -101.93
N LYS BA 181 -14.35 21.55 -103.13
CA LYS BA 181 -14.61 22.87 -103.72
C LYS BA 181 -16.02 23.35 -103.40
N GLU BA 182 -16.38 23.34 -102.12
CA GLU BA 182 -17.72 23.75 -101.73
C GLU BA 182 -17.76 24.69 -100.53
N ARG BA 183 -16.73 24.73 -99.71
CA ARG BA 183 -16.79 25.55 -98.50
C ARG BA 183 -16.26 26.96 -98.70
N PHE BA 184 -15.53 27.23 -99.77
CA PHE BA 184 -15.06 28.57 -100.07
C PHE BA 184 -15.70 29.10 -101.34
N GLN BA 185 -15.77 30.43 -101.43
CA GLN BA 185 -16.41 31.10 -102.56
C GLN BA 185 -15.57 32.32 -102.94
N VAL BA 186 -14.87 32.21 -104.07
CA VAL BA 186 -13.94 33.24 -104.52
C VAL BA 186 -14.71 34.26 -105.36
N LEU BA 187 -14.68 35.52 -104.93
CA LEU BA 187 -15.36 36.62 -105.60
C LEU BA 187 -14.37 37.63 -106.14
N PRO BA 188 -14.56 38.13 -107.36
CA PRO BA 188 -13.65 39.16 -107.88
C PRO BA 188 -14.08 40.54 -107.39
N GLY BA 189 -13.14 41.26 -106.77
CA GLY BA 189 -13.43 42.59 -106.28
C GLY BA 189 -13.35 43.62 -107.38
N ARG BA 190 -13.82 44.81 -107.05
CA ARG BA 190 -13.83 45.92 -108.01
C ARG BA 190 -12.56 46.75 -107.94
N ASP BA 191 -11.80 46.63 -106.85
CA ASP BA 191 -10.52 47.31 -106.71
C ASP BA 191 -9.33 46.42 -107.06
N LYS BA 192 -9.53 45.51 -108.02
CA LYS BA 192 -8.52 44.56 -108.51
C LYS BA 192 -7.95 43.67 -107.39
N MET BA 193 -8.82 43.29 -106.46
CA MET BA 193 -8.51 42.33 -105.40
C MET BA 193 -9.39 41.09 -105.59
N LEU BA 194 -9.08 40.04 -104.84
CA LEU BA 194 -9.77 38.76 -105.02
C LEU BA 194 -10.15 38.24 -103.64
N TYR BA 195 -11.44 38.22 -103.35
CA TYR BA 195 -11.92 37.94 -102.00
C TYR BA 195 -12.32 36.48 -101.86
N VAL BA 196 -12.02 35.89 -100.71
CA VAL BA 196 -12.42 34.53 -100.39
C VAL BA 196 -13.44 34.67 -99.26
N ALA BA 197 -14.61 34.07 -99.42
CA ALA BA 197 -15.66 34.27 -98.44
C ALA BA 197 -15.83 32.99 -97.64
N ALA BA 198 -15.32 32.99 -96.41
CA ALA BA 198 -15.57 31.84 -95.55
C ALA BA 198 -16.86 32.05 -94.77
N GLN BA 199 -17.17 31.15 -93.86
CA GLN BA 199 -18.40 31.27 -93.11
C GLN BA 199 -18.22 30.97 -91.62
N ASN BA 200 -17.04 30.58 -91.18
CA ASN BA 200 -16.76 30.47 -89.76
C ASN BA 200 -15.27 30.69 -89.53
N GLU BA 201 -14.89 30.74 -88.25
CA GLU BA 201 -13.50 31.04 -87.91
C GLU BA 201 -12.56 29.88 -88.19
N ARG BA 202 -13.08 28.66 -88.22
CA ARG BA 202 -12.17 27.55 -88.47
C ARG BA 202 -11.79 27.50 -89.93
N ASP BA 203 -12.73 27.79 -90.82
CA ASP BA 203 -12.36 27.82 -92.22
C ASP BA 203 -11.74 29.15 -92.62
N THR BA 204 -11.79 30.17 -91.75
CA THR BA 204 -11.11 31.40 -92.07
C THR BA 204 -9.59 31.29 -91.87
N LEU BA 205 -9.17 30.55 -90.84
CA LEU BA 205 -7.74 30.35 -90.63
C LEU BA 205 -7.15 29.34 -91.60
N TRP BA 206 -8.01 28.56 -92.26
CA TRP BA 206 -7.57 27.66 -93.31
C TRP BA 206 -7.16 28.48 -94.52
N ALA BA 207 -7.94 29.50 -94.84
CA ALA BA 207 -7.61 30.32 -96.00
C ALA BA 207 -6.51 31.32 -95.65
N ARG BA 208 -6.42 31.76 -94.39
CA ARG BA 208 -5.37 32.71 -94.07
C ARG BA 208 -4.00 32.05 -94.01
N GLN BA 209 -3.95 30.74 -93.82
CA GLN BA 209 -2.64 30.09 -93.86
C GLN BA 209 -2.13 30.03 -95.29
N VAL BA 210 -3.03 29.91 -96.27
CA VAL BA 210 -2.64 29.86 -97.67
C VAL BA 210 -2.04 31.19 -98.10
N LEU BA 211 -2.67 32.29 -97.71
CA LEU BA 211 -2.12 33.59 -98.05
C LEU BA 211 -0.93 33.98 -97.18
N ALA BA 212 -0.70 33.27 -96.08
CA ALA BA 212 0.44 33.60 -95.23
C ALA BA 212 1.71 32.85 -95.59
N ARG BA 213 1.60 31.60 -96.05
CA ARG BA 213 2.80 30.92 -96.54
C ARG BA 213 3.26 31.47 -97.87
N GLY BA 214 2.37 32.15 -98.60
CA GLY BA 214 2.79 32.87 -99.78
C GLY BA 214 2.87 32.05 -101.03
N ASP BA 215 1.99 31.07 -101.20
CA ASP BA 215 1.93 30.39 -102.48
C ASP BA 215 0.87 30.99 -103.39
N TYR BA 216 0.91 32.31 -103.52
CA TYR BA 216 0.07 33.02 -104.47
C TYR BA 216 0.70 34.37 -104.77
N ASP BA 217 0.86 34.67 -106.05
CA ASP BA 217 1.64 35.82 -106.47
C ASP BA 217 0.82 37.11 -106.41
N LYS BA 218 -0.45 37.05 -106.80
CA LYS BA 218 -1.28 38.25 -106.88
C LYS BA 218 -1.81 38.62 -105.49
N ASN BA 219 -2.69 39.61 -105.44
CA ASN BA 219 -3.26 40.09 -104.18
C ASN BA 219 -4.62 39.46 -103.91
N ALA BA 220 -4.89 39.19 -102.63
CA ALA BA 220 -6.14 38.56 -102.24
C ALA BA 220 -6.44 38.89 -100.79
N ARG BA 221 -7.71 38.70 -100.42
CA ARG BA 221 -8.14 38.92 -99.04
C ARG BA 221 -9.21 37.91 -98.68
N VAL BA 222 -9.36 37.66 -97.40
CA VAL BA 222 -10.37 36.75 -96.86
C VAL BA 222 -11.41 37.47 -96.01
N ILE BA 223 -12.68 37.36 -96.39
CA ILE BA 223 -13.74 37.97 -95.62
C ILE BA 223 -14.52 36.89 -94.86
N ASN BA 224 -15.37 37.37 -93.96
CA ASN BA 224 -16.17 36.58 -93.04
C ASN BA 224 -17.52 37.26 -92.92
N GLU BA 225 -18.30 36.88 -91.91
CA GLU BA 225 -19.56 37.55 -91.63
C GLU BA 225 -19.53 38.36 -90.34
N ASN BA 226 -19.00 37.81 -89.25
CA ASN BA 226 -18.89 38.60 -88.02
C ASN BA 226 -17.80 39.64 -88.12
N GLU BA 227 -16.74 39.35 -88.86
CA GLU BA 227 -15.67 40.33 -89.00
C GLU BA 227 -16.14 41.43 -89.93
N GLU BA 228 -16.87 41.07 -90.99
CA GLU BA 228 -17.34 42.10 -91.88
C GLU BA 228 -18.48 42.90 -91.25
N ASN BA 229 -19.15 42.34 -90.24
CA ASN BA 229 -20.21 43.09 -89.61
C ASN BA 229 -19.70 43.97 -88.50
N LYS BA 230 -18.52 43.69 -87.95
CA LYS BA 230 -17.93 44.63 -87.00
C LYS BA 230 -16.82 45.45 -87.64
N ARG BA 231 -16.70 45.41 -88.95
CA ARG BA 231 -15.75 46.28 -89.62
C ARG BA 231 -16.42 47.50 -90.24
N ILE BA 232 -17.58 47.33 -90.85
CA ILE BA 232 -18.36 48.47 -91.33
C ILE BA 232 -19.40 48.90 -90.31
N SER BA 233 -19.24 48.48 -89.06
CA SER BA 233 -19.95 49.11 -87.96
C SER BA 233 -19.10 50.09 -87.18
N ILE BA 234 -17.79 50.06 -87.36
CA ILE BA 234 -16.95 51.12 -86.83
C ILE BA 234 -17.03 52.36 -87.69
N TRP BA 235 -17.10 52.19 -89.01
CA TRP BA 235 -17.28 53.33 -89.91
C TRP BA 235 -18.64 53.97 -89.74
N LEU BA 236 -19.65 53.17 -89.38
CA LEU BA 236 -20.98 53.71 -89.19
C LEU BA 236 -21.15 54.31 -87.81
N ASP BA 237 -20.10 54.33 -87.02
CA ASP BA 237 -20.17 54.94 -85.71
C ASP BA 237 -19.67 56.37 -85.76
N THR BA 238 -18.80 56.67 -86.73
CA THR BA 238 -18.25 58.01 -86.86
C THR BA 238 -18.79 58.78 -88.04
N TYR BA 239 -19.28 58.13 -89.09
CA TYR BA 239 -19.81 58.89 -90.21
C TYR BA 239 -21.33 58.97 -90.23
N TYR BA 240 -22.01 58.11 -89.47
CA TYR BA 240 -23.46 58.18 -89.32
C TYR BA 240 -23.81 57.80 -87.89
N PRO BA 241 -23.57 58.69 -86.93
CA PRO BA 241 -24.03 58.44 -85.56
C PRO BA 241 -25.53 58.66 -85.48
N GLN BA 242 -26.10 58.17 -84.38
CA GLN BA 242 -27.54 58.16 -84.11
C GLN BA 242 -28.31 57.45 -85.22
N LEU BA 243 -27.84 56.27 -85.60
CA LEU BA 243 -28.54 55.43 -86.56
C LEU BA 243 -29.03 54.17 -85.88
N ALA BA 244 -30.27 53.82 -86.11
CA ALA BA 244 -30.89 52.65 -85.49
C ALA BA 244 -30.99 51.58 -86.57
N TYR BA 245 -30.10 50.61 -86.52
CA TYR BA 245 -30.08 49.48 -87.42
C TYR BA 245 -29.95 48.18 -86.62
N TYR BA 246 -30.04 47.06 -87.32
CA TYR BA 246 -29.99 45.76 -86.66
C TYR BA 246 -28.80 44.92 -87.09
N ARG BA 247 -28.61 44.68 -88.39
CA ARG BA 247 -27.73 43.62 -88.86
C ARG BA 247 -27.57 43.77 -90.37
N ILE BA 248 -26.44 43.29 -90.88
CA ILE BA 248 -26.20 43.18 -92.30
C ILE BA 248 -26.09 41.70 -92.64
N HIS BA 249 -26.90 41.25 -93.59
CA HIS BA 249 -26.99 39.83 -93.92
C HIS BA 249 -26.24 39.53 -95.22
N PHE BA 250 -25.40 38.51 -95.20
CA PHE BA 250 -24.59 38.17 -96.35
C PHE BA 250 -24.94 36.77 -96.84
N ASP BA 251 -26.23 36.47 -96.95
CA ASP BA 251 -26.64 35.18 -97.46
C ASP BA 251 -26.36 35.03 -98.94
N GLU BA 252 -26.35 36.14 -99.68
CA GLU BA 252 -25.77 36.18 -101.02
C GLU BA 252 -24.78 37.31 -100.99
N PRO BA 253 -23.48 37.04 -101.10
CA PRO BA 253 -22.48 38.09 -100.88
C PRO BA 253 -22.37 39.10 -102.00
N ARG BA 254 -23.01 38.88 -103.13
CA ARG BA 254 -22.99 39.87 -104.20
C ARG BA 254 -24.15 40.84 -104.10
N LYS BA 255 -25.01 40.67 -103.10
CA LYS BA 255 -26.09 41.60 -102.81
C LYS BA 255 -26.48 41.43 -101.35
N PRO BA 256 -25.83 42.14 -100.44
CA PRO BA 256 -26.20 42.05 -99.03
C PRO BA 256 -27.48 42.80 -98.74
N VAL BA 257 -28.11 42.41 -97.64
CA VAL BA 257 -29.34 43.01 -97.15
C VAL BA 257 -29.02 43.79 -95.89
N PHE BA 258 -29.54 45.01 -95.81
CA PHE BA 258 -29.34 45.89 -94.68
C PHE BA 258 -30.69 46.07 -94.01
N TRP BA 259 -30.82 45.56 -92.79
CA TRP BA 259 -32.08 45.61 -92.04
C TRP BA 259 -32.10 46.91 -91.27
N LEU BA 260 -32.74 47.93 -91.82
CA LEU BA 260 -32.82 49.22 -91.16
C LEU BA 260 -34.14 49.33 -90.41
N SER BA 261 -34.11 50.07 -89.30
CA SER BA 261 -35.33 50.25 -88.53
C SER BA 261 -36.26 51.23 -89.22
N ARG BA 262 -37.52 51.21 -88.81
CA ARG BA 262 -38.57 52.02 -89.43
C ARG BA 262 -39.14 53.08 -88.53
N GLN BA 263 -39.39 52.75 -87.26
CA GLN BA 263 -40.01 53.70 -86.36
C GLN BA 263 -39.03 54.65 -85.69
N ARG BA 264 -37.73 54.42 -85.81
CA ARG BA 264 -36.78 55.26 -85.10
C ARG BA 264 -35.86 56.03 -86.03
N ASN BA 265 -36.28 56.24 -87.28
CA ASN BA 265 -35.48 57.04 -88.21
C ASN BA 265 -36.36 58.10 -88.86
N THR BA 266 -35.72 59.07 -89.54
CA THR BA 266 -36.45 60.12 -90.22
C THR BA 266 -35.81 60.41 -91.58
N MET BA 267 -34.94 59.53 -92.07
CA MET BA 267 -34.26 59.78 -93.33
C MET BA 267 -35.21 59.51 -94.50
N SER BA 268 -35.16 60.37 -95.50
CA SER BA 268 -35.98 60.18 -96.68
C SER BA 268 -35.26 59.34 -97.74
N LYS BA 269 -35.83 59.32 -98.95
CA LYS BA 269 -35.32 58.46 -100.02
C LYS BA 269 -34.02 59.00 -100.58
N LYS BA 270 -33.85 60.32 -100.56
CA LYS BA 270 -32.67 60.90 -101.18
C LYS BA 270 -31.46 60.65 -100.30
N GLU BA 271 -31.60 60.84 -98.99
CA GLU BA 271 -30.44 60.57 -98.15
C GLU BA 271 -30.31 59.09 -97.84
N LEU BA 272 -31.31 58.27 -98.22
CA LEU BA 272 -31.11 56.83 -98.18
C LEU BA 272 -30.33 56.34 -99.39
N GLU BA 273 -30.43 57.05 -100.52
CA GLU BA 273 -29.70 56.64 -101.70
C GLU BA 273 -28.21 56.94 -101.54
N VAL BA 274 -27.88 58.07 -100.94
CA VAL BA 274 -26.47 58.39 -100.74
C VAL BA 274 -25.90 57.56 -99.59
N LEU BA 275 -26.76 56.98 -98.76
CA LEU BA 275 -26.30 56.00 -97.78
C LEU BA 275 -26.01 54.66 -98.43
N SER BA 276 -26.82 54.28 -99.42
CA SER BA 276 -26.54 53.03 -100.12
C SER BA 276 -25.32 53.17 -101.01
N GLN BA 277 -25.02 54.39 -101.45
CA GLN BA 277 -23.82 54.58 -102.26
C GLN BA 277 -22.56 54.59 -101.40
N LYS BA 278 -22.65 55.19 -100.20
CA LYS BA 278 -21.48 55.17 -99.34
C LYS BA 278 -21.25 53.80 -98.73
N LEU BA 279 -22.31 52.99 -98.57
CA LEU BA 279 -22.04 51.63 -98.14
C LEU BA 279 -21.59 50.75 -99.30
N ARG BA 280 -21.91 51.14 -100.54
CA ARG BA 280 -21.43 50.36 -101.68
C ARG BA 280 -19.95 50.59 -101.89
N ALA BA 281 -19.48 51.80 -101.61
CA ALA BA 281 -18.06 52.06 -101.80
C ALA BA 281 -17.20 51.45 -100.70
N LEU BA 282 -17.79 50.99 -99.60
CA LEU BA 282 -17.03 50.31 -98.56
C LEU BA 282 -16.83 48.82 -98.85
N MET BA 283 -17.75 48.22 -99.60
CA MET BA 283 -17.63 46.81 -99.94
C MET BA 283 -17.40 46.68 -101.44
N PRO BA 284 -16.16 46.51 -101.88
CA PRO BA 284 -15.87 46.49 -103.32
C PRO BA 284 -16.34 45.23 -104.05
N TYR BA 285 -16.74 44.18 -103.34
CA TYR BA 285 -17.21 42.98 -104.01
C TYR BA 285 -18.69 43.04 -104.36
N ALA BA 286 -19.47 43.84 -103.64
CA ALA BA 286 -20.90 43.90 -103.88
C ALA BA 286 -21.22 44.77 -105.08
N ASP BA 287 -22.29 44.40 -105.78
CA ASP BA 287 -22.74 45.20 -106.90
C ASP BA 287 -23.73 46.26 -106.45
N SER BA 288 -24.67 45.89 -105.59
CA SER BA 288 -25.64 46.82 -105.04
C SER BA 288 -26.13 46.26 -103.72
N VAL BA 289 -26.27 47.14 -102.73
CA VAL BA 289 -26.74 46.78 -101.40
C VAL BA 289 -28.23 47.06 -101.35
N ASN BA 290 -29.00 46.12 -100.82
CA ASN BA 290 -30.45 46.28 -100.74
C ASN BA 290 -30.77 46.62 -99.31
N ILE BA 291 -31.54 47.69 -99.10
CA ILE BA 291 -31.90 48.17 -97.78
C ILE BA 291 -33.38 47.95 -97.59
N THR BA 292 -33.73 47.09 -96.65
CA THR BA 292 -35.14 46.84 -96.34
C THR BA 292 -35.43 47.28 -94.93
N LEU BA 293 -36.57 47.94 -94.77
CA LEU BA 293 -37.00 48.46 -93.48
C LEU BA 293 -37.79 47.39 -92.74
N MET BA 294 -37.29 47.00 -91.58
CA MET BA 294 -37.95 46.02 -90.73
C MET BA 294 -38.73 46.74 -89.64
N ASP BA 295 -39.78 46.08 -89.16
CA ASP BA 295 -40.59 46.65 -88.09
C ASP BA 295 -39.86 46.53 -86.77
N ASP BA 296 -40.35 47.24 -85.76
CA ASP BA 296 -39.68 47.29 -84.46
C ASP BA 296 -40.40 46.56 -83.35
N VAL BA 297 -41.71 46.32 -83.48
CA VAL BA 297 -42.45 45.58 -82.46
C VAL BA 297 -42.43 44.08 -82.71
N THR BA 298 -41.94 43.66 -83.85
CA THR BA 298 -41.82 42.22 -84.07
C THR BA 298 -40.46 41.70 -83.65
N ALA BA 299 -39.50 42.60 -83.46
CA ALA BA 299 -38.21 42.20 -82.93
C ALA BA 299 -38.32 41.88 -81.45
N ALA BA 300 -39.28 42.49 -80.77
CA ALA BA 300 -39.50 42.12 -79.37
C ALA BA 300 -40.61 41.11 -79.20
N GLY BA 301 -41.58 41.06 -80.13
CA GLY BA 301 -42.56 40.00 -80.01
C GLY BA 301 -42.03 38.63 -80.36
N GLN BA 302 -40.97 38.55 -81.16
CA GLN BA 302 -40.42 37.24 -81.42
C GLN BA 302 -39.50 36.79 -80.32
N ALA BA 303 -38.92 37.73 -79.58
CA ALA BA 303 -38.06 37.33 -78.47
C ALA BA 303 -38.90 36.98 -77.26
N GLU BA 304 -40.06 37.60 -77.12
CA GLU BA 304 -40.93 37.23 -76.00
C GLU BA 304 -41.61 35.89 -76.29
N ALA BA 305 -42.03 35.67 -77.54
CA ALA BA 305 -42.66 34.40 -77.85
C ALA BA 305 -41.65 33.27 -77.83
N GLY BA 306 -40.40 33.52 -78.20
CA GLY BA 306 -39.43 32.45 -78.07
C GLY BA 306 -38.99 32.23 -76.64
N LEU BA 307 -39.13 33.23 -75.78
CA LEU BA 307 -38.76 33.04 -74.39
C LEU BA 307 -39.88 32.46 -73.56
N LYS BA 308 -41.10 32.42 -74.09
CA LYS BA 308 -42.18 31.80 -73.32
C LYS BA 308 -42.39 30.34 -73.68
N GLN BA 309 -41.93 29.90 -74.85
CA GLN BA 309 -42.07 28.50 -75.22
C GLN BA 309 -41.16 27.59 -74.42
N GLN BA 310 -40.01 28.08 -73.99
CA GLN BA 310 -39.10 27.24 -73.23
C GLN BA 310 -39.39 27.22 -71.73
N ALA BA 311 -40.44 27.93 -71.28
CA ALA BA 311 -40.84 27.99 -69.87
C ALA BA 311 -39.71 28.50 -68.98
N LEU BA 312 -39.20 29.64 -69.32
CA LEU BA 312 -38.09 30.20 -68.58
C LEU BA 312 -38.56 31.39 -67.75
N PRO BA 313 -38.11 31.51 -66.50
CA PRO BA 313 -38.45 32.71 -65.74
C PRO BA 313 -37.63 33.88 -66.23
N TYR BA 314 -38.28 35.03 -66.34
CA TYR BA 314 -37.63 36.19 -66.92
C TYR BA 314 -38.28 37.46 -66.41
N SER BA 315 -37.64 38.58 -66.72
CA SER BA 315 -38.16 39.88 -66.29
C SER BA 315 -37.84 40.89 -67.36
N ARG BA 316 -38.88 41.32 -68.09
CA ARG BA 316 -38.75 42.30 -69.15
C ARG BA 316 -38.59 43.70 -68.59
N ARG BA 317 -37.66 44.46 -69.15
CA ARG BA 317 -37.41 45.85 -68.77
C ARG BA 317 -37.48 46.71 -70.03
N ASN BA 318 -38.65 47.31 -70.27
CA ASN BA 318 -38.81 48.21 -71.39
C ASN BA 318 -38.18 49.55 -71.04
N HIS BA 319 -37.34 50.08 -71.93
CA HIS BA 319 -36.92 51.46 -71.82
C HIS BA 319 -36.69 52.03 -73.22
N LYS BA 320 -36.34 53.30 -73.28
CA LYS BA 320 -36.28 54.02 -74.56
C LYS BA 320 -35.05 53.61 -75.36
N GLY BA 321 -35.29 53.04 -76.53
CA GLY BA 321 -34.22 52.67 -77.44
C GLY BA 321 -33.58 51.33 -77.15
N GLY BA 322 -34.36 50.32 -76.85
CA GLY BA 322 -33.86 48.98 -76.60
C GLY BA 322 -34.54 48.39 -75.38
N VAL BA 323 -34.74 47.08 -75.42
CA VAL BA 323 -35.34 46.38 -74.29
C VAL BA 323 -34.33 45.42 -73.66
N THR BA 324 -34.72 44.84 -72.51
CA THR BA 324 -33.78 43.98 -71.82
C THR BA 324 -34.52 42.90 -71.06
N PHE BA 325 -34.17 41.63 -71.32
CA PHE BA 325 -34.73 40.52 -70.59
C PHE BA 325 -33.69 39.96 -69.64
N VAL BA 326 -34.05 39.88 -68.36
CA VAL BA 326 -33.15 39.44 -67.31
C VAL BA 326 -33.62 38.07 -66.83
N ILE BA 327 -32.78 37.06 -67.02
CA ILE BA 327 -33.05 35.69 -66.56
C ILE BA 327 -32.14 35.43 -65.37
N GLN BA 328 -32.65 35.64 -64.17
CA GLN BA 328 -31.87 35.48 -62.95
C GLN BA 328 -32.37 34.28 -62.18
N GLY BA 329 -31.79 34.06 -61.00
CA GLY BA 329 -32.19 32.96 -60.15
C GLY BA 329 -31.35 31.72 -60.41
N ALA BA 330 -31.46 30.76 -59.50
CA ALA BA 330 -30.69 29.53 -59.65
C ALA BA 330 -31.41 28.61 -60.65
N LEU BA 331 -30.98 28.65 -61.91
CA LEU BA 331 -31.51 27.77 -62.93
C LEU BA 331 -30.79 26.43 -62.89
N ASP BA 332 -31.42 25.39 -63.42
CA ASP BA 332 -30.70 24.13 -63.49
C ASP BA 332 -30.13 23.87 -64.89
N ASP BA 333 -29.57 22.68 -65.06
CA ASP BA 333 -28.76 22.37 -66.24
C ASP BA 333 -29.53 22.13 -67.52
N VAL BA 334 -30.83 21.83 -67.47
CA VAL BA 334 -31.49 21.60 -68.74
C VAL BA 334 -32.11 22.89 -69.25
N GLU BA 335 -32.32 23.86 -68.37
CA GLU BA 335 -32.78 25.15 -68.83
C GLU BA 335 -31.63 26.09 -69.11
N ILE BA 336 -30.41 25.76 -68.70
CA ILE BA 336 -29.28 26.57 -69.14
C ILE BA 336 -28.99 26.24 -70.60
N LEU BA 337 -29.07 24.97 -70.96
CA LEU BA 337 -28.83 24.57 -72.34
C LEU BA 337 -29.97 25.02 -73.23
N ARG BA 338 -31.21 24.96 -72.69
CA ARG BA 338 -32.35 25.31 -73.52
C ARG BA 338 -32.45 26.82 -73.69
N ALA BA 339 -31.84 27.61 -72.80
CA ALA BA 339 -31.82 29.05 -73.00
C ALA BA 339 -30.66 29.45 -73.90
N ARG BA 340 -29.52 28.77 -73.77
CA ARG BA 340 -28.37 29.11 -74.59
C ARG BA 340 -28.55 28.71 -76.04
N GLN BA 341 -29.40 27.71 -76.32
CA GLN BA 341 -29.64 27.37 -77.70
C GLN BA 341 -30.58 28.34 -78.37
N PHE BA 342 -31.27 29.16 -77.60
CA PHE BA 342 -32.18 30.13 -78.16
C PHE BA 342 -31.50 31.47 -78.31
N VAL BA 343 -30.67 31.86 -77.34
CA VAL BA 343 -29.97 33.13 -77.46
C VAL BA 343 -28.92 33.09 -78.57
N ASP BA 344 -28.21 31.96 -78.71
CA ASP BA 344 -27.21 31.89 -79.77
C ASP BA 344 -27.82 31.77 -81.15
N SER BA 345 -29.09 31.39 -81.24
CA SER BA 345 -29.78 31.35 -82.52
C SER BA 345 -30.62 32.59 -82.76
N TYR BA 346 -30.82 33.41 -81.75
CA TYR BA 346 -31.48 34.68 -81.98
C TYR BA 346 -30.48 35.75 -82.38
N TYR BA 347 -29.26 35.67 -81.84
CA TYR BA 347 -28.24 36.64 -82.21
C TYR BA 347 -27.80 36.47 -83.66
N ARG BA 348 -27.97 35.29 -84.23
CA ARG BA 348 -27.55 35.08 -85.61
C ARG BA 348 -28.46 35.83 -86.57
N THR BA 349 -29.74 35.94 -86.25
CA THR BA 349 -30.68 36.51 -87.21
C THR BA 349 -31.09 37.94 -86.89
N TRP BA 350 -31.04 38.37 -85.64
CA TRP BA 350 -31.50 39.70 -85.30
C TRP BA 350 -30.42 40.64 -84.76
N GLY BA 351 -29.31 40.12 -84.28
CA GLY BA 351 -28.27 40.97 -83.73
C GLY BA 351 -28.60 41.42 -82.32
N GLY BA 352 -27.56 41.77 -81.58
CA GLY BA 352 -27.71 42.17 -80.19
C GLY BA 352 -27.62 43.65 -79.97
N ARG BA 353 -28.22 44.45 -80.85
CA ARG BA 353 -28.15 45.89 -80.73
C ARG BA 353 -29.44 46.54 -80.23
N TYR BA 354 -30.55 45.80 -80.17
CA TYR BA 354 -31.82 46.32 -79.68
C TYR BA 354 -32.27 45.64 -78.40
N VAL BA 355 -32.35 44.32 -78.39
CA VAL BA 355 -32.83 43.55 -77.27
C VAL BA 355 -31.65 42.84 -76.64
N GLN BA 356 -31.51 42.96 -75.31
CA GLN BA 356 -30.35 42.42 -74.62
C GLN BA 356 -30.79 41.34 -73.62
N PHE BA 357 -30.15 40.17 -73.71
CA PHE BA 357 -30.39 39.08 -72.77
C PHE BA 357 -29.33 39.07 -71.67
N ALA BA 358 -29.77 38.94 -70.43
CA ALA BA 358 -28.90 38.95 -69.26
C ALA BA 358 -29.11 37.67 -68.48
N ILE BA 359 -28.38 36.61 -68.84
CA ILE BA 359 -28.44 35.36 -68.10
C ILE BA 359 -27.50 35.44 -66.91
N GLU BA 360 -28.03 35.19 -65.71
CA GLU BA 360 -27.26 35.39 -64.49
C GLU BA 360 -27.62 34.28 -63.51
N LEU BA 361 -26.68 33.38 -63.27
CA LEU BA 361 -26.89 32.25 -62.37
C LEU BA 361 -26.34 32.60 -61.01
N LYS BA 362 -27.22 32.92 -60.06
CA LYS BA 362 -26.79 33.22 -58.70
C LYS BA 362 -27.73 32.54 -57.71
N ASP BA 363 -27.20 32.37 -56.50
CA ASP BA 363 -27.83 31.56 -55.46
C ASP BA 363 -28.93 32.36 -54.76
N ASP BA 364 -29.45 31.79 -53.67
CA ASP BA 364 -30.53 32.41 -52.92
C ASP BA 364 -29.99 33.55 -52.08
N TRP BA 365 -30.40 34.76 -52.40
CA TRP BA 365 -30.09 35.91 -51.57
C TRP BA 365 -30.82 35.74 -50.24
N LEU BA 366 -30.16 36.18 -49.16
CA LEU BA 366 -30.63 35.97 -47.78
C LEU BA 366 -30.84 34.48 -47.50
N LYS BA 367 -29.68 33.79 -47.44
CA LYS BA 367 -29.55 32.34 -47.59
C LYS BA 367 -30.55 31.54 -46.76
N GLY BA 368 -30.49 31.68 -45.45
CA GLY BA 368 -31.43 30.99 -44.60
C GLY BA 368 -32.14 31.95 -43.68
N ARG BA 369 -32.35 33.17 -44.15
CA ARG BA 369 -32.89 34.24 -43.32
C ARG BA 369 -34.37 34.43 -43.64
N SER BA 370 -35.13 34.78 -42.63
CA SER BA 370 -36.54 35.08 -42.77
C SER BA 370 -36.75 36.59 -42.78
N PHE BA 371 -37.32 37.12 -43.85
CA PHE BA 371 -37.46 38.55 -44.03
C PHE BA 371 -38.93 38.93 -44.15
N GLN BA 372 -39.19 40.24 -44.20
CA GLN BA 372 -40.53 40.79 -44.18
C GLN BA 372 -40.60 41.86 -45.27
N TYR BA 373 -41.08 41.47 -46.44
CA TYR BA 373 -40.93 42.29 -47.64
C TYR BA 373 -41.97 43.39 -47.72
N GLY BA 374 -41.59 44.47 -48.38
CA GLY BA 374 -42.54 45.47 -48.84
C GLY BA 374 -42.66 46.70 -47.99
N ALA BA 375 -41.92 47.75 -48.37
CA ALA BA 375 -42.10 49.14 -47.95
C ALA BA 375 -41.78 49.42 -46.48
N GLU BA 376 -41.63 48.38 -45.68
CA GLU BA 376 -41.12 48.46 -44.31
C GLU BA 376 -40.48 47.10 -44.04
N GLY BA 377 -39.19 46.99 -44.29
CA GLY BA 377 -38.52 45.71 -44.36
C GLY BA 377 -37.53 45.52 -43.23
N TYR BA 378 -37.37 44.27 -42.81
CA TYR BA 378 -36.31 43.93 -41.88
C TYR BA 378 -35.90 42.49 -42.12
N ILE BA 379 -34.62 42.22 -41.95
CA ILE BA 379 -34.11 40.87 -42.07
C ILE BA 379 -33.72 40.38 -40.68
N LYS BA 380 -34.13 39.18 -40.34
CA LYS BA 380 -33.82 38.61 -39.04
C LYS BA 380 -32.59 37.73 -39.16
N MET BA 381 -31.48 38.19 -38.59
CA MET BA 381 -30.28 37.36 -38.69
C MET BA 381 -30.24 36.30 -37.61
N SER BA 382 -31.03 36.47 -36.57
CA SER BA 382 -31.12 35.55 -35.45
C SER BA 382 -32.54 35.69 -34.94
N PRO BA 383 -32.95 34.85 -33.99
CA PRO BA 383 -34.22 35.14 -33.30
C PRO BA 383 -34.22 36.45 -32.54
N GLY BA 384 -33.06 36.97 -32.13
CA GLY BA 384 -33.06 38.24 -31.44
C GLY BA 384 -32.17 39.28 -32.10
N HIS BA 385 -32.15 39.31 -33.42
CA HIS BA 385 -31.28 40.25 -34.14
C HIS BA 385 -32.02 40.73 -35.38
N TRP BA 386 -32.24 42.04 -35.45
CA TRP BA 386 -32.92 42.71 -36.55
C TRP BA 386 -31.96 43.58 -37.34
N TYR BA 387 -32.05 43.48 -38.65
CA TYR BA 387 -31.26 44.29 -39.57
C TYR BA 387 -32.24 45.10 -40.40
N PHE BA 388 -31.97 46.40 -40.57
CA PHE BA 388 -32.88 47.29 -41.28
C PHE BA 388 -32.15 47.89 -42.48
N PRO BA 389 -31.91 47.11 -43.53
CA PRO BA 389 -31.35 47.68 -44.76
C PRO BA 389 -32.46 48.21 -45.63
N SER BA 390 -32.12 48.53 -46.87
CA SER BA 390 -33.01 48.87 -47.98
C SER BA 390 -34.25 47.98 -48.02
N PRO BA 391 -35.44 48.52 -48.37
CA PRO BA 391 -36.68 47.75 -48.16
C PRO BA 391 -36.76 46.54 -49.06
N LEU BA 392 -36.64 45.38 -48.43
CA LEU BA 392 -36.61 44.12 -49.15
C LEU BA 392 -38.00 43.72 -49.63
N ALA CA 171 14.75 49.29 -103.37
CA ALA CA 171 13.90 48.64 -102.39
C ALA CA 171 12.89 49.63 -101.81
N GLU CA 172 11.65 49.55 -102.28
CA GLU CA 172 10.58 50.41 -101.80
C GLU CA 172 10.16 49.98 -100.40
N LEU CA 173 9.46 50.88 -99.70
CA LEU CA 173 9.22 50.71 -98.27
C LEU CA 173 8.14 49.68 -98.00
N ASP CA 174 7.09 49.65 -98.82
CA ASP CA 174 5.93 48.80 -98.58
C ASP CA 174 6.18 47.33 -98.92
N SER CA 175 7.37 46.97 -99.38
CA SER CA 175 7.76 45.58 -99.51
C SER CA 175 8.66 45.13 -98.38
N LEU CA 176 9.22 46.05 -97.61
CA LEU CA 176 10.01 45.68 -96.44
C LEU CA 176 9.14 45.28 -95.26
N LEU CA 177 7.84 45.56 -95.31
CA LEU CA 177 6.93 45.13 -94.27
C LEU CA 177 6.51 43.69 -94.52
N GLY CA 178 5.45 43.24 -93.86
CA GLY CA 178 5.07 41.85 -93.94
C GLY CA 178 4.51 41.43 -95.29
N GLN CA 179 3.93 40.24 -95.28
CA GLN CA 179 3.46 39.61 -96.50
C GLN CA 179 2.19 40.27 -97.01
N GLU CA 180 1.23 40.50 -96.11
CA GLU CA 180 -0.03 41.13 -96.48
C GLU CA 180 0.08 42.64 -96.45
N LYS CA 181 -0.26 43.28 -97.56
CA LYS CA 181 -0.26 44.74 -97.61
C LYS CA 181 -1.65 45.30 -97.30
N GLU CA 182 -2.24 44.85 -96.21
CA GLU CA 182 -3.60 45.29 -95.90
C GLU CA 182 -3.64 45.86 -94.51
N ARG CA 183 -2.78 45.38 -93.61
CA ARG CA 183 -2.72 45.91 -92.27
C ARG CA 183 -1.82 47.12 -92.16
N PHE CA 184 -1.31 47.64 -93.27
CA PHE CA 184 -0.50 48.84 -93.27
C PHE CA 184 -0.86 49.71 -94.46
N GLN CA 185 -0.59 51.00 -94.31
CA GLN CA 185 -0.86 51.97 -95.36
C GLN CA 185 0.18 53.08 -95.29
N VAL CA 186 0.91 53.26 -96.38
CA VAL CA 186 2.01 54.21 -96.44
C VAL CA 186 1.50 55.48 -97.13
N LEU CA 187 1.65 56.62 -96.46
CA LEU CA 187 1.17 57.89 -96.94
C LEU CA 187 2.35 58.83 -97.18
N PRO CA 188 2.46 59.45 -98.35
CA PRO CA 188 3.53 60.44 -98.57
C PRO CA 188 3.19 61.79 -97.95
N GLY CA 189 4.14 62.37 -97.21
CA GLY CA 189 3.93 63.65 -96.59
C GLY CA 189 4.28 64.80 -97.51
N ARG CA 190 4.21 66.00 -96.95
CA ARG CA 190 4.58 67.22 -97.63
C ARG CA 190 5.95 67.74 -97.22
N ASP CA 191 6.60 67.09 -96.26
CA ASP CA 191 7.93 67.47 -95.82
C ASP CA 191 8.94 66.39 -96.14
N LYS CA 192 8.70 65.68 -97.25
CA LYS CA 192 9.53 64.58 -97.77
C LYS CA 192 9.71 63.48 -96.71
N MET CA 193 8.60 62.88 -96.32
CA MET CA 193 8.65 61.86 -95.29
C MET CA 193 7.49 60.89 -95.47
N LEU CA 194 7.77 59.61 -95.30
CA LEU CA 194 6.76 58.59 -95.51
C LEU CA 194 6.19 58.16 -94.16
N TYR CA 195 4.87 58.18 -94.05
CA TYR CA 195 4.20 57.85 -92.80
C TYR CA 195 3.52 56.50 -92.97
N VAL CA 196 3.83 55.59 -92.07
CA VAL CA 196 3.21 54.27 -92.04
C VAL CA 196 2.14 54.34 -90.98
N ALA CA 197 0.95 53.85 -91.29
CA ALA CA 197 -0.15 54.00 -90.35
C ALA CA 197 -0.57 52.63 -89.87
N ALA CA 198 -0.23 52.31 -88.62
CA ALA CA 198 -0.70 51.05 -88.07
C ALA CA 198 -2.09 51.23 -87.46
N GLN CA 199 -2.57 50.21 -86.77
CA GLN CA 199 -3.88 50.30 -86.14
C GLN CA 199 -3.91 49.79 -84.72
N ASN CA 200 -2.81 49.24 -84.22
CA ASN CA 200 -2.67 48.92 -82.81
C ASN CA 200 -1.19 48.94 -82.45
N GLU CA 201 -0.88 48.64 -81.20
CA GLU CA 201 0.49 48.76 -80.76
C GLU CA 201 1.34 47.59 -81.23
N ARG CA 202 0.73 46.44 -81.50
CA ARG CA 202 1.51 45.31 -81.95
C ARG CA 202 1.96 45.53 -83.38
N ASP CA 203 1.06 46.04 -84.22
CA ASP CA 203 1.49 46.35 -85.57
C ASP CA 203 2.25 47.67 -85.62
N THR CA 204 2.30 48.42 -84.52
CA THR CA 204 3.16 49.59 -84.51
C THR CA 204 4.59 49.19 -84.22
N LEU CA 205 4.77 48.25 -83.28
CA LEU CA 205 6.10 47.73 -83.01
C LEU CA 205 6.62 46.84 -84.13
N TRP CA 206 5.72 46.29 -84.95
CA TRP CA 206 6.12 45.51 -86.11
C TRP CA 206 6.75 46.40 -87.16
N ALA CA 207 6.32 47.64 -87.26
CA ALA CA 207 6.86 48.56 -88.24
C ALA CA 207 7.98 49.41 -87.67
N ARG CA 208 8.01 49.60 -86.35
CA ARG CA 208 9.14 50.30 -85.77
C ARG CA 208 10.39 49.46 -85.71
N GLN CA 209 10.27 48.13 -85.72
CA GLN CA 209 11.48 47.32 -85.73
C GLN CA 209 12.23 47.40 -87.06
N VAL CA 210 11.50 47.59 -88.15
CA VAL CA 210 12.11 47.72 -89.47
C VAL CA 210 12.92 49.00 -89.55
N LEU CA 211 12.32 50.13 -89.18
CA LEU CA 211 13.05 51.38 -89.29
C LEU CA 211 14.11 51.50 -88.21
N ALA CA 212 13.99 50.75 -87.10
CA ALA CA 212 14.98 50.84 -86.05
C ALA CA 212 16.25 50.08 -86.43
N ARG CA 213 16.12 48.93 -87.10
CA ARG CA 213 17.36 48.28 -87.53
C ARG CA 213 17.96 48.95 -88.75
N GLY CA 214 17.21 49.84 -89.41
CA GLY CA 214 17.80 50.75 -90.37
C GLY CA 214 18.00 50.21 -91.76
N ASP CA 215 17.09 49.34 -92.23
CA ASP CA 215 17.16 48.90 -93.62
C ASP CA 215 16.25 49.74 -94.52
N TYR CA 216 16.44 51.05 -94.44
CA TYR CA 216 15.78 52.00 -95.31
C TYR CA 216 16.65 53.25 -95.38
N ASP CA 217 16.75 53.82 -96.57
CA ASP CA 217 17.72 54.88 -96.84
C ASP CA 217 17.15 56.29 -96.65
N LYS CA 218 15.97 56.43 -96.06
CA LYS CA 218 15.40 57.76 -95.86
C LYS CA 218 14.77 57.83 -94.48
N ASN CA 219 14.09 58.95 -94.23
CA ASN CA 219 13.35 59.17 -93.00
C ASN CA 219 11.91 58.72 -93.16
N ALA CA 220 11.37 58.09 -92.12
CA ALA CA 220 10.02 57.57 -92.17
C ALA CA 220 9.47 57.51 -90.75
N ARG CA 221 8.21 57.92 -90.60
CA ARG CA 221 7.58 57.88 -89.29
C ARG CA 221 6.45 56.85 -89.30
N VAL CA 222 6.11 56.40 -88.11
CA VAL CA 222 5.02 55.46 -87.86
C VAL CA 222 3.95 56.10 -86.96
N ILE CA 223 2.73 56.18 -87.46
CA ILE CA 223 1.68 56.82 -86.71
C ILE CA 223 0.67 55.78 -86.24
N ASN CA 224 -0.24 56.24 -85.40
CA ASN CA 224 -1.21 55.44 -84.69
C ASN CA 224 -2.39 56.34 -84.34
N GLU CA 225 -3.48 55.72 -83.91
CA GLU CA 225 -4.64 56.51 -83.53
C GLU CA 225 -4.59 57.02 -82.10
N ASN CA 226 -3.84 56.37 -81.22
CA ASN CA 226 -3.74 56.82 -79.83
C ASN CA 226 -2.68 57.89 -79.63
N GLU CA 227 -1.45 57.62 -80.03
CA GLU CA 227 -0.40 58.57 -79.68
C GLU CA 227 -0.42 59.80 -80.57
N GLU CA 228 -1.12 59.75 -81.70
CA GLU CA 228 -1.29 60.97 -82.47
C GLU CA 228 -2.62 61.63 -82.17
N ASN CA 229 -3.34 61.11 -81.18
CA ASN CA 229 -4.45 61.81 -80.58
C ASN CA 229 -4.08 62.38 -79.23
N LYS CA 230 -2.98 61.88 -78.65
CA LYS CA 230 -2.39 62.49 -77.46
C LYS CA 230 -1.23 63.41 -77.78
N ARG CA 231 -0.80 63.50 -79.03
CA ARG CA 231 0.29 64.43 -79.30
C ARG CA 231 -0.24 65.83 -79.59
N ILE CA 232 -1.28 65.95 -80.41
CA ILE CA 232 -1.86 67.26 -80.70
C ILE CA 232 -3.01 67.57 -79.76
N SER CA 233 -3.10 66.82 -78.66
CA SER CA 233 -3.92 67.22 -77.54
C SER CA 233 -3.07 67.81 -76.43
N ILE CA 234 -1.76 67.68 -76.53
CA ILE CA 234 -0.84 68.39 -75.64
C ILE CA 234 -0.54 69.77 -76.18
N TRP CA 235 -0.40 69.87 -77.51
CA TRP CA 235 -0.30 71.16 -78.16
C TRP CA 235 -1.57 71.98 -78.01
N LEU CA 236 -2.72 71.32 -77.98
CA LEU CA 236 -3.96 72.09 -77.97
C LEU CA 236 -4.28 72.67 -76.61
N ASP CA 237 -3.65 72.16 -75.55
CA ASP CA 237 -3.83 72.66 -74.20
C ASP CA 237 -2.69 73.56 -73.76
N THR CA 238 -2.05 74.19 -74.69
CA THR CA 238 -1.05 75.22 -74.44
C THR CA 238 -1.39 76.47 -75.22
N TYR CA 239 -1.89 76.31 -76.45
CA TYR CA 239 -2.29 77.39 -77.31
C TYR CA 239 -3.79 77.63 -77.36
N TYR CA 240 -4.62 76.65 -77.02
CA TYR CA 240 -6.06 76.83 -76.99
C TYR CA 240 -6.66 76.25 -75.71
N PRO CA 241 -6.45 76.90 -74.58
CA PRO CA 241 -7.04 76.38 -73.34
C PRO CA 241 -8.53 76.69 -73.28
N GLN CA 242 -9.19 76.02 -72.33
CA GLN CA 242 -10.64 76.06 -72.14
C GLN CA 242 -11.38 75.71 -73.42
N LEU CA 243 -10.94 74.62 -74.07
CA LEU CA 243 -11.60 74.14 -75.27
C LEU CA 243 -12.34 72.86 -74.92
N ALA CA 244 -13.43 72.62 -75.63
CA ALA CA 244 -14.29 71.46 -75.39
C ALA CA 244 -14.31 70.64 -76.68
N TYR CA 245 -13.50 69.59 -76.71
CA TYR CA 245 -13.48 68.69 -77.85
C TYR CA 245 -13.59 67.27 -77.33
N TYR CA 246 -13.81 66.33 -78.25
CA TYR CA 246 -13.97 64.94 -77.86
C TYR CA 246 -12.85 64.05 -78.37
N ARG CA 247 -12.67 63.99 -79.69
CA ARG CA 247 -11.75 63.05 -80.29
C ARG CA 247 -11.49 63.47 -81.71
N ILE CA 248 -10.38 62.98 -82.26
CA ILE CA 248 -10.03 63.15 -83.66
C ILE CA 248 -10.09 61.80 -84.32
N HIS CA 249 -10.96 61.65 -85.32
CA HIS CA 249 -11.22 60.35 -85.91
C HIS CA 249 -10.41 60.19 -87.18
N PHE CA 250 -9.68 59.07 -87.26
CA PHE CA 250 -8.78 58.80 -88.36
C PHE CA 250 -9.21 57.59 -89.16
N ASP CA 251 -10.49 57.48 -89.48
CA ASP CA 251 -10.94 56.33 -90.27
C ASP CA 251 -10.40 56.37 -91.69
N GLU CA 252 -10.20 57.55 -92.25
CA GLU CA 252 -9.40 57.70 -93.47
C GLU CA 252 -8.36 58.77 -93.18
N PRO CA 253 -7.07 58.45 -93.30
CA PRO CA 253 -6.03 59.35 -92.79
C PRO CA 253 -5.76 60.55 -93.67
N ARG CA 254 -6.36 60.63 -94.85
CA ARG CA 254 -6.19 61.81 -95.69
C ARG CA 254 -7.21 62.88 -95.39
N LYS CA 255 -8.25 62.57 -94.64
CA LYS CA 255 -9.27 63.55 -94.25
C LYS CA 255 -9.79 63.21 -92.87
N PRO CA 256 -9.10 63.63 -91.82
CA PRO CA 256 -9.57 63.34 -90.47
C PRO CA 256 -10.74 64.23 -90.09
N VAL CA 257 -11.52 63.75 -89.12
CA VAL CA 257 -12.71 64.43 -88.61
C VAL CA 257 -12.48 64.88 -87.18
N PHE CA 258 -12.74 66.16 -86.90
CA PHE CA 258 -12.55 66.76 -85.59
C PHE CA 258 -13.92 67.04 -84.98
N TRP CA 259 -14.26 66.32 -83.92
CA TRP CA 259 -15.54 66.44 -83.25
C TRP CA 259 -15.46 67.54 -82.17
N LEU CA 260 -16.26 68.58 -82.33
CA LEU CA 260 -16.24 69.71 -81.40
C LEU CA 260 -17.56 69.82 -80.67
N SER CA 261 -17.53 70.42 -79.48
CA SER CA 261 -18.75 70.59 -78.71
C SER CA 261 -19.47 71.86 -79.16
N ARG CA 262 -20.80 71.79 -79.17
CA ARG CA 262 -21.59 72.90 -79.69
C ARG CA 262 -21.96 73.92 -78.64
N GLN CA 263 -22.11 73.52 -77.37
CA GLN CA 263 -22.64 74.40 -76.34
C GLN CA 263 -21.61 74.93 -75.38
N ARG CA 264 -20.36 74.46 -75.44
CA ARG CA 264 -19.34 74.92 -74.53
C ARG CA 264 -18.20 75.60 -75.26
N ASN CA 265 -18.49 76.20 -76.41
CA ASN CA 265 -17.48 76.94 -77.16
C ASN CA 265 -17.98 78.37 -77.40
N THR CA 266 -17.02 79.26 -77.64
CA THR CA 266 -17.31 80.64 -77.97
C THR CA 266 -16.84 81.01 -79.36
N MET CA 267 -16.21 80.10 -80.10
CA MET CA 267 -15.58 80.46 -81.36
C MET CA 267 -16.61 80.67 -82.45
N SER CA 268 -16.37 81.68 -83.27
CA SER CA 268 -17.20 81.91 -84.45
C SER CA 268 -16.62 81.18 -85.66
N LYS CA 269 -17.18 81.51 -86.83
CA LYS CA 269 -16.78 80.84 -88.06
C LYS CA 269 -15.48 81.36 -88.61
N LYS CA 270 -15.01 82.51 -88.13
CA LYS CA 270 -13.79 83.05 -88.70
C LYS CA 270 -12.58 82.43 -88.02
N GLU CA 271 -12.66 82.26 -86.70
CA GLU CA 271 -11.59 81.56 -86.00
C GLU CA 271 -11.79 80.06 -86.01
N LEU CA 272 -12.88 79.57 -86.63
CA LEU CA 272 -12.91 78.13 -86.84
C LEU CA 272 -12.06 77.75 -88.04
N GLU CA 273 -11.98 78.62 -89.04
CA GLU CA 273 -11.08 78.34 -90.14
C GLU CA 273 -9.63 78.55 -89.73
N VAL CA 274 -9.39 79.42 -88.74
CA VAL CA 274 -8.03 79.57 -88.22
C VAL CA 274 -7.62 78.31 -87.46
N LEU CA 275 -8.55 77.69 -86.73
CA LEU CA 275 -8.22 76.43 -86.09
C LEU CA 275 -8.04 75.31 -87.09
N SER CA 276 -8.82 75.33 -88.18
CA SER CA 276 -8.68 74.30 -89.20
C SER CA 276 -7.42 74.46 -90.03
N GLN CA 277 -6.87 75.67 -90.13
CA GLN CA 277 -5.63 75.86 -90.84
C GLN CA 277 -4.40 75.68 -89.96
N LYS CA 278 -4.55 75.87 -88.66
CA LYS CA 278 -3.43 75.66 -87.75
C LYS CA 278 -3.32 74.21 -87.30
N LEU CA 279 -4.39 73.43 -87.41
CA LEU CA 279 -4.26 72.00 -87.15
C LEU CA 279 -3.69 71.23 -88.34
N ARG CA 280 -3.85 71.77 -89.55
CA ARG CA 280 -3.27 71.10 -90.72
C ARG CA 280 -1.76 71.19 -90.74
N ALA CA 281 -1.18 72.26 -90.20
CA ALA CA 281 0.27 72.36 -90.18
C ALA CA 281 0.92 71.42 -89.16
N LEU CA 282 0.17 70.94 -88.18
CA LEU CA 282 0.76 69.95 -87.29
C LEU CA 282 0.85 68.57 -87.90
N MET CA 283 -0.09 68.22 -88.79
CA MET CA 283 -0.12 66.89 -89.39
C MET CA 283 0.22 67.04 -90.86
N PRO CA 284 1.46 66.81 -91.25
CA PRO CA 284 1.87 67.03 -92.65
C PRO CA 284 1.40 65.97 -93.62
N TYR CA 285 0.74 64.92 -93.13
CA TYR CA 285 0.21 63.89 -94.01
C TYR CA 285 -1.20 64.20 -94.49
N ALA CA 286 -1.96 64.96 -93.73
CA ALA CA 286 -3.35 65.17 -94.07
C ALA CA 286 -3.46 66.16 -95.22
N ASP CA 287 -4.66 66.32 -95.76
CA ASP CA 287 -4.92 67.30 -96.80
C ASP CA 287 -5.85 68.39 -96.32
N SER CA 288 -6.98 68.02 -95.75
CA SER CA 288 -7.91 68.97 -95.16
C SER CA 288 -8.56 68.29 -93.97
N VAL CA 289 -8.69 69.02 -92.88
CA VAL CA 289 -9.33 68.51 -91.67
C VAL CA 289 -10.78 68.97 -91.67
N ASN CA 290 -11.70 68.05 -91.44
CA ASN CA 290 -13.12 68.36 -91.46
C ASN CA 290 -13.55 68.54 -90.01
N ILE CA 291 -14.08 69.70 -89.68
CA ILE CA 291 -14.49 70.04 -88.32
C ILE CA 291 -16.00 70.02 -88.24
N THR CA 292 -16.55 69.07 -87.50
CA THR CA 292 -18.00 69.00 -87.32
C THR CA 292 -18.33 69.18 -85.84
N LEU CA 293 -19.54 69.68 -85.58
CA LEU CA 293 -20.00 70.04 -84.24
C LEU CA 293 -21.01 69.04 -83.71
N MET CA 294 -20.56 68.13 -82.87
CA MET CA 294 -21.50 67.22 -82.23
C MET CA 294 -22.22 67.94 -81.10
N ASP CA 295 -23.36 67.37 -80.71
CA ASP CA 295 -24.15 67.91 -79.62
C ASP CA 295 -23.57 67.50 -78.28
N ASP CA 296 -24.20 67.96 -77.20
CA ASP CA 296 -23.72 67.69 -75.86
C ASP CA 296 -24.72 66.96 -75.00
N VAL CA 297 -26.00 66.96 -75.37
CA VAL CA 297 -26.97 66.16 -74.64
C VAL CA 297 -26.96 64.72 -75.15
N THR CA 298 -26.67 64.52 -76.43
CA THR CA 298 -26.63 63.18 -77.01
C THR CA 298 -25.42 62.39 -76.55
N ALA CA 299 -24.37 63.08 -76.09
CA ALA CA 299 -23.21 62.41 -75.52
C ALA CA 299 -23.52 61.78 -74.18
N ALA CA 300 -24.40 62.39 -73.40
CA ALA CA 300 -24.80 61.75 -72.16
C ALA CA 300 -26.04 60.89 -72.33
N GLY CA 301 -26.82 61.12 -73.39
CA GLY CA 301 -27.96 60.28 -73.64
C GLY CA 301 -27.56 58.90 -74.13
N GLN CA 302 -26.54 58.82 -75.00
CA GLN CA 302 -26.10 57.50 -75.41
C GLN CA 302 -25.31 56.81 -74.32
N ALA CA 303 -24.76 57.57 -73.38
CA ALA CA 303 -24.01 57.00 -72.28
C ALA CA 303 -24.95 56.44 -71.22
N GLU CA 304 -26.14 57.00 -71.13
CA GLU CA 304 -27.08 56.45 -70.17
C GLU CA 304 -27.86 55.32 -70.81
N ALA CA 305 -28.29 55.48 -72.07
CA ALA CA 305 -29.08 54.44 -72.72
C ALA CA 305 -28.27 53.19 -73.01
N GLY CA 306 -26.95 53.29 -73.20
CA GLY CA 306 -26.18 52.07 -73.30
C GLY CA 306 -25.84 51.44 -71.97
N LEU CA 307 -25.90 52.22 -70.89
CA LEU CA 307 -25.63 51.67 -69.57
C LEU CA 307 -26.87 51.08 -68.91
N LYS CA 308 -28.06 51.52 -69.30
CA LYS CA 308 -29.27 50.92 -68.77
C LYS CA 308 -29.63 49.63 -69.50
N GLN CA 309 -29.13 49.45 -70.71
CA GLN CA 309 -29.45 48.25 -71.47
C GLN CA 309 -28.72 47.03 -70.94
N GLN CA 310 -27.55 47.22 -70.36
CA GLN CA 310 -26.80 46.11 -69.80
C GLN CA 310 -27.22 45.75 -68.38
N ALA CA 311 -28.23 46.44 -67.83
CA ALA CA 311 -28.80 46.19 -66.51
C ALA CA 311 -27.73 46.31 -65.42
N LEU CA 312 -27.07 47.44 -65.39
CA LEU CA 312 -26.04 47.64 -64.40
C LEU CA 312 -26.44 48.70 -63.39
N PRO CA 313 -26.05 48.53 -62.14
CA PRO CA 313 -26.29 49.59 -61.15
C PRO CA 313 -25.32 50.74 -61.40
N TYR CA 314 -25.82 51.96 -61.23
CA TYR CA 314 -25.01 53.15 -61.50
C TYR CA 314 -25.53 54.32 -60.71
N SER CA 315 -24.69 55.35 -60.59
CA SER CA 315 -25.04 56.56 -59.86
C SER CA 315 -24.49 57.74 -60.64
N ARG CA 316 -25.40 58.46 -61.30
CA ARG CA 316 -25.06 59.61 -62.14
C ARG CA 316 -24.90 60.87 -61.31
N ARG CA 317 -23.78 61.59 -61.51
CA ARG CA 317 -23.50 62.82 -60.76
C ARG CA 317 -23.32 63.95 -61.76
N ASN CA 318 -24.37 64.71 -62.01
CA ASN CA 318 -24.30 65.81 -62.98
C ASN CA 318 -23.64 67.03 -62.37
N HIS CA 319 -22.66 67.57 -63.08
CA HIS CA 319 -22.16 68.92 -62.81
C HIS CA 319 -21.75 69.55 -64.13
N LYS CA 320 -21.35 70.81 -64.07
CA LYS CA 320 -21.08 71.57 -65.30
C LYS CA 320 -19.76 71.15 -65.94
N GLY CA 321 -19.81 71.02 -67.26
CA GLY CA 321 -18.63 70.64 -68.03
C GLY CA 321 -18.20 69.21 -67.87
N GLY CA 322 -19.14 68.29 -67.65
CA GLY CA 322 -18.80 66.89 -67.56
C GLY CA 322 -19.60 66.13 -66.53
N VAL CA 323 -19.97 64.89 -66.85
CA VAL CA 323 -20.69 64.03 -65.93
C VAL CA 323 -19.83 62.84 -65.54
N THR CA 324 -20.27 62.13 -64.51
CA THR CA 324 -19.51 61.03 -63.94
C THR CA 324 -20.49 59.98 -63.47
N PHE CA 325 -20.28 58.76 -63.92
CA PHE CA 325 -21.09 57.63 -63.50
C PHE CA 325 -20.25 56.74 -62.61
N VAL CA 326 -20.77 56.45 -61.41
CA VAL CA 326 -20.07 55.65 -60.43
C VAL CA 326 -20.79 54.33 -60.28
N ILE CA 327 -20.04 53.24 -60.41
CA ILE CA 327 -20.54 51.88 -60.29
C ILE CA 327 -19.81 51.23 -59.12
N GLN CA 328 -20.47 51.19 -57.97
CA GLN CA 328 -19.84 50.71 -56.75
C GLN CA 328 -20.48 49.39 -56.36
N GLY CA 329 -20.07 48.86 -55.23
CA GLY CA 329 -20.72 47.71 -54.64
C GLY CA 329 -19.89 46.45 -54.80
N ALA CA 330 -20.50 45.33 -54.40
CA ALA CA 330 -19.89 44.02 -54.58
C ALA CA 330 -20.45 43.35 -55.83
N LEU CA 331 -20.00 43.84 -56.99
CA LEU CA 331 -20.46 43.30 -58.26
C LEU CA 331 -19.94 41.89 -58.47
N ASP CA 332 -20.68 41.08 -59.21
CA ASP CA 332 -20.22 39.74 -59.48
C ASP CA 332 -19.50 39.70 -60.83
N ASP CA 333 -19.18 38.48 -61.29
CA ASP CA 333 -18.29 38.32 -62.44
C ASP CA 333 -18.97 38.70 -63.76
N VAL CA 334 -20.27 38.43 -63.89
CA VAL CA 334 -20.91 38.71 -65.16
C VAL CA 334 -21.13 40.20 -65.30
N GLU CA 335 -21.46 40.85 -64.18
CA GLU CA 335 -21.66 42.29 -64.21
C GLU CA 335 -20.34 43.03 -64.39
N ILE CA 336 -19.23 42.41 -63.97
CA ILE CA 336 -17.92 43.02 -64.20
C ILE CA 336 -17.57 42.90 -65.68
N LEU CA 337 -17.86 41.75 -66.29
CA LEU CA 337 -17.46 41.56 -67.67
C LEU CA 337 -18.30 42.43 -68.59
N ARG CA 338 -19.61 42.55 -68.31
CA ARG CA 338 -20.46 43.41 -69.12
C ARG CA 338 -20.15 44.89 -68.90
N ALA CA 339 -19.72 45.28 -67.70
CA ALA CA 339 -19.39 46.69 -67.53
C ALA CA 339 -18.04 47.01 -68.15
N ARG CA 340 -17.13 46.04 -68.18
CA ARG CA 340 -15.82 46.28 -68.77
C ARG CA 340 -15.91 46.37 -70.29
N GLN CA 341 -16.77 45.57 -70.91
CA GLN CA 341 -16.85 45.63 -72.37
C GLN CA 341 -17.57 46.85 -72.91
N PHE CA 342 -18.28 47.60 -72.08
CA PHE CA 342 -19.00 48.76 -72.60
C PHE CA 342 -18.19 50.05 -72.57
N VAL CA 343 -17.38 50.25 -71.54
CA VAL CA 343 -16.54 51.45 -71.49
C VAL CA 343 -15.47 51.44 -72.56
N ASP CA 344 -14.94 50.26 -72.93
CA ASP CA 344 -13.92 50.22 -73.98
C ASP CA 344 -14.51 50.51 -75.35
N SER CA 345 -15.80 50.25 -75.54
CA SER CA 345 -16.44 50.59 -76.80
C SER CA 345 -16.99 51.99 -76.81
N TYR CA 346 -17.16 52.59 -75.64
CA TYR CA 346 -17.58 53.99 -75.61
C TYR CA 346 -16.39 54.95 -75.66
N TYR CA 347 -15.26 54.53 -75.11
CA TYR CA 347 -14.05 55.32 -75.12
C TYR CA 347 -13.46 55.44 -76.51
N ARG CA 348 -13.74 54.47 -77.38
CA ARG CA 348 -13.21 54.52 -78.73
C ARG CA 348 -13.90 55.63 -79.50
N THR CA 349 -15.21 55.76 -79.33
CA THR CA 349 -15.97 56.73 -80.07
C THR CA 349 -15.82 58.12 -79.50
N TRP CA 350 -15.98 58.26 -78.19
CA TRP CA 350 -16.02 59.62 -77.62
C TRP CA 350 -14.75 60.07 -76.93
N GLY CA 351 -14.04 59.19 -76.26
CA GLY CA 351 -12.87 59.69 -75.53
C GLY CA 351 -13.26 60.20 -74.16
N GLY CA 352 -12.30 60.10 -73.23
CA GLY CA 352 -12.63 60.44 -71.85
C GLY CA 352 -12.42 61.87 -71.42
N ARG CA 353 -12.85 62.82 -72.25
CA ARG CA 353 -12.76 64.23 -71.86
C ARG CA 353 -14.00 64.72 -71.13
N TYR CA 354 -15.18 64.27 -71.53
CA TYR CA 354 -16.43 64.79 -70.98
C TYR CA 354 -17.04 63.90 -69.91
N VAL CA 355 -17.31 62.65 -70.23
CA VAL CA 355 -18.02 61.73 -69.34
C VAL CA 355 -17.07 60.65 -68.84
N GLN CA 356 -17.09 60.40 -67.52
CA GLN CA 356 -16.11 59.50 -66.93
C GLN CA 356 -16.78 58.43 -66.07
N PHE CA 357 -16.32 57.18 -66.20
CA PHE CA 357 -16.83 56.05 -65.46
C PHE CA 357 -15.91 55.64 -64.32
N ALA CA 358 -16.50 55.07 -63.27
CA ALA CA 358 -15.84 54.90 -61.97
C ALA CA 358 -16.08 53.50 -61.39
N ILE CA 359 -15.83 52.44 -62.15
CA ILE CA 359 -16.07 51.07 -61.68
C ILE CA 359 -15.12 50.73 -60.52
N GLU CA 360 -15.70 50.42 -59.36
CA GLU CA 360 -14.90 50.05 -58.21
C GLU CA 360 -15.62 49.02 -57.36
N LEU CA 361 -14.86 48.14 -56.73
CA LEU CA 361 -15.39 47.02 -55.96
C LEU CA 361 -15.20 47.30 -54.47
N LYS CA 362 -16.32 47.35 -53.75
CA LYS CA 362 -16.34 47.37 -52.29
C LYS CA 362 -17.11 46.17 -51.77
N ASP CA 363 -17.34 46.14 -50.47
CA ASP CA 363 -18.01 45.03 -49.80
C ASP CA 363 -19.31 45.53 -49.18
N ASP CA 364 -20.36 45.56 -50.00
CA ASP CA 364 -21.72 45.80 -49.54
C ASP CA 364 -22.67 45.10 -50.50
N TRP CA 365 -23.63 44.35 -49.96
CA TRP CA 365 -24.55 43.59 -50.80
C TRP CA 365 -25.52 44.51 -51.52
N LEU CA 366 -25.81 45.67 -50.95
CA LEU CA 366 -26.52 46.74 -51.63
C LEU CA 366 -25.54 47.42 -52.58
N LYS CA 367 -25.68 47.16 -53.88
CA LYS CA 367 -24.69 47.60 -54.85
C LYS CA 367 -24.87 49.10 -55.08
N GLY CA 368 -24.31 49.88 -54.16
CA GLY CA 368 -24.24 51.32 -54.31
C GLY CA 368 -25.26 52.15 -53.56
N ARG CA 369 -26.51 51.71 -53.51
CA ARG CA 369 -27.55 52.53 -52.91
C ARG CA 369 -27.62 52.29 -51.41
N SER CA 370 -28.11 53.29 -50.69
CA SER CA 370 -28.19 53.19 -49.23
C SER CA 370 -29.34 54.05 -48.73
N PHE CA 371 -29.97 53.61 -47.65
CA PHE CA 371 -31.14 54.27 -47.09
C PHE CA 371 -30.97 54.48 -45.60
N GLN CA 372 -31.76 55.41 -45.07
CA GLN CA 372 -31.91 55.58 -43.63
C GLN CA 372 -33.40 55.54 -43.29
N TYR CA 373 -33.68 55.10 -42.07
CA TYR CA 373 -35.02 54.66 -41.69
C TYR CA 373 -35.44 55.38 -40.42
N GLY CA 374 -36.47 56.22 -40.52
CA GLY CA 374 -37.07 56.73 -39.30
C GLY CA 374 -38.47 57.26 -39.49
N ALA CA 375 -39.40 56.71 -38.68
CA ALA CA 375 -40.72 57.27 -38.37
C ALA CA 375 -41.70 57.34 -39.53
N GLU CA 376 -41.25 57.05 -40.76
CA GLU CA 376 -42.17 57.05 -41.88
C GLU CA 376 -41.94 55.94 -42.89
N GLY CA 377 -40.81 55.23 -42.84
CA GLY CA 377 -40.47 54.33 -43.92
C GLY CA 377 -39.02 54.57 -44.24
N TYR CA 378 -38.61 54.30 -45.48
CA TYR CA 378 -37.23 54.52 -45.87
C TYR CA 378 -37.12 55.81 -46.67
N ILE CA 379 -36.06 56.56 -46.41
CA ILE CA 379 -35.74 57.80 -47.10
C ILE CA 379 -34.42 57.63 -47.81
N LYS CA 380 -34.40 57.94 -49.10
CA LYS CA 380 -33.20 57.76 -49.90
C LYS CA 380 -32.17 58.82 -49.55
N MET CA 381 -31.00 58.37 -49.13
CA MET CA 381 -29.95 59.30 -48.71
C MET CA 381 -29.22 59.87 -49.91
N SER CA 382 -28.49 60.94 -49.64
CA SER CA 382 -27.70 61.59 -50.66
C SER CA 382 -26.50 60.72 -51.01
N PRO CA 383 -25.97 60.84 -52.24
CA PRO CA 383 -24.74 60.11 -52.59
C PRO CA 383 -23.53 60.65 -51.85
N GLY CA 384 -22.83 59.76 -51.12
CA GLY CA 384 -21.64 60.14 -50.40
C GLY CA 384 -20.53 59.12 -50.62
N HIS CA 385 -19.38 59.40 -50.00
CA HIS CA 385 -18.20 58.56 -50.14
C HIS CA 385 -18.13 57.43 -49.13
N TRP CA 386 -18.71 57.64 -47.95
CA TRP CA 386 -18.71 56.61 -46.92
C TRP CA 386 -19.81 55.61 -47.17
N TYR CA 387 -19.48 54.33 -46.96
CA TYR CA 387 -20.42 53.24 -47.15
C TYR CA 387 -20.54 52.40 -45.89
N PHE CA 388 -21.73 51.82 -45.73
CA PHE CA 388 -22.01 50.92 -44.62
C PHE CA 388 -21.59 49.51 -45.03
N PRO CA 389 -20.63 48.88 -44.37
CA PRO CA 389 -20.27 47.51 -44.73
C PRO CA 389 -21.41 46.54 -44.39
N SER CA 390 -21.47 45.45 -45.14
CA SER CA 390 -22.64 44.59 -45.08
C SER CA 390 -22.37 43.43 -44.15
N PRO CA 391 -23.14 43.24 -43.09
CA PRO CA 391 -23.07 41.96 -42.38
C PRO CA 391 -24.04 40.93 -42.98
N LEU CA 392 -23.51 39.80 -43.42
CA LEU CA 392 -24.34 38.71 -43.90
C LEU CA 392 -23.90 37.42 -43.22
N ALA DA 171 32.79 65.92 -88.30
CA ALA DA 171 31.53 65.53 -88.92
C ALA DA 171 30.36 66.32 -88.32
N GLU DA 172 29.18 66.20 -88.93
CA GLU DA 172 28.01 66.90 -88.42
C GLU DA 172 27.52 66.25 -87.15
N LEU DA 173 26.67 66.96 -86.41
CA LEU DA 173 26.22 66.51 -85.10
C LEU DA 173 25.09 65.49 -85.18
N ASP DA 174 24.18 65.65 -86.13
CA ASP DA 174 23.00 64.81 -86.23
C ASP DA 174 23.26 63.40 -86.75
N SER DA 175 24.44 63.11 -87.29
CA SER DA 175 24.69 61.72 -87.66
C SER DA 175 25.13 60.86 -86.48
N LEU DA 176 25.76 61.45 -85.47
CA LEU DA 176 26.22 60.68 -84.32
C LEU DA 176 25.12 60.25 -83.36
N LEU DA 177 23.93 60.80 -83.46
CA LEU DA 177 22.86 60.30 -82.60
C LEU DA 177 22.30 59.01 -83.19
N GLY DA 178 21.16 58.57 -82.69
CA GLY DA 178 20.64 57.27 -83.08
C GLY DA 178 20.13 57.21 -84.51
N GLN DA 179 19.60 56.03 -84.84
CA GLN DA 179 19.04 55.82 -86.17
C GLN DA 179 17.78 56.63 -86.36
N GLU DA 180 16.92 56.65 -85.34
CA GLU DA 180 15.69 57.44 -85.42
C GLU DA 180 16.08 58.90 -85.29
N LYS DA 181 16.14 59.61 -86.41
CA LYS DA 181 16.44 61.04 -86.38
C LYS DA 181 15.17 61.88 -86.32
N GLU DA 182 14.31 61.55 -85.38
CA GLU DA 182 13.03 62.22 -85.17
C GLU DA 182 12.85 62.67 -83.74
N ARG DA 183 13.35 61.91 -82.78
CA ARG DA 183 13.12 62.20 -81.36
C ARG DA 183 14.07 63.26 -80.80
N PHE DA 184 15.01 63.74 -81.60
CA PHE DA 184 15.89 64.83 -81.20
C PHE DA 184 15.72 65.98 -82.16
N GLN DA 185 16.23 67.15 -81.77
CA GLN DA 185 16.15 68.32 -82.64
C GLN DA 185 17.29 69.23 -82.26
N VAL DA 186 18.15 69.52 -83.23
CA VAL DA 186 19.39 70.27 -83.05
C VAL DA 186 19.17 71.72 -83.49
N LEU DA 187 19.27 72.63 -82.56
CA LEU DA 187 19.10 74.06 -82.76
C LEU DA 187 20.43 74.77 -82.79
N PRO DA 188 20.69 75.60 -83.80
CA PRO DA 188 21.94 76.37 -83.82
C PRO DA 188 21.84 77.55 -82.86
N GLY DA 189 22.88 77.73 -82.06
CA GLY DA 189 22.89 78.77 -81.05
C GLY DA 189 23.40 80.11 -81.56
N ARG DA 190 23.40 81.09 -80.64
CA ARG DA 190 23.89 82.43 -80.93
C ARG DA 190 25.31 82.64 -80.42
N ASP DA 191 25.73 81.87 -79.41
CA ASP DA 191 27.09 81.91 -78.89
C ASP DA 191 28.00 80.92 -79.59
N LYS DA 192 27.62 80.52 -80.82
CA LYS DA 192 28.35 79.56 -81.65
C LYS DA 192 28.51 78.24 -80.90
N MET DA 193 27.37 77.65 -80.54
CA MET DA 193 27.33 76.39 -79.78
C MET DA 193 25.98 75.75 -80.01
N LEU DA 194 25.98 74.54 -80.54
CA LEU DA 194 24.75 73.88 -80.93
C LEU DA 194 24.06 73.32 -79.70
N TYR DA 195 22.73 73.31 -79.73
CA TYR DA 195 21.94 72.85 -78.60
C TYR DA 195 21.09 71.69 -79.08
N VAL DA 196 21.07 70.60 -78.34
CA VAL DA 196 20.21 69.46 -78.66
C VAL DA 196 19.06 69.46 -77.66
N ALA DA 197 17.84 69.31 -78.15
CA ALA DA 197 16.66 69.46 -77.31
C ALA DA 197 16.00 68.10 -77.11
N ALA DA 198 16.30 67.47 -75.98
CA ALA DA 198 15.61 66.24 -75.59
C ALA DA 198 14.35 66.54 -74.79
N GLN DA 199 13.43 65.57 -74.77
CA GLN DA 199 12.12 65.77 -74.17
C GLN DA 199 11.92 65.03 -72.85
N ASN DA 200 12.86 64.18 -72.44
CA ASN DA 200 12.76 63.53 -71.14
C ASN DA 200 14.17 63.20 -70.66
N GLU DA 201 14.26 62.61 -69.48
CA GLU DA 201 15.55 62.39 -68.85
C GLU DA 201 16.31 61.24 -69.50
N ARG DA 202 15.60 60.27 -70.05
CA ARG DA 202 16.28 59.14 -70.64
C ARG DA 202 16.96 59.55 -71.95
N ASP DA 203 16.28 60.38 -72.74
CA ASP DA 203 16.95 60.85 -73.93
C ASP DA 203 17.88 62.01 -73.65
N THR DA 204 17.79 62.61 -72.46
CA THR DA 204 18.79 63.59 -72.09
C THR DA 204 20.09 62.91 -71.72
N LEU DA 205 20.01 61.74 -71.08
CA LEU DA 205 21.25 61.03 -70.82
C LEU DA 205 21.77 60.31 -72.06
N TRP DA 206 20.89 60.10 -73.05
CA TRP DA 206 21.32 59.50 -74.31
C TRP DA 206 22.13 60.52 -75.09
N ALA DA 207 21.71 61.77 -75.07
CA ALA DA 207 22.44 62.78 -75.82
C ALA DA 207 23.56 63.39 -75.00
N ARG DA 208 23.58 63.18 -73.68
CA ARG DA 208 24.70 63.69 -72.93
C ARG DA 208 25.89 62.74 -72.93
N GLN DA 209 25.65 61.43 -73.05
CA GLN DA 209 26.77 60.50 -73.14
C GLN DA 209 27.60 60.62 -74.43
N VAL DA 210 26.97 60.99 -75.55
CA VAL DA 210 27.70 61.17 -76.80
C VAL DA 210 28.67 62.35 -76.70
N LEU DA 211 28.20 63.47 -76.16
CA LEU DA 211 29.06 64.64 -76.03
C LEU DA 211 30.05 64.44 -74.90
N ALA DA 212 29.73 63.55 -73.95
CA ALA DA 212 30.57 63.35 -72.79
C ALA DA 212 31.80 62.51 -73.14
N ARG DA 213 31.66 61.51 -74.01
CA ARG DA 213 32.87 60.76 -74.35
C ARG DA 213 33.75 61.48 -75.35
N GLY DA 214 33.28 62.60 -75.90
CA GLY DA 214 34.14 63.52 -76.61
C GLY DA 214 34.36 63.23 -78.08
N ASP DA 215 33.42 62.61 -78.75
CA ASP DA 215 33.53 62.39 -80.19
C ASP DA 215 32.83 63.52 -80.95
N TYR DA 216 33.15 64.76 -80.59
CA TYR DA 216 32.68 65.91 -81.32
C TYR DA 216 33.65 67.05 -81.08
N ASP DA 217 34.16 67.62 -82.17
CA ASP DA 217 35.26 68.58 -82.08
C ASP DA 217 34.81 69.91 -81.52
N LYS DA 218 33.61 70.35 -81.83
CA LYS DA 218 33.15 71.64 -81.36
C LYS DA 218 32.51 71.49 -79.98
N ASN DA 219 31.89 72.56 -79.51
CA ASN DA 219 31.25 72.59 -78.20
C ASN DA 219 29.74 72.62 -78.39
N ALA DA 220 29.02 71.95 -77.50
CA ALA DA 220 27.59 71.86 -77.62
C ALA DA 220 26.98 71.66 -76.24
N ARG DA 221 25.66 71.79 -76.17
CA ARG DA 221 24.95 71.64 -74.91
C ARG DA 221 23.66 70.87 -75.16
N VAL DA 222 23.13 70.29 -74.08
CA VAL DA 222 21.89 69.53 -74.13
C VAL DA 222 20.85 70.20 -73.25
N ILE DA 223 19.75 70.66 -73.85
CA ILE DA 223 18.70 71.25 -73.07
C ILE DA 223 17.52 70.29 -73.00
N ASN DA 224 16.60 70.62 -72.11
CA ASN DA 224 15.46 69.82 -71.77
C ASN DA 224 14.31 70.78 -71.48
N GLU DA 225 13.17 70.23 -71.10
CA GLU DA 225 12.03 71.02 -70.68
C GLU DA 225 12.10 71.45 -69.20
N ASN DA 226 12.57 70.58 -68.32
CA ASN DA 226 12.49 70.87 -66.89
C ASN DA 226 13.66 71.69 -66.33
N GLU DA 227 14.91 71.32 -66.61
CA GLU DA 227 15.98 72.09 -65.97
C GLU DA 227 16.26 73.41 -66.65
N GLU DA 228 15.70 73.67 -67.82
CA GLU DA 228 15.71 75.04 -68.32
C GLU DA 228 14.53 75.83 -67.79
N ASN DA 229 13.68 75.19 -67.00
CA ASN DA 229 12.60 75.87 -66.31
C ASN DA 229 12.95 76.04 -64.85
N LYS DA 230 13.92 75.26 -64.36
CA LYS DA 230 14.48 75.50 -63.04
C LYS DA 230 15.72 76.37 -63.06
N ARG DA 231 16.35 76.58 -64.22
CA ARG DA 231 17.47 77.52 -64.27
C ARG DA 231 16.98 78.96 -64.39
N ILE DA 232 15.93 79.18 -65.18
CA ILE DA 232 15.43 80.53 -65.37
C ILE DA 232 14.53 80.96 -64.23
N SER DA 233 14.18 80.06 -63.33
CA SER DA 233 13.43 80.46 -62.17
C SER DA 233 14.36 80.64 -61.00
N ILE DA 234 15.61 80.25 -61.16
CA ILE DA 234 16.65 80.61 -60.21
C ILE DA 234 17.18 81.99 -60.57
N TRP DA 235 17.31 82.26 -61.87
CA TRP DA 235 17.62 83.63 -62.31
C TRP DA 235 16.49 84.61 -62.01
N LEU DA 236 15.23 84.15 -62.04
CA LEU DA 236 14.15 85.11 -61.95
C LEU DA 236 13.86 85.59 -60.54
N ASP DA 237 14.24 84.80 -59.52
CA ASP DA 237 14.01 85.18 -58.14
C ASP DA 237 15.23 85.78 -57.47
N THR DA 238 16.08 86.42 -58.24
CA THR DA 238 17.14 87.26 -57.73
C THR DA 238 17.05 88.65 -58.32
N TYR DA 239 16.76 88.77 -59.61
CA TYR DA 239 16.65 90.06 -60.27
C TYR DA 239 15.21 90.55 -60.36
N TYR DA 240 14.20 89.68 -60.34
CA TYR DA 240 12.81 90.11 -60.38
C TYR DA 240 11.98 89.43 -59.29
N PRO DA 241 12.17 89.81 -58.03
CA PRO DA 241 11.36 89.22 -56.97
C PRO DA 241 9.95 89.81 -57.01
N GLN DA 242 9.04 89.12 -56.31
CA GLN DA 242 7.61 89.44 -56.25
C GLN DA 242 6.97 89.46 -57.65
N LEU DA 243 7.29 88.44 -58.44
CA LEU DA 243 6.72 88.27 -59.76
C LEU DA 243 5.67 87.17 -59.74
N ALA DA 244 4.64 87.34 -60.54
CA ALA DA 244 3.53 86.37 -60.61
C ALA DA 244 3.57 85.68 -61.97
N TYR DA 245 4.11 84.47 -62.02
CA TYR DA 245 4.22 83.72 -63.26
C TYR DA 245 3.94 82.24 -62.99
N TYR DA 246 3.70 81.49 -64.07
CA TYR DA 246 3.33 80.09 -63.99
C TYR DA 246 4.38 79.15 -64.58
N ARG DA 247 4.70 79.31 -65.86
CA ARG DA 247 5.44 78.27 -66.56
C ARG DA 247 5.96 78.85 -67.87
N ILE DA 248 7.03 78.24 -68.39
CA ILE DA 248 7.51 78.50 -69.75
C ILE DA 248 7.28 77.26 -70.60
N HIS DA 249 6.65 77.44 -71.75
CA HIS DA 249 6.34 76.34 -72.65
C HIS DA 249 7.26 76.33 -73.86
N PHE DA 250 7.85 75.18 -74.16
CA PHE DA 250 8.78 75.05 -75.27
C PHE DA 250 8.26 74.11 -76.36
N ASP DA 251 6.98 74.25 -76.74
CA ASP DA 251 6.44 73.39 -77.80
C ASP DA 251 7.04 73.69 -79.17
N GLU DA 252 7.42 74.93 -79.42
CA GLU DA 252 8.36 75.24 -80.49
C GLU DA 252 9.54 75.95 -79.85
N PRO DA 253 10.73 75.34 -79.86
CA PRO DA 253 11.85 75.87 -79.07
C PRO DA 253 12.45 77.14 -79.63
N ARG DA 254 12.09 77.53 -80.84
CA ARG DA 254 12.53 78.79 -81.38
C ARG DA 254 11.59 79.94 -81.01
N LYS DA 255 10.53 79.66 -80.26
CA LYS DA 255 9.59 80.71 -79.85
C LYS DA 255 8.81 80.31 -78.60
N PRO DA 256 9.39 80.40 -77.42
CA PRO DA 256 8.68 79.94 -76.21
C PRO DA 256 7.65 80.94 -75.73
N VAL DA 257 6.70 80.42 -74.96
CA VAL DA 257 5.57 81.17 -74.42
C VAL DA 257 5.73 81.26 -72.91
N PHE DA 258 5.61 82.47 -72.36
CA PHE DA 258 5.77 82.71 -70.94
C PHE DA 258 4.41 83.12 -70.37
N TRP DA 259 3.93 82.38 -69.37
CA TRP DA 259 2.57 82.53 -68.83
C TRP DA 259 2.58 83.32 -67.54
N LEU DA 260 2.34 84.64 -67.63
CA LEU DA 260 2.18 85.46 -66.44
C LEU DA 260 0.75 85.41 -65.91
N SER DA 261 0.58 85.94 -64.71
CA SER DA 261 -0.73 86.18 -64.12
C SER DA 261 -1.17 87.60 -64.41
N ARG DA 262 -2.47 87.80 -64.45
CA ARG DA 262 -3.06 89.08 -64.81
C ARG DA 262 -3.49 89.90 -63.60
N GLN DA 263 -4.15 89.28 -62.63
CA GLN DA 263 -4.73 89.98 -61.50
C GLN DA 263 -3.77 90.13 -60.34
N ARG DA 264 -2.47 89.98 -60.55
CA ARG DA 264 -1.54 90.10 -59.44
C ARG DA 264 -0.27 90.87 -59.77
N ASN DA 265 -0.20 91.57 -60.90
CA ASN DA 265 0.97 92.35 -61.24
C ASN DA 265 0.56 93.77 -61.62
N THR DA 266 1.51 94.70 -61.52
CA THR DA 266 1.25 96.10 -61.83
C THR DA 266 2.23 96.69 -62.83
N MET DA 267 2.99 95.86 -63.54
CA MET DA 267 3.94 96.34 -64.53
C MET DA 267 3.23 96.81 -65.80
N SER DA 268 3.76 97.88 -66.40
CA SER DA 268 3.15 98.51 -67.56
C SER DA 268 3.52 97.77 -68.85
N LYS DA 269 3.19 98.38 -69.99
CA LYS DA 269 3.46 97.76 -71.28
C LYS DA 269 4.93 97.82 -71.66
N LYS DA 270 5.66 98.87 -71.29
CA LYS DA 270 7.06 98.95 -71.68
C LYS DA 270 7.91 98.01 -70.84
N GLU DA 271 7.52 97.78 -69.59
CA GLU DA 271 8.29 96.90 -68.74
C GLU DA 271 8.13 95.45 -69.15
N LEU DA 272 7.12 95.13 -69.96
CA LEU DA 272 7.05 93.77 -70.49
C LEU DA 272 8.02 93.60 -71.64
N GLU DA 273 8.27 94.66 -72.41
CA GLU DA 273 9.24 94.51 -73.47
C GLU DA 273 10.65 94.50 -72.92
N VAL DA 274 10.86 95.16 -71.77
CA VAL DA 274 12.20 95.06 -71.17
C VAL DA 274 12.37 93.69 -70.53
N LEU DA 275 11.30 93.09 -69.99
CA LEU DA 275 11.43 91.75 -69.43
C LEU DA 275 11.67 90.73 -70.53
N SER DA 276 11.07 90.93 -71.71
CA SER DA 276 11.29 89.97 -72.79
C SER DA 276 12.67 90.14 -73.39
N GLN DA 277 13.20 91.36 -73.46
CA GLN DA 277 14.54 91.51 -73.98
C GLN DA 277 15.60 91.06 -72.98
N LYS DA 278 15.30 91.09 -71.69
CA LYS DA 278 16.25 90.58 -70.72
C LYS DA 278 16.06 89.09 -70.44
N LEU DA 279 14.98 88.47 -70.93
CA LEU DA 279 14.83 87.02 -70.92
C LEU DA 279 15.33 86.36 -72.19
N ARG DA 280 15.33 87.09 -73.31
CA ARG DA 280 15.84 86.57 -74.57
C ARG DA 280 17.35 86.36 -74.52
N ALA DA 281 18.07 87.17 -73.76
CA ALA DA 281 19.51 87.01 -73.64
C ALA DA 281 19.92 85.78 -72.83
N LEU DA 282 19.04 85.23 -72.00
CA LEU DA 282 19.42 84.00 -71.29
C LEU DA 282 19.35 82.78 -72.19
N MET DA 283 18.47 82.77 -73.17
CA MET DA 283 18.31 81.61 -74.04
C MET DA 283 18.77 81.97 -75.45
N PRO DA 284 20.01 81.68 -75.81
CA PRO DA 284 20.48 82.07 -77.15
C PRO DA 284 19.91 81.24 -78.27
N TYR DA 285 19.38 80.05 -77.97
CA TYR DA 285 18.77 79.23 -79.01
C TYR DA 285 17.43 79.79 -79.47
N ALA DA 286 16.74 80.52 -78.60
CA ALA DA 286 15.42 81.01 -78.94
C ALA DA 286 15.51 82.27 -79.80
N ASP DA 287 14.36 82.74 -80.25
CA ASP DA 287 14.31 83.94 -81.08
C ASP DA 287 13.48 85.05 -80.46
N SER DA 288 12.34 84.73 -79.87
CA SER DA 288 11.50 85.74 -79.26
C SER DA 288 10.63 85.08 -78.22
N VAL DA 289 10.53 85.71 -77.05
CA VAL DA 289 9.72 85.17 -75.98
C VAL DA 289 8.38 85.86 -76.05
N ASN DA 290 7.32 85.07 -76.08
CA ASN DA 290 5.97 85.60 -76.22
C ASN DA 290 5.33 85.58 -74.84
N ILE DA 291 5.12 86.75 -74.25
CA ILE DA 291 4.57 86.85 -72.92
C ILE DA 291 3.08 87.00 -73.05
N THR DA 292 2.32 86.12 -72.40
CA THR DA 292 0.88 86.24 -72.38
C THR DA 292 0.39 86.11 -70.96
N LEU DA 293 -0.76 86.75 -70.71
CA LEU DA 293 -1.31 86.86 -69.38
C LEU DA 293 -2.50 85.92 -69.28
N MET DA 294 -2.38 84.89 -68.46
CA MET DA 294 -3.49 83.99 -68.26
C MET DA 294 -4.34 84.50 -67.11
N ASP DA 295 -5.58 84.04 -67.09
CA ASP DA 295 -6.48 84.47 -66.02
C ASP DA 295 -6.11 83.72 -64.74
N ASP DA 296 -6.68 84.16 -63.62
CA ASP DA 296 -6.36 83.55 -62.35
C ASP DA 296 -7.50 82.76 -61.74
N VAL DA 297 -8.74 83.02 -62.16
CA VAL DA 297 -9.86 82.25 -61.62
C VAL DA 297 -10.15 81.03 -62.47
N THR DA 298 -9.56 80.93 -63.65
CA THR DA 298 -9.74 79.73 -64.43
C THR DA 298 -8.69 78.68 -64.11
N ALA DA 299 -7.53 79.11 -63.61
CA ALA DA 299 -6.53 78.15 -63.19
C ALA DA 299 -6.95 77.47 -61.91
N ALA DA 300 -7.77 78.14 -61.10
CA ALA DA 300 -8.32 77.54 -59.91
C ALA DA 300 -9.73 77.02 -60.13
N GLY DA 301 -10.30 77.23 -61.31
CA GLY DA 301 -11.58 76.65 -61.62
C GLY DA 301 -11.40 75.31 -62.30
N GLN DA 302 -10.38 75.21 -63.16
CA GLN DA 302 -10.08 73.94 -63.81
C GLN DA 302 -9.51 72.91 -62.84
N ALA DA 303 -8.98 73.34 -61.72
CA ALA DA 303 -8.47 72.40 -60.74
C ALA DA 303 -9.56 71.84 -59.85
N GLU DA 304 -10.71 72.50 -59.79
CA GLU DA 304 -11.83 71.96 -59.04
C GLU DA 304 -12.76 71.19 -59.96
N ALA DA 305 -12.93 71.68 -61.18
CA ALA DA 305 -13.78 70.99 -62.13
C ALA DA 305 -13.13 69.68 -62.59
N GLY DA 306 -11.80 69.62 -62.62
CA GLY DA 306 -11.17 68.33 -62.87
C GLY DA 306 -11.07 67.44 -61.67
N LEU DA 307 -11.26 67.99 -60.45
CA LEU DA 307 -11.20 67.20 -59.25
C LEU DA 307 -12.54 66.63 -58.80
N LYS DA 308 -13.64 67.28 -59.13
CA LYS DA 308 -14.94 66.70 -58.83
C LYS DA 308 -15.33 65.60 -59.81
N GLN DA 309 -14.72 65.58 -60.98
CA GLN DA 309 -15.07 64.57 -61.97
C GLN DA 309 -14.55 63.20 -61.58
N GLN DA 310 -13.42 63.14 -60.86
CA GLN DA 310 -12.87 61.86 -60.44
C GLN DA 310 -13.50 61.33 -59.16
N ALA DA 311 -14.50 62.00 -58.61
CA ALA DA 311 -15.23 61.61 -57.40
C ALA DA 311 -14.30 61.43 -56.19
N LEU DA 312 -13.43 62.40 -56.01
CA LEU DA 312 -12.49 62.37 -54.90
C LEU DA 312 -12.96 63.26 -53.76
N PRO DA 313 -12.85 62.81 -52.52
CA PRO DA 313 -13.18 63.69 -51.39
C PRO DA 313 -12.07 64.72 -51.24
N TYR DA 314 -12.44 65.97 -51.08
CA TYR DA 314 -11.42 67.00 -51.04
C TYR DA 314 -11.86 68.13 -50.12
N SER DA 315 -10.96 69.08 -49.93
CA SER DA 315 -11.23 70.20 -49.04
C SER DA 315 -10.38 71.37 -49.53
N ARG DA 316 -11.05 72.38 -50.07
CA ARG DA 316 -10.39 73.53 -50.67
C ARG DA 316 -10.11 74.58 -49.62
N ARG DA 317 -8.87 75.07 -49.58
CA ARG DA 317 -8.51 76.15 -48.68
C ARG DA 317 -8.00 77.31 -49.51
N ASN DA 318 -8.70 78.43 -49.45
CA ASN DA 318 -8.34 79.62 -50.20
C ASN DA 318 -7.60 80.57 -49.27
N HIS DA 319 -6.49 81.11 -49.74
CA HIS DA 319 -5.81 82.22 -49.10
C HIS DA 319 -5.12 83.04 -50.18
N LYS DA 320 -4.48 84.13 -49.78
CA LYS DA 320 -3.87 85.03 -50.74
C LYS DA 320 -2.60 84.43 -51.31
N GLY DA 321 -2.43 84.57 -52.62
CA GLY DA 321 -1.26 84.06 -53.31
C GLY DA 321 -1.24 82.56 -53.42
N GLY DA 322 -2.40 81.93 -53.62
CA GLY DA 322 -2.42 80.50 -53.81
C GLY DA 322 -3.54 79.80 -53.07
N VAL DA 323 -4.11 78.77 -53.69
CA VAL DA 323 -5.11 77.95 -53.05
C VAL DA 323 -4.49 76.58 -52.85
N THR DA 324 -5.16 75.73 -52.08
CA THR DA 324 -4.62 74.41 -51.84
C THR DA 324 -5.73 73.40 -51.63
N PHE DA 325 -5.53 72.18 -52.09
CA PHE DA 325 -6.56 71.16 -51.96
C PHE DA 325 -6.03 70.00 -51.13
N VAL DA 326 -6.72 69.70 -50.03
CA VAL DA 326 -6.32 68.64 -49.12
C VAL DA 326 -7.25 67.46 -49.31
N ILE DA 327 -6.67 66.32 -49.67
CA ILE DA 327 -7.41 65.07 -49.87
C ILE DA 327 -7.02 64.11 -48.76
N GLN DA 328 -8.00 63.72 -47.94
CA GLN DA 328 -7.72 62.84 -46.82
C GLN DA 328 -8.63 61.61 -46.84
N GLY DA 329 -8.56 60.81 -45.78
CA GLY DA 329 -9.42 59.65 -45.62
C GLY DA 329 -8.71 58.38 -46.04
N ALA DA 330 -9.43 57.28 -45.91
CA ALA DA 330 -8.90 55.95 -46.28
C ALA DA 330 -9.34 55.65 -47.72
N LEU DA 331 -8.62 56.24 -48.66
CA LEU DA 331 -8.90 56.01 -50.07
C LEU DA 331 -8.46 54.61 -50.48
N ASP DA 332 -9.22 54.01 -51.39
CA ASP DA 332 -8.88 52.67 -51.84
C ASP DA 332 -7.91 52.74 -53.02
N ASP DA 333 -7.68 51.60 -53.65
CA ASP DA 333 -6.61 51.50 -54.64
C ASP DA 333 -6.97 52.06 -55.99
N VAL DA 334 -8.24 52.34 -56.28
CA VAL DA 334 -8.54 52.96 -57.56
C VAL DA 334 -8.70 54.46 -57.36
N GLU DA 335 -8.91 54.90 -56.12
CA GLU DA 335 -9.01 56.32 -55.83
C GLU DA 335 -7.65 56.90 -55.51
N ILE DA 336 -6.66 56.05 -55.26
CA ILE DA 336 -5.29 56.52 -55.14
C ILE DA 336 -4.52 56.26 -56.45
N LEU DA 337 -5.23 55.92 -57.51
CA LEU DA 337 -4.68 55.89 -58.86
C LEU DA 337 -5.31 56.89 -59.80
N ARG DA 338 -6.58 57.23 -59.61
CA ARG DA 338 -7.16 58.33 -60.36
C ARG DA 338 -6.61 59.68 -59.93
N ALA DA 339 -6.24 59.83 -58.67
CA ALA DA 339 -5.68 61.10 -58.25
C ALA DA 339 -4.24 61.23 -58.69
N ARG DA 340 -3.52 60.12 -58.77
CA ARG DA 340 -2.15 60.18 -59.25
C ARG DA 340 -2.14 60.46 -60.74
N GLN DA 341 -3.12 59.91 -61.47
CA GLN DA 341 -3.11 60.16 -62.91
C GLN DA 341 -3.66 61.54 -63.23
N PHE DA 342 -4.33 62.20 -62.29
CA PHE DA 342 -4.84 63.54 -62.61
C PHE DA 342 -3.87 64.63 -62.21
N VAL DA 343 -3.17 64.47 -61.07
CA VAL DA 343 -2.23 65.48 -60.60
C VAL DA 343 -1.03 65.58 -61.55
N ASP DA 344 -0.51 64.43 -62.01
CA ASP DA 344 0.60 64.46 -62.94
C ASP DA 344 0.18 64.97 -64.31
N SER DA 345 -1.10 64.86 -64.67
CA SER DA 345 -1.60 65.46 -65.89
C SER DA 345 -1.93 66.94 -65.72
N TYR DA 346 -1.92 67.45 -64.49
CA TYR DA 346 -2.16 68.86 -64.25
C TYR DA 346 -0.90 69.67 -64.02
N TYR DA 347 0.09 69.07 -63.37
CA TYR DA 347 1.34 69.78 -63.12
C TYR DA 347 2.13 70.02 -64.40
N ARG DA 348 1.93 69.19 -65.43
CA ARG DA 348 2.61 69.43 -66.69
C ARG DA 348 2.03 70.63 -67.39
N THR DA 349 0.72 70.83 -67.26
CA THR DA 349 0.09 71.91 -68.01
C THR DA 349 0.27 73.23 -67.29
N TRP DA 350 -0.08 73.29 -66.01
CA TRP DA 350 -0.07 74.57 -65.32
C TRP DA 350 1.14 74.78 -64.43
N GLY DA 351 1.70 73.74 -63.85
CA GLY DA 351 2.80 73.95 -62.93
C GLY DA 351 2.34 74.20 -61.51
N GLY DA 352 3.18 73.80 -60.56
CA GLY DA 352 2.83 73.86 -59.16
C GLY DA 352 3.21 75.16 -58.48
N ARG DA 353 3.00 76.29 -59.14
CA ARG DA 353 3.33 77.56 -58.51
C ARG DA 353 2.14 78.17 -57.79
N TYR DA 354 0.93 78.03 -58.35
CA TYR DA 354 -0.26 78.65 -57.78
C TYR DA 354 -1.03 77.71 -56.86
N VAL DA 355 -1.50 76.60 -57.40
CA VAL DA 355 -2.37 75.66 -56.69
C VAL DA 355 -1.59 74.38 -56.40
N GLN DA 356 -1.66 73.92 -55.16
CA GLN DA 356 -0.95 72.72 -54.76
C GLN DA 356 -1.88 71.72 -54.07
N PHE DA 357 -1.79 70.47 -54.50
CA PHE DA 357 -2.57 69.42 -53.87
C PHE DA 357 -1.76 68.80 -52.73
N ALA DA 358 -2.47 68.15 -51.82
CA ALA DA 358 -1.86 67.53 -50.65
C ALA DA 358 -2.65 66.25 -50.38
N ILE DA 359 -2.05 65.10 -50.64
CA ILE DA 359 -2.71 63.81 -50.47
C ILE DA 359 -2.15 63.16 -49.22
N GLU DA 360 -2.94 63.10 -48.15
CA GLU DA 360 -2.52 62.39 -46.95
C GLU DA 360 -3.61 61.41 -46.59
N LEU DA 361 -3.26 60.13 -46.53
CA LEU DA 361 -4.24 59.08 -46.28
C LEU DA 361 -4.04 58.53 -44.88
N LYS DA 362 -5.13 58.36 -44.15
CA LYS DA 362 -5.08 57.88 -42.78
C LYS DA 362 -6.07 56.75 -42.61
N ASP DA 363 -5.80 55.87 -41.65
CA ASP DA 363 -6.70 54.76 -41.39
C ASP DA 363 -7.96 55.23 -40.68
N ASP DA 364 -9.05 54.49 -40.89
CA ASP DA 364 -10.35 54.87 -40.38
C ASP DA 364 -10.60 54.33 -38.98
N TRP DA 365 -11.25 55.13 -38.16
CA TRP DA 365 -11.59 54.77 -36.78
C TRP DA 365 -12.91 54.03 -36.73
N LEU DA 366 -13.88 54.47 -37.52
CA LEU DA 366 -15.25 53.99 -37.46
C LEU DA 366 -15.46 52.84 -38.45
N LYS DA 367 -14.76 51.74 -38.21
CA LYS DA 367 -14.94 50.58 -39.06
C LYS DA 367 -16.10 49.72 -38.54
N GLY DA 368 -15.99 49.23 -37.30
CA GLY DA 368 -17.02 48.44 -36.67
C GLY DA 368 -17.76 49.11 -35.54
N ARG DA 369 -17.58 50.40 -35.35
CA ARG DA 369 -18.16 51.17 -34.26
C ARG DA 369 -19.53 51.73 -34.62
N SER DA 370 -20.31 52.02 -33.58
CA SER DA 370 -21.59 52.69 -33.71
C SER DA 370 -21.47 54.10 -33.17
N PHE DA 371 -21.92 55.07 -33.96
CA PHE DA 371 -21.71 56.47 -33.68
C PHE DA 371 -22.93 57.29 -34.03
N GLN DA 372 -22.93 58.55 -33.57
CA GLN DA 372 -24.02 59.47 -33.86
C GLN DA 372 -23.41 60.68 -34.55
N TYR DA 373 -23.94 61.02 -35.72
CA TYR DA 373 -23.50 62.16 -36.51
C TYR DA 373 -24.52 63.29 -36.43
N GLY DA 374 -24.10 64.44 -36.92
CA GLY DA 374 -24.95 65.62 -36.91
C GLY DA 374 -24.31 66.74 -36.13
N ALA DA 375 -25.10 67.38 -35.25
CA ALA DA 375 -24.56 68.46 -34.43
C ALA DA 375 -23.78 67.89 -33.26
N GLU DA 376 -24.45 67.12 -32.41
CA GLU DA 376 -23.82 66.51 -31.25
C GLU DA 376 -23.34 65.13 -31.68
N GLY DA 377 -22.13 65.07 -32.22
CA GLY DA 377 -21.58 63.82 -32.73
C GLY DA 377 -20.71 63.16 -31.68
N TYR DA 378 -20.75 61.83 -31.63
CA TYR DA 378 -19.84 61.07 -30.79
C TYR DA 378 -19.66 59.68 -31.36
N ILE DA 379 -18.59 59.01 -30.96
CA ILE DA 379 -18.30 57.66 -31.45
C ILE DA 379 -18.19 56.73 -30.25
N LYS DA 380 -18.98 55.66 -30.25
CA LYS DA 380 -18.97 54.73 -29.12
C LYS DA 380 -17.93 53.66 -29.41
N MET DA 381 -16.80 53.75 -28.73
CA MET DA 381 -15.71 52.81 -29.01
C MET DA 381 -15.91 51.45 -28.36
N SER DA 382 -16.90 51.29 -27.52
CA SER DA 382 -17.22 50.07 -26.80
C SER DA 382 -18.62 50.36 -26.26
N PRO DA 383 -19.36 49.37 -25.76
CA PRO DA 383 -20.64 49.71 -25.12
C PRO DA 383 -20.51 50.66 -23.93
N GLY DA 384 -19.36 50.70 -23.27
CA GLY DA 384 -19.20 51.63 -22.17
C GLY DA 384 -18.09 52.66 -22.36
N HIS DA 385 -17.98 53.23 -23.56
CA HIS DA 385 -16.87 54.12 -23.87
C HIS DA 385 -17.33 55.11 -24.92
N TRP DA 386 -17.16 56.40 -24.64
CA TRP DA 386 -17.56 57.46 -25.54
C TRP DA 386 -16.33 58.22 -26.01
N TYR DA 387 -16.37 58.68 -27.25
CA TYR DA 387 -15.32 59.54 -27.79
C TYR DA 387 -15.99 60.78 -28.34
N PHE DA 388 -15.76 61.92 -27.70
CA PHE DA 388 -16.32 63.18 -28.18
C PHE DA 388 -15.24 63.89 -28.98
N PRO DA 389 -15.34 63.93 -30.30
CA PRO DA 389 -14.25 64.49 -31.09
C PRO DA 389 -14.27 66.00 -31.04
N SER DA 390 -13.08 66.59 -31.06
CA SER DA 390 -12.98 68.03 -31.00
C SER DA 390 -13.37 68.64 -32.33
N PRO DA 391 -14.42 69.46 -32.39
CA PRO DA 391 -14.84 70.08 -33.66
C PRO DA 391 -13.93 71.23 -34.08
N ALA EA 171 48.42 74.66 -72.58
CA ALA EA 171 48.39 74.32 -71.15
C ALA EA 171 47.50 75.28 -70.39
N GLU EA 172 46.43 75.73 -71.04
CA GLU EA 172 45.51 76.63 -70.36
C GLU EA 172 44.65 75.88 -69.35
N LEU EA 173 44.05 76.67 -68.44
CA LEU EA 173 43.30 76.08 -67.35
C LEU EA 173 41.96 75.55 -67.82
N ASP EA 174 41.33 76.21 -68.78
CA ASP EA 174 40.03 75.74 -69.22
C ASP EA 174 40.12 74.46 -70.04
N SER EA 175 41.30 74.15 -70.58
CA SER EA 175 41.48 72.91 -71.30
C SER EA 175 42.08 71.81 -70.44
N LEU EA 176 42.68 72.17 -69.30
CA LEU EA 176 43.22 71.15 -68.41
C LEU EA 176 42.14 70.42 -67.61
N LEU EA 177 40.93 70.98 -67.55
CA LEU EA 177 39.79 70.37 -66.90
C LEU EA 177 39.12 69.37 -67.85
N GLY EA 178 37.90 68.97 -67.52
CA GLY EA 178 37.21 67.91 -68.23
C GLY EA 178 36.77 68.32 -69.64
N GLN EA 179 36.03 67.40 -70.26
CA GLN EA 179 35.62 67.60 -71.65
C GLN EA 179 34.54 68.66 -71.80
N GLU EA 180 33.54 68.67 -70.94
CA GLU EA 180 32.46 69.64 -71.03
C GLU EA 180 32.96 71.00 -70.55
N LYS EA 181 33.13 71.94 -71.46
CA LYS EA 181 33.68 73.25 -71.13
C LYS EA 181 32.56 74.22 -70.76
N GLU EA 182 31.66 73.79 -69.87
CA GLU EA 182 30.59 74.67 -69.41
C GLU EA 182 30.32 74.65 -67.92
N ARG EA 183 30.83 73.68 -67.16
CA ARG EA 183 30.53 73.65 -65.73
C ARG EA 183 31.45 74.54 -64.93
N PHE EA 184 32.55 74.99 -65.50
CA PHE EA 184 33.50 75.86 -64.81
C PHE EA 184 33.62 77.18 -65.56
N GLN EA 185 34.03 78.21 -64.85
CA GLN EA 185 34.19 79.53 -65.45
C GLN EA 185 35.42 80.18 -64.85
N VAL EA 186 36.31 80.66 -65.71
CA VAL EA 186 37.63 81.18 -65.34
C VAL EA 186 37.63 82.69 -65.46
N LEU EA 187 37.71 83.38 -64.33
CA LEU EA 187 37.71 84.82 -64.30
C LEU EA 187 39.10 85.36 -63.98
N PRO EA 188 39.61 86.33 -64.74
CA PRO EA 188 40.89 86.93 -64.37
C PRO EA 188 40.75 87.91 -63.22
N GLY EA 189 41.73 87.91 -62.31
CA GLY EA 189 41.74 88.76 -61.15
C GLY EA 189 42.48 90.06 -61.40
N ARG EA 190 42.80 90.73 -60.29
CA ARG EA 190 43.59 91.94 -60.30
C ARG EA 190 44.92 91.78 -59.59
N ASP EA 191 45.05 90.77 -58.73
CA ASP EA 191 46.30 90.46 -58.05
C ASP EA 191 47.10 89.38 -58.78
N LYS EA 192 46.97 89.33 -60.10
CA LYS EA 192 47.64 88.37 -61.00
C LYS EA 192 47.29 86.92 -60.63
N MET EA 193 46.00 86.66 -60.41
CA MET EA 193 45.54 85.31 -60.16
C MET EA 193 44.30 85.02 -60.99
N LEU EA 194 43.99 83.73 -61.14
CA LEU EA 194 42.89 83.29 -61.98
C LEU EA 194 41.92 82.51 -61.11
N TYR EA 195 40.66 82.90 -61.11
CA TYR EA 195 39.71 82.32 -60.19
C TYR EA 195 38.79 81.43 -61.00
N VAL EA 196 38.51 80.23 -60.50
CA VAL EA 196 37.57 79.34 -61.14
C VAL EA 196 36.36 79.28 -60.23
N ALA EA 197 35.19 79.47 -60.79
CA ALA EA 197 33.98 79.58 -59.99
C ALA EA 197 33.12 78.35 -60.21
N ALA EA 198 33.15 77.45 -59.24
CA ALA EA 198 32.29 76.27 -59.34
C ALA EA 198 30.93 76.57 -58.74
N GLN EA 199 29.98 75.67 -59.00
CA GLN EA 199 28.61 75.84 -58.58
C GLN EA 199 28.29 75.13 -57.29
N ASN EA 200 28.80 73.92 -57.07
CA ASN EA 200 28.46 73.20 -55.86
C ASN EA 200 29.73 72.58 -55.28
N GLU EA 201 29.54 71.69 -54.30
CA GLU EA 201 30.68 71.16 -53.56
C GLU EA 201 31.40 70.08 -54.33
N ARG EA 202 30.68 69.29 -55.12
CA ARG EA 202 31.33 68.21 -55.85
C ARG EA 202 32.20 68.76 -56.97
N ASP EA 203 31.74 69.80 -57.66
CA ASP EA 203 32.61 70.41 -58.65
C ASP EA 203 33.69 71.28 -58.02
N THR EA 204 33.50 71.67 -56.76
CA THR EA 204 34.56 72.41 -56.08
C THR EA 204 35.71 71.48 -55.76
N LEU EA 205 35.38 70.28 -55.29
CA LEU EA 205 36.41 69.28 -55.05
C LEU EA 205 36.94 68.69 -56.35
N TRP EA 206 36.22 68.85 -57.45
CA TRP EA 206 36.75 68.42 -58.74
C TRP EA 206 37.84 69.37 -59.20
N ALA EA 207 37.66 70.66 -58.98
CA ALA EA 207 38.65 71.62 -59.43
C ALA EA 207 39.76 71.91 -58.43
N ARG EA 208 39.56 71.62 -57.14
CA ARG EA 208 40.66 71.80 -56.21
C ARG EA 208 41.67 70.67 -56.31
N GLN EA 209 41.27 69.53 -56.87
CA GLN EA 209 42.19 68.42 -57.08
C GLN EA 209 43.17 68.69 -58.21
N VAL EA 210 42.77 69.50 -59.18
CA VAL EA 210 43.65 69.81 -60.30
C VAL EA 210 44.82 70.65 -59.80
N LEU EA 211 44.53 71.73 -59.07
CA LEU EA 211 45.59 72.60 -58.60
C LEU EA 211 46.39 71.92 -57.49
N ALA EA 212 45.76 71.00 -56.75
CA ALA EA 212 46.47 70.34 -55.68
C ALA EA 212 47.44 69.28 -56.19
N ARG EA 213 47.11 68.60 -57.28
CA ARG EA 213 48.09 67.67 -57.85
C ARG EA 213 49.19 68.39 -58.60
N GLY EA 214 49.00 69.67 -58.91
CA GLY EA 214 50.09 70.51 -59.33
C GLY EA 214 50.44 70.45 -60.80
N ASP EA 215 49.46 70.24 -61.66
CA ASP EA 215 49.73 70.32 -63.09
C ASP EA 215 49.42 71.72 -63.64
N TYR EA 216 49.94 72.74 -62.96
CA TYR EA 216 49.78 74.11 -63.41
C TYR EA 216 50.90 74.98 -62.84
N ASP EA 217 51.44 75.85 -63.69
CA ASP EA 217 52.62 76.64 -63.32
C ASP EA 217 52.27 77.87 -62.50
N LYS EA 218 51.29 78.65 -62.95
CA LYS EA 218 50.97 79.93 -62.32
C LYS EA 218 50.08 79.73 -61.09
N ASN EA 219 49.58 80.83 -60.54
CA ASN EA 219 48.75 80.78 -59.35
C ASN EA 219 47.28 80.81 -59.75
N ALA EA 220 46.46 80.07 -59.00
CA ALA EA 220 45.03 80.01 -59.28
C ALA EA 220 44.28 79.68 -57.99
N ARG EA 221 42.97 79.92 -58.01
CA ARG EA 221 42.17 79.62 -56.83
C ARG EA 221 40.77 79.20 -57.26
N VAL EA 222 40.14 78.37 -56.44
CA VAL EA 222 38.78 77.89 -56.69
C VAL EA 222 37.83 78.51 -55.70
N ILE EA 223 36.85 79.25 -56.21
CA ILE EA 223 35.84 79.88 -55.38
C ILE EA 223 34.51 79.14 -55.54
N ASN EA 224 33.58 79.51 -54.68
CA ASN EA 224 32.26 78.92 -54.59
C ASN EA 224 31.30 80.06 -54.30
N GLU EA 225 30.07 79.73 -53.92
CA GLU EA 225 29.12 80.74 -53.47
C GLU EA 225 28.90 80.75 -51.97
N ASN EA 226 28.85 79.58 -51.33
CA ASN EA 226 28.70 79.54 -49.89
C ASN EA 226 29.98 79.95 -49.17
N GLU EA 227 31.14 79.47 -49.62
CA GLU EA 227 32.34 79.83 -48.89
C GLU EA 227 32.73 81.28 -49.13
N GLU EA 228 32.28 81.86 -50.24
CA GLU EA 228 32.50 83.27 -50.46
C GLU EA 228 31.42 84.12 -49.80
N ASN EA 229 30.31 83.52 -49.44
CA ASN EA 229 29.33 84.28 -48.69
C ASN EA 229 29.60 84.19 -47.20
N LYS EA 230 30.45 83.26 -46.77
CA LYS EA 230 30.88 83.25 -45.38
C LYS EA 230 32.18 84.00 -45.14
N ARG EA 231 33.02 84.12 -46.17
CA ARG EA 231 34.30 84.78 -45.97
C ARG EA 231 34.14 86.28 -45.79
N ILE EA 232 33.24 86.90 -46.55
CA ILE EA 232 33.00 88.31 -46.37
C ILE EA 232 31.75 88.57 -45.53
N SER EA 233 31.32 87.59 -44.74
CA SER EA 233 30.48 87.88 -43.59
C SER EA 233 31.27 87.75 -42.30
N ILE EA 234 32.51 87.28 -42.39
CA ILE EA 234 33.38 87.37 -41.21
C ILE EA 234 34.09 88.72 -41.14
N TRP EA 235 34.56 89.24 -42.28
CA TRP EA 235 35.11 90.60 -42.33
C TRP EA 235 34.06 91.66 -42.00
N LEU EA 236 32.81 91.38 -42.36
CA LEU EA 236 31.72 92.29 -42.16
C LEU EA 236 31.13 92.15 -40.76
N ASP EA 237 31.77 91.33 -39.93
CA ASP EA 237 31.47 91.24 -38.52
C ASP EA 237 32.54 91.94 -37.69
N THR EA 238 33.62 92.39 -38.33
CA THR EA 238 34.71 93.05 -37.65
C THR EA 238 34.72 94.54 -37.95
N TYR EA 239 34.58 94.90 -39.22
CA TYR EA 239 34.64 96.32 -39.58
C TYR EA 239 33.28 97.00 -39.70
N TYR EA 240 32.20 96.25 -39.89
CA TYR EA 240 30.86 96.83 -39.93
C TYR EA 240 29.94 96.02 -39.03
N PRO EA 241 30.05 96.17 -37.72
CA PRO EA 241 29.13 95.47 -36.82
C PRO EA 241 27.77 96.16 -36.80
N GLN EA 242 26.81 95.43 -36.22
CA GLN EA 242 25.40 95.84 -36.09
C GLN EA 242 24.77 96.17 -37.44
N LEU EA 243 25.18 95.47 -38.48
CA LEU EA 243 24.60 95.66 -39.80
C LEU EA 243 23.53 94.62 -40.04
N ALA EA 244 22.50 95.01 -40.76
CA ALA EA 244 21.37 94.14 -41.07
C ALA EA 244 21.36 93.90 -42.57
N TYR EA 245 21.73 92.69 -42.98
CA TYR EA 245 21.80 92.32 -44.37
C TYR EA 245 21.30 90.89 -44.55
N TYR EA 246 21.11 90.48 -45.79
CA TYR EA 246 20.54 89.16 -46.07
C TYR EA 246 21.50 88.22 -46.77
N ARG EA 247 22.00 88.59 -47.95
CA ARG EA 247 22.65 87.64 -48.84
C ARG EA 247 23.41 88.40 -49.91
N ILE EA 248 24.44 87.75 -50.45
CA ILE EA 248 25.18 88.25 -51.59
C ILE EA 248 25.04 87.23 -52.72
N HIS EA 249 24.41 87.63 -53.81
CA HIS EA 249 24.10 86.70 -54.89
C HIS EA 249 25.17 86.80 -55.97
N PHE EA 250 25.64 85.64 -56.42
CA PHE EA 250 26.73 85.60 -57.39
C PHE EA 250 26.30 84.91 -58.67
N ASP EA 251 25.11 85.24 -59.18
CA ASP EA 251 24.67 84.68 -60.44
C ASP EA 251 25.43 85.25 -61.62
N GLU EA 252 25.92 86.47 -61.50
CA GLU EA 252 26.89 87.05 -62.41
C GLU EA 252 28.12 87.51 -61.64
N PRO EA 253 29.23 86.79 -61.72
CA PRO EA 253 30.36 87.06 -60.81
C PRO EA 253 31.09 88.35 -61.12
N ARG EA 254 30.85 88.99 -62.26
CA ARG EA 254 31.46 90.29 -62.49
C ARG EA 254 30.62 91.44 -61.96
N LYS EA 255 29.40 91.17 -61.51
CA LYS EA 255 28.54 92.21 -60.94
C LYS EA 255 27.67 91.58 -59.86
N PRO EA 256 28.20 91.43 -58.65
CA PRO EA 256 27.39 90.86 -57.57
C PRO EA 256 26.40 91.89 -57.07
N VAL EA 257 25.43 91.39 -56.31
CA VAL EA 257 24.33 92.18 -55.79
C VAL EA 257 24.26 92.00 -54.29
N PHE EA 258 24.32 93.10 -53.55
CA PHE EA 258 24.33 93.08 -52.10
C PHE EA 258 22.96 93.49 -51.60
N TRP EA 259 22.21 92.52 -51.11
CA TRP EA 259 20.84 92.72 -50.65
C TRP EA 259 20.88 93.29 -49.25
N LEU EA 260 20.66 94.59 -49.13
CA LEU EA 260 20.65 95.28 -47.85
C LEU EA 260 19.22 95.45 -47.36
N SER EA 261 19.07 95.55 -46.05
CA SER EA 261 17.75 95.73 -45.48
C SER EA 261 17.38 97.21 -45.53
N ARG EA 262 16.09 97.48 -45.67
CA ARG EA 262 15.64 98.85 -45.82
C ARG EA 262 15.16 99.45 -44.51
N GLN EA 263 14.35 98.71 -43.76
CA GLN EA 263 13.72 99.24 -42.57
C GLN EA 263 14.54 99.03 -41.30
N ARG EA 264 15.82 98.70 -41.42
CA ARG EA 264 16.61 98.47 -40.21
C ARG EA 264 18.00 99.10 -40.22
N ASN EA 265 18.34 99.87 -41.25
CA ASN EA 265 19.63 100.53 -41.32
C ASN EA 265 19.47 102.04 -41.33
N THR EA 266 20.55 102.73 -41.01
CA THR EA 266 20.55 104.19 -40.99
C THR EA 266 21.70 104.77 -41.81
N MET EA 267 22.24 104.01 -42.75
CA MET EA 267 23.37 104.49 -43.52
C MET EA 267 22.86 105.40 -44.64
N SER EA 268 23.53 106.54 -44.84
CA SER EA 268 23.10 107.50 -45.84
C SER EA 268 23.61 107.14 -47.23
N LYS EA 269 23.43 108.07 -48.17
CA LYS EA 269 23.79 107.82 -49.56
C LYS EA 269 25.30 107.89 -49.75
N LYS EA 270 25.94 108.88 -49.16
CA LYS EA 270 27.38 109.02 -49.38
C LYS EA 270 28.14 107.96 -48.62
N GLU EA 271 27.69 107.64 -47.40
CA GLU EA 271 28.38 106.65 -46.59
C GLU EA 271 27.94 105.22 -46.90
N LEU EA 272 27.05 105.02 -47.88
CA LEU EA 272 26.83 103.70 -48.47
C LEU EA 272 27.76 103.45 -49.65
N GLU EA 273 28.40 104.49 -50.16
CA GLU EA 273 29.35 104.34 -51.25
C GLU EA 273 30.68 103.79 -50.78
N VAL EA 274 31.12 104.16 -49.58
CA VAL EA 274 32.40 103.65 -49.09
C VAL EA 274 32.29 102.19 -48.65
N LEU EA 275 31.07 101.73 -48.40
CA LEU EA 275 30.88 100.30 -48.12
C LEU EA 275 31.01 99.49 -49.40
N SER EA 276 30.48 100.00 -50.51
CA SER EA 276 30.64 99.28 -51.77
C SER EA 276 32.07 99.39 -52.27
N GLN EA 277 32.74 100.50 -51.97
CA GLN EA 277 34.13 100.64 -52.38
C GLN EA 277 35.06 99.81 -51.50
N LYS EA 278 34.61 99.38 -50.32
CA LYS EA 278 35.44 98.48 -49.52
C LYS EA 278 35.06 97.02 -49.73
N LEU EA 279 33.84 96.73 -50.17
CA LEU EA 279 33.48 95.39 -50.59
C LEU EA 279 34.07 95.04 -51.94
N ARG EA 280 34.38 96.04 -52.77
CA ARG EA 280 34.98 95.73 -54.05
C ARG EA 280 36.43 95.26 -53.89
N ALA EA 281 37.12 95.75 -52.85
CA ALA EA 281 38.51 95.36 -52.62
C ALA EA 281 38.67 93.94 -52.09
N LEU EA 282 37.62 93.35 -51.50
CA LEU EA 282 37.74 91.97 -51.04
C LEU EA 282 37.48 90.95 -52.14
N MET EA 283 36.82 91.35 -53.22
CA MET EA 283 36.57 90.46 -54.35
C MET EA 283 37.34 90.97 -55.55
N PRO EA 284 38.54 90.44 -55.82
CA PRO EA 284 39.34 90.97 -56.93
C PRO EA 284 38.82 90.60 -58.30
N TYR EA 285 37.90 89.64 -58.40
CA TYR EA 285 37.39 89.28 -59.71
C TYR EA 285 36.21 90.13 -60.13
N ALA EA 286 35.48 90.68 -59.17
CA ALA EA 286 34.30 91.44 -59.49
C ALA EA 286 34.68 92.80 -60.03
N ASP EA 287 33.79 93.39 -60.81
CA ASP EA 287 34.03 94.72 -61.37
C ASP EA 287 33.43 95.80 -60.49
N SER EA 288 32.16 95.63 -60.12
CA SER EA 288 31.50 96.59 -59.25
C SER EA 288 30.37 95.88 -58.54
N VAL EA 289 30.24 96.13 -57.25
CA VAL EA 289 29.17 95.57 -56.44
C VAL EA 289 27.99 96.52 -56.48
N ASN EA 290 26.81 95.98 -56.74
CA ASN EA 290 25.58 96.78 -56.81
C ASN EA 290 24.81 96.49 -55.54
N ILE EA 291 24.63 97.51 -54.71
CA ILE EA 291 23.95 97.36 -53.43
C ILE EA 291 22.52 97.83 -53.63
N THR EA 292 21.56 96.92 -53.42
CA THR EA 292 20.16 97.28 -53.50
C THR EA 292 19.45 96.94 -52.20
N LEU EA 293 18.38 97.67 -51.93
CA LEU EA 293 17.68 97.58 -50.65
C LEU EA 293 16.38 96.81 -50.84
N MET EA 294 16.25 95.70 -50.12
CA MET EA 294 15.05 94.88 -50.16
C MET EA 294 14.19 95.22 -48.96
N ASP EA 295 12.88 95.06 -49.14
CA ASP EA 295 11.95 95.38 -48.07
C ASP EA 295 11.98 94.29 -47.00
N ASP EA 296 11.38 94.60 -45.86
CA ASP EA 296 11.45 93.73 -44.69
C ASP EA 296 10.17 92.95 -44.44
N VAL EA 297 9.00 93.56 -44.67
CA VAL EA 297 7.76 92.84 -44.45
C VAL EA 297 7.45 91.91 -45.61
N THR EA 298 8.14 92.07 -46.73
CA THR EA 298 7.96 91.16 -47.84
C THR EA 298 8.90 89.98 -47.75
N ALA EA 299 9.84 90.01 -46.83
CA ALA EA 299 10.66 88.85 -46.56
C ALA EA 299 9.96 87.89 -45.63
N ALA EA 300 9.25 88.41 -44.63
CA ALA EA 300 8.45 87.60 -43.74
C ALA EA 300 7.02 87.36 -44.23
N GLY EA 301 6.60 87.97 -45.32
CA GLY EA 301 5.28 87.65 -45.81
C GLY EA 301 5.26 86.45 -46.73
N GLN EA 302 6.34 86.30 -47.51
CA GLN EA 302 6.43 85.13 -48.37
C GLN EA 302 6.75 83.86 -47.60
N ALA EA 303 7.36 83.97 -46.42
CA ALA EA 303 7.65 82.77 -45.66
C ALA EA 303 6.40 82.19 -45.06
N GLU EA 304 5.45 83.05 -44.70
CA GLU EA 304 4.21 82.55 -44.13
C GLU EA 304 3.27 82.12 -45.24
N ALA EA 305 3.20 82.89 -46.33
CA ALA EA 305 2.31 82.48 -47.41
C ALA EA 305 2.82 81.25 -48.15
N GLY EA 306 4.09 80.87 -47.98
CA GLY EA 306 4.53 79.61 -48.53
C GLY EA 306 4.44 78.51 -47.49
N LEU EA 307 4.41 78.89 -46.21
CA LEU EA 307 4.23 77.87 -45.19
C LEU EA 307 2.77 77.49 -45.02
N LYS EA 308 1.86 78.28 -45.58
CA LYS EA 308 0.45 77.96 -45.49
C LYS EA 308 -0.05 77.11 -46.65
N GLN EA 309 0.62 77.16 -47.79
CA GLN EA 309 0.19 76.33 -48.91
C GLN EA 309 0.52 74.86 -48.70
N GLN EA 310 1.50 74.55 -47.87
CA GLN EA 310 1.85 73.17 -47.57
C GLN EA 310 1.01 72.60 -46.44
N ALA EA 311 0.11 73.40 -45.87
CA ALA EA 311 -0.78 73.01 -44.77
C ALA EA 311 0.00 72.50 -43.56
N LEU EA 312 1.03 73.23 -43.19
CA LEU EA 312 1.78 72.77 -42.03
C LEU EA 312 1.35 73.52 -40.78
N PRO EA 313 1.17 72.82 -39.65
CA PRO EA 313 0.86 73.52 -38.41
C PRO EA 313 2.10 74.19 -37.85
N TYR EA 314 2.04 75.49 -37.66
CA TYR EA 314 3.19 76.28 -37.27
C TYR EA 314 2.82 77.23 -36.13
N SER EA 315 3.81 78.01 -35.72
CA SER EA 315 3.61 78.99 -34.65
C SER EA 315 4.67 80.06 -34.84
N ARG EA 316 4.21 81.28 -35.07
CA ARG EA 316 5.08 82.41 -35.37
C ARG EA 316 5.42 83.16 -34.09
N ARG EA 317 6.70 83.46 -33.89
CA ARG EA 317 7.16 84.21 -32.73
C ARG EA 317 7.84 85.47 -33.25
N ASN EA 318 7.15 86.59 -33.09
CA ASN EA 318 7.67 87.89 -33.47
C ASN EA 318 8.46 88.52 -32.32
N HIS EA 319 9.70 88.90 -32.60
CA HIS EA 319 10.46 89.74 -31.69
C HIS EA 319 11.32 90.68 -32.51
N LYS EA 320 12.00 91.58 -31.82
CA LYS EA 320 12.67 92.72 -32.45
C LYS EA 320 13.91 92.27 -33.22
N GLY EA 321 13.87 92.41 -34.53
CA GLY EA 321 15.02 92.07 -35.35
C GLY EA 321 15.10 90.60 -35.72
N GLY EA 322 13.96 90.03 -36.09
CA GLY EA 322 13.94 88.64 -36.47
C GLY EA 322 12.69 87.92 -36.03
N VAL EA 323 12.15 87.07 -36.89
CA VAL EA 323 11.00 86.26 -36.56
C VAL EA 323 11.41 84.81 -36.55
N THR EA 324 10.59 83.97 -35.95
CA THR EA 324 10.94 82.56 -35.81
C THR EA 324 9.70 81.72 -36.03
N PHE EA 325 9.79 80.71 -36.89
CA PHE EA 325 8.64 79.85 -37.10
C PHE EA 325 8.93 78.47 -36.53
N VAL EA 326 8.13 78.03 -35.56
CA VAL EA 326 8.33 76.76 -34.88
C VAL EA 326 7.26 75.78 -35.36
N ILE EA 327 7.71 74.67 -35.93
CA ILE EA 327 6.85 73.62 -36.48
C ILE EA 327 7.08 72.36 -35.65
N GLN EA 328 6.20 72.11 -34.69
CA GLN EA 328 6.31 71.00 -33.77
C GLN EA 328 5.14 70.03 -33.96
N GLY EA 329 5.09 69.03 -33.09
CA GLY EA 329 4.05 68.03 -33.10
C GLY EA 329 4.56 66.70 -33.63
N ALA EA 330 3.62 65.77 -33.80
CA ALA EA 330 3.91 64.46 -34.36
C ALA EA 330 3.52 64.49 -35.84
N LEU EA 331 4.45 64.98 -36.65
CA LEU EA 331 4.22 65.10 -38.08
C LEU EA 331 4.21 63.74 -38.75
N ASP EA 332 3.54 63.66 -39.89
CA ASP EA 332 3.55 62.44 -40.68
C ASP EA 332 4.73 62.49 -41.65
N ASP EA 333 4.77 61.54 -42.58
CA ASP EA 333 5.94 61.40 -43.44
C ASP EA 333 5.91 62.31 -44.66
N VAL EA 334 4.72 62.72 -45.09
CA VAL EA 334 4.61 63.62 -46.24
C VAL EA 334 5.04 65.04 -45.85
N GLU EA 335 4.77 65.42 -44.61
CA GLU EA 335 5.01 66.78 -44.20
C GLU EA 335 6.49 67.04 -43.93
N ILE EA 336 7.26 66.01 -43.59
CA ILE EA 336 8.69 66.20 -43.43
C ILE EA 336 9.33 66.42 -44.79
N LEU EA 337 8.80 65.76 -45.81
CA LEU EA 337 9.34 65.91 -47.16
C LEU EA 337 8.99 67.28 -47.73
N ARG EA 338 7.79 67.78 -47.40
CA ARG EA 338 7.42 69.08 -47.93
C ARG EA 338 8.14 70.20 -47.18
N ALA EA 339 8.32 70.05 -45.87
CA ALA EA 339 9.05 71.06 -45.13
C ALA EA 339 10.53 71.02 -45.43
N ARG EA 340 11.03 69.90 -45.94
CA ARG EA 340 12.43 69.86 -46.35
C ARG EA 340 12.60 70.42 -47.74
N GLN EA 341 11.55 70.41 -48.55
CA GLN EA 341 11.70 70.98 -49.89
C GLN EA 341 11.45 72.46 -49.92
N PHE EA 342 10.66 73.00 -48.98
CA PHE EA 342 10.39 74.43 -48.98
C PHE EA 342 11.48 75.24 -48.28
N VAL EA 343 12.02 74.73 -47.17
CA VAL EA 343 13.05 75.43 -46.41
C VAL EA 343 14.34 75.53 -47.20
N ASP EA 344 14.72 74.45 -47.90
CA ASP EA 344 15.95 74.49 -48.67
C ASP EA 344 15.84 75.39 -49.90
N SER EA 345 14.63 75.68 -50.34
CA SER EA 345 14.46 76.63 -51.44
C SER EA 345 14.25 78.04 -50.94
N TYR EA 346 13.98 78.22 -49.66
CA TYR EA 346 13.89 79.57 -49.13
C TYR EA 346 15.23 80.07 -48.59
N TYR EA 347 16.03 79.17 -48.02
CA TYR EA 347 17.35 79.57 -47.54
C TYR EA 347 18.26 79.92 -48.70
N ARG EA 348 17.99 79.37 -49.88
CA ARG EA 348 18.82 79.61 -51.04
C ARG EA 348 18.68 81.05 -51.49
N THR EA 349 17.48 81.60 -51.41
CA THR EA 349 17.22 82.91 -51.95
C THR EA 349 17.09 83.99 -50.88
N TRP EA 350 17.20 83.64 -49.59
CA TRP EA 350 17.08 84.66 -48.56
C TRP EA 350 18.11 84.60 -47.44
N GLY EA 351 18.86 83.52 -47.29
CA GLY EA 351 19.81 83.42 -46.21
C GLY EA 351 19.14 83.15 -44.87
N GLY EA 352 19.95 83.08 -43.83
CA GLY EA 352 19.42 82.77 -42.52
C GLY EA 352 19.60 83.84 -41.46
N ARG EA 353 19.69 85.10 -41.89
CA ARG EA 353 19.95 86.18 -40.95
C ARG EA 353 18.69 86.68 -40.27
N TYR EA 354 17.58 86.77 -41.00
CA TYR EA 354 16.36 87.36 -40.47
C TYR EA 354 15.38 86.34 -39.91
N VAL EA 355 14.92 85.41 -40.74
CA VAL EA 355 13.87 84.46 -40.38
C VAL EA 355 14.44 83.05 -40.32
N GLN EA 356 14.07 82.30 -39.28
CA GLN EA 356 14.62 80.97 -39.06
C GLN EA 356 13.51 79.98 -38.68
N PHE EA 357 13.50 78.86 -39.37
CA PHE EA 357 12.53 77.80 -39.13
C PHE EA 357 13.11 76.81 -38.13
N ALA EA 358 12.24 76.25 -37.31
CA ALA EA 358 12.61 75.30 -36.26
C ALA EA 358 11.67 74.10 -36.40
N ILE EA 359 12.06 73.15 -37.24
CA ILE EA 359 11.34 71.88 -37.32
C ILE EA 359 11.70 71.03 -36.11
N GLU EA 360 10.69 70.39 -35.51
CA GLU EA 360 10.92 69.68 -34.27
C GLU EA 360 9.97 68.49 -34.15
N LEU EA 361 10.49 67.29 -34.34
CA LEU EA 361 9.72 66.06 -34.29
C LEU EA 361 9.70 65.47 -32.88
N LYS EA 362 8.55 65.53 -32.20
CA LYS EA 362 8.45 64.91 -30.88
C LYS EA 362 7.05 64.36 -30.69
N ASP EA 363 6.94 63.46 -29.73
CA ASP EA 363 5.71 62.73 -29.44
C ASP EA 363 4.79 63.62 -28.61
N ASP EA 364 3.67 63.08 -28.16
CA ASP EA 364 2.71 63.89 -27.42
C ASP EA 364 3.21 64.05 -25.99
N TRP EA 365 3.32 65.30 -25.56
CA TRP EA 365 3.65 65.59 -24.18
C TRP EA 365 2.51 65.17 -23.27
N LEU EA 366 2.85 64.56 -22.13
CA LEU EA 366 1.88 63.97 -21.20
C LEU EA 366 0.97 62.97 -21.93
N LYS EA 367 1.62 61.87 -22.36
CA LYS EA 367 1.09 60.99 -23.40
C LYS EA 367 -0.25 60.34 -23.02
N GLY EA 368 -0.26 59.52 -21.98
CA GLY EA 368 -1.46 58.85 -21.51
C GLY EA 368 -1.95 59.42 -20.21
N ARG EA 369 -1.77 60.72 -20.03
CA ARG EA 369 -2.06 61.39 -18.79
C ARG EA 369 -3.24 62.31 -19.02
N SER EA 370 -4.11 62.46 -18.03
CA SER EA 370 -5.18 63.43 -18.10
C SER EA 370 -4.81 64.64 -17.26
N PHE EA 371 -5.01 65.82 -17.82
CA PHE EA 371 -4.61 67.07 -17.18
C PHE EA 371 -5.73 68.09 -17.30
N GLN EA 372 -5.61 69.16 -16.52
CA GLN EA 372 -6.63 70.21 -16.46
C GLN EA 372 -5.96 71.54 -16.75
N TYR EA 373 -5.95 71.93 -18.01
CA TYR EA 373 -5.11 73.02 -18.46
C TYR EA 373 -5.72 74.38 -18.13
N GLY EA 374 -4.84 75.37 -18.03
CA GLY EA 374 -5.23 76.77 -18.02
C GLY EA 374 -5.25 77.39 -16.64
N ALA EA 375 -4.13 78.03 -16.29
CA ALA EA 375 -3.93 78.98 -15.19
C ALA EA 375 -4.00 78.38 -13.78
N GLU EA 376 -4.51 77.15 -13.66
CA GLU EA 376 -4.49 76.36 -12.43
C GLU EA 376 -4.50 74.92 -12.90
N GLY EA 377 -3.31 74.34 -13.05
CA GLY EA 377 -3.14 73.10 -13.77
C GLY EA 377 -2.71 71.98 -12.83
N TYR EA 378 -3.13 70.76 -13.16
CA TYR EA 378 -2.62 69.61 -12.45
C TYR EA 378 -2.67 68.41 -13.38
N ILE EA 379 -1.64 67.60 -13.34
CA ILE EA 379 -1.58 66.38 -14.13
C ILE EA 379 -1.90 65.19 -13.23
N LYS EA 380 -2.67 64.26 -13.75
CA LYS EA 380 -3.10 63.07 -13.01
C LYS EA 380 -2.27 61.89 -13.49
N MET EA 381 -1.27 61.51 -12.71
CA MET EA 381 -0.45 60.35 -13.05
C MET EA 381 -1.18 59.04 -12.87
N SER EA 382 -2.26 59.04 -12.11
CA SER EA 382 -2.99 57.84 -11.74
C SER EA 382 -4.35 58.29 -11.24
N PRO EA 383 -5.33 57.39 -11.15
CA PRO EA 383 -6.60 57.76 -10.52
C PRO EA 383 -6.50 58.24 -9.08
N GLY EA 384 -5.42 57.94 -8.37
CA GLY EA 384 -5.25 58.47 -7.03
C GLY EA 384 -3.97 59.26 -6.87
N HIS EA 385 -3.61 60.06 -7.86
CA HIS EA 385 -2.34 60.77 -7.83
C HIS EA 385 -2.49 62.10 -8.55
N TRP EA 386 -2.05 63.15 -7.88
CA TRP EA 386 -2.08 64.50 -8.43
C TRP EA 386 -0.67 65.03 -8.51
N TYR EA 387 -0.42 65.91 -9.47
CA TYR EA 387 0.90 66.49 -9.67
C TYR EA 387 0.69 67.94 -10.05
N PHE EA 388 1.40 68.85 -9.40
CA PHE EA 388 1.19 70.29 -9.59
C PHE EA 388 2.49 70.91 -10.08
N PRO EA 389 2.83 70.73 -11.36
CA PRO EA 389 3.93 71.49 -11.94
C PRO EA 389 3.43 72.81 -12.47
N SER EA 390 4.26 73.48 -13.27
CA SER EA 390 3.99 74.69 -14.04
C SER EA 390 2.63 74.62 -14.74
N PRO EA 391 1.92 75.75 -14.88
CA PRO EA 391 0.54 75.70 -15.38
C PRO EA 391 0.46 75.21 -16.82
N LEU EA 392 -0.12 74.03 -16.98
CA LEU EA 392 -0.18 73.34 -18.25
C LEU EA 392 -1.29 73.90 -19.14
N ALA FA 171 66.41 78.55 -51.02
CA ALA FA 171 65.42 77.85 -50.20
C ALA FA 171 64.51 78.84 -49.50
N GLU FA 172 63.57 79.43 -50.24
CA GLU FA 172 62.68 80.40 -49.65
C GLU FA 172 61.57 79.75 -48.84
N LEU FA 173 60.99 80.57 -47.96
CA LEU FA 173 60.01 80.07 -47.00
C LEU FA 173 58.71 79.74 -47.69
N ASP FA 174 58.36 80.49 -48.75
CA ASP FA 174 57.12 80.20 -49.44
C ASP FA 174 57.24 78.96 -50.30
N SER FA 175 58.47 78.52 -50.57
CA SER FA 175 58.67 77.29 -51.31
C SER FA 175 58.79 76.10 -50.38
N LEU FA 176 59.17 76.33 -49.13
CA LEU FA 176 59.23 75.23 -48.17
C LEU FA 176 57.85 74.84 -47.62
N LEU FA 177 56.82 75.64 -47.82
CA LEU FA 177 55.46 75.24 -47.48
C LEU FA 177 54.87 74.36 -48.57
N GLY FA 178 53.56 74.16 -48.52
CA GLY FA 178 52.86 73.27 -49.41
C GLY FA 178 52.74 73.85 -50.81
N GLN FA 179 52.00 73.12 -51.66
CA GLN FA 179 51.82 73.57 -53.03
C GLN FA 179 50.93 74.81 -53.07
N GLU FA 180 49.81 74.78 -52.37
CA GLU FA 180 48.89 75.91 -52.35
C GLU FA 180 49.46 77.01 -51.46
N LYS FA 181 49.94 78.09 -52.08
CA LYS FA 181 50.52 79.22 -51.37
C LYS FA 181 49.48 80.30 -51.11
N GLU FA 182 48.32 79.90 -50.55
CA GLU FA 182 47.29 80.86 -50.19
C GLU FA 182 46.64 80.55 -48.85
N ARG FA 183 47.01 79.47 -48.19
CA ARG FA 183 46.50 79.17 -46.85
C ARG FA 183 47.47 79.61 -45.76
N PHE FA 184 48.66 80.07 -46.12
CA PHE FA 184 49.61 80.66 -45.19
C PHE FA 184 49.94 82.08 -45.64
N GLN FA 185 50.54 82.85 -44.75
CA GLN FA 185 50.91 84.23 -45.07
C GLN FA 185 52.11 84.64 -44.23
N VAL FA 186 53.24 84.86 -44.89
CA VAL FA 186 54.49 85.22 -44.24
C VAL FA 186 54.65 86.75 -44.12
N LEU FA 187 54.78 87.22 -42.88
CA LEU FA 187 54.95 88.62 -42.55
C LEU FA 187 56.38 88.89 -42.13
N PRO FA 188 57.00 89.96 -42.62
CA PRO FA 188 58.35 90.32 -42.17
C PRO FA 188 58.34 90.97 -40.80
N GLY FA 189 59.34 90.66 -39.98
CA GLY FA 189 59.39 91.18 -38.64
C GLY FA 189 60.31 92.37 -38.55
N ARG FA 190 60.31 92.97 -37.37
CA ARG FA 190 61.20 94.08 -37.07
C ARG FA 190 62.46 93.62 -36.39
N ASP FA 191 62.39 92.49 -35.68
CA ASP FA 191 63.53 91.92 -34.98
C ASP FA 191 64.25 90.88 -35.84
N LYS FA 192 64.19 91.01 -37.17
CA LYS FA 192 64.83 90.11 -38.14
C LYS FA 192 64.34 88.67 -37.98
N MET FA 193 63.02 88.50 -38.03
CA MET FA 193 62.40 87.19 -37.92
C MET FA 193 61.09 87.17 -38.69
N LEU FA 194 60.87 86.08 -39.42
CA LEU FA 194 59.72 85.98 -40.29
C LEU FA 194 58.59 85.26 -39.58
N TYR FA 195 57.38 85.82 -39.64
CA TYR FA 195 56.24 85.25 -38.95
C TYR FA 195 55.31 84.61 -39.98
N VAL FA 196 54.83 83.41 -39.69
CA VAL FA 196 53.89 82.72 -40.56
C VAL FA 196 52.56 82.68 -39.81
N ALA FA 197 51.54 83.31 -40.36
CA ALA FA 197 50.27 83.44 -39.66
C ALA FA 197 49.34 82.37 -40.19
N ALA FA 198 49.19 81.29 -39.42
CA ALA FA 198 48.26 80.25 -39.85
C ALA FA 198 46.84 80.60 -39.45
N GLN FA 199 45.91 79.66 -39.66
CA GLN FA 199 44.51 79.91 -39.36
C GLN FA 199 43.95 78.98 -38.30
N ASN FA 200 44.20 77.68 -38.40
CA ASN FA 200 43.71 76.78 -37.38
C ASN FA 200 44.82 75.91 -36.81
N GLU FA 201 44.43 74.95 -35.96
CA GLU FA 201 45.41 74.13 -35.29
C GLU FA 201 46.01 73.10 -36.23
N ARG FA 202 45.27 72.71 -37.27
CA ARG FA 202 45.78 71.69 -38.18
C ARG FA 202 46.86 72.27 -39.06
N ASP FA 203 46.69 73.52 -39.49
CA ASP FA 203 47.75 74.14 -40.27
C ASP FA 203 48.86 74.68 -39.38
N THR FA 204 48.61 74.80 -38.08
CA THR FA 204 49.68 75.25 -37.20
C THR FA 204 50.71 74.16 -36.98
N LEU FA 205 50.30 72.90 -36.93
CA LEU FA 205 51.30 71.85 -36.83
C LEU FA 205 51.91 71.51 -38.17
N TRP FA 206 51.25 71.93 -39.26
CA TRP FA 206 51.78 71.76 -40.60
C TRP FA 206 52.90 72.75 -40.81
N ALA FA 207 52.83 73.89 -40.14
CA ALA FA 207 53.90 74.86 -40.26
C ALA FA 207 54.95 74.68 -39.18
N ARG FA 208 54.59 74.14 -38.01
CA ARG FA 208 55.63 73.89 -37.03
C ARG FA 208 56.49 72.69 -37.38
N GLN FA 209 56.01 71.78 -38.22
CA GLN FA 209 56.86 70.65 -38.62
C GLN FA 209 58.02 71.08 -39.51
N VAL FA 210 57.83 72.10 -40.37
CA VAL FA 210 58.93 72.55 -41.23
C VAL FA 210 60.03 73.19 -40.38
N LEU FA 211 59.67 74.07 -39.44
CA LEU FA 211 60.69 74.68 -38.60
C LEU FA 211 61.20 73.74 -37.52
N ALA FA 212 60.58 72.57 -37.36
CA ALA FA 212 61.08 71.61 -36.39
C ALA FA 212 62.06 70.63 -37.00
N ARG FA 213 61.83 70.21 -38.26
CA ARG FA 213 62.81 69.35 -38.90
C ARG FA 213 64.09 70.09 -39.25
N GLY FA 214 64.05 71.42 -39.29
CA GLY FA 214 65.26 72.20 -39.42
C GLY FA 214 65.76 72.37 -40.83
N ASP FA 215 64.88 72.35 -41.82
CA ASP FA 215 65.31 72.62 -43.19
C ASP FA 215 65.14 74.10 -43.55
N TYR FA 216 65.66 74.97 -42.69
CA TYR FA 216 65.62 76.40 -42.97
C TYR FA 216 66.76 77.04 -42.22
N ASP FA 217 67.36 78.06 -42.83
CA ASP FA 217 68.59 78.66 -42.34
C ASP FA 217 68.34 79.53 -41.12
N LYS FA 218 67.54 80.58 -41.28
CA LYS FA 218 67.36 81.55 -40.22
C LYS FA 218 66.24 81.09 -39.28
N ASN FA 219 65.84 81.99 -38.39
CA ASN FA 219 64.82 81.73 -37.39
C ASN FA 219 63.47 82.27 -37.86
N ALA FA 220 62.40 81.63 -37.39
CA ALA FA 220 61.06 82.05 -37.78
C ALA FA 220 60.08 81.62 -36.70
N ARG FA 221 58.92 82.27 -36.68
CA ARG FA 221 57.88 81.96 -35.71
C ARG FA 221 56.55 81.81 -36.40
N VAL FA 222 55.67 81.02 -35.79
CA VAL FA 222 54.31 80.80 -36.29
C VAL FA 222 53.30 81.40 -35.32
N ILE FA 223 52.45 82.28 -35.85
CA ILE FA 223 51.45 82.87 -34.96
C ILE FA 223 50.07 82.37 -35.36
N ASN FA 224 49.08 82.74 -34.54
CA ASN FA 224 47.73 82.25 -34.65
C ASN FA 224 46.82 83.21 -33.89
N GLU FA 225 45.57 83.30 -34.35
CA GLU FA 225 44.62 84.21 -33.73
C GLU FA 225 44.24 83.74 -32.33
N ASN FA 226 44.21 82.43 -32.13
CA ASN FA 226 43.76 81.93 -30.86
C ASN FA 226 44.87 82.02 -29.81
N GLU FA 227 46.14 81.92 -30.19
CA GLU FA 227 47.18 81.87 -29.18
C GLU FA 227 47.94 83.19 -29.06
N GLU FA 228 47.71 84.14 -29.95
CA GLU FA 228 48.23 85.47 -29.63
C GLU FA 228 47.30 86.27 -28.75
N ASN FA 229 46.06 85.83 -28.62
CA ASN FA 229 45.15 86.43 -27.68
C ASN FA 229 45.22 85.78 -26.34
N LYS FA 230 45.67 84.53 -26.28
CA LYS FA 230 45.94 83.96 -24.97
C LYS FA 230 47.27 84.44 -24.43
N ARG FA 231 48.25 84.70 -25.29
CA ARG FA 231 49.54 85.19 -24.79
C ARG FA 231 49.46 86.67 -24.38
N ILE FA 232 48.74 87.50 -25.14
CA ILE FA 232 48.72 88.93 -24.81
C ILE FA 232 47.88 89.29 -23.59
N SER FA 233 47.03 88.39 -23.11
CA SER FA 233 46.30 88.72 -21.90
C SER FA 233 47.10 88.42 -20.65
N ILE FA 234 48.11 87.57 -20.76
CA ILE FA 234 49.03 87.34 -19.65
C ILE FA 234 49.90 88.56 -19.45
N TRP FA 235 50.30 89.21 -20.54
CA TRP FA 235 51.04 90.46 -20.35
C TRP FA 235 50.11 91.56 -19.88
N LEU FA 236 48.84 91.53 -20.30
CA LEU FA 236 47.98 92.67 -20.03
C LEU FA 236 47.48 92.68 -18.60
N ASP FA 237 47.33 91.52 -17.97
CA ASP FA 237 46.83 91.47 -16.60
C ASP FA 237 47.94 91.47 -15.56
N THR FA 238 49.06 92.05 -15.89
CA THR FA 238 50.17 92.31 -14.99
C THR FA 238 50.53 93.77 -14.97
N TYR FA 239 50.54 94.42 -16.13
CA TYR FA 239 50.82 95.84 -16.21
C TYR FA 239 49.58 96.70 -16.29
N TYR FA 240 48.44 96.16 -16.72
CA TYR FA 240 47.18 96.90 -16.74
C TYR FA 240 46.07 96.06 -16.14
N PRO FA 241 46.04 95.88 -14.82
CA PRO FA 241 44.93 95.13 -14.23
C PRO FA 241 43.69 96.01 -14.16
N GLN FA 242 42.55 95.34 -13.92
CA GLN FA 242 41.22 95.95 -13.87
C GLN FA 242 40.91 96.72 -15.15
N LEU FA 243 41.35 96.20 -16.28
CA LEU FA 243 41.07 96.81 -17.58
C LEU FA 243 39.99 96.01 -18.27
N ALA FA 244 39.05 96.70 -18.91
CA ALA FA 244 37.93 96.06 -19.58
C ALA FA 244 38.15 96.10 -21.07
N TYR FA 245 38.21 94.92 -21.68
CA TYR FA 245 38.42 94.76 -23.11
C TYR FA 245 37.75 93.47 -23.54
N TYR FA 246 37.67 93.27 -24.85
CA TYR FA 246 36.95 92.12 -25.39
C TYR FA 246 37.84 91.15 -26.15
N ARG FA 247 38.53 91.61 -27.18
CA ARG FA 247 39.17 90.73 -28.16
C ARG FA 247 40.13 91.56 -28.99
N ILE FA 248 41.07 90.88 -29.61
CA ILE FA 248 41.92 91.46 -30.64
C ILE FA 248 41.62 90.74 -31.93
N HIS FA 249 41.30 91.49 -32.99
CA HIS FA 249 40.95 90.91 -34.27
C HIS FA 249 42.12 91.03 -35.24
N PHE FA 250 42.41 89.94 -35.93
CA PHE FA 250 43.55 89.89 -36.84
C PHE FA 250 43.10 89.60 -38.27
N ASP FA 251 42.06 90.30 -38.74
CA ASP FA 251 41.64 90.09 -40.12
C ASP FA 251 42.67 90.68 -41.09
N GLU FA 252 43.38 91.72 -40.68
CA GLU FA 252 44.56 92.20 -41.40
C GLU FA 252 45.72 92.24 -40.43
N PRO FA 253 46.64 91.28 -40.52
CA PRO FA 253 47.63 91.10 -39.45
C PRO FA 253 48.68 92.19 -39.38
N ARG FA 254 48.79 93.04 -40.39
CA ARG FA 254 49.70 94.18 -40.29
C ARG FA 254 49.02 95.41 -39.73
N LYS FA 255 47.77 95.29 -39.29
CA LYS FA 255 47.04 96.40 -38.70
C LYS FA 255 45.87 95.88 -37.85
N PRO FA 256 46.11 95.38 -36.65
CA PRO FA 256 45.03 94.80 -35.87
C PRO FA 256 44.17 95.87 -35.19
N VAL FA 257 43.01 95.43 -34.72
CA VAL FA 257 42.04 96.28 -34.03
C VAL FA 257 41.85 95.76 -32.61
N PHE FA 258 41.92 96.66 -31.65
CA PHE FA 258 41.80 96.34 -30.23
C PHE FA 258 40.49 96.93 -29.74
N TRP FA 259 39.56 96.05 -29.39
CA TRP FA 259 38.19 96.39 -29.00
C TRP FA 259 38.14 96.67 -27.51
N LEU FA 260 38.05 97.93 -27.13
CA LEU FA 260 37.98 98.33 -25.74
C LEU FA 260 36.56 98.63 -25.31
N SER FA 261 36.28 98.50 -24.02
CA SER FA 261 34.95 98.76 -23.48
C SER FA 261 34.85 100.22 -23.10
N ARG FA 262 33.75 100.88 -23.49
CA ARG FA 262 33.65 102.31 -23.24
C ARG FA 262 33.11 102.62 -21.85
N GLN FA 263 32.11 101.89 -21.39
CA GLN FA 263 31.38 102.27 -20.18
C GLN FA 263 32.01 101.77 -18.89
N ARG FA 264 33.14 101.08 -18.94
CA ARG FA 264 33.68 100.45 -17.73
C ARG FA 264 35.13 100.85 -17.46
N ASN FA 265 35.68 101.84 -18.15
CA ASN FA 265 37.01 102.36 -17.84
C ASN FA 265 37.03 103.85 -18.15
N THR FA 266 37.91 104.58 -17.49
CA THR FA 266 37.97 106.03 -17.61
C THR FA 266 39.39 106.48 -17.99
N MET FA 267 40.05 105.76 -18.90
CA MET FA 267 41.34 106.22 -19.38
C MET FA 267 41.20 107.42 -20.30
N SER FA 268 42.20 108.31 -20.28
CA SER FA 268 42.17 109.50 -21.10
C SER FA 268 42.71 109.20 -22.49
N LYS FA 269 42.88 110.24 -23.31
CA LYS FA 269 43.40 110.04 -24.67
C LYS FA 269 44.91 109.76 -24.64
N LYS FA 270 45.64 110.42 -23.75
CA LYS FA 270 47.09 110.22 -23.75
C LYS FA 270 47.43 108.86 -23.15
N GLU FA 271 46.73 108.47 -22.09
CA GLU FA 271 47.03 107.17 -21.55
C GLU FA 271 46.31 106.06 -22.31
N LEU FA 272 45.55 106.39 -23.36
CA LEU FA 272 45.19 105.37 -24.34
C LEU FA 272 46.22 105.26 -25.45
N GLU FA 273 46.90 106.35 -25.78
CA GLU FA 273 47.97 106.24 -26.77
C GLU FA 273 49.23 105.61 -26.22
N VAL FA 274 49.47 105.69 -24.91
CA VAL FA 274 50.62 104.98 -24.36
C VAL FA 274 50.33 103.47 -24.38
N LEU FA 275 49.08 103.10 -24.16
CA LEU FA 275 48.71 101.69 -24.24
C LEU FA 275 48.81 101.21 -25.68
N SER FA 276 48.47 102.08 -26.64
CA SER FA 276 48.57 101.67 -28.03
C SER FA 276 50.01 101.56 -28.51
N GLN FA 277 50.94 102.27 -27.88
CA GLN FA 277 52.33 102.10 -28.29
C GLN FA 277 53.01 100.95 -27.55
N LYS FA 278 52.63 100.68 -26.30
CA LYS FA 278 53.19 99.54 -25.62
C LYS FA 278 52.58 98.23 -26.08
N LEU FA 279 51.38 98.25 -26.65
CA LEU FA 279 50.87 97.04 -27.25
C LEU FA 279 51.49 96.81 -28.61
N ARG FA 280 52.02 97.87 -29.23
CA ARG FA 280 52.63 97.72 -30.54
C ARG FA 280 54.03 97.14 -30.38
N ALA FA 281 54.71 97.55 -29.33
CA ALA FA 281 56.05 97.01 -29.10
C ALA FA 281 56.02 95.56 -28.62
N LEU FA 282 54.87 95.07 -28.17
CA LEU FA 282 54.74 93.67 -27.81
C LEU FA 282 54.58 92.76 -29.03
N MET FA 283 54.04 93.27 -30.13
CA MET FA 283 53.82 92.50 -31.34
C MET FA 283 54.73 93.02 -32.43
N PRO FA 284 55.87 92.38 -32.69
CA PRO FA 284 56.82 92.92 -33.67
C PRO FA 284 56.39 92.80 -35.11
N TYR FA 285 55.31 92.08 -35.43
CA TYR FA 285 54.88 91.99 -36.82
C TYR FA 285 53.87 93.05 -37.17
N ALA FA 286 53.22 93.65 -36.18
CA ALA FA 286 52.21 94.65 -36.46
C ALA FA 286 52.87 95.98 -36.80
N ASP FA 287 52.09 96.89 -37.37
CA ASP FA 287 52.55 98.23 -37.68
C ASP FA 287 51.92 99.29 -36.80
N SER FA 288 50.61 99.21 -36.58
CA SER FA 288 49.92 100.15 -35.71
C SER FA 288 48.63 99.51 -35.25
N VAL FA 289 48.45 99.36 -33.95
CA VAL FA 289 47.22 98.79 -33.40
C VAL FA 289 46.18 99.90 -33.25
N ASN FA 290 44.99 99.68 -33.80
CA ASN FA 290 43.93 100.68 -33.75
C ASN FA 290 42.93 100.29 -32.67
N ILE FA 291 42.69 101.19 -31.72
CA ILE FA 291 41.79 100.91 -30.60
C ILE FA 291 40.45 101.58 -30.87
N THR FA 292 39.40 100.76 -30.92
CA THR FA 292 38.04 101.24 -31.07
C THR FA 292 37.24 100.89 -29.83
N LEU FA 293 36.38 101.83 -29.39
CA LEU FA 293 35.58 101.67 -28.19
C LEU FA 293 34.19 101.15 -28.55
N MET FA 294 33.92 99.91 -28.17
CA MET FA 294 32.63 99.29 -28.41
C MET FA 294 31.69 99.59 -27.25
N ASP FA 295 30.41 99.65 -27.56
CA ASP FA 295 29.43 99.86 -26.50
C ASP FA 295 29.24 98.57 -25.72
N ASP FA 296 28.73 98.71 -24.49
CA ASP FA 296 28.58 97.58 -23.60
C ASP FA 296 27.14 97.09 -23.51
N VAL FA 297 26.19 97.87 -23.97
CA VAL FA 297 24.80 97.42 -23.97
C VAL FA 297 24.53 96.51 -25.16
N THR FA 298 25.10 96.80 -26.34
CA THR FA 298 24.85 95.99 -27.52
C THR FA 298 25.56 94.64 -27.46
N ALA FA 299 26.52 94.48 -26.55
CA ALA FA 299 27.17 93.19 -26.36
C ALA FA 299 26.22 92.21 -25.72
N ALA FA 300 25.56 92.61 -24.65
CA ALA FA 300 24.55 91.73 -24.07
C ALA FA 300 23.22 91.85 -24.77
N GLY FA 301 23.05 92.79 -25.69
CA GLY FA 301 21.80 92.87 -26.40
C GLY FA 301 21.76 91.92 -27.56
N GLN FA 302 22.88 91.75 -28.26
CA GLN FA 302 22.92 90.79 -29.35
C GLN FA 302 23.06 89.36 -28.87
N ALA FA 303 23.38 89.15 -27.61
CA ALA FA 303 23.45 87.80 -27.07
C ALA FA 303 22.10 87.33 -26.61
N GLU FA 304 21.21 88.26 -26.27
CA GLU FA 304 19.86 87.88 -25.92
C GLU FA 304 19.01 87.81 -27.18
N ALA FA 305 19.18 88.77 -28.10
CA ALA FA 305 18.41 88.72 -29.34
C ALA FA 305 18.84 87.59 -30.24
N GLY FA 306 20.07 87.09 -30.13
CA GLY FA 306 20.40 85.90 -30.89
C GLY FA 306 20.02 84.61 -30.21
N LEU FA 307 19.67 84.68 -28.93
CA LEU FA 307 19.23 83.50 -28.20
C LEU FA 307 17.73 83.35 -28.21
N LYS FA 308 17.01 84.44 -28.46
CA LYS FA 308 15.57 84.32 -28.65
C LYS FA 308 15.21 83.85 -30.05
N GLN FA 309 16.12 83.99 -31.01
CA GLN FA 309 15.82 83.62 -32.38
C GLN FA 309 15.85 82.12 -32.60
N GLN FA 310 16.60 81.38 -31.80
CA GLN FA 310 16.64 79.93 -31.92
C GLN FA 310 15.60 79.21 -31.09
N ALA FA 311 14.73 79.94 -30.39
CA ALA FA 311 13.68 79.40 -29.52
C ALA FA 311 14.26 78.49 -28.44
N LEU FA 312 15.28 78.98 -27.75
CA LEU FA 312 15.90 78.21 -26.70
C LEU FA 312 15.46 78.72 -25.33
N PRO FA 313 15.27 77.85 -24.35
CA PRO FA 313 14.99 78.33 -23.00
C PRO FA 313 16.26 78.83 -22.34
N TYR FA 314 16.15 79.94 -21.63
CA TYR FA 314 17.32 80.55 -21.02
C TYR FA 314 16.92 81.30 -19.77
N SER FA 315 17.93 81.73 -19.02
CA SER FA 315 17.67 82.45 -17.77
C SER FA 315 18.77 83.49 -17.61
N ARG FA 316 18.46 84.74 -17.96
CA ARG FA 316 19.44 85.83 -17.88
C ARG FA 316 19.64 86.27 -16.44
N ARG FA 317 20.90 86.30 -16.00
CA ARG FA 317 21.28 86.74 -14.66
C ARG FA 317 22.25 87.90 -14.80
N ASN FA 318 21.76 89.11 -14.48
CA ASN FA 318 22.56 90.32 -14.53
C ASN FA 318 23.27 90.58 -13.21
N HIS FA 319 24.52 91.01 -13.29
CA HIS FA 319 25.23 91.55 -12.14
C HIS FA 319 26.26 92.56 -12.64
N LYS FA 320 26.99 93.16 -11.71
CA LYS FA 320 27.89 94.25 -12.02
C LYS FA 320 29.12 93.75 -12.74
N GLY FA 321 29.26 94.13 -14.02
CA GLY FA 321 30.43 93.77 -14.79
C GLY FA 321 30.40 92.37 -15.35
N GLY FA 322 29.32 92.04 -16.03
CA GLY FA 322 29.18 90.74 -16.64
C GLY FA 322 27.74 90.32 -16.66
N VAL FA 323 27.46 89.28 -17.44
CA VAL FA 323 26.09 88.75 -17.52
C VAL FA 323 26.18 87.28 -17.89
N THR FA 324 25.26 86.48 -17.35
CA THR FA 324 25.33 85.05 -17.62
C THR FA 324 23.98 84.48 -18.02
N PHE FA 325 24.02 83.58 -18.99
CA PHE FA 325 22.81 82.91 -19.49
C PHE FA 325 22.92 81.44 -19.17
N VAL FA 326 21.92 80.92 -18.45
CA VAL FA 326 21.89 79.55 -17.99
C VAL FA 326 20.81 78.81 -18.76
N ILE FA 327 21.18 77.66 -19.33
CA ILE FA 327 20.29 76.81 -20.11
C ILE FA 327 20.30 75.43 -19.44
N GLN FA 328 19.33 75.17 -18.59
CA GLN FA 328 19.23 73.89 -17.92
C GLN FA 328 18.16 73.05 -18.60
N GLY FA 329 17.85 71.90 -18.02
CA GLY FA 329 16.72 71.09 -18.44
C GLY FA 329 17.15 69.88 -19.26
N ALA FA 330 16.19 69.00 -19.51
CA ALA FA 330 16.44 67.83 -20.36
C ALA FA 330 16.12 68.18 -21.81
N LEU FA 331 17.01 68.95 -22.42
CA LEU FA 331 16.80 69.37 -23.81
C LEU FA 331 17.00 68.20 -24.76
N ASP FA 332 16.30 68.24 -25.89
CA ASP FA 332 16.49 67.19 -26.88
C ASP FA 332 17.63 67.56 -27.83
N ASP FA 333 17.80 66.73 -28.85
CA ASP FA 333 18.96 66.79 -29.71
C ASP FA 333 18.95 67.92 -30.71
N VAL FA 334 17.83 68.60 -30.94
CA VAL FA 334 17.92 69.73 -31.85
C VAL FA 334 18.25 71.01 -31.08
N GLU FA 335 17.72 71.17 -29.86
CA GLU FA 335 18.05 72.38 -29.11
C GLU FA 335 19.47 72.34 -28.58
N ILE FA 336 20.03 71.14 -28.38
CA ILE FA 336 21.45 71.09 -28.00
C ILE FA 336 22.31 71.49 -29.19
N LEU FA 337 21.92 71.08 -30.39
CA LEU FA 337 22.75 71.37 -31.55
C LEU FA 337 22.67 72.84 -31.92
N ARG FA 338 21.48 73.45 -31.82
CA ARG FA 338 21.38 74.86 -32.17
C ARG FA 338 22.04 75.74 -31.13
N ALA FA 339 22.06 75.31 -29.87
CA ALA FA 339 22.70 76.13 -28.85
C ALA FA 339 24.21 76.04 -28.99
N ARG FA 340 24.72 74.83 -29.24
CA ARG FA 340 26.15 74.66 -29.39
C ARG FA 340 26.63 75.32 -30.68
N GLN FA 341 25.80 75.33 -31.73
CA GLN FA 341 26.18 75.98 -32.97
C GLN FA 341 26.12 77.50 -32.86
N PHE FA 342 25.41 78.04 -31.88
CA PHE FA 342 25.31 79.49 -31.76
C PHE FA 342 26.39 80.05 -30.84
N VAL FA 343 26.71 79.31 -29.77
CA VAL FA 343 27.73 79.77 -28.83
C VAL FA 343 29.11 79.78 -29.50
N ASP FA 344 29.37 78.79 -30.36
CA ASP FA 344 30.64 78.77 -31.09
C ASP FA 344 30.75 79.87 -32.12
N SER FA 345 29.63 80.41 -32.61
CA SER FA 345 29.65 81.53 -33.53
C SER FA 345 29.64 82.86 -32.80
N TYR FA 346 29.32 82.86 -31.52
CA TYR FA 346 29.40 84.09 -30.74
C TYR FA 346 30.74 84.28 -30.04
N TYR FA 347 31.40 83.19 -29.65
CA TYR FA 347 32.70 83.32 -28.99
C TYR FA 347 33.76 83.80 -29.96
N ARG FA 348 33.58 83.53 -31.26
CA ARG FA 348 34.56 83.98 -32.22
C ARG FA 348 34.50 85.49 -32.43
N THR FA 349 33.31 86.06 -32.37
CA THR FA 349 33.19 87.49 -32.60
C THR FA 349 33.47 88.30 -31.35
N TRP FA 350 32.86 87.96 -30.22
CA TRP FA 350 32.94 88.82 -29.05
C TRP FA 350 33.89 88.31 -27.99
N GLY FA 351 33.99 87.00 -27.79
CA GLY FA 351 34.80 86.46 -26.73
C GLY FA 351 34.05 86.36 -25.41
N GLY FA 352 34.54 85.47 -24.56
CA GLY FA 352 33.88 85.17 -23.31
C GLY FA 352 34.35 85.94 -22.09
N ARG FA 353 34.69 87.21 -22.27
CA ARG FA 353 35.15 88.02 -21.15
C ARG FA 353 34.03 88.67 -20.36
N TYR FA 354 32.91 88.97 -21.01
CA TYR FA 354 31.80 89.71 -20.43
C TYR FA 354 30.56 88.86 -20.19
N VAL FA 355 30.11 88.16 -21.22
CA VAL FA 355 28.89 87.38 -21.19
C VAL FA 355 29.25 85.91 -21.30
N GLN FA 356 28.64 85.09 -20.44
CA GLN FA 356 29.01 83.68 -20.39
C GLN FA 356 27.77 82.79 -20.46
N PHE FA 357 27.89 81.70 -21.22
CA PHE FA 357 26.81 80.74 -21.40
C PHE FA 357 27.06 79.48 -20.56
N ALA FA 358 25.97 78.86 -20.13
CA ALA FA 358 26.00 77.83 -19.09
C ALA FA 358 25.16 76.63 -19.47
N ILE FA 359 25.36 76.07 -20.67
CA ILE FA 359 24.59 74.90 -21.09
C ILE FA 359 24.88 73.71 -20.21
N GLU FA 360 23.84 73.16 -19.58
CA GLU FA 360 24.03 71.98 -18.75
C GLU FA 360 22.75 71.16 -18.76
N LEU FA 361 22.90 69.85 -18.84
CA LEU FA 361 21.77 68.95 -18.87
C LEU FA 361 21.56 68.30 -17.52
N LYS FA 362 20.32 68.30 -17.08
CA LYS FA 362 19.89 67.54 -15.91
C LYS FA 362 18.45 67.14 -16.19
N ASP FA 363 17.90 66.30 -15.33
CA ASP FA 363 16.64 65.62 -15.62
C ASP FA 363 15.45 66.31 -14.95
N ASP FA 364 14.83 67.21 -15.70
CA ASP FA 364 13.56 67.82 -15.34
C ASP FA 364 12.88 68.27 -16.63
N TRP FA 365 11.61 67.92 -16.78
CA TRP FA 365 10.90 68.19 -18.03
C TRP FA 365 10.57 69.67 -18.17
N LEU FA 366 10.43 70.38 -17.05
CA LEU FA 366 10.40 71.83 -17.06
C LEU FA 366 11.83 72.32 -17.28
N LYS FA 367 12.07 72.91 -18.44
CA LYS FA 367 13.44 73.20 -18.89
C LYS FA 367 13.95 74.48 -18.22
N GLY FA 368 14.23 74.37 -16.92
CA GLY FA 368 14.86 75.41 -16.14
C GLY FA 368 13.96 76.15 -15.17
N ARG FA 369 12.74 76.48 -15.58
CA ARG FA 369 11.84 77.26 -14.74
C ARG FA 369 11.17 76.37 -13.71
N SER FA 370 10.77 76.98 -12.59
CA SER FA 370 10.17 76.23 -11.50
C SER FA 370 9.15 77.10 -10.79
N PHE FA 371 8.14 76.45 -10.21
CA PHE FA 371 7.02 77.12 -9.59
C PHE FA 371 6.67 76.47 -8.26
N GLN FA 372 5.96 77.23 -7.44
CA GLN FA 372 5.36 76.73 -6.22
C GLN FA 372 3.91 77.22 -6.19
N TYR FA 373 3.03 76.39 -5.65
CA TYR FA 373 1.60 76.56 -5.80
C TYR FA 373 0.99 76.77 -4.42
N GLY FA 374 0.47 77.97 -4.18
CA GLY FA 374 -0.37 78.13 -3.02
C GLY FA 374 -1.31 79.32 -3.05
N ALA FA 375 -2.61 79.03 -2.90
CA ALA FA 375 -3.66 79.96 -2.49
C ALA FA 375 -3.98 81.08 -3.46
N GLU FA 376 -3.20 81.26 -4.52
CA GLU FA 376 -3.46 82.30 -5.50
C GLU FA 376 -3.20 81.88 -6.93
N GLY FA 377 -2.73 80.67 -7.17
CA GLY FA 377 -2.23 80.29 -8.47
C GLY FA 377 -0.78 79.85 -8.36
N TYR FA 378 -0.01 80.12 -9.41
CA TYR FA 378 1.38 79.76 -9.39
C TYR FA 378 2.20 81.03 -9.24
N ILE FA 379 3.36 80.89 -8.61
CA ILE FA 379 4.28 81.99 -8.39
C ILE FA 379 5.61 81.64 -9.05
N LYS FA 380 6.12 82.55 -9.88
CA LYS FA 380 7.41 82.30 -10.51
C LYS FA 380 8.50 82.42 -9.46
N MET FA 381 9.18 81.32 -9.17
CA MET FA 381 10.20 81.31 -8.14
C MET FA 381 11.48 81.97 -8.63
N SER FA 382 12.37 82.28 -7.68
CA SER FA 382 13.65 82.85 -8.01
C SER FA 382 14.56 81.79 -8.63
N PRO FA 383 15.49 82.20 -9.50
CA PRO FA 383 16.48 81.25 -10.03
C PRO FA 383 17.46 80.84 -8.95
N GLY FA 384 17.63 79.52 -8.80
CA GLY FA 384 18.48 78.97 -7.77
C GLY FA 384 19.22 77.75 -8.30
N HIS FA 385 20.01 77.13 -7.42
CA HIS FA 385 20.83 76.00 -7.80
C HIS FA 385 20.12 74.67 -7.65
N TRP FA 386 19.26 74.54 -6.65
CA TRP FA 386 18.48 73.32 -6.43
C TRP FA 386 17.32 73.22 -7.41
N TYR FA 387 17.17 72.05 -8.01
CA TYR FA 387 16.10 71.75 -8.95
C TYR FA 387 15.27 70.58 -8.42
N PHE FA 388 13.98 70.62 -8.71
CA PHE FA 388 13.07 69.55 -8.32
C PHE FA 388 13.09 68.46 -9.38
N PRO FA 389 13.45 67.21 -9.04
CA PRO FA 389 13.42 66.14 -10.04
C PRO FA 389 12.00 65.78 -10.47
N SER FA 390 11.86 65.47 -11.75
CA SER FA 390 10.56 65.42 -12.42
C SER FA 390 10.08 63.98 -12.49
N PRO FA 391 8.98 63.61 -11.85
CA PRO FA 391 8.34 62.32 -12.12
C PRO FA 391 7.49 62.40 -13.37
N LEU FA 392 7.94 61.76 -14.44
CA LEU FA 392 7.23 61.78 -15.71
C LEU FA 392 7.58 60.59 -16.58
N ALA GA 171 80.58 75.57 -27.96
CA ALA GA 171 79.85 76.63 -28.64
C ALA GA 171 78.99 77.42 -27.65
N GLU GA 172 78.09 78.23 -28.18
CA GLU GA 172 77.19 79.00 -27.34
C GLU GA 172 76.14 78.08 -26.74
N LEU GA 173 75.47 78.57 -25.68
CA LEU GA 173 74.52 77.74 -24.96
C LEU GA 173 73.24 77.53 -25.76
N ASP GA 174 72.87 78.50 -26.58
CA ASP GA 174 71.66 78.41 -27.37
C ASP GA 174 71.80 77.44 -28.54
N SER GA 175 73.01 76.94 -28.82
CA SER GA 175 73.15 75.90 -29.82
C SER GA 175 73.09 74.51 -29.23
N LEU GA 176 73.36 74.34 -27.93
CA LEU GA 176 73.19 73.01 -27.37
C LEU GA 176 71.75 72.69 -27.01
N LEU GA 177 70.89 73.70 -27.00
CA LEU GA 177 69.47 73.46 -26.78
C LEU GA 177 68.85 73.01 -28.10
N GLY GA 178 67.53 73.02 -28.16
CA GLY GA 178 66.83 72.53 -29.33
C GLY GA 178 67.00 73.38 -30.57
N GLN GA 179 66.30 72.95 -31.62
CA GLN GA 179 66.38 73.61 -32.92
C GLN GA 179 65.71 74.97 -32.87
N GLU GA 180 64.54 75.05 -32.25
CA GLU GA 180 63.75 76.26 -32.18
C GLU GA 180 64.30 77.14 -31.04
N LYS GA 181 64.83 78.30 -31.42
CA LYS GA 181 65.46 79.23 -30.51
C LYS GA 181 64.46 80.26 -29.98
N GLU GA 182 63.35 79.81 -29.43
CA GLU GA 182 62.35 80.75 -28.93
C GLU GA 182 61.89 80.42 -27.52
N ARG GA 183 61.92 79.15 -27.18
CA ARG GA 183 61.41 78.70 -25.89
C ARG GA 183 62.43 78.77 -24.76
N PHE GA 184 63.59 79.39 -24.97
CA PHE GA 184 64.56 79.53 -23.89
C PHE GA 184 65.22 80.89 -23.94
N GLN GA 185 65.40 81.49 -22.77
CA GLN GA 185 66.04 82.79 -22.66
C GLN GA 185 67.25 82.64 -21.76
N VAL GA 186 68.42 83.02 -22.28
CA VAL GA 186 69.68 82.89 -21.57
C VAL GA 186 70.12 84.27 -21.05
N LEU GA 187 70.15 84.43 -19.74
CA LEU GA 187 70.51 85.67 -19.11
C LEU GA 187 71.93 85.61 -18.54
N PRO GA 188 72.72 86.66 -18.75
CA PRO GA 188 74.03 86.73 -18.11
C PRO GA 188 73.91 87.19 -16.66
N GLY GA 189 74.60 86.50 -15.76
CA GLY GA 189 74.53 86.79 -14.35
C GLY GA 189 75.48 87.90 -13.95
N ARG GA 190 75.69 87.99 -12.64
CA ARG GA 190 76.61 88.94 -12.03
C ARG GA 190 77.69 88.26 -11.23
N ASP GA 191 77.48 87.01 -10.80
CA ASP GA 191 78.47 86.22 -10.09
C ASP GA 191 79.18 85.23 -11.00
N LYS GA 192 79.41 85.63 -12.27
CA LYS GA 192 80.07 84.84 -13.31
C LYS GA 192 79.34 83.51 -13.55
N MET GA 193 78.03 83.59 -13.69
CA MET GA 193 77.24 82.41 -14.00
C MET GA 193 76.20 82.77 -15.07
N LEU GA 194 75.67 81.73 -15.71
CA LEU GA 194 74.71 81.91 -16.78
C LEU GA 194 73.39 81.31 -16.32
N TYR GA 195 72.28 81.93 -16.70
CA TYR GA 195 70.97 81.50 -16.22
C TYR GA 195 70.04 81.24 -17.39
N VAL GA 196 69.38 80.09 -17.39
CA VAL GA 196 68.42 79.74 -18.42
C VAL GA 196 67.05 79.79 -17.79
N ALA GA 197 66.14 80.54 -18.39
CA ALA GA 197 64.84 80.81 -17.77
C ALA GA 197 63.77 80.03 -18.53
N ALA GA 198 63.45 78.84 -18.05
CA ALA GA 198 62.31 78.14 -18.64
C ALA GA 198 61.01 78.70 -18.08
N GLN GA 199 59.89 78.21 -18.60
CA GLN GA 199 58.59 78.73 -18.20
C GLN GA 199 57.60 77.66 -17.73
N ASN GA 200 57.97 76.38 -17.81
CA ASN GA 200 57.15 75.32 -17.24
C ASN GA 200 58.05 74.15 -16.87
N GLU GA 201 57.43 73.04 -16.46
CA GLU GA 201 58.22 71.92 -15.98
C GLU GA 201 58.81 71.06 -17.08
N ARG GA 202 58.15 71.01 -18.25
CA ARG GA 202 58.67 70.16 -19.29
C ARG GA 202 59.91 70.78 -19.91
N ASP GA 203 59.92 72.09 -20.07
CA ASP GA 203 61.14 72.70 -20.56
C ASP GA 203 62.19 72.84 -19.47
N THR GA 204 61.77 72.82 -18.20
CA THR GA 204 62.78 72.86 -17.13
C THR GA 204 63.52 71.53 -17.06
N LEU GA 205 62.79 70.44 -17.28
CA LEU GA 205 63.44 69.13 -17.33
C LEU GA 205 64.13 68.91 -18.67
N TRP GA 206 63.78 69.70 -19.68
CA TRP GA 206 64.48 69.59 -20.95
C TRP GA 206 65.85 70.26 -20.84
N ALA GA 207 65.90 71.40 -20.18
CA ALA GA 207 67.16 72.11 -20.04
C ALA GA 207 68.03 71.61 -18.90
N ARG GA 208 67.47 70.93 -17.90
CA ARG GA 208 68.35 70.42 -16.85
C ARG GA 208 69.10 69.16 -17.27
N GLN GA 209 68.60 68.44 -18.26
CA GLN GA 209 69.32 67.27 -18.76
C GLN GA 209 70.59 67.65 -19.52
N VAL GA 210 70.60 68.86 -20.12
CA VAL GA 210 71.77 69.32 -20.83
C VAL GA 210 72.89 69.61 -19.84
N LEU GA 211 72.60 70.40 -18.82
CA LEU GA 211 73.63 70.77 -17.87
C LEU GA 211 73.97 69.61 -16.95
N ALA GA 212 73.05 68.66 -16.80
CA ALA GA 212 73.31 67.52 -15.93
C ALA GA 212 74.20 66.49 -16.60
N ARG GA 213 74.07 66.29 -17.91
CA ARG GA 213 74.96 65.32 -18.54
C ARG GA 213 76.36 65.89 -18.71
N GLY GA 214 76.53 67.21 -18.69
CA GLY GA 214 77.84 67.78 -18.58
C GLY GA 214 78.56 68.17 -19.84
N ASP GA 215 77.85 68.53 -20.90
CA ASP GA 215 78.54 69.01 -22.09
C ASP GA 215 78.66 70.53 -22.10
N TYR GA 216 79.15 71.11 -21.01
CA TYR GA 216 79.44 72.54 -20.98
C TYR GA 216 80.48 72.80 -19.92
N ASP GA 217 81.40 73.73 -20.22
CA ASP GA 217 82.56 73.94 -19.36
C ASP GA 217 82.20 74.74 -18.12
N LYS GA 218 81.68 75.96 -18.29
CA LYS GA 218 81.47 76.83 -17.13
C LYS GA 218 80.16 76.49 -16.43
N ASN GA 219 79.77 77.34 -15.49
CA ASN GA 219 78.59 77.11 -14.68
C ASN GA 219 77.34 77.72 -15.28
N ALA GA 220 76.22 77.04 -15.04
CA ALA GA 220 74.91 77.49 -15.50
C ALA GA 220 73.83 76.96 -14.59
N ARG GA 221 72.71 77.67 -14.55
CA ARG GA 221 71.58 77.28 -13.72
C ARG GA 221 70.30 77.40 -14.53
N VAL GA 222 69.27 76.68 -14.10
CA VAL GA 222 67.96 76.71 -14.75
C VAL GA 222 66.95 77.26 -13.74
N ILE GA 223 66.34 78.40 -14.07
CA ILE GA 223 65.34 78.98 -13.21
C ILE GA 223 63.97 78.77 -13.85
N ASN GA 224 62.94 79.11 -13.07
CA ASN GA 224 61.56 78.83 -13.41
C ASN GA 224 60.70 79.97 -12.88
N GLU GA 225 59.39 79.83 -13.04
CA GLU GA 225 58.45 80.79 -12.49
C GLU GA 225 57.96 80.40 -11.11
N ASN GA 226 57.65 79.12 -10.91
CA ASN GA 226 57.10 78.65 -9.65
C ASN GA 226 58.19 78.48 -8.60
N GLU GA 227 59.20 77.67 -8.92
CA GLU GA 227 60.21 77.35 -7.94
C GLU GA 227 61.23 78.46 -7.74
N GLU GA 228 61.13 79.56 -8.49
CA GLU GA 228 61.85 80.77 -8.13
C GLU GA 228 61.02 81.68 -7.23
N ASN GA 229 59.70 81.59 -7.33
CA ASN GA 229 58.84 82.25 -6.35
C ASN GA 229 58.82 81.52 -5.03
N LYS GA 230 59.21 80.25 -5.02
CA LYS GA 230 59.30 79.51 -3.78
C LYS GA 230 60.63 79.76 -3.06
N ARG GA 231 61.68 80.09 -3.79
CA ARG GA 231 62.99 80.22 -3.16
C ARG GA 231 63.14 81.53 -2.39
N ILE GA 232 62.67 82.64 -2.95
CA ILE GA 232 62.85 83.93 -2.28
C ILE GA 232 61.63 84.26 -1.44
N SER GA 233 60.81 83.26 -1.16
CA SER GA 233 59.86 83.37 -0.06
C SER GA 233 60.33 82.66 1.20
N ILE GA 234 61.30 81.76 1.10
CA ILE GA 234 61.91 81.19 2.28
C ILE GA 234 62.79 82.22 2.98
N TRP GA 235 63.53 83.01 2.20
CA TRP GA 235 64.29 84.09 2.82
C TRP GA 235 63.38 85.18 3.34
N LEU GA 236 62.22 85.35 2.71
CA LEU GA 236 61.36 86.46 3.05
C LEU GA 236 60.33 86.08 4.10
N ASP GA 237 60.39 84.86 4.63
CA ASP GA 237 59.63 84.55 5.82
C ASP GA 237 60.55 84.26 7.00
N THR GA 238 61.81 84.65 6.87
CA THR GA 238 62.78 84.56 7.95
C THR GA 238 63.36 85.93 8.28
N TYR GA 239 63.80 86.67 7.26
CA TYR GA 239 64.40 87.97 7.51
C TYR GA 239 63.40 89.11 7.49
N TYR GA 240 62.22 88.91 6.88
CA TYR GA 240 61.17 89.92 6.89
C TYR GA 240 59.82 89.26 7.17
N PRO GA 241 59.57 88.86 8.40
CA PRO GA 241 58.27 88.31 8.74
C PRO GA 241 57.25 89.44 8.89
N GLN GA 242 55.99 89.04 8.99
CA GLN GA 242 54.82 89.91 9.10
C GLN GA 242 54.68 90.86 7.91
N LEU GA 243 55.18 90.44 6.75
CA LEU GA 243 55.13 91.26 5.55
C LEU GA 243 53.96 90.78 4.69
N ALA GA 244 53.14 91.70 4.23
CA ALA GA 244 51.94 91.35 3.46
C ALA GA 244 52.22 91.58 1.98
N TYR GA 245 52.30 90.48 1.22
CA TYR GA 245 52.56 90.54 -0.20
C TYR GA 245 51.79 89.44 -0.90
N TYR GA 246 51.78 89.48 -2.22
CA TYR GA 246 51.01 88.52 -3.02
C TYR GA 246 51.89 87.61 -3.86
N ARG GA 247 52.70 88.17 -4.74
CA ARG GA 247 53.31 87.39 -5.81
C ARG GA 247 54.45 88.21 -6.40
N ILE GA 248 55.43 87.52 -6.96
CA ILE GA 248 56.54 88.16 -7.65
C ILE GA 248 56.47 87.75 -9.11
N HIS GA 249 56.16 88.68 -10.00
CA HIS GA 249 55.88 88.37 -11.38
C HIS GA 249 57.15 88.45 -12.20
N PHE GA 250 57.36 87.45 -13.05
CA PHE GA 250 58.56 87.37 -13.88
C PHE GA 250 58.14 87.32 -15.34
N ASP GA 251 57.24 88.23 -15.74
CA ASP GA 251 56.83 88.27 -17.13
C ASP GA 251 57.95 88.79 -18.03
N GLU GA 252 58.82 89.64 -17.52
CA GLU GA 252 60.11 89.91 -18.15
C GLU GA 252 61.17 89.72 -17.09
N PRO GA 253 62.14 88.84 -17.30
CA PRO GA 253 63.04 88.44 -16.21
C PRO GA 253 64.11 89.45 -15.85
N ARG GA 254 64.28 90.53 -16.58
CA ARG GA 254 65.30 91.50 -16.19
C ARG GA 254 64.79 92.58 -15.27
N LYS GA 255 63.47 92.76 -15.17
CA LYS GA 255 62.88 93.72 -14.24
C LYS GA 255 61.61 93.13 -13.66
N PRO GA 256 61.73 92.31 -12.63
CA PRO GA 256 60.54 91.72 -12.01
C PRO GA 256 59.76 92.74 -11.19
N VAL GA 257 58.49 92.43 -10.99
CA VAL GA 257 57.56 93.27 -10.27
C VAL GA 257 57.20 92.57 -8.97
N PHE GA 258 57.32 93.31 -7.87
CA PHE GA 258 57.02 92.83 -6.53
C PHE GA 258 55.71 93.47 -6.08
N TRP GA 259 54.70 92.63 -5.87
CA TRP GA 259 53.35 93.06 -5.51
C TRP GA 259 53.12 93.06 -4.00
N LEU GA 260 53.20 94.23 -3.38
CA LEU GA 260 52.99 94.38 -1.95
C LEU GA 260 51.58 94.85 -1.67
N SER GA 261 51.14 94.63 -0.44
CA SER GA 261 49.82 95.04 -0.03
C SER GA 261 49.88 96.47 0.50
N ARG GA 262 48.77 97.19 0.37
CA ARG GA 262 48.74 98.60 0.74
C ARG GA 262 48.17 98.84 2.13
N GLN GA 263 47.08 98.19 2.48
CA GLN GA 263 46.41 98.50 3.74
C GLN GA 263 46.91 97.70 4.92
N ARG GA 264 47.97 96.90 4.76
CA ARG GA 264 48.44 96.08 5.87
C ARG GA 264 49.92 96.27 6.16
N ASN GA 265 50.59 97.23 5.54
CA ASN GA 265 52.00 97.48 5.80
C ASN GA 265 52.21 98.80 6.52
N THR GA 266 53.32 98.88 7.23
CA THR GA 266 53.70 100.08 7.97
C THR GA 266 55.02 100.66 7.50
N MET GA 267 55.31 100.54 6.21
CA MET GA 267 56.62 100.91 5.67
C MET GA 267 56.61 102.27 5.00
N SER GA 268 57.65 103.04 5.25
CA SER GA 268 57.83 104.36 4.66
C SER GA 268 58.61 104.24 3.36
N LYS GA 269 59.07 105.38 2.85
CA LYS GA 269 59.78 105.43 1.58
C LYS GA 269 61.18 104.84 1.65
N LYS GA 270 61.84 104.93 2.80
CA LYS GA 270 63.23 104.50 2.89
C LYS GA 270 63.32 102.97 2.86
N GLU GA 271 62.57 102.29 3.73
CA GLU GA 271 62.75 100.85 3.80
C GLU GA 271 62.12 100.09 2.64
N LEU GA 272 61.36 100.74 1.75
CA LEU GA 272 61.03 100.05 0.51
C LEU GA 272 62.23 100.02 -0.43
N GLU GA 273 63.05 101.08 -0.40
CA GLU GA 273 64.23 101.07 -1.24
C GLU GA 273 65.27 100.14 -0.63
N VAL GA 274 65.26 100.01 0.70
CA VAL GA 274 66.19 99.09 1.35
C VAL GA 274 65.79 97.65 1.07
N LEU GA 275 64.47 97.39 1.02
CA LEU GA 275 63.98 96.07 0.65
C LEU GA 275 64.28 95.76 -0.81
N SER GA 276 64.32 96.80 -1.65
CA SER GA 276 64.67 96.61 -3.05
C SER GA 276 66.15 96.28 -3.19
N GLN GA 277 66.97 96.91 -2.36
CA GLN GA 277 68.40 96.66 -2.44
C GLN GA 277 68.73 95.30 -1.85
N LYS GA 278 67.94 94.81 -0.90
CA LYS GA 278 68.20 93.47 -0.41
C LYS GA 278 67.61 92.38 -1.30
N LEU GA 279 66.70 92.73 -2.22
CA LEU GA 279 66.24 91.75 -3.20
C LEU GA 279 67.10 91.72 -4.46
N ARG GA 280 67.76 92.84 -4.77
CA ARG GA 280 68.64 92.81 -5.93
C ARG GA 280 69.86 91.95 -5.65
N ALA GA 281 70.28 91.86 -4.39
CA ALA GA 281 71.39 90.98 -4.08
C ALA GA 281 70.96 89.51 -4.12
N LEU GA 282 69.67 89.22 -3.88
CA LEU GA 282 69.21 87.85 -3.97
C LEU GA 282 68.97 87.39 -5.39
N MET GA 283 68.76 88.30 -6.33
CA MET GA 283 68.54 87.90 -7.72
C MET GA 283 69.65 88.48 -8.57
N PRO GA 284 70.73 87.72 -8.80
CA PRO GA 284 71.85 88.25 -9.58
C PRO GA 284 71.58 88.41 -11.06
N TYR GA 285 70.53 87.79 -11.61
CA TYR GA 285 70.27 87.97 -13.03
C TYR GA 285 69.45 89.21 -13.34
N ALA GA 286 68.92 89.88 -12.34
CA ALA GA 286 68.07 91.04 -12.52
C ALA GA 286 68.88 92.32 -12.38
N ASP GA 287 68.33 93.42 -12.90
CA ASP GA 287 68.98 94.71 -12.80
C ASP GA 287 68.26 95.64 -11.84
N SER GA 288 66.93 95.62 -11.83
CA SER GA 288 66.18 96.37 -10.85
C SER GA 288 64.93 95.58 -10.51
N VAL GA 289 64.32 95.94 -9.40
CA VAL GA 289 63.08 95.33 -8.95
C VAL GA 289 62.05 96.43 -8.71
N ASN GA 290 60.95 96.39 -9.45
CA ASN GA 290 59.93 97.42 -9.34
C ASN GA 290 58.89 96.94 -8.35
N ILE GA 291 58.62 97.75 -7.33
CA ILE GA 291 57.71 97.39 -6.25
C ILE GA 291 56.46 98.24 -6.36
N THR GA 292 55.32 97.58 -6.62
CA THR GA 292 54.04 98.25 -6.67
C THR GA 292 53.17 97.79 -5.52
N LEU GA 293 52.16 98.60 -5.19
CA LEU GA 293 51.25 98.36 -4.08
C LEU GA 293 49.83 98.17 -4.60
N MET GA 294 49.22 97.05 -4.24
CA MET GA 294 47.88 96.70 -4.70
C MET GA 294 46.90 96.73 -3.54
N ASP GA 295 45.65 97.09 -3.83
CA ASP GA 295 44.63 97.13 -2.79
C ASP GA 295 44.14 95.73 -2.46
N ASP GA 296 43.75 95.54 -1.20
CA ASP GA 296 43.17 94.26 -0.84
C ASP GA 296 41.69 94.19 -1.13
N VAL GA 297 41.08 95.29 -1.59
CA VAL GA 297 39.68 95.28 -1.96
C VAL GA 297 39.46 94.75 -3.36
N THR GA 298 40.28 95.17 -4.32
CA THR GA 298 40.14 94.65 -5.68
C THR GA 298 40.57 93.20 -5.82
N ALA GA 299 41.43 92.72 -4.91
CA ALA GA 299 41.83 91.32 -4.93
C ALA GA 299 40.70 90.41 -4.48
N ALA GA 300 39.88 90.86 -3.55
CA ALA GA 300 38.74 90.07 -3.12
C ALA GA 300 37.47 90.42 -3.86
N GLY GA 301 37.50 91.49 -4.67
CA GLY GA 301 36.36 91.84 -5.47
C GLY GA 301 36.38 91.11 -6.78
N GLN GA 302 37.56 90.98 -7.40
CA GLN GA 302 37.62 90.22 -8.65
C GLN GA 302 37.41 88.73 -8.43
N ALA GA 303 37.69 88.26 -7.22
CA ALA GA 303 37.50 86.86 -6.87
C ALA GA 303 36.05 86.55 -6.55
N GLU GA 304 35.29 87.56 -6.18
CA GLU GA 304 33.88 87.34 -5.92
C GLU GA 304 33.07 87.59 -7.18
N ALA GA 305 33.47 88.56 -7.99
CA ALA GA 305 32.74 88.80 -9.24
C ALA GA 305 32.98 87.69 -10.25
N GLY GA 306 34.16 87.09 -10.24
CA GLY GA 306 34.36 85.95 -11.12
C GLY GA 306 33.65 84.72 -10.60
N LEU GA 307 33.51 84.61 -9.28
CA LEU GA 307 32.78 83.48 -8.75
C LEU GA 307 31.28 83.65 -8.87
N LYS GA 308 30.80 84.88 -9.08
CA LYS GA 308 29.38 85.08 -9.31
C LYS GA 308 29.03 84.93 -10.77
N GLN GA 309 29.97 85.17 -11.67
CA GLN GA 309 29.64 85.05 -13.08
C GLN GA 309 29.52 83.61 -13.54
N GLN GA 310 30.17 82.66 -12.88
CA GLN GA 310 30.08 81.25 -13.24
C GLN GA 310 28.90 80.51 -12.64
N ALA GA 311 28.08 81.17 -11.83
CA ALA GA 311 26.88 80.60 -11.18
C ALA GA 311 27.23 79.37 -10.33
N LEU GA 312 28.14 79.59 -9.38
CA LEU GA 312 28.57 78.54 -8.48
C LEU GA 312 28.05 78.79 -7.08
N PRO GA 313 27.66 77.76 -6.34
CA PRO GA 313 27.23 77.95 -4.95
C PRO GA 313 28.43 78.17 -4.06
N TYR GA 314 28.41 79.26 -3.31
CA TYR GA 314 29.58 79.64 -2.52
C TYR GA 314 29.14 80.29 -1.23
N SER GA 315 30.10 80.37 -0.31
CA SER GA 315 29.86 81.02 0.98
C SER GA 315 31.14 81.74 1.38
N ARG GA 316 31.03 83.04 1.62
CA ARG GA 316 32.17 83.88 1.93
C ARG GA 316 32.40 84.01 3.42
N ARG GA 317 33.65 83.87 3.86
CA ARG GA 317 34.03 83.99 5.26
C ARG GA 317 35.14 85.02 5.37
N ASN GA 318 34.80 86.20 5.88
CA ASN GA 318 35.75 87.28 6.09
C ASN GA 318 36.39 87.19 7.47
N HIS GA 319 37.69 87.45 7.54
CA HIS GA 319 38.40 87.72 8.78
C HIS GA 319 39.60 88.60 8.46
N LYS GA 320 40.36 88.94 9.47
CA LYS GA 320 41.50 89.84 9.30
C LYS GA 320 42.66 89.13 8.63
N GLY GA 321 43.19 89.73 7.57
CA GLY GA 321 44.33 89.17 6.87
C GLY GA 321 44.07 87.89 6.13
N GLY GA 322 42.98 87.85 5.39
CA GLY GA 322 42.63 86.70 4.57
C GLY GA 322 41.14 86.63 4.39
N VAL GA 323 40.71 85.89 3.37
CA VAL GA 323 39.29 85.67 3.10
C VAL GA 323 39.18 84.30 2.46
N THR GA 324 38.14 83.54 2.82
CA THR GA 324 38.00 82.21 2.25
C THR GA 324 36.62 82.01 1.66
N PHE GA 325 36.57 81.27 0.56
CA PHE GA 325 35.33 80.92 -0.10
C PHE GA 325 35.13 79.41 -0.02
N VAL GA 326 33.97 78.99 0.46
CA VAL GA 326 33.66 77.57 0.60
C VAL GA 326 32.63 77.18 -0.43
N ILE GA 327 32.93 76.15 -1.21
CA ILE GA 327 32.06 75.64 -2.24
C ILE GA 327 31.68 74.23 -1.85
N GLN GA 328 30.46 74.05 -1.38
CA GLN GA 328 29.97 72.77 -0.91
C GLN GA 328 28.71 72.39 -1.69
N GLY GA 329 28.30 71.14 -1.54
CA GLY GA 329 27.09 70.66 -2.14
C GLY GA 329 27.33 69.43 -2.99
N ALA GA 330 26.28 69.02 -3.70
CA ALA GA 330 26.36 67.91 -4.63
C ALA GA 330 26.56 68.48 -6.03
N LEU GA 331 27.79 68.90 -6.30
CA LEU GA 331 28.08 69.49 -7.59
C LEU GA 331 28.15 68.42 -8.67
N ASP GA 332 27.68 68.77 -9.87
CA ASP GA 332 27.74 67.86 -10.99
C ASP GA 332 29.10 67.98 -11.67
N ASP GA 333 29.27 67.31 -12.80
CA ASP GA 333 30.54 67.28 -13.52
C ASP GA 333 30.80 68.49 -14.42
N VAL GA 334 29.84 69.40 -14.54
CA VAL GA 334 30.09 70.62 -15.30
C VAL GA 334 30.67 71.70 -14.40
N GLU GA 335 30.17 71.76 -13.16
CA GLU GA 335 30.60 72.80 -12.25
C GLU GA 335 31.95 72.51 -11.65
N ILE GA 336 32.38 71.24 -11.61
CA ILE GA 336 33.72 70.97 -11.12
C ILE GA 336 34.76 71.19 -12.19
N LEU GA 337 34.36 71.39 -13.45
CA LEU GA 337 35.32 71.79 -14.46
C LEU GA 337 35.33 73.30 -14.63
N ARG GA 338 34.18 73.93 -14.40
CA ARG GA 338 34.17 75.40 -14.41
C ARG GA 338 34.88 75.94 -13.18
N ALA GA 339 34.89 75.19 -12.09
CA ALA GA 339 35.59 75.66 -10.90
C ALA GA 339 37.09 75.51 -11.09
N ARG GA 340 37.53 74.39 -11.65
CA ARG GA 340 38.96 74.17 -11.86
C ARG GA 340 39.53 75.14 -12.88
N GLN GA 341 38.73 75.55 -13.86
CA GLN GA 341 39.24 76.53 -14.83
C GLN GA 341 39.26 77.93 -14.28
N PHE GA 342 38.61 78.19 -13.15
CA PHE GA 342 38.62 79.52 -12.57
C PHE GA 342 39.69 79.64 -11.51
N VAL GA 343 39.84 78.62 -10.67
CA VAL GA 343 40.90 78.65 -9.67
C VAL GA 343 42.27 78.58 -10.32
N ASP GA 344 42.41 77.81 -11.41
CA ASP GA 344 43.71 77.79 -12.08
C ASP GA 344 44.00 79.10 -12.81
N SER GA 345 42.98 79.80 -13.31
CA SER GA 345 43.22 81.10 -13.91
C SER GA 345 43.39 82.22 -12.88
N TYR GA 346 43.00 81.98 -11.64
CA TYR GA 346 43.16 83.00 -10.61
C TYR GA 346 44.42 82.84 -9.78
N TYR GA 347 44.88 81.61 -9.57
CA TYR GA 347 46.11 81.40 -8.83
C TYR GA 347 47.32 81.89 -9.62
N ARG GA 348 47.20 81.96 -10.94
CA ARG GA 348 48.31 82.42 -11.76
C ARG GA 348 48.53 83.90 -11.56
N THR GA 349 47.46 84.64 -11.24
CA THR GA 349 47.58 86.08 -11.10
C THR GA 349 47.86 86.48 -9.67
N TRP GA 350 47.06 86.01 -8.71
CA TRP GA 350 47.20 86.51 -7.35
C TRP GA 350 47.92 85.59 -6.38
N GLY GA 351 47.85 84.29 -6.56
CA GLY GA 351 48.45 83.39 -5.59
C GLY GA 351 47.57 83.21 -4.36
N GLY GA 352 47.92 82.21 -3.56
CA GLY GA 352 47.11 81.86 -2.41
C GLY GA 352 47.54 82.48 -1.10
N ARG GA 353 47.98 83.74 -1.12
CA ARG GA 353 48.41 84.41 0.11
C ARG GA 353 47.29 85.14 0.81
N TYR GA 354 46.25 85.56 0.09
CA TYR GA 354 45.17 86.36 0.65
C TYR GA 354 43.83 85.64 0.66
N VAL GA 355 43.40 85.15 -0.49
CA VAL GA 355 42.07 84.57 -0.65
C VAL GA 355 42.23 83.10 -0.99
N GLN GA 356 41.48 82.25 -0.30
CA GLN GA 356 41.64 80.81 -0.40
C GLN GA 356 40.31 80.15 -0.71
N PHE GA 357 40.31 79.24 -1.67
CA PHE GA 357 39.13 78.48 -2.06
C PHE GA 357 39.16 77.09 -1.44
N ALA GA 358 38.00 76.64 -0.99
CA ALA GA 358 37.84 75.37 -0.28
C ALA GA 358 36.70 74.64 -0.98
N ILE GA 359 37.05 73.86 -1.99
CA ILE GA 359 36.08 73.11 -2.78
C ILE GA 359 35.96 71.74 -2.12
N GLU GA 360 34.83 71.48 -1.48
CA GLU GA 360 34.53 70.13 -1.00
C GLU GA 360 33.15 69.70 -1.49
N LEU GA 361 33.06 68.48 -1.99
CA LEU GA 361 31.81 68.00 -2.58
C LEU GA 361 31.24 66.93 -1.66
N LYS GA 362 29.93 67.01 -1.44
CA LYS GA 362 29.22 66.10 -0.55
C LYS GA 362 28.05 65.48 -1.30
N ASP GA 363 27.55 64.39 -0.76
CA ASP GA 363 26.38 63.74 -1.34
C ASP GA 363 25.11 64.37 -0.79
N ASP GA 364 24.04 64.28 -1.57
CA ASP GA 364 22.78 64.90 -1.21
C ASP GA 364 21.89 63.94 -0.46
N TRP GA 365 21.19 64.45 0.55
CA TRP GA 365 20.28 63.66 1.35
C TRP GA 365 18.90 63.62 0.70
N LEU GA 366 18.49 64.77 0.18
CA LEU GA 366 17.14 65.02 -0.31
C LEU GA 366 16.99 64.70 -1.80
N LYS GA 367 17.30 63.47 -2.18
CA LYS GA 367 17.04 63.10 -3.57
C LYS GA 367 15.59 62.71 -3.80
N GLY GA 368 15.08 61.78 -3.00
CA GLY GA 368 13.69 61.37 -3.06
C GLY GA 368 12.84 61.70 -1.86
N ARG GA 369 13.36 62.45 -0.90
CA ARG GA 369 12.63 62.73 0.31
C ARG GA 369 11.80 64.00 0.21
N SER GA 370 10.80 64.08 1.06
CA SER GA 370 9.95 65.24 1.25
C SER GA 370 10.34 65.98 2.52
N PHE GA 371 10.33 67.30 2.45
CA PHE GA 371 10.83 68.08 3.56
C PHE GA 371 10.17 69.44 3.58
N GLN GA 372 10.25 70.11 4.73
CA GLN GA 372 9.73 71.45 4.89
C GLN GA 372 10.91 72.36 5.12
N TYR GA 373 11.02 73.41 4.32
CA TYR GA 373 12.08 74.38 4.44
C TYR GA 373 11.54 75.70 4.97
N GLY GA 374 12.44 76.57 5.38
CA GLY GA 374 12.06 77.86 5.90
C GLY GA 374 12.57 78.05 7.31
N ALA GA 375 11.71 78.54 8.20
CA ALA GA 375 12.15 78.75 9.57
C ALA GA 375 12.20 77.44 10.34
N GLU GA 376 11.08 76.71 10.36
CA GLU GA 376 11.00 75.44 11.07
C GLU GA 376 11.12 74.31 10.04
N GLY GA 377 12.36 73.92 9.76
CA GLY GA 377 12.65 72.98 8.70
C GLY GA 377 12.88 71.58 9.25
N TYR GA 378 12.35 70.59 8.53
CA TYR GA 378 12.66 69.21 8.88
C TYR GA 378 12.62 68.38 7.61
N ILE GA 379 13.14 67.16 7.71
CA ILE GA 379 13.17 66.25 6.56
C ILE GA 379 12.52 64.94 6.94
N LYS GA 380 11.54 64.49 6.15
CA LYS GA 380 10.85 63.23 6.41
C LYS GA 380 11.59 62.14 5.67
N MET GA 381 12.40 61.38 6.39
CA MET GA 381 13.18 60.30 5.78
C MET GA 381 12.35 59.07 5.47
N SER GA 382 11.12 59.05 5.95
CA SER GA 382 10.18 57.95 5.79
C SER GA 382 8.83 58.51 6.14
N PRO GA 383 7.73 57.79 5.85
CA PRO GA 383 6.43 58.26 6.35
C PRO GA 383 6.35 58.34 7.87
N GLY GA 384 7.21 57.66 8.60
CA GLY GA 384 7.23 57.75 10.05
C GLY GA 384 8.56 58.16 10.65
N HIS GA 385 9.27 59.11 10.03
CA HIS GA 385 10.63 59.43 10.48
C HIS GA 385 10.93 60.87 10.15
N TRP GA 386 11.15 61.67 11.19
CA TRP GA 386 11.46 63.07 11.09
C TRP GA 386 12.94 63.29 11.41
N TYR GA 387 13.54 64.26 10.73
CA TYR GA 387 14.93 64.61 10.97
C TYR GA 387 15.00 66.11 11.15
N PHE GA 388 15.38 66.55 12.35
CA PHE GA 388 15.47 67.97 12.66
C PHE GA 388 16.92 68.39 12.62
N PRO GA 389 17.37 69.06 11.57
CA PRO GA 389 18.79 69.42 11.48
C PRO GA 389 19.10 70.61 12.38
N SER GA 390 20.33 70.67 12.80
CA SER GA 390 20.74 71.72 13.71
C SER GA 390 21.00 73.01 12.94
N PRO GA 391 20.57 74.17 13.45
CA PRO GA 391 20.78 75.45 12.78
C PRO GA 391 22.24 75.90 12.82
N ALA HA 171 92.44 65.49 -5.62
CA ALA HA 171 91.31 66.23 -6.15
C ALA HA 171 90.70 67.13 -5.10
N GLU HA 172 90.18 68.28 -5.51
CA GLU HA 172 89.60 69.21 -4.57
C GLU HA 172 88.22 68.73 -4.15
N LEU HA 173 87.69 69.36 -3.10
CA LEU HA 173 86.42 68.89 -2.57
C LEU HA 173 85.26 69.34 -3.46
N ASP HA 174 85.36 70.53 -4.06
CA ASP HA 174 84.27 70.97 -4.90
C ASP HA 174 84.23 70.24 -6.23
N SER HA 175 85.29 69.51 -6.56
CA SER HA 175 85.32 68.67 -7.74
C SER HA 175 85.09 67.21 -7.42
N LEU HA 176 85.13 66.82 -6.14
CA LEU HA 176 84.83 65.44 -5.83
C LEU HA 176 83.33 65.14 -5.73
N LEU HA 177 82.50 66.18 -5.63
CA LEU HA 177 81.06 66.01 -5.66
C LEU HA 177 80.57 65.89 -7.10
N GLY HA 178 79.26 66.02 -7.30
CA GLY HA 178 78.66 65.83 -8.59
C GLY HA 178 78.97 66.97 -9.55
N GLN HA 179 78.29 66.92 -10.70
CA GLN HA 179 78.53 67.91 -11.74
C GLN HA 179 77.92 69.26 -11.36
N GLU HA 180 76.69 69.24 -10.86
CA GLU HA 180 75.96 70.43 -10.45
C GLU HA 180 76.56 70.98 -9.16
N LYS HA 181 77.40 72.01 -9.27
CA LYS HA 181 78.01 72.63 -8.10
C LYS HA 181 77.17 73.80 -7.56
N GLU HA 182 75.89 73.51 -7.37
CA GLU HA 182 74.94 74.48 -6.87
C GLU HA 182 74.25 74.03 -5.60
N ARG HA 183 74.07 72.72 -5.42
CA ARG HA 183 73.34 72.22 -4.28
C ARG HA 183 74.18 72.17 -3.01
N PHE HA 184 75.49 72.00 -3.12
CA PHE HA 184 76.37 71.93 -1.97
C PHE HA 184 77.17 73.21 -1.77
N GLN HA 185 77.59 73.44 -0.53
CA GLN HA 185 78.34 74.63 -0.18
C GLN HA 185 79.40 74.25 0.85
N VAL HA 186 80.66 74.42 0.47
CA VAL HA 186 81.81 74.05 1.29
C VAL HA 186 82.30 75.25 2.12
N LEU HA 187 82.35 75.07 3.43
CA LEU HA 187 82.74 76.08 4.40
C LEU HA 187 84.08 75.72 5.04
N PRO HA 188 85.07 76.60 5.03
CA PRO HA 188 86.35 76.28 5.67
C PRO HA 188 86.25 76.36 7.19
N GLY HA 189 86.42 75.25 7.93
CA GLY HA 189 86.29 75.28 9.37
C GLY HA 189 87.47 75.94 10.04
N ARG HA 190 87.32 76.21 11.33
CA ARG HA 190 88.35 76.88 12.08
C ARG HA 190 89.26 75.93 12.85
N ASP HA 191 88.82 74.69 13.07
CA ASP HA 191 89.61 73.70 13.80
C ASP HA 191 90.31 72.76 12.83
N LYS HA 192 90.78 73.31 11.71
CA LYS HA 192 91.40 72.54 10.61
C LYS HA 192 90.47 71.44 10.09
N MET HA 193 89.25 71.84 9.75
CA MET HA 193 88.29 70.91 9.18
C MET HA 193 87.61 71.59 8.00
N LEU HA 194 86.56 70.95 7.47
CA LEU HA 194 85.94 71.47 6.26
C LEU HA 194 84.50 71.00 6.24
N TYR HA 195 83.56 71.92 6.39
CA TYR HA 195 82.17 71.55 6.57
C TYR HA 195 81.45 71.67 5.24
N VAL HA 196 80.62 70.69 4.94
CA VAL HA 196 79.80 70.66 3.75
C VAL HA 196 78.37 70.84 4.20
N ALA HA 197 77.61 71.70 3.54
CA ALA HA 197 76.28 72.03 4.05
C ALA HA 197 75.29 71.55 3.01
N ALA HA 198 74.67 70.39 3.29
CA ALA HA 198 73.58 69.93 2.44
C ALA HA 198 72.25 70.55 2.86
N GLN HA 199 71.19 70.24 2.12
CA GLN HA 199 69.89 70.82 2.40
C GLN HA 199 68.74 69.84 2.53
N ASN HA 200 68.98 68.54 2.42
CA ASN HA 200 67.99 67.53 2.75
C ASN HA 200 68.71 66.26 3.16
N GLU HA 201 67.93 65.24 3.51
CA GLU HA 201 68.51 63.99 4.00
C GLU HA 201 68.94 63.08 2.89
N ARG HA 202 68.60 63.39 1.66
CA ARG HA 202 69.07 62.62 0.53
C ARG HA 202 70.42 63.15 0.07
N ASP HA 203 70.60 64.47 0.14
CA ASP HA 203 71.92 64.96 -0.20
C ASP HA 203 72.92 64.76 0.93
N THR HA 204 72.45 64.51 2.15
CA THR HA 204 73.43 64.20 3.18
C THR HA 204 74.02 62.82 2.96
N LEU HA 205 73.21 61.86 2.54
CA LEU HA 205 73.77 60.56 2.20
C LEU HA 205 74.53 60.58 0.89
N TRP HA 206 74.22 61.55 0.02
CA TRP HA 206 74.97 61.71 -1.22
C TRP HA 206 76.37 62.22 -0.93
N ALA HA 207 76.51 63.06 0.09
CA ALA HA 207 77.82 63.58 0.43
C ALA HA 207 78.56 62.66 1.39
N ARG HA 208 77.83 61.93 2.23
CA ARG HA 208 78.47 61.00 3.15
C ARG HA 208 79.03 59.77 2.48
N GLN HA 209 78.52 59.39 1.30
CA GLN HA 209 79.12 58.21 0.65
C GLN HA 209 80.53 58.50 0.13
N VAL HA 210 80.79 59.72 -0.31
CA VAL HA 210 82.12 60.07 -0.80
C VAL HA 210 83.11 60.09 0.35
N LEU HA 211 82.74 60.71 1.47
CA LEU HA 211 83.66 60.79 2.59
C LEU HA 211 83.78 59.47 3.32
N ALA HA 212 82.82 58.56 3.15
CA ALA HA 212 82.88 57.28 3.83
C ALA HA 212 83.68 56.26 3.04
N ARG HA 213 83.65 56.34 1.71
CA ARG HA 213 84.52 55.45 0.94
C ARG HA 213 85.97 55.89 1.02
N GLY HA 214 86.22 57.12 1.43
CA GLY HA 214 87.57 57.52 1.75
C GLY HA 214 88.41 58.06 0.62
N ASP HA 215 87.79 58.66 -0.40
CA ASP HA 215 88.58 59.29 -1.45
C ASP HA 215 88.80 60.76 -1.17
N TYR HA 216 89.23 61.08 0.05
CA TYR HA 216 89.69 62.41 0.39
C TYR HA 216 90.68 62.30 1.54
N ASP HA 217 91.74 63.09 1.48
CA ASP HA 217 92.85 62.92 2.41
C ASP HA 217 92.54 63.55 3.77
N LYS HA 218 92.13 64.83 3.80
CA LYS HA 218 91.98 65.54 5.05
C LYS HA 218 90.63 65.20 5.70
N ASN HA 219 90.32 65.91 6.78
CA ASN HA 219 89.08 65.71 7.53
C ASN HA 219 88.00 66.66 7.04
N ALA HA 220 86.76 66.17 7.07
CA ALA HA 220 85.62 66.96 6.64
C ALA HA 220 84.37 66.43 7.32
N ARG HA 221 83.39 67.29 7.47
CA ARG HA 221 82.11 66.90 8.06
C ARG HA 221 80.98 67.43 7.19
N VAL HA 222 79.82 66.81 7.32
CA VAL HA 222 78.61 67.19 6.61
C VAL HA 222 77.53 67.66 7.59
N ILE HA 223 77.10 68.91 7.45
CA ILE HA 223 76.08 69.47 8.30
C ILE HA 223 74.77 69.57 7.52
N ASN HA 224 73.73 69.90 8.29
CA ASN HA 224 72.34 69.93 7.89
C ASN HA 224 71.68 71.05 8.69
N GLU HA 225 70.39 71.23 8.48
CA GLU HA 225 69.65 72.21 9.26
C GLU HA 225 69.03 71.60 10.51
N ASN HA 226 68.29 70.50 10.34
CA ASN HA 226 67.60 69.87 11.45
C ASN HA 226 68.57 69.12 12.35
N GLU HA 227 69.64 68.59 11.78
CA GLU HA 227 70.56 67.83 12.59
C GLU HA 227 71.36 68.77 13.45
N GLU HA 228 71.83 69.89 12.89
CA GLU HA 228 72.59 70.82 13.70
C GLU HA 228 71.69 71.56 14.69
N ASN HA 229 70.39 71.71 14.40
CA ASN HA 229 69.50 72.32 15.36
C ASN HA 229 69.06 71.36 16.44
N LYS HA 230 69.23 70.06 16.20
CA LYS HA 230 68.97 69.10 17.26
C LYS HA 230 70.22 68.86 18.10
N ARG HA 231 71.39 68.96 17.48
CA ARG HA 231 72.63 68.77 18.22
C ARG HA 231 72.87 69.94 19.18
N ILE HA 232 72.59 71.17 18.75
CA ILE HA 232 72.88 72.31 19.63
C ILE HA 232 71.87 72.48 20.75
N SER HA 233 70.72 71.81 20.67
CA SER HA 233 69.77 71.88 21.77
C SER HA 233 70.07 70.88 22.86
N ILE HA 234 70.93 69.91 22.61
CA ILE HA 234 71.34 69.03 23.69
C ILE HA 234 72.35 69.73 24.57
N TRP HA 235 73.24 70.52 23.98
CA TRP HA 235 74.13 71.33 24.79
C TRP HA 235 73.36 72.40 25.51
N LEU HA 236 72.32 72.96 24.87
CA LEU HA 236 71.58 74.00 25.55
C LEU HA 236 70.65 73.46 26.62
N ASP HA 237 70.37 72.16 26.59
CA ASP HA 237 69.51 71.53 27.59
C ASP HA 237 70.30 71.05 28.79
N THR HA 238 71.58 71.38 28.84
CA THR HA 238 72.43 71.06 29.96
C THR HA 238 73.06 72.30 30.53
N TYR HA 239 73.53 73.20 29.68
CA TYR HA 239 74.16 74.40 30.16
C TYR HA 239 73.24 75.61 30.27
N TYR HA 240 72.04 75.56 29.69
CA TYR HA 240 71.07 76.65 29.86
C TYR HA 240 69.67 76.11 29.97
N PRO HA 241 69.32 75.50 31.09
CA PRO HA 241 67.94 75.04 31.25
C PRO HA 241 67.05 76.23 31.54
N GLN HA 242 65.75 76.01 31.37
CA GLN HA 242 64.69 77.02 31.49
C GLN HA 242 64.96 78.21 30.57
N LEU HA 243 65.24 77.93 29.32
CA LEU HA 243 65.44 78.96 28.30
C LEU HA 243 64.30 78.89 27.30
N ALA HA 244 63.84 80.05 26.85
CA ALA HA 244 62.71 80.16 25.93
C ALA HA 244 63.21 80.59 24.57
N TYR HA 245 63.39 79.64 23.67
CA TYR HA 245 63.86 79.94 22.32
C TYR HA 245 63.01 79.20 21.30
N TYR HA 246 63.20 79.53 20.02
CA TYR HA 246 62.39 78.95 18.96
C TYR HA 246 63.21 78.10 18.00
N ARG HA 247 64.21 78.65 17.34
CA ARG HA 247 64.82 77.99 16.20
C ARG HA 247 66.11 78.70 15.85
N ILE HA 248 67.07 77.96 15.31
CA ILE HA 248 68.27 78.54 14.72
C ILE HA 248 68.14 78.44 13.21
N HIS HA 249 68.21 79.58 12.52
CA HIS HA 249 68.04 79.64 11.08
C HIS HA 249 69.40 79.74 10.38
N PHE HA 250 69.59 78.94 9.34
CA PHE HA 250 70.86 78.83 8.65
C PHE HA 250 70.72 79.20 7.19
N ASP HA 251 70.06 80.31 6.89
CA ASP HA 251 69.94 80.74 5.50
C ASP HA 251 71.28 81.22 4.94
N GLU HA 252 71.95 82.11 5.66
CA GLU HA 252 73.33 82.39 5.37
C GLU HA 252 74.15 81.65 6.40
N PRO HA 253 74.93 80.63 6.02
CA PRO HA 253 75.57 79.76 7.01
C PRO HA 253 76.77 80.36 7.72
N ARG HA 254 77.12 81.62 7.49
CA ARG HA 254 78.21 82.23 8.24
C ARG HA 254 77.72 83.11 9.38
N LYS HA 255 76.50 83.63 9.27
CA LYS HA 255 75.88 84.43 10.33
C LYS HA 255 74.48 83.91 10.59
N PRO HA 256 74.34 82.87 11.40
CA PRO HA 256 73.01 82.32 11.68
C PRO HA 256 72.24 83.23 12.62
N VAL HA 257 70.93 83.12 12.53
CA VAL HA 257 69.99 83.93 13.29
C VAL HA 257 69.35 83.06 14.36
N PHE HA 258 69.36 83.54 15.59
CA PHE HA 258 68.82 82.85 16.75
C PHE HA 258 67.58 83.60 17.21
N TRP HA 259 66.41 83.00 16.97
CA TRP HA 259 65.13 83.59 17.36
C TRP HA 259 64.90 83.26 18.83
N LEU HA 260 64.94 84.27 19.69
CA LEU HA 260 64.74 84.08 21.12
C LEU HA 260 63.40 84.67 21.53
N SER HA 261 62.81 84.13 22.60
CA SER HA 261 61.56 84.73 23.05
C SER HA 261 61.87 86.00 23.83
N ARG HA 262 60.91 86.92 23.84
CA ARG HA 262 61.05 88.21 24.50
C ARG HA 262 60.32 88.31 25.83
N GLN HA 263 59.08 87.84 25.89
CA GLN HA 263 58.23 88.03 27.05
C GLN HA 263 58.38 86.95 28.11
N ARG HA 264 59.47 86.20 28.08
CA ARG HA 264 59.63 85.11 29.04
C ARG HA 264 61.02 85.01 29.66
N ASN HA 265 62.02 85.77 29.21
CA ASN HA 265 63.37 85.70 29.72
C ASN HA 265 63.67 86.80 30.72
N THR HA 266 64.68 86.56 31.54
CA THR HA 266 65.17 87.47 32.57
C THR HA 266 66.65 87.83 32.31
N MET HA 267 67.01 88.07 31.05
CA MET HA 267 68.40 88.30 30.68
C MET HA 267 68.63 89.74 30.26
N SER HA 268 69.77 90.29 30.70
CA SER HA 268 70.23 91.62 30.34
C SER HA 268 71.13 91.54 29.10
N LYS HA 269 71.84 92.63 28.80
CA LYS HA 269 72.68 92.68 27.60
C LYS HA 269 74.04 92.02 27.78
N LYS HA 270 74.45 91.71 29.00
CA LYS HA 270 75.77 91.12 29.20
C LYS HA 270 75.71 89.61 28.96
N GLU HA 271 74.76 88.93 29.59
CA GLU HA 271 74.71 87.50 29.39
C GLU HA 271 74.16 87.13 28.02
N LEU HA 272 73.57 88.09 27.29
CA LEU HA 272 73.26 87.80 25.89
C LEU HA 272 74.52 87.73 25.04
N GLU HA 273 75.54 88.53 25.39
CA GLU HA 273 76.81 88.41 24.69
C GLU HA 273 77.55 87.16 25.14
N VAL HA 274 77.26 86.72 26.37
CA VAL HA 274 77.89 85.49 26.84
C VAL HA 274 77.28 84.29 26.12
N LEU HA 275 75.95 84.31 25.92
CA LEU HA 275 75.32 83.24 25.15
C LEU HA 275 75.72 83.29 23.68
N SER HA 276 75.91 84.49 23.12
CA SER HA 276 76.33 84.58 21.74
C SER HA 276 77.81 84.26 21.56
N GLN HA 277 78.57 84.15 22.63
CA GLN HA 277 79.94 83.69 22.47
C GLN HA 277 80.09 82.21 22.75
N LYS HA 278 79.29 81.67 23.66
CA LYS HA 278 79.34 80.25 23.86
C LYS HA 278 78.64 79.50 22.74
N LEU HA 279 77.71 80.14 22.02
CA LEU HA 279 77.17 79.50 20.84
C LEU HA 279 78.12 79.62 19.65
N ARG HA 280 78.98 80.63 19.66
CA ARG HA 280 79.98 80.76 18.60
C ARG HA 280 81.06 79.72 18.75
N ALA HA 281 81.36 79.34 19.99
CA ALA HA 281 82.38 78.31 20.19
C ALA HA 281 81.88 76.90 19.83
N LEU HA 282 80.57 76.70 19.72
CA LEU HA 282 80.04 75.40 19.31
C LEU HA 282 80.00 75.20 17.80
N MET HA 283 80.00 76.26 17.01
CA MET HA 283 79.95 76.15 15.55
C MET HA 283 81.17 76.80 14.96
N PRO HA 284 82.22 76.04 14.63
CA PRO HA 284 83.46 76.65 14.15
C PRO HA 284 83.39 77.21 12.75
N TYR HA 285 82.39 76.87 11.93
CA TYR HA 285 82.34 77.44 10.59
C TYR HA 285 81.75 78.83 10.58
N ALA HA 286 81.03 79.22 11.62
CA ALA HA 286 80.36 80.51 11.67
C ALA HA 286 81.31 81.56 12.20
N ASP HA 287 81.05 82.81 11.82
CA ASP HA 287 81.89 83.92 12.28
C ASP HA 287 81.24 84.71 13.40
N SER HA 288 79.92 84.89 13.35
CA SER HA 288 79.19 85.59 14.39
C SER HA 288 77.75 85.09 14.36
N VAL HA 289 77.14 84.98 15.53
CA VAL HA 289 75.76 84.54 15.65
C VAL HA 289 74.91 85.74 16.08
N ASN HA 290 73.87 86.03 15.30
CA ASN HA 290 73.01 87.17 15.60
C ASN HA 290 71.80 86.66 16.36
N ILE HA 291 71.50 87.31 17.49
CA ILE HA 291 70.40 86.93 18.36
C ILE HA 291 69.33 88.00 18.27
N THR HA 292 68.19 87.68 17.69
CA THR HA 292 67.06 88.61 17.65
C THR HA 292 65.91 88.07 18.47
N LEU HA 293 65.21 88.98 19.14
CA LEU HA 293 64.14 88.62 20.07
C LEU HA 293 62.80 88.75 19.37
N MET HA 294 62.21 87.62 18.98
CA MET HA 294 60.91 87.62 18.35
C MET HA 294 59.81 87.71 19.39
N ASP HA 295 58.75 88.44 19.05
CA ASP HA 295 57.62 88.59 19.95
C ASP HA 295 56.83 87.28 20.03
N ASP HA 296 56.18 87.07 21.16
CA ASP HA 296 55.55 85.80 21.48
C ASP HA 296 54.10 85.70 21.05
N VAL HA 297 53.41 86.82 20.85
CA VAL HA 297 51.99 86.78 20.49
C VAL HA 297 51.78 86.54 19.00
N THR HA 298 52.67 87.05 18.15
CA THR HA 298 52.50 86.83 16.71
C THR HA 298 52.80 85.41 16.30
N ALA HA 299 53.51 84.66 17.16
CA ALA HA 299 53.75 83.24 16.91
C ALA HA 299 52.47 82.42 17.04
N ALA HA 300 51.54 82.84 17.88
CA ALA HA 300 50.25 82.15 17.91
C ALA HA 300 49.20 82.86 17.09
N GLY HA 301 49.47 84.08 16.66
CA GLY HA 301 48.55 84.77 15.80
C GLY HA 301 48.65 84.21 14.39
N GLN HA 302 49.88 83.89 13.96
CA GLN HA 302 50.02 83.27 12.65
C GLN HA 302 49.50 81.85 12.66
N ALA HA 303 49.53 81.20 13.84
CA ALA HA 303 49.09 79.83 13.94
C ALA HA 303 47.57 79.75 13.93
N GLU HA 304 46.89 80.78 14.44
CA GLU HA 304 45.44 80.74 14.40
C GLU HA 304 44.91 81.25 13.06
N ALA HA 305 45.51 82.31 12.51
CA ALA HA 305 45.03 82.82 11.24
C ALA HA 305 45.31 81.84 10.11
N GLY HA 306 46.39 81.07 10.18
CA GLY HA 306 46.56 80.03 9.18
C GLY HA 306 45.69 78.82 9.41
N LEU HA 307 45.14 78.67 10.62
CA LEU HA 307 44.27 77.54 10.90
C LEU HA 307 42.81 77.87 10.64
N LYS HA 308 42.50 79.13 10.39
CA LYS HA 308 41.12 79.47 10.08
C LYS HA 308 40.86 79.53 8.58
N GLN HA 309 41.88 79.80 7.78
CA GLN HA 309 41.71 79.84 6.33
C GLN HA 309 41.47 78.48 5.72
N GLN HA 310 41.89 77.41 6.38
CA GLN HA 310 41.66 76.07 5.83
C GLN HA 310 40.30 75.50 6.19
N ALA HA 311 39.44 76.27 6.87
CA ALA HA 311 38.08 75.87 7.25
C ALA HA 311 38.08 74.60 8.11
N LEU HA 312 39.08 74.49 8.97
CA LEU HA 312 39.25 73.32 9.82
C LEU HA 312 38.60 73.56 11.17
N PRO HA 313 37.90 72.58 11.74
CA PRO HA 313 37.45 72.73 13.11
C PRO HA 313 38.65 72.53 14.03
N TYR HA 314 38.67 73.26 15.13
CA TYR HA 314 39.82 73.19 16.00
C TYR HA 314 39.40 73.57 17.40
N SER HA 315 40.34 73.44 18.33
CA SER HA 315 40.04 73.73 19.73
C SER HA 315 41.34 74.19 20.39
N ARG HA 316 41.43 75.50 20.63
CA ARG HA 316 42.63 76.10 21.20
C ARG HA 316 42.64 75.90 22.70
N ARG HA 317 43.78 75.47 23.25
CA ARG HA 317 43.95 75.33 24.68
C ARG HA 317 45.13 76.19 25.10
N ASN HA 318 44.89 77.12 26.01
CA ASN HA 318 45.90 78.08 26.47
C ASN HA 318 46.37 77.66 27.85
N HIS HA 319 47.67 77.45 28.00
CA HIS HA 319 48.29 77.34 29.30
C HIS HA 319 49.65 78.00 29.24
N LYS HA 320 50.29 78.14 30.40
CA LYS HA 320 51.53 78.90 30.47
C LYS HA 320 52.69 78.13 29.85
N GLY HA 321 53.47 78.84 29.04
CA GLY HA 321 54.62 78.26 28.37
C GLY HA 321 54.27 77.36 27.20
N GLY HA 322 53.21 77.67 26.46
CA GLY HA 322 52.87 76.87 25.29
C GLY HA 322 51.38 76.72 25.06
N VAL HA 323 50.94 76.81 23.80
CA VAL HA 323 49.55 76.59 23.47
C VAL HA 323 49.41 75.29 22.68
N THR HA 324 48.16 74.85 22.53
CA THR HA 324 47.93 73.56 21.89
C THR HA 324 46.64 73.62 21.10
N PHE HA 325 46.72 73.27 19.82
CA PHE HA 325 45.53 73.23 18.98
C PHE HA 325 45.17 71.79 18.71
N VAL HA 326 43.96 71.41 19.09
CA VAL HA 326 43.50 70.04 18.93
C VAL HA 326 42.51 70.03 17.78
N ILE HA 327 42.75 69.17 16.81
CA ILE HA 327 41.90 68.99 15.64
C ILE HA 327 41.49 67.53 15.61
N GLN HA 328 40.23 67.27 15.97
CA GLN HA 328 39.74 65.90 16.05
C GLN HA 328 38.47 65.70 15.25
N GLY HA 329 37.85 64.55 15.41
CA GLY HA 329 36.64 64.22 14.69
C GLY HA 329 36.95 63.43 13.43
N ALA HA 330 35.90 63.22 12.64
CA ALA HA 330 36.01 62.49 11.38
C ALA HA 330 36.26 63.49 10.26
N LEU HA 331 37.51 63.55 9.79
CA LEU HA 331 37.89 64.50 8.76
C LEU HA 331 37.93 63.81 7.40
N ASP HA 332 37.52 64.52 6.36
CA ASP HA 332 37.59 63.99 5.01
C ASP HA 332 38.99 64.18 4.41
N ASP HA 333 39.10 63.80 3.13
CA ASP HA 333 40.40 63.78 2.46
C ASP HA 333 40.89 65.15 2.06
N VAL HA 334 40.01 66.14 1.93
CA VAL HA 334 40.52 67.46 1.64
C VAL HA 334 41.01 68.11 2.92
N GLU HA 335 40.35 67.78 4.05
CA GLU HA 335 40.72 68.32 5.34
C GLU HA 335 41.92 67.61 5.94
N ILE HA 336 42.41 66.56 5.30
CA ILE HA 336 43.67 65.97 5.74
C ILE HA 336 44.85 66.56 4.96
N LEU HA 337 44.66 66.71 3.65
CA LEU HA 337 45.72 67.27 2.81
C LEU HA 337 45.91 68.75 3.07
N ARG HA 338 44.86 69.46 3.50
CA ARG HA 338 45.06 70.85 3.84
C ARG HA 338 45.66 71.01 5.22
N ALA HA 339 45.39 70.06 6.12
CA ALA HA 339 45.94 70.12 7.47
C ALA HA 339 47.33 69.55 7.57
N ARG HA 340 47.88 69.00 6.49
CA ARG HA 340 49.25 68.53 6.56
C ARG HA 340 50.24 69.48 5.90
N GLN HA 341 49.81 70.16 4.83
CA GLN HA 341 50.65 71.14 4.17
C GLN HA 341 50.80 72.40 4.98
N PHE HA 342 49.93 72.61 5.97
CA PHE HA 342 50.06 73.80 6.79
C PHE HA 342 50.99 73.53 7.95
N VAL HA 343 50.90 72.34 8.54
CA VAL HA 343 51.76 72.01 9.68
C VAL HA 343 53.20 71.89 9.21
N ASP HA 344 53.43 71.26 8.05
CA ASP HA 344 54.80 71.19 7.55
C ASP HA 344 55.31 72.53 7.04
N SER HA 345 54.44 73.47 6.70
CA SER HA 345 54.87 74.82 6.33
C SER HA 345 55.00 75.73 7.55
N TYR HA 346 54.51 75.31 8.70
CA TYR HA 346 54.63 76.11 9.92
C TYR HA 346 55.78 75.66 10.80
N TYR HA 347 56.00 74.36 10.89
CA TYR HA 347 57.15 73.87 11.64
C TYR HA 347 58.46 74.22 10.96
N ARG HA 348 58.44 74.44 9.64
CA ARG HA 348 59.68 74.80 8.96
C ARG HA 348 60.14 76.20 9.34
N THR HA 349 59.24 77.06 9.78
CA THR HA 349 59.59 78.44 10.05
C THR HA 349 59.42 78.83 11.50
N TRP HA 350 58.89 77.96 12.36
CA TRP HA 350 58.72 78.34 13.76
C TRP HA 350 59.21 77.32 14.77
N GLY HA 351 59.30 76.04 14.43
CA GLY HA 351 59.73 75.08 15.41
C GLY HA 351 58.59 74.61 16.31
N GLY HA 352 58.76 73.41 16.86
CA GLY HA 352 57.73 72.83 17.68
C GLY HA 352 57.96 73.00 19.17
N ARG HA 353 58.60 74.11 19.55
CA ARG HA 353 58.88 74.35 20.96
C ARG HA 353 57.69 74.96 21.68
N TYR HA 354 57.01 75.91 21.06
CA TYR HA 354 55.95 76.67 21.70
C TYR HA 354 54.55 76.10 21.48
N VAL HA 355 54.13 76.01 20.23
CA VAL HA 355 52.76 75.65 19.86
C VAL HA 355 52.74 74.24 19.30
N GLN HA 356 51.81 73.43 19.80
CA GLN HA 356 51.73 72.02 19.43
C GLN HA 356 50.39 71.68 18.80
N PHE HA 357 50.44 71.05 17.62
CA PHE HA 357 49.26 70.55 16.94
C PHE HA 357 48.98 69.10 17.30
N ALA HA 358 47.70 68.77 17.46
CA ALA HA 358 47.26 67.43 17.84
C ALA HA 358 46.20 67.06 16.81
N ILE HA 359 46.65 66.50 15.69
CA ILE HA 359 45.75 65.98 14.66
C ILE HA 359 45.30 64.57 15.03
N GLU HA 360 43.99 64.33 14.94
CA GLU HA 360 43.43 63.06 15.41
C GLU HA 360 42.24 62.62 14.57
N LEU HA 361 42.51 61.70 13.66
CA LEU HA 361 41.47 61.18 12.79
C LEU HA 361 40.81 60.04 13.56
N LYS HA 362 39.61 60.27 14.09
CA LYS HA 362 38.92 59.23 14.79
C LYS HA 362 37.43 59.38 14.54
N ASP HA 363 36.70 58.30 14.77
CA ASP HA 363 35.26 58.34 14.53
C ASP HA 363 34.58 59.09 15.66
N ASP HA 364 33.27 59.25 15.55
CA ASP HA 364 32.56 59.98 16.59
C ASP HA 364 32.42 59.05 17.79
N TRP HA 365 32.63 59.61 18.97
CA TRP HA 365 32.41 58.86 20.18
C TRP HA 365 30.92 58.63 20.38
N LEU HA 366 30.57 57.48 20.97
CA LEU HA 366 29.19 57.05 21.21
C LEU HA 366 28.40 56.97 19.90
N LYS HA 367 28.80 55.99 19.08
CA LYS HA 367 28.51 55.91 17.65
C LYS HA 367 27.02 56.04 17.32
N GLY HA 368 26.19 55.11 17.76
CA GLY HA 368 24.78 55.16 17.48
C GLY HA 368 23.92 55.25 18.73
N ARG HA 369 24.48 55.78 19.80
CA ARG HA 369 23.80 55.80 21.07
C ARG HA 369 23.26 57.19 21.33
N SER HA 370 22.03 57.27 21.81
CA SER HA 370 21.44 58.51 22.27
C SER HA 370 21.80 58.76 23.73
N PHE HA 371 22.21 59.98 24.04
CA PHE HA 371 22.65 60.35 25.37
C PHE HA 371 22.02 61.67 25.77
N GLN HA 372 22.05 61.98 27.06
CA GLN HA 372 21.43 63.17 27.62
C GLN HA 372 22.53 63.96 28.30
N TYR HA 373 23.17 64.86 27.56
CA TYR HA 373 24.39 65.48 28.01
C TYR HA 373 24.14 66.58 29.02
N GLY HA 374 25.14 66.81 29.86
CA GLY HA 374 25.21 67.97 30.72
C GLY HA 374 24.84 67.75 32.16
N ALA HA 375 25.86 67.50 32.99
CA ALA HA 375 25.89 67.58 34.45
C ALA HA 375 25.06 66.52 35.16
N GLU HA 376 24.18 65.83 34.44
CA GLU HA 376 23.43 64.66 34.88
C GLU HA 376 23.20 63.85 33.60
N GLY HA 377 24.11 62.93 33.30
CA GLY HA 377 24.16 62.31 32.00
C GLY HA 377 23.97 60.81 32.07
N TYR HA 378 23.46 60.25 30.97
CA TYR HA 378 23.38 58.81 30.86
C TYR HA 378 23.49 58.44 29.39
N ILE HA 379 23.87 57.20 29.14
CA ILE HA 379 23.97 56.64 27.81
C ILE HA 379 22.95 55.53 27.70
N LYS HA 380 22.14 55.58 26.65
CA LYS HA 380 21.11 54.57 26.45
C LYS HA 380 21.72 53.44 25.66
N MET HA 381 22.10 52.36 26.35
CA MET HA 381 22.66 51.20 25.68
C MET HA 381 21.63 50.44 24.88
N SER HA 382 20.36 50.65 25.17
CA SER HA 382 19.25 49.93 24.56
C SER HA 382 18.01 50.76 24.83
N PRO HA 383 16.86 50.40 24.26
CA PRO HA 383 15.62 51.04 24.70
C PRO HA 383 15.28 50.85 26.17
N GLY HA 384 15.82 49.83 26.83
CA GLY HA 384 15.56 49.65 28.24
C GLY HA 384 16.80 49.49 29.08
N HIS HA 385 17.87 50.21 28.75
CA HIS HA 385 19.14 50.07 29.44
C HIS HA 385 19.78 51.44 29.58
N TRP HA 386 19.99 51.85 30.82
CA TRP HA 386 20.62 53.11 31.19
C TRP HA 386 22.01 52.84 31.72
N TYR HA 387 22.99 53.61 31.25
CA TYR HA 387 24.37 53.54 31.70
C TYR HA 387 24.74 54.90 32.26
N PHE HA 388 25.40 54.93 33.43
CA PHE HA 388 25.68 56.19 34.11
C PHE HA 388 27.18 56.40 34.31
N PRO HA 389 27.91 56.75 33.25
CA PRO HA 389 29.31 57.14 33.41
C PRO HA 389 29.40 58.61 33.75
N SER HA 390 30.61 59.17 33.65
CA SER HA 390 30.95 60.59 33.72
C SER HA 390 29.98 61.47 32.93
N PRO HA 391 29.69 62.71 33.39
CA PRO HA 391 28.61 63.48 32.77
C PRO HA 391 28.96 63.90 31.36
N LEU HA 392 28.32 63.25 30.39
CA LEU HA 392 28.62 63.48 28.99
C LEU HA 392 27.96 64.74 28.50
N ALA IA 171 101.65 51.49 15.93
CA ALA IA 171 100.30 51.84 15.50
C ALA IA 171 99.51 52.44 16.66
N GLU IA 172 99.12 53.71 16.52
CA GLU IA 172 98.36 54.39 17.55
C GLU IA 172 96.90 53.96 17.49
N LEU IA 173 96.11 54.50 18.43
CA LEU IA 173 94.77 53.98 18.65
C LEU IA 173 93.77 54.51 17.63
N ASP IA 174 93.81 55.81 17.34
CA ASP IA 174 92.77 56.42 16.52
C ASP IA 174 92.92 56.16 15.03
N SER IA 175 93.88 55.35 14.63
CA SER IA 175 93.94 54.88 13.26
C SER IA 175 93.34 53.49 13.08
N LEU IA 176 93.28 52.70 14.16
CA LEU IA 176 92.67 51.38 14.08
C LEU IA 176 91.15 51.41 14.10
N LEU IA 177 90.52 52.54 14.41
CA LEU IA 177 89.07 52.62 14.33
C LEU IA 177 88.65 52.93 12.91
N GLY IA 178 87.40 53.33 12.75
CA GLY IA 178 86.81 53.55 11.44
C GLY IA 178 87.38 54.72 10.68
N GLN IA 179 86.82 54.92 9.48
CA GLN IA 179 87.28 56.00 8.61
C GLN IA 179 86.85 57.36 9.15
N GLU IA 180 85.62 57.47 9.61
CA GLU IA 180 85.16 58.73 10.19
C GLU IA 180 85.80 58.92 11.55
N LYS IA 181 86.78 59.81 11.64
CA LYS IA 181 87.46 60.07 12.90
C LYS IA 181 86.83 61.24 13.65
N GLU IA 182 85.51 61.20 13.79
CA GLU IA 182 84.81 62.18 14.62
C GLU IA 182 83.70 61.61 15.49
N ARG IA 183 83.27 60.38 15.27
CA ARG IA 183 82.22 59.84 16.13
C ARG IA 183 82.75 59.36 17.47
N PHE IA 184 84.05 59.14 17.57
CA PHE IA 184 84.69 58.74 18.81
C PHE IA 184 85.59 59.86 19.31
N GLN IA 185 86.05 59.71 20.56
CA GLN IA 185 86.88 60.73 21.18
C GLN IA 185 87.75 60.02 22.22
N VAL IA 186 89.05 59.95 21.92
CA VAL IA 186 90.03 59.27 22.76
C VAL IA 186 90.58 60.24 23.80
N LEU IA 187 90.49 59.85 25.08
CA LEU IA 187 90.91 60.62 26.23
C LEU IA 187 92.06 59.94 26.97
N PRO IA 188 93.06 60.70 27.41
CA PRO IA 188 94.16 60.11 28.19
C PRO IA 188 93.75 59.92 29.64
N GLY IA 189 94.06 58.75 30.21
CA GLY IA 189 93.71 58.48 31.59
C GLY IA 189 94.80 58.99 32.52
N ARG IA 190 94.55 58.84 33.81
CA ARG IA 190 95.50 59.23 34.83
C ARG IA 190 96.19 58.03 35.46
N ASP IA 191 95.58 56.85 35.36
CA ASP IA 191 96.16 55.60 35.82
C ASP IA 191 96.91 54.88 34.71
N LYS IA 192 97.47 55.66 33.77
CA LYS IA 192 98.20 55.18 32.58
C LYS IA 192 97.34 54.26 31.71
N MET IA 193 96.17 54.76 31.32
CA MET IA 193 95.32 54.02 30.39
C MET IA 193 94.79 54.98 29.33
N LEU IA 194 93.87 54.50 28.50
CA LEU IA 194 93.36 55.31 27.41
C LEU IA 194 91.88 54.97 27.21
N TYR IA 195 91.02 55.98 27.29
CA TYR IA 195 89.59 55.78 27.28
C TYR IA 195 89.01 56.26 25.95
N VAL IA 196 88.13 55.47 25.36
CA VAL IA 196 87.44 55.87 24.15
C VAL IA 196 85.99 56.11 24.55
N ALA IA 197 85.44 57.24 24.14
CA ALA IA 197 84.11 57.62 24.62
C ALA IA 197 83.12 57.49 23.47
N ALA IA 198 82.37 56.39 23.46
CA ALA IA 198 81.35 56.24 22.46
C ALA IA 198 80.08 56.99 22.84
N GLN IA 199 79.07 56.92 21.97
CA GLN IA 199 77.82 57.62 22.19
C GLN IA 199 76.59 56.73 22.27
N ASN IA 200 76.64 55.49 21.77
CA ASN IA 200 75.51 54.59 21.88
C ASN IA 200 76.00 53.14 21.94
N GLU IA 201 75.05 52.22 22.05
CA GLU IA 201 75.39 50.82 22.19
C GLU IA 201 75.87 50.20 20.88
N ARG IA 202 75.61 50.87 19.76
CA ARG IA 202 76.14 50.35 18.51
C ARG IA 202 77.62 50.69 18.37
N ASP IA 203 77.98 51.93 18.72
CA ASP IA 203 79.39 52.27 18.64
C ASP IA 203 80.18 51.73 19.81
N THR IA 204 79.49 51.27 20.86
CA THR IA 204 80.24 50.63 21.94
C THR IA 204 80.70 49.26 21.50
N LEU IA 205 79.84 48.48 20.84
CA LEU IA 205 80.29 47.19 20.33
C LEU IA 205 81.20 47.34 19.12
N TRP IA 206 81.14 48.50 18.44
CA TRP IA 206 82.09 48.78 17.37
C TRP IA 206 83.49 48.99 17.94
N ALA IA 207 83.58 49.71 19.05
CA ALA IA 207 84.90 49.93 19.61
C ALA IA 207 85.37 48.70 20.39
N ARG IA 208 84.46 47.94 20.99
CA ARG IA 208 84.89 46.79 21.76
C ARG IA 208 85.31 45.62 20.90
N GLN IA 209 84.93 45.58 19.62
CA GLN IA 209 85.44 44.50 18.79
C GLN IA 209 86.91 44.68 18.47
N VAL IA 210 87.37 45.93 18.40
CA VAL IA 210 88.79 46.19 18.13
C VAL IA 210 89.62 45.74 19.33
N LEU IA 211 89.25 46.19 20.52
CA LEU IA 211 90.03 45.84 21.69
C LEU IA 211 89.82 44.39 22.12
N ALA IA 212 88.81 43.71 21.59
CA ALA IA 212 88.60 42.31 21.93
C ALA IA 212 89.35 41.39 20.99
N ARG IA 213 89.45 41.74 19.70
CA ARG IA 213 90.24 40.91 18.81
C ARG IA 213 91.73 41.08 19.05
N GLY IA 214 92.13 42.16 19.71
CA GLY IA 214 93.47 42.25 20.23
C GLY IA 214 94.50 42.88 19.32
N ASP IA 215 94.09 43.76 18.42
CA ASP IA 215 95.07 44.48 17.60
C ASP IA 215 95.43 45.83 18.22
N TYR IA 216 95.78 45.78 19.51
CA TYR IA 216 96.33 46.91 20.24
C TYR IA 216 97.16 46.39 21.40
N ASP IA 217 98.36 46.94 21.55
CA ASP IA 217 99.33 46.41 22.49
C ASP IA 217 99.05 46.85 23.93
N LYS IA 218 98.84 48.15 24.14
CA LYS IA 218 98.66 48.68 25.48
C LYS IA 218 97.22 48.48 25.97
N ASN IA 219 96.91 49.06 27.13
CA ASN IA 219 95.61 48.92 27.74
C ASN IA 219 94.68 50.02 27.26
N ALA IA 220 93.39 49.69 27.18
CA ALA IA 220 92.39 50.65 26.72
C ALA IA 220 91.01 50.27 27.23
N ARG IA 221 90.22 51.28 27.60
CA ARG IA 221 88.85 51.04 28.05
C ARG IA 221 87.91 51.90 27.22
N VAL IA 222 86.66 51.45 27.16
CA VAL IA 222 85.58 52.14 26.46
C VAL IA 222 84.50 52.62 27.45
N ILE IA 223 84.19 53.91 27.43
CA ILE IA 223 83.12 54.41 28.29
C ILE IA 223 81.94 54.85 27.43
N ASN IA 224 80.85 55.18 28.13
CA ASN IA 224 79.55 55.50 27.55
C ASN IA 224 78.76 56.25 28.62
N GLU IA 225 77.81 57.08 28.16
CA GLU IA 225 77.03 57.89 29.10
C GLU IA 225 76.04 57.06 29.91
N ASN IA 226 75.37 56.11 29.27
CA ASN IA 226 74.29 55.40 29.94
C ASN IA 226 74.79 54.36 30.92
N GLU IA 227 76.04 53.93 30.80
CA GLU IA 227 76.55 52.92 31.70
C GLU IA 227 77.53 53.52 32.68
N GLU IA 228 78.17 54.63 32.33
CA GLU IA 228 78.95 55.33 33.33
C GLU IA 228 78.06 56.11 34.31
N ASN IA 229 76.82 56.41 33.93
CA ASN IA 229 75.92 56.95 34.94
C ASN IA 229 75.40 55.89 35.90
N LYS IA 230 75.53 54.60 35.56
CA LYS IA 230 75.16 53.55 36.49
C LYS IA 230 76.33 53.02 37.29
N ARG IA 231 77.54 53.17 36.77
CA ARG IA 231 78.69 52.62 37.46
C ARG IA 231 79.03 53.44 38.69
N ILE IA 232 78.88 54.75 38.63
CA ILE IA 232 79.14 55.57 39.80
C ILE IA 232 77.84 56.00 40.49
N SER IA 233 76.75 55.30 40.22
CA SER IA 233 75.59 55.33 41.10
C SER IA 233 75.51 54.07 41.95
N ILE IA 234 76.21 53.03 41.53
CA ILE IA 234 76.36 51.86 42.40
C ILE IA 234 77.37 52.15 43.51
N TRP IA 235 78.46 52.84 43.20
CA TRP IA 235 79.37 53.26 44.27
C TRP IA 235 78.74 54.29 45.19
N LEU IA 236 77.81 55.11 44.68
CA LEU IA 236 77.35 56.22 45.49
C LEU IA 236 76.32 55.83 46.55
N ASP IA 237 75.55 54.77 46.34
CA ASP IA 237 74.58 54.33 47.33
C ASP IA 237 75.13 53.27 48.27
N THR IA 238 76.44 53.27 48.48
CA THR IA 238 77.09 52.48 49.51
C THR IA 238 77.84 53.37 50.47
N TYR IA 239 78.59 54.33 49.95
CA TYR IA 239 79.35 55.24 50.79
C TYR IA 239 78.60 56.52 51.09
N TYR IA 240 77.64 56.92 50.26
CA TYR IA 240 76.82 58.10 50.52
C TYR IA 240 75.34 57.78 50.31
N PRO IA 241 74.74 57.03 51.22
CA PRO IA 241 73.30 56.76 51.10
C PRO IA 241 72.48 57.98 51.51
N GLN IA 242 71.18 57.91 51.17
CA GLN IA 242 70.19 58.98 51.35
C GLN IA 242 70.62 60.28 50.67
N LEU IA 243 71.14 60.18 49.46
CA LEU IA 243 71.54 61.34 48.68
C LEU IA 243 70.53 61.56 47.58
N ALA IA 244 70.12 62.82 47.39
CA ALA IA 244 69.13 63.18 46.38
C ALA IA 244 69.84 63.85 45.23
N TYR IA 245 69.84 63.18 44.07
CA TYR IA 245 70.48 63.72 42.89
C TYR IA 245 69.70 63.24 41.68
N TYR IA 246 70.05 63.77 40.52
CA TYR IA 246 69.32 63.48 39.29
C TYR IA 246 70.14 62.72 38.28
N ARG IA 247 71.28 63.26 37.85
CA ARG IA 247 71.98 62.74 36.70
C ARG IA 247 73.35 63.40 36.67
N ILE IA 248 74.30 62.71 36.04
CA ILE IA 248 75.63 63.24 35.78
C ILE IA 248 75.75 63.41 34.28
N HIS IA 249 76.06 64.62 33.83
CA HIS IA 249 76.07 64.92 32.42
C HIS IA 249 77.49 64.88 31.90
N PHE IA 250 77.66 64.33 30.71
CA PHE IA 250 78.97 64.08 30.12
C PHE IA 250 79.03 64.68 28.73
N ASP IA 251 78.64 65.95 28.63
CA ASP IA 251 78.70 66.63 27.34
C ASP IA 251 80.14 66.94 26.95
N GLU IA 252 80.92 67.41 27.90
CA GLU IA 252 82.38 67.45 27.75
C GLU IA 252 83.01 66.56 28.81
N PRO IA 253 83.64 65.45 28.42
CA PRO IA 253 84.06 64.44 29.41
C PRO IA 253 85.28 64.82 30.22
N ARG IA 254 85.84 66.01 30.05
CA ARG IA 254 86.90 66.46 30.93
C ARG IA 254 86.40 67.35 32.05
N LYS IA 255 85.10 67.59 32.12
CA LYS IA 255 84.52 68.38 33.19
C LYS IA 255 83.05 68.05 33.33
N PRO IA 256 82.70 66.95 33.99
CA PRO IA 256 81.31 66.58 34.12
C PRO IA 256 80.59 67.46 35.13
N VAL IA 257 79.27 67.44 35.03
CA VAL IA 257 78.37 68.24 35.87
C VAL IA 257 77.52 67.29 36.70
N PHE IA 258 77.50 67.51 38.00
CA PHE IA 258 76.74 66.71 38.93
C PHE IA 258 75.58 67.57 39.41
N TRP IA 259 74.36 67.09 39.18
CA TRP IA 259 73.15 67.84 39.51
C TRP IA 259 72.61 67.38 40.84
N LEU IA 260 72.88 68.14 41.90
CA LEU IA 260 72.33 67.81 43.20
C LEU IA 260 70.96 68.45 43.35
N SER IA 261 70.28 68.08 44.42
CA SER IA 261 69.01 68.68 44.78
C SER IA 261 69.22 69.71 45.87
N ARG IA 262 68.49 70.81 45.77
CA ARG IA 262 68.69 71.91 46.70
C ARG IA 262 67.84 71.75 47.95
N GLN IA 263 66.57 71.39 47.79
CA GLN IA 263 65.65 71.37 48.91
C GLN IA 263 65.62 70.05 49.66
N ARG IA 264 66.55 69.13 49.40
CA ARG IA 264 66.56 67.87 50.11
C ARG IA 264 67.96 67.46 50.55
N ASN IA 265 68.96 68.32 50.37
CA ASN IA 265 70.33 68.03 50.76
C ASN IA 265 70.79 69.05 51.77
N THR IA 266 71.46 68.59 52.82
CA THR IA 266 71.86 69.45 53.93
C THR IA 266 73.35 69.32 54.20
N MET IA 267 74.15 69.40 53.14
CA MET IA 267 75.60 69.35 53.26
C MET IA 267 76.21 70.74 53.18
N SER IA 268 77.27 70.97 53.95
CA SER IA 268 77.89 72.29 53.94
C SER IA 268 78.89 72.40 52.79
N LYS IA 269 79.55 73.56 52.74
CA LYS IA 269 80.51 73.83 51.68
C LYS IA 269 81.80 73.04 51.90
N LYS IA 270 82.15 72.76 53.15
CA LYS IA 270 83.40 72.06 53.41
C LYS IA 270 83.26 70.60 53.03
N GLU IA 271 82.12 70.00 53.34
CA GLU IA 271 81.88 68.60 53.02
C GLU IA 271 81.21 68.40 51.68
N LEU IA 272 81.12 69.43 50.84
CA LEU IA 272 80.78 69.16 49.46
C LEU IA 272 82.01 69.03 48.58
N GLU IA 273 83.11 69.64 48.99
CA GLU IA 273 84.36 69.39 48.30
C GLU IA 273 84.99 68.06 48.66
N VAL IA 274 84.60 67.42 49.77
CA VAL IA 274 85.16 66.09 50.01
C VAL IA 274 84.48 65.09 49.08
N LEU IA 275 83.18 65.27 48.83
CA LEU IA 275 82.47 64.41 47.91
C LEU IA 275 82.96 64.65 46.49
N SER IA 276 83.29 65.90 46.15
CA SER IA 276 83.81 66.14 44.81
C SER IA 276 85.24 65.60 44.66
N GLN IA 277 86.03 65.62 45.73
CA GLN IA 277 87.37 65.06 45.65
C GLN IA 277 87.38 63.56 45.68
N LYS IA 278 86.32 62.94 46.19
CA LYS IA 278 86.26 61.48 46.17
C LYS IA 278 85.64 61.00 44.87
N LEU IA 279 84.78 61.81 44.26
CA LEU IA 279 84.26 61.48 42.94
C LEU IA 279 85.28 61.74 41.86
N ARG IA 280 86.29 62.58 42.14
CA ARG IA 280 87.35 62.81 41.17
C ARG IA 280 88.25 61.58 41.04
N ALA IA 281 88.45 60.85 42.13
CA ALA IA 281 89.28 59.66 42.09
C ALA IA 281 88.61 58.48 41.39
N LEU IA 282 87.29 58.48 41.25
CA LEU IA 282 86.64 57.41 40.51
C LEU IA 282 86.77 57.55 39.00
N MET IA 283 86.91 58.78 38.49
CA MET IA 283 86.97 59.00 37.06
C MET IA 283 88.34 59.54 36.67
N PRO IA 284 89.26 58.70 36.21
CA PRO IA 284 90.63 59.18 35.93
C PRO IA 284 90.74 60.02 34.68
N TYR IA 285 89.70 60.10 33.85
CA TYR IA 285 89.76 60.94 32.67
C TYR IA 285 89.34 62.37 32.98
N ALA IA 286 88.60 62.58 34.06
CA ALA IA 286 88.10 63.90 34.40
C ALA IA 286 89.20 64.68 35.12
N ASP IA 287 89.08 66.00 35.06
CA ASP IA 287 90.03 66.85 35.76
C ASP IA 287 89.44 67.40 37.06
N SER IA 288 88.21 67.89 37.00
CA SER IA 288 87.50 68.36 38.17
C SER IA 288 86.01 68.26 37.91
N VAL IA 289 85.29 67.59 38.79
CA VAL IA 289 83.85 67.40 38.63
C VAL IA 289 83.15 68.61 39.24
N ASN IA 290 82.34 69.30 38.43
CA ASN IA 290 81.63 70.49 38.90
C ASN IA 290 80.28 70.05 39.43
N ILE IA 291 79.92 70.53 40.62
CA ILE IA 291 78.68 70.15 41.28
C ILE IA 291 77.82 71.41 41.35
N THR IA 292 76.61 71.33 40.81
CA THR IA 292 75.67 72.44 40.92
C THR IA 292 74.35 71.92 41.45
N LEU IA 293 73.62 72.80 42.13
CA LEU IA 293 72.41 72.44 42.83
C LEU IA 293 71.19 72.90 42.04
N MET IA 294 70.58 71.98 41.32
CA MET IA 294 69.38 72.32 40.57
C MET IA 294 68.19 72.40 41.52
N ASP IA 295 67.24 73.24 41.18
CA ASP IA 295 66.08 73.43 42.04
C ASP IA 295 65.13 72.24 41.84
N ASP IA 296 64.25 72.04 42.81
CA ASP IA 296 63.47 70.81 42.89
C ASP IA 296 62.04 70.93 42.39
N VAL IA 297 61.45 72.12 42.36
CA VAL IA 297 60.10 72.26 41.83
C VAL IA 297 60.12 72.50 40.32
N THR IA 298 61.26 72.89 39.76
CA THR IA 298 61.36 73.03 38.31
C THR IA 298 61.39 71.67 37.63
N ALA IA 299 61.84 70.64 38.35
CA ALA IA 299 61.86 69.29 37.80
C ALA IA 299 60.46 68.70 37.74
N ALA IA 300 59.54 69.18 38.54
CA ALA IA 300 58.17 68.70 38.44
C ALA IA 300 57.34 69.59 37.54
N GLY IA 301 57.69 70.88 37.45
CA GLY IA 301 56.95 71.76 36.58
C GLY IA 301 57.24 71.53 35.12
N GLN IA 302 58.49 71.16 34.78
CA GLN IA 302 58.78 70.88 33.38
C GLN IA 302 58.15 69.56 32.95
N ALA IA 303 57.98 68.64 33.88
CA ALA IA 303 57.34 67.36 33.58
C ALA IA 303 55.84 67.50 33.48
N GLU IA 304 55.28 68.49 34.15
CA GLU IA 304 53.84 68.66 34.03
C GLU IA 304 53.50 69.48 32.79
N ALA IA 305 54.19 70.59 32.55
CA ALA IA 305 53.87 71.39 31.38
C ALA IA 305 54.28 70.71 30.07
N GLY IA 306 55.30 69.85 30.07
CA GLY IA 306 55.55 69.09 28.86
C GLY IA 306 54.55 67.98 28.63
N LEU IA 307 53.83 67.57 29.67
CA LEU IA 307 52.82 66.54 29.48
C LEU IA 307 51.47 67.16 29.19
N LYS IA 308 51.26 68.41 29.57
CA LYS IA 308 50.05 69.10 29.20
C LYS IA 308 50.13 69.62 27.78
N GLN IA 309 51.34 69.87 27.28
CA GLN IA 309 51.43 70.43 25.94
C GLN IA 309 51.07 69.42 24.86
N GLN IA 310 51.25 68.12 25.13
CA GLN IA 310 50.86 67.09 24.18
C GLN IA 310 49.40 66.70 24.31
N ALA IA 311 48.66 67.31 25.25
CA ALA IA 311 47.25 67.03 25.53
C ALA IA 311 47.01 65.55 25.85
N LEU IA 312 47.64 65.09 26.93
CA LEU IA 312 47.52 63.68 27.30
C LEU IA 312 46.76 63.55 28.61
N PRO IA 313 45.78 62.67 28.70
CA PRO IA 313 45.07 62.49 29.97
C PRO IA 313 45.92 61.72 30.99
N TYR IA 314 46.41 62.43 31.98
CA TYR IA 314 47.31 61.90 33.00
C TYR IA 314 46.69 62.07 34.39
N SER IA 315 47.46 61.67 35.40
CA SER IA 315 46.99 61.80 36.79
C SER IA 315 48.22 61.83 37.67
N ARG IA 316 48.36 62.91 38.44
CA ARG IA 316 49.51 63.17 39.28
C ARG IA 316 49.28 62.74 40.72
N ARG IA 317 50.29 62.09 41.31
CA ARG IA 317 50.22 61.66 42.71
C ARG IA 317 51.42 62.22 43.44
N ASN IA 318 51.20 63.23 44.27
CA ASN IA 318 52.27 63.89 45.01
C ASN IA 318 52.52 63.18 46.33
N HIS IA 319 53.77 62.83 46.59
CA HIS IA 319 54.16 62.36 47.92
C HIS IA 319 55.61 62.77 48.16
N LYS IA 320 56.08 62.53 49.38
CA LYS IA 320 57.37 63.03 49.82
C LYS IA 320 58.51 62.23 49.22
N GLY IA 321 59.43 62.93 48.56
CA GLY IA 321 60.62 62.30 48.01
C GLY IA 321 60.48 61.74 46.63
N GLY IA 322 59.62 62.29 45.80
CA GLY IA 322 59.46 61.86 44.42
C GLY IA 322 58.00 61.90 44.07
N VAL IA 323 57.72 62.15 42.79
CA VAL IA 323 56.34 62.13 42.32
C VAL IA 323 56.16 61.04 41.26
N THR IA 324 54.91 60.82 40.90
CA THR IA 324 54.59 59.81 39.90
C THR IA 324 53.37 60.26 39.13
N PHE IA 325 53.40 59.96 37.85
CA PHE IA 325 52.33 60.30 36.92
C PHE IA 325 51.84 59.01 36.30
N VAL IA 326 50.53 58.77 36.36
CA VAL IA 326 49.93 57.54 35.88
C VAL IA 326 49.12 57.89 34.65
N ILE IA 327 49.35 57.14 33.59
CA ILE IA 327 48.63 57.29 32.33
C ILE IA 327 47.93 55.96 32.08
N GLN IA 328 46.69 55.86 32.55
CA GLN IA 328 45.91 54.65 32.39
C GLN IA 328 45.07 54.80 31.12
N GLY IA 329 44.12 53.89 30.91
CA GLY IA 329 43.09 54.04 29.90
C GLY IA 329 43.42 53.33 28.60
N ALA IA 330 42.46 53.42 27.67
CA ALA IA 330 42.60 52.86 26.33
C ALA IA 330 43.05 53.99 25.40
N LEU IA 331 44.34 54.29 25.44
CA LEU IA 331 44.87 55.34 24.58
C LEU IA 331 44.96 54.87 23.14
N ASP IA 332 44.92 55.82 22.20
CA ASP IA 332 45.04 55.46 20.80
C ASP IA 332 46.50 55.56 20.35
N ASP IA 333 46.73 55.42 19.04
CA ASP IA 333 48.10 55.29 18.55
C ASP IA 333 48.87 56.60 18.57
N VAL IA 334 48.18 57.73 18.46
CA VAL IA 334 48.94 58.97 18.47
C VAL IA 334 49.29 59.34 19.90
N GLU IA 335 48.40 59.03 20.86
CA GLU IA 335 48.70 59.39 22.22
C GLU IA 335 49.73 58.44 22.81
N ILE IA 336 49.90 57.27 22.20
CA ILE IA 336 50.98 56.40 22.67
C ILE IA 336 52.29 56.85 22.07
N LEU IA 337 52.29 57.26 20.80
CA LEU IA 337 53.54 57.64 20.18
C LEU IA 337 54.04 58.99 20.71
N ARG IA 338 53.11 59.86 21.11
CA ARG IA 338 53.53 61.15 21.66
C ARG IA 338 53.95 61.02 23.11
N ALA IA 339 53.36 60.08 23.85
CA ALA IA 339 53.76 59.95 25.24
C ALA IA 339 55.09 59.23 25.32
N ARG IA 340 55.30 58.25 24.44
CA ARG IA 340 56.56 57.54 24.45
C ARG IA 340 57.69 58.43 23.96
N GLN IA 341 57.41 59.36 23.03
CA GLN IA 341 58.47 60.22 22.55
C GLN IA 341 58.82 61.28 23.58
N PHE IA 342 57.86 61.68 24.41
CA PHE IA 342 58.18 62.72 25.38
C PHE IA 342 58.89 62.10 26.57
N VAL IA 343 58.48 60.90 26.96
CA VAL IA 343 59.13 60.24 28.09
C VAL IA 343 60.57 59.91 27.73
N ASP IA 344 60.81 59.42 26.51
CA ASP IA 344 62.19 59.15 26.12
C ASP IA 344 62.99 60.43 25.88
N SER IA 345 62.35 61.56 25.61
CA SER IA 345 63.11 62.81 25.54
C SER IA 345 63.25 63.50 26.88
N TYR IA 346 62.66 62.95 27.93
CA TYR IA 346 62.77 63.48 29.29
C TYR IA 346 63.66 62.65 30.20
N TYR IA 347 63.68 61.33 30.01
CA TYR IA 347 64.54 60.46 30.78
C TYR IA 347 66.00 60.71 30.47
N ARG IA 348 66.31 61.25 29.30
CA ARG IA 348 67.69 61.57 28.96
C ARG IA 348 68.18 62.73 29.81
N THR IA 349 67.31 63.70 30.04
CA THR IA 349 67.72 64.91 30.75
C THR IA 349 67.73 64.69 32.25
N TRP IA 350 66.64 64.21 32.83
CA TRP IA 350 66.56 64.18 34.28
C TRP IA 350 66.73 62.82 34.93
N GLY IA 351 66.56 61.72 34.20
CA GLY IA 351 66.64 60.42 34.82
C GLY IA 351 65.37 60.06 35.54
N GLY IA 352 65.37 58.88 36.14
CA GLY IA 352 64.17 58.39 36.80
C GLY IA 352 64.30 58.27 38.31
N ARG IA 353 65.12 59.11 38.91
CA ARG IA 353 65.30 59.03 40.36
C ARG IA 353 64.15 59.74 41.10
N TYR IA 354 63.68 60.85 40.57
CA TYR IA 354 62.71 61.74 41.21
C TYR IA 354 61.28 61.52 40.71
N VAL IA 355 61.09 61.60 39.40
CA VAL IA 355 59.77 61.57 38.79
C VAL IA 355 59.62 60.28 37.98
N GLN IA 356 58.51 59.57 38.18
CA GLN IA 356 58.33 58.31 37.47
C GLN IA 356 57.02 58.30 36.68
N PHE IA 357 57.10 57.81 35.44
CA PHE IA 357 55.94 57.69 34.57
C PHE IA 357 55.41 56.25 34.53
N ALA IA 358 54.11 56.11 34.34
CA ALA IA 358 53.40 54.86 34.56
C ALA IA 358 52.44 54.54 33.42
N ILE IA 359 52.93 54.56 32.18
CA ILE IA 359 52.09 54.27 31.01
C ILE IA 359 51.60 52.83 31.07
N GLU IA 360 50.26 52.64 31.03
CA GLU IA 360 49.71 51.30 31.04
C GLU IA 360 48.37 51.30 30.32
N LEU IA 361 48.07 50.19 29.66
CA LEU IA 361 46.86 50.07 28.85
C LEU IA 361 45.86 49.13 29.50
N LYS IA 362 44.66 49.64 29.76
CA LYS IA 362 43.52 48.86 30.23
C LYS IA 362 42.34 49.16 29.31
N ASP IA 363 41.31 48.33 29.41
CA ASP IA 363 40.14 48.44 28.54
C ASP IA 363 39.02 49.22 29.23
N ASP IA 364 39.23 50.52 29.36
CA ASP IA 364 38.15 51.41 29.79
C ASP IA 364 38.19 52.68 28.94
N TRP IA 365 37.02 53.10 28.49
CA TRP IA 365 36.93 54.23 27.57
C TRP IA 365 37.12 55.56 28.29
N LEU IA 366 36.81 55.62 29.58
CA LEU IA 366 37.20 56.74 30.43
C LEU IA 366 38.68 56.60 30.76
N LYS IA 367 39.49 57.53 30.25
CA LYS IA 367 40.94 57.35 30.26
C LYS IA 367 41.54 57.76 31.61
N GLY IA 368 41.20 57.01 32.64
CA GLY IA 368 41.82 57.20 33.93
C GLY IA 368 40.92 57.65 35.06
N ARG IA 369 39.99 58.53 34.74
CA ARG IA 369 39.12 59.15 35.72
C ARG IA 369 37.95 58.22 36.08
N SER IA 370 37.30 58.51 37.19
CA SER IA 370 36.20 57.68 37.67
C SER IA 370 35.27 58.52 38.52
N PHE IA 371 33.97 58.25 38.41
CA PHE IA 371 32.94 59.04 39.06
C PHE IA 371 31.92 58.13 39.70
N GLN IA 372 31.32 58.60 40.79
CA GLN IA 372 30.18 57.96 41.40
C GLN IA 372 29.04 58.94 41.49
N TYR IA 373 27.83 58.42 41.40
CA TYR IA 373 26.64 59.22 41.11
C TYR IA 373 25.61 59.02 42.19
N GLY IA 374 25.33 60.04 42.99
CA GLY IA 374 24.16 59.94 43.82
C GLY IA 374 23.56 61.23 44.34
N ALA IA 375 22.29 61.42 44.01
CA ALA IA 375 21.32 62.29 44.69
C ALA IA 375 21.58 63.79 44.54
N GLU IA 376 22.74 64.18 44.02
CA GLU IA 376 23.05 65.58 43.76
C GLU IA 376 23.74 65.81 42.44
N GLY IA 377 24.19 64.76 41.75
CA GLY IA 377 25.05 64.89 40.60
C GLY IA 377 26.22 63.92 40.68
N TYR IA 378 27.36 64.27 40.10
CA TYR IA 378 28.52 63.39 40.14
C TYR IA 378 29.57 63.88 41.13
N ILE IA 379 30.30 62.93 41.69
CA ILE IA 379 31.40 63.18 42.60
C ILE IA 379 32.64 62.49 42.05
N LYS IA 380 33.72 63.23 41.89
CA LYS IA 380 34.96 62.68 41.33
C LYS IA 380 35.64 61.82 42.38
N MET IA 381 35.78 60.53 42.08
CA MET IA 381 36.34 59.60 43.06
C MET IA 381 37.85 59.75 43.11
N SER IA 382 38.45 59.27 44.20
CA SER IA 382 39.89 59.27 44.33
C SER IA 382 40.49 58.22 43.39
N PRO IA 383 41.69 58.46 42.86
CA PRO IA 383 42.33 57.48 41.98
C PRO IA 383 42.74 56.24 42.76
N GLY IA 384 42.27 55.08 42.30
CA GLY IA 384 42.62 53.82 42.91
C GLY IA 384 43.06 52.83 41.85
N HIS IA 385 43.40 51.63 42.33
CA HIS IA 385 43.92 50.59 41.45
C HIS IA 385 42.80 49.84 40.73
N TRP IA 386 41.66 49.64 41.38
CA TRP IA 386 40.57 48.92 40.77
C TRP IA 386 39.87 49.79 39.74
N TYR IA 387 39.62 49.25 38.56
CA TYR IA 387 38.94 49.98 37.48
C TYR IA 387 37.67 49.26 37.07
N PHE IA 388 36.70 50.03 36.59
CA PHE IA 388 35.46 49.46 36.11
C PHE IA 388 35.59 49.07 34.64
N PRO IA 389 35.30 47.82 34.25
CA PRO IA 389 35.40 47.44 32.85
C PRO IA 389 34.28 48.04 32.01
N SER IA 390 34.61 48.52 30.82
CA SER IA 390 33.68 49.35 30.05
C SER IA 390 32.82 48.48 29.15
N PRO IA 391 31.50 48.41 29.34
CA PRO IA 391 30.64 47.80 28.32
C PRO IA 391 30.20 48.80 27.28
N LEU IA 392 30.62 48.63 26.03
CA LEU IA 392 30.12 49.50 24.97
C LEU IA 392 29.71 48.69 23.74
N ASP JA 20 39.52 -84.98 17.73
CA ASP JA 20 40.25 -84.43 16.60
C ASP JA 20 39.33 -83.65 15.68
N LYS JA 21 38.03 -83.84 15.85
CA LYS JA 21 37.06 -83.14 15.03
C LYS JA 21 36.90 -81.69 15.47
N ASP JA 22 36.60 -80.83 14.50
CA ASP JA 22 36.33 -79.44 14.78
C ASP JA 22 34.84 -79.22 14.94
N LEU JA 23 34.48 -78.25 15.76
CA LEU JA 23 33.08 -77.90 15.93
C LEU JA 23 32.90 -76.41 15.76
N LEU JA 24 33.94 -75.64 16.07
CA LEU JA 24 33.91 -74.20 15.87
C LEU JA 24 35.25 -73.72 15.37
N LYS JA 25 35.21 -72.77 14.44
CA LYS JA 25 36.41 -72.13 13.93
C LYS JA 25 36.03 -70.73 13.48
N GLY JA 26 37.05 -69.88 13.36
CA GLY JA 26 36.81 -68.50 12.99
C GLY JA 26 36.43 -67.58 14.12
N LEU JA 27 36.60 -68.01 15.37
CA LEU JA 27 36.24 -67.20 16.52
C LEU JA 27 37.34 -66.19 16.78
N ASP JA 28 37.32 -65.53 17.94
CA ASP JA 28 38.41 -64.62 18.26
C ASP JA 28 38.79 -64.80 19.72
N GLN JA 29 39.53 -63.81 20.23
CA GLN JA 29 40.28 -63.96 21.47
C GLN JA 29 39.38 -64.04 22.69
N GLU JA 30 38.29 -63.28 22.71
CA GLU JA 30 37.43 -63.31 23.87
C GLU JA 30 36.30 -64.30 23.73
N GLN JA 31 35.91 -64.62 22.49
CA GLN JA 31 34.91 -65.66 22.29
C GLN JA 31 35.45 -67.07 22.45
N ALA JA 32 36.77 -67.26 22.47
CA ALA JA 32 37.24 -68.63 22.65
C ALA JA 32 37.53 -68.96 24.10
N ASN JA 33 37.87 -67.96 24.90
CA ASN JA 33 38.13 -68.17 26.31
C ASN JA 33 36.85 -68.32 27.11
N GLU JA 34 35.70 -68.14 26.49
CA GLU JA 34 34.45 -68.38 27.18
C GLU JA 34 33.89 -69.75 26.81
N VAL JA 35 34.15 -70.20 25.57
CA VAL JA 35 33.71 -71.52 25.16
C VAL JA 35 34.56 -72.59 25.84
N ILE JA 36 35.86 -72.33 26.03
CA ILE JA 36 36.69 -73.28 26.76
C ILE JA 36 36.26 -73.31 28.23
N ALA JA 37 35.93 -72.15 28.79
CA ALA JA 37 35.48 -72.07 30.18
C ALA JA 37 34.13 -72.74 30.38
N VAL JA 38 33.33 -72.84 29.33
CA VAL JA 38 32.05 -73.55 29.44
C VAL JA 38 32.28 -75.05 29.34
N LEU JA 39 33.12 -75.49 28.39
CA LEU JA 39 33.33 -76.92 28.19
C LEU JA 39 34.09 -77.54 29.36
N GLN JA 40 35.01 -76.80 29.97
CA GLN JA 40 35.72 -77.34 31.12
C GLN JA 40 34.81 -77.49 32.33
N MET JA 41 33.69 -76.79 32.37
CA MET JA 41 32.75 -76.98 33.45
C MET JA 41 32.06 -78.34 33.36
N HIS JA 42 31.84 -78.86 32.16
CA HIS JA 42 31.13 -80.13 32.02
C HIS JA 42 32.08 -81.28 31.71
N ASN JA 43 33.28 -81.25 32.29
CA ASN JA 43 34.18 -82.40 32.38
C ASN JA 43 34.66 -82.90 31.02
N ILE JA 44 34.69 -82.04 30.00
CA ILE JA 44 35.26 -82.37 28.71
C ILE JA 44 36.30 -81.34 28.34
N GLU JA 45 37.39 -81.80 27.73
CA GLU JA 45 38.52 -80.96 27.42
C GLU JA 45 38.59 -80.67 25.93
N ALA JA 46 38.97 -79.45 25.59
CA ALA JA 46 39.14 -79.01 24.21
C ALA JA 46 40.41 -78.20 24.11
N ASN JA 47 40.94 -78.06 22.89
CA ASN JA 47 42.18 -77.32 22.72
C ASN JA 47 42.00 -76.17 21.75
N LYS JA 48 42.66 -75.05 22.04
CA LYS JA 48 42.58 -73.84 21.24
C LYS JA 48 43.71 -73.83 20.22
N ILE JA 49 43.37 -73.77 18.93
CA ILE JA 49 44.34 -73.83 17.85
C ILE JA 49 44.32 -72.50 17.11
N ASP JA 50 45.49 -71.91 16.89
CA ASP JA 50 45.59 -70.66 16.16
C ASP JA 50 45.53 -70.90 14.66
N SER JA 51 45.09 -69.88 13.92
CA SER JA 51 45.08 -69.96 12.46
C SER JA 51 45.49 -68.63 11.84
N GLY JA 52 46.34 -67.87 12.53
CA GLY JA 52 46.82 -66.61 12.00
C GLY JA 52 45.79 -65.49 12.01
N LYS JA 53 45.45 -64.96 10.84
CA LYS JA 53 44.48 -63.89 10.73
C LYS JA 53 43.07 -64.41 10.53
N LEU JA 54 42.93 -65.71 10.30
CA LEU JA 54 41.61 -66.31 10.16
C LEU JA 54 40.96 -66.57 11.52
N GLY JA 55 41.67 -66.31 12.61
CA GLY JA 55 41.13 -66.50 13.94
C GLY JA 55 41.59 -67.76 14.63
N TYR JA 56 40.76 -68.26 15.52
CA TYR JA 56 41.07 -69.43 16.31
C TYR JA 56 40.19 -70.59 15.85
N SER JA 57 40.37 -71.73 16.49
CA SER JA 57 39.57 -72.91 16.18
C SER JA 57 39.60 -73.81 17.39
N ILE JA 58 38.46 -74.43 17.68
CA ILE JA 58 38.31 -75.25 18.87
C ILE JA 58 37.99 -76.67 18.45
N THR JA 59 38.76 -77.62 18.96
CA THR JA 59 38.58 -79.04 18.66
C THR JA 59 38.43 -79.80 19.96
N VAL JA 60 37.59 -80.85 19.91
CA VAL JA 60 37.38 -81.74 21.04
C VAL JA 60 37.79 -83.11 20.49
N ALA JA 61 37.77 -84.16 21.32
CA ALA JA 61 38.14 -85.51 20.92
C ALA JA 61 36.93 -86.15 20.24
N GLU JA 62 37.04 -87.43 19.92
CA GLU JA 62 35.94 -88.12 19.27
C GLU JA 62 34.75 -88.49 20.16
N PRO JA 63 34.89 -89.15 21.33
CA PRO JA 63 33.67 -89.50 22.07
C PRO JA 63 32.99 -88.35 22.80
N ASP JA 64 33.65 -87.24 23.03
CA ASP JA 64 33.05 -86.10 23.71
C ASP JA 64 32.38 -85.13 22.75
N PHE JA 65 32.22 -85.53 21.49
CA PHE JA 65 31.65 -84.65 20.49
C PHE JA 65 30.15 -84.51 20.64
N THR JA 66 29.48 -85.58 21.09
CA THR JA 66 28.04 -85.52 21.22
C THR JA 66 27.65 -84.61 22.38
N ALA JA 67 28.39 -84.67 23.49
CA ALA JA 67 28.06 -83.81 24.61
C ALA JA 67 28.49 -82.38 24.34
N ALA JA 68 29.58 -82.18 23.57
CA ALA JA 68 30.00 -80.81 23.34
C ALA JA 68 29.07 -80.09 22.39
N VAL JA 69 28.46 -80.82 21.44
CA VAL JA 69 27.51 -80.16 20.55
C VAL JA 69 26.24 -79.81 21.33
N TYR JA 70 25.92 -80.62 22.34
CA TYR JA 70 24.74 -80.35 23.15
C TYR JA 70 24.95 -79.13 24.01
N TRP JA 71 26.15 -78.97 24.58
CA TRP JA 71 26.34 -77.79 25.41
C TRP JA 71 26.53 -76.54 24.57
N ILE JA 72 26.90 -76.69 23.28
CA ILE JA 72 26.92 -75.51 22.41
C ILE JA 72 25.51 -75.04 22.13
N LYS JA 73 24.60 -75.99 21.88
CA LYS JA 73 23.22 -75.60 21.57
C LYS JA 73 22.53 -75.06 22.81
N THR JA 74 22.85 -75.61 23.98
CA THR JA 74 22.17 -75.16 25.19
C THR JA 74 22.66 -73.78 25.61
N TYR JA 75 23.97 -73.57 25.66
CA TYR JA 75 24.46 -72.29 26.13
C TYR JA 75 24.52 -71.22 25.04
N GLN JA 76 24.01 -71.50 23.82
CA GLN JA 76 23.96 -70.54 22.70
C GLN JA 76 25.34 -70.00 22.30
N LEU JA 77 26.35 -70.78 22.44
CA LEU JA 77 27.69 -70.36 22.10
C LEU JA 77 27.87 -70.38 20.59
N PRO JA 78 28.72 -69.49 20.02
CA PRO JA 78 29.57 -68.45 20.58
C PRO JA 78 28.84 -67.20 21.04
N PRO JA 79 29.38 -66.50 22.03
CA PRO JA 79 28.70 -65.31 22.54
C PRO JA 79 28.74 -64.18 21.54
N ARG JA 80 27.70 -63.39 21.56
CA ARG JA 80 27.63 -62.21 20.73
C ARG JA 80 28.33 -61.06 21.44
N PRO JA 81 28.82 -60.07 20.70
CA PRO JA 81 29.39 -58.89 21.35
C PRO JA 81 28.31 -58.07 22.02
N ARG JA 82 28.65 -57.55 23.20
CA ARG JA 82 27.69 -56.86 24.04
C ARG JA 82 27.30 -55.52 23.45
N VAL JA 83 26.05 -55.15 23.63
CA VAL JA 83 25.46 -54.02 22.95
C VAL JA 83 25.42 -52.84 23.91
N GLU JA 84 25.77 -51.66 23.42
CA GLU JA 84 25.61 -50.42 24.15
C GLU JA 84 24.71 -49.50 23.36
N ILE JA 85 24.07 -48.56 24.08
CA ILE JA 85 23.12 -47.68 23.44
C ILE JA 85 23.82 -46.66 22.55
N ALA JA 86 25.09 -46.35 22.83
CA ALA JA 86 25.78 -45.40 21.99
C ALA JA 86 26.17 -45.96 20.63
N GLN JA 87 26.09 -47.28 20.43
CA GLN JA 87 26.46 -47.83 19.13
C GLN JA 87 25.38 -47.57 18.08
N MET JA 88 24.13 -47.40 18.50
CA MET JA 88 23.09 -47.14 17.52
C MET JA 88 23.06 -45.71 17.05
N PHE JA 89 23.66 -44.79 17.81
CA PHE JA 89 23.73 -43.37 17.47
C PHE JA 89 25.19 -42.95 17.41
N PRO JA 90 25.86 -43.14 16.28
CA PRO JA 90 27.26 -42.70 16.19
C PRO JA 90 27.33 -41.19 16.07
N ALA JA 91 28.52 -40.66 16.37
CA ALA JA 91 28.76 -39.22 16.34
C ALA JA 91 29.28 -38.75 14.99
N ASP JA 92 29.08 -39.52 13.92
CA ASP JA 92 29.59 -39.17 12.60
C ASP JA 92 28.60 -38.37 11.77
N SER JA 93 27.54 -37.85 12.38
CA SER JA 93 26.56 -37.09 11.62
C SER JA 93 26.95 -35.61 11.57
N LEU JA 94 26.25 -34.88 10.72
CA LEU JA 94 26.48 -33.44 10.56
C LEU JA 94 25.83 -32.66 11.69
N VAL JA 95 24.53 -32.85 11.89
CA VAL JA 95 23.87 -32.38 13.10
C VAL JA 95 23.38 -33.60 13.86
N SER JA 96 23.09 -33.39 15.14
CA SER JA 96 22.59 -34.44 16.01
C SER JA 96 21.30 -33.99 16.66
N SER JA 97 20.29 -34.86 16.67
CA SER JA 97 19.04 -34.49 17.32
C SER JA 97 19.24 -34.44 18.83
N PRO JA 98 18.36 -33.73 19.55
CA PRO JA 98 18.40 -33.80 21.01
C PRO JA 98 18.05 -35.16 21.58
N ARG JA 99 17.31 -35.98 20.83
CA ARG JA 99 17.05 -37.33 21.26
C ARG JA 99 18.32 -38.17 21.19
N ALA JA 100 19.20 -37.83 20.26
CA ALA JA 100 20.41 -38.61 20.10
C ALA JA 100 21.49 -38.09 21.03
N GLU JA 101 21.42 -36.81 21.42
CA GLU JA 101 22.41 -36.33 22.37
C GLU JA 101 22.08 -36.85 23.75
N LYS JA 102 20.79 -37.02 24.05
CA LYS JA 102 20.42 -37.61 25.32
C LYS JA 102 20.76 -39.09 25.34
N ALA JA 103 20.41 -39.81 24.27
CA ALA JA 103 20.69 -41.24 24.25
C ALA JA 103 22.18 -41.54 24.20
N ARG JA 104 23.01 -40.62 23.71
CA ARG JA 104 24.44 -40.80 23.80
C ARG JA 104 25.02 -40.28 25.10
N LEU JA 105 24.21 -39.64 25.95
CA LEU JA 105 24.74 -39.17 27.22
C LEU JA 105 24.46 -40.17 28.34
N TYR JA 106 23.27 -40.77 28.34
CA TYR JA 106 22.99 -41.83 29.31
C TYR JA 106 23.86 -43.04 29.03
N SER JA 107 24.14 -43.33 27.76
CA SER JA 107 24.89 -44.53 27.46
C SER JA 107 26.35 -44.42 27.88
N ALA JA 108 26.84 -43.20 28.17
CA ALA JA 108 28.14 -43.04 28.79
C ALA JA 108 28.05 -42.93 30.29
N ILE JA 109 26.86 -42.68 30.82
CA ILE JA 109 26.73 -42.62 32.27
C ILE JA 109 26.62 -44.03 32.83
N GLU JA 110 25.77 -44.87 32.23
CA GLU JA 110 25.67 -46.22 32.76
C GLU JA 110 26.88 -47.07 32.41
N GLN JA 111 27.67 -46.66 31.43
CA GLN JA 111 28.97 -47.29 31.23
C GLN JA 111 30.00 -46.84 32.25
N ARG JA 112 29.90 -45.62 32.77
CA ARG JA 112 30.90 -45.20 33.75
C ARG JA 112 30.56 -45.71 35.14
N LEU JA 113 29.27 -45.89 35.42
CA LEU JA 113 28.88 -46.38 36.74
C LEU JA 113 29.25 -47.85 36.96
N GLU JA 114 29.21 -48.68 35.92
CA GLU JA 114 29.58 -50.05 36.24
C GLU JA 114 31.08 -50.25 36.26
N GLN JA 115 31.86 -49.31 35.70
CA GLN JA 115 33.28 -49.41 35.89
C GLN JA 115 33.69 -48.81 37.21
N SER JA 116 32.82 -48.01 37.82
CA SER JA 116 33.13 -47.52 39.14
C SER JA 116 32.56 -48.39 40.24
N LEU JA 117 31.65 -49.30 39.92
CA LEU JA 117 31.16 -50.22 40.95
C LEU JA 117 32.11 -51.37 41.20
N GLN JA 118 32.92 -51.76 40.22
CA GLN JA 118 33.88 -52.85 40.40
C GLN JA 118 35.05 -52.49 41.31
N THR JA 119 35.27 -51.23 41.64
CA THR JA 119 36.37 -50.88 42.51
C THR JA 119 35.96 -50.84 43.97
N MET JA 120 34.86 -51.49 44.34
CA MET JA 120 34.47 -51.60 45.74
C MET JA 120 35.19 -52.79 46.37
N GLU JA 121 34.81 -53.17 47.57
CA GLU JA 121 35.45 -54.26 48.30
C GLU JA 121 34.62 -55.53 48.20
N GLY JA 122 35.07 -56.49 47.38
CA GLY JA 122 34.41 -57.76 47.26
C GLY JA 122 33.61 -57.99 46.00
N VAL JA 123 33.39 -56.97 45.20
CA VAL JA 123 32.59 -57.09 43.99
C VAL JA 123 33.46 -57.67 42.88
N LEU JA 124 32.94 -58.67 42.18
CA LEU JA 124 33.65 -59.22 41.03
C LEU JA 124 33.14 -58.65 39.72
N SER JA 125 31.82 -58.51 39.57
CA SER JA 125 31.26 -57.90 38.37
C SER JA 125 29.94 -57.26 38.75
N ALA JA 126 29.51 -56.34 37.89
CA ALA JA 126 28.28 -55.59 38.14
C ALA JA 126 27.71 -55.11 36.81
N ARG JA 127 26.44 -54.74 36.84
CA ARG JA 127 25.74 -54.29 35.63
C ARG JA 127 24.62 -53.34 36.02
N VAL JA 128 24.68 -52.10 35.54
CA VAL JA 128 23.74 -51.05 35.93
C VAL JA 128 22.89 -50.65 34.74
N HIS JA 129 21.61 -50.37 35.01
CA HIS JA 129 20.64 -49.87 34.03
C HIS JA 129 20.01 -48.59 34.52
N ILE JA 130 19.77 -47.67 33.59
CA ILE JA 130 19.12 -46.40 33.86
C ILE JA 130 17.84 -46.37 33.04
N SER JA 131 16.81 -45.74 33.60
CA SER JA 131 15.58 -45.53 32.86
C SER JA 131 15.77 -44.39 31.87
N TYR JA 132 15.31 -44.59 30.65
CA TYR JA 132 15.54 -43.65 29.56
C TYR JA 132 14.30 -42.79 29.38
N ASP JA 133 14.50 -41.48 29.34
CA ASP JA 133 13.44 -40.53 29.05
C ASP JA 133 13.96 -39.61 27.94
N ILE JA 134 13.23 -39.61 26.83
CA ILE JA 134 13.66 -38.90 25.64
C ILE JA 134 12.65 -37.87 25.15
N ASP JA 135 11.37 -38.01 25.47
CA ASP JA 135 10.34 -37.14 24.95
C ASP JA 135 9.93 -36.06 25.93
N ALA JA 136 10.46 -36.08 27.15
CA ALA JA 136 10.10 -35.05 28.12
C ALA JA 136 10.73 -33.72 27.76
N GLY JA 137 11.77 -33.73 26.93
CA GLY JA 137 12.35 -32.47 26.51
C GLY JA 137 11.45 -31.78 25.51
N GLU JA 138 10.95 -32.55 24.52
CA GLU JA 138 10.07 -32.00 23.52
C GLU JA 138 8.64 -31.80 24.03
N ASN JA 139 8.29 -32.37 25.17
CA ASN JA 139 6.98 -32.13 25.74
C ASN JA 139 7.05 -31.04 26.79
N GLY JA 140 6.00 -30.22 26.87
CA GLY JA 140 5.97 -29.13 27.84
C GLY JA 140 5.79 -29.57 29.28
N ARG JA 141 5.48 -30.84 29.52
CA ARG JA 141 5.34 -31.35 30.87
C ARG JA 141 6.69 -31.45 31.56
N PRO JA 142 6.72 -31.34 32.90
CA PRO JA 142 7.98 -31.56 33.60
C PRO JA 142 8.39 -33.01 33.49
N PRO JA 143 9.69 -33.31 33.55
CA PRO JA 143 10.14 -34.69 33.38
C PRO JA 143 9.81 -35.56 34.57
N LYS JA 144 9.71 -36.85 34.29
CA LYS JA 144 9.31 -37.85 35.27
C LYS JA 144 10.48 -38.13 36.21
N PRO JA 145 10.27 -38.90 37.27
CA PRO JA 145 11.40 -39.33 38.09
C PRO JA 145 12.24 -40.34 37.35
N VAL JA 146 13.48 -40.50 37.81
CA VAL JA 146 14.47 -41.36 37.17
C VAL JA 146 14.75 -42.58 38.03
N HIS JA 147 14.73 -43.76 37.40
CA HIS JA 147 14.86 -45.05 38.07
C HIS JA 147 16.14 -45.76 37.64
N LEU JA 148 16.72 -46.51 38.58
CA LEU JA 148 17.96 -47.24 38.36
C LEU JA 148 17.77 -48.69 38.78
N SER JA 149 18.60 -49.58 38.23
CA SER JA 149 18.53 -51.00 38.63
C SER JA 149 19.87 -51.68 38.38
N ALA JA 150 20.46 -52.29 39.41
CA ALA JA 150 21.79 -52.88 39.28
C ALA JA 150 21.85 -54.32 39.76
N LEU JA 151 22.80 -55.06 39.19
CA LEU JA 151 23.14 -56.41 39.63
C LEU JA 151 24.61 -56.48 39.99
N ALA JA 152 24.97 -57.47 40.80
CA ALA JA 152 26.35 -57.65 41.21
C ALA JA 152 26.62 -59.10 41.61
N VAL JA 153 27.88 -59.51 41.50
CA VAL JA 153 28.32 -60.84 41.93
C VAL JA 153 29.45 -60.69 42.96
N TYR JA 154 29.19 -61.19 44.16
CA TYR JA 154 30.05 -61.00 45.33
C TYR JA 154 30.86 -62.26 45.63
N GLU JA 155 32.08 -62.06 46.14
CA GLU JA 155 32.89 -63.17 46.62
C GLU JA 155 32.26 -63.79 47.86
N ARG JA 156 32.25 -65.13 47.90
CA ARG JA 156 31.56 -65.85 48.96
C ARG JA 156 32.28 -65.72 50.30
N GLY JA 157 31.51 -65.95 51.36
CA GLY JA 157 31.92 -65.67 52.73
C GLY JA 157 31.54 -64.30 53.24
N SER JA 158 30.83 -63.50 52.45
CA SER JA 158 30.36 -62.16 52.69
C SER JA 158 28.92 -62.14 53.17
N PRO JA 159 28.59 -61.36 54.18
CA PRO JA 159 27.19 -61.19 54.55
C PRO JA 159 26.48 -60.29 53.55
N LEU JA 160 25.98 -60.89 52.47
CA LEU JA 160 25.52 -60.19 51.28
C LEU JA 160 24.14 -59.56 51.45
N ALA JA 161 23.63 -59.49 52.67
CA ALA JA 161 22.44 -58.73 52.97
C ALA JA 161 22.75 -57.32 53.46
N HIS JA 162 23.95 -57.08 53.99
CA HIS JA 162 24.31 -55.74 54.43
C HIS JA 162 25.03 -54.91 53.36
N GLN JA 163 25.25 -55.45 52.17
CA GLN JA 163 25.94 -54.68 51.13
C GLN JA 163 24.97 -53.88 50.27
N ILE JA 164 23.67 -54.19 50.34
CA ILE JA 164 22.73 -53.48 49.50
C ILE JA 164 22.49 -52.09 50.01
N SER JA 165 22.67 -51.86 51.31
CA SER JA 165 22.47 -50.53 51.84
C SER JA 165 23.60 -49.60 51.43
N ASP JA 166 24.73 -50.19 51.08
CA ASP JA 166 25.87 -49.38 50.67
C ASP JA 166 25.84 -49.12 49.19
N ILE JA 167 25.37 -50.08 48.40
CA ILE JA 167 25.25 -49.79 46.97
C ILE JA 167 24.10 -48.83 46.74
N LYS JA 168 23.06 -48.89 47.58
CA LYS JA 168 21.96 -47.95 47.41
C LYS JA 168 22.35 -46.56 47.87
N ARG JA 169 23.22 -46.47 48.89
CA ARG JA 169 23.68 -45.14 49.32
C ARG JA 169 24.61 -44.55 48.28
N PHE JA 170 25.34 -45.40 47.55
CA PHE JA 170 26.22 -44.88 46.53
C PHE JA 170 25.42 -44.42 45.31
N LEU JA 171 24.40 -45.18 44.94
CA LEU JA 171 23.63 -44.87 43.74
C LEU JA 171 22.57 -43.80 43.97
N LYS JA 172 22.33 -43.39 45.22
CA LYS JA 172 21.22 -42.48 45.47
C LYS JA 172 21.49 -41.08 44.92
N ASN JA 173 22.57 -40.44 45.35
CA ASN JA 173 22.83 -39.07 44.94
C ASN JA 173 23.87 -38.99 43.84
N SER JA 174 23.80 -39.91 42.88
CA SER JA 174 24.50 -39.72 41.62
C SER JA 174 23.57 -39.23 40.52
N PHE JA 175 22.39 -38.74 40.89
CA PHE JA 175 21.42 -38.22 39.93
C PHE JA 175 20.71 -37.03 40.58
N ALA JA 176 19.63 -36.59 39.93
CA ALA JA 176 18.94 -35.40 40.40
C ALA JA 176 18.15 -35.71 41.66
N ASP JA 177 17.15 -36.58 41.56
CA ASP JA 177 16.33 -36.92 42.71
C ASP JA 177 15.73 -38.31 42.49
N VAL JA 178 16.30 -39.30 43.16
CA VAL JA 178 15.69 -40.61 43.23
C VAL JA 178 15.27 -40.85 44.66
N ASP JA 179 14.42 -41.85 44.85
CA ASP JA 179 14.08 -42.29 46.19
C ASP JA 179 14.81 -43.60 46.48
N TYR JA 180 14.76 -44.01 47.73
CA TYR JA 180 15.41 -45.25 48.10
C TYR JA 180 14.60 -46.49 47.72
N ASP JA 181 13.36 -46.33 47.25
CA ASP JA 181 12.58 -47.45 46.77
C ASP JA 181 12.36 -47.41 45.27
N ASN JA 182 13.10 -46.57 44.54
CA ASN JA 182 13.13 -46.62 43.09
C ASN JA 182 14.39 -47.26 42.57
N ILE JA 183 15.25 -47.77 43.44
CA ILE JA 183 16.47 -48.47 43.06
C ILE JA 183 16.32 -49.90 43.56
N SER JA 184 16.63 -50.86 42.71
CA SER JA 184 16.52 -52.27 43.05
C SER JA 184 17.82 -52.95 42.71
N VAL JA 185 18.47 -53.51 43.72
CA VAL JA 185 19.75 -54.17 43.58
C VAL JA 185 19.54 -55.65 43.82
N VAL JA 186 19.87 -56.46 42.83
CA VAL JA 186 19.75 -57.90 42.94
C VAL JA 186 21.14 -58.48 42.75
N LEU JA 187 21.76 -58.91 43.85
CA LEU JA 187 23.13 -59.39 43.83
C LEU JA 187 23.20 -60.82 44.36
N SER JA 188 24.27 -61.51 43.97
CA SER JA 188 24.38 -62.92 44.32
C SER JA 188 25.85 -63.31 44.46
N GLU JA 189 26.08 -64.38 45.21
CA GLU JA 189 27.42 -64.90 45.39
C GLU JA 189 27.82 -65.78 44.22
N ARG JA 190 29.12 -65.87 43.98
CA ARG JA 190 29.61 -66.61 42.84
C ARG JA 190 29.54 -68.11 43.10
N SER JA 191 29.74 -68.86 42.03
CA SER JA 191 29.60 -70.32 42.07
C SER JA 191 30.82 -70.94 42.73
N ASP JA 192 30.80 -72.26 42.84
CA ASP JA 192 31.92 -72.97 43.43
C ASP JA 192 33.06 -73.01 42.41
N ALA JA 193 34.28 -72.96 42.91
CA ALA JA 193 35.45 -72.83 42.04
C ALA JA 193 35.76 -74.11 41.30
N GLN JA 194 36.26 -73.95 40.07
CA GLN JA 194 36.69 -75.06 39.22
C GLN JA 194 38.20 -75.02 39.09
N LEU JA 195 38.87 -75.98 39.74
CA LEU JA 195 40.32 -75.98 39.78
C LEU JA 195 40.96 -77.23 39.21
N GLN JA 196 40.27 -78.36 39.19
CA GLN JA 196 40.89 -79.58 38.71
C GLN JA 196 40.62 -79.77 37.22
N ALA JA 197 41.44 -80.59 36.61
CA ALA JA 197 41.48 -80.83 35.18
C ALA JA 197 40.33 -81.73 34.74
N PRO JA 198 39.90 -81.61 33.48
CA PRO JA 198 38.83 -82.49 33.00
C PRO JA 198 39.26 -83.94 32.85
N GLY JA 199 40.52 -84.20 32.53
CA GLY JA 199 40.98 -85.55 32.37
C GLY JA 199 40.77 -86.07 30.97
N THR JA 200 41.74 -86.75 30.45
CA THR JA 200 41.68 -87.21 29.07
C THR JA 200 40.84 -88.48 28.97
N PRO JA 201 40.06 -88.62 27.90
CA PRO JA 201 39.31 -89.86 27.68
C PRO JA 201 40.20 -91.03 27.32
N VAL JA 202 40.32 -91.98 28.23
CA VAL JA 202 41.19 -93.13 28.04
C VAL JA 202 40.52 -94.12 27.08
N LYS JA 203 41.34 -94.76 26.25
CA LYS JA 203 40.87 -95.69 25.24
C LYS JA 203 41.61 -97.01 25.36
N ALA KA 171 103.89 31.26 33.71
CA ALA KA 171 103.73 32.72 33.76
C ALA KA 171 102.85 33.12 34.93
N GLU KA 172 102.77 34.42 35.19
CA GLU KA 172 101.94 34.92 36.27
C GLU KA 172 100.46 34.83 35.90
N LEU KA 173 99.61 34.98 36.92
CA LEU KA 173 98.20 34.60 36.80
C LEU KA 173 97.40 35.56 35.95
N ASP KA 174 97.73 36.86 35.96
CA ASP KA 174 96.89 37.85 35.28
C ASP KA 174 97.04 37.83 33.77
N SER KA 175 97.89 36.97 33.21
CA SER KA 175 97.97 36.80 31.77
C SER KA 175 97.28 35.53 31.29
N LEU KA 176 97.00 34.58 32.17
CA LEU KA 176 96.33 33.35 31.77
C LEU KA 176 94.83 33.51 31.59
N LEU KA 177 94.27 34.64 32.02
CA LEU KA 177 92.86 34.92 31.79
C LEU KA 177 92.69 35.51 30.39
N GLY KA 178 91.52 36.09 30.12
CA GLY KA 178 91.19 36.55 28.78
C GLY KA 178 91.98 37.76 28.32
N GLN KA 179 91.62 38.23 27.12
CA GLN KA 179 92.30 39.38 26.54
C GLN KA 179 91.93 40.67 27.26
N GLU KA 180 90.68 40.81 27.68
CA GLU KA 180 90.23 41.99 28.42
C GLU KA 180 90.78 41.91 29.83
N LYS KA 181 91.82 42.68 30.10
CA LYS KA 181 92.45 42.68 31.42
C LYS KA 181 91.84 43.74 32.33
N GLU KA 182 90.52 43.75 32.40
CA GLU KA 182 89.81 44.70 33.25
C GLU KA 182 88.71 44.08 34.08
N ARG KA 183 88.18 42.93 33.69
CA ARG KA 183 87.05 42.32 34.38
C ARG KA 183 87.46 41.50 35.59
N PHE KA 184 88.71 41.05 35.68
CA PHE KA 184 89.18 40.34 36.85
C PHE KA 184 90.18 41.18 37.62
N GLN KA 185 90.26 40.92 38.93
CA GLN KA 185 91.18 41.65 39.80
C GLN KA 185 91.81 40.71 40.83
N VAL KA 186 93.10 40.43 40.68
CA VAL KA 186 93.83 39.52 41.54
C VAL KA 186 94.32 40.23 42.80
N LEU KA 187 94.24 39.56 43.93
CA LEU KA 187 94.66 40.06 45.24
C LEU KA 187 95.62 39.06 45.88
N PRO KA 188 96.76 39.52 46.40
CA PRO KA 188 97.67 38.60 47.10
C PRO KA 188 97.13 38.31 48.49
N GLY KA 189 97.13 37.04 48.88
CA GLY KA 189 96.57 36.67 50.16
C GLY KA 189 97.59 36.72 51.27
N ARG KA 190 97.08 36.54 52.50
CA ARG KA 190 97.93 36.52 53.68
C ARG KA 190 98.34 35.11 54.05
N ASP KA 191 97.55 34.11 53.63
CA ASP KA 191 97.84 32.71 53.86
C ASP KA 191 98.56 32.07 52.68
N LYS KA 192 99.40 32.86 51.98
CA LYS KA 192 100.18 32.43 50.81
C LYS KA 192 99.26 31.89 49.71
N MET KA 193 98.25 32.69 49.34
CA MET KA 193 97.39 32.32 48.23
C MET KA 193 97.25 33.50 47.26
N LEU KA 194 96.36 33.35 46.29
CA LEU KA 194 96.15 34.37 45.29
C LEU KA 194 94.68 34.33 44.90
N TYR KA 195 93.96 35.37 45.29
CA TYR KA 195 92.52 35.43 45.12
C TYR KA 195 92.16 36.19 43.86
N VAL KA 196 91.15 35.70 43.15
CA VAL KA 196 90.63 36.34 41.96
C VAL KA 196 89.24 36.81 42.31
N ALA KA 197 88.92 38.07 42.01
CA ALA KA 197 87.64 38.62 42.46
C ALA KA 197 86.78 38.80 41.22
N ALA KA 198 85.87 37.85 40.98
CA ALA KA 198 84.95 38.05 39.86
C ALA KA 198 83.80 38.98 40.26
N GLN KA 199 82.93 39.24 39.29
CA GLN KA 199 81.81 40.15 39.51
C GLN KA 199 80.45 39.52 39.33
N ASN KA 200 80.35 38.40 38.62
CA ASN KA 200 79.09 37.71 38.48
C ASN KA 200 79.34 36.22 38.27
N GLU KA 201 78.25 35.49 38.08
CA GLU KA 201 78.38 34.07 37.88
C GLU KA 201 78.79 33.70 36.47
N ARG KA 202 78.69 34.61 35.52
CA ARG KA 202 79.14 34.28 34.18
C ARG KA 202 80.65 34.33 34.08
N ASP KA 203 81.28 35.20 34.86
CA ASP KA 203 82.73 35.25 34.89
C ASP KA 203 83.36 34.40 35.98
N THR KA 204 82.58 33.94 36.97
CA THR KA 204 83.21 33.05 37.95
C THR KA 204 83.49 31.67 37.35
N LEU KA 205 82.62 31.16 36.47
CA LEU KA 205 82.94 29.90 35.83
C LEU KA 205 84.01 30.04 34.78
N TRP KA 206 84.20 31.27 34.29
CA TRP KA 206 85.31 31.55 33.37
C TRP KA 206 86.62 31.49 34.13
N ALA KA 207 86.66 32.08 35.31
CA ALA KA 207 87.90 32.05 36.06
C ALA KA 207 88.15 30.70 36.69
N ARG KA 208 87.09 29.97 37.07
CA ARG KA 208 87.29 28.66 37.69
C ARG KA 208 87.60 27.56 36.70
N GLN KA 209 87.36 27.78 35.40
CA GLN KA 209 87.78 26.76 34.44
C GLN KA 209 89.29 26.78 34.26
N VAL KA 210 89.91 27.96 34.38
CA VAL KA 210 91.35 28.06 34.26
C VAL KA 210 92.03 27.36 35.43
N LEU KA 211 91.59 27.65 36.65
CA LEU KA 211 92.23 27.06 37.81
C LEU KA 211 91.85 25.59 37.95
N ALA KA 212 90.79 25.14 37.29
CA ALA KA 212 90.36 23.76 37.40
C ALA KA 212 91.05 22.85 36.40
N ARG KA 213 91.34 23.32 35.19
CA ARG KA 213 92.04 22.45 34.26
C ARG KA 213 93.51 22.29 34.63
N GLY KA 214 94.06 23.20 35.42
CA GLY KA 214 95.34 23.01 36.04
C GLY KA 214 96.53 23.62 35.33
N ASP KA 215 96.35 24.70 34.60
CA ASP KA 215 97.49 25.39 33.99
C ASP KA 215 98.00 26.50 34.90
N TYR KA 216 98.23 26.18 36.16
CA TYR KA 216 98.86 27.07 37.11
C TYR KA 216 99.45 26.22 38.22
N ASP KA 217 100.68 26.53 38.62
CA ASP KA 217 101.43 25.64 39.52
C ASP KA 217 101.08 25.83 40.99
N LYS KA 218 100.88 27.06 41.44
CA LYS KA 218 100.61 27.30 42.85
C LYS KA 218 99.12 27.28 43.12
N ASN KA 219 98.74 27.66 44.33
CA ASN KA 219 97.34 27.65 44.73
C ASN KA 219 96.69 28.99 44.49
N ALA KA 220 95.41 28.96 44.16
CA ALA KA 220 94.65 30.17 43.88
C ALA KA 220 93.19 29.87 44.12
N ARG KA 221 92.39 30.92 44.32
CA ARG KA 221 90.97 30.74 44.51
C ARG KA 221 90.21 31.82 43.76
N VAL KA 222 88.93 31.58 43.53
CA VAL KA 222 88.06 32.55 42.90
C VAL KA 222 86.96 32.90 43.87
N ILE KA 223 86.89 34.18 44.24
CA ILE KA 223 85.89 34.68 45.16
C ILE KA 223 84.85 35.45 44.37
N ASN KA 224 83.78 35.80 45.08
CA ASN KA 224 82.60 36.40 44.49
C ASN KA 224 82.01 37.34 45.53
N GLU KA 225 81.11 38.19 45.08
CA GLU KA 225 80.46 39.12 46.00
C GLU KA 225 79.37 38.43 46.83
N ASN KA 226 78.50 37.65 46.18
CA ASN KA 226 77.41 37.04 46.93
C ASN KA 226 77.78 35.74 47.64
N GLU KA 227 78.76 34.99 47.13
CA GLU KA 227 79.10 33.72 47.79
C GLU KA 227 79.90 33.96 49.07
N GLU KA 228 80.77 34.97 49.05
CA GLU KA 228 81.51 35.30 50.26
C GLU KA 228 80.61 35.98 51.27
N ASN KA 229 79.46 36.49 50.82
CA ASN KA 229 78.49 37.10 51.72
C ASN KA 229 77.60 36.05 52.34
N LYS KA 230 77.72 34.78 51.91
CA LYS KA 230 77.04 33.69 52.57
C LYS KA 230 77.99 32.82 53.38
N ARG KA 231 79.28 32.85 53.07
CA ARG KA 231 80.21 32.04 53.84
C ARG KA 231 80.47 32.63 55.22
N ILE KA 232 80.60 33.94 55.31
CA ILE KA 232 80.85 34.54 56.61
C ILE KA 232 79.54 34.87 57.31
N SER KA 233 78.41 34.47 56.71
CA SER KA 233 77.17 34.50 57.45
C SER KA 233 76.82 33.12 57.96
N ILE KA 234 77.41 32.09 57.35
CA ILE KA 234 77.28 30.75 57.90
C ILE KA 234 78.22 30.61 59.09
N TRP KA 235 79.40 31.22 59.01
CA TRP KA 235 80.29 31.27 60.16
C TRP KA 235 79.72 32.13 61.28
N LEU KA 236 78.96 33.16 60.95
CA LEU KA 236 78.56 34.11 61.96
C LEU KA 236 77.43 33.59 62.85
N ASP KA 237 76.61 32.67 62.35
CA ASP KA 237 75.51 32.12 63.12
C ASP KA 237 75.89 30.86 63.87
N THR KA 238 77.17 30.70 64.16
CA THR KA 238 77.68 29.66 65.04
C THR KA 238 78.45 30.26 66.20
N TYR KA 239 79.30 31.24 65.92
CA TYR KA 239 80.11 31.88 66.95
C TYR KA 239 79.52 33.19 67.46
N TYR KA 240 78.67 33.86 66.70
CA TYR KA 240 78.05 35.11 67.15
C TYR KA 240 76.55 35.11 66.87
N PRO KA 241 75.79 34.34 67.61
CA PRO KA 241 74.34 34.33 67.40
C PRO KA 241 73.70 35.57 68.00
N GLN KA 242 72.43 35.76 67.64
CA GLN KA 242 71.62 36.92 68.00
C GLN KA 242 72.27 38.25 67.61
N LEU KA 243 72.83 38.29 66.41
CA LEU KA 243 73.44 39.50 65.87
C LEU KA 243 72.52 40.11 64.81
N ALA KA 244 72.38 41.43 64.83
CA ALA KA 244 71.50 42.14 63.92
C ALA KA 244 72.36 42.87 62.88
N TYR KA 245 72.36 42.38 61.65
CA TYR KA 245 73.12 43.00 60.58
C TYR KA 245 72.36 42.83 59.27
N TYR KA 246 72.83 43.52 58.23
CA TYR KA 246 72.18 43.48 56.94
C TYR KA 246 73.07 42.81 55.89
N ARG KA 247 74.27 43.32 55.68
CA ARG KA 247 75.09 42.92 54.56
C ARG KA 247 76.49 43.43 54.80
N ILE KA 248 77.47 42.74 54.24
CA ILE KA 248 78.84 43.24 54.20
C ILE KA 248 79.17 43.59 52.76
N HIS KA 249 79.63 44.83 52.53
CA HIS KA 249 79.80 45.36 51.20
C HIS KA 249 81.25 45.27 50.76
N PHE KA 250 81.45 44.85 49.51
CA PHE KA 250 82.77 44.60 48.96
C PHE KA 250 83.01 45.47 47.74
N ASP KA 251 82.73 46.77 47.83
CA ASP KA 251 82.93 47.64 46.68
C ASP KA 251 84.41 47.88 46.38
N GLU KA 252 85.25 47.95 47.40
CA GLU KA 252 86.68 47.80 47.20
C GLU KA 252 87.12 46.61 48.04
N PRO KA 253 87.63 45.54 47.42
CA PRO KA 253 87.78 44.26 48.11
C PRO KA 253 88.96 44.21 49.07
N ARG KA 254 89.72 45.28 49.22
CA ARG KA 254 90.81 45.27 50.18
C ARG KA 254 90.43 45.97 51.48
N LYS KA 255 89.35 46.75 51.48
CA LYS KA 255 88.80 47.38 52.69
C LYS KA 255 87.28 47.31 52.65
N PRO KA 256 86.70 46.18 53.07
CA PRO KA 256 85.24 46.06 53.03
C PRO KA 256 84.56 46.86 54.14
N VAL KA 257 83.25 47.06 53.95
CA VAL KA 257 82.41 47.88 54.83
C VAL KA 257 81.31 47.00 55.40
N PHE KA 258 81.23 46.93 56.73
CA PHE KA 258 80.24 46.11 57.43
C PHE KA 258 79.11 46.97 58.00
N TRP KA 259 77.90 46.72 57.52
CA TRP KA 259 76.70 47.46 57.92
C TRP KA 259 76.04 46.81 59.14
N LEU KA 260 76.35 47.29 60.32
CA LEU KA 260 75.71 46.78 61.53
C LEU KA 260 74.47 47.60 61.89
N SER KA 261 73.52 46.95 62.55
CA SER KA 261 72.31 47.64 62.99
C SER KA 261 72.55 48.36 64.31
N ARG KA 262 71.78 49.42 64.57
CA ARG KA 262 71.97 50.21 65.78
C ARG KA 262 70.93 49.95 66.87
N GLN KA 263 69.65 49.91 66.53
CA GLN KA 263 68.59 49.85 67.52
C GLN KA 263 68.25 48.42 67.93
N ARG KA 264 69.16 47.47 67.72
CA ARG KA 264 68.86 46.08 68.01
C ARG KA 264 70.03 45.34 68.66
N ASN KA 265 71.06 46.03 69.11
CA ASN KA 265 72.19 45.34 69.72
C ASN KA 265 72.79 46.23 70.80
N THR KA 266 73.54 45.58 71.70
CA THR KA 266 74.12 46.23 72.86
C THR KA 266 75.59 45.88 72.96
N MET KA 267 76.31 46.05 71.86
CA MET KA 267 77.75 45.85 71.86
C MET KA 267 78.48 47.17 72.10
N SER KA 268 79.42 47.16 73.02
CA SER KA 268 80.21 48.34 73.34
C SER KA 268 81.35 48.51 72.35
N LYS KA 269 82.16 49.55 72.58
CA LYS KA 269 83.29 49.83 71.70
C LYS KA 269 84.38 48.80 71.90
N LYS KA 270 84.53 48.30 73.14
CA LYS KA 270 85.58 47.34 73.43
C LYS KA 270 85.30 46.01 72.76
N GLU KA 271 84.02 45.64 72.63
CA GLU KA 271 83.70 44.37 72.02
C GLU KA 271 83.33 44.52 70.56
N LEU KA 272 83.40 45.73 70.00
CA LEU KA 272 83.35 45.84 68.54
C LEU KA 272 84.72 45.67 67.89
N GLU KA 273 85.80 45.84 68.65
CA GLU KA 273 87.10 45.55 68.07
C GLU KA 273 87.47 44.08 68.11
N VAL KA 274 86.85 43.28 68.98
CA VAL KA 274 87.06 41.84 68.89
C VAL KA 274 86.37 41.30 67.63
N LEU KA 275 85.18 41.82 67.30
CA LEU KA 275 84.54 41.38 66.06
C LEU KA 275 85.29 41.88 64.84
N SER KA 276 85.84 43.10 64.89
CA SER KA 276 86.56 43.55 63.70
C SER KA 276 87.95 42.93 63.60
N GLN KA 277 88.45 42.28 64.66
CA GLN KA 277 89.73 41.59 64.56
C GLN KA 277 89.58 40.11 64.31
N LYS KA 278 88.44 39.52 64.67
CA LYS KA 278 88.20 38.13 64.35
C LYS KA 278 87.56 37.97 62.98
N LEU KA 279 87.02 39.05 62.43
CA LEU KA 279 86.56 39.00 61.05
C LEU KA 279 87.71 39.18 60.06
N ARG KA 280 88.80 39.81 60.50
CA ARG KA 280 89.95 39.98 59.62
C ARG KA 280 90.66 38.66 59.34
N ALA KA 281 90.68 37.76 60.32
CA ALA KA 281 91.33 36.46 60.12
C ALA KA 281 90.52 35.51 59.24
N LEU KA 282 89.26 35.81 58.95
CA LEU KA 282 88.49 35.00 58.03
C LEU KA 282 88.62 35.39 56.57
N MET KA 283 89.00 36.62 56.28
CA MET KA 283 89.16 37.12 54.91
C MET KA 283 90.61 37.52 54.78
N PRO KA 284 91.47 36.62 54.31
CA PRO KA 284 92.91 36.94 54.27
C PRO KA 284 93.29 37.95 53.23
N TYR KA 285 92.46 38.20 52.20
CA TYR KA 285 92.84 39.20 51.23
C TYR KA 285 92.65 40.62 51.73
N ALA KA 286 91.78 40.85 52.70
CA ALA KA 286 91.50 42.20 53.14
C ALA KA 286 92.51 42.63 54.21
N ASP KA 287 92.67 43.95 54.35
CA ASP KA 287 93.57 44.50 55.35
C ASP KA 287 92.85 44.94 56.61
N SER KA 288 91.66 45.51 56.49
CA SER KA 288 90.86 45.91 57.63
C SER KA 288 89.40 45.95 57.23
N VAL KA 289 88.53 45.83 58.22
CA VAL KA 289 87.09 45.91 58.02
C VAL KA 289 86.56 47.17 58.70
N ASN KA 290 85.79 47.96 57.96
CA ASN KA 290 85.29 49.24 58.45
C ASN KA 290 83.83 49.02 58.84
N ILE KA 291 83.56 48.98 60.14
CA ILE KA 291 82.23 48.72 60.64
C ILE KA 291 81.50 50.04 60.89
N THR KA 292 80.36 50.23 60.24
CA THR KA 292 79.55 51.41 60.48
C THR KA 292 78.15 50.98 60.92
N LEU KA 293 77.55 51.80 61.77
CA LEU KA 293 76.27 51.48 62.39
C LEU KA 293 75.16 52.26 61.68
N MET KA 294 74.42 51.56 60.84
CA MET KA 294 73.33 52.19 60.12
C MET KA 294 72.08 52.26 60.98
N ASP KA 295 71.21 53.19 60.63
CA ASP KA 295 69.96 53.37 61.35
C ASP KA 295 68.98 52.28 60.92
N ASP KA 296 67.89 52.14 61.67
CA ASP KA 296 66.93 51.08 61.40
C ASP KA 296 65.61 51.56 60.84
N VAL KA 297 65.28 52.85 60.99
CA VAL KA 297 64.03 53.38 60.48
C VAL KA 297 64.16 53.82 59.02
N THR KA 298 65.35 54.22 58.58
CA THR KA 298 65.53 54.57 57.18
C THR KA 298 65.55 53.35 56.28
N ALA KA 299 65.86 52.19 56.84
CA ALA KA 299 65.83 50.95 56.09
C ALA KA 299 64.41 50.56 55.73
N ALA KA 300 63.45 50.85 56.58
CA ALA KA 300 62.07 50.58 56.24
C ALA KA 300 61.36 51.79 55.65
N GLY KA 301 61.96 52.97 55.73
CA GLY KA 301 61.35 54.12 55.11
C GLY KA 301 61.70 54.24 53.64
N GLN KA 302 62.87 53.74 53.25
CA GLN KA 302 63.20 53.76 51.84
C GLN KA 302 62.50 52.66 51.07
N ALA KA 303 62.04 51.62 51.76
CA ALA KA 303 61.31 50.56 51.07
C ALA KA 303 59.86 50.96 50.88
N GLU KA 304 59.31 51.71 51.81
CA GLU KA 304 57.93 52.16 51.66
C GLU KA 304 57.87 53.30 50.65
N ALA KA 305 58.82 54.24 50.70
CA ALA KA 305 58.76 55.32 49.72
C ALA KA 305 59.11 54.83 48.33
N GLY KA 306 59.95 53.80 48.22
CA GLY KA 306 60.19 53.23 46.91
C GLY KA 306 59.06 52.35 46.42
N LEU KA 307 58.22 51.86 47.33
CA LEU KA 307 57.09 51.05 46.92
C LEU KA 307 55.86 51.89 46.61
N LYS KA 308 55.80 53.11 47.11
CA LYS KA 308 54.66 53.97 46.77
C LYS KA 308 54.85 54.61 45.42
N GLN KA 309 56.10 54.79 44.98
CA GLN KA 309 56.36 55.45 43.72
C GLN KA 309 56.00 54.59 42.53
N GLN KA 310 55.93 53.27 42.67
CA GLN KA 310 55.52 52.42 41.58
C GLN KA 310 54.01 52.24 41.47
N ALA KA 311 53.23 52.88 42.35
CA ALA KA 311 51.76 52.79 42.39
C ALA KA 311 51.29 51.34 42.50
N LEU KA 312 51.72 50.69 43.55
CA LEU KA 312 51.43 49.30 43.81
C LEU KA 312 50.56 49.13 45.04
N PRO KA 313 49.54 48.29 44.99
CA PRO KA 313 48.77 47.99 46.19
C PRO KA 313 49.60 47.08 47.08
N TYR KA 314 49.61 47.37 48.38
CA TYR KA 314 50.46 46.62 49.27
C TYR KA 314 49.84 46.63 50.67
N SER KA 315 50.50 45.93 51.58
CA SER KA 315 50.03 45.86 52.95
C SER KA 315 51.22 45.58 53.84
N ARG KA 316 51.63 46.59 54.59
CA ARG KA 316 52.80 46.50 55.47
C ARG KA 316 52.41 45.84 56.78
N ARG KA 317 53.19 44.84 57.19
CA ARG KA 317 52.97 44.18 58.48
C ARG KA 317 54.21 44.35 59.34
N ASN KA 318 54.07 45.14 60.40
CA ASN KA 318 55.16 45.40 61.33
C ASN KA 318 55.11 44.36 62.45
N HIS KA 319 56.28 43.84 62.83
CA HIS KA 319 56.41 43.10 64.07
C HIS KA 319 57.82 43.32 64.59
N LYS KA 320 58.11 42.73 65.74
CA LYS KA 320 59.38 42.97 66.41
C LYS KA 320 60.48 42.18 65.71
N GLY KA 321 61.51 42.89 65.26
CA GLY KA 321 62.66 42.28 64.62
C GLY KA 321 62.45 41.86 63.18
N GLY KA 322 61.92 42.77 62.37
CA GLY KA 322 61.70 42.53 60.96
C GLY KA 322 60.32 43.00 60.57
N VAL KA 323 60.20 43.53 59.35
CA VAL KA 323 58.88 43.87 58.83
C VAL KA 323 58.68 43.11 57.52
N THR KA 324 57.46 43.14 57.01
CA THR KA 324 57.20 42.43 55.77
C THR KA 324 56.13 43.16 54.96
N PHE KA 325 56.24 43.06 53.64
CA PHE KA 325 55.30 43.73 52.76
C PHE KA 325 54.64 42.68 51.90
N VAL KA 326 53.31 42.65 51.89
CA VAL KA 326 52.57 41.65 51.13
C VAL KA 326 51.85 42.36 50.00
N ILE KA 327 52.12 41.90 48.77
CA ILE KA 327 51.51 42.43 47.56
C ILE KA 327 50.58 41.36 47.02
N GLN KA 328 49.30 41.71 46.89
CA GLN KA 328 48.27 40.78 46.46
C GLN KA 328 47.44 41.44 45.37
N GLY KA 329 46.66 40.63 44.67
CA GLY KA 329 45.74 41.14 43.69
C GLY KA 329 46.00 40.58 42.32
N ALA KA 330 45.21 41.06 41.36
CA ALA KA 330 45.35 40.68 39.96
C ALA KA 330 46.17 41.78 39.28
N LEU KA 331 47.46 41.75 39.56
CA LEU KA 331 48.38 42.74 39.02
C LEU KA 331 48.56 42.52 37.53
N ASP KA 332 48.70 43.60 36.80
CA ASP KA 332 48.93 43.46 35.38
C ASP KA 332 50.42 43.37 35.05
N ASP KA 333 50.71 43.41 33.75
CA ASP KA 333 52.03 43.06 33.26
C ASP KA 333 53.04 44.16 33.45
N VAL KA 334 52.59 45.38 33.69
CA VAL KA 334 53.56 46.45 33.89
C VAL KA 334 53.93 46.49 35.37
N GLU KA 335 53.06 45.98 36.23
CA GLU KA 335 53.36 45.98 37.63
C GLU KA 335 54.12 44.74 38.05
N ILE KA 336 54.06 43.67 37.25
CA ILE KA 336 54.92 42.56 37.64
C ILE KA 336 56.24 42.66 36.90
N LEU KA 337 56.49 43.77 36.21
CA LEU KA 337 57.82 44.04 35.73
C LEU KA 337 58.48 45.19 36.46
N ARG KA 338 57.68 46.16 36.92
CA ARG KA 338 58.22 47.17 37.81
C ARG KA 338 58.44 46.64 39.22
N ALA KA 339 57.77 45.55 39.58
CA ALA KA 339 58.02 45.03 40.91
C ALA KA 339 59.30 44.22 40.93
N ARG KA 340 59.59 43.47 39.86
CA ARG KA 340 60.86 42.77 39.83
C ARG KA 340 62.02 43.74 39.63
N GLN KA 341 61.78 44.83 38.90
CA GLN KA 341 62.87 45.79 38.71
C GLN KA 341 63.11 46.64 39.95
N PHE KA 342 62.19 46.65 40.91
CA PHE KA 342 62.47 47.40 42.12
C PHE KA 342 63.02 46.50 43.21
N VAL KA 343 62.45 45.29 43.34
CA VAL KA 343 62.91 44.35 44.36
C VAL KA 343 64.33 43.88 44.08
N ASP KA 344 64.65 43.58 42.81
CA ASP KA 344 66.02 43.18 42.50
C ASP KA 344 67.01 44.32 42.61
N SER KA 345 66.56 45.56 42.56
CA SER KA 345 67.47 46.68 42.80
C SER KA 345 67.62 47.02 44.28
N TYR KA 346 66.65 46.64 45.11
CA TYR KA 346 66.75 46.89 46.54
C TYR KA 346 67.47 45.79 47.30
N TYR KA 347 67.32 44.55 46.83
CA TYR KA 347 67.99 43.42 47.46
C TYR KA 347 69.49 43.48 47.27
N ARG KA 348 69.97 44.16 46.23
CA ARG KA 348 71.39 44.24 46.01
C ARG KA 348 72.06 45.12 47.05
N THR KA 349 71.30 46.06 47.62
CA THR KA 349 71.86 47.00 48.57
C THR KA 349 71.66 46.51 50.00
N TRP KA 350 70.43 46.24 50.40
CA TRP KA 350 70.23 45.91 51.80
C TRP KA 350 70.20 44.41 52.12
N GLY KA 351 69.68 43.56 51.25
CA GLY KA 351 69.57 42.17 51.60
C GLY KA 351 68.30 41.85 52.35
N GLY KA 352 68.00 40.55 52.44
CA GLY KA 352 66.76 40.11 53.02
C GLY KA 352 66.80 39.73 54.49
N ARG KA 353 67.51 40.48 55.31
CA ARG KA 353 67.54 40.17 56.72
C ARG KA 353 66.45 40.87 57.53
N TYR KA 354 66.10 42.09 57.14
CA TYR KA 354 65.15 42.93 57.86
C TYR KA 354 63.80 43.01 57.17
N VAL KA 355 63.78 43.38 55.89
CA VAL KA 355 62.57 43.62 55.14
C VAL KA 355 62.43 42.56 54.05
N GLN KA 356 61.25 41.96 53.97
CA GLN KA 356 61.03 40.91 52.97
C GLN KA 356 59.72 41.19 52.24
N PHE KA 357 59.77 41.14 50.92
CA PHE KA 357 58.59 41.31 50.09
C PHE KA 357 57.97 39.96 49.78
N ALA KA 358 56.66 39.96 49.54
CA ALA KA 358 55.91 38.73 49.31
C ALA KA 358 54.90 39.00 48.20
N ILE KA 359 55.29 38.69 46.97
CA ILE KA 359 54.42 38.87 45.82
C ILE KA 359 53.59 37.61 45.65
N GLU KA 360 52.28 37.74 45.73
CA GLU KA 360 51.41 36.61 45.41
C GLU KA 360 50.24 37.18 44.63
N LEU KA 361 49.89 36.54 43.51
CA LEU KA 361 48.87 37.08 42.64
C LEU KA 361 47.72 36.09 42.53
N LYS KA 362 46.52 36.59 42.77
CA LYS KA 362 45.31 35.79 42.68
C LYS KA 362 44.36 36.49 41.71
N ASP KA 363 43.32 35.76 41.34
CA ASP KA 363 42.34 36.29 40.41
C ASP KA 363 41.22 37.01 41.12
N ASP KA 364 40.53 37.87 40.38
CA ASP KA 364 39.48 38.73 40.89
C ASP KA 364 38.16 37.99 40.88
N TRP KA 365 37.50 37.91 42.03
CA TRP KA 365 36.20 37.27 42.08
C TRP KA 365 35.09 38.14 41.54
N LEU KA 366 35.36 39.42 41.30
CA LEU KA 366 34.35 40.36 40.82
C LEU KA 366 34.73 40.86 39.42
N LYS KA 367 34.25 40.11 38.42
CA LYS KA 367 34.45 40.44 37.01
C LYS KA 367 33.14 40.80 36.33
N GLY KA 368 32.16 39.91 36.35
CA GLY KA 368 30.85 40.20 35.82
C GLY KA 368 29.83 40.30 36.93
N ARG KA 369 30.30 40.48 38.16
CA ARG KA 369 29.46 40.49 39.34
C ARG KA 369 29.15 41.91 39.79
N SER KA 370 27.97 42.07 40.37
CA SER KA 370 27.56 43.30 41.04
C SER KA 370 27.74 43.13 42.55
N PHE KA 371 28.18 44.18 43.21
CA PHE KA 371 28.50 44.04 44.62
C PHE KA 371 28.34 45.37 45.35
N GLN KA 372 28.27 45.27 46.67
CA GLN KA 372 28.20 46.44 47.55
C GLN KA 372 29.47 46.48 48.37
N TYR KA 373 30.12 47.65 48.42
CA TYR KA 373 31.37 47.81 49.14
C TYR KA 373 31.19 48.79 50.28
N GLY KA 374 32.04 48.66 51.29
CA GLY KA 374 31.97 49.51 52.45
C GLY KA 374 32.01 48.71 53.73
N ALA KA 375 31.09 48.98 54.66
CA ALA KA 375 31.08 48.19 55.89
C ALA KA 375 30.34 46.87 55.67
N GLU KA 376 29.12 46.94 55.17
CA GLU KA 376 28.32 45.74 54.88
C GLU KA 376 28.54 45.39 53.42
N GLY KA 377 29.66 44.73 53.15
CA GLY KA 377 30.04 44.39 51.80
C GLY KA 377 29.57 43.00 51.44
N TYR KA 378 29.05 42.85 50.23
CA TYR KA 378 28.72 41.52 49.75
C TYR KA 378 28.81 41.49 48.24
N ILE KA 379 28.93 40.28 47.71
CA ILE KA 379 29.05 40.06 46.28
C ILE KA 379 27.88 39.22 45.79
N LYS KA 380 27.15 39.74 44.82
CA LYS KA 380 26.00 39.06 44.23
C LYS KA 380 26.55 38.21 43.11
N MET KA 381 26.70 36.91 43.36
CA MET KA 381 27.26 36.00 42.37
C MET KA 381 26.27 35.62 41.29
N SER KA 382 25.04 35.99 41.44
CA SER KA 382 23.93 35.68 40.57
C SER KA 382 22.85 36.65 40.99
N PRO KA 383 21.79 36.84 40.20
CA PRO KA 383 20.65 37.62 40.69
C PRO KA 383 20.01 37.06 41.94
N GLY KA 384 20.15 35.77 42.22
CA GLY KA 384 19.59 35.19 43.42
C GLY KA 384 20.60 34.50 44.30
N HIS KA 385 21.80 35.07 44.45
CA HIS KA 385 22.85 34.40 45.21
C HIS KA 385 23.76 35.47 45.81
N TRP KA 386 23.76 35.58 47.13
CA TRP KA 386 24.57 36.52 47.88
C TRP KA 386 25.79 35.83 48.49
N TYR KA 387 26.87 36.59 48.66
CA TYR KA 387 28.07 36.06 49.31
C TYR KA 387 28.59 37.11 50.29
N PHE KA 388 28.50 36.81 51.57
CA PHE KA 388 29.00 37.69 52.62
C PHE KA 388 30.38 37.21 53.02
N PRO KA 389 31.45 37.91 52.69
CA PRO KA 389 32.79 37.36 52.94
C PRO KA 389 33.17 37.56 54.41
N SER KA 390 34.37 37.14 54.73
CA SER KA 390 34.81 37.29 56.12
C SER KA 390 35.20 38.73 56.39
N PRO KA 391 34.88 39.27 57.57
CA PRO KA 391 35.27 40.64 57.90
C PRO KA 391 36.77 40.81 58.11
N ALA LA 171 103.91 8.54 48.10
CA ALA LA 171 102.50 8.72 47.73
C ALA LA 171 101.73 9.46 48.81
N GLU LA 172 101.78 10.79 48.77
CA GLU LA 172 101.06 11.59 49.74
C GLU LA 172 99.57 11.57 49.48
N LEU LA 173 98.80 11.91 50.51
CA LEU LA 173 97.35 11.89 50.40
C LEU LA 173 96.81 13.14 49.72
N ASP LA 174 97.45 14.29 49.90
CA ASP LA 174 96.91 15.52 49.35
C ASP LA 174 97.06 15.63 47.83
N SER LA 175 97.86 14.79 47.20
CA SER LA 175 97.97 14.78 45.75
C SER LA 175 97.05 13.77 45.09
N LEU LA 176 96.59 12.78 45.84
CA LEU LA 176 95.68 11.76 45.34
C LEU LA 176 94.27 12.27 45.10
N LEU LA 177 93.86 13.36 45.73
CA LEU LA 177 92.55 13.93 45.47
C LEU LA 177 92.57 14.76 44.19
N GLY LA 178 91.54 15.57 43.99
CA GLY LA 178 91.39 16.33 42.77
C GLY LA 178 92.42 17.45 42.65
N GLN LA 179 92.25 18.25 41.59
CA GLN LA 179 93.21 19.31 41.33
C GLN LA 179 93.07 20.44 42.35
N GLU LA 180 91.84 20.86 42.62
CA GLU LA 180 91.65 21.93 43.58
C GLU LA 180 91.73 21.39 44.99
N LYS LA 181 92.72 21.88 45.74
CA LYS LA 181 92.98 21.48 47.12
C LYS LA 181 92.32 22.41 48.12
N GLU LA 182 91.03 22.68 47.94
CA GLU LA 182 90.30 23.59 48.80
C GLU LA 182 89.00 23.01 49.33
N ARG LA 183 88.53 21.89 48.80
CA ARG LA 183 87.30 21.28 49.27
C ARG LA 183 87.53 20.16 50.28
N PHE LA 184 88.76 19.68 50.44
CA PHE LA 184 89.08 18.67 51.44
C PHE LA 184 90.12 19.19 52.42
N GLN LA 185 90.20 18.55 53.59
CA GLN LA 185 91.12 18.96 54.64
C GLN LA 185 91.52 17.75 55.48
N VAL LA 186 92.81 17.45 55.49
CA VAL LA 186 93.35 16.26 56.15
C VAL LA 186 93.84 16.56 57.57
N LEU LA 187 93.23 15.90 58.57
CA LEU LA 187 93.56 16.03 59.98
C LEU LA 187 94.25 14.79 60.51
N PRO LA 188 95.43 14.91 61.13
CA PRO LA 188 96.10 13.74 61.71
C PRO LA 188 95.51 13.32 63.05
N GLY LA 189 95.07 12.07 63.19
CA GLY LA 189 94.53 11.61 64.45
C GLY LA 189 95.66 11.26 65.39
N ARG LA 190 95.29 10.88 66.62
CA ARG LA 190 96.28 10.53 67.63
C ARG LA 190 96.45 9.02 67.71
N ASP LA 191 95.61 8.25 67.03
CA ASP LA 191 95.65 6.80 67.03
C ASP LA 191 96.01 6.27 65.64
N LYS LA 192 96.95 6.96 64.97
CA LYS LA 192 97.52 6.56 63.67
C LYS LA 192 96.51 6.43 62.53
N MET LA 193 95.75 7.50 62.28
CA MET LA 193 94.74 7.43 61.23
C MET LA 193 94.44 8.82 60.69
N LEU LA 194 94.57 8.98 59.38
CA LEU LA 194 94.35 10.29 58.81
C LEU LA 194 92.86 10.49 58.57
N TYR LA 195 92.40 11.74 58.62
CA TYR LA 195 90.98 12.00 58.46
C TYR LA 195 90.76 13.08 57.40
N VAL LA 196 89.94 12.79 56.42
CA VAL LA 196 89.62 13.76 55.38
C VAL LA 196 88.20 14.26 55.66
N ALA LA 197 88.07 15.56 55.90
CA ALA LA 197 86.78 16.13 56.29
C ALA LA 197 86.13 16.73 55.06
N ALA LA 198 85.08 16.09 54.56
CA ALA LA 198 84.37 16.63 53.42
C ALA LA 198 83.31 17.63 53.87
N GLN LA 199 82.48 18.06 52.92
CA GLN LA 199 81.43 19.04 53.21
C GLN LA 199 80.03 18.53 52.89
N ASN LA 200 79.85 17.83 51.77
CA ASN LA 200 78.55 17.28 51.47
C ASN LA 200 78.66 15.82 51.04
N GLU LA 201 77.56 15.24 50.58
CA GLU LA 201 77.55 13.83 50.22
C GLU LA 201 78.27 13.57 48.92
N ARG LA 202 78.31 14.54 48.01
CA ARG LA 202 78.99 14.31 46.75
C ARG LA 202 80.50 14.30 46.97
N ASP LA 203 81.00 15.17 47.84
CA ASP LA 203 82.44 15.11 48.10
C ASP LA 203 82.78 13.97 49.03
N THR LA 204 81.79 13.48 49.80
CA THR LA 204 82.06 12.30 50.61
C THR LA 204 82.17 11.07 49.75
N LEU LA 205 81.40 11.00 48.66
CA LEU LA 205 81.56 9.86 47.76
C LEU LA 205 82.77 10.02 46.86
N TRP LA 206 83.24 11.26 46.70
CA TRP LA 206 84.45 11.52 45.93
C TRP LA 206 85.66 11.04 46.70
N ALA LA 207 85.58 11.09 48.02
CA ALA LA 207 86.71 10.65 48.83
C ALA LA 207 86.59 9.17 49.18
N ARG LA 208 85.37 8.65 49.28
CA ARG LA 208 85.25 7.23 49.55
C ARG LA 208 85.57 6.37 48.34
N GLN LA 209 85.51 6.93 47.12
CA GLN LA 209 85.96 6.13 45.99
C GLN LA 209 87.48 6.02 45.96
N VAL LA 210 88.17 7.07 46.43
CA VAL LA 210 89.62 7.07 46.49
C VAL LA 210 90.09 6.06 47.52
N LEU LA 211 89.49 6.11 48.72
CA LEU LA 211 89.94 5.16 49.73
C LEU LA 211 89.45 3.75 49.46
N ALA LA 212 88.39 3.57 48.68
CA ALA LA 212 87.90 2.24 48.39
C ALA LA 212 88.70 1.52 47.32
N ARG LA 213 89.19 2.23 46.29
CA ARG LA 213 90.05 1.53 45.35
C ARG LA 213 91.43 1.23 45.91
N GLY LA 214 91.87 1.97 46.91
CA GLY LA 214 93.02 1.53 47.70
C GLY LA 214 94.38 1.98 47.25
N ASP LA 215 94.51 3.20 46.75
CA ASP LA 215 95.83 3.75 46.45
C ASP LA 215 96.40 4.58 47.61
N TYR LA 216 96.36 4.03 48.81
CA TYR LA 216 96.96 4.67 49.97
C TYR LA 216 97.15 3.60 51.03
N ASP LA 217 98.41 3.27 51.32
CA ASP LA 217 98.75 2.12 52.15
C ASP LA 217 98.52 2.34 53.64
N LYS LA 218 98.40 3.58 54.12
CA LYS LA 218 98.16 3.75 55.54
C LYS LA 218 96.65 3.80 55.80
N ASN LA 219 96.25 4.13 57.02
CA ASN LA 219 94.84 4.15 57.37
C ASN LA 219 94.26 5.55 57.24
N ALA LA 220 93.02 5.62 56.74
CA ALA LA 220 92.36 6.90 56.59
C ALA LA 220 90.86 6.71 56.62
N ARG LA 221 90.18 7.74 57.10
CA ARG LA 221 88.72 7.78 57.15
C ARG LA 221 88.26 9.15 56.70
N VAL LA 222 87.06 9.19 56.13
CA VAL LA 222 86.43 10.42 55.70
C VAL LA 222 85.27 10.76 56.62
N ILE LA 223 85.27 11.97 57.16
CA ILE LA 223 84.22 12.38 58.06
C ILE LA 223 83.38 13.43 57.37
N ASN LA 224 82.28 13.78 58.03
CA ASN LA 224 81.28 14.70 57.51
C ASN LA 224 80.69 15.44 58.70
N GLU LA 225 79.65 16.22 58.44
CA GLU LA 225 78.95 16.84 59.56
C GLU LA 225 77.64 16.16 59.91
N ASN LA 226 76.86 15.76 58.91
CA ASN LA 226 75.62 15.07 59.17
C ASN LA 226 75.83 13.62 59.57
N GLU LA 227 76.95 13.02 59.20
CA GLU LA 227 77.18 11.64 59.56
C GLU LA 227 77.80 11.55 60.94
N GLU LA 228 78.75 12.43 61.21
CA GLU LA 228 79.40 12.44 62.50
C GLU LA 228 78.47 12.96 63.58
N ASN LA 229 77.43 13.71 63.21
CA ASN LA 229 76.46 14.13 64.20
C ASN LA 229 75.41 13.07 64.50
N LYS LA 230 75.24 12.08 63.62
CA LYS LA 230 74.40 10.93 63.93
C LYS LA 230 75.19 9.77 64.49
N ARG LA 231 76.51 9.80 64.41
CA ARG LA 231 77.29 8.71 64.96
C ARG LA 231 77.48 8.84 66.47
N ILE LA 232 77.72 10.04 66.95
CA ILE LA 232 78.00 10.26 68.36
C ILE LA 232 76.76 10.73 69.11
N SER LA 233 75.57 10.49 68.54
CA SER LA 233 74.33 10.55 69.28
C SER LA 233 73.81 9.17 69.66
N ILE LA 234 74.31 8.13 69.00
CA ILE LA 234 74.05 6.77 69.48
C ILE LA 234 74.78 6.52 70.79
N TRP LA 235 76.01 6.99 70.92
CA TRP LA 235 76.72 6.83 72.18
C TRP LA 235 76.07 7.69 73.26
N LEU LA 236 75.59 8.87 72.87
CA LEU LA 236 75.00 9.76 73.85
C LEU LA 236 73.61 9.31 74.26
N ASP LA 237 72.98 8.40 73.51
CA ASP LA 237 71.68 7.90 73.89
C ASP LA 237 71.79 6.59 74.64
N THR LA 238 73.00 6.23 75.04
CA THR LA 238 73.26 5.05 75.85
C THR LA 238 73.96 5.38 77.15
N TYR LA 239 74.97 6.24 77.11
CA TYR LA 239 75.72 6.55 78.32
C TYR LA 239 75.25 7.81 79.04
N TYR LA 240 74.66 8.76 78.34
CA TYR LA 240 74.15 9.98 78.97
C TYR LA 240 72.72 10.23 78.52
N PRO LA 241 71.76 9.44 79.00
CA PRO LA 241 70.37 9.66 78.59
C PRO LA 241 69.77 10.86 79.33
N GLN LA 242 68.59 11.26 78.85
CA GLN LA 242 67.83 12.42 79.34
C GLN LA 242 68.64 13.71 79.27
N LEU LA 243 69.53 13.84 78.30
CA LEU LA 243 70.33 15.05 78.15
C LEU LA 243 69.67 15.96 77.12
N ALA LA 244 69.64 17.25 77.42
CA ALA LA 244 69.03 18.25 76.54
C ALA LA 244 70.14 18.98 75.81
N TYR LA 245 70.30 18.67 74.53
CA TYR LA 245 71.30 19.30 73.69
C TYR LA 245 70.72 19.57 72.31
N TYR LA 246 71.44 20.34 71.50
CA TYR LA 246 70.93 20.75 70.20
C TYR LA 246 71.73 20.20 69.04
N ARG LA 247 73.03 20.47 68.97
CA ARG LA 247 73.78 20.32 67.73
C ARG LA 247 75.25 20.42 68.07
N ILE LA 248 76.08 19.69 67.32
CA ILE LA 248 77.53 19.76 67.48
C ILE LA 248 78.11 20.32 66.20
N HIS LA 249 78.78 21.47 66.30
CA HIS LA 249 79.24 22.20 65.14
C HIS LA 249 80.71 21.95 64.87
N PHE LA 250 81.04 21.75 63.59
CA PHE LA 250 82.40 21.45 63.19
C PHE LA 250 82.90 22.53 62.23
N ASP LA 251 82.65 23.80 62.55
CA ASP LA 251 83.16 24.86 61.69
C ASP LA 251 84.67 25.03 61.81
N GLU LA 252 85.26 24.63 62.92
CA GLU LA 252 86.71 24.47 63.03
C GLU LA 252 86.93 23.06 63.53
N PRO LA 253 87.46 22.16 62.70
CA PRO LA 253 87.44 20.73 63.03
C PRO LA 253 88.38 20.33 64.16
N ARG LA 254 89.21 21.23 64.64
CA ARG LA 254 90.04 20.92 65.79
C ARG LA 254 89.43 21.39 67.10
N LYS LA 255 88.41 22.24 67.06
CA LYS LA 255 87.71 22.70 68.25
C LYS LA 255 86.21 22.76 68.01
N PRO LA 256 85.51 21.64 68.16
CA PRO LA 256 84.06 21.67 67.97
C PRO LA 256 83.39 22.34 69.16
N VAL LA 257 82.11 22.64 68.98
CA VAL LA 257 81.32 23.35 69.99
C VAL LA 257 80.07 22.54 70.29
N PHE LA 258 79.88 22.19 71.54
CA PHE LA 258 78.73 21.43 71.99
C PHE LA 258 77.73 22.42 72.58
N TRP LA 259 76.53 22.46 72.00
CA TRP LA 259 75.50 23.41 72.41
C TRP LA 259 74.59 22.73 73.43
N LEU LA 260 74.94 22.86 74.70
CA LEU LA 260 74.11 22.26 75.74
C LEU LA 260 73.01 23.23 76.16
N SER LA 261 71.87 22.68 76.57
CA SER LA 261 70.79 23.50 77.06
C SER LA 261 71.03 23.92 78.50
N ARG LA 262 70.43 25.04 78.88
CA ARG LA 262 70.64 25.61 80.21
C ARG LA 262 69.50 25.33 81.17
N GLN LA 263 68.25 25.47 80.72
CA GLN LA 263 67.11 25.38 81.60
C GLN LA 263 66.46 24.01 81.61
N ARG LA 264 67.17 22.98 81.16
CA ARG LA 264 66.59 21.64 81.14
C ARG LA 264 67.56 20.57 81.63
N ASN LA 265 68.69 20.94 82.21
CA ASN LA 265 69.63 19.98 82.75
C ASN LA 265 69.92 20.33 84.20
N THR LA 266 70.50 19.37 84.92
CA THR LA 266 70.82 19.49 86.33
C THR LA 266 72.24 19.02 86.58
N MET LA 267 73.16 19.45 85.74
CA MET LA 267 74.55 19.07 85.84
C MET LA 267 75.36 20.17 86.49
N SER LA 268 76.31 19.78 87.34
CA SER LA 268 77.12 20.75 88.04
C SER LA 268 78.36 21.09 87.21
N LYS LA 269 79.31 21.79 87.82
CA LYS LA 269 80.50 22.22 87.10
C LYS LA 269 81.54 21.12 86.97
N LYS LA 270 81.54 20.15 87.88
CA LYS LA 270 82.60 19.15 87.86
C LYS LA 270 82.39 18.06 86.82
N GLU LA 271 81.17 17.53 86.74
CA GLU LA 271 80.91 16.44 85.81
C GLU LA 271 80.70 16.91 84.38
N LEU LA 272 80.73 18.21 84.11
CA LEU LA 272 80.78 18.65 82.73
C LEU LA 272 82.18 18.53 82.14
N GLU LA 273 83.21 18.47 82.99
CA GLU LA 273 84.54 18.18 82.49
C GLU LA 273 84.69 16.70 82.14
N VAL LA 274 83.89 15.85 82.80
CA VAL LA 274 83.93 14.44 82.48
C VAL LA 274 83.32 14.22 81.10
N LEU LA 275 82.26 14.98 80.78
CA LEU LA 275 81.68 14.91 79.45
C LEU LA 275 82.62 15.52 78.42
N SER LA 276 83.37 16.56 78.82
CA SER LA 276 84.30 17.18 77.87
C SER LA 276 85.58 16.38 77.69
N GLN LA 277 85.76 15.32 78.47
CA GLN LA 277 86.90 14.44 78.26
C GLN LA 277 86.50 13.11 77.66
N LYS LA 278 85.28 12.66 77.91
CA LYS LA 278 84.79 11.48 77.22
C LYS LA 278 84.31 11.82 75.82
N LEU LA 279 84.15 13.10 75.49
CA LEU LA 279 83.91 13.43 74.10
C LEU LA 279 85.20 13.69 73.35
N ARG LA 280 86.25 14.13 74.06
CA ARG LA 280 87.54 14.33 73.39
C ARG LA 280 88.20 12.99 73.09
N ALA LA 281 88.07 12.02 74.01
CA ALA LA 281 88.61 10.71 73.71
C ALA LA 281 87.78 9.99 72.66
N LEU LA 282 86.54 10.39 72.47
CA LEU LA 282 85.65 9.80 71.47
C LEU LA 282 85.85 10.40 70.09
N MET LA 283 86.38 11.62 70.00
CA MET LA 283 86.70 12.22 68.70
C MET LA 283 88.20 12.44 68.58
N PRO LA 284 88.92 11.57 67.86
CA PRO LA 284 90.39 11.62 67.91
C PRO LA 284 91.00 12.81 67.20
N TYR LA 285 90.34 13.39 66.20
CA TYR LA 285 90.92 14.54 65.52
C TYR LA 285 90.79 15.82 66.33
N ALA LA 286 89.86 15.88 67.26
CA ALA LA 286 89.62 17.10 68.02
C ALA LA 286 90.68 17.27 69.09
N ASP LA 287 91.25 18.48 69.14
CA ASP LA 287 92.22 18.79 70.19
C ASP LA 287 91.52 19.06 71.52
N SER LA 288 90.44 19.83 71.48
CA SER LA 288 89.65 20.13 72.65
C SER LA 288 88.23 20.43 72.19
N VAL LA 289 87.27 20.13 73.05
CA VAL LA 289 85.85 20.37 72.79
C VAL LA 289 85.39 21.49 73.70
N ASN LA 290 84.73 22.49 73.14
CA ASN LA 290 84.26 23.61 73.92
C ASN LA 290 82.76 23.45 74.08
N ILE LA 291 82.27 23.63 75.31
CA ILE LA 291 80.86 23.42 75.64
C ILE LA 291 80.25 24.76 76.01
N THR LA 292 79.30 25.22 75.20
CA THR LA 292 78.60 26.47 75.45
C THR LA 292 77.15 26.17 75.80
N LEU LA 293 76.62 26.91 76.77
CA LEU LA 293 75.24 26.75 77.24
C LEU LA 293 74.35 27.75 76.51
N MET LA 294 73.50 27.23 75.63
CA MET LA 294 72.60 28.07 74.86
C MET LA 294 71.26 28.20 75.57
N ASP LA 295 70.65 29.36 75.41
CA ASP LA 295 69.36 29.66 76.01
C ASP LA 295 68.24 28.89 75.31
N ASP LA 296 67.09 28.78 75.98
CA ASP LA 296 66.01 27.93 75.50
C ASP LA 296 64.85 28.70 74.88
N VAL LA 297 64.62 29.95 75.29
CA VAL LA 297 63.53 30.71 74.71
C VAL LA 297 63.95 31.43 73.43
N THR LA 298 65.26 31.53 73.18
CA THR LA 298 65.79 32.08 71.95
C THR LA 298 65.88 31.06 70.85
N ALA LA 299 65.62 29.79 71.15
CA ALA LA 299 65.52 28.80 70.10
C ALA LA 299 64.13 28.76 69.50
N ALA LA 300 63.12 29.18 70.25
CA ALA LA 300 61.79 29.29 69.69
C ALA LA 300 61.39 30.71 69.31
N GLY LA 301 62.08 31.74 69.82
CA GLY LA 301 61.73 33.05 69.34
C GLY LA 301 62.34 33.43 68.02
N GLN LA 302 63.42 32.76 67.62
CA GLN LA 302 63.94 33.02 66.30
C GLN LA 302 63.22 32.17 65.26
N ALA LA 303 62.62 31.07 65.70
CA ALA LA 303 61.86 30.25 64.79
C ALA LA 303 60.48 30.84 64.60
N GLU LA 304 60.01 31.65 65.54
CA GLU LA 304 58.73 32.30 65.30
C GLU LA 304 58.92 33.60 64.54
N ALA LA 305 60.01 34.34 64.81
CA ALA LA 305 60.22 35.59 64.09
C ALA LA 305 60.61 35.34 62.64
N GLY LA 306 61.31 34.24 62.33
CA GLY LA 306 61.56 33.94 60.95
C GLY LA 306 60.32 33.44 60.24
N LEU LA 307 59.42 32.79 60.97
CA LEU LA 307 58.18 32.28 60.38
C LEU LA 307 57.12 33.35 60.25
N LYS LA 308 57.35 34.52 60.83
CA LYS LA 308 56.39 35.61 60.67
C LYS LA 308 56.72 36.51 59.50
N GLN LA 309 57.98 36.57 59.09
CA GLN LA 309 58.33 37.43 57.96
C GLN LA 309 57.86 36.86 56.63
N GLN LA 310 57.68 35.55 56.54
CA GLN LA 310 57.20 34.97 55.29
C GLN LA 310 55.69 34.97 55.16
N ALA LA 311 54.97 35.50 56.15
CA ALA LA 311 53.50 35.61 56.16
C ALA LA 311 52.83 34.26 55.97
N LEU LA 312 53.29 33.28 56.73
CA LEU LA 312 52.69 31.95 56.61
C LEU LA 312 51.72 31.70 57.75
N PRO LA 313 50.60 31.05 57.49
CA PRO LA 313 49.71 30.70 58.60
C PRO LA 313 50.26 29.47 59.31
N TYR LA 314 50.25 29.53 60.64
CA TYR LA 314 50.85 28.47 61.43
C TYR LA 314 50.05 28.29 62.70
N SER LA 315 50.47 27.32 63.50
CA SER LA 315 49.80 27.09 64.77
C SER LA 315 50.80 26.44 65.72
N ARG LA 316 51.24 27.23 66.70
CA ARG LA 316 52.23 26.80 67.67
C ARG LA 316 51.58 25.94 68.75
N ARG LA 317 52.21 24.80 69.06
CA ARG LA 317 51.76 23.91 70.12
C ARG LA 317 52.88 23.80 71.13
N ASN LA 318 52.73 24.47 72.26
CA ASN LA 318 53.69 24.40 73.36
C ASN LA 318 53.38 23.19 74.23
N HIS LA 319 54.39 22.38 74.51
CA HIS LA 319 54.29 21.35 75.53
C HIS LA 319 55.66 21.15 76.17
N LYS LA 320 55.73 20.25 77.14
CA LYS LA 320 56.91 20.12 77.99
C LYS LA 320 58.06 19.45 77.26
N GLY LA 321 59.12 20.20 77.02
CA GLY LA 321 60.32 19.67 76.39
C GLY LA 321 60.21 19.53 74.89
N GLY LA 322 59.86 20.63 74.23
CA GLY LA 322 59.77 20.68 72.79
C GLY LA 322 58.53 21.42 72.35
N VAL LA 323 58.63 22.17 71.26
CA VAL LA 323 57.47 22.85 70.70
C VAL LA 323 57.23 22.32 69.30
N THR LA 324 56.09 22.66 68.75
CA THR LA 324 55.74 22.10 67.46
C THR LA 324 54.96 23.13 66.67
N PHE LA 325 55.43 23.46 65.48
CA PHE LA 325 54.74 24.42 64.64
C PHE LA 325 54.05 23.65 63.52
N VAL LA 326 52.73 23.79 63.42
CA VAL LA 326 51.93 23.02 62.48
C VAL LA 326 51.42 23.96 61.41
N ILE LA 327 51.80 23.68 60.16
CA ILE LA 327 51.41 24.47 59.01
C ILE LA 327 50.57 23.59 58.08
N GLN LA 328 49.26 23.78 58.10
CA GLN LA 328 48.35 22.99 57.27
C GLN LA 328 47.56 23.92 56.37
N GLY LA 329 46.67 23.33 55.58
CA GLY LA 329 45.83 24.09 54.68
C GLY LA 329 46.24 23.85 53.24
N ALA LA 330 45.67 24.66 52.35
CA ALA LA 330 45.99 24.59 50.93
C ALA LA 330 46.89 25.75 50.55
N LEU LA 331 48.20 25.56 50.76
CA LEU LA 331 49.14 26.61 50.43
C LEU LA 331 49.33 26.67 48.91
N ASP LA 332 49.74 27.83 48.42
CA ASP LA 332 49.96 27.94 46.99
C ASP LA 332 51.44 27.64 46.68
N ASP LA 333 51.86 27.88 45.44
CA ASP LA 333 53.17 27.42 45.00
C ASP LA 333 54.32 28.26 45.51
N VAL LA 334 54.11 29.54 45.80
CA VAL LA 334 55.24 30.34 46.23
C VAL LA 334 55.47 30.17 47.73
N GLU LA 335 54.40 29.94 48.48
CA GLU LA 335 54.49 29.75 49.91
C GLU LA 335 54.98 28.36 50.31
N ILE LA 336 55.15 27.45 49.36
CA ILE LA 336 55.79 26.18 49.70
C ILE LA 336 57.29 26.29 49.52
N LEU LA 337 57.72 26.98 48.46
CA LEU LA 337 59.15 27.20 48.26
C LEU LA 337 59.70 28.14 49.32
N ARG LA 338 58.92 29.15 49.70
CA ARG LA 338 59.39 30.08 50.71
C ARG LA 338 59.36 29.46 52.10
N ALA LA 339 58.54 28.43 52.33
CA ALA LA 339 58.53 27.76 53.61
C ALA LA 339 59.49 26.58 53.64
N ARG LA 340 59.96 26.15 52.48
CA ARG LA 340 60.97 25.11 52.38
C ARG LA 340 62.37 25.68 52.42
N GLN LA 341 62.52 26.95 52.07
CA GLN LA 341 63.85 27.56 52.15
C GLN LA 341 64.17 27.98 53.57
N PHE LA 342 63.16 28.18 54.41
CA PHE LA 342 63.39 28.59 55.79
C PHE LA 342 63.63 27.42 56.72
N VAL LA 343 62.93 26.31 56.52
CA VAL LA 343 63.10 25.16 57.40
C VAL LA 343 64.48 24.54 57.20
N ASP LA 344 64.95 24.42 55.96
CA ASP LA 344 66.28 23.89 55.71
C ASP LA 344 67.37 24.86 56.11
N SER LA 345 67.08 26.14 56.26
CA SER LA 345 68.04 27.06 56.83
C SER LA 345 67.99 27.12 58.35
N TYR LA 346 66.93 26.59 58.94
CA TYR LA 346 66.85 26.50 60.38
C TYR LA 346 67.41 25.20 60.93
N TYR LA 347 67.23 24.12 60.18
CA TYR LA 347 67.76 22.82 60.58
C TYR LA 347 69.27 22.80 60.53
N ARG LA 348 69.88 23.63 59.70
CA ARG LA 348 71.33 23.67 59.58
C ARG LA 348 71.99 24.30 60.79
N THR LA 349 71.27 25.14 61.53
CA THR LA 349 71.86 25.88 62.64
C THR LA 349 71.35 25.47 64.01
N TRP LA 350 70.14 24.93 64.13
CA TRP LA 350 69.61 24.60 65.44
C TRP LA 350 69.38 23.11 65.66
N GLY LA 351 69.24 22.31 64.61
CA GLY LA 351 68.96 20.90 64.75
C GLY LA 351 67.49 20.62 65.02
N GLY LA 352 67.09 19.38 64.70
CA GLY LA 352 65.71 18.99 64.87
C GLY LA 352 65.40 18.29 66.17
N ARG LA 353 66.04 18.72 67.24
CA ARG LA 353 65.89 18.08 68.53
C ARG LA 353 64.83 18.75 69.40
N TYR LA 354 64.79 20.08 69.41
CA TYR LA 354 63.87 20.84 70.26
C TYR LA 354 62.56 21.22 69.58
N VAL LA 355 62.62 21.96 68.48
CA VAL LA 355 61.43 22.49 67.80
C VAL LA 355 61.18 21.73 66.51
N GLN LA 356 59.96 21.28 66.30
CA GLN LA 356 59.65 20.48 65.12
C GLN LA 356 58.62 21.17 64.22
N PHE LA 357 58.95 21.29 62.94
CA PHE LA 357 58.05 21.84 61.92
C PHE LA 357 57.28 20.74 61.22
N ALA LA 358 55.96 20.88 61.14
CA ALA LA 358 55.06 19.90 60.55
C ALA LA 358 54.26 20.57 59.44
N ILE LA 359 54.80 20.58 58.23
CA ILE LA 359 54.06 21.12 57.08
C ILE LA 359 53.29 19.99 56.43
N GLU LA 360 51.97 20.14 56.35
CA GLU LA 360 51.11 19.10 55.82
C GLU LA 360 50.14 19.70 54.81
N LEU LA 361 50.13 19.16 53.61
CA LEU LA 361 49.26 19.66 52.54
C LEU LA 361 48.01 18.80 52.40
N LYS LA 362 46.88 19.31 52.87
CA LYS LA 362 45.61 18.60 52.70
C LYS LA 362 44.54 19.61 52.33
N ASP LA 363 43.48 19.11 51.71
CA ASP LA 363 42.46 19.95 51.08
C ASP LA 363 41.50 20.48 52.14
N ASP LA 364 40.39 21.05 51.69
CA ASP LA 364 39.36 21.56 52.56
C ASP LA 364 38.70 20.37 53.23
N TRP LA 365 38.87 20.25 54.54
CA TRP LA 365 38.17 19.21 55.27
C TRP LA 365 36.69 19.54 55.25
N LEU LA 366 35.87 18.48 55.23
CA LEU LA 366 34.42 18.56 55.02
C LEU LA 366 34.13 19.29 53.70
N LYS LA 367 34.50 18.57 52.62
CA LYS LA 367 35.03 19.13 51.38
C LYS LA 367 34.11 20.15 50.71
N GLY LA 368 32.80 19.95 50.79
CA GLY LA 368 31.91 20.91 50.19
C GLY LA 368 30.64 21.04 51.00
N ARG LA 369 30.71 20.61 52.24
CA ARG LA 369 29.54 20.45 53.07
C ARG LA 369 29.40 21.66 53.99
N SER LA 370 28.16 22.10 54.18
CA SER LA 370 27.90 23.11 55.19
C SER LA 370 27.72 22.44 56.53
N PHE LA 371 28.23 23.09 57.57
CA PHE LA 371 28.20 22.53 58.91
C PHE LA 371 27.99 23.65 59.91
N GLN LA 372 27.64 23.25 61.13
CA GLN LA 372 27.37 24.19 62.23
C GLN LA 372 28.31 23.84 63.37
N TYR LA 373 29.44 24.52 63.42
CA TYR LA 373 30.56 24.13 64.27
C TYR LA 373 30.36 24.60 65.70
N GLY LA 374 31.02 23.89 66.62
CA GLY LA 374 31.20 24.35 67.97
C GLY LA 374 30.26 23.76 68.99
N ALA LA 375 30.72 22.70 69.67
CA ALA LA 375 30.16 22.13 70.89
C ALA LA 375 28.79 21.47 70.73
N GLU LA 376 28.15 21.68 69.59
CA GLU LA 376 26.97 20.93 69.16
C GLU LA 376 27.01 20.99 67.63
N GLY LA 377 27.63 19.99 67.02
CA GLY LA 377 27.96 20.04 65.61
C GLY LA 377 27.17 19.05 64.80
N TYR LA 378 26.90 19.41 63.55
CA TYR LA 378 26.29 18.48 62.62
C TYR LA 378 26.71 18.85 61.22
N ILE LA 379 27.01 17.85 60.42
CA ILE LA 379 27.33 18.02 59.02
C ILE LA 379 26.10 17.74 58.19
N LYS LA 380 25.90 18.52 57.13
CA LYS LA 380 24.73 18.39 56.28
C LYS LA 380 25.15 17.66 55.01
N MET LA 381 24.87 16.36 54.97
CA MET LA 381 25.23 15.56 53.80
C MET LA 381 24.39 15.92 52.59
N SER LA 382 23.20 16.44 52.83
CA SER LA 382 22.24 16.78 51.79
C SER LA 382 21.34 17.84 52.37
N PRO LA 383 20.48 18.46 51.56
CA PRO LA 383 19.44 19.32 52.15
C PRO LA 383 18.51 18.60 53.11
N GLY LA 384 18.47 17.26 53.09
CA GLY LA 384 17.65 16.52 54.02
C GLY LA 384 18.39 15.40 54.74
N HIS LA 385 19.65 15.63 55.14
CA HIS LA 385 20.45 14.58 55.74
C HIS LA 385 21.40 15.20 56.75
N TRP LA 386 21.35 14.70 57.97
CA TRP LA 386 22.18 15.19 59.06
C TRP LA 386 23.12 14.09 59.53
N TYR LA 387 24.35 14.46 59.82
CA TYR LA 387 25.35 13.57 60.36
C TYR LA 387 25.85 14.20 61.65
N PHE LA 388 25.99 13.39 62.70
CA PHE LA 388 26.37 13.85 64.02
C PHE LA 388 27.67 13.16 64.44
N PRO LA 389 28.81 13.59 63.90
CA PRO LA 389 30.08 13.10 64.39
C PRO LA 389 30.52 13.90 65.59
N SER LA 390 31.79 13.75 65.99
CA SER LA 390 32.50 14.56 66.97
C SER LA 390 32.25 16.06 66.80
N PRO LA 391 32.21 16.84 67.90
CA PRO LA 391 31.78 18.23 67.79
C PRO LA 391 32.75 19.09 67.01
N LEU LA 392 32.30 19.50 65.83
CA LEU LA 392 33.11 20.25 64.89
C LEU LA 392 33.24 21.70 65.31
N ALA MA 171 96.94 -16.32 56.25
CA ALA MA 171 97.16 -14.99 56.80
C ALA MA 171 96.26 -14.71 57.99
N GLU MA 172 96.17 -13.46 58.40
CA GLU MA 172 95.31 -13.11 59.52
C GLU MA 172 93.89 -12.88 59.02
N LEU MA 173 92.94 -12.91 59.96
CA LEU MA 173 91.54 -12.80 59.56
C LEU MA 173 91.19 -11.37 59.17
N ASP MA 174 91.79 -10.38 59.83
CA ASP MA 174 91.44 -8.99 59.58
C ASP MA 174 92.11 -8.43 58.33
N SER MA 175 92.75 -9.27 57.52
CA SER MA 175 93.20 -8.89 56.21
C SER MA 175 92.49 -9.67 55.12
N LEU MA 176 91.77 -10.73 55.48
CA LEU MA 176 90.98 -11.47 54.52
C LEU MA 176 89.63 -10.83 54.25
N LEU MA 177 89.27 -9.80 55.01
CA LEU MA 177 88.06 -9.04 54.78
C LEU MA 177 88.31 -7.97 53.74
N GLY MA 178 87.40 -7.01 53.65
CA GLY MA 178 87.42 -6.02 52.59
C GLY MA 178 88.57 -5.03 52.69
N GLN MA 179 88.43 -3.98 51.89
CA GLN MA 179 89.50 -3.00 51.74
C GLN MA 179 89.67 -2.14 52.98
N GLU MA 180 88.58 -1.66 53.56
CA GLU MA 180 88.63 -0.85 54.77
C GLU MA 180 88.52 -1.73 56.01
N LYS MA 181 89.44 -1.56 56.95
CA LYS MA 181 89.30 -2.26 58.23
C LYS MA 181 88.58 -1.34 59.22
N GLU MA 182 87.45 -0.78 58.79
CA GLU MA 182 86.67 0.14 59.60
C GLU MA 182 85.26 -0.32 59.88
N ARG MA 183 84.73 -1.26 59.11
CA ARG MA 183 83.36 -1.71 59.30
C ARG MA 183 83.26 -3.00 60.09
N PHE MA 184 84.37 -3.66 60.39
CA PHE MA 184 84.37 -4.88 61.18
C PHE MA 184 85.24 -4.72 62.41
N GLN MA 185 85.19 -5.72 63.28
CA GLN MA 185 86.00 -5.64 64.50
C GLN MA 185 86.24 -7.05 65.00
N VAL MA 186 87.51 -7.43 65.16
CA VAL MA 186 87.88 -8.79 65.54
C VAL MA 186 88.22 -8.88 67.02
N LEU MA 187 87.42 -9.62 67.77
CA LEU MA 187 87.55 -9.79 69.19
C LEU MA 187 88.05 -11.19 69.55
N PRO MA 188 89.02 -11.30 70.47
CA PRO MA 188 89.52 -12.61 70.90
C PRO MA 188 88.60 -13.25 71.94
N GLY MA 189 88.29 -14.55 71.77
CA GLY MA 189 87.42 -15.25 72.67
C GLY MA 189 88.19 -15.97 73.77
N ARG MA 190 87.49 -16.27 74.87
CA ARG MA 190 88.15 -16.95 75.98
C ARG MA 190 88.23 -18.44 75.74
N ASP MA 191 87.31 -18.99 74.92
CA ASP MA 191 87.31 -20.41 74.57
C ASP MA 191 88.04 -20.69 73.27
N LYS MA 192 89.06 -19.88 72.95
CA LYS MA 192 89.91 -20.01 71.76
C LYS MA 192 89.11 -19.93 70.46
N MET MA 193 88.25 -18.93 70.38
CA MET MA 193 87.57 -18.59 69.15
C MET MA 193 87.84 -17.13 68.78
N LEU MA 194 87.38 -16.73 67.61
CA LEU MA 194 87.62 -15.39 67.11
C LEU MA 194 86.30 -14.79 66.63
N TYR MA 195 85.77 -13.86 67.41
CA TYR MA 195 84.48 -13.29 67.10
C TYR MA 195 84.66 -12.07 66.21
N VAL MA 196 83.80 -11.95 65.22
CA VAL MA 196 83.80 -10.82 64.30
C VAL MA 196 82.54 -10.03 64.58
N ALA MA 197 82.70 -8.78 64.94
CA ALA MA 197 81.59 -7.95 65.38
C ALA MA 197 81.28 -7.07 64.20
N ALA MA 198 80.17 -7.40 63.52
CA ALA MA 198 79.64 -6.55 62.46
C ALA MA 198 78.74 -5.50 63.09
N GLN MA 199 78.02 -4.75 62.26
CA GLN MA 199 77.11 -3.73 62.78
C GLN MA 199 75.73 -3.79 62.16
N ASN MA 200 75.56 -4.41 60.99
CA ASN MA 200 74.24 -4.52 60.41
C ASN MA 200 74.11 -5.89 59.74
N GLU MA 201 72.98 -6.07 59.08
CA GLU MA 201 72.68 -7.36 58.49
C GLU MA 201 73.39 -7.54 57.17
N ARG MA 202 73.61 -6.46 56.44
CA ARG MA 202 74.26 -6.58 55.13
C ARG MA 202 75.73 -6.91 55.29
N ASP MA 203 76.38 -6.38 56.33
CA ASP MA 203 77.76 -6.76 56.55
C ASP MA 203 77.90 -8.07 57.30
N THR MA 204 76.80 -8.59 57.86
CA THR MA 204 76.90 -9.89 58.50
C THR MA 204 77.05 -10.99 57.45
N LEU MA 205 76.31 -10.92 56.35
CA LEU MA 205 76.53 -11.91 55.31
C LEU MA 205 77.81 -11.65 54.53
N TRP MA 206 78.37 -10.44 54.63
CA TRP MA 206 79.65 -10.17 53.99
C TRP MA 206 80.76 -10.90 54.71
N ALA MA 207 80.66 -10.99 56.03
CA ALA MA 207 81.72 -11.71 56.71
C ALA MA 207 81.40 -13.20 56.82
N ARG MA 208 80.11 -13.57 56.79
CA ARG MA 208 79.78 -14.98 56.80
C ARG MA 208 80.04 -15.67 55.47
N GLN MA 209 80.06 -14.96 54.34
CA GLN MA 209 80.42 -15.62 53.10
C GLN MA 209 81.89 -16.00 53.08
N VAL MA 210 82.73 -15.16 53.69
CA VAL MA 210 84.15 -15.43 53.77
C VAL MA 210 84.39 -16.64 54.66
N LEU MA 211 83.74 -16.66 55.83
CA LEU MA 211 83.97 -17.81 56.70
C LEU MA 211 83.27 -19.07 56.20
N ALA MA 212 82.30 -18.92 55.29
CA ALA MA 212 81.57 -20.07 54.76
C ALA MA 212 82.35 -20.76 53.65
N ARG MA 213 83.02 -20.00 52.79
CA ARG MA 213 83.79 -20.67 51.74
C ARG MA 213 85.06 -21.31 52.26
N GLY MA 214 85.52 -20.93 53.44
CA GLY MA 214 86.52 -21.70 54.14
C GLY MA 214 87.96 -21.39 53.85
N ASP MA 215 88.29 -20.13 53.60
CA ASP MA 215 89.70 -19.73 53.47
C ASP MA 215 90.25 -19.22 54.80
N TYR MA 216 90.08 -19.99 55.87
CA TYR MA 216 90.64 -19.65 57.17
C TYR MA 216 90.75 -20.90 58.03
N ASP MA 217 91.97 -21.20 58.46
CA ASP MA 217 92.31 -22.46 59.10
C ASP MA 217 91.97 -22.51 60.59
N LYS MA 218 91.28 -21.50 61.13
CA LYS MA 218 91.01 -21.54 62.57
C LYS MA 218 89.52 -21.34 62.83
N ASN MA 219 89.14 -21.24 64.10
CA ASN MA 219 87.74 -21.11 64.47
C ASN MA 219 87.31 -19.65 64.52
N ALA MA 220 86.11 -19.36 64.02
CA ALA MA 220 85.61 -18.00 64.03
C ALA MA 220 84.09 -17.99 63.99
N ARG MA 221 83.52 -16.89 64.51
CA ARG MA 221 82.08 -16.69 64.55
C ARG MA 221 81.77 -15.24 64.22
N VAL MA 222 80.61 -14.98 63.64
CA VAL MA 222 80.18 -13.62 63.30
C VAL MA 222 79.02 -13.19 64.17
N ILE MA 223 79.21 -12.19 65.02
CA ILE MA 223 78.15 -11.71 65.89
C ILE MA 223 77.60 -10.39 65.37
N ASN MA 224 76.46 -10.00 65.94
CA ASN MA 224 75.66 -8.85 65.53
C ASN MA 224 74.82 -8.40 66.72
N GLU MA 225 74.49 -7.10 66.73
CA GLU MA 225 73.73 -6.53 67.84
C GLU MA 225 72.29 -7.01 67.87
N ASN MA 226 71.69 -7.28 66.72
CA ASN MA 226 70.29 -7.66 66.74
C ASN MA 226 70.13 -9.13 67.08
N GLU MA 227 71.08 -9.96 66.72
CA GLU MA 227 70.87 -11.40 66.87
C GLU MA 227 71.61 -11.98 68.06
N GLU MA 228 72.58 -11.28 68.63
CA GLU MA 228 73.08 -11.80 69.89
C GLU MA 228 72.33 -11.16 71.05
N ASN MA 229 71.44 -10.23 70.75
CA ASN MA 229 70.45 -9.83 71.74
C ASN MA 229 69.27 -10.79 71.75
N LYS MA 230 69.05 -11.53 70.67
CA LYS MA 230 68.05 -12.57 70.65
C LYS MA 230 68.60 -13.91 71.10
N ARG MA 231 69.92 -14.08 71.07
CA ARG MA 231 70.47 -15.38 71.45
C ARG MA 231 70.48 -15.56 72.96
N ILE MA 232 70.83 -14.53 73.71
CA ILE MA 232 70.88 -14.61 75.17
C ILE MA 232 69.60 -14.10 75.81
N SER MA 233 68.51 -14.03 75.06
CA SER MA 233 67.18 -13.95 75.62
C SER MA 233 66.46 -15.29 75.65
N ILE MA 234 66.94 -16.27 74.89
CA ILE MA 234 66.43 -17.63 75.00
C ILE MA 234 66.98 -18.31 76.25
N TRP MA 235 68.23 -18.05 76.61
CA TRP MA 235 68.75 -18.58 77.87
C TRP MA 235 68.07 -17.92 79.07
N LEU MA 236 67.70 -16.65 78.91
CA LEU MA 236 67.26 -15.88 80.05
C LEU MA 236 65.85 -16.26 80.47
N ASP MA 237 64.99 -16.63 79.53
CA ASP MA 237 63.64 -17.02 79.86
C ASP MA 237 63.50 -18.51 80.10
N THR MA 238 64.62 -19.18 80.36
CA THR MA 238 64.65 -20.56 80.84
C THR MA 238 65.24 -20.60 82.24
N TYR MA 239 66.35 -19.90 82.47
CA TYR MA 239 66.95 -19.90 83.79
C TYR MA 239 66.55 -18.74 84.68
N TYR MA 240 65.94 -17.68 84.15
CA TYR MA 240 65.47 -16.56 84.97
C TYR MA 240 64.13 -16.05 84.50
N PRO MA 241 63.05 -16.78 84.76
CA PRO MA 241 61.74 -16.29 84.34
C PRO MA 241 61.27 -15.19 85.29
N GLN MA 242 60.25 -14.46 84.84
CA GLN MA 242 59.68 -13.30 85.55
C GLN MA 242 60.74 -12.24 85.84
N LEU MA 243 61.66 -12.07 84.91
CA LEU MA 243 62.72 -11.07 84.99
C LEU MA 243 62.27 -9.83 84.23
N ALA MA 244 62.56 -8.66 84.79
CA ALA MA 244 62.17 -7.40 84.18
C ALA MA 244 63.41 -6.72 83.60
N TYR MA 245 63.49 -6.66 82.28
CA TYR MA 245 64.64 -6.08 81.61
C TYR MA 245 64.19 -5.51 80.28
N TYR MA 246 65.06 -4.70 79.67
CA TYR MA 246 64.70 -3.97 78.46
C TYR MA 246 65.48 -4.40 77.23
N ARG MA 247 66.81 -4.29 77.28
CA ARG MA 247 67.64 -4.26 76.08
C ARG MA 247 69.09 -4.41 76.53
N ILE MA 248 69.91 -5.00 75.67
CA ILE MA 248 71.34 -5.10 75.93
C ILE MA 248 72.07 -4.30 74.86
N HIS MA 249 72.90 -3.36 75.30
CA HIS MA 249 73.57 -2.41 74.41
C HIS MA 249 75.02 -2.79 74.25
N PHE MA 250 75.48 -2.85 73.00
CA PHE MA 250 76.82 -3.27 72.61
C PHE MA 250 77.60 -2.15 71.98
N ASP MA 251 77.54 -0.94 72.56
CA ASP MA 251 78.32 0.16 72.01
C ASP MA 251 79.81 -0.01 72.26
N GLU MA 252 80.19 -0.67 73.35
CA GLU MA 252 81.58 -1.07 73.54
C GLU MA 252 81.57 -2.57 73.76
N PRO MA 253 81.92 -3.38 72.76
CA PRO MA 253 81.63 -4.81 72.81
C PRO MA 253 82.54 -5.62 73.71
N ARG MA 254 83.40 -5.00 74.50
CA ARG MA 254 84.12 -5.72 75.54
C ARG MA 254 83.55 -5.45 76.91
N LYS MA 255 82.65 -4.47 77.04
CA LYS MA 255 81.98 -4.18 78.31
C LYS MA 255 80.55 -3.76 78.01
N PRO MA 256 79.66 -4.72 77.75
CA PRO MA 256 78.27 -4.35 77.46
C PRO MA 256 77.52 -3.94 78.72
N VAL MA 257 76.47 -3.16 78.49
CA VAL MA 257 75.62 -2.61 79.55
C VAL MA 257 74.25 -3.28 79.47
N PHE MA 258 73.82 -3.83 80.60
CA PHE MA 258 72.56 -4.56 80.72
C PHE MA 258 71.56 -3.68 81.46
N TRP MA 259 70.62 -3.12 80.71
CA TRP MA 259 69.61 -2.23 81.23
C TRP MA 259 68.51 -3.03 81.93
N LEU MA 260 68.50 -2.99 83.25
CA LEU MA 260 67.54 -3.71 84.08
C LEU MA 260 66.53 -2.72 84.64
N SER MA 261 65.35 -3.24 84.96
CA SER MA 261 64.30 -2.42 85.55
C SER MA 261 64.49 -2.30 87.04
N ARG MA 262 64.16 -1.13 87.58
CA ARG MA 262 64.34 -0.86 89.00
C ARG MA 262 63.07 -1.12 89.81
N GLN MA 263 61.93 -0.67 89.33
CA GLN MA 263 60.71 -0.72 90.10
C GLN MA 263 59.99 -2.07 90.03
N ARG MA 264 60.57 -3.10 89.43
CA ARG MA 264 59.85 -4.37 89.34
C ARG MA 264 60.70 -5.57 89.71
N ASN MA 265 61.90 -5.38 90.24
CA ASN MA 265 62.73 -6.49 90.67
C ASN MA 265 62.99 -6.43 92.17
N THR MA 266 63.25 -7.60 92.75
CA THR MA 266 63.53 -7.71 94.17
C THR MA 266 64.90 -8.30 94.43
N MET MA 267 65.78 -8.32 93.43
CA MET MA 267 67.07 -8.96 93.59
C MET MA 267 68.02 -8.07 94.36
N SER MA 268 68.76 -8.69 95.28
CA SER MA 268 69.69 -7.94 96.11
C SER MA 268 71.04 -7.81 95.39
N LYS MA 269 72.04 -7.34 96.14
CA LYS MA 269 73.38 -7.18 95.57
C LYS MA 269 74.05 -8.53 95.36
N LYS MA 270 73.82 -9.47 96.27
CA LYS MA 270 74.42 -10.78 96.11
C LYS MA 270 73.74 -11.56 94.99
N GLU MA 271 72.44 -11.31 94.76
CA GLU MA 271 71.75 -12.04 93.71
C GLU MA 271 72.00 -11.44 92.34
N LEU MA 272 72.33 -10.15 92.29
CA LEU MA 272 72.69 -9.56 91.01
C LEU MA 272 74.08 -9.97 90.55
N GLU MA 273 74.95 -10.38 91.47
CA GLU MA 273 76.31 -10.74 91.05
C GLU MA 273 76.39 -12.14 90.46
N VAL MA 274 75.47 -13.05 90.82
CA VAL MA 274 75.48 -14.35 90.14
C VAL MA 274 74.93 -14.19 88.73
N LEU MA 275 73.97 -13.28 88.54
CA LEU MA 275 73.48 -13.01 87.20
C LEU MA 275 74.55 -12.30 86.37
N SER MA 276 75.37 -11.47 87.02
CA SER MA 276 76.44 -10.80 86.30
C SER MA 276 77.55 -11.76 85.90
N GLN MA 277 77.74 -12.83 86.66
CA GLN MA 277 78.76 -13.78 86.23
C GLN MA 277 78.20 -14.78 85.23
N LYS MA 278 76.94 -15.19 85.38
CA LYS MA 278 76.37 -16.13 84.43
C LYS MA 278 76.01 -15.46 83.12
N LEU MA 279 75.96 -14.13 83.07
CA LEU MA 279 75.87 -13.46 81.79
C LEU MA 279 77.24 -13.25 81.18
N ARG MA 280 78.29 -13.24 82.01
CA ARG MA 280 79.64 -13.17 81.48
C ARG MA 280 79.98 -14.48 80.80
N ALA MA 281 79.44 -15.57 81.34
CA ALA MA 281 79.73 -16.89 80.80
C ALA MA 281 79.03 -17.16 79.47
N LEU MA 282 78.00 -16.38 79.11
CA LEU MA 282 77.35 -16.57 77.82
C LEU MA 282 78.09 -15.87 76.69
N MET MA 283 78.83 -14.80 77.00
CA MET MA 283 79.58 -14.03 76.02
C MET MA 283 81.06 -14.22 76.33
N PRO MA 284 81.74 -15.15 75.66
CA PRO MA 284 83.15 -15.40 75.99
C PRO MA 284 84.08 -14.29 75.55
N TYR MA 285 83.68 -13.43 74.62
CA TYR MA 285 84.53 -12.33 74.22
C TYR MA 285 84.55 -11.20 75.25
N ALA MA 286 83.48 -11.06 76.01
CA ALA MA 286 83.36 -9.95 76.94
C ALA MA 286 84.16 -10.22 78.20
N ASP MA 287 84.50 -9.15 78.91
CA ASP MA 287 85.24 -9.26 80.16
C ASP MA 287 84.34 -9.13 81.37
N SER MA 288 83.46 -8.12 81.39
CA SER MA 288 82.53 -7.96 82.49
C SER MA 288 81.31 -7.21 81.99
N VAL MA 289 80.14 -7.67 82.39
CA VAL MA 289 78.86 -7.07 82.01
C VAL MA 289 78.42 -6.11 83.10
N ASN MA 290 78.21 -4.85 82.75
CA ASN MA 290 77.82 -3.86 83.74
C ASN MA 290 76.31 -3.76 83.73
N ILE MA 291 75.68 -4.11 84.84
CA ILE MA 291 74.23 -4.10 84.96
C ILE MA 291 73.85 -2.79 85.63
N THR MA 292 72.98 -2.02 84.98
CA THR MA 292 72.49 -0.78 85.58
C THR MA 292 70.98 -0.76 85.52
N LEU MA 293 70.38 0.08 86.37
CA LEU MA 293 68.93 0.11 86.57
C LEU MA 293 68.35 1.43 86.09
N MET MA 294 67.32 1.34 85.25
CA MET MA 294 66.60 2.49 84.75
C MET MA 294 65.20 2.59 85.35
N ASP MA 295 64.66 3.80 85.31
CA ASP MA 295 63.34 4.07 85.87
C ASP MA 295 62.23 3.74 84.88
N ASP MA 296 61.08 3.34 85.41
CA ASP MA 296 59.91 2.96 84.61
C ASP MA 296 59.06 4.13 84.17
N VAL MA 297 59.29 5.33 84.70
CA VAL MA 297 58.47 6.47 84.33
C VAL MA 297 59.14 7.35 83.28
N THR MA 298 60.46 7.24 83.13
CA THR MA 298 61.13 7.93 82.04
C THR MA 298 61.12 7.09 80.78
N ALA MA 299 60.67 5.84 80.87
CA ALA MA 299 60.52 5.02 79.68
C ALA MA 299 59.18 5.31 79.02
N ALA MA 300 58.17 5.67 79.80
CA ALA MA 300 56.91 6.08 79.18
C ALA MA 300 56.81 7.57 78.99
N GLY MA 301 57.60 8.39 79.70
CA GLY MA 301 57.58 9.81 79.43
C GLY MA 301 58.27 10.18 78.13
N GLN MA 302 59.35 9.49 77.79
CA GLN MA 302 59.99 9.79 76.51
C GLN MA 302 59.17 9.27 75.35
N ALA MA 303 58.34 8.26 75.59
CA ALA MA 303 57.48 7.74 74.53
C ALA MA 303 56.27 8.61 74.34
N GLU MA 304 55.83 9.27 75.39
CA GLU MA 304 54.67 10.12 75.21
C GLU MA 304 55.11 11.48 74.67
N ALA MA 305 56.27 11.98 75.09
CA ALA MA 305 56.72 13.26 74.56
C ALA MA 305 57.15 13.11 73.11
N GLY MA 306 57.67 11.95 72.72
CA GLY MA 306 57.97 11.76 71.31
C GLY MA 306 56.72 11.52 70.50
N LEU MA 307 55.68 10.95 71.10
CA LEU MA 307 54.47 10.77 70.31
C LEU MA 307 53.70 12.07 70.20
N LYS MA 308 53.97 13.04 71.06
CA LYS MA 308 53.32 14.33 71.00
C LYS MA 308 54.10 15.36 70.21
N GLN MA 309 55.40 15.17 70.02
CA GLN MA 309 56.15 16.14 69.24
C GLN MA 309 55.84 16.07 67.74
N GLN MA 310 55.45 14.89 67.25
CA GLN MA 310 55.09 14.77 65.85
C GLN MA 310 53.65 15.16 65.53
N ALA MA 311 52.86 15.55 66.54
CA ALA MA 311 51.45 15.94 66.39
C ALA MA 311 50.64 14.82 65.74
N LEU MA 312 50.76 13.63 66.30
CA LEU MA 312 50.13 12.37 65.90
C LEU MA 312 48.92 12.08 66.76
N PRO MA 313 47.83 11.65 66.14
CA PRO MA 313 46.66 11.22 66.91
C PRO MA 313 46.94 9.86 67.53
N TYR MA 314 46.64 9.71 68.81
CA TYR MA 314 47.00 8.48 69.48
C TYR MA 314 46.07 8.23 70.64
N SER MA 315 46.29 7.10 71.32
CA SER MA 315 45.51 6.76 72.48
C SER MA 315 46.37 5.86 73.36
N ARG MA 316 46.52 6.25 74.62
CA ARG MA 316 47.35 5.55 75.59
C ARG MA 316 46.53 4.58 76.42
N ARG MA 317 47.02 3.36 76.59
CA ARG MA 317 46.30 2.36 77.39
C ARG MA 317 47.21 1.86 78.50
N ASN MA 318 47.11 2.47 79.67
CA ASN MA 318 47.91 2.03 80.82
C ASN MA 318 47.33 0.77 81.42
N HIS MA 319 48.19 -0.21 81.68
CA HIS MA 319 47.84 -1.32 82.55
C HIS MA 319 49.12 -1.77 83.24
N LYS MA 320 48.96 -2.78 84.09
CA LYS MA 320 50.07 -3.23 84.92
C LYS MA 320 51.05 -4.05 84.10
N GLY MA 321 52.33 -3.69 84.19
CA GLY MA 321 53.35 -4.46 83.52
C GLY MA 321 53.58 -4.12 82.07
N GLY MA 322 53.38 -2.89 81.68
CA GLY MA 322 53.62 -2.44 80.31
C GLY MA 322 52.52 -1.52 79.86
N VAL MA 323 52.87 -0.64 78.91
CA VAL MA 323 51.88 0.25 78.33
C VAL MA 323 51.80 -0.04 76.84
N THR MA 324 50.81 0.56 76.18
CA THR MA 324 50.64 0.40 74.75
C THR MA 324 50.00 1.65 74.17
N PHE MA 325 50.46 2.04 73.00
CA PHE MA 325 49.94 3.22 72.33
C PHE MA 325 49.31 2.78 71.02
N VAL MA 326 48.09 3.22 70.77
CA VAL MA 326 47.33 2.78 69.60
C VAL MA 326 47.03 3.97 68.72
N ILE MA 327 47.40 3.84 67.44
CA ILE MA 327 47.17 4.86 66.41
C ILE MA 327 46.34 4.19 65.31
N GLN MA 328 45.08 4.60 65.20
CA GLN MA 328 44.18 4.08 64.20
C GLN MA 328 43.83 5.20 63.23
N GLY MA 329 42.90 4.91 62.33
CA GLY MA 329 42.31 5.95 61.50
C GLY MA 329 42.84 5.93 60.08
N ALA MA 330 42.18 6.75 59.26
CA ALA MA 330 42.60 6.96 57.87
C ALA MA 330 43.65 8.06 57.87
N LEU MA 331 44.87 7.67 58.22
CA LEU MA 331 45.96 8.62 58.27
C LEU MA 331 46.37 8.98 56.85
N ASP MA 332 46.97 10.14 56.70
CA ASP MA 332 47.45 10.55 55.39
C ASP MA 332 48.90 10.11 55.22
N ASP MA 333 49.54 10.54 54.14
CA ASP MA 333 50.85 10.01 53.78
C ASP MA 333 52.00 10.60 54.58
N VAL MA 334 51.81 11.75 55.22
CA VAL MA 334 52.88 12.33 56.01
C VAL MA 334 52.91 11.74 57.40
N GLU MA 335 51.73 11.44 57.95
CA GLU MA 335 51.60 10.92 59.30
C GLU MA 335 51.97 9.45 59.40
N ILE MA 336 52.23 8.79 58.27
CA ILE MA 336 52.78 7.45 58.34
C ILE MA 336 54.30 7.50 58.31
N LEU MA 337 54.87 8.40 57.51
CA LEU MA 337 56.32 8.49 57.45
C LEU MA 337 56.93 9.11 58.69
N ARG MA 338 56.23 10.05 59.33
CA ARG MA 338 56.79 10.61 60.55
C ARG MA 338 56.62 9.66 61.74
N ALA MA 339 55.63 8.79 61.69
CA ALA MA 339 55.45 7.85 62.79
C ALA MA 339 56.42 6.69 62.64
N ARG MA 340 56.57 6.20 61.41
CA ARG MA 340 57.43 5.07 61.16
C ARG MA 340 58.90 5.45 61.27
N GLN MA 341 59.23 6.74 61.13
CA GLN MA 341 60.61 7.16 61.34
C GLN MA 341 60.94 7.26 62.82
N PHE MA 342 59.93 7.38 63.67
CA PHE MA 342 60.11 7.52 65.11
C PHE MA 342 60.11 6.19 65.86
N VAL MA 343 59.30 5.23 65.40
CA VAL MA 343 59.24 3.95 66.09
C VAL MA 343 60.54 3.16 65.95
N ASP MA 344 61.13 3.15 64.76
CA ASP MA 344 62.37 2.41 64.58
C ASP MA 344 63.56 3.12 65.24
N SER MA 345 63.43 4.38 65.59
CA SER MA 345 64.46 5.07 66.34
C SER MA 345 64.26 4.97 67.84
N TYR MA 346 63.05 4.67 68.27
CA TYR MA 346 62.84 4.41 69.69
C TYR MA 346 63.14 2.97 70.05
N TYR MA 347 62.93 2.05 69.11
CA TYR MA 347 63.17 0.64 69.35
C TYR MA 347 64.65 0.33 69.49
N ARG MA 348 65.52 1.14 68.86
CA ARG MA 348 66.95 0.88 68.99
C ARG MA 348 67.44 1.23 70.38
N THR MA 349 66.78 2.19 71.02
CA THR MA 349 67.21 2.59 72.34
C THR MA 349 66.60 1.68 73.40
N TRP MA 350 65.28 1.50 73.37
CA TRP MA 350 64.66 0.75 74.46
C TRP MA 350 64.28 -0.68 74.09
N GLY MA 351 63.76 -0.91 72.90
CA GLY MA 351 63.30 -2.28 72.67
C GLY MA 351 61.85 -2.45 73.05
N GLY MA 352 61.20 -3.41 72.41
CA GLY MA 352 59.77 -3.59 72.56
C GLY MA 352 59.36 -4.53 73.68
N ARG MA 353 59.94 -4.38 74.86
CA ARG MA 353 59.55 -5.21 75.99
C ARG MA 353 58.50 -4.58 76.88
N TYR MA 354 58.53 -3.26 77.05
CA TYR MA 354 57.64 -2.54 77.95
C TYR MA 354 56.51 -1.81 77.24
N VAL MA 355 56.87 -0.99 76.26
CA VAL MA 355 55.91 -0.16 75.53
C VAL MA 355 55.84 -0.66 74.10
N GLN MA 356 54.63 -0.80 73.58
CA GLN MA 356 54.42 -1.34 72.25
C GLN MA 356 53.45 -0.44 71.49
N PHE MA 357 53.80 -0.13 70.25
CA PHE MA 357 52.98 0.70 69.38
C PHE MA 357 52.14 -0.16 68.45
N ALA MA 358 50.98 0.36 68.07
CA ALA MA 358 49.93 -0.40 67.41
C ALA MA 358 49.39 0.34 66.21
N ILE MA 359 50.29 0.78 65.32
CA ILE MA 359 49.89 1.52 64.13
C ILE MA 359 49.04 0.64 63.23
N GLU MA 360 47.85 1.11 62.87
CA GLU MA 360 46.98 0.32 62.01
C GLU MA 360 46.05 1.25 61.25
N LEU MA 361 45.80 0.92 59.99
CA LEU MA 361 45.00 1.73 59.08
C LEU MA 361 43.63 1.12 58.85
N LYS MA 362 42.60 1.87 59.21
CA LYS MA 362 41.22 1.61 58.84
C LYS MA 362 40.65 2.93 58.31
N ASP MA 363 39.38 2.95 57.96
CA ASP MA 363 38.81 4.09 57.26
C ASP MA 363 37.82 4.84 58.16
N ASP MA 364 38.33 5.84 58.86
CA ASP MA 364 37.50 6.83 59.56
C ASP MA 364 38.30 8.11 59.74
N TRP MA 365 37.73 9.23 59.32
CA TRP MA 365 38.43 10.51 59.36
C TRP MA 365 38.62 11.04 60.77
N LEU MA 366 37.81 10.60 61.72
CA LEU MA 366 38.12 10.75 63.13
C LEU MA 366 39.22 9.75 63.46
N LYS MA 367 40.45 10.25 63.56
CA LYS MA 367 41.63 9.37 63.69
C LYS MA 367 41.70 8.84 65.11
N GLY MA 368 40.87 7.84 65.40
CA GLY MA 368 40.92 7.16 66.67
C GLY MA 368 39.82 7.45 67.66
N ARG MA 369 39.42 8.70 67.77
CA ARG MA 369 38.42 9.13 68.76
C ARG MA 369 37.01 8.91 68.24
N SER MA 370 36.07 8.80 69.18
CA SER MA 370 34.66 8.58 68.84
C SER MA 370 33.76 9.02 69.99
N PHE MA 371 32.75 9.81 69.66
CA PHE MA 371 31.81 10.37 70.62
C PHE MA 371 30.39 9.88 70.35
N GLN MA 372 29.53 10.05 71.35
CA GLN MA 372 28.11 9.84 71.22
C GLN MA 372 27.37 11.10 71.67
N TYR MA 373 26.21 11.34 71.10
CA TYR MA 373 25.53 12.63 71.23
C TYR MA 373 24.19 12.37 71.89
N GLY MA 374 24.02 12.89 73.10
CA GLY MA 374 22.69 12.92 73.67
C GLY MA 374 22.48 13.91 74.79
N ALA MA 375 21.50 14.80 74.58
CA ALA MA 375 20.77 15.53 75.61
C ALA MA 375 21.56 16.57 76.38
N GLU MA 376 22.89 16.61 76.23
CA GLU MA 376 23.69 17.66 76.84
C GLU MA 376 24.79 18.19 75.95
N GLY MA 377 25.14 17.51 74.86
CA GLY MA 377 26.34 17.81 74.13
C GLY MA 377 26.96 16.48 73.75
N TYR MA 378 28.29 16.40 73.74
CA TYR MA 378 28.96 15.18 73.34
C TYR MA 378 29.65 14.56 74.55
N ILE MA 379 29.65 13.23 74.60
CA ILE MA 379 30.31 12.47 75.65
C ILE MA 379 31.34 11.56 75.01
N LYS MA 380 32.55 11.52 75.58
CA LYS MA 380 33.61 10.68 75.05
C LYS MA 380 33.47 9.25 75.53
N MET MA 381 33.29 8.33 74.59
CA MET MA 381 33.10 6.94 74.91
C MET MA 381 34.45 6.31 75.28
N SER MA 382 34.37 5.13 75.87
CA SER MA 382 35.57 4.39 76.24
C SER MA 382 36.26 3.88 74.99
N PRO MA 383 37.59 3.73 75.03
CA PRO MA 383 38.32 3.15 73.89
C PRO MA 383 37.96 1.69 73.72
N GLY MA 384 37.41 1.36 72.55
CA GLY MA 384 37.02 0.00 72.25
C GLY MA 384 37.57 -0.40 70.90
N HIS MA 385 37.36 -1.67 70.56
CA HIS MA 385 37.91 -2.24 69.34
C HIS MA 385 37.08 -1.93 68.10
N TRP MA 386 35.76 -1.83 68.25
CA TRP MA 386 34.89 -1.51 67.13
C TRP MA 386 34.96 -0.02 66.80
N TYR MA 387 34.94 0.29 65.49
CA TYR MA 387 35.01 1.65 65.01
C TYR MA 387 33.87 1.87 64.02
N PHE MA 388 33.37 3.10 63.99
CA PHE MA 388 32.32 3.43 63.04
C PHE MA 388 32.91 3.74 61.67
N PRO MA 389 32.50 3.04 60.61
CA PRO MA 389 33.03 3.36 59.27
C PRO MA 389 32.42 4.67 58.79
N SER MA 390 33.23 5.47 58.09
CA SER MA 390 32.88 6.86 57.87
C SER MA 390 32.24 7.08 56.51
N PRO MA 391 31.00 7.57 56.44
CA PRO MA 391 30.52 8.15 55.17
C PRO MA 391 30.85 9.62 55.08
N LEU MA 392 31.57 10.00 54.02
CA LEU MA 392 31.95 11.40 53.82
C LEU MA 392 32.24 11.65 52.35
N ALA NA 171 88.64 -40.43 60.15
CA ALA NA 171 87.77 -39.29 59.93
C ALA NA 171 86.67 -39.23 60.98
N GLU NA 172 86.68 -38.17 61.78
CA GLU NA 172 85.67 -37.97 62.80
C GLU NA 172 84.44 -37.29 62.20
N LEU NA 173 83.37 -37.23 63.01
CA LEU NA 173 82.09 -36.78 62.49
C LEU NA 173 82.05 -35.28 62.32
N ASP NA 174 82.76 -34.55 63.18
CA ASP NA 174 82.73 -33.09 63.11
C ASP NA 174 83.43 -32.56 61.86
N SER NA 175 84.25 -33.38 61.21
CA SER NA 175 84.76 -32.99 59.91
C SER NA 175 83.88 -33.48 58.78
N LEU NA 176 83.03 -34.48 59.02
CA LEU NA 176 82.08 -34.91 57.99
C LEU NA 176 80.86 -34.01 57.95
N LEU NA 177 80.67 -33.17 58.95
CA LEU NA 177 79.57 -32.21 58.90
C LEU NA 177 80.01 -30.98 58.08
N GLY NA 178 79.26 -29.90 58.17
CA GLY NA 178 79.54 -28.73 57.35
C GLY NA 178 80.79 -27.98 57.79
N GLN NA 179 81.04 -26.86 57.11
CA GLN NA 179 82.23 -26.07 57.36
C GLN NA 179 82.13 -25.29 58.66
N GLU NA 180 80.97 -24.68 58.91
CA GLU NA 180 80.72 -23.93 60.12
C GLU NA 180 80.54 -24.88 61.29
N LYS NA 181 81.55 -24.99 62.14
CA LYS NA 181 81.53 -25.87 63.31
C LYS NA 181 80.93 -25.18 64.53
N GLU NA 182 79.71 -24.68 64.36
CA GLU NA 182 79.02 -23.95 65.41
C GLU NA 182 77.58 -24.39 65.61
N ARG NA 183 76.97 -25.04 64.63
CA ARG NA 183 75.57 -25.35 64.70
C ARG NA 183 75.26 -26.78 65.14
N PHE NA 184 76.23 -27.68 65.09
CA PHE NA 184 76.03 -29.05 65.55
C PHE NA 184 76.88 -29.31 66.79
N GLN NA 185 76.26 -29.93 67.79
CA GLN NA 185 76.94 -30.27 69.04
C GLN NA 185 76.94 -31.78 69.20
N VAL NA 186 78.12 -32.37 69.29
CA VAL NA 186 78.27 -33.83 69.39
C VAL NA 186 78.36 -34.24 70.86
N LEU NA 187 77.48 -35.14 71.28
CA LEU NA 187 77.47 -35.61 72.66
C LEU NA 187 77.71 -37.12 72.73
N PRO NA 188 78.68 -37.57 73.53
CA PRO NA 188 78.91 -39.00 73.69
C PRO NA 188 77.92 -39.60 74.67
N GLY NA 189 77.29 -40.72 74.30
CA GLY NA 189 76.29 -41.36 75.13
C GLY NA 189 76.89 -42.33 76.10
N ARG NA 190 76.01 -43.03 76.81
CA ARG NA 190 76.43 -44.00 77.81
C ARG NA 190 76.35 -45.42 77.29
N ASP NA 191 75.62 -45.66 76.20
CA ASP NA 191 75.47 -46.98 75.62
C ASP NA 191 76.31 -47.12 74.35
N LYS NA 192 77.52 -46.55 74.39
CA LYS NA 192 78.48 -46.50 73.28
C LYS NA 192 77.87 -46.01 71.96
N MET NA 193 76.88 -45.13 72.04
CA MET NA 193 76.30 -44.49 70.87
C MET NA 193 76.50 -42.99 70.96
N LEU NA 194 76.68 -42.34 69.81
CA LEU NA 194 77.12 -40.95 69.77
C LEU NA 194 76.05 -40.07 69.14
N TYR NA 195 75.50 -39.16 69.93
CA TYR NA 195 74.35 -38.38 69.49
C TYR NA 195 74.81 -37.05 68.92
N VAL NA 196 74.07 -36.54 67.94
CA VAL NA 196 74.31 -35.22 67.38
C VAL NA 196 73.08 -34.37 67.66
N ALA NA 197 73.29 -33.13 68.09
CA ALA NA 197 72.22 -32.26 68.55
C ALA NA 197 72.08 -31.05 67.63
N ALA NA 198 71.23 -31.18 66.63
CA ALA NA 198 70.85 -30.07 65.78
C ALA NA 198 69.84 -29.18 66.51
N GLN NA 199 69.52 -28.04 65.91
CA GLN NA 199 68.69 -27.05 66.56
C GLN NA 199 67.41 -26.70 65.82
N ASN NA 200 67.19 -27.22 64.63
CA ASN NA 200 65.92 -27.05 63.94
C ASN NA 200 65.75 -28.23 62.98
N GLU NA 201 64.66 -28.21 62.23
CA GLU NA 201 64.36 -29.36 61.39
C GLU NA 201 65.19 -29.35 60.12
N ARG NA 202 65.65 -28.18 59.70
CA ARG NA 202 66.44 -28.11 58.49
C ARG NA 202 67.85 -28.63 58.75
N ASP NA 203 68.38 -28.37 59.94
CA ASP NA 203 69.68 -28.96 60.22
C ASP NA 203 69.53 -30.39 60.69
N THR NA 204 68.32 -30.78 61.09
CA THR NA 204 68.11 -32.19 61.42
C THR NA 204 68.12 -33.01 60.14
N LEU NA 205 67.56 -32.46 59.07
CA LEU NA 205 67.64 -33.15 57.79
C LEU NA 205 69.01 -32.98 57.16
N TRP NA 206 69.79 -31.97 57.58
CA TRP NA 206 71.15 -31.87 57.09
C TRP NA 206 72.03 -32.94 57.71
N ALA NA 207 71.79 -33.27 58.97
CA ALA NA 207 72.61 -34.25 59.65
C ALA NA 207 72.12 -35.68 59.51
N ARG NA 208 70.82 -35.89 59.27
CA ARG NA 208 70.35 -37.25 59.08
C ARG NA 208 70.75 -37.81 57.72
N GLN NA 209 70.99 -36.95 56.73
CA GLN NA 209 71.40 -37.41 55.41
C GLN NA 209 72.81 -37.98 55.42
N VAL NA 210 73.68 -37.47 56.30
CA VAL NA 210 75.05 -37.96 56.36
C VAL NA 210 75.07 -39.39 56.87
N LEU NA 211 74.38 -39.65 57.98
CA LEU NA 211 74.35 -40.99 58.54
C LEU NA 211 73.47 -41.91 57.70
N ALA NA 212 72.58 -41.35 56.89
CA ALA NA 212 71.70 -42.16 56.07
C ALA NA 212 72.43 -42.68 54.84
N ARG NA 213 73.29 -41.86 54.22
CA ARG NA 213 74.04 -42.35 53.07
C ARG NA 213 75.15 -43.30 53.48
N GLY NA 214 75.54 -43.31 54.76
CA GLY NA 214 76.36 -44.36 55.29
C GLY NA 214 77.86 -44.19 55.19
N ASP NA 215 78.36 -42.96 55.27
CA ASP NA 215 79.80 -42.75 55.33
C ASP NA 215 80.30 -42.62 56.76
N TYR NA 216 79.93 -43.59 57.61
CA TYR NA 216 80.41 -43.62 58.99
C TYR NA 216 80.27 -45.03 59.53
N ASP NA 217 81.36 -45.55 60.09
CA ASP NA 217 81.43 -46.95 60.47
C ASP NA 217 80.70 -47.22 61.79
N LYS NA 218 80.77 -46.32 62.76
CA LYS NA 218 80.16 -46.59 64.05
C LYS NA 218 78.69 -46.21 64.02
N ASN NA 219 78.07 -46.21 65.19
CA ASN NA 219 76.66 -45.87 65.34
C ASN NA 219 76.52 -44.45 65.85
N ALA NA 220 75.46 -43.80 65.40
CA ALA NA 220 75.20 -42.42 65.77
C ALA NA 220 73.71 -42.18 65.64
N ARG NA 221 73.24 -41.14 66.33
CA ARG NA 221 71.83 -40.81 66.26
C ARG NA 221 71.69 -39.30 66.18
N VAL NA 222 70.54 -38.84 65.69
CA VAL NA 222 70.28 -37.42 65.54
C VAL NA 222 69.08 -37.05 66.42
N ILE NA 223 69.31 -36.17 67.39
CA ILE NA 223 68.26 -35.77 68.29
C ILE NA 223 67.80 -34.36 67.92
N ASN NA 224 66.70 -33.93 68.52
CA ASN NA 224 66.07 -32.66 68.18
C ASN NA 224 65.52 -32.04 69.46
N GLU NA 225 64.87 -30.89 69.32
CA GLU NA 225 64.21 -30.26 70.45
C GLU NA 225 62.75 -30.69 70.56
N ASN NA 226 62.04 -30.78 69.44
CA ASN NA 226 60.63 -31.16 69.48
C ASN NA 226 60.44 -32.67 69.50
N GLU NA 227 61.25 -33.40 68.73
CA GLU NA 227 61.04 -34.84 68.63
C GLU NA 227 61.49 -35.55 69.89
N GLU NA 228 62.50 -35.03 70.57
CA GLU NA 228 62.87 -35.61 71.84
C GLU NA 228 62.01 -35.11 72.98
N ASN NA 229 61.03 -34.26 72.69
CA ASN NA 229 60.03 -33.90 73.68
C ASN NA 229 58.71 -34.61 73.43
N LYS NA 230 58.47 -35.02 72.19
CA LYS NA 230 57.33 -35.88 71.88
C LYS NA 230 57.68 -37.35 72.00
N ARG NA 231 58.94 -37.66 72.32
CA ARG NA 231 59.33 -39.05 72.51
C ARG NA 231 59.23 -39.48 73.96
N ILE NA 232 59.62 -38.61 74.90
CA ILE NA 232 59.53 -38.91 76.33
C ILE NA 232 58.28 -38.33 76.95
N SER NA 233 57.27 -38.00 76.14
CA SER NA 233 55.94 -37.80 76.68
C SER NA 233 55.02 -38.97 76.37
N ILE NA 234 55.35 -39.77 75.36
CA ILE NA 234 54.65 -41.02 75.12
C ILE NA 234 55.00 -42.03 76.20
N TRP NA 235 56.26 -42.07 76.60
CA TRP NA 235 56.62 -42.94 77.71
C TRP NA 235 56.03 -42.40 79.01
N LEU NA 236 55.89 -41.08 79.13
CA LEU NA 236 55.50 -40.52 80.41
C LEU NA 236 54.01 -40.68 80.66
N ASP NA 237 53.20 -40.71 79.61
CA ASP NA 237 51.76 -40.89 79.81
C ASP NA 237 51.34 -42.36 79.72
N THR NA 238 52.23 -43.26 80.01
CA THR NA 238 51.97 -44.68 80.15
C THR NA 238 52.45 -45.18 81.50
N TYR NA 239 53.60 -44.70 81.96
CA TYR NA 239 54.13 -45.11 83.26
C TYR NA 239 53.82 -44.11 84.35
N TYR NA 240 53.56 -42.84 84.00
CA TYR NA 240 53.13 -41.85 84.98
C TYR NA 240 51.94 -41.07 84.44
N PRO NA 241 50.75 -41.69 84.40
CA PRO NA 241 49.57 -40.91 84.06
C PRO NA 241 49.15 -40.07 85.25
N GLN NA 242 48.27 -39.11 84.96
CA GLN NA 242 47.83 -38.07 85.89
C GLN NA 242 49.04 -37.30 86.43
N LEU NA 243 49.80 -36.70 85.52
CA LEU NA 243 50.96 -35.93 85.90
C LEU NA 243 50.91 -34.59 85.18
N ALA NA 244 51.07 -33.52 85.94
CA ALA NA 244 50.99 -32.17 85.40
C ALA NA 244 52.40 -31.64 85.18
N TYR NA 245 52.76 -31.51 83.91
CA TYR NA 245 54.07 -30.99 83.54
C TYR NA 245 53.90 -30.11 82.31
N TYR NA 246 54.92 -29.32 82.02
CA TYR NA 246 54.80 -28.33 80.95
C TYR NA 246 55.74 -28.62 79.79
N ARG NA 247 57.04 -28.70 80.04
CA ARG NA 247 58.01 -28.66 78.96
C ARG NA 247 59.32 -29.19 79.50
N ILE NA 248 60.14 -29.76 78.63
CA ILE NA 248 61.49 -30.19 78.96
C ILE NA 248 62.45 -29.36 78.14
N HIS NA 249 63.31 -28.61 78.81
CA HIS NA 249 64.17 -27.64 78.14
C HIS NA 249 65.56 -28.22 77.98
N PHE NA 250 66.15 -28.04 76.80
CA PHE NA 250 67.46 -28.57 76.47
C PHE NA 250 68.43 -27.46 76.09
N ASP NA 251 68.45 -26.38 76.87
CA ASP NA 251 69.38 -25.31 76.59
C ASP NA 251 70.83 -25.73 76.85
N GLU NA 252 71.08 -26.37 77.98
CA GLU NA 252 72.33 -27.07 78.21
C GLU NA 252 72.07 -28.56 78.12
N PRO NA 253 72.51 -29.26 77.08
CA PRO NA 253 72.00 -30.61 76.82
C PRO NA 253 72.55 -31.66 77.76
N ARG NA 254 73.51 -31.34 78.62
CA ARG NA 254 73.92 -32.31 79.62
C ARG NA 254 73.14 -32.19 80.91
N LYS NA 255 72.40 -31.11 81.10
CA LYS NA 255 71.53 -30.97 82.27
C LYS NA 255 70.22 -30.34 81.86
N PRO NA 256 69.26 -31.13 81.40
CA PRO NA 256 67.96 -30.57 81.04
C PRO NA 256 67.16 -30.17 82.27
N VAL NA 257 66.21 -29.28 82.04
CA VAL NA 257 65.33 -28.75 83.09
C VAL NA 257 63.91 -29.24 82.83
N PHE NA 258 63.33 -29.90 83.82
CA PHE NA 258 62.00 -30.49 83.76
C PHE NA 258 61.06 -29.59 84.56
N TRP NA 259 60.29 -28.78 83.83
CA TRP NA 259 59.36 -27.82 84.41
C TRP NA 259 58.10 -28.53 84.84
N LEU NA 260 57.98 -28.80 86.14
CA LEU NA 260 56.83 -29.46 86.72
C LEU NA 260 55.89 -28.43 87.34
N SER NA 261 54.65 -28.85 87.55
CA SER NA 261 53.66 -28.02 88.20
C SER NA 261 53.76 -28.19 89.70
N ARG NA 262 53.06 -27.35 90.43
CA ARG NA 262 53.17 -27.38 91.89
C ARG NA 262 51.85 -27.65 92.60
N GLN NA 263 50.77 -27.03 92.17
CA GLN NA 263 49.49 -27.13 92.85
C GLN NA 263 48.61 -28.23 92.31
N ARG NA 264 49.17 -29.14 91.52
CA ARG NA 264 48.37 -30.23 90.97
C ARG NA 264 48.93 -31.62 91.23
N ASN NA 265 50.13 -31.75 91.78
CA ASN NA 265 50.67 -33.07 92.08
C ASN NA 265 51.25 -33.08 93.49
N THR NA 266 51.18 -34.22 94.15
CA THR NA 266 51.57 -34.34 95.54
C THR NA 266 52.59 -35.45 95.75
N MET NA 267 53.60 -35.50 94.90
CA MET NA 267 54.65 -36.50 95.05
C MET NA 267 55.64 -36.07 96.13
N SER NA 268 56.23 -37.05 96.81
CA SER NA 268 57.14 -36.75 97.90
C SER NA 268 58.54 -36.48 97.35
N LYS NA 269 59.51 -36.39 98.26
CA LYS NA 269 60.89 -36.15 97.86
C LYS NA 269 61.49 -37.39 97.23
N LYS NA 270 61.20 -38.56 97.80
CA LYS NA 270 61.74 -39.79 97.26
C LYS NA 270 61.04 -40.10 95.96
N GLU NA 271 59.74 -39.80 95.87
CA GLU NA 271 59.01 -40.08 94.64
C GLU NA 271 59.42 -39.12 93.53
N LEU NA 272 60.02 -37.97 93.84
CA LEU NA 272 60.61 -37.15 92.80
C LEU NA 272 62.02 -37.61 92.44
N GLU NA 273 62.71 -38.23 93.39
CA GLU NA 273 64.05 -38.73 93.10
C GLU NA 273 64.01 -40.00 92.28
N VAL NA 274 62.96 -40.81 92.44
CA VAL NA 274 62.85 -42.00 91.60
C VAL NA 274 62.34 -41.62 90.22
N LEU NA 275 61.73 -40.44 90.10
CA LEU NA 275 61.33 -39.99 88.77
C LEU NA 275 62.53 -39.45 88.05
N SER NA 276 63.44 -38.82 88.78
CA SER NA 276 64.66 -38.33 88.15
C SER NA 276 65.56 -39.50 87.76
N GLN NA 277 65.62 -40.54 88.59
CA GLN NA 277 66.44 -41.70 88.25
C GLN NA 277 65.82 -42.57 87.18
N LYS NA 278 64.51 -42.47 86.94
CA LYS NA 278 63.89 -43.20 85.84
C LYS NA 278 63.73 -42.35 84.60
N LEU NA 279 64.07 -41.06 84.69
CA LEU NA 279 64.19 -40.23 83.51
C LEU NA 279 65.62 -40.10 83.03
N ARG NA 280 66.59 -40.29 83.93
CA ARG NA 280 67.97 -40.26 83.49
C ARG NA 280 68.29 -41.49 82.64
N ALA NA 281 67.60 -42.61 82.90
CA ALA NA 281 67.80 -43.81 82.09
C ALA NA 281 67.21 -43.67 80.70
N LEU NA 282 66.28 -42.73 80.50
CA LEU NA 282 65.70 -42.56 79.18
C LEU NA 282 66.55 -41.71 78.26
N MET NA 283 67.30 -40.77 78.82
CA MET NA 283 68.19 -39.93 78.01
C MET NA 283 69.62 -40.34 78.30
N PRO NA 284 70.25 -41.13 77.43
CA PRO NA 284 71.59 -41.61 77.76
C PRO NA 284 72.65 -40.53 77.62
N TYR NA 285 72.39 -39.47 76.87
CA TYR NA 285 73.40 -38.43 76.73
C TYR NA 285 73.47 -37.51 77.93
N ALA NA 286 72.41 -37.43 78.72
CA ALA NA 286 72.37 -36.49 79.82
C ALA NA 286 73.13 -37.03 81.03
N ASP NA 287 73.49 -36.12 81.94
CA ASP NA 287 74.16 -36.51 83.17
C ASP NA 287 73.18 -36.57 84.35
N SER NA 288 72.33 -35.56 84.47
CA SER NA 288 71.32 -35.54 85.52
C SER NA 288 70.21 -34.60 85.08
N VAL NA 289 68.99 -35.01 85.33
CA VAL NA 289 67.82 -34.21 84.98
C VAL NA 289 67.45 -33.39 86.20
N ASN NA 290 67.28 -32.09 86.02
CA ASN NA 290 66.97 -31.19 87.12
C ASN NA 290 65.50 -30.87 87.02
N ILE NA 291 64.78 -31.05 88.13
CA ILE NA 291 63.33 -30.89 88.16
C ILE NA 291 63.02 -29.67 89.01
N THR NA 292 62.39 -28.68 88.39
CA THR NA 292 61.97 -27.49 89.12
C THR NA 292 60.46 -27.39 89.06
N LEU NA 293 59.88 -26.88 90.14
CA LEU NA 293 58.45 -26.70 90.27
C LEU NA 293 58.09 -25.24 90.11
N MET NA 294 57.10 -24.96 89.25
CA MET NA 294 56.73 -23.58 89.00
C MET NA 294 55.29 -23.32 89.41
N ASP NA 295 54.96 -22.05 89.59
CA ASP NA 295 53.62 -21.67 89.97
C ASP NA 295 52.66 -21.84 88.81
N ASP NA 296 51.46 -22.29 89.11
CA ASP NA 296 50.42 -22.43 88.10
C ASP NA 296 49.69 -21.13 87.82
N VAL NA 297 49.83 -20.14 88.69
CA VAL NA 297 49.12 -18.87 88.51
C VAL NA 297 49.87 -17.94 87.56
N THR NA 298 51.20 -17.90 87.64
CA THR NA 298 51.96 -17.03 86.76
C THR NA 298 52.02 -17.56 85.34
N ALA NA 299 51.69 -18.82 85.13
CA ALA NA 299 51.66 -19.35 83.79
C ALA NA 299 50.44 -18.83 83.04
N ALA NA 300 49.32 -18.69 83.72
CA ALA NA 300 48.17 -18.11 83.07
C ALA NA 300 48.10 -16.60 83.30
N GLY NA 301 49.01 -16.05 84.07
CA GLY NA 301 49.03 -14.61 84.24
C GLY NA 301 49.88 -13.91 83.21
N GLN NA 302 51.00 -14.54 82.81
CA GLN NA 302 51.81 -13.93 81.77
C GLN NA 302 51.15 -14.03 80.40
N ALA NA 303 50.27 -15.02 80.22
CA ALA NA 303 49.58 -15.17 78.95
C ALA NA 303 48.48 -14.13 78.80
N GLU NA 304 47.95 -13.62 79.90
CA GLU NA 304 46.93 -12.59 79.81
C GLU NA 304 47.56 -11.21 79.84
N ALA NA 305 48.70 -11.07 80.53
CA ALA NA 305 49.38 -9.79 80.53
C ALA NA 305 50.02 -9.52 79.19
N GLY NA 306 50.37 -10.58 78.45
CA GLY NA 306 50.86 -10.33 77.11
C GLY NA 306 49.73 -10.19 76.11
N LEU NA 307 48.56 -10.76 76.40
CA LEU NA 307 47.43 -10.64 75.50
C LEU NA 307 46.71 -9.31 75.64
N LYS NA 308 46.85 -8.63 76.77
CA LYS NA 308 46.25 -7.32 76.90
C LYS NA 308 47.12 -6.23 76.31
N GLN NA 309 48.43 -6.48 76.23
CA GLN NA 309 49.34 -5.47 75.72
C GLN NA 309 49.22 -5.32 74.21
N GLN NA 310 48.88 -6.41 73.52
CA GLN NA 310 48.71 -6.34 72.06
C GLN NA 310 47.35 -5.83 71.62
N ALA NA 311 46.45 -5.53 72.57
CA ALA NA 311 45.11 -4.99 72.29
C ALA NA 311 44.28 -5.90 71.39
N LEU NA 312 44.20 -7.17 71.76
CA LEU NA 312 43.40 -8.13 71.01
C LEU NA 312 42.12 -8.47 71.76
N PRO NA 313 40.99 -8.58 71.07
CA PRO NA 313 39.76 -8.98 71.76
C PRO NA 313 39.80 -10.46 72.09
N TYR NA 314 39.43 -10.79 73.32
CA TYR NA 314 39.57 -12.16 73.78
C TYR NA 314 38.51 -12.47 74.83
N SER NA 315 38.42 -13.75 75.16
CA SER NA 315 37.52 -14.20 76.21
C SER NA 315 38.17 -15.39 76.90
N ARG NA 316 38.21 -15.35 78.23
CA ARG NA 316 38.89 -16.35 79.03
C ARG NA 316 37.88 -17.29 79.68
N ARG NA 317 38.10 -18.59 79.56
CA ARG NA 317 37.19 -19.57 80.14
C ARG NA 317 37.98 -20.42 81.12
N ASN NA 318 37.96 -20.02 82.39
CA ASN NA 318 38.64 -20.78 83.42
C ASN NA 318 37.89 -22.05 83.77
N HIS NA 319 38.62 -23.15 83.90
CA HIS NA 319 38.09 -24.35 84.54
C HIS NA 319 39.26 -25.12 85.16
N LYS NA 320 38.95 -26.24 85.80
CA LYS NA 320 39.95 -27.03 86.49
C LYS NA 320 40.77 -27.85 85.51
N GLY NA 321 42.08 -27.88 85.72
CA GLY NA 321 42.97 -28.65 84.90
C GLY NA 321 43.36 -28.05 83.57
N GLY NA 322 43.32 -26.73 83.45
CA GLY NA 322 43.74 -26.03 82.24
C GLY NA 322 42.80 -24.88 81.99
N VAL NA 323 43.31 -23.86 81.30
CA VAL NA 323 42.48 -22.74 80.88
C VAL NA 323 42.46 -22.67 79.36
N THR NA 324 41.61 -21.79 78.84
CA THR NA 324 41.49 -21.62 77.41
C THR NA 324 41.08 -20.20 77.07
N PHE NA 325 41.66 -19.69 75.99
CA PHE NA 325 41.41 -18.34 75.51
C PHE NA 325 40.81 -18.41 74.12
N VAL NA 326 39.72 -17.69 73.91
CA VAL NA 326 39.01 -17.67 72.64
C VAL NA 326 39.16 -16.29 72.05
N ILE NA 327 39.67 -16.22 70.82
CA ILE NA 327 39.88 -14.97 70.12
C ILE NA 327 38.91 -14.99 68.93
N GLN NA 328 37.84 -14.24 69.05
CA GLN NA 328 36.78 -14.13 68.08
C GLN NA 328 36.80 -12.73 67.46
N GLY NA 329 35.95 -12.51 66.48
CA GLY NA 329 35.77 -11.21 65.85
C GLY NA 329 36.32 -11.17 64.44
N ALA NA 330 35.98 -10.09 63.75
CA ALA NA 330 36.46 -9.84 62.39
C ALA NA 330 37.78 -9.09 62.50
N LEU NA 331 38.83 -9.84 62.80
CA LEU NA 331 40.14 -9.22 62.93
C LEU NA 331 40.70 -8.80 61.58
N ASP NA 332 41.49 -7.73 61.58
CA ASP NA 332 42.10 -7.23 60.37
C ASP NA 332 43.48 -7.87 60.17
N ASP NA 333 44.26 -7.29 59.25
CA ASP NA 333 45.48 -7.95 58.79
C ASP NA 333 46.62 -7.89 59.79
N VAL NA 334 46.76 -6.78 60.52
CA VAL NA 334 47.87 -6.67 61.46
C VAL NA 334 47.59 -7.38 62.78
N GLU NA 335 46.33 -7.72 63.03
CA GLU NA 335 46.00 -8.38 64.27
C GLU NA 335 46.21 -9.89 64.18
N ILE NA 336 46.23 -10.44 62.97
CA ILE NA 336 46.57 -11.84 62.85
C ILE NA 336 48.02 -12.04 62.56
N LEU NA 337 48.77 -10.95 62.46
CA LEU NA 337 50.22 -11.06 62.45
C LEU NA 337 50.76 -10.95 63.86
N ARG NA 338 50.16 -10.07 64.67
CA ARG NA 338 50.58 -10.02 66.07
C ARG NA 338 50.07 -11.22 66.86
N ALA NA 339 49.00 -11.87 66.42
CA ALA NA 339 48.55 -13.03 67.18
C ALA NA 339 49.45 -14.23 66.94
N ARG NA 340 49.99 -14.37 65.73
CA ARG NA 340 50.91 -15.47 65.50
C ARG NA 340 52.28 -15.18 66.09
N GLN NA 341 52.69 -13.91 66.11
CA GLN NA 341 54.00 -13.61 66.65
C GLN NA 341 53.99 -13.75 68.16
N PHE NA 342 52.82 -13.68 68.77
CA PHE NA 342 52.77 -13.87 70.21
C PHE NA 342 52.55 -15.33 70.56
N VAL NA 343 51.73 -16.03 69.78
CA VAL NA 343 51.43 -17.43 70.09
C VAL NA 343 52.65 -18.32 69.86
N ASP NA 344 53.37 -18.14 68.75
CA ASP NA 344 54.54 -18.98 68.54
C ASP NA 344 55.73 -18.63 69.44
N SER NA 345 55.72 -17.46 70.07
CA SER NA 345 56.74 -17.18 71.06
C SER NA 345 56.32 -17.58 72.46
N TYR NA 346 55.02 -17.76 72.69
CA TYR NA 346 54.60 -18.30 73.98
C TYR NA 346 54.65 -19.81 74.02
N TYR NA 347 54.39 -20.46 72.88
CA TYR NA 347 54.42 -21.92 72.85
C TYR NA 347 55.83 -22.47 72.99
N ARG NA 348 56.84 -21.71 72.58
CA ARG NA 348 58.21 -22.17 72.74
C ARG NA 348 58.60 -22.14 74.20
N THR NA 349 58.07 -21.19 74.96
CA THR NA 349 58.46 -21.04 76.35
C THR NA 349 57.71 -22.01 77.24
N TRP NA 350 56.39 -22.11 77.08
CA TRP NA 350 55.60 -22.87 78.04
C TRP NA 350 55.05 -24.19 77.53
N GLY NA 351 54.76 -24.32 76.26
CA GLY NA 351 54.13 -25.52 75.76
C GLY NA 351 52.61 -25.49 75.92
N GLY NA 352 51.96 -26.34 75.15
CA GLY NA 352 50.51 -26.34 75.09
C GLY NA 352 49.78 -27.36 75.94
N ARG NA 353 50.23 -27.58 77.17
CA ARG NA 353 49.59 -28.56 78.04
C ARG NA 353 48.61 -27.95 79.03
N TYR NA 354 48.72 -26.67 79.33
CA TYR NA 354 47.88 -26.00 80.32
C TYR NA 354 46.93 -24.98 79.71
N VAL NA 355 47.46 -24.04 78.94
CA VAL NA 355 46.69 -22.95 78.37
C VAL NA 355 46.68 -23.10 76.85
N GLN NA 356 45.50 -22.99 76.24
CA GLN NA 356 45.37 -23.18 74.81
C GLN NA 356 44.55 -22.05 74.20
N PHE NA 357 45.06 -21.51 73.10
CA PHE NA 357 44.42 -20.43 72.36
C PHE NA 357 43.60 -21.00 71.22
N ALA NA 358 42.46 -20.38 70.94
CA ALA NA 358 41.52 -20.82 69.91
C ALA NA 358 41.18 -19.57 69.11
N ILE NA 359 41.90 -19.34 68.01
CA ILE NA 359 41.67 -18.18 67.16
C ILE NA 359 40.68 -18.57 66.08
N GLU NA 360 39.47 -18.03 66.14
CA GLU NA 360 38.50 -18.19 65.08
C GLU NA 360 38.02 -16.82 64.63
N LEU NA 361 38.01 -16.60 63.32
CA LEU NA 361 37.63 -15.32 62.75
C LEU NA 361 36.31 -15.46 61.99
N LYS NA 362 35.42 -14.50 62.17
CA LYS NA 362 34.13 -14.58 61.50
C LYS NA 362 33.93 -13.31 60.70
N ASP NA 363 32.72 -13.10 60.19
CA ASP NA 363 32.44 -11.92 59.39
C ASP NA 363 31.42 -11.06 60.10
N ASP NA 364 31.51 -9.75 59.86
CA ASP NA 364 30.70 -8.80 60.60
C ASP NA 364 29.34 -8.62 59.93
N TRP NA 365 28.30 -8.80 60.72
CA TRP NA 365 26.94 -8.59 60.25
C TRP NA 365 26.61 -7.11 60.22
N LEU NA 366 27.17 -6.35 61.17
CA LEU NA 366 26.84 -4.95 61.34
C LEU NA 366 27.81 -4.04 60.58
N LYS NA 367 27.78 -4.17 59.26
CA LYS NA 367 28.60 -3.28 58.44
C LYS NA 367 27.82 -2.06 58.00
N GLY NA 368 26.70 -2.27 57.31
CA GLY NA 368 25.80 -1.20 56.90
C GLY NA 368 24.51 -1.16 57.68
N ARG NA 369 24.38 -1.99 58.69
CA ARG NA 369 23.14 -2.07 59.45
C ARG NA 369 23.14 -1.11 60.63
N SER NA 370 21.94 -0.78 61.09
CA SER NA 370 21.71 0.00 62.30
C SER NA 370 21.16 -0.91 63.39
N PHE NA 371 21.75 -0.80 64.57
CA PHE NA 371 21.42 -1.72 65.64
C PHE NA 371 21.39 -0.98 66.96
N GLN NA 372 20.77 -1.61 67.95
CA GLN NA 372 20.74 -1.06 69.30
C GLN NA 372 21.50 -2.04 70.17
N TYR NA 373 22.50 -1.55 70.87
CA TYR NA 373 23.30 -2.36 71.78
C TYR NA 373 22.95 -2.04 73.23
N GLY NA 374 23.41 -2.91 74.13
CA GLY NA 374 23.21 -2.71 75.54
C GLY NA 374 22.48 -3.87 76.17
N ALA NA 375 21.34 -3.59 76.80
CA ALA NA 375 20.59 -4.62 77.49
C ALA NA 375 19.76 -5.43 76.50
N GLU NA 376 18.84 -4.77 75.79
CA GLU NA 376 17.99 -5.41 74.81
C GLU NA 376 18.51 -5.05 73.43
N GLY NA 377 19.43 -5.85 72.92
CA GLY NA 377 20.08 -5.57 71.66
C GLY NA 377 19.31 -6.18 70.50
N TYR NA 378 19.24 -5.44 69.39
CA TYR NA 378 18.69 -5.99 68.17
C TYR NA 378 19.33 -5.33 66.96
N ILE NA 379 19.27 -6.02 65.84
CA ILE NA 379 19.86 -5.53 64.59
C ILE NA 379 18.79 -5.37 63.53
N LYS NA 380 18.59 -4.14 63.07
CA LYS NA 380 17.59 -3.91 62.03
C LYS NA 380 18.28 -4.23 60.71
N MET NA 381 18.05 -5.44 60.20
CA MET NA 381 18.69 -5.84 58.95
C MET NA 381 18.15 -5.11 57.73
N SER NA 382 17.02 -4.46 57.87
CA SER NA 382 16.33 -3.78 56.79
C SER NA 382 15.33 -2.85 57.42
N PRO NA 383 14.79 -1.88 56.67
CA PRO NA 383 13.71 -1.06 57.22
C PRO NA 383 12.49 -1.86 57.66
N GLY NA 384 12.30 -3.07 57.15
CA GLY NA 384 11.21 -3.90 57.60
C GLY NA 384 11.66 -5.25 58.11
N HIS NA 385 12.78 -5.32 58.83
CA HIS NA 385 13.30 -6.61 59.27
C HIS NA 385 14.12 -6.40 60.54
N TRP NA 386 13.75 -7.13 61.58
CA TRP NA 386 14.43 -7.11 62.87
C TRP NA 386 15.09 -8.45 63.12
N TYR NA 387 16.24 -8.43 63.80
CA TYR NA 387 16.93 -9.66 64.15
C TYR NA 387 17.24 -9.60 65.64
N PHE NA 388 16.68 -10.54 66.40
CA PHE NA 388 16.86 -10.61 67.84
C PHE NA 388 17.81 -11.75 68.19
N PRO NA 389 19.06 -11.46 68.53
CA PRO NA 389 20.00 -12.54 68.83
C PRO NA 389 19.86 -12.99 70.27
N SER NA 390 20.24 -14.24 70.50
CA SER NA 390 20.20 -14.83 71.83
C SER NA 390 21.60 -14.92 72.39
N PRO NA 391 21.97 -14.08 73.37
CA PRO NA 391 23.31 -14.08 73.96
C PRO NA 391 23.48 -15.14 75.05
N ALA OA 171 74.64 -64.91 57.50
CA ALA OA 171 74.52 -63.49 57.79
C ALA OA 171 73.49 -63.25 58.87
N GLU OA 172 73.76 -62.31 59.76
CA GLU OA 172 72.81 -62.03 60.83
C GLU OA 172 71.63 -61.22 60.29
N LEU OA 173 70.59 -61.12 61.11
CA LEU OA 173 69.36 -60.52 60.63
C LEU OA 173 69.41 -59.00 60.59
N ASP OA 174 70.00 -58.37 61.61
CA ASP OA 174 69.96 -56.92 61.71
C ASP OA 174 70.86 -56.22 60.70
N SER OA 175 71.74 -56.96 60.03
CA SER OA 175 72.51 -56.38 58.95
C SER OA 175 71.78 -56.45 57.62
N LEU OA 176 70.80 -57.34 57.49
CA LEU OA 176 70.01 -57.44 56.27
C LEU OA 176 68.91 -56.39 56.20
N LEU OA 177 68.61 -55.71 57.28
CA LEU OA 177 67.68 -54.60 57.24
C LEU OA 177 68.41 -53.34 56.77
N GLY OA 178 67.77 -52.19 56.95
CA GLY OA 178 68.30 -50.95 56.45
C GLY OA 178 69.55 -50.47 57.18
N GLN OA 179 70.00 -49.30 56.75
CA GLN OA 179 71.21 -48.70 57.31
C GLN OA 179 70.96 -48.17 58.71
N GLU OA 180 69.84 -47.49 58.91
CA GLU OA 180 69.49 -46.93 60.22
C GLU OA 180 69.10 -48.07 61.14
N LYS OA 181 70.04 -48.50 61.97
CA LYS OA 181 69.80 -49.61 62.87
C LYS OA 181 69.30 -49.15 64.24
N GLU OA 182 68.25 -48.32 64.25
CA GLU OA 182 67.68 -47.88 65.51
C GLU OA 182 66.17 -47.94 65.51
N ARG OA 183 65.55 -48.32 64.39
CA ARG OA 183 64.11 -48.42 64.34
C ARG OA 183 63.60 -49.85 64.44
N PHE OA 184 64.44 -50.84 64.18
CA PHE OA 184 64.01 -52.21 64.33
C PHE OA 184 64.68 -52.83 65.54
N GLN OA 185 63.99 -53.78 66.14
CA GLN OA 185 64.45 -54.44 67.35
C GLN OA 185 64.22 -55.94 67.22
N VAL OA 186 65.28 -56.71 67.21
CA VAL OA 186 65.19 -58.15 67.04
C VAL OA 186 65.08 -58.80 68.43
N LEU OA 187 64.06 -59.64 68.58
CA LEU OA 187 63.70 -60.25 69.85
C LEU OA 187 63.68 -61.76 69.71
N PRO OA 188 64.46 -62.49 70.52
CA PRO OA 188 64.39 -63.95 70.46
C PRO OA 188 63.13 -64.45 71.14
N GLY OA 189 62.41 -65.36 70.49
CA GLY OA 189 61.19 -65.90 71.03
C GLY OA 189 61.45 -67.13 71.86
N ARG OA 190 60.39 -67.67 72.41
CA ARG OA 190 60.48 -68.89 73.19
C ARG OA 190 60.23 -70.12 72.35
N ASP OA 191 59.54 -69.99 71.22
CA ASP OA 191 59.28 -71.09 70.31
C ASP OA 191 60.32 -71.21 69.20
N LYS OA 192 61.57 -70.79 69.47
CA LYS OA 192 62.70 -70.82 68.52
C LYS OA 192 62.41 -70.04 67.24
N MET OA 193 61.87 -68.83 67.41
CA MET OA 193 61.66 -67.92 66.29
C MET OA 193 62.28 -66.56 66.61
N LEU OA 194 62.46 -65.76 65.57
CA LEU OA 194 63.15 -64.48 65.72
C LEU OA 194 62.21 -63.38 65.25
N TYR OA 195 61.74 -62.58 66.19
CA TYR OA 195 60.74 -61.57 65.90
C TYR OA 195 61.39 -60.22 65.67
N VAL OA 196 60.84 -59.42 64.76
CA VAL OA 196 61.30 -58.05 64.54
C VAL OA 196 60.14 -57.12 64.92
N ALA OA 197 60.45 -56.06 65.67
CA ALA OA 197 59.43 -55.19 66.22
C ALA OA 197 59.59 -53.78 65.63
N ALA OA 198 58.76 -53.47 64.64
CA ALA OA 198 58.63 -52.14 64.05
C ALA OA 198 57.73 -51.25 64.89
N GLN OA 199 57.45 -50.05 64.38
CA GLN OA 199 56.67 -49.07 65.12
C GLN OA 199 55.58 -48.36 64.31
N ASN OA 200 55.44 -48.64 63.02
CA ASN OA 200 54.31 -48.14 62.24
C ASN OA 200 54.02 -49.16 61.14
N GLU OA 201 53.23 -48.76 60.16
CA GLU OA 201 52.85 -49.68 59.10
C GLU OA 201 53.70 -49.55 57.85
N ARG OA 202 54.46 -48.47 57.71
CA ARG OA 202 55.36 -48.34 56.58
C ARG OA 202 56.62 -49.17 56.78
N ASP OA 203 57.13 -49.21 57.99
CA ASP OA 203 58.30 -50.02 58.23
C ASP OA 203 57.94 -51.47 58.49
N THR OA 204 56.66 -51.76 58.72
CA THR OA 204 56.25 -53.15 58.78
C THR OA 204 56.29 -53.77 57.39
N LEU OA 205 55.87 -53.02 56.37
CA LEU OA 205 56.01 -53.53 55.01
C LEU OA 205 57.45 -53.49 54.53
N TRP OA 206 58.28 -52.64 55.15
CA TRP OA 206 59.69 -52.62 54.80
C TRP OA 206 60.38 -53.88 55.29
N ALA OA 207 59.97 -54.40 56.45
CA ALA OA 207 60.61 -55.60 56.94
C ALA OA 207 59.94 -56.86 56.40
N ARG OA 208 58.64 -56.80 56.09
CA ARG OA 208 58.00 -57.96 55.53
C ARG OA 208 58.43 -58.20 54.10
N GLN OA 209 58.90 -57.16 53.39
CA GLN OA 209 59.44 -57.42 52.06
C GLN OA 209 60.77 -58.16 52.16
N VAL OA 210 61.54 -57.91 53.22
CA VAL OA 210 62.81 -58.60 53.42
C VAL OA 210 62.55 -60.06 53.71
N LEU OA 211 61.65 -60.35 54.66
CA LEU OA 211 61.43 -61.74 55.00
C LEU OA 211 60.59 -62.47 53.96
N ALA OA 212 59.95 -61.76 53.03
CA ALA OA 212 59.16 -62.40 51.99
C ALA OA 212 59.96 -62.68 50.74
N ARG OA 213 60.98 -61.86 50.44
CA ARG OA 213 61.83 -62.18 49.29
C ARG OA 213 62.80 -63.31 49.59
N GLY OA 214 63.01 -63.62 50.86
CA GLY OA 214 63.69 -64.85 51.23
C GLY OA 214 65.17 -64.76 51.45
N ASP OA 215 65.67 -63.61 51.91
CA ASP OA 215 67.09 -63.53 52.27
C ASP OA 215 67.31 -63.79 53.75
N TYR OA 216 66.72 -64.86 54.27
CA TYR OA 216 66.98 -65.31 55.63
C TYR OA 216 66.62 -66.79 55.70
N ASP OA 217 67.55 -67.61 56.15
CA ASP OA 217 67.38 -69.07 56.04
C ASP OA 217 66.62 -69.68 57.20
N LYS OA 218 66.50 -69.00 58.32
CA LYS OA 218 65.78 -69.53 59.47
C LYS OA 218 64.40 -68.89 59.55
N ASN OA 219 63.68 -69.18 60.62
CA ASN OA 219 62.34 -68.64 60.80
C ASN OA 219 62.38 -67.25 61.40
N ALA OA 220 61.46 -66.41 60.94
CA ALA OA 220 61.39 -65.03 61.41
C ALA OA 220 59.98 -64.52 61.21
N ARG OA 221 59.63 -63.50 61.99
CA ARG OA 221 58.30 -62.90 61.92
C ARG OA 221 58.41 -61.40 62.19
N VAL OA 222 57.41 -60.67 61.72
CA VAL OA 222 57.30 -59.22 61.90
C VAL OA 222 56.08 -58.92 62.76
N ILE OA 223 56.29 -58.24 63.88
CA ILE OA 223 55.20 -57.86 64.75
C ILE OA 223 55.04 -56.34 64.64
N ASN OA 224 53.98 -55.83 65.25
CA ASN OA 224 53.57 -54.45 65.20
C ASN OA 224 53.01 -54.13 66.57
N GLU OA 225 52.31 -53.01 66.69
CA GLU OA 225 51.62 -52.70 67.93
C GLU OA 225 50.11 -52.85 67.81
N ASN OA 226 49.53 -52.41 66.71
CA ASN OA 226 48.11 -52.60 66.48
C ASN OA 226 47.79 -54.03 66.13
N GLU OA 227 48.66 -54.71 65.38
CA GLU OA 227 48.33 -56.09 65.03
C GLU OA 227 48.46 -56.99 66.24
N GLU OA 228 49.36 -56.66 67.17
CA GLU OA 228 49.39 -57.50 68.36
C GLU OA 228 48.31 -57.10 69.34
N ASN OA 229 47.84 -55.86 69.32
CA ASN OA 229 46.76 -55.55 70.25
C ASN OA 229 45.42 -56.01 69.71
N LYS OA 230 45.37 -56.40 68.43
CA LYS OA 230 44.17 -57.02 67.90
C LYS OA 230 44.24 -58.54 67.78
N ARG OA 231 45.43 -59.13 67.80
CA ARG OA 231 45.51 -60.58 67.72
C ARG OA 231 45.11 -61.25 69.02
N ILE OA 232 45.57 -60.71 70.15
CA ILE OA 232 45.23 -61.27 71.45
C ILE OA 232 44.04 -60.54 72.08
N SER OA 233 43.26 -59.84 71.25
CA SER OA 233 41.94 -59.40 71.63
C SER OA 233 40.85 -60.30 71.07
N ILE OA 234 41.16 -61.07 70.02
CA ILE OA 234 40.24 -62.13 69.58
C ILE OA 234 40.23 -63.28 70.58
N TRP OA 235 41.40 -63.58 71.16
CA TRP OA 235 41.50 -64.67 72.12
C TRP OA 235 40.73 -64.38 73.41
N LEU OA 236 40.64 -63.11 73.79
CA LEU OA 236 39.84 -62.76 74.95
C LEU OA 236 38.36 -62.75 74.65
N ASP OA 237 37.95 -62.82 73.39
CA ASP OA 237 36.53 -62.90 73.09
C ASP OA 237 36.02 -64.33 73.14
N THR OA 238 36.90 -65.29 73.33
CA THR OA 238 36.56 -66.69 73.38
C THR OA 238 36.85 -67.31 74.73
N TYR OA 239 38.01 -67.04 75.30
CA TYR OA 239 38.39 -67.71 76.54
C TYR OA 239 38.09 -66.91 77.78
N TYR OA 240 37.93 -65.59 77.68
CA TYR OA 240 37.55 -64.75 78.81
C TYR OA 240 36.49 -63.73 78.42
N PRO OA 241 35.25 -64.17 78.20
CA PRO OA 241 34.21 -63.23 77.85
C PRO OA 241 33.75 -62.46 79.08
N GLN OA 242 32.99 -61.39 78.82
CA GLN OA 242 32.52 -60.43 79.82
C GLN OA 242 33.68 -59.82 80.59
N LEU OA 243 34.79 -59.58 79.90
CA LEU OA 243 35.96 -58.96 80.51
C LEU OA 243 36.00 -57.49 80.15
N ALA OA 244 36.48 -56.67 81.08
CA ALA OA 244 36.56 -55.22 80.91
C ALA OA 244 38.04 -54.82 80.93
N TYR OA 245 38.61 -54.51 79.77
CA TYR OA 245 40.00 -54.08 79.72
C TYR OA 245 40.12 -52.91 78.76
N TYR OA 246 41.30 -52.29 78.74
CA TYR OA 246 41.53 -51.09 77.93
C TYR OA 246 42.55 -51.30 76.83
N ARG OA 247 43.77 -51.71 77.17
CA ARG OA 247 44.87 -51.52 76.23
C ARG OA 247 46.06 -52.34 76.71
N ILE OA 248 46.89 -52.76 75.76
CA ILE OA 248 48.17 -53.41 76.06
C ILE OA 248 49.29 -52.53 75.54
N HIS OA 249 50.21 -52.14 76.40
CA HIS OA 249 51.25 -51.18 76.05
C HIS OA 249 52.58 -51.89 75.86
N PHE OA 250 53.33 -51.44 74.85
CA PHE OA 250 54.58 -52.07 74.47
C PHE OA 250 55.72 -51.06 74.43
N ASP OA 251 55.88 -50.27 75.48
CA ASP OA 251 56.96 -49.30 75.48
C ASP OA 251 58.34 -49.95 75.60
N GLU OA 252 58.43 -51.09 76.27
CA GLU OA 252 59.51 -52.03 76.04
C GLU OA 252 58.85 -53.39 75.79
N PRO OA 253 59.25 -54.11 74.75
CA PRO OA 253 58.51 -55.33 74.38
C PRO OA 253 58.78 -56.51 75.26
N ARG OA 254 59.73 -56.43 76.19
CA ARG OA 254 60.03 -57.56 77.04
C ARG OA 254 59.22 -57.59 78.32
N LYS OA 255 58.64 -56.46 78.75
CA LYS OA 255 57.77 -56.41 79.91
C LYS OA 255 56.55 -55.56 79.59
N PRO OA 256 55.56 -56.11 78.90
CA PRO OA 256 54.36 -55.33 78.57
C PRO OA 256 53.43 -55.16 79.75
N VAL OA 257 52.71 -54.04 79.73
CA VAL OA 257 51.77 -53.66 80.78
C VAL OA 257 50.36 -53.88 80.25
N PHE OA 258 49.50 -54.49 81.07
CA PHE OA 258 48.13 -54.81 80.70
C PHE OA 258 47.18 -53.96 81.54
N TRP OA 259 46.47 -53.03 80.89
CA TRP OA 259 45.56 -52.12 81.58
C TRP OA 259 44.19 -52.76 81.75
N LEU OA 260 43.83 -53.11 82.97
CA LEU OA 260 42.57 -53.78 83.28
C LEU OA 260 41.70 -52.84 84.10
N SER OA 261 40.38 -52.95 83.93
CA SER OA 261 39.48 -52.10 84.70
C SER OA 261 39.36 -52.58 86.14
N ARG OA 262 39.00 -51.65 87.03
CA ARG OA 262 38.93 -51.95 88.45
C ARG OA 262 37.51 -52.10 88.97
N GLN OA 263 36.61 -51.20 88.61
CA GLN OA 263 35.28 -51.19 89.20
C GLN OA 263 34.27 -52.01 88.42
N ARG OA 264 34.70 -52.77 87.42
CA ARG OA 264 33.76 -53.47 86.56
C ARG OA 264 33.96 -54.97 86.52
N ASN OA 265 34.90 -55.53 87.29
CA ASN OA 265 35.06 -56.98 87.35
C ASN OA 265 35.42 -57.38 88.77
N THR OA 266 35.32 -58.67 89.07
CA THR OA 266 35.48 -59.16 90.43
C THR OA 266 36.50 -60.31 90.51
N MET OA 267 37.45 -60.38 89.58
CA MET OA 267 38.48 -61.41 89.66
C MET OA 267 39.42 -61.17 90.84
N SER OA 268 39.76 -62.25 91.53
CA SER OA 268 40.61 -62.15 92.71
C SER OA 268 42.10 -62.18 92.32
N LYS OA 269 42.95 -62.35 93.33
CA LYS OA 269 44.39 -62.32 93.12
C LYS OA 269 44.88 -63.58 92.46
N LYS OA 270 44.26 -64.72 92.74
CA LYS OA 270 44.73 -65.96 92.14
C LYS OA 270 44.26 -66.02 90.69
N GLU OA 271 43.10 -65.42 90.41
CA GLU OA 271 42.62 -65.41 89.04
C GLU OA 271 43.46 -64.44 88.21
N LEU OA 272 44.03 -63.42 88.83
CA LEU OA 272 44.89 -62.55 88.04
C LEU OA 272 46.25 -63.19 87.76
N GLU OA 273 46.64 -64.19 88.55
CA GLU OA 273 47.87 -64.89 88.23
C GLU OA 273 47.64 -65.95 87.18
N VAL OA 274 46.47 -66.59 87.18
CA VAL OA 274 46.21 -67.55 86.12
C VAL OA 274 46.04 -66.82 84.78
N LEU OA 275 45.42 -65.63 84.81
CA LEU OA 275 45.29 -64.86 83.58
C LEU OA 275 46.66 -64.37 83.08
N SER OA 276 47.58 -64.02 84.00
CA SER OA 276 48.90 -63.63 83.53
C SER OA 276 49.68 -64.82 83.01
N GLN OA 277 49.47 -66.00 83.58
CA GLN OA 277 50.17 -67.18 83.09
C GLN OA 277 49.57 -67.71 81.79
N LYS OA 278 48.38 -67.27 81.44
CA LYS OA 278 47.83 -67.69 80.17
C LYS OA 278 48.04 -66.63 79.10
N LEU OA 279 48.24 -65.36 79.50
CA LEU OA 279 48.66 -64.33 78.56
C LEU OA 279 50.15 -64.42 78.24
N ARG OA 280 50.94 -65.07 79.09
CA ARG OA 280 52.36 -65.22 78.78
C ARG OA 280 52.59 -66.23 77.67
N ALA OA 281 51.71 -67.21 77.52
CA ALA OA 281 51.88 -68.20 76.46
C ALA OA 281 51.51 -67.66 75.08
N LEU OA 282 50.70 -66.61 74.98
CA LEU OA 282 50.38 -66.07 73.66
C LEU OA 282 51.50 -65.22 73.07
N MET OA 283 52.32 -64.60 73.90
CA MET OA 283 53.41 -63.77 73.42
C MET OA 283 54.72 -64.41 73.85
N PRO OA 284 55.37 -65.17 72.96
CA PRO OA 284 56.60 -65.87 73.35
C PRO OA 284 57.79 -64.95 73.55
N TYR OA 285 57.78 -63.75 72.97
CA TYR OA 285 58.89 -62.84 73.15
C TYR OA 285 58.92 -62.22 74.55
N ALA OA 286 57.76 -62.09 75.17
CA ALA OA 286 57.68 -61.44 76.48
C ALA OA 286 58.14 -62.37 77.59
N ASP OA 287 58.65 -61.77 78.66
CA ASP OA 287 59.10 -62.52 79.82
C ASP OA 287 58.09 -62.52 80.95
N SER OA 288 57.38 -61.42 81.14
CA SER OA 288 56.34 -61.32 82.14
C SER OA 288 55.38 -60.21 81.72
N VAL OA 289 54.14 -60.31 82.20
CA VAL OA 289 53.11 -59.31 81.92
C VAL OA 289 52.71 -58.64 83.23
N ASN OA 290 52.75 -57.32 83.26
CA ASN OA 290 52.47 -56.57 84.47
C ASN OA 290 51.06 -56.02 84.36
N ILE OA 291 50.12 -56.74 84.96
CA ILE OA 291 48.72 -56.36 84.91
C ILE OA 291 48.44 -55.30 85.97
N THR OA 292 47.97 -54.14 85.55
CA THR OA 292 47.61 -53.10 86.50
C THR OA 292 46.14 -52.76 86.34
N LEU OA 293 45.55 -52.24 87.42
CA LEU OA 293 44.12 -51.92 87.50
C LEU OA 293 43.94 -50.41 87.49
N MET OA 294 43.49 -49.89 86.35
CA MET OA 294 43.21 -48.47 86.21
C MET OA 294 41.80 -48.14 86.67
N ASP OA 295 41.62 -46.91 87.11
CA ASP OA 295 40.34 -46.43 87.59
C ASP OA 295 39.40 -46.15 86.42
N ASP OA 296 38.14 -45.86 86.75
CA ASP OA 296 37.10 -45.71 85.74
C ASP OA 296 36.52 -44.31 85.68
N VAL OA 297 36.78 -43.47 86.67
CA VAL OA 297 36.31 -42.10 86.61
C VAL OA 297 37.35 -41.18 85.99
N THR OA 298 38.64 -41.51 86.14
CA THR OA 298 39.68 -40.72 85.48
C THR OA 298 39.74 -40.98 83.97
N ALA OA 299 39.13 -42.07 83.51
CA ALA OA 299 39.05 -42.33 82.08
C ALA OA 299 38.04 -41.42 81.42
N ALA OA 300 36.96 -41.08 82.12
CA ALA OA 300 36.04 -40.12 81.55
C ALA OA 300 36.38 -38.70 81.94
N GLY OA 301 37.18 -38.51 82.98
CA GLY OA 301 37.59 -37.17 83.33
C GLY OA 301 38.63 -36.62 82.39
N GLN OA 302 39.52 -37.48 81.86
CA GLN OA 302 40.47 -36.98 80.88
C GLN OA 302 39.79 -36.73 79.55
N ALA OA 303 38.76 -37.50 79.24
CA ALA OA 303 38.05 -37.35 77.98
C ALA OA 303 37.17 -36.12 78.00
N GLU OA 304 36.74 -35.70 79.17
CA GLU OA 304 35.91 -34.51 79.20
C GLU OA 304 36.77 -33.25 79.32
N ALA OA 305 37.85 -33.31 80.12
CA ALA OA 305 38.68 -32.12 80.26
C ALA OA 305 39.48 -31.84 79.01
N GLY OA 306 39.83 -32.86 78.22
CA GLY OA 306 40.47 -32.54 76.95
C GLY OA 306 39.50 -31.98 75.94
N LEU OA 307 38.23 -32.39 76.01
CA LEU OA 307 37.25 -31.85 75.07
C LEU OA 307 36.79 -30.46 75.46
N LYS OA 308 37.07 -30.03 76.68
CA LYS OA 308 36.63 -28.68 77.04
C LYS OA 308 37.70 -27.63 76.78
N GLN OA 309 38.97 -28.02 76.73
CA GLN OA 309 40.01 -27.04 76.38
C GLN OA 309 39.92 -26.63 74.92
N GLN OA 310 39.48 -27.51 74.05
CA GLN OA 310 39.43 -27.20 72.63
C GLN OA 310 38.24 -26.35 72.23
N ALA OA 311 37.32 -26.05 73.16
CA ALA OA 311 36.11 -25.26 72.92
C ALA OA 311 35.24 -25.87 71.82
N LEU OA 312 34.91 -27.14 71.99
CA LEU OA 312 34.08 -27.86 71.03
C LEU OA 312 32.70 -28.12 71.60
N PRO OA 313 31.65 -27.89 70.83
CA PRO OA 313 30.29 -28.21 71.31
C PRO OA 313 30.07 -29.71 71.30
N TYR OA 314 29.72 -30.25 72.47
CA TYR OA 314 29.58 -31.69 72.64
C TYR OA 314 28.33 -31.99 73.44
N SER OA 315 28.07 -33.28 73.59
CA SER OA 315 26.88 -33.73 74.31
C SER OA 315 27.20 -35.11 74.86
N ARG OA 316 27.33 -35.19 76.18
CA ARG OA 316 27.71 -36.43 76.85
C ARG OA 316 26.51 -37.34 77.06
N ARG OA 317 26.70 -38.62 76.80
CA ARG OA 317 25.65 -39.63 76.99
C ARG OA 317 26.19 -40.74 77.87
N ASN OA 318 25.95 -40.63 79.17
CA ASN OA 318 26.39 -41.67 80.10
C ASN OA 318 25.35 -42.79 80.09
N HIS OA 319 25.81 -44.02 79.94
CA HIS OA 319 24.98 -45.19 80.21
C HIS OA 319 25.90 -46.29 80.72
N LYS OA 320 25.32 -47.44 81.03
CA LYS OA 320 26.09 -48.52 81.64
C LYS OA 320 27.00 -49.17 80.61
N GLY OA 321 28.22 -49.48 81.05
CA GLY OA 321 29.20 -50.11 80.20
C GLY OA 321 29.78 -49.20 79.14
N GLY OA 322 29.98 -47.93 79.46
CA GLY OA 322 30.64 -47.02 78.54
C GLY OA 322 29.90 -45.71 78.35
N VAL OA 323 30.66 -44.67 78.00
CA VAL OA 323 30.06 -43.37 77.74
C VAL OA 323 30.28 -42.99 76.28
N THR OA 324 29.58 -41.94 75.85
CA THR OA 324 29.62 -41.58 74.45
C THR OA 324 29.50 -40.06 74.30
N PHE OA 325 30.47 -39.47 73.62
CA PHE OA 325 30.43 -38.04 73.38
C PHE OA 325 30.03 -37.79 71.94
N VAL OA 326 29.01 -36.96 71.74
CA VAL OA 326 28.47 -36.68 70.41
C VAL OA 326 28.80 -35.25 70.06
N ILE OA 327 29.45 -35.07 68.92
CA ILE OA 327 29.82 -33.75 68.41
C ILE OA 327 29.12 -33.57 67.07
N GLN OA 328 27.95 -32.95 67.10
CA GLN OA 328 27.17 -32.68 65.89
C GLN OA 328 27.15 -31.19 65.61
N GLY OA 329 26.43 -30.83 64.54
CA GLY OA 329 26.27 -29.46 64.12
C GLY OA 329 27.14 -29.13 62.93
N ALA OA 330 26.97 -27.91 62.46
CA ALA OA 330 27.75 -27.39 61.33
C ALA OA 330 29.01 -26.76 61.92
N LEU OA 331 30.11 -27.48 61.86
CA LEU OA 331 31.35 -26.95 62.40
C LEU OA 331 32.10 -26.19 61.33
N ASP OA 332 33.04 -25.38 61.76
CA ASP OA 332 33.93 -24.67 60.85
C ASP OA 332 35.26 -25.41 60.76
N ASP OA 333 36.20 -24.82 60.04
CA ASP OA 333 37.39 -25.56 59.63
C ASP OA 333 38.40 -25.77 60.75
N VAL OA 334 38.37 -25.01 61.82
CA VAL OA 334 39.34 -25.24 62.87
C VAL OA 334 38.83 -26.17 63.95
N GLU OA 335 37.53 -26.40 63.99
CA GLU OA 335 36.96 -27.34 64.92
C GLU OA 335 37.04 -28.77 64.43
N ILE OA 336 37.35 -28.99 63.17
CA ILE OA 336 37.60 -30.35 62.74
C ILE OA 336 39.07 -30.70 62.92
N LEU OA 337 39.96 -29.74 62.69
CA LEU OA 337 41.39 -29.98 62.83
C LEU OA 337 41.82 -30.09 64.28
N ARG OA 338 41.07 -29.50 65.22
CA ARG OA 338 41.45 -29.69 66.60
C ARG OA 338 40.84 -30.94 67.21
N ALA OA 339 39.71 -31.39 66.65
CA ALA OA 339 39.09 -32.60 67.15
C ALA OA 339 39.75 -33.83 66.58
N ARG OA 340 40.25 -33.76 65.34
CA ARG OA 340 40.92 -34.90 64.77
C ARG OA 340 42.27 -35.14 65.42
N GLN OA 341 42.84 -34.12 66.04
CA GLN OA 341 44.12 -34.33 66.68
C GLN OA 341 43.93 -34.73 68.13
N PHE OA 342 42.82 -34.32 68.76
CA PHE OA 342 42.62 -34.75 70.14
C PHE OA 342 42.12 -36.19 70.19
N VAL OA 343 41.22 -36.58 69.28
CA VAL OA 343 40.68 -37.94 69.30
C VAL OA 343 41.77 -38.94 68.95
N ASP OA 344 42.59 -38.60 67.95
CA ASP OA 344 43.68 -39.50 67.58
C ASP OA 344 44.80 -39.51 68.61
N SER OA 345 44.90 -38.50 69.48
CA SER OA 345 45.89 -38.61 70.53
C SER OA 345 45.32 -39.25 71.78
N TYR OA 346 44.00 -39.39 71.86
CA TYR OA 346 43.40 -40.10 72.98
C TYR OA 346 43.20 -41.58 72.73
N TYR OA 347 42.91 -41.97 71.48
CA TYR OA 347 42.68 -43.37 71.18
C TYR OA 347 43.96 -44.18 71.30
N ARG OA 348 45.11 -43.54 71.12
CA ARG OA 348 46.38 -44.25 71.23
C ARG OA 348 46.64 -44.64 72.68
N THR OA 349 46.30 -43.76 73.60
CA THR OA 349 46.66 -43.98 74.99
C THR OA 349 45.55 -44.62 75.81
N TRP OA 350 44.34 -44.76 75.27
CA TRP OA 350 43.27 -45.36 76.04
C TRP OA 350 42.44 -46.40 75.30
N GLY OA 351 42.52 -46.48 73.97
CA GLY OA 351 41.73 -47.42 73.21
C GLY OA 351 40.27 -47.00 73.09
N GLY OA 352 39.54 -47.75 72.29
CA GLY OA 352 38.15 -47.43 72.05
C GLY OA 352 37.16 -48.42 72.64
N ARG OA 353 37.45 -48.93 73.83
CA ARG OA 353 36.60 -49.92 74.47
C ARG OA 353 35.59 -49.31 75.43
N TYR OA 354 36.00 -48.30 76.20
CA TYR OA 354 35.14 -47.70 77.20
C TYR OA 354 34.40 -46.46 76.67
N VAL OA 355 35.13 -45.45 76.23
CA VAL OA 355 34.56 -44.17 75.83
C VAL OA 355 34.65 -44.03 74.32
N GLN OA 356 33.55 -43.58 73.70
CA GLN OA 356 33.53 -43.50 72.24
C GLN OA 356 33.03 -42.14 71.77
N PHE OA 357 33.81 -41.52 70.89
CA PHE OA 357 33.48 -40.26 70.26
C PHE OA 357 32.72 -40.49 68.96
N ALA OA 358 31.67 -39.71 68.76
CA ALA OA 358 30.82 -39.77 67.58
C ALA OA 358 30.86 -38.37 66.98
N ILE OA 359 31.85 -38.11 66.15
CA ILE OA 359 31.99 -36.85 65.45
C ILE OA 359 31.19 -36.93 64.15
N GLU OA 360 30.24 -36.02 63.98
CA GLU OA 360 29.35 -36.07 62.82
C GLU OA 360 29.11 -34.65 62.36
N LEU OA 361 29.57 -34.31 61.17
CA LEU OA 361 29.43 -32.95 60.66
C LEU OA 361 28.23 -32.96 59.74
N LYS OA 362 27.21 -32.17 60.09
CA LYS OA 362 26.01 -32.11 59.28
C LYS OA 362 25.37 -30.74 59.42
N ASP OA 363 24.38 -30.49 58.56
CA ASP OA 363 23.75 -29.18 58.50
C ASP OA 363 22.69 -29.06 59.59
N ASP OA 364 21.92 -27.99 59.58
CA ASP OA 364 20.92 -27.76 60.59
C ASP OA 364 19.70 -28.61 60.28
N TRP OA 365 19.22 -29.33 61.28
CA TRP OA 365 17.94 -30.02 61.17
C TRP OA 365 16.86 -28.95 61.08
N LEU OA 366 15.82 -29.22 60.26
CA LEU OA 366 14.76 -28.27 59.93
C LEU OA 366 15.35 -26.98 59.35
N LYS OA 367 15.94 -27.15 58.17
CA LYS OA 367 17.01 -26.28 57.67
C LYS OA 367 16.57 -24.82 57.55
N GLY OA 368 15.59 -24.56 56.70
CA GLY OA 368 15.13 -23.20 56.52
C GLY OA 368 13.71 -23.01 56.99
N ARG OA 369 13.34 -23.66 58.09
CA ARG OA 369 11.96 -23.68 58.53
C ARG OA 369 11.86 -23.07 59.92
N SER OA 370 10.72 -22.47 60.21
CA SER OA 370 10.42 -22.02 61.56
C SER OA 370 9.57 -23.06 62.28
N PHE OA 371 9.86 -23.29 63.55
CA PHE OA 371 9.16 -24.33 64.30
C PHE OA 371 8.89 -23.84 65.71
N GLN OA 372 8.00 -24.55 66.40
CA GLN OA 372 7.55 -24.22 67.76
C GLN OA 372 7.89 -25.38 68.68
N TYR OA 373 9.09 -25.36 69.24
CA TYR OA 373 9.65 -26.50 69.92
C TYR OA 373 9.07 -26.69 71.31
N GLY OA 374 9.10 -27.93 71.77
CA GLY OA 374 8.84 -28.30 73.15
C GLY OA 374 7.47 -28.87 73.42
N ALA OA 375 7.40 -30.21 73.42
CA ALA OA 375 6.33 -31.05 73.94
C ALA OA 375 5.01 -31.00 73.19
N GLU OA 376 4.84 -30.02 72.31
CA GLU OA 376 3.75 -29.94 71.34
C GLU OA 376 4.32 -29.15 70.16
N GLY OA 377 4.86 -29.87 69.18
CA GLY OA 377 5.63 -29.21 68.15
C GLY OA 377 5.01 -29.26 66.79
N TYR OA 378 5.36 -28.31 65.92
CA TYR OA 378 4.93 -28.37 64.53
C TYR OA 378 5.94 -27.61 63.69
N ILE OA 379 6.18 -28.11 62.49
CA ILE OA 379 7.02 -27.44 61.52
C ILE OA 379 6.15 -26.67 60.53
N LYS OA 380 6.58 -25.50 60.15
CA LYS OA 380 5.89 -24.69 59.15
C LYS OA 380 6.58 -24.83 57.81
N MET OA 381 5.97 -25.63 56.93
CA MET OA 381 6.57 -25.86 55.61
C MET OA 381 6.50 -24.61 54.77
N SER OA 382 5.35 -23.99 54.71
CA SER OA 382 5.11 -22.75 54.00
C SER OA 382 4.61 -21.77 55.05
N PRO OA 383 4.34 -20.50 54.71
CA PRO OA 383 3.57 -19.67 55.65
C PRO OA 383 2.18 -20.20 55.94
N GLY OA 384 1.60 -21.01 55.06
CA GLY OA 384 0.29 -21.56 55.34
C GLY OA 384 0.23 -23.07 55.31
N HIS OA 385 1.25 -23.75 55.85
CA HIS OA 385 1.32 -25.20 55.84
C HIS OA 385 1.90 -25.66 57.17
N TRP OA 386 1.13 -26.45 57.92
CA TRP OA 386 1.55 -26.98 59.20
C TRP OA 386 1.76 -28.48 59.10
N TYR OA 387 2.87 -28.96 59.67
CA TYR OA 387 3.23 -30.36 59.66
C TYR OA 387 3.47 -30.78 61.10
N PHE OA 388 2.93 -31.94 61.51
CA PHE OA 388 2.95 -32.35 62.91
C PHE OA 388 3.68 -33.68 63.07
N PRO OA 389 5.00 -33.68 63.03
CA PRO OA 389 5.74 -34.88 63.39
C PRO OA 389 5.96 -34.90 64.89
N SER OA 390 6.92 -35.73 65.34
CA SER OA 390 7.43 -35.84 66.71
C SER OA 390 7.67 -34.49 67.38
N PRO OA 391 7.54 -34.40 68.71
CA PRO OA 391 7.69 -33.11 69.39
C PRO OA 391 9.11 -32.57 69.32
N LEU OA 392 9.29 -31.53 68.52
CA LEU OA 392 10.61 -30.99 68.24
C LEU OA 392 11.05 -30.03 69.33
N ALA PA 171 59.29 -85.02 49.94
CA ALA PA 171 59.07 -83.64 50.33
C ALA PA 171 57.76 -83.49 51.11
N GLU PA 172 57.85 -82.83 52.25
CA GLU PA 172 56.68 -82.60 53.08
C GLU PA 172 55.78 -81.54 52.45
N LEU PA 173 54.52 -81.54 52.90
CA LEU PA 173 53.52 -80.64 52.33
C LEU PA 173 53.75 -79.19 52.73
N ASP PA 174 54.23 -78.93 53.96
CA ASP PA 174 54.38 -77.55 54.42
C ASP PA 174 55.47 -76.79 53.68
N SER PA 175 56.34 -77.47 52.94
CA SER PA 175 57.30 -76.78 52.11
C SER PA 175 56.75 -76.53 50.72
N LEU PA 176 55.70 -77.25 50.33
CA LEU PA 176 55.08 -77.05 49.04
C LEU PA 176 54.16 -75.85 49.02
N LEU PA 177 53.81 -75.31 50.19
CA LEU PA 177 53.02 -74.10 50.31
C LEU PA 177 53.89 -72.86 50.14
N GLY PA 178 53.38 -71.71 50.53
CA GLY PA 178 54.06 -70.45 50.35
C GLY PA 178 55.35 -70.30 51.15
N GLN PA 179 55.93 -69.11 51.00
CA GLN PA 179 57.23 -68.81 51.61
C GLN PA 179 57.12 -68.68 53.13
N GLU PA 180 56.16 -67.88 53.61
CA GLU PA 180 55.98 -67.75 55.05
C GLU PA 180 55.22 -68.96 55.58
N LYS PA 181 55.83 -69.70 56.50
CA LYS PA 181 55.11 -70.82 57.10
C LYS PA 181 54.44 -70.39 58.40
N GLU PA 182 53.74 -69.26 58.34
CA GLU PA 182 53.08 -68.67 59.49
C GLU PA 182 51.58 -68.57 59.35
N ARG PA 183 51.07 -68.47 58.13
CA ARG PA 183 49.65 -68.26 57.94
C ARG PA 183 48.89 -69.55 57.76
N PHE PA 184 49.58 -70.68 57.64
CA PHE PA 184 48.92 -71.97 57.55
C PHE PA 184 49.40 -72.87 58.67
N GLN PA 185 48.58 -73.86 59.00
CA GLN PA 185 48.90 -74.77 60.09
C GLN PA 185 48.40 -76.15 59.70
N VAL PA 186 49.33 -77.11 59.65
CA VAL PA 186 49.09 -78.45 59.15
C VAL PA 186 48.86 -79.41 60.30
N LEU PA 187 47.75 -80.14 60.24
CA LEU PA 187 47.34 -81.07 61.28
C LEU PA 187 47.14 -82.47 60.71
N PRO PA 188 47.60 -83.50 61.40
CA PRO PA 188 47.33 -84.86 60.96
C PRO PA 188 46.01 -85.35 61.54
N GLY PA 189 45.25 -86.11 60.75
CA GLY PA 189 43.97 -86.60 61.19
C GLY PA 189 44.01 -88.06 61.60
N ARG PA 190 42.85 -88.57 61.99
CA ARG PA 190 42.74 -89.96 62.40
C ARG PA 190 42.20 -90.85 61.29
N ASP PA 191 41.88 -90.30 60.13
CA ASP PA 191 41.42 -91.10 59.01
C ASP PA 191 42.54 -91.19 57.96
N LYS PA 192 43.78 -91.21 58.47
CA LYS PA 192 45.05 -91.05 57.74
C LYS PA 192 44.99 -90.04 56.60
N MET PA 193 44.60 -88.81 56.95
CA MET PA 193 44.64 -87.68 56.04
C MET PA 193 45.42 -86.55 56.69
N LEU PA 194 45.48 -85.43 55.99
CA LEU PA 194 46.32 -84.33 56.47
C LEU PA 194 45.65 -83.01 56.09
N TYR PA 195 45.21 -82.31 57.13
CA TYR PA 195 44.35 -81.15 56.96
C TYR PA 195 45.22 -79.90 57.06
N VAL PA 196 45.00 -78.95 56.17
CA VAL PA 196 45.66 -77.65 56.24
C VAL PA 196 44.56 -76.68 56.64
N ALA PA 197 44.86 -75.79 57.57
CA ALA PA 197 43.85 -74.91 58.14
C ALA PA 197 44.18 -73.49 57.73
N ALA PA 198 43.41 -72.94 56.79
CA ALA PA 198 43.57 -71.54 56.44
C ALA PA 198 42.73 -70.66 57.35
N GLN PA 199 42.67 -69.35 57.05
CA GLN PA 199 41.90 -68.44 57.87
C GLN PA 199 41.04 -67.44 57.11
N ASN PA 200 41.09 -67.43 55.78
CA ASN PA 200 40.18 -66.62 54.98
C ASN PA 200 40.05 -67.31 53.63
N GLU PA 201 39.21 -66.73 52.77
CA GLU PA 201 38.95 -67.38 51.49
C GLU PA 201 40.12 -67.23 50.54
N ARG PA 202 40.94 -66.19 50.71
CA ARG PA 202 42.07 -66.01 49.81
C ARG PA 202 43.15 -67.05 50.12
N ASP PA 203 43.42 -67.31 51.40
CA ASP PA 203 44.40 -68.33 51.71
C ASP PA 203 43.82 -69.71 51.50
N THR PA 204 42.50 -69.84 51.50
CA THR PA 204 41.90 -71.13 51.24
C THR PA 204 42.07 -71.49 49.77
N LEU PA 205 41.91 -70.51 48.88
CA LEU PA 205 42.17 -70.78 47.47
C LEU PA 205 43.66 -70.90 47.19
N TRP PA 206 44.50 -70.32 48.06
CA TRP PA 206 45.95 -70.47 47.92
C TRP PA 206 46.37 -71.88 48.25
N ALA PA 207 45.67 -72.52 49.19
CA ALA PA 207 46.05 -73.88 49.52
C ALA PA 207 45.33 -74.89 48.65
N ARG PA 208 44.15 -74.56 48.12
CA ARG PA 208 43.48 -75.50 47.23
C ARG PA 208 44.08 -75.52 45.83
N GLN PA 209 44.83 -74.49 45.44
CA GLN PA 209 45.49 -74.54 44.13
C GLN PA 209 46.66 -75.51 44.11
N VAL PA 210 47.31 -75.72 45.27
CA VAL PA 210 48.42 -76.65 45.34
C VAL PA 210 47.91 -78.08 45.16
N LEU PA 211 46.90 -78.47 45.93
CA LEU PA 211 46.41 -79.83 45.82
C LEU PA 211 45.54 -80.02 44.58
N ALA PA 212 45.23 -78.93 43.86
CA ALA PA 212 44.48 -79.04 42.62
C ALA PA 212 45.41 -79.30 41.45
N ARG PA 213 46.58 -78.65 41.41
CA ARG PA 213 47.52 -79.01 40.34
C ARG PA 213 48.15 -80.37 40.60
N GLY PA 214 48.13 -80.86 41.84
CA GLY PA 214 48.44 -82.24 42.11
C GLY PA 214 49.87 -82.57 42.43
N ASP PA 215 50.61 -81.64 43.03
CA ASP PA 215 51.98 -81.92 43.42
C ASP PA 215 52.08 -82.38 44.87
N TYR PA 216 51.27 -83.39 45.23
CA TYR PA 216 51.41 -84.05 46.51
C TYR PA 216 50.80 -85.45 46.41
N ASP PA 217 51.56 -86.44 46.82
CA ASP PA 217 51.23 -87.85 46.59
C ASP PA 217 50.47 -88.49 47.74
N LYS PA 218 49.94 -87.73 48.67
CA LYS PA 218 49.11 -88.28 49.72
C LYS PA 218 47.76 -87.59 49.69
N ASN PA 219 46.88 -87.98 50.61
CA ASN PA 219 45.58 -87.34 50.67
C ASN PA 219 45.65 -86.16 51.61
N ALA PA 220 45.03 -85.05 51.20
CA ALA PA 220 45.06 -83.84 51.98
C ALA PA 220 43.80 -83.03 51.71
N ARG PA 221 43.41 -82.22 52.70
CA ARG PA 221 42.24 -81.36 52.54
C ARG PA 221 42.55 -79.97 53.07
N VAL PA 222 41.76 -78.99 52.64
CA VAL PA 222 41.89 -77.61 53.07
C VAL PA 222 40.63 -77.17 53.80
N ILE PA 223 40.76 -76.87 55.09
CA ILE PA 223 39.63 -76.47 55.90
C ILE PA 223 39.71 -74.97 56.19
N ASN PA 224 38.62 -74.46 56.76
CA ASN PA 224 38.40 -73.05 57.03
C ASN PA 224 37.40 -72.98 58.16
N GLU PA 225 37.46 -71.88 58.91
CA GLU PA 225 36.56 -71.74 60.05
C GLU PA 225 35.13 -71.45 59.63
N ASN PA 226 34.93 -70.59 58.65
CA ASN PA 226 33.57 -70.27 58.22
C ASN PA 226 32.96 -71.39 57.41
N GLU PA 227 33.78 -72.21 56.78
CA GLU PA 227 33.26 -73.30 55.97
C GLU PA 227 32.93 -74.49 56.85
N GLU PA 228 33.85 -74.84 57.76
CA GLU PA 228 33.58 -75.98 58.61
C GLU PA 228 32.64 -75.63 59.77
N ASN PA 229 32.32 -74.35 59.99
CA ASN PA 229 31.21 -74.04 60.85
C ASN PA 229 29.87 -74.20 60.13
N LYS PA 230 29.87 -74.08 58.81
CA LYS PA 230 28.67 -74.30 58.02
C LYS PA 230 28.44 -75.76 57.68
N ARG PA 231 29.51 -76.56 57.70
CA ARG PA 231 29.35 -77.95 57.28
C ARG PA 231 28.70 -78.79 58.38
N ILE PA 232 29.15 -78.63 59.62
CA ILE PA 232 28.61 -79.42 60.72
C ILE PA 232 27.50 -78.68 61.46
N SER PA 233 26.92 -77.67 60.82
CA SER PA 233 25.62 -77.17 61.21
C SER PA 233 24.52 -77.80 60.37
N ILE PA 234 24.87 -78.36 59.22
CA ILE PA 234 23.93 -79.14 58.42
C ILE PA 234 23.67 -80.48 59.08
N TRP PA 235 24.72 -81.13 59.60
CA TRP PA 235 24.55 -82.39 60.31
C TRP PA 235 23.78 -82.22 61.61
N LEU PA 236 23.91 -81.06 62.25
CA LEU PA 236 23.31 -80.87 63.56
C LEU PA 236 21.80 -80.68 63.48
N ASP PA 237 21.29 -80.41 62.28
CA ASP PA 237 19.85 -80.27 62.06
C ASP PA 237 19.28 -81.50 61.35
N THR PA 238 19.90 -82.65 61.53
CA THR PA 238 19.33 -83.89 61.05
C THR PA 238 19.18 -84.92 62.15
N TYR PA 239 20.18 -85.07 63.00
CA TYR PA 239 20.13 -86.02 64.10
C TYR PA 239 19.77 -85.38 65.43
N TYR PA 240 19.90 -84.07 65.57
CA TYR PA 240 19.56 -83.38 66.81
C TYR PA 240 18.79 -82.10 66.55
N PRO PA 241 17.54 -82.20 66.12
CA PRO PA 241 16.76 -81.00 65.87
C PRO PA 241 16.29 -80.40 67.19
N GLN PA 242 15.77 -79.19 67.10
CA GLN PA 242 15.33 -78.39 68.25
C GLN PA 242 16.46 -78.19 69.27
N LEU PA 243 17.68 -77.99 68.76
CA LEU PA 243 18.85 -77.78 69.60
C LEU PA 243 19.17 -76.28 69.62
N ALA PA 244 19.58 -75.80 70.79
CA ALA PA 244 19.91 -74.39 70.99
C ALA PA 244 21.41 -74.23 71.16
N TYR PA 245 22.07 -73.67 70.16
CA TYR PA 245 23.50 -73.44 70.22
C TYR PA 245 23.79 -72.12 69.52
N TYR PA 246 25.04 -71.66 69.65
CA TYR PA 246 25.41 -70.38 69.06
C TYR PA 246 26.43 -70.56 67.95
N ARG PA 247 27.59 -71.14 68.24
CA ARG PA 247 28.70 -71.19 67.29
C ARG PA 247 29.71 -72.18 67.81
N ILE PA 248 30.61 -72.60 66.92
CA ILE PA 248 31.75 -73.42 67.29
C ILE PA 248 32.99 -72.60 67.01
N HIS PA 249 33.87 -72.50 68.00
CA HIS PA 249 35.02 -71.62 67.92
C HIS PA 249 36.28 -72.46 67.74
N PHE PA 250 37.12 -72.05 66.79
CA PHE PA 250 38.32 -72.80 66.47
C PHE PA 250 39.56 -71.97 66.68
N ASP PA 251 39.68 -71.31 67.83
CA ASP PA 251 40.87 -70.53 68.12
C ASP PA 251 42.10 -71.40 68.33
N GLU PA 252 41.91 -72.63 68.81
CA GLU PA 252 42.94 -73.65 68.69
C GLU PA 252 42.28 -74.92 68.14
N PRO PA 253 42.70 -75.40 66.98
CA PRO PA 253 41.98 -76.50 66.32
C PRO PA 253 42.20 -77.86 66.95
N ARG PA 254 43.12 -78.00 67.89
CA ARG PA 254 43.25 -79.30 68.53
C ARG PA 254 42.27 -79.49 69.67
N LYS PA 255 41.51 -78.46 70.03
CA LYS PA 255 40.48 -78.58 71.05
C LYS PA 255 39.45 -77.48 70.82
N PRO PA 256 38.44 -77.70 69.99
CA PRO PA 256 37.43 -76.66 69.79
C PRO PA 256 36.51 -76.57 70.98
N VAL PA 257 35.74 -75.48 71.01
CA VAL PA 257 34.84 -75.16 72.11
C VAL PA 257 33.45 -74.94 71.53
N PHE PA 258 32.48 -75.68 72.05
CA PHE PA 258 31.10 -75.62 71.59
C PHE PA 258 30.30 -74.78 72.56
N TRP PA 259 29.79 -73.65 72.09
CA TRP PA 259 29.04 -72.72 72.93
C TRP PA 259 27.56 -73.09 72.84
N LEU PA 260 27.07 -73.77 73.87
CA LEU PA 260 25.69 -74.21 73.91
C LEU PA 260 24.89 -73.29 74.83
N SER PA 261 23.61 -73.16 74.52
CA SER PA 261 22.77 -72.33 75.37
C SER PA 261 22.38 -73.09 76.63
N ARG PA 262 22.09 -72.35 77.68
CA ARG PA 262 21.79 -72.91 78.98
C ARG PA 262 20.31 -72.86 79.32
N GLN PA 263 19.67 -71.73 79.06
CA GLN PA 263 18.29 -71.55 79.46
C GLN PA 263 17.30 -72.00 78.40
N ARG PA 264 17.74 -72.76 77.41
CA ARG PA 264 16.87 -73.23 76.36
C ARG PA 264 17.04 -74.70 76.00
N ASN PA 265 17.87 -75.45 76.70
CA ASN PA 265 18.04 -76.86 76.45
C ASN PA 265 17.62 -77.67 77.67
N THR PA 266 17.30 -78.95 77.43
CA THR PA 266 16.87 -79.87 78.48
C THR PA 266 17.63 -81.18 78.36
N MET PA 267 18.94 -81.09 78.19
CA MET PA 267 19.81 -82.25 78.08
C MET PA 267 20.54 -82.49 79.39
N SER PA 268 20.69 -83.75 79.77
CA SER PA 268 21.38 -84.05 81.01
C SER PA 268 22.89 -84.13 80.76
N LYS PA 269 23.63 -84.55 81.79
CA LYS PA 269 25.08 -84.67 81.66
C LYS PA 269 25.45 -85.86 80.79
N LYS PA 270 24.65 -86.92 80.86
CA LYS PA 270 24.93 -88.11 80.08
C LYS PA 270 24.69 -87.83 78.60
N GLU PA 271 23.59 -87.14 78.28
CA GLU PA 271 23.33 -86.86 76.88
C GLU PA 271 24.27 -85.79 76.36
N LEU PA 272 24.85 -84.97 77.26
CA LEU PA 272 25.89 -84.06 76.81
C LEU PA 272 27.19 -84.80 76.52
N GLU PA 273 27.44 -85.89 77.24
CA GLU PA 273 28.64 -86.65 76.92
C GLU PA 273 28.46 -87.47 75.64
N VAL PA 274 27.24 -87.91 75.36
CA VAL PA 274 27.04 -88.65 74.11
C VAL PA 274 27.12 -87.72 72.92
N LEU PA 275 26.59 -86.49 73.04
CA LEU PA 275 26.73 -85.54 71.94
C LEU PA 275 28.18 -85.11 71.75
N SER PA 276 28.94 -84.98 72.85
CA SER PA 276 30.33 -84.59 72.69
C SER PA 276 31.20 -85.75 72.21
N GLN PA 277 30.67 -86.97 72.23
CA GLN PA 277 31.44 -88.06 71.65
C GLN PA 277 31.09 -88.27 70.19
N LYS PA 278 29.85 -88.00 69.80
CA LYS PA 278 29.54 -88.12 68.37
C LYS PA 278 30.00 -86.91 67.58
N LEU PA 279 30.25 -85.78 68.23
CA LEU PA 279 30.87 -84.66 67.53
C LEU PA 279 32.36 -84.86 67.27
N ARG PA 280 33.00 -85.72 68.05
CA ARG PA 280 34.44 -85.94 67.88
C ARG PA 280 34.72 -86.72 66.61
N ALA PA 281 33.83 -87.63 66.22
CA ALA PA 281 34.06 -88.41 65.01
C ALA PA 281 33.84 -87.59 63.74
N LEU PA 282 33.11 -86.46 63.81
CA LEU PA 282 32.95 -85.65 62.60
C LEU PA 282 34.20 -84.84 62.28
N MET PA 283 34.99 -84.49 63.29
CA MET PA 283 36.22 -83.72 63.09
C MET PA 283 37.36 -84.62 63.49
N PRO PA 284 37.96 -85.36 62.56
CA PRO PA 284 39.02 -86.30 62.93
C PRO PA 284 40.33 -85.64 63.29
N TYR PA 285 40.49 -84.36 62.95
CA TYR PA 285 41.68 -83.63 63.33
C TYR PA 285 41.64 -83.20 64.80
N ALA PA 286 40.47 -83.15 65.40
CA ALA PA 286 40.33 -82.66 66.76
C ALA PA 286 40.65 -83.76 67.75
N ASP PA 287 40.88 -83.36 68.99
CA ASP PA 287 41.14 -84.30 70.06
C ASP PA 287 39.92 -84.50 70.96
N SER PA 288 39.32 -83.41 71.41
CA SER PA 288 38.14 -83.48 72.26
C SER PA 288 37.41 -82.15 72.18
N VAL PA 289 36.11 -82.20 71.88
CA VAL PA 289 35.29 -80.99 71.83
C VAL PA 289 34.84 -80.63 73.24
N ASN PA 290 35.03 -79.37 73.61
CA ASN PA 290 34.76 -78.94 74.98
C ASN PA 290 33.46 -78.14 74.96
N ILE PA 291 32.37 -78.78 75.37
CA ILE PA 291 31.08 -78.13 75.39
C ILE PA 291 30.99 -77.26 76.63
N THR PA 292 30.73 -75.97 76.45
CA THR PA 292 30.49 -75.07 77.57
C THR PA 292 29.19 -74.33 77.34
N LEU PA 293 28.49 -74.03 78.43
CA LEU PA 293 27.16 -73.45 78.38
C LEU PA 293 27.23 -71.96 78.68
N MET PA 294 26.95 -71.16 77.66
CA MET PA 294 26.93 -69.71 77.83
C MET PA 294 25.53 -69.28 78.28
N ASP PA 295 25.48 -68.11 78.90
CA ASP PA 295 24.22 -67.55 79.35
C ASP PA 295 23.44 -67.00 78.15
N ASP PA 296 22.15 -66.72 78.36
CA ASP PA 296 21.30 -66.26 77.29
C ASP PA 296 20.88 -64.80 77.44
N VAL PA 297 21.04 -64.22 78.62
CA VAL PA 297 20.72 -62.81 78.80
C VAL PA 297 21.87 -61.93 78.32
N THR PA 298 23.11 -62.35 78.59
CA THR PA 298 24.28 -61.56 78.18
C THR PA 298 24.51 -61.55 76.67
N ALA PA 299 23.98 -62.53 75.94
CA ALA PA 299 24.10 -62.53 74.48
C ALA PA 299 23.26 -61.45 73.84
N ALA PA 300 22.15 -61.08 74.46
CA ALA PA 300 21.36 -59.97 73.95
C ALA PA 300 21.64 -58.68 74.68
N GLY PA 301 22.33 -58.75 75.83
CA GLY PA 301 22.71 -57.54 76.52
C GLY PA 301 23.96 -56.89 75.98
N GLN PA 302 24.93 -57.70 75.51
CA GLN PA 302 26.11 -57.10 74.91
C GLN PA 302 25.82 -56.48 73.56
N ALA PA 303 24.77 -56.95 72.88
CA ALA PA 303 24.41 -56.37 71.60
C ALA PA 303 23.75 -55.01 71.79
N GLU PA 304 23.07 -54.82 72.90
CA GLU PA 304 22.44 -53.53 73.11
C GLU PA 304 23.43 -52.57 73.74
N ALA PA 305 24.33 -53.06 74.60
CA ALA PA 305 25.33 -52.17 75.15
C ALA PA 305 26.34 -51.76 74.11
N GLY PA 306 26.52 -52.55 73.04
CA GLY PA 306 27.32 -52.08 71.94
C GLY PA 306 26.56 -51.31 70.90
N LEU PA 307 25.23 -51.39 70.90
CA LEU PA 307 24.45 -50.60 69.97
C LEU PA 307 24.07 -49.24 70.51
N LYS PA 308 24.15 -49.05 71.82
CA LYS PA 308 23.89 -47.73 72.36
C LYS PA 308 25.17 -46.90 72.40
N GLN PA 309 26.32 -47.55 72.47
CA GLN PA 309 27.57 -46.81 72.54
C GLN PA 309 27.91 -46.14 71.22
N GLN PA 310 27.45 -46.69 70.11
CA GLN PA 310 27.67 -46.06 68.81
C GLN PA 310 26.61 -45.03 68.45
N ALA PA 311 25.64 -44.77 69.33
CA ALA PA 311 24.56 -43.81 69.13
C ALA PA 311 23.75 -44.10 67.87
N LEU PA 312 23.26 -45.32 67.77
CA LEU PA 312 22.50 -45.67 66.57
C LEU PA 312 21.00 -45.69 66.86
N PRO PA 313 20.19 -45.15 65.97
CA PRO PA 313 18.74 -45.21 66.18
C PRO PA 313 18.21 -46.59 65.82
N TYR PA 314 17.80 -47.34 66.83
CA TYR PA 314 17.41 -48.73 66.68
C TYR PA 314 16.03 -48.94 67.24
N SER PA 315 15.56 -50.18 67.13
CA SER PA 315 14.24 -50.55 67.64
C SER PA 315 14.30 -52.05 67.93
N ARG PA 316 14.25 -52.40 69.20
CA ARG PA 316 14.39 -53.78 69.65
C ARG PA 316 13.05 -54.49 69.70
N ARG PA 317 12.96 -55.66 69.09
CA ARG PA 317 11.73 -56.46 69.14
C ARG PA 317 12.07 -57.83 69.73
N ASN PA 318 11.54 -58.08 70.91
CA ASN PA 318 11.77 -59.31 71.65
C ASN PA 318 10.62 -60.27 71.42
N HIS PA 319 10.93 -61.52 71.10
CA HIS PA 319 9.95 -62.58 71.14
C HIS PA 319 10.66 -63.87 71.49
N LYS PA 320 9.87 -64.90 71.76
CA LYS PA 320 10.42 -66.17 72.22
C LYS PA 320 11.07 -66.89 71.04
N GLY PA 321 12.25 -67.43 71.27
CA GLY PA 321 13.00 -68.12 70.24
C GLY PA 321 13.99 -67.28 69.46
N GLY PA 322 14.30 -66.08 69.92
CA GLY PA 322 15.27 -65.20 69.28
C GLY PA 322 14.81 -63.77 69.33
N VAL PA 323 15.78 -62.85 69.33
CA VAL PA 323 15.45 -61.42 69.34
C VAL PA 323 15.87 -60.76 68.03
N THR PA 324 15.46 -59.51 67.86
CA THR PA 324 15.82 -58.82 66.63
C THR PA 324 15.93 -57.32 66.87
N PHE PA 325 16.79 -56.68 66.09
CA PHE PA 325 17.02 -55.25 66.20
C PHE PA 325 16.85 -54.71 64.81
N VAL PA 326 15.99 -53.70 64.65
CA VAL PA 326 15.68 -53.16 63.34
C VAL PA 326 16.14 -51.71 63.29
N ILE PA 327 16.88 -51.37 62.25
CA ILE PA 327 17.39 -50.02 62.03
C ILE PA 327 16.88 -49.55 60.69
N GLN PA 328 15.74 -48.86 60.68
CA GLN PA 328 15.17 -48.33 59.46
C GLN PA 328 15.64 -46.89 59.30
N GLY PA 329 15.03 -46.17 58.36
CA GLY PA 329 15.20 -44.73 58.30
C GLY PA 329 16.19 -44.31 57.24
N ALA PA 330 16.24 -43.01 57.01
CA ALA PA 330 17.20 -42.41 56.09
C ALA PA 330 18.47 -42.10 56.85
N LEU PA 331 19.28 -43.13 57.08
CA LEU PA 331 20.52 -42.95 57.81
C LEU PA 331 21.54 -42.25 56.94
N ASP PA 332 22.56 -41.68 57.57
CA ASP PA 332 23.64 -41.04 56.82
C ASP PA 332 24.91 -41.88 56.95
N ASP PA 333 25.99 -41.40 56.30
CA ASP PA 333 27.13 -42.27 56.03
C ASP PA 333 27.92 -42.64 57.27
N VAL PA 334 27.89 -41.84 58.31
CA VAL PA 334 28.68 -42.20 59.48
C VAL PA 334 27.96 -43.30 60.24
N GLU PA 335 26.64 -43.23 60.28
CA GLU PA 335 25.89 -44.22 61.01
C GLU PA 335 25.81 -45.52 60.22
N ILE PA 336 25.86 -45.44 58.88
CA ILE PA 336 25.89 -46.67 58.10
C ILE PA 336 27.25 -47.34 58.22
N LEU PA 337 28.33 -46.55 58.31
CA LEU PA 337 29.65 -47.16 58.41
C LEU PA 337 29.87 -47.75 59.79
N ARG PA 338 29.26 -47.15 60.81
CA ARG PA 338 29.44 -47.70 62.13
C ARG PA 338 28.55 -48.92 62.34
N ALA PA 339 27.39 -48.97 61.68
CA ALA PA 339 26.53 -50.14 61.83
C ALA PA 339 27.13 -51.32 61.07
N ARG PA 340 27.63 -51.07 59.86
CA ARG PA 340 28.25 -52.13 59.07
C ARG PA 340 29.54 -52.60 59.73
N GLN PA 341 30.20 -51.73 60.50
CA GLN PA 341 31.40 -52.14 61.20
C GLN PA 341 31.09 -52.88 62.49
N PHE PA 342 29.93 -52.63 63.09
CA PHE PA 342 29.64 -53.31 64.35
C PHE PA 342 29.04 -54.70 64.13
N VAL PA 343 28.21 -54.85 63.08
CA VAL PA 343 27.55 -56.13 62.83
C VAL PA 343 28.55 -57.22 62.44
N ASP PA 344 29.57 -56.90 61.64
CA ASP PA 344 30.53 -57.91 61.26
C ASP PA 344 31.42 -58.34 62.44
N SER PA 345 31.67 -57.43 63.39
CA SER PA 345 32.42 -57.83 64.57
C SER PA 345 31.57 -58.55 65.59
N TYR PA 346 30.26 -58.42 65.52
CA TYR PA 346 29.44 -59.18 66.44
C TYR PA 346 29.06 -60.56 65.92
N TYR PA 347 28.90 -60.67 64.60
CA TYR PA 347 28.55 -61.96 64.01
C TYR PA 347 29.72 -62.93 64.09
N ARG PA 348 30.94 -62.41 64.12
CA ARG PA 348 32.11 -63.27 64.22
C ARG PA 348 32.22 -63.90 65.60
N THR PA 349 31.62 -63.28 66.60
CA THR PA 349 31.72 -63.80 67.96
C THR PA 349 30.54 -64.69 68.28
N TRP PA 350 29.32 -64.25 67.98
CA TRP PA 350 28.14 -64.97 68.42
C TRP PA 350 27.35 -65.68 67.34
N GLY PA 351 27.61 -65.41 66.08
CA GLY PA 351 26.81 -66.02 65.04
C GLY PA 351 25.44 -65.37 64.91
N GLY PA 352 24.59 -66.02 64.11
CA GLY PA 352 23.28 -65.47 63.84
C GLY PA 352 22.09 -66.31 64.23
N ARG PA 353 22.24 -67.18 65.24
CA ARG PA 353 21.15 -68.05 65.61
C ARG PA 353 20.15 -67.37 66.54
N TYR PA 354 20.61 -66.53 67.44
CA TYR PA 354 19.78 -65.93 68.47
C TYR PA 354 19.29 -64.52 68.12
N VAL PA 355 20.21 -63.61 67.85
CA VAL PA 355 19.90 -62.21 67.64
C VAL PA 355 20.18 -61.83 66.19
N GLN PA 356 19.23 -61.12 65.57
CA GLN PA 356 19.40 -60.76 64.17
C GLN PA 356 19.22 -59.26 63.96
N PHE PA 357 20.04 -58.68 63.08
CA PHE PA 357 20.00 -57.26 62.77
C PHE PA 357 19.33 -57.01 61.42
N ALA PA 358 18.73 -55.83 61.30
CA ALA PA 358 17.81 -55.52 60.19
C ALA PA 358 18.09 -54.15 59.59
N ILE PA 359 19.33 -53.87 59.22
CA ILE PA 359 19.70 -52.57 58.66
C ILE PA 359 19.03 -52.39 57.29
N GLU PA 360 18.11 -51.44 57.17
CA GLU PA 360 17.48 -51.16 55.88
C GLU PA 360 17.34 -49.65 55.73
N LEU PA 361 17.33 -49.20 54.48
CA LEU PA 361 17.33 -47.78 54.14
C LEU PA 361 16.01 -47.41 53.47
N LYS PA 362 15.21 -46.60 54.15
CA LYS PA 362 14.01 -46.02 53.59
C LYS PA 362 14.17 -44.51 53.60
N ASP PA 363 13.15 -43.80 53.15
CA ASP PA 363 13.23 -42.34 53.03
C ASP PA 363 12.26 -41.66 53.99
N ASP PA 364 12.72 -41.44 55.22
CA ASP PA 364 12.01 -40.63 56.20
C ASP PA 364 13.04 -40.05 57.16
N TRP PA 365 12.89 -38.77 57.50
CA TRP PA 365 13.89 -38.13 58.35
C TRP PA 365 13.81 -38.55 59.80
N LEU PA 366 12.70 -39.14 60.22
CA LEU PA 366 12.62 -39.76 61.54
C LEU PA 366 13.05 -41.21 61.35
N LYS PA 367 14.23 -41.55 61.84
CA LYS PA 367 14.86 -42.84 61.57
C LYS PA 367 14.22 -43.91 62.45
N GLY PA 368 13.03 -44.34 62.04
CA GLY PA 368 12.42 -45.47 62.69
C GLY PA 368 11.19 -45.21 63.51
N ARG PA 369 11.17 -44.10 64.25
CA ARG PA 369 10.09 -43.87 65.19
C ARG PA 369 8.97 -43.11 64.50
N SER PA 370 7.78 -43.19 65.07
CA SER PA 370 6.63 -42.54 64.45
C SER PA 370 5.58 -42.27 65.52
N PHE PA 371 4.95 -41.10 65.43
CA PHE PA 371 4.00 -40.66 66.42
C PHE PA 371 2.68 -40.29 65.75
N GLN PA 372 1.66 -40.12 66.58
CA GLN PA 372 0.38 -39.57 66.16
C GLN PA 372 -0.07 -38.54 67.19
N TYR PA 373 -0.85 -37.58 66.72
CA TYR PA 373 -1.15 -36.36 67.46
C TYR PA 373 -2.65 -36.22 67.61
N GLY PA 374 -3.15 -36.35 68.83
CA GLY PA 374 -4.51 -35.94 69.07
C GLY PA 374 -4.92 -35.64 70.49
N ALA PA 375 -5.41 -34.41 70.68
CA ALA PA 375 -6.23 -33.94 71.80
C ALA PA 375 -5.54 -33.90 73.16
N GLU PA 376 -4.34 -34.46 73.29
CA GLU PA 376 -3.60 -34.41 74.54
C GLU PA 376 -2.11 -34.17 74.35
N GLY PA 377 -1.58 -34.29 73.15
CA GLY PA 377 -0.16 -34.29 72.93
C GLY PA 377 0.26 -35.37 71.97
N TYR PA 378 1.35 -36.08 72.25
CA TYR PA 378 1.80 -37.15 71.36
C TYR PA 378 1.75 -38.52 72.01
N ILE PA 379 1.47 -39.52 71.18
CA ILE PA 379 1.40 -40.91 71.58
C ILE PA 379 2.43 -41.69 70.76
N LYS PA 380 3.13 -42.59 71.44
CA LYS PA 380 4.15 -43.40 70.80
C LYS PA 380 3.45 -44.58 70.14
N MET PA 381 3.50 -44.63 68.82
CA MET PA 381 2.85 -45.71 68.10
C MET PA 381 3.66 -46.99 68.23
N SER PA 382 2.98 -48.11 68.00
CA SER PA 382 3.66 -49.39 68.02
C SER PA 382 4.53 -49.51 66.78
N PRO PA 383 5.64 -50.25 66.85
CA PRO PA 383 6.43 -50.50 65.64
C PRO PA 383 5.65 -51.34 64.65
N GLY PA 384 5.61 -50.88 63.41
CA GLY PA 384 4.83 -51.56 62.40
C GLY PA 384 5.52 -51.62 61.05
N HIS PA 385 4.81 -52.12 60.04
CA HIS PA 385 5.42 -52.32 58.74
C HIS PA 385 5.49 -51.02 57.92
N TRP PA 386 4.41 -50.27 57.88
CA TRP PA 386 4.30 -49.12 57.00
C TRP PA 386 4.90 -47.87 57.62
N TYR PA 387 5.62 -47.09 56.82
CA TYR PA 387 6.20 -45.84 57.26
C TYR PA 387 5.61 -44.70 56.45
N PHE PA 388 5.66 -43.49 57.03
CA PHE PA 388 5.17 -42.30 56.37
C PHE PA 388 6.28 -41.74 55.50
N PRO PA 389 6.06 -41.59 54.18
CA PRO PA 389 7.07 -40.94 53.34
C PRO PA 389 7.16 -39.46 53.67
N SER PA 390 8.37 -39.03 54.00
CA SER PA 390 8.57 -37.74 54.63
C SER PA 390 8.80 -36.67 53.58
N PRO PA 391 8.00 -35.61 53.54
CA PRO PA 391 8.37 -34.48 52.69
C PRO PA 391 9.22 -33.41 53.38
N LEU PA 392 10.35 -33.08 52.77
CA LEU PA 392 11.19 -31.96 53.20
C LEU PA 392 11.49 -31.10 51.98
N ALA QA 171 42.38 -100.18 36.11
CA ALA QA 171 41.75 -98.87 36.25
C ALA QA 171 40.51 -98.96 37.13
N GLU QA 172 40.61 -98.50 38.36
CA GLU QA 172 39.46 -98.55 39.25
C GLU QA 172 38.54 -97.37 38.98
N LEU QA 173 37.34 -97.43 39.56
CA LEU QA 173 36.32 -96.43 39.27
C LEU QA 173 36.59 -95.12 39.99
N ASP QA 174 37.06 -95.19 41.23
CA ASP QA 174 37.28 -94.00 42.06
C ASP QA 174 38.48 -93.18 41.60
N SER QA 175 39.33 -93.76 40.76
CA SER QA 175 40.47 -93.07 40.17
C SER QA 175 40.13 -92.43 38.83
N LEU QA 176 38.97 -92.72 38.26
CA LEU QA 176 38.58 -92.15 36.99
C LEU QA 176 37.94 -90.78 37.12
N LEU QA 177 37.56 -90.39 38.32
CA LEU QA 177 37.05 -89.06 38.58
C LEU QA 177 38.22 -88.08 38.78
N GLY QA 178 37.92 -86.90 39.32
CA GLY QA 178 38.92 -85.86 39.44
C GLY QA 178 40.01 -86.15 40.45
N GLN QA 179 40.90 -85.17 40.60
CA GLN QA 179 42.04 -85.31 41.50
C GLN QA 179 41.60 -85.28 42.96
N GLU QA 180 40.67 -84.39 43.28
CA GLU QA 180 40.12 -84.28 44.63
C GLU QA 180 39.20 -85.47 44.91
N LYS QA 181 39.73 -86.50 45.55
CA LYS QA 181 38.96 -87.72 45.81
C LYS QA 181 38.22 -87.61 47.14
N GLU QA 182 37.46 -86.53 47.30
CA GLU QA 182 36.65 -86.35 48.48
C GLU QA 182 35.22 -86.01 48.09
N ARG QA 183 35.05 -85.30 46.98
CA ARG QA 183 33.72 -84.83 46.61
C ARG QA 183 32.84 -85.93 46.05
N PHE QA 184 33.36 -87.13 45.84
CA PHE QA 184 32.57 -88.27 45.42
C PHE QA 184 32.67 -89.41 46.42
N GLN QA 185 31.68 -90.29 46.39
CA GLN QA 185 31.58 -91.40 47.33
C GLN QA 185 31.03 -92.64 46.63
N VAL QA 186 31.91 -93.60 46.36
CA VAL QA 186 31.54 -94.84 45.68
C VAL QA 186 30.93 -95.82 46.68
N LEU QA 187 29.76 -96.37 46.34
CA LEU QA 187 29.00 -97.26 47.20
C LEU QA 187 28.75 -98.60 46.50
N PRO QA 188 29.13 -99.73 47.08
CA PRO QA 188 28.79 -101.02 46.46
C PRO QA 188 27.34 -101.37 46.70
N GLY QA 189 26.69 -101.94 45.68
CA GLY QA 189 25.29 -102.31 45.79
C GLY QA 189 25.11 -103.81 45.97
N ARG QA 190 23.85 -104.20 46.11
CA ARG QA 190 23.51 -105.60 46.28
C ARG QA 190 23.21 -106.31 44.97
N ASP QA 191 23.12 -105.57 43.88
CA ASP QA 191 22.81 -106.15 42.57
C ASP QA 191 24.01 -106.03 41.62
N LYS QA 192 25.21 -106.09 42.18
CA LYS QA 192 26.49 -105.95 41.47
C LYS QA 192 26.54 -104.67 40.65
N MET QA 193 26.45 -103.54 41.35
CA MET QA 193 26.49 -102.25 40.70
C MET QA 193 26.99 -101.18 41.68
N LEU QA 194 27.91 -100.35 41.23
CA LEU QA 194 28.45 -99.29 42.08
C LEU QA 194 27.69 -97.99 41.84
N TYR QA 195 27.38 -97.31 42.93
CA TYR QA 195 26.64 -96.06 42.89
C TYR QA 195 27.57 -94.95 43.35
N VAL QA 196 27.65 -93.86 42.60
CA VAL QA 196 28.46 -92.72 42.97
C VAL QA 196 27.55 -91.63 43.51
N ALA QA 197 27.91 -91.09 44.68
CA ALA QA 197 27.03 -90.16 45.40
C ALA QA 197 27.66 -88.77 45.47
N ALA QA 198 27.29 -87.93 44.51
CA ALA QA 198 27.62 -86.51 44.48
C ALA QA 198 26.66 -85.73 45.38
N GLN QA 199 26.82 -84.40 45.42
CA GLN QA 199 25.99 -83.59 46.31
C GLN QA 199 25.36 -82.39 45.63
N ASN QA 200 25.61 -82.15 44.35
CA ASN QA 200 24.87 -81.13 43.62
C ASN QA 200 24.78 -81.54 42.16
N GLU QA 201 24.15 -80.67 41.37
CA GLU QA 201 23.92 -80.99 39.96
C GLU QA 201 25.17 -80.81 39.13
N ARG QA 202 26.06 -79.92 39.58
CA ARG QA 202 27.28 -79.68 38.84
C ARG QA 202 28.22 -80.87 38.98
N ASP QA 203 28.22 -81.51 40.14
CA ASP QA 203 29.03 -82.72 40.26
C ASP QA 203 28.30 -83.94 39.73
N THR QA 204 26.97 -83.86 39.58
CA THR QA 204 26.26 -84.99 39.01
C THR QA 204 26.53 -85.11 37.52
N LEU QA 205 26.66 -83.97 36.82
CA LEU QA 205 27.02 -84.09 35.42
C LEU QA 205 28.50 -84.34 35.22
N TRP QA 206 29.30 -84.06 36.25
CA TRP QA 206 30.72 -84.37 36.21
C TRP QA 206 30.94 -85.85 36.37
N ALA QA 207 30.02 -86.53 37.04
CA ALA QA 207 30.16 -87.97 37.18
C ALA QA 207 29.41 -88.74 36.12
N ARG QA 208 28.32 -88.20 35.59
CA ARG QA 208 27.63 -88.87 34.50
C ARG QA 208 28.36 -88.76 33.19
N GLN QA 209 29.25 -87.77 33.02
CA GLN QA 209 30.00 -87.68 31.78
C GLN QA 209 31.02 -88.80 31.63
N VAL QA 210 31.60 -89.26 32.74
CA VAL QA 210 32.60 -90.32 32.67
C VAL QA 210 31.95 -91.64 32.24
N LEU QA 211 30.85 -92.00 32.90
CA LEU QA 211 30.18 -93.25 32.54
C LEU QA 211 29.44 -93.11 31.21
N ALA QA 212 29.24 -91.88 30.74
CA ALA QA 212 28.57 -91.71 29.46
C ALA QA 212 29.52 -91.84 28.30
N ARG QA 213 30.78 -91.38 28.44
CA ARG QA 213 31.71 -91.61 27.33
C ARG QA 213 32.17 -93.05 27.25
N GLY QA 214 31.99 -93.82 28.32
CA GLY QA 214 32.17 -95.25 28.26
C GLY QA 214 33.53 -95.80 28.59
N ASP QA 215 34.31 -95.09 29.40
CA ASP QA 215 35.60 -95.61 29.82
C ASP QA 215 35.49 -96.31 31.17
N TYR QA 216 34.58 -97.28 31.20
CA TYR QA 216 34.41 -98.20 32.32
C TYR QA 216 33.76 -99.46 31.80
N ASP QA 217 34.20 -100.60 32.33
CA ASP QA 217 33.74 -101.88 31.83
C ASP QA 217 32.34 -102.23 32.34
N LYS QA 218 32.18 -102.33 33.65
CA LYS QA 218 30.94 -102.84 34.23
C LYS QA 218 29.91 -101.73 34.31
N ASN QA 219 28.80 -102.01 35.00
CA ASN QA 219 27.73 -101.05 35.14
C ASN QA 219 27.95 -100.19 36.38
N ALA QA 220 27.45 -98.96 36.32
CA ALA QA 220 27.54 -98.02 37.41
C ALA QA 220 26.43 -97.00 37.26
N ARG QA 221 26.04 -96.39 38.38
CA ARG QA 221 25.01 -95.38 38.36
C ARG QA 221 25.43 -94.21 39.25
N VAL QA 222 24.88 -93.05 38.95
CA VAL QA 222 25.14 -91.82 39.70
C VAL QA 222 23.85 -91.40 40.39
N ILE QA 223 23.86 -91.39 41.71
CA ILE QA 223 22.68 -91.01 42.46
C ILE QA 223 22.84 -89.60 43.00
N ASN QA 224 21.75 -89.02 43.47
CA ASN QA 224 21.72 -87.65 43.94
C ASN QA 224 20.69 -87.55 45.05
N GLU QA 225 20.78 -86.47 45.82
CA GLU QA 225 19.86 -86.26 46.93
C GLU QA 225 18.46 -85.91 46.43
N ASN QA 226 18.35 -85.13 45.36
CA ASN QA 226 17.04 -84.77 44.87
C ASN QA 226 16.42 -85.88 44.04
N GLU QA 227 17.23 -86.54 43.23
CA GLU QA 227 16.67 -87.56 42.34
C GLU QA 227 16.32 -88.83 43.11
N GLU QA 228 17.08 -89.15 44.17
CA GLU QA 228 16.67 -90.27 44.98
C GLU QA 228 15.58 -89.90 45.99
N ASN QA 229 15.17 -88.64 46.02
CA ASN QA 229 14.02 -88.24 46.82
C ASN QA 229 12.75 -88.18 46.02
N LYS QA 230 12.84 -87.94 44.72
CA LYS QA 230 11.65 -88.02 43.90
C LYS QA 230 11.40 -89.39 43.30
N ARG QA 231 12.42 -90.26 43.24
CA ARG QA 231 12.21 -91.57 42.64
C ARG QA 231 11.39 -92.45 43.58
N ILE QA 232 11.66 -92.40 44.87
CA ILE QA 232 10.91 -93.20 45.79
C ILE QA 232 9.81 -92.37 46.46
N SER QA 233 9.42 -91.25 45.84
CA SER QA 233 8.13 -90.64 46.10
C SER QA 233 7.17 -90.91 44.96
N ILE QA 234 7.67 -91.34 43.81
CA ILE QA 234 6.78 -91.83 42.77
C ILE QA 234 6.29 -93.23 43.12
N TRP QA 235 7.17 -94.08 43.61
CA TRP QA 235 6.77 -95.39 44.08
C TRP QA 235 5.86 -95.30 45.29
N LEU QA 236 6.12 -94.33 46.17
CA LEU QA 236 5.37 -94.22 47.39
C LEU QA 236 3.99 -93.66 47.16
N ASP QA 237 3.78 -92.94 46.04
CA ASP QA 237 2.47 -92.40 45.75
C ASP QA 237 1.64 -93.36 44.92
N THR QA 238 2.07 -94.62 44.84
CA THR QA 238 1.32 -95.71 44.23
C THR QA 238 1.07 -96.81 45.24
N TYR QA 239 2.11 -97.23 45.96
CA TYR QA 239 1.95 -98.32 46.90
C TYR QA 239 1.50 -97.88 48.29
N TYR QA 240 1.75 -96.65 48.71
CA TYR QA 240 1.26 -96.19 50.01
C TYR QA 240 0.56 -94.84 49.90
N PRO QA 241 -0.65 -94.82 49.35
CA PRO QA 241 -1.36 -93.55 49.25
C PRO QA 241 -1.90 -93.15 50.62
N GLN QA 242 -2.37 -91.90 50.67
CA GLN QA 242 -2.75 -91.14 51.88
C GLN QA 242 -1.80 -91.42 53.04
N LEU QA 243 -0.52 -91.16 52.78
CA LEU QA 243 0.52 -91.29 53.79
C LEU QA 243 1.14 -89.94 54.07
N ALA QA 244 1.33 -89.63 55.34
CA ALA QA 244 1.84 -88.34 55.77
C ALA QA 244 3.33 -88.46 56.10
N TYR QA 245 4.19 -87.92 55.25
CA TYR QA 245 5.62 -87.94 55.52
C TYR QA 245 6.22 -86.62 55.09
N TYR QA 246 7.48 -86.39 55.47
CA TYR QA 246 8.14 -85.14 55.13
C TYR QA 246 9.31 -85.34 54.16
N ARG QA 247 10.33 -86.12 54.53
CA ARG QA 247 11.56 -86.15 53.77
C ARG QA 247 12.29 -87.46 54.00
N ILE QA 248 13.31 -87.69 53.17
CA ILE QA 248 14.28 -88.77 53.34
C ILE QA 248 15.66 -88.16 53.32
N HIS QA 249 16.42 -88.33 54.40
CA HIS QA 249 17.69 -87.67 54.56
C HIS QA 249 18.84 -88.61 54.25
N PHE QA 250 19.82 -88.11 53.50
CA PHE QA 250 20.95 -88.93 53.07
C PHE QA 250 22.25 -88.35 53.57
N ASP QA 251 22.32 -87.96 54.84
CA ASP QA 251 23.59 -87.47 55.35
C ASP QA 251 24.61 -88.57 55.57
N GLU QA 252 24.18 -89.82 55.66
CA GLU QA 252 25.03 -90.97 55.46
C GLU QA 252 24.25 -92.04 54.70
N PRO QA 253 24.74 -92.46 53.54
CA PRO QA 253 23.93 -93.29 52.65
C PRO QA 253 23.83 -94.76 53.04
N ARG QA 254 24.36 -95.18 54.18
CA ARG QA 254 24.15 -96.56 54.60
C ARG QA 254 23.08 -96.70 55.66
N LYS QA 255 22.72 -95.61 56.34
CA LYS QA 255 21.58 -95.59 57.25
C LYS QA 255 20.82 -94.30 57.03
N PRO QA 256 19.99 -94.25 55.99
CA PRO QA 256 19.20 -93.04 55.77
C PRO QA 256 18.01 -93.05 56.72
N VAL QA 257 17.69 -91.87 57.22
CA VAL QA 257 16.56 -91.76 58.13
C VAL QA 257 15.33 -91.38 57.32
N PHE QA 258 14.17 -91.69 57.88
CA PHE QA 258 12.89 -91.47 57.22
C PHE QA 258 11.99 -90.72 58.20
N TRP QA 259 11.66 -89.48 57.86
CA TRP QA 259 10.85 -88.64 58.73
C TRP QA 259 9.39 -88.86 58.43
N LEU QA 260 8.68 -89.47 59.36
CA LEU QA 260 7.28 -89.81 59.20
C LEU QA 260 6.48 -88.97 60.19
N SER QA 261 5.28 -88.59 59.78
CA SER QA 261 4.43 -87.76 60.62
C SER QA 261 3.77 -88.61 61.68
N ARG QA 262 3.77 -88.10 62.91
CA ARG QA 262 3.29 -88.85 64.06
C ARG QA 262 1.78 -88.74 64.24
N GLN QA 263 1.23 -87.55 64.08
CA GLN QA 263 -0.16 -87.31 64.42
C GLN QA 263 -1.15 -87.63 63.30
N ARG QA 264 -0.68 -87.97 62.11
CA ARG QA 264 -1.58 -88.20 60.99
C ARG QA 264 -1.52 -89.62 60.44
N ASN QA 265 -1.14 -90.59 61.26
CA ASN QA 265 -1.17 -91.97 60.80
C ASN QA 265 -1.58 -92.91 61.94
N THR QA 266 -1.84 -94.16 61.57
CA THR QA 266 -2.28 -95.17 62.52
C THR QA 266 -1.60 -96.52 62.33
N MET QA 267 -0.48 -96.58 61.60
CA MET QA 267 0.16 -97.86 61.33
C MET QA 267 0.84 -98.42 62.57
N SER QA 268 0.77 -99.74 62.72
CA SER QA 268 1.35 -100.42 63.86
C SER QA 268 2.85 -100.62 63.66
N LYS QA 269 3.48 -101.28 64.64
CA LYS QA 269 4.92 -101.52 64.58
C LYS QA 269 5.23 -102.59 63.55
N LYS QA 270 4.38 -103.61 63.44
CA LYS QA 270 4.59 -104.63 62.44
C LYS QA 270 4.28 -104.08 61.06
N GLU QA 271 3.34 -103.15 60.97
CA GLU QA 271 3.01 -102.59 59.67
C GLU QA 271 4.09 -101.59 59.23
N LEU QA 272 4.87 -101.06 60.17
CA LEU QA 272 6.01 -100.24 59.83
C LEU QA 272 7.23 -101.08 59.49
N GLU QA 273 7.25 -102.34 59.96
CA GLU QA 273 8.37 -103.21 59.61
C GLU QA 273 8.31 -103.61 58.14
N VAL QA 274 7.10 -103.70 57.59
CA VAL QA 274 6.99 -104.02 56.17
C VAL QA 274 7.41 -102.84 55.34
N LEU QA 275 7.14 -101.62 55.81
CA LEU QA 275 7.59 -100.46 55.07
C LEU QA 275 9.10 -100.32 55.14
N SER QA 276 9.71 -100.67 56.28
CA SER QA 276 11.15 -100.57 56.38
C SER QA 276 11.85 -101.63 55.55
N GLN QA 277 11.18 -102.74 55.24
CA GLN QA 277 11.80 -103.70 54.34
C GLN QA 277 11.55 -103.39 52.88
N LYS QA 278 10.38 -102.84 52.55
CA LYS QA 278 10.12 -102.51 51.16
C LYS QA 278 10.84 -101.24 50.75
N LEU QA 279 11.19 -100.37 51.69
CA LEU QA 279 12.05 -99.25 51.36
C LEU QA 279 13.50 -99.68 51.27
N ARG QA 280 13.86 -100.76 51.96
CA ARG QA 280 15.23 -101.26 51.89
C ARG QA 280 15.49 -101.92 50.56
N ALA QA 281 14.46 -102.58 50.00
CA ALA QA 281 14.64 -103.24 48.72
C ALA QA 281 14.73 -102.25 47.57
N LEU QA 282 14.24 -101.03 47.73
CA LEU QA 282 14.37 -100.01 46.68
C LEU QA 282 15.75 -99.37 46.61
N MET QA 283 16.53 -99.40 47.69
CA MET QA 283 17.84 -98.75 47.75
C MET QA 283 18.88 -99.82 48.03
N PRO QA 284 19.47 -100.42 46.99
CA PRO QA 284 20.44 -101.49 47.21
C PRO QA 284 21.76 -101.04 47.81
N TYR QA 285 22.08 -99.76 47.79
CA TYR QA 285 23.29 -99.31 48.47
C TYR QA 285 23.14 -99.24 49.98
N ALA QA 286 21.91 -99.14 50.47
CA ALA QA 286 21.65 -98.98 51.89
C ALA QA 286 21.74 -100.32 52.62
N ASP QA 287 21.85 -100.23 53.94
CA ASP QA 287 21.88 -101.41 54.81
C ASP QA 287 20.63 -101.54 55.65
N SER QA 288 20.22 -100.46 56.31
CA SER QA 288 19.04 -100.49 57.16
C SER QA 288 18.49 -99.07 57.28
N VAL QA 289 17.29 -98.86 56.79
CA VAL QA 289 16.64 -97.56 56.86
C VAL QA 289 16.10 -97.36 58.27
N ASN QA 290 16.31 -96.17 58.82
CA ASN QA 290 15.89 -95.89 60.19
C ASN QA 290 14.71 -94.94 60.14
N ILE QA 291 13.53 -95.45 60.44
CA ILE QA 291 12.29 -94.67 60.42
C ILE QA 291 12.06 -94.01 61.78
N THR QA 292 11.93 -92.69 61.79
CA THR QA 292 11.60 -91.95 62.99
C THR QA 292 10.37 -91.10 62.74
N LEU QA 293 9.66 -90.78 63.81
CA LEU QA 293 8.40 -90.07 63.75
C LEU QA 293 8.61 -88.68 64.30
N MET QA 294 8.59 -87.69 63.43
CA MET QA 294 8.73 -86.30 63.84
C MET QA 294 7.37 -85.71 64.17
N ASP QA 295 7.36 -84.81 65.15
CA ASP QA 295 6.14 -84.16 65.57
C ASP QA 295 5.66 -83.15 64.53
N ASP QA 296 4.39 -82.77 64.65
CA ASP QA 296 3.76 -81.92 63.66
C ASP QA 296 3.61 -80.48 64.12
N VAL QA 297 3.61 -80.24 65.42
CA VAL QA 297 3.51 -78.87 65.91
C VAL QA 297 4.83 -78.14 65.76
N THR QA 298 5.95 -78.82 66.01
CA THR QA 298 7.25 -78.17 65.91
C THR QA 298 7.69 -77.90 64.47
N ALA QA 299 7.05 -78.56 63.50
CA ALA QA 299 7.33 -78.29 62.09
C ALA QA 299 6.80 -76.92 61.70
N ALA QA 300 5.59 -76.60 62.09
CA ALA QA 300 5.11 -75.25 61.82
C ALA QA 300 5.52 -74.27 62.90
N GLY QA 301 6.05 -74.74 64.02
CA GLY QA 301 6.53 -73.85 65.05
C GLY QA 301 7.84 -73.24 64.63
N GLN QA 302 8.71 -74.02 63.98
CA GLN QA 302 9.95 -73.41 63.52
C GLN QA 302 9.70 -72.54 62.30
N ALA QA 303 8.64 -72.83 61.56
CA ALA QA 303 8.32 -72.06 60.36
C ALA QA 303 7.72 -70.72 60.74
N GLU QA 304 7.08 -70.64 61.91
CA GLU QA 304 6.54 -69.35 62.34
C GLU QA 304 7.53 -68.58 63.18
N ALA QA 305 8.34 -69.28 63.98
CA ALA QA 305 9.33 -68.59 64.78
C ALA QA 305 10.50 -68.12 63.94
N GLY QA 306 10.70 -68.66 62.74
CA GLY QA 306 11.74 -68.10 61.92
C GLY QA 306 11.20 -66.98 61.06
N LEU QA 307 9.91 -67.04 60.77
CA LEU QA 307 9.26 -65.98 60.01
C LEU QA 307 8.94 -64.75 60.84
N LYS QA 308 8.99 -64.85 62.16
CA LYS QA 308 8.79 -63.66 62.98
C LYS QA 308 10.08 -62.95 63.31
N GLN QA 309 11.21 -63.65 63.26
CA GLN QA 309 12.49 -63.01 63.56
C GLN QA 309 12.97 -62.11 62.44
N GLN QA 310 12.59 -62.38 61.20
CA GLN QA 310 12.97 -61.51 60.09
C GLN QA 310 12.06 -60.30 59.89
N ALA QA 311 10.97 -60.18 60.65
CA ALA QA 311 10.02 -59.06 60.62
C ALA QA 311 9.37 -58.82 59.24
N LEU QA 312 8.62 -59.79 58.77
CA LEU QA 312 7.88 -59.78 57.51
C LEU QA 312 6.37 -59.84 57.77
N PRO QA 313 5.57 -59.11 57.00
CA PRO QA 313 4.12 -59.19 57.19
C PRO QA 313 3.59 -60.45 56.52
N TYR QA 314 3.12 -61.38 57.34
CA TYR QA 314 2.70 -62.68 56.86
C TYR QA 314 1.26 -62.92 57.25
N SER QA 315 0.73 -64.04 56.78
CA SER QA 315 -0.63 -64.44 57.14
C SER QA 315 -0.71 -65.96 57.11
N ARG QA 316 -1.00 -66.54 58.27
CA ARG QA 316 -1.08 -67.97 58.43
C ARG QA 316 -2.48 -68.45 58.10
N ARG QA 317 -2.57 -69.53 57.34
CA ARG QA 317 -3.86 -70.14 57.02
C ARG QA 317 -3.80 -71.59 57.43
N ASN QA 318 -4.52 -71.93 58.48
CA ASN QA 318 -4.57 -73.28 59.02
C ASN QA 318 -5.75 -74.04 58.43
N HIS QA 319 -5.49 -75.25 57.97
CA HIS QA 319 -6.57 -76.17 57.61
C HIS QA 319 -6.06 -77.60 57.82
N LYS QA 320 -6.94 -78.56 57.60
CA LYS QA 320 -6.62 -79.95 57.91
C LYS QA 320 -5.64 -80.51 56.89
N GLY QA 321 -4.57 -81.12 57.39
CA GLY QA 321 -3.57 -81.73 56.54
C GLY QA 321 -2.63 -80.76 55.87
N GLY QA 322 -2.21 -79.73 56.58
CA GLY QA 322 -1.24 -78.77 56.07
C GLY QA 322 -1.65 -77.35 56.40
N VAL QA 323 -0.64 -76.50 56.59
CA VAL QA 323 -0.85 -75.08 56.81
C VAL QA 323 -0.16 -74.37 55.66
N THR QA 324 -0.38 -73.06 55.57
CA THR QA 324 0.26 -72.31 54.51
C THR QA 324 0.49 -70.87 54.94
N PHE QA 325 1.63 -70.30 54.52
CA PHE QA 325 1.96 -68.94 54.89
C PHE QA 325 2.00 -68.07 53.65
N VAL QA 326 1.32 -66.93 53.73
CA VAL QA 326 1.20 -66.00 52.62
C VAL QA 326 1.91 -64.71 52.98
N ILE QA 327 2.91 -64.33 52.20
CA ILE QA 327 3.64 -63.09 52.37
C ILE QA 327 3.21 -62.16 51.25
N GLN QA 328 2.72 -60.99 51.63
CA GLN QA 328 2.17 -60.02 50.69
C GLN QA 328 2.80 -58.65 50.96
N GLY QA 329 2.44 -57.69 50.13
CA GLY QA 329 2.82 -56.31 50.32
C GLY QA 329 3.79 -55.81 49.25
N ALA QA 330 4.24 -54.58 49.47
CA ALA QA 330 5.24 -53.94 48.62
C ALA QA 330 6.56 -54.06 49.37
N LEU QA 331 7.17 -55.23 49.24
CA LEU QA 331 8.40 -55.52 49.94
C LEU QA 331 9.56 -54.81 49.25
N ASP QA 332 10.54 -54.40 50.05
CA ASP QA 332 11.72 -53.78 49.47
C ASP QA 332 12.72 -54.89 49.13
N ASP QA 333 13.94 -54.53 48.77
CA ASP QA 333 14.89 -55.53 48.30
C ASP QA 333 15.54 -56.32 49.42
N VAL QA 334 15.57 -55.75 50.62
CA VAL QA 334 16.18 -56.48 51.73
C VAL QA 334 15.24 -57.53 52.25
N GLU QA 335 13.94 -57.25 52.25
CA GLU QA 335 13.01 -58.26 52.72
C GLU QA 335 12.84 -59.38 51.73
N ILE QA 336 13.21 -59.17 50.47
CA ILE QA 336 13.13 -60.24 49.51
C ILE QA 336 14.36 -61.13 49.64
N LEU QA 337 15.53 -60.52 49.83
CA LEU QA 337 16.72 -61.36 49.94
C LEU QA 337 16.74 -62.10 51.28
N ARG QA 338 16.16 -61.51 52.31
CA ARG QA 338 16.08 -62.18 53.59
C ARG QA 338 15.00 -63.27 53.60
N ALA QA 339 13.91 -63.10 52.86
CA ALA QA 339 12.90 -64.16 52.85
C ALA QA 339 13.35 -65.31 51.96
N ARG QA 340 14.09 -65.00 50.90
CA ARG QA 340 14.54 -66.06 50.01
C ARG QA 340 15.72 -66.81 50.58
N GLN QA 341 16.45 -66.22 51.52
CA GLN QA 341 17.51 -67.02 52.13
C GLN QA 341 16.95 -67.92 53.21
N PHE QA 342 15.77 -67.61 53.73
CA PHE QA 342 15.15 -68.41 54.78
C PHE QA 342 14.35 -69.58 54.21
N VAL QA 343 13.70 -69.38 53.06
CA VAL QA 343 12.89 -70.46 52.49
C VAL QA 343 13.78 -71.61 52.02
N ASP QA 344 14.92 -71.30 51.43
CA ASP QA 344 15.84 -72.35 51.00
C ASP QA 344 16.47 -73.06 52.19
N SER QA 345 16.64 -72.36 53.31
CA SER QA 345 17.14 -73.01 54.50
C SER QA 345 16.08 -73.82 55.21
N TYR QA 346 14.82 -73.61 54.90
CA TYR QA 346 13.76 -74.42 55.50
C TYR QA 346 13.34 -75.60 54.64
N TYR QA 347 13.42 -75.46 53.33
CA TYR QA 347 13.10 -76.57 52.42
C TYR QA 347 14.11 -77.69 52.56
N ARG QA 348 15.35 -77.36 52.91
CA ARG QA 348 16.38 -78.39 53.02
C ARG QA 348 16.12 -79.25 54.24
N THR QA 349 15.61 -78.65 55.31
CA THR QA 349 15.42 -79.40 56.54
C THR QA 349 14.10 -80.18 56.50
N TRP QA 350 12.99 -79.51 56.20
CA TRP QA 350 11.71 -80.18 56.37
C TRP QA 350 11.05 -80.61 55.07
N GLY QA 351 11.47 -80.08 53.93
CA GLY QA 351 10.83 -80.37 52.67
C GLY QA 351 9.55 -79.60 52.49
N GLY QA 352 8.97 -79.71 51.29
CA GLY QA 352 7.79 -78.94 50.98
C GLY QA 352 6.50 -79.73 50.91
N ARG QA 353 6.31 -80.67 51.83
CA ARG QA 353 5.12 -81.50 51.83
C ARG QA 353 4.04 -81.00 52.76
N TYR QA 354 4.41 -80.43 53.91
CA TYR QA 354 3.46 -80.02 54.93
C TYR QA 354 3.15 -78.53 54.88
N VAL QA 355 4.16 -77.69 55.01
CA VAL QA 355 4.00 -76.25 55.10
C VAL QA 355 4.59 -75.61 53.84
N GLN QA 356 3.82 -74.72 53.20
CA GLN QA 356 4.22 -74.10 51.95
C GLN QA 356 4.03 -72.60 52.03
N PHE QA 357 5.06 -71.86 51.63
CA PHE QA 357 5.03 -70.40 51.60
C PHE QA 357 4.56 -69.89 50.24
N ALA QA 358 4.27 -68.58 50.20
CA ALA QA 358 3.77 -67.94 48.99
C ALA QA 358 4.19 -66.47 49.04
N ILE QA 359 5.17 -66.10 48.23
CA ILE QA 359 5.71 -64.74 48.22
C ILE QA 359 5.11 -64.01 47.02
N GLU QA 360 4.01 -63.30 47.28
CA GLU QA 360 3.43 -62.43 46.27
C GLU QA 360 3.69 -60.97 46.62
N LEU QA 361 3.90 -60.14 45.60
CA LEU QA 361 4.25 -58.75 45.81
C LEU QA 361 3.48 -57.86 44.86
N LYS QA 362 3.07 -56.69 45.33
CA LYS QA 362 2.27 -55.78 44.54
C LYS QA 362 2.67 -54.36 44.91
N ASP QA 363 2.23 -53.40 44.09
CA ASP QA 363 2.59 -52.02 44.31
C ASP QA 363 1.67 -51.37 45.34
N ASP QA 364 2.14 -50.27 45.90
CA ASP QA 364 1.46 -49.57 46.98
C ASP QA 364 0.47 -48.54 46.45
N TRP QA 365 -0.78 -48.66 46.91
CA TRP QA 365 -1.81 -47.70 46.53
C TRP QA 365 -1.63 -46.38 47.26
N LEU QA 366 -1.28 -46.41 48.53
CA LEU QA 366 -1.22 -45.20 49.34
C LEU QA 366 0.20 -44.62 49.40
N LYS QA 367 0.68 -44.18 48.24
CA LYS QA 367 1.99 -43.53 48.19
C LYS QA 367 1.87 -42.05 48.54
N GLY QA 368 1.10 -41.31 47.75
CA GLY QA 368 0.82 -39.92 48.02
C GLY QA 368 -0.59 -39.62 48.45
N ARG QA 369 -1.40 -40.64 48.75
CA ARG QA 369 -2.80 -40.46 49.08
C ARG QA 369 -2.99 -40.28 50.58
N SER QA 370 -4.09 -39.61 50.93
CA SER QA 370 -4.55 -39.52 52.30
C SER QA 370 -5.70 -40.50 52.52
N PHE QA 371 -5.69 -41.16 53.67
CA PHE QA 371 -6.66 -42.21 53.92
C PHE QA 371 -6.92 -42.31 55.41
N GLN QA 372 -8.01 -43.01 55.75
CA GLN QA 372 -8.37 -43.22 57.14
C GLN QA 372 -8.39 -44.71 57.40
N TYR QA 373 -7.69 -45.15 58.44
CA TYR QA 373 -7.61 -46.56 58.82
C TYR QA 373 -8.39 -46.82 60.10
N GLY QA 374 -8.90 -48.03 60.23
CA GLY QA 374 -9.65 -48.42 61.40
C GLY QA 374 -10.90 -49.20 61.04
N ALA QA 375 -11.99 -48.94 61.76
CA ALA QA 375 -13.23 -49.64 61.48
C ALA QA 375 -13.88 -49.10 60.22
N GLU QA 376 -14.05 -47.78 60.13
CA GLU QA 376 -14.60 -47.14 58.95
C GLU QA 376 -13.42 -46.58 58.17
N GLY QA 377 -12.80 -47.42 57.35
CA GLY QA 377 -11.60 -47.06 56.63
C GLY QA 377 -11.91 -46.77 55.17
N TYR QA 378 -11.24 -45.75 54.63
CA TYR QA 378 -11.38 -45.49 53.20
C TYR QA 378 -10.10 -44.82 52.71
N ILE QA 379 -10.01 -44.68 51.39
CA ILE QA 379 -8.84 -44.08 50.76
C ILE QA 379 -9.30 -42.99 49.82
N LYS QA 380 -8.80 -41.76 50.01
CA LYS QA 380 -9.19 -40.64 49.17
C LYS QA 380 -8.25 -40.61 47.98
N MET QA 381 -8.70 -41.15 46.85
CA MET QA 381 -7.87 -41.15 45.64
C MET QA 381 -7.72 -39.77 45.02
N SER QA 382 -8.55 -38.84 45.43
CA SER QA 382 -8.55 -37.46 44.95
C SER QA 382 -9.27 -36.65 46.02
N PRO QA 383 -9.21 -35.32 45.94
CA PRO QA 383 -10.07 -34.50 46.82
C PRO QA 383 -11.56 -34.78 46.67
N GLY QA 384 -11.99 -35.31 45.53
CA GLY QA 384 -13.39 -35.66 45.38
C GLY QA 384 -13.61 -37.11 45.00
N HIS QA 385 -12.84 -38.03 45.58
CA HIS QA 385 -12.95 -39.43 45.20
C HIS QA 385 -12.68 -40.29 46.43
N TRP QA 386 -13.63 -41.18 46.72
CA TRP QA 386 -13.57 -42.08 47.85
C TRP QA 386 -13.48 -43.52 47.36
N TYR QA 387 -12.65 -44.32 48.01
CA TYR QA 387 -12.53 -45.74 47.67
C TYR QA 387 -12.77 -46.54 48.94
N PHE QA 388 -13.83 -47.35 48.96
CA PHE QA 388 -14.18 -48.17 50.12
C PHE QA 388 -13.78 -49.60 49.85
N PRO QA 389 -12.67 -50.07 50.41
CA PRO QA 389 -12.19 -51.41 50.06
C PRO QA 389 -12.97 -52.47 50.82
N SER QA 390 -13.36 -53.51 50.11
CA SER QA 390 -14.01 -54.64 50.75
C SER QA 390 -13.00 -55.50 51.49
N PRO QA 391 -13.34 -55.95 52.73
CA PRO QA 391 -12.42 -56.74 53.57
C PRO QA 391 -12.14 -58.12 52.99
N ALA RA 171 23.32 -110.71 17.72
CA ALA RA 171 23.47 -109.67 18.73
C ALA RA 171 22.20 -109.50 19.56
N GLU RA 172 22.36 -109.30 20.85
CA GLU RA 172 21.22 -109.11 21.73
C GLU RA 172 20.69 -107.69 21.62
N LEU RA 173 19.48 -107.49 22.12
CA LEU RA 173 18.86 -106.18 22.00
C LEU RA 173 19.42 -105.19 23.02
N ASP RA 174 19.85 -105.67 24.18
CA ASP RA 174 20.32 -104.73 25.20
C ASP RA 174 21.67 -104.13 24.85
N SER RA 175 22.40 -104.74 23.92
CA SER RA 175 23.64 -104.15 23.44
C SER RA 175 23.44 -103.26 22.24
N LEU RA 176 22.31 -103.38 21.54
CA LEU RA 176 22.03 -102.55 20.39
C LEU RA 176 21.43 -101.19 20.75
N LEU RA 177 21.07 -100.96 22.00
CA LEU RA 177 20.67 -99.63 22.44
C LEU RA 177 21.91 -98.84 22.86
N GLY RA 178 21.68 -97.73 23.56
CA GLY RA 178 22.75 -96.83 23.92
C GLY RA 178 23.69 -97.38 24.98
N GLN RA 179 24.60 -96.52 25.42
CA GLN RA 179 25.59 -96.90 26.40
C GLN RA 179 24.97 -97.09 27.78
N GLU RA 180 24.07 -96.18 28.18
CA GLU RA 180 23.45 -96.25 29.48
C GLU RA 180 22.46 -97.41 29.53
N LYS RA 181 22.81 -98.47 30.26
CA LYS RA 181 21.93 -99.63 30.39
C LYS RA 181 21.04 -99.52 31.62
N GLU RA 182 20.37 -98.38 31.79
CA GLU RA 182 19.44 -98.23 32.89
C GLU RA 182 18.16 -97.54 32.50
N ARG RA 183 18.11 -96.90 31.34
CA ARG RA 183 16.91 -96.22 30.87
C ARG RA 183 16.04 -97.10 29.99
N PHE RA 184 16.31 -98.39 29.95
CA PHE RA 184 15.43 -99.30 29.21
C PHE RA 184 15.33 -100.60 29.97
N GLN RA 185 14.30 -101.36 29.66
CA GLN RA 185 14.10 -102.64 30.32
C GLN RA 185 13.39 -103.56 29.35
N VAL RA 186 14.06 -104.64 28.98
CA VAL RA 186 13.55 -105.58 27.98
C VAL RA 186 12.77 -106.70 28.66
N LEU RA 187 11.49 -106.82 28.33
CA LEU RA 187 10.65 -107.85 28.90
C LEU RA 187 10.27 -108.87 27.84
N PRO RA 188 10.54 -110.15 28.05
CA PRO RA 188 10.14 -111.16 27.06
C PRO RA 188 8.65 -111.41 27.13
N GLY RA 189 7.99 -111.42 25.98
CA GLY RA 189 6.55 -111.60 25.93
C GLY RA 189 6.17 -113.06 26.06
N ARG RA 190 4.89 -113.31 25.83
CA ARG RA 190 4.34 -114.66 25.91
C ARG RA 190 3.77 -115.06 24.55
N ASP RA 191 4.05 -114.28 23.52
CA ASP RA 191 3.65 -114.57 22.15
C ASP RA 191 4.82 -114.35 21.22
N LYS RA 192 6.01 -114.84 21.62
CA LYS RA 192 7.28 -114.78 20.87
C LYS RA 192 7.67 -113.35 20.49
N MET RA 193 7.50 -112.42 21.42
CA MET RA 193 7.79 -111.01 21.14
C MET RA 193 8.67 -110.46 22.25
N LEU RA 194 9.07 -109.19 22.12
CA LEU RA 194 10.04 -108.64 23.05
C LEU RA 194 9.73 -107.17 23.27
N TYR RA 195 9.20 -106.83 24.44
CA TYR RA 195 8.76 -105.47 24.69
C TYR RA 195 9.89 -104.69 25.34
N VAL RA 196 10.03 -103.43 24.95
CA VAL RA 196 11.03 -102.54 25.49
C VAL RA 196 10.28 -101.44 26.22
N ALA RA 197 10.61 -101.19 27.47
CA ALA RA 197 9.77 -100.27 28.24
C ALA RA 197 10.49 -98.94 28.37
N ALA RA 198 10.10 -97.97 27.54
CA ALA RA 198 10.62 -96.63 27.73
C ALA RA 198 9.73 -95.85 28.69
N GLN RA 199 10.24 -94.71 29.14
CA GLN RA 199 9.56 -93.92 30.16
C GLN RA 199 9.11 -92.54 29.71
N ASN RA 200 9.48 -92.10 28.51
CA ASN RA 200 8.96 -90.84 27.98
C ASN RA 200 8.96 -90.89 26.46
N GLU RA 201 8.59 -89.76 25.86
CA GLU RA 201 8.49 -89.71 24.41
C GLU RA 201 9.85 -89.66 23.75
N ARG RA 202 10.84 -89.07 24.41
CA ARG RA 202 12.14 -88.96 23.79
C ARG RA 202 12.81 -90.32 23.74
N ASP RA 203 12.70 -91.10 24.82
CA ASP RA 203 13.27 -92.44 24.74
C ASP RA 203 12.42 -93.40 23.94
N THR RA 204 11.11 -93.15 23.75
CA THR RA 204 10.38 -94.06 22.87
C THR RA 204 10.77 -93.83 21.42
N LEU RA 205 11.01 -92.57 21.03
CA LEU RA 205 11.50 -92.34 19.66
C LEU RA 205 12.96 -92.75 19.50
N TRP RA 206 13.71 -92.79 20.60
CA TRP RA 206 15.09 -93.28 20.56
C TRP RA 206 15.09 -94.77 20.30
N ALA RA 207 14.17 -95.48 20.93
CA ALA RA 207 14.12 -96.91 20.75
C ALA RA 207 13.43 -97.28 19.45
N ARG RA 208 12.52 -96.43 18.96
CA ARG RA 208 11.85 -96.73 17.70
C ARG RA 208 12.75 -96.51 16.51
N GLN RA 209 13.80 -95.70 16.65
CA GLN RA 209 14.74 -95.55 15.53
C GLN RA 209 15.55 -96.81 15.28
N VAL RA 210 15.80 -97.59 16.34
CA VAL RA 210 16.58 -98.82 16.21
C VAL RA 210 15.78 -99.86 15.45
N LEU RA 211 14.53 -100.09 15.87
CA LEU RA 211 13.75 -101.12 15.23
C LEU RA 211 13.24 -100.69 13.87
N ALA RA 212 13.22 -99.38 13.59
CA ALA RA 212 12.76 -98.95 12.29
C ALA RA 212 13.87 -98.99 11.25
N ARG RA 213 15.12 -98.76 11.65
CA ARG RA 213 16.17 -98.91 10.65
C ARG RA 213 16.51 -100.36 10.35
N GLY RA 214 16.10 -101.29 11.22
CA GLY RA 214 16.09 -102.68 10.86
C GLY RA 214 17.33 -103.48 11.20
N ASP RA 215 18.07 -103.09 12.23
CA ASP RA 215 19.20 -103.90 12.67
C ASP RA 215 18.82 -104.87 13.78
N TYR RA 216 17.74 -105.61 13.58
CA TYR RA 216 17.34 -106.67 14.50
C TYR RA 216 16.45 -107.63 13.73
N ASP RA 217 16.82 -108.91 13.76
CA ASP RA 217 16.19 -109.93 12.93
C ASP RA 217 14.94 -110.53 13.56
N LYS RA 218 14.50 -110.04 14.70
CA LYS RA 218 13.32 -110.58 15.36
C LYS RA 218 12.24 -109.50 15.44
N ASN RA 219 11.16 -109.82 16.15
CA ASN RA 219 10.06 -108.90 16.35
C ASN RA 219 10.13 -108.29 17.75
N ALA RA 220 9.85 -106.99 17.83
CA ALA RA 220 9.93 -106.30 19.10
C ALA RA 220 9.03 -105.08 19.09
N ARG RA 221 8.59 -104.68 20.28
CA ARG RA 221 7.75 -103.50 20.44
C ARG RA 221 8.34 -102.59 21.51
N VAL RA 222 7.88 -101.34 21.51
CA VAL RA 222 8.26 -100.37 22.52
C VAL RA 222 7.03 -99.84 23.25
N ILE RA 223 6.88 -100.16 24.52
CA ILE RA 223 5.74 -99.71 25.27
C ILE RA 223 6.10 -98.49 26.11
N ASN RA 224 5.06 -97.83 26.61
CA ASN RA 224 5.06 -96.59 27.38
C ASN RA 224 3.81 -96.60 28.21
N GLU RA 225 3.88 -95.97 29.38
CA GLU RA 225 2.75 -95.98 30.30
C GLU RA 225 1.58 -95.17 29.77
N ASN RA 226 1.87 -94.03 29.16
CA ASN RA 226 0.79 -93.21 28.63
C ASN RA 226 0.18 -93.81 27.37
N GLU RA 227 0.96 -94.53 26.58
CA GLU RA 227 0.39 -95.04 25.34
C GLU RA 227 -0.41 -96.30 25.62
N GLU RA 228 0.11 -97.18 26.48
CA GLU RA 228 -0.63 -98.39 26.78
C GLU RA 228 -1.86 -98.09 27.63
N ASN RA 229 -1.86 -96.96 28.35
CA ASN RA 229 -3.03 -96.59 29.12
C ASN RA 229 -4.17 -96.15 28.23
N LYS RA 230 -3.90 -95.74 27.00
CA LYS RA 230 -4.99 -95.45 26.10
C LYS RA 230 -5.28 -96.60 25.17
N ARG RA 231 -4.34 -97.52 25.04
CA ARG RA 231 -4.61 -98.68 24.20
C ARG RA 231 -5.57 -99.63 24.89
N ILE RA 232 -5.42 -99.87 26.18
CA ILE RA 232 -6.37 -100.75 26.86
C ILE RA 232 -7.43 -99.94 27.61
N SER RA 233 -7.63 -98.67 27.25
CA SER RA 233 -8.86 -97.98 27.58
C SER RA 233 -9.72 -97.75 26.35
N ILE RA 234 -9.20 -98.02 25.16
CA ILE RA 234 -10.06 -98.06 23.98
C ILE RA 234 -10.79 -99.40 23.93
N TRP RA 235 -10.08 -100.49 24.22
CA TRP RA 235 -10.70 -101.81 24.30
C TRP RA 235 -11.71 -101.88 25.42
N LEU RA 236 -11.44 -101.15 26.50
CA LEU RA 236 -12.31 -101.17 27.67
C LEU RA 236 -13.56 -100.35 27.47
N ASP RA 237 -13.63 -99.53 26.42
CA ASP RA 237 -14.83 -98.77 26.13
C ASP RA 237 -15.60 -99.38 24.99
N THR RA 238 -15.26 -100.61 24.65
CA THR RA 238 -16.01 -101.39 23.68
C THR RA 238 -16.53 -102.67 24.31
N TYR RA 239 -15.68 -103.41 25.00
CA TYR RA 239 -16.17 -104.66 25.57
C TYR RA 239 -16.64 -104.54 27.01
N TYR RA 240 -16.34 -103.45 27.69
CA TYR RA 240 -16.82 -103.23 29.06
C TYR RA 240 -17.25 -101.78 29.27
N PRO RA 241 -18.35 -101.37 28.65
CA PRO RA 241 -18.79 -99.98 28.85
C PRO RA 241 -19.45 -99.83 30.21
N GLN RA 242 -19.61 -98.56 30.61
CA GLN RA 242 -20.17 -98.16 31.90
C GLN RA 242 -19.38 -98.79 33.07
N LEU RA 243 -18.08 -98.55 33.05
CA LEU RA 243 -17.15 -99.05 34.04
C LEU RA 243 -16.47 -97.87 34.68
N ALA RA 244 -16.15 -98.00 35.96
CA ALA RA 244 -15.57 -96.91 36.72
C ALA RA 244 -14.16 -97.29 37.13
N TYR RA 245 -13.18 -96.67 36.47
CA TYR RA 245 -11.78 -96.89 36.75
C TYR RA 245 -11.05 -95.57 36.62
N TYR RA 246 -9.80 -95.56 37.08
CA TYR RA 246 -9.01 -94.33 37.09
C TYR RA 246 -7.79 -94.42 36.18
N ARG RA 247 -6.91 -95.39 36.42
CA ARG RA 247 -5.57 -95.36 35.87
C ARG RA 247 -4.96 -96.73 36.06
N ILE RA 248 -4.05 -97.11 35.18
CA ILE RA 248 -3.26 -98.32 35.32
C ILE RA 248 -1.82 -97.92 35.58
N HIS RA 249 -1.23 -98.45 36.64
CA HIS RA 249 0.09 -98.02 37.09
C HIS RA 249 1.10 -99.11 36.76
N PHE RA 250 2.19 -98.72 36.11
CA PHE RA 250 3.22 -99.64 35.65
C PHE RA 250 4.56 -99.41 36.30
N ASP RA 251 4.59 -99.21 37.63
CA ASP RA 251 5.87 -99.07 38.31
C ASP RA 251 6.61 -100.39 38.38
N GLU RA 252 5.91 -101.51 38.36
CA GLU RA 252 6.54 -102.81 38.15
C GLU RA 252 5.82 -103.44 36.97
N PRO RA 253 6.44 -103.49 35.79
CA PRO RA 253 5.70 -103.83 34.57
C PRO RA 253 5.32 -105.28 34.43
N ARG RA 254 5.77 -106.17 35.33
CA ARG RA 254 5.31 -107.54 35.31
C ARG RA 254 4.10 -107.77 36.21
N LYS RA 255 3.72 -106.78 37.01
CA LYS RA 255 2.51 -106.87 37.83
C LYS RA 255 1.86 -105.50 37.81
N PRO RA 256 1.02 -105.23 36.83
CA PRO RA 256 0.31 -103.96 36.80
C PRO RA 256 -0.79 -103.92 37.85
N VAL RA 257 -1.17 -102.71 38.23
CA VAL RA 257 -2.17 -102.49 39.26
C VAL RA 257 -3.32 -101.71 38.63
N PHE RA 258 -4.51 -102.30 38.63
CA PHE RA 258 -5.70 -101.69 38.05
C PHE RA 258 -6.46 -101.00 39.17
N TRP RA 259 -6.58 -99.67 39.07
CA TRP RA 259 -7.19 -98.86 40.11
C TRP RA 259 -8.66 -98.66 39.80
N LEU RA 260 -9.52 -99.45 40.44
CA LEU RA 260 -10.95 -99.39 40.22
C LEU RA 260 -11.62 -98.54 41.30
N SER RA 261 -12.85 -98.14 41.01
CA SER RA 261 -13.64 -97.37 41.96
C SER RA 261 -14.48 -98.34 42.77
N ARG RA 262 -14.74 -97.98 44.02
CA ARG RA 262 -15.46 -98.86 44.94
C ARG RA 262 -16.94 -98.53 45.04
N GLN RA 263 -17.28 -97.25 45.11
CA GLN RA 263 -18.66 -96.85 45.36
C GLN RA 263 -19.43 -96.59 44.07
N ARG RA 264 -18.94 -97.09 42.95
CA ARG RA 264 -19.61 -96.89 41.68
C ARG RA 264 -19.64 -98.12 40.78
N ASN RA 265 -19.29 -99.29 41.28
CA ASN RA 265 -19.34 -100.51 40.49
C ASN RA 265 -20.22 -101.56 41.17
N THR RA 266 -20.80 -102.43 40.36
CA THR RA 266 -21.65 -103.50 40.86
C THR RA 266 -21.07 -104.89 40.57
N MET RA 267 -19.74 -105.02 40.63
CA MET RA 267 -19.14 -106.31 40.29
C MET RA 267 -18.91 -107.18 41.51
N SER RA 268 -19.17 -108.47 41.35
CA SER RA 268 -18.89 -109.46 42.38
C SER RA 268 -17.46 -109.97 42.24
N LYS RA 269 -17.09 -110.91 43.10
CA LYS RA 269 -15.71 -111.40 43.07
C LYS RA 269 -15.49 -112.31 41.89
N LYS RA 270 -16.53 -113.02 41.46
CA LYS RA 270 -16.38 -113.88 40.30
C LYS RA 270 -16.26 -113.04 39.04
N GLU RA 271 -16.95 -111.90 39.01
CA GLU RA 271 -16.84 -111.03 37.85
C GLU RA 271 -15.52 -110.27 37.85
N LEU RA 272 -14.92 -110.03 39.03
CA LEU RA 272 -13.61 -109.41 39.00
C LEU RA 272 -12.54 -110.42 38.59
N GLU RA 273 -12.78 -111.70 38.85
CA GLU RA 273 -11.83 -112.71 38.41
C GLU RA 273 -11.83 -112.86 36.89
N VAL RA 274 -13.00 -112.75 36.26
CA VAL RA 274 -13.04 -112.84 34.81
C VAL RA 274 -12.49 -111.56 34.18
N LEU RA 275 -12.73 -110.40 34.80
CA LEU RA 275 -12.12 -109.18 34.27
C LEU RA 275 -10.60 -109.19 34.41
N SER RA 276 -10.07 -109.77 35.50
CA SER RA 276 -8.62 -109.89 35.63
C SER RA 276 -8.06 -110.97 34.72
N GLN RA 277 -8.90 -111.86 34.22
CA GLN RA 277 -8.34 -112.85 33.32
C GLN RA 277 -8.36 -112.35 31.89
N LYS RA 278 -9.40 -111.62 31.51
CA LYS RA 278 -9.46 -111.07 30.15
C LYS RA 278 -8.57 -109.85 29.98
N LEU RA 279 -8.27 -109.13 31.06
CA LEU RA 279 -7.30 -108.03 31.01
C LEU RA 279 -5.86 -108.51 30.92
N ARG RA 280 -5.61 -109.76 31.28
CA ARG RA 280 -4.25 -110.31 31.20
C ARG RA 280 -3.84 -110.62 29.77
N ALA RA 281 -4.79 -110.99 28.93
CA ALA RA 281 -4.49 -111.33 27.55
C ALA RA 281 -4.13 -110.13 26.69
N LEU RA 282 -4.52 -108.92 27.08
CA LEU RA 282 -4.11 -107.77 26.28
C LEU RA 282 -2.69 -107.33 26.55
N MET RA 283 -2.06 -107.81 27.61
CA MET RA 283 -0.68 -107.47 27.93
C MET RA 283 0.06 -108.79 28.07
N PRO RA 284 0.59 -109.33 26.96
CA PRO RA 284 1.26 -110.62 27.03
C PRO RA 284 2.57 -110.58 27.79
N TYR RA 285 3.17 -109.40 27.95
CA TYR RA 285 4.39 -109.28 28.73
C TYR RA 285 4.11 -109.37 30.22
N ALA RA 286 2.90 -109.04 30.65
CA ALA RA 286 2.59 -109.03 32.07
C ALA RA 286 2.45 -110.46 32.57
N ASP RA 287 2.36 -110.60 33.89
CA ASP RA 287 2.24 -111.91 34.51
C ASP RA 287 0.94 -112.07 35.26
N SER RA 288 0.57 -111.09 36.08
CA SER RA 288 -0.66 -111.16 36.86
C SER RA 288 -1.10 -109.75 37.18
N VAL RA 289 -2.24 -109.36 36.67
CA VAL RA 289 -2.80 -108.04 36.93
C VAL RA 289 -3.48 -108.05 38.29
N ASN RA 290 -3.22 -107.03 39.10
CA ASN RA 290 -3.79 -106.94 40.43
C ASN RA 290 -4.82 -105.84 40.40
N ILE RA 291 -6.06 -106.19 40.72
CA ILE RA 291 -7.16 -105.25 40.69
C ILE RA 291 -7.45 -104.84 42.11
N THR RA 292 -7.33 -103.54 42.39
CA THR RA 292 -7.64 -103.04 43.71
C THR RA 292 -8.61 -101.89 43.57
N LEU RA 293 -9.43 -101.72 44.60
CA LEU RA 293 -10.49 -100.74 44.61
C LEU RA 293 -10.12 -99.64 45.59
N MET RA 294 -10.49 -98.42 45.26
CA MET RA 294 -10.19 -97.31 46.15
C MET RA 294 -11.44 -96.49 46.39
N ASP RA 295 -11.39 -95.72 47.48
CA ASP RA 295 -12.52 -94.91 47.88
C ASP RA 295 -12.71 -93.75 46.94
N ASP RA 296 -13.97 -93.40 46.72
CA ASP RA 296 -14.33 -92.31 45.83
C ASP RA 296 -14.26 -90.96 46.51
N VAL RA 297 -14.08 -90.93 47.83
CA VAL RA 297 -14.04 -89.69 48.58
C VAL RA 297 -12.63 -89.15 48.69
N THR RA 298 -11.63 -90.01 48.88
CA THR RA 298 -10.26 -89.53 48.99
C THR RA 298 -9.71 -89.04 47.65
N ALA RA 299 -10.35 -89.40 46.53
CA ALA RA 299 -9.97 -88.86 45.24
C ALA RA 299 -10.32 -87.39 45.13
N ALA RA 300 -11.40 -86.96 45.76
CA ALA RA 300 -11.70 -85.54 45.74
C ALA RA 300 -11.17 -84.85 46.97
N GLY RA 301 -10.86 -85.60 48.03
CA GLY RA 301 -10.28 -84.97 49.20
C GLY RA 301 -8.84 -84.56 48.97
N GLN RA 302 -8.07 -85.40 48.26
CA GLN RA 302 -6.70 -84.98 47.97
C GLN RA 302 -6.67 -83.92 46.90
N ALA RA 303 -7.72 -83.84 46.08
CA ALA RA 303 -7.75 -82.83 45.03
C ALA RA 303 -8.14 -81.49 45.59
N GLU RA 304 -8.91 -81.47 46.67
CA GLU RA 304 -9.24 -80.18 47.24
C GLU RA 304 -8.19 -79.76 48.26
N ALA RA 305 -7.55 -80.72 48.93
CA ALA RA 305 -6.51 -80.36 49.88
C ALA RA 305 -5.27 -79.86 49.17
N GLY RA 306 -4.93 -80.41 48.00
CA GLY RA 306 -3.82 -79.83 47.29
C GLY RA 306 -4.17 -78.52 46.60
N LEU RA 307 -5.46 -78.26 46.36
CA LEU RA 307 -5.84 -77.00 45.76
C LEU RA 307 -6.01 -75.89 46.78
N LYS RA 308 -6.01 -76.22 48.07
CA LYS RA 308 -6.10 -75.16 49.06
C LYS RA 308 -4.77 -74.75 49.65
N GLN RA 309 -3.73 -75.58 49.52
CA GLN RA 309 -2.41 -75.18 50.03
C GLN RA 309 -1.78 -74.08 49.19
N GLN RA 310 -2.04 -74.04 47.90
CA GLN RA 310 -1.42 -73.05 47.04
C GLN RA 310 -2.15 -71.71 47.03
N ALA RA 311 -3.22 -71.57 47.82
CA ALA RA 311 -4.04 -70.34 47.90
C ALA RA 311 -4.60 -69.94 46.54
N LEU RA 312 -5.13 -70.91 45.84
CA LEU RA 312 -5.70 -70.72 44.52
C LEU RA 312 -7.20 -70.55 44.64
N PRO RA 313 -7.76 -69.49 44.05
CA PRO RA 313 -9.23 -69.34 44.07
C PRO RA 313 -9.88 -70.34 43.14
N TYR RA 314 -10.87 -71.06 43.66
CA TYR RA 314 -11.50 -72.13 42.90
C TYR RA 314 -12.99 -72.11 43.14
N SER RA 315 -13.67 -73.07 42.52
CA SER RA 315 -15.12 -73.20 42.64
C SER RA 315 -15.48 -74.64 42.33
N ARG RA 316 -15.97 -75.36 43.32
CA ARG RA 316 -16.25 -76.79 43.21
C ARG RA 316 -17.68 -77.02 42.75
N ARG RA 317 -17.86 -77.90 41.77
CA ARG RA 317 -19.18 -78.27 41.27
C ARG RA 317 -19.34 -79.78 41.40
N ASN RA 318 -20.20 -80.19 42.33
CA ASN RA 318 -20.47 -81.60 42.55
C ASN RA 318 -21.66 -82.02 41.70
N HIS RA 319 -21.52 -83.13 40.99
CA HIS RA 319 -22.64 -83.75 40.31
C HIS RA 319 -22.41 -85.26 40.25
N LYS RA 320 -23.32 -85.97 39.60
CA LYS RA 320 -23.25 -87.43 39.58
C LYS RA 320 -22.13 -87.90 38.67
N GLY RA 321 -21.30 -88.81 39.18
CA GLY RA 321 -20.25 -89.39 38.37
C GLY RA 321 -19.11 -88.47 38.02
N GLY RA 322 -18.72 -87.60 38.93
CA GLY RA 322 -17.59 -86.72 38.70
C GLY RA 322 -17.81 -85.39 39.39
N VAL RA 323 -16.70 -84.76 39.78
CA VAL RA 323 -16.71 -83.42 40.33
C VAL RA 323 -15.90 -82.56 39.37
N THR RA 324 -15.94 -81.25 39.59
CA THR RA 324 -15.25 -80.34 38.68
C THR RA 324 -14.74 -79.14 39.46
N PHE RA 325 -13.47 -78.81 39.32
CA PHE RA 325 -12.93 -77.62 39.96
C PHE RA 325 -12.64 -76.58 38.89
N VAL RA 326 -13.24 -75.41 39.04
CA VAL RA 326 -13.15 -74.34 38.07
C VAL RA 326 -12.31 -73.24 38.67
N ILE RA 327 -11.21 -72.91 38.00
CA ILE RA 327 -10.28 -71.87 38.43
C ILE RA 327 -10.31 -70.79 37.36
N GLN RA 328 -11.12 -69.76 37.57
CA GLN RA 328 -11.25 -68.68 36.61
C GLN RA 328 -10.73 -67.40 37.24
N GLY RA 329 -10.66 -66.35 36.43
CA GLY RA 329 -10.23 -65.05 36.90
C GLY RA 329 -8.94 -64.62 36.23
N ALA RA 330 -8.41 -63.50 36.70
CA ALA RA 330 -7.15 -62.94 36.19
C ALA RA 330 -6.04 -63.33 37.16
N LEU RA 331 -5.44 -64.49 36.94
CA LEU RA 331 -4.41 -64.98 37.85
C LEU RA 331 -3.06 -64.37 37.50
N ASP RA 332 -2.24 -64.16 38.51
CA ASP RA 332 -0.88 -63.69 38.28
C ASP RA 332 0.06 -64.86 37.94
N ASP RA 333 1.32 -64.51 37.73
CA ASP RA 333 2.27 -65.45 37.14
C ASP RA 333 2.69 -66.54 38.11
N VAL RA 334 2.71 -66.26 39.41
CA VAL RA 334 3.12 -67.31 40.33
C VAL RA 334 1.96 -68.24 40.60
N GLU RA 335 0.75 -67.81 40.26
CA GLU RA 335 -0.41 -68.66 40.47
C GLU RA 335 -0.80 -69.41 39.22
N ILE RA 336 -0.20 -69.10 38.07
CA ILE RA 336 -0.37 -70.04 36.97
C ILE RA 336 0.67 -71.15 37.07
N LEU RA 337 1.85 -70.84 37.60
CA LEU RA 337 2.89 -71.86 37.74
C LEU RA 337 2.58 -72.83 38.86
N ARG RA 338 2.06 -72.35 39.97
CA ARG RA 338 1.71 -73.28 41.04
C ARG RA 338 0.44 -74.05 40.71
N ALA RA 339 -0.44 -73.50 39.87
CA ALA RA 339 -1.61 -74.24 39.46
C ALA RA 339 -1.33 -75.18 38.31
N ARG RA 340 -0.16 -75.12 37.71
CA ARG RA 340 0.18 -76.11 36.71
C ARG RA 340 1.06 -77.22 37.28
N GLN RA 341 1.92 -76.89 38.25
CA GLN RA 341 2.75 -77.91 38.88
C GLN RA 341 1.94 -78.83 39.77
N PHE RA 342 0.74 -78.43 40.15
CA PHE RA 342 -0.12 -79.28 40.97
C PHE RA 342 -1.01 -80.15 40.11
N VAL RA 343 -1.53 -79.59 39.02
CA VAL RA 343 -2.40 -80.36 38.13
C VAL RA 343 -1.62 -81.47 37.44
N ASP RA 344 -0.38 -81.18 37.05
CA ASP RA 344 0.43 -82.22 36.40
C ASP RA 344 0.79 -83.34 37.38
N SER RA 345 1.02 -82.99 38.64
CA SER RA 345 1.31 -84.00 39.64
C SER RA 345 0.06 -84.77 40.06
N TYR RA 346 -1.11 -84.17 39.91
CA TYR RA 346 -2.31 -84.94 40.24
C TYR RA 346 -2.69 -85.85 39.09
N TYR RA 347 -2.57 -85.35 37.86
CA TYR RA 347 -2.90 -86.11 36.67
C TYR RA 347 -1.94 -87.26 36.47
N ARG RA 348 -0.73 -87.17 37.02
CA ARG RA 348 0.22 -88.27 36.86
C ARG RA 348 -0.18 -89.48 37.67
N THR RA 349 -0.89 -89.28 38.77
CA THR RA 349 -1.23 -90.38 39.67
C THR RA 349 -2.70 -90.78 39.66
N TRP RA 350 -3.62 -89.89 39.33
CA TRP RA 350 -5.05 -90.22 39.40
C TRP RA 350 -5.76 -90.24 38.06
N GLY RA 351 -5.18 -89.67 37.01
CA GLY RA 351 -5.86 -89.60 35.73
C GLY RA 351 -6.91 -88.50 35.71
N GLY RA 352 -7.62 -88.43 34.59
CA GLY RA 352 -8.63 -87.41 34.45
C GLY RA 352 -10.03 -87.93 34.21
N ARG RA 353 -10.33 -89.12 34.72
CA ARG RA 353 -11.63 -89.73 34.50
C ARG RA 353 -12.69 -89.16 35.44
N TYR RA 354 -12.36 -89.03 36.71
CA TYR RA 354 -13.34 -88.63 37.72
C TYR RA 354 -13.35 -87.12 37.97
N VAL RA 355 -12.24 -86.57 38.41
CA VAL RA 355 -12.13 -85.18 38.82
C VAL RA 355 -11.40 -84.41 37.73
N GLN RA 356 -11.93 -83.23 37.36
CA GLN RA 356 -11.40 -82.47 36.26
C GLN RA 356 -11.25 -81.00 36.59
N PHE RA 357 -10.06 -80.47 36.33
CA PHE RA 357 -9.74 -79.08 36.54
C PHE RA 357 -10.01 -78.30 35.27
N ALA RA 358 -10.61 -77.12 35.42
CA ALA RA 358 -10.95 -76.24 34.32
C ALA RA 358 -10.28 -74.92 34.66
N ILE RA 359 -9.02 -74.79 34.29
CA ILE RA 359 -8.27 -73.55 34.47
C ILE RA 359 -8.55 -72.66 33.27
N GLU RA 360 -8.97 -71.42 33.55
CA GLU RA 360 -9.40 -70.52 32.49
C GLU RA 360 -8.90 -69.12 32.80
N LEU RA 361 -7.97 -68.61 31.99
CA LEU RA 361 -7.40 -67.30 32.23
C LEU RA 361 -8.19 -66.29 31.44
N LYS RA 362 -8.96 -65.45 32.13
CA LYS RA 362 -9.76 -64.46 31.44
C LYS RA 362 -9.79 -63.19 32.27
N ASP RA 363 -10.17 -62.10 31.61
CA ASP RA 363 -10.14 -60.78 32.22
C ASP RA 363 -11.39 -60.61 33.07
N ASP RA 364 -11.62 -59.39 33.56
CA ASP RA 364 -12.77 -59.14 34.39
C ASP RA 364 -13.98 -59.07 33.48
N TRP RA 365 -14.97 -59.91 33.75
CA TRP RA 365 -16.23 -59.83 33.03
C TRP RA 365 -16.92 -58.53 33.40
N LEU RA 366 -17.65 -57.97 32.43
CA LEU RA 366 -18.26 -56.64 32.52
C LEU RA 366 -17.19 -55.59 32.84
N LYS RA 367 -16.35 -55.40 31.81
CA LYS RA 367 -14.97 -54.93 31.84
C LYS RA 367 -14.72 -53.75 32.77
N GLY RA 368 -15.37 -52.63 32.51
CA GLY RA 368 -15.26 -51.47 33.36
C GLY RA 368 -16.61 -50.87 33.71
N ARG RA 369 -17.67 -51.62 33.44
CA ARG RA 369 -19.02 -51.11 33.59
C ARG RA 369 -19.49 -51.29 35.03
N SER RA 370 -20.18 -50.28 35.54
CA SER RA 370 -20.81 -50.41 36.84
C SER RA 370 -22.15 -51.13 36.68
N PHE RA 371 -22.48 -51.98 37.64
CA PHE RA 371 -23.70 -52.78 37.55
C PHE RA 371 -24.27 -52.97 38.94
N GLN RA 372 -25.51 -53.43 38.98
CA GLN RA 372 -26.24 -53.64 40.23
C GLN RA 372 -26.70 -55.09 40.19
N TYR RA 373 -26.11 -55.93 41.03
CA TYR RA 373 -26.25 -57.37 40.87
C TYR RA 373 -27.34 -57.94 41.77
N GLY RA 374 -27.82 -59.11 41.37
CA GLY RA 374 -28.65 -59.96 42.19
C GLY RA 374 -30.13 -59.89 41.89
N ALA RA 375 -30.61 -60.81 41.04
CA ALA RA 375 -32.01 -61.17 40.84
C ALA RA 375 -32.88 -60.09 40.18
N GLU RA 376 -32.37 -58.87 40.09
CA GLU RA 376 -32.96 -57.79 39.30
C GLU RA 376 -31.76 -56.91 38.93
N GLY RA 377 -31.18 -57.19 37.76
CA GLY RA 377 -29.88 -56.66 37.41
C GLY RA 377 -29.98 -55.72 36.23
N TYR RA 378 -29.09 -54.74 36.20
CA TYR RA 378 -28.97 -53.91 35.01
C TYR RA 378 -27.54 -53.42 34.94
N ILE RA 379 -27.06 -53.25 33.73
CA ILE RA 379 -25.73 -52.69 33.51
C ILE RA 379 -25.88 -51.28 32.98
N LYS RA 380 -25.04 -50.38 33.49
CA LYS RA 380 -25.06 -48.98 33.06
C LYS RA 380 -23.96 -48.85 32.02
N MET RA 381 -24.36 -48.86 30.74
CA MET RA 381 -23.40 -48.72 29.65
C MET RA 381 -22.78 -47.33 29.57
N SER RA 382 -23.41 -46.36 30.20
CA SER RA 382 -23.05 -44.96 30.19
C SER RA 382 -23.83 -44.31 31.32
N PRO RA 383 -23.50 -43.07 31.70
CA PRO RA 383 -24.34 -42.39 32.69
C PRO RA 383 -25.80 -42.24 32.28
N GLY RA 384 -26.12 -42.32 30.99
CA GLY RA 384 -27.50 -42.28 30.58
C GLY RA 384 -27.96 -43.47 29.75
N HIS RA 385 -27.54 -44.68 30.09
CA HIS RA 385 -27.84 -45.85 29.25
C HIS RA 385 -27.96 -47.07 30.14
N TRP RA 386 -29.09 -47.77 30.01
CA TRP RA 386 -29.37 -48.97 30.78
C TRP RA 386 -29.51 -50.16 29.86
N TYR RA 387 -28.91 -51.29 30.26
CA TYR RA 387 -28.95 -52.52 29.49
C TYR RA 387 -29.45 -53.59 30.46
N PHE RA 388 -30.40 -54.41 30.01
CA PHE RA 388 -31.07 -55.38 30.87
C PHE RA 388 -30.87 -56.80 30.36
N PRO RA 389 -29.70 -57.38 30.56
CA PRO RA 389 -29.53 -58.80 30.29
C PRO RA 389 -29.94 -59.63 31.49
N SER RA 390 -29.60 -60.93 31.46
CA SER RA 390 -29.72 -61.91 32.53
C SER RA 390 -29.25 -61.41 33.88
N PRO RA 391 -29.85 -61.90 34.99
CA PRO RA 391 -29.56 -61.29 36.30
C PRO RA 391 -28.14 -61.55 36.77
N LEU RA 392 -27.33 -60.50 36.73
CA LEU RA 392 -25.92 -60.63 37.06
C LEU RA 392 -25.72 -60.80 38.56
N ALA SA 171 6.78 -114.45 -2.51
CA ALA SA 171 6.58 -113.08 -2.05
C ALA SA 171 5.30 -112.96 -1.24
N GLU SA 172 5.41 -113.18 0.06
CA GLU SA 172 4.24 -113.07 0.91
C GLU SA 172 3.86 -111.60 1.10
N LEU SA 173 2.62 -111.38 1.54
CA LEU SA 173 2.08 -110.03 1.61
C LEU SA 173 2.66 -109.21 2.76
N ASP SA 174 3.02 -109.85 3.88
CA ASP SA 174 3.51 -109.11 5.04
C ASP SA 174 4.92 -108.58 4.84
N SER SA 175 5.65 -109.07 3.86
CA SER SA 175 6.97 -108.54 3.59
C SER SA 175 6.94 -107.36 2.64
N LEU SA 176 5.90 -107.23 1.81
CA LEU SA 176 5.85 -106.09 0.90
C LEU SA 176 5.42 -104.81 1.59
N LEU SA 177 4.90 -104.89 2.80
CA LEU SA 177 4.59 -103.71 3.59
C LEU SA 177 5.86 -103.26 4.30
N GLY SA 178 5.72 -102.37 5.28
CA GLY SA 178 6.87 -101.79 5.92
C GLY SA 178 7.64 -102.76 6.80
N GLN SA 179 8.67 -102.22 7.46
CA GLN SA 179 9.51 -103.02 8.32
C GLN SA 179 8.78 -103.42 9.59
N GLU SA 180 8.03 -102.48 10.18
CA GLU SA 180 7.29 -102.74 11.41
C GLU SA 180 6.10 -103.61 11.09
N LYS SA 181 6.18 -104.88 11.48
CA LYS SA 181 5.10 -105.84 11.25
C LYS SA 181 4.12 -105.85 12.41
N GLU SA 182 3.63 -104.66 12.78
CA GLU SA 182 2.73 -104.55 13.92
C GLU SA 182 1.49 -103.77 13.53
N ARG SA 183 1.63 -102.85 12.58
CA ARG SA 183 0.51 -101.99 12.23
C ARG SA 183 -0.44 -102.62 11.24
N PHE SA 184 -0.01 -103.62 10.48
CA PHE SA 184 -0.87 -104.22 9.48
C PHE SA 184 -1.16 -105.67 9.84
N GLN SA 185 -2.40 -106.08 9.59
CA GLN SA 185 -2.85 -107.44 9.88
C GLN SA 185 -3.52 -108.00 8.63
N VAL SA 186 -3.10 -109.18 8.20
CA VAL SA 186 -3.58 -109.80 6.97
C VAL SA 186 -4.51 -110.93 7.34
N LEU SA 187 -5.76 -110.84 6.86
CA LEU SA 187 -6.77 -111.83 7.16
C LEU SA 187 -7.22 -112.57 5.89
N PRO SA 188 -7.30 -113.89 5.93
CA PRO SA 188 -7.78 -114.64 4.78
C PRO SA 188 -9.30 -114.55 4.66
N GLY SA 189 -9.78 -114.32 3.45
CA GLY SA 189 -11.19 -114.15 3.19
C GLY SA 189 -11.87 -115.44 2.79
N ARG SA 190 -13.20 -115.40 2.83
CA ARG SA 190 -13.99 -116.56 2.46
C ARG SA 190 -14.20 -116.65 0.96
N ASP SA 191 -14.06 -115.54 0.24
CA ASP SA 191 -14.24 -115.52 -1.20
C ASP SA 191 -12.92 -115.61 -1.96
N LYS SA 192 -11.94 -116.34 -1.39
CA LYS SA 192 -10.59 -116.52 -1.96
C LYS SA 192 -9.88 -115.20 -2.21
N MET SA 193 -9.88 -114.33 -1.20
CA MET SA 193 -9.22 -113.05 -1.25
C MET SA 193 -8.42 -112.83 0.02
N LEU SA 194 -7.67 -111.74 0.06
CA LEU SA 194 -6.79 -111.48 1.20
C LEU SA 194 -6.96 -110.02 1.61
N TYR SA 195 -7.41 -109.79 2.84
CA TYR SA 195 -7.74 -108.45 3.29
C TYR SA 195 -6.66 -107.92 4.23
N VAL SA 196 -6.21 -106.71 3.99
CA VAL SA 196 -5.28 -106.06 4.91
C VAL SA 196 -6.09 -105.05 5.71
N ALA SA 197 -5.89 -105.05 7.02
CA ALA SA 197 -6.71 -104.23 7.92
C ALA SA 197 -5.82 -103.18 8.54
N ALA SA 198 -5.74 -102.03 7.89
CA ALA SA 198 -5.11 -100.86 8.47
C ALA SA 198 -6.06 -100.21 9.46
N GLN SA 199 -5.57 -99.18 10.15
CA GLN SA 199 -6.36 -98.57 11.20
C GLN SA 199 -6.50 -97.06 11.12
N ASN SA 200 -5.92 -96.39 10.13
CA ASN SA 200 -6.17 -94.97 9.92
C ASN SA 200 -5.98 -94.62 8.45
N GLU SA 201 -6.25 -93.35 8.15
CA GLU SA 201 -6.19 -92.88 6.76
C GLU SA 201 -4.76 -92.74 6.27
N ARG SA 202 -3.80 -92.52 7.17
CA ARG SA 202 -2.44 -92.37 6.69
C ARG SA 202 -1.84 -93.70 6.29
N ASP SA 203 -2.24 -94.79 6.92
CA ASP SA 203 -1.74 -96.11 6.54
C ASP SA 203 -2.62 -96.83 5.52
N THR SA 204 -3.83 -96.35 5.24
CA THR SA 204 -4.58 -96.96 4.16
C THR SA 204 -3.99 -96.61 2.80
N LEU SA 205 -3.49 -95.39 2.62
CA LEU SA 205 -2.83 -95.07 1.36
C LEU SA 205 -1.48 -95.74 1.23
N TRP SA 206 -0.88 -96.10 2.36
CA TRP SA 206 0.37 -96.87 2.34
C TRP SA 206 0.09 -98.27 1.83
N ALA SA 207 -0.95 -98.91 2.37
CA ALA SA 207 -1.23 -100.25 1.94
C ALA SA 207 -1.93 -100.29 0.58
N ARG SA 208 -2.48 -99.17 0.12
CA ARG SA 208 -3.05 -99.18 -1.22
C ARG SA 208 -2.04 -98.90 -2.33
N GLN SA 209 -0.91 -98.24 -2.02
CA GLN SA 209 0.08 -98.03 -3.08
C GLN SA 209 0.77 -99.32 -3.52
N VAL SA 210 0.96 -100.26 -2.61
CA VAL SA 210 1.57 -101.54 -2.97
C VAL SA 210 0.64 -102.32 -3.88
N LEU SA 211 -0.64 -102.40 -3.53
CA LEU SA 211 -1.57 -103.16 -4.35
C LEU SA 211 -1.94 -102.42 -5.61
N ALA SA 212 -1.64 -101.13 -5.70
CA ALA SA 212 -1.95 -100.38 -6.90
C ALA SA 212 -0.82 -100.48 -7.92
N ARG SA 213 0.44 -100.50 -7.49
CA ARG SA 213 1.50 -100.68 -8.49
C ARG SA 213 1.59 -102.12 -8.98
N GLY SA 214 1.03 -103.07 -8.25
CA GLY SA 214 0.80 -104.40 -8.78
C GLY SA 214 1.90 -105.41 -8.51
N ASP SA 215 2.69 -105.23 -7.46
CA ASP SA 215 3.71 -106.20 -7.09
C ASP SA 215 3.19 -107.22 -6.07
N TYR SA 216 2.04 -107.80 -6.40
CA TYR SA 216 1.48 -108.94 -5.68
C TYR SA 216 0.59 -109.70 -6.67
N ASP SA 217 0.77 -111.01 -6.73
CA ASP SA 217 0.21 -111.77 -7.84
C ASP SA 217 -1.28 -112.09 -7.67
N LYS SA 218 -1.75 -112.30 -6.45
CA LYS SA 218 -3.14 -112.69 -6.27
C LYS SA 218 -4.01 -111.48 -5.97
N ASN SA 219 -5.26 -111.72 -5.63
CA ASN SA 219 -6.17 -110.64 -5.30
C ASN SA 219 -6.01 -110.22 -3.85
N ALA SA 220 -6.22 -108.93 -3.60
CA ALA SA 220 -6.10 -108.38 -2.27
C ALA SA 220 -6.93 -107.11 -2.16
N ARG SA 221 -7.36 -106.81 -0.94
CA ARG SA 221 -8.17 -105.64 -0.65
C ARG SA 221 -7.68 -105.00 0.63
N VAL SA 222 -8.00 -103.72 0.78
CA VAL SA 222 -7.68 -102.96 1.98
C VAL SA 222 -8.98 -102.54 2.64
N ILE SA 223 -9.16 -102.88 3.89
CA ILE SA 223 -10.36 -102.49 4.62
C ILE SA 223 -9.98 -101.42 5.62
N ASN SA 224 -11.00 -100.81 6.21
CA ASN SA 224 -10.80 -99.70 7.13
C ASN SA 224 -11.99 -99.68 8.07
N GLU SA 225 -11.79 -99.13 9.26
CA GLU SA 225 -12.86 -99.13 10.25
C GLU SA 225 -13.95 -98.14 9.91
N ASN SA 226 -13.60 -97.03 9.24
CA ASN SA 226 -14.61 -96.06 8.86
C ASN SA 226 -15.11 -96.27 7.45
N GLU SA 227 -14.55 -97.23 6.71
CA GLU SA 227 -15.09 -97.55 5.40
C GLU SA 227 -15.97 -98.79 5.43
N GLU SA 228 -15.58 -99.83 6.18
CA GLU SA 228 -16.48 -100.96 6.34
C GLU SA 228 -17.65 -100.66 7.26
N ASN SA 229 -17.63 -99.52 7.95
CA ASN SA 229 -18.81 -99.07 8.66
C ASN SA 229 -19.71 -98.21 7.81
N LYS SA 230 -19.15 -97.51 6.83
CA LYS SA 230 -19.96 -96.73 5.90
C LYS SA 230 -20.51 -97.58 4.78
N ARG SA 231 -19.95 -98.76 4.55
CA ARG SA 231 -20.41 -99.58 3.44
C ARG SA 231 -21.65 -100.38 3.85
N ILE SA 232 -21.69 -100.87 5.08
CA ILE SA 232 -22.82 -101.69 5.51
C ILE SA 232 -23.89 -100.81 6.14
N SER SA 233 -23.77 -99.50 5.93
CA SER SA 233 -24.87 -98.60 6.21
C SER SA 233 -25.56 -98.14 4.93
N ILE SA 234 -24.96 -98.40 3.77
CA ILE SA 234 -25.66 -98.22 2.51
C ILE SA 234 -26.48 -99.46 2.17
N TRP SA 235 -25.99 -100.64 2.53
CA TRP SA 235 -26.76 -101.85 2.34
C TRP SA 235 -27.93 -101.93 3.32
N LEU SA 236 -27.74 -101.36 4.51
CA LEU SA 236 -28.71 -101.56 5.57
C LEU SA 236 -29.94 -100.68 5.39
N ASP SA 237 -29.79 -99.51 4.79
CA ASP SA 237 -30.95 -98.67 4.58
C ASP SA 237 -31.56 -98.89 3.21
N THR SA 238 -31.34 -100.06 2.64
CA THR SA 238 -32.03 -100.57 1.48
C THR SA 238 -32.70 -101.89 1.79
N TYR SA 239 -31.97 -102.82 2.40
CA TYR SA 239 -32.59 -104.10 2.72
C TYR SA 239 -33.22 -104.17 4.10
N TYR SA 240 -32.96 -103.21 4.99
CA TYR SA 240 -33.56 -103.20 6.33
C TYR SA 240 -33.82 -101.75 6.72
N PRO SA 241 -34.81 -101.10 6.11
CA PRO SA 241 -35.09 -99.71 6.48
C PRO SA 241 -35.78 -99.64 7.83
N GLN SA 242 -35.69 -98.44 8.42
CA GLN SA 242 -36.22 -98.12 9.76
C GLN SA 242 -35.63 -99.03 10.84
N LEU SA 243 -34.34 -99.28 10.74
CA LEU SA 243 -33.60 -99.99 11.77
C LEU SA 243 -32.86 -98.98 12.65
N ALA SA 244 -32.91 -99.19 13.96
CA ALA SA 244 -32.30 -98.28 14.93
C ALA SA 244 -31.00 -98.93 15.43
N TYR SA 245 -29.87 -98.42 14.96
CA TYR SA 245 -28.57 -98.93 15.37
C TYR SA 245 -27.61 -97.77 15.61
N TYR SA 246 -26.43 -98.11 16.15
CA TYR SA 246 -25.43 -97.09 16.50
C TYR SA 246 -24.15 -97.21 15.70
N ARG SA 247 -23.49 -98.36 15.74
CA ARG SA 247 -22.11 -98.49 15.32
C ARG SA 247 -21.76 -99.96 15.18
N ILE SA 248 -20.77 -100.25 14.35
CA ILE SA 248 -20.15 -101.57 14.27
C ILE SA 248 -18.70 -101.45 14.70
N HIS SA 249 -18.31 -102.20 15.73
CA HIS SA 249 -16.96 -102.12 16.27
C HIS SA 249 -16.11 -103.26 15.75
N PHE SA 250 -14.88 -102.94 15.34
CA PHE SA 250 -14.00 -103.94 14.74
C PHE SA 250 -12.71 -104.09 15.54
N ASP SA 251 -12.82 -104.19 16.86
CA ASP SA 251 -11.63 -104.39 17.67
C ASP SA 251 -11.03 -105.78 17.49
N GLU SA 252 -11.86 -106.78 17.23
CA GLU SA 252 -11.38 -108.10 16.84
C GLU SA 252 -12.04 -108.47 15.54
N PRO SA 253 -11.31 -108.41 14.41
CA PRO SA 253 -11.96 -108.47 13.10
C PRO SA 253 -12.48 -109.84 12.72
N ARG SA 254 -12.16 -110.89 13.46
CA ARG SA 254 -12.79 -112.17 13.21
C ARG SA 254 -14.16 -112.27 13.84
N LYS SA 255 -14.52 -111.36 14.74
CA LYS SA 255 -15.83 -111.39 15.39
C LYS SA 255 -16.29 -109.97 15.69
N PRO SA 256 -16.89 -109.29 14.72
CA PRO SA 256 -17.38 -107.94 14.97
C PRO SA 256 -18.67 -107.94 15.77
N VAL SA 257 -18.88 -106.84 16.49
CA VAL SA 257 -20.04 -106.64 17.35
C VAL SA 257 -20.89 -105.50 16.80
N PHE SA 258 -22.20 -105.72 16.75
CA PHE SA 258 -23.17 -104.84 16.13
C PHE SA 258 -24.05 -104.27 17.23
N TRP SA 259 -23.84 -103.01 17.56
CA TRP SA 259 -24.58 -102.33 18.63
C TRP SA 259 -25.95 -101.94 18.10
N LEU SA 260 -26.98 -102.67 18.49
CA LEU SA 260 -28.33 -102.38 18.04
C LEU SA 260 -29.15 -101.82 19.19
N SER SA 261 -30.08 -100.92 18.87
CA SER SA 261 -30.87 -100.30 19.92
C SER SA 261 -31.94 -101.26 20.39
N ARG SA 262 -32.35 -101.10 21.65
CA ARG SA 262 -33.28 -102.01 22.29
C ARG SA 262 -34.71 -101.48 22.31
N GLN SA 263 -34.90 -100.22 22.67
CA GLN SA 263 -36.25 -99.73 22.92
C GLN SA 263 -36.96 -99.26 21.67
N ARG SA 264 -36.31 -99.22 20.51
CA ARG SA 264 -36.92 -98.66 19.33
C ARG SA 264 -37.15 -99.65 18.21
N ASN SA 265 -36.86 -100.93 18.41
CA ASN SA 265 -37.11 -101.96 17.43
C ASN SA 265 -38.00 -103.05 18.02
N THR SA 266 -38.67 -103.79 17.14
CA THR SA 266 -39.57 -104.85 17.54
C THR SA 266 -39.31 -106.12 16.76
N MET SA 267 -38.07 -106.57 16.69
CA MET SA 267 -37.73 -107.81 16.02
C MET SA 267 -37.57 -108.94 17.02
N SER SA 268 -37.97 -110.15 16.60
CA SER SA 268 -37.91 -111.31 17.46
C SER SA 268 -36.53 -111.96 17.39
N LYS SA 269 -36.39 -113.14 17.98
CA LYS SA 269 -35.11 -113.84 17.97
C LYS SA 269 -34.81 -114.42 16.59
N LYS SA 270 -35.80 -114.98 15.92
CA LYS SA 270 -35.54 -115.56 14.61
C LYS SA 270 -35.27 -114.45 13.61
N GLU SA 271 -35.97 -113.32 13.76
CA GLU SA 271 -35.71 -112.23 12.83
C GLU SA 271 -34.40 -111.54 13.14
N LEU SA 272 -33.85 -111.70 14.34
CA LEU SA 272 -32.52 -111.19 14.59
C LEU SA 272 -31.43 -112.19 14.23
N GLU SA 273 -31.80 -113.47 14.05
CA GLU SA 273 -30.79 -114.43 13.62
C GLU SA 273 -30.69 -114.51 12.11
N VAL SA 274 -31.76 -114.15 11.40
CA VAL SA 274 -31.65 -114.07 9.95
C VAL SA 274 -30.79 -112.84 9.60
N LEU SA 275 -30.94 -111.76 10.37
CA LEU SA 275 -30.10 -110.59 10.16
C LEU SA 275 -28.65 -110.87 10.52
N SER SA 276 -28.40 -111.64 11.60
CA SER SA 276 -27.01 -111.94 11.94
C SER SA 276 -26.40 -112.98 11.01
N GLN SA 277 -27.20 -113.63 10.17
CA GLN SA 277 -26.64 -114.53 9.15
C GLN SA 277 -26.60 -113.90 7.78
N LYS SA 278 -27.33 -112.81 7.56
CA LYS SA 278 -27.24 -112.07 6.31
C LYS SA 278 -26.24 -110.92 6.39
N LEU SA 279 -25.83 -110.53 7.60
CA LEU SA 279 -24.70 -109.63 7.75
C LEU SA 279 -23.37 -110.35 7.65
N ARG SA 280 -23.35 -111.65 7.92
CA ARG SA 280 -22.12 -112.42 7.77
C ARG SA 280 -21.70 -112.56 6.32
N ALA SA 281 -22.66 -112.58 5.40
CA ALA SA 281 -22.33 -112.71 3.98
C ALA SA 281 -21.80 -111.43 3.37
N LEU SA 282 -22.03 -110.26 4.00
CA LEU SA 282 -21.47 -109.02 3.48
C LEU SA 282 -19.97 -108.93 3.75
N MET SA 283 -19.52 -109.42 4.91
CA MET SA 283 -18.12 -109.36 5.29
C MET SA 283 -17.51 -110.75 5.23
N PRO SA 284 -16.78 -111.10 4.17
CA PRO SA 284 -16.26 -112.47 4.07
C PRO SA 284 -15.12 -112.76 5.02
N TYR SA 285 -14.47 -111.74 5.59
CA TYR SA 285 -13.41 -112.00 6.55
C TYR SA 285 -13.93 -112.45 7.90
N ALA SA 286 -15.15 -112.11 8.25
CA ALA SA 286 -15.67 -112.42 9.58
C ALA SA 286 -16.15 -113.87 9.65
N ASP SA 287 -16.15 -114.41 10.86
CA ASP SA 287 -16.66 -115.75 11.10
C ASP SA 287 -18.06 -115.74 11.67
N SER SA 288 -18.29 -114.91 12.68
CA SER SA 288 -19.62 -114.75 13.26
C SER SA 288 -19.79 -113.30 13.66
N VAL SA 289 -21.03 -112.81 13.60
CA VAL SA 289 -21.37 -111.45 13.99
C VAL SA 289 -22.18 -111.50 15.26
N ASN SA 290 -21.80 -110.70 16.25
CA ASN SA 290 -22.48 -110.69 17.53
C ASN SA 290 -23.33 -109.43 17.57
N ILE SA 291 -24.60 -109.58 17.95
CA ILE SA 291 -25.53 -108.44 18.04
C ILE SA 291 -25.86 -108.21 19.49
N THR SA 292 -25.52 -107.02 20.00
CA THR SA 292 -25.83 -106.67 21.38
C THR SA 292 -26.76 -105.47 21.43
N LEU SA 293 -27.80 -105.58 22.25
CA LEU SA 293 -28.82 -104.55 22.36
C LEU SA 293 -28.42 -103.55 23.44
N MET SA 294 -27.97 -102.38 23.02
CA MET SA 294 -27.57 -101.33 23.95
C MET SA 294 -28.81 -100.53 24.36
N ASP SA 295 -28.76 -99.97 25.57
CA ASP SA 295 -29.87 -99.14 26.03
C ASP SA 295 -29.84 -97.77 25.38
N ASP SA 296 -30.93 -97.03 25.53
CA ASP SA 296 -31.09 -95.76 24.85
C ASP SA 296 -31.08 -94.56 25.77
N VAL SA 297 -31.23 -94.75 27.08
CA VAL SA 297 -31.16 -93.62 28.01
C VAL SA 297 -29.74 -93.40 28.51
N THR SA 298 -28.90 -94.42 28.49
CA THR SA 298 -27.51 -94.22 28.87
C THR SA 298 -26.70 -93.64 27.72
N ALA SA 299 -27.22 -93.75 26.50
CA ALA SA 299 -26.58 -93.16 25.33
C ALA SA 299 -26.73 -91.66 25.31
N ALA SA 300 -27.73 -91.13 26.00
CA ALA SA 300 -27.86 -89.70 26.13
C ALA SA 300 -27.53 -89.22 27.54
N GLY SA 301 -27.37 -90.15 28.48
CA GLY SA 301 -26.91 -89.78 29.79
C GLY SA 301 -25.42 -89.58 29.82
N GLN SA 302 -24.67 -90.40 29.06
CA GLN SA 302 -23.23 -90.19 29.01
C GLN SA 302 -22.85 -88.96 28.21
N ALA SA 303 -23.74 -88.49 27.33
CA ALA SA 303 -23.44 -87.28 26.58
C ALA SA 303 -23.61 -86.05 27.45
N GLU SA 304 -24.63 -86.05 28.30
CA GLU SA 304 -24.80 -84.89 29.15
C GLU SA 304 -23.82 -84.93 30.32
N ALA SA 305 -23.45 -86.12 30.80
CA ALA SA 305 -22.49 -86.15 31.90
C ALA SA 305 -21.09 -85.78 31.41
N GLY SA 306 -20.77 -86.11 30.16
CA GLY SA 306 -19.49 -85.67 29.65
C GLY SA 306 -19.50 -84.23 29.20
N LEU SA 307 -20.68 -83.67 28.96
CA LEU SA 307 -20.74 -82.26 28.61
C LEU SA 307 -20.81 -81.39 29.85
N LYS SA 308 -21.30 -81.94 30.96
CA LYS SA 308 -21.30 -81.22 32.22
C LYS SA 308 -19.94 -81.28 32.89
N GLN SA 309 -19.17 -82.33 32.62
CA GLN SA 309 -17.89 -82.44 33.32
C GLN SA 309 -16.87 -81.46 32.76
N GLN SA 310 -17.01 -81.06 31.50
CA GLN SA 310 -16.10 -80.09 30.92
C GLN SA 310 -16.51 -78.65 31.17
N ALA SA 311 -17.60 -78.42 31.91
CA ALA SA 311 -18.14 -77.09 32.24
C ALA SA 311 -18.42 -76.26 30.98
N LEU SA 312 -19.34 -76.78 30.16
CA LEU SA 312 -19.69 -76.13 28.92
C LEU SA 312 -21.15 -75.70 28.90
N PRO SA 313 -21.47 -74.53 28.33
CA PRO SA 313 -22.87 -74.14 28.19
C PRO SA 313 -23.50 -74.83 26.98
N TYR SA 314 -24.63 -75.48 27.21
CA TYR SA 314 -25.30 -76.25 26.18
C TYR SA 314 -26.80 -75.99 26.22
N SER SA 315 -27.50 -76.60 25.27
CA SER SA 315 -28.96 -76.47 25.21
C SER SA 315 -29.50 -77.76 24.61
N ARG SA 316 -29.96 -78.67 25.48
CA ARG SA 316 -30.47 -79.97 25.06
C ARG SA 316 -31.87 -79.87 24.49
N ARG SA 317 -32.06 -80.34 23.26
CA ARG SA 317 -33.37 -80.32 22.60
C ARG SA 317 -33.85 -81.75 22.38
N ASN SA 318 -34.75 -82.21 23.25
CA ASN SA 318 -35.30 -83.56 23.16
C ASN SA 318 -36.42 -83.62 22.14
N HIS SA 319 -36.35 -84.59 21.24
CA HIS SA 319 -37.48 -84.95 20.39
C HIS SA 319 -37.41 -86.43 20.11
N LYS SA 320 -38.48 -86.95 19.51
CA LYS SA 320 -38.62 -88.39 19.33
C LYS SA 320 -37.72 -88.89 18.21
N GLY SA 321 -36.94 -89.92 18.48
CA GLY SA 321 -36.06 -90.46 17.47
C GLY SA 321 -34.66 -89.89 17.45
N GLY SA 322 -34.21 -89.29 18.54
CA GLY SA 322 -32.87 -88.75 18.61
C GLY SA 322 -32.86 -87.42 19.33
N VAL SA 323 -31.76 -87.16 20.03
CA VAL SA 323 -31.60 -85.90 20.76
C VAL SA 323 -30.50 -85.09 20.10
N THR SA 324 -30.39 -83.83 20.53
CA THR SA 324 -29.38 -82.95 19.98
C THR SA 324 -28.93 -81.96 21.04
N PHE SA 325 -27.66 -81.60 20.97
CA PHE SA 325 -27.06 -80.66 21.91
C PHE SA 325 -26.48 -79.51 21.12
N VAL SA 326 -26.90 -78.30 21.47
CA VAL SA 326 -26.50 -77.09 20.76
C VAL SA 326 -25.62 -76.25 21.67
N ILE SA 327 -24.46 -75.87 21.17
CA ILE SA 327 -23.49 -75.04 21.88
C ILE SA 327 -23.29 -73.78 21.06
N GLN SA 328 -24.03 -72.73 21.39
CA GLN SA 328 -23.99 -71.47 20.66
C GLN SA 328 -23.11 -70.49 21.43
N GLY SA 329 -23.08 -69.25 20.95
CA GLY SA 329 -22.46 -68.18 21.72
C GLY SA 329 -21.11 -67.79 21.16
N ALA SA 330 -20.49 -66.84 21.87
CA ALA SA 330 -19.14 -66.40 21.57
C ALA SA 330 -18.20 -67.13 22.52
N LEU SA 331 -17.90 -68.37 22.16
CA LEU SA 331 -17.04 -69.19 23.00
C LEU SA 331 -15.59 -68.72 22.90
N ASP SA 332 -14.83 -68.97 23.96
CA ASP SA 332 -13.42 -68.64 23.96
C ASP SA 332 -12.56 -69.83 23.53
N ASP SA 333 -11.25 -69.64 23.60
CA ASP SA 333 -10.30 -70.56 23.03
C ASP SA 333 -10.08 -71.82 23.84
N VAL SA 334 -10.40 -71.83 25.12
CA VAL SA 334 -10.19 -73.06 25.86
C VAL SA 334 -11.40 -73.97 25.68
N GLU SA 335 -12.60 -73.38 25.64
CA GLU SA 335 -13.80 -74.17 25.49
C GLU SA 335 -14.02 -74.66 24.08
N ILE SA 336 -13.45 -73.99 23.07
CA ILE SA 336 -13.59 -74.54 21.72
C ILE SA 336 -12.74 -75.80 21.60
N LEU SA 337 -11.54 -75.76 22.19
CA LEU SA 337 -10.64 -76.91 22.10
C LEU SA 337 -11.17 -78.07 22.94
N ARG SA 338 -11.75 -77.78 24.10
CA ARG SA 338 -12.25 -78.87 24.92
C ARG SA 338 -13.54 -79.45 24.37
N ALA SA 339 -14.34 -78.66 23.67
CA ALA SA 339 -15.58 -79.20 23.15
C ALA SA 339 -15.30 -80.02 21.91
N ARG SA 340 -14.36 -79.56 21.07
CA ARG SA 340 -14.00 -80.32 19.88
C ARG SA 340 -13.31 -81.62 20.26
N GLN SA 341 -12.56 -81.62 21.36
CA GLN SA 341 -11.86 -82.84 21.75
C GLN SA 341 -12.83 -83.83 22.38
N PHE SA 342 -13.90 -83.33 23.01
CA PHE SA 342 -14.81 -84.30 23.61
C PHE SA 342 -15.73 -84.88 22.54
N VAL SA 343 -16.17 -84.05 21.57
CA VAL SA 343 -17.05 -84.58 20.54
C VAL SA 343 -16.30 -85.59 19.68
N ASP SA 344 -15.03 -85.31 19.34
CA ASP SA 344 -14.26 -86.28 18.57
C ASP SA 344 -13.92 -87.53 19.39
N SER SA 345 -13.92 -87.46 20.72
CA SER SA 345 -13.72 -88.70 21.47
C SER SA 345 -15.03 -89.44 21.75
N TYR SA 346 -16.17 -88.80 21.53
CA TYR SA 346 -17.46 -89.45 21.70
C TYR SA 346 -18.03 -90.05 20.41
N TYR SA 347 -17.77 -89.41 19.27
CA TYR SA 347 -18.26 -89.96 18.01
C TYR SA 347 -17.55 -91.26 17.68
N ARG SA 348 -16.34 -91.43 18.20
CA ARG SA 348 -15.57 -92.65 17.98
C ARG SA 348 -16.21 -93.83 18.68
N THR SA 349 -16.96 -93.59 19.75
CA THR SA 349 -17.57 -94.68 20.48
C THR SA 349 -18.98 -94.96 20.00
N TRP SA 350 -19.85 -93.96 20.00
CA TRP SA 350 -21.25 -94.24 19.66
C TRP SA 350 -21.61 -93.98 18.21
N GLY SA 351 -21.20 -92.86 17.66
CA GLY SA 351 -21.56 -92.50 16.30
C GLY SA 351 -22.51 -91.30 16.28
N GLY SA 352 -23.07 -91.06 15.10
CA GLY SA 352 -23.94 -89.91 14.92
C GLY SA 352 -25.38 -90.22 14.53
N ARG SA 353 -25.90 -91.33 15.00
CA ARG SA 353 -27.26 -91.71 14.64
C ARG SA 353 -28.30 -91.21 15.63
N TYR SA 354 -27.94 -91.13 16.91
CA TYR SA 354 -28.85 -90.76 17.98
C TYR SA 354 -28.66 -89.33 18.45
N VAL SA 355 -27.44 -88.97 18.82
CA VAL SA 355 -27.17 -87.67 19.43
C VAL SA 355 -26.21 -86.91 18.53
N GLN SA 356 -26.54 -85.65 18.26
CA GLN SA 356 -25.77 -84.82 17.35
C GLN SA 356 -25.42 -83.52 18.04
N PHE SA 357 -24.16 -83.11 17.94
CA PHE SA 357 -23.66 -81.87 18.50
C PHE SA 357 -23.63 -80.75 17.48
N ALA SA 358 -23.82 -79.52 17.95
CA ALA SA 358 -24.12 -78.38 17.09
C ALA SA 358 -23.28 -77.17 17.48
N ILE SA 359 -21.95 -77.35 17.58
CA ILE SA 359 -21.03 -76.28 17.96
C ILE SA 359 -21.05 -75.17 16.93
N GLU SA 360 -21.50 -73.97 17.31
CA GLU SA 360 -21.50 -72.86 16.37
C GLU SA 360 -21.12 -71.58 17.11
N LEU SA 361 -20.42 -70.69 16.40
CA LEU SA 361 -19.96 -69.44 16.98
C LEU SA 361 -20.77 -68.29 16.40
N LYS SA 362 -21.53 -67.62 17.27
CA LYS SA 362 -22.17 -66.34 16.99
C LYS SA 362 -21.62 -65.33 17.99
N ASP SA 363 -22.18 -64.12 18.00
CA ASP SA 363 -21.65 -63.05 18.83
C ASP SA 363 -22.65 -62.56 19.87
N ASP SA 364 -22.65 -63.22 21.03
CA ASP SA 364 -23.39 -62.74 22.21
C ASP SA 364 -22.65 -63.26 23.44
N TRP SA 365 -22.45 -62.38 24.42
CA TRP SA 365 -21.66 -62.73 25.58
C TRP SA 365 -22.41 -63.65 26.52
N LEU SA 366 -23.74 -63.63 26.48
CA LEU SA 366 -24.50 -64.71 27.07
C LEU SA 366 -24.40 -65.91 26.14
N LYS SA 367 -23.92 -67.03 26.69
CA LYS SA 367 -23.58 -68.18 25.86
C LYS SA 367 -24.76 -69.14 25.79
N GLY SA 368 -25.76 -68.76 24.98
CA GLY SA 368 -26.86 -69.64 24.64
C GLY SA 368 -28.18 -69.29 25.28
N ARG SA 369 -28.16 -68.77 26.50
CA ARG SA 369 -29.40 -68.49 27.21
C ARG SA 369 -29.86 -67.07 26.98
N SER SA 370 -31.17 -66.86 27.15
CA SER SA 370 -31.75 -65.54 26.92
C SER SA 370 -33.02 -65.40 27.74
N PHE SA 371 -33.17 -64.24 28.37
CA PHE SA 371 -34.29 -63.95 29.25
C PHE SA 371 -35.06 -62.75 28.73
N GLN SA 372 -36.26 -62.57 29.25
CA GLN SA 372 -37.05 -61.37 29.02
C GLN SA 372 -37.49 -60.85 30.38
N TYR SA 373 -37.69 -59.53 30.45
CA TYR SA 373 -37.81 -58.85 31.72
C TYR SA 373 -39.10 -58.05 31.72
N GLY SA 374 -40.04 -58.43 32.58
CA GLY SA 374 -41.15 -57.54 32.83
C GLY SA 374 -41.90 -57.77 34.12
N ALA SA 375 -41.95 -56.72 34.94
CA ALA SA 375 -42.91 -56.50 36.03
C ALA SA 375 -42.81 -57.47 37.20
N GLU SA 376 -42.02 -58.54 37.10
CA GLU SA 376 -41.90 -59.48 38.19
C GLU SA 376 -40.48 -59.97 38.40
N GLY SA 377 -39.54 -59.61 37.53
CA GLY SA 377 -38.23 -60.24 37.52
C GLY SA 377 -37.93 -60.76 36.13
N TYR SA 378 -37.13 -61.81 36.02
CA TYR SA 378 -36.77 -62.35 34.71
C TYR SA 378 -37.51 -63.66 34.44
N ILE SA 379 -37.77 -63.92 33.17
CA ILE SA 379 -38.45 -65.12 32.71
C ILE SA 379 -37.58 -65.82 31.69
N LYS SA 380 -37.31 -67.10 31.91
CA LYS SA 380 -36.50 -67.88 30.98
C LYS SA 380 -37.28 -68.13 29.69
N MET SA 381 -36.82 -67.52 28.60
CA MET SA 381 -37.53 -67.60 27.35
C MET SA 381 -37.33 -68.96 26.70
N SER SA 382 -38.20 -69.27 25.74
CA SER SA 382 -38.14 -70.55 25.06
C SER SA 382 -36.95 -70.56 24.11
N PRO SA 383 -36.28 -71.71 23.96
CA PRO SA 383 -35.13 -71.77 23.05
C PRO SA 383 -35.60 -71.73 21.60
N GLY SA 384 -35.07 -70.76 20.87
CA GLY SA 384 -35.39 -70.60 19.46
C GLY SA 384 -34.11 -70.32 18.69
N HIS SA 385 -34.24 -69.97 17.42
CA HIS SA 385 -33.06 -69.72 16.59
C HIS SA 385 -32.55 -68.28 16.66
N TRP SA 386 -33.42 -67.32 16.96
CA TRP SA 386 -32.99 -65.94 17.02
C TRP SA 386 -32.21 -65.64 18.29
N TYR SA 387 -31.14 -64.88 18.13
CA TYR SA 387 -30.26 -64.47 19.22
C TYR SA 387 -30.11 -62.95 19.20
N PHE SA 388 -29.81 -62.39 20.36
CA PHE SA 388 -29.67 -60.93 20.43
C PHE SA 388 -28.24 -60.51 20.14
N PRO SA 389 -28.02 -59.60 19.18
CA PRO SA 389 -26.67 -59.08 18.93
C PRO SA 389 -26.22 -58.18 20.08
N SER SA 390 -25.14 -58.59 20.74
CA SER SA 390 -24.76 -58.03 22.04
C SER SA 390 -23.93 -56.76 21.91
N PRO SA 391 -24.39 -55.64 22.47
CA PRO SA 391 -23.49 -54.49 22.64
C PRO SA 391 -22.74 -54.61 23.96
N LEU SA 392 -21.42 -54.72 23.90
CA LEU SA 392 -20.63 -54.87 25.12
C LEU SA 392 -19.21 -54.34 24.90
N ALA TA 171 -8.45 -110.85 -25.42
CA ALA TA 171 -8.27 -110.03 -24.22
C ALA TA 171 -9.60 -109.79 -23.53
N GLU TA 172 -9.72 -110.30 -22.31
CA GLU TA 172 -10.95 -110.15 -21.56
C GLU TA 172 -11.09 -108.74 -21.01
N LEU TA 173 -12.35 -108.35 -20.75
CA LEU TA 173 -12.61 -106.98 -20.34
C LEU TA 173 -12.13 -106.73 -18.93
N ASP TA 174 -12.18 -107.77 -18.08
CA ASP TA 174 -11.76 -107.57 -16.70
C ASP TA 174 -10.26 -107.41 -16.59
N SER TA 175 -9.52 -107.84 -17.62
CA SER TA 175 -8.10 -107.56 -17.66
C SER TA 175 -7.80 -106.30 -18.44
N LEU TA 176 -8.72 -105.84 -19.28
CA LEU TA 176 -8.47 -104.63 -20.04
C LEU TA 176 -8.61 -103.37 -19.21
N LEU TA 177 -9.29 -103.44 -18.07
CA LEU TA 177 -9.42 -102.31 -17.15
C LEU TA 177 -8.18 -102.18 -16.28
N GLY TA 178 -8.30 -101.39 -15.22
CA GLY TA 178 -7.19 -101.09 -14.34
C GLY TA 178 -6.73 -102.29 -13.52
N GLN TA 179 -5.71 -102.04 -12.71
CA GLN TA 179 -5.13 -103.10 -11.90
C GLN TA 179 -6.07 -103.54 -10.78
N GLU TA 180 -6.72 -102.60 -10.11
CA GLU TA 180 -7.66 -102.94 -9.03
C GLU TA 180 -8.93 -103.54 -9.63
N LYS TA 181 -9.04 -104.86 -9.55
CA LYS TA 181 -10.20 -105.58 -10.05
C LYS TA 181 -11.28 -105.73 -8.99
N GLU TA 182 -11.68 -104.60 -8.39
CA GLU TA 182 -12.69 -104.60 -7.35
C GLU TA 182 -13.74 -103.54 -7.54
N ARG TA 183 -13.48 -102.52 -8.35
CA ARG TA 183 -14.42 -101.44 -8.55
C ARG TA 183 -15.37 -101.66 -9.71
N PHE TA 184 -15.06 -102.56 -10.63
CA PHE TA 184 -15.95 -102.81 -11.75
C PHE TA 184 -16.53 -104.21 -11.70
N GLN TA 185 -17.59 -104.42 -12.47
CA GLN TA 185 -18.26 -105.71 -12.50
C GLN TA 185 -18.85 -105.93 -13.89
N VAL TA 186 -18.46 -107.03 -14.53
CA VAL TA 186 -18.81 -107.32 -15.92
C VAL TA 186 -19.92 -108.36 -15.96
N LEU TA 187 -21.10 -107.95 -16.38
CA LEU TA 187 -22.30 -108.78 -16.41
C LEU TA 187 -22.62 -109.23 -17.82
N PRO TA 188 -22.90 -110.52 -18.03
CA PRO TA 188 -23.26 -110.99 -19.37
C PRO TA 188 -24.71 -110.68 -19.69
N GLY TA 189 -24.97 -110.07 -20.85
CA GLY TA 189 -26.31 -109.69 -21.22
C GLY TA 189 -27.06 -110.80 -21.91
N ARG TA 190 -28.39 -110.69 -21.90
CA ARG TA 190 -29.22 -111.68 -22.58
C ARG TA 190 -29.36 -111.39 -24.06
N ASP TA 191 -29.18 -110.13 -24.48
CA ASP TA 191 -29.19 -109.75 -25.88
C ASP TA 191 -27.80 -109.78 -26.51
N LYS TA 192 -26.90 -110.61 -25.98
CA LYS TA 192 -25.51 -110.76 -26.43
C LYS TA 192 -24.73 -109.44 -26.37
N MET TA 193 -24.78 -108.80 -25.21
CA MET TA 193 -23.92 -107.67 -24.94
C MET TA 193 -23.17 -107.95 -23.64
N LEU TA 194 -22.36 -106.98 -23.20
CA LEU TA 194 -21.54 -107.19 -22.03
C LEU TA 194 -21.55 -105.88 -21.22
N TYR TA 195 -22.31 -105.86 -20.14
CA TYR TA 195 -22.52 -104.63 -19.40
C TYR TA 195 -21.51 -104.50 -18.28
N VAL TA 196 -20.80 -103.38 -18.23
CA VAL TA 196 -19.89 -103.05 -17.14
C VAL TA 196 -20.62 -102.11 -16.21
N ALA TA 197 -20.62 -102.40 -14.93
CA ALA TA 197 -21.44 -101.64 -13.97
C ALA TA 197 -20.48 -100.84 -13.11
N ALA TA 198 -20.30 -99.56 -13.46
CA ALA TA 198 -19.47 -98.69 -12.65
C ALA TA 198 -20.28 -98.13 -11.48
N GLN TA 199 -19.67 -97.22 -10.73
CA GLN TA 199 -20.32 -96.66 -9.55
C GLN TA 199 -20.53 -95.16 -9.63
N ASN TA 200 -19.54 -94.41 -10.11
CA ASN TA 200 -19.67 -92.98 -10.25
C ASN TA 200 -19.21 -92.54 -11.63
N GLU TA 201 -19.27 -91.23 -11.87
CA GLU TA 201 -18.89 -90.71 -13.17
C GLU TA 201 -17.38 -90.70 -13.38
N ARG TA 202 -16.61 -90.66 -12.29
CA ARG TA 202 -15.16 -90.69 -12.42
C ARG TA 202 -14.68 -92.05 -12.87
N ASP TA 203 -15.42 -93.11 -12.54
CA ASP TA 203 -15.05 -94.43 -13.05
C ASP TA 203 -15.77 -94.73 -14.35
N THR TA 204 -16.87 -94.00 -14.61
CA THR TA 204 -17.56 -94.15 -15.89
C THR TA 204 -16.71 -93.59 -17.00
N LEU TA 205 -16.02 -92.49 -16.76
CA LEU TA 205 -15.15 -91.97 -17.79
C LEU TA 205 -13.84 -92.73 -17.86
N TRP TA 206 -13.55 -93.57 -16.86
CA TRP TA 206 -12.37 -94.42 -16.95
C TRP TA 206 -12.67 -95.62 -17.82
N ALA TA 207 -13.90 -96.10 -17.77
CA ALA TA 207 -14.30 -97.25 -18.57
C ALA TA 207 -14.87 -96.90 -19.94
N ARG TA 208 -15.25 -95.65 -20.19
CA ARG TA 208 -15.68 -95.37 -21.55
C ARG TA 208 -14.53 -95.12 -22.52
N GLN TA 209 -13.35 -94.73 -22.03
CA GLN TA 209 -12.21 -94.56 -22.93
C GLN TA 209 -11.68 -95.88 -23.47
N VAL TA 210 -11.78 -96.97 -22.70
CA VAL TA 210 -11.32 -98.26 -23.19
C VAL TA 210 -12.22 -98.75 -24.33
N LEU TA 211 -13.54 -98.75 -24.11
CA LEU TA 211 -14.43 -99.25 -25.14
C LEU TA 211 -14.58 -98.26 -26.30
N ALA TA 212 -14.14 -97.02 -26.12
CA ALA TA 212 -14.23 -96.03 -27.18
C ALA TA 212 -12.99 -95.96 -28.07
N ARG TA 213 -11.80 -96.26 -27.53
CA ARG TA 213 -10.63 -96.28 -28.40
C ARG TA 213 -10.58 -97.53 -29.27
N GLY TA 214 -11.33 -98.56 -28.92
CA GLY TA 214 -11.57 -99.67 -29.81
C GLY TA 214 -10.73 -100.91 -29.60
N ASP TA 215 -10.17 -101.10 -28.41
CA ASP TA 215 -9.40 -102.31 -28.15
C ASP TA 215 -10.26 -103.41 -27.51
N TYR TA 216 -11.41 -103.68 -28.12
CA TYR TA 216 -12.26 -104.82 -27.74
C TYR TA 216 -13.15 -105.13 -28.92
N ASP TA 217 -13.12 -106.38 -29.37
CA ASP TA 217 -13.77 -106.74 -30.63
C ASP TA 217 -15.28 -106.94 -30.51
N LYS TA 218 -15.77 -107.41 -29.38
CA LYS TA 218 -17.20 -107.67 -29.29
C LYS TA 218 -17.93 -106.43 -28.78
N ASN TA 219 -19.23 -106.57 -28.50
CA ASN TA 219 -20.05 -105.45 -28.08
C ASN TA 219 -20.09 -105.36 -26.56
N ALA TA 220 -20.08 -104.14 -26.06
CA ALA TA 220 -20.13 -103.93 -24.62
C ALA TA 220 -20.67 -102.54 -24.33
N ARG TA 221 -21.31 -102.39 -23.17
CA ARG TA 221 -21.83 -101.10 -22.75
C ARG TA 221 -21.51 -100.90 -21.28
N VAL TA 222 -21.55 -99.65 -20.85
CA VAL TA 222 -21.23 -99.26 -19.49
C VAL TA 222 -22.44 -98.61 -18.79
N ILE TA 223 -22.97 -99.29 -17.80
CA ILE TA 223 -24.12 -98.79 -17.07
C ILE TA 223 -23.65 -98.18 -15.76
N ASN TA 224 -24.48 -97.29 -15.24
CA ASN TA 224 -24.24 -96.55 -14.01
C ASN TA 224 -25.46 -96.74 -13.10
N GLU TA 225 -25.55 -95.96 -12.03
CA GLU TA 225 -26.75 -95.97 -11.21
C GLU TA 225 -27.65 -94.76 -11.42
N ASN TA 226 -27.10 -93.62 -11.83
CA ASN TA 226 -27.94 -92.47 -12.09
C ASN TA 226 -28.57 -92.52 -13.48
N GLU TA 227 -27.77 -92.71 -14.52
CA GLU TA 227 -28.32 -92.66 -15.86
C GLU TA 227 -29.13 -93.91 -16.21
N GLU TA 228 -28.96 -94.99 -15.46
CA GLU TA 228 -29.88 -96.09 -15.63
C GLU TA 228 -31.19 -95.84 -14.92
N ASN TA 229 -31.20 -94.97 -13.92
CA ASN TA 229 -32.43 -94.65 -13.25
C ASN TA 229 -33.18 -93.56 -13.98
N LYS TA 230 -32.49 -92.77 -14.78
CA LYS TA 230 -33.19 -91.83 -15.63
C LYS TA 230 -33.65 -92.45 -16.95
N ARG TA 231 -33.07 -93.58 -17.35
CA ARG TA 231 -33.49 -94.18 -18.61
C ARG TA 231 -34.85 -94.85 -18.47
N ILE TA 232 -35.05 -95.61 -17.41
CA ILE TA 232 -36.31 -96.29 -17.23
C ILE TA 232 -37.24 -95.48 -16.34
N SER TA 233 -36.95 -94.19 -16.17
CA SER TA 233 -37.95 -93.23 -15.76
C SER TA 233 -38.42 -92.40 -16.93
N ILE TA 234 -37.61 -92.34 -17.99
CA ILE TA 234 -38.10 -91.79 -19.26
C ILE TA 234 -39.02 -92.80 -19.94
N TRP TA 235 -38.72 -94.09 -19.79
CA TRP TA 235 -39.62 -95.09 -20.35
C TRP TA 235 -40.94 -95.23 -19.58
N LEU TA 236 -40.97 -94.91 -18.30
CA LEU TA 236 -42.15 -95.11 -17.48
C LEU TA 236 -43.16 -93.97 -17.49
N ASP TA 237 -42.97 -92.94 -18.30
CA ASP TA 237 -44.01 -91.93 -18.46
C ASP TA 237 -44.60 -91.92 -19.86
N THR TA 238 -44.57 -93.06 -20.52
CA THR TA 238 -45.23 -93.29 -21.81
C THR TA 238 -46.11 -94.53 -21.77
N TYR TA 239 -45.69 -95.59 -21.08
CA TYR TA 239 -46.48 -96.81 -21.03
C TYR TA 239 -47.22 -96.99 -19.72
N TYR TA 240 -46.73 -96.40 -18.63
CA TYR TA 240 -47.43 -96.46 -17.34
C TYR TA 240 -47.44 -95.08 -16.71
N PRO TA 241 -48.21 -94.15 -17.27
CA PRO TA 241 -48.27 -92.80 -16.69
C PRO TA 241 -49.13 -92.79 -15.44
N GLN TA 242 -49.07 -91.66 -14.74
CA GLN TA 242 -49.74 -91.43 -13.45
C GLN TA 242 -49.36 -92.48 -12.41
N LEU TA 243 -48.13 -92.96 -12.45
CA LEU TA 243 -47.66 -93.97 -11.53
C LEU TA 243 -46.82 -93.30 -10.44
N ALA TA 244 -47.02 -93.72 -9.21
CA ALA TA 244 -46.33 -93.17 -8.05
C ALA TA 244 -45.27 -94.16 -7.62
N TYR TA 245 -44.01 -93.78 -7.77
CA TYR TA 245 -42.88 -94.62 -7.40
C TYR TA 245 -41.78 -93.72 -6.86
N TYR TA 246 -40.75 -94.32 -6.26
CA TYR TA 246 -39.69 -93.52 -5.66
C TYR TA 246 -38.34 -93.70 -6.37
N ARG TA 247 -37.80 -94.90 -6.40
CA ARG TA 247 -36.43 -95.10 -6.87
C ARG TA 247 -36.29 -96.54 -7.32
N ILE TA 248 -35.14 -96.83 -7.92
CA ILE TA 248 -34.74 -98.20 -8.25
C ILE TA 248 -33.35 -98.43 -7.68
N HIS TA 249 -33.23 -99.39 -6.79
CA HIS TA 249 -32.00 -99.63 -6.05
C HIS TA 249 -31.22 -100.78 -6.68
N PHE TA 250 -29.95 -100.53 -6.97
CA PHE TA 250 -29.08 -101.50 -7.65
C PHE TA 250 -27.94 -101.98 -6.77
N ASP TA 251 -28.22 -102.31 -5.51
CA ASP TA 251 -27.15 -102.84 -4.66
C ASP TA 251 -26.77 -104.25 -5.06
N GLU TA 252 -27.72 -105.04 -5.56
CA GLU TA 252 -27.42 -106.30 -6.24
C GLU TA 252 -27.91 -106.18 -7.66
N PRO TA 253 -27.01 -105.98 -8.63
CA PRO TA 253 -27.44 -105.64 -9.99
C PRO TA 253 -28.06 -106.80 -10.74
N ARG TA 254 -28.10 -107.99 -10.16
CA ARG TA 254 -28.85 -109.10 -10.71
C ARG TA 254 -30.25 -109.19 -10.16
N LYS TA 255 -30.57 -108.46 -9.09
CA LYS TA 255 -31.91 -108.46 -8.51
C LYS TA 255 -32.22 -107.09 -7.93
N PRO TA 256 -32.62 -106.14 -8.77
CA PRO TA 256 -32.92 -104.81 -8.25
C PRO TA 256 -34.26 -104.78 -7.52
N VAL TA 257 -34.41 -103.75 -6.70
CA VAL TA 257 -35.60 -103.55 -5.87
C VAL TA 257 -36.30 -102.30 -6.37
N PHE TA 258 -37.57 -102.44 -6.71
CA PHE TA 258 -38.37 -101.35 -7.26
C PHE TA 258 -39.33 -100.88 -6.17
N TRP TA 259 -38.98 -99.75 -5.56
CA TRP TA 259 -39.80 -99.15 -4.52
C TRP TA 259 -41.03 -98.51 -5.13
N LEU TA 260 -42.21 -98.86 -4.62
CA LEU TA 260 -43.47 -98.37 -5.16
C LEU TA 260 -44.31 -97.79 -4.03
N SER TA 261 -45.15 -96.81 -4.36
CA SER TA 261 -45.99 -96.24 -3.32
C SER TA 261 -47.21 -97.13 -3.10
N ARG TA 262 -47.64 -97.21 -1.85
CA ARG TA 262 -48.75 -98.09 -1.47
C ARG TA 262 -50.10 -97.37 -1.44
N GLN TA 263 -50.15 -96.19 -0.84
CA GLN TA 263 -51.41 -95.52 -0.58
C GLN TA 263 -51.89 -94.67 -1.74
N ARG TA 264 -51.13 -94.59 -2.82
CA ARG TA 264 -51.45 -93.71 -3.93
C ARG TA 264 -51.53 -94.48 -5.25
N ASN TA 265 -51.84 -95.77 -5.18
CA ASN TA 265 -52.04 -96.57 -6.38
C ASN TA 265 -53.13 -97.60 -6.10
N THR TA 266 -53.80 -98.01 -7.18
CA THR TA 266 -54.90 -98.97 -7.13
C THR TA 266 -54.61 -100.12 -8.08
N MET TA 267 -53.40 -100.64 -8.03
CA MET TA 267 -53.02 -101.78 -8.84
C MET TA 267 -53.17 -103.09 -8.08
N SER TA 268 -53.74 -104.09 -8.76
CA SER TA 268 -54.03 -105.39 -8.19
C SER TA 268 -52.79 -106.28 -8.25
N LYS TA 269 -52.96 -107.57 -7.93
CA LYS TA 269 -51.88 -108.53 -7.90
C LYS TA 269 -51.61 -109.17 -9.27
N LYS TA 270 -52.31 -108.74 -10.31
CA LYS TA 270 -52.07 -109.24 -11.64
C LYS TA 270 -51.14 -108.37 -12.47
N GLU TA 271 -51.32 -107.06 -12.43
CA GLU TA 271 -50.44 -106.20 -13.19
C GLU TA 271 -49.11 -105.93 -12.49
N LEU TA 272 -48.95 -106.38 -11.26
CA LEU TA 272 -47.65 -106.28 -10.64
C LEU TA 272 -46.70 -107.38 -11.08
N GLU TA 273 -47.19 -108.40 -11.80
CA GLU TA 273 -46.28 -109.32 -12.44
C GLU TA 273 -46.06 -109.00 -13.91
N VAL TA 274 -47.00 -108.28 -14.53
CA VAL TA 274 -46.82 -107.81 -15.89
C VAL TA 274 -45.83 -106.66 -15.92
N LEU TA 275 -45.84 -105.81 -14.89
CA LEU TA 275 -44.86 -104.72 -14.86
C LEU TA 275 -43.46 -105.25 -14.59
N SER TA 276 -43.33 -106.29 -13.78
CA SER TA 276 -42.01 -106.88 -13.54
C SER TA 276 -41.50 -107.59 -14.79
N GLN TA 277 -42.40 -108.21 -15.55
CA GLN TA 277 -41.96 -108.88 -16.76
C GLN TA 277 -41.69 -107.89 -17.88
N LYS TA 278 -42.26 -106.70 -17.82
CA LYS TA 278 -41.93 -105.73 -18.86
C LYS TA 278 -40.62 -105.02 -18.51
N LEU TA 279 -40.35 -104.78 -17.23
CA LEU TA 279 -39.05 -104.23 -16.85
C LEU TA 279 -37.91 -105.24 -16.99
N ARG TA 280 -38.25 -106.54 -16.98
CA ARG TA 280 -37.20 -107.53 -17.18
C ARG TA 280 -36.72 -107.52 -18.62
N ALA TA 281 -37.61 -107.22 -19.55
CA ALA TA 281 -37.19 -107.18 -20.94
C ALA TA 281 -36.40 -105.91 -21.25
N LEU TA 282 -36.54 -104.87 -20.43
CA LEU TA 282 -35.77 -103.64 -20.63
C LEU TA 282 -34.44 -103.63 -19.91
N MET TA 283 -34.25 -104.51 -18.93
CA MET TA 283 -32.96 -104.59 -18.24
C MET TA 283 -32.44 -106.00 -18.48
N PRO TA 284 -31.61 -106.19 -19.50
CA PRO TA 284 -31.19 -107.55 -19.87
C PRO TA 284 -30.19 -108.17 -18.93
N TYR TA 285 -29.59 -107.41 -18.02
CA TYR TA 285 -28.67 -108.04 -17.08
C TYR TA 285 -29.40 -108.60 -15.88
N ALA TA 286 -30.56 -108.02 -15.54
CA ALA TA 286 -31.28 -108.44 -14.36
C ALA TA 286 -31.99 -109.77 -14.62
N ASP TA 287 -32.27 -110.48 -13.53
CA ASP TA 287 -33.02 -111.74 -13.59
C ASP TA 287 -34.46 -111.57 -13.14
N SER TA 288 -34.68 -110.88 -12.02
CA SER TA 288 -36.02 -110.60 -11.55
C SER TA 288 -35.99 -109.25 -10.84
N VAL TA 289 -37.13 -108.58 -10.82
CA VAL TA 289 -37.27 -107.27 -10.18
C VAL TA 289 -38.19 -107.43 -8.99
N ASN TA 290 -37.67 -107.27 -7.79
CA ASN TA 290 -38.50 -107.41 -6.58
C ASN TA 290 -39.15 -106.07 -6.31
N ILE TA 291 -40.48 -106.01 -6.44
CA ILE TA 291 -41.24 -104.79 -6.22
C ILE TA 291 -41.74 -104.80 -4.78
N THR TA 292 -41.31 -103.80 -4.01
CA THR TA 292 -41.80 -103.62 -2.65
C THR TA 292 -42.62 -102.34 -2.56
N LEU TA 293 -43.49 -102.28 -1.55
CA LEU TA 293 -44.40 -101.16 -1.35
C LEU TA 293 -44.00 -100.41 -0.09
N MET TA 294 -43.53 -99.17 -0.26
CA MET TA 294 -43.17 -98.33 0.87
C MET TA 294 -44.33 -97.42 1.23
N ASP TA 295 -44.28 -96.86 2.44
CA ASP TA 295 -45.37 -96.05 2.95
C ASP TA 295 -45.08 -94.55 2.82
N ASP TA 296 -46.14 -93.80 2.53
CA ASP TA 296 -45.99 -92.36 2.36
C ASP TA 296 -45.97 -91.62 3.68
N VAL TA 297 -46.45 -92.23 4.75
CA VAL TA 297 -46.32 -91.55 6.02
C VAL TA 297 -44.90 -91.71 6.54
N THR TA 298 -44.27 -92.85 6.25
CA THR TA 298 -42.92 -93.10 6.72
C THR TA 298 -41.90 -92.33 5.89
N ALA TA 299 -42.25 -92.01 4.65
CA ALA TA 299 -41.30 -91.27 3.82
C ALA TA 299 -41.25 -89.80 4.21
N ALA TA 300 -42.37 -89.22 4.63
CA ALA TA 300 -42.31 -87.85 5.11
C ALA TA 300 -41.99 -87.78 6.60
N GLY TA 301 -42.15 -88.89 7.31
CA GLY TA 301 -41.75 -88.92 8.71
C GLY TA 301 -40.25 -88.96 8.86
N GLN TA 302 -39.56 -89.69 7.98
CA GLN TA 302 -38.11 -89.70 8.10
C GLN TA 302 -37.51 -88.38 7.65
N ALA TA 303 -38.24 -87.64 6.82
CA ALA TA 303 -37.76 -86.35 6.35
C ALA TA 303 -38.08 -85.24 7.31
N GLU TA 304 -39.03 -85.42 8.22
CA GLU TA 304 -39.23 -84.36 9.19
C GLU TA 304 -38.43 -84.65 10.46
N ALA TA 305 -38.35 -85.91 10.85
CA ALA TA 305 -37.58 -86.26 12.04
C ALA TA 305 -36.08 -86.08 11.81
N GLY TA 306 -35.61 -86.20 10.56
CA GLY TA 306 -34.22 -85.87 10.31
C GLY TA 306 -33.99 -84.39 10.19
N LEU TA 307 -35.02 -83.64 9.80
CA LEU TA 307 -34.87 -82.20 9.64
C LEU TA 307 -34.92 -81.46 10.96
N LYS TA 308 -35.58 -82.01 11.99
CA LYS TA 308 -35.57 -81.31 13.27
C LYS TA 308 -34.28 -81.54 14.03
N GLN TA 309 -33.59 -82.63 13.75
CA GLN TA 309 -32.38 -82.96 14.51
C GLN TA 309 -31.21 -82.05 14.15
N GLN TA 310 -31.18 -81.49 12.95
CA GLN TA 310 -30.10 -80.59 12.60
C GLN TA 310 -30.34 -79.15 13.01
N ALA TA 311 -31.44 -78.87 13.71
CA ALA TA 311 -31.83 -77.55 14.21
C ALA TA 311 -31.92 -76.51 13.10
N LEU TA 312 -32.83 -76.76 12.17
CA LEU TA 312 -32.97 -75.87 11.05
C LEU TA 312 -34.36 -75.24 11.08
N PRO TA 313 -34.50 -73.97 10.73
CA PRO TA 313 -35.84 -73.38 10.65
C PRO TA 313 -36.46 -73.77 9.32
N TYR TA 314 -37.66 -74.32 9.37
CA TYR TA 314 -38.30 -74.84 8.17
C TYR TA 314 -39.77 -74.51 8.19
N SER TA 315 -40.46 -74.90 7.12
CA SER TA 315 -41.89 -74.66 7.00
C SER TA 315 -42.44 -75.71 6.04
N ARG TA 316 -43.22 -76.63 6.58
CA ARG TA 316 -43.74 -77.76 5.81
C ARG TA 316 -45.04 -77.36 5.12
N ARG TA 317 -45.15 -77.68 3.85
CA ARG TA 317 -46.33 -77.35 3.04
C ARG TA 317 -46.91 -78.65 2.49
N ASN TA 318 -47.94 -79.15 3.17
CA ASN TA 318 -48.66 -80.33 2.72
C ASN TA 318 -49.62 -79.93 1.61
N HIS TA 319 -49.46 -80.50 0.42
CA HIS TA 319 -50.49 -80.38 -0.60
C HIS TA 319 -50.67 -81.74 -1.27
N LYS TA 320 -51.56 -81.79 -2.25
CA LYS TA 320 -51.98 -83.05 -2.85
C LYS TA 320 -50.91 -83.61 -3.76
N GLY TA 321 -50.45 -84.82 -3.47
CA GLY TA 321 -49.46 -85.49 -4.29
C GLY TA 321 -48.06 -84.92 -4.18
N GLY TA 322 -47.59 -84.74 -2.96
CA GLY TA 322 -46.25 -84.25 -2.71
C GLY TA 322 -46.28 -83.26 -1.56
N VAL TA 323 -45.20 -83.22 -0.79
CA VAL TA 323 -45.05 -82.25 0.27
C VAL TA 323 -43.85 -81.38 -0.11
N THR TA 324 -43.66 -80.28 0.60
CA THR TA 324 -42.59 -79.36 0.23
C THR TA 324 -42.05 -78.68 1.47
N PHE TA 325 -40.74 -78.78 1.70
CA PHE TA 325 -40.17 -78.10 2.85
C PHE TA 325 -39.41 -76.87 2.38
N VAL TA 326 -39.74 -75.71 2.94
CA VAL TA 326 -39.09 -74.47 2.55
C VAL TA 326 -38.28 -73.95 3.73
N ILE TA 327 -37.01 -73.67 3.49
CA ILE TA 327 -36.06 -73.21 4.49
C ILE TA 327 -35.60 -71.81 4.12
N GLN TA 328 -35.97 -70.82 4.95
CA GLN TA 328 -35.64 -69.41 4.75
C GLN TA 328 -34.81 -68.89 5.91
N GLY TA 329 -34.31 -67.69 5.74
CA GLY TA 329 -33.59 -66.97 6.79
C GLY TA 329 -32.16 -66.67 6.40
N ALA TA 330 -31.47 -65.99 7.31
CA ALA TA 330 -30.04 -65.71 7.15
C ALA TA 330 -29.28 -66.83 7.86
N LEU TA 331 -29.19 -67.96 7.16
CA LEU TA 331 -28.53 -69.13 7.71
C LEU TA 331 -27.03 -68.93 7.71
N ASP TA 332 -26.37 -69.51 8.71
CA ASP TA 332 -24.93 -69.39 8.78
C ASP TA 332 -24.24 -70.52 7.99
N ASP TA 333 -22.93 -70.59 8.17
CA ASP TA 333 -22.10 -71.47 7.35
C ASP TA 333 -22.10 -72.90 7.84
N VAL TA 334 -22.47 -73.14 9.11
CA VAL TA 334 -22.53 -74.52 9.54
C VAL TA 334 -23.92 -75.06 9.28
N GLU TA 335 -24.89 -74.20 9.04
CA GLU TA 335 -26.24 -74.64 8.73
C GLU TA 335 -26.44 -74.84 7.25
N ILE TA 336 -25.64 -74.17 6.42
CA ILE TA 336 -25.74 -74.45 5.00
C ILE TA 336 -24.77 -75.52 4.58
N LEU TA 337 -24.01 -76.06 5.53
CA LEU TA 337 -23.23 -77.27 5.31
C LEU TA 337 -23.90 -78.50 5.86
N ARG TA 338 -24.67 -78.34 6.95
CA ARG TA 338 -25.48 -79.44 7.41
C ARG TA 338 -26.71 -79.65 6.55
N ALA TA 339 -27.12 -78.63 5.79
CA ALA TA 339 -28.24 -78.87 4.91
C ALA TA 339 -27.79 -79.61 3.66
N ARG TA 340 -26.59 -79.34 3.18
CA ARG TA 340 -26.10 -80.07 2.01
C ARG TA 340 -25.73 -81.49 2.39
N GLN TA 341 -25.32 -81.70 3.63
CA GLN TA 341 -24.96 -83.06 4.03
C GLN TA 341 -26.18 -83.90 4.35
N PHE TA 342 -27.31 -83.27 4.66
CA PHE TA 342 -28.48 -84.08 4.95
C PHE TA 342 -29.30 -84.32 3.68
N VAL TA 343 -29.38 -83.31 2.81
CA VAL TA 343 -30.13 -83.45 1.56
C VAL TA 343 -29.44 -84.43 0.62
N ASP TA 344 -28.11 -84.40 0.53
CA ASP TA 344 -27.47 -85.38 -0.33
C ASP TA 344 -27.54 -86.80 0.22
N SER TA 345 -27.74 -86.96 1.52
CA SER TA 345 -27.94 -88.30 2.05
C SER TA 345 -29.41 -88.71 2.06
N TYR TA 346 -30.32 -87.81 1.74
CA TYR TA 346 -31.71 -88.23 1.59
C TYR TA 346 -32.12 -88.45 0.15
N TYR TA 347 -31.53 -87.68 -0.77
CA TYR TA 347 -31.76 -87.92 -2.18
C TYR TA 347 -31.15 -89.24 -2.62
N ARG TA 348 -30.12 -89.70 -1.91
CA ARG TA 348 -29.48 -90.96 -2.24
C ARG TA 348 -30.40 -92.13 -1.96
N THR TA 349 -31.23 -92.01 -0.92
CA THR TA 349 -32.10 -93.11 -0.51
C THR TA 349 -33.44 -93.05 -1.21
N TRP TA 350 -34.18 -91.96 -1.03
CA TRP TA 350 -35.56 -91.93 -1.54
C TRP TA 350 -35.74 -91.27 -2.90
N GLY TA 351 -34.77 -90.50 -3.37
CA GLY TA 351 -34.94 -89.80 -4.62
C GLY TA 351 -35.78 -88.55 -4.46
N GLY TA 352 -36.01 -87.88 -5.58
CA GLY TA 352 -36.72 -86.62 -5.57
C GLY TA 352 -38.09 -86.60 -6.21
N ARG TA 353 -38.86 -87.68 -6.08
CA ARG TA 353 -40.17 -87.72 -6.72
C ARG TA 353 -41.28 -87.18 -5.84
N TYR TA 354 -41.23 -87.45 -4.53
CA TYR TA 354 -42.31 -87.14 -3.61
C TYR TA 354 -42.06 -85.90 -2.75
N VAL TA 355 -40.95 -85.88 -2.01
CA VAL TA 355 -40.66 -84.81 -1.07
C VAL TA 355 -39.47 -84.03 -1.56
N GLN TA 356 -39.60 -82.70 -1.60
CA GLN TA 356 -38.56 -81.84 -2.13
C GLN TA 356 -38.26 -80.68 -1.19
N PHE TA 357 -36.98 -80.48 -0.94
CA PHE TA 357 -36.51 -79.41 -0.07
C PHE TA 357 -36.18 -78.21 -0.95
N ALA TA 358 -36.51 -77.03 -0.45
CA ALA TA 358 -36.26 -75.77 -1.13
C ALA TA 358 -35.50 -74.91 -0.14
N ILE TA 359 -34.28 -74.56 -0.49
CA ILE TA 359 -33.40 -73.80 0.39
C ILE TA 359 -33.16 -72.44 -0.23
N GLU TA 360 -33.81 -71.39 0.31
CA GLU TA 360 -33.46 -70.03 -0.10
C GLU TA 360 -33.02 -69.22 1.11
N LEU TA 361 -32.03 -68.36 0.89
CA LEU TA 361 -31.43 -67.61 1.98
C LEU TA 361 -31.48 -66.12 1.67
N LYS TA 362 -31.92 -65.34 2.66
CA LYS TA 362 -32.11 -63.91 2.51
C LYS TA 362 -31.39 -63.16 3.61
N ASP TA 363 -31.08 -61.90 3.33
CA ASP TA 363 -30.48 -61.04 4.32
C ASP TA 363 -31.55 -60.57 5.29
N ASP TA 364 -31.13 -60.26 6.52
CA ASP TA 364 -32.05 -59.93 7.58
C ASP TA 364 -32.36 -58.44 7.57
N TRP TA 365 -33.65 -58.12 7.61
CA TRP TA 365 -34.05 -56.71 7.67
C TRP TA 365 -33.74 -56.12 9.03
N LEU TA 366 -33.74 -56.93 10.08
CA LEU TA 366 -33.59 -56.46 11.44
C LEU TA 366 -32.18 -56.80 11.94
N LYS TA 367 -31.31 -55.79 11.91
CA LYS TA 367 -29.97 -55.89 12.48
C LYS TA 367 -29.78 -54.92 13.65
N GLY TA 368 -29.99 -53.64 13.43
CA GLY TA 368 -29.93 -52.68 14.51
C GLY TA 368 -31.29 -52.09 14.77
N ARG TA 369 -32.32 -52.75 14.27
CA ARG TA 369 -33.69 -52.26 14.39
C ARG TA 369 -34.36 -52.80 15.64
N SER TA 370 -35.25 -51.97 16.18
CA SER TA 370 -36.13 -52.33 17.29
C SER TA 370 -37.52 -52.65 16.77
N PHE TA 371 -38.11 -53.73 17.27
CA PHE TA 371 -39.38 -54.13 16.71
C PHE TA 371 -40.23 -54.77 17.80
N GLN TA 372 -41.54 -54.78 17.57
CA GLN TA 372 -42.48 -55.44 18.46
C GLN TA 372 -43.06 -56.65 17.76
N TYR TA 373 -43.01 -57.80 18.41
CA TYR TA 373 -43.54 -59.04 17.88
C TYR TA 373 -44.82 -59.43 18.62
N GLY TA 374 -45.43 -60.52 18.14
CA GLY TA 374 -46.65 -61.05 18.73
C GLY TA 374 -47.85 -60.88 17.83
N ALA TA 375 -48.96 -60.38 18.38
CA ALA TA 375 -50.16 -60.20 17.57
C ALA TA 375 -50.07 -58.91 16.75
N GLU TA 376 -49.97 -57.78 17.43
CA GLU TA 376 -49.82 -56.49 16.75
C GLU TA 376 -48.32 -56.26 16.60
N GLY TA 377 -47.80 -56.63 15.44
CA GLY TA 377 -46.35 -56.62 15.20
C GLY TA 377 -45.96 -55.52 14.22
N TYR TA 378 -44.85 -54.86 14.51
CA TYR TA 378 -44.31 -53.90 13.56
C TYR TA 378 -42.81 -53.82 13.75
N ILE TA 379 -42.15 -53.14 12.82
CA ILE TA 379 -40.70 -52.99 12.87
C ILE TA 379 -40.36 -51.53 12.70
N LYS TA 380 -39.72 -50.94 13.70
CA LYS TA 380 -39.32 -49.54 13.66
C LYS TA 380 -38.01 -49.48 12.91
N MET TA 381 -38.05 -49.08 11.64
CA MET TA 381 -36.83 -49.01 10.85
C MET TA 381 -36.00 -47.77 11.17
N SER TA 382 -36.54 -46.88 11.97
CA SER TA 382 -35.95 -45.61 12.35
C SER TA 382 -36.75 -45.10 13.54
N PRO TA 383 -36.25 -44.11 14.27
CA PRO TA 383 -37.08 -43.49 15.30
C PRO TA 383 -38.33 -42.79 14.77
N GLY TA 384 -38.43 -42.54 13.47
CA GLY TA 384 -39.64 -41.98 12.90
C GLY TA 384 -40.14 -42.76 11.70
N HIS TA 385 -40.02 -44.08 11.70
CA HIS TA 385 -40.41 -44.87 10.53
C HIS TA 385 -40.92 -46.22 10.99
N TRP TA 386 -42.18 -46.50 10.73
CA TRP TA 386 -42.82 -47.76 11.07
C TRP TA 386 -43.04 -48.63 9.85
N TYR TA 387 -42.88 -49.94 10.02
CA TYR TA 387 -43.10 -50.91 8.95
C TYR TA 387 -44.07 -51.96 9.44
N PHE TA 388 -45.30 -51.93 8.93
CA PHE TA 388 -46.33 -52.89 9.30
C PHE TA 388 -46.35 -53.99 8.25
N PRO TA 389 -45.86 -55.19 8.54
CA PRO TA 389 -45.79 -56.22 7.51
C PRO TA 389 -47.13 -56.88 7.28
N SER TA 390 -47.33 -57.29 6.02
CA SER TA 390 -48.57 -57.94 5.66
C SER TA 390 -48.55 -59.40 6.09
N PRO TA 391 -49.65 -59.91 6.66
CA PRO TA 391 -49.71 -61.30 7.12
C PRO TA 391 -49.72 -62.30 5.96
N ALA UA 171 -19.38 -102.88 -47.45
CA ALA UA 171 -19.43 -101.93 -46.35
C ALA UA 171 -20.87 -101.57 -46.01
N GLU UA 172 -21.37 -102.13 -44.92
CA GLU UA 172 -22.73 -101.85 -44.47
C GLU UA 172 -22.84 -100.48 -43.84
N LEU UA 173 -24.09 -100.04 -43.66
CA LEU UA 173 -24.33 -98.69 -43.14
C LEU UA 173 -24.04 -98.62 -41.66
N ASP UA 174 -24.26 -99.72 -40.93
CA ASP UA 174 -24.03 -99.77 -39.49
C ASP UA 174 -22.56 -99.81 -39.13
N SER UA 175 -21.66 -99.94 -40.10
CA SER UA 175 -20.23 -99.90 -39.89
C SER UA 175 -19.59 -98.58 -40.28
N LEU UA 176 -20.24 -97.77 -41.10
CA LEU UA 176 -19.66 -96.49 -41.46
C LEU UA 176 -19.77 -95.45 -40.36
N LEU UA 177 -20.64 -95.65 -39.37
CA LEU UA 177 -20.75 -94.73 -38.25
C LEU UA 177 -19.68 -94.96 -37.21
N GLY UA 178 -19.88 -94.39 -36.03
CA GLY UA 178 -18.92 -94.43 -34.96
C GLY UA 178 -18.68 -95.80 -34.37
N GLN UA 179 -17.89 -95.80 -33.30
CA GLN UA 179 -17.41 -97.04 -32.69
C GLN UA 179 -18.52 -97.77 -31.95
N GLU UA 180 -19.27 -97.06 -31.12
CA GLU UA 180 -20.34 -97.71 -30.38
C GLU UA 180 -21.59 -97.81 -31.23
N LYS UA 181 -22.10 -99.03 -31.39
CA LYS UA 181 -23.29 -99.26 -32.20
C LYS UA 181 -24.55 -99.29 -31.33
N GLU UA 182 -24.73 -98.28 -30.50
CA GLU UA 182 -25.98 -98.18 -29.76
C GLU UA 182 -26.57 -96.78 -29.70
N ARG UA 183 -25.86 -95.75 -30.14
CA ARG UA 183 -26.43 -94.41 -30.17
C ARG UA 183 -27.17 -94.12 -31.47
N PHE UA 184 -27.13 -95.05 -32.43
CA PHE UA 184 -27.89 -94.94 -33.65
C PHE UA 184 -28.71 -96.20 -33.84
N GLN UA 185 -29.73 -96.12 -34.69
CA GLN UA 185 -30.55 -97.32 -34.91
C GLN UA 185 -31.00 -97.36 -36.35
N VAL UA 186 -30.57 -98.37 -37.09
CA VAL UA 186 -30.88 -98.49 -38.51
C VAL UA 186 -32.13 -99.33 -38.71
N LEU UA 187 -33.09 -98.79 -39.47
CA LEU UA 187 -34.36 -99.40 -39.75
C LEU UA 187 -34.56 -99.55 -41.26
N PRO UA 188 -35.01 -100.70 -41.73
CA PRO UA 188 -35.30 -100.84 -43.17
C PRO UA 188 -36.63 -100.17 -43.50
N GLY UA 189 -36.70 -99.57 -44.69
CA GLY UA 189 -37.89 -98.86 -45.12
C GLY UA 189 -38.69 -99.67 -46.13
N ARG UA 190 -39.90 -99.18 -46.38
CA ARG UA 190 -40.78 -99.84 -47.32
C ARG UA 190 -40.56 -99.35 -48.73
N ASP UA 191 -40.06 -98.12 -48.88
CA ASP UA 191 -39.77 -97.55 -50.18
C ASP UA 191 -38.31 -97.73 -50.57
N LYS UA 192 -37.67 -98.82 -50.12
CA LYS UA 192 -36.26 -99.14 -50.38
C LYS UA 192 -35.31 -98.03 -49.93
N MET UA 193 -35.58 -97.48 -48.76
CA MET UA 193 -34.69 -96.55 -48.09
C MET UA 193 -34.25 -97.13 -46.75
N LEU UA 194 -33.28 -96.47 -46.13
CA LEU UA 194 -32.68 -97.00 -44.91
C LEU UA 194 -32.64 -95.87 -43.90
N TYR UA 195 -33.50 -95.94 -42.91
CA TYR UA 195 -33.65 -94.83 -42.00
C TYR UA 195 -32.71 -95.04 -40.84
N VAL UA 196 -32.15 -93.96 -40.34
CA VAL UA 196 -31.26 -93.99 -39.20
C VAL UA 196 -31.92 -93.13 -38.14
N ALA UA 197 -32.10 -93.69 -36.97
CA ALA UA 197 -32.83 -93.01 -35.92
C ALA UA 197 -31.78 -92.49 -34.96
N ALA UA 198 -31.70 -91.17 -34.83
CA ALA UA 198 -30.87 -90.51 -33.85
C ALA UA 198 -31.72 -90.00 -32.69
N GLN UA 199 -31.08 -89.32 -31.74
CA GLN UA 199 -31.84 -88.84 -30.58
C GLN UA 199 -31.52 -87.44 -30.10
N ASN UA 200 -30.61 -86.69 -30.73
CA ASN UA 200 -30.46 -85.26 -30.46
C ASN UA 200 -29.86 -84.61 -31.70
N GLU UA 201 -29.59 -83.31 -31.60
CA GLU UA 201 -29.09 -82.64 -32.78
C GLU UA 201 -27.60 -82.90 -33.02
N ARG UA 202 -26.87 -83.31 -32.00
CA ARG UA 202 -25.46 -83.56 -32.24
C ARG UA 202 -25.23 -84.88 -32.94
N ASP UA 203 -25.99 -85.93 -32.61
CA ASP UA 203 -25.82 -87.13 -33.41
C ASP UA 203 -26.61 -87.05 -34.70
N THR UA 204 -27.56 -86.10 -34.80
CA THR UA 204 -28.22 -85.91 -36.08
C THR UA 204 -27.26 -85.26 -37.06
N LEU UA 205 -26.41 -84.34 -36.58
CA LEU UA 205 -25.44 -83.77 -37.50
C LEU UA 205 -24.26 -84.71 -37.71
N TRP UA 206 -24.03 -85.63 -36.77
CA TRP UA 206 -22.98 -86.63 -36.91
C TRP UA 206 -23.36 -87.65 -37.97
N ALA UA 207 -24.66 -87.85 -38.16
CA ALA UA 207 -25.11 -88.81 -39.15
C ALA UA 207 -25.52 -88.13 -40.45
N ARG UA 208 -25.86 -86.85 -40.43
CA ARG UA 208 -26.10 -86.18 -41.69
C ARG UA 208 -24.80 -85.91 -42.43
N GLN UA 209 -23.69 -85.79 -41.70
CA GLN UA 209 -22.41 -85.55 -42.38
C GLN UA 209 -21.93 -86.75 -43.18
N VAL UA 210 -22.16 -87.98 -42.71
CA VAL UA 210 -21.68 -89.14 -43.44
C VAL UA 210 -22.47 -89.30 -44.74
N LEU UA 211 -23.80 -89.20 -44.67
CA LEU UA 211 -24.60 -89.35 -45.87
C LEU UA 211 -24.49 -88.15 -46.80
N ALA UA 212 -24.02 -87.00 -46.30
CA ALA UA 212 -23.88 -85.85 -47.17
C ALA UA 212 -22.55 -85.82 -47.88
N ARG UA 213 -21.49 -86.33 -47.25
CA ARG UA 213 -20.21 -86.33 -47.93
C ARG UA 213 -20.14 -87.40 -49.01
N GLY UA 214 -20.99 -88.42 -48.94
CA GLY UA 214 -21.18 -89.30 -50.07
C GLY UA 214 -20.62 -90.69 -49.94
N ASP UA 215 -20.28 -91.14 -48.74
CA ASP UA 215 -19.73 -92.49 -48.59
C ASP UA 215 -20.80 -93.52 -48.31
N TYR UA 216 -21.84 -93.53 -49.13
CA TYR UA 216 -22.81 -94.61 -49.15
C TYR UA 216 -23.47 -94.60 -50.52
N ASP UA 217 -23.79 -95.78 -51.03
CA ASP UA 217 -24.25 -95.88 -52.41
C ASP UA 217 -25.75 -95.67 -52.50
N LYS UA 218 -26.54 -96.47 -51.79
CA LYS UA 218 -27.98 -96.42 -51.96
C LYS UA 218 -28.56 -95.24 -51.19
N ASN UA 219 -29.88 -95.14 -51.17
CA ASN UA 219 -30.55 -94.03 -50.52
C ASN UA 219 -30.74 -94.29 -49.04
N ALA UA 220 -30.66 -93.22 -48.25
CA ALA UA 220 -30.83 -93.34 -46.81
C ALA UA 220 -31.29 -92.01 -46.25
N ARG UA 221 -31.92 -92.06 -45.08
CA ARG UA 221 -32.33 -90.85 -44.40
C ARG UA 221 -32.10 -90.98 -42.91
N VAL UA 222 -31.98 -89.84 -42.23
CA VAL UA 222 -31.83 -89.78 -40.78
C VAL UA 222 -33.02 -89.06 -40.14
N ILE UA 223 -33.72 -89.75 -39.26
CA ILE UA 223 -34.87 -89.17 -38.58
C ILE UA 223 -34.50 -88.85 -37.13
N ASN UA 224 -35.42 -88.14 -36.47
CA ASN UA 224 -35.28 -87.63 -35.12
C ASN UA 224 -36.64 -87.76 -34.44
N GLU UA 225 -36.81 -87.15 -33.27
CA GLU UA 225 -38.12 -87.14 -32.64
C GLU UA 225 -38.81 -85.78 -32.59
N ASN UA 226 -38.07 -84.70 -32.34
CA ASN UA 226 -38.67 -83.38 -32.38
C ASN UA 226 -38.80 -82.87 -33.80
N GLU UA 227 -38.08 -83.47 -34.73
CA GLU UA 227 -38.16 -83.04 -36.11
C GLU UA 227 -39.25 -83.85 -36.80
N GLU UA 228 -39.32 -85.15 -36.51
CA GLU UA 228 -40.38 -85.96 -37.07
C GLU UA 228 -41.73 -85.73 -36.39
N ASN UA 229 -41.78 -85.07 -35.24
CA ASN UA 229 -43.07 -84.71 -34.69
C ASN UA 229 -43.56 -83.38 -35.24
N LYS UA 230 -42.68 -82.61 -35.83
CA LYS UA 230 -43.06 -81.38 -36.51
C LYS UA 230 -43.37 -81.62 -37.97
N ARG UA 231 -42.78 -82.65 -38.57
CA ARG UA 231 -43.09 -82.95 -39.98
C ARG UA 231 -44.52 -83.48 -40.13
N ILE UA 232 -45.04 -84.20 -39.14
CA ILE UA 232 -46.39 -84.73 -39.23
C ILE UA 232 -47.45 -83.75 -38.77
N SER UA 233 -47.04 -82.65 -38.16
CA SER UA 233 -47.99 -81.62 -37.78
C SER UA 233 -48.26 -80.63 -38.89
N ILE UA 234 -47.56 -80.74 -40.00
CA ILE UA 234 -47.89 -79.94 -41.17
C ILE UA 234 -48.89 -80.71 -42.01
N TRP UA 235 -48.75 -82.03 -42.05
CA TRP UA 235 -49.73 -82.84 -42.75
C TRP UA 235 -51.05 -82.87 -42.00
N LEU UA 236 -51.01 -82.79 -40.66
CA LEU UA 236 -52.26 -82.82 -39.94
C LEU UA 236 -53.00 -81.50 -39.95
N ASP UA 237 -52.32 -80.37 -40.14
CA ASP UA 237 -53.02 -79.09 -40.15
C ASP UA 237 -53.74 -78.84 -41.47
N THR UA 238 -53.49 -79.67 -42.47
CA THR UA 238 -54.11 -79.55 -43.77
C THR UA 238 -55.16 -80.63 -43.95
N TYR UA 239 -54.84 -81.88 -43.63
CA TYR UA 239 -55.79 -82.92 -43.96
C TYR UA 239 -56.74 -83.22 -42.81
N TYR UA 240 -56.36 -82.95 -41.57
CA TYR UA 240 -57.25 -83.19 -40.43
C TYR UA 240 -57.30 -81.96 -39.54
N PRO UA 241 -57.96 -80.89 -39.96
CA PRO UA 241 -58.02 -79.69 -39.13
C PRO UA 241 -59.01 -79.90 -37.99
N GLN UA 242 -58.98 -78.96 -37.04
CA GLN UA 242 -59.83 -78.95 -35.83
C GLN UA 242 -59.61 -80.22 -35.01
N LEU UA 243 -58.37 -80.71 -35.00
CA LEU UA 243 -58.01 -81.93 -34.29
C LEU UA 243 -57.26 -81.63 -33.00
N ALA UA 244 -57.63 -82.32 -31.92
CA ALA UA 244 -57.01 -82.15 -30.62
C ALA UA 244 -56.10 -83.35 -30.35
N TYR UA 245 -54.79 -83.12 -30.36
CA TYR UA 245 -53.84 -84.20 -30.09
C TYR UA 245 -52.71 -83.63 -29.26
N TYR UA 246 -51.83 -84.51 -28.77
CA TYR UA 246 -50.74 -84.06 -27.92
C TYR UA 246 -49.36 -84.28 -28.54
N ARG UA 247 -49.00 -85.52 -28.83
CA ARG UA 247 -47.60 -85.86 -29.11
C ARG UA 247 -47.52 -87.30 -29.61
N ILE UA 248 -46.57 -87.55 -30.51
CA ILE UA 248 -46.22 -88.90 -30.93
C ILE UA 248 -44.96 -89.33 -30.18
N HIS UA 249 -45.01 -90.50 -29.56
CA HIS UA 249 -43.91 -91.00 -28.76
C HIS UA 249 -43.17 -92.09 -29.52
N PHE UA 250 -41.85 -92.02 -29.53
CA PHE UA 250 -41.06 -92.96 -30.33
C PHE UA 250 -40.13 -93.79 -29.48
N ASP UA 251 -40.63 -94.35 -28.38
CA ASP UA 251 -39.79 -95.21 -27.55
C ASP UA 251 -39.49 -96.53 -28.23
N GLU UA 252 -40.41 -97.02 -29.05
CA GLU UA 252 -40.16 -98.15 -29.94
C GLU UA 252 -40.47 -97.69 -31.35
N PRO UA 253 -39.46 -97.46 -32.20
CA PRO UA 253 -39.71 -96.80 -33.49
C PRO UA 253 -40.42 -97.64 -34.53
N ARG UA 254 -40.73 -98.90 -34.28
CA ARG UA 254 -41.58 -99.62 -35.23
C ARG UA 254 -43.05 -99.56 -34.87
N LYS UA 255 -43.40 -99.18 -33.64
CA LYS UA 255 -44.80 -99.03 -33.24
C LYS UA 255 -44.96 -97.80 -32.36
N PRO UA 256 -45.08 -96.63 -32.97
CA PRO UA 256 -45.27 -95.41 -32.18
C PRO UA 256 -46.69 -95.30 -31.66
N VAL UA 257 -46.83 -94.57 -30.57
CA VAL UA 257 -48.10 -94.35 -29.88
C VAL UA 257 -48.49 -92.89 -30.02
N PHE UA 258 -49.70 -92.67 -30.51
CA PHE UA 258 -50.27 -91.36 -30.79
C PHE UA 258 -51.32 -91.06 -29.72
N TRP UA 259 -50.99 -90.10 -28.86
CA TRP UA 259 -51.88 -89.71 -27.76
C TRP UA 259 -52.92 -88.72 -28.25
N LEU UA 260 -54.17 -89.14 -28.25
CA LEU UA 260 -55.28 -88.30 -28.68
C LEU UA 260 -56.01 -87.80 -27.44
N SER UA 261 -56.88 -86.82 -27.61
CA SER UA 261 -57.69 -86.30 -26.51
C SER UA 261 -59.09 -86.90 -26.55
N ARG UA 262 -59.63 -87.17 -25.37
CA ARG UA 262 -60.90 -87.88 -25.26
C ARG UA 262 -62.11 -86.94 -25.20
N GLN UA 263 -62.04 -85.89 -24.41
CA GLN UA 263 -63.21 -85.04 -24.19
C GLN UA 263 -63.38 -83.96 -25.24
N ARG UA 264 -62.53 -83.91 -26.27
CA ARG UA 264 -62.59 -82.83 -27.25
C ARG UA 264 -62.65 -83.34 -28.69
N ASN UA 265 -63.05 -84.59 -28.90
CA ASN UA 265 -63.18 -85.12 -30.25
C ASN UA 265 -64.53 -85.82 -30.42
N THR UA 266 -64.95 -85.91 -31.67
CA THR UA 266 -66.21 -86.57 -32.02
C THR UA 266 -65.99 -87.54 -33.15
N MET UA 267 -64.89 -88.29 -33.10
CA MET UA 267 -64.62 -89.30 -34.11
C MET UA 267 -64.95 -90.69 -33.60
N SER UA 268 -65.51 -91.52 -34.47
CA SER UA 268 -65.96 -92.85 -34.10
C SER UA 268 -64.80 -93.84 -34.18
N LYS UA 269 -65.14 -95.13 -34.07
CA LYS UA 269 -64.15 -96.19 -34.11
C LYS UA 269 -63.66 -96.41 -35.52
N LYS UA 270 -64.52 -96.19 -36.50
CA LYS UA 270 -64.10 -96.36 -37.88
C LYS UA 270 -63.28 -95.15 -38.31
N GLU UA 271 -63.64 -93.97 -37.80
CA GLU UA 271 -62.86 -92.80 -38.15
C GLU UA 271 -61.50 -92.82 -37.48
N LEU UA 272 -61.33 -93.55 -36.36
CA LEU UA 272 -59.97 -93.69 -35.85
C LEU UA 272 -59.16 -94.70 -36.65
N GLU UA 273 -59.83 -95.68 -37.27
CA GLU UA 273 -59.11 -96.68 -38.03
C GLU UA 273 -58.67 -96.15 -39.38
N VAL UA 274 -59.46 -95.23 -39.94
CA VAL UA 274 -59.05 -94.64 -41.21
C VAL UA 274 -57.99 -93.57 -41.00
N LEU UA 275 -57.80 -93.12 -39.76
CA LEU UA 275 -56.71 -92.20 -39.47
C LEU UA 275 -55.44 -92.98 -39.21
N SER UA 276 -55.57 -94.13 -38.51
CA SER UA 276 -54.41 -94.94 -38.22
C SER UA 276 -53.92 -95.70 -39.45
N GLN UA 277 -54.74 -95.81 -40.49
CA GLN UA 277 -54.25 -96.40 -41.72
C GLN UA 277 -53.69 -95.36 -42.70
N LYS UA 278 -53.94 -94.07 -42.46
CA LYS UA 278 -53.32 -93.03 -43.26
C LYS UA 278 -52.07 -92.45 -42.62
N LEU UA 279 -51.93 -92.59 -41.30
CA LEU UA 279 -50.66 -92.26 -40.65
C LEU UA 279 -49.59 -93.31 -40.86
N ARG UA 280 -49.99 -94.52 -41.21
CA ARG UA 280 -49.01 -95.57 -41.51
C ARG UA 280 -48.30 -95.31 -42.83
N ALA UA 281 -49.02 -94.78 -43.82
CA ALA UA 281 -48.38 -94.51 -45.10
C ALA UA 281 -47.52 -93.26 -45.07
N LEU UA 282 -47.67 -92.41 -44.06
CA LEU UA 282 -46.82 -91.24 -43.98
C LEU UA 282 -45.47 -91.56 -43.36
N MET UA 283 -45.41 -92.57 -42.51
CA MET UA 283 -44.16 -93.04 -41.91
C MET UA 283 -43.84 -94.43 -42.42
N PRO UA 284 -42.99 -94.57 -43.43
CA PRO UA 284 -42.80 -95.89 -44.05
C PRO UA 284 -41.98 -96.86 -43.23
N TYR UA 285 -41.37 -96.42 -42.13
CA TYR UA 285 -40.58 -97.30 -41.27
C TYR UA 285 -41.39 -97.96 -40.17
N ALA UA 286 -42.65 -97.58 -40.00
CA ALA UA 286 -43.44 -98.10 -38.90
C ALA UA 286 -44.21 -99.34 -39.34
N ASP UA 287 -44.91 -99.96 -38.38
CA ASP UA 287 -45.71 -101.14 -38.63
C ASP UA 287 -47.18 -100.90 -38.35
N SER UA 288 -47.51 -100.33 -37.20
CA SER UA 288 -48.90 -100.05 -36.85
C SER UA 288 -48.90 -98.96 -35.80
N VAL UA 289 -49.52 -97.82 -36.12
CA VAL UA 289 -49.60 -96.73 -35.18
C VAL UA 289 -50.67 -97.05 -34.15
N ASN UA 290 -50.32 -96.96 -32.88
CA ASN UA 290 -51.24 -97.28 -31.80
C ASN UA 290 -51.79 -95.95 -31.29
N ILE UA 291 -53.11 -95.80 -31.31
CA ILE UA 291 -53.77 -94.56 -30.89
C ILE UA 291 -54.39 -94.77 -29.52
N THR UA 292 -53.92 -94.01 -28.54
CA THR UA 292 -54.46 -94.10 -27.18
C THR UA 292 -55.09 -92.78 -26.75
N LEU UA 293 -56.34 -92.85 -26.30
CA LEU UA 293 -57.05 -91.68 -25.81
C LEU UA 293 -56.66 -91.34 -24.39
N MET UA 294 -56.10 -90.15 -24.16
CA MET UA 294 -55.64 -89.72 -22.86
C MET UA 294 -56.65 -88.76 -22.27
N ASP UA 295 -56.78 -88.78 -20.94
CA ASP UA 295 -57.70 -87.88 -20.27
C ASP UA 295 -57.16 -86.45 -20.31
N ASP UA 296 -58.04 -85.51 -20.00
CA ASP UA 296 -57.73 -84.09 -20.14
C ASP UA 296 -57.61 -83.34 -18.82
N VAL UA 297 -58.16 -83.88 -17.73
CA VAL UA 297 -57.98 -83.25 -16.43
C VAL UA 297 -56.73 -83.76 -15.74
N THR UA 298 -56.15 -84.87 -16.21
CA THR UA 298 -54.90 -85.30 -15.62
C THR UA 298 -53.72 -84.53 -16.19
N ALA UA 299 -53.89 -83.97 -17.39
CA ALA UA 299 -52.85 -83.13 -17.97
C ALA UA 299 -52.80 -81.79 -17.27
N ALA UA 300 -53.95 -81.28 -16.85
CA ALA UA 300 -53.92 -80.02 -16.13
C ALA UA 300 -53.77 -80.23 -14.63
N GLY UA 301 -53.89 -81.47 -14.15
CA GLY UA 301 -53.62 -81.71 -12.76
C GLY UA 301 -52.16 -81.95 -12.48
N GLN UA 302 -51.47 -82.62 -13.41
CA GLN UA 302 -50.04 -82.84 -13.23
C GLN UA 302 -49.24 -81.57 -13.39
N ALA UA 303 -49.72 -80.64 -14.21
CA ALA UA 303 -48.98 -79.40 -14.38
C ALA UA 303 -49.08 -78.51 -13.16
N GLU UA 304 -50.19 -78.57 -12.45
CA GLU UA 304 -50.31 -77.73 -11.28
C GLU UA 304 -49.63 -78.40 -10.10
N ALA UA 305 -49.72 -79.74 -10.00
CA ALA UA 305 -49.10 -80.39 -8.86
C ALA UA 305 -47.58 -80.33 -8.98
N GLY UA 306 -47.05 -80.43 -10.21
CA GLY UA 306 -45.62 -80.23 -10.36
C GLY UA 306 -45.22 -78.77 -10.20
N LEU UA 307 -46.14 -77.83 -10.46
CA LEU UA 307 -45.80 -76.42 -10.25
C LEU UA 307 -45.93 -76.01 -8.79
N LYS UA 308 -46.52 -76.86 -7.96
CA LYS UA 308 -46.65 -76.52 -6.56
C LYS UA 308 -45.57 -77.14 -5.69
N GLN UA 309 -44.86 -78.16 -6.15
CA GLN UA 309 -43.77 -78.70 -5.34
C GLN UA 309 -42.58 -77.77 -5.33
N GLN UA 310 -42.32 -77.06 -6.43
CA GLN UA 310 -41.22 -76.11 -6.46
C GLN UA 310 -41.54 -74.78 -5.77
N ALA UA 311 -42.79 -74.59 -5.31
CA ALA UA 311 -43.24 -73.38 -4.62
C ALA UA 311 -43.03 -72.11 -5.44
N LEU UA 312 -43.61 -72.09 -6.63
CA LEU UA 312 -43.50 -70.95 -7.53
C LEU UA 312 -44.78 -70.14 -7.56
N PRO UA 313 -44.69 -68.82 -7.52
CA PRO UA 313 -45.89 -67.98 -7.61
C PRO UA 313 -46.40 -68.01 -9.04
N TYR UA 314 -47.65 -68.39 -9.22
CA TYR UA 314 -48.21 -68.58 -10.54
C TYR UA 314 -49.61 -68.02 -10.60
N SER UA 315 -50.21 -68.12 -11.78
CA SER UA 315 -51.60 -67.67 -11.96
C SER UA 315 -52.20 -68.45 -13.12
N ARG UA 316 -53.32 -69.11 -12.84
CA ARG UA 316 -54.00 -69.97 -13.80
C ARG UA 316 -55.09 -69.22 -14.55
N ARG UA 317 -55.13 -69.38 -15.86
CA ARG UA 317 -56.14 -68.76 -16.72
C ARG UA 317 -56.79 -69.85 -17.58
N ASN UA 318 -58.02 -70.24 -17.25
CA ASN UA 318 -58.75 -71.28 -17.97
C ASN UA 318 -59.56 -70.68 -19.11
N HIS UA 319 -59.59 -71.39 -20.24
CA HIS UA 319 -60.52 -71.11 -21.32
C HIS UA 319 -60.74 -72.40 -22.08
N LYS UA 320 -61.65 -72.36 -23.06
CA LYS UA 320 -62.03 -73.57 -23.79
C LYS UA 320 -60.91 -73.95 -24.75
N GLY UA 321 -60.28 -75.10 -24.52
CA GLY UA 321 -59.22 -75.57 -25.38
C GLY UA 321 -57.83 -75.12 -24.97
N GLY UA 322 -57.56 -75.14 -23.67
CA GLY UA 322 -56.24 -74.82 -23.17
C GLY UA 322 -56.30 -73.99 -21.90
N VAL UA 323 -55.30 -74.17 -21.05
CA VAL UA 323 -55.13 -73.37 -19.86
C VAL UA 323 -53.77 -72.67 -19.98
N THR UA 324 -53.50 -71.72 -19.09
CA THR UA 324 -52.28 -70.93 -19.21
C THR UA 324 -51.78 -70.59 -17.82
N PHE UA 325 -50.49 -70.85 -17.56
CA PHE UA 325 -49.88 -70.57 -16.29
C PHE UA 325 -48.89 -69.42 -16.44
N VAL UA 326 -49.26 -68.28 -15.86
CA VAL UA 326 -48.47 -67.06 -15.98
C VAL UA 326 -47.61 -66.94 -14.74
N ILE UA 327 -46.29 -66.95 -14.92
CA ILE UA 327 -45.33 -66.72 -13.85
C ILE UA 327 -44.69 -65.36 -14.09
N GLN UA 328 -44.80 -64.47 -13.11
CA GLN UA 328 -44.34 -63.09 -13.23
C GLN UA 328 -43.59 -62.72 -11.97
N GLY UA 329 -43.31 -61.44 -11.83
CA GLY UA 329 -42.67 -60.95 -10.63
C GLY UA 329 -41.15 -60.96 -10.70
N ALA UA 330 -40.57 -60.67 -9.55
CA ALA UA 330 -39.11 -60.62 -9.38
C ALA UA 330 -38.68 -61.92 -8.74
N LEU UA 331 -38.38 -62.91 -9.58
CA LEU UA 331 -37.93 -64.21 -9.09
C LEU UA 331 -36.47 -64.15 -8.68
N ASP UA 332 -36.09 -65.04 -7.77
CA ASP UA 332 -34.70 -65.11 -7.35
C ASP UA 332 -33.95 -66.08 -8.27
N ASP UA 333 -32.71 -66.41 -7.91
CA ASP UA 333 -31.86 -67.13 -8.85
C ASP UA 333 -32.12 -68.62 -8.87
N VAL UA 334 -32.66 -69.21 -7.80
CA VAL UA 334 -32.91 -70.63 -7.78
C VAL UA 334 -34.30 -70.97 -8.31
N GLU UA 335 -35.18 -69.99 -8.38
CA GLU UA 335 -36.50 -70.26 -8.89
C GLU UA 335 -36.54 -70.24 -10.40
N ILE UA 336 -35.55 -69.60 -11.03
CA ILE UA 336 -35.53 -69.64 -12.47
C ILE UA 336 -34.90 -70.95 -12.90
N LEU UA 337 -33.95 -71.47 -12.11
CA LEU UA 337 -33.35 -72.74 -12.46
C LEU UA 337 -34.34 -73.87 -12.25
N ARG UA 338 -35.17 -73.78 -11.21
CA ARG UA 338 -36.14 -74.84 -11.02
C ARG UA 338 -37.31 -74.72 -11.99
N ALA UA 339 -37.60 -73.51 -12.48
CA ALA UA 339 -38.67 -73.41 -13.47
C ALA UA 339 -38.19 -73.87 -14.83
N ARG UA 340 -36.93 -73.59 -15.18
CA ARG UA 340 -36.43 -74.08 -16.45
C ARG UA 340 -36.15 -75.56 -16.42
N GLN UA 341 -35.99 -76.14 -15.23
CA GLN UA 341 -35.83 -77.59 -15.17
C GLN UA 341 -37.16 -78.32 -15.15
N PHE UA 342 -38.24 -77.65 -14.75
CA PHE UA 342 -39.52 -78.35 -14.71
C PHE UA 342 -40.28 -78.21 -16.02
N VAL UA 343 -40.22 -77.03 -16.67
CA VAL UA 343 -40.95 -76.83 -17.91
C VAL UA 343 -40.37 -77.71 -19.02
N ASP UA 344 -39.04 -77.84 -19.07
CA ASP UA 344 -38.41 -78.67 -20.08
C ASP UA 344 -38.63 -80.17 -19.82
N SER UA 345 -38.93 -80.56 -18.59
CA SER UA 345 -39.24 -81.95 -18.31
C SER UA 345 -40.72 -82.25 -18.49
N TYR UA 346 -41.55 -81.22 -18.53
CA TYR UA 346 -42.97 -81.41 -18.81
C TYR UA 346 -43.26 -81.39 -20.31
N TYR UA 347 -42.51 -80.58 -21.05
CA TYR UA 347 -42.69 -80.50 -22.49
C TYR UA 347 -42.29 -81.79 -23.19
N ARG UA 348 -41.44 -82.61 -22.58
CA ARG UA 348 -41.03 -83.85 -23.23
C ARG UA 348 -42.20 -84.82 -23.27
N THR UA 349 -42.96 -84.89 -22.19
CA THR UA 349 -43.98 -85.91 -22.06
C THR UA 349 -45.36 -85.44 -22.50
N TRP UA 350 -45.63 -84.15 -22.52
CA TRP UA 350 -46.97 -83.73 -22.93
C TRP UA 350 -47.01 -82.92 -24.22
N GLY UA 351 -45.99 -82.13 -24.52
CA GLY UA 351 -46.00 -81.30 -25.70
C GLY UA 351 -46.72 -79.98 -25.47
N GLY UA 352 -46.48 -79.04 -26.38
CA GLY UA 352 -47.05 -77.73 -26.20
C GLY UA 352 -48.33 -77.42 -26.95
N ARG UA 353 -49.19 -78.42 -27.11
CA ARG UA 353 -50.43 -78.22 -27.84
C ARG UA 353 -51.56 -77.75 -26.94
N TYR UA 354 -51.51 -78.10 -25.66
CA TYR UA 354 -52.60 -77.83 -24.73
C TYR UA 354 -52.22 -76.82 -23.66
N VAL UA 355 -51.16 -77.06 -22.91
CA VAL UA 355 -50.78 -76.20 -21.79
C VAL UA 355 -49.45 -75.53 -22.08
N GLN UA 356 -49.41 -74.21 -21.89
CA GLN UA 356 -48.23 -73.43 -22.18
C GLN UA 356 -47.89 -72.56 -20.99
N PHE UA 357 -46.64 -72.63 -20.53
CA PHE UA 357 -46.15 -71.83 -19.42
C PHE UA 357 -45.56 -70.52 -19.92
N ALA UA 358 -45.94 -69.42 -19.30
CA ALA UA 358 -45.51 -68.09 -19.72
C ALA UA 358 -44.68 -67.57 -18.57
N ILE UA 359 -43.38 -67.89 -18.61
CA ILE UA 359 -42.42 -67.40 -17.64
C ILE UA 359 -41.93 -66.05 -18.13
N GLU UA 360 -42.07 -65.02 -17.31
CA GLU UA 360 -41.62 -63.71 -17.75
C GLU UA 360 -40.99 -62.96 -16.60
N LEU UA 361 -39.72 -62.57 -16.77
CA LEU UA 361 -38.98 -61.92 -15.72
C LEU UA 361 -39.07 -60.41 -15.91
N LYS UA 362 -39.69 -59.72 -14.97
CA LYS UA 362 -39.79 -58.27 -15.03
C LYS UA 362 -39.76 -57.74 -13.62
N ASP UA 363 -39.46 -56.45 -13.50
CA ASP UA 363 -39.36 -55.83 -12.18
C ASP UA 363 -40.76 -55.57 -11.64
N ASP UA 364 -40.82 -54.98 -10.47
CA ASP UA 364 -42.11 -54.72 -9.86
C ASP UA 364 -42.79 -53.56 -10.57
N TRP UA 365 -44.06 -53.74 -10.88
CA TRP UA 365 -44.86 -52.69 -11.48
C TRP UA 365 -45.09 -51.60 -10.45
N LEU UA 366 -45.19 -50.36 -10.94
CA LEU UA 366 -45.37 -49.16 -10.12
C LEU UA 366 -44.23 -49.02 -9.11
N LYS UA 367 -43.05 -48.73 -9.67
CA LYS UA 367 -41.75 -49.13 -9.11
C LYS UA 367 -41.54 -48.62 -7.69
N GLY UA 368 -41.49 -47.30 -7.51
CA GLY UA 368 -41.30 -46.74 -6.18
C GLY UA 368 -42.44 -45.87 -5.73
N ARG UA 369 -43.65 -46.20 -6.17
CA ARG UA 369 -44.82 -45.35 -6.03
C ARG UA 369 -45.82 -45.97 -5.08
N SER UA 370 -46.48 -45.13 -4.30
CA SER UA 370 -47.57 -45.56 -3.42
C SER UA 370 -48.89 -45.38 -4.15
N PHE UA 371 -49.57 -46.50 -4.40
CA PHE UA 371 -50.79 -46.55 -5.19
C PHE UA 371 -51.96 -47.00 -4.31
N GLN UA 372 -53.16 -46.85 -4.85
CA GLN UA 372 -54.41 -47.13 -4.14
C GLN UA 372 -55.23 -48.08 -5.01
N TYR UA 373 -55.29 -49.35 -4.62
CA TYR UA 373 -55.80 -50.37 -5.54
C TYR UA 373 -57.29 -50.62 -5.37
N GLY UA 374 -57.94 -50.98 -6.46
CA GLY UA 374 -59.26 -51.57 -6.46
C GLY UA 374 -60.43 -50.68 -6.82
N ALA UA 375 -60.82 -50.71 -8.11
CA ALA UA 375 -62.10 -50.23 -8.65
C ALA UA 375 -62.29 -48.72 -8.60
N GLU UA 376 -61.42 -48.01 -7.88
CA GLU UA 376 -61.30 -46.55 -7.86
C GLU UA 376 -59.83 -46.30 -7.54
N GLY UA 377 -59.01 -46.17 -8.58
CA GLY UA 377 -57.57 -46.24 -8.42
C GLY UA 377 -56.90 -44.92 -8.74
N TYR UA 378 -55.81 -44.65 -8.05
CA TYR UA 378 -54.97 -43.52 -8.40
C TYR UA 378 -53.54 -43.83 -7.97
N ILE UA 379 -52.59 -43.30 -8.73
CA ILE UA 379 -51.17 -43.44 -8.43
C ILE UA 379 -50.65 -42.09 -7.97
N LYS UA 380 -49.88 -42.09 -6.89
CA LYS UA 380 -49.30 -40.87 -6.35
C LYS UA 380 -47.92 -40.71 -6.97
N MET UA 381 -47.82 -39.85 -7.99
CA MET UA 381 -46.53 -39.65 -8.65
C MET UA 381 -45.58 -38.80 -7.81
N SER UA 382 -46.13 -38.11 -6.81
CA SER UA 382 -45.38 -37.23 -5.92
C SER UA 382 -46.22 -37.08 -4.67
N PRO UA 383 -45.71 -36.43 -3.64
CA PRO UA 383 -46.62 -36.07 -2.53
C PRO UA 383 -47.77 -35.16 -2.96
N GLY UA 384 -47.63 -34.40 -4.04
CA GLY UA 384 -48.71 -33.55 -4.49
C GLY UA 384 -49.15 -33.76 -5.93
N HIS UA 385 -49.19 -35.00 -6.42
CA HIS UA 385 -49.55 -35.26 -7.81
C HIS UA 385 -50.32 -36.56 -7.88
N TRP UA 386 -51.60 -36.47 -8.26
CA TRP UA 386 -52.46 -37.62 -8.41
C TRP UA 386 -52.59 -37.95 -9.89
N TYR UA 387 -52.45 -39.23 -10.23
CA TYR UA 387 -52.57 -39.74 -11.59
C TYR UA 387 -53.70 -40.76 -11.62
N PHE UA 388 -54.58 -40.68 -12.63
CA PHE UA 388 -55.77 -41.53 -12.71
C PHE UA 388 -55.77 -42.39 -13.97
N PRO UA 389 -54.97 -43.46 -14.00
CA PRO UA 389 -55.09 -44.45 -15.08
C PRO UA 389 -56.14 -45.48 -14.73
N SER UA 390 -56.16 -46.57 -15.50
CA SER UA 390 -56.92 -47.80 -15.31
C SER UA 390 -56.88 -48.28 -13.86
N PRO UA 391 -57.97 -48.89 -13.35
CA PRO UA 391 -58.06 -49.19 -11.91
C PRO UA 391 -57.00 -50.18 -11.43
N LEU UA 392 -56.09 -49.68 -10.61
CA LEU UA 392 -54.96 -50.44 -10.11
C LEU UA 392 -55.35 -51.39 -8.97
N ALA VA 171 -27.70 -87.60 -68.81
CA ALA VA 171 -27.79 -87.19 -67.42
C ALA VA 171 -29.16 -86.57 -67.13
N GLU VA 172 -29.90 -87.19 -66.22
CA GLU VA 172 -31.20 -86.66 -65.82
C GLU VA 172 -31.04 -85.48 -64.88
N LEU VA 173 -32.16 -84.78 -64.67
CA LEU VA 173 -32.15 -83.55 -63.89
C LEU VA 173 -32.03 -83.83 -62.41
N ASP VA 174 -32.60 -84.92 -61.92
CA ASP VA 174 -32.54 -85.22 -60.50
C ASP VA 174 -31.19 -85.75 -60.04
N SER VA 175 -30.28 -86.03 -60.97
CA SER VA 175 -28.93 -86.41 -60.63
C SER VA 175 -27.95 -85.25 -60.66
N LEU VA 176 -28.28 -84.17 -61.37
CA LEU VA 176 -27.42 -83.00 -61.41
C LEU VA 176 -27.53 -82.13 -60.17
N LEU VA 177 -28.53 -82.35 -59.33
CA LEU VA 177 -28.62 -81.66 -58.06
C LEU VA 177 -27.72 -82.39 -57.06
N GLY VA 178 -27.88 -82.11 -55.77
CA GLY VA 178 -26.95 -82.63 -54.79
C GLY VA 178 -27.09 -84.12 -54.53
N GLN VA 179 -26.29 -84.59 -53.57
CA GLN VA 179 -26.29 -86.01 -53.23
C GLN VA 179 -27.56 -86.39 -52.48
N GLU VA 180 -28.04 -85.52 -51.60
CA GLU VA 180 -29.26 -85.78 -50.84
C GLU VA 180 -30.47 -85.58 -51.77
N LYS VA 181 -30.95 -86.69 -52.33
CA LYS VA 181 -32.08 -86.70 -53.26
C LYS VA 181 -33.44 -86.79 -52.56
N GLU VA 182 -33.68 -85.92 -51.59
CA GLU VA 182 -34.96 -85.90 -50.91
C GLU VA 182 -35.51 -84.52 -50.68
N ARG VA 183 -34.75 -83.47 -50.98
CA ARG VA 183 -35.24 -82.11 -50.80
C ARG VA 183 -35.87 -81.55 -52.07
N PHE VA 184 -35.54 -82.12 -53.23
CA PHE VA 184 -36.16 -81.72 -54.49
C PHE VA 184 -36.99 -82.86 -55.05
N GLN VA 185 -38.14 -82.52 -55.65
CA GLN VA 185 -39.03 -83.51 -56.25
C GLN VA 185 -39.31 -83.12 -57.70
N VAL VA 186 -38.98 -84.02 -58.62
CA VAL VA 186 -39.10 -83.77 -60.05
C VAL VA 186 -40.43 -84.31 -60.58
N LEU VA 187 -41.27 -83.42 -61.12
CA LEU VA 187 -42.59 -83.74 -61.63
C LEU VA 187 -42.63 -83.63 -63.15
N PRO VA 188 -43.06 -84.66 -63.86
CA PRO VA 188 -43.20 -84.55 -65.33
C PRO VA 188 -44.43 -83.74 -65.69
N GLY VA 189 -44.27 -82.79 -66.61
CA GLY VA 189 -45.36 -81.91 -67.01
C GLY VA 189 -46.22 -82.51 -68.10
N ARG VA 190 -47.19 -81.72 -68.54
CA ARG VA 190 -48.07 -82.11 -69.62
C ARG VA 190 -47.77 -81.35 -70.90
N ASP VA 191 -47.07 -80.22 -70.79
CA ASP VA 191 -46.64 -79.40 -71.92
C ASP VA 191 -45.19 -79.68 -72.29
N LYS VA 192 -44.75 -80.92 -72.14
CA LYS VA 192 -43.39 -81.40 -72.44
C LYS VA 192 -42.33 -80.62 -71.66
N MET VA 193 -42.55 -80.47 -70.35
CA MET VA 193 -41.57 -79.85 -69.48
C MET VA 193 -41.33 -80.65 -68.21
N LEU VA 194 -40.55 -80.10 -67.30
CA LEU VA 194 -40.16 -80.83 -66.11
C LEU VA 194 -40.03 -79.85 -64.94
N TYR VA 195 -40.82 -80.04 -63.90
CA TYR VA 195 -40.91 -79.06 -62.83
C TYR VA 195 -40.20 -79.60 -61.60
N VAL VA 196 -39.25 -78.85 -61.08
CA VAL VA 196 -38.60 -79.20 -59.82
C VAL VA 196 -39.29 -78.41 -58.72
N ALA VA 197 -39.65 -79.10 -57.65
CA ALA VA 197 -40.46 -78.52 -56.59
C ALA VA 197 -39.61 -78.45 -55.32
N ALA VA 198 -39.03 -77.29 -55.07
CA ALA VA 198 -38.33 -77.05 -53.83
C ALA VA 198 -39.35 -76.68 -52.75
N GLN VA 199 -38.86 -76.32 -51.57
CA GLN VA 199 -39.76 -76.00 -50.47
C GLN VA 199 -39.43 -74.71 -49.76
N ASN VA 200 -38.30 -74.08 -50.06
CA ASN VA 200 -38.01 -72.76 -49.52
C ASN VA 200 -37.12 -71.99 -50.50
N GLU VA 201 -36.69 -70.81 -50.06
CA GLU VA 201 -35.94 -69.91 -50.93
C GLU VA 201 -34.46 -70.23 -51.03
N ARG VA 202 -33.91 -71.04 -50.13
CA ARG VA 202 -32.51 -71.33 -50.28
C ARG VA 202 -32.34 -72.47 -51.29
N ASP VA 203 -33.23 -73.45 -51.22
CA ASP VA 203 -33.16 -74.52 -52.20
C ASP VA 203 -33.69 -74.08 -53.55
N THR VA 204 -34.48 -72.99 -53.58
CA THR VA 204 -34.95 -72.53 -54.88
C THR VA 204 -33.79 -71.90 -55.66
N LEU VA 205 -32.94 -71.11 -55.01
CA LEU VA 205 -31.78 -70.58 -55.71
C LEU VA 205 -30.71 -71.64 -55.92
N TRP VA 206 -30.74 -72.71 -55.12
CA TRP VA 206 -29.81 -73.81 -55.34
C TRP VA 206 -30.17 -74.56 -56.60
N ALA VA 207 -31.46 -74.65 -56.89
CA ALA VA 207 -31.88 -75.37 -58.09
C ALA VA 207 -31.99 -74.46 -59.30
N ARG VA 208 -32.13 -73.15 -59.09
CA ARG VA 208 -32.13 -72.24 -60.23
C ARG VA 208 -30.75 -72.00 -60.79
N GLN VA 209 -29.70 -72.15 -59.97
CA GLN VA 209 -28.35 -71.98 -60.52
C GLN VA 209 -27.99 -73.10 -61.50
N VAL VA 210 -28.53 -74.30 -61.28
CA VAL VA 210 -28.29 -75.42 -62.19
C VAL VA 210 -28.89 -75.12 -63.56
N LEU VA 211 -30.15 -74.70 -63.60
CA LEU VA 211 -30.76 -74.45 -64.90
C LEU VA 211 -30.29 -73.12 -65.49
N ALA VA 212 -29.69 -72.26 -64.68
CA ALA VA 212 -29.20 -70.99 -65.17
C ALA VA 212 -27.88 -71.13 -65.90
N ARG VA 213 -26.96 -71.95 -65.38
CA ARG VA 213 -25.71 -72.13 -66.11
C ARG VA 213 -25.91 -72.97 -67.36
N GLY VA 214 -26.96 -73.78 -67.41
CA GLY VA 214 -27.39 -74.39 -68.64
C GLY VA 214 -26.81 -75.75 -68.95
N ASP VA 215 -26.67 -76.59 -67.94
CA ASP VA 215 -26.26 -77.96 -68.19
C ASP VA 215 -27.45 -78.90 -68.33
N TYR VA 216 -28.42 -78.52 -69.17
CA TYR VA 216 -29.58 -79.37 -69.42
C TYR VA 216 -30.19 -78.94 -70.74
N ASP VA 217 -30.44 -79.88 -71.62
CA ASP VA 217 -30.86 -79.55 -72.97
C ASP VA 217 -32.36 -79.32 -73.10
N LYS VA 218 -33.18 -79.94 -72.26
CA LYS VA 218 -34.61 -79.66 -72.32
C LYS VA 218 -34.93 -78.41 -71.51
N ASN VA 219 -36.23 -78.15 -71.34
CA ASN VA 219 -36.72 -77.06 -70.53
C ASN VA 219 -37.14 -77.58 -69.16
N ALA VA 220 -36.99 -76.73 -68.15
CA ALA VA 220 -37.30 -77.09 -66.77
C ALA VA 220 -37.65 -75.83 -66.01
N ARG VA 221 -38.63 -75.96 -65.13
CA ARG VA 221 -39.08 -74.84 -64.31
C ARG VA 221 -39.03 -75.19 -62.84
N VAL VA 222 -38.86 -74.17 -62.01
CA VAL VA 222 -38.84 -74.28 -60.55
C VAL VA 222 -40.13 -73.72 -59.95
N ILE VA 223 -40.78 -74.50 -59.10
CA ILE VA 223 -42.00 -73.98 -58.51
C ILE VA 223 -41.77 -73.77 -57.03
N ASN VA 224 -42.75 -73.23 -56.33
CA ASN VA 224 -42.56 -72.89 -54.92
C ASN VA 224 -43.91 -73.01 -54.21
N GLU VA 225 -43.95 -72.62 -52.94
CA GLU VA 225 -45.23 -72.51 -52.26
C GLU VA 225 -45.73 -71.08 -52.13
N ASN VA 226 -44.84 -70.12 -52.01
CA ASN VA 226 -45.26 -68.72 -51.97
C ASN VA 226 -45.45 -68.17 -53.38
N GLU VA 227 -44.44 -68.37 -54.24
CA GLU VA 227 -44.45 -67.79 -55.57
C GLU VA 227 -45.42 -68.50 -56.50
N GLU VA 228 -45.79 -69.74 -56.22
CA GLU VA 228 -46.86 -70.37 -56.97
C GLU VA 228 -48.22 -70.15 -56.36
N ASN VA 229 -48.32 -69.32 -55.33
CA ASN VA 229 -49.59 -68.93 -54.74
C ASN VA 229 -49.91 -67.47 -54.94
N LYS VA 230 -48.91 -66.65 -55.21
CA LYS VA 230 -49.17 -65.30 -55.67
C LYS VA 230 -49.26 -65.19 -57.18
N ARG VA 231 -49.00 -66.27 -57.91
CA ARG VA 231 -49.13 -66.24 -59.35
C ARG VA 231 -50.55 -66.52 -59.81
N ILE VA 232 -51.21 -67.48 -59.19
CA ILE VA 232 -52.59 -67.84 -59.55
C ILE VA 232 -53.61 -67.13 -58.67
N SER VA 233 -53.20 -66.06 -57.98
CA SER VA 233 -54.18 -65.13 -57.44
C SER VA 233 -54.27 -63.86 -58.28
N ILE VA 234 -53.22 -63.56 -59.04
CA ILE VA 234 -53.26 -62.48 -60.02
C ILE VA 234 -54.20 -62.83 -61.17
N TRP VA 235 -54.16 -64.08 -61.63
CA TRP VA 235 -55.14 -64.50 -62.62
C TRP VA 235 -56.55 -64.54 -62.04
N LEU VA 236 -56.65 -64.82 -60.74
CA LEU VA 236 -57.97 -65.04 -60.16
C LEU VA 236 -58.69 -63.76 -59.82
N ASP VA 237 -57.98 -62.64 -59.67
CA ASP VA 237 -58.70 -61.40 -59.41
C ASP VA 237 -58.86 -60.57 -60.68
N THR VA 238 -58.81 -61.24 -61.81
CA THR VA 238 -59.13 -60.71 -63.12
C THR VA 238 -60.22 -61.55 -63.75
N TYR VA 239 -60.15 -62.87 -63.61
CA TYR VA 239 -61.20 -63.68 -64.21
C TYR VA 239 -62.28 -64.10 -63.23
N TYR VA 240 -62.00 -64.17 -61.93
CA TYR VA 240 -63.00 -64.50 -60.93
C TYR VA 240 -62.91 -63.50 -59.78
N PRO VA 241 -63.29 -62.24 -60.01
CA PRO VA 241 -63.26 -61.26 -58.94
C PRO VA 241 -64.39 -61.48 -57.95
N GLN VA 242 -64.30 -60.76 -56.84
CA GLN VA 242 -65.24 -60.85 -55.71
C GLN VA 242 -65.30 -62.27 -55.17
N LEU VA 243 -64.16 -62.92 -55.08
CA LEU VA 243 -64.07 -64.28 -54.57
C LEU VA 243 -63.41 -64.27 -53.20
N ALA VA 244 -63.93 -65.08 -52.29
CA ALA VA 244 -63.43 -65.20 -50.94
C ALA VA 244 -62.77 -66.57 -50.78
N TYR VA 245 -61.48 -66.58 -50.50
CA TYR VA 245 -60.72 -67.81 -50.37
C TYR VA 245 -59.55 -67.58 -49.45
N TYR VA 246 -58.88 -68.67 -49.06
CA TYR VA 246 -57.80 -68.58 -48.08
C TYR VA 246 -56.44 -68.95 -48.63
N ARG VA 247 -56.26 -70.16 -49.15
CA ARG VA 247 -54.93 -70.69 -49.40
C ARG VA 247 -55.05 -71.92 -50.28
N ILE VA 248 -53.98 -72.21 -51.02
CA ILE VA 248 -53.86 -73.44 -51.80
C ILE VA 248 -52.71 -74.23 -51.21
N HIS VA 249 -52.99 -75.45 -50.78
CA HIS VA 249 -52.02 -76.28 -50.08
C HIS VA 249 -51.44 -77.31 -51.04
N PHE VA 250 -50.12 -77.41 -51.06
CA PHE VA 250 -49.44 -78.32 -51.98
C PHE VA 250 -48.66 -79.42 -51.27
N ASP VA 251 -49.28 -80.06 -50.27
CA ASP VA 251 -48.63 -81.19 -49.61
C ASP VA 251 -48.49 -82.36 -50.55
N GLU VA 252 -49.57 -82.72 -51.24
CA GLU VA 252 -49.39 -83.65 -52.35
C GLU VA 252 -49.40 -82.83 -53.62
N PRO VA 253 -48.26 -82.62 -54.27
CA PRO VA 253 -48.18 -81.60 -55.33
C PRO VA 253 -48.84 -82.03 -56.62
N ARG VA 254 -49.27 -83.28 -56.74
CA ARG VA 254 -49.99 -83.72 -57.91
C ARG VA 254 -51.50 -83.64 -57.74
N LYS VA 255 -51.99 -83.28 -56.55
CA LYS VA 255 -53.42 -83.15 -56.31
C LYS VA 255 -53.66 -82.11 -55.24
N PRO VA 256 -53.64 -80.82 -55.60
CA PRO VA 256 -53.80 -79.77 -54.60
C PRO VA 256 -55.24 -79.60 -54.12
N VAL VA 257 -55.35 -79.00 -52.94
CA VAL VA 257 -56.60 -78.72 -52.26
C VAL VA 257 -56.79 -77.21 -52.21
N PHE VA 258 -57.97 -76.76 -52.65
CA PHE VA 258 -58.32 -75.36 -52.74
C PHE VA 258 -59.34 -75.05 -51.65
N TRP VA 259 -58.90 -74.35 -50.62
CA TRP VA 259 -59.73 -74.00 -49.48
C TRP VA 259 -60.59 -72.80 -49.85
N LEU VA 260 -61.85 -73.06 -50.16
CA LEU VA 260 -62.78 -72.03 -50.55
C LEU VA 260 -63.63 -71.69 -49.32
N SER VA 261 -64.13 -70.46 -49.28
CA SER VA 261 -64.94 -70.04 -48.16
C SER VA 261 -66.39 -70.43 -48.39
N ARG VA 262 -67.09 -70.73 -47.31
CA ARG VA 262 -68.44 -71.26 -47.40
C ARG VA 262 -69.50 -70.18 -47.25
N GLN VA 263 -69.36 -69.32 -46.25
CA GLN VA 263 -70.39 -68.37 -45.90
C GLN VA 263 -70.25 -67.02 -46.59
N ARG VA 264 -69.51 -66.95 -47.70
CA ARG VA 264 -69.38 -65.69 -48.41
C ARG VA 264 -69.46 -65.84 -49.93
N ASN VA 265 -69.71 -67.04 -50.43
CA ASN VA 265 -69.88 -67.30 -51.85
C ASN VA 265 -71.25 -67.90 -52.15
N THR VA 266 -71.62 -67.88 -53.43
CA THR VA 266 -72.93 -68.37 -53.81
C THR VA 266 -72.92 -69.22 -55.07
N MET VA 267 -71.76 -69.68 -55.54
CA MET VA 267 -71.72 -70.52 -56.72
C MET VA 267 -72.21 -71.93 -56.39
N SER VA 268 -72.82 -72.59 -57.38
CA SER VA 268 -73.35 -73.93 -57.21
C SER VA 268 -72.31 -74.99 -57.56
N LYS VA 269 -72.79 -76.24 -57.67
CA LYS VA 269 -71.92 -77.36 -57.99
C LYS VA 269 -71.49 -77.29 -59.45
N LYS VA 270 -72.32 -76.69 -60.31
CA LYS VA 270 -71.95 -76.66 -61.71
C LYS VA 270 -70.86 -75.63 -61.95
N GLU VA 271 -70.90 -74.52 -61.21
CA GLU VA 271 -69.85 -73.52 -61.34
C GLU VA 271 -68.57 -73.99 -60.66
N LEU VA 272 -68.68 -74.89 -59.70
CA LEU VA 272 -67.45 -75.37 -59.11
C LEU VA 272 -66.69 -76.33 -60.02
N GLU VA 273 -67.36 -77.00 -60.96
CA GLU VA 273 -66.61 -77.83 -61.89
C GLU VA 273 -65.87 -77.01 -62.94
N VAL VA 274 -66.43 -75.86 -63.31
CA VAL VA 274 -65.74 -75.01 -64.28
C VAL VA 274 -64.56 -74.32 -63.59
N LEU VA 275 -64.74 -73.92 -62.31
CA LEU VA 275 -63.62 -73.32 -61.60
C LEU VA 275 -62.51 -74.33 -61.33
N SER VA 276 -62.88 -75.59 -61.05
CA SER VA 276 -61.87 -76.62 -60.86
C SER VA 276 -61.24 -77.08 -62.16
N GLN VA 277 -61.82 -76.74 -63.31
CA GLN VA 277 -61.16 -77.08 -64.55
C GLN VA 277 -60.28 -75.94 -65.04
N LYS VA 278 -60.70 -74.70 -64.81
CA LYS VA 278 -59.86 -73.59 -65.22
C LYS VA 278 -58.70 -73.40 -64.28
N LEU VA 279 -58.75 -73.94 -63.07
CA LEU VA 279 -57.53 -73.93 -62.26
C LEU VA 279 -56.64 -75.10 -62.62
N ARG VA 280 -57.21 -76.17 -63.17
CA ARG VA 280 -56.40 -77.30 -63.61
C ARG VA 280 -55.60 -76.93 -64.86
N ALA VA 281 -56.17 -76.05 -65.69
CA ALA VA 281 -55.43 -75.68 -66.90
C ALA VA 281 -54.24 -74.75 -66.63
N LEU VA 282 -54.21 -74.03 -65.50
CA LEU VA 282 -53.05 -73.21 -65.19
C LEU VA 282 -51.88 -74.01 -64.63
N MET VA 283 -52.17 -75.12 -63.95
CA MET VA 283 -51.13 -75.96 -63.36
C MET VA 283 -51.05 -77.30 -64.08
N PRO VA 284 -50.14 -77.45 -65.04
CA PRO VA 284 -50.07 -78.70 -65.81
C PRO VA 284 -49.51 -79.87 -65.02
N TYR VA 285 -48.91 -79.66 -63.86
CA TYR VA 285 -48.42 -80.78 -63.07
C TYR VA 285 -49.50 -81.46 -62.25
N ALA VA 286 -50.67 -80.87 -62.11
CA ALA VA 286 -51.71 -81.45 -61.27
C ALA VA 286 -52.62 -82.36 -62.10
N ASP VA 287 -53.33 -83.24 -61.40
CA ASP VA 287 -54.28 -84.12 -62.06
C ASP VA 287 -55.73 -83.68 -61.86
N SER VA 288 -56.09 -83.31 -60.65
CA SER VA 288 -57.43 -82.83 -60.35
C SER VA 288 -57.33 -81.98 -59.10
N VAL VA 289 -57.98 -80.83 -59.13
CA VAL VA 289 -57.97 -79.91 -58.01
C VAL VA 289 -59.20 -80.16 -57.16
N ASN VA 290 -59.00 -80.40 -55.87
CA ASN VA 290 -60.11 -80.68 -54.96
C ASN VA 290 -60.47 -79.37 -54.30
N ILE VA 291 -61.75 -79.03 -54.28
CA ILE VA 291 -62.24 -77.77 -53.73
C ILE VA 291 -63.07 -78.08 -52.49
N THR VA 292 -62.57 -77.69 -51.32
CA THR VA 292 -63.28 -77.92 -50.08
C THR VA 292 -63.71 -76.59 -49.46
N LEU VA 293 -64.98 -76.50 -49.09
CA LEU VA 293 -65.55 -75.28 -48.54
C LEU VA 293 -65.38 -75.28 -47.04
N MET VA 294 -64.28 -74.67 -46.57
CA MET VA 294 -64.07 -74.56 -45.15
C MET VA 294 -64.97 -73.50 -44.54
N ASP VA 295 -65.18 -73.60 -43.23
CA ASP VA 295 -66.07 -72.70 -42.52
C ASP VA 295 -65.39 -71.35 -42.31
N ASP VA 296 -66.18 -70.37 -41.84
CA ASP VA 296 -65.69 -69.01 -41.69
C ASP VA 296 -65.63 -68.52 -40.25
N VAL VA 297 -66.34 -69.15 -39.31
CA VAL VA 297 -66.24 -68.72 -37.93
C VAL VA 297 -65.20 -69.52 -37.16
N THR VA 298 -64.84 -70.70 -37.64
CA THR VA 298 -63.74 -71.43 -37.00
C THR VA 298 -62.39 -70.89 -37.42
N ALA VA 299 -62.34 -70.15 -38.52
CA ALA VA 299 -61.11 -69.50 -38.93
C ALA VA 299 -60.75 -68.34 -38.01
N ALA VA 300 -61.75 -67.68 -37.44
CA ALA VA 300 -61.46 -66.64 -36.46
C ALA VA 300 -61.44 -67.20 -35.05
N GLY VA 301 -62.12 -68.31 -34.80
CA GLY VA 301 -62.03 -68.94 -33.50
C GLY VA 301 -60.68 -69.55 -33.24
N GLN VA 302 -60.03 -70.07 -34.28
CA GLN VA 302 -58.70 -70.62 -34.08
C GLN VA 302 -57.66 -69.52 -33.96
N ALA VA 303 -57.99 -68.30 -34.32
CA ALA VA 303 -57.05 -67.19 -34.16
C ALA VA 303 -57.24 -66.52 -32.82
N GLU VA 304 -58.46 -66.56 -32.30
CA GLU VA 304 -58.66 -65.94 -31.00
C GLU VA 304 -58.30 -66.88 -29.87
N ALA VA 305 -58.51 -68.20 -30.01
CA ALA VA 305 -58.12 -69.09 -28.93
C ALA VA 305 -56.61 -69.20 -28.86
N GLY VA 306 -55.94 -69.07 -30.00
CA GLY VA 306 -54.50 -69.04 -29.98
C GLY VA 306 -53.94 -67.71 -29.57
N LEU VA 307 -54.72 -66.64 -29.65
CA LEU VA 307 -54.17 -65.39 -29.18
C LEU VA 307 -54.45 -65.18 -27.70
N LYS VA 308 -55.44 -65.89 -27.15
CA LYS VA 308 -55.66 -65.87 -25.71
C LYS VA 308 -54.83 -66.89 -24.96
N GLN VA 309 -54.33 -67.92 -25.65
CA GLN VA 309 -53.54 -68.91 -24.92
C GLN VA 309 -52.14 -68.40 -24.60
N GLN VA 310 -51.59 -67.54 -25.43
CA GLN VA 310 -50.28 -66.95 -25.16
C GLN VA 310 -50.33 -65.72 -24.26
N ALA VA 311 -51.53 -65.31 -23.82
CA ALA VA 311 -51.77 -64.16 -22.93
C ALA VA 311 -51.22 -62.84 -23.47
N LEU VA 312 -51.73 -62.44 -24.64
CA LEU VA 312 -51.29 -61.18 -25.22
C LEU VA 312 -52.41 -60.14 -25.15
N PRO VA 313 -52.10 -58.90 -24.82
CA PRO VA 313 -53.15 -57.87 -24.79
C PRO VA 313 -53.48 -57.46 -26.22
N TYR VA 314 -54.65 -57.87 -26.68
CA TYR VA 314 -55.09 -57.66 -28.04
C TYR VA 314 -56.39 -56.87 -28.07
N SER VA 315 -56.80 -56.49 -29.28
CA SER VA 315 -58.06 -55.77 -29.44
C SER VA 315 -58.65 -56.18 -30.79
N ARG VA 316 -59.78 -56.88 -30.73
CA ARG VA 316 -60.47 -57.36 -31.91
C ARG VA 316 -61.38 -56.29 -32.52
N ARG VA 317 -61.33 -56.16 -33.84
CA ARG VA 317 -62.15 -55.20 -34.58
C ARG VA 317 -62.88 -55.98 -35.67
N ASN VA 318 -64.07 -56.46 -35.34
CA ASN VA 318 -64.93 -57.19 -36.27
C ASN VA 318 -65.62 -56.23 -37.23
N HIS VA 319 -65.56 -56.53 -38.52
CA HIS VA 319 -66.41 -55.82 -39.47
C HIS VA 319 -66.80 -56.79 -40.57
N LYS VA 320 -67.51 -56.27 -41.57
CA LYS VA 320 -68.12 -57.10 -42.59
C LYS VA 320 -67.06 -57.53 -43.60
N GLY VA 321 -66.87 -58.84 -43.72
CA GLY VA 321 -65.93 -59.38 -44.70
C GLY VA 321 -64.48 -59.31 -44.30
N GLY VA 322 -64.17 -59.69 -43.08
CA GLY VA 322 -62.80 -59.73 -42.57
C GLY VA 322 -62.75 -59.18 -41.16
N VAL VA 323 -61.80 -59.68 -40.37
CA VAL VA 323 -61.59 -59.15 -39.03
C VAL VA 323 -60.16 -58.67 -38.90
N THR VA 324 -59.87 -57.99 -37.79
CA THR VA 324 -58.53 -57.43 -37.62
C THR VA 324 -58.18 -57.35 -36.14
N PHE VA 325 -57.07 -57.96 -35.76
CA PHE VA 325 -56.60 -57.94 -34.39
C PHE VA 325 -55.42 -56.99 -34.28
N VAL VA 326 -55.50 -56.05 -33.35
CA VAL VA 326 -54.47 -55.03 -33.19
C VAL VA 326 -53.80 -55.24 -31.83
N ILE VA 327 -52.47 -55.20 -31.83
CA ILE VA 327 -51.66 -55.32 -30.63
C ILE VA 327 -50.76 -54.11 -30.55
N GLN VA 328 -50.92 -53.31 -29.50
CA GLN VA 328 -50.18 -52.06 -29.36
C GLN VA 328 -49.44 -52.03 -28.05
N GLY VA 329 -48.88 -50.87 -27.70
CA GLY VA 329 -48.32 -50.67 -26.38
C GLY VA 329 -46.82 -50.92 -26.35
N ALA VA 330 -46.25 -50.70 -25.17
CA ALA VA 330 -44.83 -50.95 -24.94
C ALA VA 330 -44.64 -52.39 -24.48
N LEU VA 331 -44.63 -53.30 -25.45
CA LEU VA 331 -44.46 -54.71 -25.15
C LEU VA 331 -43.01 -55.00 -24.79
N ASP VA 332 -42.78 -56.11 -24.10
CA ASP VA 332 -41.42 -56.52 -23.81
C ASP VA 332 -40.98 -57.59 -24.80
N ASP VA 333 -39.78 -58.11 -24.58
CA ASP VA 333 -39.14 -58.96 -25.57
C ASP VA 333 -39.76 -60.35 -25.60
N VAL VA 334 -40.48 -60.72 -24.55
CA VAL VA 334 -41.10 -62.03 -24.55
C VAL VA 334 -42.38 -61.97 -25.36
N GLU VA 335 -43.15 -60.88 -25.20
CA GLU VA 335 -44.37 -60.78 -25.96
C GLU VA 335 -44.11 -60.43 -27.40
N ILE VA 336 -42.90 -59.96 -27.73
CA ILE VA 336 -42.58 -59.77 -29.14
C ILE VA 336 -42.18 -61.09 -29.77
N LEU VA 337 -41.43 -61.92 -29.06
CA LEU VA 337 -41.02 -63.18 -29.67
C LEU VA 337 -42.19 -64.15 -29.73
N ARG VA 338 -43.14 -64.04 -28.81
CA ARG VA 338 -44.30 -64.92 -28.86
C ARG VA 338 -45.31 -64.46 -29.90
N ALA VA 339 -45.45 -63.14 -30.12
CA ALA VA 339 -46.39 -62.71 -31.14
C ALA VA 339 -45.85 -62.99 -32.53
N ARG VA 340 -44.53 -62.88 -32.71
CA ARG VA 340 -43.96 -63.23 -34.00
C ARG VA 340 -44.03 -64.73 -34.26
N GLN VA 341 -43.91 -65.54 -33.20
CA GLN VA 341 -43.91 -66.98 -33.43
C GLN VA 341 -45.33 -67.46 -33.71
N PHE VA 342 -46.33 -66.76 -33.21
CA PHE VA 342 -47.67 -67.24 -33.48
C PHE VA 342 -48.14 -66.73 -34.84
N VAL VA 343 -47.76 -65.50 -35.21
CA VAL VA 343 -48.22 -64.96 -36.48
C VAL VA 343 -47.63 -65.76 -37.65
N ASP VA 344 -46.35 -66.14 -37.60
CA ASP VA 344 -45.87 -66.95 -38.73
C ASP VA 344 -46.39 -68.40 -38.65
N SER VA 345 -46.84 -68.86 -37.50
CA SER VA 345 -47.45 -70.19 -37.52
C SER VA 345 -48.92 -70.16 -37.92
N TYR VA 346 -49.50 -68.97 -37.99
CA TYR VA 346 -50.87 -68.84 -38.48
C TYR VA 346 -50.94 -68.45 -39.95
N TYR VA 347 -50.00 -67.64 -40.43
CA TYR VA 347 -49.96 -67.28 -41.83
C TYR VA 347 -49.66 -68.48 -42.70
N ARG VA 348 -48.94 -69.46 -42.16
CA ARG VA 348 -48.58 -70.63 -42.93
C ARG VA 348 -49.79 -71.53 -43.12
N THR VA 349 -50.79 -71.43 -42.26
CA THR VA 349 -51.97 -72.28 -42.38
C THR VA 349 -53.11 -71.61 -43.13
N TRP VA 350 -53.48 -70.39 -42.77
CA TRP VA 350 -54.67 -69.79 -43.37
C TRP VA 350 -54.41 -68.68 -44.38
N GLY VA 351 -53.30 -67.97 -44.28
CA GLY VA 351 -53.04 -66.85 -45.16
C GLY VA 351 -53.72 -65.57 -44.66
N GLY VA 352 -53.25 -64.45 -45.18
CA GLY VA 352 -53.73 -63.15 -44.77
C GLY VA 352 -54.86 -62.52 -45.56
N ARG VA 353 -55.87 -63.31 -45.94
CA ARG VA 353 -56.96 -62.78 -46.74
C ARG VA 353 -58.17 -62.36 -45.91
N TYR VA 354 -58.36 -62.98 -44.75
CA TYR VA 354 -59.52 -62.73 -43.90
C TYR VA 354 -59.17 -61.99 -42.62
N VAL VA 355 -58.17 -62.48 -41.89
CA VAL VA 355 -57.81 -61.93 -40.59
C VAL VA 355 -56.38 -61.41 -40.63
N GLN VA 356 -56.18 -60.19 -40.15
CA GLN VA 356 -54.89 -59.53 -40.22
C GLN VA 356 -54.49 -59.07 -38.83
N PHE VA 357 -53.19 -59.09 -38.56
CA PHE VA 357 -52.64 -58.73 -37.27
C PHE VA 357 -51.84 -57.45 -37.40
N ALA VA 358 -51.81 -56.67 -36.31
CA ALA VA 358 -51.34 -55.29 -36.38
C ALA VA 358 -50.40 -54.97 -35.23
N ILE VA 359 -49.37 -55.81 -35.05
CA ILE VA 359 -48.38 -55.62 -34.00
C ILE VA 359 -47.57 -54.34 -34.23
N GLU VA 360 -47.73 -53.37 -33.33
CA GLU VA 360 -47.01 -52.11 -33.42
C GLU VA 360 -46.56 -51.68 -32.03
N LEU VA 361 -45.40 -51.04 -31.96
CA LEU VA 361 -44.82 -50.63 -30.68
C LEU VA 361 -44.92 -49.13 -30.49
N LYS VA 362 -45.75 -48.71 -29.54
CA LYS VA 362 -45.81 -47.35 -29.04
C LYS VA 362 -45.32 -47.31 -27.60
N ASP VA 363 -45.43 -46.15 -26.97
CA ASP VA 363 -44.94 -45.95 -25.60
C ASP VA 363 -46.05 -45.56 -24.62
N ASP VA 364 -46.73 -46.57 -24.07
CA ASP VA 364 -47.63 -46.39 -22.95
C ASP VA 364 -47.62 -47.67 -22.13
N TRP VA 365 -47.54 -47.53 -20.81
CA TRP VA 365 -47.40 -48.71 -19.95
C TRP VA 365 -48.68 -49.52 -19.91
N LEU VA 366 -49.82 -48.88 -20.13
CA LEU VA 366 -51.02 -49.62 -20.44
C LEU VA 366 -50.89 -50.18 -21.85
N LYS VA 367 -51.12 -51.48 -21.99
CA LYS VA 367 -50.87 -52.13 -23.28
C LYS VA 367 -52.15 -52.12 -24.13
N GLY VA 368 -52.57 -50.92 -24.50
CA GLY VA 368 -53.67 -50.79 -25.43
C GLY VA 368 -54.98 -50.25 -24.90
N ARG VA 369 -55.37 -50.70 -23.71
CA ARG VA 369 -56.67 -50.31 -23.19
C ARG VA 369 -56.61 -48.93 -22.54
N SER VA 370 -57.78 -48.30 -22.41
CA SER VA 370 -57.86 -46.94 -21.88
C SER VA 370 -59.25 -46.70 -21.30
N PHE VA 371 -59.29 -46.07 -20.13
CA PHE VA 371 -60.53 -45.77 -19.44
C PHE VA 371 -60.66 -44.26 -19.23
N GLN VA 372 -61.88 -43.83 -18.95
CA GLN VA 372 -62.11 -42.45 -18.53
C GLN VA 372 -62.85 -42.48 -17.20
N TYR VA 373 -62.50 -41.56 -16.34
CA TYR VA 373 -62.92 -41.59 -14.94
C TYR VA 373 -63.92 -40.49 -14.70
N GLY VA 374 -65.17 -40.85 -14.40
CA GLY VA 374 -66.05 -39.82 -13.93
C GLY VA 374 -67.26 -40.27 -13.14
N ALA VA 375 -67.39 -39.80 -11.90
CA ALA VA 375 -68.63 -39.71 -11.14
C ALA VA 375 -69.25 -41.03 -10.70
N GLU VA 376 -68.78 -42.15 -11.25
CA GLU VA 376 -69.24 -43.47 -10.85
C GLU VA 376 -68.12 -44.49 -10.79
N GLY VA 377 -66.94 -44.17 -11.30
CA GLY VA 377 -65.90 -45.15 -11.50
C GLY VA 377 -65.30 -44.97 -12.87
N TYR VA 378 -64.80 -46.04 -13.45
CA TYR VA 378 -64.18 -45.98 -14.76
C TYR VA 378 -65.11 -46.59 -15.80
N ILE VA 379 -65.09 -46.01 -17.00
CA ILE VA 379 -65.84 -46.51 -18.14
C ILE VA 379 -64.83 -46.88 -19.22
N LYS VA 380 -65.05 -48.01 -19.86
CA LYS VA 380 -64.12 -48.46 -20.89
C LYS VA 380 -64.39 -47.67 -22.16
N MET VA 381 -63.37 -47.02 -22.67
CA MET VA 381 -63.55 -46.21 -23.86
C MET VA 381 -63.48 -47.07 -25.11
N SER VA 382 -64.06 -46.55 -26.18
CA SER VA 382 -64.02 -47.24 -27.45
C SER VA 382 -62.61 -47.14 -28.02
N PRO VA 383 -62.21 -48.10 -28.85
CA PRO VA 383 -60.88 -48.05 -29.48
C PRO VA 383 -60.80 -46.92 -30.49
N GLY VA 384 -59.86 -45.99 -30.27
CA GLY VA 384 -59.65 -44.88 -31.16
C GLY VA 384 -58.20 -44.82 -31.62
N HIS VA 385 -57.91 -43.79 -32.41
CA HIS VA 385 -56.58 -43.68 -32.99
C HIS VA 385 -55.57 -43.08 -32.03
N TRP VA 386 -55.99 -42.11 -31.23
CA TRP VA 386 -55.08 -41.41 -30.34
C TRP VA 386 -54.79 -42.24 -29.10
N TYR VA 387 -53.53 -42.27 -28.70
CA TYR VA 387 -53.12 -42.95 -27.47
C TYR VA 387 -52.57 -41.90 -26.52
N PHE VA 388 -52.79 -42.10 -25.23
CA PHE VA 388 -52.29 -41.19 -24.22
C PHE VA 388 -50.86 -41.55 -23.85
N PRO VA 389 -49.91 -40.62 -23.95
CA PRO VA 389 -48.52 -40.91 -23.57
C PRO VA 389 -48.40 -41.12 -22.07
N SER VA 390 -47.36 -41.89 -21.68
CA SER VA 390 -47.28 -42.39 -20.32
C SER VA 390 -46.35 -41.55 -19.46
N PRO VA 391 -46.84 -40.86 -18.44
CA PRO VA 391 -45.95 -40.36 -17.38
C PRO VA 391 -45.75 -41.43 -16.33
N LEU VA 392 -44.54 -41.98 -16.25
CA LEU VA 392 -44.28 -43.08 -15.32
C LEU VA 392 -42.79 -43.22 -15.01
N ALA WA 171 -31.68 -67.65 -87.84
CA ALA WA 171 -31.54 -67.06 -86.50
C ALA WA 171 -32.88 -66.57 -85.99
N GLU WA 172 -33.66 -67.49 -85.43
CA GLU WA 172 -34.97 -67.13 -84.93
C GLU WA 172 -34.83 -66.39 -83.60
N LEU WA 173 -35.87 -65.61 -83.26
CA LEU WA 173 -35.79 -64.67 -82.14
C LEU WA 173 -35.77 -65.37 -80.79
N ASP WA 174 -36.38 -66.54 -80.67
CA ASP WA 174 -36.43 -67.19 -79.36
C ASP WA 174 -35.09 -67.77 -78.92
N SER WA 175 -34.09 -67.83 -79.80
CA SER WA 175 -32.79 -68.28 -79.34
C SER WA 175 -31.82 -67.14 -79.09
N LEU WA 176 -32.09 -65.95 -79.62
CA LEU WA 176 -31.24 -64.78 -79.37
C LEU WA 176 -31.44 -64.16 -78.01
N LEU WA 177 -32.53 -64.49 -77.32
CA LEU WA 177 -32.73 -64.02 -75.96
C LEU WA 177 -31.95 -64.88 -74.97
N GLY WA 178 -32.28 -64.74 -73.68
CA GLY WA 178 -31.53 -65.41 -72.64
C GLY WA 178 -31.72 -66.92 -72.60
N GLN WA 179 -31.11 -67.52 -71.57
CA GLN WA 179 -31.19 -68.96 -71.42
C GLN WA 179 -32.59 -69.39 -70.99
N GLU WA 180 -33.18 -68.67 -70.06
CA GLU WA 180 -34.53 -69.00 -69.59
C GLU WA 180 -35.58 -68.58 -70.62
N LYS WA 181 -36.18 -69.56 -71.29
CA LYS WA 181 -37.22 -69.28 -72.27
C LYS WA 181 -38.60 -69.34 -71.63
N GLU WA 182 -38.77 -68.62 -70.51
CA GLU WA 182 -40.04 -68.67 -69.80
C GLU WA 182 -40.55 -67.26 -69.51
N ARG WA 183 -39.63 -66.33 -69.34
CA ARG WA 183 -39.95 -64.97 -68.94
C ARG WA 183 -40.42 -64.11 -70.10
N PHE WA 184 -40.22 -64.55 -71.34
CA PHE WA 184 -40.69 -63.84 -72.51
C PHE WA 184 -41.73 -64.66 -73.26
N GLN WA 185 -42.48 -63.99 -74.13
CA GLN WA 185 -43.52 -64.67 -74.89
C GLN WA 185 -43.62 -63.97 -76.24
N VAL WA 186 -43.24 -64.68 -77.29
CA VAL WA 186 -43.17 -64.13 -78.64
C VAL WA 186 -44.47 -64.37 -79.42
N LEU WA 187 -45.15 -63.29 -79.80
CA LEU WA 187 -46.41 -63.34 -80.54
C LEU WA 187 -46.27 -62.83 -81.97
N PRO WA 188 -46.72 -63.58 -82.98
CA PRO WA 188 -46.70 -63.08 -84.35
C PRO WA 188 -47.82 -62.07 -84.57
N GLY WA 189 -47.53 -60.99 -85.29
CA GLY WA 189 -48.50 -59.94 -85.52
C GLY WA 189 -49.21 -60.04 -86.86
N ARG WA 190 -50.17 -59.14 -87.05
CA ARG WA 190 -50.96 -59.07 -88.26
C ARG WA 190 -50.40 -58.09 -89.28
N ASP WA 191 -49.62 -57.10 -88.84
CA ASP WA 191 -49.01 -56.10 -89.70
C ASP WA 191 -47.61 -56.48 -90.15
N LYS WA 192 -47.35 -57.78 -90.25
CA LYS WA 192 -46.07 -58.39 -90.64
C LYS WA 192 -44.96 -57.92 -89.71
N MET WA 193 -45.11 -58.24 -88.41
CA MET WA 193 -44.14 -57.82 -87.43
C MET WA 193 -44.20 -58.75 -86.22
N LEU WA 194 -43.04 -59.03 -85.64
CA LEU WA 194 -43.00 -59.92 -84.49
C LEU WA 194 -42.96 -59.11 -83.19
N TYR WA 195 -43.69 -59.59 -82.18
CA TYR WA 195 -43.78 -58.93 -80.88
C TYR WA 195 -43.23 -59.76 -79.73
N VAL WA 196 -42.40 -59.15 -78.91
CA VAL WA 196 -41.84 -59.76 -77.71
C VAL WA 196 -42.56 -59.14 -76.53
N ALA WA 197 -43.19 -59.95 -75.69
CA ALA WA 197 -44.03 -59.42 -74.62
C ALA WA 197 -43.32 -59.59 -73.29
N ALA WA 198 -42.67 -58.54 -72.80
CA ALA WA 198 -42.11 -58.60 -71.45
C ALA WA 198 -43.18 -58.30 -70.41
N GLN WA 199 -42.78 -58.27 -69.13
CA GLN WA 199 -43.74 -58.00 -68.07
C GLN WA 199 -43.28 -56.99 -67.02
N ASN WA 200 -42.06 -56.49 -67.11
CA ASN WA 200 -41.62 -55.40 -66.24
C ASN WA 200 -40.56 -54.59 -66.97
N GLU WA 201 -39.97 -53.62 -66.28
CA GLU WA 201 -39.02 -52.74 -66.96
C GLU WA 201 -37.64 -53.36 -67.10
N ARG WA 202 -37.29 -54.31 -66.24
CA ARG WA 202 -35.97 -54.88 -66.36
C ARG WA 202 -35.94 -55.86 -67.53
N ASP WA 203 -37.01 -56.63 -67.70
CA ASP WA 203 -37.04 -57.49 -68.86
C ASP WA 203 -37.38 -56.73 -70.13
N THR WA 204 -37.97 -55.53 -69.99
CA THR WA 204 -38.25 -54.77 -71.19
C THR WA 204 -36.96 -54.17 -71.75
N LEU WA 205 -36.12 -53.62 -70.88
CA LEU WA 205 -34.84 -53.12 -71.37
C LEU WA 205 -33.88 -54.25 -71.72
N TRP WA 206 -34.11 -55.45 -71.17
CA TRP WA 206 -33.30 -56.60 -71.56
C TRP WA 206 -33.64 -57.04 -72.96
N ALA WA 207 -34.91 -56.93 -73.34
CA ALA WA 207 -35.26 -57.36 -74.67
C ALA WA 207 -35.11 -56.24 -75.69
N ARG WA 208 -35.15 -54.98 -75.26
CA ARG WA 208 -34.90 -53.92 -76.22
C ARG WA 208 -33.42 -53.72 -76.52
N GLN WA 209 -32.52 -54.22 -75.66
CA GLN WA 209 -31.10 -54.07 -76.01
C GLN WA 209 -30.69 -55.01 -77.15
N VAL WA 210 -31.31 -56.18 -77.24
CA VAL WA 210 -30.96 -57.11 -78.32
C VAL WA 210 -31.41 -56.54 -79.67
N LEU WA 211 -32.65 -56.04 -79.75
CA LEU WA 211 -33.15 -55.52 -81.03
C LEU WA 211 -32.52 -54.16 -81.34
N ALA WA 212 -31.93 -53.51 -80.35
CA ALA WA 212 -31.31 -52.23 -80.60
C ALA WA 212 -29.89 -52.38 -81.09
N ARG WA 213 -29.17 -53.41 -80.66
CA ARG WA 213 -27.81 -53.57 -81.17
C ARG WA 213 -27.77 -54.16 -82.57
N GLY WA 214 -28.88 -54.70 -83.05
CA GLY WA 214 -29.02 -55.00 -84.46
C GLY WA 214 -28.73 -56.42 -84.90
N ASP WA 215 -28.76 -57.39 -84.00
CA ASP WA 215 -28.59 -58.77 -84.40
C ASP WA 215 -29.92 -59.47 -84.65
N TYR WA 216 -30.74 -58.82 -85.47
CA TYR WA 216 -31.97 -59.41 -86.01
C TYR WA 216 -32.36 -58.67 -87.27
N ASP WA 217 -32.66 -59.43 -88.32
CA ASP WA 217 -32.84 -58.84 -89.64
C ASP WA 217 -34.23 -58.25 -89.82
N LYS WA 218 -35.26 -58.94 -89.37
CA LYS WA 218 -36.62 -58.48 -89.62
C LYS WA 218 -37.06 -57.49 -88.56
N ASN WA 219 -38.33 -57.11 -88.57
CA ASN WA 219 -38.84 -56.13 -87.63
C ASN WA 219 -39.37 -56.81 -86.38
N ALA WA 220 -39.21 -56.14 -85.25
CA ALA WA 220 -39.66 -56.68 -83.98
C ALA WA 220 -39.87 -55.53 -83.01
N ARG WA 221 -40.83 -55.69 -82.10
CA ARG WA 221 -41.08 -54.67 -81.09
C ARG WA 221 -41.23 -55.36 -79.74
N VAL WA 222 -41.02 -54.60 -78.68
CA VAL WA 222 -41.13 -55.10 -77.31
C VAL WA 222 -42.28 -54.40 -76.61
N ILE WA 223 -43.35 -55.14 -76.32
CA ILE WA 223 -44.48 -54.57 -75.63
C ILE WA 223 -44.39 -54.89 -74.14
N ASN WA 224 -45.19 -54.16 -73.37
CA ASN WA 224 -45.16 -54.19 -71.91
C ASN WA 224 -46.59 -54.05 -71.40
N GLU WA 225 -46.78 -54.31 -70.11
CA GLU WA 225 -48.10 -54.15 -69.52
C GLU WA 225 -48.51 -52.69 -69.38
N ASN WA 226 -47.61 -51.82 -68.93
CA ASN WA 226 -47.98 -50.43 -68.65
C ASN WA 226 -47.92 -49.53 -69.87
N GLU WA 227 -46.85 -49.60 -70.66
CA GLU WA 227 -46.71 -48.64 -71.75
C GLU WA 227 -47.65 -48.94 -72.91
N GLU WA 228 -48.25 -50.13 -72.94
CA GLU WA 228 -49.36 -50.37 -73.86
C GLU WA 228 -50.69 -49.96 -73.24
N ASN WA 229 -50.75 -49.83 -71.93
CA ASN WA 229 -51.97 -49.36 -71.27
C ASN WA 229 -52.06 -47.85 -71.27
N LYS WA 230 -50.93 -47.17 -71.39
CA LYS WA 230 -50.91 -45.72 -71.54
C LYS WA 230 -50.91 -45.26 -72.99
N ARG WA 231 -50.97 -46.18 -73.95
CA ARG WA 231 -51.00 -45.81 -75.36
C ARG WA 231 -52.39 -45.88 -75.96
N ILE WA 232 -53.17 -46.87 -75.56
CA ILE WA 232 -54.56 -46.94 -76.01
C ILE WA 232 -55.45 -46.19 -75.05
N SER WA 233 -54.85 -45.46 -74.11
CA SER WA 233 -55.60 -44.46 -73.37
C SER WA 233 -55.30 -43.06 -73.86
N ILE WA 234 -54.21 -42.91 -74.61
CA ILE WA 234 -53.98 -41.70 -75.38
C ILE WA 234 -54.86 -41.69 -76.61
N TRP WA 235 -54.98 -42.86 -77.26
CA TRP WA 235 -55.87 -42.95 -78.41
C TRP WA 235 -57.33 -42.85 -78.01
N LEU WA 236 -57.68 -43.27 -76.81
CA LEU WA 236 -59.09 -43.36 -76.45
C LEU WA 236 -59.70 -42.02 -76.14
N ASP WA 237 -58.93 -41.10 -75.57
CA ASP WA 237 -59.45 -39.80 -75.17
C ASP WA 237 -59.29 -38.74 -76.26
N THR WA 238 -59.23 -39.17 -77.51
CA THR WA 238 -59.32 -38.28 -78.66
C THR WA 238 -60.49 -38.64 -79.55
N TYR WA 239 -60.67 -39.91 -79.83
CA TYR WA 239 -61.77 -40.38 -80.66
C TYR WA 239 -62.99 -40.78 -79.85
N TYR WA 240 -62.82 -41.16 -78.58
CA TYR WA 240 -63.93 -41.52 -77.71
C TYR WA 240 -63.88 -40.75 -76.39
N PRO WA 241 -64.21 -39.47 -76.42
CA PRO WA 241 -64.24 -38.69 -75.17
C PRO WA 241 -65.50 -39.04 -74.39
N GLN WA 242 -65.52 -38.58 -73.13
CA GLN WA 242 -66.58 -38.85 -72.14
C GLN WA 242 -66.79 -40.34 -71.98
N LEU WA 243 -65.70 -41.08 -71.86
CA LEU WA 243 -65.80 -42.52 -71.66
C LEU WA 243 -65.38 -42.85 -70.23
N ALA WA 244 -66.03 -43.87 -69.69
CA ALA WA 244 -65.77 -44.32 -68.33
C ALA WA 244 -65.23 -45.74 -68.41
N TYR WA 245 -63.94 -45.89 -68.13
CA TYR WA 245 -63.29 -47.20 -68.18
C TYR WA 245 -62.25 -47.29 -67.08
N TYR WA 246 -61.75 -48.50 -66.85
CA TYR WA 246 -60.81 -48.75 -65.77
C TYR WA 246 -59.42 -49.18 -66.24
N ARG WA 247 -59.32 -50.30 -66.94
CA ARG WA 247 -58.04 -50.90 -67.29
C ARG WA 247 -58.19 -51.69 -68.58
N ILE WA 248 -57.07 -52.22 -69.05
CA ILE WA 248 -57.05 -53.26 -70.07
C ILE WA 248 -56.17 -54.38 -69.54
N HIS WA 249 -56.76 -55.56 -69.34
CA HIS WA 249 -56.07 -56.64 -68.67
C HIS WA 249 -55.49 -57.62 -69.69
N PHE WA 250 -54.20 -57.91 -69.56
CA PHE WA 250 -53.44 -58.69 -70.52
C PHE WA 250 -52.94 -60.00 -69.96
N ASP WA 251 -53.80 -60.73 -69.25
CA ASP WA 251 -53.38 -62.03 -68.74
C ASP WA 251 -53.24 -63.07 -69.84
N GLU WA 252 -54.09 -63.02 -70.85
CA GLU WA 252 -53.88 -63.80 -72.07
C GLU WA 252 -53.72 -62.84 -73.22
N PRO WA 253 -52.50 -62.67 -73.74
CA PRO WA 253 -52.24 -61.55 -74.67
C PRO WA 253 -52.87 -61.72 -76.04
N ARG WA 254 -53.35 -62.89 -76.39
CA ARG WA 254 -54.08 -63.03 -77.64
C ARG WA 254 -55.56 -62.72 -77.49
N LYS WA 255 -56.01 -62.42 -76.27
CA LYS WA 255 -57.40 -62.06 -76.03
C LYS WA 255 -57.48 -61.26 -74.75
N PRO WA 256 -57.30 -59.95 -74.81
CA PRO WA 256 -57.38 -59.13 -73.59
C PRO WA 256 -58.81 -58.86 -73.18
N VAL WA 257 -58.96 -58.54 -71.90
CA VAL WA 257 -60.24 -58.23 -71.29
C VAL WA 257 -60.26 -56.73 -71.01
N PHE WA 258 -61.33 -56.08 -71.45
CA PHE WA 258 -61.49 -54.64 -71.33
C PHE WA 258 -62.58 -54.35 -70.29
N TRP WA 259 -62.14 -53.90 -69.12
CA TRP WA 259 -63.04 -53.67 -67.97
C TRP WA 259 -63.72 -52.32 -68.12
N LEU WA 260 -64.94 -52.31 -68.63
CA LEU WA 260 -65.72 -51.11 -68.82
C LEU WA 260 -66.66 -50.93 -67.63
N SER WA 261 -67.19 -49.73 -67.47
CA SER WA 261 -68.14 -49.47 -66.42
C SER WA 261 -69.54 -49.76 -66.91
N ARG WA 262 -70.48 -49.88 -65.96
CA ARG WA 262 -71.85 -50.23 -66.24
C ARG WA 262 -72.81 -49.09 -65.94
N GLN WA 263 -72.67 -48.46 -64.78
CA GLN WA 263 -73.63 -47.47 -64.34
C GLN WA 263 -73.27 -46.05 -64.78
N ARG WA 264 -72.30 -45.91 -65.67
CA ARG WA 264 -71.85 -44.59 -66.08
C ARG WA 264 -71.81 -44.36 -67.58
N ASN WA 265 -72.22 -45.33 -68.40
CA ASN WA 265 -72.27 -45.09 -69.84
C ASN WA 265 -73.39 -45.88 -70.47
N THR WA 266 -73.96 -45.31 -71.54
CA THR WA 266 -75.15 -45.86 -72.16
C THR WA 266 -74.95 -46.22 -73.63
N MET WA 267 -73.83 -46.87 -73.96
CA MET WA 267 -73.67 -47.35 -75.32
C MET WA 267 -74.53 -48.58 -75.58
N SER WA 268 -74.99 -48.71 -76.81
CA SER WA 268 -75.82 -49.86 -77.17
C SER WA 268 -74.96 -51.02 -77.64
N LYS WA 269 -75.63 -52.09 -78.09
CA LYS WA 269 -74.95 -53.31 -78.51
C LYS WA 269 -74.25 -53.13 -79.83
N LYS WA 270 -74.62 -52.14 -80.61
CA LYS WA 270 -73.94 -51.95 -81.88
C LYS WA 270 -72.66 -51.16 -81.63
N GLU WA 271 -72.72 -50.20 -80.72
CA GLU WA 271 -71.50 -49.45 -80.43
C GLU WA 271 -70.48 -50.27 -79.65
N LEU WA 272 -70.89 -51.32 -78.93
CA LEU WA 272 -69.80 -52.15 -78.38
C LEU WA 272 -69.16 -53.06 -79.42
N GLU WA 273 -69.83 -53.33 -80.55
CA GLU WA 273 -69.13 -54.08 -81.58
C GLU WA 273 -68.27 -53.16 -82.42
N VAL WA 274 -68.66 -51.90 -82.55
CA VAL WA 274 -67.81 -50.95 -83.26
C VAL WA 274 -66.58 -50.66 -82.41
N LEU WA 275 -66.76 -50.58 -81.09
CA LEU WA 275 -65.62 -50.38 -80.20
C LEU WA 275 -64.73 -51.62 -80.19
N SER WA 276 -65.33 -52.81 -80.35
CA SER WA 276 -64.55 -54.04 -80.39
C SER WA 276 -63.85 -54.26 -81.72
N GLN WA 277 -64.19 -53.46 -82.73
CA GLN WA 277 -63.43 -53.53 -83.97
C GLN WA 277 -62.37 -52.47 -84.03
N LYS WA 278 -62.64 -51.29 -83.46
CA LYS WA 278 -61.60 -50.28 -83.43
C LYS WA 278 -60.52 -50.58 -82.40
N LEU WA 279 -60.81 -51.41 -81.39
CA LEU WA 279 -59.70 -51.79 -80.51
C LEU WA 279 -58.92 -52.97 -81.05
N ARG WA 280 -59.57 -53.84 -81.83
CA ARG WA 280 -58.83 -54.92 -82.45
C ARG WA 280 -57.90 -54.39 -83.54
N ALA WA 281 -58.33 -53.33 -84.24
CA ALA WA 281 -57.49 -52.77 -85.28
C ALA WA 281 -56.28 -52.02 -84.74
N LEU WA 282 -56.27 -51.66 -83.46
CA LEU WA 282 -55.08 -51.04 -82.90
C LEU WA 282 -54.04 -52.06 -82.46
N MET WA 283 -54.46 -53.27 -82.11
CA MET WA 283 -53.54 -54.30 -81.64
C MET WA 283 -53.46 -55.45 -82.61
N PRO WA 284 -52.44 -55.51 -83.47
CA PRO WA 284 -52.40 -56.56 -84.49
C PRO WA 284 -52.04 -57.94 -83.95
N TYR WA 285 -51.67 -58.04 -82.69
CA TYR WA 285 -51.36 -59.34 -82.09
C TYR WA 285 -52.55 -59.96 -81.36
N ALA WA 286 -53.63 -59.23 -81.20
CA ALA WA 286 -54.79 -59.70 -80.46
C ALA WA 286 -55.82 -60.28 -81.41
N ASP WA 287 -56.37 -61.44 -81.04
CA ASP WA 287 -57.41 -62.01 -81.89
C ASP WA 287 -58.73 -61.30 -81.67
N SER WA 288 -59.10 -61.08 -80.42
CA SER WA 288 -60.32 -60.35 -80.10
C SER WA 288 -60.19 -59.72 -78.73
N VAL WA 289 -61.03 -58.73 -78.47
CA VAL WA 289 -61.09 -58.04 -77.19
C VAL WA 289 -62.42 -58.38 -76.52
N ASN WA 290 -62.37 -58.80 -75.26
CA ASN WA 290 -63.57 -59.19 -74.54
C ASN WA 290 -63.94 -58.02 -73.64
N ILE WA 291 -64.91 -57.23 -74.09
CA ILE WA 291 -65.35 -56.07 -73.32
C ILE WA 291 -66.39 -56.55 -72.32
N THR WA 292 -66.09 -56.39 -71.03
CA THR WA 292 -67.03 -56.76 -69.99
C THR WA 292 -67.35 -55.55 -69.13
N LEU WA 293 -68.63 -55.33 -68.88
CA LEU WA 293 -69.06 -54.26 -68.01
C LEU WA 293 -69.07 -54.76 -66.57
N MET WA 294 -68.72 -53.88 -65.64
CA MET WA 294 -68.63 -54.29 -64.25
C MET WA 294 -69.26 -53.23 -63.37
N ASP WA 295 -69.76 -53.66 -62.21
CA ASP WA 295 -70.45 -52.77 -61.31
C ASP WA 295 -69.49 -51.75 -60.70
N ASP WA 296 -70.07 -50.63 -60.27
CA ASP WA 296 -69.33 -49.50 -59.76
C ASP WA 296 -69.41 -49.31 -58.25
N VAL WA 297 -70.29 -50.03 -57.57
CA VAL WA 297 -70.34 -49.91 -56.13
C VAL WA 297 -69.24 -50.78 -55.51
N THR WA 298 -69.01 -51.97 -56.06
CA THR WA 298 -67.98 -52.83 -55.52
C THR WA 298 -66.57 -52.33 -55.81
N ALA WA 299 -66.42 -51.39 -56.75
CA ALA WA 299 -65.12 -50.78 -57.00
C ALA WA 299 -64.71 -49.88 -55.84
N ALA WA 300 -65.68 -49.32 -55.14
CA ALA WA 300 -65.40 -48.52 -53.97
C ALA WA 300 -65.56 -49.31 -52.70
N GLY WA 301 -66.36 -50.37 -52.74
CA GLY WA 301 -66.49 -51.25 -51.58
C GLY WA 301 -65.23 -52.05 -51.37
N GLN WA 302 -64.54 -52.41 -52.45
CA GLN WA 302 -63.29 -53.10 -52.32
C GLN WA 302 -62.18 -52.18 -51.87
N ALA WA 303 -62.36 -50.87 -52.06
CA ALA WA 303 -61.40 -49.90 -51.59
C ALA WA 303 -61.66 -49.49 -50.15
N GLU WA 304 -62.88 -49.66 -49.66
CA GLU WA 304 -63.14 -49.33 -48.26
C GLU WA 304 -62.99 -50.52 -47.33
N ALA WA 305 -63.40 -51.71 -47.76
CA ALA WA 305 -63.24 -52.89 -46.92
C ALA WA 305 -61.78 -53.30 -46.81
N GLY WA 306 -60.95 -52.89 -47.76
CA GLY WA 306 -59.53 -53.14 -47.68
C GLY WA 306 -58.81 -52.04 -46.92
N LEU WA 307 -59.46 -50.89 -46.77
CA LEU WA 307 -58.86 -49.81 -46.01
C LEU WA 307 -59.24 -49.84 -44.55
N LYS WA 308 -60.40 -50.40 -44.22
CA LYS WA 308 -60.75 -50.62 -42.82
C LYS WA 308 -59.98 -51.79 -42.23
N GLN WA 309 -59.53 -52.71 -43.07
CA GLN WA 309 -58.83 -53.89 -42.59
C GLN WA 309 -57.45 -53.56 -42.08
N GLN WA 310 -56.78 -52.58 -42.68
CA GLN WA 310 -55.42 -52.25 -42.27
C GLN WA 310 -55.38 -51.28 -41.10
N ALA WA 311 -56.53 -51.00 -40.47
CA ALA WA 311 -56.66 -50.16 -39.27
C ALA WA 311 -56.08 -48.77 -39.49
N LEU WA 312 -56.41 -48.19 -40.63
CA LEU WA 312 -55.89 -46.89 -41.01
C LEU WA 312 -56.95 -45.81 -40.86
N PRO WA 313 -56.58 -44.63 -40.39
CA PRO WA 313 -57.55 -43.53 -40.35
C PRO WA 313 -57.73 -42.95 -41.74
N TYR WA 314 -58.98 -42.71 -42.12
CA TYR WA 314 -59.25 -42.21 -43.45
C TYR WA 314 -60.46 -41.29 -43.40
N SER WA 315 -60.78 -40.72 -44.56
CA SER WA 315 -61.92 -39.81 -44.68
C SER WA 315 -62.37 -39.86 -46.14
N ARG WA 316 -63.55 -40.42 -46.35
CA ARG WA 316 -64.11 -40.62 -47.67
C ARG WA 316 -64.76 -39.35 -48.22
N ARG WA 317 -64.50 -39.07 -49.49
CA ARG WA 317 -65.05 -37.92 -50.20
C ARG WA 317 -65.70 -38.40 -51.49
N ASN WA 318 -66.99 -38.73 -51.43
CA ASN WA 318 -67.74 -39.13 -52.61
C ASN WA 318 -68.06 -37.89 -53.43
N HIS WA 319 -67.86 -37.97 -54.74
CA HIS WA 319 -68.36 -36.96 -55.65
C HIS WA 319 -68.69 -37.60 -57.00
N LYS WA 320 -69.19 -36.77 -57.92
CA LYS WA 320 -69.72 -37.29 -59.18
C LYS WA 320 -68.61 -37.72 -60.12
N GLY WA 321 -68.50 -39.03 -60.33
CA GLY WA 321 -67.55 -39.55 -61.29
C GLY WA 321 -66.17 -39.81 -60.71
N GLY WA 322 -66.13 -40.27 -59.48
CA GLY WA 322 -64.88 -40.62 -58.85
C GLY WA 322 -65.01 -40.34 -57.37
N VAL WA 323 -64.27 -41.13 -56.57
CA VAL WA 323 -64.24 -40.93 -55.13
C VAL WA 323 -62.81 -40.64 -54.72
N THR WA 324 -62.65 -40.21 -53.48
CA THR WA 324 -61.31 -39.81 -53.02
C THR WA 324 -61.20 -40.09 -51.54
N PHE WA 325 -60.21 -40.89 -51.17
CA PHE WA 325 -59.93 -41.18 -49.77
C PHE WA 325 -58.71 -40.40 -49.32
N VAL WA 326 -58.83 -39.69 -48.19
CA VAL WA 326 -57.74 -38.87 -47.70
C VAL WA 326 -57.29 -39.45 -46.36
N ILE WA 327 -56.02 -39.85 -46.30
CA ILE WA 327 -55.40 -40.40 -45.12
C ILE WA 327 -54.46 -39.38 -44.52
N GLN WA 328 -54.78 -38.93 -43.31
CA GLN WA 328 -54.02 -37.91 -42.61
C GLN WA 328 -53.62 -38.41 -41.23
N GLY WA 329 -52.70 -37.67 -40.62
CA GLY WA 329 -52.26 -37.92 -39.26
C GLY WA 329 -50.76 -38.16 -39.20
N ALA WA 330 -50.29 -38.45 -37.99
CA ALA WA 330 -48.89 -38.80 -37.78
C ALA WA 330 -48.80 -40.31 -37.71
N LEU WA 331 -48.79 -40.93 -38.87
CA LEU WA 331 -48.73 -42.37 -38.94
C LEU WA 331 -47.31 -42.84 -38.63
N ASP WA 332 -47.20 -44.01 -38.04
CA ASP WA 332 -45.88 -44.56 -37.76
C ASP WA 332 -45.43 -45.42 -38.95
N ASP WA 333 -44.33 -46.15 -38.76
CA ASP WA 333 -43.74 -46.88 -39.87
C ASP WA 333 -44.50 -48.15 -40.20
N VAL WA 334 -45.22 -48.72 -39.23
CA VAL WA 334 -45.98 -49.92 -39.55
C VAL WA 334 -47.17 -49.50 -40.40
N GLU WA 335 -47.72 -48.33 -40.08
CA GLU WA 335 -48.94 -47.91 -40.71
C GLU WA 335 -48.66 -47.36 -42.11
N ILE WA 336 -47.49 -46.75 -42.31
CA ILE WA 336 -47.18 -46.26 -43.66
C ILE WA 336 -46.59 -47.36 -44.53
N LEU WA 337 -46.36 -48.55 -43.99
CA LEU WA 337 -45.98 -49.67 -44.83
C LEU WA 337 -47.16 -50.57 -45.14
N ARG WA 338 -48.11 -50.64 -44.22
CA ARG WA 338 -49.33 -51.37 -44.52
C ARG WA 338 -50.23 -50.55 -45.41
N ALA WA 339 -50.06 -49.24 -45.44
CA ALA WA 339 -50.86 -48.44 -46.35
C ALA WA 339 -50.28 -48.48 -47.76
N ARG WA 340 -48.96 -48.46 -47.85
CA ARG WA 340 -48.31 -48.47 -49.15
C ARG WA 340 -48.45 -49.80 -49.85
N GLN WA 341 -48.49 -50.91 -49.09
CA GLN WA 341 -48.66 -52.18 -49.78
C GLN WA 341 -50.09 -52.37 -50.25
N PHE WA 342 -51.04 -51.68 -49.64
CA PHE WA 342 -52.42 -51.82 -50.09
C PHE WA 342 -52.71 -50.91 -51.27
N VAL WA 343 -52.13 -49.71 -51.27
CA VAL WA 343 -52.34 -48.81 -52.40
C VAL WA 343 -51.64 -49.38 -53.62
N ASP WA 344 -50.44 -49.93 -53.44
CA ASP WA 344 -49.72 -50.52 -54.55
C ASP WA 344 -50.38 -51.80 -55.03
N SER WA 345 -51.04 -52.55 -54.13
CA SER WA 345 -51.75 -53.74 -54.55
C SER WA 345 -53.14 -53.46 -55.11
N TYR WA 346 -53.63 -52.23 -54.99
CA TYR WA 346 -54.92 -51.87 -55.57
C TYR WA 346 -54.79 -51.15 -56.89
N TYR WA 347 -53.69 -50.40 -57.07
CA TYR WA 347 -53.44 -49.73 -58.33
C TYR WA 347 -53.14 -50.73 -59.44
N ARG WA 348 -52.66 -51.92 -59.09
CA ARG WA 348 -52.39 -52.93 -60.10
C ARG WA 348 -53.68 -53.46 -60.70
N THR WA 349 -54.72 -53.61 -59.87
CA THR WA 349 -55.95 -54.20 -60.37
C THR WA 349 -56.84 -53.17 -61.05
N TRP WA 350 -57.13 -52.05 -60.38
CA TRP WA 350 -58.14 -51.15 -60.92
C TRP WA 350 -57.60 -49.93 -61.64
N GLY WA 351 -56.46 -49.40 -61.26
CA GLY WA 351 -55.98 -48.18 -61.88
C GLY WA 351 -56.60 -46.94 -61.28
N GLY WA 352 -55.96 -45.81 -61.55
CA GLY WA 352 -56.38 -44.55 -60.98
C GLY WA 352 -57.36 -43.71 -61.79
N ARG WA 353 -58.41 -44.33 -62.32
CA ARG WA 353 -59.38 -43.58 -63.10
C ARG WA 353 -60.61 -43.17 -62.30
N TYR WA 354 -61.10 -44.03 -61.42
CA TYR WA 354 -62.30 -43.78 -60.62
C TYR WA 354 -61.99 -43.34 -59.19
N VAL WA 355 -61.23 -44.15 -58.46
CA VAL WA 355 -60.99 -43.96 -57.04
C VAL WA 355 -59.56 -43.48 -56.85
N GLN WA 356 -59.39 -42.40 -56.12
CA GLN WA 356 -58.08 -41.80 -55.90
C GLN WA 356 -57.74 -41.78 -54.42
N PHE WA 357 -56.53 -42.20 -54.09
CA PHE WA 357 -56.03 -42.15 -52.72
C PHE WA 357 -55.13 -40.95 -52.54
N ALA WA 358 -55.06 -40.47 -51.30
CA ALA WA 358 -54.26 -39.28 -51.03
C ALA WA 358 -53.72 -39.41 -49.61
N ILE WA 359 -52.45 -39.80 -49.49
CA ILE WA 359 -51.81 -39.95 -48.20
C ILE WA 359 -50.99 -38.69 -47.95
N GLU WA 360 -51.39 -37.91 -46.96
CA GLU WA 360 -50.57 -36.79 -46.52
C GLU WA 360 -50.39 -36.90 -45.02
N LEU WA 361 -49.17 -36.69 -44.54
CA LEU WA 361 -48.87 -36.88 -43.14
C LEU WA 361 -48.30 -35.59 -42.57
N LYS WA 362 -48.64 -35.30 -41.33
CA LYS WA 362 -48.27 -34.05 -40.69
C LYS WA 362 -48.06 -34.31 -39.20
N ASP WA 363 -47.31 -33.42 -38.58
CA ASP WA 363 -46.96 -33.57 -37.17
C ASP WA 363 -48.13 -33.28 -36.25
N ASP WA 364 -48.11 -33.93 -35.09
CA ASP WA 364 -49.20 -33.79 -34.14
C ASP WA 364 -48.97 -32.55 -33.29
N TRP WA 365 -49.99 -31.71 -33.19
CA TRP WA 365 -49.89 -30.50 -32.38
C TRP WA 365 -50.00 -30.81 -30.90
N LEU WA 366 -50.70 -31.88 -30.56
CA LEU WA 366 -50.98 -32.24 -29.17
C LEU WA 366 -50.20 -33.48 -28.73
N LYS WA 367 -48.98 -33.25 -28.25
CA LYS WA 367 -48.22 -34.32 -27.61
C LYS WA 367 -48.17 -34.12 -26.11
N GLY WA 368 -47.67 -32.97 -25.66
CA GLY WA 368 -47.64 -32.62 -24.25
C GLY WA 368 -48.68 -31.61 -23.83
N ARG WA 369 -49.66 -31.30 -24.67
CA ARG WA 369 -50.67 -30.30 -24.39
C ARG WA 369 -51.91 -30.93 -23.78
N SER WA 370 -52.64 -30.14 -23.01
CA SER WA 370 -53.94 -30.55 -22.47
C SER WA 370 -55.05 -29.89 -23.26
N PHE WA 371 -56.11 -30.65 -23.54
CA PHE WA 371 -57.15 -30.12 -24.40
C PHE WA 371 -58.51 -30.68 -24.02
N GLN WA 372 -59.55 -30.03 -24.51
CA GLN WA 372 -60.92 -30.46 -24.30
C GLN WA 372 -61.49 -30.77 -25.67
N TYR WA 373 -62.13 -31.92 -25.81
CA TYR WA 373 -62.72 -32.34 -27.06
C TYR WA 373 -64.23 -32.50 -26.91
N GLY WA 374 -64.91 -32.53 -28.04
CA GLY WA 374 -66.36 -32.61 -28.05
C GLY WA 374 -66.98 -31.52 -28.91
N ALA WA 375 -68.02 -30.85 -28.40
CA ALA WA 375 -68.62 -29.78 -29.18
C ALA WA 375 -67.75 -28.53 -29.16
N GLU WA 376 -67.54 -27.97 -27.96
CA GLU WA 376 -66.67 -26.81 -27.81
C GLU WA 376 -65.30 -27.34 -27.39
N GLY WA 377 -64.41 -27.46 -28.36
CA GLY WA 377 -63.10 -28.05 -28.16
C GLY WA 377 -62.04 -26.97 -28.24
N TYR WA 378 -61.00 -27.11 -27.41
CA TYR WA 378 -59.90 -26.16 -27.49
C TYR WA 378 -58.66 -26.84 -26.98
N ILE WA 379 -57.52 -26.26 -27.32
CA ILE WA 379 -56.21 -26.78 -26.97
C ILE WA 379 -55.46 -25.74 -26.15
N LYS WA 380 -54.87 -26.15 -25.04
CA LYS WA 380 -54.14 -25.27 -24.15
C LYS WA 380 -52.67 -25.40 -24.51
N MET WA 381 -52.12 -24.37 -25.15
CA MET WA 381 -50.74 -24.46 -25.58
C MET WA 381 -49.75 -24.06 -24.51
N SER WA 382 -50.22 -23.59 -23.38
CA SER WA 382 -49.43 -23.09 -22.28
C SER WA 382 -50.46 -23.02 -21.17
N PRO WA 383 -50.08 -22.82 -19.91
CA PRO WA 383 -51.10 -22.52 -18.90
C PRO WA 383 -51.91 -21.26 -19.18
N GLY WA 384 -51.38 -20.31 -19.96
CA GLY WA 384 -52.15 -19.13 -20.25
C GLY WA 384 -52.37 -18.85 -21.72
N HIS WA 385 -52.65 -19.90 -22.51
CA HIS WA 385 -52.84 -19.72 -23.94
C HIS WA 385 -53.88 -20.72 -24.38
N TRP WA 386 -54.92 -20.22 -25.04
CA TRP WA 386 -56.01 -21.02 -25.57
C TRP WA 386 -56.00 -20.97 -27.09
N TYR WA 387 -56.36 -22.09 -27.70
CA TYR WA 387 -56.47 -22.19 -29.15
C TYR WA 387 -57.83 -22.78 -29.48
N PHE WA 388 -58.62 -22.05 -30.26
CA PHE WA 388 -59.95 -22.50 -30.65
C PHE WA 388 -59.93 -22.89 -32.12
N PRO WA 389 -59.84 -24.17 -32.44
CA PRO WA 389 -59.77 -24.59 -33.83
C PRO WA 389 -61.10 -24.51 -34.55
N SER WA 390 -61.06 -24.04 -35.78
CA SER WA 390 -62.22 -23.95 -36.63
C SER WA 390 -62.57 -25.34 -37.18
N PRO WA 391 -63.85 -25.71 -37.19
CA PRO WA 391 -64.23 -27.03 -37.70
C PRO WA 391 -64.10 -27.15 -39.21
N ALA XA 171 -29.84 -44.19 -101.40
CA ALA XA 171 -30.13 -44.57 -100.02
C ALA XA 171 -31.47 -44.01 -99.58
N GLU XA 172 -32.34 -44.90 -99.08
CA GLU XA 172 -33.66 -44.51 -98.62
C GLU XA 172 -33.62 -43.81 -97.27
N LEU XA 173 -34.63 -42.96 -97.04
CA LEU XA 173 -34.68 -42.21 -95.80
C LEU XA 173 -35.02 -43.13 -94.64
N ASP XA 174 -35.72 -44.22 -94.91
CA ASP XA 174 -36.09 -45.15 -93.85
C ASP XA 174 -34.86 -45.88 -93.33
N SER XA 175 -33.82 -45.99 -94.15
CA SER XA 175 -32.59 -46.61 -93.73
C SER XA 175 -31.57 -45.60 -93.23
N LEU XA 176 -31.76 -44.31 -93.55
CA LEU XA 176 -30.81 -43.33 -93.05
C LEU XA 176 -30.99 -42.98 -91.58
N LEU XA 177 -32.14 -43.31 -90.99
CA LEU XA 177 -32.35 -43.11 -89.56
C LEU XA 177 -31.80 -44.31 -88.78
N GLY XA 178 -32.18 -44.38 -87.51
CA GLY XA 178 -31.65 -45.37 -86.60
C GLY XA 178 -32.17 -46.77 -86.88
N GLN XA 179 -31.85 -47.67 -85.96
CA GLN XA 179 -32.27 -49.06 -86.11
C GLN XA 179 -33.77 -49.21 -85.88
N GLU XA 180 -34.31 -48.56 -84.85
CA GLU XA 180 -35.74 -48.65 -84.57
C GLU XA 180 -36.54 -47.89 -85.63
N LYS XA 181 -37.15 -48.62 -86.55
CA LYS XA 181 -37.96 -48.03 -87.62
C LYS XA 181 -39.44 -47.96 -87.22
N GLU XA 182 -39.72 -47.45 -86.03
CA GLU XA 182 -41.11 -47.23 -85.61
C GLU XA 182 -41.33 -45.89 -84.93
N ARG XA 183 -40.31 -45.25 -84.39
CA ARG XA 183 -40.49 -43.99 -83.70
C ARG XA 183 -40.58 -42.80 -84.64
N PHE XA 184 -40.31 -42.99 -85.93
CA PHE XA 184 -40.50 -41.96 -86.94
C PHE XA 184 -41.52 -42.42 -87.96
N GLN XA 185 -41.91 -41.49 -88.85
CA GLN XA 185 -42.88 -41.88 -89.88
C GLN XA 185 -42.73 -40.96 -91.08
N VAL XA 186 -42.54 -41.54 -92.26
CA VAL XA 186 -42.28 -40.77 -93.47
C VAL XA 186 -43.53 -40.67 -94.33
N LEU XA 187 -43.97 -39.45 -94.63
CA LEU XA 187 -45.15 -39.18 -95.42
C LEU XA 187 -44.76 -38.53 -96.73
N PRO XA 188 -45.04 -39.14 -97.88
CA PRO XA 188 -44.74 -38.50 -99.17
C PRO XA 188 -45.69 -37.34 -99.40
N GLY XA 189 -45.14 -36.13 -99.55
CA GLY XA 189 -45.98 -34.96 -99.67
C GLY XA 189 -46.54 -34.80 -101.05
N ARG XA 190 -47.38 -33.78 -101.19
CA ARG XA 190 -48.05 -33.50 -102.44
C ARG XA 190 -47.32 -32.45 -103.26
N ASP XA 191 -46.49 -31.62 -102.62
CA ASP XA 191 -45.77 -30.55 -103.30
C ASP XA 191 -44.35 -30.97 -103.64
N LYS XA 192 -44.16 -32.27 -103.93
CA LYS XA 192 -42.87 -32.92 -104.21
C LYS XA 192 -41.88 -32.72 -103.07
N MET XA 193 -42.26 -33.23 -101.90
CA MET XA 193 -41.41 -33.15 -100.72
C MET XA 193 -41.62 -34.43 -99.90
N LEU XA 194 -41.03 -34.48 -98.70
CA LEU XA 194 -41.06 -35.69 -97.91
C LEU XA 194 -41.03 -35.30 -96.45
N TYR XA 195 -42.15 -35.47 -95.77
CA TYR XA 195 -42.30 -35.00 -94.40
C TYR XA 195 -42.00 -36.13 -93.44
N VAL XA 196 -41.23 -35.85 -92.40
CA VAL XA 196 -40.90 -36.81 -91.38
C VAL XA 196 -41.62 -36.42 -90.12
N ALA XA 197 -42.38 -37.33 -89.56
CA ALA XA 197 -43.24 -37.08 -88.42
C ALA XA 197 -42.56 -37.70 -87.22
N ALA XA 198 -42.04 -36.84 -86.34
CA ALA XA 198 -41.42 -37.26 -85.10
C ALA XA 198 -42.50 -37.35 -84.01
N GLN XA 199 -42.08 -37.56 -82.76
CA GLN XA 199 -43.04 -37.66 -81.68
C GLN XA 199 -42.76 -36.73 -80.52
N ASN XA 200 -41.54 -36.26 -80.34
CA ASN XA 200 -41.23 -35.27 -79.31
C ASN XA 200 -40.04 -34.43 -79.77
N GLU XA 201 -39.49 -33.66 -78.84
CA GLU XA 201 -38.40 -32.76 -79.19
C GLU XA 201 -37.03 -33.42 -79.13
N ARG XA 202 -36.89 -34.52 -78.39
CA ARG XA 202 -35.60 -35.20 -78.40
C ARG XA 202 -35.41 -35.96 -79.70
N ASP XA 203 -36.47 -36.57 -80.20
CA ASP XA 203 -36.42 -37.26 -81.48
C ASP XA 203 -36.59 -36.32 -82.66
N THR XA 204 -37.00 -35.08 -82.44
CA THR XA 204 -37.04 -34.13 -83.55
C THR XA 204 -35.64 -33.72 -83.97
N LEU XA 205 -34.76 -33.45 -83.00
CA LEU XA 205 -33.38 -33.08 -83.33
C LEU XA 205 -32.57 -34.26 -83.84
N TRP XA 206 -33.04 -35.48 -83.61
CA TRP XA 206 -32.37 -36.66 -84.13
C TRP XA 206 -32.55 -36.75 -85.63
N ALA XA 207 -33.67 -36.29 -86.13
CA ALA XA 207 -33.94 -36.33 -87.57
C ALA XA 207 -33.67 -34.99 -88.21
N ARG XA 208 -33.46 -33.95 -87.41
CA ARG XA 208 -33.02 -32.70 -88.00
C ARG XA 208 -31.52 -32.70 -88.25
N GLN XA 209 -30.77 -33.51 -87.50
CA GLN XA 209 -29.35 -33.61 -87.77
C GLN XA 209 -29.08 -34.33 -89.09
N VAL XA 210 -29.96 -35.26 -89.48
CA VAL XA 210 -29.78 -35.98 -90.74
C VAL XA 210 -29.96 -35.02 -91.91
N LEU XA 211 -31.01 -34.21 -91.89
CA LEU XA 211 -31.24 -33.35 -93.04
C LEU XA 211 -30.29 -32.16 -93.03
N ALA XA 212 -29.71 -31.81 -91.87
CA ALA XA 212 -28.85 -30.66 -91.86
C ALA XA 212 -27.39 -30.99 -92.11
N ARG XA 213 -26.94 -32.22 -91.83
CA ARG XA 213 -25.56 -32.51 -92.18
C ARG XA 213 -25.40 -32.98 -93.63
N GLY XA 214 -26.49 -33.17 -94.35
CA GLY XA 214 -26.45 -33.24 -95.79
C GLY XA 214 -26.39 -34.61 -96.42
N ASP XA 215 -26.68 -35.67 -95.67
CA ASP XA 215 -26.64 -36.99 -96.29
C ASP XA 215 -28.01 -37.43 -96.81
N TYR XA 216 -28.63 -36.55 -97.59
CA TYR XA 216 -29.84 -36.86 -98.33
C TYR XA 216 -29.92 -35.87 -99.48
N ASP XA 217 -30.45 -36.33 -100.60
CA ASP XA 217 -30.39 -35.55 -101.83
C ASP XA 217 -31.58 -34.61 -102.01
N LYS XA 218 -32.80 -35.12 -101.85
CA LYS XA 218 -33.96 -34.30 -102.19
C LYS XA 218 -34.33 -33.40 -101.01
N ASN XA 219 -35.50 -32.76 -101.14
CA ASN XA 219 -35.99 -31.84 -100.14
C ASN XA 219 -36.90 -32.58 -99.16
N ALA XA 220 -36.71 -32.30 -97.88
CA ALA XA 220 -37.48 -32.95 -96.84
C ALA XA 220 -37.73 -31.96 -95.70
N ARG XA 221 -38.73 -32.27 -94.90
CA ARG XA 221 -39.11 -31.42 -93.78
C ARG XA 221 -39.45 -32.30 -92.59
N VAL XA 222 -39.25 -31.77 -91.39
CA VAL XA 222 -39.60 -32.41 -90.13
C VAL XA 222 -40.78 -31.75 -89.44
N ILE XA 223 -41.80 -32.54 -89.09
CA ILE XA 223 -42.97 -32.01 -88.42
C ILE XA 223 -43.08 -32.67 -87.04
N ASN XA 224 -43.78 -31.96 -86.16
CA ASN XA 224 -44.04 -32.31 -84.78
C ASN XA 224 -45.53 -32.20 -84.56
N GLU XA 225 -45.98 -32.28 -83.32
CA GLU XA 225 -47.38 -31.99 -83.04
C GLU XA 225 -47.60 -30.65 -82.38
N ASN XA 226 -46.69 -30.21 -81.52
CA ASN XA 226 -46.83 -28.89 -80.93
C ASN XA 226 -46.41 -27.79 -81.89
N GLU XA 227 -45.34 -28.04 -82.66
CA GLU XA 227 -44.90 -27.03 -83.60
C GLU XA 227 -45.88 -26.92 -84.76
N GLU XA 228 -46.44 -28.05 -85.20
CA GLU XA 228 -47.42 -27.94 -86.28
C GLU XA 228 -48.76 -27.44 -85.78
N ASN XA 229 -49.02 -27.48 -84.48
CA ASN XA 229 -50.22 -26.85 -84.00
C ASN XA 229 -50.02 -25.34 -83.84
N LYS XA 230 -48.79 -24.92 -83.53
CA LYS XA 230 -48.47 -23.50 -83.44
C LYS XA 230 -48.18 -22.87 -84.80
N ARG XA 231 -48.00 -23.66 -85.85
CA ARG XA 231 -47.70 -23.08 -87.15
C ARG XA 231 -48.98 -22.66 -87.87
N ILE XA 232 -50.03 -23.47 -87.80
CA ILE XA 232 -51.31 -23.14 -88.41
C ILE XA 232 -52.27 -22.54 -87.37
N SER XA 233 -51.72 -22.00 -86.30
CA SER XA 233 -52.47 -21.12 -85.43
C SER XA 233 -52.13 -19.66 -85.67
N ILE XA 234 -51.00 -19.38 -86.30
CA ILE XA 234 -50.72 -18.03 -86.78
C ILE XA 234 -51.66 -17.67 -87.92
N TRP XA 235 -51.97 -18.64 -88.78
CA TRP XA 235 -52.85 -18.39 -89.92
C TRP XA 235 -54.28 -18.14 -89.50
N LEU XA 236 -54.71 -18.72 -88.38
CA LEU XA 236 -56.05 -18.48 -87.87
C LEU XA 236 -56.12 -17.26 -86.99
N ASP XA 237 -55.04 -16.49 -86.89
CA ASP XA 237 -55.11 -15.21 -86.23
C ASP XA 237 -55.08 -14.08 -87.23
N THR XA 238 -55.00 -14.41 -88.52
CA THR XA 238 -54.99 -13.41 -89.56
C THR XA 238 -56.14 -13.57 -90.55
N TYR XA 239 -56.37 -14.78 -91.05
CA TYR XA 239 -57.42 -14.91 -92.06
C TYR XA 239 -58.77 -15.30 -91.50
N TYR XA 240 -58.81 -15.88 -90.30
CA TYR XA 240 -60.08 -16.19 -89.64
C TYR XA 240 -59.97 -15.77 -88.18
N PRO XA 241 -60.00 -14.47 -87.92
CA PRO XA 241 -59.95 -14.01 -86.52
C PRO XA 241 -61.29 -14.21 -85.85
N GLN XA 242 -61.23 -14.16 -84.51
CA GLN XA 242 -62.36 -14.39 -83.58
C GLN XA 242 -63.01 -15.77 -83.83
N LEU XA 243 -62.16 -16.76 -84.02
CA LEU XA 243 -62.58 -18.14 -84.18
C LEU XA 243 -62.39 -18.89 -82.86
N ALA XA 244 -63.30 -19.80 -82.56
CA ALA XA 244 -63.26 -20.55 -81.32
C ALA XA 244 -62.95 -22.01 -81.62
N TYR XA 245 -61.74 -22.44 -81.25
CA TYR XA 245 -61.31 -23.81 -81.47
C TYR XA 245 -60.42 -24.23 -80.33
N TYR XA 246 -60.09 -25.53 -80.28
CA TYR XA 246 -59.33 -26.07 -79.17
C TYR XA 246 -57.97 -26.61 -79.58
N ARG XA 247 -57.91 -27.54 -80.51
CA ARG XA 247 -56.71 -28.34 -80.73
C ARG XA 247 -56.85 -29.08 -82.05
N ILE XA 248 -55.71 -29.38 -82.67
CA ILE XA 248 -55.67 -30.23 -83.85
C ILE XA 248 -54.91 -31.50 -83.49
N HIS XA 249 -55.58 -32.63 -83.60
CA HIS XA 249 -55.07 -33.92 -83.14
C HIS XA 249 -54.50 -34.69 -84.32
N PHE XA 250 -53.33 -35.27 -84.15
CA PHE XA 250 -52.65 -35.96 -85.24
C PHE XA 250 -52.43 -37.44 -84.91
N ASP XA 251 -53.47 -38.10 -84.42
CA ASP XA 251 -53.35 -39.52 -84.10
C ASP XA 251 -53.22 -40.38 -85.35
N GLU XA 252 -53.75 -39.94 -86.48
CA GLU XA 252 -53.37 -40.49 -87.77
C GLU XA 252 -53.02 -39.31 -88.67
N PRO XA 253 -51.79 -39.24 -89.19
CA PRO XA 253 -51.32 -38.00 -89.82
C PRO XA 253 -51.89 -37.76 -91.19
N ARG XA 254 -52.67 -38.70 -91.72
CA ARG XA 254 -53.31 -38.52 -93.01
C ARG XA 254 -54.69 -37.92 -92.87
N LYS XA 255 -55.30 -38.00 -91.69
CA LYS XA 255 -56.60 -37.40 -91.43
C LYS XA 255 -56.57 -36.73 -90.07
N PRO XA 256 -56.18 -35.46 -90.01
CA PRO XA 256 -56.21 -34.75 -88.74
C PRO XA 256 -57.63 -34.41 -88.33
N VAL XA 257 -57.84 -34.25 -87.03
CA VAL XA 257 -59.13 -33.96 -86.46
C VAL XA 257 -59.10 -32.56 -85.86
N PHE XA 258 -59.97 -31.68 -86.37
CA PHE XA 258 -60.04 -30.30 -85.95
C PHE XA 258 -61.23 -30.14 -84.98
N TRP XA 259 -60.93 -29.73 -83.76
CA TRP XA 259 -61.95 -29.58 -82.71
C TRP XA 259 -62.44 -28.14 -82.67
N LEU XA 260 -63.67 -27.91 -83.09
CA LEU XA 260 -64.23 -26.57 -83.12
C LEU XA 260 -65.29 -26.44 -82.03
N SER XA 261 -65.46 -25.22 -81.51
CA SER XA 261 -66.43 -24.97 -80.45
C SER XA 261 -67.84 -24.83 -80.97
N ARG XA 262 -68.79 -25.46 -80.28
CA ARG XA 262 -70.18 -25.50 -80.71
C ARG XA 262 -70.99 -24.31 -80.21
N GLN XA 263 -70.80 -23.88 -78.98
CA GLN XA 263 -71.63 -22.83 -78.43
C GLN XA 263 -71.04 -21.44 -78.60
N ARG XA 264 -70.05 -21.28 -79.48
CA ARG XA 264 -69.49 -19.95 -79.68
C ARG XA 264 -69.22 -19.64 -81.15
N ASN XA 265 -69.80 -20.40 -82.07
CA ASN XA 265 -69.61 -20.13 -83.49
C ASN XA 265 -70.95 -19.83 -84.16
N THR XA 266 -70.87 -19.18 -85.31
CA THR XA 266 -72.04 -18.87 -86.11
C THR XA 266 -71.76 -19.15 -87.58
N MET XA 267 -71.09 -20.27 -87.85
CA MET XA 267 -70.72 -20.63 -89.22
C MET XA 267 -71.61 -21.74 -89.73
N SER XA 268 -71.98 -21.65 -91.00
CA SER XA 268 -72.85 -22.64 -91.60
C SER XA 268 -72.09 -23.83 -92.16
N LYS XA 269 -72.82 -24.66 -92.92
CA LYS XA 269 -72.24 -25.86 -93.51
C LYS XA 269 -71.30 -25.51 -94.66
N LYS XA 270 -71.62 -24.46 -95.41
CA LYS XA 270 -70.77 -24.11 -96.54
C LYS XA 270 -69.50 -23.46 -96.03
N GLU XA 271 -69.61 -22.68 -94.96
CA GLU XA 271 -68.44 -22.02 -94.44
C GLU XA 271 -67.53 -23.00 -93.71
N LEU XA 272 -68.07 -24.12 -93.22
CA LEU XA 272 -67.17 -25.12 -92.67
C LEU XA 272 -66.47 -25.90 -93.75
N GLU XA 273 -67.06 -25.96 -94.94
CA GLU XA 273 -66.40 -26.67 -96.01
C GLU XA 273 -65.30 -25.82 -96.61
N VAL XA 274 -65.54 -24.52 -96.76
CA VAL XA 274 -64.47 -23.70 -97.30
C VAL XA 274 -63.38 -23.47 -96.25
N LEU XA 275 -63.70 -23.66 -94.96
CA LEU XA 275 -62.62 -23.64 -93.97
C LEU XA 275 -61.79 -24.91 -94.01
N SER XA 276 -62.43 -26.05 -94.29
CA SER XA 276 -61.66 -27.28 -94.38
C SER XA 276 -60.81 -27.30 -95.65
N GLN XA 277 -61.33 -26.76 -96.74
CA GLN XA 277 -60.53 -26.70 -97.97
C GLN XA 277 -59.44 -25.66 -97.92
N LYS XA 278 -59.55 -24.61 -97.10
CA LYS XA 278 -58.44 -23.68 -97.00
C LYS XA 278 -57.42 -24.11 -95.94
N LEU XA 279 -57.83 -24.93 -94.98
CA LEU XA 279 -56.88 -25.49 -94.02
C LEU XA 279 -56.21 -26.75 -94.55
N ARG XA 280 -56.80 -27.41 -95.54
CA ARG XA 280 -56.18 -28.59 -96.13
C ARG XA 280 -54.95 -28.24 -96.95
N ALA XA 281 -54.95 -27.08 -97.61
CA ALA XA 281 -53.84 -26.66 -98.44
C ALA XA 281 -52.62 -26.20 -97.65
N LEU XA 282 -52.76 -25.89 -96.37
CA LEU XA 282 -51.58 -25.54 -95.58
C LEU XA 282 -50.75 -26.76 -95.24
N MET XA 283 -51.37 -27.93 -95.08
CA MET XA 283 -50.64 -29.14 -94.72
C MET XA 283 -50.66 -30.06 -95.93
N PRO XA 284 -49.59 -30.09 -96.73
CA PRO XA 284 -49.62 -30.88 -97.97
C PRO XA 284 -49.51 -32.38 -97.75
N TYR XA 285 -49.22 -32.83 -96.55
CA TYR XA 285 -49.13 -34.25 -96.31
C TYR XA 285 -50.47 -34.88 -95.96
N ALA XA 286 -51.49 -34.09 -95.66
CA ALA XA 286 -52.75 -34.63 -95.24
C ALA XA 286 -53.65 -34.92 -96.44
N ASP XA 287 -54.74 -35.63 -96.19
CA ASP XA 287 -55.72 -35.96 -97.22
C ASP XA 287 -57.02 -35.23 -97.02
N SER XA 288 -57.63 -35.32 -95.84
CA SER XA 288 -58.88 -34.63 -95.59
C SER XA 288 -59.02 -34.35 -94.10
N VAL XA 289 -59.05 -33.07 -93.76
CA VAL XA 289 -59.21 -32.65 -92.37
C VAL XA 289 -60.66 -32.87 -91.94
N ASN XA 290 -60.86 -33.54 -90.82
CA ASN XA 290 -62.19 -33.86 -90.33
C ASN XA 290 -62.48 -32.92 -89.18
N ILE XA 291 -63.49 -32.07 -89.36
CA ILE XA 291 -63.88 -31.08 -88.37
C ILE XA 291 -65.06 -31.59 -87.56
N THR XA 292 -64.89 -31.67 -86.25
CA THR XA 292 -65.96 -32.03 -85.34
C THR XA 292 -66.17 -30.96 -84.28
N LEU XA 293 -67.41 -30.83 -83.84
CA LEU XA 293 -67.83 -29.76 -82.92
C LEU XA 293 -67.94 -30.32 -81.51
N MET XA 294 -67.05 -29.86 -80.64
CA MET XA 294 -67.05 -30.26 -79.24
C MET XA 294 -67.92 -29.34 -78.40
N ASP XA 295 -68.49 -29.89 -77.34
CA ASP XA 295 -69.33 -29.11 -76.44
C ASP XA 295 -68.47 -28.22 -75.55
N ASP XA 296 -69.12 -27.26 -74.90
CA ASP XA 296 -68.41 -26.27 -74.10
C ASP XA 296 -68.54 -26.48 -72.61
N VAL XA 297 -69.65 -27.09 -72.15
CA VAL XA 297 -69.82 -27.33 -70.73
C VAL XA 297 -69.06 -28.57 -70.29
N THR XA 298 -68.78 -29.51 -71.21
CA THR XA 298 -68.00 -30.68 -70.85
C THR XA 298 -66.53 -30.32 -70.68
N ALA XA 299 -66.08 -29.26 -71.34
CA ALA XA 299 -64.69 -28.84 -71.22
C ALA XA 299 -64.41 -28.24 -69.85
N ALA XA 300 -65.39 -27.62 -69.23
CA ALA XA 300 -65.18 -27.16 -67.87
C ALA XA 300 -65.65 -28.16 -66.84
N GLY XA 301 -66.48 -29.12 -67.23
CA GLY XA 301 -66.86 -30.13 -66.27
C GLY XA 301 -65.76 -31.13 -66.06
N GLN XA 302 -65.00 -31.47 -67.11
CA GLN XA 302 -63.89 -32.38 -66.89
C GLN XA 302 -62.74 -31.70 -66.18
N ALA XA 303 -62.68 -30.37 -66.22
CA ALA XA 303 -61.60 -29.69 -65.53
C ALA XA 303 -61.93 -29.51 -64.06
N GLU XA 304 -63.21 -29.39 -63.73
CA GLU XA 304 -63.51 -29.22 -62.33
C GLU XA 304 -63.57 -30.59 -61.66
N ALA XA 305 -64.11 -31.61 -62.35
CA ALA XA 305 -64.13 -32.94 -61.75
C ALA XA 305 -62.72 -33.54 -61.69
N GLY XA 306 -61.80 -33.12 -62.56
CA GLY XA 306 -60.43 -33.56 -62.39
C GLY XA 306 -59.72 -32.80 -61.31
N LEU XA 307 -60.09 -31.54 -61.07
CA LEU XA 307 -59.44 -30.81 -60.00
C LEU XA 307 -59.96 -31.23 -58.63
N LYS XA 308 -61.15 -31.81 -58.56
CA LYS XA 308 -61.69 -32.26 -57.28
C LYS XA 308 -61.20 -33.63 -56.88
N GLN XA 309 -60.77 -34.45 -57.84
CA GLN XA 309 -60.30 -35.79 -57.51
C GLN XA 309 -58.96 -35.77 -56.80
N GLN XA 310 -58.11 -34.81 -57.11
CA GLN XA 310 -56.80 -34.76 -56.48
C GLN XA 310 -56.79 -34.07 -55.12
N ALA XA 311 -57.97 -33.68 -54.60
CA ALA XA 311 -58.12 -33.02 -53.30
C ALA XA 311 -57.30 -31.73 -53.20
N LEU XA 312 -57.41 -30.89 -54.22
CA LEU XA 312 -56.68 -29.64 -54.25
C LEU XA 312 -57.60 -28.48 -53.93
N PRO XA 313 -57.19 -27.54 -53.08
CA PRO XA 313 -57.98 -26.32 -52.90
C PRO XA 313 -57.84 -25.44 -54.12
N TYR XA 314 -58.94 -24.82 -54.51
CA TYR XA 314 -58.95 -24.03 -55.73
C TYR XA 314 -59.99 -22.93 -55.63
N SER XA 315 -60.11 -22.15 -56.71
CA SER XA 315 -61.06 -21.06 -56.74
C SER XA 315 -61.38 -20.79 -58.20
N ARG XA 316 -62.62 -21.07 -58.59
CA ARG XA 316 -63.09 -20.95 -59.97
C ARG XA 316 -63.61 -19.55 -60.24
N ARG XA 317 -63.17 -18.94 -61.34
CA ARG XA 317 -63.57 -17.60 -61.73
C ARG XA 317 -64.17 -17.67 -63.13
N ASN XA 318 -65.48 -17.80 -63.19
CA ASN XA 318 -66.17 -17.79 -64.48
C ASN XA 318 -66.18 -16.36 -65.02
N HIS XA 319 -65.88 -16.19 -66.30
CA HIS XA 319 -66.12 -14.93 -66.99
C HIS XA 319 -66.35 -15.19 -68.47
N LYS XA 320 -66.51 -14.11 -69.22
CA LYS XA 320 -66.89 -14.19 -70.62
C LYS XA 320 -65.73 -14.67 -71.49
N GLY XA 321 -65.91 -15.82 -72.11
CA GLY XA 321 -64.95 -16.36 -73.03
C GLY XA 321 -63.75 -16.99 -72.36
N GLY XA 322 -63.99 -17.87 -71.42
CA GLY XA 322 -62.94 -18.60 -70.74
C GLY XA 322 -63.23 -18.60 -69.26
N VAL XA 323 -62.75 -19.63 -68.58
CA VAL XA 323 -62.86 -19.72 -67.14
C VAL XA 323 -61.44 -19.74 -66.60
N THR XA 324 -61.32 -19.61 -65.29
CA THR XA 324 -59.97 -19.53 -64.74
C THR XA 324 -59.94 -20.22 -63.38
N PHE XA 325 -59.04 -21.17 -63.21
CA PHE XA 325 -58.91 -21.81 -61.91
C PHE XA 325 -57.63 -21.32 -61.26
N VAL XA 326 -57.76 -20.81 -60.04
CA VAL XA 326 -56.66 -20.21 -59.30
C VAL XA 326 -56.36 -21.09 -58.11
N ILE XA 327 -55.15 -21.66 -58.11
CA ILE XA 327 -54.66 -22.52 -57.04
C ILE XA 327 -53.57 -21.76 -56.33
N GLN XA 328 -53.90 -21.17 -55.17
CA GLN XA 328 -52.95 -20.38 -54.43
C GLN XA 328 -52.81 -20.94 -53.01
N GLY XA 329 -52.04 -20.25 -52.20
CA GLY XA 329 -51.76 -20.63 -50.84
C GLY XA 329 -50.37 -21.19 -50.69
N ALA XA 330 -50.09 -21.70 -49.50
CA ALA XA 330 -48.82 -22.33 -49.20
C ALA XA 330 -49.01 -23.83 -49.34
N LEU XA 331 -48.73 -24.37 -50.51
CA LEU XA 331 -48.92 -25.79 -50.76
C LEU XA 331 -47.66 -26.55 -50.37
N ASP XA 332 -47.85 -27.79 -49.96
CA ASP XA 332 -46.71 -28.62 -49.60
C ASP XA 332 -46.21 -29.37 -50.83
N ASP XA 333 -45.32 -30.32 -50.63
CA ASP XA 333 -44.61 -30.95 -51.74
C ASP XA 333 -45.43 -32.01 -52.45
N VAL XA 334 -46.50 -32.51 -51.85
CA VAL XA 334 -47.26 -33.55 -52.51
C VAL XA 334 -48.39 -32.96 -53.34
N GLU XA 335 -48.90 -31.78 -52.97
CA GLU XA 335 -49.92 -31.14 -53.76
C GLU XA 335 -49.37 -30.30 -54.89
N ILE XA 336 -48.05 -30.22 -55.04
CA ILE XA 336 -47.47 -29.67 -56.26
C ILE XA 336 -47.34 -30.76 -57.31
N LEU XA 337 -46.83 -31.91 -56.88
CA LEU XA 337 -46.63 -33.05 -57.75
C LEU XA 337 -47.95 -33.68 -58.18
N ARG XA 338 -48.99 -33.60 -57.36
CA ARG XA 338 -50.26 -34.15 -57.78
C ARG XA 338 -51.04 -33.21 -58.69
N ALA XA 339 -50.64 -31.95 -58.78
CA ALA XA 339 -51.26 -31.00 -59.69
C ALA XA 339 -50.48 -30.82 -60.98
N ARG XA 340 -49.16 -31.04 -60.95
CA ARG XA 340 -48.37 -30.97 -62.16
C ARG XA 340 -48.62 -32.17 -63.06
N GLN XA 341 -49.12 -33.27 -62.52
CA GLN XA 341 -49.38 -34.44 -63.34
C GLN XA 341 -50.77 -34.38 -63.95
N PHE XA 342 -51.63 -33.51 -63.43
CA PHE XA 342 -52.96 -33.36 -63.98
C PHE XA 342 -53.02 -32.23 -65.01
N VAL XA 343 -52.28 -31.15 -64.78
CA VAL XA 343 -52.30 -30.05 -65.75
C VAL XA 343 -51.62 -30.42 -67.06
N ASP XA 344 -50.53 -31.19 -67.04
CA ASP XA 344 -49.91 -31.61 -68.29
C ASP XA 344 -50.76 -32.63 -69.03
N SER XA 345 -51.55 -33.41 -68.31
CA SER XA 345 -52.43 -34.35 -68.99
C SER XA 345 -53.70 -33.70 -69.48
N TYR XA 346 -54.01 -32.50 -69.01
CA TYR XA 346 -55.19 -31.82 -69.52
C TYR XA 346 -54.85 -30.87 -70.64
N TYR XA 347 -53.70 -30.20 -70.55
CA TYR XA 347 -53.25 -29.31 -71.60
C TYR XA 347 -52.88 -30.07 -72.86
N ARG XA 348 -52.52 -31.35 -72.71
CA ARG XA 348 -52.11 -32.15 -73.85
C ARG XA 348 -53.30 -32.49 -74.72
N THR XA 349 -54.48 -32.65 -74.11
CA THR XA 349 -55.64 -33.11 -74.84
C THR XA 349 -56.65 -32.03 -75.13
N TRP XA 350 -56.61 -30.90 -74.41
CA TRP XA 350 -57.60 -29.85 -74.61
C TRP XA 350 -57.02 -28.51 -75.06
N GLY XA 351 -55.74 -28.27 -74.91
CA GLY XA 351 -55.16 -27.01 -75.32
C GLY XA 351 -55.39 -25.92 -74.27
N GLY XA 352 -54.51 -24.92 -74.31
CA GLY XA 352 -54.61 -23.84 -73.34
C GLY XA 352 -55.33 -22.63 -73.88
N ARG XA 353 -56.32 -22.86 -74.73
CA ARG XA 353 -57.05 -21.78 -75.38
C ARG XA 353 -58.28 -21.34 -74.60
N TYR XA 354 -59.00 -22.26 -73.97
CA TYR XA 354 -60.25 -21.92 -73.30
C TYR XA 354 -60.13 -21.78 -71.79
N VAL XA 355 -59.61 -22.80 -71.12
CA VAL XA 355 -59.55 -22.86 -69.66
C VAL XA 355 -58.09 -22.84 -69.23
N GLN XA 356 -57.78 -21.98 -68.25
CA GLN XA 356 -56.40 -21.79 -67.82
C GLN XA 356 -56.28 -21.85 -66.31
N PHE XA 357 -55.22 -22.52 -65.86
CA PHE XA 357 -54.90 -22.68 -64.46
C PHE XA 357 -53.82 -21.69 -64.05
N ALA XA 358 -53.82 -21.32 -62.77
CA ALA XA 358 -52.87 -20.37 -62.20
C ALA XA 358 -52.36 -20.96 -60.89
N ILE XA 359 -51.23 -21.66 -60.96
CA ILE XA 359 -50.62 -22.26 -59.75
C ILE XA 359 -49.68 -21.18 -59.19
N GLU XA 360 -50.25 -20.30 -58.39
CA GLU XA 360 -49.48 -19.20 -57.81
C GLU XA 360 -49.15 -19.56 -56.37
N LEU XA 361 -47.93 -20.04 -56.14
CA LEU XA 361 -47.48 -20.46 -54.82
C LEU XA 361 -46.85 -19.31 -54.07
N LYS XA 362 -47.45 -18.94 -52.95
CA LYS XA 362 -46.96 -17.84 -52.13
C LYS XA 362 -47.20 -18.21 -50.68
N ASP XA 363 -46.59 -17.45 -49.78
CA ASP XA 363 -46.72 -17.72 -48.35
C ASP XA 363 -48.04 -17.15 -47.88
N ASP XA 364 -48.29 -17.19 -46.57
CA ASP XA 364 -49.56 -16.68 -46.08
C ASP XA 364 -49.44 -15.16 -46.10
N TRP XA 365 -50.32 -14.52 -46.85
CA TRP XA 365 -50.44 -13.08 -46.82
C TRP XA 365 -50.97 -12.62 -45.46
N LEU XA 366 -50.46 -11.47 -45.02
CA LEU XA 366 -50.64 -10.93 -43.67
C LEU XA 366 -50.19 -11.94 -42.63
N LYS XA 367 -48.88 -12.19 -42.66
CA LYS XA 367 -48.22 -13.37 -42.11
C LYS XA 367 -48.57 -13.65 -40.65
N GLY XA 368 -48.22 -12.74 -39.75
CA GLY XA 368 -48.52 -12.93 -38.35
C GLY XA 368 -49.30 -11.80 -37.74
N ARG XA 369 -50.15 -11.17 -38.55
CA ARG XA 369 -50.85 -9.97 -38.15
C ARG XA 369 -52.30 -10.32 -37.88
N SER XA 370 -52.80 -9.91 -36.73
CA SER XA 370 -54.22 -10.05 -36.44
C SER XA 370 -55.00 -8.97 -37.17
N PHE XA 371 -56.06 -9.37 -37.86
CA PHE XA 371 -56.84 -8.45 -38.67
C PHE XA 371 -58.32 -8.71 -38.42
N GLN XA 372 -59.14 -7.75 -38.81
CA GLN XA 372 -60.58 -7.79 -38.60
C GLN XA 372 -61.24 -7.70 -39.96
N TYR XA 373 -61.53 -8.84 -40.55
CA TYR XA 373 -61.93 -8.90 -41.95
C TYR XA 373 -63.38 -8.53 -42.15
N GLY XA 374 -63.68 -8.07 -43.37
CA GLY XA 374 -65.03 -7.96 -43.86
C GLY XA 374 -65.58 -6.55 -43.83
N ALA XA 375 -65.46 -5.86 -44.97
CA ALA XA 375 -66.19 -4.65 -45.35
C ALA XA 375 -65.86 -3.39 -44.55
N GLU XA 376 -65.20 -3.54 -43.41
CA GLU XA 376 -64.60 -2.45 -42.64
C GLU XA 376 -63.42 -3.11 -41.93
N GLY XA 377 -62.26 -3.05 -42.56
CA GLY XA 377 -61.13 -3.87 -42.15
C GLY XA 377 -59.96 -3.05 -41.68
N TYR XA 378 -59.17 -3.62 -40.80
CA TYR XA 378 -57.93 -2.99 -40.42
C TYR XA 378 -56.92 -4.06 -40.03
N ILE XA 379 -55.66 -3.69 -40.14
CA ILE XA 379 -54.55 -4.55 -39.77
C ILE XA 379 -53.87 -3.93 -38.56
N LYS XA 380 -53.57 -4.77 -37.57
CA LYS XA 380 -52.89 -4.34 -36.36
C LYS XA 380 -51.42 -4.66 -36.54
N MET XA 381 -50.66 -3.63 -36.89
CA MET XA 381 -49.22 -3.80 -37.08
C MET XA 381 -48.49 -4.07 -35.78
N SER XA 382 -49.12 -3.77 -34.66
CA SER XA 382 -48.55 -3.90 -33.33
C SER XA 382 -49.70 -3.91 -32.35
N PRO XA 383 -49.46 -4.24 -31.08
CA PRO XA 383 -50.50 -4.02 -30.07
C PRO XA 383 -50.98 -2.58 -29.97
N GLY XA 384 -50.18 -1.59 -30.38
CA GLY XA 384 -50.62 -0.22 -30.36
C GLY XA 384 -50.51 0.49 -31.70
N HIS XA 385 -50.85 -0.20 -32.78
CA HIS XA 385 -50.72 0.38 -34.11
C HIS XA 385 -51.82 -0.18 -34.99
N TRP XA 386 -52.60 0.72 -35.57
CA TRP XA 386 -53.66 0.36 -36.50
C TRP XA 386 -53.31 0.82 -37.90
N TYR XA 387 -53.92 0.16 -38.87
CA TYR XA 387 -53.65 0.46 -40.27
C TYR XA 387 -54.90 0.17 -41.06
N PHE XA 388 -55.33 1.10 -41.92
CA PHE XA 388 -56.59 0.96 -42.63
C PHE XA 388 -56.36 0.96 -44.14
N PRO XA 389 -55.94 -0.18 -44.70
CA PRO XA 389 -55.92 -0.32 -46.15
C PRO XA 389 -57.28 -0.81 -46.61
N SER XA 390 -57.36 -1.27 -47.86
CA SER XA 390 -58.49 -1.96 -48.47
C SER XA 390 -59.11 -3.02 -47.57
N PRO XA 391 -60.45 -3.22 -47.63
CA PRO XA 391 -61.10 -4.04 -46.60
C PRO XA 391 -60.74 -5.51 -46.70
N LEU XA 392 -59.93 -5.95 -45.75
CA LEU XA 392 -59.40 -7.30 -45.73
C LEU XA 392 -60.47 -8.29 -45.33
N ASP YA 20 1.28 4.25 -96.31
CA ASP YA 20 1.86 3.15 -95.54
C ASP YA 20 2.60 3.66 -94.30
N LYS YA 21 2.33 4.90 -93.92
CA LYS YA 21 2.95 5.51 -92.75
C LYS YA 21 2.30 4.96 -91.49
N ASP YA 22 3.11 4.42 -90.59
CA ASP YA 22 2.57 3.85 -89.37
C ASP YA 22 2.16 4.96 -88.40
N LEU YA 23 1.17 4.66 -87.57
CA LEU YA 23 0.71 5.60 -86.57
C LEU YA 23 0.61 5.05 -85.15
N LEU YA 24 0.46 3.75 -84.97
CA LEU YA 24 0.51 3.19 -83.62
C LEU YA 24 1.29 1.89 -83.64
N LYS YA 25 2.09 1.68 -82.61
CA LYS YA 25 2.84 0.45 -82.47
C LYS YA 25 3.00 0.12 -81.00
N GLY YA 26 3.37 -1.13 -80.73
CA GLY YA 26 3.48 -1.62 -79.38
C GLY YA 26 2.15 -1.78 -78.68
N LEU YA 27 1.11 -2.13 -79.42
CA LEU YA 27 -0.24 -2.18 -78.88
C LEU YA 27 -0.50 -3.53 -78.20
N ASP YA 28 -1.75 -3.79 -77.87
CA ASP YA 28 -2.17 -5.04 -77.27
C ASP YA 28 -3.18 -5.74 -78.17
N GLN YA 29 -3.33 -7.05 -77.93
CA GLN YA 29 -4.23 -7.87 -78.73
C GLN YA 29 -5.68 -7.42 -78.57
N GLU YA 30 -6.07 -7.01 -77.36
CA GLU YA 30 -7.41 -6.49 -77.16
C GLU YA 30 -7.56 -5.06 -77.61
N GLN YA 31 -6.47 -4.31 -77.72
CA GLN YA 31 -6.56 -2.93 -78.16
C GLN YA 31 -6.64 -2.80 -79.68
N ALA YA 32 -5.88 -3.64 -80.39
CA ALA YA 32 -5.82 -3.49 -81.84
C ALA YA 32 -7.11 -3.92 -82.52
N ASN YA 33 -7.87 -4.83 -81.92
CA ASN YA 33 -9.15 -5.16 -82.52
C ASN YA 33 -10.19 -4.08 -82.29
N GLU YA 34 -9.95 -3.20 -81.33
CA GLU YA 34 -10.86 -2.09 -81.11
C GLU YA 34 -10.52 -0.92 -81.99
N VAL YA 35 -9.22 -0.71 -82.24
CA VAL YA 35 -8.85 0.36 -83.17
C VAL YA 35 -9.24 -0.04 -84.59
N ILE YA 36 -9.16 -1.34 -84.92
CA ILE YA 36 -9.58 -1.76 -86.24
C ILE YA 36 -11.10 -1.63 -86.39
N ALA YA 37 -11.84 -2.03 -85.35
CA ALA YA 37 -13.30 -1.96 -85.47
C ALA YA 37 -13.82 -0.53 -85.46
N VAL YA 38 -13.06 0.43 -84.93
CA VAL YA 38 -13.51 1.81 -85.03
C VAL YA 38 -13.16 2.39 -86.41
N LEU YA 39 -11.94 2.10 -86.92
CA LEU YA 39 -11.56 2.69 -88.20
C LEU YA 39 -12.34 2.12 -89.37
N GLN YA 40 -12.71 0.84 -89.31
CA GLN YA 40 -13.51 0.29 -90.41
C GLN YA 40 -14.91 0.88 -90.48
N MET YA 41 -15.42 1.43 -89.38
CA MET YA 41 -16.70 2.11 -89.42
C MET YA 41 -16.66 3.43 -90.19
N HIS YA 42 -15.49 4.03 -90.35
CA HIS YA 42 -15.41 5.34 -91.00
C HIS YA 42 -14.71 5.25 -92.34
N ASN YA 43 -14.91 4.11 -93.03
CA ASN YA 43 -14.57 3.90 -94.43
C ASN YA 43 -13.07 4.00 -94.70
N ILE YA 44 -12.24 3.64 -93.73
CA ILE YA 44 -10.80 3.52 -93.95
C ILE YA 44 -10.33 2.18 -93.42
N GLU YA 45 -9.44 1.53 -94.16
CA GLU YA 45 -8.96 0.20 -93.83
C GLU YA 45 -7.64 0.30 -93.09
N ALA YA 46 -7.36 -0.69 -92.26
CA ALA YA 46 -6.12 -0.75 -91.51
C ALA YA 46 -5.49 -2.12 -91.63
N ASN YA 47 -4.20 -2.20 -91.28
CA ASN YA 47 -3.48 -3.47 -91.34
C ASN YA 47 -2.79 -3.72 -90.02
N LYS YA 48 -3.02 -4.91 -89.48
CA LYS YA 48 -2.43 -5.38 -88.22
C LYS YA 48 -1.14 -6.14 -88.47
N ILE YA 49 -0.01 -5.53 -88.17
CA ILE YA 49 1.31 -6.12 -88.41
C ILE YA 49 1.87 -6.60 -87.08
N ASP YA 50 2.08 -7.90 -86.97
CA ASP YA 50 2.66 -8.49 -85.77
C ASP YA 50 4.17 -8.21 -85.75
N SER YA 51 4.74 -8.12 -84.54
CA SER YA 51 6.17 -7.88 -84.44
C SER YA 51 6.86 -8.74 -83.39
N GLY YA 52 6.21 -9.82 -82.94
CA GLY YA 52 6.87 -10.74 -82.03
C GLY YA 52 6.92 -10.21 -80.61
N LYS YA 53 8.11 -9.83 -80.16
CA LYS YA 53 8.27 -9.41 -78.77
C LYS YA 53 7.79 -7.99 -78.54
N LEU YA 54 7.85 -7.14 -79.55
CA LEU YA 54 7.54 -5.74 -79.36
C LEU YA 54 6.04 -5.50 -79.26
N GLY YA 55 5.26 -6.17 -80.10
CA GLY YA 55 3.83 -5.96 -80.06
C GLY YA 55 3.20 -5.91 -81.43
N TYR YA 56 2.08 -5.21 -81.54
CA TYR YA 56 1.38 -5.09 -82.80
C TYR YA 56 1.58 -3.69 -83.34
N SER YA 57 1.16 -3.50 -84.59
CA SER YA 57 1.28 -2.21 -85.24
C SER YA 57 0.11 -2.08 -86.20
N ILE YA 58 -0.30 -0.86 -86.47
CA ILE YA 58 -1.45 -0.60 -87.32
C ILE YA 58 -1.03 0.41 -88.37
N THR YA 59 -1.11 0.01 -89.63
CA THR YA 59 -0.75 0.89 -90.73
C THR YA 59 -1.93 1.11 -91.66
N VAL YA 60 -2.16 2.36 -92.01
CA VAL YA 60 -3.20 2.74 -92.95
C VAL YA 60 -2.51 3.25 -94.21
N ALA YA 61 -3.31 3.52 -95.23
CA ALA YA 61 -2.74 4.01 -96.49
C ALA YA 61 -2.31 5.47 -96.36
N GLU YA 62 -1.68 5.99 -97.41
CA GLU YA 62 -1.18 7.36 -97.36
C GLU YA 62 -2.26 8.45 -97.47
N PRO YA 63 -3.24 8.39 -98.39
CA PRO YA 63 -4.28 9.43 -98.35
C PRO YA 63 -5.24 9.32 -97.17
N ASP YA 64 -5.32 8.16 -96.52
CA ASP YA 64 -6.18 7.95 -95.37
C ASP YA 64 -5.49 8.18 -94.05
N PHE YA 65 -4.49 9.05 -94.01
CA PHE YA 65 -3.78 9.35 -92.78
C PHE YA 65 -4.37 10.54 -92.04
N THR YA 66 -4.86 11.53 -92.80
CA THR YA 66 -5.46 12.71 -92.20
C THR YA 66 -6.77 12.39 -91.50
N ALA YA 67 -7.57 11.48 -92.06
CA ALA YA 67 -8.83 11.14 -91.41
C ALA YA 67 -8.58 10.26 -90.19
N ALA YA 68 -7.60 9.37 -90.28
CA ALA YA 68 -7.38 8.43 -89.20
C ALA YA 68 -6.75 9.10 -87.98
N VAL YA 69 -5.96 10.17 -88.19
CA VAL YA 69 -5.44 10.83 -87.00
C VAL YA 69 -6.57 11.57 -86.28
N TYR YA 70 -7.55 12.08 -87.04
CA TYR YA 70 -8.66 12.80 -86.42
C TYR YA 70 -9.55 11.85 -85.65
N TRP YA 71 -9.68 10.61 -86.11
CA TRP YA 71 -10.52 9.72 -85.32
C TRP YA 71 -9.76 9.08 -84.16
N ILE YA 72 -8.41 9.11 -84.18
CA ILE YA 72 -7.67 8.71 -83.00
C ILE YA 72 -7.82 9.76 -81.90
N LYS YA 73 -7.75 11.04 -82.30
CA LYS YA 73 -7.86 12.13 -81.34
C LYS YA 73 -9.28 12.21 -80.79
N THR YA 74 -10.27 11.92 -81.62
CA THR YA 74 -11.65 12.03 -81.17
C THR YA 74 -11.99 10.87 -80.23
N TYR YA 75 -11.69 9.65 -80.63
CA TYR YA 75 -12.08 8.49 -79.84
C TYR YA 75 -11.13 8.14 -78.70
N GLN YA 76 -10.10 8.95 -78.40
CA GLN YA 76 -9.18 8.72 -77.26
C GLN YA 76 -8.44 7.40 -77.35
N LEU YA 77 -8.15 6.95 -78.52
CA LEU YA 77 -7.45 5.69 -78.70
C LEU YA 77 -5.97 5.84 -78.39
N PRO YA 78 -5.32 4.76 -77.88
CA PRO YA 78 -5.78 3.41 -77.56
C PRO YA 78 -6.56 3.36 -76.26
N PRO YA 79 -7.45 2.38 -76.10
CA PRO YA 79 -8.26 2.32 -74.89
C PRO YA 79 -7.40 1.92 -73.71
N ARG YA 80 -7.69 2.52 -72.57
CA ARG YA 80 -7.02 2.12 -71.35
C ARG YA 80 -7.58 0.78 -70.87
N PRO YA 81 -6.80 0.02 -70.11
CA PRO YA 81 -7.36 -1.20 -69.50
C PRO YA 81 -8.41 -0.88 -68.47
N ARG YA 82 -9.44 -1.72 -68.42
CA ARG YA 82 -10.60 -1.45 -67.60
C ARG YA 82 -10.27 -1.65 -66.14
N VAL YA 83 -10.75 -0.74 -65.32
CA VAL YA 83 -10.36 -0.63 -63.92
C VAL YA 83 -11.41 -1.32 -63.07
N GLU YA 84 -10.96 -2.05 -62.07
CA GLU YA 84 -11.84 -2.70 -61.13
C GLU YA 84 -11.39 -2.31 -59.73
N ILE YA 85 -12.33 -2.31 -58.78
CA ILE YA 85 -12.02 -1.79 -57.45
C ILE YA 85 -11.14 -2.76 -56.68
N ALA YA 86 -11.17 -4.05 -57.00
CA ALA YA 86 -10.31 -4.99 -56.30
C ALA YA 86 -8.86 -4.88 -56.74
N GLN YA 87 -8.58 -4.15 -57.83
CA GLN YA 87 -7.22 -3.96 -58.29
C GLN YA 87 -6.45 -2.97 -57.43
N MET YA 88 -7.14 -2.13 -56.66
CA MET YA 88 -6.45 -1.13 -55.86
C MET YA 88 -6.32 -1.53 -54.41
N PHE YA 89 -6.75 -2.75 -54.07
CA PHE YA 89 -6.47 -3.35 -52.77
C PHE YA 89 -6.12 -4.80 -53.05
N PRO YA 90 -4.89 -5.06 -53.46
CA PRO YA 90 -4.52 -6.40 -53.93
C PRO YA 90 -4.40 -7.38 -52.77
N ALA YA 91 -4.83 -8.62 -53.04
CA ALA YA 91 -4.84 -9.64 -52.00
C ALA YA 91 -3.43 -10.09 -51.63
N ASP YA 92 -2.48 -9.96 -52.56
CA ASP YA 92 -1.11 -10.36 -52.28
C ASP YA 92 -0.35 -9.31 -51.48
N SER YA 93 -0.97 -8.17 -51.19
CA SER YA 93 -0.33 -7.17 -50.35
C SER YA 93 -0.30 -7.66 -48.91
N LEU YA 94 0.59 -7.05 -48.13
CA LEU YA 94 0.82 -7.47 -46.75
C LEU YA 94 -0.10 -6.75 -45.76
N VAL YA 95 -1.02 -5.92 -46.23
CA VAL YA 95 -2.00 -5.25 -45.38
C VAL YA 95 -3.41 -5.67 -45.81
N SER YA 96 -4.28 -5.86 -44.81
CA SER YA 96 -5.71 -6.12 -45.04
C SER YA 96 -6.52 -5.44 -43.93
N SER YA 97 -6.93 -4.21 -44.16
CA SER YA 97 -7.81 -3.54 -43.23
C SER YA 97 -9.25 -4.01 -43.44
N PRO YA 98 -10.13 -3.79 -42.46
CA PRO YA 98 -11.57 -4.07 -42.69
C PRO YA 98 -12.18 -3.18 -43.76
N ARG YA 99 -11.55 -2.05 -44.05
CA ARG YA 99 -11.97 -1.25 -45.19
C ARG YA 99 -11.50 -1.91 -46.46
N ALA YA 100 -10.35 -2.57 -46.41
CA ALA YA 100 -9.80 -3.23 -47.57
C ALA YA 100 -10.35 -4.64 -47.72
N GLU YA 101 -11.28 -5.03 -46.86
CA GLU YA 101 -12.02 -6.26 -47.06
C GLU YA 101 -13.44 -6.00 -47.47
N LYS YA 102 -14.05 -4.92 -46.95
CA LYS YA 102 -15.37 -4.55 -47.41
C LYS YA 102 -15.31 -3.92 -48.79
N ALA YA 103 -14.16 -3.41 -49.20
CA ALA YA 103 -14.06 -2.90 -50.56
C ALA YA 103 -13.53 -3.94 -51.53
N ARG YA 104 -13.03 -5.07 -51.05
CA ARG YA 104 -12.67 -6.17 -51.93
C ARG YA 104 -13.80 -7.16 -52.12
N LEU YA 105 -14.76 -7.21 -51.20
CA LEU YA 105 -15.91 -8.09 -51.38
C LEU YA 105 -16.95 -7.48 -52.31
N TYR YA 106 -17.19 -6.18 -52.15
CA TYR YA 106 -18.15 -5.51 -53.00
C TYR YA 106 -17.64 -5.41 -54.43
N SER YA 107 -16.33 -5.42 -54.62
CA SER YA 107 -15.81 -5.34 -55.97
C SER YA 107 -15.82 -6.67 -56.67
N ALA YA 108 -16.16 -7.76 -55.98
CA ALA YA 108 -16.34 -9.03 -56.66
C ALA YA 108 -17.81 -9.36 -56.82
N ILE YA 109 -18.68 -8.71 -56.06
CA ILE YA 109 -20.09 -8.97 -56.26
C ILE YA 109 -20.58 -8.27 -57.53
N GLU YA 110 -20.15 -7.02 -57.77
CA GLU YA 110 -20.62 -6.34 -58.96
C GLU YA 110 -19.96 -6.84 -60.25
N GLN YA 111 -18.90 -7.64 -60.15
CA GLN YA 111 -18.40 -8.32 -61.33
C GLN YA 111 -19.13 -9.63 -61.56
N ARG YA 112 -19.52 -10.31 -60.48
CA ARG YA 112 -20.26 -11.54 -60.70
C ARG YA 112 -21.68 -11.27 -61.14
N LEU YA 113 -22.25 -10.13 -60.74
CA LEU YA 113 -23.58 -9.77 -61.23
C LEU YA 113 -23.53 -9.37 -62.70
N GLU YA 114 -22.44 -8.77 -63.14
CA GLU YA 114 -22.36 -8.39 -64.54
C GLU YA 114 -22.17 -9.61 -65.41
N GLN YA 115 -21.38 -10.59 -64.93
CA GLN YA 115 -21.29 -11.83 -65.70
C GLN YA 115 -22.58 -12.63 -65.62
N SER YA 116 -23.38 -12.42 -64.58
CA SER YA 116 -24.66 -13.09 -64.48
C SER YA 116 -25.72 -12.43 -65.34
N LEU YA 117 -25.46 -11.22 -65.79
CA LEU YA 117 -26.42 -10.51 -66.63
C LEU YA 117 -26.22 -10.76 -68.12
N GLN YA 118 -25.05 -11.22 -68.55
CA GLN YA 118 -24.82 -11.49 -69.96
C GLN YA 118 -25.44 -12.80 -70.44
N THR YA 119 -26.03 -13.60 -69.55
CA THR YA 119 -26.66 -14.84 -69.98
C THR YA 119 -28.19 -14.76 -70.04
N MET YA 120 -28.76 -13.56 -70.04
CA MET YA 120 -30.18 -13.43 -70.25
C MET YA 120 -30.49 -13.49 -71.74
N GLU YA 121 -31.77 -13.43 -72.09
CA GLU YA 121 -32.23 -13.56 -73.47
C GLU YA 121 -32.18 -12.21 -74.19
N GLY YA 122 -31.17 -12.02 -75.04
CA GLY YA 122 -31.10 -10.85 -75.87
C GLY YA 122 -30.18 -9.76 -75.42
N VAL YA 123 -29.37 -10.00 -74.40
CA VAL YA 123 -28.44 -9.02 -73.87
C VAL YA 123 -27.04 -9.29 -74.42
N LEU YA 124 -26.38 -8.24 -74.89
CA LEU YA 124 -25.02 -8.37 -75.37
C LEU YA 124 -23.98 -7.86 -74.36
N SER YA 125 -24.28 -6.78 -73.66
CA SER YA 125 -23.36 -6.26 -72.65
C SER YA 125 -24.17 -5.64 -71.52
N ALA YA 126 -23.53 -5.52 -70.36
CA ALA YA 126 -24.16 -4.95 -69.19
C ALA YA 126 -23.09 -4.46 -68.24
N ARG YA 127 -23.46 -3.52 -67.37
CA ARG YA 127 -22.54 -2.96 -66.39
C ARG YA 127 -23.30 -2.57 -65.12
N VAL YA 128 -22.82 -3.04 -63.96
CA VAL YA 128 -23.52 -2.88 -62.69
C VAL YA 128 -22.62 -2.12 -61.72
N HIS YA 129 -23.21 -1.14 -61.02
CA HIS YA 129 -22.56 -0.31 -60.01
C HIS YA 129 -23.29 -0.40 -58.68
N ILE YA 130 -22.55 -0.72 -57.61
CA ILE YA 130 -23.08 -0.78 -56.26
C ILE YA 130 -22.62 0.46 -55.52
N SER YA 131 -23.47 0.99 -54.64
CA SER YA 131 -23.08 2.13 -53.81
C SER YA 131 -22.25 1.65 -52.64
N TYR YA 132 -21.06 2.22 -52.46
CA TYR YA 132 -20.16 1.71 -51.44
C TYR YA 132 -20.38 2.47 -50.14
N ASP YA 133 -20.60 1.73 -49.07
CA ASP YA 133 -20.58 2.24 -47.70
C ASP YA 133 -19.51 1.47 -46.92
N ILE YA 134 -18.58 2.20 -46.31
CA ILE YA 134 -17.42 1.57 -45.68
C ILE YA 134 -17.22 1.84 -44.19
N ASP YA 135 -17.72 2.97 -43.69
CA ASP YA 135 -17.50 3.33 -42.28
C ASP YA 135 -18.73 3.20 -41.39
N ALA YA 136 -19.79 2.53 -41.83
CA ALA YA 136 -20.95 2.38 -40.96
C ALA YA 136 -20.69 1.34 -39.88
N GLY YA 137 -19.90 0.31 -40.19
CA GLY YA 137 -19.61 -0.72 -39.22
C GLY YA 137 -18.55 -0.33 -38.20
N GLU YA 138 -17.84 0.77 -38.44
CA GLU YA 138 -16.84 1.20 -37.47
C GLU YA 138 -17.52 1.95 -36.33
N ASN YA 139 -18.57 2.70 -36.66
CA ASN YA 139 -19.29 3.55 -35.74
C ASN YA 139 -20.59 2.87 -35.33
N GLY YA 140 -21.19 3.38 -34.27
CA GLY YA 140 -22.42 2.82 -33.74
C GLY YA 140 -23.67 3.07 -34.58
N ARG YA 141 -23.59 3.92 -35.60
CA ARG YA 141 -24.73 4.20 -36.45
C ARG YA 141 -25.04 3.05 -37.40
N PRO YA 142 -26.33 2.81 -37.69
CA PRO YA 142 -26.69 1.74 -38.60
C PRO YA 142 -26.33 2.08 -40.04
N PRO YA 143 -26.09 1.09 -40.89
CA PRO YA 143 -25.77 1.37 -42.29
C PRO YA 143 -26.97 1.88 -43.06
N LYS YA 144 -26.68 2.68 -44.07
CA LYS YA 144 -27.71 3.31 -44.90
C LYS YA 144 -28.25 2.27 -45.87
N PRO YA 145 -29.25 2.63 -46.66
CA PRO YA 145 -29.76 1.68 -47.65
C PRO YA 145 -28.78 1.51 -48.80
N VAL YA 146 -28.99 0.47 -49.59
CA VAL YA 146 -28.11 0.10 -50.70
C VAL YA 146 -28.72 0.55 -52.01
N HIS YA 147 -27.91 1.16 -52.86
CA HIS YA 147 -28.36 1.65 -54.17
C HIS YA 147 -27.58 0.92 -55.25
N LEU YA 148 -28.27 0.64 -56.36
CA LEU YA 148 -27.71 -0.09 -57.49
C LEU YA 148 -28.02 0.65 -58.78
N SER YA 149 -27.15 0.48 -59.78
CA SER YA 149 -27.41 1.06 -61.09
C SER YA 149 -26.85 0.18 -62.17
N ALA YA 150 -27.57 0.02 -63.28
CA ALA YA 150 -27.14 -0.92 -64.30
C ALA YA 150 -27.43 -0.40 -65.71
N LEU YA 151 -26.47 -0.62 -66.60
CA LEU YA 151 -26.64 -0.33 -68.01
C LEU YA 151 -26.68 -1.64 -68.81
N ALA YA 152 -27.26 -1.59 -69.99
CA ALA YA 152 -27.39 -2.79 -70.82
C ALA YA 152 -27.55 -2.42 -72.28
N VAL YA 153 -27.08 -3.32 -73.15
CA VAL YA 153 -27.22 -3.18 -74.59
C VAL YA 153 -27.91 -4.40 -75.17
N TYR YA 154 -29.10 -4.20 -75.73
CA TYR YA 154 -29.95 -5.26 -76.24
C TYR YA 154 -29.83 -5.35 -77.75
N GLU YA 155 -30.08 -6.55 -78.27
CA GLU YA 155 -30.19 -6.74 -79.71
C GLU YA 155 -31.46 -6.08 -80.24
N ARG YA 156 -31.37 -5.51 -81.45
CA ARG YA 156 -32.49 -4.78 -82.01
C ARG YA 156 -33.57 -5.76 -82.49
N GLY YA 157 -34.77 -5.22 -82.63
CA GLY YA 157 -35.95 -6.02 -82.85
C GLY YA 157 -36.65 -6.47 -81.59
N SER YA 158 -36.19 -6.01 -80.43
CA SER YA 158 -36.71 -6.31 -79.11
C SER YA 158 -37.58 -5.18 -78.59
N PRO YA 159 -38.70 -5.47 -77.95
CA PRO YA 159 -39.51 -4.40 -77.37
C PRO YA 159 -38.94 -3.93 -76.05
N LEU YA 160 -37.98 -3.00 -76.11
CA LEU YA 160 -37.09 -2.67 -75.00
C LEU YA 160 -37.75 -1.82 -73.91
N ALA YA 161 -39.06 -1.66 -73.91
CA ALA YA 161 -39.75 -1.07 -72.77
C ALA YA 161 -40.17 -2.09 -71.73
N HIS YA 162 -40.31 -3.36 -72.10
CA HIS YA 162 -40.82 -4.41 -71.23
C HIS YA 162 -39.74 -5.15 -70.45
N GLN YA 163 -38.50 -5.15 -70.91
CA GLN YA 163 -37.45 -5.86 -70.20
C GLN YA 163 -36.90 -5.11 -68.98
N ILE YA 164 -37.39 -3.90 -68.67
CA ILE YA 164 -36.89 -3.20 -67.49
C ILE YA 164 -37.44 -3.76 -66.19
N SER YA 165 -38.49 -4.56 -66.24
CA SER YA 165 -39.02 -5.13 -65.01
C SER YA 165 -38.45 -6.49 -64.66
N ASP YA 166 -37.89 -7.19 -65.63
CA ASP YA 166 -37.25 -8.47 -65.31
C ASP YA 166 -35.89 -8.25 -64.67
N ILE YA 167 -35.21 -7.17 -65.04
CA ILE YA 167 -33.93 -6.89 -64.42
C ILE YA 167 -34.13 -6.32 -63.03
N LYS YA 168 -35.21 -5.54 -62.83
CA LYS YA 168 -35.47 -5.02 -61.50
C LYS YA 168 -35.96 -6.11 -60.55
N ARG YA 169 -36.63 -7.13 -61.10
CA ARG YA 169 -37.02 -8.25 -60.25
C ARG YA 169 -35.80 -9.08 -59.91
N PHE YA 170 -34.85 -9.17 -60.82
CA PHE YA 170 -33.67 -9.98 -60.55
C PHE YA 170 -32.74 -9.27 -59.55
N LEU YA 171 -32.62 -7.95 -59.65
CA LEU YA 171 -31.72 -7.22 -58.77
C LEU YA 171 -32.34 -6.91 -57.42
N LYS YA 172 -33.63 -7.13 -57.22
CA LYS YA 172 -34.26 -6.65 -56.00
C LYS YA 172 -33.86 -7.48 -54.79
N ASN YA 173 -33.85 -8.80 -54.93
CA ASN YA 173 -33.49 -9.63 -53.79
C ASN YA 173 -32.20 -10.37 -54.05
N SER YA 174 -31.19 -9.67 -54.57
CA SER YA 174 -29.82 -10.14 -54.51
C SER YA 174 -29.01 -9.37 -53.48
N PHE YA 175 -29.70 -8.69 -52.57
CA PHE YA 175 -29.08 -7.93 -51.50
C PHE YA 175 -30.00 -7.99 -50.29
N ALA YA 176 -29.69 -7.20 -49.27
CA ALA YA 176 -30.43 -7.31 -48.02
C ALA YA 176 -31.81 -6.69 -48.16
N ASP YA 177 -31.88 -5.38 -48.37
CA ASP YA 177 -33.17 -4.70 -48.49
C ASP YA 177 -32.99 -3.47 -49.38
N VAL YA 178 -33.30 -3.64 -50.65
CA VAL YA 178 -33.35 -2.50 -51.56
C VAL YA 178 -34.80 -2.32 -51.97
N ASP YA 179 -35.11 -1.12 -52.44
CA ASP YA 179 -36.45 -0.83 -52.94
C ASP YA 179 -36.43 -0.85 -54.46
N TYR YA 180 -37.60 -0.68 -55.06
CA TYR YA 180 -37.67 -0.57 -56.51
C TYR YA 180 -37.38 0.85 -56.99
N ASP YA 181 -37.19 1.80 -56.09
CA ASP YA 181 -36.85 3.15 -56.51
C ASP YA 181 -35.38 3.47 -56.36
N ASN YA 182 -34.60 2.61 -55.71
CA ASN YA 182 -33.17 2.79 -55.59
C ASN YA 182 -32.39 1.97 -56.61
N ILE YA 183 -33.06 1.45 -57.62
CA ILE YA 183 -32.41 0.72 -58.71
C ILE YA 183 -32.67 1.49 -59.98
N SER YA 184 -31.66 1.61 -60.83
CA SER YA 184 -31.82 2.33 -62.08
C SER YA 184 -31.21 1.56 -63.22
N VAL YA 185 -32.04 1.20 -64.19
CA VAL YA 185 -31.63 0.44 -65.36
C VAL YA 185 -31.81 1.34 -66.57
N VAL YA 186 -30.72 1.63 -67.24
CA VAL YA 186 -30.73 2.43 -68.45
C VAL YA 186 -30.17 1.56 -69.57
N LEU YA 187 -31.03 1.14 -70.48
CA LEU YA 187 -30.61 0.21 -71.51
C LEU YA 187 -30.98 0.77 -72.87
N SER YA 188 -30.31 0.26 -73.90
CA SER YA 188 -30.52 0.77 -75.24
C SER YA 188 -30.27 -0.34 -76.24
N GLU YA 189 -30.63 -0.09 -77.49
CA GLU YA 189 -30.43 -1.07 -78.53
C GLU YA 189 -29.12 -0.81 -79.27
N ARG YA 190 -28.57 -1.86 -79.85
CA ARG YA 190 -27.28 -1.75 -80.52
C ARG YA 190 -27.41 -1.02 -81.85
N SER YA 191 -26.27 -0.59 -82.36
CA SER YA 191 -26.22 0.19 -83.58
C SER YA 191 -26.42 -0.72 -84.79
N ASP YA 192 -26.50 -0.10 -85.97
CA ASP YA 192 -26.65 -0.87 -87.20
C ASP YA 192 -25.33 -1.55 -87.56
N ALA YA 193 -25.45 -2.76 -88.08
CA ALA YA 193 -24.30 -3.62 -88.34
C ALA YA 193 -23.49 -3.14 -89.53
N GLN YA 194 -22.17 -3.32 -89.45
CA GLN YA 194 -21.22 -3.01 -90.51
C GLN YA 194 -20.76 -4.33 -91.11
N LEU YA 195 -21.34 -4.69 -92.25
CA LEU YA 195 -21.09 -5.98 -92.87
C LEU YA 195 -20.24 -5.91 -94.13
N GLN YA 196 -20.24 -4.79 -94.84
CA GLN YA 196 -19.55 -4.70 -96.12
C GLN YA 196 -18.14 -4.16 -95.92
N ALA YA 197 -17.28 -4.46 -96.89
CA ALA YA 197 -15.89 -4.05 -96.82
C ALA YA 197 -15.75 -2.55 -97.08
N PRO YA 198 -14.75 -1.89 -96.45
CA PRO YA 198 -14.58 -0.45 -96.64
C PRO YA 198 -14.17 0.00 -98.04
N GLY YA 199 -13.07 -0.55 -98.55
CA GLY YA 199 -12.60 -0.15 -99.86
C GLY YA 199 -11.22 0.46 -99.89
N THR YA 200 -10.46 0.17 -100.96
CA THR YA 200 -9.08 0.62 -101.14
C THR YA 200 -9.06 1.95 -101.89
N PRO YA 201 -8.29 2.94 -101.43
CA PRO YA 201 -8.19 4.20 -102.16
C PRO YA 201 -7.46 4.09 -103.49
N VAL YA 202 -8.17 4.28 -104.60
CA VAL YA 202 -7.55 4.23 -105.92
C VAL YA 202 -6.77 5.52 -106.17
N LYS YA 203 -5.48 5.39 -106.44
CA LYS YA 203 -4.63 6.55 -106.68
C LYS YA 203 -3.80 6.37 -107.94
N ASP ZA 20 12.04 20.43 -92.81
CA ASP ZA 20 13.23 19.78 -92.28
C ASP ZA 20 13.55 20.27 -90.87
N LYS ZA 21 13.10 21.47 -90.55
CA LYS ZA 21 13.33 22.00 -89.21
C LYS ZA 21 12.45 21.26 -88.20
N ASP ZA 22 13.00 21.02 -87.02
CA ASP ZA 22 12.33 20.22 -86.01
C ASP ZA 22 11.61 21.09 -84.98
N LEU ZA 23 10.44 20.64 -84.56
CA LEU ZA 23 9.70 21.34 -83.51
C LEU ZA 23 10.04 20.71 -82.17
N LEU ZA 24 9.73 19.43 -82.03
CA LEU ZA 24 9.92 18.68 -80.81
C LEU ZA 24 10.64 17.37 -81.13
N LYS ZA 25 11.28 16.81 -80.13
CA LYS ZA 25 11.89 15.50 -80.28
C LYS ZA 25 11.87 14.82 -78.92
N GLY ZA 26 12.07 13.52 -78.93
CA GLY ZA 26 11.98 12.77 -77.69
C GLY ZA 26 10.56 12.71 -77.18
N LEU ZA 27 9.58 12.76 -78.07
CA LEU ZA 27 8.17 12.78 -77.68
C LEU ZA 27 7.70 11.36 -77.37
N ASP ZA 28 6.40 11.18 -77.20
CA ASP ZA 28 5.87 9.86 -76.91
C ASP ZA 28 4.91 9.43 -78.02
N GLN ZA 29 4.37 8.23 -77.87
CA GLN ZA 29 3.45 7.68 -78.86
C GLN ZA 29 2.09 8.35 -78.79
N GLU ZA 30 1.60 8.61 -77.59
CA GLU ZA 30 0.29 9.25 -77.45
C GLU ZA 30 0.36 10.76 -77.57
N GLN ZA 31 1.55 11.35 -77.42
CA GLN ZA 31 1.70 12.79 -77.58
C GLN ZA 31 1.96 13.22 -79.02
N ALA ZA 32 2.66 12.40 -79.80
CA ALA ZA 32 2.93 12.83 -81.17
C ALA ZA 32 1.70 12.73 -82.05
N ASN ZA 33 0.78 11.83 -81.70
CA ASN ZA 33 -0.44 11.70 -82.46
C ASN ZA 33 -1.46 12.75 -82.08
N GLU ZA 34 -1.15 13.58 -81.10
CA GLU ZA 34 -1.97 14.71 -80.73
C GLU ZA 34 -1.42 16.00 -81.31
N VAL ZA 35 -0.09 16.15 -81.33
CA VAL ZA 35 0.48 17.34 -81.95
C VAL ZA 35 0.27 17.34 -83.46
N ILE ZA 36 0.27 16.16 -84.10
CA ILE ZA 36 -0.01 16.16 -85.54
C ILE ZA 36 -1.48 16.52 -85.79
N ALA ZA 37 -2.40 15.99 -84.96
CA ALA ZA 37 -3.82 16.27 -85.11
C ALA ZA 37 -4.15 17.71 -84.79
N VAL ZA 38 -3.28 18.41 -84.06
CA VAL ZA 38 -3.52 19.82 -83.80
C VAL ZA 38 -3.03 20.65 -84.97
N LEU ZA 39 -1.84 20.32 -85.51
CA LEU ZA 39 -1.29 21.12 -86.61
C LEU ZA 39 -2.06 20.91 -87.91
N GLN ZA 40 -2.62 19.73 -88.13
CA GLN ZA 40 -3.38 19.49 -89.36
C GLN ZA 40 -4.71 20.26 -89.37
N MET ZA 41 -5.17 20.75 -88.23
CA MET ZA 41 -6.37 21.58 -88.23
C MET ZA 41 -6.11 22.96 -88.82
N HIS ZA 42 -4.87 23.42 -88.83
CA HIS ZA 42 -4.57 24.78 -89.28
C HIS ZA 42 -3.77 24.73 -90.56
N ASN ZA 43 -4.05 23.73 -91.40
CA ASN ZA 43 -3.62 23.66 -92.80
C ASN ZA 43 -2.10 23.59 -92.94
N ILE ZA 44 -1.40 22.95 -91.99
CA ILE ZA 44 0.02 22.68 -92.17
C ILE ZA 44 0.28 21.20 -91.93
N GLU ZA 45 1.23 20.66 -92.68
CA GLU ZA 45 1.50 19.23 -92.70
C GLU ZA 45 2.83 18.96 -92.02
N ALA ZA 46 2.84 17.98 -91.11
CA ALA ZA 46 4.03 17.63 -90.36
C ALA ZA 46 4.38 16.18 -90.61
N ASN ZA 47 5.59 15.80 -90.21
CA ASN ZA 47 6.09 14.45 -90.36
C ASN ZA 47 6.48 13.90 -89.00
N LYS ZA 48 6.24 12.60 -88.85
CA LYS ZA 48 6.57 11.83 -87.65
C LYS ZA 48 7.69 10.86 -87.99
N ILE ZA 49 8.84 11.05 -87.35
CA ILE ZA 49 10.04 10.28 -87.64
C ILE ZA 49 10.42 9.54 -86.37
N ASP ZA 50 10.41 8.21 -86.44
CA ASP ZA 50 10.81 7.40 -85.31
C ASP ZA 50 12.33 7.44 -85.14
N SER ZA 51 12.76 7.20 -83.90
CA SER ZA 51 14.20 7.17 -83.64
C SER ZA 51 14.59 6.03 -82.70
N GLY ZA 52 13.71 5.05 -82.49
CA GLY ZA 52 14.07 3.91 -81.68
C GLY ZA 52 13.91 4.13 -80.20
N LYS ZA 53 15.03 4.34 -79.51
CA LYS ZA 53 15.01 4.48 -78.07
C LYS ZA 53 14.71 5.90 -77.63
N LEU ZA 54 15.04 6.87 -78.46
CA LEU ZA 54 14.85 8.27 -78.07
C LEU ZA 54 13.39 8.67 -78.14
N GLY ZA 55 12.63 8.13 -79.08
CA GLY ZA 55 11.24 8.48 -79.26
C GLY ZA 55 11.01 9.18 -80.58
N TYR ZA 56 9.74 9.55 -80.78
CA TYR ZA 56 9.33 10.13 -82.04
C TYR ZA 56 9.75 11.59 -82.12
N SER ZA 57 9.78 12.11 -83.34
CA SER ZA 57 10.13 13.51 -83.57
C SER ZA 57 9.25 14.06 -84.68
N ILE ZA 58 8.93 15.34 -84.59
CA ILE ZA 58 7.96 15.98 -85.47
C ILE ZA 58 8.65 17.12 -86.18
N THR ZA 59 8.63 17.07 -87.51
CA THR ZA 59 9.25 18.12 -88.31
C THR ZA 59 8.20 18.73 -89.24
N VAL ZA 60 8.30 20.04 -89.48
CA VAL ZA 60 7.37 20.69 -90.38
C VAL ZA 60 8.21 21.28 -91.51
N ALA ZA 61 7.58 21.91 -92.49
CA ALA ZA 61 8.31 22.54 -93.59
C ALA ZA 61 8.86 23.90 -93.13
N GLU ZA 62 9.56 24.57 -94.04
CA GLU ZA 62 10.14 25.86 -93.67
C GLU ZA 62 9.19 27.06 -93.68
N PRO ZA 63 8.31 27.29 -94.67
CA PRO ZA 63 7.40 28.45 -94.52
C PRO ZA 63 6.30 28.22 -93.50
N ASP ZA 64 6.07 26.99 -93.07
CA ASP ZA 64 5.08 26.68 -92.04
C ASP ZA 64 5.72 26.46 -90.69
N PHE ZA 65 6.77 27.20 -90.40
CA PHE ZA 65 7.44 27.13 -89.11
C PHE ZA 65 7.02 28.23 -88.15
N THR ZA 66 6.76 29.42 -88.68
CA THR ZA 66 6.30 30.53 -87.85
C THR ZA 66 4.91 30.28 -87.31
N ALA ZA 67 4.02 29.69 -88.12
CA ALA ZA 67 2.68 29.43 -87.66
C ALA ZA 67 2.67 28.29 -86.66
N ALA ZA 68 3.52 27.29 -86.88
CA ALA ZA 68 3.51 26.12 -86.01
C ALA ZA 68 4.12 26.44 -84.66
N VAL ZA 69 5.08 27.36 -84.60
CA VAL ZA 69 5.62 27.69 -83.28
C VAL ZA 69 4.67 28.61 -82.55
N TYR ZA 70 3.67 29.17 -83.24
CA TYR ZA 70 2.65 29.96 -82.57
C TYR ZA 70 1.56 29.05 -82.02
N TRP ZA 71 1.24 27.98 -82.76
CA TRP ZA 71 0.23 27.08 -82.22
C TRP ZA 71 0.78 26.15 -81.15
N ILE ZA 72 2.10 26.00 -81.05
CA ILE ZA 72 2.66 25.28 -79.90
C ILE ZA 72 2.47 26.09 -78.63
N LYS ZA 73 2.70 27.39 -78.70
CA LYS ZA 73 2.53 28.26 -77.54
C LYS ZA 73 1.06 28.39 -77.19
N THR ZA 74 0.19 28.40 -78.20
CA THR ZA 74 -1.22 28.64 -77.95
C THR ZA 74 -1.85 27.41 -77.30
N TYR ZA 75 -1.67 26.24 -77.88
CA TYR ZA 75 -2.28 25.07 -77.28
C TYR ZA 75 -1.47 24.44 -76.15
N GLN ZA 76 -0.30 25.02 -75.80
CA GLN ZA 76 0.57 24.52 -74.73
C GLN ZA 76 1.02 23.08 -74.95
N LEU ZA 77 1.29 22.74 -76.19
CA LEU ZA 77 1.77 21.41 -76.54
C LEU ZA 77 3.24 21.26 -76.15
N PRO ZA 78 3.70 20.04 -75.83
CA PRO ZA 78 3.03 18.74 -75.77
C PRO ZA 78 2.18 18.57 -74.52
N PRO ZA 79 1.15 17.74 -74.57
CA PRO ZA 79 0.33 17.53 -73.39
C PRO ZA 79 1.07 16.75 -72.33
N ARG ZA 80 0.63 16.89 -71.15
CA ARG ZA 80 1.16 16.11 -70.05
C ARG ZA 80 0.23 14.96 -69.74
N PRO ZA 81 0.72 13.88 -69.13
CA PRO ZA 81 -0.16 12.74 -68.79
C PRO ZA 81 -1.18 13.12 -67.75
N ARG ZA 82 -2.40 12.61 -67.95
CA ARG ZA 82 -3.53 13.00 -67.12
C ARG ZA 82 -3.40 12.46 -65.71
N VAL ZA 83 -3.71 13.31 -64.75
CA VAL ZA 83 -3.44 12.99 -63.35
C VAL ZA 83 -4.65 12.30 -62.75
N GLU ZA 84 -4.39 11.20 -62.06
CA GLU ZA 84 -5.37 10.53 -61.23
C GLU ZA 84 -4.97 10.69 -59.78
N ILE ZA 85 -5.96 10.63 -58.89
CA ILE ZA 85 -5.69 10.86 -57.48
C ILE ZA 85 -4.96 9.69 -56.86
N ALA ZA 86 -5.06 8.50 -57.43
CA ALA ZA 86 -4.33 7.38 -56.87
C ALA ZA 86 -2.85 7.40 -57.20
N GLN ZA 87 -2.39 8.31 -58.06
CA GLN ZA 87 -0.96 8.40 -58.32
C GLN ZA 87 -0.24 9.04 -57.16
N MET ZA 88 -0.92 9.93 -56.43
CA MET ZA 88 -0.31 10.59 -55.29
C MET ZA 88 -0.21 9.69 -54.07
N PHE ZA 89 -1.00 8.63 -54.00
CA PHE ZA 89 -1.01 7.72 -52.86
C PHE ZA 89 -0.78 6.31 -53.41
N PRO ZA 90 0.46 5.93 -53.63
CA PRO ZA 90 0.72 4.60 -54.21
C PRO ZA 90 0.54 3.51 -53.18
N ALA ZA 91 0.11 2.34 -53.67
CA ALA ZA 91 -0.04 1.17 -52.81
C ALA ZA 91 1.30 0.55 -52.47
N ASP ZA 92 2.35 0.93 -53.20
CA ASP ZA 92 3.70 0.42 -52.97
C ASP ZA 92 4.28 0.94 -51.67
N SER ZA 93 3.77 2.06 -51.15
CA SER ZA 93 4.31 2.67 -49.95
C SER ZA 93 4.09 1.77 -48.74
N LEU ZA 94 4.93 1.97 -47.73
CA LEU ZA 94 4.95 1.04 -46.61
C LEU ZA 94 3.83 1.30 -45.62
N VAL ZA 95 3.54 2.56 -45.33
CA VAL ZA 95 2.55 2.93 -44.33
C VAL ZA 95 1.35 3.55 -45.04
N SER ZA 96 0.14 3.14 -44.65
CA SER ZA 96 -1.07 3.66 -45.26
C SER ZA 96 -2.03 4.20 -44.21
N SER ZA 97 -2.42 5.46 -44.35
CA SER ZA 97 -3.37 6.08 -43.45
C SER ZA 97 -4.78 5.69 -43.87
N PRO ZA 98 -5.77 5.87 -43.00
CA PRO ZA 98 -7.17 5.80 -43.45
C PRO ZA 98 -7.57 6.90 -44.42
N ARG ZA 99 -6.89 8.04 -44.40
CA ARG ZA 99 -7.15 9.05 -45.41
C ARG ZA 99 -6.57 8.61 -46.75
N ALA ZA 100 -5.48 7.85 -46.72
CA ALA ZA 100 -4.83 7.44 -47.95
C ALA ZA 100 -5.64 6.32 -48.58
N GLU ZA 101 -6.21 5.47 -47.74
CA GLU ZA 101 -7.01 4.39 -48.27
C GLU ZA 101 -8.44 4.82 -48.56
N LYS ZA 102 -8.81 6.05 -48.18
CA LYS ZA 102 -10.07 6.61 -48.65
C LYS ZA 102 -9.91 7.39 -49.95
N ALA ZA 103 -8.72 7.97 -50.16
CA ALA ZA 103 -8.49 8.63 -51.43
C ALA ZA 103 -8.09 7.66 -52.51
N ARG ZA 104 -7.64 6.47 -52.16
CA ARG ZA 104 -7.42 5.51 -53.22
C ARG ZA 104 -8.68 4.76 -53.61
N LEU ZA 105 -9.71 4.79 -52.77
CA LEU ZA 105 -10.98 4.18 -53.12
C LEU ZA 105 -11.85 5.10 -53.98
N TYR ZA 106 -11.91 6.39 -53.61
CA TYR ZA 106 -12.75 7.29 -54.39
C TYR ZA 106 -12.18 7.53 -55.79
N SER ZA 107 -10.87 7.41 -55.94
CA SER ZA 107 -10.28 7.61 -57.26
C SER ZA 107 -10.44 6.41 -58.16
N ALA ZA 108 -10.95 5.29 -57.64
CA ALA ZA 108 -11.24 4.14 -58.47
C ALA ZA 108 -12.71 4.06 -58.80
N ILE ZA 109 -13.57 4.63 -57.94
CA ILE ZA 109 -14.96 4.79 -58.36
C ILE ZA 109 -15.05 5.89 -59.42
N GLU ZA 110 -14.16 6.88 -59.32
CA GLU ZA 110 -14.16 7.98 -60.27
C GLU ZA 110 -13.70 7.54 -61.65
N GLN ZA 111 -12.90 6.50 -61.73
CA GLN ZA 111 -12.49 5.99 -63.03
C GLN ZA 111 -13.48 4.96 -63.57
N ARG ZA 112 -14.12 4.20 -62.69
CA ARG ZA 112 -15.07 3.20 -63.20
C ARG ZA 112 -16.31 3.88 -63.75
N LEU ZA 113 -16.68 5.06 -63.22
CA LEU ZA 113 -17.86 5.70 -63.76
C LEU ZA 113 -17.59 6.29 -65.14
N GLU ZA 114 -16.40 6.88 -65.35
CA GLU ZA 114 -16.17 7.42 -66.69
C GLU ZA 114 -15.85 6.31 -67.68
N GLN ZA 115 -15.47 5.12 -67.20
CA GLN ZA 115 -15.37 4.02 -68.15
C GLN ZA 115 -16.72 3.41 -68.44
N SER ZA 116 -17.70 3.67 -67.58
CA SER ZA 116 -19.06 3.20 -67.82
C SER ZA 116 -19.91 4.18 -68.63
N LEU ZA 117 -19.55 5.46 -68.62
CA LEU ZA 117 -20.26 6.45 -69.44
C LEU ZA 117 -19.89 6.38 -70.92
N GLN ZA 118 -18.79 5.74 -71.27
CA GLN ZA 118 -18.45 5.64 -72.68
C GLN ZA 118 -19.20 4.53 -73.39
N THR ZA 119 -19.92 3.68 -72.65
CA THR ZA 119 -20.71 2.63 -73.26
C THR ZA 119 -22.16 3.00 -73.51
N MET ZA 120 -22.59 4.21 -73.18
CA MET ZA 120 -23.90 4.65 -73.63
C MET ZA 120 -23.87 4.97 -75.12
N GLU ZA 121 -25.05 5.04 -75.71
CA GLU ZA 121 -25.12 5.31 -77.14
C GLU ZA 121 -24.95 6.80 -77.40
N GLY ZA 122 -24.21 7.13 -78.46
CA GLY ZA 122 -23.97 8.50 -78.82
C GLY ZA 122 -22.81 9.16 -78.11
N VAL ZA 123 -22.31 8.59 -77.04
CA VAL ZA 123 -21.27 9.22 -76.23
C VAL ZA 123 -19.91 8.84 -76.78
N LEU ZA 124 -19.03 9.82 -76.93
CA LEU ZA 124 -17.66 9.59 -77.36
C LEU ZA 124 -16.66 9.70 -76.23
N SER ZA 125 -16.82 10.68 -75.36
CA SER ZA 125 -15.94 10.82 -74.21
C SER ZA 125 -16.74 11.44 -73.07
N ALA ZA 126 -16.24 11.23 -71.86
CA ALA ZA 126 -16.91 11.74 -70.68
C ALA ZA 126 -15.91 11.84 -69.53
N ARG ZA 127 -16.21 12.72 -68.59
CA ARG ZA 127 -15.38 12.90 -67.39
C ARG ZA 127 -16.24 13.20 -66.19
N VAL ZA 128 -16.09 12.40 -65.13
CA VAL ZA 128 -16.88 12.53 -63.90
C VAL ZA 128 -16.01 13.00 -62.76
N HIS ZA 129 -16.59 13.79 -61.87
CA HIS ZA 129 -15.95 14.30 -60.67
C HIS ZA 129 -16.80 13.98 -59.46
N ILE ZA 130 -16.14 13.48 -58.41
CA ILE ZA 130 -16.75 13.10 -57.15
C ILE ZA 130 -16.29 14.06 -56.08
N SER ZA 131 -17.20 14.46 -55.19
CA SER ZA 131 -16.83 15.32 -54.07
C SER ZA 131 -16.06 14.52 -53.03
N TYR ZA 132 -14.80 14.86 -52.82
CA TYR ZA 132 -14.02 14.16 -51.82
C TYR ZA 132 -14.28 14.78 -50.46
N ASP ZA 133 -14.29 13.95 -49.43
CA ASP ZA 133 -14.28 14.49 -48.08
C ASP ZA 133 -13.39 13.62 -47.20
N ILE ZA 134 -12.59 14.28 -46.37
CA ILE ZA 134 -11.68 13.59 -45.47
C ILE ZA 134 -11.76 14.07 -44.04
N ASP ZA 135 -12.20 15.29 -43.78
CA ASP ZA 135 -12.21 15.87 -42.44
C ASP ZA 135 -13.42 15.47 -41.61
N ALA ZA 136 -14.51 15.05 -42.25
CA ALA ZA 136 -15.74 14.65 -41.60
C ALA ZA 136 -15.71 13.23 -41.01
N GLY ZA 137 -14.61 12.51 -41.17
CA GLY ZA 137 -14.52 11.15 -40.68
C GLY ZA 137 -14.02 10.99 -39.25
N GLU ZA 138 -12.86 11.58 -38.96
CA GLU ZA 138 -12.16 11.32 -37.71
C GLU ZA 138 -12.73 12.06 -36.51
N ASN ZA 139 -13.56 13.07 -36.71
CA ASN ZA 139 -14.23 13.73 -35.61
C ASN ZA 139 -15.58 13.09 -35.37
N GLY ZA 140 -16.40 13.73 -34.54
CA GLY ZA 140 -17.72 13.22 -34.27
C GLY ZA 140 -18.75 13.94 -35.10
N ARG ZA 141 -18.27 14.56 -36.17
CA ARG ZA 141 -19.22 15.25 -37.03
C ARG ZA 141 -19.70 14.30 -38.11
N PRO ZA 142 -20.99 14.38 -38.46
CA PRO ZA 142 -21.50 13.49 -39.50
C PRO ZA 142 -20.99 13.92 -40.86
N PRO ZA 143 -20.86 12.99 -41.80
CA PRO ZA 143 -20.34 13.35 -43.12
C PRO ZA 143 -21.41 14.09 -43.90
N LYS ZA 144 -20.96 14.89 -44.82
CA LYS ZA 144 -21.87 15.74 -45.58
C LYS ZA 144 -22.41 14.99 -46.78
N PRO ZA 145 -23.34 15.57 -47.54
CA PRO ZA 145 -23.88 14.85 -48.69
C PRO ZA 145 -22.88 14.82 -49.84
N VAL ZA 146 -23.11 13.89 -50.76
CA VAL ZA 146 -22.20 13.65 -51.87
C VAL ZA 146 -22.62 14.48 -53.07
N HIS ZA 147 -21.65 15.06 -53.76
CA HIS ZA 147 -21.89 15.90 -54.93
C HIS ZA 147 -21.11 15.35 -56.12
N LEU ZA 148 -21.77 15.27 -57.28
CA LEU ZA 148 -21.18 14.75 -58.49
C LEU ZA 148 -21.27 15.80 -59.60
N SER ZA 149 -20.34 15.73 -60.57
CA SER ZA 149 -20.43 16.62 -61.72
C SER ZA 149 -19.79 15.96 -62.93
N ALA ZA 150 -20.47 15.97 -64.07
CA ALA ZA 150 -20.00 15.23 -65.23
C ALA ZA 150 -20.06 16.03 -66.52
N LEU ZA 151 -19.06 15.82 -67.36
CA LEU ZA 151 -19.01 16.36 -68.71
C LEU ZA 151 -19.12 15.24 -69.71
N ALA ZA 152 -19.52 15.59 -70.93
CA ALA ZA 152 -19.69 14.61 -71.99
C ALA ZA 152 -19.61 15.27 -73.35
N VAL ZA 153 -19.16 14.49 -74.34
CA VAL ZA 153 -19.09 14.93 -75.72
C VAL ZA 153 -19.88 13.96 -76.58
N TYR ZA 154 -20.99 14.44 -77.14
CA TYR ZA 154 -21.95 13.65 -77.91
C TYR ZA 154 -21.71 13.77 -79.40
N GLU ZA 155 -22.04 12.71 -80.11
CA GLU ZA 155 -22.01 12.72 -81.58
C GLU ZA 155 -23.10 13.65 -82.09
N ARG ZA 156 -22.76 14.42 -83.13
CA ARG ZA 156 -23.68 15.42 -83.63
C ARG ZA 156 -24.85 14.78 -84.36
N GLY ZA 157 -25.93 15.54 -84.48
CA GLY ZA 157 -27.18 15.03 -84.98
C GLY ZA 157 -28.10 14.45 -83.93
N SER ZA 158 -27.66 14.36 -82.72
CA SER ZA 158 -28.48 13.76 -81.68
C SER ZA 158 -29.25 14.85 -80.93
N PRO ZA 159 -30.45 14.54 -80.45
CA PRO ZA 159 -31.19 15.52 -79.66
C PRO ZA 159 -30.63 15.58 -78.25
N LEU ZA 160 -29.60 16.40 -78.06
CA LEU ZA 160 -28.82 16.49 -76.84
C LEU ZA 160 -29.56 17.19 -75.70
N ALA ZA 161 -30.79 17.62 -75.93
CA ALA ZA 161 -31.57 18.24 -74.87
C ALA ZA 161 -32.23 17.19 -73.99
N HIS ZA 162 -32.56 16.02 -74.52
CA HIS ZA 162 -33.23 15.02 -73.72
C HIS ZA 162 -32.26 14.03 -73.10
N GLN ZA 163 -30.96 14.19 -73.34
CA GLN ZA 163 -29.98 13.26 -72.78
C GLN ZA 163 -29.55 13.57 -71.36
N ILE ZA 164 -29.98 14.70 -70.79
CA ILE ZA 164 -29.57 14.99 -69.42
C ILE ZA 164 -30.45 14.25 -68.42
N SER ZA 165 -31.70 13.97 -68.81
CA SER ZA 165 -32.60 13.23 -67.95
C SER ZA 165 -32.29 11.75 -67.91
N ASP ZA 166 -31.33 11.30 -68.69
CA ASP ZA 166 -30.86 9.92 -68.65
C ASP ZA 166 -29.57 9.79 -67.86
N ILE ZA 167 -28.69 10.79 -67.96
CA ILE ZA 167 -27.46 10.75 -67.18
C ILE ZA 167 -27.75 11.07 -65.73
N LYS ZA 168 -28.75 11.91 -65.46
CA LYS ZA 168 -29.07 12.20 -64.07
C LYS ZA 168 -29.73 11.00 -63.41
N ARG ZA 169 -30.54 10.27 -64.18
CA ARG ZA 169 -31.15 9.06 -63.63
C ARG ZA 169 -30.10 7.98 -63.43
N PHE ZA 170 -29.08 7.95 -64.27
CA PHE ZA 170 -28.05 6.94 -64.07
C PHE ZA 170 -27.16 7.29 -62.88
N LEU ZA 171 -26.87 8.58 -62.70
CA LEU ZA 171 -25.95 9.01 -61.65
C LEU ZA 171 -26.61 9.20 -60.30
N LYS ZA 172 -27.93 9.16 -60.19
CA LYS ZA 172 -28.58 9.48 -58.92
C LYS ZA 172 -28.37 8.40 -57.88
N ASN ZA 173 -28.70 7.17 -58.19
CA ASN ZA 173 -28.61 6.07 -57.24
C ASN ZA 173 -27.37 5.22 -57.47
N SER ZA 174 -26.25 5.86 -57.76
CA SER ZA 174 -24.94 5.22 -57.70
C SER ZA 174 -24.20 5.54 -56.43
N PHE ZA 175 -24.84 6.19 -55.46
CA PHE ZA 175 -24.22 6.50 -54.19
C PHE ZA 175 -25.26 6.32 -53.08
N ALA ZA 176 -24.93 6.85 -51.90
CA ALA ZA 176 -25.72 6.64 -50.71
C ALA ZA 176 -27.00 7.45 -50.80
N ASP ZA 177 -26.85 8.77 -50.83
CA ASP ZA 177 -27.98 9.67 -51.00
C ASP ZA 177 -27.47 10.97 -51.61
N VAL ZA 178 -27.83 11.21 -52.86
CA VAL ZA 178 -27.53 12.47 -53.49
C VAL ZA 178 -28.85 13.11 -53.86
N ASP ZA 179 -28.82 14.40 -54.12
CA ASP ZA 179 -30.01 15.11 -54.55
C ASP ZA 179 -29.90 15.47 -56.02
N TYR ZA 180 -31.03 15.82 -56.61
CA TYR ZA 180 -31.04 16.16 -58.02
C TYR ZA 180 -30.47 17.52 -58.31
N ASP ZA 181 -30.24 18.34 -57.28
CA ASP ZA 181 -29.56 19.62 -57.44
C ASP ZA 181 -28.12 19.52 -56.98
N ASN ZA 182 -27.66 18.32 -56.67
CA ASN ZA 182 -26.26 18.10 -56.38
C ASN ZA 182 -25.54 17.42 -57.53
N ILE ZA 183 -26.23 17.20 -58.65
CA ILE ZA 183 -25.62 16.64 -59.85
C ILE ZA 183 -25.73 17.68 -60.95
N SER ZA 184 -24.62 17.91 -61.65
CA SER ZA 184 -24.59 18.89 -62.74
C SER ZA 184 -23.96 18.22 -63.95
N VAL ZA 185 -24.70 18.17 -65.04
CA VAL ZA 185 -24.22 17.57 -66.28
C VAL ZA 185 -24.06 18.70 -67.28
N VAL ZA 186 -22.85 18.88 -67.78
CA VAL ZA 186 -22.58 19.90 -68.79
C VAL ZA 186 -22.03 19.17 -70.00
N LEU ZA 187 -22.85 18.98 -71.01
CA LEU ZA 187 -22.48 18.22 -72.19
C LEU ZA 187 -22.56 19.06 -73.45
N SER ZA 188 -21.91 18.58 -74.51
CA SER ZA 188 -21.86 19.34 -75.76
C SER ZA 188 -21.59 18.39 -76.92
N GLU ZA 189 -21.85 18.89 -78.13
CA GLU ZA 189 -21.61 18.13 -79.34
C GLU ZA 189 -20.15 18.20 -79.75
N ARG ZA 190 -19.79 17.42 -80.77
CA ARG ZA 190 -18.42 17.40 -81.25
C ARG ZA 190 -18.24 18.38 -82.40
N SER ZA 191 -16.99 18.59 -82.78
CA SER ZA 191 -16.66 19.58 -83.78
C SER ZA 191 -16.93 19.04 -85.18
N ASP ZA 192 -16.58 19.85 -86.18
CA ASP ZA 192 -16.76 19.45 -87.56
C ASP ZA 192 -15.65 18.50 -87.98
N ALA ZA 193 -15.99 17.61 -88.90
CA ALA ZA 193 -15.05 16.59 -89.32
C ALA ZA 193 -13.97 17.19 -90.20
N GLN ZA 194 -12.73 16.74 -89.97
CA GLN ZA 194 -11.58 17.15 -90.77
C GLN ZA 194 -11.15 15.97 -91.62
N LEU ZA 195 -11.43 16.05 -92.92
CA LEU ZA 195 -11.18 14.92 -93.79
C LEU ZA 195 -10.27 15.20 -94.98
N GLN ZA 196 -10.21 16.43 -95.47
CA GLN ZA 196 -9.35 16.72 -96.61
C GLN ZA 196 -7.90 16.89 -96.17
N ALA ZA 197 -6.99 16.62 -97.09
CA ALA ZA 197 -5.58 16.73 -96.80
C ALA ZA 197 -5.19 18.20 -96.73
N PRO ZA 198 -4.19 18.56 -95.91
CA PRO ZA 198 -3.75 19.95 -95.82
C PRO ZA 198 -3.16 20.51 -97.11
N GLY ZA 199 -2.12 19.86 -97.62
CA GLY ZA 199 -1.51 20.33 -98.84
C GLY ZA 199 -0.10 20.82 -98.63
N THR ZA 200 0.83 20.28 -99.40
CA THR ZA 200 2.22 20.71 -99.34
C THR ZA 200 2.39 22.08 -99.98
N PRO ZA 201 3.11 23.00 -99.33
CA PRO ZA 201 3.31 24.33 -99.92
C PRO ZA 201 4.22 24.22 -101.15
N VAL ZA 202 3.77 24.77 -102.25
CA VAL ZA 202 4.58 24.76 -103.46
C VAL ZA 202 5.42 26.02 -103.53
N LYS ZA 203 6.55 25.91 -104.21
CA LYS ZA 203 7.49 27.01 -104.35
C LYS ZA 203 8.15 26.97 -105.72
N ASP AB 20 24.31 35.68 -85.80
CA ASP AB 20 25.52 34.96 -85.45
C ASP AB 20 25.83 35.08 -83.97
N LYS AB 21 25.26 36.10 -83.30
CA LYS AB 21 25.45 36.26 -81.87
C LYS AB 21 24.37 35.54 -81.09
N ASP AB 22 24.79 34.89 -80.01
CA ASP AB 22 23.93 34.08 -79.17
C ASP AB 22 23.43 34.87 -77.98
N LEU AB 23 22.17 34.62 -77.62
CA LEU AB 23 21.57 35.22 -76.43
C LEU AB 23 21.57 34.27 -75.26
N LEU AB 24 20.96 33.10 -75.42
CA LEU AB 24 20.87 32.11 -74.37
C LEU AB 24 21.32 30.76 -74.91
N LYS AB 25 21.90 29.97 -74.02
CA LYS AB 25 22.33 28.62 -74.34
C LYS AB 25 22.10 27.71 -73.14
N GLY AB 26 22.10 26.42 -73.40
CA GLY AB 26 21.84 25.44 -72.36
C GLY AB 26 20.40 25.43 -71.90
N LEU AB 27 19.48 25.81 -72.78
CA LEU AB 27 18.08 25.93 -72.45
C LEU AB 27 17.41 24.56 -72.43
N ASP AB 28 16.15 24.54 -72.05
CA ASP AB 28 15.39 23.30 -72.11
C ASP AB 28 14.73 23.18 -73.48
N GLN AB 29 13.82 22.23 -73.63
CA GLN AB 29 13.11 22.10 -74.89
C GLN AB 29 11.89 23.01 -74.97
N GLU AB 30 11.06 23.01 -73.94
CA GLU AB 30 9.89 23.88 -73.93
C GLU AB 30 10.26 25.32 -73.66
N GLN AB 31 11.44 25.57 -73.09
CA GLN AB 31 11.88 26.95 -72.90
C GLN AB 31 12.30 27.53 -74.24
N ALA AB 32 13.15 26.79 -74.97
CA ALA AB 32 13.65 27.29 -76.23
C ALA AB 32 12.56 27.29 -77.30
N ASN AB 33 11.52 26.47 -77.14
CA ASN AB 33 10.43 26.50 -78.08
C ASN AB 33 9.42 27.60 -77.76
N GLU AB 34 9.66 28.38 -76.71
CA GLU AB 34 8.80 29.48 -76.32
C GLU AB 34 9.46 30.84 -76.44
N VAL AB 35 10.79 30.88 -76.35
CA VAL AB 35 11.50 32.14 -76.62
C VAL AB 35 11.36 32.51 -78.09
N ILE AB 36 11.30 31.52 -78.97
CA ILE AB 36 11.13 31.82 -80.39
C ILE AB 36 9.74 32.37 -80.63
N ALA AB 37 8.75 31.82 -79.92
CA ALA AB 37 7.36 32.26 -80.06
C ALA AB 37 7.18 33.65 -79.49
N VAL AB 38 8.08 34.10 -78.64
CA VAL AB 38 8.02 35.46 -78.15
C VAL AB 38 8.74 36.41 -79.11
N LEU AB 39 9.87 35.99 -79.67
CA LEU AB 39 10.64 36.87 -80.53
C LEU AB 39 9.97 37.08 -81.88
N GLN AB 40 9.33 36.06 -82.43
CA GLN AB 40 8.67 36.22 -83.73
C GLN AB 40 7.43 37.09 -83.68
N MET AB 41 6.86 37.33 -82.51
CA MET AB 41 5.76 38.26 -82.41
C MET AB 41 6.19 39.71 -82.62
N HIS AB 42 7.46 40.01 -82.34
CA HIS AB 42 7.96 41.37 -82.40
C HIS AB 42 8.95 41.59 -83.54
N ASN AB 43 8.69 40.92 -84.67
CA ASN AB 43 9.35 41.18 -85.96
C ASN AB 43 10.85 40.91 -85.96
N ILE AB 44 11.31 39.97 -85.13
CA ILE AB 44 12.70 39.51 -85.17
C ILE AB 44 12.68 37.99 -85.20
N GLU AB 45 13.64 37.40 -85.90
CA GLU AB 45 13.69 35.97 -86.12
C GLU AB 45 14.92 35.40 -85.45
N ALA AB 46 14.84 34.12 -85.05
CA ALA AB 46 15.92 33.47 -84.33
C ALA AB 46 16.20 32.10 -84.92
N ASN AB 47 17.16 31.40 -84.31
CA ASN AB 47 17.57 30.07 -84.74
C ASN AB 47 17.64 29.15 -83.54
N LYS AB 48 17.11 27.94 -83.69
CA LYS AB 48 17.12 26.91 -82.65
C LYS AB 48 18.26 25.94 -82.95
N ILE AB 49 19.45 26.25 -82.44
CA ILE AB 49 20.61 25.43 -82.70
C ILE AB 49 20.78 24.39 -81.60
N ASP AB 50 20.74 23.12 -81.99
CA ASP AB 50 21.00 22.03 -81.06
C ASP AB 50 22.48 21.93 -80.76
N SER AB 51 22.78 21.32 -79.63
CA SER AB 51 24.16 21.16 -79.22
C SER AB 51 24.40 19.76 -78.64
N GLY AB 52 23.46 18.85 -78.81
CA GLY AB 52 23.62 17.50 -78.31
C GLY AB 52 22.91 17.31 -76.99
N LYS AB 53 23.63 16.76 -76.01
CA LYS AB 53 23.14 16.57 -74.66
C LYS AB 53 23.38 17.78 -73.77
N LEU AB 54 23.95 18.85 -74.32
CA LEU AB 54 24.19 20.09 -73.61
C LEU AB 54 23.00 21.03 -73.68
N GLY AB 55 21.90 20.59 -74.27
CA GLY AB 55 20.71 21.40 -74.42
C GLY AB 55 20.80 22.34 -75.62
N TYR AB 56 19.68 22.99 -75.88
CA TYR AB 56 19.53 23.87 -77.03
C TYR AB 56 20.20 25.22 -76.80
N SER AB 57 20.23 26.01 -77.86
CA SER AB 57 20.77 27.36 -77.81
C SER AB 57 20.09 28.18 -78.88
N ILE AB 58 19.93 29.47 -78.61
CA ILE AB 58 19.17 30.37 -79.46
C ILE AB 58 20.08 31.50 -79.90
N THR AB 59 20.22 31.69 -81.21
CA THR AB 59 21.01 32.76 -81.77
C THR AB 59 20.12 33.69 -82.57
N VAL AB 60 20.45 34.99 -82.56
CA VAL AB 60 19.71 36.02 -83.25
C VAL AB 60 20.71 36.82 -84.07
N ALA AB 61 20.22 37.52 -85.10
CA ALA AB 61 21.12 38.28 -85.93
C ALA AB 61 21.65 39.53 -85.20
N GLU AB 62 22.69 40.11 -85.80
CA GLU AB 62 23.41 41.21 -85.20
C GLU AB 62 22.64 42.53 -85.22
N PRO AB 63 21.93 42.94 -86.29
CA PRO AB 63 21.10 44.14 -86.13
C PRO AB 63 19.88 43.90 -85.26
N ASP AB 64 19.46 42.66 -85.10
CA ASP AB 64 18.34 42.31 -84.24
C ASP AB 64 18.79 41.82 -82.87
N PHE AB 65 19.94 42.31 -82.41
CA PHE AB 65 20.49 41.95 -81.11
C PHE AB 65 20.11 42.93 -80.00
N THR AB 66 20.04 44.22 -80.34
CA THR AB 66 19.71 45.23 -79.34
C THR AB 66 18.25 45.13 -78.92
N ALA AB 67 17.36 44.86 -79.86
CA ALA AB 67 15.96 44.72 -79.49
C ALA AB 67 15.73 43.41 -78.75
N ALA AB 68 16.50 42.37 -79.08
CA ALA AB 68 16.24 41.07 -78.50
C ALA AB 68 16.69 41.00 -77.05
N VAL AB 69 17.75 41.74 -76.68
CA VAL AB 69 18.08 41.72 -75.25
C VAL AB 69 17.04 42.51 -74.46
N TYR AB 70 16.42 43.50 -75.10
CA TYR AB 70 15.38 44.30 -74.45
C TYR AB 70 14.12 43.48 -74.23
N TRP AB 71 13.78 42.60 -75.18
CA TRP AB 71 12.60 41.78 -74.92
C TRP AB 71 12.90 40.57 -74.05
N ILE AB 72 14.18 40.21 -73.90
CA ILE AB 72 14.52 39.18 -72.92
C ILE AB 72 14.34 39.73 -71.52
N LYS AB 73 14.83 40.96 -71.29
CA LYS AB 73 14.74 41.55 -69.97
C LYS AB 73 13.29 41.90 -69.64
N THR AB 74 12.52 42.33 -70.66
CA THR AB 74 11.15 42.74 -70.40
C THR AB 74 10.28 41.53 -70.09
N TYR AB 75 10.33 40.50 -70.93
CA TYR AB 75 9.45 39.38 -70.69
C TYR AB 75 9.95 38.40 -69.64
N GLN AB 76 11.11 38.65 -69.01
CA GLN AB 76 11.69 37.76 -67.99
C GLN AB 76 11.91 36.34 -68.51
N LEU AB 77 12.64 36.25 -69.46
CA LEU AB 77 12.96 35.00 -70.12
C LEU AB 77 14.34 34.53 -69.71
N PRO AB 78 14.61 33.21 -69.66
CA PRO AB 78 13.81 32.02 -69.98
C PRO AB 78 12.73 31.70 -68.98
N PRO AB 79 11.67 31.01 -69.40
CA PRO AB 79 10.56 30.73 -68.48
C PRO AB 79 10.95 29.72 -67.43
N ARG AB 80 10.58 30.02 -66.21
CA ARG AB 80 10.79 29.11 -65.11
C ARG AB 80 9.82 27.93 -65.21
N PRO AB 81 10.17 26.76 -64.68
CA PRO AB 81 9.23 25.65 -64.66
C PRO AB 81 8.08 25.92 -63.72
N ARG AB 82 6.90 25.44 -64.10
CA ARG AB 82 5.70 25.74 -63.34
C ARG AB 82 5.69 24.94 -62.04
N VAL AB 83 5.25 25.59 -60.97
CA VAL AB 83 5.37 25.05 -59.64
C VAL AB 83 4.03 24.45 -59.21
N GLU AB 84 4.07 23.25 -58.66
CA GLU AB 84 2.92 22.61 -58.05
C GLU AB 84 3.15 22.42 -56.57
N ILE AB 85 2.05 22.31 -55.83
CA ILE AB 85 2.14 22.17 -54.39
C ILE AB 85 2.58 20.78 -53.99
N ALA AB 86 2.44 19.79 -54.87
CA ALA AB 86 2.88 18.45 -54.52
C ALA AB 86 4.39 18.30 -54.58
N GLN AB 87 5.13 19.30 -55.04
CA GLN AB 87 6.58 19.13 -55.07
C GLN AB 87 7.21 19.47 -53.74
N MET AB 88 6.57 20.29 -52.91
CA MET AB 88 7.15 20.58 -51.61
C MET AB 88 6.89 19.46 -50.62
N PHE AB 89 5.79 18.73 -50.79
CA PHE AB 89 5.50 17.56 -49.96
C PHE AB 89 5.61 16.34 -50.85
N PRO AB 90 6.79 15.75 -51.00
CA PRO AB 90 6.94 14.66 -51.97
C PRO AB 90 6.37 13.36 -51.45
N ALA AB 91 5.94 12.52 -52.39
CA ALA AB 91 5.41 11.22 -52.01
C ALA AB 91 6.51 10.19 -51.76
N ASP AB 92 7.76 10.51 -52.10
CA ASP AB 92 8.83 9.56 -51.88
C ASP AB 92 9.33 9.54 -50.45
N SER AB 93 8.87 10.46 -49.60
CA SER AB 93 9.24 10.41 -48.20
C SER AB 93 8.53 9.24 -47.52
N LEU AB 94 9.06 8.82 -46.38
CA LEU AB 94 8.53 7.65 -45.72
C LEU AB 94 7.38 7.98 -44.77
N VAL AB 95 7.55 8.98 -43.92
CA VAL AB 95 6.50 9.39 -43.00
C VAL AB 95 6.08 10.80 -43.32
N SER AB 96 4.76 11.03 -43.34
CA SER AB 96 4.20 12.31 -43.76
C SER AB 96 3.11 12.73 -42.79
N SER AB 97 3.04 14.03 -42.53
CA SER AB 97 2.05 14.57 -41.62
C SER AB 97 0.68 14.52 -42.27
N PRO AB 98 -0.39 14.52 -41.48
CA PRO AB 98 -1.73 14.68 -42.06
C PRO AB 98 -1.96 16.04 -42.71
N ARG AB 99 -1.22 17.06 -42.30
CA ARG AB 99 -1.28 18.33 -42.99
C ARG AB 99 -0.66 18.20 -44.36
N ALA AB 100 0.36 17.36 -44.47
CA ALA AB 100 1.02 17.18 -45.75
C ALA AB 100 0.21 16.25 -46.62
N GLU AB 101 -0.58 15.36 -46.02
CA GLU AB 101 -1.43 14.50 -46.83
C GLU AB 101 -2.63 15.28 -47.35
N LYS AB 102 -3.05 16.30 -46.62
CA LYS AB 102 -4.17 17.10 -47.10
C LYS AB 102 -3.69 18.04 -48.20
N ALA AB 103 -2.47 18.55 -48.05
CA ALA AB 103 -1.95 19.43 -49.08
C ALA AB 103 -1.50 18.66 -50.31
N ARG AB 104 -1.27 17.36 -50.18
CA ARG AB 104 -0.98 16.57 -51.35
C ARG AB 104 -2.25 16.12 -52.05
N LEU AB 105 -3.37 16.05 -51.34
CA LEU AB 105 -4.63 15.70 -51.97
C LEU AB 105 -5.20 16.88 -52.76
N TYR AB 106 -5.18 18.06 -52.14
CA TYR AB 106 -5.75 19.24 -52.78
C TYR AB 106 -4.96 19.70 -53.99
N SER AB 107 -3.69 19.35 -54.08
CA SER AB 107 -2.93 19.73 -55.26
C SER AB 107 -3.11 18.78 -56.41
N ALA AB 108 -3.83 17.69 -56.21
CA ALA AB 108 -4.18 16.81 -57.31
C ALA AB 108 -5.62 17.01 -57.75
N ILE AB 109 -6.47 17.47 -56.84
CA ILE AB 109 -7.78 17.92 -57.33
C ILE AB 109 -7.64 19.23 -58.09
N GLU AB 110 -6.64 20.04 -57.73
CA GLU AB 110 -6.42 21.32 -58.40
C GLU AB 110 -5.91 21.11 -59.82
N GLN AB 111 -5.20 20.03 -60.08
CA GLN AB 111 -4.76 19.77 -61.44
C GLN AB 111 -5.77 18.96 -62.23
N ARG AB 112 -6.57 18.12 -61.57
CA ARG AB 112 -7.53 17.34 -62.33
C ARG AB 112 -8.69 18.20 -62.81
N LEU AB 113 -9.10 19.19 -62.02
CA LEU AB 113 -10.15 20.08 -62.54
C LEU AB 113 -9.63 20.97 -63.66
N GLU AB 114 -8.33 21.21 -63.68
CA GLU AB 114 -7.77 22.04 -64.74
C GLU AB 114 -7.69 21.25 -66.02
N GLN AB 115 -7.30 19.98 -65.94
CA GLN AB 115 -7.26 19.18 -67.15
C GLN AB 115 -8.65 18.83 -67.64
N SER AB 116 -9.63 18.81 -66.75
CA SER AB 116 -11.00 18.55 -67.19
C SER AB 116 -11.66 19.78 -67.77
N LEU AB 117 -11.16 20.98 -67.48
CA LEU AB 117 -11.73 22.17 -68.12
C LEU AB 117 -11.31 22.37 -69.56
N GLN AB 118 -10.20 21.80 -70.00
CA GLN AB 118 -9.75 21.96 -71.38
C GLN AB 118 -10.52 21.15 -72.41
N THR AB 119 -11.42 20.26 -72.01
CA THR AB 119 -12.17 19.48 -72.97
C THR AB 119 -13.52 20.11 -73.34
N MET AB 120 -13.82 21.32 -72.89
CA MET AB 120 -15.05 21.97 -73.31
C MET AB 120 -14.92 22.55 -74.71
N GLU AB 121 -16.06 23.01 -75.24
CA GLU AB 121 -16.15 23.53 -76.60
C GLU AB 121 -15.68 24.97 -76.68
N GLY AB 122 -14.42 25.15 -77.08
CA GLY AB 122 -13.87 26.47 -77.35
C GLY AB 122 -12.69 26.85 -76.50
N VAL AB 123 -12.50 26.20 -75.37
CA VAL AB 123 -11.46 26.56 -74.41
C VAL AB 123 -10.10 26.12 -74.89
N LEU AB 124 -9.13 27.04 -74.86
CA LEU AB 124 -7.76 26.69 -75.19
C LEU AB 124 -6.91 26.45 -73.94
N SER AB 125 -7.13 27.21 -72.87
CA SER AB 125 -6.39 27.01 -71.63
C SER AB 125 -7.19 27.52 -70.46
N ALA AB 126 -6.95 26.93 -69.29
CA ALA AB 126 -7.67 27.31 -68.10
C ALA AB 126 -6.81 27.02 -66.88
N ARG AB 127 -7.12 27.70 -65.77
CA ARG AB 127 -6.45 27.49 -64.50
C ARG AB 127 -7.41 27.65 -63.33
N VAL AB 128 -7.31 26.74 -62.36
CA VAL AB 128 -8.22 26.70 -61.22
C VAL AB 128 -7.40 26.75 -59.93
N HIS AB 129 -7.87 27.52 -58.97
CA HIS AB 129 -7.28 27.63 -57.65
C HIS AB 129 -8.30 27.21 -56.60
N ILE AB 130 -7.81 26.48 -55.60
CA ILE AB 130 -8.61 25.97 -54.49
C ILE AB 130 -8.13 26.63 -53.20
N SER AB 131 -9.07 26.94 -52.32
CA SER AB 131 -8.75 27.50 -51.01
C SER AB 131 -8.22 26.41 -50.10
N TYR AB 132 -6.99 26.58 -49.64
CA TYR AB 132 -6.33 25.59 -48.80
C TYR AB 132 -6.71 25.85 -47.36
N ASP AB 133 -7.12 24.80 -46.66
CA ASP AB 133 -7.48 24.89 -45.25
C ASP AB 133 -6.83 23.72 -44.51
N ILE AB 134 -5.92 24.05 -43.61
CA ILE AB 134 -5.18 23.02 -42.88
C ILE AB 134 -5.28 23.17 -41.38
N ASP AB 135 -5.55 24.36 -40.85
CA ASP AB 135 -5.48 24.57 -39.41
C ASP AB 135 -6.82 24.45 -38.71
N ALA AB 136 -7.92 24.44 -39.46
CA ALA AB 136 -9.25 24.25 -38.89
C ALA AB 136 -9.69 22.80 -38.82
N GLY AB 137 -8.93 21.87 -39.41
CA GLY AB 137 -9.34 20.48 -39.32
C GLY AB 137 -9.00 19.79 -38.02
N GLU AB 138 -8.09 20.34 -37.23
CA GLU AB 138 -7.68 19.62 -36.03
C GLU AB 138 -8.49 20.02 -34.81
N ASN AB 139 -8.84 21.30 -34.70
CA ASN AB 139 -9.51 21.81 -33.53
C ASN AB 139 -11.01 21.57 -33.65
N GLY AB 140 -11.73 21.91 -32.57
CA GLY AB 140 -13.17 21.78 -32.53
C GLY AB 140 -13.91 22.76 -33.44
N ARG AB 141 -13.23 23.80 -33.92
CA ARG AB 141 -13.85 24.70 -34.89
C ARG AB 141 -14.07 23.98 -36.22
N PRO AB 142 -15.22 24.20 -36.85
CA PRO AB 142 -15.51 23.55 -38.13
C PRO AB 142 -14.70 24.15 -39.26
N PRO AB 143 -14.47 23.39 -40.34
CA PRO AB 143 -13.78 23.93 -41.51
C PRO AB 143 -14.65 24.93 -42.27
N LYS AB 144 -13.99 25.91 -42.85
CA LYS AB 144 -14.66 26.99 -43.56
C LYS AB 144 -15.18 26.50 -44.89
N PRO AB 145 -16.05 27.28 -45.54
CA PRO AB 145 -16.50 26.90 -46.88
C PRO AB 145 -15.37 27.08 -47.87
N VAL AB 146 -15.28 26.18 -48.82
CA VAL AB 146 -14.13 26.17 -49.72
C VAL AB 146 -14.38 27.10 -50.91
N HIS AB 147 -13.34 27.79 -51.34
CA HIS AB 147 -13.43 28.75 -52.41
C HIS AB 147 -12.63 28.31 -53.62
N LEU AB 148 -13.07 28.73 -54.79
CA LEU AB 148 -12.43 28.40 -56.06
C LEU AB 148 -12.27 29.68 -56.86
N SER AB 149 -11.31 29.66 -57.79
CA SER AB 149 -11.14 30.80 -58.68
C SER AB 149 -10.50 30.32 -59.98
N ALA AB 150 -11.01 30.80 -61.11
CA ALA AB 150 -10.57 30.25 -62.38
C ALA AB 150 -10.32 31.32 -63.42
N LEU AB 151 -9.35 31.04 -64.28
CA LEU AB 151 -9.06 31.85 -65.45
C LEU AB 151 -9.20 30.99 -66.70
N ALA AB 152 -9.44 31.62 -67.84
CA ALA AB 152 -9.63 30.89 -69.08
C ALA AB 152 -9.32 31.76 -70.28
N VAL AB 153 -8.99 31.10 -71.38
CA VAL AB 153 -8.73 31.77 -72.65
C VAL AB 153 -9.55 31.06 -73.73
N TYR AB 154 -10.46 31.80 -74.34
CA TYR AB 154 -11.38 31.26 -75.34
C TYR AB 154 -10.97 31.68 -76.74
N GLU AB 155 -11.35 30.87 -77.72
CA GLU AB 155 -11.17 31.25 -79.11
C GLU AB 155 -12.14 32.37 -79.48
N ARG AB 156 -11.63 33.35 -80.23
CA ARG AB 156 -12.38 34.54 -80.57
C ARG AB 156 -13.51 34.23 -81.54
N GLY AB 157 -14.48 35.14 -81.60
CA GLY AB 157 -15.70 34.90 -82.32
C GLY AB 157 -16.81 34.30 -81.51
N SER AB 158 -16.56 33.97 -80.26
CA SER AB 158 -17.50 33.37 -79.34
C SER AB 158 -18.18 34.45 -78.48
N PRO AB 159 -19.47 34.31 -78.22
CA PRO AB 159 -20.15 35.29 -77.34
C PRO AB 159 -19.88 34.93 -75.89
N LEU AB 160 -18.76 35.42 -75.36
CA LEU AB 160 -18.18 34.98 -74.10
C LEU AB 160 -18.86 35.57 -72.86
N ALA AB 161 -20.07 36.11 -73.00
CA ALA AB 161 -20.85 36.49 -71.83
C ALA AB 161 -21.74 35.37 -71.33
N HIS AB 162 -22.20 34.48 -72.22
CA HIS AB 162 -23.04 33.37 -71.80
C HIS AB 162 -22.27 32.14 -71.37
N GLN AB 163 -20.98 32.03 -71.69
CA GLN AB 163 -20.21 30.86 -71.33
C GLN AB 163 -19.59 30.94 -69.95
N ILE AB 164 -19.90 31.97 -69.17
CA ILE AB 164 -19.45 32.01 -67.78
C ILE AB 164 -20.43 31.35 -66.81
N SER AB 165 -21.63 30.99 -67.25
CA SER AB 165 -22.64 30.46 -66.35
C SER AB 165 -22.60 28.94 -66.26
N ASP AB 166 -22.01 28.28 -67.23
CA ASP AB 166 -21.89 26.83 -67.11
C ASP AB 166 -20.57 26.41 -66.54
N ILE AB 167 -19.57 27.28 -66.53
CA ILE AB 167 -18.38 26.98 -65.77
C ILE AB 167 -18.69 27.07 -64.29
N LYS AB 168 -19.53 28.03 -63.89
CA LYS AB 168 -19.95 28.08 -62.50
C LYS AB 168 -20.92 26.97 -62.16
N ARG AB 169 -21.66 26.46 -63.14
CA ARG AB 169 -22.54 25.34 -62.86
C ARG AB 169 -21.73 24.06 -62.70
N PHE AB 170 -20.67 23.92 -63.49
CA PHE AB 170 -19.82 22.75 -63.39
C PHE AB 170 -19.00 22.80 -62.12
N LEU AB 171 -18.55 23.99 -61.72
CA LEU AB 171 -17.71 24.13 -60.55
C LEU AB 171 -18.47 24.11 -59.24
N LYS AB 172 -19.81 24.21 -59.26
CA LYS AB 172 -20.51 24.35 -57.99
C LYS AB 172 -20.51 23.05 -57.22
N ASN AB 173 -21.06 21.98 -57.80
CA ASN AB 173 -21.18 20.72 -57.10
C ASN AB 173 -20.09 19.75 -57.49
N SER AB 174 -18.87 20.24 -57.67
CA SER AB 174 -17.69 19.39 -57.68
C SER AB 174 -16.94 19.42 -56.37
N PHE AB 175 -17.56 19.95 -55.31
CA PHE AB 175 -16.98 20.01 -53.99
C PHE AB 175 -18.12 19.81 -53.00
N ALA AB 176 -17.84 20.08 -51.73
CA ALA AB 176 -18.80 19.74 -50.68
C ALA AB 176 -19.96 20.71 -50.68
N ASP AB 177 -19.70 21.99 -50.40
CA ASP AB 177 -20.74 23.00 -50.34
C ASP AB 177 -20.15 24.37 -50.64
N VAL AB 178 -20.34 24.83 -51.87
CA VAL AB 178 -19.98 26.20 -52.21
C VAL AB 178 -21.25 26.92 -52.65
N ASP AB 179 -21.15 28.24 -52.68
CA ASP AB 179 -22.19 29.08 -53.24
C ASP AB 179 -21.72 29.63 -54.57
N TYR AB 180 -22.60 30.32 -55.26
CA TYR AB 180 -22.22 30.97 -56.49
C TYR AB 180 -21.49 32.29 -56.27
N ASP AB 181 -21.41 32.78 -55.04
CA ASP AB 181 -20.67 34.00 -54.78
C ASP AB 181 -19.22 33.77 -54.40
N ASN AB 182 -18.84 32.55 -54.07
CA ASN AB 182 -17.45 32.26 -53.73
C ASN AB 182 -16.65 31.74 -54.91
N ILE AB 183 -17.23 31.70 -56.10
CA ILE AB 183 -16.52 31.29 -57.31
C ILE AB 183 -16.44 32.48 -58.26
N SER AB 184 -15.25 32.75 -58.76
CA SER AB 184 -15.02 33.85 -59.68
C SER AB 184 -14.27 33.36 -60.90
N VAL AB 185 -14.84 33.61 -62.07
CA VAL AB 185 -14.29 33.16 -63.35
C VAL AB 185 -13.95 34.41 -64.15
N VAL AB 186 -12.69 34.54 -64.53
CA VAL AB 186 -12.22 35.67 -65.34
C VAL AB 186 -11.61 35.10 -66.62
N LEU AB 187 -12.30 35.28 -67.73
CA LEU AB 187 -11.87 34.70 -68.99
C LEU AB 187 -11.72 35.77 -70.05
N SER AB 188 -11.05 35.40 -71.14
CA SER AB 188 -10.75 36.39 -72.18
C SER AB 188 -10.46 35.71 -73.49
N GLU AB 189 -10.73 36.43 -74.59
CA GLU AB 189 -10.47 35.88 -75.90
C GLU AB 189 -8.98 35.89 -76.19
N ARG AB 190 -8.56 35.04 -77.13
CA ARG AB 190 -7.16 34.96 -77.48
C ARG AB 190 -6.76 36.13 -78.38
N SER AB 191 -5.45 36.33 -78.49
CA SER AB 191 -4.90 37.47 -79.21
C SER AB 191 -4.99 37.24 -80.71
N ASP AB 192 -4.44 38.17 -81.48
CA ASP AB 192 -4.48 38.05 -82.92
C ASP AB 192 -3.47 37.00 -83.37
N ALA AB 193 -3.76 36.40 -84.52
CA ALA AB 193 -2.94 35.31 -85.03
C ALA AB 193 -1.66 35.85 -85.63
N GLN AB 194 -0.58 35.11 -85.44
CA GLN AB 194 0.72 35.44 -86.04
C GLN AB 194 1.00 34.38 -87.10
N LEU AB 195 0.89 34.78 -88.36
CA LEU AB 195 1.02 33.83 -89.46
C LEU AB 195 2.07 34.18 -90.50
N GLN AB 196 2.50 35.43 -90.60
CA GLN AB 196 3.48 35.79 -91.62
C GLN AB 196 4.91 35.71 -91.08
N ALA AB 197 5.84 35.51 -92.01
CA ALA AB 197 7.25 35.38 -91.66
C ALA AB 197 7.82 36.74 -91.27
N PRO AB 198 8.80 36.75 -90.34
CA PRO AB 198 9.41 38.02 -89.94
C PRO AB 198 10.18 38.73 -91.05
N GLY AB 199 11.15 38.06 -91.67
CA GLY AB 199 11.92 38.72 -92.70
C GLY AB 199 13.37 38.94 -92.32
N THR AB 200 14.28 38.62 -93.24
CA THR AB 200 15.70 38.74 -92.95
C THR AB 200 16.18 40.18 -93.09
N PRO AB 201 17.10 40.61 -92.23
CA PRO AB 201 17.67 41.96 -92.36
C PRO AB 201 18.57 42.08 -93.56
N VAL AB 202 18.15 42.85 -94.56
CA VAL AB 202 18.94 42.99 -95.77
C VAL AB 202 20.08 43.97 -95.52
N LYS AB 203 21.21 43.75 -96.19
CA LYS AB 203 22.38 44.59 -96.06
C LYS AB 203 23.06 44.78 -97.41
N ASP BB 20 40.17 47.16 -74.71
CA ASP BB 20 38.93 46.69 -74.10
C ASP BB 20 39.12 46.42 -72.62
N LYS BB 21 38.63 47.32 -71.78
CA LYS BB 21 38.74 47.13 -70.35
C LYS BB 21 37.72 46.09 -69.89
N ASP BB 22 38.08 45.37 -68.83
CA ASP BB 22 37.23 44.30 -68.30
C ASP BB 22 36.53 44.78 -67.04
N LEU BB 23 35.20 44.70 -67.05
CA LEU BB 23 34.39 45.08 -65.91
C LEU BB 23 34.14 43.94 -64.94
N LEU BB 24 33.51 42.88 -65.42
CA LEU BB 24 33.11 41.75 -64.61
C LEU BB 24 33.55 40.45 -65.25
N LYS BB 25 33.67 39.43 -64.40
CA LYS BB 25 33.97 38.09 -64.90
C LYS BB 25 33.42 37.08 -63.90
N GLY BB 26 33.13 35.89 -64.40
CA GLY BB 26 32.56 34.83 -63.60
C GLY BB 26 31.07 34.92 -63.37
N LEU BB 27 30.33 35.63 -64.22
CA LEU BB 27 28.91 35.80 -64.00
C LEU BB 27 28.14 34.57 -64.47
N ASP BB 28 26.85 34.57 -64.20
CA ASP BB 28 25.99 33.50 -64.69
C ASP BB 28 25.48 33.87 -66.08
N GLN BB 29 24.51 33.11 -66.58
CA GLN BB 29 23.95 33.37 -67.91
C GLN BB 29 22.90 34.48 -67.89
N GLU BB 30 21.91 34.39 -67.02
CA GLU BB 30 20.87 35.40 -66.92
C GLU BB 30 21.26 36.60 -66.10
N GLN BB 31 22.45 36.58 -65.50
CA GLN BB 31 22.97 37.77 -64.88
C GLN BB 31 23.62 38.72 -65.88
N ALA BB 32 24.06 38.22 -67.02
CA ALA BB 32 24.72 39.05 -68.02
C ALA BB 32 23.75 39.74 -68.97
N ASN BB 33 22.58 39.15 -69.19
CA ASN BB 33 21.61 39.78 -70.07
C ASN BB 33 20.90 40.92 -69.39
N GLU BB 34 21.04 41.07 -68.08
CA GLU BB 34 20.45 42.23 -67.44
C GLU BB 34 21.43 43.38 -67.49
N VAL BB 35 22.73 43.09 -67.36
CA VAL BB 35 23.74 44.15 -67.42
C VAL BB 35 23.83 44.70 -68.83
N ILE BB 36 23.67 43.84 -69.85
CA ILE BB 36 23.71 44.35 -71.22
C ILE BB 36 22.48 45.20 -71.50
N ALA BB 37 21.32 44.77 -71.00
CA ALA BB 37 20.08 45.52 -71.20
C ALA BB 37 20.07 46.82 -70.41
N VAL BB 38 20.88 46.92 -69.36
CA VAL BB 38 20.97 48.17 -68.63
C VAL BB 38 21.92 49.12 -69.35
N LEU BB 39 23.07 48.61 -69.81
CA LEU BB 39 24.05 49.48 -70.43
C LEU BB 39 23.58 50.02 -71.78
N GLN BB 40 22.83 49.23 -72.56
CA GLN BB 40 22.38 49.77 -73.83
C GLN BB 40 21.28 50.81 -73.68
N MET BB 41 20.65 50.89 -72.51
CA MET BB 41 19.69 51.95 -72.28
C MET BB 41 20.37 53.31 -72.08
N HIS BB 42 21.66 53.31 -71.79
CA HIS BB 42 22.37 54.55 -71.51
C HIS BB 42 23.50 54.79 -72.52
N ASN BB 43 23.27 54.35 -73.76
CA ASN BB 43 24.09 54.69 -74.94
C ASN BB 43 25.52 54.20 -74.82
N ILE BB 44 25.75 53.07 -74.17
CA ILE BB 44 27.06 52.44 -74.16
C ILE BB 44 26.91 50.98 -74.55
N GLU BB 45 27.84 50.49 -75.38
CA GLU BB 45 27.73 49.19 -76.04
C GLU BB 45 28.71 48.22 -75.40
N ALA BB 46 28.21 47.03 -75.04
CA ALA BB 46 28.99 46.02 -74.35
C ALA BB 46 29.12 44.73 -75.15
N ASN BB 47 30.20 44.00 -74.87
CA ASN BB 47 30.53 42.73 -75.52
C ASN BB 47 30.45 41.62 -74.49
N LYS BB 48 29.81 40.52 -74.88
CA LYS BB 48 29.64 39.33 -74.04
C LYS BB 48 30.63 38.26 -74.47
N ILE BB 49 31.48 37.81 -73.54
CA ILE BB 49 32.51 36.84 -73.86
C ILE BB 49 32.36 35.62 -72.96
N ASP BB 50 32.22 34.45 -73.56
CA ASP BB 50 32.16 33.19 -72.83
C ASP BB 50 33.57 32.74 -72.46
N SER BB 51 33.71 32.12 -71.28
CA SER BB 51 35.00 31.62 -70.86
C SER BB 51 34.91 30.16 -70.42
N GLY BB 52 33.94 29.43 -70.98
CA GLY BB 52 33.82 28.01 -70.74
C GLY BB 52 33.26 27.70 -69.36
N LYS BB 53 34.02 26.96 -68.55
CA LYS BB 53 33.53 26.56 -67.24
C LYS BB 53 33.53 27.72 -66.26
N LEU BB 54 34.37 28.73 -66.49
CA LEU BB 54 34.52 29.84 -65.56
C LEU BB 54 33.47 30.93 -65.74
N GLY BB 55 32.40 30.67 -66.49
CA GLY BB 55 31.35 31.64 -66.65
C GLY BB 55 31.48 32.59 -67.82
N TYR BB 56 30.91 33.77 -67.68
CA TYR BB 56 30.92 34.80 -68.71
C TYR BB 56 31.75 35.99 -68.25
N SER BB 57 31.86 36.97 -69.14
CA SER BB 57 32.58 38.21 -68.87
C SER BB 57 32.02 39.26 -69.80
N ILE BB 58 32.12 40.52 -69.38
CA ILE BB 58 31.54 41.63 -70.12
C ILE BB 58 32.62 42.70 -70.27
N THR BB 59 32.91 43.07 -71.50
CA THR BB 59 33.90 44.11 -71.75
C THR BB 59 33.24 45.25 -72.50
N VAL BB 60 33.67 46.47 -72.18
CA VAL BB 60 33.17 47.66 -72.87
C VAL BB 60 34.39 48.30 -73.52
N ALA BB 61 34.19 49.41 -74.22
CA ALA BB 61 35.27 50.11 -74.87
C ALA BB 61 36.00 50.97 -73.84
N GLU BB 62 37.03 51.66 -74.29
CA GLU BB 62 37.82 52.47 -73.39
C GLU BB 62 37.18 53.79 -72.97
N PRO BB 63 36.65 54.65 -73.85
CA PRO BB 63 36.06 55.90 -73.32
C PRO BB 63 34.72 55.74 -72.61
N ASP BB 64 34.04 54.61 -72.76
CA ASP BB 64 32.80 54.37 -72.02
C ASP BB 64 33.02 53.70 -70.67
N PHE BB 65 34.27 53.63 -70.23
CA PHE BB 65 34.58 52.91 -68.99
C PHE BB 65 34.18 53.71 -67.77
N THR BB 66 34.60 54.97 -67.71
CA THR BB 66 34.32 55.74 -66.50
C THR BB 66 32.86 56.13 -66.39
N ALA BB 67 32.09 55.97 -67.46
CA ALA BB 67 30.65 56.13 -67.39
C ALA BB 67 29.92 54.81 -67.17
N ALA BB 68 30.60 53.68 -67.36
CA ALA BB 68 29.89 52.42 -67.16
C ALA BB 68 30.08 51.90 -65.75
N VAL BB 69 31.17 52.30 -65.07
CA VAL BB 69 31.27 51.90 -63.66
C VAL BB 69 30.29 52.69 -62.81
N TYR BB 70 29.89 53.87 -63.27
CA TYR BB 70 28.93 54.66 -62.50
C TYR BB 70 27.55 54.02 -62.57
N TRP BB 71 27.16 53.49 -63.72
CA TRP BB 71 25.86 52.84 -63.78
C TRP BB 71 25.90 51.45 -63.16
N ILE BB 72 27.09 50.88 -63.00
CA ILE BB 72 27.18 49.62 -62.26
C ILE BB 72 26.94 49.88 -60.77
N LYS BB 73 27.55 50.96 -60.25
CA LYS BB 73 27.37 51.29 -58.84
C LYS BB 73 25.96 51.77 -58.58
N THR BB 74 25.34 52.46 -59.54
CA THR BB 74 24.01 52.98 -59.30
C THR BB 74 22.97 51.87 -59.35
N TYR BB 75 22.97 51.06 -60.42
CA TYR BB 75 21.95 50.04 -60.55
C TYR BB 75 22.27 48.76 -59.79
N GLN BB 76 23.35 48.73 -59.00
CA GLN BB 76 23.73 47.61 -58.14
C GLN BB 76 24.02 46.29 -58.85
N LEU BB 77 24.59 46.32 -60.06
CA LEU BB 77 24.90 45.06 -60.72
C LEU BB 77 26.17 44.45 -60.15
N PRO BB 78 26.29 43.10 -60.13
CA PRO BB 78 25.39 42.05 -60.61
C PRO BB 78 24.19 41.75 -59.71
N PRO BB 79 23.11 41.24 -60.29
CA PRO BB 79 21.90 41.00 -59.51
C PRO BB 79 22.08 39.80 -58.60
N ARG BB 80 21.55 39.90 -57.40
CA ARG BB 80 21.49 38.74 -56.53
C ARG BB 80 20.46 37.75 -57.07
N PRO BB 81 20.60 36.47 -56.75
CA PRO BB 81 19.54 35.53 -57.10
C PRO BB 81 18.31 35.79 -56.23
N ARG BB 82 17.13 35.66 -56.83
CA ARG BB 82 15.90 35.99 -56.14
C ARG BB 82 15.58 34.97 -55.07
N VAL BB 83 15.18 35.46 -53.91
CA VAL BB 83 15.04 34.65 -52.70
C VAL BB 83 13.59 34.20 -52.58
N GLU BB 84 13.40 33.05 -51.96
CA GLU BB 84 12.06 32.54 -51.67
C GLU BB 84 12.00 32.14 -50.20
N ILE BB 85 10.78 31.99 -49.70
CA ILE BB 85 10.62 31.59 -48.30
C ILE BB 85 10.86 30.11 -48.13
N ALA BB 86 10.65 29.33 -49.17
CA ALA BB 86 10.87 27.89 -49.08
C ALA BB 86 12.33 27.50 -49.16
N GLN BB 87 13.23 28.45 -49.41
CA GLN BB 87 14.64 28.11 -49.44
C GLN BB 87 15.23 28.05 -48.04
N MET BB 88 14.64 28.76 -47.09
CA MET BB 88 15.15 28.74 -45.73
C MET BB 88 14.78 27.46 -45.01
N PHE BB 89 13.66 26.85 -45.37
CA PHE BB 89 13.19 25.62 -44.77
C PHE BB 89 13.32 24.54 -45.83
N PRO BB 90 14.41 23.80 -45.87
CA PRO BB 90 14.58 22.80 -46.92
C PRO BB 90 13.72 21.58 -46.66
N ALA BB 91 13.29 20.95 -47.74
CA ALA BB 91 12.40 19.80 -47.64
C ALA BB 91 13.09 18.54 -47.17
N ASP BB 92 14.42 18.48 -47.30
CA ASP BB 92 15.17 17.27 -46.97
C ASP BB 92 15.61 17.22 -45.50
N SER BB 93 14.97 17.98 -44.62
CA SER BB 93 15.27 17.86 -43.20
C SER BB 93 14.66 16.58 -42.64
N LEU BB 94 15.24 16.09 -41.54
CA LEU BB 94 14.77 14.85 -40.96
C LEU BB 94 13.44 15.02 -40.24
N VAL BB 95 13.24 16.14 -39.55
CA VAL BB 95 12.01 16.43 -38.83
C VAL BB 95 11.64 17.88 -39.11
N SER BB 96 10.38 18.13 -39.44
CA SER BB 96 9.89 19.46 -39.80
C SER BB 96 8.80 19.89 -38.84
N SER BB 97 8.96 21.08 -38.27
CA SER BB 97 7.97 21.61 -37.36
C SER BB 97 6.69 22.02 -38.12
N PRO BB 98 5.57 22.16 -37.38
CA PRO BB 98 4.34 22.68 -38.02
C PRO BB 98 4.46 24.13 -38.45
N ARG BB 99 5.46 24.87 -37.99
CA ARG BB 99 5.66 26.21 -38.52
C ARG BB 99 6.35 26.14 -39.87
N ALA BB 100 7.31 25.22 -40.00
CA ALA BB 100 8.03 25.10 -41.25
C ALA BB 100 7.18 24.45 -42.33
N GLU BB 101 6.15 23.72 -41.93
CA GLU BB 101 5.30 23.14 -42.97
C GLU BB 101 4.28 24.14 -43.48
N LYS BB 102 3.86 25.08 -42.65
CA LYS BB 102 2.94 26.06 -43.19
C LYS BB 102 3.67 27.19 -43.90
N ALA BB 103 4.91 27.48 -43.51
CA ALA BB 103 5.67 28.44 -44.29
C ALA BB 103 6.07 27.86 -45.63
N ARG BB 104 6.30 26.54 -45.68
CA ARG BB 104 6.59 25.94 -46.98
C ARG BB 104 5.33 25.77 -47.81
N LEU BB 105 4.16 25.86 -47.18
CA LEU BB 105 2.94 25.83 -47.95
C LEU BB 105 2.70 27.19 -48.59
N TYR BB 106 2.75 28.26 -47.79
CA TYR BB 106 2.44 29.58 -48.30
C TYR BB 106 3.46 30.08 -49.31
N SER BB 107 4.71 29.59 -49.26
CA SER BB 107 5.63 30.05 -50.29
C SER BB 107 5.33 29.40 -51.63
N ALA BB 108 4.75 28.21 -51.62
CA ALA BB 108 4.40 27.60 -52.88
C ALA BB 108 3.05 28.08 -53.38
N ILE BB 109 2.26 28.66 -52.48
CA ILE BB 109 1.01 29.23 -52.95
C ILE BB 109 1.28 30.56 -53.63
N GLU BB 110 2.14 31.39 -53.04
CA GLU BB 110 2.42 32.65 -53.71
C GLU BB 110 3.32 32.46 -54.94
N GLN BB 111 4.04 31.35 -55.03
CA GLN BB 111 4.74 31.06 -56.28
C GLN BB 111 3.82 30.53 -57.34
N ARG BB 112 2.68 29.94 -56.99
CA ARG BB 112 1.82 29.45 -58.06
C ARG BB 112 0.85 30.54 -58.49
N LEU BB 113 0.43 31.39 -57.56
CA LEU BB 113 -0.40 32.53 -57.93
C LEU BB 113 0.37 33.57 -58.74
N GLU BB 114 1.70 33.64 -58.58
CA GLU BB 114 2.43 34.60 -59.40
C GLU BB 114 2.50 34.13 -60.85
N GLN BB 115 2.70 32.83 -61.06
CA GLN BB 115 2.74 32.32 -62.41
C GLN BB 115 1.35 32.25 -63.02
N SER BB 116 0.31 32.21 -62.20
CA SER BB 116 -1.03 32.24 -62.74
C SER BB 116 -1.49 33.64 -63.09
N LEU BB 117 -0.86 34.66 -62.53
CA LEU BB 117 -1.22 36.02 -62.93
C LEU BB 117 -0.62 36.42 -64.25
N GLN BB 118 0.47 35.80 -64.67
CA GLN BB 118 1.15 36.12 -65.92
C GLN BB 118 0.44 35.65 -67.18
N THR BB 119 -0.58 34.81 -67.08
CA THR BB 119 -1.27 34.35 -68.28
C THR BB 119 -2.49 35.20 -68.64
N MET BB 120 -2.70 36.33 -67.99
CA MET BB 120 -3.79 37.22 -68.34
C MET BB 120 -3.47 38.01 -69.60
N GLU BB 121 -4.45 38.78 -70.07
CA GLU BB 121 -4.33 39.56 -71.31
C GLU BB 121 -3.72 40.93 -71.07
N GLY BB 122 -2.42 41.06 -71.30
CA GLY BB 122 -1.73 42.32 -71.20
C GLY BB 122 -0.59 42.34 -70.20
N VAL BB 123 -0.59 41.43 -69.24
CA VAL BB 123 0.40 41.44 -68.17
C VAL BB 123 1.73 40.89 -68.67
N LEU BB 124 2.80 41.64 -68.44
CA LEU BB 124 4.12 41.14 -68.73
C LEU BB 124 4.77 40.52 -67.51
N SER BB 125 4.59 41.11 -66.34
CA SER BB 125 5.15 40.56 -65.11
C SER BB 125 4.29 41.00 -63.94
N ALA BB 126 4.42 40.24 -62.85
CA ALA BB 126 3.65 40.45 -61.64
C ALA BB 126 4.41 39.90 -60.45
N ARG BB 127 3.99 40.31 -59.25
CA ARG BB 127 4.56 39.81 -58.01
C ARG BB 127 3.49 39.85 -56.93
N VAL BB 128 3.42 38.80 -56.11
CA VAL BB 128 2.32 38.64 -55.15
C VAL BB 128 2.86 38.30 -53.77
N HIS BB 129 2.39 39.01 -52.74
CA HIS BB 129 2.74 38.78 -51.35
C HIS BB 129 1.52 38.42 -50.52
N ILE BB 130 1.68 37.46 -49.61
CA ILE BB 130 0.65 37.00 -48.69
C ILE BB 130 1.14 37.25 -47.28
N SER BB 131 0.21 37.55 -46.37
CA SER BB 131 0.56 37.67 -44.96
C SER BB 131 0.77 36.29 -44.36
N TYR BB 132 1.85 36.15 -43.59
CA TYR BB 132 2.26 34.88 -42.98
C TYR BB 132 1.86 34.81 -41.52
N ASP BB 133 1.48 33.62 -41.06
CA ASP BB 133 1.24 33.39 -39.64
C ASP BB 133 2.49 32.77 -38.99
N ILE BB 134 2.90 33.35 -37.87
CA ILE BB 134 4.20 33.07 -37.27
C ILE BB 134 4.05 32.41 -35.90
N ASP BB 135 3.08 32.84 -35.11
CA ASP BB 135 2.78 32.35 -33.78
C ASP BB 135 1.54 31.46 -33.78
N ALA BB 136 1.40 30.60 -34.79
CA ALA BB 136 0.13 29.92 -35.06
C ALA BB 136 -0.25 28.92 -33.97
N GLY BB 137 0.60 27.94 -33.68
CA GLY BB 137 0.12 26.96 -32.72
C GLY BB 137 0.49 27.07 -31.26
N GLU BB 138 1.53 27.83 -30.92
CA GLU BB 138 1.93 27.93 -29.52
C GLU BB 138 0.98 28.79 -28.71
N ASN BB 139 0.26 29.70 -29.33
CA ASN BB 139 -0.81 30.42 -28.64
C ASN BB 139 -2.14 29.71 -28.79
N GLY BB 140 -3.07 30.07 -27.92
CA GLY BB 140 -4.47 29.74 -28.03
C GLY BB 140 -5.27 30.66 -28.90
N ARG BB 141 -4.65 31.72 -29.44
CA ARG BB 141 -5.42 32.67 -30.23
C ARG BB 141 -5.76 32.08 -31.60
N PRO BB 142 -6.91 32.43 -32.14
CA PRO BB 142 -7.25 32.03 -33.50
C PRO BB 142 -6.42 32.83 -34.49
N PRO BB 143 -6.23 32.31 -35.71
CA PRO BB 143 -5.43 33.04 -36.70
C PRO BB 143 -6.15 34.29 -37.15
N LYS BB 144 -5.36 35.19 -37.71
CA LYS BB 144 -5.88 36.50 -38.04
C LYS BB 144 -6.49 36.46 -39.42
N PRO BB 145 -7.03 37.57 -39.92
CA PRO BB 145 -7.55 37.58 -41.28
C PRO BB 145 -6.38 37.56 -42.24
N VAL BB 146 -6.64 37.21 -43.50
CA VAL BB 146 -5.57 37.06 -44.46
C VAL BB 146 -5.50 38.30 -45.34
N HIS BB 147 -4.32 38.89 -45.45
CA HIS BB 147 -4.09 40.03 -46.31
C HIS BB 147 -3.20 39.64 -47.47
N LEU BB 148 -3.40 40.30 -48.61
CA LEU BB 148 -2.63 40.04 -49.82
C LEU BB 148 -2.24 41.37 -50.45
N SER BB 149 -1.19 41.33 -51.27
CA SER BB 149 -0.80 42.51 -52.04
C SER BB 149 -0.23 42.05 -53.37
N ALA BB 150 -0.28 42.95 -54.36
CA ALA BB 150 0.13 42.56 -55.69
C ALA BB 150 0.68 43.74 -56.48
N LEU BB 151 1.62 43.43 -57.38
CA LEU BB 151 2.18 44.39 -58.31
C LEU BB 151 2.11 43.81 -59.72
N ALA BB 152 2.03 44.70 -60.70
CA ALA BB 152 1.90 44.27 -62.09
C ALA BB 152 2.42 45.34 -63.04
N VAL BB 153 2.84 44.88 -64.22
CA VAL BB 153 3.32 45.75 -65.28
C VAL BB 153 2.56 45.42 -66.55
N TYR BB 154 1.89 46.41 -67.12
CA TYR BB 154 0.98 46.23 -68.24
C TYR BB 154 1.59 46.78 -69.52
N GLU BB 155 1.13 46.23 -70.64
CA GLU BB 155 1.44 46.81 -71.93
C GLU BB 155 0.79 48.18 -72.04
N ARG BB 156 1.51 49.14 -72.61
CA ARG BB 156 1.03 50.50 -72.67
C ARG BB 156 -0.06 50.66 -73.72
N GLY BB 157 -0.84 51.71 -73.57
CA GLY BB 157 -2.01 51.92 -74.38
C GLY BB 157 -3.29 51.36 -73.79
N SER BB 158 -3.24 50.83 -72.60
CA SER BB 158 -4.38 50.20 -71.97
C SER BB 158 -4.95 51.10 -70.88
N PRO BB 159 -6.27 51.18 -70.75
CA PRO BB 159 -6.84 51.96 -69.65
C PRO BB 159 -6.69 51.20 -68.35
N LEU BB 160 -5.53 51.40 -67.72
CA LEU BB 160 -5.08 50.63 -66.57
C LEU BB 160 -5.75 51.03 -65.27
N ALA BB 161 -6.81 51.83 -65.33
CA ALA BB 161 -7.63 52.07 -64.16
C ALA BB 161 -8.80 51.10 -64.09
N HIS BB 162 -9.32 50.68 -65.24
CA HIS BB 162 -10.40 49.70 -65.22
C HIS BB 162 -9.92 48.28 -65.03
N GLN BB 163 -8.63 48.00 -65.24
CA GLN BB 163 -8.12 46.65 -65.11
C GLN BB 163 -7.63 46.32 -63.71
N ILE BB 164 -7.96 47.16 -62.72
CA ILE BB 164 -7.64 46.85 -61.33
C ILE BB 164 -8.79 46.12 -60.64
N SER BB 165 -9.97 46.11 -61.27
CA SER BB 165 -11.13 45.45 -60.68
C SER BB 165 -11.23 43.99 -61.09
N ASP BB 166 -10.35 43.52 -61.96
CA ASP BB 166 -10.32 42.11 -62.29
C ASP BB 166 -9.34 41.34 -61.43
N ILE BB 167 -8.24 41.98 -61.05
CA ILE BB 167 -7.27 41.31 -60.18
C ILE BB 167 -7.77 41.22 -58.75
N LYS BB 168 -8.62 42.16 -58.33
CA LYS BB 168 -9.18 42.05 -56.99
C LYS BB 168 -10.23 40.97 -56.91
N ARG BB 169 -11.01 40.81 -57.98
CA ARG BB 169 -12.00 39.74 -58.00
C ARG BB 169 -11.32 38.40 -58.10
N PHE BB 170 -10.18 38.34 -58.78
CA PHE BB 170 -9.48 37.07 -58.89
C PHE BB 170 -8.81 36.72 -57.58
N LEU BB 171 -8.29 37.71 -56.87
CA LEU BB 171 -7.54 37.44 -55.65
C LEU BB 171 -8.44 37.27 -54.43
N LYS BB 172 -9.73 37.58 -54.54
CA LYS BB 172 -10.58 37.54 -53.35
C LYS BB 172 -10.81 36.11 -52.89
N ASN BB 173 -11.35 35.27 -53.75
CA ASN BB 173 -11.68 33.90 -53.35
C ASN BB 173 -10.60 32.93 -53.76
N SER BB 174 -9.34 33.34 -53.66
CA SER BB 174 -8.23 32.41 -53.67
C SER BB 174 -7.77 32.03 -52.26
N PHE BB 175 -8.51 32.42 -51.24
CA PHE BB 175 -8.17 32.11 -49.85
C PHE BB 175 -9.46 31.83 -49.10
N ALA BB 176 -9.35 31.78 -47.77
CA ALA BB 176 -10.50 31.40 -46.95
C ALA BB 176 -11.52 32.51 -46.85
N ASP BB 177 -11.15 33.63 -46.25
CA ASP BB 177 -12.07 34.77 -46.14
C ASP BB 177 -11.19 36.01 -46.04
N VAL BB 178 -11.02 36.68 -47.16
CA VAL BB 178 -10.35 37.98 -47.18
C VAL BB 178 -11.40 39.01 -47.57
N ASP BB 179 -11.17 40.24 -47.15
CA ASP BB 179 -12.10 41.29 -47.47
C ASP BB 179 -11.62 42.00 -48.74
N TYR BB 180 -12.39 42.97 -49.21
CA TYR BB 180 -12.06 43.70 -50.42
C TYR BB 180 -11.15 44.87 -50.17
N ASP BB 181 -10.86 45.19 -48.91
CA ASP BB 181 -9.91 46.24 -48.56
C ASP BB 181 -8.63 45.69 -47.96
N ASN BB 182 -8.46 44.37 -47.94
CA ASN BB 182 -7.20 43.76 -47.56
C ASN BB 182 -6.35 43.38 -48.76
N ILE BB 183 -6.73 43.80 -49.95
CA ILE BB 183 -5.96 43.56 -51.17
C ILE BB 183 -5.55 44.90 -51.75
N SER BB 184 -4.28 45.04 -52.10
CA SER BB 184 -3.77 46.27 -52.68
C SER BB 184 -2.99 45.92 -53.94
N VAL BB 185 -3.42 46.49 -55.06
CA VAL BB 185 -2.79 46.26 -56.35
C VAL BB 185 -2.17 47.56 -56.81
N VAL BB 186 -0.88 47.55 -57.05
CA VAL BB 186 -0.19 48.73 -57.56
C VAL BB 186 0.44 48.33 -58.87
N LEU BB 187 -0.07 48.87 -59.96
CA LEU BB 187 0.37 48.45 -61.28
C LEU BB 187 0.68 49.66 -62.12
N SER BB 188 1.40 49.42 -63.22
CA SER BB 188 1.86 50.55 -64.02
C SER BB 188 2.11 50.09 -65.44
N GLU BB 189 2.22 51.05 -66.34
CA GLU BB 189 2.54 50.70 -67.72
C GLU BB 189 4.03 50.51 -67.88
N ARG BB 190 4.43 49.96 -69.00
CA ARG BB 190 5.84 49.68 -69.21
C ARG BB 190 6.55 50.90 -69.78
N SER BB 191 7.87 50.86 -69.72
CA SER BB 191 8.70 51.95 -70.18
C SER BB 191 8.74 52.00 -71.70
N ASP BB 192 9.37 53.05 -72.22
CA ASP BB 192 9.51 53.22 -73.66
C ASP BB 192 10.48 52.20 -74.20
N ALA BB 193 10.20 51.73 -75.41
CA ALA BB 193 10.95 50.63 -76.00
C ALA BB 193 12.32 51.09 -76.46
N GLN BB 194 13.33 50.23 -76.27
CA GLN BB 194 14.68 50.45 -76.76
C GLN BB 194 14.85 49.52 -77.95
N LEU BB 195 14.90 50.10 -79.14
CA LEU BB 195 14.98 49.32 -80.36
C LEU BB 195 16.17 49.63 -81.24
N GLN BB 196 16.84 50.75 -81.03
CA GLN BB 196 17.95 51.17 -81.88
C GLN BB 196 19.30 50.83 -81.27
N ALA BB 197 20.29 50.66 -82.14
CA ALA BB 197 21.64 50.29 -81.74
C ALA BB 197 22.33 51.46 -81.03
N PRO BB 198 23.21 51.17 -80.06
CA PRO BB 198 23.91 52.25 -79.35
C PRO BB 198 24.84 53.10 -80.22
N GLY BB 199 25.80 52.47 -80.89
CA GLY BB 199 26.74 53.22 -81.71
C GLY BB 199 28.13 53.17 -81.15
N THR BB 200 29.10 52.88 -82.00
CA THR BB 200 30.48 52.75 -81.55
C THR BB 200 31.14 54.11 -81.36
N PRO BB 201 31.98 54.26 -80.31
CA PRO BB 201 32.66 55.54 -80.06
C PRO BB 201 33.80 55.72 -81.05
N VAL BB 202 33.65 56.70 -81.95
CA VAL BB 202 34.73 57.00 -82.88
C VAL BB 202 35.84 57.76 -82.16
N LYS BB 203 37.08 57.41 -82.50
CA LYS BB 203 38.25 58.04 -81.91
C LYS BB 203 39.33 58.29 -82.96
N ASP CB 20 53.49 54.35 -59.75
CA ASP CB 20 52.49 53.30 -59.63
C ASP CB 20 52.54 52.66 -58.26
N LYS CB 21 52.09 53.40 -57.25
CA LYS CB 21 52.03 52.89 -55.88
C LYS CB 21 50.71 52.18 -55.61
N ASP CB 22 50.80 50.92 -55.22
CA ASP CB 22 49.61 50.15 -54.88
C ASP CB 22 49.10 50.62 -53.53
N LEU CB 23 47.79 50.59 -53.36
CA LEU CB 23 47.24 51.00 -52.08
C LEU CB 23 46.30 49.94 -51.52
N LEU CB 24 45.70 49.15 -52.39
CA LEU CB 24 44.82 48.07 -51.97
C LEU CB 24 45.06 46.86 -52.85
N LYS CB 25 45.04 45.68 -52.24
CA LYS CB 25 45.16 44.44 -52.99
C LYS CB 25 44.48 43.32 -52.22
N GLY CB 26 44.20 42.24 -52.93
CA GLY CB 26 43.51 41.11 -52.35
C GLY CB 26 42.02 41.31 -52.19
N LEU CB 27 41.43 42.25 -52.92
CA LEU CB 27 39.99 42.48 -52.85
C LEU CB 27 39.27 41.49 -53.75
N ASP CB 28 37.97 41.72 -53.97
CA ASP CB 28 37.26 40.92 -54.96
C ASP CB 28 36.54 41.77 -56.01
N GLN CB 29 35.67 41.10 -56.76
CA GLN CB 29 35.04 41.68 -57.94
C GLN CB 29 34.06 42.78 -57.60
N GLU CB 30 33.30 42.61 -56.51
CA GLU CB 30 32.29 43.60 -56.18
C GLU CB 30 32.85 44.75 -55.36
N GLN CB 31 34.00 44.56 -54.72
CA GLN CB 31 34.60 45.65 -53.97
C GLN CB 31 35.45 46.55 -54.85
N ALA CB 32 36.15 45.98 -55.83
CA ALA CB 32 37.00 46.83 -56.65
C ALA CB 32 36.19 47.69 -57.61
N ASN CB 33 34.99 47.24 -57.96
CA ASN CB 33 34.12 48.01 -58.83
C ASN CB 33 33.42 49.11 -58.06
N GLU CB 34 33.58 49.13 -56.74
CA GLU CB 34 33.07 50.19 -55.90
C GLU CB 34 34.16 51.23 -55.63
N VAL CB 35 35.39 50.74 -55.42
CA VAL CB 35 36.49 51.67 -55.17
C VAL CB 35 36.83 52.48 -56.41
N ILE CB 36 36.72 51.89 -57.60
CA ILE CB 36 36.98 52.69 -58.80
C ILE CB 36 35.85 53.69 -59.04
N ALA CB 37 34.61 53.29 -58.76
CA ALA CB 37 33.49 54.20 -58.96
C ALA CB 37 33.46 55.33 -57.94
N VAL CB 38 34.13 55.18 -56.80
CA VAL CB 38 34.16 56.30 -55.87
C VAL CB 38 35.32 57.22 -56.22
N LEU CB 39 36.51 56.66 -56.52
CA LEU CB 39 37.67 57.49 -56.76
C LEU CB 39 37.55 58.27 -58.07
N GLN CB 40 36.89 57.72 -59.07
CA GLN CB 40 36.71 58.46 -60.31
C GLN CB 40 35.75 59.64 -60.17
N MET CB 41 34.90 59.63 -59.14
CA MET CB 41 34.05 60.79 -58.90
C MET CB 41 34.83 62.00 -58.39
N HIS CB 42 36.00 61.79 -57.80
CA HIS CB 42 36.78 62.89 -57.23
C HIS CB 42 38.05 63.13 -58.02
N ASN CB 43 37.94 62.96 -59.34
CA ASN CB 43 38.91 63.40 -60.33
C ASN CB 43 40.27 62.71 -60.20
N ILE CB 44 40.30 61.48 -59.70
CA ILE CB 44 41.51 60.66 -59.72
C ILE CB 44 41.17 59.33 -60.35
N GLU CB 45 42.11 58.76 -61.10
CA GLU CB 45 41.92 57.53 -61.84
C GLU CB 45 42.71 56.41 -61.21
N ALA CB 46 42.17 55.20 -61.33
CA ALA CB 46 42.74 54.02 -60.72
C ALA CB 46 43.04 53.00 -61.81
N ASN CB 47 43.64 51.88 -61.40
CA ASN CB 47 43.99 50.84 -62.35
C ASN CB 47 43.63 49.52 -61.68
N LYS CB 48 42.70 48.80 -62.31
CA LYS CB 48 42.26 47.49 -61.84
C LYS CB 48 43.13 46.39 -62.42
N ILE CB 49 43.85 45.67 -61.56
CA ILE CB 49 44.75 44.61 -62.00
C ILE CB 49 44.25 43.30 -61.42
N ASP CB 50 43.97 42.33 -62.29
CA ASP CB 50 43.58 41.01 -61.84
C ASP CB 50 44.83 40.26 -61.39
N SER CB 51 44.66 39.33 -60.44
CA SER CB 51 45.82 38.57 -60.02
C SER CB 51 45.49 37.09 -59.85
N GLY CB 52 44.53 36.61 -60.63
CA GLY CB 52 44.16 35.21 -60.59
C GLY CB 52 43.41 34.80 -59.35
N LYS CB 53 44.01 33.91 -58.56
CA LYS CB 53 43.36 33.41 -57.36
C LYS CB 53 43.52 34.34 -56.17
N LEU CB 54 44.38 35.35 -56.25
CA LEU CB 54 44.62 36.24 -55.13
C LEU CB 54 43.73 37.46 -55.19
N GLY CB 55 42.71 37.47 -56.04
CA GLY CB 55 41.79 38.58 -56.11
C GLY CB 55 42.26 39.68 -57.02
N TYR CB 56 41.86 40.91 -56.71
CA TYR CB 56 42.20 42.06 -57.52
C TYR CB 56 43.11 42.99 -56.75
N SER CB 57 43.59 44.00 -57.48
CA SER CB 57 44.48 45.00 -56.91
C SER CB 57 44.16 46.31 -57.60
N ILE CB 58 44.40 47.41 -56.89
CA ILE CB 58 44.08 48.74 -57.38
C ILE CB 58 45.31 49.59 -57.19
N THR CB 59 45.83 50.15 -58.29
CA THR CB 59 46.99 51.04 -58.20
C THR CB 59 46.61 52.41 -58.72
N VAL CB 60 47.18 53.44 -58.10
CA VAL CB 60 46.93 54.82 -58.50
C VAL CB 60 48.29 55.46 -58.78
N ALA CB 61 48.26 56.62 -59.42
CA ALA CB 61 49.48 57.34 -59.71
C ALA CB 61 50.05 57.99 -58.44
N GLU CB 62 51.32 58.35 -58.53
CA GLU CB 62 52.06 58.91 -57.42
C GLU CB 62 51.63 60.34 -57.08
N PRO CB 63 51.31 61.23 -58.03
CA PRO CB 63 50.68 62.49 -57.60
C PRO CB 63 49.29 62.32 -57.01
N ASP CB 64 48.54 61.30 -57.41
CA ASP CB 64 47.21 61.11 -56.85
C ASP CB 64 47.20 60.18 -55.65
N PHE CB 65 48.37 59.89 -55.08
CA PHE CB 65 48.40 58.93 -53.99
C PHE CB 65 48.00 59.56 -52.67
N THR CB 66 48.36 60.81 -52.43
CA THR CB 66 48.05 61.43 -51.15
C THR CB 66 46.56 61.65 -51.00
N ALA CB 67 45.89 62.07 -52.08
CA ALA CB 67 44.45 62.26 -52.01
C ALA CB 67 43.75 60.91 -51.99
N ALA CB 68 44.36 59.88 -52.58
CA ALA CB 68 43.65 58.60 -52.63
C ALA CB 68 43.63 57.95 -51.26
N VAL CB 69 44.68 58.17 -50.45
CA VAL CB 69 44.63 57.61 -49.10
C VAL CB 69 43.63 58.37 -48.25
N TYR CB 70 43.42 59.65 -48.56
CA TYR CB 70 42.48 60.44 -47.78
C TYR CB 70 41.05 60.01 -48.09
N TRP CB 71 40.76 59.69 -49.34
CA TRP CB 71 39.40 59.25 -49.59
C TRP CB 71 39.18 57.80 -49.21
N ILE CB 72 40.25 57.03 -49.02
CA ILE CB 72 40.08 55.68 -48.48
C ILE CB 72 39.71 55.77 -46.99
N LYS CB 73 40.40 56.65 -46.25
CA LYS CB 73 40.11 56.77 -44.83
C LYS CB 73 38.76 57.41 -44.63
N THR CB 74 38.35 58.31 -45.52
CA THR CB 74 37.08 58.99 -45.33
C THR CB 74 35.92 58.05 -45.65
N TYR CB 75 35.97 57.35 -46.78
CA TYR CB 75 34.87 56.50 -47.18
C TYR CB 75 34.88 55.09 -46.61
N GLN CB 76 35.80 54.77 -45.69
CA GLN CB 76 35.85 53.46 -45.00
C GLN CB 76 36.03 52.27 -45.94
N LEU CB 77 36.70 52.46 -47.04
CA LEU CB 77 36.94 51.39 -47.99
C LEU CB 77 38.05 50.45 -47.53
N PRO CB 78 37.98 49.15 -47.88
CA PRO CB 78 36.98 48.42 -48.67
C PRO CB 78 35.69 48.08 -47.94
N PRO CB 79 34.57 48.02 -48.66
CA PRO CB 79 33.29 47.83 -47.98
C PRO CB 79 33.14 46.40 -47.49
N ARG CB 80 32.50 46.24 -46.33
CA ARG CB 80 32.16 44.90 -45.90
C ARG CB 80 30.99 44.37 -46.73
N PRO CB 81 30.87 43.04 -46.84
CA PRO CB 81 29.67 42.47 -47.46
C PRO CB 81 28.45 42.70 -46.59
N ARG CB 82 27.30 42.86 -47.23
CA ARG CB 82 26.08 43.20 -46.52
C ARG CB 82 25.58 42.02 -45.71
N VAL CB 83 25.08 42.33 -44.53
CA VAL CB 83 24.71 41.31 -43.54
C VAL CB 83 23.21 41.09 -43.60
N GLU CB 84 22.81 39.86 -43.30
CA GLU CB 84 21.41 39.51 -43.12
C GLU CB 84 21.24 38.76 -41.82
N ILE CB 85 20.00 38.76 -41.34
CA ILE CB 85 19.69 38.17 -40.05
C ILE CB 85 19.72 36.66 -40.15
N ALA CB 86 19.47 36.13 -41.34
CA ALA CB 86 19.43 34.68 -41.54
C ALA CB 86 20.80 34.02 -41.46
N GLN CB 87 21.88 34.79 -41.48
CA GLN CB 87 23.21 34.20 -41.39
C GLN CB 87 23.58 33.84 -39.95
N MET CB 88 22.97 34.50 -38.97
CA MET CB 88 23.27 34.13 -37.59
C MET CB 88 22.62 32.82 -37.18
N PHE CB 89 21.57 32.39 -37.88
CA PHE CB 89 20.93 31.11 -37.58
C PHE CB 89 20.95 30.28 -38.86
N PRO CB 90 22.02 29.57 -39.12
CA PRO CB 90 22.15 28.83 -40.38
C PRO CB 90 21.28 27.58 -40.38
N ALA CB 91 20.95 27.13 -41.59
CA ALA CB 91 20.09 25.95 -41.73
C ALA CB 91 20.81 24.68 -41.32
N ASP CB 92 22.14 24.66 -41.42
CA ASP CB 92 22.91 23.48 -41.04
C ASP CB 92 23.04 23.33 -39.53
N SER CB 93 22.59 24.31 -38.75
CA SER CB 93 22.46 24.17 -37.30
C SER CB 93 21.28 23.25 -37.00
N LEU CB 94 21.55 21.98 -36.73
CA LEU CB 94 20.47 21.00 -36.63
C LEU CB 94 19.64 21.15 -35.36
N VAL CB 95 20.13 21.86 -34.35
CA VAL CB 95 19.28 22.27 -33.23
C VAL CB 95 18.68 23.63 -33.56
N SER CB 96 17.39 23.65 -33.85
CA SER CB 96 16.72 24.86 -34.30
C SER CB 96 15.63 25.18 -33.28
N SER CB 97 15.86 26.24 -32.52
CA SER CB 97 14.88 26.73 -31.58
C SER CB 97 13.70 27.38 -32.28
N PRO CB 98 12.55 27.44 -31.62
CA PRO CB 98 11.46 28.28 -32.12
C PRO CB 98 11.81 29.75 -32.11
N ARG CB 99 12.79 30.13 -31.29
CA ARG CB 99 13.31 31.49 -31.33
C ARG CB 99 14.10 31.69 -32.60
N ALA CB 100 14.71 30.64 -33.14
CA ALA CB 100 15.55 30.76 -34.32
C ALA CB 100 14.84 30.35 -35.60
N GLU CB 101 13.56 30.01 -35.54
CA GLU CB 101 12.86 29.76 -36.79
C GLU CB 101 12.09 30.98 -37.29
N LYS CB 102 11.60 31.81 -36.38
CA LYS CB 102 11.00 33.06 -36.80
C LYS CB 102 12.04 34.09 -37.20
N ALA CB 103 13.30 33.89 -36.83
CA ALA CB 103 14.30 34.85 -37.26
C ALA CB 103 14.67 34.61 -38.71
N ARG CB 104 14.52 33.38 -39.18
CA ARG CB 104 14.73 33.14 -40.60
C ARG CB 104 13.46 33.42 -41.39
N LEU CB 105 12.32 33.38 -40.73
CA LEU CB 105 11.10 33.72 -41.47
C LEU CB 105 11.01 35.23 -41.65
N TYR CB 106 11.41 36.00 -40.64
CA TYR CB 106 11.50 37.44 -40.81
C TYR CB 106 12.58 37.81 -41.81
N SER CB 107 13.74 37.13 -41.75
CA SER CB 107 14.85 37.57 -42.59
C SER CB 107 14.66 37.20 -44.04
N ALA CB 108 13.68 36.36 -44.37
CA ALA CB 108 13.43 36.13 -45.79
C ALA CB 108 12.27 36.99 -46.30
N ILE CB 109 11.48 37.57 -45.40
CA ILE CB 109 10.44 38.49 -45.82
C ILE CB 109 11.04 39.86 -46.09
N GLU CB 110 11.95 40.31 -45.21
CA GLU CB 110 12.55 41.60 -45.52
C GLU CB 110 13.55 41.52 -46.67
N GLN CB 111 14.05 40.33 -46.99
CA GLN CB 111 14.82 40.17 -48.22
C GLN CB 111 13.96 40.02 -49.46
N ARG CB 112 12.68 39.72 -49.33
CA ARG CB 112 11.87 39.57 -50.53
C ARG CB 112 11.06 40.81 -50.85
N LEU CB 113 10.69 41.59 -49.83
CA LEU CB 113 9.96 42.83 -50.08
C LEU CB 113 10.85 43.87 -50.74
N GLU CB 114 12.14 43.86 -50.47
CA GLU CB 114 12.98 44.84 -51.15
C GLU CB 114 13.40 44.34 -52.53
N GLN CB 115 13.23 43.05 -52.81
CA GLN CB 115 13.42 42.59 -54.17
C GLN CB 115 12.18 42.83 -54.99
N SER CB 116 11.04 43.03 -54.34
CA SER CB 116 9.83 43.40 -55.05
C SER CB 116 9.64 44.91 -55.15
N LEU CB 117 10.33 45.68 -54.32
CA LEU CB 117 10.27 47.14 -54.45
C LEU CB 117 11.07 47.67 -55.62
N GLN CB 118 12.10 46.95 -56.06
CA GLN CB 118 12.93 47.41 -57.16
C GLN CB 118 12.27 47.26 -58.52
N THR CB 119 11.14 46.56 -58.62
CA THR CB 119 10.46 46.42 -59.90
C THR CB 119 9.34 47.44 -60.06
N MET CB 120 9.38 48.54 -59.32
CA MET CB 120 8.38 49.59 -59.46
C MET CB 120 8.83 50.53 -60.58
N GLU CB 121 8.12 51.65 -60.74
CA GLU CB 121 8.41 52.59 -61.81
C GLU CB 121 9.28 53.73 -61.33
N GLY CB 122 10.59 53.56 -61.46
CA GLY CB 122 11.53 54.61 -61.14
C GLY CB 122 12.44 54.35 -59.97
N VAL CB 123 12.21 53.28 -59.22
CA VAL CB 123 13.01 53.00 -58.04
C VAL CB 123 14.30 52.31 -58.46
N LEU CB 124 15.43 52.80 -57.98
CA LEU CB 124 16.69 52.13 -58.23
C LEU CB 124 17.14 51.25 -57.08
N SER CB 125 17.01 51.71 -55.84
CA SER CB 125 17.39 50.88 -54.70
C SER CB 125 16.39 51.13 -53.58
N ALA CB 126 16.34 50.16 -52.66
CA ALA CB 126 15.43 50.21 -51.54
C ALA CB 126 15.94 49.35 -50.41
N ARG CB 127 15.40 49.58 -49.22
CA ARG CB 127 15.70 48.78 -48.03
C ARG CB 127 14.55 48.83 -47.04
N VAL CB 128 14.20 47.66 -46.50
CA VAL CB 128 13.03 47.48 -45.66
C VAL CB 128 13.46 46.80 -44.37
N HIS CB 129 13.04 47.38 -43.24
CA HIS CB 129 13.31 46.87 -41.90
C HIS CB 129 11.98 46.53 -41.25
N ILE CB 130 11.94 45.39 -40.54
CA ILE CB 130 10.76 44.91 -39.86
C ILE CB 130 11.09 44.78 -38.37
N SER CB 131 10.12 45.08 -37.51
CA SER CB 131 10.32 44.88 -36.07
C SER CB 131 10.34 43.39 -35.73
N TYR CB 132 11.29 42.99 -34.91
CA TYR CB 132 11.51 41.60 -34.53
C TYR CB 132 10.91 41.28 -33.16
N ASP CB 133 9.97 40.34 -33.12
CA ASP CB 133 9.45 39.79 -31.88
C ASP CB 133 9.58 38.28 -31.90
N ILE CB 134 10.30 37.74 -30.92
CA ILE CB 134 10.70 36.34 -30.94
C ILE CB 134 10.21 35.66 -29.67
N ASP CB 135 10.07 36.44 -28.60
CA ASP CB 135 9.64 35.89 -27.33
C ASP CB 135 8.13 36.04 -27.13
N ALA CB 136 7.39 36.38 -28.19
CA ALA CB 136 5.95 36.54 -28.07
C ALA CB 136 5.21 35.22 -27.98
N GLY CB 137 5.88 34.10 -28.23
CA GLY CB 137 5.21 32.83 -28.19
C GLY CB 137 5.38 32.16 -26.84
N GLU CB 138 6.39 32.59 -26.07
CA GLU CB 138 6.68 31.91 -24.82
C GLU CB 138 6.15 32.65 -23.60
N ASN CB 139 5.87 33.94 -23.69
CA ASN CB 139 5.27 34.60 -22.54
C ASN CB 139 3.75 34.57 -22.69
N GLY CB 140 3.07 35.02 -21.65
CA GLY CB 140 1.63 35.07 -21.68
C GLY CB 140 1.07 36.32 -22.28
N ARG CB 141 1.90 37.17 -22.75
CA ARG CB 141 1.45 38.43 -23.29
C ARG CB 141 1.14 38.30 -24.78
N PRO CB 142 0.18 39.09 -25.27
CA PRO CB 142 -0.06 39.11 -26.71
C PRO CB 142 1.04 39.84 -27.43
N PRO CB 143 1.28 39.53 -28.70
CA PRO CB 143 2.34 40.21 -29.44
C PRO CB 143 1.93 41.63 -29.79
N LYS CB 144 2.93 42.46 -29.98
CA LYS CB 144 2.75 43.88 -30.25
C LYS CB 144 2.46 44.04 -31.74
N PRO CB 145 2.23 45.26 -32.20
CA PRO CB 145 2.07 45.47 -33.64
C PRO CB 145 3.40 45.37 -34.35
N VAL CB 146 3.34 45.43 -35.68
CA VAL CB 146 4.50 45.30 -36.54
C VAL CB 146 4.84 46.68 -37.09
N HIS CB 147 6.13 47.03 -37.06
CA HIS CB 147 6.60 48.32 -37.54
C HIS CB 147 7.57 48.10 -38.68
N LEU CB 148 7.28 48.68 -39.84
CA LEU CB 148 8.11 48.57 -41.02
C LEU CB 148 8.74 49.93 -41.33
N SER CB 149 9.85 49.90 -42.07
CA SER CB 149 10.50 51.13 -42.49
C SER CB 149 11.26 50.91 -43.78
N ALA CB 150 11.26 51.91 -44.65
CA ALA CB 150 11.81 51.70 -45.97
C ALA CB 150 12.49 52.97 -46.46
N LEU CB 151 13.62 52.76 -47.12
CA LEU CB 151 14.31 53.80 -47.84
C LEU CB 151 14.28 53.46 -49.31
N ALA CB 152 14.40 54.49 -50.14
CA ALA CB 152 14.36 54.30 -51.58
C ALA CB 152 15.13 55.42 -52.25
N VAL CB 153 15.50 55.17 -53.50
CA VAL CB 153 16.21 56.16 -54.30
C VAL CB 153 15.58 56.19 -55.68
N TYR CB 154 15.15 57.36 -56.12
CA TYR CB 154 14.42 57.51 -57.37
C TYR CB 154 15.30 58.19 -58.41
N GLU CB 155 14.80 58.15 -59.65
CA GLU CB 155 15.49 58.81 -60.73
C GLU CB 155 15.23 60.31 -60.67
N ARG CB 156 16.14 61.09 -61.25
CA ARG CB 156 16.00 62.54 -61.26
C ARG CB 156 14.91 62.95 -62.23
N GLY CB 157 14.02 63.82 -61.77
CA GLY CB 157 12.90 64.27 -62.56
C GLY CB 157 11.60 63.60 -62.21
N SER CB 158 11.54 62.87 -61.11
CA SER CB 158 10.29 62.21 -60.79
C SER CB 158 9.52 63.02 -59.76
N PRO CB 159 8.19 63.07 -59.86
CA PRO CB 159 7.40 63.70 -58.79
C PRO CB 159 7.35 62.82 -57.55
N LEU CB 160 8.38 62.95 -56.72
CA LEU CB 160 8.62 62.06 -55.59
C LEU CB 160 7.75 62.37 -54.39
N ALA CB 161 6.82 63.33 -54.50
CA ALA CB 161 5.92 63.58 -53.39
C ALA CB 161 4.66 62.71 -53.47
N HIS CB 162 4.16 62.46 -54.66
CA HIS CB 162 2.97 61.64 -54.82
C HIS CB 162 3.27 60.15 -54.90
N GLN CB 163 4.53 59.77 -55.01
CA GLN CB 163 4.91 58.37 -55.07
C GLN CB 163 5.20 57.77 -53.71
N ILE CB 164 4.97 58.51 -52.63
CA ILE CB 164 5.07 57.95 -51.28
C ILE CB 164 3.76 57.34 -50.82
N SER CB 165 2.68 57.55 -51.57
CA SER CB 165 1.42 56.93 -51.20
C SER CB 165 1.25 55.58 -51.87
N ASP CB 166 2.06 55.26 -52.87
CA ASP CB 166 1.98 53.93 -53.43
C ASP CB 166 2.81 52.99 -52.57
N ILE CB 167 3.89 53.50 -51.99
CA ILE CB 167 4.66 52.66 -51.09
C ILE CB 167 3.91 52.51 -49.78
N LYS CB 168 3.21 53.57 -49.33
CA LYS CB 168 2.48 53.43 -48.08
C LYS CB 168 1.22 52.59 -48.25
N ARG CB 169 0.70 52.46 -49.46
CA ARG CB 169 -0.45 51.59 -49.65
C ARG CB 169 -0.01 50.15 -49.86
N PHE CB 170 1.10 49.95 -50.57
CA PHE CB 170 1.61 48.61 -50.82
C PHE CB 170 2.13 47.97 -49.56
N LEU CB 171 2.73 48.75 -48.66
CA LEU CB 171 3.31 48.16 -47.45
C LEU CB 171 2.28 47.82 -46.39
N LYS CB 172 1.06 48.37 -46.47
CA LYS CB 172 0.10 48.21 -45.38
C LYS CB 172 -0.39 46.78 -45.28
N ASN CB 173 -1.09 46.30 -46.29
CA ASN CB 173 -1.62 44.94 -46.25
C ASN CB 173 -0.64 43.96 -46.88
N SER CB 174 0.55 43.92 -46.30
CA SER CB 174 1.53 42.87 -46.54
C SER CB 174 1.88 42.16 -45.24
N PHE CB 175 1.14 42.46 -44.18
CA PHE CB 175 1.35 41.84 -42.89
C PHE CB 175 -0.01 41.61 -42.27
N ALA CB 176 -0.04 41.35 -40.96
CA ALA CB 176 -1.28 41.01 -40.30
C ALA CB 176 -2.13 42.25 -40.16
N ASP CB 177 -1.66 43.22 -39.38
CA ASP CB 177 -2.39 44.46 -39.17
C ASP CB 177 -1.42 45.56 -38.77
N VAL CB 178 -1.09 46.43 -39.72
CA VAL CB 178 -0.28 47.61 -39.43
C VAL CB 178 -1.15 48.82 -39.75
N ASP CB 179 -0.78 49.95 -39.17
CA ASP CB 179 -1.47 51.19 -39.42
C ASP CB 179 -0.64 52.07 -40.35
N TYR CB 180 -1.20 53.22 -40.70
CA TYR CB 180 -0.47 54.15 -41.54
C TYR CB 180 0.47 55.03 -40.73
N ASP CB 181 0.40 55.00 -39.41
CA ASP CB 181 1.36 55.73 -38.60
C ASP CB 181 2.44 54.83 -38.03
N ASN CB 182 2.45 53.56 -38.42
CA ASN CB 182 3.54 52.67 -38.06
C ASN CB 182 4.48 52.39 -39.21
N ILE CB 183 4.24 52.98 -40.37
CA ILE CB 183 5.11 52.82 -41.53
C ILE CB 183 5.77 54.16 -41.82
N SER CB 184 7.07 54.13 -42.03
CA SER CB 184 7.86 55.34 -42.24
C SER CB 184 8.70 55.16 -43.48
N VAL CB 185 8.48 56.01 -44.48
CA VAL CB 185 9.16 55.89 -45.76
C VAL CB 185 9.97 57.15 -45.95
N VAL CB 186 11.29 57.01 -45.98
CA VAL CB 186 12.20 58.14 -46.19
C VAL CB 186 12.93 57.88 -47.50
N LEU CB 187 12.52 58.57 -48.56
CA LEU CB 187 13.09 58.34 -49.88
C LEU CB 187 13.73 59.60 -50.43
N SER CB 188 14.57 59.43 -51.45
CA SER CB 188 15.32 60.58 -51.97
C SER CB 188 15.75 60.30 -53.40
N GLU CB 189 16.20 61.36 -54.07
CA GLU CB 189 16.67 61.23 -55.45
C GLU CB 189 18.17 60.96 -55.48
N ARG CB 190 18.63 60.54 -56.65
CA ARG CB 190 20.03 60.21 -56.84
C ARG CB 190 20.83 61.47 -57.17
N SER CB 191 22.15 61.34 -57.12
CA SER CB 191 23.04 62.47 -57.33
C SER CB 191 23.18 62.75 -58.82
N ASP CB 192 23.95 63.78 -59.14
CA ASP CB 192 24.25 64.09 -60.54
C ASP CB 192 25.23 63.08 -61.08
N ALA CB 193 25.03 62.67 -62.33
CA ALA CB 193 25.81 61.59 -62.92
C ALA CB 193 27.23 62.03 -63.21
N GLN CB 194 28.15 61.07 -63.14
CA GLN CB 194 29.55 61.27 -63.44
C GLN CB 194 29.83 60.53 -64.75
N LEU CB 195 30.12 61.28 -65.79
CA LEU CB 195 30.27 60.71 -67.12
C LEU CB 195 31.63 60.94 -67.73
N GLN CB 196 32.23 62.11 -67.54
CA GLN CB 196 33.50 62.40 -68.16
C GLN CB 196 34.64 61.71 -67.42
N ALA CB 197 35.79 61.68 -68.07
CA ALA CB 197 37.00 61.01 -67.61
C ALA CB 197 37.76 61.86 -66.61
N PRO CB 198 38.49 61.23 -65.68
CA PRO CB 198 39.30 62.02 -64.74
C PRO CB 198 40.48 62.71 -65.38
N GLY CB 199 41.18 62.05 -66.29
CA GLY CB 199 42.31 62.69 -66.92
C GLY CB 199 43.63 62.37 -66.25
N THR CB 200 44.66 62.20 -67.06
CA THR CB 200 45.97 61.81 -66.55
C THR CB 200 46.70 62.98 -65.90
N PRO CB 201 47.46 62.71 -64.85
CA PRO CB 201 48.32 63.75 -64.26
C PRO CB 201 49.51 64.08 -65.13
N VAL CB 202 49.49 65.23 -65.78
CA VAL CB 202 50.58 65.59 -66.67
C VAL CB 202 51.75 66.12 -65.84
N LYS CB 203 52.95 65.65 -66.16
CA LYS CB 203 54.14 66.02 -65.42
C LYS CB 203 55.23 66.50 -66.37
N ASP DB 20 65.11 56.25 -43.42
CA ASP DB 20 65.01 54.82 -43.59
C ASP DB 20 64.78 54.07 -42.27
N LYS DB 21 64.54 54.83 -41.20
CA LYS DB 21 64.29 54.23 -39.90
C LYS DB 21 62.88 53.67 -39.85
N ASP DB 22 62.76 52.36 -39.70
CA ASP DB 22 61.45 51.75 -39.60
C ASP DB 22 60.88 51.99 -38.21
N LEU DB 23 59.55 52.04 -38.11
CA LEU DB 23 58.96 52.25 -36.79
C LEU DB 23 57.85 51.25 -36.53
N LEU DB 24 57.22 50.72 -37.58
CA LEU DB 24 56.24 49.69 -37.44
C LEU DB 24 56.40 48.66 -38.56
N LYS DB 25 56.10 47.41 -38.24
CA LYS DB 25 56.15 46.35 -39.23
C LYS DB 25 55.20 45.23 -38.84
N GLY DB 26 54.91 44.37 -39.81
CA GLY DB 26 53.99 43.27 -39.65
C GLY DB 26 52.53 43.64 -39.61
N LEU DB 27 52.17 44.83 -40.07
CA LEU DB 27 50.81 45.30 -39.97
C LEU DB 27 49.95 44.73 -41.08
N ASP DB 28 48.67 45.05 -41.02
CA ASP DB 28 47.70 44.60 -42.00
C ASP DB 28 47.53 45.67 -43.08
N GLN DB 29 46.76 45.33 -44.10
CA GLN DB 29 46.48 46.22 -45.21
C GLN DB 29 45.62 47.40 -44.78
N GLU DB 30 44.57 47.15 -44.00
CA GLU DB 30 43.75 48.26 -43.55
C GLU DB 30 44.37 49.01 -42.39
N GLN DB 31 45.36 48.42 -41.72
CA GLN DB 31 46.06 49.16 -40.68
C GLN DB 31 47.06 50.13 -41.27
N ALA DB 32 47.70 49.76 -42.38
CA ALA DB 32 48.69 50.66 -42.96
C ALA DB 32 48.05 51.83 -43.65
N ASN DB 33 46.82 51.66 -44.13
CA ASN DB 33 46.15 52.79 -44.75
C ASN DB 33 45.62 53.76 -43.71
N GLU DB 34 45.52 53.32 -42.46
CA GLU DB 34 45.15 54.22 -41.39
C GLU DB 34 46.38 54.87 -40.76
N VAL DB 35 47.56 54.29 -40.95
CA VAL DB 35 48.75 54.95 -40.43
C VAL DB 35 49.25 56.02 -41.39
N ILE DB 36 49.17 55.77 -42.69
CA ILE DB 36 49.65 56.74 -43.66
C ILE DB 36 48.76 57.98 -43.69
N ALA DB 37 47.45 57.80 -43.61
CA ALA DB 37 46.54 58.94 -43.66
C ALA DB 37 46.60 59.80 -42.39
N VAL DB 38 47.17 59.27 -41.30
CA VAL DB 38 47.41 60.08 -40.12
C VAL DB 38 48.72 60.82 -40.25
N LEU DB 39 49.77 60.17 -40.76
CA LEU DB 39 51.04 60.85 -40.89
C LEU DB 39 51.01 61.92 -41.96
N GLN DB 40 50.30 61.69 -43.06
CA GLN DB 40 50.22 62.69 -44.12
C GLN DB 40 49.46 63.93 -43.71
N MET DB 41 48.63 63.85 -42.67
CA MET DB 41 47.97 65.04 -42.17
C MET DB 41 48.93 65.97 -41.44
N HIS DB 42 50.04 65.46 -40.95
CA HIS DB 42 50.95 66.27 -40.15
C HIS DB 42 52.27 66.51 -40.86
N ASN DB 43 52.21 66.63 -42.19
CA ASN DB 43 53.31 67.09 -43.04
C ASN DB 43 54.53 66.19 -42.98
N ILE DB 44 54.33 64.89 -42.77
CA ILE DB 44 55.40 63.91 -42.87
C ILE DB 44 54.95 62.76 -43.74
N GLU DB 45 55.83 62.30 -44.61
CA GLU DB 45 55.52 61.28 -45.60
C GLU DB 45 56.14 59.94 -45.21
N ALA DB 46 55.43 58.85 -45.50
CA ALA DB 46 55.89 57.53 -45.11
C ALA DB 46 55.88 56.60 -46.30
N ASN DB 47 56.68 55.54 -46.21
CA ASN DB 47 56.81 54.57 -47.29
C ASN DB 47 56.27 53.22 -46.81
N LYS DB 48 55.33 52.68 -47.58
CA LYS DB 48 54.76 51.36 -47.37
C LYS DB 48 55.53 50.28 -48.13
N ILE DB 49 56.11 49.34 -47.41
CA ILE DB 49 56.96 48.30 -47.98
C ILE DB 49 56.32 46.95 -47.65
N ASP DB 50 55.96 46.21 -48.69
CA ASP DB 50 55.39 44.88 -48.53
C ASP DB 50 56.48 43.86 -48.19
N SER DB 51 56.12 42.84 -47.41
CA SER DB 51 57.09 41.83 -47.05
C SER DB 51 56.56 40.42 -47.32
N GLY DB 52 55.55 40.29 -48.17
CA GLY DB 52 55.05 38.98 -48.54
C GLY DB 52 54.05 38.42 -47.55
N LYS DB 53 54.53 37.48 -46.74
CA LYS DB 53 53.65 36.79 -45.79
C LYS DB 53 53.66 37.48 -44.44
N LEU DB 54 54.72 38.21 -44.13
CA LEU DB 54 54.87 38.87 -42.84
C LEU DB 54 54.28 40.28 -42.85
N GLY DB 55 53.35 40.58 -43.75
CA GLY DB 55 52.68 41.86 -43.71
C GLY DB 55 53.49 43.02 -44.23
N TYR DB 56 52.86 44.19 -44.14
CA TYR DB 56 53.47 45.42 -44.60
C TYR DB 56 54.36 45.99 -43.50
N SER DB 57 55.02 47.10 -43.83
CA SER DB 57 55.91 47.78 -42.90
C SER DB 57 55.99 49.22 -43.35
N ILE DB 58 56.06 50.14 -42.39
CA ILE DB 58 56.05 51.56 -42.66
C ILE DB 58 57.37 52.13 -42.22
N THR DB 59 58.09 52.76 -43.14
CA THR DB 59 59.32 53.44 -42.79
C THR DB 59 59.17 54.94 -43.00
N VAL DB 60 59.92 55.72 -42.23
CA VAL DB 60 59.85 57.16 -42.27
C VAL DB 60 61.28 57.68 -42.29
N ALA DB 61 61.43 58.94 -42.70
CA ALA DB 61 62.73 59.57 -42.71
C ALA DB 61 63.24 59.86 -41.31
N GLU DB 62 64.55 60.04 -41.22
CA GLU DB 62 65.25 60.26 -39.97
C GLU DB 62 64.89 61.61 -39.33
N PRO DB 63 64.76 62.74 -40.04
CA PRO DB 63 64.27 63.94 -39.32
C PRO DB 63 62.81 63.85 -38.92
N ASP DB 64 62.04 62.94 -39.50
CA ASP DB 64 60.63 62.82 -39.15
C ASP DB 64 60.35 61.69 -38.18
N PHE DB 65 61.40 61.05 -37.64
CA PHE DB 65 61.15 59.93 -36.74
C PHE DB 65 60.68 60.38 -35.37
N THR DB 66 61.12 61.55 -34.92
CA THR DB 66 60.71 62.03 -33.60
C THR DB 66 59.26 62.46 -33.61
N ALA DB 67 58.80 63.06 -34.70
CA ALA DB 67 57.41 63.46 -34.75
C ALA DB 67 56.52 62.25 -34.96
N ALA DB 68 56.96 61.29 -35.79
CA ALA DB 68 56.06 60.19 -36.08
C ALA DB 68 55.92 59.24 -34.90
N VAL DB 69 56.91 59.17 -34.00
CA VAL DB 69 56.68 58.33 -32.83
C VAL DB 69 55.69 59.02 -31.89
N TYR DB 70 55.71 60.36 -31.84
CA TYR DB 70 54.82 61.08 -30.96
C TYR DB 70 53.39 60.99 -31.46
N TRP DB 71 53.21 60.91 -32.78
CA TRP DB 71 51.83 60.76 -33.23
C TRP DB 71 51.36 59.32 -33.22
N ILE DB 72 52.28 58.36 -33.14
CA ILE DB 72 51.86 56.98 -32.89
C ILE DB 72 51.37 56.86 -31.45
N LYS DB 73 52.08 57.52 -30.52
CA LYS DB 73 51.69 57.45 -29.11
C LYS DB 73 50.38 58.19 -28.88
N THR DB 74 50.17 59.34 -29.54
CA THR DB 74 48.97 60.10 -29.26
C THR DB 74 47.75 59.40 -29.85
N TYR DB 75 47.81 59.01 -31.12
CA TYR DB 75 46.61 58.45 -31.73
C TYR DB 75 46.42 56.96 -31.47
N GLN DB 76 47.29 56.32 -30.66
CA GLN DB 76 47.18 54.90 -30.30
C GLN DB 76 47.20 53.98 -31.52
N LEU DB 77 47.97 54.28 -32.40
CA LEU DB 77 48.08 53.45 -33.59
C LEU DB 77 49.07 52.32 -33.34
N PRO DB 78 48.90 51.14 -33.95
CA PRO DB 78 47.89 50.68 -34.90
C PRO DB 78 46.52 50.37 -34.29
N PRO DB 79 45.47 50.53 -35.10
CA PRO DB 79 44.11 50.37 -34.58
C PRO DB 79 43.76 48.92 -34.30
N ARG DB 80 43.06 48.68 -33.19
CA ARG DB 80 42.53 47.37 -32.91
C ARG DB 80 41.43 47.05 -33.92
N PRO DB 81 41.19 45.76 -34.20
CA PRO DB 81 40.05 45.43 -35.05
C PRO DB 81 38.77 45.73 -34.31
N ARG DB 82 37.77 46.16 -35.07
CA ARG DB 82 36.53 46.63 -34.46
C ARG DB 82 35.73 45.47 -33.92
N VAL DB 83 35.23 45.62 -32.73
CA VAL DB 83 34.61 44.53 -32.01
C VAL DB 83 33.11 44.54 -32.28
N GLU DB 84 32.52 43.36 -32.29
CA GLU DB 84 31.09 43.19 -32.41
C GLU DB 84 30.64 42.29 -31.29
N ILE DB 85 29.35 42.42 -30.92
CA ILE DB 85 28.82 41.66 -29.80
C ILE DB 85 28.61 40.21 -30.19
N ALA DB 86 28.50 39.91 -31.48
CA ALA DB 86 28.32 38.55 -31.92
C ALA DB 86 29.61 37.74 -31.90
N GLN DB 87 30.73 38.32 -31.50
CA GLN DB 87 31.97 37.58 -31.44
C GLN DB 87 32.20 36.90 -30.10
N MET DB 88 31.52 37.36 -29.05
CA MET DB 88 31.63 36.69 -27.77
C MET DB 88 30.76 35.44 -27.69
N PHE DB 89 29.84 35.25 -28.62
CA PHE DB 89 28.96 34.08 -28.64
C PHE DB 89 28.98 33.43 -30.01
N PRO DB 90 29.94 32.54 -30.27
CA PRO DB 90 30.03 31.93 -31.60
C PRO DB 90 28.92 30.91 -31.80
N ALA DB 91 28.43 30.82 -33.03
CA ALA DB 91 27.28 29.99 -33.35
C ALA DB 91 27.61 28.50 -33.38
N ASP DB 92 28.88 28.13 -33.35
CA ASP DB 92 29.28 26.73 -33.38
C ASP DB 92 29.25 26.07 -32.01
N SER DB 93 28.84 26.79 -30.97
CA SER DB 93 28.76 26.21 -29.64
C SER DB 93 27.59 25.24 -29.57
N LEU DB 94 27.74 24.20 -28.73
CA LEU DB 94 26.73 23.17 -28.65
C LEU DB 94 25.50 23.59 -27.83
N VAL DB 95 25.69 24.44 -26.82
CA VAL DB 95 24.60 24.88 -25.96
C VAL DB 95 24.41 26.37 -26.15
N SER DB 96 23.21 26.76 -26.58
CA SER DB 96 22.91 28.18 -26.76
C SER DB 96 21.81 28.57 -25.81
N SER DB 97 22.10 29.55 -24.96
CA SER DB 97 21.14 30.06 -24.01
C SER DB 97 20.14 30.95 -24.74
N PRO DB 98 19.02 31.29 -24.10
CA PRO DB 98 18.21 32.39 -24.62
C PRO DB 98 18.90 33.72 -24.54
N ARG DB 99 19.86 33.88 -23.64
CA ARG DB 99 20.62 35.12 -23.58
C ARG DB 99 21.61 35.17 -24.73
N ALA DB 100 22.15 34.01 -25.10
CA ALA DB 100 23.13 33.95 -26.15
C ALA DB 100 22.46 33.90 -27.52
N GLU DB 101 21.15 33.75 -27.56
CA GLU DB 101 20.46 33.89 -28.82
C GLU DB 101 19.91 35.31 -29.00
N LYS DB 102 19.50 35.94 -27.90
CA LYS DB 102 19.03 37.32 -27.96
C LYS DB 102 20.19 38.28 -28.21
N ALA DB 103 21.39 37.93 -27.77
CA ALA DB 103 22.50 38.83 -28.00
C ALA DB 103 23.04 38.69 -29.41
N ARG DB 104 22.98 37.49 -29.98
CA ARG DB 104 23.39 37.35 -31.37
C ARG DB 104 22.34 37.88 -32.31
N LEU DB 105 21.10 38.07 -31.84
CA LEU DB 105 20.10 38.67 -32.70
C LEU DB 105 20.30 40.18 -32.74
N TYR DB 106 20.43 40.80 -31.56
CA TYR DB 106 20.60 42.25 -31.55
C TYR DB 106 21.94 42.67 -32.13
N SER DB 107 22.96 41.81 -32.07
CA SER DB 107 24.25 42.19 -32.64
C SER DB 107 24.29 42.12 -34.16
N ALA DB 108 23.24 41.60 -34.80
CA ALA DB 108 23.12 41.64 -36.24
C ALA DB 108 22.10 42.65 -36.72
N ILE DB 109 21.10 42.98 -35.89
CA ILE DB 109 20.25 44.11 -36.23
C ILE DB 109 21.03 45.40 -36.13
N GLU DB 110 21.98 45.47 -35.18
CA GLU DB 110 22.80 46.67 -35.01
C GLU DB 110 23.73 46.88 -36.19
N GLN DB 111 24.19 45.81 -36.83
CA GLN DB 111 25.02 46.02 -38.01
C GLN DB 111 24.20 46.26 -39.26
N ARG DB 112 23.02 45.68 -39.38
CA ARG DB 112 22.23 45.93 -40.59
C ARG DB 112 21.65 47.33 -40.60
N LEU DB 113 21.36 47.90 -39.43
CA LEU DB 113 20.82 49.25 -39.42
C LEU DB 113 21.89 50.28 -39.76
N GLU DB 114 23.12 50.05 -39.30
CA GLU DB 114 24.17 51.00 -39.65
C GLU DB 114 24.71 50.75 -41.05
N GLN DB 115 24.37 49.62 -41.65
CA GLN DB 115 24.74 49.44 -43.05
C GLN DB 115 23.68 50.04 -43.96
N SER DB 116 22.45 50.16 -43.46
CA SER DB 116 21.42 50.83 -44.23
C SER DB 116 21.44 52.33 -44.05
N LEU DB 117 22.07 52.83 -42.99
CA LEU DB 117 22.17 54.28 -42.83
C LEU DB 117 23.14 54.90 -43.82
N GLN DB 118 24.11 54.14 -44.31
CA GLN DB 118 25.08 54.68 -45.25
C GLN DB 118 24.54 54.87 -46.66
N THR DB 119 23.35 54.35 -46.99
CA THR DB 119 22.79 54.59 -48.31
C THR DB 119 21.86 55.78 -48.36
N MET DB 120 21.87 56.63 -47.32
CA MET DB 120 21.08 57.85 -47.35
C MET DB 120 21.82 58.92 -48.14
N GLU DB 121 21.18 60.08 -48.27
CA GLU DB 121 21.72 61.16 -49.09
C GLU DB 121 22.61 62.09 -48.28
N GLY DB 122 23.88 61.70 -48.14
CA GLY DB 122 24.82 62.59 -47.52
C GLY DB 122 25.63 62.02 -46.38
N VAL DB 123 25.43 60.76 -46.05
CA VAL DB 123 26.11 60.14 -44.92
C VAL DB 123 27.35 59.42 -45.43
N LEU DB 124 28.47 59.64 -44.75
CA LEU DB 124 29.69 58.93 -45.10
C LEU DB 124 29.97 57.78 -44.14
N SER DB 125 29.73 57.99 -42.84
CA SER DB 125 29.88 56.94 -41.86
C SER DB 125 28.81 57.15 -40.80
N ALA DB 126 28.51 56.06 -40.09
CA ALA DB 126 27.49 56.03 -39.07
C ALA DB 126 27.78 54.91 -38.11
N ARG DB 127 27.23 55.02 -36.91
CA ARG DB 127 27.37 53.97 -35.90
C ARG DB 127 26.14 53.99 -35.01
N VAL DB 128 25.49 52.84 -34.89
CA VAL DB 128 24.24 52.72 -34.14
C VAL DB 128 24.47 51.80 -32.94
N HIS DB 129 23.78 52.10 -31.84
CA HIS DB 129 23.81 51.32 -30.62
C HIS DB 129 22.39 51.04 -30.14
N ILE DB 130 22.05 49.79 -30.10
CA ILE DB 130 20.77 49.32 -29.58
C ILE DB 130 21.01 48.99 -28.13
N SER DB 131 20.08 49.36 -27.26
CA SER DB 131 20.24 48.99 -25.87
C SER DB 131 19.97 47.51 -25.76
N TYR DB 132 20.81 46.82 -25.00
CA TYR DB 132 20.73 45.37 -24.92
C TYR DB 132 19.93 44.99 -23.70
N ASP DB 133 19.08 44.00 -23.88
CA ASP DB 133 18.29 43.49 -22.78
C ASP DB 133 18.52 41.99 -22.66
N ILE DB 134 18.94 41.62 -21.47
CA ILE DB 134 19.38 40.29 -21.11
C ILE DB 134 18.58 39.76 -19.94
N ASP DB 135 18.46 40.57 -18.90
CA ASP DB 135 17.90 40.19 -17.62
C ASP DB 135 16.39 40.37 -17.63
N ALA DB 136 15.79 40.42 -18.82
CA ALA DB 136 14.37 40.41 -18.91
C ALA DB 136 13.82 39.02 -19.19
N GLY DB 137 14.64 38.09 -19.69
CA GLY DB 137 14.10 36.78 -20.01
C GLY DB 137 14.05 35.71 -18.92
N GLU DB 138 15.11 35.66 -18.11
CA GLU DB 138 15.27 34.63 -17.08
C GLU DB 138 14.45 34.79 -15.81
N ASN DB 139 14.17 36.01 -15.36
CA ASN DB 139 13.40 36.21 -14.14
C ASN DB 139 11.99 36.67 -14.46
N GLY DB 140 11.19 36.84 -13.40
CA GLY DB 140 9.83 37.25 -13.62
C GLY DB 140 9.60 38.73 -13.87
N ARG DB 141 10.66 39.49 -14.06
CA ARG DB 141 10.53 40.91 -14.36
C ARG DB 141 10.08 41.09 -15.81
N PRO DB 142 9.17 42.01 -16.08
CA PRO DB 142 8.73 42.24 -17.46
C PRO DB 142 9.82 42.99 -18.21
N PRO DB 143 9.85 42.90 -19.54
CA PRO DB 143 10.83 43.68 -20.29
C PRO DB 143 10.47 45.16 -20.28
N LYS DB 144 11.40 45.97 -20.74
CA LYS DB 144 11.26 47.42 -20.69
C LYS DB 144 11.40 48.08 -22.05
N PRO DB 145 11.26 49.39 -22.13
CA PRO DB 145 11.34 50.07 -23.42
C PRO DB 145 12.78 50.10 -23.92
N VAL DB 146 12.93 49.92 -25.22
CA VAL DB 146 14.24 49.84 -25.86
C VAL DB 146 14.70 51.22 -26.33
N HIS DB 147 15.98 51.53 -26.09
CA HIS DB 147 16.58 52.80 -26.45
C HIS DB 147 17.58 52.63 -27.57
N LEU DB 148 17.67 53.62 -28.46
CA LEU DB 148 18.61 53.60 -29.57
C LEU DB 148 19.52 54.82 -29.49
N SER DB 149 20.67 54.75 -30.16
CA SER DB 149 21.58 55.88 -30.20
C SER DB 149 22.37 55.84 -31.50
N ALA DB 150 22.67 57.00 -32.07
CA ALA DB 150 23.28 57.02 -33.39
C ALA DB 150 24.34 58.09 -33.49
N LEU DB 151 25.25 57.87 -34.44
CA LEU DB 151 26.28 58.84 -34.78
C LEU DB 151 26.44 58.87 -36.28
N ALA DB 152 26.79 60.05 -36.82
CA ALA DB 152 26.94 60.19 -38.26
C ALA DB 152 27.88 61.33 -38.59
N VAL DB 153 28.53 61.21 -39.75
CA VAL DB 153 29.40 62.26 -40.26
C VAL DB 153 28.94 62.65 -41.67
N TYR DB 154 28.57 63.91 -41.81
CA TYR DB 154 28.00 64.42 -43.05
C TYR DB 154 29.01 65.23 -43.84
N GLU DB 155 28.86 65.23 -45.16
CA GLU DB 155 29.65 66.08 -46.02
C GLU DB 155 29.28 67.53 -45.76
N ARG DB 156 30.30 68.40 -45.77
CA ARG DB 156 30.07 69.79 -45.39
C ARG DB 156 29.33 70.53 -46.48
N GLY DB 157 28.76 71.66 -46.09
CA GLY DB 157 27.85 72.42 -46.92
C GLY DB 157 26.40 72.01 -46.85
N SER DB 158 26.06 71.08 -45.95
CA SER DB 158 24.72 70.55 -45.78
C SER DB 158 24.10 71.11 -44.51
N PRO DB 159 22.78 71.34 -44.49
CA PRO DB 159 22.14 71.82 -43.25
C PRO DB 159 21.90 70.69 -42.26
N LEU DB 160 22.91 70.41 -41.44
CA LEU DB 160 22.89 69.26 -40.54
C LEU DB 160 22.00 69.45 -39.32
N ALA DB 161 21.28 70.56 -39.21
CA ALA DB 161 20.32 70.69 -38.13
C ALA DB 161 18.95 70.19 -38.51
N HIS DB 162 18.61 70.21 -39.81
CA HIS DB 162 17.30 69.75 -40.24
C HIS DB 162 17.25 68.25 -40.47
N GLN DB 163 18.40 67.58 -40.46
CA GLN DB 163 18.45 66.15 -40.75
C GLN DB 163 18.39 65.30 -39.50
N ILE DB 164 18.07 65.90 -38.36
CA ILE DB 164 17.79 65.11 -37.17
C ILE DB 164 16.45 64.41 -37.30
N SER DB 165 15.47 65.08 -37.90
CA SER DB 165 14.13 64.52 -37.97
C SER DB 165 14.01 63.41 -39.00
N ASP DB 166 14.92 63.35 -39.97
CA ASP DB 166 14.84 62.26 -40.94
C ASP DB 166 15.44 60.99 -40.39
N ILE DB 167 16.50 61.12 -39.58
CA ILE DB 167 17.09 59.94 -38.98
C ILE DB 167 16.22 59.48 -37.84
N LYS DB 168 15.58 60.41 -37.14
CA LYS DB 168 14.72 60.02 -36.04
C LYS DB 168 13.46 59.36 -36.58
N ARG DB 169 12.97 59.81 -37.73
CA ARG DB 169 11.80 59.19 -38.32
C ARG DB 169 12.14 57.83 -38.87
N PHE DB 170 13.37 57.65 -39.38
CA PHE DB 170 13.72 56.36 -39.93
C PHE DB 170 13.93 55.35 -38.79
N LEU DB 171 14.47 55.81 -37.66
CA LEU DB 171 14.73 54.93 -36.54
C LEU DB 171 13.48 54.65 -35.71
N LYS DB 172 12.46 55.51 -35.75
CA LYS DB 172 11.34 55.36 -34.84
C LYS DB 172 10.43 54.19 -35.22
N ASN DB 173 10.47 53.75 -36.46
CA ASN DB 173 9.63 52.66 -36.91
C ASN DB 173 10.46 51.45 -37.30
N SER DB 174 11.56 51.22 -36.59
CA SER DB 174 12.35 50.02 -36.82
C SER DB 174 12.37 49.12 -35.59
N PHE DB 175 11.50 49.40 -34.62
CA PHE DB 175 11.36 48.61 -33.42
C PHE DB 175 9.91 48.70 -33.02
N ALA DB 176 9.52 47.95 -31.99
CA ALA DB 176 8.10 47.85 -31.72
C ALA DB 176 7.54 49.08 -31.00
N ASP DB 177 8.27 49.60 -30.02
CA ASP DB 177 7.75 50.74 -29.24
C ASP DB 177 8.92 51.60 -28.77
N VAL DB 178 9.22 52.64 -29.53
CA VAL DB 178 10.18 53.65 -29.11
C VAL DB 178 9.52 55.01 -29.21
N ASP DB 179 10.02 55.95 -28.42
CA ASP DB 179 9.55 57.32 -28.46
C ASP DB 179 10.61 58.21 -29.06
N TYR DB 180 10.23 59.44 -29.36
CA TYR DB 180 11.13 60.39 -29.97
C TYR DB 180 12.13 61.00 -28.99
N ASP DB 181 11.95 60.81 -27.69
CA ASP DB 181 12.95 61.25 -26.72
C ASP DB 181 13.73 60.11 -26.12
N ASN DB 182 13.59 58.91 -26.66
CA ASN DB 182 14.45 57.81 -26.29
C ASN DB 182 15.48 57.50 -27.35
N ILE DB 183 15.54 58.29 -28.41
CA ILE DB 183 16.52 58.14 -29.47
C ILE DB 183 17.44 59.34 -29.43
N SER DB 184 18.74 59.09 -29.44
CA SER DB 184 19.73 60.14 -29.34
C SER DB 184 20.63 60.07 -30.56
N VAL DB 185 20.58 61.11 -31.37
CA VAL DB 185 21.36 61.20 -32.60
C VAL DB 185 22.35 62.34 -32.45
N VAL DB 186 23.62 62.03 -32.57
CA VAL DB 186 24.67 63.04 -32.51
C VAL DB 186 25.45 62.97 -33.79
N LEU DB 187 25.42 64.04 -34.57
CA LEU DB 187 26.07 64.01 -35.86
C LEU DB 187 26.86 65.29 -36.09
N SER DB 188 27.78 65.22 -37.04
CA SER DB 188 28.69 66.34 -37.25
C SER DB 188 29.18 66.33 -38.69
N GLU DB 189 29.72 67.47 -39.12
CA GLU DB 189 30.25 67.57 -40.46
C GLU DB 189 31.69 67.07 -40.49
N ARG DB 190 32.17 66.76 -41.68
CA ARG DB 190 33.49 66.17 -41.77
C ARG DB 190 34.57 67.24 -41.72
N SER DB 191 35.81 66.78 -41.59
CA SER DB 191 36.94 67.68 -41.44
C SER DB 191 37.31 68.26 -42.80
N ASP DB 192 38.27 69.19 -42.78
CA ASP DB 192 38.75 69.75 -44.04
C ASP DB 192 39.56 68.70 -44.79
N ALA DB 193 39.42 68.71 -46.10
CA ALA DB 193 40.05 67.70 -46.94
C ALA DB 193 41.55 67.94 -47.07
N GLN DB 194 42.32 66.86 -47.11
CA GLN DB 194 43.78 66.89 -47.30
C GLN DB 194 44.17 66.44 -48.69
N LEU DB 195 44.48 67.38 -49.58
CA LEU DB 195 44.76 67.06 -50.97
C LEU DB 195 46.20 67.22 -51.40
N GLN DB 196 47.01 68.02 -50.71
CA GLN DB 196 48.38 68.23 -51.16
C GLN DB 196 49.38 67.34 -50.47
N ALA DB 197 50.51 67.14 -51.14
CA ALA DB 197 51.55 66.24 -50.71
C ALA DB 197 52.32 66.84 -49.52
N PRO DB 198 52.91 65.98 -48.67
CA PRO DB 198 53.75 66.49 -47.58
C PRO DB 198 54.99 67.23 -48.04
N GLY DB 199 55.81 66.58 -48.84
CA GLY DB 199 57.03 67.22 -49.29
C GLY DB 199 58.21 66.57 -48.60
N THR DB 200 59.28 66.37 -49.36
CA THR DB 200 60.44 65.67 -48.84
C THR DB 200 61.29 66.59 -47.95
N PRO DB 201 61.77 66.10 -46.82
CA PRO DB 201 62.62 66.92 -45.95
C PRO DB 201 64.03 67.02 -46.51
N VAL DB 202 64.37 68.20 -47.02
CA VAL DB 202 65.70 68.48 -47.53
C VAL DB 202 66.60 68.78 -46.34
N LYS DB 203 67.91 68.77 -46.56
CA LYS DB 203 68.89 69.03 -45.51
C LYS DB 203 69.92 70.06 -45.98
N ASP EB 20 75.32 52.75 -26.15
CA ASP EB 20 75.65 51.37 -26.46
C ASP EB 20 75.26 50.44 -25.31
N LYS EB 21 75.02 51.02 -24.14
CA LYS EB 21 74.62 50.25 -22.97
C LYS EB 21 73.16 49.85 -23.10
N ASP EB 22 72.88 48.59 -22.83
CA ASP EB 22 71.53 48.08 -22.98
C ASP EB 22 70.66 48.36 -21.77
N LEU EB 23 69.43 48.81 -22.03
CA LEU EB 23 68.44 49.08 -21.00
C LEU EB 23 67.43 47.93 -20.88
N LEU EB 24 66.72 47.66 -21.98
CA LEU EB 24 65.70 46.63 -22.02
C LEU EB 24 65.95 45.75 -23.24
N LYS EB 25 65.49 44.51 -23.17
CA LYS EB 25 65.57 43.63 -24.30
C LYS EB 25 64.42 42.64 -24.22
N GLY EB 26 64.11 42.06 -25.37
CA GLY EB 26 62.97 41.16 -25.45
C GLY EB 26 61.62 41.82 -25.43
N LEU EB 27 61.52 43.05 -25.91
CA LEU EB 27 60.26 43.78 -25.85
C LEU EB 27 59.39 43.39 -27.04
N ASP EB 28 58.31 44.14 -27.23
CA ASP EB 28 57.38 43.96 -28.32
C ASP EB 28 57.44 45.20 -29.21
N GLN EB 29 56.87 45.09 -30.42
CA GLN EB 29 56.79 46.22 -31.34
C GLN EB 29 55.94 47.34 -30.76
N GLU EB 30 54.81 47.03 -30.15
CA GLU EB 30 53.99 48.05 -29.55
C GLU EB 30 54.52 48.49 -28.19
N GLN EB 31 55.40 47.71 -27.59
CA GLN EB 31 56.01 48.11 -26.33
C GLN EB 31 57.24 48.97 -26.49
N ALA EB 32 57.91 48.92 -27.63
CA ALA EB 32 59.12 49.73 -27.79
C ALA EB 32 58.82 51.18 -28.16
N ASN EB 33 57.72 51.44 -28.86
CA ASN EB 33 57.40 52.81 -29.23
C ASN EB 33 56.86 53.63 -28.08
N GLU EB 34 56.53 53.00 -26.96
CA GLU EB 34 56.12 53.76 -25.81
C GLU EB 34 57.31 54.16 -24.98
N VAL EB 35 58.31 53.28 -24.91
CA VAL EB 35 59.53 53.62 -24.19
C VAL EB 35 60.28 54.70 -24.96
N ILE EB 36 60.26 54.63 -26.29
CA ILE EB 36 60.92 55.67 -27.07
C ILE EB 36 60.16 56.98 -26.96
N ALA EB 37 58.82 56.91 -26.97
CA ALA EB 37 58.03 58.14 -26.86
C ALA EB 37 58.12 58.77 -25.47
N VAL EB 38 58.52 58.02 -24.46
CA VAL EB 38 58.71 58.60 -23.14
C VAL EB 38 60.12 59.16 -22.99
N LEU EB 39 61.14 58.44 -23.48
CA LEU EB 39 62.52 58.92 -23.33
C LEU EB 39 62.79 60.13 -24.21
N GLN EB 40 62.16 60.24 -25.38
CA GLN EB 40 62.41 61.42 -26.19
C GLN EB 40 61.77 62.67 -25.62
N MET EB 41 60.82 62.53 -24.68
CA MET EB 41 60.26 63.70 -24.03
C MET EB 41 61.26 64.31 -23.06
N HIS EB 42 62.19 63.52 -22.54
CA HIS EB 42 63.13 64.03 -21.54
C HIS EB 42 64.54 64.13 -22.12
N ASN EB 43 64.61 64.48 -23.40
CA ASN EB 43 65.84 64.92 -24.08
C ASN EB 43 66.93 63.85 -24.12
N ILE EB 44 66.57 62.58 -24.18
CA ILE EB 44 67.56 61.51 -24.36
C ILE EB 44 67.14 60.62 -25.52
N GLU EB 45 68.13 60.26 -26.34
CA GLU EB 45 67.94 59.48 -27.55
C GLU EB 45 67.85 58.00 -27.21
N ALA EB 46 67.39 57.19 -28.15
CA ALA EB 46 67.29 55.76 -27.98
C ALA EB 46 67.41 55.09 -29.33
N ASN EB 47 67.82 53.82 -29.33
CA ASN EB 47 68.01 53.10 -30.58
C ASN EB 47 67.22 51.80 -30.54
N LYS EB 48 66.31 51.64 -31.50
CA LYS EB 48 65.50 50.43 -31.63
C LYS EB 48 66.23 49.40 -32.48
N ILE EB 49 66.83 48.41 -31.82
CA ILE EB 49 67.61 47.39 -32.50
C ILE EB 49 66.78 46.10 -32.52
N ASP EB 50 66.51 45.59 -33.72
CA ASP EB 50 65.81 44.33 -33.87
C ASP EB 50 66.74 43.14 -33.69
N SER EB 51 66.21 42.06 -33.12
CA SER EB 51 66.99 40.84 -32.97
C SER EB 51 66.27 39.62 -33.58
N GLY EB 52 65.32 39.84 -34.49
CA GLY EB 52 64.67 38.71 -35.13
C GLY EB 52 63.65 38.09 -34.21
N LYS EB 53 63.96 36.92 -33.67
CA LYS EB 53 63.02 36.19 -32.82
C LYS EB 53 63.06 36.67 -31.39
N LEU EB 54 64.18 37.21 -30.94
CA LEU EB 54 64.29 37.57 -29.54
C LEU EB 54 63.59 38.88 -29.22
N GLY EB 55 63.09 39.60 -30.22
CA GLY EB 55 62.41 40.85 -29.98
C GLY EB 55 63.28 42.06 -30.22
N TYR EB 56 62.76 43.19 -29.80
CA TYR EB 56 63.43 44.47 -29.98
C TYR EB 56 64.32 44.71 -28.78
N SER EB 57 65.10 45.77 -28.87
CA SER EB 57 65.98 46.13 -27.77
C SER EB 57 66.26 47.61 -27.87
N ILE EB 58 66.45 48.22 -26.72
CA ILE EB 58 66.58 49.67 -26.65
C ILE EB 58 67.88 49.99 -25.94
N THR EB 59 68.75 50.71 -26.62
CA THR EB 59 70.03 51.10 -26.08
C THR EB 59 70.11 52.62 -26.04
N VAL EB 60 70.73 53.12 -24.97
CA VAL EB 60 70.96 54.53 -24.76
C VAL EB 60 72.47 54.73 -24.60
N ALA EB 61 72.91 55.99 -24.64
CA ALA EB 61 74.31 56.30 -24.47
C ALA EB 61 74.74 56.19 -23.00
N GLU EB 62 76.06 56.11 -22.82
CA GLU EB 62 76.63 55.95 -21.48
C GLU EB 62 76.50 57.23 -20.65
N PRO EB 63 76.59 58.46 -21.19
CA PRO EB 63 76.19 59.62 -20.38
C PRO EB 63 74.70 59.67 -20.11
N ASP EB 64 73.88 59.05 -20.94
CA ASP EB 64 72.42 59.08 -20.75
C ASP EB 64 71.90 57.76 -20.19
N PHE EB 65 72.66 57.09 -19.35
CA PHE EB 65 72.18 55.88 -18.70
C PHE EB 65 71.58 56.10 -17.32
N THR EB 66 72.08 57.10 -16.60
CA THR EB 66 71.57 57.37 -15.26
C THR EB 66 70.21 58.03 -15.28
N ALA EB 67 69.90 58.83 -16.29
CA ALA EB 67 68.58 59.44 -16.31
C ALA EB 67 67.56 58.48 -16.87
N ALA EB 68 68.00 57.62 -17.80
CA ALA EB 68 67.04 56.74 -18.43
C ALA EB 68 66.62 55.63 -17.48
N VAL EB 69 67.52 55.20 -16.59
CA VAL EB 69 67.08 54.20 -15.62
C VAL EB 69 66.10 54.84 -14.64
N TYR EB 70 66.26 56.14 -14.37
CA TYR EB 70 65.38 56.82 -13.44
C TYR EB 70 64.00 56.97 -14.03
N TRP EB 71 63.91 57.21 -15.34
CA TRP EB 71 62.57 57.32 -15.90
C TRP EB 71 61.94 55.96 -16.13
N ILE EB 72 62.75 54.90 -16.24
CA ILE EB 72 62.17 53.55 -16.30
C ILE EB 72 61.55 53.20 -14.96
N LYS EB 73 62.22 53.56 -13.86
CA LYS EB 73 61.70 53.24 -12.54
C LYS EB 73 60.48 54.09 -12.23
N THR EB 74 60.49 55.35 -12.63
CA THR EB 74 59.37 56.21 -12.30
C THR EB 74 58.14 55.86 -13.12
N TYR EB 75 58.29 55.83 -14.44
CA TYR EB 75 57.11 55.59 -15.28
C TYR EB 75 56.70 54.13 -15.39
N GLN EB 76 57.37 53.18 -14.69
CA GLN EB 76 57.00 51.75 -14.70
C GLN EB 76 57.03 51.16 -16.10
N LEU EB 77 57.95 51.58 -16.90
CA LEU EB 77 58.07 51.05 -18.24
C LEU EB 77 58.83 49.73 -18.23
N PRO EB 78 58.50 48.80 -19.13
CA PRO EB 78 57.49 48.77 -20.19
C PRO EB 78 56.07 48.51 -19.69
N PRO EB 79 55.07 49.01 -20.41
CA PRO EB 79 53.69 48.90 -19.94
C PRO EB 79 53.17 47.48 -20.08
N ARG EB 80 52.45 47.03 -19.06
CA ARG EB 80 51.77 45.75 -19.16
C ARG EB 80 50.61 45.88 -20.14
N PRO EB 81 50.19 44.79 -20.78
CA PRO EB 81 49.05 44.88 -21.68
C PRO EB 81 47.76 45.21 -20.98
N ARG EB 82 46.90 45.91 -21.71
CA ARG EB 82 45.67 46.42 -21.16
C ARG EB 82 44.66 45.31 -20.95
N VAL EB 83 44.04 45.31 -19.78
CA VAL EB 83 43.18 44.23 -19.33
C VAL EB 83 41.72 44.55 -19.59
N GLU EB 84 40.98 43.54 -20.01
CA GLU EB 84 39.55 43.64 -20.23
C GLU EB 84 38.89 42.42 -19.57
N ILE EB 85 37.62 42.58 -19.22
CA ILE EB 85 36.93 41.62 -18.37
C ILE EB 85 36.66 40.31 -19.10
N ALA EB 86 36.58 40.34 -20.43
CA ALA EB 86 36.31 39.12 -21.17
C ALA EB 86 37.50 38.17 -21.23
N GLN EB 87 38.66 38.56 -20.73
CA GLN EB 87 39.79 37.63 -20.69
C GLN EB 87 39.75 36.70 -19.50
N MET EB 88 39.07 37.08 -18.41
CA MET EB 88 38.96 36.21 -17.25
C MET EB 88 37.91 35.13 -17.41
N PHE EB 89 37.06 35.23 -18.42
CA PHE EB 89 36.04 34.23 -18.70
C PHE EB 89 36.09 33.87 -20.17
N PRO EB 90 36.97 32.95 -20.57
CA PRO EB 90 37.10 32.63 -22.00
C PRO EB 90 35.90 31.84 -22.49
N ALA EB 91 35.63 31.96 -23.78
CA ALA EB 91 34.47 31.32 -24.38
C ALA EB 91 34.63 29.82 -24.62
N ASP EB 92 35.83 29.25 -24.43
CA ASP EB 92 36.07 27.84 -24.71
C ASP EB 92 35.72 26.93 -23.54
N SER EB 93 35.00 27.42 -22.54
CA SER EB 93 34.69 26.62 -21.38
C SER EB 93 33.57 25.63 -21.65
N LEU EB 94 33.61 24.52 -20.92
CA LEU EB 94 32.62 23.45 -21.04
C LEU EB 94 31.31 23.85 -20.39
N VAL EB 95 31.38 24.56 -19.27
CA VAL EB 95 30.19 25.09 -18.62
C VAL EB 95 30.33 26.61 -18.59
N SER EB 96 29.18 27.29 -18.54
CA SER EB 96 29.14 28.75 -18.59
C SER EB 96 28.00 29.23 -17.71
N SER EB 97 28.33 29.72 -16.53
CA SER EB 97 27.31 30.29 -15.67
C SER EB 97 26.77 31.59 -16.27
N PRO EB 98 25.54 31.99 -15.88
CA PRO EB 98 25.02 33.28 -16.34
C PRO EB 98 25.79 34.47 -15.82
N ARG EB 99 26.57 34.26 -14.76
CA ARG EB 99 27.49 35.26 -14.28
C ARG EB 99 28.61 35.48 -15.28
N ALA EB 100 29.04 34.41 -15.95
CA ALA EB 100 30.11 34.58 -16.90
C ALA EB 100 29.58 35.01 -18.25
N GLU EB 101 28.29 34.83 -18.49
CA GLU EB 101 27.78 35.30 -19.75
C GLU EB 101 27.43 36.78 -19.69
N LYS EB 102 27.02 37.26 -18.52
CA LYS EB 102 26.80 38.69 -18.42
C LYS EB 102 28.11 39.45 -18.34
N ALA EB 103 29.15 38.85 -17.73
CA ALA EB 103 30.42 39.57 -17.70
C ALA EB 103 31.08 39.57 -19.07
N ARG EB 104 30.89 38.49 -19.85
CA ARG EB 104 31.42 38.48 -21.21
C ARG EB 104 30.60 39.35 -22.14
N LEU EB 105 29.40 39.74 -21.75
CA LEU EB 105 28.59 40.61 -22.60
C LEU EB 105 28.93 42.07 -22.34
N TYR EB 106 28.99 42.43 -21.06
CA TYR EB 106 29.30 43.79 -20.67
C TYR EB 106 30.72 44.17 -21.07
N SER EB 107 31.63 43.17 -21.14
CA SER EB 107 32.97 43.52 -21.54
C SER EB 107 33.12 43.70 -23.04
N ALA EB 108 32.09 43.41 -23.82
CA ALA EB 108 32.11 43.75 -25.24
C ALA EB 108 31.32 45.00 -25.52
N ILE EB 109 30.45 45.38 -24.58
CA ILE EB 109 29.73 46.63 -24.79
C ILE EB 109 30.63 47.80 -24.44
N GLU EB 110 31.44 47.67 -23.38
CA GLU EB 110 32.30 48.80 -23.08
C GLU EB 110 33.51 48.90 -24.00
N GLN EB 111 33.82 47.88 -24.80
CA GLN EB 111 34.80 48.06 -25.87
C GLN EB 111 34.19 48.66 -27.13
N ARG EB 112 32.94 48.31 -27.45
CA ARG EB 112 32.36 48.88 -28.66
C ARG EB 112 31.98 50.33 -28.44
N LEU EB 113 31.63 50.70 -27.21
CA LEU EB 113 31.30 52.10 -26.97
C LEU EB 113 32.54 52.98 -27.00
N GLU EB 114 33.69 52.47 -26.53
CA GLU EB 114 34.84 53.34 -26.63
C GLU EB 114 35.45 53.35 -28.03
N GLN EB 115 35.10 52.38 -28.87
CA GLN EB 115 35.52 52.55 -30.26
C GLN EB 115 34.59 53.49 -30.99
N SER EB 116 33.37 53.61 -30.51
CA SER EB 116 32.43 54.53 -31.14
C SER EB 116 32.64 55.95 -30.66
N LEU EB 117 33.28 56.13 -29.51
CA LEU EB 117 33.56 57.48 -29.06
C LEU EB 117 34.67 58.14 -29.85
N GLN EB 118 35.56 57.37 -30.47
CA GLN EB 118 36.68 57.92 -31.22
C GLN EB 118 36.31 58.49 -32.58
N THR EB 119 35.08 58.35 -33.03
CA THR EB 119 34.70 58.89 -34.33
C THR EB 119 34.00 60.25 -34.21
N MET EB 120 33.94 60.83 -33.03
CA MET EB 120 33.38 62.17 -32.90
C MET EB 120 34.38 63.21 -33.41
N GLU EB 121 33.94 64.47 -33.45
CA GLU EB 121 34.77 65.55 -33.98
C GLU EB 121 35.72 66.10 -32.92
N GLY EB 122 37.00 65.71 -32.99
CA GLY EB 122 38.00 66.29 -32.11
C GLY EB 122 38.55 65.38 -31.05
N VAL EB 123 37.95 64.22 -30.83
CA VAL EB 123 38.39 63.32 -29.78
C VAL EB 123 39.60 62.52 -30.25
N LEU EB 124 40.64 62.48 -29.43
CA LEU EB 124 41.80 61.67 -29.75
C LEU EB 124 41.79 60.31 -29.08
N SER EB 125 41.40 60.21 -27.83
CA SER EB 125 41.33 58.92 -27.17
C SER EB 125 40.25 58.97 -26.09
N ALA EB 126 39.82 57.80 -25.65
CA ALA EB 126 38.75 57.72 -24.67
C ALA EB 126 38.82 56.41 -23.90
N ARG EB 127 38.02 56.33 -22.84
CA ARG EB 127 37.90 55.12 -22.04
C ARG EB 127 36.58 55.14 -21.29
N VAL EB 128 35.82 54.05 -21.36
CA VAL EB 128 34.47 53.97 -20.80
C VAL EB 128 34.40 52.81 -19.80
N HIS EB 129 33.74 53.03 -18.67
CA HIS EB 129 33.50 52.03 -17.63
C HIS EB 129 32.01 51.88 -17.38
N ILE EB 130 31.56 50.63 -17.26
CA ILE EB 130 30.18 50.29 -16.96
C ILE EB 130 30.14 49.75 -15.54
N SER EB 131 29.07 50.04 -14.81
CA SER EB 131 28.86 49.47 -13.48
C SER EB 131 28.36 48.04 -13.60
N TYR EB 132 29.17 47.10 -13.12
CA TYR EB 132 28.85 45.68 -13.20
C TYR EB 132 27.95 45.29 -12.03
N ASP EB 133 26.74 44.83 -12.33
CA ASP EB 133 25.80 44.35 -11.34
C ASP EB 133 25.43 42.94 -11.77
N ILE EB 134 26.04 41.95 -11.14
CA ILE EB 134 25.89 40.61 -11.68
C ILE EB 134 24.95 39.66 -10.94
N ASP EB 135 24.82 39.78 -9.62
CA ASP EB 135 23.98 38.89 -8.82
C ASP EB 135 22.58 39.42 -8.51
N ALA EB 136 22.32 40.70 -8.79
CA ALA EB 136 21.03 41.30 -8.45
C ALA EB 136 19.93 40.77 -9.34
N GLY EB 137 20.21 40.59 -10.63
CA GLY EB 137 19.16 40.04 -11.45
C GLY EB 137 18.96 38.57 -11.23
N GLU EB 138 19.96 37.87 -10.68
CA GLU EB 138 19.74 36.46 -10.37
C GLU EB 138 18.84 36.34 -9.17
N ASN EB 139 19.09 37.16 -8.13
CA ASN EB 139 18.31 37.04 -6.91
C ASN EB 139 16.92 37.64 -7.15
N GLY EB 140 16.02 37.38 -6.21
CA GLY EB 140 14.66 37.90 -6.35
C GLY EB 140 14.53 39.39 -6.11
N ARG EB 141 15.54 40.01 -5.50
CA ARG EB 141 15.59 41.45 -5.36
C ARG EB 141 15.74 42.10 -6.75
N PRO EB 142 15.13 43.28 -6.96
CA PRO EB 142 15.20 43.90 -8.28
C PRO EB 142 16.60 44.42 -8.58
N PRO EB 143 17.00 44.45 -9.86
CA PRO EB 143 18.33 44.97 -10.20
C PRO EB 143 18.39 46.47 -9.98
N LYS EB 144 19.51 46.95 -9.47
CA LYS EB 144 19.66 48.35 -9.12
C LYS EB 144 19.98 49.15 -10.38
N PRO EB 145 20.10 50.47 -10.28
CA PRO EB 145 20.39 51.26 -11.49
C PRO EB 145 21.82 51.09 -11.96
N VAL EB 146 22.03 51.39 -13.24
CA VAL EB 146 23.33 51.25 -13.89
C VAL EB 146 24.02 52.60 -14.06
N HIS EB 147 25.31 52.63 -13.75
CA HIS EB 147 26.15 53.81 -13.77
C HIS EB 147 27.23 53.70 -14.84
N LEU EB 148 27.52 54.80 -15.53
CA LEU EB 148 28.57 54.84 -16.53
C LEU EB 148 29.61 55.87 -16.13
N SER EB 149 30.81 55.77 -16.71
CA SER EB 149 31.83 56.78 -16.45
C SER EB 149 32.83 56.81 -17.61
N ALA EB 150 33.26 58.01 -17.99
CA ALA EB 150 34.09 58.13 -19.19
C ALA EB 150 35.20 59.15 -19.04
N LEU EB 151 36.33 58.85 -19.68
CA LEU EB 151 37.44 59.79 -19.82
C LEU EB 151 37.70 60.04 -21.29
N ALA EB 152 38.25 61.21 -21.60
CA ALA EB 152 38.53 61.59 -22.97
C ALA EB 152 39.66 62.59 -23.03
N VAL EB 153 40.36 62.56 -24.16
CA VAL EB 153 41.44 63.50 -24.45
C VAL EB 153 41.10 64.23 -25.74
N TYR EB 154 40.93 65.54 -25.65
CA TYR EB 154 40.48 66.37 -26.75
C TYR EB 154 41.64 67.07 -27.42
N GLU EB 155 41.46 67.36 -28.71
CA GLU EB 155 42.42 68.16 -29.44
C GLU EB 155 42.37 69.59 -28.92
N ARG EB 156 43.55 70.18 -28.69
CA ARG EB 156 43.61 71.47 -28.03
C ARG EB 156 43.13 72.59 -28.95
N GLY EB 157 42.77 73.71 -28.32
CA GLY EB 157 42.07 74.78 -28.98
C GLY EB 157 40.57 74.67 -28.96
N SER EB 158 40.02 73.61 -28.35
CA SER EB 158 38.60 73.35 -28.28
C SER EB 158 38.00 73.90 -27.00
N PRO EB 159 36.78 74.43 -27.07
CA PRO EB 159 36.07 74.82 -25.84
C PRO EB 159 35.41 73.62 -25.16
N LEU EB 160 36.20 72.93 -24.34
CA LEU EB 160 35.86 71.64 -23.77
C LEU EB 160 34.87 71.72 -22.61
N ALA EB 161 34.28 72.87 -22.36
CA ALA EB 161 33.20 72.96 -21.39
C ALA EB 161 31.83 72.70 -22.00
N HIS EB 162 31.66 72.94 -23.30
CA HIS EB 162 30.39 72.70 -23.97
C HIS EB 162 30.22 71.28 -24.46
N GLN EB 163 31.32 70.55 -24.66
CA GLN EB 163 31.28 69.19 -25.16
C GLN EB 163 30.98 68.16 -24.08
N ILE EB 164 30.78 68.58 -22.83
CA ILE EB 164 30.42 67.62 -21.78
C ILE EB 164 28.95 67.27 -21.84
N SER EB 165 28.18 68.02 -22.63
CA SER EB 165 26.76 67.73 -22.78
C SER EB 165 26.49 66.84 -23.98
N ASP EB 166 27.41 66.81 -24.94
CA ASP EB 166 27.24 65.92 -26.08
C ASP EB 166 27.56 64.47 -25.76
N ILE EB 167 28.54 64.24 -24.88
CA ILE EB 167 28.86 62.88 -24.49
C ILE EB 167 27.77 62.33 -23.59
N LYS EB 168 27.19 63.20 -22.76
CA LYS EB 168 26.09 62.78 -21.92
C LYS EB 168 24.84 62.53 -22.74
N ARG EB 169 24.64 63.28 -23.82
CA ARG EB 169 23.48 63.00 -24.66
C ARG EB 169 23.69 61.73 -25.46
N PHE EB 170 24.94 61.42 -25.80
CA PHE EB 170 25.17 60.24 -26.63
C PHE EB 170 24.99 58.98 -25.82
N LEU EB 171 25.57 58.92 -24.62
CA LEU EB 171 25.50 57.69 -23.87
C LEU EB 171 24.46 57.72 -22.76
N LYS EB 172 23.53 58.68 -22.81
CA LYS EB 172 22.36 58.61 -21.95
C LYS EB 172 21.34 57.62 -22.48
N ASN EB 173 21.18 57.57 -23.80
CA ASN EB 173 20.19 56.71 -24.43
C ASN EB 173 20.79 55.41 -24.95
N SER EB 174 21.91 54.97 -24.40
CA SER EB 174 22.53 53.71 -24.80
C SER EB 174 22.32 52.58 -23.80
N PHE EB 175 21.48 52.78 -22.79
CA PHE EB 175 21.20 51.75 -21.81
C PHE EB 175 19.74 51.83 -21.42
N ALA EB 176 19.36 51.09 -20.38
CA ALA EB 176 17.94 50.91 -20.08
C ALA EB 176 17.37 52.19 -19.47
N ASP EB 177 17.85 52.56 -18.28
CA ASP EB 177 17.32 53.77 -17.65
C ASP EB 177 18.45 54.40 -16.81
N VAL EB 178 19.17 55.32 -17.44
CA VAL EB 178 20.22 56.05 -16.74
C VAL EB 178 19.73 57.47 -16.59
N ASP EB 179 20.22 58.15 -15.56
CA ASP EB 179 19.95 59.56 -15.39
C ASP EB 179 21.21 60.36 -15.64
N TYR EB 180 21.05 61.68 -15.71
CA TYR EB 180 22.18 62.54 -15.93
C TYR EB 180 23.00 62.76 -14.67
N ASP EB 181 22.59 62.23 -13.54
CA ASP EB 181 23.39 62.31 -12.33
C ASP EB 181 24.26 61.07 -12.14
N ASN EB 182 23.98 59.99 -12.85
CA ASN EB 182 24.75 58.76 -12.75
C ASN EB 182 25.78 58.65 -13.86
N ILE EB 183 26.05 59.75 -14.57
CA ILE EB 183 27.06 59.78 -15.61
C ILE EB 183 28.06 60.86 -15.25
N SER EB 184 29.33 60.48 -15.19
CA SER EB 184 30.40 61.41 -14.87
C SER EB 184 31.43 61.35 -15.97
N VAL EB 185 31.64 62.48 -16.65
CA VAL EB 185 32.59 62.57 -17.74
C VAL EB 185 33.71 63.47 -17.28
N VAL EB 186 34.94 62.96 -17.31
CA VAL EB 186 36.10 63.76 -16.92
C VAL EB 186 37.04 63.74 -18.10
N LEU EB 187 37.21 64.89 -18.74
CA LEU EB 187 37.97 65.00 -19.97
C LEU EB 187 38.95 66.17 -19.90
N SER EB 188 39.95 66.12 -20.76
CA SER EB 188 41.00 67.13 -20.71
C SER EB 188 41.59 67.30 -22.09
N GLU EB 189 42.35 68.38 -22.28
CA GLU EB 189 43.00 68.64 -23.54
C GLU EB 189 44.37 67.98 -23.56
N ARG EB 190 44.89 67.76 -24.75
CA ARG EB 190 46.14 67.03 -24.83
C ARG EB 190 47.32 67.93 -24.47
N SER EB 191 48.48 67.31 -24.30
CA SER EB 191 49.68 68.00 -23.86
C SER EB 191 50.30 68.78 -25.02
N ASP EB 192 51.32 69.55 -24.68
CA ASP EB 192 52.05 70.31 -25.69
C ASP EB 192 52.86 69.37 -26.57
N ALA EB 193 52.92 69.69 -27.85
CA ALA EB 193 53.51 68.80 -28.83
C ALA EB 193 55.03 68.75 -28.74
N GLN EB 194 55.59 67.55 -28.93
CA GLN EB 194 57.02 67.33 -28.99
C GLN EB 194 57.39 67.06 -30.44
N LEU EB 195 58.04 68.04 -31.08
CA LEU EB 195 58.38 67.92 -32.49
C LEU EB 195 59.86 67.99 -32.80
N GLN EB 196 60.67 68.59 -31.95
CA GLN EB 196 62.09 68.76 -32.23
C GLN EB 196 62.91 67.57 -31.78
N ALA EB 197 64.05 67.37 -32.44
CA ALA EB 197 64.92 66.26 -32.12
C ALA EB 197 65.63 66.50 -30.79
N PRO EB 198 65.93 65.44 -30.04
CA PRO EB 198 66.63 65.62 -28.76
C PRO EB 198 68.04 66.20 -28.82
N GLY EB 199 68.92 65.54 -29.56
CA GLY EB 199 70.30 66.01 -29.62
C GLY EB 199 71.26 65.06 -28.95
N THR EB 200 72.34 64.73 -29.63
CA THR EB 200 73.32 63.76 -29.16
C THR EB 200 74.27 64.38 -28.14
N PRO EB 201 74.69 63.61 -27.13
CA PRO EB 201 75.66 64.13 -26.15
C PRO EB 201 77.02 64.28 -26.83
N VAL EB 202 77.56 65.47 -26.78
CA VAL EB 202 78.89 65.71 -27.32
C VAL EB 202 79.93 65.55 -26.22
N LYS EB 203 81.02 64.87 -26.56
CA LYS EB 203 82.09 64.60 -25.60
C LYS EB 203 83.41 65.11 -26.17
N ASP FB 20 84.14 44.95 -8.73
CA ASP FB 20 84.33 43.65 -9.33
C ASP FB 20 83.60 42.56 -8.53
N LYS FB 21 83.32 42.85 -7.26
CA LYS FB 21 82.62 41.88 -6.43
C LYS FB 21 81.15 41.83 -6.80
N ASP FB 22 80.60 40.62 -6.82
CA ASP FB 22 79.19 40.42 -7.10
C ASP FB 22 78.40 40.36 -5.80
N LEU FB 23 77.16 40.83 -5.86
CA LEU FB 23 76.30 40.81 -4.70
C LEU FB 23 74.94 40.16 -5.00
N LEU FB 24 74.51 40.21 -6.26
CA LEU FB 24 73.27 39.57 -6.66
C LEU FB 24 73.45 38.94 -8.04
N LYS FB 25 73.06 37.68 -8.17
CA LYS FB 25 73.02 37.01 -9.47
C LYS FB 25 71.64 36.42 -9.69
N GLY FB 26 71.35 36.07 -10.93
CA GLY FB 26 70.11 35.39 -11.25
C GLY FB 26 68.88 36.28 -11.28
N LEU FB 27 69.05 37.59 -11.16
CA LEU FB 27 67.93 38.50 -11.19
C LEU FB 27 67.38 38.63 -12.61
N ASP FB 28 66.11 38.99 -12.71
CA ASP FB 28 65.54 39.22 -14.02
C ASP FB 28 65.72 40.67 -14.44
N GLN FB 29 65.03 41.06 -15.52
CA GLN FB 29 65.21 42.37 -16.13
C GLN FB 29 64.57 43.46 -15.30
N GLU FB 30 63.34 43.21 -14.84
CA GLU FB 30 62.63 44.23 -14.07
C GLU FB 30 63.18 44.32 -12.66
N GLN FB 31 63.74 43.23 -12.14
CA GLN FB 31 64.32 43.32 -10.82
C GLN FB 31 65.64 44.05 -10.89
N ALA FB 32 66.39 43.86 -11.98
CA ALA FB 32 67.70 44.49 -12.06
C ALA FB 32 67.55 45.98 -12.32
N ASN FB 33 66.47 46.35 -13.00
CA ASN FB 33 66.29 47.77 -13.30
C ASN FB 33 65.76 48.53 -12.11
N GLU FB 34 65.34 47.83 -11.06
CA GLU FB 34 64.94 48.50 -9.84
C GLU FB 34 66.02 48.38 -8.77
N VAL FB 35 67.01 47.53 -8.97
CA VAL FB 35 68.16 47.58 -8.07
C VAL FB 35 69.12 48.69 -8.50
N ILE FB 36 69.29 48.90 -9.81
CA ILE FB 36 70.18 49.95 -10.28
C ILE FB 36 69.65 51.33 -9.92
N ALA FB 37 68.34 51.53 -10.07
CA ALA FB 37 67.74 52.83 -9.77
C ALA FB 37 67.75 53.14 -8.28
N VAL FB 38 67.87 52.13 -7.43
CA VAL FB 38 68.00 52.38 -6.00
C VAL FB 38 69.44 52.74 -5.66
N LEU FB 39 70.41 52.02 -6.22
CA LEU FB 39 71.80 52.31 -5.87
C LEU FB 39 72.28 53.63 -6.46
N GLN FB 40 71.77 54.04 -7.62
CA GLN FB 40 72.30 55.25 -8.25
C GLN FB 40 71.89 56.53 -7.53
N MET FB 41 70.84 56.53 -6.74
CA MET FB 41 70.51 57.73 -6.00
C MET FB 41 71.26 57.85 -4.69
N HIS FB 42 72.02 56.84 -4.29
CA HIS FB 42 72.80 56.89 -3.08
C HIS FB 42 74.29 56.93 -3.38
N ASN FB 43 74.63 57.43 -4.58
CA ASN FB 43 75.99 57.77 -4.99
C ASN FB 43 76.90 56.55 -5.05
N ILE FB 44 76.37 55.40 -5.47
CA ILE FB 44 77.19 54.24 -5.77
C ILE FB 44 76.79 53.74 -7.15
N GLU FB 45 77.76 53.25 -7.90
CA GLU FB 45 77.56 52.90 -9.30
C GLU FB 45 77.59 51.38 -9.44
N ALA FB 46 76.56 50.84 -10.07
CA ALA FB 46 76.44 49.41 -10.28
C ALA FB 46 76.62 49.07 -11.74
N ASN FB 47 76.87 47.80 -12.02
CA ASN FB 47 77.06 47.33 -13.38
C ASN FB 47 76.18 46.13 -13.61
N LYS FB 48 75.33 46.19 -14.63
CA LYS FB 48 74.44 45.11 -15.00
C LYS FB 48 75.12 44.24 -16.05
N ILE FB 49 75.24 42.95 -15.74
CA ILE FB 49 75.96 41.97 -16.55
C ILE FB 49 74.97 40.89 -16.94
N ASP FB 50 74.78 40.71 -18.24
CA ASP FB 50 73.91 39.66 -18.74
C ASP FB 50 74.61 38.31 -18.64
N SER FB 51 73.81 37.24 -18.51
CA SER FB 51 74.42 35.92 -18.50
C SER FB 51 73.63 34.93 -19.34
N GLY FB 52 72.76 35.41 -20.22
CA GLY FB 52 72.04 34.55 -21.13
C GLY FB 52 70.89 33.83 -20.48
N LYS FB 53 71.07 32.53 -20.25
CA LYS FB 53 70.01 31.70 -19.71
C LYS FB 53 69.84 31.95 -18.21
N LEU FB 54 70.95 32.19 -17.51
CA LEU FB 54 70.91 32.32 -16.07
C LEU FB 54 70.46 33.70 -15.60
N GLY FB 55 70.07 34.60 -16.50
CA GLY FB 55 69.61 35.90 -16.05
C GLY FB 55 70.74 36.88 -15.83
N TYR FB 56 70.35 38.04 -15.30
CA TYR FB 56 71.29 39.13 -15.10
C TYR FB 56 72.07 38.94 -13.81
N SER FB 57 73.00 39.86 -13.59
CA SER FB 57 73.83 39.89 -12.39
C SER FB 57 74.31 41.31 -12.22
N ILE FB 58 74.49 41.73 -10.96
CA ILE FB 58 74.81 43.11 -10.64
C ILE FB 58 76.08 43.12 -9.82
N THR FB 59 77.09 43.84 -10.29
CA THR FB 59 78.36 43.93 -9.60
C THR FB 59 78.70 45.38 -9.30
N VAL FB 60 79.28 45.59 -8.13
CA VAL FB 60 79.72 46.92 -7.70
C VAL FB 60 81.24 46.89 -7.49
N ALA FB 61 81.84 48.04 -7.20
CA ALA FB 61 83.26 48.16 -6.90
C ALA FB 61 83.55 47.65 -5.49
N GLU FB 62 84.80 47.64 -5.11
CA GLU FB 62 85.14 47.11 -3.79
C GLU FB 62 84.91 48.03 -2.57
N PRO FB 63 85.21 49.34 -2.58
CA PRO FB 63 84.85 50.16 -1.39
C PRO FB 63 83.37 50.41 -1.13
N ASP FB 64 82.50 50.33 -2.14
CA ASP FB 64 81.07 50.58 -1.97
C ASP FB 64 80.27 49.31 -1.69
N PHE FB 65 80.94 48.26 -1.26
CA PHE FB 65 80.25 46.99 -1.03
C PHE FB 65 79.58 46.95 0.31
N THR FB 66 80.17 47.60 1.32
CA THR FB 66 79.55 47.58 2.64
C THR FB 66 78.29 48.42 2.63
N ALA FB 67 78.25 49.46 1.82
CA ALA FB 67 77.05 50.28 1.77
C ALA FB 67 76.01 49.65 0.85
N ALA FB 68 76.45 48.94 -0.20
CA ALA FB 68 75.45 48.39 -1.10
C ALA FB 68 74.73 47.21 -0.46
N VAL FB 69 75.41 46.48 0.43
CA VAL FB 69 74.72 45.41 1.13
C VAL FB 69 73.72 46.01 2.11
N TYR FB 70 74.11 47.11 2.76
CA TYR FB 70 73.22 47.77 3.76
C TYR FB 70 71.94 48.25 3.08
N TRP FB 71 72.07 48.95 1.95
CA TRP FB 71 70.90 49.49 1.22
C TRP FB 71 69.99 48.37 0.72
N ILE FB 72 70.57 47.27 0.23
CA ILE FB 72 69.76 46.13 -0.29
C ILE FB 72 68.91 45.53 0.83
N LYS FB 73 69.48 45.37 2.02
CA LYS FB 73 68.76 44.78 3.18
C LYS FB 73 67.59 45.70 3.59
N THR FB 74 67.84 47.02 3.62
CA THR FB 74 66.82 48.02 4.03
C THR FB 74 65.64 48.01 3.04
N TYR FB 75 65.92 47.93 1.73
CA TYR FB 75 64.86 47.95 0.70
C TYR FB 75 64.35 46.54 0.40
N GLN FB 76 64.97 45.53 1.04
CA GLN FB 76 64.61 44.10 0.87
C GLN FB 76 64.69 43.70 -0.62
N LEU FB 77 65.73 44.15 -1.31
CA LEU FB 77 65.94 43.83 -2.75
C LEU FB 77 66.37 42.37 -2.89
N PRO FB 78 66.12 41.68 -4.03
CA PRO FB 78 65.30 42.21 -5.12
C PRO FB 78 63.79 42.22 -4.82
N PRO FB 79 63.01 43.17 -5.36
CA PRO FB 79 61.56 43.24 -5.08
C PRO FB 79 60.84 41.99 -5.64
N ARG FB 80 59.89 41.47 -4.85
CA ARG FB 80 59.09 40.28 -5.27
C ARG FB 80 58.07 40.70 -6.33
N PRO FB 81 57.61 39.78 -7.21
CA PRO FB 81 56.63 40.12 -8.25
C PRO FB 81 55.30 40.54 -7.60
N ARG FB 82 54.61 41.51 -8.20
CA ARG FB 82 53.32 41.99 -7.64
C ARG FB 82 52.31 40.84 -7.62
N VAL FB 83 51.54 40.74 -6.53
CA VAL FB 83 50.54 39.64 -6.37
C VAL FB 83 49.13 40.21 -6.56
N GLU FB 84 48.31 39.53 -7.37
CA GLU FB 84 46.95 39.94 -7.64
C GLU FB 84 46.02 38.79 -7.29
N ILE FB 85 44.77 39.16 -7.02
CA ILE FB 85 43.76 38.22 -6.54
C ILE FB 85 43.39 37.20 -7.61
N ALA FB 86 43.46 37.58 -8.88
CA ALA FB 86 43.13 36.64 -9.96
C ALA FB 86 44.13 35.49 -10.10
N GLN FB 87 45.27 35.53 -9.42
CA GLN FB 87 46.21 34.43 -9.48
C GLN FB 87 45.92 33.32 -8.48
N MET FB 88 45.21 33.63 -7.38
CA MET FB 88 44.86 32.61 -6.41
C MET FB 88 43.72 31.72 -6.86
N PHE FB 89 42.96 32.13 -7.86
CA PHE FB 89 41.84 31.33 -8.36
C PHE FB 89 41.99 31.22 -9.86
N PRO FB 90 42.75 30.26 -10.35
CA PRO FB 90 42.96 30.14 -11.78
C PRO FB 90 41.71 29.61 -12.47
N ALA FB 91 41.57 29.94 -13.76
CA ALA FB 91 40.43 29.55 -14.57
C ALA FB 91 40.56 28.17 -15.17
N ASP FB 92 41.59 27.44 -14.81
CA ASP FB 92 41.84 26.10 -15.34
C ASP FB 92 41.23 25.04 -14.44
N SER FB 93 40.53 25.43 -13.38
CA SER FB 93 39.90 24.44 -12.53
C SER FB 93 38.66 23.85 -13.18
N LEU FB 94 38.40 22.60 -12.85
CA LEU FB 94 37.25 21.91 -13.44
C LEU FB 94 35.93 22.40 -12.88
N VAL FB 95 35.87 22.71 -11.59
CA VAL FB 95 34.68 23.27 -10.96
C VAL FB 95 35.05 24.66 -10.48
N SER FB 96 34.10 25.59 -10.53
CA SER FB 96 34.36 26.97 -10.12
C SER FB 96 33.22 27.46 -9.25
N SER FB 97 33.51 27.73 -7.98
CA SER FB 97 32.52 28.26 -7.07
C SER FB 97 32.16 29.70 -7.43
N PRO FB 98 30.97 30.17 -7.04
CA PRO FB 98 30.64 31.59 -7.25
C PRO FB 98 31.50 32.55 -6.44
N ARG FB 99 32.14 32.06 -5.37
CA ARG FB 99 33.11 32.89 -4.66
C ARG FB 99 34.35 33.07 -5.51
N ALA FB 100 34.63 32.09 -6.36
CA ALA FB 100 35.81 32.19 -7.19
C ALA FB 100 35.50 33.02 -8.41
N GLU FB 101 34.27 32.97 -8.90
CA GLU FB 101 33.95 33.78 -10.07
C GLU FB 101 33.84 35.25 -9.69
N LYS FB 102 33.37 35.55 -8.48
CA LYS FB 102 33.36 36.95 -8.08
C LYS FB 102 34.75 37.44 -7.71
N ALA FB 103 35.61 36.53 -7.23
CA ALA FB 103 36.96 36.96 -6.90
C ALA FB 103 37.78 37.14 -8.17
N ARG FB 104 37.45 36.41 -9.22
CA ARG FB 104 38.13 36.64 -10.49
C ARG FB 104 37.51 37.78 -11.27
N LEU FB 105 36.35 38.28 -10.85
CA LEU FB 105 35.75 39.42 -11.52
C LEU FB 105 36.24 40.74 -10.91
N TYR FB 106 36.25 40.81 -9.58
CA TYR FB 106 36.66 42.04 -8.92
C TYR FB 106 38.15 42.29 -9.10
N SER FB 107 38.92 41.23 -9.31
CA SER FB 107 40.34 41.43 -9.52
C SER FB 107 40.65 41.87 -10.94
N ALA FB 108 39.69 41.79 -11.86
CA ALA FB 108 39.92 42.35 -13.18
C ALA FB 108 39.30 43.73 -13.30
N ILE FB 109 38.39 44.06 -12.38
CA ILE FB 109 37.86 45.42 -12.35
C ILE FB 109 38.87 46.36 -11.71
N GLU FB 110 39.49 45.92 -10.61
CA GLU FB 110 40.48 46.79 -9.99
C GLU FB 110 41.77 46.88 -10.77
N GLN FB 111 41.99 46.02 -11.77
CA GLN FB 111 43.08 46.24 -12.71
C GLN FB 111 42.68 47.17 -13.84
N ARG FB 112 41.44 47.11 -14.31
CA ARG FB 112 41.07 48.02 -15.41
C ARG FB 112 40.92 49.45 -14.93
N LEU FB 113 40.53 49.64 -13.66
CA LEU FB 113 40.38 51.00 -13.17
C LEU FB 113 41.74 51.64 -12.96
N GLU FB 114 42.74 50.85 -12.56
CA GLU FB 114 44.03 51.46 -12.36
C GLU FB 114 44.79 51.56 -13.68
N GLN FB 115 44.37 50.85 -14.72
CA GLN FB 115 44.99 51.12 -16.00
C GLN FB 115 44.33 52.30 -16.68
N SER FB 116 43.13 52.66 -16.25
CA SER FB 116 42.48 53.83 -16.80
C SER FB 116 42.78 55.11 -16.03
N LEU FB 117 43.29 55.00 -14.81
CA LEU FB 117 43.64 56.20 -14.07
C LEU FB 117 44.95 56.82 -14.56
N GLN FB 118 45.84 56.04 -15.16
CA GLN FB 118 47.10 56.58 -15.66
C GLN FB 118 46.96 57.42 -16.92
N THR FB 119 45.80 57.43 -17.56
CA THR FB 119 45.61 58.25 -18.75
C THR FB 119 45.11 59.65 -18.46
N MET FB 120 45.10 60.09 -17.21
CA MET FB 120 44.68 61.45 -16.92
C MET FB 120 45.84 62.41 -17.16
N GLU FB 121 45.67 63.65 -16.74
CA GLU FB 121 46.67 64.71 -16.96
C GLU FB 121 47.52 64.93 -15.71
N GLY FB 122 48.73 64.37 -15.72
CA GLY FB 122 49.68 64.61 -14.66
C GLY FB 122 49.92 63.42 -13.76
N VAL FB 123 49.15 62.35 -13.92
CA VAL FB 123 49.28 61.18 -13.08
C VAL FB 123 50.42 60.31 -13.60
N LEU FB 124 51.32 59.92 -12.71
CA LEU FB 124 52.37 59.00 -13.12
C LEU FB 124 52.10 57.56 -12.71
N SER FB 125 51.49 57.35 -11.54
CA SER FB 125 51.19 56.01 -11.07
C SER FB 125 49.92 56.08 -10.25
N ALA FB 126 49.25 54.95 -10.18
CA ALA FB 126 48.01 54.86 -9.42
C ALA FB 126 47.81 53.44 -8.94
N ARG FB 127 46.99 53.30 -7.91
CA ARG FB 127 46.66 51.99 -7.35
C ARG FB 127 45.30 52.05 -6.70
N VAL FB 128 44.38 51.20 -7.16
CA VAL FB 128 43.00 51.22 -6.68
C VAL FB 128 42.73 49.93 -5.93
N HIS FB 129 42.00 50.03 -4.83
CA HIS FB 129 41.57 48.90 -4.03
C HIS FB 129 40.05 48.94 -3.91
N ILE FB 130 39.44 47.77 -4.03
CA ILE FB 130 38.00 47.62 -3.91
C ILE FB 130 37.74 46.70 -2.73
N SER FB 131 36.71 46.99 -1.97
CA SER FB 131 36.29 46.09 -0.91
C SER FB 131 35.69 44.82 -1.51
N TYR FB 132 36.15 43.67 -1.05
CA TYR FB 132 35.70 42.40 -1.56
C TYR FB 132 34.56 41.87 -0.69
N ASP FB 133 33.47 41.48 -1.34
CA ASP FB 133 32.31 40.92 -0.67
C ASP FB 133 32.08 39.55 -1.28
N ILE FB 134 32.13 38.53 -0.44
CA ILE FB 134 32.09 37.15 -0.91
C ILE FB 134 30.99 36.35 -0.23
N ASP FB 135 30.59 36.76 0.97
CA ASP FB 135 29.59 35.99 1.69
C ASP FB 135 28.18 36.45 1.39
N ALA FB 136 28.01 37.53 0.62
CA ALA FB 136 26.68 38.02 0.30
C ALA FB 136 25.99 37.21 -0.78
N GLY FB 137 26.75 36.57 -1.66
CA GLY FB 137 26.16 35.85 -2.77
C GLY FB 137 25.75 34.43 -2.47
N GLU FB 138 26.34 33.82 -1.46
CA GLU FB 138 26.02 32.42 -1.19
C GLU FB 138 24.65 32.28 -0.56
N ASN FB 139 24.26 33.22 0.30
CA ASN FB 139 22.96 33.16 0.94
C ASN FB 139 22.11 34.39 0.62
N GLY FB 140 20.90 34.41 1.19
CA GLY FB 140 19.95 35.47 0.89
C GLY FB 140 20.07 36.74 1.73
N ARG FB 141 21.26 37.10 2.05
CA ARG FB 141 21.43 38.37 2.74
C ARG FB 141 21.66 39.46 1.72
N PRO FB 142 21.20 40.68 1.97
CA PRO FB 142 21.49 41.75 1.04
C PRO FB 142 22.94 42.16 1.13
N PRO FB 143 23.52 42.62 0.03
CA PRO FB 143 24.92 43.03 0.03
C PRO FB 143 25.10 44.34 0.76
N LYS FB 144 26.31 44.57 1.20
CA LYS FB 144 26.63 45.81 1.90
C LYS FB 144 27.05 46.82 0.87
N PRO FB 145 27.30 48.07 1.26
CA PRO FB 145 27.83 49.01 0.30
C PRO FB 145 29.27 48.67 -0.03
N VAL FB 146 29.72 49.16 -1.17
CA VAL FB 146 31.05 48.85 -1.68
C VAL FB 146 31.95 50.07 -1.50
N HIS FB 147 33.17 49.81 -1.03
CA HIS FB 147 34.11 50.85 -0.68
C HIS FB 147 35.28 50.82 -1.63
N LEU FB 148 35.83 51.98 -1.93
CA LEU FB 148 36.93 52.13 -2.85
C LEU FB 148 38.01 52.95 -2.18
N SER FB 149 39.25 52.74 -2.59
CA SER FB 149 40.35 53.53 -2.05
C SER FB 149 41.45 53.64 -3.09
N ALA FB 150 41.96 54.84 -3.31
CA ALA FB 150 42.92 55.02 -4.38
C ALA FB 150 44.17 55.75 -3.90
N LEU FB 151 45.27 55.47 -4.60
CA LEU FB 151 46.51 56.18 -4.41
C LEU FB 151 46.97 56.69 -5.76
N ALA FB 152 47.76 57.76 -5.72
CA ALA FB 152 48.23 58.38 -6.94
C ALA FB 152 49.52 59.13 -6.67
N VAL FB 153 50.31 59.27 -7.72
CA VAL FB 153 51.56 60.04 -7.66
C VAL FB 153 51.55 61.05 -8.80
N TYR FB 154 51.67 62.31 -8.46
CA TYR FB 154 51.51 63.38 -9.42
C TYR FB 154 52.84 64.03 -9.76
N GLU FB 155 52.88 64.64 -10.94
CA GLU FB 155 54.00 65.50 -11.32
C GLU FB 155 54.05 66.74 -10.45
N ARG FB 156 55.26 67.18 -10.12
CA ARG FB 156 55.40 68.35 -9.27
C ARG FB 156 55.17 69.62 -10.07
N GLY FB 157 54.78 70.67 -9.37
CA GLY FB 157 54.36 71.90 -10.00
C GLY FB 157 52.87 72.00 -10.23
N SER FB 158 52.12 70.95 -9.91
CA SER FB 158 50.68 70.76 -10.04
C SER FB 158 49.97 71.10 -8.74
N PRO FB 159 48.81 71.76 -8.81
CA PRO FB 159 48.04 72.04 -7.60
C PRO FB 159 47.29 70.82 -7.09
N LEU FB 160 47.96 69.99 -6.28
CA LEU FB 160 47.41 68.68 -5.92
C LEU FB 160 46.34 68.76 -4.85
N ALA FB 161 45.85 69.94 -4.51
CA ALA FB 161 44.70 70.03 -3.62
C ALA FB 161 43.38 69.95 -4.38
N HIS FB 162 43.32 70.46 -5.60
CA HIS FB 162 42.12 70.42 -6.41
C HIS FB 162 42.03 69.20 -7.30
N GLN FB 163 43.05 68.35 -7.33
CA GLN FB 163 42.97 67.13 -8.09
C GLN FB 163 42.25 66.01 -7.36
N ILE FB 164 41.83 66.22 -6.12
CA ILE FB 164 41.18 65.15 -5.38
C ILE FB 164 39.68 65.10 -5.62
N SER FB 165 39.11 66.12 -6.24
CA SER FB 165 37.69 66.09 -6.54
C SER FB 165 37.37 65.40 -7.86
N ASP FB 166 38.34 65.32 -8.76
CA ASP FB 166 38.07 64.63 -10.02
C ASP FB 166 38.20 63.13 -9.86
N ILE FB 167 39.04 62.66 -8.95
CA ILE FB 167 39.11 61.23 -8.75
C ILE FB 167 37.90 60.76 -7.97
N LYS FB 168 37.32 61.64 -7.14
CA LYS FB 168 36.12 61.27 -6.43
C LYS FB 168 34.92 61.26 -7.36
N ARG FB 169 34.85 62.23 -8.28
CA ARG FB 169 33.73 62.25 -9.21
C ARG FB 169 33.83 61.11 -10.22
N PHE FB 170 35.05 60.72 -10.58
CA PHE FB 170 35.20 59.61 -11.52
C PHE FB 170 34.89 58.30 -10.82
N LEU FB 171 35.27 58.17 -9.55
CA LEU FB 171 35.10 56.91 -8.86
C LEU FB 171 33.71 56.73 -8.27
N LYS FB 172 32.89 57.78 -8.23
CA LYS FB 172 31.62 57.68 -7.52
C LYS FB 172 30.62 56.82 -8.29
N ASN FB 173 30.51 57.01 -9.59
CA ASN FB 173 29.54 56.26 -10.38
C ASN FB 173 30.26 55.31 -11.33
N SER FB 174 31.26 54.59 -10.82
CA SER FB 174 31.82 53.43 -11.46
C SER FB 174 31.35 52.13 -10.81
N PHE FB 175 30.39 52.22 -9.89
CA PHE FB 175 29.84 51.07 -9.18
C PHE FB 175 28.36 51.30 -8.97
N ALA FB 176 27.76 50.47 -8.11
CA ALA FB 176 26.32 50.46 -7.95
C ALA FB 176 25.86 51.69 -7.18
N ASP FB 177 26.26 51.80 -5.91
CA ASP FB 177 25.87 52.95 -5.08
C ASP FB 177 26.91 53.14 -3.99
N VAL FB 178 27.76 54.15 -4.15
CA VAL FB 178 28.69 54.53 -3.12
C VAL FB 178 28.37 55.94 -2.68
N ASP FB 179 28.93 56.32 -1.55
CA ASP FB 179 28.87 57.70 -1.08
C ASP FB 179 30.26 58.32 -1.23
N TYR FB 180 30.38 59.57 -0.81
CA TYR FB 180 31.68 60.23 -0.80
C TYR FB 180 32.46 60.00 0.47
N ASP FB 181 31.91 59.31 1.46
CA ASP FB 181 32.66 58.98 2.66
C ASP FB 181 33.29 57.60 2.57
N ASN FB 182 32.94 56.82 1.55
CA ASN FB 182 33.52 55.51 1.36
C ASN FB 182 34.59 55.52 0.28
N ILE FB 183 35.01 56.69 -0.18
CA ILE FB 183 36.08 56.80 -1.15
C ILE FB 183 37.19 57.63 -0.53
N SER FB 184 38.39 57.08 -0.48
CA SER FB 184 39.53 57.76 0.11
C SER FB 184 40.65 57.80 -0.89
N VAL FB 185 41.06 59.01 -1.27
CA VAL FB 185 42.13 59.22 -2.23
C VAL FB 185 43.28 59.84 -1.47
N VAL FB 186 44.43 59.17 -1.49
CA VAL FB 186 45.63 59.67 -0.84
C VAL FB 186 46.69 59.75 -1.92
N LEU FB 187 47.06 60.97 -2.29
CA LEU FB 187 47.96 61.19 -3.41
C LEU FB 187 49.10 62.10 -3.00
N SER FB 188 50.19 62.03 -3.77
CA SER FB 188 51.40 62.73 -3.37
C SER FB 188 52.24 63.03 -4.59
N GLU FB 189 52.97 64.14 -4.50
CA GLU FB 189 53.85 64.54 -5.60
C GLU FB 189 55.06 63.63 -5.66
N ARG FB 190 55.69 63.61 -6.82
CA ARG FB 190 56.81 62.71 -7.01
C ARG FB 190 58.08 63.28 -6.39
N SER FB 191 59.08 62.42 -6.26
CA SER FB 191 60.33 62.76 -5.61
C SER FB 191 61.20 63.61 -6.54
N ASP FB 192 62.31 64.09 -6.00
CA ASP FB 192 63.23 64.88 -6.80
C ASP FB 192 63.96 64.01 -7.81
N ALA FB 193 64.23 64.59 -8.97
CA ALA FB 193 64.80 63.85 -10.09
C ALA FB 193 66.29 63.62 -9.89
N GLN FB 194 66.75 62.42 -10.21
CA GLN FB 194 68.17 62.08 -10.19
C GLN FB 194 68.66 62.04 -11.62
N LEU FB 195 69.53 62.97 -11.98
CA LEU FB 195 69.99 63.13 -13.36
C LEU FB 195 71.50 63.06 -13.54
N GLN FB 196 72.30 63.28 -12.51
CA GLN FB 196 73.75 63.30 -12.69
C GLN FB 196 74.35 61.94 -12.39
N ALA FB 197 75.51 61.69 -12.99
CA ALA FB 197 76.20 60.43 -12.84
C ALA FB 197 76.79 60.32 -11.43
N PRO FB 198 76.90 59.09 -10.89
CA PRO FB 198 77.44 58.91 -9.53
C PRO FB 198 78.90 59.32 -9.34
N GLY FB 199 79.81 58.77 -10.13
CA GLY FB 199 81.21 59.10 -9.94
C GLY FB 199 82.04 57.92 -9.53
N THR FB 200 83.05 57.60 -10.33
CA THR FB 200 83.89 56.44 -10.05
C THR FB 200 84.85 56.71 -8.89
N PRO FB 201 84.97 55.80 -7.94
CA PRO FB 201 85.87 56.00 -6.80
C PRO FB 201 87.32 55.91 -7.23
N VAL FB 202 88.12 56.90 -6.86
CA VAL FB 202 89.56 56.84 -7.10
C VAL FB 202 90.23 55.95 -6.06
N LYS FB 203 91.39 55.42 -6.41
CA LYS FB 203 92.12 54.51 -5.53
C LYS FB 203 93.62 54.77 -5.56
N ASP GB 20 91.24 31.04 7.44
CA ASP GB 20 89.85 31.34 7.07
C ASP GB 20 88.89 30.19 7.41
N LYS GB 21 88.40 30.19 8.65
CA LYS GB 21 87.47 29.17 9.08
C LYS GB 21 86.07 29.43 8.53
N ASP GB 22 85.37 28.35 8.20
CA ASP GB 22 84.06 28.41 7.60
C ASP GB 22 82.97 28.47 8.64
N LEU GB 23 81.88 29.16 8.30
CA LEU GB 23 80.74 29.29 9.20
C LEU GB 23 79.51 28.56 8.69
N LEU GB 24 79.05 28.91 7.50
CA LEU GB 24 77.85 28.37 6.90
C LEU GB 24 78.13 27.94 5.48
N LYS GB 25 77.27 27.06 4.96
CA LYS GB 25 77.30 26.72 3.55
C LYS GB 25 75.92 26.19 3.19
N GLY GB 26 75.69 26.03 1.89
CA GLY GB 26 74.41 25.57 1.40
C GLY GB 26 73.29 26.58 1.52
N LEU GB 27 73.61 27.86 1.57
CA LEU GB 27 72.63 28.89 1.83
C LEU GB 27 71.95 29.35 0.55
N ASP GB 28 71.21 30.44 0.65
CA ASP GB 28 70.50 31.04 -0.46
C ASP GB 28 71.10 32.41 -0.72
N GLN GB 29 70.85 32.92 -1.93
CA GLN GB 29 71.28 34.26 -2.33
C GLN GB 29 70.74 35.34 -1.40
N GLU GB 30 69.49 35.21 -0.97
CA GLU GB 30 68.93 36.17 -0.02
C GLU GB 30 69.26 35.84 1.42
N GLN GB 31 69.59 34.59 1.72
CA GLN GB 31 70.02 34.25 3.06
C GLN GB 31 71.44 34.66 3.36
N ALA GB 32 72.27 34.88 2.34
CA ALA GB 32 73.65 35.28 2.62
C ALA GB 32 73.82 36.78 2.69
N ASN GB 33 72.96 37.53 2.01
CA ASN GB 33 73.00 38.97 2.09
C ASN GB 33 72.46 39.52 3.39
N GLU GB 34 71.81 38.69 4.20
CA GLU GB 34 71.38 39.14 5.51
C GLU GB 34 72.45 38.87 6.55
N VAL GB 35 73.23 37.82 6.36
CA VAL GB 35 74.32 37.51 7.28
C VAL GB 35 75.43 38.52 7.11
N ILE GB 36 75.72 38.91 5.86
CA ILE GB 36 76.77 39.89 5.68
C ILE GB 36 76.33 41.26 6.17
N ALA GB 37 75.05 41.60 5.99
CA ALA GB 37 74.54 42.87 6.47
C ALA GB 37 74.45 42.96 7.98
N VAL GB 38 74.35 41.83 8.68
CA VAL GB 38 74.36 41.91 10.13
C VAL GB 38 75.79 41.97 10.64
N LEU GB 39 76.70 41.15 10.09
CA LEU GB 39 78.06 41.11 10.61
C LEU GB 39 78.84 42.38 10.31
N GLN GB 40 78.59 43.03 9.17
CA GLN GB 40 79.33 44.26 8.89
C GLN GB 40 78.88 45.42 9.77
N MET GB 41 77.72 45.32 10.41
CA MET GB 41 77.32 46.35 11.36
C MET GB 41 78.15 46.26 12.64
N HIS GB 42 78.64 45.07 12.98
CA HIS GB 42 79.33 44.85 14.23
C HIS GB 42 80.84 44.70 14.02
N ASN GB 43 81.37 45.42 13.04
CA ASN GB 43 82.79 45.63 12.81
C ASN GB 43 83.57 44.34 12.51
N ILE GB 44 82.94 43.35 11.88
CA ILE GB 44 83.67 42.18 11.42
C ILE GB 44 83.33 41.92 9.96
N GLU GB 45 84.34 41.56 9.18
CA GLU GB 45 84.19 41.37 7.74
C GLU GB 45 83.81 39.92 7.43
N ALA GB 46 83.40 39.68 6.19
CA ALA GB 46 83.02 38.35 5.76
C ALA GB 46 83.41 38.13 4.30
N ASN GB 47 83.32 36.88 3.86
CA ASN GB 47 83.67 36.53 2.48
C ASN GB 47 82.57 35.65 1.90
N LYS GB 48 81.94 36.12 0.83
CA LYS GB 48 80.89 35.39 0.10
C LYS GB 48 81.47 34.44 -0.95
N ILE GB 49 81.99 33.31 -0.50
CA ILE GB 49 82.58 32.35 -1.42
C ILE GB 49 81.48 31.51 -2.07
N ASP GB 50 81.42 31.53 -3.40
CA ASP GB 50 80.47 30.72 -4.14
C ASP GB 50 80.96 29.28 -4.27
N SER GB 51 80.04 28.33 -4.16
CA SER GB 51 80.38 26.92 -4.27
C SER GB 51 79.82 26.25 -5.51
N GLY GB 52 79.17 27.00 -6.39
CA GLY GB 52 78.64 26.39 -7.61
C GLY GB 52 77.18 25.95 -7.44
N LYS GB 53 76.95 24.64 -7.42
CA LYS GB 53 75.60 24.10 -7.27
C LYS GB 53 75.23 23.88 -5.82
N LEU GB 54 76.19 23.98 -4.90
CA LEU GB 54 75.86 23.83 -3.49
C LEU GB 54 75.19 25.11 -2.98
N GLY GB 55 75.74 26.26 -3.32
CA GLY GB 55 75.22 27.54 -2.87
C GLY GB 55 76.31 28.53 -2.51
N TYR GB 56 76.06 29.29 -1.46
CA TYR GB 56 76.99 30.29 -0.95
C TYR GB 56 77.56 29.85 0.37
N SER GB 57 78.69 30.43 0.74
CA SER GB 57 79.36 30.06 1.97
C SER GB 57 80.05 31.30 2.51
N ILE GB 58 79.91 31.54 3.81
CA ILE GB 58 80.46 32.73 4.45
C ILE GB 58 81.62 32.31 5.32
N THR GB 59 82.79 32.86 5.04
CA THR GB 59 83.98 32.60 5.84
C THR GB 59 84.45 33.89 6.47
N VAL GB 60 84.69 33.83 7.78
CA VAL GB 60 85.20 34.94 8.56
C VAL GB 60 86.62 34.63 9.01
N ALA GB 61 87.30 35.64 9.52
CA ALA GB 61 88.65 35.41 10.01
C ALA GB 61 88.64 34.62 11.33
N GLU GB 62 89.83 34.13 11.67
CA GLU GB 62 89.99 33.27 12.84
C GLU GB 62 89.90 34.07 14.14
N PRO GB 63 90.46 35.29 14.30
CA PRO GB 63 90.16 36.03 15.53
C PRO GB 63 88.73 36.53 15.61
N ASP GB 64 88.03 36.66 14.49
CA ASP GB 64 86.65 37.12 14.51
C ASP GB 64 85.67 35.96 14.55
N PHE GB 65 86.17 34.76 14.81
CA PHE GB 65 85.31 33.58 14.80
C PHE GB 65 84.46 33.49 16.04
N THR GB 66 84.97 33.94 17.18
CA THR GB 66 84.21 33.85 18.42
C THR GB 66 83.06 34.83 18.41
N ALA GB 67 83.31 36.03 17.91
CA ALA GB 67 82.25 37.03 17.84
C ALA GB 67 81.25 36.67 16.77
N ALA GB 68 81.69 36.09 15.65
CA ALA GB 68 80.73 35.80 14.61
C ALA GB 68 79.85 34.62 15.00
N VAL GB 69 80.37 33.67 15.78
CA VAL GB 69 79.53 32.57 16.26
C VAL GB 69 78.53 33.09 17.28
N TYR GB 70 78.95 34.06 18.10
CA TYR GB 70 78.02 34.57 19.11
C TYR GB 70 76.91 35.38 18.46
N TRP GB 71 77.23 36.13 17.39
CA TRP GB 71 76.16 36.86 16.75
C TRP GB 71 75.30 35.99 15.86
N ILE GB 72 75.79 34.80 15.47
CA ILE GB 72 74.93 33.86 14.77
C ILE GB 72 73.88 33.32 15.73
N LYS GB 73 74.33 32.98 16.95
CA LYS GB 73 73.41 32.44 17.94
C LYS GB 73 72.42 33.49 18.38
N THR GB 74 72.86 34.75 18.46
CA THR GB 74 71.98 35.80 18.95
C THR GB 74 70.93 36.15 17.90
N TYR GB 75 71.35 36.42 16.66
CA TYR GB 75 70.39 36.83 15.65
C TYR GB 75 69.63 35.69 14.99
N GLN GB 76 69.78 34.43 15.46
CA GLN GB 76 68.99 33.29 14.95
C GLN GB 76 69.22 33.00 13.46
N LEU GB 77 70.37 33.33 12.96
CA LEU GB 77 70.70 33.13 11.57
C LEU GB 77 70.99 31.66 11.27
N PRO GB 78 70.74 31.19 10.04
CA PRO GB 78 70.20 31.79 8.81
C PRO GB 78 68.71 32.04 8.86
N PRO GB 79 68.22 33.06 8.15
CA PRO GB 79 66.80 33.39 8.25
C PRO GB 79 65.95 32.34 7.55
N ARG GB 80 64.85 31.97 8.20
CA ARG GB 80 63.87 31.09 7.60
C ARG GB 80 63.12 31.80 6.49
N PRO GB 81 62.55 31.06 5.53
CA PRO GB 81 61.66 31.69 4.55
C PRO GB 81 60.37 32.16 5.19
N ARG GB 82 59.91 33.33 4.75
CA ARG GB 82 58.74 33.97 5.34
C ARG GB 82 57.47 33.24 4.93
N VAL GB 83 56.57 33.05 5.88
CA VAL GB 83 55.42 32.20 5.67
C VAL GB 83 54.22 33.07 5.27
N GLU GB 84 53.36 32.50 4.44
CA GLU GB 84 52.07 33.09 4.11
C GLU GB 84 50.99 32.05 4.36
N ILE GB 85 49.76 32.54 4.51
CA ILE GB 85 48.66 31.67 4.86
C ILE GB 85 48.25 30.82 3.68
N ALA GB 86 48.46 31.31 2.47
CA ALA GB 86 48.09 30.54 1.29
C ALA GB 86 49.14 29.49 0.91
N GLN GB 87 50.09 29.17 1.78
CA GLN GB 87 51.08 28.17 1.44
C GLN GB 87 50.69 26.79 1.92
N MET GB 88 49.78 26.69 2.89
CA MET GB 88 49.30 25.41 3.38
C MET GB 88 47.85 25.16 3.00
N PHE GB 89 47.27 26.01 2.17
CA PHE GB 89 46.02 25.74 1.48
C PHE GB 89 46.28 25.88 -0.01
N PRO GB 90 46.92 24.88 -0.62
CA PRO GB 90 47.31 25.00 -2.02
C PRO GB 90 46.10 24.83 -2.93
N ALA GB 91 46.17 25.48 -4.09
CA ALA GB 91 45.08 25.45 -5.05
C ALA GB 91 45.10 24.24 -6.00
N ASP GB 92 45.83 23.20 -5.65
CA ASP GB 92 45.93 22.03 -6.52
C ASP GB 92 44.94 20.94 -6.16
N SER GB 93 44.30 21.02 -5.00
CA SER GB 93 43.37 19.97 -4.58
C SER GB 93 42.07 20.03 -5.35
N LEU GB 94 41.45 18.86 -5.50
CA LEU GB 94 40.24 18.73 -6.30
C LEU GB 94 39.01 19.32 -5.62
N VAL GB 95 39.00 19.38 -4.29
CA VAL GB 95 37.89 19.98 -3.58
C VAL GB 95 38.42 21.02 -2.59
N SER GB 96 37.61 22.05 -2.34
CA SER GB 96 38.03 23.10 -1.45
C SER GB 96 36.84 23.60 -0.64
N SER GB 97 37.00 23.62 0.68
CA SER GB 97 35.97 24.10 1.57
C SER GB 97 35.86 25.62 1.47
N PRO GB 98 34.74 26.19 1.92
CA PRO GB 98 34.68 27.65 2.05
C PRO GB 98 35.64 28.18 3.09
N ARG GB 99 36.02 27.32 4.04
CA ARG GB 99 37.06 27.69 4.99
C ARG GB 99 38.39 27.78 4.26
N ALA GB 100 38.59 26.91 3.27
CA ALA GB 100 39.83 26.90 2.53
C ALA GB 100 39.81 27.87 1.37
N GLU GB 101 38.70 28.60 1.19
CA GLU GB 101 38.66 29.61 0.15
C GLU GB 101 38.69 31.03 0.70
N LYS GB 102 38.24 31.23 1.93
CA LYS GB 102 38.42 32.56 2.51
C LYS GB 102 39.82 32.78 3.04
N ALA GB 103 40.49 31.72 3.50
CA ALA GB 103 41.86 31.91 3.94
C ALA GB 103 42.79 32.15 2.76
N ARG GB 104 42.42 31.63 1.59
CA ARG GB 104 43.22 31.93 0.42
C ARG GB 104 42.87 33.28 -0.18
N LEU GB 105 41.66 33.77 0.05
CA LEU GB 105 41.37 35.11 -0.45
C LEU GB 105 42.03 36.17 0.44
N TYR GB 106 41.93 35.98 1.76
CA TYR GB 106 42.51 36.94 2.69
C TYR GB 106 44.02 36.92 2.66
N SER GB 107 44.63 35.78 2.29
CA SER GB 107 46.08 35.78 2.23
C SER GB 107 46.61 36.50 1.02
N ALA GB 108 45.77 36.75 0.01
CA ALA GB 108 46.20 37.57 -1.11
C ALA GB 108 45.81 39.02 -0.93
N ILE GB 109 44.85 39.29 -0.05
CA ILE GB 109 44.53 40.69 0.23
C ILE GB 109 45.59 41.30 1.14
N GLU GB 110 46.02 40.55 2.16
CA GLU GB 110 47.02 41.12 3.06
C GLU GB 110 48.40 41.18 2.42
N GLN GB 111 48.61 40.54 1.28
CA GLN GB 111 49.83 40.77 0.53
C GLN GB 111 49.70 41.93 -0.46
N ARG GB 112 48.53 42.10 -1.09
CA ARG GB 112 48.43 43.22 -2.03
C ARG GB 112 48.38 44.56 -1.31
N LEU GB 113 47.83 44.62 -0.10
CA LEU GB 113 47.91 45.87 0.64
C LEU GB 113 49.33 46.17 1.10
N GLU GB 114 50.14 45.14 1.36
CA GLU GB 114 51.53 45.38 1.71
C GLU GB 114 52.32 45.85 0.50
N GLN GB 115 52.03 45.32 -0.68
CA GLN GB 115 52.69 45.82 -1.88
C GLN GB 115 52.27 47.24 -2.20
N SER GB 116 51.05 47.63 -1.83
CA SER GB 116 50.59 48.97 -2.13
C SER GB 116 51.07 50.01 -1.11
N LEU GB 117 51.34 49.58 0.13
CA LEU GB 117 51.85 50.51 1.14
C LEU GB 117 53.28 50.93 0.91
N GLN GB 118 54.06 50.13 0.20
CA GLN GB 118 55.45 50.49 -0.03
C GLN GB 118 55.62 51.61 -1.05
N THR GB 119 54.58 51.96 -1.79
CA THR GB 119 54.68 53.03 -2.76
C THR GB 119 54.28 54.39 -2.20
N MET GB 120 54.07 54.51 -0.89
CA MET GB 120 53.80 55.81 -0.30
C MET GB 120 55.08 56.62 -0.16
N GLU GB 121 54.91 57.87 0.27
CA GLU GB 121 56.02 58.82 0.37
C GLU GB 121 56.72 58.63 1.70
N GLY GB 122 57.82 57.88 1.70
CA GLY GB 122 58.66 57.72 2.86
C GLY GB 122 58.72 56.33 3.44
N VAL GB 123 57.83 55.43 3.03
CA VAL GB 123 57.79 54.10 3.61
C VAL GB 123 58.87 53.25 2.97
N LEU GB 124 59.69 52.60 3.79
CA LEU GB 124 60.68 51.68 3.25
C LEU GB 124 60.16 50.25 3.25
N SER GB 125 59.43 49.85 4.28
CA SER GB 125 58.85 48.52 4.35
C SER GB 125 57.64 48.57 5.28
N ALA GB 126 56.77 47.58 5.12
CA ALA GB 126 55.54 47.53 5.90
C ALA GB 126 55.05 46.10 6.01
N ARG GB 127 54.13 45.88 6.94
CA ARG GB 127 53.52 44.57 7.14
C ARG GB 127 52.11 44.76 7.68
N VAL GB 128 51.14 44.07 7.07
CA VAL GB 128 49.73 44.25 7.38
C VAL GB 128 49.12 42.90 7.77
N HIS GB 129 48.35 42.88 8.85
CA HIS GB 129 47.62 41.71 9.33
C HIS GB 129 46.12 42.01 9.37
N ILE GB 130 45.34 41.00 8.98
CA ILE GB 130 43.89 41.06 8.97
C ILE GB 130 43.38 39.93 9.85
N SER GB 131 42.31 40.19 10.59
CA SER GB 131 41.71 39.16 11.43
C SER GB 131 41.00 38.13 10.55
N TYR GB 132 41.36 36.87 10.72
CA TYR GB 132 40.81 35.81 9.90
C TYR GB 132 39.51 35.28 10.48
N ASP GB 133 38.69 34.71 9.59
CA ASP GB 133 37.37 34.20 9.93
C ASP GB 133 37.35 32.70 9.64
N ILE GB 134 37.00 31.91 10.65
CA ILE GB 134 37.03 30.46 10.53
C ILE GB 134 35.67 29.86 10.80
N ASP GB 135 35.17 30.06 12.02
CA ASP GB 135 34.01 29.34 12.49
C ASP GB 135 32.70 29.84 11.90
N ALA GB 136 32.67 31.06 11.36
CA ALA GB 136 31.42 31.66 10.92
C ALA GB 136 30.88 31.08 9.62
N GLY GB 137 31.65 30.22 8.94
CA GLY GB 137 31.11 29.59 7.75
C GLY GB 137 30.07 28.55 8.08
N GLU GB 138 30.23 27.87 9.22
CA GLU GB 138 29.34 26.78 9.61
C GLU GB 138 28.60 27.03 10.91
N ASN GB 139 29.15 27.82 11.82
CA ASN GB 139 28.46 28.17 13.06
C ASN GB 139 27.31 29.13 12.81
N GLY GB 140 26.42 29.20 13.78
CA GLY GB 140 25.23 30.01 13.84
C GLY GB 140 25.50 31.45 14.16
N ARG GB 141 26.74 31.89 14.06
CA ARG GB 141 26.88 33.28 14.40
C ARG GB 141 26.95 34.11 13.12
N PRO GB 142 26.47 35.35 13.11
CA PRO GB 142 26.77 36.23 11.97
C PRO GB 142 28.24 36.60 12.04
N PRO GB 143 28.88 36.96 10.93
CA PRO GB 143 30.30 37.28 11.00
C PRO GB 143 30.58 38.58 11.74
N LYS GB 144 31.71 38.58 12.43
CA LYS GB 144 32.09 39.67 13.32
C LYS GB 144 32.67 40.81 12.49
N PRO GB 145 33.06 41.91 13.12
CA PRO GB 145 33.72 42.99 12.38
C PRO GB 145 35.14 42.61 12.02
N VAL GB 146 35.72 43.41 11.13
CA VAL GB 146 37.05 43.16 10.59
C VAL GB 146 38.05 44.03 11.34
N HIS GB 147 39.17 43.44 11.72
CA HIS GB 147 40.24 44.15 12.43
C HIS GB 147 41.53 44.13 11.62
N LEU GB 148 42.22 45.26 11.57
CA LEU GB 148 43.44 45.44 10.80
C LEU GB 148 44.58 45.85 11.74
N SER GB 149 45.82 45.58 11.33
CA SER GB 149 46.98 45.94 12.11
C SER GB 149 48.16 46.17 11.17
N ALA GB 150 48.89 47.27 11.34
CA ALA GB 150 49.94 47.57 10.39
C ALA GB 150 51.21 48.07 11.05
N LEU GB 151 52.35 47.68 10.47
CA LEU GB 151 53.65 48.21 10.86
C LEU GB 151 54.30 48.85 9.65
N ALA GB 152 55.20 49.79 9.91
CA ALA GB 152 55.88 50.53 8.85
C ALA GB 152 57.20 51.09 9.36
N VAL GB 153 58.15 51.22 8.45
CA VAL GB 153 59.44 51.83 8.77
C VAL GB 153 59.68 53.02 7.83
N TYR GB 154 59.85 54.19 8.42
CA TYR GB 154 59.94 55.44 7.67
C TYR GB 154 61.36 55.93 7.57
N GLU GB 155 61.65 56.61 6.46
CA GLU GB 155 62.90 57.33 6.28
C GLU GB 155 62.99 58.48 7.27
N ARG GB 156 64.19 58.67 7.83
CA ARG GB 156 64.35 59.66 8.89
C ARG GB 156 64.27 61.07 8.34
N GLY GB 157 64.01 62.01 9.24
CA GLY GB 157 63.69 63.37 8.88
C GLY GB 157 62.22 63.64 8.70
N SER GB 158 61.38 62.62 8.83
CA SER GB 158 59.95 62.70 8.65
C SER GB 158 59.27 63.04 9.97
N PRO GB 159 58.31 63.96 10.00
CA PRO GB 159 57.52 64.19 11.22
C PRO GB 159 56.44 63.11 11.32
N LEU GB 160 56.84 61.98 11.90
CA LEU GB 160 56.10 60.73 11.84
C LEU GB 160 54.94 60.65 12.82
N ALA GB 161 54.56 61.75 13.44
CA ALA GB 161 53.31 61.76 14.18
C ALA GB 161 52.14 62.11 13.30
N HIS GB 162 52.37 62.83 12.21
CA HIS GB 162 51.31 63.17 11.27
C HIS GB 162 51.12 62.15 10.17
N GLN GB 163 52.10 61.28 9.93
CA GLN GB 163 51.92 60.26 8.90
C GLN GB 163 50.99 59.15 9.35
N ILE GB 164 50.76 59.02 10.66
CA ILE GB 164 49.95 57.91 11.16
C ILE GB 164 48.48 58.15 10.94
N SER GB 165 48.09 59.37 10.58
CA SER GB 165 46.71 59.69 10.25
C SER GB 165 46.44 59.55 8.78
N ASP GB 166 47.49 59.41 7.96
CA ASP GB 166 47.32 59.17 6.54
C ASP GB 166 47.28 57.70 6.19
N ILE GB 167 47.74 56.83 7.08
CA ILE GB 167 47.63 55.40 6.83
C ILE GB 167 46.28 54.87 7.30
N LYS GB 168 45.73 55.40 8.38
CA LYS GB 168 44.42 54.96 8.85
C LYS GB 168 43.31 55.41 7.91
N ARG GB 169 43.49 56.54 7.22
CA ARG GB 169 42.47 56.99 6.29
C ARG GB 169 42.48 56.09 5.06
N PHE GB 170 43.66 55.63 4.66
CA PHE GB 170 43.75 54.77 3.51
C PHE GB 170 43.26 53.37 3.84
N LEU GB 171 43.51 52.92 5.08
CA LEU GB 171 43.11 51.59 5.50
C LEU GB 171 41.66 51.52 5.96
N LYS GB 172 40.96 52.65 6.05
CA LYS GB 172 39.61 52.64 6.59
C LYS GB 172 38.62 52.01 5.63
N ASN GB 173 38.51 52.55 4.42
CA ASN GB 173 37.53 52.07 3.45
C ASN GB 173 38.18 51.19 2.40
N SER GB 174 39.10 50.32 2.82
CA SER GB 174 39.53 49.22 2.00
C SER GB 174 38.85 47.91 2.40
N PHE GB 175 37.82 48.00 3.24
CA PHE GB 175 37.06 46.84 3.68
C PHE GB 175 35.60 47.25 3.78
N ALA GB 176 34.78 46.36 4.36
CA ALA GB 176 33.34 46.58 4.38
C ALA GB 176 32.98 47.71 5.35
N ASP GB 177 33.25 47.51 6.64
CA ASP GB 177 32.99 48.55 7.63
C ASP GB 177 33.90 48.32 8.84
N VAL GB 178 34.96 49.12 8.92
CA VAL GB 178 35.79 49.14 10.12
C VAL GB 178 35.70 50.54 10.71
N ASP GB 179 36.00 50.63 11.99
CA ASP GB 179 36.04 51.88 12.69
C ASP GB 179 37.49 52.34 12.81
N TYR GB 180 37.71 53.51 13.39
CA TYR GB 180 39.06 53.95 13.66
C TYR GB 180 39.66 53.34 14.92
N ASP GB 181 38.88 52.61 15.73
CA ASP GB 181 39.45 51.92 16.88
C ASP GB 181 39.96 50.52 16.57
N ASN GB 182 39.53 49.90 15.47
CA ASN GB 182 39.98 48.55 15.16
C ASN GB 182 41.20 48.53 14.25
N ILE GB 183 41.79 49.69 13.96
CA ILE GB 183 43.00 49.76 13.16
C ILE GB 183 44.10 50.28 14.06
N SER GB 184 45.19 49.54 14.15
CA SER GB 184 46.34 49.93 14.96
C SER GB 184 47.58 49.99 14.09
N VAL GB 185 48.18 51.18 14.03
CA VAL GB 185 49.39 51.41 13.26
C VAL GB 185 50.53 51.66 14.22
N VAL GB 186 51.57 50.85 14.14
CA VAL GB 186 52.76 51.01 14.96
C VAL GB 186 53.92 51.17 13.99
N LEU GB 187 54.45 52.38 13.88
CA LEU GB 187 55.49 52.66 12.90
C LEU GB 187 56.69 53.30 13.57
N SER GB 188 57.82 53.27 12.86
CA SER GB 188 59.06 53.74 13.45
C SER GB 188 60.03 54.21 12.38
N GLU GB 189 60.87 55.17 12.76
CA GLU GB 189 61.91 55.65 11.87
C GLU GB 189 63.01 54.62 11.75
N ARG GB 190 63.78 54.70 10.67
CA ARG GB 190 64.81 53.71 10.46
C ARG GB 190 66.03 53.99 11.35
N SER GB 191 66.93 53.02 11.38
CA SER GB 191 68.10 53.06 12.25
C SER GB 191 69.18 53.95 11.63
N ASP GB 192 70.33 53.98 12.27
CA ASP GB 192 71.44 54.78 11.76
C ASP GB 192 72.06 54.09 10.54
N ALA GB 193 72.76 54.89 9.75
CA ALA GB 193 73.33 54.40 8.50
C ALA GB 193 74.68 53.75 8.74
N GLN GB 194 74.95 52.69 7.97
CA GLN GB 194 76.22 51.99 7.99
C GLN GB 194 76.89 52.19 6.64
N LEU GB 195 77.98 52.95 6.62
CA LEU GB 195 78.59 53.30 5.34
C LEU GB 195 80.06 52.92 5.25
N GLN GB 196 80.77 52.97 6.37
CA GLN GB 196 82.20 52.73 6.35
C GLN GB 196 82.54 51.25 6.44
N ALA GB 197 83.73 50.91 5.95
CA ALA GB 197 84.16 49.52 5.88
C ALA GB 197 84.55 49.03 7.28
N PRO GB 198 84.40 47.72 7.56
CA PRO GB 198 84.79 47.20 8.86
C PRO GB 198 86.28 47.28 9.19
N GLY GB 199 87.12 46.70 8.35
CA GLY GB 199 88.55 46.72 8.61
C GLY GB 199 89.14 45.38 9.00
N THR GB 200 90.22 45.00 8.32
CA THR GB 200 90.87 43.73 8.55
C THR GB 200 91.66 43.74 9.86
N PRO GB 201 91.76 42.60 10.56
CA PRO GB 201 92.55 42.57 11.79
C PRO GB 201 94.03 42.69 11.49
N VAL GB 202 94.71 43.55 12.25
CA VAL GB 202 96.14 43.78 12.05
C VAL GB 202 96.91 42.66 12.73
N LYS GB 203 97.41 41.71 11.95
CA LYS GB 203 98.20 40.60 12.47
C LYS GB 203 99.57 40.57 11.82
N ASP HB 20 92.81 14.20 20.96
CA ASP HB 20 91.58 14.98 21.07
C ASP HB 20 90.37 14.08 20.95
N LYS HB 21 89.66 13.90 22.06
CA LYS HB 21 88.46 13.08 22.07
C LYS HB 21 87.26 13.83 21.51
N ASP HB 22 86.44 13.10 20.75
CA ASP HB 22 85.30 13.67 20.06
C ASP HB 22 84.08 13.66 20.98
N LEU HB 23 83.34 14.76 21.00
CA LEU HB 23 82.12 14.76 21.79
C LEU HB 23 80.93 14.22 21.01
N LEU HB 24 80.61 14.89 19.92
CA LEU HB 24 79.44 14.58 19.12
C LEU HB 24 79.85 14.46 17.66
N LYS HB 25 79.10 13.66 16.92
CA LYS HB 25 79.31 13.60 15.49
C LYS HB 25 77.99 13.28 14.81
N GLY HB 26 77.91 13.66 13.55
CA GLY HB 26 76.68 13.50 12.79
C GLY HB 26 75.75 14.68 12.90
N LEU HB 27 76.14 15.76 13.57
CA LEU HB 27 75.30 16.95 13.69
C LEU HB 27 75.30 17.74 12.40
N ASP HB 28 74.22 18.48 12.18
CA ASP HB 28 74.15 19.33 11.01
C ASP HB 28 74.68 20.74 11.30
N GLN HB 29 74.37 21.61 10.34
CA GLN HB 29 74.92 22.97 10.29
C GLN HB 29 74.36 23.83 11.41
N GLU HB 30 73.05 23.79 11.63
CA GLU HB 30 72.45 24.68 12.61
C GLU HB 30 72.72 24.21 14.03
N GLN HB 31 72.98 22.92 14.21
CA GLN HB 31 73.27 22.42 15.55
C GLN HB 31 74.71 22.69 15.95
N ALA HB 32 75.64 22.64 14.98
CA ALA HB 32 77.03 22.77 15.37
C ALA HB 32 77.36 24.21 15.76
N ASN HB 33 76.64 25.16 15.21
CA ASN HB 33 76.87 26.54 15.57
C ASN HB 33 76.15 26.92 16.85
N GLU HB 34 75.40 26.00 17.44
CA GLU HB 34 74.83 26.22 18.75
C GLU HB 34 75.69 25.58 19.83
N VAL HB 35 76.28 24.44 19.49
CA VAL HB 35 77.16 23.79 20.47
C VAL HB 35 78.45 24.58 20.62
N ILE HB 36 78.96 25.16 19.54
CA ILE HB 36 80.17 25.95 19.68
C ILE HB 36 79.86 27.25 20.42
N ALA HB 37 78.69 27.83 20.16
CA ALA HB 37 78.33 29.06 20.85
C ALA HB 37 78.04 28.86 22.32
N VAL HB 38 77.78 27.63 22.75
CA VAL HB 38 77.63 27.41 24.18
C VAL HB 38 78.97 27.09 24.84
N LEU HB 39 79.83 26.30 24.19
CA LEU HB 39 81.11 25.96 24.79
C LEU HB 39 82.06 27.14 24.84
N GLN HB 40 82.01 28.04 23.87
CA GLN HB 40 82.90 29.20 23.94
C GLN HB 40 82.51 30.15 25.06
N MET HB 41 81.28 30.08 25.55
CA MET HB 41 80.88 30.90 26.70
C MET HB 41 81.53 30.42 27.99
N HIS HB 42 81.91 29.16 28.07
CA HIS HB 42 82.45 28.60 29.31
C HIS HB 42 83.93 28.26 29.19
N ASN HB 43 84.64 29.05 28.38
CA ASN HB 43 86.10 29.09 28.35
C ASN HB 43 86.75 27.78 27.90
N ILE HB 44 86.12 27.07 26.97
CA ILE HB 44 86.73 25.90 26.34
C ILE HB 44 86.63 26.01 24.83
N GLU HB 45 87.65 25.52 24.13
CA GLU HB 45 87.71 25.61 22.68
C GLU HB 45 86.93 24.47 22.05
N ALA HB 46 86.72 24.56 20.75
CA ALA HB 46 86.04 23.52 20.01
C ALA HB 46 86.42 23.62 18.54
N ASN HB 47 86.42 22.47 17.86
CA ASN HB 47 86.75 22.45 16.44
C ASN HB 47 85.58 21.88 15.66
N LYS HB 48 85.22 22.51 14.56
CA LYS HB 48 84.13 22.05 13.71
C LYS HB 48 84.71 21.33 12.51
N ILE HB 49 84.67 20.01 12.53
CA ILE HB 49 85.24 19.19 11.47
C ILE HB 49 84.11 18.73 10.56
N ASP HB 50 84.27 18.94 9.27
CA ASP HB 50 83.30 18.47 8.29
C ASP HB 50 83.56 17.03 7.92
N SER HB 51 82.51 16.32 7.47
CA SER HB 51 82.70 14.94 7.08
C SER HB 51 81.95 14.58 5.79
N GLY HB 52 81.41 15.56 5.09
CA GLY HB 52 80.70 15.31 3.83
C GLY HB 52 79.21 15.12 4.06
N LYS HB 53 78.68 13.99 3.60
CA LYS HB 53 77.26 13.71 3.80
C LYS HB 53 76.97 13.15 5.18
N LEU HB 54 78.00 12.80 5.96
CA LEU HB 54 77.81 12.27 7.29
C LEU HB 54 77.79 13.37 8.34
N GLY HB 55 77.51 14.61 7.94
CA GLY HB 55 77.40 15.70 8.88
C GLY HB 55 78.73 16.20 9.43
N TYR HB 56 78.62 16.93 10.52
CA TYR HB 56 79.76 17.55 11.15
C TYR HB 56 80.15 16.77 12.41
N SER HB 57 81.30 17.14 12.97
CA SER HB 57 81.80 16.58 14.22
C SER HB 57 82.41 17.71 15.02
N ILE HB 58 82.61 17.45 16.31
CA ILE HB 58 83.14 18.44 17.24
C ILE HB 58 84.15 17.79 18.17
N THR HB 59 85.36 18.34 18.22
CA THR HB 59 86.42 17.83 19.08
C THR HB 59 86.93 18.93 19.99
N VAL HB 60 87.12 18.57 21.26
CA VAL HB 60 87.69 19.42 22.30
C VAL HB 60 88.95 18.75 22.85
N ALA HB 61 89.72 19.53 23.62
CA ALA HB 61 90.97 19.02 24.19
C ALA HB 61 90.72 18.07 25.37
N GLU HB 62 91.77 17.35 25.75
CA GLU HB 62 91.70 16.38 26.83
C GLU HB 62 91.53 16.97 28.24
N PRO HB 63 92.20 18.06 28.64
CA PRO HB 63 91.80 18.69 29.92
C PRO HB 63 90.45 19.37 29.86
N ASP HB 64 90.00 19.77 28.67
CA ASP HB 64 88.69 20.38 28.48
C ASP HB 64 87.61 19.40 28.06
N PHE HB 65 87.77 18.13 28.42
CA PHE HB 65 86.78 17.11 28.10
C PHE HB 65 85.77 16.86 29.21
N THR HB 66 86.20 16.93 30.47
CA THR HB 66 85.30 16.70 31.60
C THR HB 66 84.33 17.85 31.78
N ALA HB 67 84.73 19.05 31.44
CA ALA HB 67 83.79 20.16 31.56
C ALA HB 67 82.76 20.11 30.45
N ALA HB 68 83.20 19.74 29.25
CA ALA HB 68 82.29 19.78 28.12
C ALA HB 68 81.28 18.64 28.18
N VAL HB 69 81.61 17.54 28.85
CA VAL HB 69 80.58 16.51 29.00
C VAL HB 69 79.50 16.98 29.97
N TYR HB 70 79.90 17.76 30.97
CA TYR HB 70 78.95 18.26 31.95
C TYR HB 70 78.04 19.30 31.34
N TRP HB 71 78.58 20.14 30.45
CA TRP HB 71 77.70 21.13 29.84
C TRP HB 71 76.85 20.55 28.74
N ILE HB 72 77.24 19.42 28.15
CA ILE HB 72 76.35 18.75 27.22
C ILE HB 72 75.16 18.18 27.97
N LYS HB 73 75.43 17.57 29.14
CA LYS HB 73 74.35 16.97 29.92
C LYS HB 73 73.43 18.05 30.49
N THR HB 74 74.01 19.19 30.86
CA THR HB 74 73.20 20.22 31.52
C THR HB 74 72.32 20.91 30.50
N TYR HB 75 72.89 21.35 29.38
CA TYR HB 75 72.07 22.07 28.41
C TYR HB 75 71.28 21.17 27.47
N GLN HB 76 71.28 19.84 27.67
CA GLN HB 76 70.49 18.87 26.86
C GLN HB 76 70.82 18.94 25.37
N LEU HB 77 72.03 19.25 25.04
CA LEU HB 77 72.54 19.38 23.69
C LEU HB 77 72.78 18.04 23.02
N PRO HB 78 72.66 17.97 21.68
CA PRO HB 78 72.32 18.95 20.65
C PRO HB 78 70.85 19.27 20.63
N PRO HB 79 70.46 20.46 20.18
CA PRO HB 79 69.05 20.85 20.26
C PRO HB 79 68.22 20.07 19.26
N ARG HB 80 66.97 19.84 19.63
CA ARG HB 80 66.00 19.22 18.76
C ARG HB 80 65.41 20.26 17.82
N PRO HB 81 64.90 19.82 16.67
CA PRO HB 81 64.20 20.76 15.79
C PRO HB 81 62.90 21.27 16.39
N ARG HB 82 62.63 22.54 16.14
CA ARG HB 82 61.50 23.23 16.74
C ARG HB 82 60.18 22.77 16.11
N VAL HB 83 59.21 22.48 16.97
CA VAL HB 83 57.98 21.86 16.55
C VAL HB 83 56.94 22.92 16.26
N GLU HB 84 56.26 22.78 15.13
CA GLU HB 84 55.10 23.59 14.80
C GLU HB 84 53.89 22.69 14.73
N ILE HB 85 52.72 23.27 14.91
CA ILE HB 85 51.50 22.48 14.96
C ILE HB 85 51.08 22.05 13.56
N ALA HB 86 51.60 22.71 12.53
CA ALA HB 86 51.29 22.32 11.17
C ALA HB 86 52.02 21.06 10.76
N GLN HB 87 52.97 20.58 11.56
CA GLN HB 87 53.69 19.37 11.20
C GLN HB 87 52.91 18.12 11.60
N MET HB 88 51.97 18.26 12.51
CA MET HB 88 51.13 17.15 12.93
C MET HB 88 49.97 16.90 11.98
N PHE HB 89 49.60 17.89 11.17
CA PHE HB 89 48.50 17.76 10.23
C PHE HB 89 49.03 18.04 8.83
N PRO HB 90 49.55 17.03 8.14
CA PRO HB 90 50.12 17.26 6.81
C PRO HB 90 49.04 17.47 5.78
N ALA HB 91 49.39 18.24 4.74
CA ALA HB 91 48.45 18.64 3.71
C ALA HB 91 48.14 17.53 2.72
N ASP HB 92 48.95 16.48 2.69
CA ASP HB 92 48.83 15.42 1.69
C ASP HB 92 47.82 14.34 2.09
N SER HB 93 47.02 14.56 3.12
CA SER HB 93 46.03 13.56 3.48
C SER HB 93 44.90 13.57 2.45
N LEU HB 94 44.22 12.44 2.33
CA LEU HB 94 43.18 12.34 1.31
C LEU HB 94 41.90 13.02 1.77
N VAL HB 95 41.58 12.91 3.05
CA VAL HB 95 40.44 13.58 3.64
C VAL HB 95 40.95 14.47 4.77
N SER HB 96 40.44 15.68 4.86
CA SER HB 96 40.85 16.61 5.90
C SER HB 96 39.63 17.07 6.64
N SER HB 97 39.60 16.85 7.95
CA SER HB 97 38.48 17.27 8.74
C SER HB 97 38.49 18.78 8.95
N PRO HB 98 37.34 19.35 9.32
CA PRO HB 98 37.35 20.72 9.81
C PRO HB 98 38.11 20.86 11.10
N ARG HB 99 38.22 19.79 11.88
CA ARG HB 99 39.06 19.86 13.07
C ARG HB 99 40.54 19.90 12.67
N ALA HB 100 40.90 19.25 11.57
CA ALA HB 100 42.28 19.20 11.11
C ALA HB 100 42.64 20.35 10.19
N GLU HB 101 41.76 21.32 10.00
CA GLU HB 101 42.11 22.49 9.18
C GLU HB 101 42.25 23.79 9.96
N LYS HB 102 41.53 23.93 11.06
CA LYS HB 102 41.74 25.07 11.92
C LYS HB 102 43.06 25.00 12.67
N ALA HB 103 43.62 23.82 12.86
CA ALA HB 103 44.91 23.75 13.53
C ALA HB 103 46.02 24.28 12.64
N ARG HB 104 45.92 24.04 11.32
CA ARG HB 104 46.90 24.65 10.43
C ARG HB 104 46.64 26.13 10.25
N LEU HB 105 45.38 26.56 10.34
CA LEU HB 105 45.13 27.98 10.17
C LEU HB 105 45.60 28.77 11.38
N TYR HB 106 45.44 28.20 12.58
CA TYR HB 106 46.02 28.87 13.74
C TYR HB 106 47.54 28.77 13.74
N SER HB 107 48.10 27.71 13.17
CA SER HB 107 49.53 27.54 13.21
C SER HB 107 50.24 28.23 12.07
N ALA HB 108 49.50 29.00 11.28
CA ALA HB 108 50.17 29.86 10.31
C ALA HB 108 50.04 31.34 10.66
N ILE HB 109 49.01 31.72 11.40
CA ILE HB 109 48.98 33.06 11.97
C ILE HB 109 49.95 33.15 13.13
N GLU HB 110 50.15 32.03 13.84
CA GLU HB 110 51.08 32.00 14.96
C GLU HB 110 52.51 32.15 14.49
N GLN HB 111 52.82 31.72 13.27
CA GLN HB 111 54.15 31.94 12.73
C GLN HB 111 54.27 33.29 12.02
N ARG HB 112 53.17 33.83 11.50
CA ARG HB 112 53.33 35.08 10.78
C ARG HB 112 53.44 36.28 11.72
N LEU HB 113 52.74 36.25 12.86
CA LEU HB 113 52.97 37.32 13.82
C LEU HB 113 54.32 37.21 14.51
N GLU HB 114 54.90 36.01 14.53
CA GLU HB 114 56.22 35.86 15.12
C GLU HB 114 57.28 36.37 14.15
N GLN HB 115 57.09 36.15 12.87
CA GLN HB 115 58.04 36.73 11.93
C GLN HB 115 57.80 38.22 11.73
N SER HB 116 56.64 38.72 12.14
CA SER HB 116 56.33 40.13 11.99
C SER HB 116 56.70 40.95 13.22
N LEU HB 117 57.01 40.31 14.33
CA LEU HB 117 57.46 41.06 15.51
C LEU HB 117 58.92 41.43 15.45
N GLN HB 118 59.72 40.74 14.66
CA GLN HB 118 61.13 41.04 14.52
C GLN HB 118 61.41 42.33 13.76
N THR HB 119 60.43 42.90 13.07
CA THR HB 119 60.63 44.14 12.34
C THR HB 119 60.47 45.38 13.25
N MET HB 120 60.24 45.20 14.55
CA MET HB 120 60.16 46.35 15.44
C MET HB 120 61.57 46.85 15.78
N GLU HB 121 61.62 47.94 16.57
CA GLU HB 121 62.88 48.60 16.92
C GLU HB 121 63.49 48.04 18.21
N GLY HB 122 64.44 47.12 18.07
CA GLY HB 122 65.17 46.65 19.25
C GLY HB 122 65.02 45.18 19.53
N VAL HB 123 64.06 44.54 18.89
CA VAL HB 123 63.73 43.14 19.16
C VAL HB 123 64.69 42.22 18.41
N LEU HB 124 65.26 41.27 19.13
CA LEU HB 124 66.08 40.26 18.48
C LEU HB 124 65.35 38.94 18.29
N SER HB 125 64.50 38.56 19.24
CA SER HB 125 63.76 37.32 19.12
C SER HB 125 62.40 37.49 19.79
N ALA HB 126 61.44 36.69 19.33
CA ALA HB 126 60.08 36.76 19.86
C ALA HB 126 59.39 35.43 19.63
N ARG HB 127 58.34 35.18 20.43
CA ARG HB 127 57.53 33.98 20.31
C ARG HB 127 56.11 34.24 20.77
N VAL HB 128 55.13 33.87 19.95
CA VAL HB 128 53.73 34.11 20.25
C VAL HB 128 52.98 32.79 20.37
N HIS HB 129 51.99 32.78 21.26
CA HIS HB 129 51.14 31.61 21.52
C HIS HB 129 49.68 32.01 21.50
N ILE HB 130 48.91 31.42 20.60
CA ILE HB 130 47.47 31.59 20.47
C ILE HB 130 46.77 30.49 21.22
N SER HB 131 45.60 30.79 21.77
CA SER HB 131 44.81 29.78 22.47
C SER HB 131 44.02 29.00 21.43
N TYR HB 132 44.26 27.71 21.33
CA TYR HB 132 43.63 26.87 20.31
C TYR HB 132 42.26 26.41 20.76
N ASP HB 133 41.27 26.58 19.89
CA ASP HB 133 39.96 25.99 20.06
C ASP HB 133 39.51 25.29 18.80
N ILE HB 134 39.19 24.01 18.93
CA ILE HB 134 38.73 23.16 17.85
C ILE HB 134 37.42 22.55 18.29
N ASP HB 135 37.23 22.45 19.61
CA ASP HB 135 36.07 21.84 20.20
C ASP HB 135 34.89 22.78 20.35
N ALA HB 136 35.09 24.08 20.15
CA ALA HB 136 34.00 25.03 20.19
C ALA HB 136 33.31 25.19 18.84
N GLY HB 137 33.66 24.36 17.87
CA GLY HB 137 33.11 24.52 16.54
C GLY HB 137 31.93 23.62 16.22
N GLU HB 138 32.04 22.33 16.55
CA GLU HB 138 30.98 21.41 16.16
C GLU HB 138 29.75 21.56 17.04
N ASN HB 139 29.91 22.04 18.27
CA ASN HB 139 28.78 22.09 19.18
C ASN HB 139 27.96 23.36 18.93
N GLY HB 140 26.93 23.54 19.76
CA GLY HB 140 26.16 24.77 19.72
C GLY HB 140 26.57 25.82 20.71
N ARG HB 141 27.59 25.58 21.52
CA ARG HB 141 28.04 26.61 22.45
C ARG HB 141 28.76 27.74 21.72
N PRO HB 142 28.65 28.97 22.24
CA PRO HB 142 29.38 30.08 21.62
C PRO HB 142 30.88 29.93 21.86
N PRO HB 143 31.71 30.44 20.95
CA PRO HB 143 33.15 30.31 21.13
C PRO HB 143 33.64 31.23 22.24
N LYS HB 144 34.65 30.75 22.95
CA LYS HB 144 35.18 31.46 24.09
C LYS HB 144 36.08 32.58 23.58
N PRO HB 145 36.47 33.51 24.45
CA PRO HB 145 37.41 34.54 24.01
C PRO HB 145 38.78 33.95 23.79
N VAL HB 146 39.54 34.58 22.92
CA VAL HB 146 40.84 34.09 22.48
C VAL HB 146 41.95 34.82 23.22
N HIS HB 147 42.93 34.06 23.70
CA HIS HB 147 44.01 34.60 24.50
C HIS HB 147 45.30 34.45 23.72
N LEU HB 148 46.26 35.32 24.02
CA LEU HB 148 47.57 35.34 23.39
C LEU HB 148 48.63 35.47 24.47
N SER HB 149 49.87 35.13 24.11
CA SER HB 149 50.99 35.22 25.07
C SER HB 149 52.29 35.33 24.30
N ALA HB 150 53.07 36.36 24.58
CA ALA HB 150 54.27 36.63 23.78
C ALA HB 150 55.49 36.81 24.67
N LEU HB 151 56.62 36.37 24.13
CA LEU HB 151 57.93 36.59 24.73
C LEU HB 151 58.79 37.36 23.75
N ALA HB 152 59.78 38.08 24.29
CA ALA HB 152 60.65 38.89 23.46
C ALA HB 152 61.98 39.13 24.18
N VAL HB 153 63.00 39.42 23.37
CA VAL HB 153 64.32 39.75 23.87
C VAL HB 153 64.79 41.02 23.17
N TYR HB 154 65.09 42.06 23.95
CA TYR HB 154 65.48 43.36 23.45
C TYR HB 154 66.98 43.55 23.64
N GLU HB 155 67.57 44.38 22.78
CA GLU HB 155 68.95 44.79 23.01
C GLU HB 155 69.01 45.70 24.23
N ARG HB 156 70.16 45.68 24.92
CA ARG HB 156 70.27 46.41 26.17
C ARG HB 156 70.51 47.90 25.92
N GLY HB 157 70.17 48.69 26.93
CA GLY HB 157 70.14 50.13 26.84
C GLY HB 157 68.79 50.72 26.49
N SER HB 158 67.72 49.92 26.55
CA SER HB 158 66.39 50.36 26.19
C SER HB 158 65.48 50.35 27.41
N PRO HB 159 64.56 51.31 27.53
CA PRO HB 159 63.58 51.25 28.62
C PRO HB 159 62.51 50.22 28.36
N LEU HB 160 62.77 48.96 28.73
CA LEU HB 160 61.93 47.85 28.35
C LEU HB 160 60.64 47.76 29.16
N ALA HB 161 60.34 48.75 30.00
CA ALA HB 161 59.05 48.82 30.65
C ALA HB 161 58.05 49.68 29.90
N HIS HB 162 58.53 50.60 29.08
CA HIS HB 162 57.65 51.45 28.30
C HIS HB 162 57.29 50.85 26.96
N GLN HB 163 58.07 49.88 26.49
CA GLN HB 163 57.83 49.21 25.22
C GLN HB 163 56.90 48.02 25.35
N ILE HB 164 56.28 47.81 26.50
CA ILE HB 164 55.27 46.77 26.65
C ILE HB 164 53.88 47.22 26.21
N SER HB 165 53.69 48.50 25.94
CA SER HB 165 52.37 49.01 25.63
C SER HB 165 52.06 49.00 24.13
N ASP HB 166 53.07 49.01 23.28
CA ASP HB 166 52.81 48.96 21.86
C ASP HB 166 52.83 47.54 21.30
N ILE HB 167 53.40 46.59 22.03
CA ILE HB 167 53.20 45.20 21.64
C ILE HB 167 51.77 44.81 21.95
N LYS HB 168 51.21 45.34 23.03
CA LYS HB 168 49.81 45.11 23.32
C LYS HB 168 48.91 45.84 22.33
N ARG HB 169 49.31 47.04 21.89
CA ARG HB 169 48.49 47.75 20.91
C ARG HB 169 48.53 47.08 19.55
N PHE HB 170 49.66 46.47 19.21
CA PHE HB 170 49.75 45.76 17.94
C PHE HB 170 49.01 44.43 18.00
N LEU HB 171 48.99 43.77 19.17
CA LEU HB 171 48.39 42.45 19.26
C LEU HB 171 46.90 42.49 19.57
N LYS HB 172 46.35 43.64 19.94
CA LYS HB 172 44.95 43.68 20.39
C LYS HB 172 44.00 43.44 19.24
N ASN HB 173 44.21 44.12 18.13
CA ASN HB 173 43.31 44.03 16.99
C ASN HB 173 43.97 43.35 15.80
N SER HB 174 44.66 42.24 16.06
CA SER HB 174 45.03 41.32 15.00
C SER HB 174 44.09 40.13 14.94
N PHE HB 175 43.08 40.08 15.80
CA PHE HB 175 42.08 39.03 15.84
C PHE HB 175 40.72 39.66 16.03
N ALA HB 176 39.73 38.84 16.35
CA ALA HB 176 38.36 39.30 16.39
C ALA HB 176 38.09 40.16 17.62
N ASP HB 177 38.20 39.57 18.82
CA ASP HB 177 37.88 40.30 20.05
C ASP HB 177 38.72 39.72 21.18
N VAL HB 178 39.82 40.38 21.49
CA VAL HB 178 40.59 40.08 22.69
C VAL HB 178 40.42 41.28 23.61
N ASP HB 179 40.74 41.09 24.88
CA ASP HB 179 40.81 42.22 25.78
C ASP HB 179 42.26 42.59 26.04
N TYR HB 180 42.46 43.70 26.75
CA TYR HB 180 43.80 44.12 27.09
C TYR HB 180 44.38 43.40 28.28
N ASP HB 181 43.61 42.50 28.91
CA ASP HB 181 44.11 41.68 30.00
C ASP HB 181 44.10 40.19 29.68
N ASN HB 182 43.83 39.83 28.44
CA ASN HB 182 44.01 38.47 27.96
C ASN HB 182 45.30 38.30 27.18
N ILE HB 183 46.16 39.32 27.17
CA ILE HB 183 47.45 39.25 26.52
C ILE HB 183 48.52 39.43 27.58
N SER HB 184 49.54 38.61 27.54
CA SER HB 184 50.63 38.70 28.49
C SER HB 184 51.95 38.72 27.72
N VAL HB 185 52.71 39.78 27.94
CA VAL HB 185 54.00 39.96 27.29
C VAL HB 185 55.06 39.89 28.37
N VAL HB 186 55.94 38.91 28.28
CA VAL HB 186 57.05 38.78 29.21
C VAL HB 186 58.33 38.89 28.41
N LEU HB 187 59.04 39.99 28.56
CA LEU HB 187 60.23 40.24 27.75
C LEU HB 187 61.39 40.62 28.64
N SER HB 188 62.60 40.58 28.05
CA SER HB 188 63.80 40.85 28.84
C SER HB 188 64.93 41.27 27.92
N GLU HB 189 65.98 41.83 28.51
CA GLU HB 189 67.13 42.26 27.73
C GLU HB 189 68.12 41.12 27.59
N ARG HB 190 68.98 41.24 26.58
CA ARG HB 190 69.93 40.17 26.30
C ARG HB 190 71.09 40.21 27.28
N SER HB 191 71.83 39.10 27.32
CA SER HB 191 72.96 38.94 28.22
C SER HB 191 74.17 39.72 27.70
N ASP HB 192 75.25 39.70 28.46
CA ASP HB 192 76.45 40.43 28.07
C ASP HB 192 77.15 39.73 26.91
N ALA HB 193 77.80 40.54 26.07
CA ALA HB 193 78.39 40.05 24.84
C ALA HB 193 79.70 39.32 25.09
N GLN HB 194 79.85 38.16 24.49
CA GLN HB 194 81.07 37.35 24.55
C GLN HB 194 81.87 37.55 23.27
N LEU HB 195 82.93 38.35 23.37
CA LEU HB 195 83.74 38.72 22.21
C LEU HB 195 85.16 38.21 22.23
N GLN HB 196 85.72 37.91 23.39
CA GLN HB 196 87.11 37.48 23.48
C GLN HB 196 87.24 35.96 23.40
N ALA HB 197 88.42 35.53 22.94
CA ALA HB 197 88.68 34.12 22.71
C ALA HB 197 88.82 33.34 24.02
N PRO HB 198 88.50 32.04 24.01
CA PRO HB 198 88.70 31.20 25.21
C PRO HB 198 90.14 30.98 25.61
N GLY HB 199 90.98 30.59 24.67
CA GLY HB 199 92.37 30.36 24.98
C GLY HB 199 92.67 28.89 25.20
N THR HB 200 93.72 28.42 24.53
CA THR HB 200 94.15 27.04 24.57
C THR HB 200 94.79 26.68 25.92
N PRO HB 201 94.65 25.43 26.35
CA PRO HB 201 95.38 24.97 27.55
C PRO HB 201 96.86 24.90 27.22
N VAL HB 202 97.67 25.46 28.10
CA VAL HB 202 99.13 25.38 27.97
C VAL HB 202 99.68 24.15 28.68
N LYS HB 203 100.53 23.42 27.98
CA LYS HB 203 101.07 22.14 28.42
C LYS HB 203 102.59 22.23 28.56
N ASP IB 20 90.64 -4.34 30.45
CA ASP IB 20 89.56 -3.42 30.10
C ASP IB 20 88.21 -4.13 30.05
N LYS IB 21 87.53 -4.17 31.18
CA LYS IB 21 86.20 -4.75 31.25
C LYS IB 21 85.18 -3.82 30.59
N ASP IB 22 84.35 -4.38 29.72
CA ASP IB 22 83.33 -3.63 29.00
C ASP IB 22 82.06 -3.55 29.84
N LEU IB 23 81.51 -2.35 29.99
CA LEU IB 23 80.24 -2.23 30.69
C LEU IB 23 79.07 -2.36 29.73
N LEU IB 24 78.99 -1.47 28.75
CA LEU IB 24 77.88 -1.44 27.82
C LEU IB 24 78.42 -1.33 26.40
N LYS IB 25 77.71 -1.95 25.46
CA LYS IB 25 78.07 -1.81 24.07
C LYS IB 25 76.80 -1.75 23.24
N GLY IB 26 76.93 -1.11 22.09
CA GLY IB 26 75.81 -0.88 21.21
C GLY IB 26 75.05 0.38 21.50
N LEU IB 27 75.53 1.21 22.42
CA LEU IB 27 74.84 2.46 22.72
C LEU IB 27 75.05 3.48 21.61
N ASP IB 28 74.08 4.38 21.47
CA ASP IB 28 74.20 5.46 20.51
C ASP IB 28 74.81 6.68 21.18
N GLN IB 29 74.68 7.82 20.51
CA GLN IB 29 75.39 9.04 20.86
C GLN IB 29 74.84 9.62 22.14
N GLU IB 30 73.51 9.71 22.26
CA GLU IB 30 72.94 10.37 23.43
C GLU IB 30 72.92 9.45 24.63
N GLN IB 31 72.95 8.13 24.40
CA GLN IB 31 73.02 7.21 25.53
C GLN IB 31 74.41 7.17 26.11
N ALA IB 32 75.45 7.38 25.29
CA ALA IB 32 76.79 7.30 25.84
C ALA IB 32 77.18 8.53 26.65
N ASN IB 33 76.67 9.70 26.29
CA ASN IB 33 77.07 10.91 27.01
C ASN IB 33 76.41 11.01 28.39
N GLU IB 34 75.36 10.25 28.64
CA GLU IB 34 74.81 10.27 29.98
C GLU IB 34 75.54 9.30 30.87
N VAL IB 35 76.05 8.21 30.30
CA VAL IB 35 76.80 7.27 31.11
C VAL IB 35 78.12 7.90 31.51
N ILE IB 36 78.78 8.61 30.57
CA ILE IB 36 80.03 9.24 30.97
C ILE IB 36 79.77 10.40 31.91
N ALA IB 37 78.64 11.11 31.76
CA ALA IB 37 78.32 12.20 32.67
C ALA IB 37 77.90 11.71 34.05
N VAL IB 38 77.52 10.45 34.18
CA VAL IB 38 77.18 9.91 35.48
C VAL IB 38 78.41 9.30 36.15
N LEU IB 39 79.24 8.59 35.39
CA LEU IB 39 80.40 7.95 35.99
C LEU IB 39 81.43 8.98 36.42
N GLN IB 40 81.60 10.07 35.65
CA GLN IB 40 82.59 11.07 36.05
C GLN IB 40 82.18 11.84 37.31
N MET IB 41 80.91 11.80 37.69
CA MET IB 41 80.50 12.42 38.94
C MET IB 41 80.99 11.64 40.16
N HIS IB 42 81.29 10.36 40.03
CA HIS IB 42 81.71 9.56 41.17
C HIS IB 42 83.15 9.08 41.04
N ASN IB 43 84.02 9.97 40.56
CA ASN IB 43 85.48 9.83 40.64
C ASN IB 43 86.01 8.62 39.87
N ILE IB 44 85.30 8.18 38.83
CA ILE IB 44 85.78 7.12 37.95
C ILE IB 44 85.63 7.60 36.52
N GLU IB 45 86.57 7.21 35.67
CA GLU IB 45 86.57 7.66 34.29
C GLU IB 45 86.31 6.49 33.35
N ALA IB 46 85.89 6.82 32.14
CA ALA IB 46 85.53 5.83 31.14
C ALA IB 46 86.14 6.20 29.80
N ASN IB 47 85.98 5.32 28.83
CA ASN IB 47 86.50 5.56 27.49
C ASN IB 47 85.38 5.31 26.48
N LYS IB 48 85.12 6.29 25.62
CA LYS IB 48 84.08 6.16 24.60
C LYS IB 48 84.70 5.68 23.29
N ILE IB 49 84.64 4.38 23.04
CA ILE IB 49 85.24 3.76 21.87
C ILE IB 49 84.17 3.57 20.80
N ASP IB 50 84.40 4.14 19.62
CA ASP IB 50 83.50 3.96 18.49
C ASP IB 50 83.68 2.62 17.82
N SER IB 51 82.59 2.09 17.25
CA SER IB 51 82.66 0.82 16.55
C SER IB 51 81.91 0.85 15.23
N GLY IB 52 81.62 2.04 14.70
CA GLY IB 52 80.97 2.15 13.42
C GLY IB 52 79.49 1.83 13.44
N LYS IB 53 79.10 0.71 12.83
CA LYS IB 53 77.69 0.36 12.77
C LYS IB 53 77.17 -0.18 14.10
N LEU IB 54 78.06 -0.68 14.96
CA LEU IB 54 77.64 -1.28 16.22
C LEU IB 54 77.59 -0.25 17.34
N GLY IB 55 77.44 1.03 17.01
CA GLY IB 55 77.33 2.03 18.04
C GLY IB 55 78.67 2.31 18.73
N TYR IB 56 78.55 2.71 19.98
CA TYR IB 56 79.68 3.05 20.82
C TYR IB 56 79.87 1.97 21.86
N SER IB 57 80.92 2.12 22.67
CA SER IB 57 81.19 1.17 23.74
C SER IB 57 81.92 1.92 24.82
N ILE IB 58 81.72 1.48 26.06
CA ILE IB 58 82.22 2.19 27.22
C ILE IB 58 82.98 1.22 28.10
N THR IB 59 84.25 1.52 28.35
CA THR IB 59 85.10 0.67 29.17
C THR IB 59 85.63 1.47 30.34
N VAL IB 60 85.78 0.79 31.47
CA VAL IB 60 86.38 1.33 32.67
C VAL IB 60 87.49 0.39 33.12
N ALA IB 61 88.20 0.78 34.17
CA ALA IB 61 89.30 -0.04 34.65
C ALA IB 61 88.78 -1.18 35.53
N GLU IB 62 89.73 -1.97 36.02
CA GLU IB 62 89.40 -3.10 36.87
C GLU IB 62 89.07 -2.69 38.30
N PRO IB 63 89.81 -1.80 38.99
CA PRO IB 63 89.33 -1.38 40.31
C PRO IB 63 88.09 -0.51 40.25
N ASP IB 64 87.82 0.10 39.10
CA ASP IB 64 86.63 0.92 38.94
C ASP IB 64 85.42 0.12 38.49
N PHE IB 65 85.59 -1.18 38.20
CA PHE IB 65 84.48 -1.94 37.62
C PHE IB 65 83.39 -2.26 38.64
N THR IB 66 83.78 -2.49 39.89
CA THR IB 66 82.80 -2.82 40.92
C THR IB 66 81.94 -1.63 41.27
N ALA IB 67 82.51 -0.42 41.27
CA ALA IB 67 81.70 0.75 41.56
C ALA IB 67 80.88 1.16 40.35
N ALA IB 68 81.40 0.93 39.15
CA ALA IB 68 80.66 1.40 37.98
C ALA IB 68 79.42 0.54 37.75
N VAL IB 69 79.48 -0.74 38.08
CA VAL IB 69 78.26 -1.53 37.88
C VAL IB 69 77.26 -1.25 39.00
N TYR IB 70 77.68 -0.60 40.08
CA TYR IB 70 76.75 -0.21 41.10
C TYR IB 70 76.02 1.06 40.72
N TRP IB 71 76.75 2.03 40.15
CA TRP IB 71 76.03 3.24 39.75
C TRP IB 71 75.23 3.07 38.48
N ILE IB 72 75.47 2.01 37.71
CA ILE IB 72 74.58 1.69 36.60
C ILE IB 72 73.21 1.23 37.11
N LYS IB 73 73.23 0.34 38.12
CA LYS IB 73 71.97 -0.18 38.64
C LYS IB 73 71.20 0.89 39.40
N THR IB 74 71.91 1.77 40.11
CA THR IB 74 71.18 2.76 40.89
C THR IB 74 70.58 3.82 39.96
N TYR IB 75 71.34 4.35 39.01
CA TYR IB 75 70.78 5.39 38.16
C TYR IB 75 69.96 4.86 36.99
N GLN IB 76 69.76 3.53 36.88
CA GLN IB 76 68.97 2.90 35.81
C GLN IB 76 69.48 3.23 34.42
N LEU IB 77 70.76 3.31 34.30
CA LEU IB 77 71.41 3.55 33.03
C LEU IB 77 71.46 2.26 32.20
N PRO IB 78 71.41 2.36 30.86
CA PRO IB 78 71.29 3.51 29.96
C PRO IB 78 69.90 4.11 29.93
N PRO IB 79 69.79 5.40 29.64
CA PRO IB 79 68.47 6.04 29.66
C PRO IB 79 67.65 5.63 28.45
N ARG IB 80 66.38 5.46 28.67
CA ARG IB 80 65.44 5.17 27.61
C ARG IB 80 65.15 6.45 26.82
N PRO IB 81 64.80 6.33 25.54
CA PRO IB 81 64.39 7.52 24.80
C PRO IB 81 63.06 8.05 25.31
N ARG IB 82 62.94 9.37 25.33
CA ARG IB 82 61.79 10.01 25.95
C ARG IB 82 60.54 9.86 25.10
N VAL IB 83 59.41 9.70 25.79
CA VAL IB 83 58.15 9.30 25.16
C VAL IB 83 57.25 10.52 24.99
N GLU IB 84 56.62 10.61 23.82
CA GLU IB 84 55.58 11.58 23.56
C GLU IB 84 54.26 10.90 23.28
N ILE IB 85 53.17 11.62 23.53
CA ILE IB 85 51.83 11.06 23.35
C ILE IB 85 51.47 10.97 21.89
N ALA IB 86 52.11 11.77 21.02
CA ALA IB 86 51.83 11.70 19.59
C ALA IB 86 52.42 10.47 18.94
N GLN IB 87 53.24 9.71 19.65
CA GLN IB 87 53.79 8.48 19.10
C GLN IB 87 52.80 7.32 19.16
N MET IB 88 51.88 7.33 20.14
CA MET IB 88 50.91 6.25 20.24
C MET IB 88 49.85 6.34 19.15
N PHE IB 89 49.58 7.54 18.65
CA PHE IB 89 48.58 7.74 17.60
C PHE IB 89 49.31 8.32 16.40
N PRO IB 90 49.77 7.49 15.47
CA PRO IB 90 50.52 8.01 14.34
C PRO IB 90 49.61 8.69 13.33
N ALA IB 91 50.17 9.66 12.63
CA ALA IB 91 49.42 10.41 11.63
C ALA IB 91 49.37 9.73 10.28
N ASP IB 92 49.91 8.52 10.16
CA ASP IB 92 49.89 7.79 8.91
C ASP IB 92 48.77 6.79 8.86
N SER IB 93 47.86 6.83 9.81
CA SER IB 93 46.73 5.93 9.81
C SER IB 93 45.74 6.34 8.73
N LEU IB 94 44.85 5.43 8.38
CA LEU IB 94 43.87 5.71 7.34
C LEU IB 94 42.80 6.67 7.83
N VAL IB 95 42.10 6.33 8.91
CA VAL IB 95 41.14 7.22 9.52
C VAL IB 95 41.53 7.47 10.97
N SER IB 96 41.21 8.66 11.46
CA SER IB 96 41.55 9.08 12.82
C SER IB 96 40.31 9.55 13.54
N SER IB 97 40.06 8.99 14.72
CA SER IB 97 38.92 9.39 15.51
C SER IB 97 39.14 10.79 16.10
N PRO IB 98 38.07 11.47 16.51
CA PRO IB 98 38.24 12.73 17.25
C PRO IB 98 38.94 12.56 18.57
N ARG IB 99 38.93 11.37 19.17
CA ARG IB 99 39.72 11.16 20.36
C ARG IB 99 41.19 11.10 20.01
N ALA IB 100 41.50 10.58 18.83
CA ALA IB 100 42.87 10.44 18.37
C ALA IB 100 43.32 11.64 17.57
N GLU IB 101 42.58 12.74 17.64
CA GLU IB 101 43.02 13.97 16.99
C GLU IB 101 43.32 15.10 17.98
N LYS IB 102 42.57 15.20 19.07
CA LYS IB 102 42.91 16.13 20.12
C LYS IB 102 44.05 15.65 20.99
N ALA IB 103 44.37 14.36 20.95
CA ALA IB 103 45.55 13.90 21.67
C ALA IB 103 46.80 14.21 20.88
N ARG IB 104 46.69 14.27 19.56
CA ARG IB 104 47.83 14.66 18.77
C ARG IB 104 47.96 16.16 18.73
N LEU IB 105 46.89 16.88 19.03
CA LEU IB 105 47.03 18.32 19.10
C LEU IB 105 47.65 18.74 20.43
N TYR IB 106 47.16 18.16 21.54
CA TYR IB 106 47.68 18.53 22.85
C TYR IB 106 49.11 18.03 23.03
N SER IB 107 49.49 16.95 22.34
CA SER IB 107 50.86 16.52 22.49
C SER IB 107 51.83 17.39 21.72
N ALA IB 108 51.38 18.14 20.73
CA ALA IB 108 52.30 19.07 20.09
C ALA IB 108 52.27 20.43 20.75
N ILE IB 109 51.21 20.70 21.52
CA ILE IB 109 51.18 21.98 22.23
C ILE IB 109 52.06 21.91 23.46
N GLU IB 110 52.02 20.79 24.18
CA GLU IB 110 52.87 20.71 25.36
C GLU IB 110 54.33 20.51 25.00
N GLN IB 111 54.65 20.11 23.77
CA GLN IB 111 56.02 20.13 23.31
C GLN IB 111 56.45 21.51 22.83
N ARG IB 112 55.52 22.35 22.42
CA ARG IB 112 55.92 23.69 21.99
C ARG IB 112 56.06 24.64 23.17
N LEU IB 113 55.28 24.42 24.23
CA LEU IB 113 55.39 25.29 25.40
C LEU IB 113 56.67 25.06 26.18
N GLU IB 114 57.31 23.90 26.10
CA GLU IB 114 58.56 23.75 26.82
C GLU IB 114 59.74 24.12 25.95
N GLN IB 115 59.55 24.28 24.65
CA GLN IB 115 60.60 24.83 23.83
C GLN IB 115 60.56 26.34 23.83
N SER IB 116 59.41 26.93 24.14
CA SER IB 116 59.34 28.37 24.27
C SER IB 116 59.69 28.86 25.67
N LEU IB 117 59.85 27.94 26.62
CA LEU IB 117 60.31 28.27 27.96
C LEU IB 117 61.83 28.27 28.11
N GLN IB 118 62.55 27.63 27.20
CA GLN IB 118 64.00 27.68 27.25
C GLN IB 118 64.59 28.97 26.73
N THR IB 119 63.77 29.86 26.19
CA THR IB 119 64.26 31.13 25.68
C THR IB 119 64.03 32.26 26.66
N MET IB 120 63.64 31.96 27.89
CA MET IB 120 63.68 32.97 28.92
C MET IB 120 65.10 33.10 29.46
N GLU IB 121 65.32 34.11 30.28
CA GLU IB 121 66.64 34.33 30.85
C GLU IB 121 66.80 33.50 32.12
N GLY IB 122 67.93 32.79 32.24
CA GLY IB 122 68.23 31.96 33.37
C GLY IB 122 67.85 30.50 33.25
N VAL IB 123 66.85 30.18 32.45
CA VAL IB 123 66.31 28.82 32.40
C VAL IB 123 67.20 27.92 31.55
N LEU IB 124 67.42 26.70 32.02
CA LEU IB 124 68.16 25.72 31.23
C LEU IB 124 67.30 24.57 30.74
N SER IB 125 66.32 24.13 31.54
CA SER IB 125 65.45 23.05 31.11
C SER IB 125 64.07 23.31 31.71
N ALA IB 126 63.07 22.68 31.11
CA ALA IB 126 61.70 22.83 31.57
C ALA IB 126 60.88 21.64 31.08
N ARG IB 127 59.83 21.31 31.83
CA ARG IB 127 58.89 20.28 31.42
C ARG IB 127 57.47 20.72 31.77
N VAL IB 128 56.56 20.66 30.82
CA VAL IB 128 55.18 21.14 30.98
C VAL IB 128 54.20 20.03 30.65
N HIS IB 129 53.18 19.86 31.49
CA HIS IB 129 52.12 18.87 31.32
C HIS IB 129 50.74 19.51 31.29
N ILE IB 130 49.89 18.97 30.41
CA ILE IB 130 48.50 19.39 30.21
C ILE IB 130 47.58 18.25 30.58
N SER IB 131 46.41 18.59 31.12
CA SER IB 131 45.37 17.60 31.40
C SER IB 131 44.56 17.30 30.14
N TYR IB 132 44.41 16.02 29.82
CA TYR IB 132 43.76 15.60 28.58
C TYR IB 132 42.29 15.32 28.79
N ASP IB 133 41.50 15.61 27.76
CA ASP IB 133 40.08 15.28 27.72
C ASP IB 133 39.80 13.96 27.02
N ILE IB 134 38.95 13.14 27.65
CA ILE IB 134 38.73 11.76 27.24
C ILE IB 134 37.25 11.53 26.99
N ASP IB 135 36.42 11.82 28.00
CA ASP IB 135 34.97 11.63 27.90
C ASP IB 135 34.30 12.66 27.00
N ALA IB 136 34.93 13.81 26.80
CA ALA IB 136 34.33 14.84 25.97
C ALA IB 136 34.35 14.49 24.49
N GLY IB 137 35.17 13.53 24.07
CA GLY IB 137 35.16 13.17 22.66
C GLY IB 137 33.92 12.40 22.26
N GLU IB 138 33.37 11.58 23.16
CA GLU IB 138 32.19 10.79 22.82
C GLU IB 138 30.91 11.29 23.47
N ASN IB 139 30.98 12.23 24.41
CA ASN IB 139 29.75 12.62 25.08
C ASN IB 139 29.36 14.04 24.71
N GLY IB 140 28.13 14.39 25.06
CA GLY IB 140 27.67 15.74 24.90
C GLY IB 140 27.88 16.61 26.12
N ARG IB 141 28.66 16.16 27.07
CA ARG IB 141 28.93 16.94 28.26
C ARG IB 141 29.93 18.04 27.93
N PRO IB 142 29.81 19.21 28.57
CA PRO IB 142 30.78 20.27 28.34
C PRO IB 142 32.12 19.90 28.95
N PRO IB 143 33.22 20.38 28.37
CA PRO IB 143 34.54 20.00 28.87
C PRO IB 143 34.84 20.71 30.19
N LYS IB 144 35.83 20.19 30.89
CA LYS IB 144 36.19 20.75 32.17
C LYS IB 144 37.33 21.74 31.98
N PRO IB 145 37.76 22.40 33.05
CA PRO IB 145 38.87 23.33 32.93
C PRO IB 145 40.16 22.56 32.72
N VAL IB 146 41.08 23.18 31.99
CA VAL IB 146 42.34 22.54 31.62
C VAL IB 146 43.39 22.92 32.64
N HIS IB 147 44.13 21.93 33.10
CA HIS IB 147 45.14 22.14 34.13
C HIS IB 147 46.51 21.95 33.52
N LEU IB 148 47.45 22.77 33.97
CA LEU IB 148 48.83 22.73 33.53
C LEU IB 148 49.70 22.49 34.75
N SER IB 149 50.92 22.05 34.50
CA SER IB 149 51.88 21.86 35.58
C SER IB 149 53.26 21.95 34.98
N ALA IB 150 54.19 22.59 35.67
CA ALA IB 150 55.49 22.81 35.06
C ALA IB 150 56.62 22.58 36.04
N LEU IB 151 57.75 22.14 35.49
CA LEU IB 151 59.00 22.01 36.21
C LEU IB 151 60.04 22.83 35.47
N ALA IB 152 61.06 23.25 36.20
CA ALA IB 152 62.08 24.10 35.61
C ALA IB 152 63.38 23.94 36.38
N VAL IB 153 64.48 24.24 35.70
CA VAL IB 153 65.79 24.25 36.32
C VAL IB 153 66.43 25.59 36.01
N TYR IB 154 66.76 26.33 37.06
CA TYR IB 154 67.26 27.69 36.93
C TYR IB 154 68.75 27.73 37.21
N GLU IB 155 69.42 28.63 36.51
CA GLU IB 155 70.83 28.86 36.73
C GLU IB 155 70.99 29.51 38.10
N ARG IB 156 71.99 29.05 38.85
CA ARG IB 156 72.04 29.30 40.28
C ARG IB 156 72.42 30.75 40.55
N GLY IB 157 72.05 31.23 41.73
CA GLY IB 157 72.20 32.63 42.03
C GLY IB 157 71.02 33.48 41.67
N SER IB 158 70.05 32.92 41.09
CA SER IB 158 68.89 33.67 40.67
C SER IB 158 67.89 33.77 41.81
N PRO IB 159 67.17 34.88 41.93
CA PRO IB 159 66.13 34.96 42.96
C PRO IB 159 64.93 34.13 42.50
N LEU IB 160 65.03 32.83 42.79
CA LEU IB 160 64.09 31.84 42.30
C LEU IB 160 62.76 31.85 43.03
N ALA IB 161 62.61 32.70 44.04
CA ALA IB 161 61.30 32.84 44.67
C ALA IB 161 60.38 33.73 43.84
N HIS IB 162 60.93 34.80 43.27
CA HIS IB 162 60.14 35.74 42.48
C HIS IB 162 59.96 35.33 41.03
N GLN IB 163 60.55 34.23 40.61
CA GLN IB 163 60.44 33.79 39.23
C GLN IB 163 59.19 32.96 38.95
N ILE IB 164 58.39 32.64 39.95
CA ILE IB 164 57.17 31.90 39.66
C ILE IB 164 56.09 32.82 39.11
N SER IB 165 56.06 34.07 39.54
CA SER IB 165 55.03 35.00 39.07
C SER IB 165 55.19 35.40 37.60
N ASP IB 166 56.34 35.19 36.98
CA ASP IB 166 56.39 35.48 35.55
C ASP IB 166 55.96 34.26 34.74
N ILE IB 167 56.28 33.05 35.22
CA ILE IB 167 55.90 31.84 34.50
C ILE IB 167 54.41 31.59 34.65
N LYS IB 168 53.82 31.93 35.79
CA LYS IB 168 52.39 31.74 35.94
C LYS IB 168 51.61 32.76 35.13
N ARG IB 169 52.20 33.93 34.88
CA ARG IB 169 51.53 34.91 34.04
C ARG IB 169 51.65 34.51 32.58
N PHE IB 170 52.78 33.94 32.20
CA PHE IB 170 52.93 33.54 30.81
C PHE IB 170 52.07 32.32 30.52
N LEU IB 171 51.99 31.39 31.47
CA LEU IB 171 51.22 30.18 31.26
C LEU IB 171 49.72 30.38 31.42
N LYS IB 172 49.27 31.52 31.97
CA LYS IB 172 47.86 31.65 32.27
C LYS IB 172 47.06 31.80 30.99
N ASN IB 173 47.34 32.83 30.21
CA ASN IB 173 46.56 33.11 29.02
C ASN IB 173 47.20 32.53 27.77
N SER IB 174 47.77 31.34 27.88
CA SER IB 174 48.13 30.56 26.70
C SER IB 174 47.13 29.44 26.42
N PHE IB 175 45.98 29.46 27.08
CA PHE IB 175 44.92 28.49 26.87
C PHE IB 175 43.59 29.21 26.95
N ALA IB 176 42.51 28.43 27.03
CA ALA IB 176 41.16 28.98 26.94
C ALA IB 176 40.82 29.76 28.20
N ASP IB 177 40.72 29.08 29.34
CA ASP IB 177 40.50 29.76 30.60
C ASP IB 177 41.03 28.91 31.74
N VAL IB 178 42.13 29.34 32.35
CA VAL IB 178 42.65 28.73 33.55
C VAL IB 178 42.64 29.77 34.64
N ASP IB 179 42.91 29.33 35.86
CA ASP IB 179 43.07 30.22 37.00
C ASP IB 179 44.31 29.81 37.76
N TYR IB 180 44.82 30.74 38.58
CA TYR IB 180 46.11 30.57 39.21
C TYR IB 180 46.16 29.46 40.26
N ASP IB 181 45.02 28.95 40.70
CA ASP IB 181 45.02 27.81 41.59
C ASP IB 181 45.18 26.48 40.87
N ASN IB 182 45.11 26.47 39.55
CA ASN IB 182 45.25 25.25 38.75
C ASN IB 182 46.59 25.13 38.04
N ILE IB 183 47.47 26.11 38.17
CA ILE IB 183 48.81 26.03 37.62
C ILE IB 183 49.78 25.82 38.77
N SER IB 184 50.70 24.88 38.62
CA SER IB 184 51.69 24.59 39.64
C SER IB 184 53.06 24.54 39.03
N VAL IB 185 53.98 25.31 39.59
CA VAL IB 185 55.36 25.38 39.13
C VAL IB 185 56.23 24.87 40.25
N VAL IB 186 57.06 23.88 39.95
CA VAL IB 186 58.01 23.33 40.91
C VAL IB 186 59.36 23.44 40.23
N LEU IB 187 60.21 24.34 40.72
CA LEU IB 187 61.47 24.62 40.06
C LEU IB 187 62.62 24.51 41.05
N SER IB 188 63.81 24.33 40.51
CA SER IB 188 64.96 24.11 41.38
C SER IB 188 66.22 24.63 40.72
N GLU IB 189 67.22 24.90 41.54
CA GLU IB 189 68.49 25.39 41.05
C GLU IB 189 69.34 24.22 40.57
N ARG IB 190 70.30 24.53 39.70
CA ARG IB 190 71.10 23.47 39.12
C ARG IB 190 72.12 22.96 40.13
N SER IB 191 72.70 21.81 39.82
CA SER IB 191 73.64 21.17 40.71
C SER IB 191 75.00 21.88 40.66
N ASP IB 192 75.90 21.43 41.53
CA ASP IB 192 77.22 22.00 41.60
C ASP IB 192 78.03 21.62 40.36
N ALA IB 193 78.91 22.51 39.95
CA ALA IB 193 79.62 22.34 38.69
C ALA IB 193 80.71 21.29 38.86
N GLN IB 194 80.91 20.49 37.82
CA GLN IB 194 81.97 19.49 37.80
C GLN IB 194 82.99 19.94 36.78
N LEU IB 195 84.16 20.36 37.25
CA LEU IB 195 85.17 20.95 36.37
C LEU IB 195 86.54 20.29 36.42
N GLN IB 196 86.77 19.36 37.34
CA GLN IB 196 88.07 18.73 37.48
C GLN IB 196 88.04 17.29 36.98
N ALA IB 197 89.22 16.81 36.62
CA ALA IB 197 89.36 15.46 36.11
C ALA IB 197 89.23 14.44 37.25
N PRO IB 198 88.76 13.23 36.94
CA PRO IB 198 88.65 12.22 38.00
C PRO IB 198 89.99 11.76 38.55
N GLY IB 199 90.90 11.32 37.68
CA GLY IB 199 92.20 10.83 38.10
C GLY IB 199 92.37 9.35 37.83
N THR IB 200 93.49 8.97 37.22
CA THR IB 200 93.65 7.57 36.85
C THR IB 200 94.05 6.74 38.08
N PRO IB 201 93.51 5.52 38.21
CA PRO IB 201 93.89 4.66 39.35
C PRO IB 201 95.29 4.10 39.23
N VAL IB 202 96.24 4.55 40.01
CA VAL IB 202 97.56 3.94 39.93
C VAL IB 202 97.59 2.79 40.94
N LYS IB 203 98.36 1.76 40.64
CA LYS IB 203 98.51 0.64 41.56
C LYS IB 203 99.95 0.14 41.56
N ASP JB 20 84.85 -21.35 36.44
CA ASP JB 20 84.76 -22.71 35.90
C ASP JB 20 83.34 -23.05 35.50
N LYS JB 21 82.43 -23.18 36.46
CA LYS JB 21 81.07 -23.59 36.16
C LYS JB 21 80.21 -22.39 35.82
N ASP JB 22 79.40 -22.56 34.77
CA ASP JB 22 78.47 -21.54 34.35
C ASP JB 22 77.17 -21.69 35.12
N LEU JB 23 76.44 -20.59 35.27
CA LEU JB 23 75.14 -20.68 35.93
C LEU JB 23 74.08 -19.95 35.12
N LEU JB 24 74.48 -18.99 34.30
CA LEU JB 24 73.56 -18.36 33.39
C LEU JB 24 74.24 -18.14 32.05
N LYS JB 25 73.44 -18.26 30.98
CA LYS JB 25 73.91 -17.95 29.65
C LYS JB 25 72.71 -17.52 28.82
N GLY JB 26 72.99 -16.86 27.72
CA GLY JB 26 71.90 -16.37 26.90
C GLY JB 26 71.19 -15.17 27.48
N LEU JB 27 71.84 -14.41 28.35
CA LEU JB 27 71.18 -13.28 28.97
C LEU JB 27 71.20 -12.08 28.03
N ASP JB 28 70.47 -11.04 28.41
CA ASP JB 28 70.52 -9.83 27.62
C ASP JB 28 71.61 -8.94 28.21
N GLN JB 29 71.69 -7.69 27.74
CA GLN JB 29 72.68 -6.75 28.22
C GLN JB 29 72.25 -6.21 29.57
N GLU JB 30 71.01 -5.74 29.66
CA GLU JB 30 70.54 -5.19 30.91
C GLU JB 30 70.20 -6.27 31.90
N GLN JB 31 69.99 -7.49 31.41
CA GLN JB 31 69.82 -8.60 32.33
C GLN JB 31 71.16 -9.06 32.90
N ALA JB 32 72.27 -8.78 32.21
CA ALA JB 32 73.54 -9.25 32.77
C ALA JB 32 74.06 -8.34 33.87
N ASN JB 33 73.90 -7.02 33.72
CA ASN JB 33 74.43 -6.10 34.72
C ASN JB 33 73.64 -6.13 36.02
N GLU JB 34 72.42 -6.66 35.99
CA GLU JB 34 71.67 -6.75 37.23
C GLU JB 34 72.13 -7.95 38.03
N VAL JB 35 72.51 -9.03 37.34
CA VAL JB 35 73.00 -10.20 38.05
C VAL JB 35 74.37 -9.92 38.62
N ILE JB 36 75.17 -9.13 37.90
CA ILE JB 36 76.47 -8.76 38.43
C ILE JB 36 76.30 -7.84 39.63
N ALA JB 37 75.36 -6.89 39.55
CA ALA JB 37 75.19 -5.96 40.67
C ALA JB 37 74.56 -6.60 41.89
N VAL JB 38 73.85 -7.71 41.74
CA VAL JB 38 73.32 -8.37 42.92
C VAL JB 38 74.39 -9.25 43.55
N LEU JB 39 75.15 -10.01 42.74
CA LEU JB 39 76.13 -10.93 43.31
C LEU JB 39 77.31 -10.20 43.91
N GLN JB 40 77.70 -9.04 43.38
CA GLN JB 40 78.80 -8.32 43.98
C GLN JB 40 78.43 -7.71 45.33
N MET JB 41 77.14 -7.55 45.61
CA MET JB 41 76.72 -7.08 46.91
C MET JB 41 76.92 -8.12 47.99
N HIS JB 42 76.87 -9.40 47.66
CA HIS JB 42 76.98 -10.47 48.65
C HIS JB 42 78.33 -11.17 48.62
N ASN JB 43 79.39 -10.45 48.22
CA ASN JB 43 80.78 -10.87 48.39
C ASN JB 43 81.12 -12.13 47.61
N ILE JB 44 80.56 -12.26 46.41
CA ILE JB 44 80.98 -13.27 45.47
C ILE JB 44 81.27 -12.60 44.13
N GLU JB 45 82.36 -13.01 43.50
CA GLU JB 45 82.87 -12.35 42.31
C GLU JB 45 82.52 -13.16 41.08
N ALA JB 46 81.91 -12.51 40.10
CA ALA JB 46 81.49 -13.16 38.86
C ALA JB 46 82.19 -12.54 37.66
N ASN JB 47 82.07 -13.21 36.52
CA ASN JB 47 82.73 -12.80 35.30
C ASN JB 47 81.71 -12.78 34.16
N LYS JB 48 81.72 -11.71 33.38
CA LYS JB 48 80.85 -11.56 32.22
C LYS JB 48 81.63 -11.85 30.94
N ILE JB 49 81.17 -12.85 30.19
CA ILE JB 49 81.83 -13.32 28.97
C ILE JB 49 80.86 -13.14 27.80
N ASP JB 50 81.36 -12.58 26.71
CA ASP JB 50 80.56 -12.40 25.51
C ASP JB 50 80.63 -13.66 24.65
N SER JB 51 79.53 -13.97 23.96
CA SER JB 51 79.49 -15.16 23.12
C SER JB 51 79.02 -14.84 21.70
N GLY JB 52 79.11 -13.58 21.28
CA GLY JB 52 78.73 -13.20 19.94
C GLY JB 52 77.25 -12.93 19.79
N LYS JB 53 76.57 -13.69 18.94
CA LYS JB 53 75.15 -13.44 18.75
C LYS JB 53 74.29 -14.16 19.79
N LEU JB 54 74.86 -15.02 20.61
CA LEU JB 54 74.12 -15.76 21.61
C LEU JB 54 74.13 -15.04 22.96
N GLY JB 55 74.36 -13.73 22.98
CA GLY JB 55 74.34 -13.03 24.22
C GLY JB 55 75.54 -13.26 25.12
N TYR JB 56 75.38 -12.80 26.35
CA TYR JB 56 76.42 -12.86 27.35
C TYR JB 56 76.24 -14.12 28.19
N SER JB 57 77.22 -14.36 29.06
CA SER JB 57 77.20 -15.48 29.98
C SER JB 57 77.96 -15.07 31.22
N ILE JB 58 77.58 -15.64 32.35
CA ILE JB 58 78.10 -15.22 33.64
C ILE JB 58 78.61 -16.45 34.36
N THR JB 59 79.88 -16.43 34.75
CA THR JB 59 80.46 -17.55 35.48
C THR JB 59 80.94 -17.09 36.85
N VAL JB 60 81.04 -18.04 37.76
CA VAL JB 60 81.57 -17.82 39.09
C VAL JB 60 82.66 -18.85 39.33
N ALA JB 61 83.25 -18.82 40.52
CA ALA JB 61 84.34 -19.71 40.90
C ALA JB 61 83.76 -21.01 41.45
N GLU JB 62 84.61 -21.84 42.03
CA GLU JB 62 84.18 -23.12 42.58
C GLU JB 62 83.47 -23.03 43.93
N PRO JB 63 84.01 -22.40 44.99
CA PRO JB 63 83.29 -22.44 46.27
C PRO JB 63 82.10 -21.50 46.34
N ASP JB 64 81.99 -20.53 45.46
CA ASP JB 64 80.90 -19.58 45.47
C ASP JB 64 79.67 -20.04 44.69
N PHE JB 65 79.69 -21.26 44.15
CA PHE JB 65 78.60 -21.71 43.29
C PHE JB 65 77.38 -22.06 44.11
N THR JB 66 77.58 -22.61 45.31
CA THR JB 66 76.46 -23.03 46.13
C THR JB 66 75.70 -21.82 46.64
N ALA JB 67 76.41 -20.76 47.01
CA ALA JB 67 75.71 -19.56 47.43
C ALA JB 67 75.13 -18.82 46.24
N ALA JB 68 75.74 -18.98 45.06
CA ALA JB 68 75.25 -18.21 43.92
C ALA JB 68 73.94 -18.77 43.42
N VAL JB 69 73.74 -20.08 43.56
CA VAL JB 69 72.43 -20.61 43.15
C VAL JB 69 71.38 -20.18 44.16
N TYR JB 70 71.78 -19.94 45.41
CA TYR JB 70 70.85 -19.53 46.43
C TYR JB 70 70.39 -18.10 46.21
N TRP JB 71 71.28 -17.26 45.68
CA TRP JB 71 70.83 -15.90 45.42
C TRP JB 71 70.14 -15.79 44.09
N ILE JB 72 70.33 -16.76 43.20
CA ILE JB 72 69.53 -16.80 41.98
C ILE JB 72 68.10 -17.17 42.34
N LYS JB 73 67.93 -18.14 43.25
CA LYS JB 73 66.58 -18.59 43.60
C LYS JB 73 65.86 -17.54 44.42
N THR JB 74 66.56 -16.85 45.33
CA THR JB 74 65.83 -15.89 46.16
C THR JB 74 65.47 -14.65 45.34
N TYR JB 75 66.43 -14.09 44.59
CA TYR JB 75 66.09 -12.86 43.89
C TYR JB 75 65.34 -13.08 42.59
N GLN JB 76 65.01 -14.34 42.22
CA GLN JB 76 64.22 -14.65 41.01
C GLN JB 76 64.87 -14.14 39.73
N LEU JB 77 66.16 -14.23 39.68
CA LEU JB 77 66.95 -13.86 38.52
C LEU JB 77 66.88 -14.93 37.45
N PRO JB 78 66.97 -14.56 36.16
CA PRO JB 78 67.13 -13.25 35.54
C PRO JB 78 65.85 -12.43 35.49
N PRO JB 79 65.97 -11.10 35.48
CA PRO JB 79 64.76 -10.26 35.53
C PRO JB 79 64.03 -10.31 34.21
N ARG JB 80 62.71 -10.29 34.30
CA ARG JB 80 61.89 -10.20 33.12
C ARG JB 80 61.94 -8.79 32.55
N PRO JB 81 61.67 -8.62 31.26
CA PRO JB 81 61.50 -7.28 30.71
C PRO JB 81 60.26 -6.62 31.26
N ARG JB 82 60.34 -5.32 31.51
CA ARG JB 82 59.23 -4.64 32.16
C ARG JB 82 58.05 -4.45 31.22
N VAL JB 83 56.86 -4.58 31.77
CA VAL JB 83 55.62 -4.63 31.01
C VAL JB 83 54.92 -3.27 31.06
N GLU JB 84 54.41 -2.83 29.92
CA GLU JB 84 53.55 -1.66 29.84
C GLU JB 84 52.20 -2.04 29.24
N ILE JB 85 51.18 -1.25 29.58
CA ILE JB 85 49.81 -1.57 29.18
C ILE JB 85 49.60 -1.30 27.70
N ALA JB 86 50.42 -0.45 27.09
CA ALA JB 86 50.28 -0.25 25.66
C ALA JB 86 50.86 -1.39 24.84
N GLN JB 87 51.52 -2.36 25.47
CA GLN JB 87 52.04 -3.49 24.73
C GLN JB 87 50.95 -4.49 24.36
N MET JB 88 49.91 -4.56 25.17
CA MET JB 88 48.85 -5.52 24.96
C MET JB 88 47.70 -4.96 24.15
N PHE JB 89 47.81 -3.72 23.69
CA PHE JB 89 46.84 -3.11 22.78
C PHE JB 89 47.63 -2.55 21.62
N PRO JB 90 48.02 -3.40 20.68
CA PRO JB 90 48.91 -2.97 19.60
C PRO JB 90 48.19 -2.13 18.56
N ALA JB 91 48.95 -1.23 17.97
CA ALA JB 91 48.44 -0.27 16.99
C ALA JB 91 48.29 -0.86 15.60
N ASP JB 92 48.75 -2.09 15.37
CA ASP JB 92 48.65 -2.70 14.05
C ASP JB 92 47.25 -3.17 13.71
N SER JB 93 46.35 -3.25 14.69
CA SER JB 93 44.99 -3.67 14.42
C SER JB 93 44.22 -2.58 13.69
N LEU JB 94 43.56 -2.95 12.60
CA LEU JB 94 42.83 -1.98 11.79
C LEU JB 94 41.56 -1.53 12.48
N VAL JB 95 41.04 -2.30 13.39
CA VAL JB 95 39.95 -1.89 14.27
C VAL JB 95 40.57 -1.39 15.57
N SER JB 96 39.88 -0.45 16.22
CA SER JB 96 40.37 0.13 17.47
C SER JB 96 39.13 0.55 18.25
N SER JB 97 38.77 -0.24 19.24
CA SER JB 97 37.68 0.13 20.13
C SER JB 97 38.06 1.27 21.05
N PRO JB 98 37.05 2.00 21.56
CA PRO JB 98 37.35 3.02 22.56
C PRO JB 98 37.88 2.46 23.85
N ARG JB 99 37.72 1.15 24.11
CA ARG JB 99 38.45 0.59 25.23
C ARG JB 99 39.90 0.36 24.87
N ALA JB 100 40.22 0.35 23.57
CA ALA JB 100 41.57 0.14 23.09
C ALA JB 100 42.27 1.45 22.77
N GLU JB 101 41.58 2.58 22.91
CA GLU JB 101 42.24 3.87 22.73
C GLU JB 101 42.53 4.59 24.03
N LYS JB 102 41.66 4.46 25.03
CA LYS JB 102 41.94 5.05 26.33
C LYS JB 102 43.02 4.29 27.09
N ALA JB 103 43.17 2.98 26.86
CA ALA JB 103 44.22 2.28 27.57
C ALA JB 103 45.58 2.64 27.02
N ARG JB 104 45.66 2.92 25.73
CA ARG JB 104 46.91 3.38 25.16
C ARG JB 104 47.13 4.85 25.44
N LEU JB 105 46.08 5.59 25.77
CA LEU JB 105 46.31 6.98 26.15
C LEU JB 105 46.80 7.08 27.59
N TYR JB 106 46.22 6.29 28.50
CA TYR JB 106 46.71 6.27 29.88
C TYR JB 106 48.11 5.70 29.99
N SER JB 107 48.46 4.72 29.15
CA SER JB 107 49.76 4.10 29.32
C SER JB 107 50.91 4.97 28.81
N ALA JB 108 50.64 6.06 28.10
CA ALA JB 108 51.70 6.96 27.73
C ALA JB 108 51.81 8.14 28.67
N ILE JB 109 50.76 8.40 29.43
CA ILE JB 109 50.81 9.46 30.44
C ILE JB 109 51.52 8.94 31.67
N GLU JB 110 51.30 7.68 32.01
CA GLU JB 110 51.99 7.19 33.19
C GLU JB 110 53.42 6.77 32.87
N GLN JB 111 53.88 6.93 31.64
CA GLN JB 111 55.30 6.87 31.34
C GLN JB 111 55.92 8.24 31.16
N ARG JB 112 55.13 9.23 30.74
CA ARG JB 112 55.71 10.56 30.62
C ARG JB 112 55.78 11.26 31.97
N LEU JB 113 54.86 10.95 32.87
CA LEU JB 113 54.98 11.52 34.21
C LEU JB 113 56.11 10.86 34.98
N GLU JB 114 56.40 9.59 34.68
CA GLU JB 114 57.50 8.94 35.35
C GLU JB 114 58.83 9.48 34.85
N GLN JB 115 58.94 9.74 33.54
CA GLN JB 115 60.18 10.31 33.06
C GLN JB 115 60.33 11.77 33.46
N SER JB 116 59.22 12.45 33.75
CA SER JB 116 59.31 13.83 34.22
C SER JB 116 59.59 13.93 35.70
N LEU JB 117 59.35 12.86 36.45
CA LEU JB 117 59.67 12.89 37.88
C LEU JB 117 61.15 12.69 38.16
N GLN JB 118 61.90 12.10 37.25
CA GLN JB 118 63.33 11.89 37.46
C GLN JB 118 64.15 13.16 37.30
N THR JB 119 63.58 14.24 36.82
CA THR JB 119 64.31 15.48 36.67
C THR JB 119 64.14 16.40 37.89
N MET JB 120 63.61 15.90 38.99
CA MET JB 120 63.49 16.75 40.17
C MET JB 120 64.82 16.75 40.92
N GLU JB 121 64.85 17.40 42.07
CA GLU JB 121 66.09 17.58 42.83
C GLU JB 121 66.36 16.42 43.78
N GLY JB 122 67.24 15.52 43.38
CA GLY JB 122 67.66 14.44 44.25
C GLY JB 122 66.96 13.13 44.10
N VAL JB 123 66.13 12.97 43.09
CA VAL JB 123 65.39 11.75 42.85
C VAL JB 123 66.21 10.84 41.93
N LEU JB 124 66.40 9.60 42.35
CA LEU JB 124 67.12 8.65 41.50
C LEU JB 124 66.21 7.78 40.67
N SER JB 125 65.08 7.35 41.23
CA SER JB 125 64.13 6.56 40.46
C SER JB 125 62.73 6.89 40.95
N ALA JB 126 61.74 6.53 40.13
CA ALA JB 126 60.35 6.80 40.44
C ALA JB 126 59.46 5.86 39.65
N ARG JB 127 58.25 5.66 40.16
CA ARG JB 127 57.24 4.83 39.49
C ARG JB 127 55.84 5.35 39.83
N VAL JB 128 55.05 5.65 38.80
CA VAL JB 128 53.75 6.28 38.94
C VAL JB 128 52.66 5.36 38.41
N HIS JB 129 51.52 5.31 39.10
CA HIS JB 129 50.35 4.54 38.71
C HIS JB 129 49.12 5.42 38.66
N ILE JB 130 48.27 5.18 37.66
CA ILE JB 130 47.03 5.90 37.43
C ILE JB 130 45.88 4.90 37.54
N SER JB 131 44.74 5.37 38.03
CA SER JB 131 43.53 4.55 38.04
C SER JB 131 42.89 4.50 36.66
N TYR JB 132 42.66 3.29 36.16
CA TYR JB 132 42.16 3.06 34.81
C TYR JB 132 40.64 2.98 34.82
N ASP JB 133 39.98 3.82 34.02
CA ASP JB 133 38.52 3.82 33.90
C ASP JB 133 38.19 3.69 32.41
N ILE JB 134 37.58 2.58 32.04
CA ILE JB 134 37.25 2.32 30.65
C ILE JB 134 35.78 2.06 30.40
N ASP JB 135 35.01 1.60 31.39
CA ASP JB 135 33.65 1.17 31.16
C ASP JB 135 32.64 2.18 31.66
N ALA JB 136 33.07 3.41 31.91
CA ALA JB 136 32.16 4.43 32.41
C ALA JB 136 31.53 5.26 31.30
N GLY JB 137 32.19 5.39 30.16
CA GLY JB 137 31.63 6.22 29.12
C GLY JB 137 30.64 5.51 28.22
N GLU JB 138 30.63 4.18 28.23
CA GLU JB 138 29.76 3.46 27.32
C GLU JB 138 28.30 3.50 27.77
N ASN JB 139 28.04 3.54 29.06
CA ASN JB 139 26.70 3.70 29.57
C ASN JB 139 26.51 5.13 30.06
N GLY JB 140 25.37 5.37 30.69
CA GLY JB 140 24.99 6.66 31.19
C GLY JB 140 25.60 7.00 32.52
N ARG JB 141 26.53 6.19 32.99
CA ARG JB 141 27.12 6.44 34.30
C ARG JB 141 28.15 7.56 34.19
N PRO JB 142 28.24 8.41 35.22
CA PRO JB 142 29.23 9.48 35.19
C PRO JB 142 30.62 8.93 35.43
N PRO JB 143 31.67 9.60 34.96
CA PRO JB 143 33.01 9.10 35.20
C PRO JB 143 33.42 9.32 36.64
N LYS JB 144 34.16 8.37 37.17
CA LYS JB 144 34.63 8.41 38.54
C LYS JB 144 35.82 9.33 38.66
N PRO JB 145 36.24 9.65 39.89
CA PRO JB 145 37.46 10.45 40.05
C PRO JB 145 38.68 9.57 39.75
N VAL JB 146 39.81 10.23 39.51
CA VAL JB 146 41.03 9.53 39.13
C VAL JB 146 42.01 9.55 40.29
N HIS JB 147 42.61 8.40 40.57
CA HIS JB 147 43.52 8.23 41.68
C HIS JB 147 44.93 7.96 41.18
N LEU JB 148 45.93 8.33 41.98
CA LEU JB 148 47.32 8.16 41.63
C LEU JB 148 48.09 7.53 42.77
N SER JB 149 49.26 6.98 42.45
CA SER JB 149 50.16 6.47 43.47
C SER JB 149 51.59 6.50 42.95
N ALA JB 150 52.53 6.76 43.84
CA ALA JB 150 53.90 6.95 43.38
C ALA JB 150 54.91 6.40 44.38
N LEU JB 151 56.02 5.90 43.83
CA LEU JB 151 57.18 5.50 44.59
C LEU JB 151 58.39 6.28 44.10
N ALA JB 152 59.39 6.41 44.98
CA ALA JB 152 60.58 7.17 44.65
C ALA JB 152 61.73 6.73 45.55
N VAL JB 153 62.94 6.85 45.01
CA VAL JB 153 64.16 6.56 45.75
C VAL JB 153 65.03 7.80 45.74
N TYR JB 154 65.27 8.37 46.91
CA TYR JB 154 66.01 9.62 47.05
C TYR JB 154 67.47 9.38 47.41
N GLU JB 155 68.31 10.32 46.98
CA GLU JB 155 69.71 10.35 47.37
C GLU JB 155 69.82 10.67 48.86
N ARG JB 156 70.70 9.96 49.55
CA ARG JB 156 70.77 10.09 51.00
C ARG JB 156 71.38 11.43 51.39
N GLY JB 157 71.08 11.84 52.62
CA GLY JB 157 71.35 13.19 53.06
C GLY JB 157 70.19 14.14 52.87
N SER JB 158 69.08 13.68 52.32
CA SER JB 158 67.90 14.48 52.04
C SER JB 158 66.89 14.39 53.19
N PRO JB 159 66.29 15.50 53.57
CA PRO JB 159 65.19 15.45 54.53
C PRO JB 159 63.91 15.03 53.83
N LEU JB 160 63.67 13.72 53.72
CA LEU JB 160 62.63 13.20 52.85
C LEU JB 160 61.23 13.27 53.45
N ALA JB 161 61.02 14.05 54.50
CA ALA JB 161 59.68 14.34 54.98
C ALA JB 161 59.11 15.64 54.45
N HIS JB 162 59.95 16.56 53.97
CA HIS JB 162 59.47 17.82 53.42
C HIS JB 162 59.36 17.82 51.90
N GLN JB 163 59.93 16.84 51.22
CA GLN JB 163 59.81 16.75 49.78
C GLN JB 163 58.65 15.87 49.34
N ILE JB 164 57.83 15.41 50.28
CA ILE JB 164 56.65 14.63 49.96
C ILE JB 164 55.45 15.50 49.64
N SER JB 165 55.58 16.82 49.79
CA SER JB 165 54.49 17.72 49.45
C SER JB 165 54.75 18.47 48.15
N ASP JB 166 55.95 18.39 47.62
CA ASP JB 166 56.22 18.96 46.31
C ASP JB 166 55.82 18.00 45.21
N ILE JB 167 55.92 16.70 45.48
CA ILE JB 167 55.41 15.73 44.52
C ILE JB 167 53.89 15.75 44.52
N LYS JB 168 53.28 16.04 45.68
CA LYS JB 168 51.84 16.16 45.73
C LYS JB 168 51.36 17.42 45.03
N ARG JB 169 52.16 18.49 45.07
CA ARG JB 169 51.75 19.72 44.40
C ARG JB 169 51.93 19.57 42.90
N PHE JB 170 52.95 18.85 42.47
CA PHE JB 170 53.17 18.69 41.04
C PHE JB 170 52.16 17.72 40.46
N LEU JB 171 51.84 16.66 41.20
CA LEU JB 171 50.90 15.67 40.69
C LEU JB 171 49.45 16.10 40.81
N LYS JB 172 49.18 17.20 41.53
CA LYS JB 172 47.79 17.58 41.78
C LYS JB 172 47.12 18.09 40.50
N ASN JB 173 47.64 19.16 39.92
CA ASN JB 173 46.99 19.76 38.76
C ASN JB 173 47.68 19.37 37.48
N SER JB 174 48.10 18.12 37.42
CA SER JB 174 48.48 17.47 36.19
C SER JB 174 47.36 16.63 35.65
N PHE JB 175 46.20 16.67 36.30
CA PHE JB 175 45.12 15.85 35.81
C PHE JB 175 43.87 16.72 35.83
N ALA JB 176 42.72 16.08 35.63
CA ALA JB 176 41.48 16.85 35.46
C ALA JB 176 41.06 17.46 36.79
N ASP JB 177 40.73 16.62 37.76
CA ASP JB 177 40.33 17.10 39.08
C ASP JB 177 40.59 15.98 40.10
N VAL JB 178 41.70 16.09 40.82
CA VAL JB 178 41.96 15.17 41.91
C VAL JB 178 41.87 15.92 43.23
N ASP JB 179 41.77 15.15 44.30
CA ASP JB 179 41.90 15.67 45.66
C ASP JB 179 43.21 15.19 46.25
N TYR JB 180 43.54 15.74 47.40
CA TYR JB 180 44.75 15.36 48.11
C TYR JB 180 44.60 14.04 48.86
N ASP JB 181 43.40 13.48 48.91
CA ASP JB 181 43.24 12.15 49.47
C ASP JB 181 43.54 11.10 48.43
N ASN JB 182 43.31 11.39 47.15
CA ASN JB 182 43.54 10.39 46.13
C ASN JB 182 45.01 10.19 45.78
N ILE JB 183 45.89 11.12 46.12
CA ILE JB 183 47.32 10.95 45.85
C ILE JB 183 48.02 10.36 47.06
N SER JB 184 48.71 9.23 46.86
CA SER JB 184 49.47 8.59 47.91
C SER JB 184 50.87 8.32 47.39
N VAL JB 185 51.86 9.04 47.91
CA VAL JB 185 53.24 8.86 47.52
C VAL JB 185 54.02 8.32 48.71
N VAL JB 186 54.73 7.23 48.49
CA VAL JB 186 55.56 6.63 49.54
C VAL JB 186 56.96 6.42 48.97
N LEU JB 187 57.96 6.97 49.64
CA LEU JB 187 59.31 7.02 49.08
C LEU JB 187 60.34 6.71 50.16
N SER JB 188 61.55 6.38 49.73
CA SER JB 188 62.57 5.95 50.69
C SER JB 188 63.95 6.41 50.22
N GLU JB 189 64.92 6.30 51.12
CA GLU JB 189 66.30 6.64 50.82
C GLU JB 189 67.05 5.41 50.32
N ARG JB 190 68.14 5.66 49.61
CA ARG JB 190 68.89 4.58 49.00
C ARG JB 190 69.74 3.83 50.03
N SER JB 191 70.19 2.64 49.62
CA SER JB 191 70.95 1.72 50.46
C SER JB 191 72.39 2.19 50.58
N ASP JB 192 73.17 1.49 51.39
CA ASP JB 192 74.58 1.84 51.55
C ASP JB 192 75.35 1.52 50.28
N ALA JB 193 76.29 2.39 49.95
CA ALA JB 193 77.02 2.31 48.68
C ALA JB 193 78.05 1.19 48.71
N GLN JB 194 78.14 0.46 47.60
CA GLN JB 194 79.15 -0.59 47.44
C GLN JB 194 80.28 -0.10 46.56
N LEU JB 195 81.47 0.00 47.14
CA LEU JB 195 82.59 0.60 46.44
C LEU JB 195 83.83 -0.31 46.42
N GLN JB 196 83.98 -1.17 47.43
CA GLN JB 196 85.18 -2.00 47.49
C GLN JB 196 84.98 -3.31 46.75
N ALA JB 197 86.10 -3.91 46.34
CA ALA JB 197 86.09 -5.14 45.59
C ALA JB 197 85.70 -6.32 46.49
N PRO JB 198 85.08 -7.37 45.93
CA PRO JB 198 84.74 -8.54 46.73
C PRO JB 198 85.92 -9.31 47.31
N GLY JB 199 86.85 -9.74 46.47
CA GLY JB 199 87.96 -10.55 46.94
C GLY JB 199 87.94 -11.95 46.37
N THR JB 200 89.12 -12.46 46.02
CA THR JB 200 89.22 -13.75 45.33
C THR JB 200 89.29 -14.91 46.32
N PRO JB 201 88.54 -15.97 46.10
CA PRO JB 201 88.57 -17.14 46.98
C PRO JB 201 89.82 -17.99 46.85
N VAL JB 202 90.69 -17.97 47.84
CA VAL JB 202 91.89 -18.80 47.82
C VAL JB 202 91.56 -20.12 48.53
N LYS JB 203 92.27 -21.18 48.14
CA LYS JB 203 92.06 -22.50 48.71
C LYS JB 203 93.36 -23.15 49.10
N ASP KB 20 -12.99 -53.89 -79.56
CA ASP KB 20 -12.27 -53.58 -78.32
C ASP KB 20 -12.04 -52.09 -78.11
N LYS KB 21 -12.89 -51.48 -77.30
CA LYS KB 21 -12.77 -50.06 -76.97
C LYS KB 21 -12.86 -49.90 -75.46
N ASP KB 22 -11.88 -49.23 -74.87
CA ASP KB 22 -11.91 -48.98 -73.44
C ASP KB 22 -12.79 -47.79 -73.11
N LEU KB 23 -13.38 -47.82 -71.93
CA LEU KB 23 -14.20 -46.69 -71.50
C LEU KB 23 -13.81 -46.22 -70.10
N LEU KB 24 -13.31 -47.13 -69.27
CA LEU KB 24 -12.77 -46.80 -67.95
C LEU KB 24 -11.48 -47.56 -67.75
N LYS KB 25 -10.47 -46.87 -67.24
CA LYS KB 25 -9.20 -47.50 -66.93
C LYS KB 25 -8.65 -46.88 -65.66
N GLY KB 26 -7.75 -47.63 -65.01
CA GLY KB 26 -7.21 -47.19 -63.74
C GLY KB 26 -8.15 -47.34 -62.56
N LEU KB 27 -9.12 -48.25 -62.63
CA LEU KB 27 -10.08 -48.37 -61.56
C LEU KB 27 -9.52 -49.19 -60.41
N ASP KB 28 -10.31 -49.32 -59.36
CA ASP KB 28 -9.93 -50.11 -58.20
C ASP KB 28 -10.64 -51.47 -58.26
N GLN KB 29 -10.27 -52.34 -57.32
CA GLN KB 29 -10.75 -53.71 -57.30
C GLN KB 29 -12.23 -53.76 -56.94
N GLU KB 30 -12.63 -53.05 -55.91
CA GLU KB 30 -14.04 -53.05 -55.53
C GLU KB 30 -14.85 -52.08 -56.37
N GLN KB 31 -14.16 -51.28 -57.18
CA GLN KB 31 -14.84 -50.33 -58.09
C GLN KB 31 -15.24 -51.09 -59.36
N ALA KB 32 -14.44 -52.05 -59.80
CA ALA KB 32 -14.73 -52.77 -61.04
C ALA KB 32 -15.81 -53.81 -60.85
N ASN KB 33 -16.00 -54.33 -59.64
CA ASN KB 33 -17.08 -55.28 -59.42
C ASN KB 33 -18.43 -54.59 -59.32
N GLU KB 34 -18.40 -53.26 -59.21
CA GLU KB 34 -19.62 -52.42 -59.13
C GLU KB 34 -20.00 -52.02 -60.57
N VAL KB 35 -19.01 -51.70 -61.40
CA VAL KB 35 -19.26 -51.33 -62.78
C VAL KB 35 -19.65 -52.54 -63.63
N ILE KB 36 -19.09 -53.71 -63.31
CA ILE KB 36 -19.48 -54.91 -64.04
C ILE KB 36 -20.89 -55.32 -63.65
N ALA KB 37 -21.22 -55.26 -62.36
CA ALA KB 37 -22.55 -55.66 -61.91
C ALA KB 37 -23.63 -54.69 -62.36
N VAL KB 38 -23.26 -53.47 -62.74
CA VAL KB 38 -24.26 -52.56 -63.30
C VAL KB 38 -24.44 -52.83 -64.78
N LEU KB 39 -23.34 -53.06 -65.51
CA LEU KB 39 -23.47 -53.29 -66.94
C LEU KB 39 -24.12 -54.63 -67.25
N GLN KB 40 -23.83 -55.66 -66.46
CA GLN KB 40 -24.42 -56.97 -66.72
C GLN KB 40 -25.90 -57.03 -66.43
N MET KB 41 -26.44 -56.07 -65.68
CA MET KB 41 -27.89 -56.07 -65.46
C MET KB 41 -28.64 -55.63 -66.71
N HIS KB 42 -27.99 -54.93 -67.63
CA HIS KB 42 -28.65 -54.39 -68.80
C HIS KB 42 -28.17 -55.04 -70.10
N ASN KB 43 -27.85 -56.34 -70.02
CA ASN KB 43 -27.63 -57.21 -71.18
C ASN KB 43 -26.43 -56.79 -72.02
N ILE KB 44 -25.37 -56.28 -71.40
CA ILE KB 44 -24.11 -56.05 -72.09
C ILE KB 44 -23.01 -56.73 -71.29
N GLU KB 45 -21.95 -57.16 -72.00
CA GLU KB 45 -20.91 -58.00 -71.45
C GLU KB 45 -19.59 -57.25 -71.43
N ALA KB 46 -18.97 -57.17 -70.25
CA ALA KB 46 -17.70 -56.48 -70.08
C ALA KB 46 -16.56 -57.45 -69.81
N ASN KB 47 -15.34 -56.94 -69.90
CA ASN KB 47 -14.11 -57.69 -69.71
C ASN KB 47 -13.21 -56.95 -68.75
N LYS KB 48 -12.80 -57.63 -67.69
CA LYS KB 48 -11.96 -57.09 -66.64
C LYS KB 48 -10.49 -57.43 -66.88
N ILE KB 49 -9.68 -56.42 -67.17
CA ILE KB 49 -8.26 -56.57 -67.49
C ILE KB 49 -7.42 -55.90 -66.40
N ASP KB 50 -6.43 -56.62 -65.87
CA ASP KB 50 -5.53 -56.03 -64.90
C ASP KB 50 -4.47 -55.21 -65.62
N SER KB 51 -3.78 -54.36 -64.86
CA SER KB 51 -2.64 -53.65 -65.44
C SER KB 51 -1.45 -53.57 -64.50
N GLY KB 52 -1.44 -54.31 -63.39
CA GLY KB 52 -0.29 -54.28 -62.50
C GLY KB 52 -0.33 -53.14 -61.51
N LYS KB 53 0.50 -52.13 -61.73
CA LYS KB 53 0.55 -51.01 -60.79
C LYS KB 53 -0.55 -50.00 -61.08
N LEU KB 54 -1.08 -50.00 -62.29
CA LEU KB 54 -2.10 -49.03 -62.66
C LEU KB 54 -3.51 -49.46 -62.28
N GLY KB 55 -3.69 -50.61 -61.62
CA GLY KB 55 -5.05 -50.97 -61.31
C GLY KB 55 -5.76 -51.69 -62.45
N TYR KB 56 -7.05 -51.88 -62.25
CA TYR KB 56 -7.85 -52.64 -63.17
C TYR KB 56 -8.37 -51.73 -64.29
N SER KB 57 -8.99 -52.35 -65.28
CA SER KB 57 -9.58 -51.65 -66.42
C SER KB 57 -10.70 -52.51 -66.97
N ILE KB 58 -11.70 -51.86 -67.57
CA ILE KB 58 -12.90 -52.54 -68.03
C ILE KB 58 -13.15 -52.15 -69.48
N THR KB 59 -13.22 -53.14 -70.36
CA THR KB 59 -13.55 -52.88 -71.76
C THR KB 59 -14.83 -53.57 -72.17
N VAL KB 60 -15.49 -53.01 -73.19
CA VAL KB 60 -16.68 -53.59 -73.76
C VAL KB 60 -16.45 -53.74 -75.27
N ALA KB 61 -17.44 -54.29 -75.96
CA ALA KB 61 -17.46 -54.50 -77.40
C ALA KB 61 -17.89 -53.22 -78.13
N GLU KB 62 -17.92 -53.31 -79.45
CA GLU KB 62 -18.30 -52.20 -80.33
C GLU KB 62 -19.81 -51.95 -80.43
N PRO KB 63 -20.71 -52.92 -80.67
CA PRO KB 63 -22.12 -52.55 -80.85
C PRO KB 63 -22.85 -52.15 -79.58
N ASP KB 64 -22.28 -52.37 -78.41
CA ASP KB 64 -22.87 -51.93 -77.16
C ASP KB 64 -22.00 -50.90 -76.47
N PHE KB 65 -21.44 -49.96 -77.23
CA PHE KB 65 -20.69 -48.88 -76.62
C PHE KB 65 -21.56 -47.70 -76.26
N THR KB 66 -22.62 -47.45 -77.05
CA THR KB 66 -23.52 -46.33 -76.77
C THR KB 66 -24.35 -46.58 -75.52
N ALA KB 67 -24.81 -47.82 -75.33
CA ALA KB 67 -25.56 -48.12 -74.13
C ALA KB 67 -24.65 -48.13 -72.91
N ALA KB 68 -23.39 -48.49 -73.08
CA ALA KB 68 -22.53 -48.52 -71.91
C ALA KB 68 -22.16 -47.12 -71.48
N VAL KB 69 -22.12 -46.18 -72.43
CA VAL KB 69 -21.84 -44.81 -72.03
C VAL KB 69 -23.09 -44.22 -71.38
N TYR KB 70 -24.27 -44.62 -71.86
CA TYR KB 70 -25.50 -44.06 -71.31
C TYR KB 70 -25.74 -44.57 -69.89
N TRP KB 71 -25.43 -45.84 -69.63
CA TRP KB 71 -25.58 -46.31 -68.26
C TRP KB 71 -24.42 -45.90 -67.37
N ILE KB 72 -23.32 -45.37 -67.92
CA ILE KB 72 -22.34 -44.76 -67.04
C ILE KB 72 -22.83 -43.41 -66.56
N LYS KB 73 -23.40 -42.62 -67.49
CA LYS KB 73 -23.85 -41.28 -67.14
C LYS KB 73 -25.07 -41.34 -66.23
N THR KB 74 -25.98 -42.29 -66.46
CA THR KB 74 -27.21 -42.30 -65.68
C THR KB 74 -26.93 -42.76 -64.25
N TYR KB 75 -26.23 -43.87 -64.10
CA TYR KB 75 -25.98 -44.43 -62.78
C TYR KB 75 -24.77 -43.85 -62.05
N GLN KB 76 -24.12 -42.80 -62.58
CA GLN KB 76 -22.98 -42.10 -61.95
C GLN KB 76 -21.75 -42.97 -61.64
N LEU KB 77 -21.51 -44.00 -62.47
CA LEU KB 77 -20.32 -44.87 -62.26
C LEU KB 77 -19.07 -44.12 -62.70
N PRO KB 78 -17.86 -44.42 -62.19
CA PRO KB 78 -17.67 -45.40 -61.11
C PRO KB 78 -18.02 -44.86 -59.71
N PRO KB 79 -18.30 -45.74 -58.71
CA PRO KB 79 -18.64 -45.33 -57.36
C PRO KB 79 -17.43 -44.75 -56.61
N ARG KB 80 -17.69 -43.95 -55.57
CA ARG KB 80 -16.62 -43.31 -54.76
C ARG KB 80 -16.67 -43.85 -53.32
N PRO KB 81 -15.52 -43.96 -52.60
CA PRO KB 81 -15.48 -44.48 -51.24
C PRO KB 81 -16.51 -43.84 -50.30
N ARG KB 82 -17.14 -44.67 -49.44
CA ARG KB 82 -18.16 -44.19 -48.53
C ARG KB 82 -17.57 -43.31 -47.45
N VAL KB 83 -18.33 -42.30 -47.07
CA VAL KB 83 -17.84 -41.25 -46.17
C VAL KB 83 -18.29 -41.54 -44.75
N GLU KB 84 -17.34 -41.54 -43.84
CA GLU KB 84 -17.61 -41.61 -42.42
C GLU KB 84 -17.16 -40.32 -41.77
N ILE KB 85 -17.79 -39.99 -40.66
CA ILE KB 85 -17.52 -38.72 -39.98
C ILE KB 85 -16.15 -38.74 -39.32
N ALA KB 86 -15.61 -39.91 -39.02
CA ALA KB 86 -14.30 -39.95 -38.39
C ALA KB 86 -13.16 -39.73 -39.38
N GLN KB 87 -13.46 -39.56 -40.68
CA GLN KB 87 -12.44 -39.20 -41.64
C GLN KB 87 -12.25 -37.69 -41.71
N MET KB 88 -13.21 -36.93 -41.17
CA MET KB 88 -13.14 -35.49 -41.14
C MET KB 88 -12.47 -34.98 -39.87
N PHE KB 89 -12.27 -35.83 -38.88
CA PHE KB 89 -11.61 -35.49 -37.63
C PHE KB 89 -10.59 -36.57 -37.35
N PRO KB 90 -9.43 -36.51 -37.99
CA PRO KB 90 -8.48 -37.62 -37.89
C PRO KB 90 -7.77 -37.65 -36.54
N ALA KB 91 -7.36 -38.86 -36.17
CA ALA KB 91 -6.75 -39.11 -34.87
C ALA KB 91 -5.30 -38.65 -34.78
N ASP KB 92 -4.66 -38.36 -35.90
CA ASP KB 92 -3.27 -37.95 -35.89
C ASP KB 92 -3.08 -36.44 -35.76
N SER KB 93 -4.12 -35.70 -35.38
CA SER KB 93 -3.93 -34.27 -35.21
C SER KB 93 -3.27 -33.99 -33.87
N LEU KB 94 -2.62 -32.83 -33.78
CA LEU KB 94 -1.91 -32.50 -32.55
C LEU KB 94 -2.86 -32.00 -31.47
N VAL KB 95 -3.82 -31.16 -31.84
CA VAL KB 95 -4.82 -30.65 -30.91
C VAL KB 95 -6.10 -31.42 -31.21
N SER KB 96 -7.02 -31.43 -30.25
CA SER KB 96 -8.27 -32.19 -30.37
C SER KB 96 -9.26 -31.43 -29.49
N SER KB 97 -10.13 -30.66 -30.13
CA SER KB 97 -11.17 -29.96 -29.42
C SER KB 97 -12.20 -30.96 -28.89
N PRO KB 98 -12.98 -30.55 -27.89
CA PRO KB 98 -14.07 -31.44 -27.43
C PRO KB 98 -15.17 -31.63 -28.43
N ARG KB 99 -15.28 -30.79 -29.46
CA ARG KB 99 -16.23 -31.11 -30.51
C ARG KB 99 -15.70 -32.22 -31.39
N ALA KB 100 -14.39 -32.30 -31.56
CA ALA KB 100 -13.82 -33.34 -32.38
C ALA KB 100 -13.81 -34.66 -31.63
N GLU KB 101 -13.62 -34.60 -30.31
CA GLU KB 101 -13.68 -35.82 -29.53
C GLU KB 101 -15.11 -36.31 -29.41
N LYS KB 102 -16.08 -35.39 -29.37
CA LYS KB 102 -17.46 -35.80 -29.27
C LYS KB 102 -18.01 -36.31 -30.59
N ALA KB 103 -17.39 -35.95 -31.72
CA ALA KB 103 -17.86 -36.44 -33.01
C ALA KB 103 -17.10 -37.65 -33.51
N ARG KB 104 -15.90 -37.89 -32.99
CA ARG KB 104 -15.21 -39.12 -33.32
C ARG KB 104 -15.67 -40.30 -32.49
N LEU KB 105 -16.64 -40.08 -31.61
CA LEU KB 105 -17.21 -41.10 -30.76
C LEU KB 105 -18.61 -41.45 -31.22
N TYR KB 106 -19.36 -40.45 -31.69
CA TYR KB 106 -20.62 -40.72 -32.38
C TYR KB 106 -20.38 -41.42 -33.69
N SER KB 107 -19.24 -41.15 -34.35
CA SER KB 107 -19.01 -41.81 -35.62
C SER KB 107 -18.52 -43.24 -35.50
N ALA KB 108 -18.40 -43.78 -34.29
CA ALA KB 108 -18.08 -45.19 -34.15
C ALA KB 108 -19.25 -46.03 -33.66
N ILE KB 109 -20.20 -45.43 -32.96
CA ILE KB 109 -21.42 -46.18 -32.70
C ILE KB 109 -22.31 -46.13 -33.91
N GLU KB 110 -22.12 -45.11 -34.75
CA GLU KB 110 -22.90 -45.00 -35.97
C GLU KB 110 -22.53 -46.11 -36.94
N GLN KB 111 -21.29 -46.57 -36.93
CA GLN KB 111 -20.91 -47.66 -37.81
C GLN KB 111 -20.62 -48.92 -37.03
N ARG KB 112 -21.06 -49.01 -35.78
CA ARG KB 112 -21.07 -50.30 -35.11
C ARG KB 112 -22.46 -50.89 -34.99
N LEU KB 113 -23.49 -50.05 -34.84
CA LEU KB 113 -24.85 -50.57 -34.96
C LEU KB 113 -25.13 -51.06 -36.37
N GLU KB 114 -24.48 -50.47 -37.36
CA GLU KB 114 -24.60 -50.97 -38.73
C GLU KB 114 -23.95 -52.33 -38.88
N GLN KB 115 -22.82 -52.55 -38.19
CA GLN KB 115 -22.19 -53.86 -38.24
C GLN KB 115 -22.99 -54.91 -37.50
N SER KB 116 -23.68 -54.52 -36.44
CA SER KB 116 -24.46 -55.47 -35.65
C SER KB 116 -25.85 -55.71 -36.19
N LEU KB 117 -26.38 -54.83 -37.03
CA LEU KB 117 -27.66 -55.07 -37.64
C LEU KB 117 -27.60 -56.15 -38.71
N GLN KB 118 -26.43 -56.41 -39.26
CA GLN KB 118 -26.26 -57.42 -40.30
C GLN KB 118 -26.30 -58.85 -39.78
N THR KB 119 -26.31 -59.07 -38.47
CA THR KB 119 -26.33 -60.42 -37.93
C THR KB 119 -27.74 -60.86 -37.55
N MET KB 120 -28.77 -60.09 -37.92
CA MET KB 120 -30.13 -60.53 -37.66
C MET KB 120 -30.55 -61.59 -38.70
N GLU KB 121 -31.74 -62.13 -38.52
CA GLU KB 121 -32.27 -63.18 -39.39
C GLU KB 121 -32.98 -62.56 -40.59
N GLY KB 122 -32.30 -62.56 -41.74
CA GLY KB 122 -32.88 -62.10 -42.99
C GLY KB 122 -32.26 -60.87 -43.60
N VAL KB 123 -31.56 -60.07 -42.84
CA VAL KB 123 -31.00 -58.80 -43.32
C VAL KB 123 -29.76 -59.02 -44.17
N LEU KB 124 -29.71 -58.35 -45.31
CA LEU KB 124 -28.53 -58.38 -46.16
C LEU KB 124 -27.67 -57.13 -46.02
N SER KB 125 -28.28 -55.95 -45.93
CA SER KB 125 -27.53 -54.72 -45.74
C SER KB 125 -28.36 -53.76 -44.91
N ALA KB 126 -27.67 -52.82 -44.27
CA ALA KB 126 -28.35 -51.84 -43.42
C ALA KB 126 -27.50 -50.59 -43.30
N ARG KB 127 -28.17 -49.47 -42.98
CA ARG KB 127 -27.48 -48.21 -42.76
C ARG KB 127 -28.20 -47.40 -41.69
N VAL KB 128 -27.47 -46.94 -40.68
CA VAL KB 128 -28.04 -46.25 -39.53
C VAL KB 128 -27.46 -44.85 -39.41
N HIS KB 129 -28.32 -43.87 -39.13
CA HIS KB 129 -27.95 -42.48 -38.89
C HIS KB 129 -28.41 -42.05 -37.51
N ILE KB 130 -27.58 -41.23 -36.86
CA ILE KB 130 -27.85 -40.68 -35.54
C ILE KB 130 -27.84 -39.16 -35.66
N SER KB 131 -28.70 -38.52 -34.87
CA SER KB 131 -28.70 -37.08 -34.76
C SER KB 131 -27.50 -36.59 -33.96
N TYR KB 132 -26.86 -35.55 -34.44
CA TYR KB 132 -25.63 -35.02 -33.85
C TYR KB 132 -25.98 -33.82 -32.99
N ASP KB 133 -25.61 -33.90 -31.72
CA ASP KB 133 -25.80 -32.84 -30.74
C ASP KB 133 -24.42 -32.47 -30.20
N ILE KB 134 -24.02 -31.22 -30.39
CA ILE KB 134 -22.68 -30.76 -30.09
C ILE KB 134 -22.66 -29.65 -29.05
N ASP KB 135 -23.56 -28.68 -29.15
CA ASP KB 135 -23.57 -27.52 -28.27
C ASP KB 135 -24.45 -27.76 -27.03
N ALA KB 136 -24.86 -29.00 -26.79
CA ALA KB 136 -25.63 -29.28 -25.57
C ALA KB 136 -24.76 -29.21 -24.33
N GLY KB 137 -23.57 -29.79 -24.37
CA GLY KB 137 -22.67 -29.75 -23.24
C GLY KB 137 -21.86 -28.48 -23.04
N GLU KB 138 -21.87 -27.56 -24.02
CA GLU KB 138 -21.07 -26.36 -23.86
C GLU KB 138 -21.70 -25.32 -22.95
N ASN KB 139 -22.95 -24.95 -23.20
CA ASN KB 139 -23.62 -23.92 -22.42
C ASN KB 139 -24.59 -24.53 -21.43
N GLY KB 140 -25.38 -23.68 -20.79
CA GLY KB 140 -26.24 -24.09 -19.70
C GLY KB 140 -27.58 -24.64 -20.11
N ARG KB 141 -27.70 -25.05 -21.37
CA ARG KB 141 -28.98 -25.64 -21.71
C ARG KB 141 -28.95 -27.13 -21.42
N PRO KB 142 -30.11 -27.71 -21.07
CA PRO KB 142 -30.19 -29.16 -20.98
C PRO KB 142 -30.04 -29.80 -22.35
N PRO KB 143 -29.58 -31.04 -22.41
CA PRO KB 143 -29.40 -31.70 -23.72
C PRO KB 143 -30.73 -32.09 -24.34
N LYS KB 144 -30.74 -32.11 -25.66
CA LYS KB 144 -31.93 -32.37 -26.44
C LYS KB 144 -32.12 -33.88 -26.57
N PRO KB 145 -33.28 -34.31 -27.04
CA PRO KB 145 -33.48 -35.75 -27.22
C PRO KB 145 -32.72 -36.28 -28.43
N VAL KB 146 -32.48 -37.59 -28.42
CA VAL KB 146 -31.72 -38.26 -29.46
C VAL KB 146 -32.66 -38.88 -30.48
N HIS KB 147 -32.34 -38.71 -31.75
CA HIS KB 147 -33.15 -39.23 -32.85
C HIS KB 147 -32.31 -40.17 -33.71
N LEU KB 148 -32.89 -41.32 -34.07
CA LEU KB 148 -32.22 -42.34 -34.86
C LEU KB 148 -33.02 -42.63 -36.12
N SER KB 149 -32.35 -43.14 -37.15
CA SER KB 149 -33.05 -43.57 -38.36
C SER KB 149 -32.26 -44.70 -39.01
N ALA KB 150 -32.96 -45.66 -39.60
CA ALA KB 150 -32.28 -46.83 -40.13
C ALA KB 150 -32.94 -47.33 -41.41
N LEU KB 151 -32.11 -47.87 -42.29
CA LEU KB 151 -32.56 -48.56 -43.49
C LEU KB 151 -32.06 -50.00 -43.47
N ALA KB 152 -32.74 -50.84 -44.25
CA ALA KB 152 -32.40 -52.26 -44.31
C ALA KB 152 -32.92 -52.84 -45.63
N VAL KB 153 -32.26 -53.91 -46.06
CA VAL KB 153 -32.65 -54.65 -47.25
C VAL KB 153 -32.81 -56.12 -46.86
N TYR KB 154 -34.04 -56.62 -46.91
CA TYR KB 154 -34.35 -57.98 -46.50
C TYR KB 154 -34.41 -58.93 -47.68
N GLU KB 155 -34.10 -60.19 -47.41
CA GLU KB 155 -34.30 -61.27 -48.36
C GLU KB 155 -35.79 -61.51 -48.59
N ARG KB 156 -36.18 -61.69 -49.85
CA ARG KB 156 -37.60 -61.78 -50.18
C ARG KB 156 -38.20 -63.09 -49.69
N GLY KB 157 -39.52 -63.07 -49.52
CA GLY KB 157 -40.25 -64.13 -48.86
C GLY KB 157 -40.43 -63.95 -47.38
N SER KB 158 -40.18 -62.76 -46.86
CA SER KB 158 -40.28 -62.51 -45.44
C SER KB 158 -41.48 -61.60 -45.17
N PRO KB 159 -42.16 -61.77 -44.06
CA PRO KB 159 -43.19 -60.80 -43.70
C PRO KB 159 -42.55 -59.57 -43.11
N LEU KB 160 -42.15 -58.68 -44.00
CA LEU KB 160 -41.28 -57.54 -43.68
C LEU KB 160 -42.00 -56.42 -42.97
N ALA KB 161 -43.29 -56.58 -42.66
CA ALA KB 161 -43.99 -55.62 -41.82
C ALA KB 161 -43.93 -56.00 -40.35
N HIS KB 162 -43.73 -57.27 -40.03
CA HIS KB 162 -43.61 -57.68 -38.64
C HIS KB 162 -42.17 -57.65 -38.16
N GLN KB 163 -41.22 -57.34 -39.04
CA GLN KB 163 -39.82 -57.24 -38.69
C GLN KB 163 -39.40 -55.82 -38.40
N ILE KB 164 -40.35 -54.88 -38.37
CA ILE KB 164 -40.04 -53.50 -38.08
C ILE KB 164 -40.11 -53.18 -36.61
N SER KB 165 -40.65 -54.08 -35.80
CA SER KB 165 -40.71 -53.87 -34.36
C SER KB 165 -39.55 -54.52 -33.63
N ASP KB 166 -38.74 -55.31 -34.32
CA ASP KB 166 -37.55 -55.86 -33.71
C ASP KB 166 -36.35 -54.99 -33.94
N ILE KB 167 -36.31 -54.30 -35.08
CA ILE KB 167 -35.28 -53.29 -35.27
C ILE KB 167 -35.52 -52.15 -34.31
N LYS KB 168 -36.79 -51.81 -34.09
CA LYS KB 168 -37.11 -50.71 -33.20
C LYS KB 168 -36.89 -51.11 -31.74
N ARG KB 169 -37.08 -52.40 -31.41
CA ARG KB 169 -36.80 -52.82 -30.04
C ARG KB 169 -35.31 -52.86 -29.78
N PHE KB 170 -34.53 -53.26 -30.78
CA PHE KB 170 -33.09 -53.32 -30.58
C PHE KB 170 -32.51 -51.92 -30.53
N LEU KB 171 -33.07 -50.99 -31.30
CA LEU KB 171 -32.56 -49.64 -31.33
C LEU KB 171 -33.06 -48.80 -30.16
N LYS KB 172 -34.03 -49.28 -29.38
CA LYS KB 172 -34.67 -48.41 -28.41
C LYS KB 172 -33.74 -48.12 -27.23
N ASN KB 173 -33.11 -49.15 -26.68
CA ASN KB 173 -32.27 -48.99 -25.52
C ASN KB 173 -30.80 -49.25 -25.86
N SER KB 174 -30.36 -48.68 -26.98
CA SER KB 174 -28.93 -48.56 -27.24
C SER KB 174 -28.42 -47.16 -26.98
N PHE KB 175 -29.25 -46.29 -26.44
CA PHE KB 175 -28.87 -44.94 -26.08
C PHE KB 175 -29.48 -44.61 -24.73
N ALA KB 176 -29.45 -43.33 -24.36
CA ALA KB 176 -29.88 -42.94 -23.02
C ALA KB 176 -31.40 -43.01 -22.89
N ASP KB 177 -32.11 -42.18 -23.65
CA ASP KB 177 -33.57 -42.16 -23.58
C ASP KB 177 -34.13 -41.65 -24.91
N VAL KB 178 -34.58 -42.58 -25.74
CA VAL KB 178 -35.32 -42.26 -26.94
C VAL KB 178 -36.72 -42.85 -26.80
N ASP KB 179 -37.63 -42.35 -27.62
CA ASP KB 179 -39.00 -42.89 -27.67
C ASP KB 179 -39.20 -43.71 -28.93
N TYR KB 180 -40.37 -44.34 -29.00
CA TYR KB 180 -40.75 -45.04 -30.21
C TYR KB 180 -41.30 -44.12 -31.28
N ASP KB 181 -41.46 -42.84 -31.00
CA ASP KB 181 -41.84 -41.86 -32.00
C ASP KB 181 -40.65 -41.11 -32.58
N ASN KB 182 -39.45 -41.39 -32.08
CA ASN KB 182 -38.23 -40.79 -32.57
C ASN KB 182 -37.34 -41.77 -33.33
N ILE KB 183 -37.82 -42.98 -33.58
CA ILE KB 183 -37.08 -43.98 -34.35
C ILE KB 183 -37.86 -44.28 -35.62
N SER KB 184 -37.19 -44.17 -36.77
CA SER KB 184 -37.81 -44.43 -38.05
C SER KB 184 -37.02 -45.48 -38.81
N VAL KB 185 -37.67 -46.58 -39.15
CA VAL KB 185 -37.09 -47.67 -39.93
C VAL KB 185 -37.77 -47.71 -41.28
N VAL KB 186 -36.99 -47.64 -42.35
CA VAL KB 186 -37.50 -47.75 -43.72
C VAL KB 186 -36.74 -48.87 -44.40
N LEU KB 187 -37.41 -49.97 -44.71
CA LEU KB 187 -36.74 -51.15 -45.23
C LEU KB 187 -37.47 -51.69 -46.45
N SER KB 188 -36.76 -52.52 -47.23
CA SER KB 188 -37.35 -53.03 -48.47
C SER KB 188 -36.72 -54.36 -48.85
N GLU KB 189 -37.37 -55.07 -49.77
CA GLU KB 189 -36.89 -56.34 -50.29
C GLU KB 189 -36.02 -56.14 -51.51
N ARG KB 190 -35.16 -57.12 -51.77
CA ARG KB 190 -34.21 -57.00 -52.87
C ARG KB 190 -34.91 -57.21 -54.21
N SER KB 191 -34.16 -56.91 -55.27
CA SER KB 191 -34.66 -56.98 -56.64
C SER KB 191 -34.70 -58.43 -57.09
N ASP KB 192 -35.15 -58.67 -58.32
CA ASP KB 192 -35.16 -60.02 -58.85
C ASP KB 192 -33.74 -60.48 -59.14
N ALA KB 193 -33.48 -61.76 -58.90
CA ALA KB 193 -32.14 -62.29 -58.98
C ALA KB 193 -31.68 -62.43 -60.43
N GLN KB 194 -30.44 -62.03 -60.69
CA GLN KB 194 -29.80 -62.15 -61.99
C GLN KB 194 -28.81 -63.31 -62.02
N LEU KB 195 -29.12 -64.36 -62.78
CA LEU KB 195 -28.31 -65.56 -62.82
C LEU KB 195 -27.82 -65.92 -64.21
N GLN KB 196 -28.54 -65.60 -65.27
CA GLN KB 196 -28.09 -65.99 -66.59
C GLN KB 196 -27.07 -65.02 -67.15
N ALA KB 197 -26.25 -65.52 -68.07
CA ALA KB 197 -25.22 -64.73 -68.72
C ALA KB 197 -25.81 -63.75 -69.72
N PRO KB 198 -25.14 -62.60 -69.94
CA PRO KB 198 -25.65 -61.61 -70.89
C PRO KB 198 -25.71 -62.08 -72.34
N GLY KB 199 -24.58 -62.53 -72.88
CA GLY KB 199 -24.58 -62.96 -74.27
C GLY KB 199 -23.74 -62.08 -75.18
N THR KB 200 -22.88 -62.71 -75.96
CA THR KB 200 -21.95 -62.02 -76.82
C THR KB 200 -22.69 -61.43 -78.03
N PRO KB 201 -22.33 -60.23 -78.49
CA PRO KB 201 -22.99 -59.69 -79.70
C PRO KB 201 -22.56 -60.37 -80.97
N VAL KB 202 -23.50 -61.06 -81.61
CA VAL KB 202 -23.27 -61.69 -82.90
C VAL KB 202 -23.46 -60.67 -84.02
N LYS KB 203 -22.66 -60.81 -85.06
CA LYS KB 203 -22.69 -59.92 -86.21
C LYS KB 203 -22.51 -60.70 -87.51
N ASP LB 20 -10.57 -69.82 -66.73
CA ASP LB 20 -10.87 -69.42 -65.37
C ASP LB 20 -10.72 -67.90 -65.22
N LYS LB 21 -11.79 -67.22 -64.80
CA LYS LB 21 -11.77 -65.78 -64.59
C LYS LB 21 -11.68 -65.40 -63.12
N ASP LB 22 -10.63 -64.67 -62.77
CA ASP LB 22 -10.44 -64.20 -61.41
C ASP LB 22 -11.37 -63.01 -61.15
N LEU LB 23 -11.80 -62.86 -59.91
CA LEU LB 23 -12.67 -61.73 -59.61
C LEU LB 23 -12.23 -60.91 -58.41
N LEU LB 24 -11.55 -61.54 -57.46
CA LEU LB 24 -10.99 -60.83 -56.32
C LEU LB 24 -9.58 -61.31 -56.03
N LYS LB 25 -8.74 -60.39 -55.60
CA LYS LB 25 -7.38 -60.73 -55.18
C LYS LB 25 -6.92 -59.67 -54.19
N GLY LB 26 -5.89 -60.03 -53.44
CA GLY LB 26 -5.41 -59.17 -52.39
C GLY LB 26 -6.24 -59.20 -51.13
N LEU LB 27 -7.05 -60.23 -50.94
CA LEU LB 27 -7.87 -60.38 -49.74
C LEU LB 27 -7.01 -60.93 -48.61
N ASP LB 28 -7.61 -61.12 -47.44
CA ASP LB 28 -6.87 -61.80 -46.40
C ASP LB 28 -7.58 -63.11 -46.03
N GLN LB 29 -7.07 -63.72 -44.95
CA GLN LB 29 -7.47 -65.06 -44.58
C GLN LB 29 -8.87 -65.08 -44.02
N GLU LB 30 -9.22 -64.08 -43.22
CA GLU LB 30 -10.53 -64.07 -42.60
C GLU LB 30 -11.60 -63.59 -43.57
N GLN LB 31 -11.21 -62.83 -44.59
CA GLN LB 31 -12.21 -62.38 -45.55
C GLN LB 31 -12.48 -63.45 -46.60
N ALA LB 32 -11.45 -64.24 -46.94
CA ALA LB 32 -11.62 -65.22 -48.01
C ALA LB 32 -12.48 -66.38 -47.56
N ASN LB 33 -12.46 -66.69 -46.26
CA ASN LB 33 -13.28 -67.79 -45.76
C ASN LB 33 -14.72 -67.38 -45.58
N GLU LB 34 -15.04 -66.11 -45.75
CA GLU LB 34 -16.41 -65.63 -45.74
C GLU LB 34 -16.95 -65.45 -47.15
N VAL LB 35 -16.10 -65.03 -48.08
CA VAL LB 35 -16.56 -64.96 -49.47
C VAL LB 35 -16.79 -66.36 -50.01
N ILE LB 36 -15.97 -67.33 -49.60
CA ILE LB 36 -16.20 -68.69 -50.06
C ILE LB 36 -17.45 -69.26 -49.42
N ALA LB 37 -17.69 -68.95 -48.15
CA ALA LB 37 -18.86 -69.46 -47.46
C ALA LB 37 -20.14 -68.82 -47.98
N VAL LB 38 -20.04 -67.62 -48.54
CA VAL LB 38 -21.24 -67.01 -49.09
C VAL LB 38 -21.54 -67.63 -50.45
N LEU LB 39 -20.50 -67.84 -51.28
CA LEU LB 39 -20.74 -68.37 -52.62
C LEU LB 39 -21.19 -69.83 -52.57
N GLN LB 40 -20.68 -70.60 -51.61
CA GLN LB 40 -21.09 -72.00 -51.52
C GLN LB 40 -22.54 -72.17 -51.09
N MET LB 41 -23.15 -71.13 -50.51
CA MET LB 41 -24.58 -71.22 -50.21
C MET LB 41 -25.44 -71.12 -51.46
N HIS LB 42 -24.91 -70.57 -52.55
CA HIS LB 42 -25.71 -70.37 -53.74
C HIS LB 42 -25.24 -71.23 -54.90
N ASN LB 43 -24.77 -72.44 -54.58
CA ASN LB 43 -24.49 -73.51 -55.55
C ASN LB 43 -23.43 -73.13 -56.57
N ILE LB 44 -22.45 -72.31 -56.18
CA ILE LB 44 -21.29 -72.05 -57.02
C ILE LB 44 -20.03 -72.27 -56.21
N GLU LB 45 -19.00 -72.80 -56.86
CA GLU LB 45 -17.77 -73.21 -56.21
C GLU LB 45 -16.64 -72.26 -56.57
N ALA LB 46 -15.80 -71.98 -55.60
CA ALA LB 46 -14.67 -71.09 -55.78
C ALA LB 46 -13.38 -71.82 -55.46
N ASN LB 47 -12.26 -71.18 -55.80
CA ASN LB 47 -10.95 -71.75 -55.58
C ASN LB 47 -10.10 -70.68 -54.92
N LYS LB 48 -9.55 -71.03 -53.76
CA LYS LB 48 -8.67 -70.15 -52.99
C LYS LB 48 -7.23 -70.35 -53.43
N ILE LB 49 -6.55 -69.27 -53.76
CA ILE LB 49 -5.18 -69.34 -54.28
C ILE LB 49 -4.30 -68.41 -53.45
N ASP LB 50 -3.29 -68.96 -52.80
CA ASP LB 50 -2.33 -68.19 -52.00
C ASP LB 50 -1.23 -67.65 -52.90
N SER LB 51 -1.13 -66.33 -53.03
CA SER LB 51 -0.06 -65.72 -53.79
C SER LB 51 1.10 -65.26 -52.91
N GLY LB 52 1.23 -65.84 -51.72
CA GLY LB 52 2.36 -65.55 -50.85
C GLY LB 52 2.29 -64.24 -50.11
N LYS LB 53 3.10 -63.26 -50.50
CA LYS LB 53 3.16 -62.02 -49.73
C LYS LB 53 2.02 -61.08 -50.08
N LEU LB 54 1.52 -61.14 -51.31
CA LEU LB 54 0.49 -60.20 -51.72
C LEU LB 54 -0.85 -60.53 -51.08
N GLY LB 55 -1.14 -61.81 -50.89
CA GLY LB 55 -2.39 -62.18 -50.27
C GLY LB 55 -3.10 -63.27 -51.06
N TYR LB 56 -4.29 -63.59 -50.59
CA TYR LB 56 -5.06 -64.63 -51.23
C TYR LB 56 -5.77 -64.08 -52.46
N SER LB 57 -6.42 -64.98 -53.18
CA SER LB 57 -7.17 -64.64 -54.38
C SER LB 57 -8.25 -65.69 -54.52
N ILE LB 58 -9.30 -65.35 -55.27
CA ILE LB 58 -10.48 -66.19 -55.40
C ILE LB 58 -10.88 -66.27 -56.86
N THR LB 59 -11.01 -67.49 -57.38
CA THR LB 59 -11.37 -67.68 -58.78
C THR LB 59 -12.59 -68.57 -58.88
N VAL LB 60 -13.50 -68.21 -59.79
CA VAL LB 60 -14.70 -68.99 -60.05
C VAL LB 60 -14.68 -69.41 -61.52
N ALA LB 61 -15.63 -70.26 -61.91
CA ALA LB 61 -15.71 -70.68 -63.29
C ALA LB 61 -16.38 -69.60 -64.15
N GLU LB 62 -16.33 -69.83 -65.46
CA GLU LB 62 -16.85 -68.87 -66.41
C GLU LB 62 -18.38 -68.88 -66.53
N PRO LB 63 -19.09 -70.03 -66.50
CA PRO LB 63 -20.54 -69.92 -66.36
C PRO LB 63 -21.00 -69.42 -65.01
N ASP LB 64 -20.22 -69.59 -63.94
CA ASP LB 64 -20.60 -69.07 -62.65
C ASP LB 64 -20.06 -67.68 -62.37
N PHE LB 65 -19.58 -66.98 -63.39
CA PHE LB 65 -19.02 -65.68 -63.11
C PHE LB 65 -20.08 -64.59 -63.09
N THR LB 66 -21.06 -64.69 -63.98
CA THR LB 66 -22.12 -63.68 -64.02
C THR LB 66 -22.97 -63.78 -62.76
N ALA LB 67 -23.16 -64.99 -62.26
CA ALA LB 67 -23.96 -65.14 -61.05
C ALA LB 67 -23.13 -64.77 -59.83
N ALA LB 68 -21.80 -64.94 -59.88
CA ALA LB 68 -21.03 -64.65 -58.69
C ALA LB 68 -20.85 -63.14 -58.47
N VAL LB 69 -20.84 -62.36 -59.55
CA VAL LB 69 -20.74 -60.91 -59.35
C VAL LB 69 -22.02 -60.34 -58.76
N TYR LB 70 -23.17 -60.98 -59.01
CA TYR LB 70 -24.41 -60.48 -58.45
C TYR LB 70 -24.48 -60.69 -56.94
N TRP LB 71 -23.88 -61.76 -56.44
CA TRP LB 71 -23.88 -61.92 -54.99
C TRP LB 71 -22.73 -61.19 -54.34
N ILE LB 72 -21.69 -60.83 -55.10
CA ILE LB 72 -20.69 -59.93 -54.55
C ILE LB 72 -21.30 -58.54 -54.35
N LYS LB 73 -22.11 -58.11 -55.31
CA LYS LB 73 -22.75 -56.81 -55.21
C LYS LB 73 -23.80 -56.81 -54.11
N THR LB 74 -24.48 -57.95 -53.93
CA THR LB 74 -25.56 -57.98 -52.96
C THR LB 74 -24.98 -58.02 -51.55
N TYR LB 75 -24.05 -58.93 -51.28
CA TYR LB 75 -23.58 -59.04 -49.91
C TYR LB 75 -22.47 -58.07 -49.56
N GLN LB 76 -22.09 -57.14 -50.46
CA GLN LB 76 -21.04 -56.13 -50.21
C GLN LB 76 -19.70 -56.75 -49.81
N LEU LB 77 -19.36 -57.85 -50.42
CA LEU LB 77 -18.10 -58.49 -50.11
C LEU LB 77 -16.95 -57.78 -50.82
N PRO LB 78 -15.75 -57.75 -50.22
CA PRO LB 78 -15.28 -58.32 -48.95
C PRO LB 78 -15.70 -57.56 -47.70
N PRO LB 79 -15.80 -58.27 -46.57
CA PRO LB 79 -16.32 -57.63 -45.35
C PRO LB 79 -15.27 -56.71 -44.73
N ARG LB 80 -15.71 -55.56 -44.28
CA ARG LB 80 -14.85 -54.66 -43.54
C ARG LB 80 -14.54 -55.27 -42.16
N PRO LB 81 -13.41 -54.89 -41.55
CA PRO LB 81 -13.15 -55.35 -40.19
C PRO LB 81 -14.10 -54.71 -39.20
N ARG LB 82 -14.47 -55.48 -38.18
CA ARG LB 82 -15.47 -55.04 -37.22
C ARG LB 82 -14.88 -53.97 -36.32
N VAL LB 83 -15.57 -52.87 -36.21
CA VAL LB 83 -15.02 -51.70 -35.55
C VAL LB 83 -15.41 -51.71 -34.09
N GLU LB 84 -14.44 -51.40 -33.24
CA GLU LB 84 -14.68 -51.19 -31.82
C GLU LB 84 -14.35 -49.75 -31.48
N ILE LB 85 -14.90 -49.30 -30.36
CA ILE LB 85 -14.76 -47.91 -29.96
C ILE LB 85 -13.36 -47.62 -29.44
N ALA LB 86 -12.62 -48.65 -29.04
CA ALA LB 86 -11.27 -48.42 -28.57
C ALA LB 86 -10.27 -48.32 -29.70
N GLN LB 87 -10.70 -48.26 -30.96
CA GLN LB 87 -9.76 -48.02 -32.04
C GLN LB 87 -9.66 -46.54 -32.36
N MET LB 88 -10.74 -45.79 -32.16
CA MET LB 88 -10.71 -44.36 -32.40
C MET LB 88 -9.98 -43.61 -31.29
N PHE LB 89 -9.78 -44.21 -30.14
CA PHE LB 89 -9.06 -43.61 -29.03
C PHE LB 89 -7.97 -44.57 -28.60
N PRO LB 90 -6.83 -44.58 -29.28
CA PRO LB 90 -5.79 -45.56 -28.97
C PRO LB 90 -5.10 -45.23 -27.67
N ALA LB 91 -4.57 -46.28 -27.04
CA ALA LB 91 -3.94 -46.12 -25.73
C ALA LB 91 -2.57 -45.46 -25.80
N ASP LB 92 -1.94 -45.45 -26.97
CA ASP LB 92 -0.60 -44.89 -27.13
C ASP LB 92 -0.62 -43.47 -27.66
N SER LB 93 -1.62 -42.69 -27.31
CA SER LB 93 -1.69 -41.29 -27.68
C SER LB 93 -1.08 -40.42 -26.59
N LEU LB 94 -0.91 -39.14 -26.92
CA LEU LB 94 -0.34 -38.21 -25.97
C LEU LB 94 -1.38 -37.74 -24.95
N VAL LB 95 -2.46 -37.17 -25.42
CA VAL LB 95 -3.52 -36.72 -24.52
C VAL LB 95 -4.42 -37.90 -24.17
N SER LB 96 -4.90 -37.92 -22.93
CA SER LB 96 -5.88 -38.92 -22.51
C SER LB 96 -6.92 -38.18 -21.67
N SER LB 97 -7.95 -37.68 -22.34
CA SER LB 97 -9.03 -36.95 -21.69
C SER LB 97 -9.93 -37.94 -20.93
N PRO LB 98 -10.68 -37.46 -19.93
CA PRO LB 98 -11.64 -38.36 -19.26
C PRO LB 98 -12.75 -38.86 -20.15
N ARG LB 99 -13.10 -38.12 -21.20
CA ARG LB 99 -14.05 -38.66 -22.15
C ARG LB 99 -13.43 -39.76 -22.98
N ALA LB 100 -12.13 -39.66 -23.21
CA ALA LB 100 -11.40 -40.69 -23.93
C ALA LB 100 -10.89 -41.76 -23.01
N GLU LB 101 -11.21 -41.69 -21.73
CA GLU LB 101 -10.91 -42.75 -20.78
C GLU LB 101 -12.15 -43.54 -20.44
N LYS LB 102 -13.28 -42.87 -20.29
CA LYS LB 102 -14.52 -43.61 -20.12
C LYS LB 102 -14.99 -44.23 -21.43
N ALA LB 103 -14.58 -43.68 -22.56
CA ALA LB 103 -14.91 -44.33 -23.82
C ALA LB 103 -14.01 -45.53 -24.08
N ARG LB 104 -12.88 -45.62 -23.43
CA ARG LB 104 -12.06 -46.80 -23.58
C ARG LB 104 -12.38 -47.85 -22.53
N LEU LB 105 -12.94 -47.43 -21.40
CA LEU LB 105 -13.38 -48.41 -20.41
C LEU LB 105 -14.66 -49.10 -20.86
N TYR LB 106 -15.62 -48.32 -21.35
CA TYR LB 106 -16.89 -48.91 -21.77
C TYR LB 106 -16.75 -49.78 -22.99
N SER LB 107 -15.69 -49.65 -23.77
CA SER LB 107 -15.54 -50.51 -24.94
C SER LB 107 -14.98 -51.86 -24.54
N ALA LB 108 -14.14 -51.89 -23.52
CA ALA LB 108 -13.63 -53.18 -23.08
C ALA LB 108 -14.64 -53.92 -22.23
N ILE LB 109 -15.65 -53.21 -21.73
CA ILE LB 109 -16.66 -53.93 -20.96
C ILE LB 109 -17.58 -54.68 -21.94
N GLU LB 110 -17.99 -54.03 -23.03
CA GLU LB 110 -18.81 -54.73 -24.00
C GLU LB 110 -18.02 -55.71 -24.85
N GLN LB 111 -16.69 -55.63 -24.86
CA GLN LB 111 -15.96 -56.74 -25.48
C GLN LB 111 -15.77 -57.92 -24.54
N ARG LB 112 -15.88 -57.70 -23.24
CA ARG LB 112 -15.73 -58.82 -22.32
C ARG LB 112 -17.04 -59.53 -22.02
N LEU LB 113 -18.15 -58.78 -21.98
CA LEU LB 113 -19.45 -59.41 -21.80
C LEU LB 113 -19.87 -60.30 -22.97
N GLU LB 114 -19.41 -60.01 -24.19
CA GLU LB 114 -19.76 -60.88 -25.30
C GLU LB 114 -18.99 -62.19 -25.23
N GLN LB 115 -17.73 -62.13 -24.84
CA GLN LB 115 -16.96 -63.36 -24.73
C GLN LB 115 -17.39 -64.18 -23.53
N SER LB 116 -18.01 -63.55 -22.52
CA SER LB 116 -18.54 -64.37 -21.46
C SER LB 116 -19.90 -64.93 -21.84
N LEU LB 117 -20.60 -64.29 -22.79
CA LEU LB 117 -21.86 -64.80 -23.29
C LEU LB 117 -21.68 -65.97 -24.23
N GLN LB 118 -20.51 -66.09 -24.87
CA GLN LB 118 -20.31 -67.21 -25.78
C GLN LB 118 -20.06 -68.54 -25.07
N THR LB 119 -19.86 -68.56 -23.77
CA THR LB 119 -19.62 -69.80 -23.05
C THR LB 119 -20.87 -70.39 -22.41
N MET LB 120 -22.07 -69.93 -22.78
CA MET LB 120 -23.26 -70.58 -22.26
C MET LB 120 -23.61 -71.82 -23.07
N GLU LB 121 -24.71 -72.46 -22.67
CA GLU LB 121 -25.15 -73.71 -23.26
C GLU LB 121 -26.06 -73.44 -24.46
N GLY LB 122 -25.49 -73.56 -25.66
CA GLY LB 122 -26.25 -73.45 -26.88
C GLY LB 122 -26.14 -72.13 -27.59
N VAL LB 123 -25.19 -71.29 -27.23
CA VAL LB 123 -25.01 -69.98 -27.84
C VAL LB 123 -23.85 -70.06 -28.81
N LEU LB 124 -24.04 -69.57 -30.03
CA LEU LB 124 -22.95 -69.59 -30.99
C LEU LB 124 -22.27 -68.25 -31.12
N SER LB 125 -23.04 -67.17 -31.16
CA SER LB 125 -22.50 -65.82 -31.25
C SER LB 125 -23.44 -64.87 -30.52
N ALA LB 126 -22.90 -63.71 -30.15
CA ALA LB 126 -23.67 -62.71 -29.45
C ALA LB 126 -23.00 -61.36 -29.67
N ARG LB 127 -23.77 -60.28 -29.55
CA ARG LB 127 -23.22 -58.93 -29.63
C ARG LB 127 -23.94 -58.02 -28.66
N VAL LB 128 -23.18 -57.28 -27.84
CA VAL LB 128 -23.73 -56.44 -26.78
C VAL LB 128 -23.37 -54.98 -27.01
N HIS LB 129 -24.32 -54.09 -26.75
CA HIS LB 129 -24.16 -52.64 -26.89
C HIS LB 129 -24.56 -51.93 -25.61
N ILE LB 130 -23.62 -51.19 -25.01
CA ILE LB 130 -23.82 -50.37 -23.83
C ILE LB 130 -24.08 -48.93 -24.26
N SER LB 131 -24.97 -48.23 -23.55
CA SER LB 131 -25.28 -46.84 -23.84
C SER LB 131 -24.16 -45.94 -23.32
N TYR LB 132 -23.43 -45.31 -24.24
CA TYR LB 132 -22.31 -44.43 -23.88
C TYR LB 132 -22.80 -43.07 -23.39
N ASP LB 133 -22.26 -42.63 -22.25
CA ASP LB 133 -22.52 -41.31 -21.68
C ASP LB 133 -21.26 -40.47 -21.63
N ILE LB 134 -21.39 -39.20 -21.97
CA ILE LB 134 -20.25 -38.34 -22.28
C ILE LB 134 -20.12 -37.12 -21.35
N ASP LB 135 -21.13 -36.25 -21.30
CA ASP LB 135 -21.12 -35.04 -20.48
C ASP LB 135 -21.75 -35.19 -19.10
N ALA LB 136 -22.05 -36.40 -18.64
CA ALA LB 136 -22.72 -36.56 -17.35
C ALA LB 136 -21.79 -36.27 -16.19
N GLY LB 137 -20.48 -36.33 -16.40
CA GLY LB 137 -19.55 -36.11 -15.31
C GLY LB 137 -19.19 -34.64 -15.28
N GLU LB 138 -19.01 -34.02 -16.45
CA GLU LB 138 -18.52 -32.65 -16.48
C GLU LB 138 -19.58 -31.62 -16.12
N ASN LB 139 -20.88 -31.91 -16.30
CA ASN LB 139 -21.87 -30.98 -15.79
C ASN LB 139 -22.12 -31.22 -14.31
N GLY LB 140 -22.94 -30.37 -13.71
CA GLY LB 140 -23.36 -30.57 -12.34
C GLY LB 140 -24.35 -31.72 -12.18
N ARG LB 141 -25.01 -32.11 -13.27
CA ARG LB 141 -26.04 -33.14 -13.21
C ARG LB 141 -25.48 -34.54 -12.96
N PRO LB 142 -26.20 -35.36 -12.19
CA PRO LB 142 -25.80 -36.75 -11.98
C PRO LB 142 -26.03 -37.55 -13.25
N PRO LB 143 -25.32 -38.66 -13.43
CA PRO LB 143 -25.52 -39.46 -14.64
C PRO LB 143 -26.85 -40.18 -14.68
N LYS LB 144 -27.32 -40.42 -15.90
CA LYS LB 144 -28.62 -41.03 -16.14
C LYS LB 144 -28.50 -42.54 -15.94
N PRO LB 145 -29.58 -43.29 -16.13
CA PRO LB 145 -29.46 -44.74 -16.03
C PRO LB 145 -28.74 -45.33 -17.23
N VAL LB 146 -28.40 -46.61 -17.12
CA VAL LB 146 -27.65 -47.33 -18.13
C VAL LB 146 -28.59 -48.22 -18.94
N HIS LB 147 -28.45 -48.18 -20.26
CA HIS LB 147 -29.25 -49.02 -21.14
C HIS LB 147 -28.34 -50.00 -21.87
N LEU LB 148 -28.82 -51.23 -22.00
CA LEU LB 148 -28.06 -52.31 -22.60
C LEU LB 148 -28.89 -52.93 -23.72
N SER LB 149 -28.22 -53.58 -24.66
CA SER LB 149 -28.94 -54.27 -25.71
C SER LB 149 -28.10 -55.42 -26.22
N ALA LB 150 -28.75 -56.53 -26.56
CA ALA LB 150 -27.97 -57.70 -26.92
C ALA LB 150 -28.66 -58.53 -28.00
N LEU LB 151 -27.85 -59.02 -28.93
CA LEU LB 151 -28.28 -60.00 -29.91
C LEU LB 151 -27.59 -61.32 -29.61
N ALA LB 152 -28.21 -62.40 -30.06
CA ALA LB 152 -27.68 -63.75 -29.85
C ALA LB 152 -28.21 -64.68 -30.93
N VAL LB 153 -27.44 -65.71 -31.24
CA VAL LB 153 -27.84 -66.74 -32.18
C VAL LB 153 -27.74 -68.11 -31.51
N TYR LB 154 -28.88 -68.77 -31.37
CA TYR LB 154 -28.94 -70.03 -30.67
C TYR LB 154 -28.91 -71.20 -31.64
N GLU LB 155 -28.52 -72.35 -31.10
CA GLU LB 155 -28.57 -73.58 -31.87
C GLU LB 155 -30.00 -74.07 -31.96
N ARG LB 156 -30.39 -74.59 -33.12
CA ARG LB 156 -31.77 -74.96 -33.30
C ARG LB 156 -32.10 -76.22 -32.51
N GLY LB 157 -33.39 -76.37 -32.24
CA GLY LB 157 -33.84 -77.41 -31.32
C GLY LB 157 -33.98 -76.94 -29.90
N SER LB 158 -33.54 -75.73 -29.58
CA SER LB 158 -33.62 -75.23 -28.22
C SER LB 158 -34.87 -74.38 -28.05
N PRO LB 159 -35.53 -74.48 -26.89
CA PRO LB 159 -36.73 -73.66 -26.67
C PRO LB 159 -36.39 -72.22 -26.40
N LEU LB 160 -36.22 -71.46 -27.49
CA LEU LB 160 -35.61 -70.13 -27.45
C LEU LB 160 -36.49 -69.09 -26.76
N ALA LB 161 -37.74 -69.43 -26.42
CA ALA LB 161 -38.56 -68.50 -25.67
C ALA LB 161 -38.16 -68.45 -24.21
N HIS LB 162 -37.50 -69.50 -23.71
CA HIS LB 162 -37.18 -69.56 -22.30
C HIS LB 162 -35.80 -69.04 -21.96
N GLN LB 163 -34.88 -68.97 -22.92
CA GLN LB 163 -33.58 -68.39 -22.60
C GLN LB 163 -33.57 -66.87 -22.69
N ILE LB 164 -34.72 -66.23 -22.90
CA ILE LB 164 -34.74 -64.78 -22.90
C ILE LB 164 -34.86 -64.21 -21.50
N SER LB 165 -35.13 -65.04 -20.51
CA SER LB 165 -35.19 -64.62 -19.12
C SER LB 165 -33.94 -65.01 -18.35
N ASP LB 166 -32.93 -65.54 -19.03
CA ASP LB 166 -31.64 -65.78 -18.41
C ASP LB 166 -30.59 -64.77 -18.81
N ILE LB 167 -30.66 -64.25 -20.04
CA ILE LB 167 -29.80 -63.16 -20.42
C ILE LB 167 -30.21 -61.89 -19.70
N LYS LB 168 -31.52 -61.74 -19.46
CA LYS LB 168 -32.02 -60.58 -18.75
C LYS LB 168 -31.67 -60.65 -17.27
N ARG LB 169 -31.42 -61.84 -16.73
CA ARG LB 169 -31.00 -61.97 -15.35
C ARG LB 169 -29.50 -61.84 -15.19
N PHE LB 170 -28.73 -62.31 -16.18
CA PHE LB 170 -27.29 -62.20 -16.10
C PHE LB 170 -26.84 -60.77 -16.34
N LEU LB 171 -27.53 -60.06 -17.22
CA LEU LB 171 -27.14 -58.69 -17.54
C LEU LB 171 -27.64 -57.66 -16.54
N LYS LB 172 -28.53 -58.04 -15.62
CA LYS LB 172 -29.19 -57.04 -14.78
C LYS LB 172 -28.26 -56.49 -13.73
N ASN LB 173 -27.67 -57.34 -12.91
CA ASN LB 173 -26.77 -56.86 -11.85
C ASN LB 173 -25.33 -57.03 -12.24
N SER LB 174 -25.00 -56.77 -13.50
CA SER LB 174 -23.63 -56.58 -13.96
C SER LB 174 -23.27 -55.12 -14.15
N PHE LB 175 -24.13 -54.20 -13.73
CA PHE LB 175 -23.88 -52.77 -13.85
C PHE LB 175 -24.40 -52.08 -12.60
N ALA LB 176 -24.45 -50.75 -12.65
CA ALA LB 176 -24.78 -49.98 -11.46
C ALA LB 176 -26.25 -50.13 -11.10
N ASP LB 177 -27.14 -49.65 -11.96
CA ASP LB 177 -28.57 -49.84 -11.73
C ASP LB 177 -29.32 -49.84 -13.05
N VAL LB 178 -29.75 -51.01 -13.48
CA VAL LB 178 -30.65 -51.11 -14.63
C VAL LB 178 -31.91 -51.82 -14.19
N ASP LB 179 -32.98 -51.60 -14.92
CA ASP LB 179 -34.25 -52.28 -14.72
C ASP LB 179 -34.43 -53.29 -15.85
N TYR LB 180 -35.42 -54.17 -15.67
CA TYR LB 180 -35.69 -55.13 -16.72
C TYR LB 180 -36.36 -54.52 -17.94
N ASP LB 181 -36.95 -53.33 -17.84
CA ASP LB 181 -37.50 -52.72 -19.04
C ASP LB 181 -36.44 -52.01 -19.88
N ASN LB 182 -35.22 -51.85 -19.37
CA ASN LB 182 -34.18 -51.15 -20.10
C ASN LB 182 -33.18 -52.09 -20.73
N ILE LB 183 -33.44 -53.39 -20.67
CA ILE LB 183 -32.62 -54.39 -21.35
C ILE LB 183 -33.51 -55.03 -22.41
N SER LB 184 -32.99 -55.15 -23.61
CA SER LB 184 -33.72 -55.72 -24.73
C SER LB 184 -32.85 -56.80 -25.34
N VAL LB 185 -33.38 -58.01 -25.41
CA VAL LB 185 -32.68 -59.14 -25.98
C VAL LB 185 -33.44 -59.53 -27.23
N VAL LB 186 -32.74 -59.57 -28.37
CA VAL LB 186 -33.34 -59.98 -29.62
C VAL LB 186 -32.46 -61.10 -30.16
N LEU LB 187 -32.96 -62.33 -30.10
CA LEU LB 187 -32.18 -63.50 -30.45
C LEU LB 187 -32.89 -64.33 -31.50
N SER LB 188 -32.12 -65.20 -32.15
CA SER LB 188 -32.67 -65.95 -33.27
C SER LB 188 -31.88 -67.24 -33.50
N GLU LB 189 -32.59 -68.25 -33.96
CA GLU LB 189 -31.97 -69.52 -34.27
C GLU LB 189 -31.11 -69.43 -35.52
N ARG LB 190 -30.16 -70.35 -35.65
CA ARG LB 190 -29.25 -70.31 -36.77
C ARG LB 190 -29.92 -70.85 -38.02
N SER LB 191 -29.25 -70.67 -39.15
CA SER LB 191 -29.80 -71.06 -40.43
C SER LB 191 -29.65 -72.57 -40.62
N ASP LB 192 -30.12 -73.05 -41.77
CA ASP LB 192 -30.05 -74.46 -42.08
C ASP LB 192 -28.62 -74.84 -42.45
N ALA LB 193 -28.26 -76.08 -42.13
CA ALA LB 193 -26.90 -76.55 -42.31
C ALA LB 193 -26.60 -76.85 -43.77
N GLN LB 194 -25.40 -76.46 -44.20
CA GLN LB 194 -24.91 -76.71 -45.55
C GLN LB 194 -23.81 -77.77 -45.46
N LEU LB 195 -24.12 -78.97 -45.93
CA LEU LB 195 -23.23 -80.11 -45.76
C LEU LB 195 -22.77 -80.74 -47.06
N GLN LB 196 -23.43 -80.46 -48.17
CA GLN LB 196 -23.12 -81.11 -49.43
C GLN LB 196 -22.27 -80.21 -50.34
N ALA LB 197 -21.61 -80.84 -51.30
CA ALA LB 197 -20.73 -80.12 -52.21
C ALA LB 197 -21.57 -79.33 -53.22
N PRO LB 198 -21.03 -78.21 -53.73
CA PRO LB 198 -21.77 -77.45 -54.75
C PRO LB 198 -21.99 -78.19 -56.06
N GLY LB 199 -20.91 -78.63 -56.70
CA GLY LB 199 -21.09 -79.33 -57.98
C GLY LB 199 -20.39 -78.61 -59.12
N THR LB 200 -19.64 -79.39 -59.90
CA THR LB 200 -18.86 -78.85 -61.00
C THR LB 200 -19.74 -78.54 -62.22
N PRO LB 201 -19.50 -77.41 -62.88
CA PRO LB 201 -20.31 -77.08 -64.06
C PRO LB 201 -19.96 -77.92 -65.28
N VAL LB 202 -20.83 -78.84 -65.64
CA VAL LB 202 -20.61 -79.62 -66.85
C VAL LB 202 -21.17 -78.81 -68.02
N LYS LB 203 -20.68 -79.08 -69.22
CA LYS LB 203 -21.17 -78.41 -70.42
C LYS LB 203 -21.41 -79.37 -71.57
N ASN MB 3 -17.24 37.06 15.81
CA ASN MB 3 -16.37 36.37 16.74
C ASN MB 3 -16.21 34.90 16.39
N ASP MB 4 -17.31 34.17 16.45
CA ASP MB 4 -17.24 32.72 16.27
C ASP MB 4 -16.93 32.31 14.84
N ILE MB 5 -17.13 33.19 13.87
CA ILE MB 5 -16.74 32.87 12.50
C ILE MB 5 -15.22 32.84 12.34
N SER MB 6 -14.47 33.46 13.24
CA SER MB 6 -13.02 33.34 13.22
C SER MB 6 -12.56 31.94 13.62
N LEU MB 7 -13.40 31.21 14.35
CA LEU MB 7 -13.03 29.89 14.83
C LEU MB 7 -13.08 28.88 13.70
N ILE MB 8 -13.96 29.08 12.72
CA ILE MB 8 -14.04 28.15 11.60
C ILE MB 8 -12.78 28.25 10.74
N ALA MB 9 -12.34 29.46 10.44
CA ALA MB 9 -11.12 29.64 9.65
C ALA MB 9 -9.87 29.21 10.41
N LEU MB 10 -9.83 29.51 11.71
CA LEU MB 10 -8.67 29.11 12.52
C LEU MB 10 -8.70 27.65 12.92
N LEU MB 11 -9.77 26.93 12.58
CA LEU MB 11 -9.78 25.48 12.67
C LEU MB 11 -9.55 24.81 11.34
N ALA MB 12 -10.03 25.42 10.25
CA ALA MB 12 -9.86 24.85 8.92
C ALA MB 12 -8.42 24.94 8.46
N PHE MB 13 -7.65 25.91 9.00
CA PHE MB 13 -6.23 25.95 8.69
C PHE MB 13 -5.52 24.70 9.18
N SER MB 14 -5.96 24.14 10.30
CA SER MB 14 -5.29 22.94 10.81
C SER MB 14 -5.67 21.72 10.01
N THR MB 15 -6.88 21.67 9.45
CA THR MB 15 -7.24 20.52 8.65
C THR MB 15 -6.57 20.60 7.28
N LEU MB 16 -6.40 21.80 6.74
CA LEU MB 16 -5.81 21.93 5.42
C LEU MB 16 -4.30 22.10 5.43
N LEU MB 17 -3.70 22.22 6.61
CA LEU MB 17 -2.24 22.30 6.73
C LEU MB 17 -1.44 21.16 6.08
N PRO MB 18 -1.85 19.87 6.10
CA PRO MB 18 -1.03 18.85 5.44
C PRO MB 18 -0.93 18.97 3.93
N PHE MB 19 -1.71 19.82 3.29
CA PHE MB 19 -1.62 19.97 1.85
C PHE MB 19 -1.01 21.30 1.47
N ILE MB 20 -1.07 22.30 2.36
CA ILE MB 20 -0.27 23.49 2.16
C ILE MB 20 1.20 23.14 2.31
N ILE MB 21 1.53 22.19 3.20
CA ILE MB 21 2.91 21.71 3.25
C ILE MB 21 3.21 20.87 2.02
N ALA MB 22 2.22 20.17 1.49
CA ALA MB 22 2.45 19.30 0.34
C ALA MB 22 2.60 20.06 -0.98
N SER MB 23 2.08 21.27 -1.08
CA SER MB 23 2.09 21.96 -2.37
C SER MB 23 2.55 23.41 -2.34
N GLY MB 24 2.51 24.09 -1.20
CA GLY MB 24 2.75 25.51 -1.18
C GLY MB 24 4.14 25.95 -0.76
N THR MB 25 4.89 25.07 -0.11
CA THR MB 25 6.16 25.45 0.50
C THR MB 25 7.32 24.75 -0.19
N CYS MB 26 8.51 24.93 0.38
CA CYS MB 26 9.76 24.34 -0.12
C CYS MB 26 9.97 22.89 0.29
N PHE MB 27 8.95 22.25 0.87
CA PHE MB 27 9.00 20.81 1.07
C PHE MB 27 9.02 20.04 -0.24
N VAL MB 28 8.48 20.63 -1.31
CA VAL MB 28 8.49 19.96 -2.61
C VAL MB 28 9.91 19.84 -3.12
N LYS MB 29 10.68 20.92 -3.07
CA LYS MB 29 12.06 20.89 -3.55
C LYS MB 29 12.91 20.02 -2.64
N PHE MB 30 12.66 20.09 -1.33
CA PHE MB 30 13.51 19.35 -0.41
C PHE MB 30 13.29 17.85 -0.50
N SER MB 31 12.05 17.41 -0.71
CA SER MB 31 11.75 15.98 -0.68
C SER MB 31 12.26 15.25 -1.90
N ILE MB 32 12.38 15.93 -3.03
CA ILE MB 32 12.65 15.25 -4.30
C ILE MB 32 14.14 14.94 -4.47
N VAL MB 33 15.01 15.89 -4.16
CA VAL MB 33 16.41 15.72 -4.50
C VAL MB 33 17.11 14.72 -3.58
N PHE MB 34 16.55 14.48 -2.40
CA PHE MB 34 17.13 13.49 -1.49
C PHE MB 34 16.94 12.09 -2.05
N VAL MB 35 15.70 11.75 -2.40
CA VAL MB 35 15.43 10.41 -2.88
C VAL MB 35 15.99 10.27 -4.29
N MET MB 36 16.16 11.38 -5.02
CA MET MB 36 16.76 11.29 -6.34
C MET MB 36 18.23 10.92 -6.24
N VAL MB 37 18.97 11.55 -5.31
CA VAL MB 37 20.36 11.12 -5.17
C VAL MB 37 20.49 9.80 -4.43
N ARG MB 38 19.45 9.34 -3.71
CA ARG MB 38 19.50 7.96 -3.25
C ARG MB 38 19.33 6.98 -4.41
N ASN MB 39 18.46 7.32 -5.36
CA ASN MB 39 18.32 6.52 -6.56
C ASN MB 39 19.57 6.61 -7.42
N ALA MB 40 20.37 7.67 -7.23
CA ALA MB 40 21.65 7.74 -7.92
C ALA MB 40 22.59 6.66 -7.42
N LEU MB 41 22.48 6.30 -6.15
CA LEU MB 41 23.38 5.33 -5.58
C LEU MB 41 22.86 3.91 -5.76
N GLY MB 42 21.55 3.75 -5.99
CA GLY MB 42 21.03 2.45 -6.34
C GLY MB 42 20.54 1.57 -5.21
N LEU MB 43 20.56 2.06 -3.98
CA LEU MB 43 20.13 1.30 -2.81
C LEU MB 43 18.85 1.95 -2.28
N GLN MB 44 17.72 1.31 -2.53
CA GLN MB 44 16.46 2.04 -2.39
C GLN MB 44 15.96 2.15 -0.96
N GLN MB 45 16.55 1.45 0.00
CA GLN MB 45 16.04 1.48 1.36
C GLN MB 45 17.07 1.96 2.37
N ILE MB 46 18.17 2.56 1.90
CA ILE MB 46 19.10 3.27 2.75
C ILE MB 46 19.35 4.61 2.06
N PRO MB 47 19.08 5.75 2.72
CA PRO MB 47 18.77 5.88 4.14
C PRO MB 47 17.30 5.84 4.55
N SER MB 48 16.49 4.90 4.03
CA SER MB 48 15.24 4.48 4.64
C SER MB 48 14.23 5.62 4.78
N ASN MB 49 13.56 5.98 3.68
CA ASN MB 49 12.92 7.25 3.36
C ASN MB 49 12.18 8.00 4.47
N MET MB 50 11.78 7.31 5.54
CA MET MB 50 11.28 7.99 6.73
C MET MB 50 12.31 8.95 7.33
N THR MB 51 13.60 8.66 7.17
CA THR MB 51 14.61 9.65 7.56
C THR MB 51 14.64 10.84 6.62
N LEU MB 52 14.48 10.61 5.32
CA LEU MB 52 14.54 11.72 4.36
C LEU MB 52 13.34 12.63 4.52
N ASN MB 53 12.18 12.06 4.83
CA ASN MB 53 11.02 12.87 5.17
C ASN MB 53 11.07 13.40 6.59
N GLY MB 54 11.98 12.90 7.43
CA GLY MB 54 12.07 13.43 8.77
C GLY MB 54 12.94 14.67 8.76
N VAL MB 55 14.01 14.62 7.99
CA VAL MB 55 14.92 15.77 7.91
C VAL MB 55 14.34 16.88 7.04
N ALA MB 56 13.78 16.53 5.87
CA ALA MB 56 13.29 17.57 4.98
C ALA MB 56 12.02 18.25 5.50
N LEU MB 57 11.31 17.62 6.43
CA LEU MB 57 10.21 18.31 7.09
C LEU MB 57 10.72 19.36 8.07
N LEU MB 58 11.78 19.03 8.82
CA LEU MB 58 12.31 20.00 9.78
C LEU MB 58 12.94 21.18 9.06
N LEU MB 59 13.61 20.91 7.94
CA LEU MB 59 14.21 21.99 7.18
C LEU MB 59 13.14 22.85 6.51
N SER MB 60 12.09 22.23 5.94
CA SER MB 60 11.02 23.06 5.41
C SER MB 60 10.18 23.71 6.50
N MET MB 61 10.29 23.25 7.75
CA MET MB 61 9.66 23.96 8.85
C MET MB 61 10.41 25.24 9.14
N PHE MB 62 11.74 25.21 8.95
CA PHE MB 62 12.54 26.37 9.34
C PHE MB 62 12.33 27.55 8.41
N VAL MB 63 11.88 27.33 7.18
CA VAL MB 63 11.63 28.44 6.27
C VAL MB 63 10.26 29.05 6.54
N MET MB 64 9.25 28.19 6.71
CA MET MB 64 7.88 28.63 6.93
C MET MB 64 7.65 29.22 8.31
N TRP MB 65 8.52 28.94 9.26
CA TRP MB 65 8.27 29.33 10.65
C TRP MB 65 8.27 30.83 10.95
N PRO MB 66 9.19 31.66 10.40
CA PRO MB 66 9.02 33.11 10.60
C PRO MB 66 7.81 33.68 9.91
N ILE MB 67 7.40 33.13 8.78
CA ILE MB 67 6.21 33.61 8.10
C ILE MB 67 4.96 33.31 8.92
N MET MB 68 4.94 32.14 9.57
CA MET MB 68 3.84 31.79 10.45
C MET MB 68 3.82 32.67 11.69
N HIS MB 69 5.00 33.01 12.22
CA HIS MB 69 4.96 33.88 13.40
C HIS MB 69 4.59 35.31 13.00
N ASP MB 70 4.97 35.72 11.78
CA ASP MB 70 4.66 37.05 11.28
C ASP MB 70 3.20 37.21 10.95
N ALA MB 71 2.49 36.11 10.73
CA ALA MB 71 1.09 36.25 10.38
C ALA MB 71 0.29 36.61 11.62
N TYR MB 72 0.56 35.96 12.73
CA TYR MB 72 -0.27 36.13 13.91
C TYR MB 72 0.27 37.20 14.85
N VAL MB 73 1.52 37.66 14.65
CA VAL MB 73 1.91 38.94 15.23
C VAL MB 73 1.05 40.07 14.67
N TYR MB 74 0.83 40.07 13.35
CA TYR MB 74 0.02 41.12 12.76
C TYR MB 74 -1.46 40.91 13.10
N PHE MB 75 -1.93 39.66 13.06
CA PHE MB 75 -3.34 39.40 13.31
C PHE MB 75 -3.71 39.52 14.77
N GLU MB 76 -2.73 39.58 15.68
CA GLU MB 76 -3.04 39.79 17.09
C GLU MB 76 -3.67 41.15 17.35
N ASP MB 77 -3.34 42.16 16.54
CA ASP MB 77 -3.98 43.46 16.65
C ASP MB 77 -5.47 43.36 16.32
N GLU MB 78 -6.32 43.59 17.33
CA GLU MB 78 -7.76 43.44 17.22
C GLU MB 78 -8.46 44.71 16.76
N ASP MB 79 -7.72 45.63 16.14
CA ASP MB 79 -8.24 46.90 15.64
C ASP MB 79 -8.78 46.76 14.21
N VAL MB 80 -9.26 45.57 13.85
CA VAL MB 80 -9.69 45.24 12.49
C VAL MB 80 -11.11 45.73 12.18
N THR MB 81 -11.96 45.88 13.21
CA THR MB 81 -13.35 46.25 12.96
C THR MB 81 -13.46 47.72 12.57
N PHE MB 82 -14.23 47.99 11.52
CA PHE MB 82 -14.39 49.34 11.02
C PHE MB 82 -15.81 49.48 10.49
N ASN MB 83 -16.06 50.51 9.70
CA ASN MB 83 -17.40 50.79 9.19
C ASN MB 83 -17.67 50.16 7.83
N ASP MB 84 -16.69 50.15 6.94
CA ASP MB 84 -16.87 49.64 5.60
C ASP MB 84 -16.54 48.15 5.54
N ILE MB 85 -17.27 47.43 4.69
CA ILE MB 85 -17.09 46.00 4.59
C ILE MB 85 -15.80 45.67 3.85
N SER MB 86 -15.38 46.53 2.91
CA SER MB 86 -14.13 46.28 2.22
C SER MB 86 -12.92 46.82 2.98
N SER MB 87 -13.12 47.78 3.88
CA SER MB 87 -12.01 48.31 4.68
C SER MB 87 -11.48 47.27 5.66
N LEU MB 88 -12.34 46.42 6.18
CA LEU MB 88 -11.87 45.27 6.93
C LEU MB 88 -11.32 44.19 6.00
N SER MB 89 -11.76 44.17 4.74
CA SER MB 89 -11.28 43.17 3.80
C SER MB 89 -9.85 43.44 3.34
N LYS MB 90 -9.44 44.70 3.21
CA LYS MB 90 -8.07 44.99 2.81
C LYS MB 90 -7.08 44.66 3.92
N HIS MB 91 -7.54 44.72 5.17
CA HIS MB 91 -6.67 44.46 6.30
C HIS MB 91 -6.30 42.99 6.36
N VAL MB 92 -7.23 42.10 5.99
CA VAL MB 92 -6.90 40.69 6.00
C VAL MB 92 -5.95 40.36 4.85
N ASP MB 93 -6.01 41.13 3.76
CA ASP MB 93 -5.03 40.96 2.69
C ASP MB 93 -3.65 41.40 3.13
N GLU MB 94 -3.58 42.38 4.04
CA GLU MB 94 -2.28 42.82 4.50
C GLU MB 94 -1.63 41.76 5.38
N GLY MB 95 -2.45 40.92 6.03
CA GLY MB 95 -1.90 39.82 6.77
C GLY MB 95 -1.32 38.74 5.87
N LEU MB 96 -1.85 38.62 4.65
CA LEU MB 96 -1.41 37.56 3.75
C LEU MB 96 -0.31 38.01 2.80
N ASP MB 97 0.03 39.30 2.76
CA ASP MB 97 1.13 39.69 1.90
C ASP MB 97 2.49 39.26 2.46
N GLY MB 98 2.55 38.98 3.77
CA GLY MB 98 3.77 38.41 4.32
C GLY MB 98 4.06 37.01 3.80
N TYR MB 99 3.01 36.21 3.58
CA TYR MB 99 3.22 34.90 2.97
C TYR MB 99 3.34 35.01 1.46
N ARG MB 100 2.63 35.96 0.87
CA ARG MB 100 2.60 36.13 -0.57
C ARG MB 100 3.94 36.60 -1.10
N ASP MB 101 4.67 37.39 -0.31
CA ASP MB 101 5.98 37.87 -0.75
C ASP MB 101 7.00 36.75 -0.82
N TYR MB 102 6.83 35.70 -0.02
CA TYR MB 102 7.62 34.50 -0.24
C TYR MB 102 7.26 33.83 -1.56
N LEU MB 103 5.99 33.87 -1.92
CA LEU MB 103 5.48 33.06 -3.01
C LEU MB 103 5.63 33.76 -4.35
N ILE MB 104 5.66 35.09 -4.34
CA ILE MB 104 5.86 35.87 -5.56
C ILE MB 104 7.32 35.88 -5.95
N LYS MB 105 8.22 35.55 -5.01
CA LYS MB 105 9.65 35.66 -5.27
C LYS MB 105 10.12 34.52 -6.18
N TYR MB 106 9.61 33.31 -5.99
CA TYR MB 106 10.18 32.17 -6.68
C TYR MB 106 9.45 31.81 -7.96
N SER MB 107 8.15 32.09 -8.07
CA SER MB 107 7.37 31.78 -9.25
C SER MB 107 7.65 32.74 -10.42
N ASP MB 108 7.43 32.26 -11.64
CA ASP MB 108 7.70 33.02 -12.85
C ASP MB 108 6.53 33.95 -13.17
N ARG MB 109 6.72 34.79 -14.18
CA ARG MB 109 5.72 35.75 -14.62
C ARG MB 109 4.91 35.24 -15.80
N GLU MB 110 4.76 33.95 -15.94
CA GLU MB 110 4.08 33.44 -17.12
C GLU MB 110 2.81 32.70 -16.77
N LEU MB 111 2.80 31.99 -15.66
CA LEU MB 111 1.58 31.33 -15.28
C LEU MB 111 0.74 32.20 -14.38
N VAL MB 112 1.31 33.24 -13.75
CA VAL MB 112 0.57 33.96 -12.73
C VAL MB 112 -0.50 34.88 -13.34
N GLN MB 113 -0.21 35.53 -14.47
CA GLN MB 113 -1.25 36.26 -15.18
C GLN MB 113 -2.04 35.33 -16.10
N PHE MB 114 -1.52 34.14 -16.38
CA PHE MB 114 -2.27 33.18 -17.17
C PHE MB 114 -3.37 32.59 -16.32
N PHE MB 115 -3.16 32.54 -15.01
CA PHE MB 115 -4.16 32.03 -14.10
C PHE MB 115 -4.90 33.16 -13.39
N GLU MB 116 -4.98 34.33 -14.02
CA GLU MB 116 -5.78 35.42 -13.47
C GLU MB 116 -6.75 35.96 -14.51
N ASN MB 117 -6.39 35.86 -15.78
CA ASN MB 117 -7.33 36.23 -16.82
C ASN MB 117 -8.34 35.13 -17.11
N ALA MB 118 -7.93 33.87 -16.97
CA ALA MB 118 -8.83 32.75 -17.22
C ALA MB 118 -9.69 32.45 -16.00
N PRO MB 141 -1.75 40.90 -6.82
CA PRO MB 141 -2.12 39.68 -7.54
C PRO MB 141 -2.93 38.73 -6.70
N SER MB 142 -3.62 37.78 -7.33
CA SER MB 142 -4.40 36.80 -6.60
C SER MB 142 -3.47 35.77 -5.96
N ILE MB 143 -3.96 35.15 -4.89
CA ILE MB 143 -3.18 34.12 -4.21
C ILE MB 143 -3.28 32.79 -4.96
N PHE MB 144 -4.49 32.42 -5.35
CA PHE MB 144 -4.80 31.12 -5.93
C PHE MB 144 -4.19 30.90 -7.31
N ALA MB 145 -3.67 31.94 -7.95
CA ALA MB 145 -2.96 31.79 -9.21
C ALA MB 145 -1.52 31.35 -9.04
N LEU MB 146 -1.00 31.38 -7.82
CA LEU MB 146 0.45 31.30 -7.60
C LEU MB 146 0.94 29.92 -7.17
N LEU MB 147 0.12 29.16 -6.43
CA LEU MB 147 0.55 27.85 -5.94
C LEU MB 147 0.86 26.80 -7.02
N PRO MB 148 0.04 26.56 -8.06
CA PRO MB 148 0.49 25.61 -9.09
C PRO MB 148 1.63 26.10 -9.94
N ALA MB 149 1.79 27.42 -10.09
CA ALA MB 149 2.99 27.93 -10.73
C ALA MB 149 4.19 27.74 -9.85
N TYR MB 150 3.95 27.71 -8.54
CA TYR MB 150 5.06 27.59 -7.60
C TYR MB 150 5.56 26.17 -7.63
N ALA MB 151 4.66 25.20 -7.45
CA ALA MB 151 5.11 23.82 -7.36
C ALA MB 151 5.62 23.32 -8.71
N LEU MB 152 5.11 23.89 -9.82
CA LEU MB 152 5.64 23.49 -11.12
C LEU MB 152 7.02 24.07 -11.34
N SER MB 153 7.27 25.26 -10.78
CA SER MB 153 8.60 25.84 -10.93
C SER MB 153 9.58 25.12 -10.03
N GLU MB 154 9.13 24.69 -8.85
CA GLU MB 154 10.05 24.05 -7.92
C GLU MB 154 10.43 22.66 -8.41
N ILE MB 155 9.52 21.97 -9.09
CA ILE MB 155 9.86 20.69 -9.70
C ILE MB 155 10.89 20.87 -10.82
N LYS MB 156 10.67 21.91 -11.65
CA LYS MB 156 11.64 22.25 -12.68
C LYS MB 156 12.98 22.71 -12.09
N SER MB 157 12.96 23.35 -10.92
CA SER MB 157 14.20 23.66 -10.22
C SER MB 157 14.82 22.44 -9.56
N ALA MB 158 14.05 21.39 -9.32
CA ALA MB 158 14.59 20.22 -8.66
C ALA MB 158 15.32 19.33 -9.65
N PHE MB 159 14.92 19.39 -10.91
CA PHE MB 159 15.49 18.43 -11.85
C PHE MB 159 16.90 18.85 -12.26
N LYS MB 160 17.13 20.14 -12.48
CA LYS MB 160 18.44 20.57 -12.95
C LYS MB 160 19.50 20.50 -11.86
N ILE MB 161 19.11 20.53 -10.59
CA ILE MB 161 20.09 20.29 -9.53
C ILE MB 161 20.32 18.79 -9.35
N GLY MB 162 19.29 17.96 -9.59
CA GLY MB 162 19.53 16.53 -9.53
C GLY MB 162 20.37 16.03 -10.67
N PHE MB 163 20.37 16.72 -11.80
CA PHE MB 163 21.15 16.27 -12.95
C PHE MB 163 22.63 16.55 -12.74
N TYR MB 164 22.93 17.71 -12.14
CA TYR MB 164 24.33 18.03 -11.89
C TYR MB 164 24.87 17.18 -10.76
N LEU MB 165 24.01 16.75 -9.85
CA LEU MB 165 24.49 15.75 -8.89
C LEU MB 165 24.56 14.36 -9.51
N TYR MB 166 23.85 14.13 -10.62
CA TYR MB 166 23.84 12.82 -11.25
C TYR MB 166 25.09 12.48 -12.04
N LEU MB 167 25.65 13.46 -12.76
CA LEU MB 167 26.81 13.17 -13.63
C LEU MB 167 28.07 12.59 -12.96
N PRO MB 168 28.49 12.99 -11.74
CA PRO MB 168 29.63 12.30 -11.13
C PRO MB 168 29.31 10.92 -10.62
N PHE MB 169 28.08 10.44 -10.76
CA PHE MB 169 27.79 9.06 -10.49
C PHE MB 169 27.61 8.28 -11.79
N VAL MB 170 27.61 8.98 -12.92
CA VAL MB 170 27.57 8.35 -14.24
C VAL MB 170 28.93 8.55 -14.91
N VAL MB 171 29.97 8.79 -14.10
CA VAL MB 171 31.32 8.70 -14.64
C VAL MB 171 32.12 7.65 -13.85
N VAL MB 172 31.72 7.42 -12.60
CA VAL MB 172 32.47 6.49 -11.76
C VAL MB 172 32.07 5.05 -12.05
N ASP MB 173 30.83 4.80 -12.46
CA ASP MB 173 30.52 3.45 -12.91
C ASP MB 173 31.07 3.22 -14.31
N LEU MB 174 31.24 4.30 -15.07
CA LEU MB 174 31.69 4.18 -16.45
C LEU MB 174 33.16 3.81 -16.48
N VAL MB 175 33.91 4.19 -15.45
CA VAL MB 175 35.34 3.87 -15.51
C VAL MB 175 35.56 2.45 -14.99
N VAL MB 176 34.78 2.00 -13.98
CA VAL MB 176 35.00 0.69 -13.41
C VAL MB 176 34.49 -0.39 -14.36
N SER MB 177 33.48 -0.07 -15.18
CA SER MB 177 33.11 -1.07 -16.16
C SER MB 177 34.01 -1.03 -17.38
N SER MB 178 34.84 0.02 -17.51
CA SER MB 178 35.83 0.07 -18.56
C SER MB 178 37.05 -0.76 -18.21
N VAL MB 179 37.46 -0.73 -16.94
CA VAL MB 179 38.62 -1.53 -16.53
C VAL MB 179 38.36 -3.04 -16.62
N LEU MB 180 37.11 -3.47 -16.46
CA LEU MB 180 36.78 -4.87 -16.72
C LEU MB 180 36.91 -5.22 -18.20
N LEU MB 181 36.65 -4.28 -19.10
CA LEU MB 181 36.94 -4.53 -20.50
C LEU MB 181 38.40 -4.36 -20.84
N ALA MB 182 39.15 -3.64 -20.00
CA ALA MB 182 40.59 -3.56 -20.17
C ALA MB 182 41.25 -4.89 -19.82
N LEU MB 183 40.73 -5.55 -18.81
CA LEU MB 183 41.16 -6.92 -18.52
C LEU MB 183 40.26 -7.88 -19.28
N GLY MB 184 40.37 -9.17 -19.01
CA GLY MB 184 39.46 -10.13 -19.60
C GLY MB 184 38.29 -10.40 -18.69
N MET MB 185 37.58 -9.36 -18.27
CA MET MB 185 36.55 -9.47 -17.26
C MET MB 185 35.19 -9.02 -17.77
N MET MB 186 34.84 -9.43 -18.98
CA MET MB 186 33.63 -8.94 -19.61
C MET MB 186 32.36 -9.55 -19.02
N MET MB 187 32.42 -10.79 -18.55
CA MET MB 187 31.21 -11.57 -18.30
C MET MB 187 30.66 -11.42 -16.89
N MET MB 188 31.26 -10.60 -16.05
CA MET MB 188 30.76 -10.42 -14.69
C MET MB 188 29.84 -9.21 -14.60
N SER MB 189 28.97 -9.24 -13.61
CA SER MB 189 28.06 -8.13 -13.41
C SER MB 189 28.82 -6.94 -12.82
N PRO MB 190 28.64 -5.74 -13.37
CA PRO MB 190 29.38 -4.58 -12.86
C PRO MB 190 28.66 -3.79 -11.78
N VAL MB 191 27.36 -4.01 -11.58
CA VAL MB 191 26.66 -3.24 -10.57
C VAL MB 191 26.96 -3.76 -9.16
N THR MB 192 27.31 -5.05 -9.03
CA THR MB 192 27.68 -5.61 -7.73
C THR MB 192 29.07 -5.17 -7.30
N ILE MB 193 29.83 -4.54 -8.18
CA ILE MB 193 31.14 -4.02 -7.87
C ILE MB 193 31.10 -2.51 -7.75
N SER MB 194 30.37 -1.86 -8.65
CA SER MB 194 30.37 -0.41 -8.69
C SER MB 194 29.58 0.20 -7.54
N THR MB 195 28.54 -0.49 -7.03
CA THR MB 195 27.74 0.15 -5.98
C THR MB 195 28.42 0.39 -4.63
N PRO MB 196 29.28 -0.51 -4.10
CA PRO MB 196 30.07 -0.11 -2.92
C PRO MB 196 31.10 0.96 -3.20
N ILE MB 197 31.63 1.01 -4.43
CA ILE MB 197 32.62 2.03 -4.74
C ILE MB 197 31.93 3.37 -4.83
N LYS MB 198 30.72 3.41 -5.40
CA LYS MB 198 29.99 4.66 -5.48
C LYS MB 198 29.56 5.14 -4.10
N LEU MB 199 29.30 4.21 -3.18
CA LEU MB 199 28.83 4.65 -1.86
C LEU MB 199 29.98 5.12 -0.97
N VAL MB 200 31.14 4.46 -1.05
CA VAL MB 200 32.22 4.72 -0.11
C VAL MB 200 32.84 6.08 -0.36
N LEU MB 201 33.19 6.39 -1.61
CA LEU MB 201 33.81 7.68 -1.87
C LEU MB 201 32.80 8.81 -1.75
N PHE MB 202 31.51 8.50 -1.83
CA PHE MB 202 30.51 9.54 -1.62
C PHE MB 202 30.42 9.89 -0.15
N VAL MB 203 30.54 8.90 0.74
CA VAL MB 203 30.44 9.27 2.14
C VAL MB 203 31.80 9.78 2.59
N ALA MB 204 32.87 9.42 1.87
CA ALA MB 204 34.21 9.91 2.18
C ALA MB 204 34.39 11.35 1.74
N LEU MB 205 33.59 11.84 0.81
CA LEU MB 205 33.63 13.27 0.54
C LEU MB 205 32.67 14.05 1.44
N ASP MB 206 31.99 13.35 2.34
CA ASP MB 206 30.97 13.89 3.26
C ASP MB 206 29.87 14.65 2.50
N GLY MB 207 29.37 14.02 1.44
CA GLY MB 207 28.43 14.69 0.53
C GLY MB 207 27.03 14.90 1.07
N TRP MB 208 26.61 14.08 2.04
CA TRP MB 208 25.25 14.21 2.57
C TRP MB 208 25.08 15.44 3.43
N THR MB 209 26.17 15.92 4.04
CA THR MB 209 26.08 17.19 4.72
C THR MB 209 26.36 18.34 3.77
N LEU MB 210 26.83 18.04 2.56
CA LEU MB 210 27.12 19.09 1.60
C LEU MB 210 25.86 19.50 0.85
N LEU MB 211 25.14 18.52 0.28
CA LEU MB 211 24.00 18.92 -0.55
C LEU MB 211 22.79 19.38 0.27
N SER MB 212 22.74 19.02 1.55
CA SER MB 212 21.67 19.56 2.40
C SER MB 212 21.89 21.03 2.66
N LYS MB 213 23.09 21.39 3.13
CA LYS MB 213 23.35 22.78 3.45
C LYS MB 213 23.51 23.61 2.20
N GLY MB 214 23.82 23.00 1.06
CA GLY MB 214 23.85 23.74 -0.19
C GLY MB 214 22.48 24.09 -0.68
N LEU MB 215 21.44 23.46 -0.13
CA LEU MB 215 20.06 23.75 -0.46
C LEU MB 215 19.44 24.72 0.51
N ILE MB 216 19.82 24.63 1.80
CA ILE MB 216 19.15 25.49 2.78
C ILE MB 216 19.66 26.93 2.69
N LEU MB 217 20.86 27.14 2.15
CA LEU MB 217 21.36 28.49 1.91
C LEU MB 217 20.59 29.20 0.81
N GLN MB 218 19.94 28.45 -0.08
CA GLN MB 218 19.21 29.08 -1.15
C GLN MB 218 17.99 29.79 -0.62
N TYR MB 219 17.29 29.15 0.31
CA TYR MB 219 16.04 29.69 0.79
C TYR MB 219 16.26 30.70 1.91
N MET MB 220 17.12 30.37 2.87
CA MET MB 220 17.32 31.22 4.03
C MET MB 220 18.78 31.55 4.26
N ASP MB 221 18.99 32.51 5.15
CA ASP MB 221 20.32 32.73 5.73
C ASP MB 221 20.48 31.73 6.87
N ILE MB 222 20.97 30.55 6.50
CA ILE MB 222 21.14 29.49 7.47
C ILE MB 222 22.26 29.84 8.43
N ALA MB 223 22.18 29.28 9.64
CA ALA MB 223 23.11 29.53 10.75
C ALA MB 223 23.30 31.01 11.06
N ASN NB 3 -39.39 25.93 -0.13
CA ASN NB 3 -38.23 26.55 0.48
C ASN NB 3 -37.28 25.50 1.05
N ASP NB 4 -37.82 24.58 1.85
CA ASP NB 4 -37.01 23.58 2.51
C ASP NB 4 -36.55 22.47 1.57
N ILE NB 5 -37.10 22.39 0.36
CA ILE NB 5 -36.55 21.47 -0.63
C ILE NB 5 -35.28 22.02 -1.26
N SER NB 6 -35.12 23.34 -1.29
CA SER NB 6 -33.89 23.92 -1.81
C SER NB 6 -32.71 23.68 -0.88
N LEU NB 7 -32.96 23.59 0.42
CA LEU NB 7 -31.83 23.43 1.32
C LEU NB 7 -31.37 21.97 1.36
N ILE NB 8 -32.30 21.04 1.26
CA ILE NB 8 -31.90 19.63 1.23
C ILE NB 8 -31.25 19.33 -0.11
N ALA NB 9 -31.63 20.05 -1.18
CA ALA NB 9 -30.98 19.82 -2.46
C ALA NB 9 -29.57 20.39 -2.50
N LEU NB 10 -29.35 21.54 -1.85
CA LEU NB 10 -27.99 22.08 -1.82
C LEU NB 10 -27.13 21.26 -0.87
N LEU NB 11 -27.70 20.77 0.22
CA LEU NB 11 -26.92 19.95 1.13
C LEU NB 11 -26.58 18.61 0.50
N ALA NB 12 -27.47 18.10 -0.36
CA ALA NB 12 -27.13 16.88 -1.07
C ALA NB 12 -26.04 17.14 -2.09
N PHE NB 13 -25.99 18.35 -2.65
CA PHE NB 13 -24.89 18.63 -3.57
C PHE NB 13 -23.58 18.77 -2.82
N SER NB 14 -23.61 19.28 -1.59
CA SER NB 14 -22.36 19.38 -0.84
C SER NB 14 -21.88 18.02 -0.39
N THR NB 15 -22.80 17.08 -0.19
CA THR NB 15 -22.34 15.75 0.19
C THR NB 15 -21.78 15.02 -1.02
N LEU NB 16 -22.46 15.12 -2.18
CA LEU NB 16 -22.02 14.42 -3.37
C LEU NB 16 -20.85 15.08 -4.10
N LEU NB 17 -20.45 16.27 -3.66
CA LEU NB 17 -19.42 17.03 -4.38
C LEU NB 17 -18.07 16.34 -4.61
N PRO NB 18 -17.52 15.51 -3.69
CA PRO NB 18 -16.29 14.80 -4.06
C PRO NB 18 -16.48 13.79 -5.17
N PHE NB 19 -17.63 13.15 -5.29
CA PHE NB 19 -17.74 12.15 -6.33
C PHE NB 19 -18.00 12.79 -7.68
N ILE NB 20 -18.65 13.96 -7.69
CA ILE NB 20 -18.87 14.67 -8.93
C ILE NB 20 -17.57 15.24 -9.45
N ILE NB 21 -16.76 15.84 -8.57
CA ILE NB 21 -15.46 16.31 -9.05
C ILE NB 21 -14.50 15.15 -9.32
N ALA NB 22 -14.70 14.01 -8.67
CA ALA NB 22 -13.90 12.82 -8.98
C ALA NB 22 -14.25 12.20 -10.32
N SER NB 23 -15.49 12.30 -10.78
CA SER NB 23 -15.86 11.57 -11.99
C SER NB 23 -16.34 12.46 -13.12
N GLY NB 24 -17.24 13.39 -12.83
CA GLY NB 24 -18.00 14.10 -13.83
C GLY NB 24 -17.26 15.20 -14.55
N THR NB 25 -16.38 15.92 -13.87
CA THR NB 25 -15.74 17.06 -14.50
C THR NB 25 -14.47 16.62 -15.20
N CYS NB 26 -13.65 17.58 -15.61
CA CYS NB 26 -12.43 17.29 -16.35
C CYS NB 26 -11.23 16.95 -15.48
N PHE NB 27 -11.43 16.67 -14.20
CA PHE NB 27 -10.31 16.35 -13.30
C PHE NB 27 -9.61 15.05 -13.70
N VAL NB 28 -10.38 14.11 -14.27
CA VAL NB 28 -9.81 12.83 -14.69
C VAL NB 28 -8.85 13.00 -15.86
N LYS NB 29 -9.01 14.04 -16.67
CA LYS NB 29 -8.02 14.28 -17.72
C LYS NB 29 -6.71 14.78 -17.13
N PHE NB 30 -6.79 15.45 -15.99
CA PHE NB 30 -5.59 15.99 -15.39
C PHE NB 30 -4.82 14.92 -14.63
N SER NB 31 -5.46 14.35 -13.61
CA SER NB 31 -4.75 13.49 -12.66
C SER NB 31 -4.28 12.17 -13.27
N ILE NB 32 -4.86 11.75 -14.39
CA ILE NB 32 -4.35 10.57 -15.07
C ILE NB 32 -3.04 10.90 -15.78
N VAL NB 33 -3.01 12.00 -16.53
CA VAL NB 33 -1.86 12.25 -17.38
C VAL NB 33 -0.73 12.84 -16.58
N PHE NB 34 -0.99 13.33 -15.36
CA PHE NB 34 0.10 13.77 -14.53
C PHE NB 34 0.94 12.57 -14.08
N VAL NB 35 0.30 11.52 -13.57
CA VAL NB 35 1.05 10.35 -13.13
C VAL NB 35 1.51 9.51 -14.32
N MET NB 36 0.96 9.80 -15.51
CA MET NB 36 1.48 9.16 -16.70
C MET NB 36 2.90 9.62 -17.01
N VAL NB 37 3.23 10.88 -16.70
CA VAL NB 37 4.59 11.35 -16.94
C VAL NB 37 5.55 10.72 -15.94
N ARG NB 38 5.11 10.51 -14.70
CA ARG NB 38 5.98 9.92 -13.69
C ARG NB 38 6.31 8.48 -14.04
N ASN NB 39 5.30 7.75 -14.53
CA ASN NB 39 5.61 6.40 -14.99
C ASN NB 39 6.33 6.42 -16.32
N ALA NB 40 6.25 7.51 -17.08
CA ALA NB 40 7.04 7.58 -18.29
C ALA NB 40 8.51 7.78 -17.95
N LEU NB 41 8.79 8.53 -16.89
CA LEU NB 41 10.18 8.74 -16.49
C LEU NB 41 10.73 7.53 -15.76
N GLY NB 42 9.88 6.67 -15.23
CA GLY NB 42 10.36 5.54 -14.47
C GLY NB 42 10.47 5.73 -12.97
N LEU NB 43 10.25 6.94 -12.47
CA LEU NB 43 10.25 7.14 -11.04
C LEU NB 43 8.98 6.58 -10.44
N GLN NB 44 9.07 6.06 -9.22
CA GLN NB 44 7.92 5.42 -8.58
C GLN NB 44 7.24 6.31 -7.54
N GLN NB 45 7.99 7.02 -6.71
CA GLN NB 45 7.40 7.79 -5.63
C GLN NB 45 7.81 9.26 -5.68
N ILE NB 46 8.23 9.73 -6.86
CA ILE NB 46 8.76 11.07 -7.02
C ILE NB 46 8.01 11.69 -8.19
N PRO NB 47 7.26 12.77 -7.99
CA PRO NB 47 7.17 13.63 -6.83
C PRO NB 47 6.00 13.34 -5.88
N SER NB 48 5.79 12.08 -5.47
CA SER NB 48 4.92 11.74 -4.34
C SER NB 48 3.47 12.19 -4.53
N ASN NB 49 2.71 11.46 -5.33
CA ASN NB 49 1.46 11.84 -5.99
C ASN NB 49 0.39 12.54 -5.17
N MET NB 50 0.52 12.55 -3.85
CA MET NB 50 -0.31 13.42 -3.01
C MET NB 50 -0.17 14.90 -3.39
N THR NB 51 1.04 15.35 -3.70
CA THR NB 51 1.23 16.71 -4.19
C THR NB 51 0.70 16.89 -5.61
N LEU NB 52 0.94 15.90 -6.46
CA LEU NB 52 0.53 15.98 -7.85
C LEU NB 52 -0.99 15.95 -8.00
N ASN NB 53 -1.71 15.33 -7.05
CA ASN NB 53 -3.15 15.49 -7.06
C ASN NB 53 -3.57 16.89 -6.68
N GLY NB 54 -2.73 17.58 -5.89
CA GLY NB 54 -3.04 18.95 -5.52
C GLY NB 54 -2.94 19.86 -6.73
N VAL NB 55 -1.83 19.73 -7.46
CA VAL NB 55 -1.67 20.60 -8.63
C VAL NB 55 -2.66 20.21 -9.72
N ALA NB 56 -3.19 18.99 -9.73
CA ALA NB 56 -4.25 18.70 -10.68
C ALA NB 56 -5.60 19.24 -10.22
N LEU NB 57 -5.76 19.43 -8.92
CA LEU NB 57 -7.05 19.90 -8.42
C LEU NB 57 -7.17 21.40 -8.59
N LEU NB 58 -6.12 22.16 -8.34
CA LEU NB 58 -6.24 23.61 -8.47
C LEU NB 58 -6.43 24.01 -9.94
N LEU NB 59 -5.85 23.23 -10.86
CA LEU NB 59 -6.05 23.48 -12.27
C LEU NB 59 -7.46 23.12 -12.70
N SER NB 60 -8.00 21.98 -12.25
CA SER NB 60 -9.34 21.62 -12.70
C SER NB 60 -10.41 22.50 -12.07
N MET NB 61 -10.20 22.93 -10.82
CA MET NB 61 -11.11 23.88 -10.19
C MET NB 61 -11.04 25.26 -10.85
N PHE NB 62 -9.88 25.61 -11.42
CA PHE NB 62 -9.75 26.95 -11.98
C PHE NB 62 -10.57 27.09 -13.25
N VAL NB 63 -10.82 25.99 -13.94
CA VAL NB 63 -11.51 26.06 -15.22
C VAL NB 63 -12.97 25.63 -15.02
N MET NB 64 -13.28 24.86 -13.98
CA MET NB 64 -14.67 24.51 -13.74
C MET NB 64 -15.43 25.67 -13.09
N TRP NB 65 -14.73 26.52 -12.33
CA TRP NB 65 -15.35 27.64 -11.63
C TRP NB 65 -16.19 28.65 -12.45
N PRO NB 66 -15.87 29.02 -13.70
CA PRO NB 66 -16.79 29.91 -14.45
C PRO NB 66 -18.15 29.34 -14.75
N ILE NB 67 -18.28 28.04 -15.00
CA ILE NB 67 -19.62 27.48 -15.18
C ILE NB 67 -20.33 27.40 -13.83
N MET NB 68 -19.57 27.20 -12.75
CA MET NB 68 -20.13 27.20 -11.41
C MET NB 68 -20.65 28.57 -11.01
N HIS NB 69 -20.02 29.64 -11.49
CA HIS NB 69 -20.50 30.98 -11.19
C HIS NB 69 -21.83 31.28 -11.88
N ASP NB 70 -22.08 30.66 -13.03
CA ASP NB 70 -23.38 30.79 -13.68
C ASP NB 70 -24.51 30.20 -12.84
N ALA NB 71 -24.22 29.19 -12.03
CA ALA NB 71 -25.25 28.56 -11.22
C ALA NB 71 -25.78 29.48 -10.13
N TYR NB 72 -24.98 30.45 -9.70
CA TYR NB 72 -25.45 31.40 -8.69
C TYR NB 72 -26.46 32.37 -9.28
N VAL NB 73 -26.05 33.09 -10.34
CA VAL NB 73 -26.82 34.21 -10.87
C VAL NB 73 -28.13 33.78 -11.50
N TYR NB 74 -28.25 32.51 -11.89
CA TYR NB 74 -29.55 31.97 -12.26
C TYR NB 74 -30.41 31.62 -11.05
N PHE NB 75 -29.81 31.20 -9.94
CA PHE NB 75 -30.59 30.63 -8.84
C PHE NB 75 -30.72 31.50 -7.60
N GLU NB 76 -29.88 32.51 -7.43
CA GLU NB 76 -30.04 33.42 -6.30
C GLU NB 76 -31.08 34.52 -6.52
N ASP NB 77 -31.73 34.58 -7.68
CA ASP NB 77 -32.70 35.63 -7.95
C ASP NB 77 -34.05 35.29 -7.33
N GLU NB 78 -34.96 36.26 -7.35
CA GLU NB 78 -36.27 36.16 -6.72
C GLU NB 78 -37.40 35.83 -7.69
N ASP NB 79 -37.10 35.66 -8.98
CA ASP NB 79 -38.07 35.35 -10.02
C ASP NB 79 -38.38 33.86 -10.12
N VAL NB 80 -38.09 33.09 -9.07
CA VAL NB 80 -38.36 31.65 -9.06
C VAL NB 80 -39.81 31.28 -8.79
N THR NB 81 -40.63 32.22 -8.34
CA THR NB 81 -42.02 31.91 -8.03
C THR NB 81 -42.85 31.72 -9.31
N PHE NB 82 -43.05 30.47 -9.69
CA PHE NB 82 -43.94 30.09 -10.77
C PHE NB 82 -45.07 29.28 -10.17
N ASN NB 83 -46.31 29.66 -10.47
CA ASN NB 83 -47.43 29.01 -9.81
C ASN NB 83 -47.68 27.60 -10.35
N ASP NB 84 -47.33 27.34 -11.61
CA ASP NB 84 -47.46 26.00 -12.19
C ASP NB 84 -46.13 25.28 -12.09
N ILE NB 85 -46.17 24.00 -11.74
CA ILE NB 85 -44.96 23.28 -11.37
C ILE NB 85 -44.13 22.86 -12.57
N SER NB 86 -44.71 22.86 -13.77
CA SER NB 86 -43.96 22.43 -14.94
C SER NB 86 -43.04 23.53 -15.45
N SER NB 87 -43.45 24.80 -15.36
CA SER NB 87 -42.54 25.86 -15.77
C SER NB 87 -41.38 25.98 -14.80
N LEU NB 88 -41.64 25.78 -13.50
CA LEU NB 88 -40.57 25.74 -12.51
C LEU NB 88 -39.60 24.58 -12.77
N SER NB 89 -40.14 23.45 -13.22
CA SER NB 89 -39.31 22.34 -13.66
C SER NB 89 -38.46 22.69 -14.86
N LYS NB 90 -39.06 23.33 -15.87
CA LYS NB 90 -38.25 23.75 -17.01
C LYS NB 90 -37.32 24.91 -16.66
N HIS NB 91 -37.63 25.65 -15.60
CA HIS NB 91 -36.75 26.72 -15.13
C HIS NB 91 -35.46 26.11 -14.60
N VAL NB 92 -35.59 25.10 -13.74
CA VAL NB 92 -34.36 24.52 -13.23
C VAL NB 92 -33.74 23.57 -14.24
N ASP NB 93 -34.48 23.19 -15.29
CA ASP NB 93 -33.84 22.57 -16.45
C ASP NB 93 -32.90 23.54 -17.13
N GLU NB 94 -33.34 24.79 -17.31
CA GLU NB 94 -32.52 25.79 -17.97
C GLU NB 94 -31.43 26.34 -17.07
N GLY NB 95 -31.48 26.06 -15.77
CA GLY NB 95 -30.40 26.50 -14.91
C GLY NB 95 -29.12 25.71 -15.10
N LEU NB 96 -29.24 24.40 -15.22
CA LEU NB 96 -28.10 23.51 -15.45
C LEU NB 96 -27.70 23.42 -16.92
N ASP NB 97 -28.29 24.26 -17.75
CA ASP NB 97 -28.09 24.18 -19.20
C ASP NB 97 -26.67 24.50 -19.63
N GLY NB 98 -25.95 25.35 -18.88
CA GLY NB 98 -24.56 25.59 -19.22
C GLY NB 98 -23.66 24.39 -18.95
N TYR NB 99 -23.93 23.68 -17.85
CA TYR NB 99 -23.18 22.47 -17.55
C TYR NB 99 -23.51 21.37 -18.55
N ARG NB 100 -24.80 21.24 -18.89
CA ARG NB 100 -25.20 20.23 -19.87
C ARG NB 100 -24.61 20.54 -21.22
N ASP NB 101 -24.50 21.82 -21.57
CA ASP NB 101 -23.91 22.23 -22.83
C ASP NB 101 -22.41 21.94 -22.83
N TYR NB 102 -21.78 21.98 -21.66
CA TYR NB 102 -20.35 21.71 -21.57
C TYR NB 102 -20.08 20.23 -21.75
N LEU NB 103 -20.95 19.40 -21.16
CA LEU NB 103 -20.77 17.96 -21.31
C LEU NB 103 -21.08 17.55 -22.73
N ILE NB 104 -22.04 18.23 -23.38
CA ILE NB 104 -22.35 17.92 -24.77
C ILE NB 104 -21.17 18.34 -25.64
N LYS NB 105 -20.48 19.42 -25.25
CA LYS NB 105 -19.35 19.88 -26.06
C LYS NB 105 -18.19 18.90 -25.99
N TYR NB 106 -18.06 18.18 -24.87
CA TYR NB 106 -16.89 17.33 -24.69
C TYR NB 106 -17.18 15.83 -24.68
N SER NB 107 -18.41 15.40 -24.94
CA SER NB 107 -18.69 13.96 -25.03
C SER NB 107 -18.98 13.54 -26.46
N ASP NB 108 -18.71 12.27 -26.76
CA ASP NB 108 -18.98 11.71 -28.08
C ASP NB 108 -20.49 11.55 -28.30
N ARG NB 109 -20.92 11.73 -29.55
CA ARG NB 109 -22.35 11.85 -29.82
C ARG NB 109 -23.10 10.51 -29.71
N GLU NB 110 -22.67 9.51 -30.46
CA GLU NB 110 -23.47 8.28 -30.59
C GLU NB 110 -23.49 7.43 -29.34
N LEU NB 111 -22.51 7.60 -28.44
CA LEU NB 111 -22.54 6.84 -27.20
C LEU NB 111 -23.65 7.36 -26.29
N VAL NB 112 -23.92 8.67 -26.36
CA VAL NB 112 -24.94 9.26 -25.51
C VAL NB 112 -26.31 8.75 -25.93
N GLN NB 113 -26.58 8.74 -27.23
CA GLN NB 113 -27.90 8.29 -27.66
C GLN NB 113 -28.02 6.77 -27.52
N PHE NB 114 -26.89 6.05 -27.46
CA PHE NB 114 -26.99 4.63 -27.12
C PHE NB 114 -27.40 4.47 -25.67
N PHE NB 115 -26.92 5.35 -24.79
CA PHE NB 115 -27.22 5.19 -23.38
C PHE NB 115 -28.62 5.69 -23.04
N GLU NB 116 -29.05 6.79 -23.63
CA GLU NB 116 -30.44 7.21 -23.40
C GLU NB 116 -31.41 6.41 -24.26
N ASN NB 117 -30.94 5.54 -25.15
CA ASN NB 117 -31.79 4.49 -25.67
C ASN NB 117 -32.19 3.53 -24.56
N ALA NB 118 -31.30 3.31 -23.60
CA ALA NB 118 -31.51 2.55 -22.36
C ALA NB 118 -32.00 1.12 -22.57
N LYS NB 140 -30.61 18.99 -25.02
CA LYS NB 140 -31.71 18.09 -25.34
C LYS NB 140 -31.63 16.66 -24.73
N PRO NB 141 -30.47 15.97 -24.74
CA PRO NB 141 -30.39 14.72 -23.96
C PRO NB 141 -30.29 15.01 -22.47
N SER NB 142 -30.56 13.98 -21.68
CA SER NB 142 -30.56 14.10 -20.23
C SER NB 142 -29.14 14.14 -19.70
N ILE NB 143 -28.94 14.94 -18.64
CA ILE NB 143 -27.64 15.05 -18.00
C ILE NB 143 -27.27 13.75 -17.30
N PHE NB 144 -28.27 12.96 -16.91
CA PHE NB 144 -28.03 11.71 -16.21
C PHE NB 144 -27.45 10.64 -17.13
N ALA NB 145 -27.69 10.75 -18.44
CA ALA NB 145 -27.31 9.71 -19.38
C ALA NB 145 -25.92 9.91 -19.95
N LEU NB 146 -25.54 11.15 -20.22
CA LEU NB 146 -24.25 11.44 -20.82
C LEU NB 146 -23.09 11.35 -19.84
N LEU NB 147 -23.37 11.29 -18.54
CA LEU NB 147 -22.31 11.29 -17.53
C LEU NB 147 -21.31 10.14 -17.61
N PRO NB 148 -21.68 8.86 -17.81
CA PRO NB 148 -20.63 7.88 -18.08
C PRO NB 148 -20.02 8.02 -19.45
N ALA NB 149 -20.75 8.59 -20.40
CA ALA NB 149 -20.23 8.75 -21.74
C ALA NB 149 -19.16 9.81 -21.80
N TYR NB 150 -19.16 10.72 -20.83
CA TYR NB 150 -18.10 11.72 -20.79
C TYR NB 150 -16.80 11.07 -20.33
N ALA NB 151 -16.88 10.31 -19.23
CA ALA NB 151 -15.69 9.74 -18.62
C ALA NB 151 -15.07 8.66 -19.50
N LEU NB 152 -15.90 7.85 -20.16
CA LEU NB 152 -15.36 6.78 -20.97
C LEU NB 152 -14.65 7.32 -22.21
N SER NB 153 -15.09 8.48 -22.71
CA SER NB 153 -14.31 9.16 -23.73
C SER NB 153 -13.11 9.87 -23.13
N GLU NB 154 -13.19 10.27 -21.87
CA GLU NB 154 -12.15 11.12 -21.30
C GLU NB 154 -10.90 10.32 -20.97
N ILE NB 155 -11.07 9.12 -20.42
CA ILE NB 155 -9.91 8.26 -20.18
C ILE NB 155 -9.28 7.86 -21.51
N LYS NB 156 -10.11 7.65 -22.53
CA LYS NB 156 -9.61 7.33 -23.87
C LYS NB 156 -8.83 8.49 -24.47
N SER NB 157 -9.26 9.72 -24.21
CA SER NB 157 -8.46 10.86 -24.64
C SER NB 157 -7.25 11.07 -23.76
N ALA NB 158 -7.27 10.57 -22.53
CA ALA NB 158 -6.09 10.70 -21.69
C ALA NB 158 -5.02 9.71 -22.09
N PHE NB 159 -5.43 8.59 -22.67
CA PHE NB 159 -4.45 7.57 -23.04
C PHE NB 159 -3.76 7.91 -24.34
N LYS NB 160 -4.38 8.72 -25.19
CA LYS NB 160 -3.73 9.17 -26.41
C LYS NB 160 -2.54 10.07 -26.11
N ILE NB 161 -2.72 11.06 -25.25
CA ILE NB 161 -1.58 11.85 -24.79
C ILE NB 161 -0.71 11.13 -23.77
N GLY NB 162 -1.22 10.04 -23.19
CA GLY NB 162 -0.33 9.11 -22.49
C GLY NB 162 0.59 8.37 -23.42
N PHE NB 163 0.11 8.00 -24.59
CA PHE NB 163 0.95 7.28 -25.53
C PHE NB 163 1.92 8.25 -26.17
N TYR NB 164 1.44 9.47 -26.46
CA TYR NB 164 2.25 10.42 -27.20
C TYR NB 164 3.39 10.93 -26.31
N LEU NB 165 3.11 11.17 -25.03
CA LEU NB 165 4.15 11.70 -24.16
C LEU NB 165 5.15 10.63 -23.80
N TYR NB 166 4.73 9.37 -23.82
CA TYR NB 166 5.65 8.27 -23.55
C TYR NB 166 6.61 8.07 -24.72
N LEU NB 167 6.13 8.28 -25.93
CA LEU NB 167 6.83 7.95 -27.18
C LEU NB 167 8.26 8.47 -27.44
N PRO NB 168 8.72 9.61 -26.91
CA PRO NB 168 10.16 9.89 -27.05
C PRO NB 168 11.05 9.02 -26.20
N PHE NB 169 10.58 8.61 -25.04
CA PHE NB 169 11.48 7.98 -24.09
C PHE NB 169 11.79 6.54 -24.48
N VAL NB 170 10.94 5.91 -25.29
CA VAL NB 170 11.29 4.58 -25.76
C VAL NB 170 12.38 4.69 -26.85
N VAL NB 171 12.42 5.79 -27.57
CA VAL NB 171 13.52 6.04 -28.51
C VAL NB 171 14.81 6.29 -27.75
N VAL NB 172 14.70 6.97 -26.60
CA VAL NB 172 15.89 7.17 -25.77
C VAL NB 172 16.35 5.84 -25.19
N ASP NB 173 15.39 4.98 -24.83
CA ASP NB 173 15.70 3.71 -24.19
C ASP NB 173 16.30 2.74 -25.17
N LEU NB 174 16.06 2.94 -26.46
CA LEU NB 174 16.65 2.06 -27.45
C LEU NB 174 18.00 2.57 -27.89
N VAL NB 175 18.17 3.89 -27.95
CA VAL NB 175 19.45 4.41 -28.45
C VAL NB 175 20.53 4.20 -27.39
N VAL NB 176 20.15 4.16 -26.11
CA VAL NB 176 21.17 3.96 -25.10
C VAL NB 176 21.60 2.49 -25.10
N SER NB 177 20.72 1.59 -25.50
CA SER NB 177 21.13 0.20 -25.56
C SER NB 177 21.95 -0.05 -26.81
N SER NB 178 21.73 0.76 -27.85
CA SER NB 178 22.48 0.52 -29.08
C SER NB 178 23.92 0.95 -28.89
N VAL NB 179 24.13 2.10 -28.22
CA VAL NB 179 25.51 2.52 -27.98
C VAL NB 179 26.21 1.64 -26.94
N LEU NB 180 25.44 1.07 -25.99
CA LEU NB 180 26.07 0.10 -25.07
C LEU NB 180 26.44 -1.19 -25.78
N LEU NB 181 25.58 -1.69 -26.69
CA LEU NB 181 25.96 -2.86 -27.45
C LEU NB 181 27.04 -2.56 -28.48
N ALA NB 182 27.19 -1.31 -28.89
CA ALA NB 182 28.33 -0.93 -29.72
C ALA NB 182 29.62 -0.99 -28.92
N LEU NB 183 29.54 -0.74 -27.62
CA LEU NB 183 30.70 -1.03 -26.78
C LEU NB 183 30.63 -2.49 -26.34
N GLY NB 184 31.56 -2.91 -25.48
CA GLY NB 184 31.50 -4.26 -24.96
C GLY NB 184 30.84 -4.31 -23.60
N MET NB 185 29.91 -3.40 -23.37
CA MET NB 185 29.28 -3.19 -22.06
C MET NB 185 27.99 -3.97 -21.89
N MET NB 186 27.87 -5.12 -22.57
CA MET NB 186 26.58 -5.80 -22.67
C MET NB 186 26.13 -6.45 -21.36
N MET NB 187 27.03 -6.66 -20.40
CA MET NB 187 26.61 -7.21 -19.12
C MET NB 187 25.90 -6.17 -18.26
N MET NB 188 26.19 -4.88 -18.47
CA MET NB 188 25.59 -3.81 -17.70
C MET NB 188 24.19 -3.48 -18.21
N SER NB 189 23.26 -3.24 -17.28
CA SER NB 189 21.95 -2.79 -17.71
C SER NB 189 21.98 -1.30 -18.08
N PRO NB 190 21.30 -0.91 -19.15
CA PRO NB 190 21.33 0.50 -19.56
C PRO NB 190 20.33 1.39 -18.86
N VAL NB 191 19.76 0.97 -17.72
CA VAL NB 191 18.78 1.82 -17.06
C VAL NB 191 19.46 3.04 -16.43
N THR NB 192 20.74 2.90 -16.07
CA THR NB 192 21.45 3.98 -15.42
C THR NB 192 21.82 5.07 -16.41
N ILE NB 193 22.23 4.68 -17.61
CA ILE NB 193 22.59 5.68 -18.60
C ILE NB 193 21.33 6.16 -19.30
N SER NB 194 20.25 5.38 -19.23
CA SER NB 194 18.98 5.81 -19.81
C SER NB 194 18.34 6.93 -19.00
N THR NB 195 18.43 6.84 -17.68
CA THR NB 195 17.70 7.78 -16.82
C THR NB 195 18.11 9.27 -16.83
N PRO NB 196 19.42 9.71 -17.04
CA PRO NB 196 19.66 11.17 -17.10
C PRO NB 196 19.01 11.77 -18.33
N ILE NB 197 19.30 11.16 -19.49
CA ILE NB 197 18.80 11.69 -20.75
C ILE NB 197 17.31 11.45 -20.92
N LYS NB 198 16.68 10.69 -20.04
CA LYS NB 198 15.22 10.63 -20.03
C LYS NB 198 14.61 11.72 -19.16
N LEU NB 199 15.41 12.66 -18.64
CA LEU NB 199 14.84 13.77 -17.90
C LEU NB 199 15.43 15.12 -18.31
N VAL NB 200 16.66 15.15 -18.82
CA VAL NB 200 17.15 16.43 -19.32
C VAL NB 200 16.54 16.74 -20.68
N LEU NB 201 16.02 15.73 -21.36
CA LEU NB 201 15.15 15.88 -22.52
C LEU NB 201 13.75 16.28 -22.12
N PHE NB 202 13.47 16.36 -20.83
CA PHE NB 202 12.22 16.90 -20.35
C PHE NB 202 12.38 18.31 -19.83
N VAL NB 203 13.48 18.60 -19.13
CA VAL NB 203 13.61 19.93 -18.54
C VAL NB 203 14.15 20.93 -19.56
N ALA NB 204 15.06 20.53 -20.46
CA ALA NB 204 15.49 21.44 -21.51
C ALA NB 204 14.38 21.67 -22.54
N LEU NB 205 13.54 20.67 -22.74
CA LEU NB 205 12.31 20.85 -23.50
C LEU NB 205 11.31 21.70 -22.74
N ASP NB 206 11.39 21.68 -21.40
CA ASP NB 206 10.46 22.34 -20.47
C ASP NB 206 9.03 21.89 -20.73
N GLY NB 207 8.82 20.59 -20.58
CA GLY NB 207 7.50 20.03 -20.76
C GLY NB 207 6.56 20.31 -19.63
N TRP NB 208 7.08 20.71 -18.47
CA TRP NB 208 6.22 20.98 -17.32
C TRP NB 208 5.36 22.22 -17.52
N THR NB 209 5.87 23.25 -18.18
CA THR NB 209 5.00 24.37 -18.49
C THR NB 209 4.32 24.21 -19.84
N LEU NB 210 4.85 23.35 -20.69
CA LEU NB 210 4.32 23.16 -22.03
C LEU NB 210 3.07 22.31 -21.97
N LEU NB 211 3.11 21.23 -21.19
CA LEU NB 211 1.97 20.34 -21.09
C LEU NB 211 0.86 21.02 -20.30
N SER NB 212 1.20 21.66 -19.19
CA SER NB 212 0.17 22.23 -18.33
C SER NB 212 -0.52 23.40 -19.00
N LYS NB 213 0.24 24.25 -19.70
CA LYS NB 213 -0.41 25.30 -20.48
C LYS NB 213 -1.18 24.74 -21.66
N GLY NB 214 -0.67 23.69 -22.31
CA GLY NB 214 -1.39 23.12 -23.43
C GLY NB 214 -2.68 22.46 -22.98
N LEU NB 215 -2.69 21.91 -21.77
CA LEU NB 215 -3.87 21.27 -21.26
C LEU NB 215 -4.91 22.30 -20.83
N ILE NB 216 -4.46 23.47 -20.39
CA ILE NB 216 -5.44 24.45 -19.93
C ILE NB 216 -5.93 25.33 -21.08
N LEU NB 217 -5.17 25.47 -22.16
CA LEU NB 217 -5.64 26.25 -23.31
C LEU NB 217 -6.69 25.51 -24.11
N GLN NB 218 -6.85 24.20 -23.90
CA GLN NB 218 -7.83 23.42 -24.66
C GLN NB 218 -9.27 23.83 -24.36
N TYR NB 219 -9.51 24.51 -23.25
CA TYR NB 219 -10.86 24.79 -22.81
C TYR NB 219 -11.15 26.29 -22.85
N MET NB 220 -10.36 27.09 -22.14
CA MET NB 220 -10.61 28.52 -22.05
C MET NB 220 -9.69 29.28 -22.99
N ASP NB 221 -10.08 30.52 -23.29
CA ASP NB 221 -9.36 31.42 -24.17
C ASP NB 221 -9.04 32.70 -23.42
N ILE NB 222 -7.85 33.24 -23.64
CA ILE NB 222 -7.44 34.46 -22.94
C ILE NB 222 -7.44 35.65 -23.88
N ASN OB 3 -49.56 0.39 9.39
CA ASN OB 3 -48.90 1.35 8.52
C ASN OB 3 -47.58 1.80 9.11
N ASP OB 4 -47.54 1.81 10.46
CA ASP OB 4 -46.34 2.27 11.16
C ASP OB 4 -45.18 1.32 10.97
N ILE OB 5 -45.44 0.00 10.96
CA ILE OB 5 -44.33 -0.92 10.82
C ILE OB 5 -44.00 -1.24 9.38
N SER OB 6 -44.79 -0.75 8.42
CA SER OB 6 -44.31 -0.74 7.04
C SER OB 6 -43.16 0.24 6.90
N LEU OB 7 -43.16 1.28 7.73
CA LEU OB 7 -42.06 2.23 7.75
C LEU OB 7 -40.77 1.60 8.22
N ILE OB 8 -40.86 0.59 9.11
CA ILE OB 8 -39.68 -0.16 9.50
C ILE OB 8 -39.08 -0.88 8.29
N ALA OB 9 -39.93 -1.49 7.47
CA ALA OB 9 -39.46 -2.16 6.26
C ALA OB 9 -38.91 -1.19 5.24
N LEU OB 10 -39.51 0.01 5.18
CA LEU OB 10 -38.99 1.03 4.28
C LEU OB 10 -37.67 1.61 4.77
N LEU OB 11 -37.45 1.64 6.08
CA LEU OB 11 -36.16 2.12 6.53
C LEU OB 11 -35.12 1.01 6.51
N ALA OB 12 -35.56 -0.24 6.58
CA ALA OB 12 -34.64 -1.35 6.51
C ALA OB 12 -34.12 -1.55 5.10
N PHE OB 13 -34.95 -1.25 4.08
CA PHE OB 13 -34.43 -1.35 2.72
C PHE OB 13 -33.40 -0.27 2.47
N SER OB 14 -33.66 0.93 3.01
CA SER OB 14 -32.81 2.07 2.73
C SER OB 14 -31.48 1.91 3.44
N THR OB 15 -31.48 1.22 4.58
CA THR OB 15 -30.23 1.02 5.30
C THR OB 15 -29.46 -0.15 4.72
N LEU OB 16 -30.15 -1.23 4.33
CA LEU OB 16 -29.45 -2.40 3.82
C LEU OB 16 -29.08 -2.26 2.36
N LEU OB 17 -29.50 -1.17 1.71
CA LEU OB 17 -29.25 -1.00 0.28
C LEU OB 17 -27.77 -0.95 -0.14
N PRO OB 18 -26.83 -0.37 0.61
CA PRO OB 18 -25.43 -0.48 0.19
C PRO OB 18 -24.85 -1.88 0.29
N PHE OB 19 -25.50 -2.82 0.95
CA PHE OB 19 -25.06 -4.21 0.87
C PHE OB 19 -25.93 -5.04 -0.07
N ILE OB 20 -27.10 -4.51 -0.42
CA ILE OB 20 -27.87 -5.10 -1.50
C ILE OB 20 -27.15 -4.86 -2.82
N ILE OB 21 -26.71 -3.62 -3.05
CA ILE OB 21 -25.98 -3.33 -4.28
C ILE OB 21 -24.65 -4.07 -4.30
N ALA OB 22 -24.04 -4.24 -3.13
CA ALA OB 22 -22.81 -5.02 -3.02
C ALA OB 22 -23.00 -6.52 -3.15
N SER OB 23 -24.22 -7.03 -3.13
CA SER OB 23 -24.28 -8.48 -3.27
C SER OB 23 -25.27 -8.97 -4.32
N GLY OB 24 -26.41 -8.32 -4.44
CA GLY OB 24 -27.57 -8.80 -5.17
C GLY OB 24 -27.60 -8.46 -6.64
N THR OB 25 -27.22 -7.25 -7.01
CA THR OB 25 -27.29 -6.84 -8.41
C THR OB 25 -26.02 -7.24 -9.16
N CYS OB 26 -25.93 -6.79 -10.42
CA CYS OB 26 -24.78 -7.03 -11.29
C CYS OB 26 -23.67 -6.00 -11.09
N PHE OB 27 -23.70 -5.27 -9.98
CA PHE OB 27 -22.60 -4.38 -9.64
C PHE OB 27 -21.33 -5.16 -9.39
N VAL OB 28 -21.48 -6.42 -8.94
CA VAL OB 28 -20.36 -7.32 -8.67
C VAL OB 28 -19.86 -7.98 -9.93
N LYS OB 29 -20.52 -7.76 -11.06
CA LYS OB 29 -19.95 -8.06 -12.37
C LYS OB 29 -19.23 -6.84 -12.91
N PHE OB 30 -19.79 -5.67 -12.61
CA PHE OB 30 -19.24 -4.45 -13.19
C PHE OB 30 -17.94 -4.04 -12.52
N SER OB 31 -17.92 -4.02 -11.20
CA SER OB 31 -16.80 -3.52 -10.42
C SER OB 31 -15.60 -4.41 -10.41
N ILE OB 32 -15.56 -5.51 -11.16
CA ILE OB 32 -14.43 -6.41 -11.17
C ILE OB 32 -13.64 -6.31 -12.46
N VAL OB 33 -14.34 -6.15 -13.58
CA VAL OB 33 -13.66 -6.13 -14.87
C VAL OB 33 -12.94 -4.81 -15.08
N PHE OB 34 -13.35 -3.76 -14.39
CA PHE OB 34 -12.70 -2.47 -14.57
C PHE OB 34 -11.38 -2.41 -13.82
N VAL OB 35 -11.23 -3.19 -12.76
CA VAL OB 35 -9.94 -3.25 -12.09
C VAL OB 35 -9.08 -4.29 -12.79
N MET OB 36 -9.72 -5.37 -13.29
CA MET OB 36 -8.99 -6.41 -14.01
C MET OB 36 -8.38 -5.87 -15.30
N VAL OB 37 -8.99 -4.85 -15.90
CA VAL OB 37 -8.34 -4.26 -17.05
C VAL OB 37 -7.26 -3.29 -16.60
N ARG OB 38 -7.36 -2.80 -15.36
CA ARG OB 38 -6.40 -1.81 -14.88
C ARG OB 38 -5.06 -2.48 -14.66
N ASN OB 39 -5.05 -3.58 -13.89
CA ASN OB 39 -3.77 -4.29 -13.80
C ASN OB 39 -3.46 -5.11 -15.03
N ALA OB 40 -4.45 -5.33 -15.93
CA ALA OB 40 -4.15 -5.99 -17.20
C ALA OB 40 -3.26 -5.13 -18.06
N LEU OB 41 -3.43 -3.82 -18.00
CA LEU OB 41 -2.53 -2.95 -18.76
C LEU OB 41 -1.17 -2.82 -18.12
N GLY OB 42 -0.98 -3.31 -16.91
CA GLY OB 42 0.27 -3.09 -16.20
C GLY OB 42 0.35 -1.75 -15.51
N LEU OB 43 -0.77 -1.08 -15.34
CA LEU OB 43 -0.80 0.24 -14.75
C LEU OB 43 -1.41 0.13 -13.36
N GLN OB 44 -0.70 0.63 -12.36
CA GLN OB 44 -0.97 0.25 -10.99
C GLN OB 44 -2.23 0.94 -10.46
N GLN OB 45 -2.26 2.27 -10.42
CA GLN OB 45 -3.33 2.94 -9.70
C GLN OB 45 -3.83 4.16 -10.46
N ILE OB 46 -3.40 4.35 -11.71
CA ILE OB 46 -3.48 5.64 -12.35
C ILE OB 46 -4.88 6.13 -12.75
N PRO OB 47 -5.94 5.30 -13.08
CA PRO OB 47 -7.24 5.95 -13.24
C PRO OB 47 -7.82 6.45 -11.93
N SER OB 48 -8.20 5.52 -11.05
CA SER OB 48 -8.63 5.73 -9.66
C SER OB 48 -9.03 4.39 -9.07
N ASN OB 49 -9.50 4.41 -7.83
CA ASN OB 49 -10.45 3.41 -7.33
C ASN OB 49 -11.80 4.04 -7.02
N MET OB 50 -12.07 5.21 -7.55
CA MET OB 50 -13.36 5.87 -7.41
C MET OB 50 -14.07 6.09 -8.73
N THR OB 51 -13.33 6.47 -9.78
CA THR OB 51 -13.93 6.67 -11.09
C THR OB 51 -14.45 5.37 -11.68
N LEU OB 52 -13.67 4.29 -11.55
CA LEU OB 52 -14.14 2.99 -12.03
C LEU OB 52 -15.31 2.48 -11.21
N ASN OB 53 -15.31 2.73 -9.91
CA ASN OB 53 -16.52 2.46 -9.13
C ASN OB 53 -17.65 3.41 -9.49
N GLY OB 54 -17.33 4.64 -9.89
CA GLY OB 54 -18.39 5.59 -10.20
C GLY OB 54 -19.07 5.28 -11.50
N VAL OB 55 -18.32 4.73 -12.46
CA VAL OB 55 -18.94 4.35 -13.71
C VAL OB 55 -19.65 3.03 -13.54
N ALA OB 56 -19.12 2.12 -12.70
CA ALA OB 56 -19.76 0.82 -12.64
C ALA OB 56 -21.04 0.89 -11.84
N LEU OB 57 -21.09 1.80 -10.86
CA LEU OB 57 -22.34 2.09 -10.18
C LEU OB 57 -23.32 2.79 -11.10
N LEU OB 58 -22.83 3.74 -11.91
CA LEU OB 58 -23.75 4.53 -12.69
C LEU OB 58 -24.29 3.73 -13.86
N LEU OB 59 -23.50 2.81 -14.42
CA LEU OB 59 -24.05 1.89 -15.39
C LEU OB 59 -24.99 0.89 -14.75
N SER OB 60 -24.74 0.52 -13.48
CA SER OB 60 -25.63 -0.46 -12.87
C SER OB 60 -26.96 0.14 -12.49
N MET OB 61 -27.04 1.47 -12.32
CA MET OB 61 -28.34 2.03 -12.01
C MET OB 61 -29.26 2.04 -13.23
N PHE OB 62 -28.68 1.92 -14.42
CA PHE OB 62 -29.48 1.84 -15.64
C PHE OB 62 -30.17 0.50 -15.67
N VAL OB 63 -29.44 -0.55 -15.33
CA VAL OB 63 -29.98 -1.88 -15.49
C VAL OB 63 -30.91 -2.20 -14.35
N MET OB 64 -30.75 -1.55 -13.19
CA MET OB 64 -31.58 -1.89 -12.04
C MET OB 64 -32.78 -0.98 -11.85
N TRP OB 65 -32.84 0.15 -12.56
CA TRP OB 65 -34.03 0.99 -12.43
C TRP OB 65 -35.35 0.41 -12.97
N PRO OB 66 -35.41 -0.31 -14.11
CA PRO OB 66 -36.71 -0.90 -14.48
C PRO OB 66 -37.21 -2.00 -13.57
N ILE OB 67 -36.34 -2.74 -12.87
CA ILE OB 67 -36.90 -3.70 -11.92
C ILE OB 67 -37.39 -2.98 -10.67
N MET OB 68 -36.74 -1.89 -10.28
CA MET OB 68 -37.19 -1.15 -9.11
C MET OB 68 -38.51 -0.42 -9.39
N HIS OB 69 -38.73 0.03 -10.62
CA HIS OB 69 -39.92 0.85 -10.85
C HIS OB 69 -41.20 0.01 -10.83
N ASP OB 70 -41.10 -1.28 -11.15
CA ASP OB 70 -42.29 -2.13 -11.13
C ASP OB 70 -42.76 -2.39 -9.70
N ALA OB 71 -41.82 -2.58 -8.79
CA ALA OB 71 -42.15 -2.66 -7.37
C ALA OB 71 -42.43 -1.29 -6.78
N TYR OB 72 -42.05 -0.22 -7.47
CA TYR OB 72 -42.32 1.12 -6.98
C TYR OB 72 -43.81 1.45 -7.05
N VAL OB 73 -44.47 1.07 -8.14
CA VAL OB 73 -45.90 1.30 -8.25
C VAL OB 73 -46.72 0.35 -7.40
N TYR OB 74 -46.12 -0.72 -6.89
CA TYR OB 74 -46.85 -1.60 -5.98
C TYR OB 74 -46.85 -1.02 -4.57
N PHE OB 75 -45.72 -0.43 -4.15
CA PHE OB 75 -45.70 0.30 -2.89
C PHE OB 75 -46.43 1.63 -3.01
N GLU OB 76 -46.43 2.25 -4.20
CA GLU OB 76 -47.20 3.47 -4.39
C GLU OB 76 -48.70 3.21 -4.41
N ASP OB 77 -49.13 1.99 -4.76
CA ASP OB 77 -50.54 1.64 -4.68
C ASP OB 77 -50.99 1.57 -3.23
N GLU OB 78 -52.14 2.15 -2.95
CA GLU OB 78 -52.65 2.22 -1.60
C GLU OB 78 -53.50 1.02 -1.20
N ASP OB 79 -53.85 0.16 -2.16
CA ASP OB 79 -54.74 -0.97 -1.90
C ASP OB 79 -54.00 -2.21 -1.43
N VAL OB 80 -52.79 -2.05 -0.88
CA VAL OB 80 -52.00 -3.20 -0.45
C VAL OB 80 -52.56 -3.83 0.81
N THR OB 81 -53.32 -3.08 1.60
CA THR OB 81 -53.87 -3.61 2.85
C THR OB 81 -55.16 -4.38 2.59
N PHE OB 82 -55.26 -5.57 3.20
CA PHE OB 82 -56.40 -6.45 3.04
C PHE OB 82 -56.88 -6.94 4.41
N ASN OB 83 -57.76 -7.93 4.43
CA ASN OB 83 -58.37 -8.39 5.67
C ASN OB 83 -57.60 -9.50 6.36
N ASP OB 84 -57.02 -10.42 5.61
CA ASP OB 84 -56.43 -11.62 6.16
C ASP OB 84 -54.90 -11.61 6.06
N ILE OB 85 -54.30 -12.54 6.80
CA ILE OB 85 -52.84 -12.60 6.93
C ILE OB 85 -52.21 -13.07 5.63
N SER OB 86 -52.66 -14.21 5.13
CA SER OB 86 -52.07 -14.72 3.90
C SER OB 86 -52.47 -13.86 2.71
N SER OB 87 -53.63 -13.20 2.78
CA SER OB 87 -54.00 -12.25 1.75
C SER OB 87 -53.09 -11.02 1.76
N LEU OB 88 -52.60 -10.62 2.93
CA LEU OB 88 -51.62 -9.55 2.99
C LEU OB 88 -50.27 -10.01 2.46
N SER OB 89 -49.87 -11.23 2.80
CA SER OB 89 -48.62 -11.80 2.28
C SER OB 89 -48.70 -12.12 0.79
N LYS OB 90 -49.91 -12.23 0.24
CA LYS OB 90 -50.08 -12.39 -1.20
C LYS OB 90 -49.57 -11.19 -1.98
N HIS OB 91 -49.53 -10.00 -1.37
CA HIS OB 91 -49.01 -8.87 -2.12
C HIS OB 91 -47.51 -8.68 -1.96
N VAL OB 92 -46.93 -9.25 -0.91
CA VAL OB 92 -45.50 -9.04 -0.65
C VAL OB 92 -44.66 -9.84 -1.64
N ASP OB 93 -45.06 -11.07 -1.91
CA ASP OB 93 -44.23 -11.91 -2.76
C ASP OB 93 -44.42 -11.50 -4.21
N GLU OB 94 -45.64 -11.14 -4.60
CA GLU OB 94 -45.87 -10.75 -5.98
C GLU OB 94 -45.21 -9.40 -6.28
N GLY OB 95 -45.26 -8.45 -5.35
CA GLY OB 95 -44.49 -7.24 -5.50
C GLY OB 95 -42.99 -7.42 -5.46
N LEU OB 96 -42.51 -8.49 -4.83
CA LEU OB 96 -41.09 -8.82 -4.84
C LEU OB 96 -40.69 -9.68 -6.04
N ASP OB 97 -41.67 -10.30 -6.70
CA ASP OB 97 -41.42 -11.37 -7.66
C ASP OB 97 -40.72 -10.91 -8.93
N GLY OB 98 -40.86 -9.65 -9.33
CA GLY OB 98 -40.18 -9.20 -10.54
C GLY OB 98 -38.67 -9.16 -10.42
N TYR OB 99 -38.14 -9.05 -9.21
CA TYR OB 99 -36.69 -9.09 -9.01
C TYR OB 99 -36.15 -10.50 -9.23
N ARG OB 100 -36.92 -11.51 -8.83
CA ARG OB 100 -36.34 -12.83 -8.81
C ARG OB 100 -36.44 -13.55 -10.15
N ASP OB 101 -37.20 -13.05 -11.13
CA ASP OB 101 -37.08 -13.64 -12.46
C ASP OB 101 -35.73 -13.30 -13.07
N TYR OB 102 -35.27 -12.07 -12.81
CA TYR OB 102 -33.91 -11.68 -13.19
C TYR OB 102 -32.89 -12.40 -12.34
N LEU OB 103 -33.24 -12.73 -11.09
CA LEU OB 103 -32.25 -13.39 -10.25
C LEU OB 103 -32.13 -14.86 -10.63
N ILE OB 104 -33.23 -15.48 -11.04
CA ILE OB 104 -33.24 -16.87 -11.50
C ILE OB 104 -32.53 -16.97 -12.84
N LYS OB 105 -32.64 -15.92 -13.67
CA LYS OB 105 -32.15 -15.99 -15.04
C LYS OB 105 -30.63 -16.13 -15.10
N TYR OB 106 -29.91 -15.60 -14.13
CA TYR OB 106 -28.46 -15.57 -14.14
C TYR OB 106 -27.83 -16.42 -13.04
N SER OB 107 -28.52 -17.48 -12.61
CA SER OB 107 -27.94 -18.44 -11.69
C SER OB 107 -28.17 -19.85 -12.20
N ASP OB 108 -27.35 -20.78 -11.71
CA ASP OB 108 -27.49 -22.18 -12.07
C ASP OB 108 -28.59 -22.84 -11.25
N ARG OB 109 -29.29 -23.78 -11.88
CA ARG OB 109 -30.45 -24.40 -11.24
C ARG OB 109 -30.07 -25.40 -10.17
N GLU OB 110 -29.03 -26.22 -10.42
CA GLU OB 110 -28.66 -27.27 -9.49
C GLU OB 110 -28.04 -26.74 -8.20
N LEU OB 111 -27.45 -25.55 -8.24
CA LEU OB 111 -26.94 -24.94 -7.01
C LEU OB 111 -28.09 -24.41 -6.16
N VAL OB 112 -29.10 -23.85 -6.80
CA VAL OB 112 -30.32 -23.46 -6.11
C VAL OB 112 -31.02 -24.68 -5.52
N GLN OB 113 -31.07 -25.77 -6.29
CA GLN OB 113 -31.64 -26.99 -5.76
C GLN OB 113 -30.77 -27.62 -4.68
N PHE OB 114 -29.49 -27.24 -4.60
CA PHE OB 114 -28.72 -27.65 -3.45
C PHE OB 114 -29.15 -26.84 -2.23
N PHE OB 115 -29.20 -25.51 -2.39
CA PHE OB 115 -29.43 -24.63 -1.25
C PHE OB 115 -30.86 -24.71 -0.73
N GLU OB 116 -31.78 -25.28 -1.51
CA GLU OB 116 -33.12 -25.47 -0.98
C GLU OB 116 -33.19 -26.61 0.03
N ASN OB 117 -32.12 -27.40 0.17
CA ASN OB 117 -32.02 -28.42 1.20
C ASN OB 117 -31.51 -27.86 2.53
N ALA OB 118 -31.63 -26.56 2.74
CA ALA OB 118 -31.19 -25.94 3.99
C ALA OB 118 -31.99 -24.67 4.27
N LYS OB 140 -40.90 -22.02 -7.48
CA LYS OB 140 -40.41 -20.66 -7.30
C LYS OB 140 -39.54 -20.56 -6.05
N PRO OB 141 -38.23 -20.63 -6.23
CA PRO OB 141 -37.31 -20.60 -5.08
C PRO OB 141 -37.26 -19.22 -4.45
N SER OB 142 -36.76 -19.18 -3.22
CA SER OB 142 -36.80 -17.96 -2.45
C SER OB 142 -35.54 -17.14 -2.68
N ILE OB 143 -35.55 -15.92 -2.14
CA ILE OB 143 -34.47 -14.99 -2.39
C ILE OB 143 -33.22 -15.38 -1.61
N PHE OB 144 -33.40 -15.94 -0.41
CA PHE OB 144 -32.28 -16.42 0.37
C PHE OB 144 -31.62 -17.63 -0.24
N ALA OB 145 -32.34 -18.40 -1.05
CA ALA OB 145 -31.75 -19.51 -1.77
C ALA OB 145 -31.10 -19.07 -3.06
N LEU OB 146 -31.18 -17.80 -3.40
CA LEU OB 146 -30.67 -17.28 -4.66
C LEU OB 146 -29.49 -16.34 -4.50
N LEU OB 147 -29.49 -15.56 -3.42
CA LEU OB 147 -28.39 -14.62 -3.18
C LEU OB 147 -27.00 -15.26 -3.04
N PRO OB 148 -26.77 -16.36 -2.31
CA PRO OB 148 -25.44 -16.95 -2.37
C PRO OB 148 -25.13 -17.65 -3.67
N ALA OB 149 -26.13 -18.09 -4.42
CA ALA OB 149 -25.84 -18.72 -5.70
C ALA OB 149 -25.55 -17.70 -6.79
N TYR OB 150 -26.08 -16.49 -6.62
CA TYR OB 150 -25.95 -15.47 -7.65
C TYR OB 150 -24.52 -14.94 -7.71
N ALA OB 151 -24.04 -14.35 -6.61
CA ALA OB 151 -22.75 -13.68 -6.67
C ALA OB 151 -21.62 -14.69 -6.82
N LEU OB 152 -21.82 -15.91 -6.32
CA LEU OB 152 -20.83 -16.94 -6.48
C LEU OB 152 -20.78 -17.45 -7.91
N SER OB 153 -21.89 -17.35 -8.66
CA SER OB 153 -21.78 -17.64 -10.08
C SER OB 153 -21.33 -16.41 -10.87
N GLU OB 154 -21.52 -15.23 -10.29
CA GLU OB 154 -21.19 -14.01 -11.00
C GLU OB 154 -19.70 -13.79 -11.06
N ILE OB 155 -18.98 -14.05 -9.95
CA ILE OB 155 -17.55 -13.79 -10.01
C ILE OB 155 -16.84 -14.88 -10.82
N LYS OB 156 -17.52 -16.01 -11.01
CA LYS OB 156 -17.05 -17.04 -11.92
C LYS OB 156 -17.20 -16.58 -13.36
N SER OB 157 -18.34 -15.99 -13.69
CA SER OB 157 -18.51 -15.50 -15.05
C SER OB 157 -17.64 -14.30 -15.33
N ALA OB 158 -17.33 -13.49 -14.31
CA ALA OB 158 -16.51 -12.32 -14.50
C ALA OB 158 -15.03 -12.67 -14.64
N PHE OB 159 -14.63 -13.84 -14.13
CA PHE OB 159 -13.21 -14.16 -14.21
C PHE OB 159 -12.83 -14.59 -15.62
N LYS OB 160 -13.64 -15.43 -16.28
CA LYS OB 160 -13.21 -15.93 -17.58
C LYS OB 160 -13.23 -14.84 -18.65
N ILE OB 161 -14.13 -13.86 -18.54
CA ILE OB 161 -14.07 -12.73 -19.47
C ILE OB 161 -12.90 -11.82 -19.14
N GLY OB 162 -12.52 -11.74 -17.86
CA GLY OB 162 -11.26 -11.08 -17.56
C GLY OB 162 -10.07 -11.88 -18.01
N PHE OB 163 -10.22 -13.19 -18.18
CA PHE OB 163 -9.14 -13.96 -18.74
C PHE OB 163 -9.03 -13.70 -20.23
N TYR OB 164 -10.17 -13.56 -20.91
CA TYR OB 164 -10.14 -13.38 -22.36
C TYR OB 164 -9.56 -12.03 -22.73
N LEU OB 165 -9.77 -11.02 -21.90
CA LEU OB 165 -9.15 -9.74 -22.22
C LEU OB 165 -7.65 -9.72 -21.89
N TYR OB 166 -7.15 -10.71 -21.14
CA TYR OB 166 -5.72 -10.85 -20.89
C TYR OB 166 -4.93 -11.23 -22.13
N LEU OB 167 -5.51 -12.04 -23.03
CA LEU OB 167 -4.79 -12.58 -24.17
C LEU OB 167 -4.15 -11.59 -25.16
N PRO OB 168 -4.71 -10.42 -25.47
CA PRO OB 168 -3.93 -9.46 -26.28
C PRO OB 168 -2.77 -8.82 -25.54
N PHE OB 169 -2.68 -8.94 -24.22
CA PHE OB 169 -1.59 -8.34 -23.48
C PHE OB 169 -0.58 -9.34 -22.95
N VAL OB 170 -0.81 -10.64 -23.17
CA VAL OB 170 0.21 -11.63 -22.87
C VAL OB 170 1.08 -11.88 -24.11
N VAL OB 171 0.60 -11.56 -25.29
CA VAL OB 171 1.38 -11.80 -26.50
C VAL OB 171 2.44 -10.72 -26.71
N VAL OB 172 2.20 -9.50 -26.24
CA VAL OB 172 3.03 -8.39 -26.67
C VAL OB 172 4.34 -8.34 -25.90
N ASP OB 173 4.35 -8.79 -24.65
CA ASP OB 173 5.61 -8.76 -23.93
C ASP OB 173 6.43 -10.00 -24.21
N LEU OB 174 5.78 -11.06 -24.69
CA LEU OB 174 6.55 -12.21 -25.12
C LEU OB 174 7.22 -11.91 -26.44
N VAL OB 175 6.52 -11.18 -27.33
CA VAL OB 175 7.14 -10.96 -28.63
C VAL OB 175 8.22 -9.88 -28.51
N VAL OB 176 8.07 -8.92 -27.59
CA VAL OB 176 9.15 -7.95 -27.49
C VAL OB 176 10.32 -8.52 -26.70
N SER OB 177 10.08 -9.47 -25.77
CA SER OB 177 11.23 -10.11 -25.14
C SER OB 177 11.91 -11.05 -26.11
N SER OB 178 11.16 -11.54 -27.10
CA SER OB 178 11.74 -12.37 -28.13
C SER OB 178 12.66 -11.55 -29.02
N VAL OB 179 12.21 -10.35 -29.41
CA VAL OB 179 13.07 -9.55 -30.27
C VAL OB 179 14.21 -8.88 -29.48
N LEU OB 180 14.09 -8.78 -28.16
CA LEU OB 180 15.25 -8.41 -27.35
C LEU OB 180 16.27 -9.54 -27.30
N LEU OB 181 15.83 -10.77 -27.11
CA LEU OB 181 16.76 -11.90 -27.11
C LEU OB 181 17.29 -12.21 -28.49
N ALA OB 182 16.60 -11.78 -29.55
CA ALA OB 182 17.15 -11.89 -30.89
C ALA OB 182 18.35 -10.97 -31.09
N LEU OB 183 18.46 -9.92 -30.29
CA LEU OB 183 19.67 -9.11 -30.22
C LEU OB 183 20.50 -9.54 -29.01
N GLY OB 184 21.59 -8.83 -28.75
CA GLY OB 184 22.39 -9.13 -27.59
C GLY OB 184 21.99 -8.32 -26.38
N MET OB 185 20.72 -8.37 -26.02
CA MET OB 185 20.21 -7.54 -24.94
C MET OB 185 19.70 -8.42 -23.81
N MET OB 186 20.53 -9.41 -23.42
CA MET OB 186 20.15 -10.33 -22.36
C MET OB 186 20.08 -9.65 -20.99
N MET OB 187 20.70 -8.49 -20.82
CA MET OB 187 20.59 -7.68 -19.62
C MET OB 187 19.78 -6.44 -20.01
N MET OB 188 18.46 -6.54 -19.93
CA MET OB 188 17.61 -5.46 -20.40
C MET OB 188 16.23 -5.60 -19.78
N SER OB 189 15.63 -4.47 -19.44
CA SER OB 189 14.28 -4.45 -18.86
C SER OB 189 13.24 -4.26 -19.95
N PRO OB 190 12.40 -5.25 -20.24
CA PRO OB 190 11.46 -5.14 -21.35
C PRO OB 190 10.16 -4.42 -21.01
N VAL OB 191 9.96 -4.05 -19.75
CA VAL OB 191 8.66 -3.50 -19.36
C VAL OB 191 8.45 -2.11 -19.92
N THR OB 192 9.51 -1.30 -20.00
CA THR OB 192 9.33 0.06 -20.48
C THR OB 192 9.18 0.12 -21.99
N ILE OB 193 9.42 -0.98 -22.67
CA ILE OB 193 9.22 -1.07 -24.10
C ILE OB 193 7.85 -1.66 -24.41
N SER OB 194 7.44 -2.67 -23.65
CA SER OB 194 6.14 -3.26 -23.91
C SER OB 194 4.97 -2.43 -23.38
N THR OB 195 5.21 -1.53 -22.43
CA THR OB 195 4.12 -0.75 -21.82
C THR OB 195 3.39 0.23 -22.73
N PRO OB 196 4.04 1.02 -23.62
CA PRO OB 196 3.22 1.82 -24.54
C PRO OB 196 2.51 1.00 -25.60
N ILE OB 197 3.09 -0.11 -26.04
CA ILE OB 197 2.43 -0.99 -26.98
C ILE OB 197 1.25 -1.70 -26.32
N LYS OB 198 1.29 -1.83 -25.00
CA LYS OB 198 0.19 -2.43 -24.25
C LYS OB 198 -1.05 -1.56 -24.23
N LEU OB 199 -0.90 -0.26 -24.51
CA LEU OB 199 -2.02 0.68 -24.43
C LEU OB 199 -2.38 1.33 -25.76
N VAL OB 200 -1.45 1.43 -26.71
CA VAL OB 200 -1.86 1.91 -28.02
C VAL OB 200 -2.70 0.85 -28.71
N LEU OB 201 -2.53 -0.43 -28.34
CA LEU OB 201 -3.45 -1.44 -28.79
C LEU OB 201 -4.81 -1.26 -28.15
N PHE OB 202 -4.87 -0.66 -26.96
CA PHE OB 202 -6.16 -0.55 -26.32
C PHE OB 202 -6.93 0.63 -26.86
N VAL OB 203 -6.22 1.67 -27.30
CA VAL OB 203 -6.96 2.78 -27.90
C VAL OB 203 -7.30 2.46 -29.35
N ALA OB 204 -6.49 1.62 -30.02
CA ALA OB 204 -6.83 1.17 -31.36
C ALA OB 204 -8.00 0.20 -31.34
N LEU OB 205 -8.11 -0.61 -30.28
CA LEU OB 205 -9.29 -1.41 -30.04
C LEU OB 205 -10.48 -0.57 -29.64
N ASP OB 206 -10.23 0.56 -28.96
CA ASP OB 206 -11.20 1.36 -28.22
C ASP OB 206 -12.03 0.49 -27.27
N GLY OB 207 -11.32 -0.09 -26.30
CA GLY OB 207 -11.95 -1.03 -25.39
C GLY OB 207 -12.87 -0.39 -24.38
N TRP OB 208 -12.68 0.91 -24.10
CA TRP OB 208 -13.52 1.58 -23.11
C TRP OB 208 -14.93 1.82 -23.60
N THR OB 209 -15.14 1.84 -24.91
CA THR OB 209 -16.48 1.83 -25.44
C THR OB 209 -17.00 0.41 -25.60
N LEU OB 210 -16.09 -0.51 -25.94
CA LEU OB 210 -16.47 -1.86 -26.32
C LEU OB 210 -16.99 -2.65 -25.14
N LEU OB 211 -16.28 -2.59 -24.00
CA LEU OB 211 -16.74 -3.31 -22.82
C LEU OB 211 -17.99 -2.68 -22.25
N SER OB 212 -18.13 -1.36 -22.41
CA SER OB 212 -19.30 -0.68 -21.87
C SER OB 212 -20.54 -1.02 -22.67
N LYS OB 213 -20.40 -1.10 -23.99
CA LYS OB 213 -21.54 -1.46 -24.80
C LYS OB 213 -21.84 -2.94 -24.68
N GLY OB 214 -20.82 -3.77 -24.44
CA GLY OB 214 -21.05 -5.20 -24.38
C GLY OB 214 -21.69 -5.65 -23.09
N LEU OB 215 -21.42 -4.94 -22.00
CA LEU OB 215 -21.89 -5.39 -20.69
C LEU OB 215 -23.37 -5.12 -20.44
N ILE OB 216 -24.05 -4.43 -21.34
CA ILE OB 216 -25.49 -4.24 -21.21
C ILE OB 216 -26.27 -5.30 -21.98
N LEU OB 217 -25.67 -5.84 -23.06
CA LEU OB 217 -26.34 -6.79 -23.95
C LEU OB 217 -26.67 -8.11 -23.27
N GLN OB 218 -26.07 -8.42 -22.12
CA GLN OB 218 -26.55 -9.55 -21.33
C GLN OB 218 -27.92 -9.29 -20.71
N TYR OB 219 -28.32 -8.02 -20.59
CA TYR OB 219 -29.51 -7.68 -19.84
C TYR OB 219 -30.57 -6.94 -20.64
N MET OB 220 -30.22 -6.33 -21.76
CA MET OB 220 -31.21 -5.62 -22.56
C MET OB 220 -31.12 -5.99 -24.04
N ASN PB 3 -40.08 -9.53 34.21
CA ASN PB 3 -40.18 -9.21 32.79
C ASN PB 3 -39.30 -8.01 32.48
N ASP PB 4 -39.24 -7.06 33.42
CA ASP PB 4 -38.48 -5.84 33.16
C ASP PB 4 -36.99 -6.11 33.11
N ILE PB 5 -36.50 -7.03 33.93
CA ILE PB 5 -35.08 -7.36 33.88
C ILE PB 5 -34.76 -8.17 32.64
N SER PB 6 -35.69 -9.02 32.21
CA SER PB 6 -35.51 -9.73 30.95
C SER PB 6 -35.52 -8.80 29.76
N LEU PB 7 -36.10 -7.60 29.90
CA LEU PB 7 -35.99 -6.61 28.84
C LEU PB 7 -34.56 -6.11 28.70
N ILE PB 8 -33.80 -6.13 29.79
CA ILE PB 8 -32.38 -5.76 29.71
C ILE PB 8 -31.63 -6.83 28.96
N ALA PB 9 -31.82 -8.10 29.32
CA ALA PB 9 -31.02 -9.16 28.73
C ALA PB 9 -31.38 -9.37 27.26
N LEU PB 10 -32.64 -9.12 26.90
CA LEU PB 10 -33.04 -9.12 25.50
C LEU PB 10 -32.38 -7.99 24.71
N LEU PB 11 -32.25 -6.81 25.32
CA LEU PB 11 -31.45 -5.79 24.65
C LEU PB 11 -29.96 -6.10 24.66
N ALA PB 12 -29.48 -6.72 25.73
CA ALA PB 12 -28.06 -6.98 25.89
C ALA PB 12 -27.56 -8.06 24.96
N PHE PB 13 -28.43 -8.97 24.52
CA PHE PB 13 -27.99 -9.84 23.43
C PHE PB 13 -27.81 -9.05 22.16
N SER PB 14 -28.74 -8.13 21.89
CA SER PB 14 -28.85 -7.53 20.57
C SER PB 14 -27.69 -6.56 20.35
N THR PB 15 -27.34 -5.80 21.38
CA THR PB 15 -26.22 -4.88 21.22
C THR PB 15 -24.90 -5.61 21.19
N LEU PB 16 -24.84 -6.83 21.72
CA LEU PB 16 -23.62 -7.63 21.72
C LEU PB 16 -23.55 -8.61 20.57
N LEU PB 17 -24.57 -8.64 19.71
CA LEU PB 17 -24.57 -9.58 18.58
C LEU PB 17 -23.40 -9.44 17.63
N PRO PB 18 -22.97 -8.25 17.17
CA PRO PB 18 -21.84 -8.25 16.22
C PRO PB 18 -20.49 -8.58 16.84
N PHE PB 19 -20.40 -8.91 18.13
CA PHE PB 19 -19.18 -9.49 18.65
C PHE PB 19 -19.30 -10.98 18.94
N ILE PB 20 -20.49 -11.45 19.33
CA ILE PB 20 -20.70 -12.88 19.46
C ILE PB 20 -20.71 -13.55 18.10
N ILE PB 21 -21.34 -12.91 17.10
CA ILE PB 21 -21.26 -13.44 15.75
C ILE PB 21 -19.86 -13.24 15.17
N ALA PB 22 -19.12 -12.25 15.65
CA ALA PB 22 -17.71 -12.13 15.31
C ALA PB 22 -16.82 -13.19 15.95
N SER PB 23 -17.25 -13.87 16.98
CA SER PB 23 -16.31 -14.74 17.70
C SER PB 23 -16.80 -16.14 18.04
N GLY PB 24 -18.09 -16.43 17.94
CA GLY PB 24 -18.63 -17.68 18.41
C GLY PB 24 -19.32 -18.55 17.38
N THR PB 25 -19.06 -18.30 16.10
CA THR PB 25 -19.67 -19.10 15.03
C THR PB 25 -18.63 -19.37 13.95
N CYS PB 26 -19.07 -20.09 12.91
CA CYS PB 26 -18.24 -20.48 11.76
C CYS PB 26 -18.09 -19.37 10.72
N PHE PB 27 -18.53 -18.17 11.07
CA PHE PB 27 -18.32 -17.02 10.20
C PHE PB 27 -16.84 -16.68 10.14
N VAL PB 28 -16.08 -17.00 11.19
CA VAL PB 28 -14.66 -16.67 11.18
C VAL PB 28 -13.95 -17.58 10.18
N LYS PB 29 -14.41 -18.82 10.03
CA LYS PB 29 -13.78 -19.72 9.08
C LYS PB 29 -14.15 -19.37 7.66
N PHE PB 30 -15.40 -18.94 7.44
CA PHE PB 30 -15.78 -18.59 6.07
C PHE PB 30 -15.11 -17.29 5.66
N SER PB 31 -15.06 -16.32 6.58
CA SER PB 31 -14.50 -15.02 6.26
C SER PB 31 -13.00 -15.08 6.17
N ILE PB 32 -12.38 -16.15 6.68
CA ILE PB 32 -10.93 -16.24 6.60
C ILE PB 32 -10.52 -16.97 5.33
N VAL PB 33 -11.25 -18.03 4.95
CA VAL PB 33 -10.85 -18.75 3.75
C VAL PB 33 -11.20 -17.93 2.49
N PHE PB 34 -12.20 -17.05 2.58
CA PHE PB 34 -12.56 -16.25 1.41
C PHE PB 34 -11.61 -15.13 1.10
N VAL PB 35 -10.62 -14.88 1.96
CA VAL PB 35 -9.64 -13.84 1.71
C VAL PB 35 -8.33 -14.46 1.23
N MET PB 36 -7.95 -15.58 1.83
CA MET PB 36 -6.73 -16.22 1.38
C MET PB 36 -6.92 -16.88 0.04
N VAL PB 37 -8.15 -17.11 -0.43
CA VAL PB 37 -8.26 -17.53 -1.82
C VAL PB 37 -7.92 -16.37 -2.78
N ARG PB 38 -8.20 -15.12 -2.36
CA ARG PB 38 -7.74 -13.96 -3.13
C ARG PB 38 -6.22 -13.80 -3.04
N ASN PB 39 -5.66 -13.98 -1.84
CA ASN PB 39 -4.21 -13.86 -1.73
C ASN PB 39 -3.51 -15.03 -2.39
N ALA PB 40 -4.22 -16.14 -2.57
CA ALA PB 40 -3.66 -17.26 -3.31
C ALA PB 40 -3.60 -16.91 -4.78
N LEU PB 41 -4.64 -16.23 -5.28
CA LEU PB 41 -4.64 -15.91 -6.70
C LEU PB 41 -3.77 -14.71 -7.01
N GLY PB 42 -3.21 -14.04 -6.01
CA GLY PB 42 -2.39 -12.88 -6.28
C GLY PB 42 -3.18 -11.63 -6.59
N LEU PB 43 -4.34 -11.48 -5.99
CA LEU PB 43 -5.20 -10.33 -6.17
C LEU PB 43 -5.23 -9.56 -4.85
N GLN PB 44 -5.51 -8.27 -4.92
CA GLN PB 44 -5.39 -7.44 -3.72
C GLN PB 44 -6.73 -6.89 -3.28
N GLN PB 45 -7.43 -6.19 -4.16
CA GLN PB 45 -8.67 -5.51 -3.80
C GLN PB 45 -9.87 -6.09 -4.53
N ILE PB 46 -9.68 -7.19 -5.24
CA ILE PB 46 -10.74 -7.82 -6.03
C ILE PB 46 -11.15 -9.11 -5.33
N PRO PB 47 -12.43 -9.30 -5.00
CA PRO PB 47 -13.52 -8.35 -5.26
C PRO PB 47 -13.68 -7.19 -4.28
N SER PB 48 -13.54 -7.44 -3.00
CA SER PB 48 -13.69 -6.43 -1.94
C SER PB 48 -13.30 -7.08 -0.63
N ASN PB 49 -13.55 -6.37 0.46
CA ASN PB 49 -13.73 -6.99 1.76
C ASN PB 49 -15.18 -6.95 2.22
N MET PB 50 -16.06 -6.31 1.46
CA MET PB 50 -17.47 -6.16 1.78
C MET PB 50 -18.31 -7.27 1.16
N THR PB 51 -18.17 -7.49 -0.14
CA THR PB 51 -18.98 -8.50 -0.79
C THR PB 51 -18.50 -9.92 -0.52
N LEU PB 52 -17.31 -10.09 0.05
CA LEU PB 52 -16.91 -11.40 0.50
C LEU PB 52 -17.44 -11.68 1.91
N ASN PB 53 -17.56 -10.62 2.72
CA ASN PB 53 -18.17 -10.78 4.03
C ASN PB 53 -19.67 -10.96 3.93
N GLY PB 54 -20.29 -10.48 2.85
CA GLY PB 54 -21.73 -10.59 2.76
C GLY PB 54 -22.16 -12.02 2.48
N VAL PB 55 -21.52 -12.64 1.48
CA VAL PB 55 -21.84 -14.03 1.17
C VAL PB 55 -21.32 -14.96 2.26
N ALA PB 56 -20.25 -14.58 2.97
CA ALA PB 56 -19.83 -15.41 4.09
C ALA PB 56 -20.79 -15.28 5.26
N LEU PB 57 -21.45 -14.13 5.38
CA LEU PB 57 -22.45 -13.95 6.42
C LEU PB 57 -23.69 -14.78 6.13
N LEU PB 58 -24.17 -14.77 4.88
CA LEU PB 58 -25.37 -15.57 4.59
C LEU PB 58 -25.08 -17.06 4.66
N LEU PB 59 -23.89 -17.47 4.24
CA LEU PB 59 -23.50 -18.87 4.31
C LEU PB 59 -23.40 -19.33 5.75
N SER PB 60 -22.85 -18.48 6.63
CA SER PB 60 -22.86 -18.82 8.04
C SER PB 60 -24.24 -18.67 8.65
N MET PB 61 -25.15 -17.94 8.03
CA MET PB 61 -26.48 -17.79 8.61
C MET PB 61 -27.38 -18.98 8.34
N PHE PB 62 -27.03 -19.80 7.34
CA PHE PB 62 -27.82 -21.02 7.09
C PHE PB 62 -27.69 -22.01 8.25
N VAL PB 63 -26.47 -22.47 8.50
CA VAL PB 63 -26.30 -23.58 9.43
C VAL PB 63 -26.43 -23.13 10.88
N MET PB 64 -26.52 -21.82 11.11
CA MET PB 64 -26.63 -21.25 12.46
C MET PB 64 -28.05 -20.89 12.83
N TRP PB 65 -28.91 -20.54 11.85
CA TRP PB 65 -30.31 -20.23 12.14
C TRP PB 65 -31.13 -21.24 12.96
N PRO PB 66 -31.04 -22.57 12.80
CA PRO PB 66 -31.87 -23.45 13.66
C PRO PB 66 -31.51 -23.43 15.13
N ILE PB 67 -30.24 -23.17 15.46
CA ILE PB 67 -29.88 -22.96 16.86
C ILE PB 67 -30.53 -21.69 17.38
N MET PB 68 -30.48 -20.62 16.59
CA MET PB 68 -31.11 -19.38 17.01
C MET PB 68 -32.64 -19.51 17.01
N HIS PB 69 -33.16 -20.39 16.17
CA HIS PB 69 -34.62 -20.50 16.07
C HIS PB 69 -35.20 -21.26 17.26
N ASP PB 70 -34.49 -22.26 17.78
CA ASP PB 70 -35.10 -23.03 18.86
C ASP PB 70 -35.16 -22.27 20.17
N ALA PB 71 -34.28 -21.29 20.38
CA ALA PB 71 -34.31 -20.51 21.62
C ALA PB 71 -35.54 -19.62 21.68
N TYR PB 72 -36.08 -19.24 20.52
CA TYR PB 72 -37.35 -18.52 20.48
C TYR PB 72 -38.48 -19.41 20.98
N VAL PB 73 -38.71 -20.52 20.29
CA VAL PB 73 -39.87 -21.35 20.58
C VAL PB 73 -39.77 -21.97 21.98
N TYR PB 74 -38.55 -22.19 22.46
CA TYR PB 74 -38.37 -22.61 23.85
C TYR PB 74 -38.68 -21.50 24.84
N PHE PB 75 -38.35 -20.24 24.52
CA PHE PB 75 -38.57 -19.17 25.47
C PHE PB 75 -39.91 -18.47 25.32
N GLU PB 76 -40.72 -18.86 24.34
CA GLU PB 76 -42.09 -18.35 24.25
C GLU PB 76 -43.06 -19.03 25.21
N ASP PB 77 -42.66 -20.12 25.85
CA ASP PB 77 -43.57 -20.94 26.63
C ASP PB 77 -43.93 -20.24 27.94
N GLU PB 78 -45.06 -20.67 28.50
CA GLU PB 78 -45.73 -19.94 29.58
C GLU PB 78 -45.15 -20.17 30.96
N ASP PB 79 -44.22 -21.11 31.13
CA ASP PB 79 -43.76 -21.46 32.46
C ASP PB 79 -42.52 -20.69 32.89
N VAL PB 80 -42.32 -19.46 32.41
CA VAL PB 80 -41.22 -18.61 32.89
C VAL PB 80 -41.51 -18.04 34.27
N THR PB 81 -42.75 -18.13 34.75
CA THR PB 81 -43.05 -17.80 36.13
C THR PB 81 -42.77 -19.01 37.04
N PHE PB 82 -41.74 -18.86 37.87
CA PHE PB 82 -41.34 -19.89 38.83
C PHE PB 82 -41.24 -19.24 40.20
N ASN PB 83 -41.66 -19.96 41.24
CA ASN PB 83 -41.57 -19.37 42.57
C ASN PB 83 -40.15 -19.39 43.12
N ASP PB 84 -39.27 -20.19 42.55
CA ASP PB 84 -37.91 -20.37 43.05
C ASP PB 84 -36.91 -19.57 42.21
N ILE PB 85 -35.89 -19.05 42.89
CA ILE PB 85 -34.76 -18.40 42.21
C ILE PB 85 -33.98 -19.43 41.39
N SER PB 86 -33.63 -20.54 42.01
CA SER PB 86 -32.72 -21.48 41.39
C SER PB 86 -33.41 -22.28 40.30
N SER PB 87 -34.73 -22.45 40.36
CA SER PB 87 -35.41 -23.18 39.30
C SER PB 87 -35.46 -22.36 38.02
N LEU PB 88 -35.53 -21.04 38.13
CA LEU PB 88 -35.38 -20.18 36.96
C LEU PB 88 -33.94 -20.18 36.47
N SER PB 89 -32.98 -20.24 37.39
CA SER PB 89 -31.59 -20.38 36.98
C SER PB 89 -31.34 -21.71 36.28
N LYS PB 90 -32.04 -22.76 36.70
CA LYS PB 90 -32.02 -24.00 35.95
C LYS PB 90 -32.69 -23.84 34.60
N HIS PB 91 -33.78 -23.07 34.51
CA HIS PB 91 -34.54 -23.00 33.27
C HIS PB 91 -33.74 -22.27 32.21
N VAL PB 92 -33.03 -21.21 32.60
CA VAL PB 92 -32.17 -20.54 31.64
C VAL PB 92 -30.94 -21.37 31.37
N ASP PB 93 -30.54 -22.24 32.30
CA ASP PB 93 -29.46 -23.16 31.97
C ASP PB 93 -29.92 -24.20 30.97
N GLU PB 94 -31.19 -24.59 31.04
CA GLU PB 94 -31.76 -25.56 30.11
C GLU PB 94 -32.02 -24.97 28.74
N GLY PB 95 -31.98 -23.64 28.62
CA GLY PB 95 -32.19 -23.08 27.30
C GLY PB 95 -30.94 -23.05 26.43
N LEU PB 96 -29.78 -22.81 27.03
CA LEU PB 96 -28.51 -22.64 26.33
C LEU PB 96 -27.87 -23.96 25.89
N ASP PB 97 -28.53 -25.10 26.10
CA ASP PB 97 -27.95 -26.37 25.73
C ASP PB 97 -27.87 -26.56 24.22
N GLY PB 98 -28.66 -25.82 23.44
CA GLY PB 98 -28.47 -25.82 22.00
C GLY PB 98 -27.16 -25.20 21.58
N TYR PB 99 -26.68 -24.21 22.34
CA TYR PB 99 -25.40 -23.63 21.99
C TYR PB 99 -24.26 -24.47 22.54
N ARG PB 100 -24.46 -25.05 23.72
CA ARG PB 100 -23.40 -25.85 24.34
C ARG PB 100 -23.09 -27.10 23.53
N ASP PB 101 -24.14 -27.77 23.03
CA ASP PB 101 -23.90 -28.95 22.21
C ASP PB 101 -23.31 -28.60 20.87
N TYR PB 102 -23.51 -27.36 20.40
CA TYR PB 102 -22.85 -26.93 19.19
C TYR PB 102 -21.37 -26.66 19.44
N LEU PB 103 -21.04 -26.13 20.61
CA LEU PB 103 -19.65 -25.72 20.83
C LEU PB 103 -18.75 -26.92 21.14
N ILE PB 104 -19.28 -27.90 21.89
CA ILE PB 104 -18.44 -29.02 22.33
C ILE PB 104 -18.07 -29.88 21.14
N LYS PB 105 -18.91 -29.90 20.10
CA LYS PB 105 -18.65 -30.71 18.91
C LYS PB 105 -17.40 -30.22 18.17
N TYR PB 106 -17.13 -28.92 18.21
CA TYR PB 106 -16.03 -28.34 17.45
C TYR PB 106 -14.93 -27.73 18.32
N SER PB 107 -14.95 -27.97 19.63
CA SER PB 107 -13.88 -27.48 20.48
C SER PB 107 -13.08 -28.66 21.00
N ASP PB 108 -11.88 -28.39 21.53
CA ASP PB 108 -11.00 -29.45 22.02
C ASP PB 108 -11.24 -29.70 23.51
N ARG PB 109 -11.39 -30.98 23.87
CA ARG PB 109 -11.71 -31.33 25.25
C ARG PB 109 -10.56 -31.06 26.20
N GLU PB 110 -9.32 -31.11 25.71
CA GLU PB 110 -8.20 -30.88 26.62
C GLU PB 110 -8.08 -29.39 26.93
N LEU PB 111 -8.32 -28.55 25.91
CA LEU PB 111 -8.20 -27.12 26.13
C LEU PB 111 -9.34 -26.61 26.99
N VAL PB 112 -10.55 -27.13 26.76
CA VAL PB 112 -11.64 -26.71 27.63
C VAL PB 112 -11.48 -27.28 29.03
N GLN PB 113 -10.76 -28.40 29.18
CA GLN PB 113 -10.44 -28.87 30.52
C GLN PB 113 -9.41 -27.97 31.19
N PHE PB 114 -8.51 -27.39 30.39
CA PHE PB 114 -7.57 -26.42 30.92
C PHE PB 114 -8.28 -25.18 31.40
N PHE PB 115 -9.23 -24.68 30.62
CA PHE PB 115 -9.94 -23.49 31.05
C PHE PB 115 -10.88 -23.81 32.20
N GLU PB 116 -11.34 -25.06 32.27
CA GLU PB 116 -12.20 -25.49 33.36
C GLU PB 116 -11.42 -25.53 34.68
N ASN PB 117 -10.11 -25.76 34.61
CA ASN PB 117 -9.36 -25.83 35.85
C ASN PB 117 -9.14 -24.45 36.45
N ALA PB 118 -9.11 -23.41 35.63
CA ALA PB 118 -8.90 -22.06 36.16
C ALA PB 118 -10.22 -21.29 36.18
N LYS PB 135 -18.56 -37.70 33.67
CA LYS PB 135 -17.85 -36.85 32.74
C LYS PB 135 -18.65 -35.58 32.40
N ASP PB 136 -18.73 -35.28 31.11
CA ASP PB 136 -19.51 -34.15 30.62
C ASP PB 136 -20.98 -34.47 30.44
N GLU PB 137 -21.41 -35.70 30.74
CA GLU PB 137 -22.82 -36.05 30.58
C GLU PB 137 -23.64 -35.67 31.80
N ILE PB 138 -23.06 -35.74 32.99
CA ILE PB 138 -23.77 -35.33 34.19
C ILE PB 138 -23.88 -33.80 34.26
N GLU PB 139 -22.87 -33.09 33.75
CA GLU PB 139 -22.86 -31.64 33.81
C GLU PB 139 -22.16 -31.09 32.57
N LYS PB 140 -22.67 -30.04 32.04
CA LYS PB 140 -21.98 -29.42 30.92
C LYS PB 140 -20.99 -28.38 31.41
N PRO PB 141 -19.85 -28.23 30.74
CA PRO PB 141 -18.93 -27.16 31.10
C PRO PB 141 -19.50 -25.78 30.78
N SER PB 142 -18.98 -24.77 31.48
CA SER PB 142 -19.55 -23.44 31.44
C SER PB 142 -19.32 -22.76 30.09
N ILE PB 143 -20.20 -21.82 29.77
CA ILE PB 143 -20.20 -21.20 28.44
C ILE PB 143 -18.99 -20.28 28.25
N PHE PB 144 -18.45 -19.71 29.33
CA PHE PB 144 -17.26 -18.88 29.18
C PHE PB 144 -15.98 -19.68 29.17
N ALA PB 145 -16.05 -20.97 29.49
CA ALA PB 145 -14.84 -21.78 29.50
C ALA PB 145 -14.47 -22.32 28.14
N LEU PB 146 -15.31 -22.14 27.11
CA LEU PB 146 -15.00 -22.76 25.84
C LEU PB 146 -15.21 -21.90 24.61
N LEU PB 147 -15.72 -20.69 24.74
CA LEU PB 147 -15.89 -19.81 23.59
C LEU PB 147 -14.57 -19.35 22.97
N PRO PB 148 -13.52 -19.00 23.74
CA PRO PB 148 -12.21 -18.85 23.10
C PRO PB 148 -11.65 -20.14 22.59
N ALA PB 149 -11.95 -21.26 23.24
CA ALA PB 149 -11.38 -22.53 22.78
C ALA PB 149 -11.99 -22.92 21.44
N TYR PB 150 -13.24 -22.53 21.22
CA TYR PB 150 -13.88 -22.72 19.93
C TYR PB 150 -13.27 -21.81 18.88
N ALA PB 151 -13.09 -20.52 19.21
CA ALA PB 151 -12.55 -19.60 18.21
C ALA PB 151 -11.09 -19.91 17.89
N LEU PB 152 -10.35 -20.37 18.89
CA LEU PB 152 -8.97 -20.76 18.69
C LEU PB 152 -8.87 -22.10 17.98
N SER PB 153 -9.95 -22.89 17.96
CA SER PB 153 -9.88 -24.11 17.20
C SER PB 153 -10.28 -23.86 15.75
N GLU PB 154 -11.15 -22.89 15.52
CA GLU PB 154 -11.57 -22.57 14.17
C GLU PB 154 -10.46 -21.89 13.41
N ILE PB 155 -9.70 -20.99 14.07
CA ILE PB 155 -8.64 -20.29 13.34
C ILE PB 155 -7.53 -21.27 12.96
N LYS PB 156 -7.31 -22.29 13.78
CA LYS PB 156 -6.31 -23.31 13.46
C LYS PB 156 -6.77 -24.19 12.32
N SER PB 157 -8.04 -24.59 12.34
CA SER PB 157 -8.51 -25.47 11.28
C SER PB 157 -8.64 -24.72 9.96
N ALA PB 158 -8.98 -23.42 10.02
CA ALA PB 158 -9.02 -22.63 8.82
C ALA PB 158 -7.64 -22.37 8.26
N PHE PB 159 -6.62 -22.28 9.12
CA PHE PB 159 -5.24 -22.20 8.62
C PHE PB 159 -4.84 -23.49 7.92
N LYS PB 160 -5.24 -24.63 8.51
CA LYS PB 160 -4.84 -25.92 7.96
C LYS PB 160 -5.50 -26.15 6.61
N ILE PB 161 -6.81 -25.84 6.51
CA ILE PB 161 -7.44 -25.91 5.21
C ILE PB 161 -6.98 -24.79 4.28
N GLY PB 162 -6.42 -23.70 4.82
CA GLY PB 162 -5.89 -22.66 3.98
C GLY PB 162 -4.60 -23.03 3.28
N PHE PB 163 -3.80 -23.90 3.90
CA PHE PB 163 -2.58 -24.35 3.23
C PHE PB 163 -2.88 -25.23 2.03
N TYR PB 164 -3.97 -26.00 2.11
CA TYR PB 164 -4.25 -27.01 1.09
C TYR PB 164 -4.62 -26.34 -0.23
N LEU PB 165 -5.60 -25.43 -0.21
CA LEU PB 165 -5.98 -24.84 -1.47
C LEU PB 165 -5.00 -23.77 -1.92
N TYR PB 166 -4.06 -23.38 -1.06
CA TYR PB 166 -2.94 -22.56 -1.50
C TYR PB 166 -2.01 -23.38 -2.37
N LEU PB 167 -1.91 -24.67 -2.11
CA LEU PB 167 -0.83 -25.47 -2.70
C LEU PB 167 -0.79 -25.65 -4.23
N PRO PB 168 -1.89 -25.87 -4.97
CA PRO PB 168 -1.73 -26.04 -6.43
C PRO PB 168 -1.33 -24.80 -7.21
N PHE PB 169 -1.59 -23.59 -6.71
CA PHE PB 169 -1.18 -22.39 -7.42
C PHE PB 169 0.32 -22.09 -7.30
N VAL PB 170 1.01 -22.73 -6.36
CA VAL PB 170 2.46 -22.61 -6.31
C VAL PB 170 3.05 -23.30 -7.53
N VAL PB 171 2.43 -24.38 -7.99
CA VAL PB 171 3.00 -25.16 -9.09
C VAL PB 171 2.92 -24.37 -10.39
N VAL PB 172 1.80 -23.68 -10.62
CA VAL PB 172 1.71 -22.84 -11.81
C VAL PB 172 2.59 -21.62 -11.66
N ASP PB 173 2.86 -21.19 -10.42
CA ASP PB 173 3.81 -20.10 -10.26
C ASP PB 173 5.24 -20.54 -10.56
N LEU PB 174 5.56 -21.80 -10.32
CA LEU PB 174 6.90 -22.31 -10.54
C LEU PB 174 7.15 -22.76 -11.97
N VAL PB 175 6.13 -23.32 -12.62
CA VAL PB 175 6.37 -23.97 -13.92
C VAL PB 175 6.60 -22.92 -15.01
N VAL PB 176 5.93 -21.77 -14.93
CA VAL PB 176 6.18 -20.79 -15.96
C VAL PB 176 7.47 -20.03 -15.68
N SER PB 177 7.90 -19.95 -14.42
CA SER PB 177 9.19 -19.34 -14.15
C SER PB 177 10.32 -20.25 -14.58
N SER PB 178 10.06 -21.56 -14.61
CA SER PB 178 11.10 -22.46 -15.06
C SER PB 178 11.12 -22.57 -16.57
N VAL PB 179 9.98 -22.38 -17.25
CA VAL PB 179 10.05 -22.42 -18.71
C VAL PB 179 10.58 -21.09 -19.24
N LEU PB 180 10.47 -19.99 -18.47
CA LEU PB 180 11.13 -18.76 -18.88
C LEU PB 180 12.62 -18.81 -18.60
N LEU PB 181 13.03 -19.46 -17.51
CA LEU PB 181 14.45 -19.66 -17.27
C LEU PB 181 15.05 -20.74 -18.17
N ALA PB 182 14.23 -21.64 -18.71
CA ALA PB 182 14.71 -22.59 -19.70
C ALA PB 182 15.16 -21.89 -20.97
N LEU PB 183 14.46 -20.83 -21.36
CA LEU PB 183 14.97 -19.94 -22.39
C LEU PB 183 15.91 -18.94 -21.73
N GLY PB 184 16.51 -18.06 -22.54
CA GLY PB 184 17.46 -17.14 -21.94
C GLY PB 184 16.86 -15.97 -21.19
N MET PB 185 15.55 -15.75 -21.32
CA MET PB 185 14.91 -14.56 -20.77
C MET PB 185 14.78 -14.73 -19.26
N MET PB 186 15.83 -14.35 -18.54
CA MET PB 186 15.77 -14.42 -17.08
C MET PB 186 15.30 -13.14 -16.42
N MET PB 187 15.44 -12.00 -17.10
CA MET PB 187 15.02 -10.72 -16.55
C MET PB 187 13.63 -10.38 -17.05
N MET PB 188 12.67 -11.19 -16.63
CA MET PB 188 11.28 -11.06 -17.05
C MET PB 188 10.38 -11.39 -15.87
N SER PB 189 9.52 -10.45 -15.52
CA SER PB 189 8.65 -10.61 -14.35
C SER PB 189 7.53 -11.60 -14.65
N PRO PB 190 7.48 -12.75 -13.96
CA PRO PB 190 6.48 -13.76 -14.29
C PRO PB 190 5.12 -13.55 -13.66
N VAL PB 191 4.89 -12.42 -12.97
CA VAL PB 191 3.57 -12.21 -12.40
C VAL PB 191 2.59 -11.77 -13.47
N THR PB 192 3.06 -11.19 -14.57
CA THR PB 192 2.15 -10.77 -15.61
C THR PB 192 1.71 -11.93 -16.49
N ILE PB 193 2.36 -13.09 -16.36
CA ILE PB 193 1.99 -14.27 -17.12
C ILE PB 193 1.33 -15.33 -16.25
N SER PB 194 1.74 -15.47 -14.99
CA SER PB 194 1.17 -16.52 -14.15
C SER PB 194 -0.27 -16.23 -13.76
N THR PB 195 -0.59 -14.97 -13.53
CA THR PB 195 -1.93 -14.55 -13.11
C THR PB 195 -3.01 -14.84 -14.16
N PRO PB 196 -2.74 -14.76 -15.48
CA PRO PB 196 -3.67 -15.42 -16.41
C PRO PB 196 -3.81 -16.91 -16.22
N ILE PB 197 -2.68 -17.62 -16.03
CA ILE PB 197 -2.75 -19.05 -15.86
C ILE PB 197 -3.26 -19.42 -14.46
N LYS PB 198 -3.25 -18.47 -13.52
CA LYS PB 198 -3.70 -18.78 -12.17
C LYS PB 198 -5.22 -18.98 -12.13
N LEU PB 199 -5.97 -18.07 -12.73
CA LEU PB 199 -7.42 -18.10 -12.55
C LEU PB 199 -8.12 -19.04 -13.51
N VAL PB 200 -7.49 -19.44 -14.61
CA VAL PB 200 -8.13 -20.45 -15.44
C VAL PB 200 -8.08 -21.79 -14.76
N LEU PB 201 -7.10 -22.00 -13.88
CA LEU PB 201 -7.10 -23.16 -13.02
C LEU PB 201 -8.22 -23.12 -12.00
N PHE PB 202 -8.73 -21.94 -11.69
CA PHE PB 202 -9.80 -21.85 -10.71
C PHE PB 202 -11.18 -21.78 -11.34
N VAL PB 203 -11.27 -21.50 -12.62
CA VAL PB 203 -12.57 -21.49 -13.27
C VAL PB 203 -12.80 -22.75 -14.10
N ALA PB 204 -11.75 -23.45 -14.54
CA ALA PB 204 -11.98 -24.75 -15.15
C ALA PB 204 -12.25 -25.80 -14.10
N LEU PB 205 -11.69 -25.66 -12.91
CA LEU PB 205 -12.09 -26.49 -11.78
C LEU PB 205 -13.49 -26.13 -11.31
N ASP PB 206 -13.92 -24.89 -11.57
CA ASP PB 206 -15.10 -24.27 -10.98
C ASP PB 206 -15.04 -24.38 -9.46
N GLY PB 207 -13.90 -23.96 -8.90
CA GLY PB 207 -13.61 -24.22 -7.50
C GLY PB 207 -14.46 -23.43 -6.52
N TRP PB 208 -15.09 -22.36 -7.01
CA TRP PB 208 -15.94 -21.55 -6.14
C TRP PB 208 -17.21 -22.28 -5.77
N THR PB 209 -17.82 -22.96 -6.72
CA THR PB 209 -19.10 -23.56 -6.40
C THR PB 209 -18.95 -24.86 -5.63
N LEU PB 210 -17.74 -25.40 -5.53
CA LEU PB 210 -17.53 -26.67 -4.86
C LEU PB 210 -16.92 -26.51 -3.47
N LEU PB 211 -16.09 -25.49 -3.25
CA LEU PB 211 -15.61 -25.35 -1.89
C LEU PB 211 -16.68 -24.79 -0.98
N SER PB 212 -17.65 -24.05 -1.52
CA SER PB 212 -18.75 -23.60 -0.68
C SER PB 212 -19.66 -24.77 -0.35
N LYS PB 213 -19.68 -25.79 -1.22
CA LYS PB 213 -20.45 -26.98 -0.98
C LYS PB 213 -19.85 -27.75 0.17
N GLY PB 214 -18.56 -28.10 0.06
CA GLY PB 214 -17.97 -28.90 1.11
C GLY PB 214 -17.80 -28.14 2.41
N LEU PB 215 -17.73 -26.81 2.35
CA LEU PB 215 -17.79 -25.99 3.56
C LEU PB 215 -19.14 -26.07 4.24
N ILE PB 216 -20.23 -26.09 3.46
CA ILE PB 216 -21.54 -26.33 4.06
C ILE PB 216 -21.66 -27.75 4.60
N LEU PB 217 -21.16 -28.73 3.84
CA LEU PB 217 -21.22 -30.12 4.25
C LEU PB 217 -20.31 -30.46 5.42
N GLN PB 218 -19.40 -29.57 5.79
CA GLN PB 218 -18.53 -29.84 6.91
C GLN PB 218 -19.28 -29.78 8.24
N TYR PB 219 -20.37 -29.03 8.29
CA TYR PB 219 -21.20 -28.92 9.49
C TYR PB 219 -22.59 -29.48 9.30
N MET PB 220 -23.26 -29.17 8.19
CA MET PB 220 -24.61 -29.63 7.96
C MET PB 220 -24.59 -30.83 7.03
N ASP PB 221 -25.22 -31.93 7.45
CA ASP PB 221 -25.27 -33.11 6.61
C ASP PB 221 -26.30 -32.93 5.51
N ILE PB 222 -26.19 -33.77 4.49
CA ILE PB 222 -27.10 -33.71 3.35
C ILE PB 222 -28.46 -34.26 3.74
N ASN QB 3 -23.77 10.34 50.93
CA ASN QB 3 -24.50 9.12 50.59
C ASN QB 3 -25.00 9.19 49.15
N ASP QB 4 -25.59 10.33 48.80
CA ASP QB 4 -26.04 10.53 47.42
C ASP QB 4 -24.87 10.69 46.47
N ILE QB 5 -23.83 11.41 46.89
CA ILE QB 5 -22.67 11.60 46.03
C ILE QB 5 -21.78 10.37 45.94
N SER QB 6 -22.02 9.36 46.79
CA SER QB 6 -21.40 8.07 46.55
C SER QB 6 -21.90 7.45 45.26
N LEU QB 7 -23.15 7.76 44.87
CA LEU QB 7 -23.62 7.33 43.57
C LEU QB 7 -22.98 8.13 42.45
N ILE QB 8 -22.64 9.40 42.71
CA ILE QB 8 -21.95 10.19 41.70
C ILE QB 8 -20.55 9.65 41.49
N ALA QB 9 -19.90 9.22 42.58
CA ALA QB 9 -18.59 8.61 42.47
C ALA QB 9 -18.67 7.25 41.80
N LEU QB 10 -19.82 6.58 41.90
CA LEU QB 10 -19.93 5.29 41.24
C LEU QB 10 -20.13 5.47 39.75
N LEU QB 11 -20.98 6.41 39.35
CA LEU QB 11 -21.25 6.58 37.93
C LEU QB 11 -20.06 7.21 37.23
N ALA QB 12 -19.36 8.12 37.93
CA ALA QB 12 -18.14 8.68 37.37
C ALA QB 12 -17.04 7.65 37.27
N PHE QB 13 -16.99 6.68 38.18
CA PHE QB 13 -16.07 5.57 37.96
C PHE QB 13 -16.53 4.70 36.80
N SER QB 14 -17.83 4.60 36.60
CA SER QB 14 -18.38 3.72 35.58
C SER QB 14 -18.08 4.24 34.18
N THR QB 15 -18.08 5.56 34.01
CA THR QB 15 -17.89 6.11 32.68
C THR QB 15 -16.45 5.95 32.20
N LEU QB 16 -15.48 6.03 33.12
CA LEU QB 16 -14.07 5.91 32.77
C LEU QB 16 -13.57 4.48 32.77
N LEU QB 17 -14.48 3.50 32.68
CA LEU QB 17 -14.07 2.10 32.82
C LEU QB 17 -13.22 1.58 31.66
N PRO QB 18 -13.64 1.67 30.38
CA PRO QB 18 -12.88 0.93 29.36
C PRO QB 18 -11.54 1.53 29.05
N PHE QB 19 -11.26 2.77 29.44
CA PHE QB 19 -9.90 3.27 29.30
C PHE QB 19 -9.01 2.76 30.41
N ILE QB 20 -9.61 2.33 31.53
CA ILE QB 20 -8.84 1.58 32.51
C ILE QB 20 -8.54 0.19 31.97
N ILE QB 21 -9.51 -0.45 31.30
CA ILE QB 21 -9.16 -1.71 30.65
C ILE QB 21 -8.16 -1.50 29.51
N ALA QB 22 -8.15 -0.32 28.91
CA ALA QB 22 -7.14 0.02 27.91
C ALA QB 22 -5.76 0.23 28.51
N SER QB 23 -5.66 0.52 29.79
CA SER QB 23 -4.30 0.81 30.25
C SER QB 23 -3.85 -0.06 31.42
N GLY QB 24 -4.71 -0.28 32.40
CA GLY QB 24 -4.36 -0.84 33.69
C GLY QB 24 -4.23 -2.35 33.73
N THR QB 25 -5.06 -3.07 32.98
CA THR QB 25 -5.06 -4.52 33.05
C THR QB 25 -4.00 -5.11 32.11
N CYS QB 26 -4.02 -6.44 32.01
CA CYS QB 26 -3.11 -7.22 31.19
C CYS QB 26 -3.64 -7.48 29.80
N PHE QB 27 -4.66 -6.74 29.36
CA PHE QB 27 -5.16 -6.84 28.00
C PHE QB 27 -4.10 -6.38 27.00
N VAL QB 28 -3.20 -5.49 27.45
CA VAL QB 28 -2.11 -4.97 26.66
C VAL QB 28 -1.06 -6.02 26.36
N LYS QB 29 -1.00 -7.12 27.12
CA LYS QB 29 -0.05 -8.16 26.75
C LYS QB 29 -0.62 -9.06 25.66
N PHE QB 30 -1.93 -9.31 25.71
CA PHE QB 30 -2.50 -10.24 24.75
C PHE QB 30 -2.69 -9.58 23.39
N SER QB 31 -3.04 -8.29 23.38
CA SER QB 31 -3.36 -7.63 22.13
C SER QB 31 -2.12 -7.45 21.27
N ILE QB 32 -0.98 -7.15 21.89
CA ILE QB 32 0.20 -6.83 21.12
C ILE QB 32 0.76 -8.10 20.50
N VAL QB 33 0.82 -9.18 21.30
CA VAL QB 33 1.39 -10.41 20.78
C VAL QB 33 0.45 -11.04 19.77
N PHE QB 34 -0.85 -10.69 19.82
CA PHE QB 34 -1.72 -11.24 18.80
C PHE QB 34 -1.64 -10.44 17.51
N VAL QB 35 -1.27 -9.16 17.57
CA VAL QB 35 -1.02 -8.48 16.31
C VAL QB 35 0.31 -8.95 15.75
N MET QB 36 1.25 -9.32 16.62
CA MET QB 36 2.57 -9.74 16.17
C MET QB 36 2.55 -11.11 15.50
N VAL QB 37 1.70 -12.02 15.99
CA VAL QB 37 1.60 -13.31 15.33
C VAL QB 37 0.86 -13.21 13.99
N ARG QB 38 0.07 -12.16 13.82
CA ARG QB 38 -0.50 -11.85 12.51
C ARG QB 38 0.54 -11.26 11.57
N ASN QB 39 1.40 -10.39 12.09
CA ASN QB 39 2.37 -9.71 11.24
C ASN QB 39 3.52 -10.62 10.84
N ALA QB 40 3.93 -11.52 11.74
CA ALA QB 40 5.03 -12.41 11.44
C ALA QB 40 4.67 -13.43 10.38
N LEU QB 41 3.41 -13.84 10.32
CA LEU QB 41 2.97 -14.75 9.26
C LEU QB 41 2.84 -14.06 7.91
N GLY QB 42 2.91 -12.73 7.87
CA GLY QB 42 2.76 -11.98 6.65
C GLY QB 42 1.34 -11.68 6.27
N LEU QB 43 0.36 -12.22 6.97
CA LEU QB 43 -1.03 -11.92 6.68
C LEU QB 43 -1.34 -10.50 7.15
N GLN QB 44 -2.00 -9.73 6.31
CA GLN QB 44 -2.28 -8.34 6.63
C GLN QB 44 -3.65 -8.14 7.26
N GLN QB 45 -4.71 -8.49 6.54
CA GLN QB 45 -6.06 -8.20 7.02
C GLN QB 45 -6.59 -9.33 7.90
N ILE QB 46 -6.46 -10.57 7.43
CA ILE QB 46 -6.88 -11.75 8.18
C ILE QB 46 -5.92 -11.99 9.33
N PRO QB 47 -6.38 -12.53 10.47
CA PRO QB 47 -7.73 -12.99 10.81
C PRO QB 47 -8.68 -11.94 11.37
N SER QB 48 -8.76 -10.76 10.76
CA SER QB 48 -9.84 -9.77 10.95
C SER QB 48 -9.94 -9.32 12.42
N ASN QB 49 -8.95 -8.51 12.81
CA ASN QB 49 -8.61 -8.22 14.21
C ASN QB 49 -9.73 -7.71 15.12
N MET QB 50 -10.90 -7.41 14.55
CA MET QB 50 -12.07 -7.19 15.40
C MET QB 50 -12.40 -8.43 16.22
N THR QB 51 -12.18 -9.62 15.69
CA THR QB 51 -12.37 -10.81 16.49
C THR QB 51 -11.14 -11.13 17.33
N LEU QB 52 -9.99 -10.56 16.97
CA LEU QB 52 -8.78 -10.85 17.72
C LEU QB 52 -8.71 -10.01 18.97
N ASN QB 53 -9.42 -8.88 18.95
CA ASN QB 53 -9.62 -8.13 20.18
C ASN QB 53 -10.51 -8.91 21.13
N GLY QB 54 -11.47 -9.66 20.59
CA GLY QB 54 -12.43 -10.34 21.45
C GLY QB 54 -11.81 -11.54 22.11
N VAL QB 55 -11.05 -12.33 21.33
CA VAL QB 55 -10.38 -13.49 21.92
C VAL QB 55 -9.25 -13.05 22.85
N ALA QB 56 -8.62 -11.89 22.60
CA ALA QB 56 -7.64 -11.41 23.55
C ALA QB 56 -8.29 -10.81 24.79
N LEU QB 57 -9.51 -10.30 24.67
CA LEU QB 57 -10.21 -9.75 25.82
C LEU QB 57 -10.69 -10.85 26.75
N LEU QB 58 -11.16 -11.97 26.18
CA LEU QB 58 -11.79 -12.99 27.02
C LEU QB 58 -10.79 -13.70 27.93
N LEU QB 59 -9.53 -13.82 27.51
CA LEU QB 59 -8.51 -14.38 28.39
C LEU QB 59 -8.17 -13.41 29.51
N SER QB 60 -8.16 -12.12 29.20
CA SER QB 60 -7.78 -11.15 30.21
C SER QB 60 -8.87 -11.00 31.26
N MET QB 61 -10.14 -11.04 30.82
CA MET QB 61 -11.24 -11.12 31.79
C MET QB 61 -11.19 -12.40 32.61
N PHE QB 62 -10.83 -13.51 31.96
CA PHE QB 62 -10.71 -14.80 32.62
C PHE QB 62 -9.63 -14.80 33.70
N VAL QB 63 -8.60 -13.98 33.55
CA VAL QB 63 -7.61 -13.84 34.62
C VAL QB 63 -7.99 -12.74 35.61
N MET QB 64 -8.56 -11.63 35.13
CA MET QB 64 -8.84 -10.49 35.99
C MET QB 64 -10.06 -10.66 36.87
N TRP QB 65 -10.87 -11.70 36.66
CA TRP QB 65 -12.11 -11.83 37.42
C TRP QB 65 -11.95 -12.00 38.93
N PRO QB 66 -11.02 -12.80 39.49
CA PRO QB 66 -10.91 -12.84 40.96
C PRO QB 66 -10.42 -11.55 41.59
N ILE QB 67 -9.71 -10.70 40.87
CA ILE QB 67 -9.27 -9.42 41.44
C ILE QB 67 -10.45 -8.47 41.55
N MET QB 68 -11.22 -8.33 40.47
CA MET QB 68 -12.33 -7.38 40.45
C MET QB 68 -13.53 -7.85 41.26
N HIS QB 69 -13.64 -9.15 41.53
CA HIS QB 69 -14.81 -9.66 42.26
C HIS QB 69 -14.76 -9.30 43.74
N ASP QB 70 -13.58 -9.21 44.34
CA ASP QB 70 -13.47 -8.82 45.74
C ASP QB 70 -13.81 -7.35 45.97
N ALA QB 71 -13.80 -6.54 44.91
CA ALA QB 71 -14.21 -5.15 45.04
C ALA QB 71 -15.70 -5.03 45.28
N TYR QB 72 -16.50 -5.90 44.64
CA TYR QB 72 -17.96 -5.83 44.81
C TYR QB 72 -18.33 -6.18 46.23
N VAL QB 73 -17.81 -7.31 46.74
CA VAL QB 73 -18.15 -7.76 48.08
C VAL QB 73 -17.58 -6.81 49.13
N TYR QB 74 -16.45 -6.14 48.84
CA TYR QB 74 -15.95 -5.15 49.77
C TYR QB 74 -16.73 -3.84 49.74
N PHE QB 75 -17.24 -3.42 48.59
CA PHE QB 75 -17.89 -2.11 48.47
C PHE QB 75 -19.41 -2.13 48.54
N GLU QB 76 -20.04 -3.29 48.43
CA GLU QB 76 -21.46 -3.44 48.74
C GLU QB 76 -21.72 -3.69 50.22
N ASP QB 77 -20.71 -3.51 51.06
CA ASP QB 77 -20.92 -3.59 52.51
C ASP QB 77 -21.82 -2.47 52.97
N GLU QB 78 -22.72 -2.80 53.90
CA GLU QB 78 -23.66 -1.82 54.44
C GLU QB 78 -23.01 -0.85 55.40
N ASP QB 79 -21.74 -1.05 55.77
CA ASP QB 79 -21.02 -0.14 56.66
C ASP QB 79 -19.85 0.51 55.92
N VAL QB 80 -20.11 0.96 54.69
CA VAL QB 80 -19.16 1.84 54.00
C VAL QB 80 -19.06 3.16 54.74
N THR QB 81 -20.21 3.73 55.10
CA THR QB 81 -20.25 5.06 55.70
C THR QB 81 -19.72 5.00 57.13
N PHE QB 82 -18.64 5.72 57.37
CA PHE QB 82 -17.99 5.82 58.66
C PHE QB 82 -18.49 7.07 59.37
N ASN QB 83 -17.80 7.46 60.44
CA ASN QB 83 -18.14 8.69 61.13
C ASN QB 83 -17.02 9.72 61.13
N ASP QB 84 -15.84 9.40 60.59
CA ASP QB 84 -14.75 10.35 60.52
C ASP QB 84 -14.21 10.48 59.10
N ILE QB 85 -13.63 11.65 58.86
CA ILE QB 85 -13.25 12.04 57.51
C ILE QB 85 -11.96 11.36 57.08
N SER QB 86 -11.13 10.95 58.05
CA SER QB 86 -9.87 10.30 57.67
C SER QB 86 -10.02 8.80 57.61
N SER QB 87 -10.92 8.24 58.42
CA SER QB 87 -11.20 6.81 58.34
C SER QB 87 -11.95 6.49 57.06
N LEU QB 88 -12.80 7.41 56.59
CA LEU QB 88 -13.51 7.16 55.34
C LEU QB 88 -12.56 7.22 54.15
N SER QB 89 -11.56 8.10 54.19
CA SER QB 89 -10.51 8.09 53.17
C SER QB 89 -9.53 6.94 53.35
N LYS QB 90 -9.43 6.37 54.56
CA LYS QB 90 -8.64 5.16 54.74
C LYS QB 90 -9.34 3.94 54.15
N HIS QB 91 -10.67 3.97 54.10
CA HIS QB 91 -11.41 2.79 53.66
C HIS QB 91 -11.26 2.56 52.17
N VAL QB 92 -11.12 3.63 51.39
CA VAL QB 92 -10.99 3.43 49.95
C VAL QB 92 -9.57 3.03 49.60
N ASP QB 93 -8.61 3.27 50.49
CA ASP QB 93 -7.25 2.83 50.26
C ASP QB 93 -7.16 1.33 50.48
N GLU QB 94 -7.69 0.88 51.61
CA GLU QB 94 -7.66 -0.56 51.87
C GLU QB 94 -8.63 -1.32 50.98
N GLY QB 95 -9.59 -0.64 50.36
CA GLY QB 95 -10.30 -1.26 49.26
C GLY QB 95 -9.46 -1.36 47.99
N LEU QB 96 -8.63 -0.35 47.71
CA LEU QB 96 -7.84 -0.35 46.50
C LEU QB 96 -6.51 -1.12 46.62
N ASP QB 97 -6.27 -1.74 47.76
CA ASP QB 97 -4.96 -2.35 47.95
C ASP QB 97 -4.81 -3.66 47.20
N GLY QB 98 -5.92 -4.36 46.91
CA GLY QB 98 -5.83 -5.60 46.18
C GLY QB 98 -5.51 -5.39 44.71
N TYR QB 99 -5.89 -4.25 44.15
CA TYR QB 99 -5.49 -3.93 42.80
C TYR QB 99 -4.05 -3.42 42.82
N ARG QB 100 -3.70 -2.70 43.89
CA ARG QB 100 -2.46 -1.95 43.88
C ARG QB 100 -1.26 -2.89 44.04
N ASP QB 101 -1.37 -3.91 44.91
CA ASP QB 101 -0.25 -4.83 45.01
C ASP QB 101 -0.14 -5.73 43.78
N TYR QB 102 -1.24 -5.89 43.02
CA TYR QB 102 -1.14 -6.54 41.72
C TYR QB 102 -0.30 -5.71 40.78
N LEU QB 103 -0.41 -4.37 40.86
CA LEU QB 103 0.46 -3.55 40.03
C LEU QB 103 1.91 -3.67 40.48
N ILE QB 104 2.10 -3.91 41.79
CA ILE QB 104 3.45 -3.98 42.34
C ILE QB 104 4.12 -5.25 41.87
N LYS QB 105 3.36 -6.34 41.76
CA LYS QB 105 3.98 -7.64 41.48
C LYS QB 105 4.46 -7.69 40.04
N TYR QB 106 3.73 -7.09 39.12
CA TYR QB 106 3.96 -7.25 37.70
C TYR QB 106 4.59 -6.02 37.06
N SER QB 107 4.93 -4.99 37.82
CA SER QB 107 5.59 -3.85 37.21
C SER QB 107 7.09 -3.94 37.45
N ASP QB 108 7.83 -3.10 36.72
CA ASP QB 108 9.28 -3.07 36.87
C ASP QB 108 9.69 -2.31 38.10
N ARG QB 109 10.87 -2.65 38.63
CA ARG QB 109 11.35 -2.01 39.84
C ARG QB 109 11.81 -0.58 39.57
N GLU QB 110 12.81 -0.43 38.69
CA GLU QB 110 13.40 0.88 38.53
C GLU QB 110 12.54 1.81 37.71
N LEU QB 111 11.67 1.25 36.86
CA LEU QB 111 10.83 2.13 36.06
C LEU QB 111 9.74 2.76 36.91
N VAL QB 112 9.25 2.02 37.91
CA VAL QB 112 8.38 2.62 38.91
C VAL QB 112 9.15 3.62 39.74
N GLN QB 113 10.40 3.27 40.09
CA GLN QB 113 11.22 4.11 40.96
C GLN QB 113 11.60 5.43 40.32
N PHE QB 114 11.65 5.48 38.99
CA PHE QB 114 11.96 6.72 38.30
C PHE QB 114 10.85 7.76 38.40
N PHE QB 115 9.58 7.32 38.44
CA PHE QB 115 8.51 8.30 38.43
C PHE QB 115 8.31 9.04 39.75
N GLU QB 116 8.72 8.48 40.89
CA GLU QB 116 8.54 9.23 42.14
C GLU QB 116 9.55 10.36 42.21
N ASN QB 117 10.79 10.08 41.79
CA ASN QB 117 11.80 11.12 41.75
C ASN QB 117 11.45 12.15 40.69
N ALA QB 118 10.81 11.73 39.60
CA ALA QB 118 10.46 12.71 38.59
C ALA QB 118 9.25 13.55 39.03
N GLN QB 119 8.36 13.01 39.86
CA GLN QB 119 7.19 13.77 40.28
C GLN QB 119 7.47 14.67 41.48
N LEU QB 120 8.51 14.35 42.26
CA LEU QB 120 8.75 15.12 43.48
C LEU QB 120 9.44 16.44 43.14
N LYS QB 121 10.36 16.42 42.19
CA LYS QB 121 11.05 17.64 41.81
C LYS QB 121 10.11 18.58 41.05
N ARG QB 122 9.09 18.03 40.40
CA ARG QB 122 7.98 18.86 39.93
C ARG QB 122 7.17 19.38 41.10
N GLN QB 123 7.00 18.57 42.14
CA GLN QB 123 6.14 18.92 43.26
C GLN QB 123 6.72 20.05 44.10
N TYR QB 124 7.87 19.82 44.74
CA TYR QB 124 8.51 20.81 45.57
C TYR QB 124 9.59 21.58 44.82
N GLY QB 125 10.53 20.88 44.25
CA GLY QB 125 11.65 21.50 43.57
C GLY QB 125 12.82 20.54 43.60
N GLU QB 126 13.97 21.04 43.14
CA GLU QB 126 15.16 20.20 43.02
C GLU QB 126 15.70 19.76 44.39
N GLU QB 127 15.39 20.50 45.46
CA GLU QB 127 15.99 20.24 46.77
C GLU QB 127 15.51 18.95 47.41
N THR QB 128 14.49 18.30 46.87
CA THR QB 128 14.05 17.02 47.42
C THR QB 128 15.08 15.94 47.08
N GLU QB 129 15.52 15.23 48.11
CA GLU QB 129 16.50 14.16 47.96
C GLU QB 129 15.86 12.89 47.40
N THR QB 130 16.64 12.15 46.61
CA THR QB 130 16.14 11.05 45.81
C THR QB 130 15.89 9.83 46.68
N VAL QB 131 14.93 9.01 46.27
CA VAL QB 131 14.62 7.78 47.00
C VAL QB 131 15.23 6.60 46.26
N LYS QB 132 15.75 5.65 47.03
CA LYS QB 132 16.46 4.51 46.48
C LYS QB 132 15.56 3.29 46.48
N ARG QB 133 16.17 2.12 46.24
CA ARG QB 133 15.43 0.86 46.18
C ARG QB 133 14.89 0.47 47.55
N ASP QB 134 15.52 0.96 48.62
CA ASP QB 134 15.27 0.45 49.97
C ASP QB 134 13.92 0.87 50.53
N LYS QB 135 13.12 1.61 49.77
CA LYS QB 135 11.77 1.94 50.16
C LYS QB 135 10.85 0.73 50.11
N ASP QB 136 11.27 -0.32 49.37
CA ASP QB 136 10.34 -1.33 48.90
C ASP QB 136 9.78 -2.16 50.04
N GLU QB 137 10.48 -2.20 51.16
CA GLU QB 137 10.07 -3.08 52.22
C GLU QB 137 8.89 -2.49 53.00
N ILE QB 138 8.79 -1.16 53.08
CA ILE QB 138 7.75 -0.53 53.89
C ILE QB 138 6.79 0.34 53.09
N GLU QB 139 7.28 1.13 52.14
CA GLU QB 139 6.48 2.20 51.59
C GLU QB 139 5.87 1.81 50.25
N LYS QB 140 4.61 2.25 50.02
CA LYS QB 140 3.87 2.01 48.79
CA LYS QB 140 3.90 2.00 48.79
C LYS QB 140 3.82 3.26 47.93
N PRO QB 141 3.97 3.13 46.63
CA PRO QB 141 3.86 4.29 45.74
C PRO QB 141 2.40 4.66 45.51
N SER QB 142 2.22 5.77 44.81
CA SER QB 142 0.89 6.23 44.47
C SER QB 142 0.31 5.37 43.34
N ILE QB 143 -1.00 5.51 43.14
CA ILE QB 143 -1.65 4.76 42.08
C ILE QB 143 -1.44 5.42 40.72
N PHE QB 144 -1.07 6.71 40.69
CA PHE QB 144 -0.90 7.38 39.41
C PHE QB 144 0.55 7.39 38.95
N ALA QB 145 1.48 6.93 39.78
CA ALA QB 145 2.87 6.72 39.38
C ALA QB 145 3.18 5.28 39.03
N LEU QB 146 2.21 4.38 39.11
CA LEU QB 146 2.45 2.96 38.81
C LEU QB 146 2.15 2.59 37.37
N LEU QB 147 0.91 2.77 36.96
CA LEU QB 147 0.39 2.38 35.66
C LEU QB 147 1.04 2.96 34.41
N PRO QB 148 1.76 4.13 34.45
CA PRO QB 148 2.68 4.41 33.33
C PRO QB 148 3.80 3.39 33.27
N ALA QB 149 4.48 3.17 34.38
CA ALA QB 149 5.62 2.27 34.34
C ALA QB 149 5.16 0.83 34.20
N TYR QB 150 3.90 0.56 34.59
CA TYR QB 150 3.35 -0.77 34.36
C TYR QB 150 3.16 -0.99 32.87
N ALA QB 151 2.53 -0.02 32.19
CA ALA QB 151 2.20 -0.23 30.80
C ALA QB 151 3.44 -0.26 29.93
N LEU QB 152 4.48 0.48 30.32
CA LEU QB 152 5.75 0.34 29.60
C LEU QB 152 6.42 -1.00 29.87
N SER QB 153 6.33 -1.51 31.11
CA SER QB 153 6.97 -2.79 31.37
C SER QB 153 6.25 -3.92 30.65
N GLU QB 154 4.93 -3.79 30.50
CA GLU QB 154 4.21 -4.82 29.79
C GLU QB 154 4.40 -4.72 28.29
N ILE QB 155 4.72 -3.53 27.78
CA ILE QB 155 5.09 -3.44 26.37
C ILE QB 155 6.45 -4.09 26.16
N LYS QB 156 7.34 -3.98 27.17
CA LYS QB 156 8.63 -4.64 27.09
C LYS QB 156 8.49 -6.16 27.10
N SER QB 157 7.59 -6.67 27.94
CA SER QB 157 7.45 -8.13 28.02
C SER QB 157 6.73 -8.67 26.79
N ALA QB 158 5.77 -7.93 26.25
CA ALA QB 158 5.07 -8.39 25.06
C ALA QB 158 5.99 -8.38 23.85
N PHE QB 159 6.87 -7.37 23.73
CA PHE QB 159 7.85 -7.42 22.65
C PHE QB 159 8.93 -8.46 22.88
N LYS QB 160 9.18 -8.81 24.14
CA LYS QB 160 10.09 -9.89 24.47
C LYS QB 160 9.53 -11.21 23.95
N ILE QB 161 8.23 -11.41 24.11
CA ILE QB 161 7.62 -12.62 23.59
C ILE QB 161 7.58 -12.56 22.06
N GLY QB 162 7.30 -11.38 21.51
CA GLY QB 162 7.10 -11.24 20.08
C GLY QB 162 8.35 -11.41 19.25
N PHE QB 163 9.54 -11.25 19.83
CA PHE QB 163 10.75 -11.50 19.05
C PHE QB 163 10.98 -12.99 18.86
N TYR QB 164 10.61 -13.78 19.85
CA TYR QB 164 11.00 -15.19 19.88
C TYR QB 164 10.26 -15.99 18.82
N LEU QB 165 8.94 -15.83 18.75
CA LEU QB 165 8.25 -16.57 17.70
C LEU QB 165 8.32 -15.85 16.36
N TYR QB 166 8.90 -14.65 16.30
CA TYR QB 166 9.30 -14.09 15.02
C TYR QB 166 10.52 -14.77 14.44
N LEU QB 167 11.34 -15.39 15.29
CA LEU QB 167 12.54 -16.07 14.77
C LEU QB 167 12.29 -17.28 13.85
N PRO QB 168 11.40 -18.24 14.17
CA PRO QB 168 11.31 -19.42 13.30
C PRO QB 168 10.65 -19.18 11.96
N PHE QB 169 10.22 -17.97 11.66
CA PHE QB 169 9.70 -17.68 10.34
C PHE QB 169 10.75 -17.05 9.45
N VAL QB 170 11.65 -16.25 10.03
CA VAL QB 170 12.66 -15.65 9.18
C VAL QB 170 13.79 -16.62 8.91
N VAL QB 171 13.90 -17.70 9.69
CA VAL QB 171 14.85 -18.73 9.23
C VAL QB 171 14.30 -19.41 7.97
N VAL QB 172 12.98 -19.49 7.84
CA VAL QB 172 12.37 -20.01 6.62
C VAL QB 172 12.54 -19.01 5.47
N ASP QB 173 12.35 -17.73 5.78
CA ASP QB 173 12.36 -16.72 4.75
C ASP QB 173 13.74 -16.40 4.22
N LEU QB 174 14.79 -16.91 4.86
CA LEU QB 174 16.09 -16.70 4.25
C LEU QB 174 16.51 -17.88 3.39
N VAL QB 175 16.13 -19.09 3.78
CA VAL QB 175 16.51 -20.25 2.99
C VAL QB 175 15.67 -20.33 1.72
N VAL QB 176 14.45 -19.79 1.71
CA VAL QB 176 13.71 -19.78 0.44
C VAL QB 176 14.31 -18.75 -0.51
N SER QB 177 14.74 -17.60 0.04
CA SER QB 177 15.39 -16.59 -0.78
C SER QB 177 16.80 -17.00 -1.19
N SER QB 178 17.30 -18.10 -0.64
CA SER QB 178 18.60 -18.60 -1.05
C SER QB 178 18.49 -19.75 -2.02
N VAL QB 179 17.46 -20.60 -1.89
CA VAL QB 179 17.30 -21.69 -2.84
C VAL QB 179 16.78 -21.15 -4.18
N LEU QB 180 16.04 -20.04 -4.16
CA LEU QB 180 15.68 -19.39 -5.43
C LEU QB 180 16.87 -18.75 -6.12
N LEU QB 181 17.84 -18.27 -5.36
CA LEU QB 181 19.07 -17.76 -5.96
C LEU QB 181 20.12 -18.84 -6.16
N ALA QB 182 19.89 -20.04 -5.64
CA ALA QB 182 20.68 -21.17 -6.09
C ALA QB 182 20.37 -21.50 -7.53
N LEU QB 183 19.13 -21.33 -7.95
CA LEU QB 183 18.80 -21.32 -9.35
C LEU QB 183 18.96 -19.89 -9.88
N GLY QB 184 18.67 -19.67 -11.15
CA GLY QB 184 18.79 -18.34 -11.69
C GLY QB 184 17.49 -17.56 -11.66
N MET QB 185 16.74 -17.70 -10.58
CA MET QB 185 15.36 -17.22 -10.49
C MET QB 185 15.28 -15.91 -9.74
N MET QB 186 16.22 -15.00 -10.05
CA MET QB 186 16.38 -13.75 -9.32
C MET QB 186 15.15 -12.85 -9.44
N MET QB 187 14.47 -12.87 -10.59
CA MET QB 187 13.32 -11.99 -10.78
C MET QB 187 12.03 -12.64 -10.32
N MET QB 188 11.97 -13.12 -9.08
CA MET QB 188 10.83 -13.89 -8.62
C MET QB 188 10.53 -13.47 -7.19
N SER QB 189 9.25 -13.31 -6.87
CA SER QB 189 8.80 -12.91 -5.53
C SER QB 189 8.82 -14.11 -4.60
N PRO QB 190 9.74 -14.16 -3.63
CA PRO QB 190 9.84 -15.33 -2.77
C PRO QB 190 8.80 -15.42 -1.67
N VAL QB 191 8.00 -14.39 -1.43
CA VAL QB 191 7.02 -14.48 -0.35
C VAL QB 191 5.82 -15.33 -0.74
N THR QB 192 5.58 -15.50 -2.04
CA THR QB 192 4.46 -16.31 -2.51
C THR QB 192 4.81 -17.78 -2.57
N ILE QB 193 6.07 -18.13 -2.33
CA ILE QB 193 6.44 -19.52 -2.16
C ILE QB 193 6.63 -19.73 -0.66
N SER QB 194 7.06 -18.67 0.04
CA SER QB 194 7.28 -18.80 1.47
C SER QB 194 6.00 -18.89 2.29
N THR QB 195 4.88 -18.42 1.77
CA THR QB 195 3.66 -18.39 2.59
C THR QB 195 3.04 -19.74 2.96
N PRO QB 196 3.02 -20.78 2.09
CA PRO QB 196 2.56 -22.10 2.56
C PRO QB 196 3.41 -22.69 3.67
N ILE QB 197 4.72 -22.74 3.47
CA ILE QB 197 5.57 -23.36 4.48
C ILE QB 197 5.70 -22.49 5.70
N LYS QB 198 5.28 -21.22 5.63
CA LYS QB 198 5.13 -20.45 6.85
C LYS QB 198 3.86 -20.86 7.58
N LEU QB 199 2.81 -21.24 6.84
CA LEU QB 199 1.58 -21.62 7.54
C LEU QB 199 1.68 -23.01 8.14
N VAL QB 200 2.43 -23.89 7.48
CA VAL QB 200 2.61 -25.25 7.99
C VAL QB 200 3.42 -25.23 9.27
N LEU QB 201 4.45 -24.40 9.35
CA LEU QB 201 5.27 -24.36 10.56
C LEU QB 201 4.53 -23.80 11.77
N PHE QB 202 3.36 -23.18 11.57
CA PHE QB 202 2.53 -22.83 12.69
C PHE QB 202 1.38 -23.80 12.94
N VAL QB 203 0.94 -24.56 11.95
CA VAL QB 203 -0.22 -25.40 12.22
C VAL QB 203 0.26 -26.79 12.62
N ALA QB 204 1.44 -27.19 12.15
CA ALA QB 204 2.02 -28.44 12.59
C ALA QB 204 2.60 -28.30 13.98
N LEU QB 205 3.05 -27.10 14.33
CA LEU QB 205 3.54 -26.86 15.68
C LEU QB 205 2.41 -26.53 16.63
N ASP QB 206 1.26 -26.07 16.11
CA ASP QB 206 0.07 -25.71 16.88
C ASP QB 206 0.37 -24.68 17.96
N GLY QB 207 0.85 -23.52 17.51
CA GLY QB 207 1.29 -22.51 18.45
C GLY QB 207 0.17 -21.82 19.20
N TRP QB 208 -1.06 -21.92 18.71
CA TRP QB 208 -2.18 -21.26 19.37
C TRP QB 208 -2.53 -21.95 20.69
N THR QB 209 -2.55 -23.27 20.69
CA THR QB 209 -3.06 -24.00 21.83
C THR QB 209 -1.98 -24.33 22.85
N LEU QB 210 -0.78 -23.79 22.68
CA LEU QB 210 0.23 -23.87 23.70
C LEU QB 210 0.71 -22.49 24.09
N LEU QB 211 0.59 -21.50 23.21
CA LEU QB 211 0.87 -20.13 23.61
C LEU QB 211 -0.28 -19.60 24.47
N SER QB 212 -1.51 -20.05 24.18
CA SER QB 212 -2.64 -19.61 24.99
C SER QB 212 -2.55 -20.17 26.40
N LYS QB 213 -2.10 -21.41 26.54
CA LYS QB 213 -1.84 -21.92 27.88
C LYS QB 213 -0.62 -21.25 28.51
N GLY QB 214 0.32 -20.77 27.70
CA GLY QB 214 1.52 -20.18 28.27
C GLY QB 214 1.24 -18.85 28.91
N LEU QB 215 0.30 -18.10 28.34
CA LEU QB 215 0.06 -16.79 28.92
C LEU QB 215 -0.73 -16.91 30.22
N ILE QB 216 -1.63 -17.89 30.32
CA ILE QB 216 -2.34 -18.07 31.58
C ILE QB 216 -1.39 -18.64 32.63
N LEU QB 217 -0.36 -19.40 32.20
CA LEU QB 217 0.65 -19.84 33.15
C LEU QB 217 1.56 -18.71 33.59
N GLN QB 218 1.61 -17.62 32.83
CA GLN QB 218 2.43 -16.49 33.29
C GLN QB 218 1.73 -15.63 34.34
N TYR QB 219 0.50 -15.94 34.73
CA TYR QB 219 -0.14 -15.20 35.80
C TYR QB 219 -0.69 -16.10 36.88
N MET QB 220 -1.16 -17.29 36.51
CA MET QB 220 -1.85 -18.17 37.43
C MET QB 220 -1.22 -19.56 37.28
N ASP QB 221 -1.57 -20.47 38.20
CA ASP QB 221 -1.06 -21.84 38.17
C ASP QB 221 -2.22 -22.83 38.10
N ILE QB 222 -1.87 -24.10 37.93
CA ILE QB 222 -2.83 -25.19 37.79
C ILE QB 222 -2.59 -26.22 38.90
N ALA QB 223 -3.65 -26.56 39.63
CA ALA QB 223 -3.64 -27.55 40.73
C ALA QB 223 -2.63 -27.25 41.83
N PHE RB 2 -16.21 25.51 46.35
CA PHE RB 2 -15.89 24.23 45.71
C PHE RB 2 -15.64 24.29 44.21
N TYR RB 3 -15.04 25.37 43.75
CA TYR RB 3 -14.83 25.57 42.31
C TYR RB 3 -13.44 25.08 41.90
N ALA RB 4 -12.51 25.10 42.85
CA ALA RB 4 -11.13 24.76 42.56
C ALA RB 4 -10.96 23.27 42.35
N LEU RB 5 -11.85 22.43 42.88
CA LEU RB 5 -11.71 21.00 42.64
C LEU RB 5 -11.98 20.69 41.17
N TYR RB 6 -12.96 21.37 40.56
CA TYR RB 6 -13.19 21.21 39.14
C TYR RB 6 -12.08 21.86 38.33
N PHE RB 7 -11.52 22.95 38.86
CA PHE RB 7 -10.46 23.62 38.12
C PHE RB 7 -9.14 22.86 38.16
N GLU RB 8 -8.94 22.01 39.15
CA GLU RB 8 -7.66 21.31 39.23
C GLU RB 8 -7.57 20.24 38.16
N ILE RB 9 -8.67 19.51 37.93
CA ILE RB 9 -8.68 18.54 36.85
C ILE RB 9 -8.79 19.25 35.52
N HIS RB 10 -9.26 20.50 35.53
CA HIS RB 10 -9.49 21.16 34.27
C HIS RB 10 -8.23 21.84 33.78
N HIS RB 11 -7.33 22.24 34.69
CA HIS RB 11 -6.01 22.71 34.27
C HIS RB 11 -5.14 21.55 33.83
N LEU RB 12 -5.46 20.35 34.30
CA LEU RB 12 -4.67 19.16 33.98
C LEU RB 12 -4.97 18.71 32.57
N VAL RB 13 -6.26 18.67 32.22
CA VAL RB 13 -6.62 18.11 30.93
C VAL RB 13 -6.16 19.06 29.82
N ALA RB 14 -6.05 20.36 30.13
CA ALA RB 14 -5.40 21.29 29.20
C ALA RB 14 -3.90 21.08 29.14
N SER RB 15 -3.27 20.68 30.25
CA SER RB 15 -1.82 20.56 30.24
C SER RB 15 -1.38 19.29 29.54
N ALA RB 16 -2.24 18.29 29.55
CA ALA RB 16 -1.89 17.03 28.90
C ALA RB 16 -1.99 17.12 27.39
N ALA RB 17 -2.70 18.11 26.84
CA ALA RB 17 -2.80 18.21 25.38
C ALA RB 17 -1.45 18.61 24.79
N LEU RB 18 -0.80 19.61 25.39
CA LEU RB 18 0.57 19.94 24.97
C LEU RB 18 1.53 18.81 25.34
N GLY RB 19 1.24 18.09 26.42
CA GLY RB 19 2.08 16.93 26.70
C GLY RB 19 1.90 15.85 25.66
N PHE RB 20 0.72 15.76 25.05
CA PHE RB 20 0.52 14.81 23.98
C PHE RB 20 1.25 15.25 22.74
N ALA RB 21 1.28 16.57 22.51
CA ALA RB 21 1.87 17.09 21.28
C ALA RB 21 3.38 16.99 21.32
N ARG RB 22 3.95 16.87 22.50
CA ARG RB 22 5.40 16.69 22.57
C ARG RB 22 5.82 15.24 22.33
N VAL RB 23 5.09 14.29 22.91
CA VAL RB 23 5.54 12.91 23.00
C VAL RB 23 4.81 11.99 22.02
N ALA RB 24 3.84 12.49 21.27
CA ALA RB 24 3.20 11.66 20.26
C ALA RB 24 4.07 11.23 19.08
N PRO RB 25 4.91 12.08 18.45
CA PRO RB 25 5.77 11.53 17.39
C PRO RB 25 7.06 10.92 17.91
N ILE RB 26 6.99 10.14 18.99
CA ILE RB 26 8.04 9.21 19.36
C ILE RB 26 7.42 7.83 19.30
N PHE RB 27 6.11 7.79 19.48
CA PHE RB 27 5.33 6.57 19.37
C PHE RB 27 5.03 6.21 17.93
N PHE RB 28 5.45 7.04 16.99
CA PHE RB 28 5.42 6.66 15.59
C PHE RB 28 6.77 6.17 15.13
N PHE RB 29 7.82 6.65 15.76
CA PHE RB 29 9.17 6.40 15.28
C PHE RB 29 9.73 5.12 15.85
N LEU RB 30 9.36 4.78 17.09
CA LEU RB 30 10.09 3.69 17.72
C LEU RB 30 9.63 2.34 17.16
N PRO RB 31 10.56 1.38 17.03
CA PRO RB 31 10.19 0.11 16.40
C PRO RB 31 9.31 -0.77 17.26
N PHE RB 32 9.35 -0.62 18.57
CA PHE RB 32 8.50 -1.43 19.43
C PHE RB 32 7.30 -0.65 19.95
N LEU RB 33 6.97 0.47 19.31
CA LEU RB 33 5.87 1.30 19.78
C LEU RB 33 4.99 1.86 18.67
N ASN RB 34 5.27 1.54 17.40
CA ASN RB 34 4.56 2.19 16.31
C ASN RB 34 3.15 1.64 16.15
N SER RB 35 2.44 2.14 15.16
CA SER RB 35 1.08 1.69 14.90
C SER RB 35 1.03 0.29 14.31
N GLY RB 36 2.14 -0.20 13.77
CA GLY RB 36 2.17 -1.57 13.30
C GLY RB 36 2.19 -2.59 14.42
N VAL RB 37 2.70 -2.19 15.59
CA VAL RB 37 2.77 -3.10 16.72
C VAL RB 37 1.71 -2.79 17.77
N LEU RB 38 1.09 -1.62 17.72
CA LEU RB 38 0.14 -1.20 18.73
C LEU RB 38 -1.19 -0.90 18.06
N SER RB 39 -2.28 -1.25 18.73
CA SER RB 39 -3.61 -1.06 18.18
C SER RB 39 -4.04 0.41 18.29
N GLY RB 40 -5.30 0.66 18.01
CA GLY RB 40 -5.83 2.00 18.06
C GLY RB 40 -6.51 2.32 19.37
N ALA RB 41 -7.21 1.32 19.94
CA ALA RB 41 -8.00 1.59 21.15
C ALA RB 41 -7.18 1.86 22.40
N PRO RB 42 -6.16 1.07 22.76
CA PRO RB 42 -5.37 1.45 23.95
C PRO RB 42 -4.13 2.27 23.68
N ARG RB 43 -3.90 2.76 22.47
CA ARG RB 43 -2.75 3.60 22.20
C ARG RB 43 -2.89 4.97 22.87
N ASN RB 44 -4.01 5.62 22.64
CA ASN RB 44 -4.20 6.98 23.12
C ASN RB 44 -4.41 7.03 24.62
N ALA RB 45 -4.66 5.89 25.26
CA ALA RB 45 -4.63 5.90 26.72
C ALA RB 45 -3.20 6.03 27.21
N ILE RB 46 -2.26 5.35 26.53
CA ILE RB 46 -0.88 5.33 26.98
C ILE RB 46 -0.23 6.69 26.80
N ILE RB 47 -0.48 7.32 25.64
CA ILE RB 47 0.29 8.53 25.31
C ILE RB 47 -0.11 9.70 26.19
N ILE RB 48 -1.32 9.70 26.74
CA ILE RB 48 -1.71 10.79 27.61
C ILE RB 48 -1.09 10.63 29.00
N LEU RB 49 -1.24 9.45 29.61
CA LEU RB 49 -0.77 9.32 30.98
C LEU RB 49 0.74 9.21 31.08
N VAL RB 50 1.44 8.94 29.97
CA VAL RB 50 2.90 9.03 30.02
C VAL RB 50 3.31 10.49 30.14
N ALA RB 51 2.71 11.37 29.34
CA ALA RB 51 3.04 12.79 29.45
C ALA RB 51 2.53 13.40 30.74
N LEU RB 52 1.50 12.79 31.33
CA LEU RB 52 1.03 13.25 32.63
C LEU RB 52 2.00 12.84 33.73
N GLY RB 53 2.75 11.76 33.53
CA GLY RB 53 3.64 11.44 34.62
C GLY RB 53 4.97 12.15 34.53
N VAL RB 54 5.21 12.89 33.44
CA VAL RB 54 6.50 13.51 33.16
C VAL RB 54 6.40 15.01 32.99
N TRP RB 55 5.20 15.59 33.07
CA TRP RB 55 5.02 17.03 32.83
C TRP RB 55 5.73 17.84 33.92
N PRO RB 56 6.54 18.85 33.55
CA PRO RB 56 7.46 19.47 34.52
C PRO RB 56 6.81 20.43 35.50
N HIS RB 57 5.79 21.17 35.09
CA HIS RB 57 5.21 22.11 36.01
C HIS RB 57 4.20 21.40 36.89
N ALA RB 58 3.88 22.04 38.02
CA ALA RB 58 2.97 21.44 38.98
C ALA RB 58 1.55 21.45 38.43
N LEU RB 59 0.79 20.41 38.75
CA LEU RB 59 -0.46 20.17 38.04
C LEU RB 59 -1.57 21.10 38.51
N ASN RB 60 -1.60 21.47 39.79
CA ASN RB 60 -2.71 22.28 40.29
C ASN RB 60 -2.59 23.72 39.84
N GLU RB 61 -1.40 24.16 39.44
CA GLU RB 61 -1.22 25.53 39.01
C GLU RB 61 -1.82 25.73 37.63
N ALA RB 62 -2.06 26.98 37.30
CA ALA RB 62 -2.56 27.34 35.98
C ALA RB 62 -1.43 27.27 34.97
N PRO RB 63 -1.67 26.75 33.77
CA PRO RB 63 -0.60 26.66 32.78
C PRO RB 63 -0.37 28.03 32.16
N PRO RB 64 0.86 28.33 31.77
CA PRO RB 64 1.12 29.62 31.11
C PRO RB 64 0.81 29.66 29.63
N PHE RB 65 0.01 28.71 29.13
CA PHE RB 65 -0.36 28.65 27.72
C PHE RB 65 -1.33 29.73 27.29
N LEU RB 66 -1.93 30.47 28.22
CA LEU RB 66 -3.20 31.16 27.99
C LEU RB 66 -3.05 32.29 26.99
N SER RB 67 -3.50 32.01 25.77
CA SER RB 67 -3.65 32.97 24.66
C SER RB 67 -2.35 33.70 24.33
N VAL RB 68 -1.21 33.02 24.43
CA VAL RB 68 0.00 33.66 23.95
C VAL RB 68 0.15 33.57 22.43
N ALA RB 69 0.37 32.36 21.89
CA ALA RB 69 0.36 32.12 20.43
C ALA RB 69 0.22 30.61 20.23
N MET RB 70 -0.98 30.14 19.90
CA MET RB 70 -1.22 28.71 20.14
C MET RB 70 -0.96 27.84 18.90
N ILE RB 71 -1.43 28.28 17.73
CA ILE RB 71 -1.18 27.52 16.51
C ILE RB 71 0.31 27.42 16.16
N PRO RB 72 1.14 28.47 16.32
CA PRO RB 72 2.58 28.21 16.14
C PRO RB 72 3.20 27.44 17.29
N LEU RB 73 2.55 27.39 18.46
CA LEU RB 73 3.11 26.65 19.57
C LEU RB 73 3.03 25.17 19.30
N VAL RB 74 1.94 24.76 18.63
CA VAL RB 74 1.79 23.36 18.25
C VAL RB 74 2.87 22.96 17.25
N LEU RB 75 3.19 23.84 16.29
CA LEU RB 75 4.28 23.52 15.36
C LEU RB 75 5.65 23.56 16.00
N GLN RB 76 5.80 24.29 17.12
CA GLN RB 76 7.02 24.16 17.92
C GLN RB 76 7.11 22.79 18.55
N GLU RB 77 6.03 22.36 19.20
CA GLU RB 77 6.12 21.14 19.98
C GLU RB 77 6.14 19.92 19.06
N ALA RB 78 5.59 20.05 17.85
CA ALA RB 78 5.70 18.95 16.92
C ALA RB 78 7.09 18.91 16.31
N ALA RB 79 7.74 20.08 16.13
CA ALA RB 79 9.04 20.07 15.51
C ALA RB 79 10.09 19.53 16.48
N VAL RB 80 9.94 19.85 17.76
CA VAL RB 80 10.85 19.24 18.72
C VAL RB 80 10.48 17.78 18.96
N GLY RB 81 9.22 17.38 18.72
CA GLY RB 81 8.88 15.99 18.87
C GLY RB 81 9.46 15.11 17.78
N VAL RB 82 9.42 15.60 16.53
CA VAL RB 82 10.04 14.84 15.45
C VAL RB 82 11.56 14.94 15.52
N MET RB 83 12.10 15.98 16.18
CA MET RB 83 13.52 15.97 16.48
C MET RB 83 13.88 14.88 17.48
N LEU RB 84 13.09 14.74 18.55
CA LEU RB 84 13.41 13.70 19.53
C LEU RB 84 13.15 12.32 18.96
N GLY RB 85 12.26 12.21 17.98
CA GLY RB 85 12.03 10.93 17.35
C GLY RB 85 13.21 10.52 16.50
N CYS RB 86 13.75 11.46 15.73
CA CYS RB 86 14.84 11.06 14.84
C CYS RB 86 16.13 10.90 15.60
N LEU RB 87 16.25 11.47 16.81
CA LEU RB 87 17.43 11.12 17.60
C LEU RB 87 17.26 9.79 18.31
N LEU RB 88 16.07 9.51 18.84
CA LEU RB 88 15.87 8.28 19.59
C LEU RB 88 15.88 7.05 18.70
N SER RB 89 15.48 7.19 17.44
CA SER RB 89 15.51 6.07 16.51
C SER RB 89 16.85 5.93 15.81
N TRP RB 90 17.94 6.44 16.40
CA TRP RB 90 19.27 6.30 15.82
C TRP RB 90 19.76 4.85 15.68
N PRO RB 91 19.89 4.03 16.75
CA PRO RB 91 20.55 2.73 16.54
C PRO RB 91 19.70 1.71 15.82
N PHE RB 92 18.39 1.93 15.76
CA PHE RB 92 17.55 1.09 14.96
C PHE RB 92 17.66 1.45 13.49
N TRP RB 93 17.99 2.72 13.22
CA TRP RB 93 18.07 3.15 11.83
C TRP RB 93 19.36 2.64 11.21
N VAL RB 94 20.46 2.71 11.96
CA VAL RB 94 21.72 2.21 11.42
C VAL RB 94 21.70 0.69 11.34
N MET RB 95 20.99 0.02 12.25
CA MET RB 95 20.95 -1.44 12.16
C MET RB 95 20.08 -1.91 11.00
N HIS RB 96 18.96 -1.22 10.77
CA HIS RB 96 18.14 -1.51 9.61
C HIS RB 96 18.85 -1.11 8.32
N ALA RB 97 19.74 -0.12 8.38
CA ALA RB 97 20.56 0.18 7.22
C ALA RB 97 21.65 -0.86 7.01
N LEU RB 98 22.05 -1.55 8.07
CA LEU RB 98 23.08 -2.57 7.95
C LEU RB 98 22.52 -3.75 7.20
N GLY RB 99 21.31 -4.16 7.60
CA GLY RB 99 20.74 -5.33 6.96
C GLY RB 99 20.36 -5.09 5.52
N CYS RB 100 20.10 -3.83 5.14
CA CYS RB 100 19.77 -3.57 3.75
C CYS RB 100 21.00 -3.69 2.85
N ILE RB 101 22.18 -3.38 3.38
CA ILE RB 101 23.40 -3.55 2.61
C ILE RB 101 23.73 -5.02 2.47
N ILE RB 102 23.58 -5.77 3.57
CA ILE RB 102 23.94 -7.19 3.46
C ILE RB 102 22.92 -7.93 2.59
N ASP RB 103 21.65 -7.51 2.61
CA ASP RB 103 20.68 -8.05 1.65
C ASP RB 103 21.04 -7.67 0.22
N ASN RB 104 21.55 -6.46 0.01
CA ASN RB 104 21.71 -5.98 -1.36
C ASN RB 104 22.97 -6.52 -2.03
N GLN RB 105 24.01 -6.84 -1.27
CA GLN RB 105 25.24 -7.27 -1.90
C GLN RB 105 25.15 -8.69 -2.44
N ARG RB 106 24.39 -9.55 -1.79
CA ARG RB 106 24.34 -10.97 -2.15
C ARG RB 106 23.40 -11.26 -3.30
N GLY RB 107 22.82 -10.25 -3.93
CA GLY RB 107 21.73 -10.46 -4.86
C GLY RB 107 20.43 -10.14 -4.17
N ALA RB 108 19.35 -10.86 -4.49
CA ALA RB 108 18.13 -10.95 -3.70
C ALA RB 108 17.33 -9.65 -3.56
N THR RB 109 17.86 -8.55 -4.07
CA THR RB 109 17.19 -7.26 -4.10
C THR RB 109 17.21 -6.66 -5.48
N LEU RB 110 17.72 -7.38 -6.48
CA LEU RB 110 17.93 -6.85 -7.81
C LEU RB 110 16.65 -6.84 -8.65
N SER RB 111 15.50 -7.09 -8.05
CA SER RB 111 14.21 -6.96 -8.71
C SER RB 111 13.74 -5.52 -8.79
N SER RB 112 14.47 -4.58 -8.20
CA SER RB 112 14.07 -3.17 -8.24
C SER RB 112 14.45 -2.53 -9.57
N SER RB 113 15.72 -2.64 -9.96
CA SER RB 113 16.23 -2.02 -11.17
C SER RB 113 15.67 -2.66 -12.44
N SER RB 123 11.98 -6.53 2.24
CA SER RB 123 13.15 -7.20 2.79
C SER RB 123 12.90 -7.72 4.20
N GLU RB 124 13.33 -8.95 4.46
CA GLU RB 124 13.13 -9.63 5.73
C GLU RB 124 14.39 -9.67 6.59
N MET RB 125 15.56 -9.76 5.97
CA MET RB 125 16.80 -9.83 6.73
C MET RB 125 17.06 -8.52 7.43
N ALA RB 126 16.80 -7.39 6.76
CA ALA RB 126 17.02 -6.11 7.41
C ALA RB 126 15.96 -5.85 8.48
N ASN RB 127 14.82 -6.55 8.40
CA ASN RB 127 13.85 -6.49 9.49
C ASN RB 127 14.32 -7.30 10.69
N PHE RB 128 15.17 -8.30 10.43
CA PHE RB 128 15.57 -9.20 11.50
C PHE RB 128 16.57 -8.53 12.42
N LEU RB 129 17.50 -7.75 11.86
CA LEU RB 129 18.45 -7.06 12.71
C LEU RB 129 17.77 -5.93 13.44
N ASN RB 130 16.76 -5.32 12.83
CA ASN RB 130 16.08 -4.21 13.47
C ASN RB 130 15.26 -4.66 14.66
N MET RB 131 14.66 -5.85 14.55
CA MET RB 131 14.00 -6.43 15.72
C MET RB 131 15.01 -6.87 16.76
N PHE RB 132 16.18 -7.34 16.32
CA PHE RB 132 17.15 -7.88 17.27
C PHE RB 132 17.77 -6.76 18.08
N ALA RB 133 18.17 -5.67 17.41
CA ALA RB 133 18.69 -4.54 18.16
C ALA RB 133 17.59 -3.82 18.93
N ALA RB 134 16.31 -4.01 18.56
CA ALA RB 134 15.24 -3.51 19.42
C ALA RB 134 15.16 -4.28 20.71
N VAL RB 135 15.35 -5.60 20.66
CA VAL RB 135 15.16 -6.39 21.87
C VAL RB 135 16.39 -6.24 22.78
N VAL RB 136 17.60 -6.30 22.20
CA VAL RB 136 18.80 -6.18 23.03
C VAL RB 136 18.94 -4.75 23.54
N TYR RB 137 18.33 -3.74 22.89
CA TYR RB 137 18.27 -2.45 23.54
C TYR RB 137 17.24 -2.45 24.65
N LEU RB 138 16.16 -3.22 24.48
CA LEU RB 138 15.08 -3.19 25.45
C LEU RB 138 15.41 -3.96 26.73
N GLN RB 139 16.41 -4.83 26.71
CA GLN RB 139 16.58 -5.66 27.90
C GLN RB 139 17.30 -4.92 29.02
N ASN RB 140 18.55 -4.53 28.80
CA ASN RB 140 19.33 -3.83 29.82
C ASN RB 140 19.00 -2.34 29.83
N GLY RB 141 18.25 -1.91 30.84
CA GLY RB 141 17.77 -0.55 30.91
C GLY RB 141 16.69 -0.28 29.89
N GLY RB 142 17.00 0.47 28.84
CA GLY RB 142 16.02 0.63 27.79
C GLY RB 142 15.04 1.76 28.01
N LEU RB 143 13.88 1.42 28.59
CA LEU RB 143 12.85 2.43 28.75
C LEU RB 143 13.16 3.46 29.83
N VAL RB 144 14.15 3.20 30.70
CA VAL RB 144 14.49 4.21 31.68
C VAL RB 144 15.26 5.34 31.01
N THR RB 145 16.09 5.03 30.02
CA THR RB 145 16.78 6.11 29.34
C THR RB 145 15.93 6.63 28.20
N MET RB 146 14.91 5.88 27.80
CA MET RB 146 14.04 6.41 26.76
C MET RB 146 13.10 7.46 27.36
N VAL RB 147 12.70 7.28 28.62
CA VAL RB 147 11.87 8.28 29.27
C VAL RB 147 12.72 9.44 29.81
N ASP RB 148 13.99 9.18 30.16
CA ASP RB 148 14.80 10.23 30.78
C ASP RB 148 15.14 11.37 29.83
N VAL RB 149 15.21 11.08 28.52
CA VAL RB 149 15.57 12.15 27.61
C VAL RB 149 14.39 13.07 27.34
N LEU RB 150 13.17 12.60 27.50
CA LEU RB 150 12.04 13.50 27.37
C LEU RB 150 11.72 14.12 28.71
N ASN RB 151 12.24 13.58 29.81
CA ASN RB 151 12.10 14.29 31.06
C ASN RB 151 13.10 15.43 31.14
N LYS RB 152 14.27 15.28 30.52
CA LYS RB 152 15.24 16.38 30.43
C LYS RB 152 14.89 17.40 29.36
N SER RB 153 14.09 17.01 28.36
CA SER RB 153 13.72 17.95 27.32
C SER RB 153 12.79 19.02 27.88
N TYR RB 154 11.99 18.68 28.86
CA TYR RB 154 11.19 19.70 29.52
C TYR RB 154 12.02 20.55 30.47
N GLN RB 155 13.19 20.07 30.88
CA GLN RB 155 14.10 20.85 31.72
C GLN RB 155 14.93 21.82 30.91
N LEU RB 156 15.02 21.64 29.60
CA LEU RB 156 15.81 22.54 28.76
C LEU RB 156 15.04 23.17 27.61
N CYS RB 157 13.79 22.77 27.37
CA CYS RB 157 12.89 23.34 26.36
C CYS RB 157 11.48 23.54 26.90
N ASP RB 158 11.37 24.30 27.99
CA ASP RB 158 10.07 24.62 28.52
C ASP RB 158 9.38 25.60 27.56
N PRO RB 159 8.09 25.39 27.24
CA PRO RB 159 7.40 26.31 26.33
C PRO RB 159 7.21 27.70 26.89
N MET RB 160 6.58 28.57 26.08
CA MET RB 160 6.62 30.03 26.21
C MET RB 160 8.06 30.54 26.25
N ASN RB 161 8.97 29.82 25.60
CA ASN RB 161 10.36 30.20 25.47
C ASN RB 161 10.90 29.94 24.08
N GLU RB 162 10.15 29.22 23.23
CA GLU RB 162 10.43 29.06 21.80
C GLU RB 162 11.79 28.40 21.56
N CYS RB 163 11.94 27.16 22.03
CA CYS RB 163 13.20 26.50 21.72
C CYS RB 163 13.07 25.79 20.38
N THR RB 164 14.19 25.64 19.72
CA THR RB 164 14.28 25.13 18.36
C THR RB 164 15.28 24.00 18.33
N PRO RB 165 15.24 23.14 17.31
CA PRO RB 165 16.18 22.01 17.24
C PRO RB 165 17.60 22.36 16.84
N SER RB 166 18.02 23.63 16.83
CA SER RB 166 19.43 24.05 16.72
C SER RB 166 20.06 23.56 15.43
N LEU RB 167 19.63 24.20 14.34
CA LEU RB 167 20.00 23.87 12.95
C LEU RB 167 21.47 23.53 12.64
N PRO RB 168 22.51 24.24 13.10
CA PRO RB 168 23.87 23.98 12.52
C PRO RB 168 24.51 22.65 12.92
N PRO RB 169 24.12 21.97 14.00
CA PRO RB 169 24.48 20.55 14.09
C PRO RB 169 23.48 19.56 13.52
N LEU RB 170 22.35 20.01 12.98
CA LEU RB 170 21.44 19.09 12.33
C LEU RB 170 21.92 18.68 10.95
N LEU RB 171 22.74 19.51 10.31
CA LEU RB 171 23.11 19.29 8.92
C LEU RB 171 24.10 18.17 8.72
N THR RB 172 24.70 17.63 9.78
CA THR RB 172 25.55 16.46 9.69
C THR RB 172 24.87 15.19 10.18
N PHE RB 173 23.54 15.17 10.21
CA PHE RB 173 22.85 14.04 10.79
C PHE RB 173 22.84 12.85 9.84
N ILE RB 174 22.79 13.09 8.54
CA ILE RB 174 22.61 11.97 7.63
C ILE RB 174 23.94 11.25 7.48
N ASN RB 175 25.03 12.00 7.37
CA ASN RB 175 26.30 11.29 7.33
C ASN RB 175 26.71 10.78 8.70
N GLN RB 176 26.10 11.27 9.79
CA GLN RB 176 26.46 10.75 11.10
C GLN RB 176 26.01 9.30 11.22
N VAL RB 177 24.83 8.96 10.68
CA VAL RB 177 24.44 7.56 10.61
C VAL RB 177 25.07 6.85 9.42
N ALA RB 178 25.57 7.58 8.41
CA ALA RB 178 26.13 6.88 7.26
C ALA RB 178 27.52 6.33 7.56
N GLN RB 179 28.34 7.10 8.27
CA GLN RB 179 29.65 6.59 8.66
C GLN RB 179 29.54 5.53 9.75
N ASN RB 180 28.42 5.48 10.48
CA ASN RB 180 28.18 4.33 11.33
C ASN RB 180 27.61 3.15 10.55
N ALA RB 181 27.07 3.39 9.36
CA ALA RB 181 26.56 2.27 8.60
C ALA RB 181 27.67 1.55 7.84
N LEU RB 182 28.59 2.31 7.25
CA LEU RB 182 29.58 1.70 6.36
C LEU RB 182 30.64 0.93 7.14
N VAL RB 183 31.06 1.45 8.28
CA VAL RB 183 32.07 0.73 9.04
C VAL RB 183 31.47 -0.46 9.75
N LEU RB 184 30.15 -0.48 9.96
CA LEU RB 184 29.53 -1.66 10.51
C LEU RB 184 29.31 -2.70 9.43
N ALA RB 185 29.10 -2.27 8.19
CA ALA RB 185 29.02 -3.20 7.07
C ALA RB 185 30.36 -3.43 6.41
N SER RB 186 31.46 -3.15 7.12
CA SER RB 186 32.78 -3.28 6.51
C SER RB 186 33.22 -4.70 6.16
N PRO RB 187 33.22 -5.71 7.06
CA PRO RB 187 33.97 -6.93 6.75
C PRO RB 187 33.32 -7.91 5.79
N VAL RB 188 32.02 -7.90 5.65
CA VAL RB 188 31.36 -8.90 4.81
C VAL RB 188 31.29 -8.51 3.33
N VAL RB 189 31.32 -7.20 3.03
CA VAL RB 189 31.32 -6.80 1.62
C VAL RB 189 32.72 -6.92 1.07
N LEU RB 190 33.72 -7.05 1.92
CA LEU RB 190 35.08 -7.17 1.44
C LEU RB 190 35.33 -8.62 1.05
N VAL RB 191 34.71 -9.56 1.77
CA VAL RB 191 34.90 -10.96 1.41
C VAL RB 191 34.05 -11.29 0.21
N LEU RB 192 32.83 -10.72 0.12
CA LEU RB 192 32.00 -10.94 -1.06
C LEU RB 192 32.62 -10.34 -2.32
N LEU RB 193 33.27 -9.18 -2.16
CA LEU RB 193 33.90 -8.53 -3.31
C LEU RB 193 35.19 -9.24 -3.72
N LEU RB 194 35.98 -9.72 -2.75
CA LEU RB 194 37.20 -10.43 -3.13
C LEU RB 194 36.87 -11.80 -3.72
N SER RB 195 35.76 -12.40 -3.30
CA SER RB 195 35.35 -13.67 -3.87
C SER RB 195 34.88 -13.49 -5.29
N GLU RB 196 34.30 -12.33 -5.61
CA GLU RB 196 33.76 -12.15 -6.95
C GLU RB 196 34.89 -12.02 -7.98
N VAL RB 197 35.93 -11.25 -7.66
CA VAL RB 197 37.06 -11.09 -8.59
C VAL RB 197 37.94 -12.33 -8.59
N PHE RB 198 37.97 -13.09 -7.49
CA PHE RB 198 38.64 -14.39 -7.52
C PHE RB 198 37.91 -15.38 -8.42
N LEU RB 199 36.57 -15.34 -8.44
CA LEU RB 199 35.83 -16.09 -9.45
C LEU RB 199 36.02 -15.53 -10.86
N GLY RB 200 36.19 -14.22 -10.98
CA GLY RB 200 36.37 -13.64 -12.30
C GLY RB 200 37.70 -14.01 -12.92
N LEU RB 201 38.71 -14.31 -12.10
CA LEU RB 201 39.94 -14.77 -12.71
C LEU RB 201 39.80 -16.20 -13.20
N LEU RB 202 38.83 -16.94 -12.67
CA LEU RB 202 38.61 -18.28 -13.16
C LEU RB 202 37.78 -18.21 -14.42
N SER RB 203 36.93 -17.19 -14.53
CA SER RB 203 36.23 -16.99 -15.78
C SER RB 203 37.18 -16.54 -16.88
N ARG RB 204 38.26 -15.82 -16.52
CA ARG RB 204 39.32 -15.52 -17.47
C ARG RB 204 40.17 -16.73 -17.80
N PHE RB 205 40.18 -17.74 -16.94
CA PHE RB 205 40.91 -18.97 -17.23
C PHE RB 205 40.06 -20.04 -17.91
N ALA RB 206 38.75 -19.91 -17.86
CA ALA RB 206 37.85 -20.78 -18.59
C ALA RB 206 36.72 -19.92 -19.11
N PRO RB 207 36.70 -19.64 -20.42
CA PRO RB 207 35.83 -18.54 -20.93
C PRO RB 207 34.35 -18.83 -20.89
N GLN RB 208 33.90 -20.00 -21.29
CA GLN RB 208 32.46 -20.27 -21.29
C GLN RB 208 31.99 -20.93 -20.00
N MET RB 209 32.35 -20.34 -18.87
CA MET RB 209 31.93 -20.85 -17.57
C MET RB 209 30.58 -20.29 -17.16
N ASN RB 210 30.29 -19.05 -17.58
CA ASN RB 210 29.17 -18.23 -17.10
C ASN RB 210 29.18 -18.13 -15.58
N ALA RB 211 30.24 -17.50 -15.08
CA ALA RB 211 30.49 -17.40 -13.64
C ALA RB 211 29.52 -16.45 -12.94
N PHE RB 212 28.71 -15.72 -13.69
CA PHE RB 212 27.68 -14.88 -13.09
C PHE RB 212 26.61 -15.72 -12.42
N ALA RB 213 26.26 -16.86 -13.02
CA ALA RB 213 25.23 -17.71 -12.44
C ALA RB 213 25.71 -18.39 -11.15
N ILE RB 214 27.00 -18.75 -11.09
CA ILE RB 214 27.58 -19.38 -9.91
C ILE RB 214 27.71 -18.39 -8.75
N SER RB 215 27.75 -17.09 -9.07
CA SER RB 215 27.95 -16.07 -8.06
C SER RB 215 26.75 -15.94 -7.15
N LEU RB 216 25.54 -16.21 -7.67
CA LEU RB 216 24.36 -16.12 -6.82
C LEU RB 216 24.31 -17.32 -5.90
N THR RB 217 24.88 -18.45 -6.34
CA THR RB 217 24.79 -19.65 -5.55
C THR RB 217 25.77 -19.59 -4.39
N VAL RB 218 26.91 -18.92 -4.58
CA VAL RB 218 27.96 -18.99 -3.56
C VAL RB 218 27.92 -17.79 -2.61
N LYS RB 219 27.33 -16.66 -3.04
CA LYS RB 219 27.43 -15.48 -2.20
C LYS RB 219 26.48 -15.58 -1.02
N SER RB 220 25.35 -16.26 -1.18
CA SER RB 220 24.40 -16.31 -0.07
C SER RB 220 24.93 -17.17 1.07
N GLY RB 221 25.75 -18.18 0.77
CA GLY RB 221 26.43 -18.90 1.83
C GLY RB 221 27.57 -18.12 2.44
N ILE RB 222 28.23 -17.27 1.66
CA ILE RB 222 29.35 -16.53 2.23
C ILE RB 222 28.84 -15.39 3.11
N ALA RB 223 27.76 -14.73 2.67
CA ALA RB 223 27.28 -13.55 3.38
C ALA RB 223 26.70 -13.89 4.74
N VAL RB 224 26.27 -15.13 4.97
CA VAL RB 224 25.88 -15.51 6.31
C VAL RB 224 27.04 -16.14 7.08
N LEU RB 225 28.04 -16.66 6.37
CA LEU RB 225 29.07 -17.40 7.09
C LEU RB 225 30.07 -16.43 7.70
N ILE RB 226 30.50 -15.44 6.92
CA ILE RB 226 31.45 -14.45 7.43
C ILE RB 226 30.82 -13.60 8.54
N MET RB 227 29.52 -13.29 8.45
CA MET RB 227 28.91 -12.57 9.55
C MET RB 227 28.56 -13.46 10.74
N LEU RB 228 28.71 -14.78 10.63
CA LEU RB 228 28.50 -15.58 11.82
C LEU RB 228 29.68 -15.52 12.77
N LEU RB 229 30.86 -15.20 12.28
CA LEU RB 229 32.02 -15.16 13.16
C LEU RB 229 31.97 -13.96 14.10
N TYR RB 230 31.41 -12.83 13.65
CA TYR RB 230 31.38 -11.64 14.49
C TYR RB 230 29.95 -11.20 14.80
N PHE RB 231 28.97 -12.08 14.63
CA PHE RB 231 27.62 -11.72 15.06
C PHE RB 231 27.51 -11.75 16.58
N SER RB 232 28.01 -12.82 17.21
CA SER RB 232 27.91 -12.92 18.67
C SER RB 232 28.73 -11.90 19.44
N PRO RB 233 30.07 -11.83 19.32
CA PRO RB 233 30.81 -11.01 20.28
C PRO RB 233 30.96 -9.54 19.93
N VAL RB 234 30.54 -9.09 18.75
CA VAL RB 234 30.92 -7.79 18.22
C VAL RB 234 29.71 -6.90 17.99
N LEU RB 235 28.62 -7.45 17.47
CA LEU RB 235 27.43 -6.65 17.19
C LEU RB 235 26.74 -6.03 18.42
N PRO RB 236 26.39 -6.76 19.50
CA PRO RB 236 25.47 -6.16 20.48
C PRO RB 236 26.05 -5.07 21.36
N ASP RB 237 27.37 -4.83 21.38
CA ASP RB 237 27.87 -3.76 22.22
C ASP RB 237 27.84 -2.41 21.51
N ASN RB 238 27.88 -2.44 20.18
CA ASN RB 238 27.71 -1.21 19.43
C ASN RB 238 26.28 -0.72 19.53
N VAL RB 239 25.33 -1.62 19.84
CA VAL RB 239 23.94 -1.24 20.01
C VAL RB 239 23.79 -0.37 21.25
N LEU RB 240 24.45 -0.76 22.34
CA LEU RB 240 24.39 0.06 23.54
C LEU RB 240 25.26 1.29 23.40
N ARG RB 241 26.29 1.25 22.55
CA ARG RB 241 27.13 2.42 22.39
C ARG RB 241 26.42 3.51 21.61
N LEU RB 242 25.67 3.14 20.58
CA LEU RB 242 24.99 4.13 19.76
C LEU RB 242 23.68 4.62 20.33
N SER RB 243 23.27 4.18 21.52
CA SER RB 243 22.05 4.71 22.11
C SER RB 243 22.27 6.13 22.59
N PHE RB 244 21.41 7.04 22.14
CA PHE RB 244 21.57 8.45 22.45
C PHE RB 244 21.22 8.71 23.92
N GLN RB 245 22.14 9.31 24.64
CA GLN RB 245 21.98 9.53 26.07
C GLN RB 245 21.61 10.98 26.38
N ALA RB 246 21.07 11.16 27.59
CA ALA RB 246 20.43 12.42 27.95
C ALA RB 246 21.42 13.55 28.17
N THR RB 247 22.69 13.26 28.40
CA THR RB 247 23.64 14.32 28.70
C THR RB 247 23.90 15.19 27.49
N GLY RB 248 23.77 14.65 26.29
CA GLY RB 248 23.98 15.41 25.09
C GLY RB 248 22.78 16.20 24.61
N LEU RB 249 21.74 16.32 25.44
CA LEU RB 249 20.55 17.03 25.02
C LEU RB 249 20.76 18.53 24.90
N SER RB 250 21.78 19.07 25.57
CA SER RB 250 22.07 20.50 25.46
C SER RB 250 22.59 20.86 24.09
N SER RB 251 23.31 19.96 23.43
CA SER RB 251 23.96 20.28 22.17
C SER RB 251 22.99 20.31 20.99
N TRP RB 252 21.77 19.82 21.17
CA TRP RB 252 20.81 19.77 20.08
C TRP RB 252 19.70 20.81 20.21
N PHE RB 253 19.71 21.64 21.25
CA PHE RB 253 18.61 22.59 21.44
C PHE RB 253 19.13 23.88 22.07
N TYR RB 254 18.32 24.92 21.97
CA TYR RB 254 18.54 26.18 22.66
C TYR RB 254 17.24 26.96 22.68
N GLU RB 255 16.98 27.64 23.79
CA GLU RB 255 15.78 28.44 23.92
C GLU RB 255 16.02 29.83 23.34
N ARG RB 256 14.99 30.39 22.73
CA ARG RB 256 15.04 31.73 22.17
C ARG RB 256 14.25 32.67 23.07
N GLY RB 257 14.91 33.21 24.09
CA GLY RB 257 14.30 34.18 24.97
C GLY RB 257 13.28 33.61 25.93
N MET SB 1 -7.41 7.04 -35.09
CA MET SB 1 -6.40 6.36 -35.89
C MET SB 1 -5.93 7.20 -37.09
N ASP SB 2 -5.91 8.52 -36.92
CA ASP SB 2 -5.42 9.43 -37.94
C ASP SB 2 -4.01 9.94 -37.65
N ASP SB 3 -3.71 10.24 -36.39
CA ASP SB 3 -2.38 10.63 -35.95
C ASP SB 3 -1.69 9.56 -35.13
N LEU SB 4 -2.44 8.57 -34.66
CA LEU SB 4 -1.85 7.46 -33.94
C LEU SB 4 -0.92 6.63 -34.81
N VAL SB 5 -1.22 6.50 -36.10
CA VAL SB 5 -0.27 5.79 -36.95
C VAL SB 5 0.97 6.64 -37.19
N PHE SB 6 0.80 7.97 -37.24
CA PHE SB 6 1.90 8.89 -37.51
C PHE SB 6 2.93 8.88 -36.41
N ALA SB 7 2.47 9.03 -35.17
CA ALA SB 7 3.44 8.87 -34.09
C ALA SB 7 3.77 7.41 -33.84
N GLY SB 8 2.93 6.49 -34.29
CA GLY SB 8 3.17 5.07 -34.08
C GLY SB 8 4.32 4.56 -34.92
N ASN SB 9 4.67 5.26 -35.99
CA ASN SB 9 5.81 4.82 -36.79
C ASN SB 9 6.96 5.81 -36.86
N LYS SB 10 6.76 7.12 -36.67
CA LYS SB 10 7.94 7.97 -36.78
C LYS SB 10 8.89 7.86 -35.58
N ALA SB 11 8.44 7.28 -34.46
CA ALA SB 11 9.38 6.90 -33.42
C ALA SB 11 10.20 5.68 -33.81
N LEU SB 12 9.59 4.69 -34.45
CA LEU SB 12 10.38 3.56 -34.92
C LEU SB 12 11.26 3.94 -36.10
N TYR SB 13 10.82 4.93 -36.89
CA TYR SB 13 11.65 5.42 -37.99
C TYR SB 13 12.87 6.15 -37.48
N LEU SB 14 12.78 6.74 -36.29
CA LEU SB 14 13.92 7.49 -35.78
C LEU SB 14 15.05 6.54 -35.35
N VAL SB 15 14.69 5.38 -34.78
CA VAL SB 15 15.70 4.45 -34.27
C VAL SB 15 16.38 3.66 -35.38
N LEU SB 16 15.85 3.68 -36.60
CA LEU SB 16 16.57 3.11 -37.73
C LEU SB 16 17.71 3.98 -38.21
N ILE SB 17 17.66 5.29 -37.98
CA ILE SB 17 18.70 6.20 -38.43
C ILE SB 17 19.62 6.59 -37.30
N LEU SB 18 19.05 6.86 -36.12
CA LEU SB 18 19.81 7.31 -34.97
C LEU SB 18 20.75 6.23 -34.46
N SER SB 19 20.41 4.97 -34.69
CA SER SB 19 21.29 3.88 -34.30
C SER SB 19 22.05 3.32 -35.50
N GLY SB 20 21.65 3.71 -36.71
CA GLY SB 20 22.22 3.18 -37.93
C GLY SB 20 23.39 3.95 -38.51
N TRP SB 21 23.41 5.25 -38.29
CA TRP SB 21 24.55 6.05 -38.73
C TRP SB 21 25.83 5.85 -37.91
N PRO SB 22 25.78 5.54 -36.60
CA PRO SB 22 26.99 5.00 -35.96
C PRO SB 22 27.44 3.64 -36.49
N THR SB 23 26.58 2.82 -37.09
CA THR SB 23 27.08 1.58 -37.65
C THR SB 23 27.89 1.84 -38.91
N ILE SB 24 27.41 2.75 -39.77
CA ILE SB 24 28.17 3.05 -40.98
C ILE SB 24 29.40 3.88 -40.65
N VAL SB 25 29.43 4.55 -39.49
CA VAL SB 25 30.67 5.23 -39.13
C VAL SB 25 31.63 4.27 -38.42
N ALA SB 26 31.11 3.19 -37.81
CA ALA SB 26 31.98 2.15 -37.27
C ALA SB 26 32.58 1.26 -38.35
N THR SB 27 31.89 1.10 -39.49
CA THR SB 27 32.42 0.25 -40.56
C THR SB 27 32.87 1.09 -41.75
N CYS SB 59 35.21 8.18 -31.57
CA CYS SB 59 34.91 9.60 -31.63
C CYS SB 59 33.53 9.92 -31.05
N LEU SB 60 33.51 10.70 -29.98
CA LEU SB 60 32.25 10.95 -29.28
C LEU SB 60 32.04 12.38 -28.81
N PHE SB 61 33.04 13.26 -28.85
CA PHE SB 61 32.80 14.65 -28.45
C PHE SB 61 31.98 15.39 -29.50
N LEU SB 62 32.16 15.03 -30.77
CA LEU SB 62 31.42 15.65 -31.88
C LEU SB 62 30.06 15.00 -32.13
N LEU SB 63 29.87 13.75 -31.73
CA LEU SB 63 28.59 13.08 -31.83
C LEU SB 63 27.67 13.37 -30.64
N SER SB 64 28.18 13.99 -29.58
CA SER SB 64 27.38 14.29 -28.42
C SER SB 64 26.41 15.43 -28.66
N GLY SB 65 26.59 16.18 -29.74
CA GLY SB 65 25.82 17.38 -30.00
C GLY SB 65 24.67 17.18 -30.97
N TRP SB 66 24.83 16.29 -31.95
CA TRP SB 66 23.78 16.11 -32.94
C TRP SB 66 22.62 15.28 -32.40
N TYR SB 67 22.89 14.39 -31.43
CA TYR SB 67 21.89 13.44 -30.97
C TYR SB 67 20.74 14.14 -30.26
N GLY SB 68 21.06 15.19 -29.50
CA GLY SB 68 20.06 15.92 -28.75
C GLY SB 68 19.27 16.92 -29.55
N GLU SB 69 19.71 17.22 -30.77
CA GLU SB 69 19.10 18.28 -31.55
C GLU SB 69 17.78 17.86 -32.17
N VAL SB 70 17.62 16.58 -32.50
CA VAL SB 70 16.37 16.11 -33.08
C VAL SB 70 15.37 15.70 -32.00
N LEU SB 71 15.86 15.14 -30.89
CA LEU SB 71 14.98 14.56 -29.89
C LEU SB 71 14.13 15.58 -29.15
N LEU SB 72 14.58 16.83 -29.02
CA LEU SB 72 13.66 17.83 -28.48
C LEU SB 72 12.65 18.29 -29.52
N SER SB 73 13.07 18.39 -30.78
CA SER SB 73 12.16 18.84 -31.82
C SER SB 73 11.15 17.76 -32.20
N TYR SB 74 11.43 16.50 -31.85
CA TYR SB 74 10.40 15.46 -31.88
C TYR SB 74 9.55 15.44 -30.63
N GLY SB 75 10.13 15.73 -29.46
CA GLY SB 75 9.34 15.75 -28.24
C GLY SB 75 8.32 16.86 -28.23
N ARG SB 76 8.65 17.99 -28.85
CA ARG SB 76 7.72 19.10 -28.96
C ARG SB 76 6.73 18.89 -30.09
N GLN SB 77 7.13 18.15 -31.12
CA GLN SB 77 6.23 17.90 -32.22
C GLN SB 77 5.13 16.95 -31.80
N VAL SB 78 5.45 15.98 -30.93
CA VAL SB 78 4.40 15.09 -30.46
C VAL SB 78 3.54 15.80 -29.42
N ILE SB 79 4.05 16.89 -28.83
CA ILE SB 79 3.26 17.70 -27.90
C ILE SB 79 2.21 18.48 -28.68
N PHE SB 80 2.56 18.90 -29.90
CA PHE SB 80 1.62 19.71 -30.67
C PHE SB 80 0.39 18.90 -31.07
N LEU SB 81 0.59 17.69 -31.59
CA LEU SB 81 -0.57 16.86 -31.88
C LEU SB 81 -1.13 16.17 -30.64
N ALA SB 82 -0.47 16.33 -29.49
CA ALA SB 82 -1.04 15.82 -28.25
C ALA SB 82 -2.09 16.77 -27.71
N LEU SB 83 -1.74 18.04 -27.56
CA LEU SB 83 -2.56 19.01 -26.82
C LEU SB 83 -3.34 19.95 -27.74
N ALA SB 84 -3.86 19.45 -28.85
CA ALA SB 84 -4.69 20.26 -29.73
C ALA SB 84 -5.73 19.39 -30.43
N MET TB 1 -16.22 -25.14 -22.58
CA MET TB 1 -14.82 -24.78 -22.34
C MET TB 1 -13.97 -25.02 -23.59
N ASP TB 2 -14.61 -25.21 -24.74
CA ASP TB 2 -13.85 -25.47 -25.95
C ASP TB 2 -13.31 -24.19 -26.56
N ASP TB 3 -13.98 -23.06 -26.35
CA ASP TB 3 -13.33 -21.84 -26.79
C ASP TB 3 -12.34 -21.33 -25.78
N LEU TB 4 -12.37 -21.86 -24.56
CA LEU TB 4 -11.40 -21.46 -23.55
C LEU TB 4 -10.01 -21.93 -23.94
N VAL TB 5 -9.93 -23.10 -24.58
CA VAL TB 5 -8.65 -23.62 -25.01
C VAL TB 5 -8.31 -23.04 -26.38
N PHE TB 6 -9.34 -22.70 -27.17
CA PHE TB 6 -9.12 -22.18 -28.52
C PHE TB 6 -8.51 -20.79 -28.49
N ALA TB 7 -8.96 -19.94 -27.55
CA ALA TB 7 -8.37 -18.63 -27.39
C ALA TB 7 -6.95 -18.72 -26.87
N GLY TB 8 -6.67 -19.72 -26.04
CA GLY TB 8 -5.32 -19.90 -25.54
C GLY TB 8 -4.39 -20.42 -26.62
N ASN TB 9 -4.85 -21.40 -27.39
CA ASN TB 9 -4.03 -21.98 -28.44
C ASN TB 9 -3.84 -21.02 -29.61
N LYS TB 10 -4.72 -20.03 -29.77
CA LYS TB 10 -4.47 -19.04 -30.80
C LYS TB 10 -3.27 -18.18 -30.42
N ALA TB 11 -3.09 -17.92 -29.13
CA ALA TB 11 -2.01 -17.05 -28.71
C ALA TB 11 -0.67 -17.78 -28.84
N LEU TB 12 -0.65 -19.07 -28.51
CA LEU TB 12 0.57 -19.84 -28.70
C LEU TB 12 0.87 -20.07 -30.18
N TYR TB 13 -0.14 -20.09 -31.05
CA TYR TB 13 0.14 -20.03 -32.47
C TYR TB 13 0.59 -18.65 -32.91
N LEU TB 14 0.18 -17.62 -32.19
CA LEU TB 14 0.44 -16.26 -32.64
C LEU TB 14 1.83 -15.78 -32.24
N VAL TB 15 2.34 -16.23 -31.09
CA VAL TB 15 3.70 -15.85 -30.70
C VAL TB 15 4.72 -16.53 -31.58
N LEU TB 16 4.33 -17.63 -32.22
CA LEU TB 16 5.22 -18.40 -33.08
C LEU TB 16 5.51 -17.58 -34.34
N ILE TB 17 4.45 -17.18 -35.06
CA ILE TB 17 4.66 -16.52 -36.32
C ILE TB 17 5.03 -15.07 -36.10
N LEU TB 18 4.65 -14.49 -34.94
CA LEU TB 18 5.00 -13.10 -34.67
C LEU TB 18 6.46 -12.97 -34.26
N SER TB 19 7.07 -14.05 -33.75
CA SER TB 19 8.45 -13.99 -33.31
C SER TB 19 9.41 -14.63 -34.29
N GLY TB 20 8.92 -15.49 -35.19
CA GLY TB 20 9.83 -16.20 -36.09
C GLY TB 20 10.46 -15.29 -37.13
N TRP TB 21 9.67 -14.41 -37.73
CA TRP TB 21 10.20 -13.49 -38.73
C TRP TB 21 11.23 -12.46 -38.23
N PRO TB 22 11.18 -11.91 -37.00
CA PRO TB 22 12.34 -11.15 -36.52
C PRO TB 22 13.52 -12.00 -36.04
N THR TB 23 13.33 -13.28 -35.72
CA THR TB 23 14.47 -14.08 -35.29
C THR TB 23 15.28 -14.55 -36.49
N ILE TB 24 14.59 -14.88 -37.58
CA ILE TB 24 15.32 -15.39 -38.73
C ILE TB 24 16.09 -14.27 -39.39
N VAL TB 25 15.66 -13.01 -39.24
CA VAL TB 25 16.45 -11.93 -39.79
C VAL TB 25 17.54 -11.47 -38.84
N ALA TB 26 17.55 -11.99 -37.61
CA ALA TB 26 18.70 -11.84 -36.73
C ALA TB 26 19.62 -13.04 -36.82
N THR TB 27 19.24 -14.04 -37.61
CA THR TB 27 20.03 -15.24 -37.80
C THR TB 27 20.59 -15.36 -39.21
N ILE TB 28 19.87 -14.92 -40.24
CA ILE TB 28 20.41 -14.93 -41.60
C ILE TB 28 21.56 -13.93 -41.74
N ILE TB 29 21.43 -12.70 -41.21
CA ILE TB 29 22.55 -11.77 -41.27
C ILE TB 29 23.66 -12.15 -40.29
N GLY TB 30 23.35 -12.97 -39.27
CA GLY TB 30 24.41 -13.53 -38.47
C GLY TB 30 25.13 -14.66 -39.17
N LEU TB 31 24.44 -15.38 -40.04
CA LEU TB 31 25.14 -16.34 -40.89
C LEU TB 31 25.92 -15.61 -41.96
N LEU TB 32 25.43 -14.47 -42.42
CA LEU TB 32 26.03 -13.78 -43.55
C LEU TB 32 27.28 -13.01 -43.14
N VAL TB 33 27.38 -12.63 -41.87
CA VAL TB 33 28.61 -12.04 -41.40
C VAL TB 33 29.67 -13.13 -41.19
N GLY TB 34 29.24 -14.36 -40.92
CA GLY TB 34 30.15 -15.48 -40.74
C GLY TB 34 30.55 -16.19 -42.01
N LEU TB 35 29.67 -16.16 -43.02
CA LEU TB 35 29.99 -16.71 -44.32
C LEU TB 35 31.02 -15.86 -45.03
N PHE TB 36 31.00 -14.54 -44.80
CA PHE TB 36 31.87 -13.66 -45.55
C PHE TB 36 33.31 -13.80 -45.12
N GLN TB 37 33.55 -14.26 -43.90
CA GLN TB 37 34.90 -14.34 -43.37
C GLN TB 37 35.58 -15.69 -43.65
N THR TB 38 35.12 -16.42 -44.66
CA THR TB 38 35.88 -17.59 -45.10
C THR TB 38 37.18 -17.16 -45.77
N VAL TB 39 37.14 -16.02 -46.43
CA VAL TB 39 38.32 -15.27 -46.84
C VAL TB 39 38.25 -13.91 -46.15
N THR TB 40 39.41 -13.36 -45.81
CA THR TB 40 39.59 -12.10 -45.06
C THR TB 40 38.81 -12.12 -43.75
N GLN TB 41 39.26 -12.98 -42.84
CA GLN TB 41 38.59 -13.30 -41.59
C GLN TB 41 38.44 -12.07 -40.70
N LEU TB 42 39.57 -11.57 -40.17
CA LEU TB 42 39.70 -10.24 -39.55
C LEU TB 42 38.64 -9.92 -38.50
N GLN TB 43 38.35 -10.86 -37.62
CA GLN TB 43 37.17 -10.76 -36.77
C GLN TB 43 37.42 -10.04 -35.45
N GLU TB 44 36.42 -9.25 -35.06
CA GLU TB 44 36.20 -8.85 -33.68
C GLU TB 44 34.74 -9.19 -33.40
N GLN TB 45 34.45 -9.63 -32.17
CA GLN TB 45 33.15 -10.22 -31.90
C GLN TB 45 32.03 -9.20 -31.76
N THR TB 46 32.35 -7.95 -31.44
CA THR TB 46 31.35 -6.90 -31.25
C THR TB 46 31.03 -6.12 -32.51
N LEU TB 47 31.56 -6.52 -33.66
CA LEU TB 47 31.25 -5.81 -34.91
C LEU TB 47 29.81 -6.01 -35.40
N PRO TB 48 29.29 -7.23 -35.61
CA PRO TB 48 27.98 -7.34 -36.26
C PRO TB 48 26.78 -7.09 -35.36
N PHE TB 49 26.95 -6.61 -34.13
CA PHE TB 49 25.80 -6.28 -33.29
C PHE TB 49 25.02 -5.11 -33.86
N GLY TB 50 25.70 -4.13 -34.46
CA GLY TB 50 25.02 -2.99 -35.03
C GLY TB 50 24.33 -3.32 -36.33
N ILE TB 51 24.94 -4.21 -37.13
CA ILE TB 51 24.27 -4.65 -38.35
C ILE TB 51 23.08 -5.55 -38.02
N LYS TB 52 23.18 -6.36 -36.96
CA LYS TB 52 22.03 -7.13 -36.48
C LYS TB 52 20.92 -6.24 -35.96
N LEU TB 53 21.28 -5.10 -35.38
CA LEU TB 53 20.27 -4.18 -34.89
C LEU TB 53 19.59 -3.44 -36.04
N LEU TB 54 20.36 -3.08 -37.07
CA LEU TB 54 19.72 -2.39 -38.19
C LEU TB 54 18.91 -3.38 -39.02
N GLY TB 55 19.26 -4.66 -38.95
CA GLY TB 55 18.53 -5.67 -39.69
C GLY TB 55 17.15 -5.90 -39.08
N VAL TB 56 17.12 -6.05 -37.75
CA VAL TB 56 15.84 -6.36 -37.14
C VAL TB 56 14.98 -5.10 -37.13
N CYS TB 57 15.55 -3.90 -36.96
CA CYS TB 57 14.66 -2.75 -36.94
C CYS TB 57 14.20 -2.35 -38.35
N LEU TB 58 14.90 -2.78 -39.40
CA LEU TB 58 14.38 -2.58 -40.75
C LEU TB 58 13.25 -3.54 -41.05
N CYS TB 59 13.41 -4.83 -40.69
CA CYS TB 59 12.29 -5.74 -40.93
C CYS TB 59 11.12 -5.49 -39.98
N LEU TB 60 11.37 -4.89 -38.81
CA LEU TB 60 10.27 -4.46 -37.95
C LEU TB 60 9.52 -3.29 -38.57
N PHE TB 61 10.24 -2.43 -39.30
CA PHE TB 61 9.58 -1.29 -39.91
C PHE TB 61 8.73 -1.74 -41.08
N LEU TB 62 9.24 -2.68 -41.88
CA LEU TB 62 8.45 -3.15 -43.02
C LEU TB 62 7.27 -4.01 -42.58
N LEU TB 63 7.43 -4.82 -41.53
CA LEU TB 63 6.36 -5.65 -41.01
C LEU TB 63 5.51 -4.97 -39.94
N SER TB 64 5.62 -3.66 -39.78
CA SER TB 64 4.92 -2.97 -38.69
C SER TB 64 3.41 -2.93 -38.87
N GLY TB 65 2.94 -2.57 -40.07
CA GLY TB 65 1.50 -2.48 -40.30
C GLY TB 65 0.77 -3.81 -40.25
N TRP TB 66 1.43 -4.87 -40.71
CA TRP TB 66 0.83 -6.20 -40.59
C TRP TB 66 0.80 -6.66 -39.14
N TYR TB 67 1.77 -6.24 -38.33
CA TYR TB 67 1.74 -6.59 -36.92
C TYR TB 67 0.57 -5.93 -36.22
N GLY TB 68 0.20 -4.72 -36.66
CA GLY TB 68 -0.92 -4.06 -36.05
C GLY TB 68 -2.24 -4.61 -36.53
N GLU TB 69 -2.29 -5.11 -37.76
CA GLU TB 69 -3.55 -5.65 -38.25
C GLU TB 69 -3.85 -7.00 -37.58
N VAL TB 70 -2.81 -7.82 -37.36
CA VAL TB 70 -3.08 -9.11 -36.74
C VAL TB 70 -3.38 -8.91 -35.27
N LEU TB 71 -2.73 -7.93 -34.62
CA LEU TB 71 -2.96 -7.78 -33.20
C LEU TB 71 -4.30 -7.12 -32.94
N LEU TB 72 -4.79 -6.31 -33.88
CA LEU TB 72 -6.11 -5.72 -33.68
C LEU TB 72 -7.21 -6.72 -34.01
N SER TB 73 -7.00 -7.59 -35.00
CA SER TB 73 -8.04 -8.55 -35.35
C SER TB 73 -8.19 -9.61 -34.28
N TYR TB 74 -7.07 -10.09 -33.74
CA TYR TB 74 -7.12 -10.99 -32.60
C TYR TB 74 -7.62 -10.27 -31.35
N GLY TB 75 -7.43 -8.96 -31.25
CA GLY TB 75 -7.99 -8.24 -30.13
C GLY TB 75 -9.50 -8.16 -30.22
N ARG TB 76 -10.02 -8.01 -31.44
CA ARG TB 76 -11.46 -7.85 -31.60
C ARG TB 76 -12.19 -9.17 -31.44
N GLN TB 77 -11.54 -10.28 -31.83
CA GLN TB 77 -12.27 -11.55 -31.83
C GLN TB 77 -12.42 -12.09 -30.43
N VAL TB 78 -11.44 -11.83 -29.58
CA VAL TB 78 -11.47 -12.41 -28.24
C VAL TB 78 -12.47 -11.67 -27.38
N ILE TB 79 -12.65 -10.36 -27.58
CA ILE TB 79 -13.65 -9.70 -26.77
C ILE TB 79 -15.05 -9.83 -27.36
N PHE TB 80 -15.17 -10.13 -28.66
CA PHE TB 80 -16.49 -10.54 -29.16
C PHE TB 80 -16.90 -11.90 -28.60
N LEU TB 81 -15.95 -12.82 -28.45
CA LEU TB 81 -16.28 -14.08 -27.80
C LEU TB 81 -16.34 -13.97 -26.27
N ALA TB 82 -15.74 -12.94 -25.69
CA ALA TB 82 -15.88 -12.79 -24.25
C ALA TB 82 -17.24 -12.24 -23.88
N LEU TB 83 -17.67 -11.17 -24.55
CA LEU TB 83 -18.91 -10.53 -24.16
C LEU TB 83 -20.12 -11.27 -24.72
N ALA TB 84 -20.00 -11.83 -25.92
CA ALA TB 84 -21.12 -12.56 -26.47
C ALA TB 84 -20.85 -14.05 -26.40
N MET UB 1 -1.29 -36.69 10.03
CA MET UB 1 -0.34 -35.85 9.34
C MET UB 1 0.33 -36.56 8.18
N ASP UB 2 -0.18 -37.73 7.78
CA ASP UB 2 0.40 -38.40 6.61
C ASP UB 2 0.04 -37.69 5.31
N ASP UB 3 -1.09 -37.00 5.29
CA ASP UB 3 -1.48 -36.26 4.10
C ASP UB 3 -0.88 -34.87 4.07
N LEU UB 4 -0.37 -34.39 5.20
CA LEU UB 4 0.35 -33.11 5.21
C LEU UB 4 1.61 -33.24 4.38
N VAL UB 5 2.41 -34.27 4.66
CA VAL UB 5 3.67 -34.40 3.96
C VAL UB 5 3.41 -34.99 2.58
N PHE UB 6 2.24 -35.60 2.37
CA PHE UB 6 1.90 -36.15 1.06
C PHE UB 6 1.59 -35.03 0.08
N ALA UB 7 0.93 -33.97 0.54
CA ALA UB 7 0.60 -32.88 -0.36
C ALA UB 7 1.84 -32.14 -0.80
N GLY UB 8 2.78 -31.94 0.13
CA GLY UB 8 4.02 -31.28 -0.22
C GLY UB 8 4.92 -32.15 -1.07
N ASN UB 9 4.83 -33.47 -0.91
CA ASN UB 9 5.64 -34.35 -1.74
C ASN UB 9 5.05 -34.45 -3.12
N LYS UB 10 3.73 -34.34 -3.24
CA LYS UB 10 3.13 -34.46 -4.55
C LYS UB 10 3.37 -33.18 -5.33
N ALA UB 11 3.28 -32.03 -4.66
CA ALA UB 11 3.51 -30.77 -5.37
C ALA UB 11 4.98 -30.62 -5.76
N LEU UB 12 5.90 -31.05 -4.90
CA LEU UB 12 7.31 -31.03 -5.29
C LEU UB 12 7.61 -32.04 -6.39
N TYR UB 13 6.87 -33.15 -6.44
CA TYR UB 13 7.04 -34.05 -7.58
C TYR UB 13 6.48 -33.44 -8.85
N LEU UB 14 5.38 -32.69 -8.72
CA LEU UB 14 4.73 -32.15 -9.90
C LEU UB 14 5.55 -31.03 -10.51
N VAL UB 15 6.30 -30.29 -9.69
CA VAL UB 15 7.14 -29.23 -10.26
C VAL UB 15 8.26 -29.84 -11.09
N LEU UB 16 8.81 -30.95 -10.60
CA LEU UB 16 9.90 -31.63 -11.29
C LEU UB 16 9.42 -32.27 -12.58
N ILE UB 17 8.19 -32.77 -12.59
CA ILE UB 17 7.81 -33.64 -13.69
C ILE UB 17 7.13 -32.76 -14.73
N LEU UB 18 6.55 -31.65 -14.32
CA LEU UB 18 5.92 -30.77 -15.30
C LEU UB 18 7.01 -29.94 -15.97
N SER UB 19 7.89 -29.29 -15.20
CA SER UB 19 8.90 -28.45 -15.82
C SER UB 19 10.01 -29.23 -16.52
N GLY UB 20 10.26 -30.50 -16.15
CA GLY UB 20 11.38 -31.20 -16.77
C GLY UB 20 11.16 -31.55 -18.23
N TRP UB 21 9.90 -31.67 -18.65
CA TRP UB 21 9.69 -32.06 -20.04
C TRP UB 21 9.95 -30.98 -21.08
N PRO UB 22 9.62 -29.70 -20.90
CA PRO UB 22 10.15 -28.71 -21.85
C PRO UB 22 11.61 -28.37 -21.62
N THR UB 23 12.11 -28.53 -20.39
CA THR UB 23 13.50 -28.19 -20.11
C THR UB 23 14.45 -29.17 -20.77
N ILE UB 24 14.04 -30.44 -20.90
CA ILE UB 24 14.87 -31.43 -21.56
C ILE UB 24 14.94 -31.14 -23.06
N VAL UB 25 13.80 -30.83 -23.68
CA VAL UB 25 13.83 -30.54 -25.10
C VAL UB 25 14.55 -29.24 -25.41
N ALA UB 26 14.49 -28.26 -24.51
CA ALA UB 26 15.30 -27.05 -24.67
C ALA UB 26 16.77 -27.29 -24.41
N THR UB 27 17.10 -28.32 -23.64
CA THR UB 27 18.50 -28.57 -23.38
C THR UB 27 19.10 -29.40 -24.50
N ILE UB 28 18.36 -30.37 -25.02
CA ILE UB 28 18.88 -31.17 -26.11
C ILE UB 28 18.97 -30.32 -27.38
N ILE UB 29 18.03 -29.39 -27.58
CA ILE UB 29 18.13 -28.46 -28.71
C ILE UB 29 19.36 -27.57 -28.59
N GLY UB 30 19.60 -27.01 -27.38
CA GLY UB 30 20.82 -26.23 -27.20
C GLY UB 30 22.09 -27.05 -27.27
N LEU UB 31 22.01 -28.35 -26.95
CA LEU UB 31 23.16 -29.22 -27.09
C LEU UB 31 23.42 -29.55 -28.55
N LEU UB 32 22.35 -29.74 -29.32
CA LEU UB 32 22.47 -30.28 -30.66
C LEU UB 32 22.87 -29.17 -31.62
N VAL UB 33 22.19 -28.01 -31.55
CA VAL UB 33 22.48 -26.99 -32.53
C VAL UB 33 23.84 -26.36 -32.20
N GLY UB 34 24.28 -26.42 -30.94
CA GLY UB 34 25.63 -26.00 -30.62
C GLY UB 34 26.69 -26.99 -31.09
N LEU UB 35 26.38 -28.29 -31.05
CA LEU UB 35 27.31 -29.26 -31.63
C LEU UB 35 27.29 -29.21 -33.15
N PHE UB 36 26.17 -28.79 -33.74
CA PHE UB 36 26.13 -28.57 -35.18
C PHE UB 36 26.84 -27.27 -35.55
N GLN UB 37 26.87 -26.31 -34.64
CA GLN UB 37 27.56 -25.06 -34.91
C GLN UB 37 29.06 -25.23 -34.82
N THR UB 38 29.54 -26.12 -33.94
CA THR UB 38 30.97 -26.17 -33.68
C THR UB 38 31.71 -27.11 -34.62
N VAL UB 39 31.06 -27.51 -35.72
CA VAL UB 39 31.73 -28.30 -36.74
C VAL UB 39 31.78 -27.59 -38.08
N THR UB 40 30.87 -26.64 -38.32
CA THR UB 40 30.89 -25.80 -39.50
C THR UB 40 31.26 -24.36 -39.18
N GLN UB 41 31.36 -24.03 -37.89
CA GLN UB 41 32.02 -22.90 -37.27
C GLN UB 41 31.32 -21.54 -37.41
N LEU UB 42 30.49 -21.33 -38.44
CA LEU UB 42 29.17 -20.66 -38.39
C LEU UB 42 28.84 -19.88 -37.13
N GLN UB 43 29.69 -18.93 -36.73
CA GLN UB 43 29.62 -18.36 -35.39
C GLN UB 43 28.41 -17.42 -35.27
N GLU UB 44 27.36 -17.92 -34.61
CA GLU UB 44 26.20 -17.09 -34.32
C GLU UB 44 25.53 -17.59 -33.05
N GLN UB 45 25.36 -16.68 -32.09
CA GLN UB 45 24.82 -17.02 -30.78
C GLN UB 45 23.31 -16.78 -30.67
N THR UB 46 22.65 -16.39 -31.76
CA THR UB 46 21.20 -16.23 -31.79
C THR UB 46 20.50 -17.49 -32.29
N LEU UB 47 21.14 -18.18 -33.24
CA LEU UB 47 20.67 -19.48 -33.72
C LEU UB 47 20.44 -20.53 -32.63
N PRO UB 48 21.20 -20.60 -31.53
CA PRO UB 48 20.75 -21.46 -30.42
C PRO UB 48 19.45 -21.01 -29.77
N PHE UB 49 19.07 -19.74 -29.89
CA PHE UB 49 17.82 -19.31 -29.28
C PHE UB 49 16.64 -19.41 -30.24
N GLY UB 50 16.87 -19.15 -31.53
CA GLY UB 50 15.77 -19.10 -32.48
C GLY UB 50 15.14 -20.45 -32.74
N ILE UB 51 15.95 -21.49 -32.86
CA ILE UB 51 15.40 -22.83 -32.99
C ILE UB 51 14.81 -23.31 -31.67
N LYS UB 52 15.36 -22.86 -30.54
CA LYS UB 52 14.87 -23.28 -29.24
C LYS UB 52 13.50 -22.71 -28.95
N LEU UB 53 13.23 -21.51 -29.45
CA LEU UB 53 11.93 -20.88 -29.21
C LEU UB 53 10.83 -21.59 -29.98
N LEU UB 54 11.09 -21.92 -31.24
CA LEU UB 54 10.14 -22.74 -32.00
C LEU UB 54 10.01 -24.14 -31.43
N GLY UB 55 11.08 -24.69 -30.84
CA GLY UB 55 10.99 -26.05 -30.34
C GLY UB 55 10.17 -26.13 -29.07
N VAL UB 56 10.32 -25.14 -28.19
CA VAL UB 56 9.52 -25.20 -26.97
C VAL UB 56 8.10 -24.73 -27.24
N CYS UB 57 7.87 -23.91 -28.28
CA CYS UB 57 6.47 -23.56 -28.54
C CYS UB 57 5.74 -24.73 -29.22
N LEU UB 58 6.47 -25.51 -30.03
CA LEU UB 58 5.88 -26.71 -30.62
C LEU UB 58 5.56 -27.73 -29.54
N CYS UB 59 6.47 -27.89 -28.57
CA CYS UB 59 6.23 -28.85 -27.49
C CYS UB 59 5.10 -28.37 -26.57
N LEU UB 60 4.92 -27.05 -26.45
CA LEU UB 60 3.82 -26.58 -25.61
C LEU UB 60 2.48 -26.68 -26.31
N PHE UB 61 2.49 -26.79 -27.65
CA PHE UB 61 1.25 -27.20 -28.34
C PHE UB 61 0.85 -28.59 -27.87
N LEU UB 62 1.75 -29.55 -28.01
CA LEU UB 62 1.37 -30.95 -27.84
C LEU UB 62 1.22 -31.31 -26.37
N LEU UB 63 1.62 -30.42 -25.45
CA LEU UB 63 1.45 -30.71 -24.04
C LEU UB 63 0.54 -29.73 -23.33
N SER UB 64 -0.03 -28.74 -24.04
CA SER UB 64 -0.93 -27.78 -23.42
C SER UB 64 -2.24 -28.40 -22.96
N GLY UB 65 -2.79 -29.34 -23.73
CA GLY UB 65 -3.95 -30.07 -23.28
C GLY UB 65 -3.70 -31.03 -22.14
N TRP UB 66 -2.50 -31.59 -22.05
CA TRP UB 66 -2.22 -32.53 -20.97
C TRP UB 66 -1.94 -31.84 -19.64
N TYR UB 67 -1.34 -30.64 -19.67
CA TYR UB 67 -1.02 -29.96 -18.42
C TYR UB 67 -2.27 -29.53 -17.67
N GLY UB 68 -3.36 -29.30 -18.41
CA GLY UB 68 -4.62 -28.94 -17.81
C GLY UB 68 -5.13 -30.12 -17.03
N GLU UB 69 -5.38 -31.24 -17.71
CA GLU UB 69 -6.02 -32.38 -17.08
C GLU UB 69 -5.18 -33.01 -15.96
N VAL UB 70 -3.85 -32.87 -16.02
CA VAL UB 70 -3.02 -33.37 -14.91
C VAL UB 70 -3.11 -32.43 -13.72
N LEU UB 71 -3.45 -31.17 -13.94
CA LEU UB 71 -3.52 -30.27 -12.81
C LEU UB 71 -4.96 -30.14 -12.31
N LEU UB 72 -5.92 -30.33 -13.22
CA LEU UB 72 -7.32 -30.40 -12.88
C LEU UB 72 -7.64 -31.63 -12.06
N SER UB 73 -6.88 -32.72 -12.22
CA SER UB 73 -7.10 -33.85 -11.33
C SER UB 73 -6.48 -33.60 -9.95
N TYR UB 74 -5.34 -32.93 -9.92
CA TYR UB 74 -4.65 -32.68 -8.66
C TYR UB 74 -5.43 -31.72 -7.78
N GLY UB 75 -6.07 -30.73 -8.40
CA GLY UB 75 -6.87 -29.80 -7.62
C GLY UB 75 -8.08 -30.47 -7.00
N ARG UB 76 -8.69 -31.40 -7.75
CA ARG UB 76 -9.84 -32.11 -7.22
C ARG UB 76 -9.42 -33.06 -6.12
N GLN UB 77 -8.17 -33.53 -6.14
CA GLN UB 77 -7.76 -34.38 -5.04
C GLN UB 77 -7.48 -33.54 -3.81
N VAL UB 78 -6.93 -32.34 -4.00
CA VAL UB 78 -6.50 -31.52 -2.88
C VAL UB 78 -7.72 -30.99 -2.11
N ILE UB 79 -8.72 -30.50 -2.84
CA ILE UB 79 -9.93 -30.00 -2.18
C ILE UB 79 -10.69 -31.11 -1.45
N PHE UB 80 -10.70 -32.32 -2.00
CA PHE UB 80 -11.33 -33.43 -1.30
C PHE UB 80 -10.51 -33.90 -0.11
N LEU UB 81 -9.17 -33.74 -0.15
CA LEU UB 81 -8.41 -34.00 1.06
C LEU UB 81 -8.61 -32.91 2.08
N ALA UB 82 -9.02 -31.72 1.63
CA ALA UB 82 -9.03 -30.60 2.53
C ALA UB 82 -10.35 -30.47 3.28
N LEU UB 83 -11.46 -30.63 2.59
CA LEU UB 83 -12.71 -30.16 3.15
C LEU UB 83 -13.49 -31.21 3.91
N ALA UB 84 -13.32 -32.48 3.59
CA ALA UB 84 -14.02 -33.52 4.33
C ALA UB 84 -13.34 -33.84 5.65
N MET VB 1 20.39 -11.94 28.53
CA MET VB 1 21.32 -11.41 27.54
C MET VB 1 21.88 -12.52 26.69
N ASP VB 2 22.33 -13.59 27.36
CA ASP VB 2 22.97 -14.72 26.68
C ASP VB 2 21.96 -15.53 25.87
N ASP VB 3 20.70 -15.54 26.28
CA ASP VB 3 19.74 -16.32 25.49
C ASP VB 3 19.38 -15.61 24.20
N LEU VB 4 19.49 -14.28 24.18
CA LEU VB 4 19.14 -13.54 22.97
C LEU VB 4 20.16 -13.82 21.87
N VAL VB 5 21.44 -13.82 22.24
CA VAL VB 5 22.50 -14.15 21.29
C VAL VB 5 22.47 -15.65 20.97
N PHE VB 6 22.03 -16.49 21.92
CA PHE VB 6 21.97 -17.91 21.63
C PHE VB 6 20.84 -18.25 20.67
N ALA VB 7 19.71 -17.56 20.77
CA ALA VB 7 18.66 -17.76 19.79
C ALA VB 7 19.04 -17.20 18.44
N GLY VB 8 19.78 -16.08 18.42
CA GLY VB 8 20.22 -15.50 17.17
C GLY VB 8 21.24 -16.36 16.46
N ASN VB 9 22.09 -17.05 17.22
CA ASN VB 9 23.12 -17.86 16.59
C ASN VB 9 22.51 -19.07 15.91
N LYS VB 10 21.54 -19.73 16.56
CA LYS VB 10 20.95 -20.89 15.91
C LYS VB 10 20.08 -20.46 14.74
N ALA VB 11 19.52 -19.25 14.80
CA ALA VB 11 18.84 -18.70 13.64
C ALA VB 11 19.78 -18.47 12.46
N LEU VB 12 21.00 -18.01 12.72
CA LEU VB 12 21.94 -17.92 11.61
C LEU VB 12 22.62 -19.24 11.27
N TYR VB 13 22.59 -20.22 12.16
CA TYR VB 13 23.17 -21.52 11.84
C TYR VB 13 22.26 -22.34 10.94
N LEU VB 14 20.95 -22.25 11.19
CA LEU VB 14 20.04 -23.13 10.47
C LEU VB 14 19.93 -22.71 9.02
N VAL VB 15 20.03 -21.40 8.74
CA VAL VB 15 19.95 -20.97 7.36
C VAL VB 15 21.23 -21.32 6.62
N LEU VB 16 22.31 -21.58 7.35
CA LEU VB 16 23.54 -22.03 6.71
C LEU VB 16 23.46 -23.52 6.39
N ILE VB 17 22.86 -24.31 7.26
CA ILE VB 17 22.88 -25.74 6.97
C ILE VB 17 21.74 -26.14 6.06
N LEU VB 18 20.57 -25.52 6.20
CA LEU VB 18 19.45 -25.86 5.34
C LEU VB 18 19.68 -25.39 3.92
N SER VB 19 20.42 -24.31 3.73
CA SER VB 19 20.89 -23.97 2.40
C SER VB 19 22.22 -24.62 2.04
N GLY VB 20 22.77 -25.46 2.91
CA GLY VB 20 24.06 -26.06 2.63
C GLY VB 20 23.99 -27.06 1.51
N TRP VB 21 23.21 -28.12 1.68
CA TRP VB 21 23.10 -29.15 0.65
C TRP VB 21 22.42 -28.74 -0.67
N PRO VB 22 21.44 -27.83 -0.73
CA PRO VB 22 21.01 -27.35 -2.06
C PRO VB 22 22.05 -26.52 -2.77
N THR VB 23 22.86 -25.74 -2.06
CA THR VB 23 23.78 -24.87 -2.77
C THR VB 23 25.01 -25.63 -3.26
N ILE VB 24 25.43 -26.67 -2.54
CA ILE VB 24 26.63 -27.34 -3.03
C ILE VB 24 26.31 -28.27 -4.18
N VAL VB 25 25.07 -28.77 -4.27
CA VAL VB 25 24.71 -29.51 -5.48
C VAL VB 25 24.42 -28.52 -6.62
N ALA VB 26 23.97 -27.30 -6.33
CA ALA VB 26 23.83 -26.35 -7.42
C ALA VB 26 25.15 -25.71 -7.80
N THR VB 27 26.19 -25.95 -7.02
CA THR VB 27 27.53 -25.47 -7.29
C THR VB 27 28.32 -26.45 -8.14
N ILE VB 28 28.38 -27.72 -7.71
CA ILE VB 28 29.34 -28.60 -8.36
C ILE VB 28 28.86 -29.00 -9.74
N ILE VB 29 27.55 -29.04 -9.98
CA ILE VB 29 27.06 -29.27 -11.34
C ILE VB 29 27.00 -27.99 -12.16
N GLY VB 30 27.15 -26.83 -11.53
CA GLY VB 30 27.44 -25.62 -12.28
C GLY VB 30 28.88 -25.49 -12.69
N LEU VB 31 29.77 -26.25 -12.06
CA LEU VB 31 31.18 -26.19 -12.42
C LEU VB 31 31.61 -27.35 -13.30
N LEU VB 32 31.14 -28.57 -13.01
CA LEU VB 32 31.50 -29.72 -13.81
C LEU VB 32 30.89 -29.65 -15.20
N VAL VB 33 29.81 -28.89 -15.38
CA VAL VB 33 29.31 -28.72 -16.74
C VAL VB 33 30.05 -27.59 -17.44
N GLY VB 34 30.66 -26.68 -16.69
CA GLY VB 34 31.36 -25.56 -17.28
C GLY VB 34 32.66 -26.06 -17.84
N LEU VB 35 33.25 -27.00 -17.11
CA LEU VB 35 34.47 -27.61 -17.62
C LEU VB 35 34.19 -28.49 -18.83
N PHE VB 36 32.98 -29.07 -18.92
CA PHE VB 36 32.59 -29.73 -20.17
C PHE VB 36 32.40 -28.74 -21.31
N GLN VB 37 31.91 -27.54 -20.99
CA GLN VB 37 31.72 -26.53 -22.03
C GLN VB 37 33.05 -25.93 -22.48
N THR VB 38 34.11 -26.12 -21.70
CA THR VB 38 35.41 -25.62 -22.11
C THR VB 38 36.15 -26.68 -22.92
N VAL VB 39 36.12 -27.93 -22.46
CA VAL VB 39 36.85 -28.97 -23.19
C VAL VB 39 36.11 -29.38 -24.47
N THR VB 40 34.82 -29.09 -24.58
CA THR VB 40 34.08 -29.28 -25.83
C THR VB 40 33.53 -27.92 -26.19
N GLN VB 41 33.91 -27.39 -27.36
CA GLN VB 41 33.68 -25.99 -27.69
C GLN VB 41 32.19 -25.78 -27.94
N LEU VB 42 31.52 -25.33 -26.89
CA LEU VB 42 30.06 -25.27 -26.81
C LEU VB 42 29.70 -23.95 -26.17
N GLN VB 43 29.09 -23.04 -26.93
CA GLN VB 43 28.92 -21.67 -26.48
C GLN VB 43 27.46 -21.32 -26.19
N GLU VB 44 26.63 -22.32 -25.94
CA GLU VB 44 25.28 -22.05 -25.46
C GLU VB 44 25.33 -21.53 -24.03
N GLN VB 45 24.47 -20.57 -23.72
CA GLN VB 45 24.46 -20.01 -22.38
C GLN VB 45 23.47 -20.71 -21.45
N THR VB 46 22.38 -21.24 -21.99
CA THR VB 46 21.30 -21.79 -21.18
C THR VB 46 21.42 -23.29 -20.94
N LEU VB 47 22.65 -23.83 -20.97
CA LEU VB 47 22.83 -25.24 -20.64
C LEU VB 47 22.51 -25.59 -19.19
N PRO VB 48 23.21 -25.06 -18.17
CA PRO VB 48 23.24 -25.76 -16.87
C PRO VB 48 21.95 -25.73 -16.09
N PHE VB 49 20.97 -24.91 -16.47
CA PHE VB 49 19.73 -24.82 -15.72
C PHE VB 49 18.92 -26.12 -15.79
N GLY VB 50 19.00 -26.83 -16.91
CA GLY VB 50 18.39 -28.14 -16.99
C GLY VB 50 18.96 -29.18 -16.05
N ILE VB 51 20.26 -29.10 -15.77
CA ILE VB 51 20.81 -29.99 -14.75
C ILE VB 51 20.56 -29.45 -13.36
N LYS VB 52 20.59 -28.13 -13.20
CA LYS VB 52 20.43 -27.49 -11.90
C LYS VB 52 19.03 -27.65 -11.34
N LEU VB 53 18.05 -27.80 -12.23
CA LEU VB 53 16.66 -27.87 -11.80
C LEU VB 53 16.41 -29.20 -11.13
N LEU VB 54 16.72 -30.30 -11.81
CA LEU VB 54 16.47 -31.57 -11.17
C LEU VB 54 17.49 -31.87 -10.08
N GLY VB 55 18.66 -31.22 -10.09
CA GLY VB 55 19.63 -31.45 -9.03
C GLY VB 55 19.14 -30.88 -7.70
N VAL VB 56 18.57 -29.69 -7.75
CA VAL VB 56 18.02 -29.12 -6.53
C VAL VB 56 16.70 -29.78 -6.17
N CYS VB 57 15.86 -30.11 -7.17
CA CYS VB 57 14.57 -30.69 -6.84
C CYS VB 57 14.72 -32.11 -6.30
N LEU VB 58 15.77 -32.83 -6.70
CA LEU VB 58 16.09 -34.12 -6.08
C LEU VB 58 16.63 -33.95 -4.68
N CYS VB 59 17.53 -32.97 -4.45
CA CYS VB 59 18.04 -32.81 -3.09
C CYS VB 59 16.95 -32.35 -2.12
N LEU VB 60 16.02 -31.52 -2.59
CA LEU VB 60 14.88 -31.18 -1.75
C LEU VB 60 13.90 -32.34 -1.61
N PHE VB 61 13.82 -33.22 -2.60
CA PHE VB 61 12.95 -34.36 -2.45
C PHE VB 61 13.52 -35.35 -1.47
N LEU VB 62 14.84 -35.49 -1.45
CA LEU VB 62 15.47 -36.47 -0.58
C LEU VB 62 15.60 -35.96 0.84
N LEU VB 63 15.51 -34.65 1.05
CA LEU VB 63 15.73 -34.10 2.39
C LEU VB 63 14.51 -33.38 2.93
N SER VB 64 13.37 -33.42 2.23
CA SER VB 64 12.17 -32.77 2.74
C SER VB 64 11.61 -33.50 3.96
N GLY VB 65 11.93 -34.77 4.11
CA GLY VB 65 11.65 -35.49 5.33
C GLY VB 65 12.61 -35.19 6.47
N TRP VB 66 13.68 -34.47 6.18
CA TRP VB 66 14.63 -34.03 7.19
C TRP VB 66 14.45 -32.58 7.59
N TYR VB 67 13.91 -31.75 6.69
CA TYR VB 67 13.92 -30.31 6.91
C TYR VB 67 12.97 -29.91 8.02
N GLY VB 68 11.81 -30.53 8.08
CA GLY VB 68 10.79 -30.13 9.03
C GLY VB 68 11.07 -30.49 10.46
N GLU VB 69 11.92 -31.48 10.70
CA GLU VB 69 12.09 -31.96 12.07
C GLU VB 69 12.95 -31.03 12.90
N VAL VB 70 14.02 -30.48 12.32
CA VAL VB 70 14.85 -29.53 13.05
C VAL VB 70 14.14 -28.21 13.22
N LEU VB 71 13.18 -27.90 12.34
CA LEU VB 71 12.41 -26.69 12.54
C LEU VB 71 11.32 -26.90 13.57
N LEU VB 72 10.74 -28.09 13.66
CA LEU VB 72 9.73 -28.30 14.68
C LEU VB 72 10.37 -28.37 16.06
N SER VB 73 11.63 -28.83 16.11
CA SER VB 73 12.36 -28.81 17.37
C SER VB 73 12.75 -27.39 17.76
N TYR VB 74 13.14 -26.57 16.78
CA TYR VB 74 13.58 -25.22 17.12
C TYR VB 74 12.41 -24.34 17.48
N GLY VB 75 11.29 -24.50 16.78
CA GLY VB 75 10.13 -23.70 17.10
C GLY VB 75 9.53 -24.12 18.42
N ARG VB 76 9.67 -25.39 18.78
CA ARG VB 76 9.10 -25.83 20.04
C ARG VB 76 9.94 -25.33 21.19
N GLN VB 77 11.26 -25.32 21.03
CA GLN VB 77 12.09 -24.90 22.16
C GLN VB 77 12.17 -23.40 22.29
N VAL VB 78 11.78 -22.64 21.25
CA VAL VB 78 11.85 -21.20 21.44
C VAL VB 78 10.61 -20.69 22.18
N ILE VB 79 9.48 -21.38 22.10
CA ILE VB 79 8.34 -20.91 22.88
C ILE VB 79 8.52 -21.29 24.34
N PHE VB 80 9.23 -22.39 24.61
CA PHE VB 80 9.56 -22.71 25.99
C PHE VB 80 10.56 -21.72 26.57
N LEU VB 81 11.48 -21.22 25.73
CA LEU VB 81 12.37 -20.16 26.19
C LEU VB 81 11.65 -18.84 26.33
N ALA VB 82 10.57 -18.66 25.59
CA ALA VB 82 9.91 -17.36 25.61
C ALA VB 82 9.07 -17.24 26.86
N LEU VB 83 8.41 -18.33 27.24
CA LEU VB 83 7.48 -18.28 28.37
C LEU VB 83 8.18 -18.64 29.68
N ALA VB 84 8.74 -19.84 29.77
CA ALA VB 84 9.31 -20.25 31.04
C ALA VB 84 10.75 -19.77 31.20
N ASP WB 63 -25.65 36.43 44.27
CA ASP WB 63 -25.73 35.13 43.60
C ASP WB 63 -26.29 35.13 42.14
N PRO WB 64 -27.29 35.96 41.78
CA PRO WB 64 -27.63 36.04 40.35
C PRO WB 64 -26.53 36.61 39.47
N LYS WB 65 -25.70 37.52 39.98
CA LYS WB 65 -24.57 38.01 39.20
C LYS WB 65 -23.33 37.15 39.38
N GLU WB 66 -23.20 36.45 40.49
CA GLU WB 66 -22.01 35.66 40.75
C GLU WB 66 -22.10 34.32 40.04
N LEU WB 67 -23.29 33.73 40.00
CA LEU WB 67 -23.47 32.50 39.26
C LEU WB 67 -23.38 32.78 37.77
N ALA WB 68 -23.81 33.96 37.32
CA ALA WB 68 -23.79 34.27 35.89
C ALA WB 68 -22.36 34.47 35.40
N ILE WB 69 -21.55 35.17 36.19
CA ILE WB 69 -20.15 35.29 35.82
C ILE WB 69 -19.39 33.98 36.03
N SER WB 70 -19.85 33.10 36.94
CA SER WB 70 -19.24 31.77 36.91
C SER WB 70 -19.85 30.85 35.85
N GLN WB 71 -21.00 31.24 35.29
CA GLN WB 71 -21.65 30.47 34.24
C GLN WB 71 -20.88 30.62 32.95
N GLU WB 72 -20.41 31.85 32.69
CA GLU WB 72 -19.56 31.98 31.51
C GLU WB 72 -18.19 31.37 31.79
N MET WB 73 -17.73 31.45 33.04
CA MET WB 73 -16.35 31.12 33.39
C MET WB 73 -16.11 29.62 33.29
N ILE WB 74 -17.13 28.81 33.55
CA ILE WB 74 -16.95 27.38 33.34
C ILE WB 74 -16.98 27.04 31.84
N SER WB 75 -17.88 27.67 31.08
CA SER WB 75 -18.13 27.21 29.72
C SER WB 75 -17.03 27.63 28.77
N ASP WB 76 -16.50 28.85 28.93
CA ASP WB 76 -15.43 29.27 28.03
C ASP WB 76 -14.14 28.48 28.29
N TYR WB 77 -13.87 28.12 29.54
CA TYR WB 77 -12.68 27.33 29.77
C TYR WB 77 -12.86 25.86 29.38
N ASN WB 78 -14.11 25.41 29.29
CA ASN WB 78 -14.35 24.07 28.75
C ASN WB 78 -14.21 24.06 27.24
N LEU WB 79 -14.61 25.16 26.60
CA LEU WB 79 -14.42 25.23 25.17
C LEU WB 79 -12.96 25.41 24.83
N TYR WB 80 -12.21 26.06 25.72
CA TYR WB 80 -10.80 26.27 25.44
C TYR WB 80 -10.04 24.97 25.56
N VAL WB 81 -10.47 24.09 26.48
CA VAL WB 81 -9.73 22.83 26.62
C VAL WB 81 -10.09 21.87 25.49
N SER WB 82 -11.32 21.97 24.94
CA SER WB 82 -11.60 21.12 23.80
C SER WB 82 -10.93 21.64 22.55
N MET WB 83 -10.79 22.97 22.44
CA MET WB 83 -10.13 23.54 21.28
C MET WB 83 -8.64 23.20 21.28
N VAL WB 84 -8.01 23.24 22.46
CA VAL WB 84 -6.59 22.95 22.51
C VAL WB 84 -6.35 21.46 22.33
N SER WB 85 -7.36 20.62 22.56
CA SER WB 85 -7.07 19.22 22.35
C SER WB 85 -7.35 18.79 20.91
N THR WB 86 -8.36 19.40 20.25
CA THR WB 86 -8.59 19.11 18.84
C THR WB 86 -7.46 19.64 17.96
N LEU WB 87 -6.82 20.75 18.36
CA LEU WB 87 -5.71 21.20 17.53
C LEU WB 87 -4.51 20.31 17.70
N THR WB 88 -4.34 19.68 18.86
CA THR WB 88 -3.18 18.80 19.02
C THR WB 88 -3.38 17.52 18.23
N ARG WB 89 -4.64 17.09 18.10
CA ARG WB 89 -4.90 15.88 17.32
C ARG WB 89 -4.69 16.12 15.82
N LYS WB 90 -5.21 17.23 15.30
CA LYS WB 90 -4.92 17.52 13.88
C LYS WB 90 -3.48 17.94 13.64
N GLY WB 91 -2.81 18.46 14.66
CA GLY WB 91 -1.42 18.85 14.60
C GLY WB 91 -0.53 17.65 14.40
N VAL WB 92 -0.57 16.69 15.34
CA VAL WB 92 0.32 15.55 15.15
C VAL WB 92 -0.18 14.63 14.04
N GLY WB 93 -1.48 14.62 13.73
CA GLY WB 93 -1.94 13.82 12.62
C GLY WB 93 -1.46 14.32 11.27
N ALA WB 94 -1.22 15.64 11.16
CA ALA WB 94 -0.63 16.14 9.93
C ALA WB 94 0.83 15.72 9.80
N VAL WB 95 1.53 15.57 10.91
CA VAL WB 95 2.91 15.10 10.82
C VAL WB 95 2.91 13.62 10.45
N GLU WB 96 1.90 12.88 10.94
CA GLU WB 96 1.81 11.46 10.64
C GLU WB 96 1.59 11.24 9.15
N THR WB 97 0.68 12.02 8.56
CA THR WB 97 0.44 11.80 7.14
C THR WB 97 1.58 12.36 6.31
N LEU WB 98 2.28 13.40 6.77
CA LEU WB 98 3.38 13.90 5.94
C LEU WB 98 4.58 12.98 6.02
N LEU WB 99 4.75 12.23 7.11
CA LEU WB 99 5.81 11.24 7.16
C LEU WB 99 5.47 10.01 6.32
N ARG WB 100 4.18 9.66 6.22
CA ARG WB 100 3.85 8.65 5.22
C ARG WB 100 3.96 9.20 3.80
N SER WB 101 3.73 10.50 3.64
CA SER WB 101 3.88 11.26 2.39
C SER WB 101 3.08 10.71 1.22
N GLY XB 14 -37.99 62.63 20.18
N GLY XB 14 -51.28 55.95 7.75
CA GLY XB 14 -38.20 62.58 18.75
CA GLY XB 14 -50.45 56.36 6.63
C GLY XB 14 -37.30 61.61 18.01
C GLY XB 14 -49.12 55.65 6.56
N GLN XB 15 -37.89 60.76 17.18
N GLN XB 15 -49.03 54.66 5.66
CA GLN XB 15 -37.17 59.71 16.49
CA GLN XB 15 -47.81 53.89 5.51
C GLN XB 15 -36.45 60.24 15.26
C GLN XB 15 -47.58 53.61 4.04
N ALA XB 16 -35.32 59.63 14.94
N ALA XB 16 -46.31 53.53 3.66
CA ALA XB 16 -34.48 60.03 13.81
CA ALA XB 16 -45.89 53.41 2.28
C ALA XB 16 -34.11 58.81 12.99
C ALA XB 16 -45.17 52.09 2.00
N VAL XB 17 -33.64 59.07 11.77
N VAL XB 17 -45.27 51.65 0.75
CA VAL XB 17 -33.22 58.02 10.85
CA VAL XB 17 -44.55 50.48 0.27
C VAL XB 17 -32.17 58.60 9.90
C VAL XB 17 -43.91 50.90 -1.05
N ASN XB 18 -31.11 57.83 9.68
N ASN XB 18 -42.58 50.78 -1.11
CA ASN XB 18 -30.16 58.15 8.63
CA ASN XB 18 -41.82 51.09 -2.31
C ASN XB 18 -30.31 57.19 7.46
C ASN XB 18 -41.12 49.84 -2.82
N ILE XB 19 -29.79 57.62 6.32
N ILE XB 19 -41.09 49.67 -4.14
CA ILE XB 19 -29.94 56.89 5.06
CA ILE XB 19 -40.48 48.50 -4.77
C ILE XB 19 -28.60 56.88 4.35
C ILE XB 19 -39.48 48.99 -5.82
N ARG XB 20 -28.20 55.71 3.85
N ARG XB 20 -38.23 48.59 -5.69
CA ARG XB 20 -27.00 55.57 3.03
CA ARG XB 20 -37.26 48.78 -6.75
C ARG XB 20 -27.06 54.30 2.19
C ARG XB 20 -36.64 47.44 -7.12
N ASP XB 31 -10.23 37.37 -5.40
CA ASP XB 31 -10.70 36.28 -4.56
C ASP XB 31 -11.96 36.70 -3.84
N ARG XB 32 -13.09 36.10 -4.21
CA ARG XB 32 -14.34 36.33 -3.52
C ARG XB 32 -14.41 35.66 -2.16
N LEU XB 33 -13.50 34.74 -1.82
CA LEU XB 33 -13.49 34.21 -0.47
C LEU XB 33 -12.96 35.23 0.53
N LEU XB 34 -12.09 36.12 0.08
CA LEU XB 34 -11.53 37.14 0.96
C LEU XB 34 -12.55 38.24 1.24
N GLN XB 35 -13.54 38.41 0.36
CA GLN XB 35 -14.62 39.30 0.72
C GLN XB 35 -15.77 38.56 1.37
N ALA XB 36 -15.85 37.24 1.20
CA ALA XB 36 -16.93 36.46 1.78
C ALA XB 36 -16.74 36.28 3.27
N PHE XB 37 -15.52 35.94 3.68
CA PHE XB 37 -15.23 35.75 5.09
C PHE XB 37 -15.25 37.09 5.83
N SER XB 38 -14.86 38.17 5.15
CA SER XB 38 -14.97 39.47 5.77
C SER XB 38 -16.43 39.95 5.80
N GLY XB 39 -17.24 39.52 4.84
CA GLY XB 39 -18.63 39.94 4.83
C GLY XB 39 -19.44 39.24 5.90
N SER XB 40 -19.18 37.95 6.09
CA SER XB 40 -19.83 37.21 7.17
C SER XB 40 -19.11 37.38 8.51
N ALA XB 41 -18.05 38.19 8.56
CA ALA XB 41 -17.34 38.40 9.81
C ALA XB 41 -18.14 39.31 10.75
N ILE XB 42 -18.54 40.49 10.25
CA ILE XB 42 -19.34 41.42 11.04
C ILE XB 42 -20.84 41.16 10.91
N ALA XB 43 -21.25 40.31 9.96
CA ALA XB 43 -22.64 39.92 9.84
C ALA XB 43 -23.10 39.09 11.02
N THR XB 44 -22.19 38.36 11.65
CA THR XB 44 -22.55 37.65 12.86
C THR XB 44 -22.26 38.48 14.10
N ALA XB 45 -21.50 39.56 13.95
CA ALA XB 45 -21.11 40.34 15.10
C ALA XB 45 -22.18 41.36 15.43
N VAL XB 46 -22.76 41.99 14.41
CA VAL XB 46 -23.78 42.97 14.71
C VAL XB 46 -25.08 42.28 15.11
N ASP XB 47 -25.37 41.09 14.59
CA ASP XB 47 -26.53 40.35 15.07
C ASP XB 47 -26.32 39.77 16.45
N LYS XB 48 -25.06 39.48 16.82
CA LYS XB 48 -24.78 39.15 18.21
C LYS XB 48 -25.00 40.34 19.13
N GLN XB 49 -24.55 41.51 18.70
CA GLN XB 49 -24.63 42.68 19.55
C GLN XB 49 -26.02 43.26 19.61
N THR XB 50 -26.81 43.17 18.55
CA THR XB 50 -28.13 43.77 18.59
C THR XB 50 -29.09 42.96 19.46
N ILE XB 51 -28.87 41.65 19.58
CA ILE XB 51 -29.64 40.95 20.61
C ILE XB 51 -28.96 41.03 21.96
N THR XB 52 -27.69 41.45 22.00
CA THR XB 52 -27.06 41.64 23.29
C THR XB 52 -27.58 42.92 23.94
N ASN XB 53 -27.61 44.03 23.21
CA ASN XB 53 -28.20 45.21 23.82
C ASN XB 53 -29.73 45.22 23.74
N ARG XB 54 -30.33 44.29 22.98
CA ARG XB 54 -31.75 44.03 23.12
C ARG XB 54 -32.03 43.43 24.48
N ILE XB 55 -31.12 42.61 24.99
CA ILE XB 55 -31.41 41.94 26.25
C ILE XB 55 -30.85 42.74 27.42
N GLU XB 56 -29.88 43.61 27.18
CA GLU XB 56 -29.44 44.50 28.26
C GLU XB 56 -30.40 45.66 28.45
N ASP XB 57 -31.06 46.13 27.39
CA ASP XB 57 -32.18 47.04 27.58
C ASP XB 57 -33.33 46.26 28.20
N PRO XB 58 -33.82 46.64 29.38
CA PRO XB 58 -34.92 45.90 29.99
C PRO XB 58 -36.30 46.29 29.48
N ASN XB 59 -36.43 47.40 28.75
CA ASN XB 59 -37.73 47.74 28.20
C ASN XB 59 -38.11 46.85 27.03
N LEU XB 60 -37.12 46.37 26.28
CA LEU XB 60 -37.42 45.57 25.10
C LEU XB 60 -37.66 44.10 25.40
N VAL XB 61 -37.25 43.60 26.56
CA VAL XB 61 -37.46 42.19 26.87
C VAL XB 61 -38.77 41.93 27.58
N THR XB 62 -39.53 42.97 27.91
CA THR XB 62 -40.80 42.81 28.61
C THR XB 62 -41.98 42.83 27.65
N ASP XB 63 -41.88 43.60 26.57
CA ASP XB 63 -42.94 43.66 25.58
C ASP XB 63 -43.02 42.36 24.78
N PRO XB 64 -44.21 41.83 24.55
CA PRO XB 64 -44.32 40.55 23.83
C PRO XB 64 -43.96 40.64 22.36
N LYS XB 65 -44.44 41.67 21.66
CA LYS XB 65 -44.15 41.74 20.23
C LYS XB 65 -42.72 42.18 19.95
N GLU XB 66 -42.01 42.73 20.93
CA GLU XB 66 -40.56 42.85 20.81
C GLU XB 66 -39.86 41.54 21.16
N LEU XB 67 -40.48 40.73 22.03
CA LEU XB 67 -39.91 39.42 22.33
C LEU XB 67 -40.01 38.49 21.14
N ALA XB 68 -41.07 38.61 20.35
CA ALA XB 68 -41.26 37.68 19.23
C ALA XB 68 -40.25 37.96 18.12
N ILE XB 69 -39.97 39.24 17.86
CA ILE XB 69 -38.99 39.55 16.83
C ILE XB 69 -37.58 39.33 17.34
N SER XB 70 -37.37 39.30 18.67
CA SER XB 70 -36.05 38.86 19.09
C SER XB 70 -35.95 37.33 19.03
N GLN XB 71 -37.08 36.63 19.16
CA GLN XB 71 -37.06 35.17 19.07
C GLN XB 71 -36.72 34.73 17.64
N GLU XB 72 -37.28 35.46 16.66
CA GLU XB 72 -36.85 35.30 15.28
C GLU XB 72 -35.39 35.67 15.10
N MET XB 73 -34.94 36.72 15.79
CA MET XB 73 -33.59 37.22 15.59
C MET XB 73 -32.56 36.23 16.14
N ILE XB 74 -32.95 35.47 17.17
CA ILE XB 74 -32.12 34.38 17.66
C ILE XB 74 -32.14 33.21 16.69
N SER XB 75 -33.31 32.91 16.13
CA SER XB 75 -33.44 31.67 15.38
C SER XB 75 -32.74 31.73 14.02
N ASP XB 76 -32.87 32.85 13.31
CA ASP XB 76 -32.10 32.97 12.07
C ASP XB 76 -30.61 33.16 12.33
N TYR XB 77 -30.25 33.66 13.51
CA TYR XB 77 -28.85 33.67 13.88
C TYR XB 77 -28.32 32.25 14.04
N ASN XB 78 -29.14 31.36 14.58
CA ASN XB 78 -28.68 29.99 14.74
C ASN XB 78 -28.56 29.31 13.38
N LEU XB 79 -29.55 29.54 12.50
CA LEU XB 79 -29.49 28.91 11.19
C LEU XB 79 -28.37 29.46 10.32
N TYR XB 80 -27.92 30.68 10.59
CA TYR XB 80 -26.93 31.28 9.71
C TYR XB 80 -25.58 30.64 9.98
N VAL XB 81 -25.15 30.65 11.24
CA VAL XB 81 -23.84 30.15 11.54
C VAL XB 81 -23.81 28.63 11.51
N SER XB 82 -24.97 27.96 11.60
CA SER XB 82 -24.92 26.53 11.38
C SER XB 82 -24.84 26.19 9.89
N MET XB 83 -25.45 27.02 9.04
CA MET XB 83 -25.35 26.77 7.61
C MET XB 83 -23.94 27.02 7.09
N VAL XB 84 -23.31 28.11 7.53
CA VAL XB 84 -21.94 28.30 7.06
C VAL XB 84 -20.96 27.40 7.79
N SER XB 85 -21.38 26.77 8.88
CA SER XB 85 -20.55 25.79 9.56
C SER XB 85 -20.49 24.53 8.73
N THR XB 86 -21.66 23.94 8.48
CA THR XB 86 -21.70 22.66 7.79
C THR XB 86 -21.25 22.81 6.33
N LEU XB 87 -21.58 23.94 5.69
CA LEU XB 87 -21.12 24.14 4.31
C LEU XB 87 -19.62 24.38 4.21
N THR XB 88 -19.00 24.94 5.25
CA THR XB 88 -17.55 24.94 5.30
C THR XB 88 -17.01 23.55 5.55
N ARG XB 89 -17.70 22.77 6.39
CA ARG XB 89 -17.24 21.42 6.69
C ARG XB 89 -17.29 20.53 5.46
N LYS XB 90 -18.39 20.56 4.71
CA LYS XB 90 -18.42 19.80 3.46
C LYS XB 90 -17.57 20.42 2.36
N GLY XB 91 -17.29 21.72 2.43
CA GLY XB 91 -16.37 22.32 1.48
C GLY XB 91 -14.96 21.82 1.66
N VAL XB 92 -14.49 21.76 2.91
CA VAL XB 92 -13.18 21.17 3.15
C VAL XB 92 -13.26 19.66 3.19
N GLY XB 93 -14.48 19.10 3.27
CA GLY XB 93 -14.71 17.67 3.20
C GLY XB 93 -14.56 17.09 1.82
N ALA XB 94 -14.67 17.92 0.79
CA ALA XB 94 -14.45 17.43 -0.57
C ALA XB 94 -12.98 17.38 -0.99
N VAL XB 95 -12.05 17.97 -0.24
CA VAL XB 95 -10.66 17.98 -0.70
C VAL XB 95 -9.85 16.74 -0.27
N GLU XB 96 -10.15 16.14 0.89
CA GLU XB 96 -9.29 15.10 1.44
C GLU XB 96 -9.37 13.82 0.62
N THR XB 97 -10.57 13.46 0.19
CA THR XB 97 -10.75 12.18 -0.48
C THR XB 97 -10.08 12.22 -1.84
N LEU XB 98 -10.15 13.37 -2.52
CA LEU XB 98 -9.48 13.50 -3.81
C LEU XB 98 -7.98 13.56 -3.62
N LEU XB 99 -7.51 14.10 -2.49
CA LEU XB 99 -6.07 14.29 -2.34
C LEU XB 99 -5.38 13.01 -1.89
N ARG XB 100 -5.99 12.25 -0.98
CA ARG XB 100 -5.49 10.90 -0.72
C ARG XB 100 -5.67 10.00 -1.93
N SER XB 101 -6.75 10.20 -2.69
CA SER XB 101 -7.07 9.49 -3.94
C SER XB 101 -7.13 7.97 -3.81
N GLY YB 14 -67.75 32.23 -1.72
CA GLY YB 14 -67.78 31.20 -2.74
C GLY YB 14 -66.53 30.35 -2.73
N GLN YB 15 -66.60 29.22 -3.43
CA GLN YB 15 -65.48 28.29 -3.52
C GLN YB 15 -65.18 28.06 -4.99
N ALA YB 16 -64.02 27.48 -5.26
CA ALA YB 16 -63.65 27.19 -6.65
C ALA YB 16 -62.57 26.13 -6.70
N VAL YB 17 -62.85 25.03 -7.40
CA VAL YB 17 -61.86 23.98 -7.57
C VAL YB 17 -61.51 23.87 -9.04
N ASN YB 18 -60.32 23.36 -9.31
CA ASN YB 18 -59.82 23.18 -10.67
C ASN YB 18 -59.82 21.70 -10.98
N ILE YB 19 -60.70 21.29 -11.87
CA ILE YB 19 -60.88 19.87 -12.15
C ILE YB 19 -59.78 19.30 -13.04
N ARG YB 20 -59.21 20.12 -13.92
CA ARG YB 20 -58.25 19.66 -14.91
C ARG YB 20 -56.84 19.73 -14.35
N SER YB 21 -56.16 18.59 -14.31
CA SER YB 21 -54.77 18.52 -13.91
C SER YB 21 -53.92 18.30 -15.16
N MET YB 22 -52.79 18.98 -15.22
CA MET YB 22 -51.97 18.99 -16.42
C MET YB 22 -50.85 17.97 -16.30
N GLU YB 23 -50.45 17.42 -17.44
CA GLU YB 23 -49.40 16.41 -17.46
C GLU YB 23 -48.52 16.58 -18.69
N THR YB 24 -47.27 16.14 -18.55
CA THR YB 24 -46.27 16.26 -19.61
C THR YB 24 -45.53 14.94 -19.76
N ASP YB 25 -45.13 14.65 -20.99
CA ASP YB 25 -44.44 13.41 -21.30
C ASP YB 25 -43.00 13.48 -20.81
N ILE YB 26 -42.51 12.36 -20.29
CA ILE YB 26 -41.13 12.21 -19.88
C ILE YB 26 -40.47 11.13 -20.72
N VAL YB 27 -39.19 11.32 -21.00
CA VAL YB 27 -38.47 10.45 -21.94
C VAL YB 27 -37.28 9.81 -21.23
N SER YB 28 -36.77 10.48 -20.20
CA SER YB 28 -35.55 10.07 -19.52
C SER YB 28 -35.87 9.72 -18.07
N LEU YB 29 -34.82 9.53 -17.28
CA LEU YB 29 -34.96 9.19 -15.87
C LEU YB 29 -34.81 10.39 -14.95
N ASP YB 30 -34.10 11.43 -15.37
CA ASP YB 30 -33.83 12.56 -14.49
C ASP YB 30 -35.06 13.44 -14.32
N ASP YB 31 -35.88 13.56 -15.36
CA ASP YB 31 -37.07 14.40 -15.28
C ASP YB 31 -38.13 13.78 -14.38
N ARG YB 32 -38.14 12.46 -14.27
CA ARG YB 32 -39.02 11.79 -13.32
C ARG YB 32 -38.64 12.13 -11.87
N LEU YB 33 -37.34 12.23 -11.59
CA LEU YB 33 -36.90 12.77 -10.30
C LEU YB 33 -37.21 14.26 -10.17
N LEU YB 34 -37.09 14.99 -11.27
CA LEU YB 34 -37.21 16.44 -11.19
C LEU YB 34 -38.65 16.88 -10.98
N GLN YB 35 -39.61 16.10 -11.50
CA GLN YB 35 -40.99 16.44 -11.21
C GLN YB 35 -41.38 16.08 -9.78
N ALA YB 36 -40.70 15.12 -9.16
CA ALA YB 36 -40.89 14.90 -7.72
C ALA YB 36 -40.24 16.01 -6.91
N PHE YB 37 -39.16 16.57 -7.45
CA PHE YB 37 -38.47 17.68 -6.80
C PHE YB 37 -39.33 18.93 -6.82
N SER YB 38 -39.97 19.19 -7.95
CA SER YB 38 -40.85 20.33 -8.03
C SER YB 38 -42.16 20.09 -7.29
N GLY YB 39 -42.64 18.84 -7.24
CA GLY YB 39 -43.89 18.58 -6.54
C GLY YB 39 -43.71 18.66 -5.04
N SER YB 40 -42.51 18.38 -4.55
CA SER YB 40 -42.32 18.53 -3.13
C SER YB 40 -42.02 19.98 -2.77
N ALA YB 41 -41.31 20.71 -3.65
CA ALA YB 41 -41.06 22.11 -3.33
C ALA YB 41 -42.35 22.93 -3.40
N ILE YB 42 -43.27 22.57 -4.31
CA ILE YB 42 -44.55 23.25 -4.34
C ILE YB 42 -45.46 22.76 -3.22
N ALA YB 43 -45.24 21.57 -2.68
CA ALA YB 43 -46.09 21.12 -1.58
C ALA YB 43 -45.68 21.83 -0.30
N THR YB 44 -44.37 21.95 -0.09
CA THR YB 44 -43.92 22.58 1.14
C THR YB 44 -44.05 24.10 1.07
N ALA YB 45 -44.05 24.69 -0.14
CA ALA YB 45 -44.15 26.13 -0.19
C ALA YB 45 -45.57 26.60 0.09
N VAL YB 46 -46.57 25.78 -0.24
CA VAL YB 46 -47.94 26.18 0.05
C VAL YB 46 -48.28 25.78 1.48
N ASP YB 47 -47.74 24.67 1.99
CA ASP YB 47 -48.13 24.24 3.33
C ASP YB 47 -47.35 24.97 4.41
N LYS YB 48 -46.25 25.64 4.07
CA LYS YB 48 -45.66 26.58 5.01
C LYS YB 48 -46.52 27.83 5.13
N GLN YB 49 -47.29 28.15 4.10
CA GLN YB 49 -48.02 29.40 4.05
C GLN YB 49 -49.47 29.29 4.51
N THR YB 50 -50.16 28.19 4.20
CA THR YB 50 -51.59 28.13 4.54
C THR YB 50 -51.83 27.96 6.05
N ILE YB 51 -50.90 27.36 6.77
CA ILE YB 51 -51.05 27.35 8.22
C ILE YB 51 -50.63 28.67 8.85
N THR YB 52 -49.75 29.42 8.20
CA THR YB 52 -49.45 30.73 8.74
C THR YB 52 -50.59 31.71 8.46
N ASN YB 53 -51.23 31.59 7.31
CA ASN YB 53 -52.44 32.38 7.07
C ASN YB 53 -53.58 31.98 8.01
N ARG YB 54 -53.64 30.71 8.42
CA ARG YB 54 -54.59 30.30 9.46
C ARG YB 54 -54.23 30.88 10.82
N ILE YB 55 -52.96 31.08 11.08
CA ILE YB 55 -52.56 31.66 12.36
C ILE YB 55 -52.76 33.17 12.33
N GLU YB 56 -52.42 33.83 11.22
CA GLU YB 56 -52.54 35.27 11.12
C GLU YB 56 -53.98 35.73 11.04
N ASP YB 57 -54.89 34.91 10.50
CA ASP YB 57 -56.30 35.26 10.64
C ASP YB 57 -56.74 34.90 12.05
N PRO YB 58 -57.03 35.88 12.90
CA PRO YB 58 -57.23 35.58 14.32
C PRO YB 58 -58.64 35.14 14.66
N ASN YB 59 -59.53 35.03 13.67
CA ASN YB 59 -60.78 34.33 13.91
C ASN YB 59 -60.60 32.82 13.80
N LEU YB 60 -59.61 32.39 13.01
CA LEU YB 60 -59.27 30.98 12.86
C LEU YB 60 -58.50 30.40 14.05
N VAL YB 61 -57.97 31.22 14.94
CA VAL YB 61 -57.20 30.73 16.08
C VAL YB 61 -58.05 30.59 17.34
N THR YB 62 -59.35 30.77 17.24
CA THR YB 62 -60.21 30.76 18.42
C THR YB 62 -61.08 29.51 18.53
N ASP YB 63 -61.70 29.10 17.43
CA ASP YB 63 -62.63 27.96 17.46
C ASP YB 63 -61.84 26.67 17.62
N PRO YB 64 -62.23 25.78 18.55
CA PRO YB 64 -61.50 24.51 18.69
C PRO YB 64 -61.59 23.58 17.49
N LYS YB 65 -62.66 23.64 16.70
CA LYS YB 65 -62.77 22.84 15.48
C LYS YB 65 -61.65 23.17 14.50
N GLU YB 66 -61.56 24.44 14.13
CA GLU YB 66 -60.48 24.86 13.25
C GLU YB 66 -59.16 24.97 13.98
N LEU YB 67 -59.15 24.76 15.30
CA LEU YB 67 -57.88 24.57 15.98
C LEU YB 67 -57.39 23.15 15.82
N ALA YB 68 -58.30 22.17 15.84
CA ALA YB 68 -57.90 20.77 15.75
C ALA YB 68 -57.48 20.40 14.33
N ILE YB 69 -58.10 21.04 13.32
CA ILE YB 69 -57.61 20.77 11.97
C ILE YB 69 -56.28 21.48 11.74
N SER YB 70 -56.05 22.62 12.39
CA SER YB 70 -54.74 23.25 12.27
C SER YB 70 -53.71 22.56 13.15
N GLN YB 71 -54.16 21.79 14.13
CA GLN YB 71 -53.26 20.96 14.91
C GLN YB 71 -52.72 19.84 14.04
N GLU YB 72 -53.61 19.14 13.35
CA GLU YB 72 -53.13 18.01 12.57
C GLU YB 72 -52.42 18.41 11.29
N MET YB 73 -52.64 19.61 10.76
CA MET YB 73 -51.89 20.03 9.58
C MET YB 73 -50.40 20.25 9.85
N ILE YB 74 -50.05 20.55 11.10
CA ILE YB 74 -48.63 20.59 11.47
C ILE YB 74 -48.03 19.20 11.41
N SER YB 75 -48.71 18.21 11.97
CA SER YB 75 -48.13 16.87 12.00
C SER YB 75 -48.03 16.28 10.60
N ASP YB 76 -48.95 16.65 9.72
CA ASP YB 76 -48.84 16.24 8.31
C ASP YB 76 -47.65 16.90 7.64
N TYR YB 77 -47.36 18.16 7.97
CA TYR YB 77 -46.20 18.79 7.33
C TYR YB 77 -44.90 18.24 7.90
N ASN YB 78 -44.87 18.03 9.22
CA ASN YB 78 -43.64 17.67 9.91
C ASN YB 78 -43.20 16.26 9.57
N LEU YB 79 -44.14 15.30 9.51
CA LEU YB 79 -43.74 13.93 9.23
C LEU YB 79 -43.29 13.80 7.78
N TYR YB 80 -43.82 14.65 6.90
CA TYR YB 80 -43.52 14.52 5.49
C TYR YB 80 -42.11 15.03 5.22
N VAL YB 81 -41.79 16.22 5.74
CA VAL YB 81 -40.46 16.76 5.48
C VAL YB 81 -39.40 15.97 6.25
N SER YB 82 -39.76 15.40 7.42
CA SER YB 82 -38.79 14.57 8.11
C SER YB 82 -38.57 13.25 7.39
N MET YB 83 -39.59 12.77 6.68
CA MET YB 83 -39.42 11.52 5.97
C MET YB 83 -38.51 11.70 4.76
N VAL YB 84 -38.72 12.80 4.02
CA VAL YB 84 -37.91 13.01 2.84
C VAL YB 84 -36.50 13.45 3.18
N SER YB 85 -36.24 13.82 4.44
CA SER YB 85 -34.87 14.14 4.80
C SER YB 85 -34.08 12.85 4.97
N THR YB 86 -34.61 11.94 5.79
CA THR YB 86 -33.89 10.73 6.16
C THR YB 86 -33.81 9.72 5.02
N LEU YB 87 -34.80 9.72 4.11
CA LEU YB 87 -34.68 8.86 2.93
C LEU YB 87 -33.55 9.30 2.03
N THR YB 88 -33.37 10.62 1.88
CA THR YB 88 -32.26 11.14 1.09
C THR YB 88 -30.92 10.97 1.80
N ARG YB 89 -30.91 11.05 3.13
CA ARG YB 89 -29.70 10.73 3.89
C ARG YB 89 -29.25 9.30 3.68
N LYS YB 90 -30.19 8.35 3.64
CA LYS YB 90 -29.82 6.98 3.32
C LYS YB 90 -29.47 6.81 1.85
N GLY YB 91 -30.14 7.57 0.98
CA GLY YB 91 -29.90 7.44 -0.44
C GLY YB 91 -28.52 7.93 -0.84
N VAL YB 92 -28.08 9.03 -0.24
CA VAL YB 92 -26.69 9.41 -0.47
C VAL YB 92 -25.72 8.60 0.38
N GLY YB 93 -26.17 7.95 1.45
CA GLY YB 93 -25.22 7.14 2.20
C GLY YB 93 -24.83 5.90 1.41
N ALA YB 94 -25.79 5.37 0.64
CA ALA YB 94 -25.48 4.26 -0.24
C ALA YB 94 -24.57 4.64 -1.40
N VAL YB 95 -24.61 5.89 -1.89
CA VAL YB 95 -23.61 6.24 -2.89
C VAL YB 95 -22.26 6.48 -2.21
N GLU YB 96 -22.28 6.86 -0.93
CA GLU YB 96 -21.05 7.18 -0.21
C GLU YB 96 -20.22 5.94 0.04
N THR YB 97 -20.84 4.89 0.59
CA THR YB 97 -20.08 3.76 1.08
C THR YB 97 -19.52 2.94 -0.07
N LEU YB 98 -20.22 2.85 -1.20
CA LEU YB 98 -19.77 1.95 -2.25
C LEU YB 98 -18.56 2.52 -2.94
N LEU YB 99 -18.50 3.84 -3.05
CA LEU YB 99 -17.37 4.50 -3.68
C LEU YB 99 -16.23 4.68 -2.70
N ARG YB 100 -16.50 4.62 -1.39
CA ARG YB 100 -15.37 4.59 -0.46
C ARG YB 100 -14.73 3.21 -0.40
N SER YB 101 -15.55 2.15 -0.42
CA SER YB 101 -15.12 0.73 -0.39
C SER YB 101 -14.21 0.37 0.79
N ILE ZB 13 -70.92 -4.85 20.00
CA ILE ZB 13 -71.06 -4.84 21.45
C ILE ZB 13 -71.19 -6.33 21.85
N GLY ZB 14 -71.39 -7.16 20.84
CA GLY ZB 14 -71.47 -8.61 20.99
C GLY ZB 14 -70.25 -9.11 20.26
N GLN ZB 15 -69.37 -9.82 20.93
CA GLN ZB 15 -68.09 -10.18 20.35
C GLN ZB 15 -67.99 -11.64 19.94
N ALA ZB 16 -66.86 -11.93 19.32
CA ALA ZB 16 -66.55 -13.23 18.76
C ALA ZB 16 -65.03 -13.42 18.79
N VAL ZB 17 -64.60 -14.65 18.97
CA VAL ZB 17 -63.18 -14.94 18.91
C VAL ZB 17 -63.00 -16.10 17.94
N ASN ZB 18 -61.82 -16.19 17.34
CA ASN ZB 18 -61.44 -17.34 16.53
C ASN ZB 18 -60.34 -18.08 17.26
N ILE ZB 19 -60.38 -19.41 17.18
CA ILE ZB 19 -59.51 -20.24 18.01
C ILE ZB 19 -58.46 -21.00 17.24
N ARG ZB 20 -58.50 -20.98 15.92
CA ARG ZB 20 -57.54 -21.74 15.11
C ARG ZB 20 -56.42 -20.82 14.65
N SER ZB 21 -55.21 -21.16 15.06
CA SER ZB 21 -54.00 -20.53 14.53
C SER ZB 21 -53.33 -21.59 13.67
N MET ZB 22 -53.53 -21.48 12.36
CA MET ZB 22 -53.10 -22.46 11.39
C MET ZB 22 -51.58 -22.44 11.26
N GLU ZB 23 -51.04 -23.51 10.67
CA GLU ZB 23 -49.61 -23.59 10.42
C GLU ZB 23 -49.39 -24.02 8.98
N THR ZB 24 -48.69 -23.19 8.24
CA THR ZB 24 -48.20 -23.49 6.91
C THR ZB 24 -46.68 -23.63 6.99
N ASP ZB 25 -46.14 -24.53 6.18
CA ASP ZB 25 -44.71 -24.80 6.27
C ASP ZB 25 -43.94 -23.65 5.65
N ILE ZB 26 -42.84 -23.29 6.27
CA ILE ZB 26 -41.95 -22.33 5.64
C ILE ZB 26 -41.04 -23.09 4.69
N VAL ZB 27 -40.75 -22.49 3.53
CA VAL ZB 27 -39.84 -23.13 2.60
C VAL ZB 27 -38.45 -22.55 2.74
N SER ZB 28 -38.32 -21.44 3.46
CA SER ZB 28 -37.06 -20.76 3.68
C SER ZB 28 -37.23 -19.80 4.86
N LEU ZB 29 -36.15 -19.09 5.15
CA LEU ZB 29 -36.23 -18.03 6.14
C LEU ZB 29 -37.00 -16.84 5.58
N ASP ZB 30 -36.91 -16.66 4.26
CA ASP ZB 30 -37.69 -15.62 3.59
C ASP ZB 30 -39.16 -15.96 3.67
N ASP ZB 31 -39.50 -17.25 3.56
CA ASP ZB 31 -40.89 -17.64 3.75
C ASP ZB 31 -41.33 -17.47 5.19
N ARG ZB 32 -40.41 -17.51 6.16
CA ARG ZB 32 -40.80 -17.29 7.55
C ARG ZB 32 -41.08 -15.81 7.81
N LEU ZB 33 -40.24 -14.94 7.25
CA LEU ZB 33 -40.33 -13.53 7.57
C LEU ZB 33 -41.58 -12.91 6.98
N LEU ZB 34 -42.12 -13.46 5.89
CA LEU ZB 34 -43.30 -12.88 5.28
C LEU ZB 34 -44.51 -13.12 6.17
N GLN ZB 35 -44.52 -14.24 6.89
CA GLN ZB 35 -45.59 -14.49 7.86
C GLN ZB 35 -45.42 -13.62 9.08
N ALA ZB 36 -44.18 -13.41 9.53
CA ALA ZB 36 -43.99 -12.61 10.74
C ALA ZB 36 -44.30 -11.14 10.49
N PHE ZB 37 -44.10 -10.68 9.27
CA PHE ZB 37 -44.43 -9.31 8.91
C PHE ZB 37 -45.94 -9.16 8.74
N SER ZB 38 -46.58 -10.08 8.01
CA SER ZB 38 -48.01 -9.95 7.79
C SER ZB 38 -48.77 -10.18 9.10
N GLY ZB 39 -48.25 -11.01 10.00
CA GLY ZB 39 -48.89 -11.18 11.29
C GLY ZB 39 -48.74 -9.98 12.20
N SER ZB 40 -47.70 -9.16 11.99
CA SER ZB 40 -47.59 -8.01 12.88
C SER ZB 40 -48.25 -6.75 12.32
N ALA ZB 41 -48.31 -6.60 10.99
CA ALA ZB 41 -48.94 -5.41 10.42
C ALA ZB 41 -50.45 -5.40 10.60
N ILE ZB 42 -51.07 -6.58 10.70
CA ILE ZB 42 -52.50 -6.64 10.94
C ILE ZB 42 -52.80 -6.21 12.37
N ALA ZB 43 -51.97 -6.64 13.31
CA ALA ZB 43 -52.21 -6.31 14.72
C ALA ZB 43 -51.98 -4.83 14.98
N THR ZB 44 -51.00 -4.23 14.31
CA THR ZB 44 -50.80 -2.80 14.50
C THR ZB 44 -51.80 -1.97 13.71
N ALA ZB 45 -52.47 -2.53 12.71
CA ALA ZB 45 -53.47 -1.75 12.00
C ALA ZB 45 -54.79 -1.81 12.76
N VAL ZB 46 -55.12 -3.00 13.26
CA VAL ZB 46 -56.37 -3.23 13.96
C VAL ZB 46 -56.39 -2.50 15.29
N ASP ZB 47 -55.27 -2.49 16.05
CA ASP ZB 47 -55.33 -1.83 17.35
C ASP ZB 47 -55.47 -0.31 17.21
N LYS ZB 48 -54.88 0.28 16.17
CA LYS ZB 48 -55.07 1.70 15.96
C LYS ZB 48 -56.46 2.02 15.47
N GLN ZB 49 -57.07 1.13 14.67
CA GLN ZB 49 -58.46 1.41 14.35
C GLN ZB 49 -59.40 1.08 15.49
N THR ZB 50 -58.95 0.27 16.45
CA THR ZB 50 -59.76 0.04 17.64
C THR ZB 50 -59.78 1.28 18.50
N ILE ZB 51 -58.62 1.94 18.61
CA ILE ZB 51 -58.57 3.10 19.50
C ILE ZB 51 -59.24 4.28 18.81
N THR ZB 52 -59.29 4.31 17.47
CA THR ZB 52 -60.04 5.37 16.83
C THR ZB 52 -61.53 5.15 16.96
N ASN ZB 53 -62.03 3.92 16.80
CA ASN ZB 53 -63.47 3.73 16.97
C ASN ZB 53 -63.90 3.88 18.43
N ARG ZB 54 -62.99 3.63 19.37
CA ARG ZB 54 -63.20 3.96 20.78
C ARG ZB 54 -63.32 5.45 21.00
N ILE ZB 55 -62.53 6.24 20.29
CA ILE ZB 55 -62.58 7.68 20.48
C ILE ZB 55 -63.79 8.27 19.76
N GLU ZB 56 -63.99 7.89 18.50
CA GLU ZB 56 -65.06 8.45 17.67
C GLU ZB 56 -66.45 8.06 18.17
N ASP ZB 57 -66.58 6.94 18.90
CA ASP ZB 57 -67.82 6.81 19.65
C ASP ZB 57 -67.68 7.67 20.91
N PRO ZB 58 -68.47 8.73 21.05
CA PRO ZB 58 -68.27 9.65 22.17
C PRO ZB 58 -68.88 9.17 23.48
N ASN ZB 59 -69.77 8.18 23.45
CA ASN ZB 59 -70.29 7.64 24.69
C ASN ZB 59 -69.32 6.70 25.38
N LEU ZB 60 -68.30 6.21 24.68
CA LEU ZB 60 -67.28 5.41 25.35
C LEU ZB 60 -66.29 6.25 26.13
N VAL ZB 61 -66.01 7.48 25.69
CA VAL ZB 61 -64.97 8.29 26.30
C VAL ZB 61 -65.47 9.12 27.48
N THR ZB 62 -66.77 9.07 27.78
CA THR ZB 62 -67.32 9.86 28.88
C THR ZB 62 -67.51 9.07 30.15
N ASP ZB 63 -67.28 7.77 30.13
CA ASP ZB 63 -67.49 6.88 31.25
C ASP ZB 63 -66.16 6.65 31.98
N PRO ZB 64 -66.14 6.57 33.31
CA PRO ZB 64 -64.86 6.42 34.01
C PRO ZB 64 -64.21 5.07 33.85
N LYS ZB 65 -64.99 4.00 33.72
CA LYS ZB 65 -64.42 2.66 33.71
C LYS ZB 65 -63.68 2.34 32.40
N GLU ZB 66 -64.21 2.79 31.26
CA GLU ZB 66 -63.57 2.52 29.97
C GLU ZB 66 -62.32 3.35 29.71
N LEU ZB 67 -62.02 4.34 30.55
CA LEU ZB 67 -60.91 5.22 30.23
C LEU ZB 67 -59.57 4.57 30.58
N ALA ZB 68 -59.50 3.85 31.70
CA ALA ZB 68 -58.26 3.15 32.01
C ALA ZB 68 -58.03 2.00 31.04
N ILE ZB 69 -59.10 1.47 30.45
CA ILE ZB 69 -58.99 0.46 29.40
C ILE ZB 69 -58.36 1.07 28.15
N SER ZB 70 -58.81 2.25 27.77
CA SER ZB 70 -58.19 2.92 26.62
C SER ZB 70 -56.77 3.39 26.93
N GLN ZB 71 -56.49 3.71 28.20
CA GLN ZB 71 -55.12 3.96 28.64
C GLN ZB 71 -54.23 2.74 28.48
N GLU ZB 72 -54.78 1.56 28.77
CA GLU ZB 72 -54.01 0.34 28.65
C GLU ZB 72 -53.73 0.03 27.18
N MET ZB 73 -54.74 0.24 26.33
CA MET ZB 73 -54.54 -0.05 24.92
C MET ZB 73 -53.60 0.96 24.27
N ILE ZB 74 -53.51 2.16 24.85
CA ILE ZB 74 -52.54 3.15 24.39
C ILE ZB 74 -51.14 2.70 24.77
N SER ZB 75 -50.94 2.34 26.03
CA SER ZB 75 -49.58 2.09 26.50
C SER ZB 75 -49.05 0.79 25.90
N ASP ZB 76 -49.95 -0.16 25.59
CA ASP ZB 76 -49.49 -1.34 24.87
C ASP ZB 76 -49.16 -1.01 23.43
N TYR ZB 77 -49.89 -0.08 22.80
CA TYR ZB 77 -49.59 0.22 21.41
C TYR ZB 77 -48.28 0.95 21.28
N ASN ZB 78 -47.98 1.83 22.23
CA ASN ZB 78 -46.69 2.51 22.23
C ASN ZB 78 -45.54 1.54 22.50
N LEU ZB 79 -45.70 0.64 23.48
CA LEU ZB 79 -44.60 -0.25 23.84
C LEU ZB 79 -44.35 -1.33 22.82
N TYR ZB 80 -45.35 -1.68 22.01
CA TYR ZB 80 -45.17 -2.76 21.06
C TYR ZB 80 -44.31 -2.29 19.90
N VAL ZB 81 -44.73 -1.20 19.27
CA VAL ZB 81 -44.02 -0.77 18.09
C VAL ZB 81 -42.68 -0.15 18.48
N SER ZB 82 -42.53 0.37 19.72
CA SER ZB 82 -41.19 0.82 20.09
C SER ZB 82 -40.25 -0.35 20.33
N MET ZB 83 -40.80 -1.49 20.78
CA MET ZB 83 -39.93 -2.62 21.04
C MET ZB 83 -39.57 -3.31 19.75
N VAL ZB 84 -40.42 -3.21 18.72
CA VAL ZB 84 -39.98 -3.83 17.48
C VAL ZB 84 -39.07 -2.88 16.70
N SER ZB 85 -39.10 -1.58 17.03
CA SER ZB 85 -38.30 -0.63 16.26
C SER ZB 85 -36.86 -0.70 16.72
N THR ZB 86 -36.65 -0.65 18.04
CA THR ZB 86 -35.27 -0.66 18.55
C THR ZB 86 -34.60 -1.99 18.26
N LEU ZB 87 -35.37 -3.08 18.29
CA LEU ZB 87 -34.80 -4.40 18.01
C LEU ZB 87 -34.40 -4.54 16.55
N THR ZB 88 -35.22 -4.07 15.61
CA THR ZB 88 -34.81 -4.10 14.21
C THR ZB 88 -33.67 -3.13 13.91
N ARG ZB 89 -33.61 -2.02 14.66
CA ARG ZB 89 -32.51 -1.09 14.52
C ARG ZB 89 -31.18 -1.69 14.98
N LYS ZB 90 -31.17 -2.32 16.16
CA LYS ZB 90 -29.97 -3.00 16.61
C LYS ZB 90 -29.64 -4.22 15.75
N GLY ZB 91 -30.65 -4.84 15.13
CA GLY ZB 91 -30.39 -5.93 14.21
C GLY ZB 91 -29.63 -5.49 12.97
N VAL ZB 92 -30.14 -4.46 12.29
CA VAL ZB 92 -29.39 -3.98 11.13
C VAL ZB 92 -28.10 -3.29 11.55
N GLY ZB 93 -28.00 -2.76 12.78
CA GLY ZB 93 -26.73 -2.25 13.24
C GLY ZB 93 -25.73 -3.36 13.45
N ALA ZB 94 -26.21 -4.53 13.84
CA ALA ZB 94 -25.34 -5.69 13.96
C ALA ZB 94 -24.90 -6.17 12.60
N VAL ZB 95 -25.69 -5.89 11.57
CA VAL ZB 95 -25.27 -6.28 10.22
C VAL ZB 95 -24.16 -5.35 9.74
N GLU ZB 96 -24.27 -4.05 10.08
CA GLU ZB 96 -23.34 -3.07 9.51
C GLU ZB 96 -21.93 -3.22 10.06
N THR ZB 97 -21.80 -3.62 11.33
CA THR ZB 97 -20.46 -3.74 11.90
C THR ZB 97 -19.74 -4.95 11.33
N LEU ZB 98 -20.47 -6.04 11.10
CA LEU ZB 98 -19.87 -7.22 10.52
C LEU ZB 98 -19.48 -6.97 9.07
N LEU ZB 99 -20.31 -6.21 8.35
CA LEU ZB 99 -19.97 -5.94 6.95
C LEU ZB 99 -18.83 -4.95 6.84
N ARG ZB 100 -18.65 -4.08 7.84
CA ARG ZB 100 -17.49 -3.19 7.82
C ARG ZB 100 -16.21 -3.93 8.19
N SER ZB 101 -16.26 -4.76 9.24
CA SER ZB 101 -15.15 -5.59 9.73
C SER ZB 101 -13.88 -4.80 10.03
N ILE AC 13 -47.79 -6.83 60.92
CA ILE AC 13 -46.43 -6.55 60.49
C ILE AC 13 -45.59 -7.84 60.59
N GLY AC 14 -45.28 -8.42 59.44
CA GLY AC 14 -44.52 -9.67 59.45
C GLY AC 14 -43.24 -9.55 58.66
N GLN AC 15 -42.12 -9.87 59.30
CA GLN AC 15 -40.83 -9.82 58.66
C GLN AC 15 -40.08 -11.14 58.78
N ALA AC 16 -39.06 -11.26 57.94
CA ALA AC 16 -38.17 -12.41 57.92
C ALA AC 16 -36.89 -11.98 57.25
N VAL AC 17 -35.76 -12.54 57.71
CA VAL AC 17 -34.46 -12.28 57.10
C VAL AC 17 -33.64 -13.56 57.15
N ASN AC 18 -32.89 -13.82 56.09
CA ASN AC 18 -31.84 -14.85 56.06
C ASN AC 18 -30.49 -14.17 56.14
N ILE AC 19 -29.57 -14.74 56.92
CA ILE AC 19 -28.39 -14.01 57.35
C ILE AC 19 -27.12 -14.49 56.67
N ARG AC 20 -26.91 -15.80 56.56
CA ARG AC 20 -25.63 -16.29 56.03
C ARG AC 20 -25.75 -16.40 54.52
N SER AC 21 -24.93 -15.65 53.80
CA SER AC 21 -24.94 -15.71 52.35
C SER AC 21 -24.17 -16.93 51.89
N MET AC 22 -24.69 -17.60 50.85
CA MET AC 22 -23.97 -18.73 50.30
C MET AC 22 -22.73 -18.21 49.59
N GLU AC 23 -21.59 -18.84 49.85
CA GLU AC 23 -20.35 -18.37 49.27
C GLU AC 23 -19.34 -19.51 49.19
N THR AC 24 -18.71 -19.65 48.04
CA THR AC 24 -17.66 -20.64 47.85
C THR AC 24 -16.78 -20.20 46.70
N ASP AC 25 -15.90 -21.09 46.26
CA ASP AC 25 -15.07 -20.89 45.09
C ASP AC 25 -15.64 -21.71 43.94
N ILE AC 26 -16.19 -21.03 42.93
CA ILE AC 26 -16.47 -21.66 41.65
C ILE AC 26 -15.51 -21.07 40.63
N VAL AC 27 -14.76 -21.95 39.95
CA VAL AC 27 -14.01 -21.53 38.78
C VAL AC 27 -14.93 -21.37 37.58
N SER AC 28 -16.14 -21.91 37.67
CA SER AC 28 -17.18 -21.68 36.68
C SER AC 28 -17.66 -20.24 36.79
N LEU AC 29 -17.97 -19.64 35.66
CA LEU AC 29 -18.23 -18.20 35.61
C LEU AC 29 -19.68 -17.84 35.33
N ASP AC 30 -20.34 -18.58 34.44
CA ASP AC 30 -21.68 -18.20 34.01
C ASP AC 30 -22.75 -18.43 35.07
N ASP AC 31 -22.57 -19.43 35.93
CA ASP AC 31 -23.62 -19.73 36.91
C ASP AC 31 -23.72 -18.69 38.02
N ARG AC 32 -22.62 -18.01 38.35
CA ARG AC 32 -22.71 -16.85 39.23
C ARG AC 32 -23.51 -15.72 38.60
N LEU AC 33 -23.33 -15.49 37.30
CA LEU AC 33 -24.16 -14.51 36.59
C LEU AC 33 -25.61 -14.98 36.46
N LEU AC 34 -25.83 -16.29 36.41
CA LEU AC 34 -27.19 -16.79 36.37
C LEU AC 34 -27.89 -16.59 37.70
N GLN AC 35 -27.14 -16.71 38.80
CA GLN AC 35 -27.72 -16.48 40.11
C GLN AC 35 -27.97 -14.99 40.32
N ALA AC 36 -27.12 -14.13 39.75
CA ALA AC 36 -27.34 -12.69 39.83
C ALA AC 36 -28.56 -12.26 39.02
N PHE AC 37 -28.77 -12.91 37.88
CA PHE AC 37 -29.89 -12.56 37.02
C PHE AC 37 -31.20 -13.03 37.62
N SER AC 38 -31.25 -14.28 38.09
CA SER AC 38 -32.47 -14.78 38.69
C SER AC 38 -32.77 -14.06 40.01
N GLY AC 39 -31.74 -13.67 40.77
CA GLY AC 39 -31.96 -12.96 42.00
C GLY AC 39 -32.45 -11.56 41.77
N SER AC 40 -32.14 -10.98 40.61
CA SER AC 40 -32.72 -9.67 40.36
C SER AC 40 -34.11 -9.78 39.75
N ALA AC 41 -34.35 -10.80 38.92
CA ALA AC 41 -35.63 -10.94 38.25
C ALA AC 41 -36.74 -11.30 39.23
N ILE AC 42 -36.42 -12.11 40.23
CA ILE AC 42 -37.47 -12.49 41.18
C ILE AC 42 -37.77 -11.34 42.12
N ALA AC 43 -36.72 -10.64 42.58
CA ALA AC 43 -36.95 -9.51 43.47
C ALA AC 43 -37.64 -8.34 42.77
N THR AC 44 -37.48 -8.19 41.46
CA THR AC 44 -38.31 -7.20 40.77
C THR AC 44 -39.68 -7.72 40.36
N ALA AC 45 -39.92 -9.02 40.47
CA ALA AC 45 -41.24 -9.51 40.11
C ALA AC 45 -42.16 -9.61 41.31
N VAL AC 46 -41.60 -9.86 42.49
CA VAL AC 46 -42.44 -9.96 43.68
C VAL AC 46 -42.95 -8.57 44.07
N ASP AC 47 -42.17 -7.53 43.79
CA ASP AC 47 -42.59 -6.22 44.25
C ASP AC 47 -43.60 -5.56 43.34
N LYS AC 48 -43.59 -5.90 42.05
CA LYS AC 48 -44.60 -5.35 41.14
C LYS AC 48 -45.98 -5.87 41.49
N GLN AC 49 -46.05 -7.11 41.99
CA GLN AC 49 -47.28 -7.58 42.59
C GLN AC 49 -47.55 -6.92 43.92
N THR AC 50 -46.52 -6.68 44.76
CA THR AC 50 -46.84 -6.19 46.09
C THR AC 50 -47.35 -4.75 46.05
N ILE AC 51 -46.84 -3.96 45.10
CA ILE AC 51 -47.38 -2.62 44.90
C ILE AC 51 -48.71 -2.67 44.16
N THR AC 52 -48.94 -3.70 43.34
CA THR AC 52 -50.19 -3.67 42.60
C THR AC 52 -51.32 -4.13 43.50
N ASN AC 53 -51.11 -5.17 44.30
CA ASN AC 53 -52.22 -5.55 45.15
C ASN AC 53 -52.37 -4.62 46.35
N ARG AC 54 -51.36 -3.78 46.65
CA ARG AC 54 -51.59 -2.67 47.58
C ARG AC 54 -52.45 -1.60 46.94
N ILE AC 55 -52.36 -1.45 45.62
CA ILE AC 55 -53.12 -0.35 45.04
C ILE AC 55 -54.53 -0.81 44.71
N GLU AC 56 -54.73 -2.07 44.27
CA GLU AC 56 -56.08 -2.55 44.00
C GLU AC 56 -56.85 -2.90 45.27
N ASP AC 57 -56.17 -3.17 46.40
CA ASP AC 57 -56.90 -3.33 47.65
C ASP AC 57 -57.45 -1.97 48.09
N PRO AC 58 -58.77 -1.81 48.16
CA PRO AC 58 -59.34 -0.49 48.41
C PRO AC 58 -59.31 -0.07 49.87
N ASN AC 59 -58.83 -0.93 50.76
CA ASN AC 59 -58.69 -0.52 52.16
C ASN AC 59 -57.38 0.21 52.39
N LEU AC 60 -56.31 -0.23 51.72
CA LEU AC 60 -54.99 0.38 51.92
C LEU AC 60 -54.89 1.74 51.28
N VAL AC 61 -55.66 2.00 50.22
CA VAL AC 61 -55.56 3.26 49.50
C VAL AC 61 -56.25 4.41 50.23
N THR AC 62 -57.10 4.10 51.20
CA THR AC 62 -57.85 5.14 51.89
C THR AC 62 -57.16 5.60 53.17
N ASP AC 63 -56.27 4.80 53.73
CA ASP AC 63 -55.65 5.09 55.01
C ASP AC 63 -54.44 6.00 54.82
N PRO AC 64 -54.38 7.14 55.50
CA PRO AC 64 -53.19 8.01 55.40
C PRO AC 64 -51.95 7.41 56.05
N LYS AC 65 -52.14 6.49 57.00
CA LYS AC 65 -51.04 5.75 57.60
C LYS AC 65 -50.38 4.81 56.59
N GLU AC 66 -51.18 4.15 55.77
CA GLU AC 66 -50.69 3.23 54.76
C GLU AC 66 -50.20 3.94 53.52
N LEU AC 67 -50.75 5.12 53.25
CA LEU AC 67 -50.36 5.89 52.08
C LEU AC 67 -48.93 6.41 52.17
N ALA AC 68 -48.42 6.70 53.37
CA ALA AC 68 -47.03 7.13 53.48
C ALA AC 68 -46.08 6.01 53.08
N ILE AC 69 -46.46 4.76 53.34
CA ILE AC 69 -45.66 3.62 52.92
C ILE AC 69 -45.79 3.41 51.41
N SER AC 70 -46.98 3.67 50.86
CA SER AC 70 -47.25 3.39 49.45
C SER AC 70 -46.48 4.31 48.52
N GLN AC 71 -46.23 5.55 48.92
CA GLN AC 71 -45.38 6.42 48.12
C GLN AC 71 -43.91 6.00 48.18
N GLU AC 72 -43.50 5.37 49.29
CA GLU AC 72 -42.13 4.92 49.41
C GLU AC 72 -41.80 3.80 48.43
N MET AC 73 -42.63 2.75 48.40
CA MET AC 73 -42.30 1.56 47.62
C MET AC 73 -42.31 1.83 46.12
N ILE AC 74 -43.06 2.84 45.67
CA ILE AC 74 -43.01 3.11 44.24
C ILE AC 74 -41.71 3.84 43.92
N SER AC 75 -41.13 4.54 44.89
CA SER AC 75 -39.83 5.15 44.64
C SER AC 75 -38.72 4.11 44.74
N ASP AC 76 -38.87 3.11 45.62
CA ASP AC 76 -37.83 2.09 45.73
C ASP AC 76 -37.78 1.19 44.52
N TYR AC 77 -38.92 0.93 43.90
CA TYR AC 77 -38.91 0.20 42.64
C TYR AC 77 -38.38 1.09 41.52
N ASN AC 78 -38.62 2.39 41.59
CA ASN AC 78 -38.22 3.29 40.51
C ASN AC 78 -36.73 3.47 40.45
N LEU AC 79 -36.09 3.66 41.60
CA LEU AC 79 -34.66 3.91 41.61
C LEU AC 79 -33.85 2.65 41.36
N TYR AC 80 -34.43 1.49 41.65
CA TYR AC 80 -33.66 0.25 41.59
C TYR AC 80 -33.44 -0.17 40.14
N VAL AC 81 -34.52 -0.30 39.38
CA VAL AC 81 -34.41 -0.79 38.00
C VAL AC 81 -33.74 0.25 37.11
N SER AC 82 -33.85 1.53 37.46
CA SER AC 82 -33.12 2.54 36.69
C SER AC 82 -31.63 2.48 36.95
N MET AC 83 -31.23 1.99 38.12
CA MET AC 83 -29.80 1.87 38.41
C MET AC 83 -29.18 0.75 37.61
N VAL AC 84 -29.89 -0.37 37.46
CA VAL AC 84 -29.37 -1.52 36.70
C VAL AC 84 -29.31 -1.17 35.23
N SER AC 85 -30.25 -0.36 34.74
CA SER AC 85 -30.25 0.05 33.35
C SER AC 85 -29.04 0.89 32.98
N THR AC 86 -28.66 1.82 33.84
CA THR AC 86 -27.51 2.67 33.52
C THR AC 86 -26.18 1.98 33.74
N LEU AC 87 -26.10 1.05 34.70
CA LEU AC 87 -24.88 0.29 34.91
C LEU AC 87 -24.60 -0.66 33.77
N THR AC 88 -25.63 -1.29 33.23
CA THR AC 88 -25.46 -2.23 32.13
C THR AC 88 -25.10 -1.50 30.84
N ARG AC 89 -25.69 -0.32 30.63
CA ARG AC 89 -25.45 0.44 29.41
C ARG AC 89 -24.01 0.90 29.33
N LYS AC 90 -23.45 1.35 30.46
CA LYS AC 90 -22.02 1.64 30.51
C LYS AC 90 -21.20 0.35 30.42
N GLY AC 91 -21.75 -0.77 30.87
CA GLY AC 91 -21.03 -2.02 30.80
C GLY AC 91 -20.91 -2.55 29.39
N VAL AC 92 -22.02 -2.53 28.65
CA VAL AC 92 -21.97 -3.00 27.27
C VAL AC 92 -21.33 -1.98 26.34
N GLY AC 93 -21.23 -0.73 26.77
CA GLY AC 93 -20.53 0.25 25.96
C GLY AC 93 -19.04 0.19 26.16
N ALA AC 94 -18.61 -0.29 27.34
CA ALA AC 94 -17.19 -0.38 27.63
C ALA AC 94 -16.53 -1.49 26.82
N VAL AC 95 -17.21 -2.62 26.66
CA VAL AC 95 -16.70 -3.66 25.78
C VAL AC 95 -16.79 -3.21 24.32
N GLU AC 96 -17.75 -2.33 24.00
CA GLU AC 96 -17.88 -1.85 22.63
C GLU AC 96 -16.70 -0.99 22.22
N THR AC 97 -16.19 -0.17 23.13
CA THR AC 97 -15.11 0.74 22.79
C THR AC 97 -13.80 0.01 22.55
N LEU AC 98 -13.64 -1.18 23.11
CA LEU AC 98 -12.41 -1.92 22.88
C LEU AC 98 -12.49 -2.79 21.63
N LEU AC 99 -13.64 -3.39 21.36
CA LEU AC 99 -13.71 -4.31 20.22
C LEU AC 99 -13.96 -3.62 18.90
N ARG AC 100 -14.63 -2.45 18.90
CA ARG AC 100 -14.87 -1.73 17.65
C ARG AC 100 -13.60 -1.17 17.07
N SER AC 101 -12.65 -0.79 17.92
CA SER AC 101 -11.33 -0.28 17.58
C SER AC 101 -11.40 0.95 16.68
N GLY BC 14 -20.73 29.96 67.67
CA GLY BC 14 -20.01 30.61 66.59
C GLY BC 14 -19.61 29.63 65.51
N GLN BC 15 -18.64 30.01 64.69
CA GLN BC 15 -18.14 29.14 63.63
C GLN BC 15 -16.64 29.33 63.52
N ALA BC 16 -16.02 28.46 62.74
CA ALA BC 16 -14.56 28.44 62.60
C ALA BC 16 -14.10 28.66 61.18
N VAL BC 17 -13.04 29.43 61.01
CA VAL BC 17 -12.36 29.53 59.73
C VAL BC 17 -10.88 29.28 60.00
N ASN BC 18 -10.27 28.40 59.22
CA ASN BC 18 -8.83 28.26 59.27
C ASN BC 18 -8.25 29.29 58.32
N ILE BC 19 -7.20 29.98 58.74
CA ILE BC 19 -6.83 31.16 57.97
C ILE BC 19 -5.87 30.81 56.84
N ARG BC 20 -4.93 29.91 57.08
CA ARG BC 20 -3.85 29.68 56.12
C ARG BC 20 -4.17 28.44 55.31
N SER BC 21 -4.65 28.65 54.10
CA SER BC 21 -4.85 27.55 53.15
C SER BC 21 -3.62 27.45 52.25
N MET BC 22 -2.50 27.14 52.90
CA MET BC 22 -1.24 27.02 52.16
C MET BC 22 -1.28 25.76 51.33
N GLU BC 23 -0.76 25.85 50.11
CA GLU BC 23 -0.81 24.73 49.19
C GLU BC 23 0.16 23.65 49.64
N THR BC 24 -0.35 22.68 50.41
CA THR BC 24 0.41 21.49 50.75
C THR BC 24 0.61 20.70 49.47
N ASP BC 25 1.82 20.73 48.94
CA ASP BC 25 2.09 20.13 47.65
C ASP BC 25 2.00 18.61 47.75
N ILE BC 26 1.28 18.02 46.82
CA ILE BC 26 0.85 16.62 46.91
C ILE BC 26 1.58 15.83 45.84
N VAL BC 27 1.82 14.55 46.13
CA VAL BC 27 2.59 13.73 45.21
C VAL BC 27 1.80 13.36 43.96
N SER BC 28 0.49 13.18 44.09
CA SER BC 28 -0.41 13.12 42.95
C SER BC 28 -1.72 13.78 43.37
N LEU BC 29 -2.61 13.95 42.40
CA LEU BC 29 -3.88 14.62 42.63
C LEU BC 29 -4.90 13.70 43.30
N ASP BC 30 -4.56 12.43 43.48
CA ASP BC 30 -5.55 11.46 43.94
C ASP BC 30 -5.84 11.66 45.42
N ASP BC 31 -4.83 11.95 46.22
CA ASP BC 31 -5.05 12.14 47.65
C ASP BC 31 -5.93 13.36 47.92
N ARG BC 32 -5.83 14.36 47.03
CA ARG BC 32 -6.69 15.53 47.05
C ARG BC 32 -8.11 15.16 46.68
N LEU BC 33 -8.27 14.31 45.65
CA LEU BC 33 -9.62 13.91 45.26
C LEU BC 33 -10.26 13.05 46.33
N LEU BC 34 -9.50 12.13 46.92
CA LEU BC 34 -10.00 11.27 47.98
C LEU BC 34 -10.35 12.06 49.24
N GLN BC 35 -9.58 13.11 49.54
CA GLN BC 35 -9.97 13.96 50.66
C GLN BC 35 -11.13 14.89 50.35
N ALA BC 36 -11.31 15.31 49.10
CA ALA BC 36 -12.50 16.10 48.78
C ALA BC 36 -13.76 15.24 48.79
N PHE BC 37 -13.63 14.00 48.36
CA PHE BC 37 -14.76 13.09 48.38
C PHE BC 37 -15.12 12.69 49.81
N SER BC 38 -14.12 12.49 50.66
CA SER BC 38 -14.48 12.19 52.04
C SER BC 38 -14.86 13.45 52.80
N GLY BC 39 -14.49 14.63 52.31
CA GLY BC 39 -14.88 15.86 52.95
C GLY BC 39 -16.32 16.22 52.67
N SER BC 40 -16.86 15.69 51.58
CA SER BC 40 -18.24 16.03 51.25
C SER BC 40 -19.23 14.88 51.41
N ALA BC 41 -18.79 13.61 51.40
CA ALA BC 41 -19.71 12.51 51.64
C ALA BC 41 -20.20 12.51 53.08
N ILE BC 42 -19.33 12.89 54.01
CA ILE BC 42 -19.72 13.05 55.40
C ILE BC 42 -20.54 14.31 55.59
N ALA BC 43 -20.45 15.24 54.66
CA ALA BC 43 -21.21 16.47 54.77
C ALA BC 43 -22.65 16.17 54.41
N THR BC 44 -22.86 15.64 53.21
CA THR BC 44 -24.22 15.37 52.74
C THR BC 44 -24.89 14.24 53.52
N ALA BC 45 -24.12 13.36 54.19
CA ALA BC 45 -24.75 12.30 54.96
C ALA BC 45 -25.39 12.88 56.22
N VAL BC 46 -24.72 13.82 56.86
CA VAL BC 46 -25.32 14.40 58.05
C VAL BC 46 -26.34 15.47 57.69
N ASP BC 47 -26.30 16.01 56.47
CA ASP BC 47 -27.39 16.92 56.07
C ASP BC 47 -28.68 16.15 55.83
N LYS BC 48 -28.59 14.98 55.20
CA LYS BC 48 -29.77 14.18 54.89
C LYS BC 48 -30.46 13.71 56.15
N GLN BC 49 -29.72 13.62 57.27
CA GLN BC 49 -30.34 13.35 58.56
C GLN BC 49 -30.85 14.63 59.19
N THR BC 50 -30.08 15.72 59.15
CA THR BC 50 -30.42 16.87 59.96
C THR BC 50 -31.62 17.63 59.40
N ILE BC 51 -32.07 17.31 58.19
CA ILE BC 51 -33.35 17.86 57.77
C ILE BC 51 -34.48 16.84 57.93
N THR BC 52 -34.15 15.55 57.81
CA THR BC 52 -35.18 14.53 58.00
C THR BC 52 -35.64 14.45 59.45
N ASN BC 53 -34.72 14.47 60.41
CA ASN BC 53 -35.10 14.49 61.82
C ASN BC 53 -35.82 15.79 62.21
N ARG BC 54 -35.51 16.88 61.49
CA ARG BC 54 -36.27 18.12 61.64
C ARG BC 54 -37.71 17.93 61.19
N ILE BC 55 -37.91 17.14 60.14
CA ILE BC 55 -39.28 16.89 59.71
C ILE BC 55 -39.96 15.93 60.68
N GLU BC 56 -39.22 14.93 61.16
CA GLU BC 56 -39.80 13.84 61.93
C GLU BC 56 -40.20 14.26 63.33
N ASP BC 57 -39.59 15.30 63.88
CA ASP BC 57 -40.11 15.77 65.15
C ASP BC 57 -41.35 16.65 64.92
N PRO BC 58 -42.46 16.40 65.62
CA PRO BC 58 -43.66 17.23 65.40
C PRO BC 58 -43.53 18.64 65.95
N ASN BC 59 -42.79 18.85 67.04
CA ASN BC 59 -42.65 20.20 67.59
C ASN BC 59 -41.84 21.10 66.68
N LEU BC 60 -40.99 20.53 65.83
CA LEU BC 60 -40.20 21.33 64.91
C LEU BC 60 -41.03 21.86 63.75
N VAL BC 61 -42.11 21.18 63.38
CA VAL BC 61 -42.80 21.50 62.13
C VAL BC 61 -44.06 22.34 62.33
N THR BC 62 -44.61 22.41 63.54
CA THR BC 62 -45.80 23.24 63.73
C THR BC 62 -45.46 24.72 63.84
N ASP BC 63 -44.26 25.04 64.29
CA ASP BC 63 -43.84 26.43 64.36
C ASP BC 63 -43.54 26.92 62.95
N PRO BC 64 -44.18 28.00 62.48
CA PRO BC 64 -43.81 28.57 61.18
C PRO BC 64 -42.39 29.11 61.15
N LYS BC 65 -41.92 29.61 62.29
CA LYS BC 65 -40.56 30.15 62.34
C LYS BC 65 -39.54 29.06 62.10
N GLU BC 66 -39.72 27.88 62.71
CA GLU BC 66 -38.82 26.79 62.42
C GLU BC 66 -39.10 26.20 61.05
N LEU BC 67 -40.31 26.43 60.54
CA LEU BC 67 -40.71 25.72 59.33
C LEU BC 67 -40.07 26.37 58.12
N ALA BC 68 -40.01 27.70 58.09
CA ALA BC 68 -39.35 28.31 56.94
C ALA BC 68 -37.82 28.18 57.02
N ILE BC 69 -37.25 27.95 58.20
CA ILE BC 69 -35.85 27.56 58.30
C ILE BC 69 -35.63 26.18 57.68
N SER BC 70 -36.55 25.25 57.93
CA SER BC 70 -36.36 23.96 57.29
C SER BC 70 -36.67 24.01 55.80
N GLN BC 71 -37.54 24.93 55.37
CA GLN BC 71 -37.74 25.19 53.94
C GLN BC 71 -36.44 25.69 53.32
N GLU BC 72 -35.69 26.49 54.08
CA GLU BC 72 -34.44 27.05 53.62
C GLU BC 72 -33.42 25.92 53.45
N MET BC 73 -33.27 25.07 54.47
CA MET BC 73 -32.25 24.04 54.37
C MET BC 73 -32.61 23.00 53.30
N ILE BC 74 -33.90 22.79 53.03
CA ILE BC 74 -34.29 21.97 51.89
C ILE BC 74 -33.85 22.61 50.58
N SER BC 75 -33.99 23.93 50.47
CA SER BC 75 -33.55 24.60 49.25
C SER BC 75 -32.03 24.63 49.13
N ASP BC 76 -31.32 24.61 50.25
CA ASP BC 76 -29.85 24.50 50.18
C ASP BC 76 -29.44 23.10 49.77
N TYR BC 77 -30.08 22.08 50.33
CA TYR BC 77 -29.66 20.72 50.06
C TYR BC 77 -30.03 20.32 48.64
N ASN BC 78 -31.14 20.87 48.13
CA ASN BC 78 -31.52 20.66 46.74
C ASN BC 78 -30.54 21.34 45.79
N LEU BC 79 -30.15 22.59 46.08
CA LEU BC 79 -29.24 23.27 45.17
C LEU BC 79 -27.80 22.75 45.25
N TYR BC 80 -27.44 22.09 46.35
CA TYR BC 80 -26.06 21.69 46.55
C TYR BC 80 -25.71 20.49 45.68
N VAL BC 81 -26.47 19.42 45.81
CA VAL BC 81 -26.06 18.17 45.18
C VAL BC 81 -26.15 18.31 43.67
N SER BC 82 -27.10 19.10 43.16
CA SER BC 82 -27.09 19.32 41.72
C SER BC 82 -25.96 20.25 41.28
N MET BC 83 -25.48 21.16 42.16
CA MET BC 83 -24.25 21.88 41.82
C MET BC 83 -23.01 21.02 41.89
N VAL BC 84 -23.03 19.90 42.59
CA VAL BC 84 -21.86 19.02 42.52
C VAL BC 84 -22.02 18.06 41.36
N SER BC 85 -23.26 17.79 40.97
CA SER BC 85 -23.58 16.80 39.96
C SER BC 85 -23.13 17.29 38.60
N THR BC 86 -23.62 18.45 38.18
CA THR BC 86 -23.26 18.87 36.83
C THR BC 86 -21.80 19.30 36.74
N LEU BC 87 -21.19 19.66 37.87
CA LEU BC 87 -19.80 20.05 37.88
C LEU BC 87 -18.90 18.83 37.65
N THR BC 88 -19.29 17.69 38.19
CA THR BC 88 -18.47 16.51 37.91
C THR BC 88 -18.85 15.87 36.59
N ARG BC 89 -20.10 15.98 36.16
CA ARG BC 89 -20.46 15.45 34.85
C ARG BC 89 -19.73 16.20 33.75
N LYS BC 90 -19.57 17.52 33.89
CA LYS BC 90 -18.71 18.27 32.98
C LYS BC 90 -17.23 17.95 33.16
N GLY BC 91 -16.78 17.59 34.36
CA GLY BC 91 -15.39 17.19 34.50
C GLY BC 91 -15.07 15.86 33.83
N VAL BC 92 -15.96 14.87 34.00
CA VAL BC 92 -15.87 13.62 33.26
C VAL BC 92 -16.01 13.86 31.76
N GLY BC 93 -16.92 14.74 31.35
CA GLY BC 93 -17.07 15.04 29.93
C GLY BC 93 -15.87 15.75 29.34
N ALA BC 94 -15.10 16.44 30.18
CA ALA BC 94 -13.90 17.08 29.67
C ALA BC 94 -12.80 16.06 29.53
N VAL BC 95 -12.73 15.11 30.45
CA VAL BC 95 -11.57 14.21 30.41
C VAL BC 95 -11.79 13.11 29.36
N GLU BC 96 -13.05 12.75 29.04
CA GLU BC 96 -13.24 11.69 28.06
C GLU BC 96 -12.99 12.16 26.64
N THR BC 97 -13.24 13.44 26.35
CA THR BC 97 -13.00 13.95 25.01
C THR BC 97 -11.52 14.02 24.70
N LEU BC 98 -10.68 14.16 25.73
CA LEU BC 98 -9.26 14.04 25.53
C LEU BC 98 -8.84 12.58 25.42
N LEU BC 99 -9.34 11.73 26.31
CA LEU BC 99 -8.86 10.35 26.37
C LEU BC 99 -9.40 9.48 25.25
N ARG BC 100 -10.45 9.92 24.55
CA ARG BC 100 -11.08 9.08 23.55
C ARG BC 100 -10.19 8.91 22.32
N SER BC 101 -9.92 10.01 21.61
CA SER BC 101 -8.98 10.10 20.49
C SER BC 101 -9.05 9.00 19.42
N ASN CC 22 -27.01 46.96 36.27
CA ASN CC 22 -27.26 47.64 37.53
C ASN CC 22 -28.69 47.49 38.00
N LEU CC 23 -29.40 46.53 37.40
CA LEU CC 23 -30.81 46.29 37.73
C LEU CC 23 -30.98 45.82 39.17
N GLN CC 24 -30.04 45.00 39.67
CA GLN CC 24 -30.17 44.47 41.03
C GLN CC 24 -30.08 45.54 42.09
N THR CC 25 -29.50 46.71 41.79
CA THR CC 25 -29.46 47.81 42.75
C THR CC 25 -30.87 48.34 42.99
N GLN CC 26 -31.55 48.74 41.92
CA GLN CC 26 -32.90 49.23 42.11
C GLN CC 26 -33.89 48.11 42.36
N VAL CC 27 -33.49 46.83 42.26
CA VAL CC 27 -34.25 45.77 42.91
C VAL CC 27 -34.07 45.86 44.42
N THR CC 28 -32.81 45.99 44.87
CA THR CC 28 -32.45 45.86 46.28
C THR CC 28 -32.71 47.12 47.08
N GLU CC 29 -33.30 48.13 46.46
CA GLU CC 29 -33.57 49.38 47.15
C GLU CC 29 -35.05 49.49 47.51
N ALA CC 30 -35.90 48.62 46.97
CA ALA CC 30 -37.34 48.62 47.20
C ALA CC 30 -37.80 47.60 48.23
N LEU CC 31 -36.95 46.62 48.59
CA LEU CC 31 -37.33 45.61 49.58
C LEU CC 31 -37.37 46.14 51.01
N ASP CC 32 -36.58 47.16 51.32
CA ASP CC 32 -36.48 47.59 52.71
C ASP CC 32 -37.67 48.40 53.19
N LYS CC 33 -38.30 49.19 52.32
CA LYS CC 33 -39.48 49.92 52.76
C LYS CC 33 -40.69 49.01 52.95
N LEU CC 34 -40.80 47.92 52.19
CA LEU CC 34 -41.79 46.91 52.53
C LEU CC 34 -41.39 46.09 53.75
N ALA CC 35 -40.09 45.97 54.02
CA ALA CC 35 -39.69 45.29 55.24
C ALA CC 35 -40.11 46.11 56.46
N ALA CC 36 -39.94 47.43 56.39
CA ALA CC 36 -40.36 48.29 57.48
C ALA CC 36 -41.89 48.42 57.53
N LYS CC 37 -42.57 48.28 56.39
CA LYS CC 37 -44.03 48.41 56.33
C LYS CC 37 -44.62 47.32 55.42
N PRO CC 38 -44.82 46.11 55.96
CA PRO CC 38 -45.44 45.05 55.15
C PRO CC 38 -46.96 45.06 55.15
N SER CC 39 -47.58 46.22 55.00
CA SER CC 39 -49.02 46.30 54.82
C SER CC 39 -49.46 47.38 53.84
N ASP CC 40 -48.54 48.09 53.22
CA ASP CC 40 -48.89 49.10 52.22
C ASP CC 40 -49.34 48.45 50.92
N PRO CC 41 -50.56 48.74 50.43
CA PRO CC 41 -51.02 48.07 49.20
C PRO CC 41 -50.34 48.58 47.95
N ALA CC 42 -49.92 49.84 47.90
CA ALA CC 42 -49.31 50.37 46.69
C ALA CC 42 -47.88 49.84 46.53
N LEU CC 43 -47.21 49.59 47.66
CA LEU CC 43 -45.81 49.22 47.59
C LEU CC 43 -45.66 47.79 47.14
N LEU CC 44 -46.50 46.87 47.62
CA LEU CC 44 -46.33 45.50 47.19
C LEU CC 44 -46.78 45.31 45.74
N ALA CC 45 -47.67 46.19 45.26
CA ALA CC 45 -48.04 46.21 43.85
C ALA CC 45 -46.87 46.65 42.98
N ALA CC 46 -46.14 47.67 43.43
CA ALA CC 46 -44.94 48.08 42.70
C ALA CC 46 -43.81 47.07 42.87
N TYR CC 47 -43.77 46.37 43.99
CA TYR CC 47 -42.71 45.41 44.23
C TYR CC 47 -42.90 44.17 43.36
N GLN CC 48 -44.14 43.69 43.25
CA GLN CC 48 -44.45 42.63 42.31
C GLN CC 48 -44.20 43.05 40.88
N SER CC 49 -44.49 44.32 40.56
CA SER CC 49 -44.17 44.88 39.25
C SER CC 49 -42.67 44.97 39.01
N LYS CC 50 -41.89 45.08 40.07
CA LYS CC 50 -40.44 45.00 39.92
C LYS CC 50 -39.99 43.55 39.75
N LEU CC 51 -40.42 42.68 40.67
CA LEU CC 51 -39.81 41.36 40.82
C LEU CC 51 -40.21 40.41 39.70
N SER CC 52 -41.43 40.49 39.17
CA SER CC 52 -41.71 39.65 38.02
C SER CC 52 -40.93 40.09 36.79
N GLU CC 53 -40.61 41.38 36.70
CA GLU CC 53 -39.84 41.82 35.56
C GLU CC 53 -38.38 41.41 35.70
N TYR CC 54 -37.88 41.37 36.95
CA TYR CC 54 -36.55 40.82 37.17
C TYR CC 54 -36.50 39.31 36.97
N ASN CC 55 -37.63 38.62 37.20
CA ASN CC 55 -37.71 37.21 36.89
C ASN CC 55 -37.63 37.00 35.39
N LEU CC 56 -38.30 37.88 34.63
CA LEU CC 56 -38.22 37.78 33.17
C LEU CC 56 -36.84 38.15 32.65
N TYR CC 57 -36.07 38.92 33.40
CA TYR CC 57 -34.77 39.33 32.90
C TYR CC 57 -33.72 38.24 33.14
N ARG CC 58 -33.80 37.55 34.28
CA ARG CC 58 -32.69 36.71 34.68
C ARG CC 58 -32.63 35.41 33.86
N ASN CC 59 -33.78 34.78 33.64
CA ASN CC 59 -33.75 33.55 32.85
C ASN CC 59 -33.55 33.86 31.37
N ALA CC 60 -33.90 35.08 30.93
CA ALA CC 60 -33.60 35.48 29.56
C ALA CC 60 -32.10 35.56 29.34
N GLN CC 61 -31.38 36.11 30.31
CA GLN CC 61 -29.92 36.15 30.15
C GLN CC 61 -29.32 34.75 30.27
N SER CC 62 -29.93 33.88 31.09
CA SER CC 62 -29.41 32.53 31.23
C SER CC 62 -29.67 31.72 29.98
N ASN CC 63 -30.82 31.89 29.36
CA ASN CC 63 -31.13 31.11 28.17
C ASN CC 63 -30.38 31.63 26.97
N THR CC 64 -29.98 32.91 26.98
CA THR CC 64 -29.34 33.46 25.81
C THR CC 64 -27.85 33.20 25.81
N VAL CC 65 -27.23 33.07 26.99
CA VAL CC 65 -25.82 32.69 26.98
C VAL CC 65 -25.70 31.22 26.58
N LYS CC 66 -26.76 30.44 26.83
CA LYS CC 66 -26.74 29.00 26.61
C LYS CC 66 -26.64 28.66 25.13
N VAL CC 67 -27.38 29.39 24.28
CA VAL CC 67 -27.29 29.15 22.84
C VAL CC 67 -25.91 29.54 22.31
N PHE CC 68 -25.31 30.61 22.85
CA PHE CC 68 -23.98 31.02 22.40
C PHE CC 68 -22.92 30.03 22.83
N LYS CC 69 -23.18 29.29 23.90
CA LYS CC 69 -22.29 28.16 24.20
C LYS CC 69 -22.56 26.96 23.31
N ASP CC 70 -23.83 26.63 23.06
CA ASP CC 70 -24.16 25.39 22.36
C ASP CC 70 -23.72 25.46 20.90
N ILE CC 71 -23.93 26.60 20.25
CA ILE CC 71 -23.52 26.73 18.86
C ILE CC 71 -22.00 26.84 18.77
N ASP CC 72 -21.35 27.25 19.84
CA ASP CC 72 -19.89 27.27 19.82
C ASP CC 72 -19.36 25.86 20.02
N ALA CC 73 -20.11 25.02 20.73
CA ALA CC 73 -19.73 23.61 20.86
C ALA CC 73 -20.03 22.81 19.61
N ALA CC 74 -20.93 23.31 18.77
CA ALA CC 74 -21.32 22.55 17.59
C ALA CC 74 -20.24 22.60 16.51
N ILE CC 75 -19.46 23.67 16.48
CA ILE CC 75 -18.42 23.80 15.46
C ILE CC 75 -17.30 22.81 15.71
N ILE CC 76 -16.85 22.72 16.96
CA ILE CC 76 -15.84 21.74 17.32
C ILE CC 76 -16.40 20.32 17.27
N GLN CC 77 -17.72 20.16 17.49
CA GLN CC 77 -18.34 18.85 17.27
C GLN CC 77 -18.37 18.47 15.80
N ASN CC 78 -18.42 19.46 14.92
CA ASN CC 78 -18.46 19.14 13.51
C ASN CC 78 -17.07 18.82 13.02
N PHE CC 79 -16.08 19.58 13.49
CA PHE CC 79 -14.75 19.49 12.95
C PHE CC 79 -13.87 18.47 13.66
N ARG CC 80 -14.32 17.90 14.77
CA ARG CC 80 -13.46 16.96 15.49
C ARG CC 80 -13.36 15.64 14.74
N ASN DC 22 -52.53 44.01 13.27
CA ASN DC 22 -53.00 45.24 13.89
C ASN DC 22 -53.76 44.98 15.18
N LEU DC 23 -53.60 43.76 15.72
CA LEU DC 23 -54.30 43.39 16.95
C LEU DC 23 -53.83 44.21 18.14
N GLN DC 24 -52.54 44.56 18.18
CA GLN DC 24 -52.00 45.31 19.30
C GLN DC 24 -52.57 46.72 19.40
N THR DC 25 -53.10 47.26 18.30
CA THR DC 25 -53.74 48.56 18.34
C THR DC 25 -55.01 48.51 19.17
N GLN DC 26 -55.93 47.61 18.80
CA GLN DC 26 -57.15 47.51 19.60
C GLN DC 26 -56.92 46.78 20.92
N VAL DC 27 -55.73 46.22 21.15
CA VAL DC 27 -55.35 45.92 22.53
C VAL DC 27 -55.08 47.22 23.27
N THR DC 28 -54.30 48.11 22.65
CA THR DC 28 -53.84 49.27 23.38
C THR DC 28 -54.88 50.37 23.44
N GLU DC 29 -56.07 50.13 22.88
CA GLU DC 29 -57.13 51.12 22.87
C GLU DC 29 -58.26 50.77 23.84
N ALA DC 30 -58.33 49.54 24.34
CA ALA DC 30 -59.42 49.17 25.23
C ALA DC 30 -59.05 49.17 26.70
N LEU DC 31 -57.76 49.16 27.02
CA LEU DC 31 -57.37 49.17 28.43
C LEU DC 31 -57.57 50.54 29.04
N ASP DC 32 -57.51 51.62 28.25
CA ASP DC 32 -57.54 52.96 28.84
C ASP DC 32 -58.94 53.38 29.26
N LYS DC 33 -59.99 52.97 28.55
CA LYS DC 33 -61.33 53.30 28.99
C LYS DC 33 -61.71 52.48 30.23
N LEU DC 34 -61.18 51.26 30.34
CA LEU DC 34 -61.29 50.53 31.60
C LEU DC 34 -60.39 51.11 32.68
N ALA DC 35 -59.30 51.77 32.29
CA ALA DC 35 -58.47 52.44 33.29
C ALA DC 35 -59.22 53.63 33.87
N ALA DC 36 -59.93 54.36 33.01
CA ALA DC 36 -60.71 55.48 33.49
C ALA DC 36 -61.94 55.01 34.25
N LYS DC 37 -62.47 53.83 33.93
CA LYS DC 37 -63.66 53.28 34.59
C LYS DC 37 -63.47 51.80 34.86
N PRO DC 38 -62.77 51.45 35.95
CA PRO DC 38 -62.62 50.04 36.32
C PRO DC 38 -63.76 49.50 37.18
N SER DC 39 -65.00 49.81 36.83
CA SER DC 39 -66.14 49.18 37.49
C SER DC 39 -67.33 48.91 36.58
N ASP DC 40 -67.22 49.18 35.29
CA ASP DC 40 -68.29 48.89 34.34
C ASP DC 40 -68.35 47.38 34.12
N PRO DC 41 -69.49 46.73 34.35
CA PRO DC 41 -69.49 45.27 34.20
C PRO DC 41 -69.45 44.80 32.77
N ALA DC 42 -70.00 45.55 31.82
CA ALA DC 42 -69.97 45.05 30.44
C ALA DC 42 -68.59 45.23 29.85
N LEU DC 43 -67.89 46.29 30.29
CA LEU DC 43 -66.63 46.63 29.66
C LEU DC 43 -65.50 45.71 30.10
N LEU DC 44 -65.41 45.38 31.40
CA LEU DC 44 -64.30 44.51 31.79
C LEU DC 44 -64.53 43.09 31.31
N ALA DC 45 -65.80 42.72 31.09
CA ALA DC 45 -66.14 41.44 30.47
C ALA DC 45 -65.66 41.40 29.02
N ALA DC 46 -65.84 42.52 28.30
CA ALA DC 46 -65.32 42.58 26.95
C ALA DC 46 -63.80 42.72 26.95
N TYR DC 47 -63.24 43.31 28.00
CA TYR DC 47 -61.80 43.46 28.06
C TYR DC 47 -61.11 42.12 28.31
N GLN DC 48 -61.66 41.32 29.23
CA GLN DC 48 -61.17 39.96 29.42
C GLN DC 48 -61.37 39.10 28.19
N SER DC 49 -62.48 39.27 27.49
CA SER DC 49 -62.71 38.58 26.22
C SER DC 49 -61.74 39.01 25.13
N LYS DC 50 -61.22 40.23 25.22
CA LYS DC 50 -60.14 40.64 24.35
C LYS DC 50 -58.79 40.07 24.80
N LEU DC 51 -58.46 40.28 26.06
CA LEU DC 51 -57.09 40.07 26.52
C LEU DC 51 -56.75 38.59 26.64
N SER DC 52 -57.72 37.75 27.02
CA SER DC 52 -57.45 36.32 27.00
C SER DC 52 -57.32 35.82 25.57
N GLU DC 53 -57.97 36.48 24.63
CA GLU DC 53 -57.85 36.05 23.26
C GLU DC 53 -56.50 36.45 22.68
N TYR DC 54 -55.96 37.59 23.13
CA TYR DC 54 -54.58 37.91 22.75
C TYR DC 54 -53.58 37.00 23.45
N ASN DC 55 -53.95 36.49 24.64
CA ASN DC 55 -53.13 35.50 25.32
C ASN DC 55 -53.08 34.23 24.50
N LEU DC 56 -54.22 33.85 23.93
CA LEU DC 56 -54.28 32.69 23.06
C LEU DC 56 -53.54 32.92 21.75
N TYR DC 57 -53.36 34.18 21.36
CA TYR DC 57 -52.71 34.45 20.09
C TYR DC 57 -51.19 34.42 20.21
N ARG DC 58 -50.66 34.90 21.34
CA ARG DC 58 -49.21 35.12 21.41
C ARG DC 58 -48.44 33.82 21.55
N ASN DC 59 -48.91 32.90 22.39
CA ASN DC 59 -48.19 31.65 22.51
C ASN DC 59 -48.42 30.76 21.30
N ALA DC 60 -49.53 30.98 20.59
CA ALA DC 60 -49.75 30.26 19.33
C ALA DC 60 -48.72 30.68 18.31
N GLN DC 61 -48.40 31.98 18.24
CA GLN DC 61 -47.36 32.42 17.32
C GLN DC 61 -45.98 31.95 17.77
N SER DC 62 -45.79 31.84 19.09
CA SER DC 62 -44.51 31.37 19.59
C SER DC 62 -44.32 29.90 19.32
N ASN DC 63 -45.39 29.11 19.43
CA ASN DC 63 -45.27 27.69 19.19
C ASN DC 63 -45.18 27.39 17.71
N THR DC 64 -45.70 28.29 16.87
CA THR DC 64 -45.69 27.96 15.46
C THR DC 64 -44.37 28.34 14.80
N VAL DC 65 -43.71 29.39 15.28
CA VAL DC 65 -42.39 29.68 14.72
C VAL DC 65 -41.36 28.67 15.23
N LYS DC 66 -41.61 28.10 16.41
CA LYS DC 66 -40.66 27.23 17.06
C LYS DC 66 -40.47 25.92 16.31
N VAL DC 67 -41.57 25.34 15.81
CA VAL DC 67 -41.47 24.11 15.03
C VAL DC 67 -40.76 24.36 13.70
N PHE DC 68 -40.97 25.53 13.09
CA PHE DC 68 -40.31 25.87 11.84
C PHE DC 68 -38.82 26.08 12.04
N LYS DC 69 -38.43 26.45 13.26
CA LYS DC 69 -37.02 26.41 13.60
C LYS DC 69 -36.51 24.99 13.85
N ASP DC 70 -37.29 24.17 14.57
CA ASP DC 70 -36.80 22.87 15.01
C ASP DC 70 -36.62 21.89 13.86
N ILE DC 71 -37.57 21.87 12.91
CA ILE DC 71 -37.40 20.95 11.78
C ILE DC 71 -36.32 21.46 10.85
N ASP DC 72 -36.05 22.77 10.85
CA ASP DC 72 -34.97 23.26 10.03
C ASP DC 72 -33.62 22.97 10.67
N ALA DC 73 -33.58 22.90 12.01
CA ALA DC 73 -32.37 22.51 12.69
C ALA DC 73 -32.13 21.01 12.60
N ALA DC 74 -33.18 20.25 12.32
CA ALA DC 74 -33.02 18.80 12.28
C ALA DC 74 -32.31 18.38 11.00
N ILE DC 75 -32.45 19.16 9.93
CA ILE DC 75 -31.82 18.82 8.66
C ILE DC 75 -30.30 18.97 8.76
N ILE DC 76 -29.84 20.07 9.34
CA ILE DC 76 -28.39 20.21 9.55
C ILE DC 76 -27.89 19.25 10.61
N GLN DC 77 -28.76 18.85 11.54
CA GLN DC 77 -28.37 17.78 12.47
C GLN DC 77 -28.24 16.44 11.76
N ASN DC 78 -29.01 16.24 10.69
CA ASN DC 78 -28.92 14.96 9.98
C ASN DC 78 -27.72 14.96 9.06
N PHE DC 79 -27.48 16.08 8.39
CA PHE DC 79 -26.49 16.16 7.33
C PHE DC 79 -25.10 16.54 7.81
N ARG DC 80 -24.93 16.90 9.08
CA ARG DC 80 -23.61 17.31 9.53
C ARG DC 80 -22.67 16.12 9.63
N ASN EC 22 -69.99 15.82 14.12
CA ASN EC 22 -71.23 16.58 14.08
C ASN EC 22 -71.66 17.02 15.47
N LEU EC 23 -70.72 16.92 16.41
CA LEU EC 23 -70.97 17.28 17.81
C LEU EC 23 -71.24 18.77 17.95
N GLN EC 24 -70.58 19.58 17.14
CA GLN EC 24 -70.70 21.03 17.22
C GLN EC 24 -72.09 21.55 16.88
N THR EC 25 -72.92 20.77 16.17
CA THR EC 25 -74.28 21.21 15.92
C THR EC 25 -75.06 21.25 17.23
N GLN EC 26 -75.08 20.11 17.94
CA GLN EC 26 -75.79 20.13 19.20
C GLN EC 26 -75.02 20.86 20.29
N VAL EC 27 -73.77 21.27 20.05
CA VAL EC 27 -73.19 22.32 20.87
C VAL EC 27 -73.86 23.65 20.57
N THR EC 28 -74.00 23.98 19.29
CA THR EC 28 -74.42 25.31 18.90
C THR EC 28 -75.93 25.49 18.97
N GLU EC 29 -76.67 24.49 19.44
CA GLU EC 29 -78.12 24.62 19.50
C GLU EC 29 -78.62 24.84 20.92
N ALA EC 30 -77.79 24.61 21.94
CA ALA EC 30 -78.23 24.76 23.33
C ALA EC 30 -77.82 26.05 24.01
N LEU EC 31 -76.84 26.78 23.46
CA LEU EC 31 -76.41 28.03 24.09
C LEU EC 31 -77.42 29.16 23.91
N ASP EC 32 -78.19 29.13 22.82
CA ASP EC 32 -79.06 30.26 22.49
C ASP EC 32 -80.33 30.30 23.33
N LYS EC 33 -80.87 29.14 23.74
CA LYS EC 33 -82.04 29.17 24.60
C LYS EC 33 -81.69 29.61 26.01
N LEU EC 34 -80.47 29.33 26.48
CA LEU EC 34 -80.00 29.94 27.71
C LEU EC 34 -79.65 31.40 27.51
N ALA EC 35 -79.28 31.81 26.30
CA ALA EC 35 -79.05 33.23 26.04
C ALA EC 35 -80.35 34.00 26.10
N ALA EC 36 -81.43 33.43 25.56
CA ALA EC 36 -82.74 34.08 25.61
C ALA EC 36 -83.34 34.03 27.01
N LYS EC 37 -83.00 33.02 27.80
CA LYS EC 37 -83.53 32.87 29.16
C LYS EC 37 -82.42 32.45 30.12
N PRO EC 38 -81.63 33.42 30.61
CA PRO EC 38 -80.59 33.08 31.59
C PRO EC 38 -81.09 33.03 33.02
N SER EC 39 -82.25 32.41 33.25
CA SER EC 39 -82.72 32.15 34.60
C SER EC 39 -83.44 30.81 34.75
N ASP EC 40 -83.52 30.01 33.71
CA ASP EC 40 -84.12 28.69 33.82
C ASP EC 40 -83.16 27.75 34.54
N PRO EC 41 -83.55 27.14 35.66
CA PRO EC 41 -82.61 26.28 36.39
C PRO EC 41 -82.33 24.94 35.71
N ALA EC 42 -83.29 24.38 34.97
CA ALA EC 42 -83.09 23.08 34.35
C ALA EC 42 -82.17 23.19 33.14
N LEU EC 43 -82.21 24.34 32.47
CA LEU EC 43 -81.48 24.49 31.22
C LEU EC 43 -79.99 24.65 31.50
N LEU EC 44 -79.61 25.42 32.52
CA LEU EC 44 -78.18 25.58 32.73
C LEU EC 44 -77.56 24.29 33.26
N ALA EC 45 -78.36 23.45 33.93
CA ALA EC 45 -77.89 22.12 34.34
C ALA EC 45 -77.64 21.22 33.14
N ALA EC 46 -78.55 21.25 32.16
CA ALA EC 46 -78.30 20.46 30.94
C ALA EC 46 -77.23 21.09 30.06
N TYR EC 47 -77.09 22.42 30.09
CA TYR EC 47 -76.10 23.08 29.27
C TYR EC 47 -74.70 22.85 29.82
N GLN EC 48 -74.53 22.94 31.15
CA GLN EC 48 -73.27 22.58 31.77
C GLN EC 48 -72.92 21.12 31.57
N SER EC 49 -73.93 20.25 31.60
CA SER EC 49 -73.71 18.84 31.28
C SER EC 49 -73.34 18.63 29.82
N LYS EC 50 -73.74 19.53 28.94
CA LYS EC 50 -73.26 19.49 27.56
C LYS EC 50 -71.83 20.02 27.43
N LEU EC 51 -71.57 21.22 27.97
CA LEU EC 51 -70.34 21.91 27.63
C LEU EC 51 -69.14 21.27 28.30
N SER EC 52 -69.31 20.71 29.51
CA SER EC 52 -68.21 19.97 30.09
C SER EC 52 -67.96 18.69 29.32
N GLU EC 53 -68.98 18.16 28.66
CA GLU EC 53 -68.77 16.95 27.89
C GLU EC 53 -68.03 17.26 26.59
N TYR EC 54 -68.27 18.44 26.02
CA TYR EC 54 -67.46 18.84 24.87
C TYR EC 54 -66.04 19.18 25.30
N ASN EC 55 -65.89 19.61 26.56
CA ASN EC 55 -64.58 19.84 27.13
C ASN EC 55 -63.82 18.54 27.24
N LEU EC 56 -64.51 17.47 27.64
CA LEU EC 56 -63.87 16.16 27.70
C LEU EC 56 -63.57 15.61 26.33
N TYR EC 57 -64.28 16.05 25.28
CA TYR EC 57 -64.00 15.46 23.97
C TYR EC 57 -62.80 16.11 23.29
N ARG EC 58 -62.63 17.42 23.47
CA ARG EC 58 -61.66 18.13 22.62
C ARG EC 58 -60.23 17.82 23.05
N ASN EC 59 -59.96 17.80 24.35
CA ASN EC 59 -58.60 17.50 24.77
C ASN EC 59 -58.29 16.02 24.60
N ALA EC 60 -59.31 15.16 24.55
CA ALA EC 60 -59.09 13.75 24.24
C ALA EC 60 -58.58 13.60 22.82
N GLN EC 61 -59.17 14.37 21.89
CA GLN EC 61 -58.67 14.33 20.51
C GLN EC 61 -57.29 14.95 20.39
N SER EC 62 -57.02 15.97 21.21
CA SER EC 62 -55.72 16.63 21.16
C SER EC 62 -54.63 15.73 21.73
N ASN EC 63 -54.95 15.00 22.80
CA ASN EC 63 -53.94 14.13 23.41
C ASN EC 63 -53.72 12.89 22.60
N THR EC 64 -54.71 12.48 21.80
CA THR EC 64 -54.59 11.23 21.08
C THR EC 64 -53.87 11.40 19.76
N VAL EC 65 -53.96 12.58 19.13
CA VAL EC 65 -53.18 12.75 17.90
C VAL EC 65 -51.69 12.91 18.24
N LYS EC 66 -51.39 13.39 19.45
CA LYS EC 66 -50.04 13.72 19.86
C LYS EC 66 -49.14 12.49 20.00
N VAL EC 67 -49.66 11.40 20.55
CA VAL EC 67 -48.87 10.17 20.67
C VAL EC 67 -48.61 9.58 19.29
N PHE EC 68 -49.57 9.68 18.39
CA PHE EC 68 -49.41 9.17 17.02
C PHE EC 68 -48.40 10.01 16.25
N LYS EC 69 -48.23 11.28 16.65
CA LYS EC 69 -47.11 12.05 16.11
C LYS EC 69 -45.79 11.62 16.75
N ASP EC 70 -45.81 11.38 18.06
CA ASP EC 70 -44.57 11.16 18.79
C ASP EC 70 -43.94 9.83 18.41
N ILE EC 71 -44.75 8.78 18.28
CA ILE EC 71 -44.22 7.49 17.90
C ILE EC 71 -43.81 7.45 16.43
N ASP EC 72 -44.41 8.29 15.58
CA ASP EC 72 -43.95 8.32 14.19
C ASP EC 72 -42.66 9.11 14.08
N ALA EC 73 -42.47 10.08 14.97
CA ALA EC 73 -41.22 10.80 14.98
C ALA EC 73 -40.11 9.99 15.63
N ALA EC 74 -40.48 9.00 16.45
CA ALA EC 74 -39.46 8.25 17.17
C ALA EC 74 -38.74 7.30 16.24
N ILE EC 75 -39.40 6.85 15.18
CA ILE EC 75 -38.78 5.91 14.26
C ILE EC 75 -37.66 6.58 13.45
N ILE EC 76 -37.93 7.78 12.92
CA ILE EC 76 -36.87 8.49 12.23
C ILE EC 76 -35.79 9.00 13.20
N GLN EC 77 -36.14 9.30 14.46
CA GLN EC 77 -35.07 9.59 15.41
C GLN EC 77 -34.24 8.36 15.73
N ASN EC 78 -34.83 7.16 15.65
CA ASN EC 78 -34.04 5.98 15.97
C ASN EC 78 -33.18 5.59 14.79
N PHE EC 79 -33.72 5.70 13.59
CA PHE EC 79 -33.05 5.18 12.41
C PHE EC 79 -32.15 6.20 11.75
N ARG EC 80 -32.17 7.45 12.18
CA ARG EC 80 -31.35 8.47 11.53
C ARG EC 80 -29.88 8.27 11.86
N ASN FC 22 -65.18 -4.96 41.66
CA ASN FC 22 -66.63 -4.88 41.81
C ASN FC 22 -67.05 -3.61 42.54
N LEU FC 23 -66.12 -2.67 42.64
CA LEU FC 23 -66.39 -1.42 43.35
C LEU FC 23 -67.46 -0.59 42.64
N GLN FC 24 -67.46 -0.62 41.31
CA GLN FC 24 -68.40 0.17 40.52
C GLN FC 24 -69.84 -0.27 40.72
N THR FC 25 -70.08 -1.50 41.18
CA THR FC 25 -71.44 -1.95 41.47
C THR FC 25 -72.01 -1.17 42.65
N GLN FC 26 -71.33 -1.23 43.80
CA GLN FC 26 -71.86 -0.46 44.91
C GLN FC 26 -71.59 1.04 44.76
N VAL FC 27 -70.84 1.46 43.73
CA VAL FC 27 -70.95 2.86 43.34
C VAL FC 27 -72.30 3.11 42.68
N THR FC 28 -72.68 2.24 41.75
CA THR FC 28 -73.85 2.48 40.92
C THR FC 28 -75.14 2.09 41.65
N GLU FC 29 -75.02 1.65 42.90
CA GLU FC 29 -76.16 1.22 43.69
C GLU FC 29 -76.57 2.23 44.75
N ALA FC 30 -75.73 3.22 45.03
CA ALA FC 30 -76.05 4.20 46.06
C ALA FC 30 -76.56 5.51 45.48
N LEU FC 31 -76.38 5.74 44.19
CA LEU FC 31 -76.85 6.97 43.58
C LEU FC 31 -78.37 6.97 43.41
N ASP FC 32 -78.99 5.81 43.26
CA ASP FC 32 -80.42 5.80 42.94
C ASP FC 32 -81.30 6.09 44.14
N LYS FC 33 -80.91 5.67 45.36
CA LYS FC 33 -81.73 6.01 46.51
C LYS FC 33 -81.62 7.49 46.90
N LEU FC 34 -80.48 8.12 46.68
CA LEU FC 34 -80.45 9.58 46.82
C LEU FC 34 -81.15 10.29 45.67
N ALA FC 35 -81.19 9.68 44.48
CA ALA FC 35 -81.94 10.28 43.39
C ALA FC 35 -83.43 10.23 43.66
N ALA FC 36 -83.92 9.12 44.19
CA ALA FC 36 -85.34 9.01 44.51
C ALA FC 36 -85.71 9.83 45.74
N LYS FC 37 -84.77 10.05 46.65
CA LYS FC 37 -85.04 10.80 47.88
C LYS FC 37 -83.86 11.72 48.15
N PRO FC 38 -83.82 12.89 47.51
CA PRO FC 38 -82.73 13.86 47.78
C PRO FC 38 -82.94 14.78 48.96
N SER FC 39 -83.38 14.26 50.11
CA SER FC 39 -83.39 15.10 51.30
C SER FC 39 -83.03 14.37 52.58
N ASP FC 40 -82.69 13.11 52.53
CA ASP FC 40 -82.25 12.36 53.72
C ASP FC 40 -80.83 12.76 54.10
N PRO FC 41 -80.60 13.22 55.34
CA PRO FC 41 -79.25 13.67 55.69
C PRO FC 41 -78.26 12.54 55.83
N ALA FC 42 -78.70 11.33 56.19
CA ALA FC 42 -77.74 10.24 56.34
C ALA FC 42 -77.26 9.74 54.99
N LEU FC 43 -78.13 9.83 53.96
CA LEU FC 43 -77.80 9.24 52.68
C LEU FC 43 -76.77 10.09 51.94
N LEU FC 44 -76.88 11.41 51.97
CA LEU FC 44 -75.88 12.18 51.22
C LEU FC 44 -74.54 12.12 51.90
N ALA FC 45 -74.51 11.89 53.22
CA ALA FC 45 -73.26 11.66 53.93
C ALA FC 45 -72.61 10.35 53.50
N ALA FC 46 -73.42 9.30 53.33
CA ALA FC 46 -72.89 8.04 52.82
C ALA FC 46 -72.56 8.11 51.34
N TYR FC 47 -73.27 8.94 50.60
CA TYR FC 47 -73.04 9.06 49.17
C TYR FC 47 -71.74 9.82 48.89
N GLN FC 48 -71.52 10.91 49.61
CA GLN FC 48 -70.25 11.63 49.53
C GLN FC 48 -69.08 10.80 50.04
N SER FC 49 -69.32 10.00 51.09
CA SER FC 49 -68.32 9.05 51.59
C SER FC 49 -68.01 7.94 50.59
N LYS FC 50 -68.96 7.62 49.72
CA LYS FC 50 -68.71 6.71 48.61
C LYS FC 50 -67.91 7.39 47.50
N LEU FC 51 -68.37 8.57 47.05
CA LEU FC 51 -67.86 9.12 45.81
C LEU FC 51 -66.45 9.66 45.98
N SER FC 52 -66.11 10.18 47.17
CA SER FC 52 -64.73 10.56 47.37
C SER FC 52 -63.80 9.35 47.44
N GLU FC 53 -64.29 8.19 47.87
CA GLU FC 53 -63.37 7.04 47.88
C GLU FC 53 -63.17 6.50 46.48
N TYR FC 54 -64.21 6.58 45.64
CA TYR FC 54 -63.98 6.22 44.24
C TYR FC 54 -63.10 7.26 43.55
N ASN FC 55 -63.15 8.51 44.03
CA ASN FC 55 -62.25 9.54 43.51
C ASN FC 55 -60.82 9.21 43.87
N LEU FC 56 -60.58 8.74 45.09
CA LEU FC 56 -59.24 8.33 45.49
C LEU FC 56 -58.78 7.06 44.80
N TYR FC 57 -59.71 6.22 44.34
CA TYR FC 57 -59.28 4.97 43.75
C TYR FC 57 -58.90 5.15 42.28
N ARG FC 58 -59.62 6.01 41.56
CA ARG FC 58 -59.48 6.04 40.11
C ARG FC 58 -58.17 6.71 39.72
N ASN FC 59 -57.82 7.81 40.37
CA ASN FC 59 -56.56 8.45 40.03
C ASN FC 59 -55.39 7.66 40.56
N ALA FC 60 -55.60 6.83 41.58
CA ALA FC 60 -54.53 5.94 42.05
C ALA FC 60 -54.20 4.92 40.98
N GLN FC 61 -55.24 4.38 40.32
CA GLN FC 61 -54.98 3.45 39.23
C GLN FC 61 -54.37 4.14 38.03
N SER FC 62 -54.76 5.40 37.81
CA SER FC 62 -54.22 6.15 36.68
C SER FC 62 -52.77 6.50 36.93
N ASN FC 63 -52.42 6.84 38.16
CA ASN FC 63 -51.06 7.21 38.48
C ASN FC 63 -50.16 6.00 38.54
N THR FC 64 -50.73 4.82 38.81
CA THR FC 64 -49.87 3.65 38.98
C THR FC 64 -49.56 2.98 37.64
N VAL FC 65 -50.44 3.07 36.64
CA VAL FC 65 -50.06 2.49 35.35
C VAL FC 65 -49.02 3.37 34.63
N LYS FC 66 -49.01 4.68 34.94
CA LYS FC 66 -48.15 5.63 34.23
C LYS FC 66 -46.67 5.43 34.51
N VAL FC 67 -46.30 5.15 35.75
CA VAL FC 67 -44.90 4.89 36.07
C VAL FC 67 -44.43 3.61 35.39
N PHE FC 68 -45.30 2.62 35.31
CA PHE FC 68 -44.93 1.38 34.65
C PHE FC 68 -44.80 1.56 33.14
N LYS FC 69 -45.48 2.55 32.57
CA LYS FC 69 -45.19 2.89 31.18
C LYS FC 69 -43.90 3.70 31.02
N ASP FC 70 -43.67 4.70 31.88
CA ASP FC 70 -42.55 5.63 31.65
C ASP FC 70 -41.21 4.93 31.89
N ILE FC 71 -41.15 4.08 32.92
CA ILE FC 71 -39.91 3.35 33.18
C ILE FC 71 -39.70 2.28 32.12
N ASP FC 72 -40.76 1.83 31.46
CA ASP FC 72 -40.57 0.88 30.38
C ASP FC 72 -40.08 1.62 29.14
N ALA FC 73 -40.47 2.89 28.99
CA ALA FC 73 -39.96 3.71 27.90
C ALA FC 73 -38.53 4.19 28.15
N ALA FC 74 -38.10 4.20 29.41
CA ALA FC 74 -36.78 4.71 29.72
C ALA FC 74 -35.70 3.72 29.32
N ILE FC 75 -36.01 2.42 29.32
CA ILE FC 75 -35.02 1.41 28.96
C ILE FC 75 -34.70 1.48 27.47
N ILE FC 76 -35.73 1.59 26.62
CA ILE FC 76 -35.49 1.76 25.19
C ILE FC 76 -34.92 3.14 24.89
N GLN FC 77 -35.23 4.14 25.75
CA GLN FC 77 -34.56 5.43 25.59
C GLN FC 77 -33.08 5.34 25.93
N ASN FC 78 -32.72 4.42 26.82
CA ASN FC 78 -31.32 4.29 27.22
C ASN FC 78 -30.55 3.49 26.17
N PHE FC 79 -31.19 2.46 25.65
CA PHE FC 79 -30.50 1.52 24.79
C PHE FC 79 -30.55 1.92 23.33
N ARG FC 80 -31.33 2.94 22.97
CA ARG FC 80 -31.42 3.31 21.56
C ARG FC 80 -30.13 3.99 21.15
N ASN GC 22 -46.23 8.52 65.81
CA ASN GC 22 -47.26 8.00 66.69
C ASN GC 22 -48.37 9.03 66.88
N LEU GC 23 -48.37 10.03 66.00
CA LEU GC 23 -49.36 11.10 66.08
C LEU GC 23 -50.76 10.60 65.81
N GLN GC 24 -50.89 9.60 64.93
CA GLN GC 24 -52.19 9.06 64.56
C GLN GC 24 -52.90 8.38 65.70
N THR GC 25 -52.18 7.96 66.75
CA THR GC 25 -52.82 7.39 67.94
C THR GC 25 -53.64 8.46 68.65
N GLN GC 26 -52.99 9.56 69.02
CA GLN GC 26 -53.75 10.62 69.66
C GLN GC 26 -54.63 11.40 68.69
N VAL GC 27 -54.52 11.15 67.37
CA VAL GC 27 -55.61 11.54 66.49
C VAL GC 27 -56.81 10.63 66.74
N THR GC 28 -56.56 9.32 66.80
CA THR GC 28 -57.66 8.37 66.82
C THR GC 28 -58.24 8.21 68.22
N GLU GC 29 -57.75 8.98 69.19
CA GLU GC 29 -58.26 8.88 70.54
C GLU GC 29 -59.15 10.05 70.95
N ALA GC 30 -59.17 11.13 70.17
CA ALA GC 30 -59.98 12.31 70.52
C ALA GC 30 -61.29 12.42 69.76
N LEU GC 31 -61.48 11.67 68.67
CA LEU GC 31 -62.71 11.75 67.90
C LEU GC 31 -63.90 11.06 68.60
N ASP GC 32 -63.64 10.05 69.43
CA ASP GC 32 -64.76 9.28 69.99
C ASP GC 32 -65.47 10.00 71.12
N LYS GC 33 -64.74 10.80 71.90
CA LYS GC 33 -65.38 11.58 72.94
C LYS GC 33 -66.18 12.76 72.36
N LEU GC 34 -65.76 13.29 71.20
CA LEU GC 34 -66.61 14.21 70.47
C LEU GC 34 -67.77 13.50 69.80
N ALA GC 35 -67.61 12.21 69.49
CA ALA GC 35 -68.72 11.43 68.97
C ALA GC 35 -69.78 11.24 70.05
N ALA GC 36 -69.36 11.00 71.28
CA ALA GC 36 -70.32 10.84 72.37
C ALA GC 36 -70.95 12.18 72.76
N LYS GC 37 -70.24 13.28 72.56
CA LYS GC 37 -70.74 14.62 72.89
C LYS GC 37 -70.37 15.63 71.82
N PRO GC 38 -71.17 15.70 70.75
CA PRO GC 38 -70.90 16.71 69.71
C PRO GC 38 -71.53 18.06 70.04
N SER GC 39 -71.38 18.50 71.29
CA SER GC 39 -71.76 19.84 71.69
C SER GC 39 -70.81 20.44 72.71
N ASP GC 40 -69.75 19.74 73.10
CA ASP GC 40 -68.77 20.31 74.01
C ASP GC 40 -67.94 21.32 73.23
N PRO GC 41 -67.87 22.58 73.64
CA PRO GC 41 -67.11 23.57 72.86
C PRO GC 41 -65.59 23.45 72.98
N ALA GC 42 -65.08 22.96 74.11
CA ALA GC 42 -63.63 22.85 74.28
C ALA GC 42 -63.05 21.71 73.46
N LEU GC 43 -63.86 20.67 73.25
CA LEU GC 43 -63.35 19.46 72.63
C LEU GC 43 -63.17 19.66 71.14
N LEU GC 44 -64.09 20.35 70.47
CA LEU GC 44 -63.89 20.51 69.03
C LEU GC 44 -62.75 21.47 68.75
N ALA GC 45 -62.45 22.38 69.69
CA ALA GC 45 -61.27 23.22 69.58
C ALA GC 45 -59.98 22.41 69.69
N ALA GC 46 -59.95 21.46 70.64
CA ALA GC 46 -58.77 20.58 70.72
C ALA GC 46 -58.73 19.55 69.60
N TYR GC 47 -59.88 19.15 69.09
CA TYR GC 47 -59.93 18.16 68.01
C TYR GC 47 -59.49 18.77 66.70
N GLN GC 48 -59.95 19.98 66.41
CA GLN GC 48 -59.48 20.72 65.25
C GLN GC 48 -58.00 21.05 65.37
N SER GC 49 -57.53 21.36 66.59
CA SER GC 49 -56.09 21.56 66.83
C SER GC 49 -55.29 20.29 66.64
N LYS GC 50 -55.89 19.13 66.84
CA LYS GC 50 -55.22 17.88 66.49
C LYS GC 50 -55.25 17.64 64.98
N LEU GC 51 -56.43 17.71 64.36
CA LEU GC 51 -56.61 17.20 63.01
C LEU GC 51 -55.96 18.12 61.99
N SER GC 52 -55.99 19.44 62.22
CA SER GC 52 -55.25 20.33 61.34
C SER GC 52 -53.75 20.16 61.51
N GLU GC 53 -53.31 19.72 62.70
CA GLU GC 53 -51.89 19.52 62.90
C GLU GC 53 -51.43 18.24 62.22
N TYR GC 54 -52.31 17.24 62.16
CA TYR GC 54 -52.00 16.06 61.38
C TYR GC 54 -52.05 16.35 59.89
N ASN GC 55 -52.85 17.36 59.50
CA ASN GC 55 -52.83 17.80 58.11
C ASN GC 55 -51.49 18.44 57.80
N LEU GC 56 -50.95 19.22 58.73
CA LEU GC 56 -49.63 19.81 58.50
C LEU GC 56 -48.52 18.77 58.54
N TYR GC 57 -48.73 17.64 59.21
CA TYR GC 57 -47.64 16.68 59.29
C TYR GC 57 -47.59 15.80 58.04
N ARG GC 58 -48.77 15.46 57.51
CA ARG GC 58 -48.85 14.43 56.47
C ARG GC 58 -48.33 14.95 55.14
N ASN GC 59 -48.71 16.19 54.79
CA ASN GC 59 -48.22 16.71 53.53
C ASN GC 59 -46.75 17.07 53.64
N ALA GC 60 -46.27 17.32 54.86
CA ALA GC 60 -44.85 17.53 55.08
C ALA GC 60 -44.05 16.27 54.76
N GLN GC 61 -44.57 15.10 55.18
CA GLN GC 61 -43.85 13.88 54.85
C GLN GC 61 -43.92 13.55 53.36
N SER GC 62 -45.06 13.87 52.73
CA SER GC 62 -45.17 13.57 51.30
C SER GC 62 -44.30 14.52 50.48
N ASN GC 63 -44.21 15.78 50.90
CA ASN GC 63 -43.45 16.74 50.15
C ASN GC 63 -41.96 16.53 50.36
N THR GC 64 -41.59 15.92 51.49
CA THR GC 64 -40.18 15.77 51.78
C THR GC 64 -39.60 14.51 51.14
N VAL GC 65 -40.42 13.48 50.94
CA VAL GC 65 -39.87 12.31 50.23
C VAL GC 65 -39.71 12.62 48.73
N LYS GC 66 -40.51 13.56 48.19
CA LYS GC 66 -40.50 13.82 46.75
C LYS GC 66 -39.20 14.45 46.27
N VAL GC 67 -38.64 15.39 47.02
CA VAL GC 67 -37.36 16.00 46.63
C VAL GC 67 -36.24 14.97 46.70
N PHE GC 68 -36.30 14.07 47.68
CA PHE GC 68 -35.30 13.03 47.80
C PHE GC 68 -35.42 12.01 46.67
N LYS GC 69 -36.61 11.90 46.08
CA LYS GC 69 -36.69 11.13 44.85
C LYS GC 69 -36.14 11.92 43.65
N ASP GC 70 -36.45 13.23 43.58
CA ASP GC 70 -36.13 14.01 42.39
C ASP GC 70 -34.62 14.22 42.24
N ILE GC 71 -33.92 14.52 43.33
CA ILE GC 71 -32.47 14.70 43.22
C ILE GC 71 -31.77 13.37 43.02
N ASP GC 72 -32.38 12.26 43.44
CA ASP GC 72 -31.76 10.99 43.16
C ASP GC 72 -31.98 10.56 41.72
N ALA GC 73 -33.12 10.96 41.14
CA ALA GC 73 -33.38 10.69 39.72
C ALA GC 73 -32.62 11.63 38.79
N ALA GC 74 -32.21 12.80 39.29
CA ALA GC 74 -31.57 13.77 38.42
C ALA GC 74 -30.14 13.38 38.09
N ILE GC 75 -29.49 12.64 38.98
CA ILE GC 75 -28.09 12.27 38.74
C ILE GC 75 -28.01 11.26 37.61
N ILE GC 76 -28.88 10.24 37.65
CA ILE GC 76 -28.95 9.28 36.57
C ILE GC 76 -29.52 9.90 35.30
N GLN GC 77 -30.35 10.95 35.46
CA GLN GC 77 -30.77 11.72 34.30
C GLN GC 77 -29.61 12.48 33.69
N ASN GC 78 -28.63 12.85 34.50
CA ASN GC 78 -27.47 13.58 33.99
C ASN GC 78 -26.48 12.63 33.36
N PHE GC 79 -26.28 11.48 33.96
CA PHE GC 79 -25.22 10.56 33.57
C PHE GC 79 -25.64 9.56 32.52
N ARG GC 80 -26.92 9.50 32.19
CA ARG GC 80 -27.35 8.51 31.20
C ARG GC 80 -26.89 8.91 29.81
N TYR HC 8 -26.46 34.19 50.51
CA TYR HC 8 -27.39 35.18 49.98
C TYR HC 8 -28.81 34.85 50.41
N LEU HC 9 -29.10 33.54 50.44
CA LEU HC 9 -30.45 33.10 50.68
C LEU HC 9 -30.83 33.22 52.15
N ASP HC 10 -29.85 33.28 53.06
CA ASP HC 10 -30.14 33.66 54.43
C ASP HC 10 -30.45 35.13 54.53
N ASP HC 11 -29.84 35.95 53.67
CA ASP HC 11 -29.97 37.39 53.80
C ASP HC 11 -31.30 37.90 53.25
N VAL HC 12 -31.83 37.23 52.22
CA VAL HC 12 -33.16 37.62 51.74
C VAL HC 12 -34.24 37.17 52.69
N SER HC 13 -33.94 36.19 53.54
CA SER HC 13 -34.84 35.81 54.61
C SER HC 13 -34.72 36.74 55.81
N ALA HC 14 -33.48 37.06 56.19
CA ALA HC 14 -33.17 37.89 57.36
C ALA HC 14 -33.50 39.36 57.17
N LYS HC 15 -33.74 39.81 55.94
CA LYS HC 15 -34.16 41.20 55.77
C LYS HC 15 -35.56 41.46 56.29
N PHE HC 16 -36.36 40.41 56.46
CA PHE HC 16 -37.68 40.57 57.05
C PHE HC 16 -37.66 40.44 58.56
N ASP HC 17 -36.66 39.74 59.11
CA ASP HC 17 -36.47 39.68 60.56
C ASP HC 17 -35.74 40.89 61.08
N THR HC 18 -34.99 41.57 60.22
CA THR HC 18 -34.33 42.81 60.60
C THR HC 18 -35.24 44.01 60.33
N GLY HC 19 -36.06 43.95 59.27
CA GLY HC 19 -36.87 45.10 58.89
C GLY HC 19 -37.97 45.43 59.88
N VAL HC 20 -38.47 44.43 60.61
CA VAL HC 20 -39.34 44.67 61.76
C VAL HC 20 -38.57 44.34 63.02
N ASP HC 21 -38.86 45.05 64.11
CA ASP HC 21 -38.06 44.90 65.31
C ASP HC 21 -38.40 43.65 66.11
N ASN HC 22 -39.60 43.59 66.70
CA ASN HC 22 -39.98 42.47 67.58
C ASN HC 22 -41.43 42.07 67.39
N LEU HC 23 -41.89 41.94 66.14
CA LEU HC 23 -43.31 41.65 65.88
C LEU HC 23 -43.71 40.27 66.37
N GLN HC 24 -42.77 39.31 66.32
CA GLN HC 24 -43.03 37.95 66.77
C GLN HC 24 -43.28 37.89 68.27
N THR HC 25 -42.74 38.84 69.01
CA THR HC 25 -43.01 38.91 70.44
C THR HC 25 -44.22 39.81 70.68
N GLN HC 26 -44.45 40.79 69.80
CA GLN HC 26 -45.60 41.67 69.94
C GLN HC 26 -46.91 40.92 69.78
N VAL HC 27 -46.90 39.84 68.98
CA VAL HC 27 -48.12 39.04 68.86
C VAL HC 27 -48.30 38.17 70.08
N THR HC 28 -47.20 37.77 70.74
CA THR HC 28 -47.30 36.88 71.87
C THR HC 28 -47.79 37.63 73.09
N GLU HC 29 -47.26 38.84 73.34
CA GLU HC 29 -47.79 39.64 74.43
C GLU HC 29 -49.20 40.12 74.16
N ALA HC 30 -49.57 40.25 72.87
CA ALA HC 30 -50.96 40.60 72.55
C ALA HC 30 -51.88 39.46 72.92
N LEU HC 31 -51.55 38.23 72.51
CA LEU HC 31 -52.44 37.12 72.86
C LEU HC 31 -52.32 36.74 74.33
N ASP HC 32 -51.27 37.18 75.02
CA ASP HC 32 -51.23 37.10 76.48
C ASP HC 32 -52.28 37.99 77.11
N LYS HC 33 -52.50 39.17 76.51
CA LYS HC 33 -53.58 40.01 77.00
C LYS HC 33 -54.95 39.49 76.56
N LEU HC 34 -55.00 38.79 75.41
CA LEU HC 34 -56.25 38.23 74.94
C LEU HC 34 -56.69 37.08 75.83
N ALA HC 35 -55.74 36.22 76.22
CA ALA HC 35 -56.09 35.17 77.17
C ALA HC 35 -56.22 35.71 78.59
N ALA HC 36 -55.79 36.95 78.83
CA ALA HC 36 -55.98 37.52 80.15
C ALA HC 36 -57.42 37.98 80.33
N LYS HC 37 -57.92 38.80 79.40
CA LYS HC 37 -59.27 39.37 79.51
C LYS HC 37 -59.98 39.33 78.17
N PRO HC 38 -60.59 38.18 77.80
CA PRO HC 38 -61.19 38.00 76.47
C PRO HC 38 -62.58 38.62 76.31
N SER HC 39 -62.72 39.90 76.67
CA SER HC 39 -64.04 40.54 76.58
C SER HC 39 -63.99 42.01 76.16
N ASP HC 40 -62.88 42.50 75.62
CA ASP HC 40 -62.77 43.92 75.31
C ASP HC 40 -62.82 44.17 73.80
N PRO HC 41 -63.63 45.12 73.33
CA PRO HC 41 -63.70 45.38 71.87
C PRO HC 41 -62.43 45.99 71.31
N ALA HC 42 -61.75 46.85 72.07
CA ALA HC 42 -60.47 47.38 71.60
C ALA HC 42 -59.40 46.31 71.62
N LEU HC 43 -59.62 45.23 72.36
CA LEU HC 43 -58.66 44.14 72.39
C LEU HC 43 -58.91 43.17 71.27
N LEU HC 44 -60.18 43.01 70.84
CA LEU HC 44 -60.44 42.18 69.67
C LEU HC 44 -59.96 42.91 68.42
N ALA HC 45 -60.16 44.22 68.37
CA ALA HC 45 -59.78 44.97 67.17
C ALA HC 45 -58.26 45.10 67.08
N ALA HC 46 -57.58 45.27 68.22
CA ALA HC 46 -56.13 45.30 68.22
C ALA HC 46 -55.54 43.93 67.90
N TYR HC 47 -56.21 42.85 68.32
CA TYR HC 47 -55.70 41.54 67.97
C TYR HC 47 -55.91 41.22 66.50
N GLN HC 48 -57.05 41.61 65.94
CA GLN HC 48 -57.26 41.36 64.52
C GLN HC 48 -56.38 42.24 63.64
N SER HC 49 -56.01 43.43 64.13
CA SER HC 49 -55.02 44.26 63.45
C SER HC 49 -53.59 43.78 63.62
N LYS HC 50 -53.30 42.99 64.64
CA LYS HC 50 -51.93 42.53 64.81
C LYS HC 50 -51.74 41.12 64.27
N LEU HC 51 -52.80 40.31 64.32
CA LEU HC 51 -52.79 38.96 63.78
C LEU HC 51 -52.83 38.97 62.25
N SER HC 52 -53.61 39.87 61.63
CA SER HC 52 -53.66 39.83 60.17
C SER HC 52 -52.39 40.34 59.50
N GLU HC 53 -51.53 41.07 60.22
CA GLU HC 53 -50.26 41.48 59.65
C GLU HC 53 -49.26 40.33 59.58
N TYR HC 54 -49.48 39.28 60.39
CA TYR HC 54 -48.49 38.20 60.45
C TYR HC 54 -48.61 37.28 59.26
N ASN HC 55 -49.83 37.02 58.79
CA ASN HC 55 -49.95 36.10 57.67
C ASN HC 55 -49.48 36.75 56.37
N LEU HC 56 -49.59 38.08 56.27
CA LEU HC 56 -48.95 38.79 55.18
C LEU HC 56 -47.45 38.77 55.32
N TYR HC 57 -46.96 38.73 56.55
CA TYR HC 57 -45.52 38.82 56.78
C TYR HC 57 -44.88 37.50 56.41
N ARG HC 58 -45.41 36.39 56.92
CA ARG HC 58 -44.76 35.13 56.66
C ARG HC 58 -45.05 34.62 55.25
N ASN HC 59 -46.22 34.92 54.66
CA ASN HC 59 -46.40 34.52 53.27
C ASN HC 59 -45.66 35.42 52.29
N ALA HC 60 -45.30 36.65 52.68
CA ALA HC 60 -44.35 37.43 51.91
C ALA HC 60 -42.92 37.15 52.29
N GLN HC 61 -42.73 36.25 53.24
CA GLN HC 61 -41.40 35.74 53.52
C GLN HC 61 -41.16 34.48 52.71
N SER HC 62 -42.18 33.60 52.63
CA SER HC 62 -42.00 32.33 51.96
C SER HC 62 -42.23 32.41 50.46
N ASN HC 63 -42.92 33.44 49.97
CA ASN HC 63 -43.13 33.46 48.53
C ASN HC 63 -41.97 34.08 47.79
N THR HC 64 -41.24 35.00 48.42
CA THR HC 64 -40.10 35.60 47.74
C THR HC 64 -38.93 34.63 47.68
N VAL HC 65 -38.76 33.80 48.72
CA VAL HC 65 -37.75 32.76 48.63
C VAL HC 65 -38.22 31.64 47.69
N LYS HC 66 -39.53 31.47 47.50
CA LYS HC 66 -40.00 30.45 46.58
C LYS HC 66 -39.71 30.85 45.13
N VAL HC 67 -39.96 32.12 44.81
CA VAL HC 67 -39.65 32.62 43.48
C VAL HC 67 -38.13 32.78 43.28
N PHE HC 68 -37.36 32.95 44.35
CA PHE HC 68 -35.90 33.01 44.14
C PHE HC 68 -35.29 31.61 44.02
N LYS HC 69 -36.00 30.60 44.52
CA LYS HC 69 -35.55 29.22 44.42
C LYS HC 69 -35.57 28.75 42.96
N ASP HC 70 -36.67 28.97 42.25
CA ASP HC 70 -36.73 28.51 40.86
C ASP HC 70 -35.86 29.37 39.96
N ILE HC 71 -35.53 30.59 40.38
CA ILE HC 71 -34.65 31.44 39.59
C ILE HC 71 -33.24 30.87 39.62
N ASP HC 72 -32.80 30.46 40.81
CA ASP HC 72 -31.53 29.73 40.88
C ASP HC 72 -31.63 28.34 40.24
N ALA HC 73 -32.84 27.74 40.23
CA ALA HC 73 -32.96 26.46 39.54
C ALA HC 73 -32.92 26.62 38.03
N ALA HC 74 -33.29 27.79 37.52
CA ALA HC 74 -33.13 28.07 36.10
C ALA HC 74 -31.68 28.36 35.78
N ILE HC 75 -30.95 28.92 36.76
CA ILE HC 75 -29.53 29.20 36.52
C ILE HC 75 -28.73 27.92 36.46
N ILE HC 76 -29.02 26.96 37.36
CA ILE HC 76 -28.15 25.80 37.48
C ILE HC 76 -28.38 24.79 36.35
N GLN HC 77 -29.60 24.67 35.85
CA GLN HC 77 -29.90 23.69 34.82
C GLN HC 77 -29.39 24.09 33.45
N ASN HC 78 -29.12 25.38 33.22
CA ASN HC 78 -28.57 25.84 31.96
C ASN HC 78 -27.05 25.73 31.93
N PHE HC 79 -26.44 25.10 32.93
CA PHE HC 79 -25.04 24.69 32.79
C PHE HC 79 -24.91 23.63 31.72
N ARG HC 80 -25.83 22.67 31.70
CA ARG HC 80 -25.81 21.57 30.74
C ARG HC 80 -27.03 21.62 29.83
N THR IC 3 -31.68 57.00 34.87
CA THR IC 3 -33.08 57.38 34.98
C THR IC 3 -33.88 56.36 35.79
N PRO IC 4 -34.89 56.82 36.54
CA PRO IC 4 -35.83 55.86 37.14
C PRO IC 4 -36.64 55.24 36.01
N TRP IC 5 -36.30 54.01 35.69
CA TRP IC 5 -36.72 53.39 34.45
C TRP IC 5 -38.09 52.73 34.60
N SER IC 6 -38.86 52.71 33.51
CA SER IC 6 -40.16 52.07 33.44
C SER IC 6 -40.17 50.99 32.37
N GLY IC 7 -40.87 49.90 32.66
CA GLY IC 7 -41.09 48.80 31.73
C GLY IC 7 -42.53 48.73 31.25
N TYR IC 8 -42.80 47.72 30.42
CA TYR IC 8 -44.17 47.52 29.94
C TYR IC 8 -45.11 47.04 31.03
N LEU IC 9 -44.60 46.33 32.03
CA LEU IC 9 -45.48 45.98 33.13
C LEU IC 9 -45.70 47.17 34.05
N ASP IC 10 -44.70 48.06 34.13
CA ASP IC 10 -44.94 49.31 34.83
C ASP IC 10 -45.80 50.24 33.99
N ASP IC 11 -45.85 49.99 32.67
CA ASP IC 11 -46.74 50.74 31.79
C ASP IC 11 -48.17 50.40 32.14
N VAL IC 12 -48.49 49.10 32.22
CA VAL IC 12 -49.90 48.77 32.38
C VAL IC 12 -50.34 49.05 33.82
N SER IC 13 -49.44 48.91 34.80
CA SER IC 13 -49.84 49.20 36.18
C SER IC 13 -50.03 50.71 36.39
N ALA IC 14 -49.08 51.53 35.89
CA ALA IC 14 -49.32 52.95 35.99
C ALA IC 14 -50.35 53.44 34.99
N LYS IC 15 -50.69 52.65 33.96
CA LYS IC 15 -51.83 52.97 33.12
C LYS IC 15 -53.12 52.88 33.93
N PHE IC 16 -53.19 51.91 34.84
CA PHE IC 16 -54.29 51.92 35.80
C PHE IC 16 -54.19 53.09 36.76
N ASP IC 17 -52.96 53.50 37.09
CA ASP IC 17 -52.82 54.59 38.05
C ASP IC 17 -53.01 55.97 37.43
N THR IC 18 -52.96 56.09 36.10
CA THR IC 18 -53.31 57.35 35.46
C THR IC 18 -54.73 57.34 34.94
N GLY IC 19 -55.32 56.15 34.77
CA GLY IC 19 -56.74 56.10 34.45
C GLY IC 19 -57.57 56.54 35.64
N VAL IC 20 -57.24 55.99 36.82
CA VAL IC 20 -57.76 56.59 38.04
C VAL IC 20 -56.99 57.90 38.31
N ASP IC 21 -57.64 58.83 39.02
CA ASP IC 21 -56.97 60.07 39.44
C ASP IC 21 -56.69 60.20 40.92
N ASN IC 22 -57.70 60.07 41.80
CA ASN IC 22 -57.46 60.34 43.22
C ASN IC 22 -57.93 59.26 44.20
N LEU IC 23 -58.05 58.00 43.78
CA LEU IC 23 -58.54 56.95 44.68
C LEU IC 23 -57.59 56.61 45.84
N GLN IC 24 -56.29 56.87 45.71
CA GLN IC 24 -55.39 56.67 46.85
C GLN IC 24 -55.57 57.68 47.99
N THR IC 25 -56.25 58.80 47.75
CA THR IC 25 -56.48 59.77 48.82
C THR IC 25 -57.96 60.03 49.08
N GLN IC 26 -58.84 59.75 48.12
CA GLN IC 26 -60.25 59.97 48.35
C GLN IC 26 -60.83 58.91 49.26
N VAL IC 27 -60.22 57.72 49.35
CA VAL IC 27 -60.69 56.79 50.37
C VAL IC 27 -60.16 57.18 51.74
N THR IC 28 -59.14 58.06 51.78
CA THR IC 28 -58.67 58.55 53.05
C THR IC 28 -59.56 59.68 53.53
N GLU IC 29 -60.14 60.42 52.57
CA GLU IC 29 -61.03 61.51 52.99
C GLU IC 29 -62.37 60.98 53.45
N ALA IC 30 -62.87 59.90 52.84
CA ALA IC 30 -64.05 59.23 53.35
C ALA IC 30 -63.77 58.42 54.61
N LEU IC 31 -62.50 58.04 54.83
CA LEU IC 31 -62.09 57.50 56.11
C LEU IC 31 -61.96 58.58 57.18
N ASP IC 32 -61.66 59.80 56.77
CA ASP IC 32 -61.73 60.94 57.69
C ASP IC 32 -63.19 61.21 58.04
N LYS IC 33 -64.09 61.08 57.06
CA LYS IC 33 -65.47 61.50 57.26
C LYS IC 33 -66.23 60.49 58.12
N LEU IC 34 -66.24 59.21 57.72
CA LEU IC 34 -67.07 58.21 58.40
C LEU IC 34 -66.59 57.91 59.81
N ALA IC 35 -65.27 57.91 60.03
CA ALA IC 35 -64.73 57.59 61.36
C ALA IC 35 -64.90 58.71 62.37
N ALA IC 36 -65.30 59.91 61.95
CA ALA IC 36 -65.55 60.97 62.91
C ALA IC 36 -66.81 60.69 63.73
N LYS IC 37 -67.94 60.48 63.05
CA LYS IC 37 -69.18 60.04 63.69
C LYS IC 37 -69.65 58.76 63.01
N PRO IC 38 -69.45 57.60 63.63
CA PRO IC 38 -69.65 56.31 62.95
C PRO IC 38 -71.07 55.77 63.03
N SER IC 39 -72.06 56.62 62.76
CA SER IC 39 -73.44 56.18 62.72
C SER IC 39 -74.25 56.82 61.60
N ASP IC 40 -73.63 57.64 60.77
CA ASP IC 40 -74.38 58.42 59.79
C ASP IC 40 -74.61 57.61 58.53
N PRO IC 41 -75.87 57.52 58.07
CA PRO IC 41 -76.17 56.68 56.90
C PRO IC 41 -75.65 57.24 55.58
N ALA IC 42 -75.49 58.56 55.46
CA ALA IC 42 -74.85 59.14 54.30
C ALA IC 42 -73.33 59.07 54.34
N LEU IC 43 -72.75 58.56 55.42
CA LEU IC 43 -71.30 58.38 55.53
C LEU IC 43 -70.88 56.93 55.50
N LEU IC 44 -71.73 56.04 56.00
CA LEU IC 44 -71.48 54.61 55.94
C LEU IC 44 -71.45 54.13 54.50
N ALA IC 45 -72.43 54.55 53.71
CA ALA IC 45 -72.41 54.18 52.31
C ALA IC 45 -71.40 54.99 51.53
N ALA IC 46 -70.92 56.11 52.08
CA ALA IC 46 -69.93 56.93 51.39
C ALA IC 46 -68.60 56.19 51.35
N TYR IC 47 -68.14 55.76 52.52
CA TYR IC 47 -66.87 55.04 52.50
C TYR IC 47 -67.09 53.62 51.97
N GLN IC 48 -68.28 53.04 52.16
CA GLN IC 48 -68.52 51.72 51.61
C GLN IC 48 -68.61 51.75 50.08
N SER IC 49 -68.93 52.89 49.49
CA SER IC 49 -68.77 53.10 48.05
C SER IC 49 -67.34 53.44 47.64
N LYS IC 50 -66.49 53.80 48.60
CA LYS IC 50 -65.10 54.09 48.22
C LYS IC 50 -64.22 52.83 48.28
N LEU IC 51 -64.50 51.98 49.26
CA LEU IC 51 -63.72 50.75 49.43
C LEU IC 51 -64.03 49.74 48.35
N SER IC 52 -65.28 49.73 47.85
CA SER IC 52 -65.65 48.76 46.83
C SER IC 52 -64.89 48.98 45.54
N GLU IC 53 -64.85 50.24 45.07
CA GLU IC 53 -64.02 50.52 43.91
C GLU IC 53 -62.54 50.41 44.22
N TYR IC 54 -62.15 50.51 45.50
CA TYR IC 54 -60.73 50.32 45.76
C TYR IC 54 -60.36 48.83 45.71
N ASN IC 55 -61.29 47.95 46.05
CA ASN IC 55 -60.93 46.54 46.03
C ASN IC 55 -60.98 45.99 44.61
N LEU IC 56 -61.93 46.50 43.81
CA LEU IC 56 -62.01 46.05 42.43
C LEU IC 56 -60.81 46.57 41.64
N TYR IC 57 -60.39 47.81 41.91
CA TYR IC 57 -59.31 48.38 41.14
C TYR IC 57 -57.99 47.74 41.54
N ARG IC 58 -57.85 47.34 42.81
CA ARG IC 58 -56.56 46.78 43.20
C ARG IC 58 -56.45 45.32 42.79
N ASN IC 59 -57.56 44.59 42.66
CA ASN IC 59 -57.42 43.24 42.11
C ASN IC 59 -57.26 43.28 40.59
N ALA IC 60 -57.80 44.32 39.94
CA ALA IC 60 -57.66 44.47 38.50
C ALA IC 60 -56.24 44.84 38.13
N GLN IC 61 -55.57 45.63 38.97
CA GLN IC 61 -54.16 45.93 38.72
C GLN IC 61 -53.24 44.78 39.07
N SER IC 62 -53.76 43.69 39.63
CA SER IC 62 -52.96 42.56 40.10
C SER IC 62 -53.04 41.37 39.18
N ASN IC 63 -54.23 41.00 38.69
CA ASN IC 63 -54.30 39.76 37.92
C ASN IC 63 -53.93 40.01 36.46
N THR IC 64 -53.97 41.29 36.06
CA THR IC 64 -53.42 41.69 34.78
C THR IC 64 -51.91 41.45 34.73
N VAL IC 65 -51.23 41.65 35.86
CA VAL IC 65 -49.79 41.42 35.93
C VAL IC 65 -49.45 39.97 35.64
N LYS IC 66 -50.21 39.03 36.22
CA LYS IC 66 -49.94 37.61 35.98
C LYS IC 66 -50.25 37.16 34.54
N VAL IC 67 -51.34 37.66 33.94
CA VAL IC 67 -51.53 37.37 32.51
C VAL IC 67 -50.47 38.03 31.62
N PHE IC 68 -49.94 39.18 32.00
CA PHE IC 68 -48.85 39.74 31.21
C PHE IC 68 -47.50 39.19 31.63
N LYS IC 69 -47.46 38.34 32.65
CA LYS IC 69 -46.22 37.67 33.02
C LYS IC 69 -46.07 36.37 32.24
N ASP IC 70 -47.07 35.48 32.35
CA ASP IC 70 -46.90 34.10 31.88
C ASP IC 70 -46.72 33.97 30.37
N ILE IC 71 -47.20 34.92 29.57
CA ILE IC 71 -46.90 34.89 28.13
C ILE IC 71 -45.41 35.15 27.89
N ASP IC 72 -44.84 36.09 28.64
CA ASP IC 72 -43.42 36.34 28.51
C ASP IC 72 -42.61 35.25 29.16
N ALA IC 73 -43.21 34.49 30.07
CA ALA IC 73 -42.57 33.26 30.51
C ALA IC 73 -42.56 32.23 29.41
N ALA IC 74 -43.63 32.16 28.62
CA ALA IC 74 -43.74 31.13 27.59
C ALA IC 74 -42.79 31.40 26.42
N ILE IC 75 -42.47 32.67 26.19
CA ILE IC 75 -41.50 32.99 25.14
C ILE IC 75 -40.10 32.55 25.56
N ILE IC 76 -39.71 32.89 26.78
CA ILE IC 76 -38.35 32.58 27.21
C ILE IC 76 -38.21 31.08 27.44
N GLN IC 77 -39.31 30.41 27.81
CA GLN IC 77 -39.29 28.96 27.79
C GLN IC 77 -39.16 28.42 26.37
N ASN IC 78 -39.66 29.17 25.38
CA ASN IC 78 -39.48 28.78 23.98
C ASN IC 78 -38.23 29.37 23.36
N PHE IC 79 -37.29 29.82 24.18
CA PHE IC 79 -36.02 30.32 23.63
C PHE IC 79 -35.10 29.17 23.24
N ARG IC 80 -35.08 28.09 24.01
CA ARG IC 80 -34.23 26.95 23.66
C ARG IC 80 -35.08 25.69 23.47
N THR JC 3 -60.17 45.91 9.38
CA THR JC 3 -61.53 45.44 9.62
C THR JC 3 -61.81 45.30 11.12
N PRO JC 4 -63.05 45.62 11.53
CA PRO JC 4 -63.46 45.34 12.91
C PRO JC 4 -63.57 43.85 13.20
N TRP JC 5 -62.65 43.32 13.98
CA TRP JC 5 -62.46 41.89 14.09
C TRP JC 5 -63.05 41.35 15.39
N SER JC 6 -63.66 40.17 15.31
CA SER JC 6 -64.24 39.48 16.45
C SER JC 6 -63.92 38.00 16.36
N GLY JC 7 -63.40 37.43 17.45
CA GLY JC 7 -63.10 36.02 17.50
C GLY JC 7 -64.26 35.23 18.08
N TYR JC 8 -64.04 33.92 18.21
CA TYR JC 8 -65.11 33.05 18.69
C TYR JC 8 -65.38 33.24 20.17
N LEU JC 9 -64.34 33.62 20.93
CA LEU JC 9 -64.54 33.97 22.34
C LEU JC 9 -65.39 35.22 22.45
N ASP JC 10 -65.15 36.19 21.56
CA ASP JC 10 -65.96 37.40 21.55
C ASP JC 10 -67.38 37.07 21.11
N ASP JC 11 -67.55 36.06 20.23
CA ASP JC 11 -68.88 35.63 19.81
C ASP JC 11 -69.65 35.04 20.98
N VAL JC 12 -68.94 34.34 21.87
CA VAL JC 12 -69.58 33.79 23.07
C VAL JC 12 -69.99 34.91 24.01
N SER JC 13 -69.11 35.90 24.19
CA SER JC 13 -69.45 36.98 25.12
C SER JC 13 -70.53 37.87 24.54
N ALA JC 14 -70.54 38.04 23.21
CA ALA JC 14 -71.59 38.77 22.51
C ALA JC 14 -72.91 38.03 22.52
N LYS JC 15 -72.90 36.70 22.69
CA LYS JC 15 -74.18 35.99 22.76
C LYS JC 15 -74.93 36.30 24.05
N PHE JC 16 -74.23 36.68 25.11
CA PHE JC 16 -74.85 37.19 26.33
C PHE JC 16 -75.35 38.62 26.18
N ASP JC 17 -74.91 39.32 25.14
CA ASP JC 17 -75.40 40.66 24.84
C ASP JC 17 -76.58 40.64 23.88
N THR JC 18 -76.58 39.75 22.89
CA THR JC 18 -77.70 39.66 21.97
C THR JC 18 -78.78 38.70 22.44
N GLY JC 19 -78.47 37.80 23.37
CA GLY JC 19 -79.49 36.92 23.90
C GLY JC 19 -80.45 37.65 24.81
N VAL JC 20 -79.93 38.57 25.61
CA VAL JC 20 -80.81 39.45 26.38
C VAL JC 20 -81.41 40.49 25.45
N ASP JC 21 -82.57 41.00 25.86
CA ASP JC 21 -83.27 42.02 25.09
C ASP JC 21 -83.19 43.40 25.74
N ASN JC 22 -83.47 43.48 27.04
CA ASN JC 22 -83.37 44.73 27.78
C ASN JC 22 -82.79 44.52 29.18
N LEU JC 23 -82.12 43.39 29.42
CA LEU JC 23 -81.52 43.11 30.73
C LEU JC 23 -80.36 44.07 31.03
N GLN JC 24 -79.66 44.53 30.00
CA GLN JC 24 -78.65 45.57 30.18
C GLN JC 24 -79.26 46.92 30.52
N THR JC 25 -80.53 47.14 30.23
CA THR JC 25 -81.16 48.43 30.49
C THR JC 25 -82.02 48.44 31.76
N GLN JC 26 -82.69 47.33 32.05
CA GLN JC 26 -83.71 47.30 33.10
C GLN JC 26 -83.13 47.21 34.51
N VAL JC 27 -81.89 46.75 34.67
CA VAL JC 27 -81.30 46.80 36.00
C VAL JC 27 -81.00 48.25 36.39
N THR JC 28 -80.59 49.07 35.43
CA THR JC 28 -80.49 50.51 35.68
C THR JC 28 -81.87 51.12 35.83
N GLU JC 29 -82.81 50.74 34.97
CA GLU JC 29 -84.15 51.28 35.04
C GLU JC 29 -84.95 50.62 36.16
N LEU JC 51 -81.96 41.36 40.83
CA LEU JC 51 -80.52 41.64 40.89
C LEU JC 51 -79.72 40.34 40.90
N SER JC 52 -80.30 39.27 41.47
CA SER JC 52 -79.71 37.95 41.37
C SER JC 52 -79.74 37.43 39.93
N GLU JC 53 -80.69 37.94 39.13
CA GLU JC 53 -80.66 37.74 37.68
C GLU JC 53 -79.38 38.28 37.08
N TYR JC 54 -78.98 39.50 37.46
CA TYR JC 54 -77.74 40.03 36.94
C TYR JC 54 -76.53 39.43 37.66
N ASN JC 55 -76.76 38.73 38.78
CA ASN JC 55 -75.66 38.10 39.49
C ASN JC 55 -75.24 36.84 38.75
N LEU JC 56 -76.20 35.97 38.49
CA LEU JC 56 -75.83 34.69 37.89
C LEU JC 56 -75.65 34.79 36.38
N TYR JC 57 -76.31 35.77 35.73
CA TYR JC 57 -76.14 35.91 34.29
C TYR JC 57 -74.74 36.39 33.96
N ARG JC 58 -74.14 37.20 34.84
CA ARG JC 58 -72.74 37.54 34.66
C ARG JC 58 -71.80 36.52 35.28
N ASN JC 59 -72.30 35.67 36.19
CA ASN JC 59 -71.47 34.64 36.79
C ASN JC 59 -71.14 33.54 35.79
N ALA JC 60 -72.17 32.94 35.20
CA ALA JC 60 -71.93 31.85 34.25
C ALA JC 60 -71.32 32.33 32.94
N GLN JC 61 -71.48 33.62 32.62
CA GLN JC 61 -70.84 34.18 31.43
C GLN JC 61 -69.32 34.16 31.57
N SER JC 62 -68.82 34.61 32.72
CA SER JC 62 -67.39 34.56 32.98
C SER JC 62 -66.91 33.13 33.18
N ASN JC 63 -67.76 32.24 33.71
CA ASN JC 63 -67.27 30.89 33.96
C ASN JC 63 -67.15 30.12 32.65
N THR JC 64 -68.10 30.36 31.74
CA THR JC 64 -68.07 29.69 30.45
C THR JC 64 -66.96 30.24 29.57
N VAL JC 65 -66.74 31.57 29.59
CA VAL JC 65 -65.65 32.09 28.79
C VAL JC 65 -64.30 31.67 29.38
N LYS JC 66 -64.25 31.35 30.69
CA LYS JC 66 -63.06 30.76 31.28
C LYS JC 66 -62.84 29.33 30.78
N VAL JC 67 -63.93 28.57 30.64
CA VAL JC 67 -63.83 27.21 30.11
C VAL JC 67 -63.35 27.25 28.66
N PHE JC 68 -63.94 28.13 27.85
CA PHE JC 68 -63.48 28.30 26.48
C PHE JC 68 -62.08 28.89 26.41
N LYS JC 69 -61.64 29.60 27.44
CA LYS JC 69 -60.25 30.03 27.50
C LYS JC 69 -59.32 28.85 27.72
N ASP JC 70 -59.81 27.83 28.42
CA ASP JC 70 -58.92 26.76 28.87
C ASP JC 70 -58.87 25.60 27.90
N ILE JC 71 -59.98 25.30 27.23
CA ILE JC 71 -60.10 24.07 26.44
C ILE JC 71 -59.15 24.08 25.24
N ASP JC 72 -58.92 25.23 24.64
CA ASP JC 72 -58.01 25.36 23.51
C ASP JC 72 -56.56 25.50 23.95
N ALA JC 73 -56.32 25.95 25.18
CA ALA JC 73 -54.96 26.22 25.61
C ALA JC 73 -54.17 24.93 25.80
N ALA JC 74 -54.84 23.80 26.00
CA ALA JC 74 -54.10 22.54 25.99
C ALA JC 74 -53.70 22.15 24.58
N ILE JC 75 -54.41 22.65 23.57
CA ILE JC 75 -54.17 22.20 22.22
C ILE JC 75 -53.06 23.03 21.61
N ILE JC 76 -52.95 24.29 22.02
CA ILE JC 76 -51.85 25.07 21.48
C ILE JC 76 -50.54 24.58 22.09
N GLN JC 77 -50.58 24.01 23.29
CA GLN JC 77 -49.38 23.34 23.81
C GLN JC 77 -49.15 22.02 23.12
N ASN JC 78 -50.23 21.36 22.68
CA ASN JC 78 -50.08 20.09 21.95
C ASN JC 78 -49.71 20.30 20.49
N PHE JC 79 -49.55 21.54 20.06
CA PHE JC 79 -48.97 21.80 18.75
C PHE JC 79 -47.58 21.19 18.64
N ARG JC 80 -46.67 21.61 19.52
CA ARG JC 80 -45.34 21.02 19.53
C ARG JC 80 -45.33 19.90 20.56
N THR KC 3 -76.77 11.78 14.82
CA THR KC 3 -77.67 11.46 15.91
C THR KC 3 -77.52 12.43 17.07
N PRO KC 4 -78.61 12.71 17.78
CA PRO KC 4 -78.47 13.45 19.05
C PRO KC 4 -77.84 12.55 20.10
N TRP KC 5 -76.56 12.77 20.34
CA TRP KC 5 -75.79 11.90 21.20
C TRP KC 5 -75.90 12.34 22.65
N SER KC 6 -76.21 11.40 23.53
CA SER KC 6 -76.20 11.64 24.97
C SER KC 6 -75.09 10.82 25.59
N GLY KC 7 -74.47 11.38 26.62
CA GLY KC 7 -73.40 10.68 27.31
C GLY KC 7 -73.57 10.55 28.80
N TYR KC 8 -72.48 10.17 29.47
CA TYR KC 8 -72.57 9.77 30.88
C TYR KC 8 -72.82 10.96 31.79
N LEU KC 9 -72.28 12.14 31.46
CA LEU KC 9 -72.58 13.30 32.29
C LEU KC 9 -74.02 13.74 32.09
N ASP KC 10 -74.59 13.48 30.91
CA ASP KC 10 -76.02 13.76 30.73
C ASP KC 10 -76.84 12.77 31.52
N ASP KC 11 -76.34 11.54 31.68
CA ASP KC 11 -77.06 10.56 32.47
C ASP KC 11 -77.02 10.92 33.94
N VAL KC 12 -75.85 11.34 34.44
CA VAL KC 12 -75.75 11.62 35.87
C VAL KC 12 -76.45 12.94 36.21
N SER KC 13 -76.51 13.89 35.27
CA SER KC 13 -77.21 15.13 35.55
C SER KC 13 -78.72 14.96 35.48
N ALA KC 14 -79.20 14.16 34.51
CA ALA KC 14 -80.60 13.80 34.47
C ALA KC 14 -81.00 12.83 35.58
N LYS KC 15 -80.03 12.14 36.21
CA LYS KC 15 -80.36 11.28 37.33
C LYS KC 15 -80.89 12.04 38.54
N PHE KC 16 -80.45 13.28 38.72
CA PHE KC 16 -81.03 14.17 39.73
C PHE KC 16 -82.46 14.55 39.41
N ASP KC 17 -82.79 14.70 38.15
CA ASP KC 17 -84.11 15.18 37.76
C ASP KC 17 -85.09 14.03 37.65
N THR KC 18 -84.72 12.96 36.95
CA THR KC 18 -85.58 11.81 36.80
C THR KC 18 -85.64 10.93 38.04
N GLY KC 19 -84.75 11.11 39.01
CA GLY KC 19 -84.88 10.38 40.26
C GLY KC 19 -86.07 10.83 41.08
N VAL KC 20 -86.31 12.15 41.14
CA VAL KC 20 -87.48 12.69 41.82
C VAL KC 20 -88.63 12.74 40.82
N ASP KC 21 -89.85 12.84 41.35
CA ASP KC 21 -91.02 12.86 40.48
C ASP KC 21 -91.23 14.23 39.87
N ASN KC 22 -91.54 15.23 40.70
CA ASN KC 22 -91.97 16.55 40.25
C ASN KC 22 -91.29 17.65 41.06
N LEU KC 23 -90.00 17.46 41.40
CA LEU KC 23 -89.30 18.51 42.14
C LEU KC 23 -89.03 19.72 41.27
N GLN KC 24 -88.93 19.53 39.95
CA GLN KC 24 -88.66 20.62 39.04
C GLN KC 24 -89.88 21.51 38.79
N THR KC 25 -91.08 21.02 39.12
CA THR KC 25 -92.31 21.78 38.89
C THR KC 25 -93.00 22.24 40.18
N GLN KC 26 -92.85 21.52 41.27
CA GLN KC 26 -93.49 21.88 42.52
C GLN KC 26 -92.74 22.99 43.24
N LEU KC 51 -88.00 25.71 48.87
CA LEU KC 51 -86.92 26.28 48.07
C LEU KC 51 -85.58 25.79 48.61
N SER KC 52 -85.55 25.50 49.91
CA SER KC 52 -84.34 24.97 50.53
C SER KC 52 -84.07 23.56 50.07
N GLU KC 53 -85.11 22.83 49.66
CA GLU KC 53 -84.92 21.50 49.09
C GLU KC 53 -84.25 21.60 47.74
N TYR KC 54 -84.71 22.54 46.91
CA TYR KC 54 -84.20 22.65 45.55
C TYR KC 54 -82.84 23.32 45.54
N ASN KC 55 -82.45 23.97 46.64
CA ASN KC 55 -81.16 24.63 46.72
C ASN KC 55 -80.07 23.60 46.92
N LEU KC 56 -80.24 22.74 47.93
CA LEU KC 56 -79.25 21.68 48.17
C LEU KC 56 -79.32 20.63 47.07
N TYR KC 57 -80.49 20.47 46.44
CA TYR KC 57 -80.59 19.53 45.31
C TYR KC 57 -79.78 20.03 44.11
N ARG KC 58 -79.74 21.36 43.92
CA ARG KC 58 -78.83 21.91 42.93
C ARG KC 58 -77.39 21.83 43.42
N ASN KC 59 -77.15 21.99 44.73
CA ASN KC 59 -75.79 21.97 45.25
C ASN KC 59 -75.15 20.60 45.08
N ALA KC 60 -75.93 19.54 45.18
CA ALA KC 60 -75.37 18.21 44.95
C ALA KC 60 -75.33 17.88 43.47
N GLN KC 61 -76.25 18.43 42.68
CA GLN KC 61 -76.23 18.17 41.25
C GLN KC 61 -75.03 18.86 40.62
N SER KC 62 -74.77 20.10 41.02
CA SER KC 62 -73.61 20.83 40.55
C SER KC 62 -72.32 20.31 41.16
N ASN KC 63 -72.37 19.67 42.34
CA ASN KC 63 -71.15 19.14 42.92
C ASN KC 63 -70.70 17.89 42.18
N THR KC 64 -71.63 16.99 41.87
CA THR KC 64 -71.20 15.70 41.36
C THR KC 64 -70.65 15.80 39.93
N VAL KC 65 -71.05 16.84 39.19
CA VAL KC 65 -70.46 17.00 37.88
C VAL KC 65 -69.08 17.68 37.97
N LYS KC 66 -68.81 18.45 39.04
CA LYS KC 66 -67.45 18.91 39.26
C LYS KC 66 -66.54 17.76 39.64
N VAL KC 67 -67.08 16.75 40.32
CA VAL KC 67 -66.28 15.56 40.63
C VAL KC 67 -65.98 14.77 39.36
N PHE KC 68 -67.03 14.55 38.56
CA PHE KC 68 -66.91 13.69 37.40
C PHE KC 68 -66.11 14.34 36.28
N LYS KC 69 -66.10 15.66 36.20
CA LYS KC 69 -65.25 16.28 35.18
C LYS KC 69 -63.78 16.27 35.57
N ASP KC 70 -63.46 16.01 36.83
CA ASP KC 70 -62.07 15.99 37.27
C ASP KC 70 -61.48 14.60 37.20
N ILE KC 71 -62.28 13.60 37.57
CA ILE KC 71 -61.74 12.24 37.65
C ILE KC 71 -61.45 11.63 36.29
N ASP KC 72 -62.05 12.16 35.23
CA ASP KC 72 -61.67 11.72 33.89
C ASP KC 72 -60.53 12.56 33.34
N ALA KC 73 -60.53 13.86 33.65
CA ALA KC 73 -59.53 14.76 33.11
C ALA KC 73 -58.14 14.46 33.65
N ALA KC 74 -58.07 13.86 34.85
CA ALA KC 74 -56.78 13.37 35.31
C ALA KC 74 -56.26 12.24 34.43
N ILE KC 75 -57.16 11.42 33.87
CA ILE KC 75 -56.70 10.40 32.93
C ILE KC 75 -56.45 11.01 31.57
N ILE KC 76 -57.09 12.13 31.27
CA ILE KC 76 -56.89 12.80 30.00
C ILE KC 76 -55.48 13.37 29.94
N GLN KC 77 -55.06 14.04 31.01
CA GLN KC 77 -53.66 14.48 31.03
C GLN KC 77 -52.72 13.29 31.26
N ASN KC 78 -53.22 12.16 31.76
CA ASN KC 78 -52.41 10.98 31.98
C ASN KC 78 -52.36 10.05 30.77
N PHE KC 79 -52.87 10.46 29.61
CA PHE KC 79 -52.73 9.62 28.44
C PHE KC 79 -51.32 9.66 27.85
N ARG KC 80 -50.88 10.83 27.41
CA ARG KC 80 -49.51 10.94 26.89
C ARG KC 80 -48.51 10.95 28.04
N THR LC 3 -69.93 -9.47 49.50
CA THR LC 3 -69.42 -8.81 50.69
C THR LC 3 -69.24 -7.31 50.46
N PRO LC 4 -69.98 -6.50 51.21
CA PRO LC 4 -69.80 -5.05 51.15
C PRO LC 4 -68.48 -4.64 51.78
N TRP LC 5 -67.62 -4.02 50.98
CA TRP LC 5 -66.34 -3.53 51.45
C TRP LC 5 -66.48 -2.18 52.15
N SER LC 6 -65.75 -2.01 53.25
CA SER LC 6 -65.69 -0.75 53.98
C SER LC 6 -64.30 -0.15 53.89
N GLY LC 7 -64.23 1.19 53.77
CA GLY LC 7 -62.99 1.91 53.75
C GLY LC 7 -62.89 2.92 54.88
N TYR LC 8 -61.77 3.65 54.88
CA TYR LC 8 -61.45 4.53 56.00
C TYR LC 8 -62.37 5.74 56.07
N LEU LC 9 -62.79 6.24 54.91
CA LEU LC 9 -63.73 7.36 54.94
C LEU LC 9 -65.09 6.89 55.43
N ASP LC 10 -65.43 5.62 55.17
CA ASP LC 10 -66.63 5.04 55.78
C ASP LC 10 -66.45 4.94 57.29
N ASP LC 11 -65.24 4.61 57.74
CA ASP LC 11 -65.01 4.39 59.17
C ASP LC 11 -65.10 5.71 59.94
N VAL LC 12 -64.48 6.77 59.41
CA VAL LC 12 -64.58 8.07 60.06
C VAL LC 12 -66.01 8.62 59.98
N SER LC 13 -66.77 8.27 58.93
CA SER LC 13 -68.17 8.63 58.98
C SER LC 13 -69.00 7.70 59.86
N ALA LC 14 -68.49 6.49 60.14
CA ALA LC 14 -69.12 5.60 61.09
C ALA LC 14 -68.87 6.00 62.53
N LYS LC 15 -67.85 6.84 62.75
CA LYS LC 15 -67.68 7.39 64.08
C LYS LC 15 -68.75 8.44 64.35
N PHE LC 16 -69.18 9.14 63.30
CA PHE LC 16 -70.12 10.25 63.31
C PHE LC 16 -71.58 9.82 63.27
N ASP LC 17 -71.91 8.74 62.56
CA ASP LC 17 -73.31 8.40 62.34
C ASP LC 17 -73.97 7.78 63.57
N THR LC 18 -73.21 7.09 64.40
CA THR LC 18 -73.72 6.47 65.62
C THR LC 18 -73.73 7.41 66.81
N GLY LC 19 -73.31 8.66 66.64
CA GLY LC 19 -73.31 9.60 67.75
C GLY LC 19 -74.70 9.95 68.25
N VAL LC 20 -75.70 9.93 67.37
CA VAL LC 20 -77.08 10.05 67.82
C VAL LC 20 -77.73 8.67 67.79
N LEU LC 51 -84.13 18.84 67.38
CA LEU LC 51 -84.01 19.08 65.94
C LEU LC 51 -82.76 19.94 65.63
N SER LC 52 -82.47 20.92 66.50
CA SER LC 52 -81.23 21.66 66.36
C SER LC 52 -80.03 20.80 66.75
N GLU LC 53 -80.27 19.82 67.62
CA GLU LC 53 -79.33 18.73 67.87
C GLU LC 53 -79.07 17.90 66.61
N TYR LC 54 -80.07 17.77 65.73
CA TYR LC 54 -79.88 16.96 64.54
C TYR LC 54 -79.37 17.80 63.35
N ASN LC 55 -79.54 19.11 63.38
CA ASN LC 55 -79.08 19.94 62.28
C ASN LC 55 -77.76 20.66 62.55
N LEU LC 56 -77.30 20.72 63.81
CA LEU LC 56 -75.88 20.94 64.05
C LEU LC 56 -75.10 19.63 63.97
N TYR LC 57 -75.81 18.52 63.77
CA TYR LC 57 -75.21 17.19 63.64
C TYR LC 57 -74.64 17.00 62.24
N ARG LC 58 -75.30 17.53 61.23
CA ARG LC 58 -74.75 17.56 59.88
C ARG LC 58 -73.87 18.78 59.64
N ASN LC 59 -73.67 19.61 60.66
CA ASN LC 59 -72.79 20.76 60.52
C ASN LC 59 -71.33 20.33 60.50
N ALA LC 60 -70.85 19.73 61.60
CA ALA LC 60 -69.45 19.34 61.69
C ALA LC 60 -69.14 18.10 60.89
N GLN LC 61 -70.16 17.27 60.60
CA GLN LC 61 -69.91 16.06 59.85
C GLN LC 61 -69.60 16.39 58.39
N SER LC 62 -70.12 17.52 57.90
CA SER LC 62 -69.75 17.95 56.56
C SER LC 62 -68.33 18.49 56.56
N ASN LC 63 -67.88 19.04 57.69
CA ASN LC 63 -66.59 19.70 57.74
C ASN LC 63 -65.47 18.67 57.77
N THR LC 64 -65.69 17.58 58.51
CA THR LC 64 -64.57 16.67 58.77
C THR LC 64 -64.21 15.83 57.56
N VAL LC 65 -65.19 15.47 56.74
CA VAL LC 65 -64.85 14.61 55.62
C VAL LC 65 -64.34 15.46 54.46
N LYS LC 66 -64.87 16.68 54.30
CA LYS LC 66 -64.34 17.54 53.25
C LYS LC 66 -62.92 18.00 53.57
N VAL LC 67 -62.56 18.12 54.85
CA VAL LC 67 -61.18 18.47 55.14
C VAL LC 67 -60.30 17.22 55.11
N PHE LC 68 -60.85 16.04 55.38
CA PHE LC 68 -60.06 14.83 55.28
C PHE LC 68 -59.86 14.36 53.84
N LYS LC 69 -60.68 14.86 52.92
CA LYS LC 69 -60.64 14.40 51.54
C LYS LC 69 -59.45 14.97 50.77
N ASP LC 70 -59.02 16.19 51.06
CA ASP LC 70 -57.98 16.80 50.26
C ASP LC 70 -56.58 16.50 50.76
N ILE LC 71 -56.43 15.86 51.92
CA ILE LC 71 -55.11 15.64 52.48
C ILE LC 71 -54.35 14.59 51.70
N ASP LC 72 -55.03 13.69 51.01
CA ASP LC 72 -54.35 12.69 50.22
C ASP LC 72 -54.32 13.01 48.72
N ALA LC 73 -55.10 14.00 48.27
CA ALA LC 73 -55.06 14.36 46.85
C ALA LC 73 -53.70 14.93 46.43
N ALA LC 74 -53.04 15.66 47.32
CA ALA LC 74 -51.67 16.10 47.07
C ALA LC 74 -50.70 14.93 47.04
N ILE LC 75 -50.83 14.00 47.99
CA ILE LC 75 -49.89 12.89 48.06
C ILE LC 75 -50.11 11.95 46.86
N ILE LC 76 -51.37 11.76 46.44
CA ILE LC 76 -51.66 10.88 45.33
C ILE LC 76 -51.27 11.58 44.03
N GLN LC 77 -51.15 12.91 44.04
CA GLN LC 77 -50.48 13.59 42.94
C GLN LC 77 -48.97 13.38 43.02
N ASN LC 78 -48.47 13.15 44.23
CA ASN LC 78 -47.04 13.15 44.49
C ASN LC 78 -46.38 11.80 44.22
N PHE LC 79 -47.08 10.86 43.59
CA PHE LC 79 -46.41 9.66 43.06
C PHE LC 79 -45.57 10.01 41.86
N ARG LC 80 -46.09 10.87 40.99
CA ARG LC 80 -45.40 11.39 39.80
C ARG LC 80 -44.89 12.80 40.05
N THR MC 3 -46.37 10.44 76.54
CA THR MC 3 -46.95 11.76 76.72
C THR MC 3 -47.49 12.31 75.39
N PRO MC 4 -48.60 13.05 75.44
CA PRO MC 4 -49.13 13.66 74.21
C PRO MC 4 -48.24 14.78 73.71
N TRP MC 5 -47.96 14.76 72.41
CA TRP MC 5 -47.01 15.67 71.79
C TRP MC 5 -47.74 16.94 71.38
N SER MC 6 -47.30 18.07 71.93
CA SER MC 6 -47.97 19.35 71.75
C SER MC 6 -47.11 20.31 70.95
N GLY MC 7 -47.48 20.48 69.68
CA GLY MC 7 -46.87 21.46 68.80
C GLY MC 7 -47.32 22.86 69.13
N TYR MC 8 -46.89 23.81 68.31
CA TYR MC 8 -47.18 25.23 68.55
C TYR MC 8 -48.68 25.52 68.47
N LEU MC 9 -49.41 24.83 67.60
CA LEU MC 9 -50.84 25.08 67.52
C LEU MC 9 -51.61 24.40 68.64
N ASP MC 10 -51.07 23.29 69.17
CA ASP MC 10 -51.59 22.78 70.42
C ASP MC 10 -51.28 23.74 71.57
N ASP MC 11 -50.15 24.46 71.49
CA ASP MC 11 -49.85 25.40 72.56
C ASP MC 11 -50.72 26.64 72.48
N VAL MC 12 -51.15 27.06 71.29
CA VAL MC 12 -51.98 28.26 71.25
C VAL MC 12 -53.42 27.88 71.66
N SER MC 13 -53.87 26.66 71.36
CA SER MC 13 -55.13 26.23 71.95
C SER MC 13 -55.00 26.03 73.46
N ALA MC 14 -53.83 25.62 73.95
CA ALA MC 14 -53.61 25.59 75.39
C ALA MC 14 -53.55 26.98 76.00
N LYS MC 15 -53.19 28.00 75.22
CA LYS MC 15 -53.27 29.37 75.70
C LYS MC 15 -54.70 29.88 75.74
N PHE MC 16 -55.57 29.31 74.91
CA PHE MC 16 -56.98 29.68 75.03
C PHE MC 16 -57.65 28.97 76.20
N ASP MC 17 -57.33 27.68 76.39
CA ASP MC 17 -57.99 26.91 77.45
C ASP MC 17 -57.47 27.29 78.84
N THR MC 18 -56.14 27.33 79.01
CA THR MC 18 -55.52 27.69 80.28
C THR MC 18 -55.56 29.18 80.58
N GLY MC 19 -55.98 30.01 79.64
CA GLY MC 19 -56.14 31.42 79.93
C GLY MC 19 -57.25 31.70 80.92
N VAL MC 20 -58.29 30.86 80.93
CA VAL MC 20 -59.33 30.98 81.94
C VAL MC 20 -59.07 29.97 83.04
N LEU MC 51 -73.37 33.26 78.18
CA LEU MC 51 -73.97 32.84 76.92
C LEU MC 51 -73.37 33.64 75.78
N SER MC 52 -73.60 34.96 75.81
CA SER MC 52 -72.98 35.84 74.83
C SER MC 52 -71.50 36.03 75.09
N GLU MC 53 -71.05 35.79 76.32
CA GLU MC 53 -69.61 35.74 76.57
C GLU MC 53 -69.01 34.46 76.01
N TYR MC 54 -69.63 33.32 76.32
CA TYR MC 54 -69.02 32.03 76.02
C TYR MC 54 -69.14 31.65 74.55
N ASN MC 55 -70.12 32.21 73.83
CA ASN MC 55 -70.24 31.91 72.41
C ASN MC 55 -69.24 32.73 71.61
N LEU MC 56 -69.12 34.02 71.90
CA LEU MC 56 -68.12 34.82 71.21
C LEU MC 56 -66.69 34.45 71.59
N TYR MC 57 -66.51 33.82 72.78
CA TYR MC 57 -65.22 33.23 73.10
C TYR MC 57 -64.86 32.08 72.17
N ARG MC 58 -65.87 31.37 71.64
CA ARG MC 58 -65.60 30.37 70.61
C ARG MC 58 -65.56 30.99 69.22
N ASN MC 59 -66.25 32.13 69.04
CA ASN MC 59 -66.32 32.78 67.74
C ASN MC 59 -64.95 33.31 67.34
N ALA MC 60 -64.24 33.90 68.31
CA ALA MC 60 -62.85 34.27 68.08
C ALA MC 60 -61.92 33.07 68.05
N GLN MC 61 -62.36 31.91 68.55
CA GLN MC 61 -61.49 30.74 68.68
C GLN MC 61 -61.51 29.84 67.44
N SER MC 62 -62.66 29.72 66.79
CA SER MC 62 -62.78 28.82 65.65
C SER MC 62 -62.11 29.38 64.39
N ASN MC 63 -61.85 30.69 64.35
CA ASN MC 63 -61.22 31.29 63.19
C ASN MC 63 -59.71 31.43 63.35
N THR MC 64 -59.22 31.59 64.58
CA THR MC 64 -57.79 31.80 64.78
C THR MC 64 -57.02 30.50 64.53
N VAL MC 65 -57.64 29.35 64.73
CA VAL MC 65 -56.98 28.10 64.43
C VAL MC 65 -56.98 27.84 62.92
N LYS MC 66 -58.02 28.24 62.19
CA LYS MC 66 -57.96 28.19 60.73
C LYS MC 66 -56.95 29.18 60.17
N VAL MC 67 -56.74 30.30 60.86
CA VAL MC 67 -55.68 31.23 60.47
C VAL MC 67 -54.30 30.61 60.68
N PHE MC 68 -54.10 29.94 61.83
CA PHE MC 68 -52.83 29.26 62.06
C PHE MC 68 -52.68 28.03 61.18
N LYS MC 69 -53.79 27.53 60.65
CA LYS MC 69 -53.78 26.40 59.73
C LYS MC 69 -53.22 26.84 58.39
N ASP MC 70 -53.85 27.83 57.76
CA ASP MC 70 -53.49 28.11 56.38
C ASP MC 70 -52.18 28.86 56.25
N ILE MC 71 -51.65 29.42 57.33
CA ILE MC 71 -50.35 30.06 57.20
C ILE MC 71 -49.26 28.99 57.05
N ASP MC 72 -49.36 27.89 57.80
CA ASP MC 72 -48.42 26.81 57.58
C ASP MC 72 -48.82 25.95 56.40
N ALA MC 73 -50.06 26.07 55.92
CA ALA MC 73 -50.40 25.44 54.66
C ALA MC 73 -49.91 26.24 53.46
N ALA MC 74 -49.40 27.45 53.71
CA ALA MC 74 -48.76 28.22 52.65
C ALA MC 74 -47.28 27.89 52.46
N ILE MC 75 -46.56 27.50 53.52
CA ILE MC 75 -45.17 27.07 53.33
C ILE MC 75 -45.09 25.72 52.63
N ILE MC 76 -46.07 24.84 52.88
CA ILE MC 76 -45.96 23.43 52.51
C ILE MC 76 -46.05 23.20 51.00
N GLN MC 77 -46.75 24.06 50.26
CA GLN MC 77 -46.81 23.91 48.82
C GLN MC 77 -45.53 24.39 48.13
N ASN MC 78 -44.70 25.13 48.86
CA ASN MC 78 -43.49 25.73 48.32
C ASN MC 78 -42.24 24.88 48.53
N PHE MC 79 -42.40 23.65 49.03
CA PHE MC 79 -41.29 22.71 49.08
C PHE MC 79 -40.98 22.15 47.70
N ARG MC 80 -42.00 21.73 46.97
CA ARG MC 80 -41.88 21.05 45.70
C ARG MC 80 -41.41 21.98 44.59
N THR NC 3 -38.78 52.11 69.35
CA THR NC 3 -40.03 52.78 68.97
C THR NC 3 -41.19 51.79 69.01
N PRO NC 4 -42.40 52.29 69.23
CA PRO NC 4 -43.59 51.46 68.97
C PRO NC 4 -43.79 51.24 67.49
N TRP NC 5 -43.48 50.03 67.01
CA TRP NC 5 -43.53 49.76 65.58
C TRP NC 5 -44.97 49.66 65.10
N SER NC 6 -45.21 50.19 63.90
CA SER NC 6 -46.54 50.24 63.33
C SER NC 6 -46.48 49.80 61.88
N GLY NC 7 -47.62 49.28 61.41
CA GLY NC 7 -47.82 48.92 60.02
C GLY NC 7 -48.95 49.76 59.47
N TYR NC 8 -49.20 49.61 58.17
CA TYR NC 8 -50.36 50.29 57.61
C TYR NC 8 -51.67 49.66 58.07
N LEU NC 9 -51.64 48.38 58.45
CA LEU NC 9 -52.77 47.78 59.12
C LEU NC 9 -52.85 48.21 60.58
N ASP NC 10 -51.74 48.65 61.16
CA ASP NC 10 -51.82 49.13 62.54
C ASP NC 10 -52.27 50.59 62.57
N ASP NC 11 -51.83 51.40 61.60
CA ASP NC 11 -52.16 52.82 61.68
C ASP NC 11 -53.57 53.08 61.20
N VAL NC 12 -54.10 52.25 60.28
CA VAL NC 12 -55.50 52.40 59.92
C VAL NC 12 -56.42 52.04 61.09
N SER NC 13 -56.11 50.98 61.85
CA SER NC 13 -56.88 50.74 63.07
C SER NC 13 -56.58 51.71 64.20
N ALA NC 14 -55.43 52.38 64.19
CA ALA NC 14 -55.15 53.43 65.17
C ALA NC 14 -55.88 54.72 64.85
N LYS NC 15 -56.24 54.91 63.59
CA LYS NC 15 -57.08 56.04 63.21
C LYS NC 15 -58.50 55.90 63.78
N PHE NC 16 -58.98 54.67 63.96
CA PHE NC 16 -60.29 54.43 64.58
C PHE NC 16 -60.31 54.81 66.05
N ASP NC 17 -59.16 54.85 66.70
CA ASP NC 17 -59.04 55.27 68.09
C ASP NC 17 -58.64 56.73 68.24
N THR NC 18 -57.92 57.29 67.28
CA THR NC 18 -57.50 58.68 67.38
C THR NC 18 -58.54 59.65 66.83
N GLY NC 19 -59.31 59.25 65.80
CA GLY NC 19 -60.35 60.11 65.27
C GLY NC 19 -61.48 60.40 66.24
N VAL NC 20 -61.69 59.52 67.22
CA VAL NC 20 -62.65 59.75 68.29
C VAL NC 20 -61.91 60.38 69.46
N LEU NC 51 -74.55 53.15 73.32
CA LEU NC 51 -74.38 51.74 72.94
C LEU NC 51 -74.40 51.56 71.43
N SER NC 52 -75.34 52.22 70.75
CA SER NC 52 -75.41 52.13 69.29
C SER NC 52 -74.25 52.86 68.61
N GLU NC 53 -73.67 53.86 69.27
CA GLU NC 53 -72.46 54.50 68.76
C GLU NC 53 -71.21 53.65 68.95
N TYR NC 54 -71.20 52.70 69.88
CA TYR NC 54 -70.11 51.76 70.00
C TYR NC 54 -70.39 50.47 69.25
N ASN NC 55 -71.66 50.21 68.94
CA ASN NC 55 -72.05 49.08 68.10
C ASN NC 55 -71.71 49.37 66.65
N LEU NC 56 -72.13 50.53 66.13
CA LEU NC 56 -71.91 50.86 64.73
C LEU NC 56 -70.51 51.42 64.48
N TYR NC 57 -69.59 51.32 65.44
CA TYR NC 57 -68.20 51.67 65.26
C TYR NC 57 -67.30 50.45 65.22
N ARG NC 58 -67.47 49.49 66.15
CA ARG NC 58 -66.60 48.33 66.16
C ARG NC 58 -66.92 47.36 65.02
N ASN NC 59 -68.20 47.19 64.70
CA ASN NC 59 -68.58 46.41 63.52
C ASN NC 59 -68.22 47.13 62.22
N ALA NC 60 -68.18 48.46 62.23
CA ALA NC 60 -67.64 49.23 61.11
C ALA NC 60 -66.12 49.31 61.12
N GLN NC 61 -65.47 48.83 62.16
CA GLN NC 61 -64.03 48.70 62.17
C GLN NC 61 -63.60 47.33 61.66
N SER NC 62 -64.22 46.28 62.19
CA SER NC 62 -63.75 44.92 61.94
C SER NC 62 -63.96 44.50 60.50
N ASN NC 63 -64.99 45.05 59.82
CA ASN NC 63 -65.20 44.69 58.42
C ASN NC 63 -64.14 45.33 57.55
N THR NC 64 -63.75 46.56 57.89
CA THR NC 64 -62.70 47.22 57.11
C THR NC 64 -61.35 46.57 57.35
N VAL NC 65 -61.11 46.05 58.56
CA VAL NC 65 -59.90 45.23 58.76
C VAL NC 65 -60.00 43.90 57.98
N LYS NC 66 -61.21 43.36 57.84
CA LYS NC 66 -61.33 42.10 57.11
C LYS NC 66 -61.10 42.33 55.62
N VAL NC 67 -61.65 43.40 55.07
CA VAL NC 67 -61.45 43.64 53.64
C VAL NC 67 -60.02 44.13 53.39
N PHE NC 68 -59.37 44.75 54.40
CA PHE NC 68 -57.98 45.15 54.26
C PHE NC 68 -57.04 43.96 54.41
N LYS NC 69 -57.60 42.83 54.83
CA LYS NC 69 -56.83 41.60 54.84
C LYS NC 69 -56.83 41.00 53.44
N ASP NC 70 -58.02 40.71 52.89
CA ASP NC 70 -58.05 39.95 51.66
C ASP NC 70 -57.73 40.79 50.42
N ILE NC 71 -57.66 42.14 50.53
CA ILE NC 71 -57.12 42.90 49.40
C ILE NC 71 -55.62 42.64 49.27
N ASP NC 72 -54.94 42.33 50.36
CA ASP NC 72 -53.52 42.02 50.28
C ASP NC 72 -53.32 40.52 50.11
N ALA NC 73 -54.26 39.74 50.63
CA ALA NC 73 -54.20 38.29 50.51
C ALA NC 73 -54.50 37.80 49.10
N ALA NC 74 -55.12 38.65 48.28
CA ALA NC 74 -55.38 38.31 46.89
C ALA NC 74 -54.22 38.71 45.97
N ILE NC 75 -53.35 39.61 46.43
CA ILE NC 75 -52.19 40.02 45.64
C ILE NC 75 -50.92 39.29 46.08
N ILE NC 76 -50.87 38.80 47.33
CA ILE NC 76 -49.68 38.08 47.76
C ILE NC 76 -49.62 36.66 47.21
N GLN NC 77 -50.75 36.08 46.80
CA GLN NC 77 -50.74 34.80 46.10
C GLN NC 77 -50.27 34.94 44.66
N ASN NC 78 -50.35 36.14 44.09
CA ASN NC 78 -50.05 36.41 42.70
C ASN NC 78 -48.57 36.56 42.41
N PHE NC 79 -47.70 36.25 43.36
CA PHE NC 79 -46.29 36.65 43.23
C PHE NC 79 -45.56 35.80 42.20
N ARG NC 80 -45.72 34.48 42.27
CA ARG NC 80 -45.00 33.56 41.38
C ARG NC 80 -45.58 33.45 39.97
N THR OC 3 -59.07 67.60 41.00
CA THR OC 3 -60.21 67.23 40.17
C THR OC 3 -60.98 66.08 40.80
N PRO OC 4 -62.31 66.20 40.86
CA PRO OC 4 -63.12 65.10 41.39
C PRO OC 4 -63.17 63.92 40.44
N TRP OC 5 -62.43 62.85 40.77
CA TRP OC 5 -62.48 61.66 39.96
C TRP OC 5 -63.73 60.86 40.27
N SER OC 6 -64.26 60.20 39.24
CA SER OC 6 -65.43 59.37 39.39
C SER OC 6 -65.17 58.00 38.80
N GLY OC 7 -65.73 56.98 39.45
CA GLY OC 7 -65.91 55.67 38.90
C GLY OC 7 -67.39 55.45 38.64
N TYR OC 8 -67.72 54.28 38.13
CA TYR OC 8 -69.11 53.95 37.94
C TYR OC 8 -69.70 53.37 39.22
N LEU OC 9 -68.87 52.86 40.11
CA LEU OC 9 -69.27 52.66 41.50
C LEU OC 9 -69.36 53.96 42.29
N ASP OC 10 -68.70 55.03 41.82
CA ASP OC 10 -69.04 56.37 42.28
C ASP OC 10 -70.31 56.90 41.63
N ASP OC 11 -70.63 56.41 40.44
CA ASP OC 11 -71.84 56.86 39.77
C ASP OC 11 -73.09 56.19 40.32
N VAL OC 12 -73.01 54.93 40.77
CA VAL OC 12 -74.22 54.32 41.31
C VAL OC 12 -74.53 54.84 42.70
N SER OC 13 -73.50 55.31 43.41
CA SER OC 13 -73.74 56.14 44.58
C SER OC 13 -74.35 57.48 44.20
N ALA OC 14 -73.91 58.06 43.07
CA ALA OC 14 -74.53 59.33 42.68
C ALA OC 14 -75.98 59.16 42.22
N LYS OC 15 -76.36 58.03 41.60
CA LYS OC 15 -77.79 57.80 41.38
C LYS OC 15 -78.52 57.52 42.70
N PHE OC 16 -77.84 56.99 43.71
CA PHE OC 16 -78.54 56.85 44.98
C PHE OC 16 -78.71 58.18 45.71
N ASP OC 17 -77.78 59.12 45.54
CA ASP OC 17 -78.03 60.44 46.12
C ASP OC 17 -79.06 61.22 45.32
N THR OC 18 -78.94 61.23 43.99
CA THR OC 18 -79.83 61.99 43.11
C THR OC 18 -81.12 61.27 42.74
N GLY OC 19 -81.36 60.07 43.26
CA GLY OC 19 -82.57 59.33 42.95
C GLY OC 19 -83.83 59.89 43.58
N ASN OC 55 -83.77 54.41 56.82
CA ASN OC 55 -82.85 53.39 57.31
C ASN OC 55 -82.90 52.16 56.39
N LEU OC 56 -83.81 52.21 55.42
CA LEU OC 56 -83.84 51.24 54.32
C LEU OC 56 -82.99 51.69 53.14
N TYR OC 57 -82.81 53.00 52.99
CA TYR OC 57 -81.89 53.56 52.00
C TYR OC 57 -80.44 53.15 52.26
N ARG OC 58 -80.06 53.08 53.54
CA ARG OC 58 -78.76 52.58 53.95
C ARG OC 58 -78.68 51.06 53.98
N ASN OC 59 -79.79 50.36 53.79
CA ASN OC 59 -79.72 48.92 53.68
C ASN OC 59 -79.83 48.44 52.24
N ALA OC 60 -80.43 49.25 51.36
CA ALA OC 60 -80.45 48.95 49.94
C ALA OC 60 -79.11 49.26 49.30
N GLN OC 61 -78.48 50.38 49.71
CA GLN OC 61 -77.24 50.77 49.06
C GLN OC 61 -76.09 49.91 49.56
N SER OC 62 -76.05 49.63 50.87
CA SER OC 62 -74.93 48.89 51.45
C SER OC 62 -74.90 47.44 50.99
N ASN OC 63 -76.01 46.93 50.43
CA ASN OC 63 -76.00 45.60 49.81
C ASN OC 63 -75.69 45.68 48.33
N THR OC 64 -76.19 46.71 47.63
CA THR OC 64 -75.87 46.72 46.20
C THR OC 64 -74.45 47.18 45.93
N VAL OC 65 -73.79 47.79 46.92
CA VAL OC 65 -72.40 48.15 46.68
C VAL OC 65 -71.50 46.93 46.86
N LYS OC 66 -71.95 45.92 47.62
CA LYS OC 66 -71.25 44.66 47.74
C LYS OC 66 -71.67 43.66 46.67
N VAL OC 67 -72.70 43.98 45.88
CA VAL OC 67 -72.99 43.18 44.70
C VAL OC 67 -71.89 43.34 43.65
N PHE OC 68 -71.54 44.60 43.35
CA PHE OC 68 -70.45 44.88 42.43
C PHE OC 68 -69.10 44.45 42.99
N LYS OC 69 -68.96 44.45 44.32
CA LYS OC 69 -67.69 44.21 44.99
C LYS OC 69 -67.21 42.79 44.81
N ASP OC 70 -68.11 41.89 44.43
CA ASP OC 70 -67.77 40.51 44.15
C ASP OC 70 -67.99 40.15 42.69
N ILE OC 71 -68.99 40.73 42.00
CA ILE OC 71 -69.18 40.43 40.58
C ILE OC 71 -67.99 40.93 39.76
N ASP OC 72 -67.59 42.18 39.99
CA ASP OC 72 -66.41 42.73 39.31
C ASP OC 72 -65.10 42.30 39.95
N ALA OC 73 -65.14 41.48 41.00
CA ALA OC 73 -63.92 40.92 41.57
C ALA OC 73 -63.72 39.50 41.07
N ALA OC 74 -64.81 38.78 40.85
CA ALA OC 74 -64.71 37.42 40.36
C ALA OC 74 -64.40 37.44 38.87
N ILE OC 75 -64.90 38.45 38.13
CA ILE OC 75 -64.59 38.54 36.71
C ILE OC 75 -63.10 38.74 36.49
N ILE OC 76 -62.47 39.63 37.27
CA ILE OC 76 -61.02 39.80 37.16
C ILE OC 76 -60.24 38.71 37.88
N GLN OC 77 -60.88 37.92 38.74
CA GLN OC 77 -60.22 36.74 39.27
C GLN OC 77 -60.24 35.57 38.29
N ASN OC 78 -61.11 35.62 37.28
CA ASN OC 78 -61.08 34.63 36.20
C ASN OC 78 -60.00 34.90 35.16
N PHE OC 79 -59.03 35.76 35.46
CA PHE OC 79 -57.95 36.04 34.53
C PHE OC 79 -56.95 34.89 34.52
N ARG OC 80 -56.57 34.41 35.69
CA ARG OC 80 -55.62 33.32 35.81
C ARG OC 80 -56.35 32.00 35.99
#